data_9AZC
#
_entry.id   9AZC
#
_cell.length_a   1.00
_cell.length_b   1.00
_cell.length_c   1.00
_cell.angle_alpha   90.00
_cell.angle_beta   90.00
_cell.angle_gamma   90.00
#
_symmetry.space_group_name_H-M   'P 1'
#
loop_
_entity.id
_entity.type
_entity.pdbx_description
1 polymer Serbp1
2 polymer NAC-beta
3 polymer '60S ribosomal protein L19'
4 polymer 'Small ribosomal subunit protein eS4, X isoform'
5 polymer '40S ribosomal protein S8'
6 polymer '40S ribosomal protein S11'
7 polymer '40S ribosomal protein S23'
8 polymer '40S ribosomal protein S6'
9 polymer '40S ribosomal protein S9'
10 polymer '40S ribosomal protein S24'
11 polymer 'Small ribosomal subunit protein eS30'
12 polymer '40S ribosomal protein SA'
13 polymer '40S ribosomal protein S3a'
14 polymer '40S ribosomal protein S7'
15 polymer '40S ribosomal protein S21'
16 polymer '40S ribosomal protein S26'
17 polymer '40S ribosomal protein S2'
18 polymer '40S ribosomal protein S13'
19 polymer 'Small ribosomal subunit protein uS11'
20 polymer '40S ribosomal protein S15a'
21 polymer 'Small ribosomal subunit protein eS27'
22 polymer '28S rRNA'
23 polymer '5S rRNA'
24 polymer '5.8S rRNA'
25 polymer '60S ribosomal protein L8'
26 polymer 'Large ribosomal subunit protein uL3'
27 polymer '60S ribosomal protein L4'
28 polymer 'Large ribosomal subunit protein uL18'
29 polymer '60S ribosomal protein L6'
30 polymer '60S ribosomal protein L7'
31 polymer '60S ribosomal protein L7a'
32 polymer '60S ribosomal protein L9'
33 polymer '60S ribosomal protein L10-like'
34 polymer '60S ribosomal protein L11'
35 polymer 'Large ribosomal subunit protein eL13'
36 polymer '60S ribosomal protein L14'
37 polymer '60S ribosomal protein L15'
38 polymer '60S ribosomal protein L13a'
39 polymer '60S ribosomal protein L17'
40 polymer '60S ribosomal protein L18'
41 polymer '60S ribosomal protein L18a'
42 polymer '60S ribosomal protein L21'
43 polymer 'Heparin-binding protein HBp15'
44 polymer '60S ribosomal protein L23'
45 polymer '60S ribosomal protein L23a'
46 polymer '60S ribosomal protein L26'
47 polymer '60S ribosomal protein L27'
48 polymer '60S ribosomal protein L27a'
49 polymer '60S ribosomal protein L29'
50 polymer '60S ribosomal protein L30'
51 polymer '60S ribosomal protein L31'
52 polymer '60S ribosomal protein L32'
53 polymer '60S ribosomal protein L35a'
54 polymer '60S ribosomal protein L34'
55 polymer '60S ribosomal protein L35'
56 polymer '60S ribosomal protein L36'
57 polymer '60S ribosomal protein L37'
58 polymer '60S ribosomal protein L38'
59 polymer '60S ribosomal protein L39'
60 polymer 'Large ribosomal subunit protein eL40'
61 polymer '60S ribosomal protein L41'
62 polymer '60S ribosomal protein L36a'
63 polymer '60S ribosomal protein L37a'
64 polymer '60S ribosomal protein L28'
65 polymer '40S ribosomal protein S17'
66 polymer 'Small ribosomal subunit protein uS3'
67 polymer '40S ribosomal protein S5'
68 polymer '40S ribosomal protein S10'
69 polymer 'Small ribosomal subunit protein uS19'
70 polymer 'Small ribosomal subunit protein uS9'
71 polymer '40S ribosomal protein S18'
72 polymer '40S ribosomal protein S19'
73 polymer '40S ribosomal protein S20'
74 polymer '40S ribosomal protein S28'
75 polymer '40S ribosomal protein S29'
76 polymer 'Receptor of activated protein C kinase 1'
77 polymer 'Small ribosomal subunit protein eS12'
78 polymer 'Small ribosomal subunit protein eS25'
79 polymer 'Ubiquitin-40S ribosomal protein S27a'
80 polymer '18S rRNA'
81 polymer 'AT site tRNA'
82 polymer eEF1A
83 polymer 'P site tRNA'
84 polymer '60S ribosomal protein L12'
85 polymer '60S acidic ribosomal protein P0'
86 polymer '60S ribosomal protein L24'
87 non-polymer 'ZINC ION'
88 non-polymer 'MAGNESIUM ION'
#
loop_
_entity_poly.entity_id
_entity_poly.type
_entity_poly.pdbx_seq_one_letter_code
_entity_poly.pdbx_strand_id
1 'polypeptide(L)' PGHLQEGFGCVVTNRFDQLFDDESDPFEVNLKAAEN CD
2 'polypeptide(L)' TIMNQELAKLQAQVRIGGKGTARRKKKVVHR CI
3 'polypeptide(L)'
;SMLRLQKRLASSVLRCGKKKVWLDPNETNEIANANSRQQIRKLIKDGLIIRKPVTVHSRARCRKNTLARRKGRHMGIGKR
KGTANARMPEKVTWMRRMRILRRLLRRYRESKKIDRHMYHSLYLKVKGNVFKNKRILMEHIHKLKADKARKKLLADQAEA
RRSKTKEARKRREERLQAKKEEIIKTL
;
LR
4 'polypeptide(L)'
;ARGPKKHLKRVAAPKHWMLDKLTGVFAPRPSTGPHKLRECLPLIIFLRNRLKYALTGDEVKKICMQRFIKIDGKVRTDIT
YPAGFMDVISIDKTGENFRLIYDTKGRFAVHRITPEEAKYKLCKVRKIFVGTKGIPHLVTHDARTIRYPDPLIKVNDTIQ
IDLETGKITDFIKFDTGNLCMVTGGANLGRIGVITNRERHPGSFDVVHVKDANGNSFATRLSNIFVIGKGNKPWISLPRG
KGIRLTIAEERDKRLAAKQSSG
;
SE
5 'polypeptide(L)'
;GISRDNWHKRRKTGGKRKPYHKKRKYELGRPAANTKIGPRRIHTVRVRGGNKKYRALRLDVGNFSWGSECCTRKTRIIDV
VYNASNNELVRTKTLVKNCIVLIDSTPYRQWYESHYALPLGRKKGAKLTPEEEEILNKKRSKKIQKKYDERKKNAKISSL
LEEQFQQGKLLACIASRPGQCGRADGYVLEGKELEFYLRKIKARKG
;
SI
6 'polypeptide(L)'
;ADIQTERAYQKQPTIFQNKKRVLLGETGKEKLPRYYKNIGLGFKTPKEAIEGTYIDKKCPFTGNVSIRGRILSGVVTKMK
MQRTIVIRRDYLHYIRKYNRFEKRHKNMSVHLSPCFRDVQIGDIVTVGECRPLSKTVRFNVLKVTKAAGTKKQ
;
SL
7 'polypeptide(L)'
;GKCRGLRTARKLRSHRRDQKWHDKQYKKAHLGTALKANPFGGASHAKGIVLEKVGVEAKQPNSAIRKCVRVQLIKNGKKI
TAFVPNDGCLNFIEENDEVLVAGFGRKGHAVGDIPGVRFKVVKVANVSLLALYKGKKERPR
;
SX
8 'polypeptide(L)'
;MKLNISFPATGCQKLIEVDDERKLRTFYEKRMATEVAADALGEEWKGYVVRISGGNDKQGFPMKQGVLTHGRVRLLLSKG
HSCYRPRRTGERKRKSVRGCIVDANLSVLNLVIVKKGEKDIPGLTDTTVPRRLGPKRASRIRKLFNLSKEDDVRQYVVRK
PLNKEGKKPRTKAPKIQRLVTPRVLQHKRRRIALKKQRTKKNKEEAAEYAKLLAKRMKEAKEKRQEQIAKRRRLSSL
;
SG
9 'polypeptide(L)'
;PVARSWVCRKTYVTPRRPFEKSRLDQELKLIGEYGLRNKREVWRVKFTLAKIRKAARELLTLDEKDPRRLFEGNALLRRL
VRIGVLDEGKMKLDYILGLKIEDFLERRLQTQVFKLGLAKSIHHARVLIRQRHIRVRKQVVNIPSFIVRLDSQKHIDFSL
RSPYGGGRPGRVKRKNAKKGQGGAG
;
SJ
10 'polypeptide(L)'
;NDTVTIRTRKFMTNRLLQRKQMVIDVLHPGKATVPKTEIREKLAKMYKTTPDVIFVFGFRTHFGGGKTTGFGMIYDSLDY
AKKNEPKHRLARHGLYEKKKTSRKQRKERKNRMKKVRGTAKANVGAGKKPK
;
SY
11 'polypeptide(L)' VHGSLARAGKVRGQTPKVAKQEKKKKKTGRAKRRMQYNRRFVNVVPTFGKKKGPNANS Se
12 'polypeptide(L)'
;GALDVLQMKEEDVLKFLAAGTHLGGTNLDFQMEQYIYKRKSDGIYIINLKRTWEKLLLAARAIVAIENPADVSVISSRNT
GQRAVLKFAAATGATPIAGRFTPGTFTNQIQAAFREPRLLVVTDPRADHQPLTEASYVNLPTIALCNTDSPLRYVDIAIP
CNNKGAHSVGLMWWMLAREVLRMRGTISREHPWEVMPDLYFYRDPEEIEKEEQAAAEKAVT
;
SA
13 'polypeptide(L)'
;VVDPFSKKDWYDVKAPAMFNIRNIGKTLVTRTQGTKIASDGLKGRVFEVSLADLQNDEVAFRKFKLITEDVQGKNCLTNF
HGMDLTRDKMCSMVKKWQTMIEAHVDVKTTDGYLLRLFCVGFTKKRNNQIRKTSYAQHQQVRQIRKKMMEIMTREVQTND
LKEVVNKLIPDSIGKDIEKACQSIYPLHDVFVRKVKMLKKPKFELGKLMELHGE
;
SB
14 'polypeptide(L)'
;SAKIVKPNGEKPDEFESGISQALLELEMNSDLKAQLRELNITAAKEIEVGGGRKAIIIFVPVPQLKSFQKIQVRLVRELE
KKFSGKHVVFIAQRRILPKPTRKKNKQKRPRSRTLTAVHDAILEDLVFPSEIVGKRIRVKLDGSRLIKVHLDKAQQNNVE
HKVETFSGVYKKLTGKDVNFEFPEFQ
;
SH
15 'polypeptide(L)'
;MQNDAGEFVDLYVPRKCSASNRIIGAKDHASIQMNVAEVDKVTGRFNGQFKTYAICGAIRRMGESDDSILRLAKADGIVS
KNF
;
SV
16 'polypeptide(L)'
;TKKRRNNGRAKKGRGHVQPIRCTNCARCVPKDKAIKKFVIRNIVEAAAVRDISEASVFDAYVLPKLYVKLHYCVSCAIHS
KVVRNRSREARKDRTPPPRFRP
;
Sa
17 'polypeptide(L)'
;EWMPVTKLGRLVKDMKIKSLEEIYLFSLPIKESEIIDFFLGASLKDEVLKIMPVQKQTRAGQRTRFKAFVAIGDYNGHVG
LGVKCSKEVATAIRGAIILAKLSIVPVRRGYWGNKIGKPHTVPCKVTGRCGSVLVRLIPAPRGTGIVSAPVPKKLLMMAG
IDDCYTSARGCTATLGNFAKATFDAISKTYSYLTPDLWKETVFTKSPYQEFTDHLVKTHTRV
;
SC
18 'polypeptide(L)'
;GRMHAPGKGLSQSALPYRRSVPTWLKLTSDDVKEQIYKLAKKGLTPSQIGVILRDSHGVAQVRFVTGNKILRILKSKGLA
PDLPEDLYHLIKKAVAVRKHLERNRKDKDAKFRLILIESRIHRLARYYKTKRVLPPNWKYESSTASALVA
;
SN
19 'polypeptide(L)'
;EQVISLGPQVAEGENVFGVCHIFASFNDTFVHVTDLSGKETICRVTGGMKVKADRDESSPYAAMLAAQDVAQRCKELGIT
ALHIKLRATGGNRTKTPGPGAQSALRALARSGMKIGRIEDVTPIPSDSTRRKGGRRGRRL
;
SO
20 'polypeptide(L)'
;VRMNVLADALKSINNAEKRGKRQVLIRPCSKVIVRFLTVMMKHGYIGEFEIIDDHRAGKIVVNLTGRLNKCGVISPRFDV
QLKDLEKWQNNLLPSRQFGFIVLTTSAGIMDHEEARRKHTGGKILGFFF
;
SW
21 'polypeptide(L)'
;PLAKDLLHPSPEEEKRKHKKKRLVQSPNSYFMDVKCPGCYKITTVFSHAQTVVLCVGCSTVLCQPTGGKARLTEGCSFRR
KQH
;
Sb
22 'polyribonucleotide'
;CGCGACCUCAGAUCAGACGUGGCGACCCGCUGAAUUUAAGCAUAUUAGUCAGCGGAGGAGAAGAAACUAACCAGGAUUCC
CUCAGUAACGGCGAGUGAACAGGGAAGAGCCCAGCGCCGAAUCCCCGCCCCGCGGCGGGGCGCGGGACAUGUGGCGUACG
GAAGACCCGCUCCCCGGCGCCGCUCGUGGGGGGCCCAAGUCCUUCUGAUCGAGGCCCAGCCCGUGGACGGUGUGAGGCCG
GUAGCGGCCCCCGGCGCGCCGGGCCCGGGUCUUCCCGGAGUCGGGUUGCUUGGGAAUGCAGCCCAAAGCGGGUGGUAAAC
UCCAUCUAAGGCUAAAUACCGGCACGAGACCGAUAGUCAACAAGUACCGUAAGGGAAAGUUGAAAAGAACUUUGAAGAGA
GAGUUCAAGAGGGCGUGAAACCGUUAAGAGGUAAACGGGUGGGGUCCGCGCAGUCCGCCCGGAGGAUUCAACCCGGCGGC
GGGUCCGGCCGUGUCGGCGGCCCGGCGGAUCUUUCCCGCGCGGGGGACCGUCCCCCGACCGGCGACCGGCCGCCGCCGGG
CGCAUUUCCACCGCGGCGGUGCGCCGCGACCGGCUCCGGGACGGCUGGGAAGGCCCGGCGGGGAAGGUGGCUCGGGGGCC
CCCGAGUGUUACAGCCCCCCCGGCAGCAGCACUCGCCGAAUCCCGGGGCCGAGGGAGCGAGACCCGUCGCCGCGCUCUCC
CCCCUCCCGGCGCGCCGGGGGGGGCCGGGCCACCCCUCCCACGGCGCGACCGCUCGGGGCGGACUGUCCCCAGUGCGCCC
CGGGCGGGUCGCGCCGUCGGGCCCGGGGGAGGCCACGCGCGCGUCCCCCGAAGAGGGGGACGGCGGAGCGAGCGCACGGG
GUCGGCGGCGACGUCGGCUACCCACCCGACCCGUCUUGAAACACGGACCAAGGAGUCUAACACGUGCGCGAGUCGGGGGC
UCGCACGAAAGCCGCCGUGGCGCAAUGAAGGUGAAGGCCGGCGCGCUCGCCGGCCGAGGUGGGAUCCCGAGGCCUCUCCA
GUCCGCCGAGGGCGCACCACCGGCCCGUCUCGCCCGCCGCGCCGGGGAGGUGGAGCACGAGCGCACGUGUUAGGACCCGA
AAGAUGGUGAACUAUGCCUGGGCAGGGCGAAGCCAGAGGAAACUCUGGUGGAGGUCCGUAGCGGUCCUGACGUGCAAAUC
GGUCGUCCGACCUGGGUAUAGGGGCGAAAGACUAAUCGAACCAUCUAGUAGCUGGUUCCCUCCGAAGUUUCCCUCAGGAU
AGCUGGCGCUCUCGCAGACCCGACGCCCGCCACGCAGUUUUAUCCGGUAAAGCGAAUGAUUAGAGGUCUUGGGGCCGAAA
CGAUCUCAACCUAUUCUCAAACUUUAAAUGGGUAAGAAGCCCGGCUCGCUGGCGUGGAGCCGGGCGUGGAAUGCGAGUGC
CUAGUGGGCCACUUUUGGUAAGCAGAACUGGCGCUGCGGGAUGAACCGAACGCCGGGUUAAGGCGCCCGAUGCCGACGCU
CAUCAGACCCCAGAAAAGGUGUUGGUUGAUAUAGACAGCAGGACGGUGGCCAUGGAAGUCGGAAUCCGCUAAGGAGUGUG
UAACAACUCACCUGCCGAAUCAACUAGCCCUGAAAAUGGAUGGCGCUGGAGCGUCGGGCCCAUACCCGGCCGUCGCCGGC
AGUCGAGAGUGGACGGGAGCGGCGGCCGGAGCCCCGCGGACGCUACGCCGCGACGAGUAGGAGGGCCGCUGCGGUGAGCC
UUGAAGCCUAGGGCGCGGGCCCGGGUGGAGCCGCCGCAGGUGCAGAUCUUGGUGGUAGUAGCAAAUAUUCAAACGAGAAC
UUUGAAGGCCGAAGUGGAGAAGGGUUCCAUGUGAACAGCAGUUGAACAUGGGUCAGUCGGUCCUGAGAGAUGGGCGAGCG
CCGUUCCGAAGGGACGGGCGAUGGCCUCCGUUGCCCUCGGCCGAUCGAAAGGGAGUCGGGUUCAGAUCCCCGAAUCCGGA
GUGGCGGAGAUGGGCGCCGCGAGGCGUCCAGUGCGGUAACGCGACCGAUCCCGGAGAAGCCGGCGGGAGCCCCGGGGAGA
GUUCUCUUUUCUUUGUGAAGGGCAGGGCGCCCUGGAAUGGGUUCGCCCCGAGAGAGGGGCCCGUGCCUUGGAAAGCGUCG
CGGUUCCGGCGGCGUCCGGUGAGCUCUCGCUGGCCCUUGAAAAUCCGGGGGAGAGGGUGUAAAUCUCGCGCCGGGCCGUA
CCCAUAUCCGCAGCAGGUCUCCAAGGUGAACAGCCUCUGGCAUGUUGGAACAAUGUAGGUAAGGGAAGUCGGCAAGCCGG
AUCCGUAACUUCGGGAUAAGGAUUGGCUCUAAGGGCUGGGUCGGUCGCGGCCGGCGCCUAGCAGCCGACUUAGAACUGGU
GCGGACCAGGGGAAUCCGACUGUUUAAUUAAAACAAAGCAUCGCGAAGGCCCGCGGCGGGUGUUGACGCGAUGUGAUUUC
UGCCCAGUGCUCUGAAUGUCAAAGUGAAGAAAUUCAAUGAAGCGCGGGUAAACGGCGGGAGUAACUAUGACUCUCUUAAG
GUAGCCAAAUGCCUCGUCAUCUAAUUAGUGACGCGCAUGAAUGGAUGAACGAGAUUCCCACUGUCCCUACCUACUAUCCA
GCGAAACCACAGCCAAGGGAACGGGCUUGGCGGAAUCAGCGGGGAAAGAAGACCCUGUUGAGCUUGACUCUAGUCUGGCA
CGGUGAAGAGACAUGAGAGGUGUAGAAUAAGUGGGAGGCCCCCGGCGCCGGUCCGCCGGCCCUGCGGGCCGCCGGUGAAA
UACCACUACUCUGAUCGUUUUUUCACUGACCCGGUGAGGCGGGGGGGCGAGCCCCGAGGGGCUCUCGCUUCUGGCGCCAA
GCGCCCGGCCGCGCGCCGGCCGGGCGCGACCCGCUCCGGGGACAGUGCCAGGUGGGGAGUUUGACUGGGGCGGUACACCU
GUCAAACGGUAACGCAGGUGUCCUAAGGCGAGCUCAGGGAGGACAGAAACCUCCCGUGGAGCAGAAGGGCAAAAGCUCGC
UUGAUCUUGAUUUUCAGUACGAAUACAGACCGUGAAAGCGGGGCCUCACGAUCCUUCUGACCUUUUGGGUUUUAAGCAGG
AGGUGUCAGAAAAGUUACCACAGGGAUAACUGGCUUGUGGCGGCCAAGCGUUCAUAGCGACGUCGCUUUUUGAUCCUUCG
AUGUCGGCUCUUCCUAUCAUUGUGAAGCAGAAUUCACCAAGCGUUGGAUUGUUCACCCACUAAUAGGGAACGUGAGCUGG
GUUUAGACCGUCGUGAGACAGGUUAGUUUUACCCUACUGAUGAUGUGUUGUUGCCAUGGUAAUCCUGCUCAGUACGAGAG
GAACCGCAGGUUCAGACAUUUGGUGUAUGUGCUUGGCUGAGGAGCCAAUGGGGCGAAGCUACCAUCUGUGGGAUUAUGAC
UGAACGCCUCUAAGUCAGAAUCCCGCCCAGGCGGAACGAUACGGCAGCGCCGCGGAGCCUCGGUUGGCCUCGGAUAGCCG
GUCCCCCGCCGGGGUCCGGUGCGGAGUGCCCUUCGUCCUGGGAAACGGGGCGCGGCCGGAGAGGCGGCCGCCCCCUCGCC
CGUCACGCACCGCACGUUCGUGGGGAACCUGGCGCUAAACCAUUCGUAGACGACCUGCUUCUGGGUCGGGGUUUCGUACG
UAGCAGAGCAGCUCCCUCGCUGCGAUCUAUUGAAAGUCAGCCCUCGACACAAGGGUUUGU
;
L5
23 'polyribonucleotide'
;GUCUACGGCCAUACCACCCUGAACGCGCCCGAUCUCGUCUGAUCUCGGAAGCUAAGCAGGGUCGGGCCUGGUUAGUACUU
GGAUGGGAGACCGCCUGGGAAUACCGGGUGCUGUAGGCUU
;
L7
24 'polyribonucleotide'
;CGACUCUUAGCGGUGGAUCACUCGGCUCGUGCGUCGAUGAAGAACGCAGCUAGCUGCGAGAAUUAAUGUGAAUUGCAGGA
CACAUUGAUCAUCGACACUUCGAACGCACUUGCGGCCCCGGGUUCCUCCCGGGGCUACGCCUGUCUGAGCGUCGCU
;
L8
25 'polypeptide(L)'
;GRVIRGQRKGAGSVFRAHVKHRKGAARLRAVDFAERHGYIKGIVKDIIHDPGRGAPLAKVVFRDPYRFKKRTELFIAAEG
IHTGQFVYCGKKAQLNIGNVLPVGTMPEGTIVCCLEEKPGDRGKLARASGNYATVISHNPETKKTRVKLPSGSKKVISSA
NRAVVGVVAGGGRIDKPILKAGRAYHKYKAKRNCWPRVRGVAMNPVEHPFGGGNHQHIGKPSTIRRDAPAGRKVGLIAAR
RTGRLRGT
;
LA
26 'polypeptide(L)'
;SHRKFSAPRHGSLGFLPRKRSSRHRGKVKSFPKDDPSKPVHLTAFLGYKAGMTHIVREVDRPGSKVNKKEVVEAVTIVET
PPMVVVGIVGYVETPRGLRTFKTVFAEHISDECKRRFYKNWHKSKKKAFTKYCKKWQDEDGKKQLEKDFSSMKKYCQVIR
VIAHTQMRLLPLRQKKAHLMEIQVNGGTVAEKLDWARERLEQQVPVNQVFGQDEMIDVIGVTKGKGYKGVTSRWHTKKLP
RKTHRGLRKVACIGAWHPARVAFSVARAGQKGYHHRTEINKKIYKIGQGYLIKDGKLIKNNASTDYDLSDKSINPLGGFV
HYGEVTNDFVMLKGCVVGTKKRVLTLRKSLLVQTKRRALEKIDLKFIDTTSKFGHGRFQTMEEKKAFMGPLKKDRIAKEE
GA
;
LB
27 'polypeptide(L)'
;MACARPLISVYSEKGESSGKNVTLPAVFKAPIRPDIVNFVHTNLRKNNRQPYAVSELAGHQTSAESWGTGRAVARIPRVR
GGGTHRSGQGAFGNMCRGGRMFAPTKTWRRWHRRVNTTQKRYAICSALAASALPALVMSKGHRIEEVPELPLVVEDKVEG
YKKTKEAVLLLKKLKAWNDIKKVYASQRMRAGKGKMRNRRRIQRRGPCIIYNEDNGIIKAFRNIPGITLLNVSKLNILKL
APGGHVGRFCIWTESAFRKLDELYGTWRKAASLKSNYNLPMHKMINTDLSRILKSPEIQRALRAPRKKIHRRVLKKNPLK
NLRIMLKLNPYAKTMRRNTILRQARNHKLRVDKAAAAAAALQAKSDEK
;
LC
28 'polypeptide(L)'
;GFVKVVKNKAYFKRYQVKFRRRREGKTDYYARKRLVIQDKNKYNTPKYRMIVRVTNRDIICQIAYARIEGDMIVCAAYAH
ELPKYGVKVGLTNYAAAYCTGLLLARRLLNRFGMDKIYEGQVEVTGDEYNVESIDGQPGAFTCYLDAGLARTTTGNKVFG
ALKGAVDGGLSIPHSTKRFPGYDSESKEFNAEVHRKHIMGQNVADYMRYLMEEDEDAYKKQFSQYIKNSVTPDMMEEMYK
KAHAAIRENPVYEKKPKKEVKKKRWNRPKMSLAQKKDRVAQKKASFLRAQERA
;
LD
29 'polypeptide(L)'
;PHCSRNPVLVRGIGRYSRSAMYSRKAMYKRKYSAAVLATVTKPVGGDKNGGTRVVKLRKMPRYYPTEDVPRKLLSHGKKP
FSQHVRKLRASITPGTILIILTGRHRGKRVVFLKQLASGLLLVTGPLVLNRVPLRRTHQKFVIATSTKIDISNVKIPKHL
TDAYFKKKKLRKPRHQEGEIFDTEKEKYEITEQRKIDQKAVDSQILPKIKAIPQLQGYLRSVFALTNGIYPHKLVF
;
LE
30 'polypeptide(L)'
;NFAELKIKRLRKKFAQKMLRKARRKLIYEKAKHYHKEYRQMYRTEIRMARMARKAGNFYVPAEPKLAFVIRIRGINGVSP
KVRKVLQLLRLRQIFNGTFVKLNKASINMLRIVEPYIAWGYPNLKSVNELIYKRGYGKINKKRIALTDNALIARSLGKYG
IICMEDLIHEIYTVGKRFKEANNFLWPFKLSSPRGGMKKKTTHFVEGGDAGNREDQINRLIRRMN
;
LF
31 'polypeptide(L)'
;KVVNPLFEKRPKNFGIGQDIQPKRDLTRFVKWPRYIRLQRQRAILYKRLKVPPAINQFTQALDRQTATQLLKLAHKYRPE
TKQEKKQRLLARAEKKAAGKGDVPTKRPPVLRAGVNTVTTLVENKKAQLVVIAHDVDPIELVVFLPALCRKMGVPYCIIK
GKARLGRLVHRKTCTTVAFTQVNSEDKGALAKLVEAIRTNYNDRYDEIRRHWGGNVLGPKSVARIAKLEKAKAKELATKL
G
;
LG
32 'polypeptide(L)'
;MKTILSNQTVDIPENVDITLKGRTVIVKGPRGTLRRDFNHINVELSLLGKKKKRLRVDKWWGNRKELATVRTICSHVQNM
IKGVTLGFRYKMRSVYAHFPINVVIQENGSLVEIRNFLGEKYIRRVRMRPGVACSVSQAQKDELILEGNDIELVSNSAAL
IQQATTVKNKDIRKFLDGIYVSEKGTVQQA
;
LH
33 'polypeptide(L)'
;GRRPARCYRYCKNKPYPKSRFCRGVPDAKIRIFDLGRKKAKVDEFPLGGHMVSDEYEQLSSEALEAARICANKYMVKSCG
RDGFHMRVRLHPFHVIRINKMGMRGAFGKPQGTVARVHIGQVIMSIRTKLQNEEHVIEALRRAKFKFPGRQKIHISKKWG
FTKFNADEFEDMVAKKCLIPDGCGVKYVPSHGPLDKWRVLHS
;
LI
34 'polypeptide(L)'
;QDQGEKENPMRELRIRKLCLNICVGESGDRLTRAAKVLEQLTGQTPVFSKARYTVRSFGIRRNEKIAVHCTVRGAKAEEI
LEKGLKVREYELRKNNFSDTGNFGFGIQEHIDLGIKYDPSIGIYGLDFYVVLGRPGFSIADKKRRTGCIGAKHRISKEEA
MRWFQQKYDGIILPGK
;
LJ
35 'polypeptide(L)'
;APSRNGMVLKPHFHKDWQRRVATWFNQPARKIRRRKARQAKARRIAPRPASGPIRPIVRCPTVRYHTKVRAGRGFSLEEL
RVAGIHKKVARTIGISVDPRRRNKSTESLQANVQRLKEYRSKLILFPRKPSAPKKGDSSAEELKLATQLTGPVMPVRNVY
KKEKARVITEEEKNFKAFASLRMARANARLFGIRAKRAKEAAEQDVEKKK
;
LL
36 'polypeptide(L)'
;VFRRFVEVGRVAYVSFGPHAGKLVAIVDVIDQNRALVDGPCTQVRRQAMPFKCMQLTDFILKFPHSAHQKYVRQAWQKAD
INTKWAATRWAKKIEARERKAKMTDFDRFKVMKAKKMRNRIIKNEVKKLQKAALLKASP
;
LM
37 'polypeptide(L)'
;GAYKYIQELWRKKQSDVMRFLLRVRCWQYRQLSALHRAPRPTRPDKARRLGYKAKQGYVIYRIRVRRGGRKRPVPKGATY
GKPVHHGVNQLKFARSLQSVAEERAGRHCGALRVLNSYWVGEDSTYKFFEVILIDPFHKAIRRNPDTQWITKPVHKHREM
RGLTSAGRKSRGLGKGHKFHHTIGGSRRAAWRRRNTLQLHRYR
;
LN
38 'polypeptide(L)'
;EVQVLVLDGRGHLLGRLAAIVAKQVLLGRKVVVVRCEGINISGNFYRNKLKYLAFLRKRMNTNPSRGPYHFRAPSRIFWR
TVRGMLPHKTKRGQAALDRLKVFDGIPPPYDKKKRMVVPAALKVVRLKPTRKFAYLGRLAHEVGWKYQAVTATLEEKRKE
KAKIHYRKKKQLMRLRKQAEKNVEKKIDKYTEVLKTHGLLV
;
LO
39 'polypeptide(L)'
;VRYSLDPENPTKSCKSRGSNLRVHFKNTRETAQAIKGMHIRKATKYLKDVTLQKQCVPFRRYNGGVGRCAQAKQWGWTQG
RWPKKSAEFLLHMLKNAESNAELKGLDVDSLVIEHIQVNKAPKMRRRTYRAHGRINPYMSSPCHIEMILTEKE
;
LP
40 'polypeptide(L)'
;GVDIRHNKDRKVRRKEPKSQDIYLRLLVKLYRFLARRTNSTFNQVVLKRLFMSRTNRPPLSLSRMIRKMKLPGRENKTAV
VVGTITDDVRVQEVPKLKVCALRVTSRARSRILRAGGKILTFDQLALDSPKGCGTVLLSGPRKGREVYRHFGKAPGTPHS
HTKPYVRSKGRKFERARGRRASRGYKN
;
LQ
41 'polypeptide(L)'
;KASGTLREYKVVGRCLPTPKCHTPPLYRMRIFAPNHVVAKSRFWYFVSQLKKMKKSSGEIVYCGQVFEKSPLRVKNFGIW
LRYDSRSGTHNMYREYRDLTTAGAVTQCYRDMGARHRARAHSIQIMKVEEIAASKCRRPAVKQFHDSKIKFPLPHRVLRR
QHKPRFTTKRPNTFF
;
LS
42 'polypeptide(L)'
;TNTKGKRRGTRYMFSRPFRKHGVVPLATYMRIYKKGDIVDIKGMGTVQKGMPHKCYHGKTGRVYNVTQHAVGIVVNKQVK
GKILAKRINVRIEHIKHSKSRDSFLKRVKENDQKKKEAKEKGTWVQLKRQPAPPREAHFVRTNGKEPELLEPIPYEFMA
;
LT
43 'polypeptide(L)'
;QVLKFTLDCTHPVEDGIMDAANFEQFLQERIKVNGKAGNLGGGVVTIERSKSKITVTSEVPFSKRYLKYLTKKYLKKNNL
RDWLRVVANSKESYELRYFQI
;
LU
44 'polypeptide(L)'
;SGAKFRISLGLPVGAVINCADNTGAKNLYIISVKGIKGRLNRLPAAGVGDMVMATVKKGKPELRKKVHPAVVIRQRKSYR
RKDGVFLYFEDNAGVIVNNKGEMKGSAITGPVAKECADLWPRIASNAGSIA
;
LV
45 'polypeptide(L)'
;KKKIRTSPTFRRPKTLRLRRQPKYPRKSAPRRNKLDHYAIIKFPLTTESAMKKIEDNNTLVFIVDVKANKHQIKQAVKKL
YDIDVAKVNTLIRPDGEKKAYVRLAPDYDALDVANKIGII
;
LX
46 'polypeptide(L)'
;MKFNPFVTSDRSKNRKRHFNAPSHIRRKIMSSPLSKELRQKYNVRSMPIRKDDEVQVVRGHYKGQQIGKVVQVYRKKYVI
YIERVQREKANGTTVHVGIHPSKVVITRLKLDKDRKKILERKAKSRQVGKEKGK
;
LY
47 'polypeptide(L)'
;GKFMKPGKVVLVLAGRYSGRKAVIVKNIDDGTSDRPYSHALVAGIDRYPRKVTAAMGKKKIAKRSKIKSFVKVYNYNHLM
PTRYSVDIPLDKTVVNKDVFRDPALKRKARREAKVKFEERYKTGKNKWFFQKLRF
;
LZ
48 'polypeptide(L)'
;PSRLRKTRKLRGHVSHGHGRIGKHRKHPGGRGNAGGLHHHRINFDKYHPGYFGKVGMKHYHLKRNQSFCPTVNLDKLWTL
VSEQTRVNAAKNKTGAAPIIDVVRSGYYKVLGKGKLPKQPVIVKAKFFSRRAEEKIKSVGGACVLVA
;
La
49 'polypeptide(L)'
;AKSKNHTTHNQSRKWHRNGIKKPRSQRYESLKGVDPKFLRNMRFAKKHNKKGLKKMQANNAKAMSARAEAIKALVVSRKL
DRLAYIAHPKLGKRARARIAKGLRLCRPK
;
Lb
50 'polypeptide(L)'
;KSLESINSRLQLVMKSGKYVLGYKQTLKMIRQGKAKLVILANNCPALRKSEIEYYAMLAKTGVHHYSGNNIELGTACGKY
YRVCTLAIIDPGDSDIIR
;
Lc
51 'polypeptide(L)'
;NEVVTREYTINIHKRIHGVGFKKRAPRALKEIRKFAMKEMGTPDVRIDTRLNKAVWAKGIRNVPYRIRVRLSRKRNEDED
SPNKLYTLVTYVPVTTFKNLQTVNVDE
;
Ld
52 'polypeptide(L)'
;AALRPLVKPKIVKKRTKKFIRHQSDRYVKIKRNWRKPRGIDNRVRRRFKGQILMPNIGYGSNKKTKHMLPSGFRKFLVHN
VKELEVLLMCNKSYCAEIAHNVSSKNRKAIVERAAQLAIRVTNPNARL
;
Le
53 'polypeptide(L)'
;SGRLWSKAIFAGYKRGLRNQREHTALLKIEGVYARDETEFYLGKRCAYVYKAKNNTVTPGGKPNKTRVIWGKVTRAHGNS
GMVRAKFRSNLPAKAIGHRIRVMLYPSRI
;
Lf
54 'polypeptide(L)'
;VQRLTYRRRLSYNTASNKTRLSRTPGNRIVYLYTKKVGKAPKSACGVCPGRLRGVRAVRPKVLMRLSKTKKHVSRAYGGS
MCAKCVRDRIKRAFLIEEQKIVVKVLKAQAQSQK
;
Lg
55 'polypeptide(L)'
;AKIKARDLRGKKKEELLKQLDDLKVELSQLRVAKVTGGAASKLSKIRVVRKSIARVLTVINQTQKENLRKFYKGKKYKPL
DLRPKKTRAMRRRLNKHEENLKTKKQQRKERLYPLRKYAVKA
;
Lh
56 'polypeptide(L)'
;ALRYPMAVGLNKGHKVTKNVSKPRHSRRRGRLTKHTKFVRDMIREVCGFAPYERRAMELLKVSKDKRALKFIKKRVGTHI
RAKRKREELSNVLAAMRKAAAK
;
Li
57 'polypeptide(L)'
;TKGTSSFGKRRNKTHTLCRRCGSKAYHLQKSTCGKCGYPAKRKRKYNWSAKAKRRNTTGTGRMRHLKIVYRRFRHGFREG
TTPKPK
;
Lj
58 'polypeptide(L)' PRKIEEIKDFLLTARRKDAKSVKIKKNKDNVKFKVRCSRYLYTLVITDKEKAEKLKQSLPPGLAVKELK Lk
59 'polypeptide(L)' SSHKTFRIKRFLAKKQKQNRPIPQWIRMKTGNKIRYNSKRRHWRRTKLGL Ll
60 'polypeptide(L)' IIEPSLRQLAQKYNCDKMICRKCYARLHPRAVNCRKKKCGHTNNLRPKKKVK Lm
61 'polypeptide(L)' MRAKWRKKRMRRLKRKRRKMRQRS Ln
62 'polypeptide(L)'
;VNVPKTRRTFCKKCGKHQPHKVTQYKKGKDSLYAQGKRRYDRKQSGYGGQTKPIFRKKAKTTKKIVLRLECVEPNCRSKR
MLAIKRCKHFELGGDKKRKGQVIQF
;
Lo
63 'polypeptide(L)'
;AKRTKKVGIVGKYGTRYGASLRKMVKKIEISQHAKYTCSFCGKTKMKRRAVGIWHCGSCMKTVAGGAWTYNTTSAVTVKS
AIRRLKELKDQ
;
Lp
64 'polypeptide(L)'
;SAHLQWMVVRNCSSFLIKRNKQTYSTEPNNLKARNSFRYNGLIHRKTVGVEPAADGKGVVVVIKRRSGQRKPATSYVRTT
INKNARATLSSIRHMIRKNKYRPDLRMAAIRRASAILRSQKPVMV
;
Lr
65 'polypeptide(L)'
;MGRVRTKTVKKAARVIIEKYYTRLGNDFHTNKRVCEEIAIIPSKKLRNKIAGYVTHLMKRIQRGPVRGISIKLQEEERER
RDNYVPEVSALDQEIIEVDPDTKEMLKLLDFGSLSNLQVTQPTVGMNFKTPRGPV
;
SR
66 'polypeptide(L)'
;MAVQISKKRKFVADGIFKAELNEFLTRELAEDGYSGVEVRVTPTRTEIIILATRTQNVLGEKGRRIRELTAVVQKRFGFP
EGSVELYAEKVATRGLCAIAQAESLRYKLLGGLAVRRACYGVLRFIMESGAKGCEVVVSGKLRGQRAKSMKFVDGLMIHS
GDPVNYYVDTAVRHVLLRQGVLGIKVKIMLPWDPTGKIGPKKPLPDHVSIVEPKDEILPTTPISEQK
;
SD
67 'polypeptide(L)'
;DIKLFGKWSTDDVQINDISLQDYIAVKEKYAKYLPHSAGRYAAKRFRKAQCPIVERLTNSMMMHGRNNGKKLMTVRIVKH
AFEIIHLLTGENPLQVLVNAIINSGPREDSTRIGRAGTVRRQAVDVSPLRRVNQAIWLLCTGAREAAFRNIKTIAECLAD
ELINAAKGSSNSYAIKKKDELERVAKSNR
;
SF
68 'polypeptide(L)'
;MLMPKKNRIAIYELLFKEGVMVAKKDVHMPKHPELADKNVPNLHVMKAMQSLKSRGYVKEQFAWRHFYWYLTNEGIQYLR
DYLHLPPEIVPATLRRSR
;
SK
69 'polypeptide(L)'
;TYRGVDLDQLLDMSYEQLMQLYSARQRRRLNRGLRRKQHSLLKRLRKAKKEAPPMEKPEVVKTHLRDMIILPEMVGSMVG
VYNGKTFNQVEIKPEMIGHYLGEFSITYKPVKHGRPGIGAT
;
SP
70 'polypeptide(L)'
;SKGPLQSVQVFGRKKTATAVAHCKRGNGLIKVNGRPLEMIEPRTLQYKLLEPVLLLGKERFAGVDIRVRVKGGGHVAQIY
AIRQSISKALVAYYQKYVDEASKKEIKDILIQYDRTLLVADPRRCESKKFGGPGARARYQKSYR
;
SQ
71 'polypeptide(L)'
;MSLVIPEKFQHILRVLNTNIDGRRKIAFAITAIKGVGRRYAHVVLRKADIDLTKRAGELTEDEVERVITIMQNPRQYKIP
DWFLNRQKDVKDGKYSQVLANGLDNKLREDLERLKKIRAHRGLRHFWGLRVRGQHTKTTGRRGRT
;
SS
72 'polypeptide(L)'
;PGVTVKDVNQQEFVRALAAFLKKSGKLKVPEWVDTVKLAKHKELAPYDENWFYTRAASTARHLYLRGGAGVGSMTKIYGG
RQRNGVMPSHFSRGSKSVARRVLQALEGLKMVEKDQDGGRKLTPQGQRDLDRIAGQVAAANKK
;
ST
73 'polypeptide(L)'
;AIHRIRITLTSRNVKSLEKVCADLIRGAKEKNLKVKGPVRMPTKTLRITTRKTPCGEGSKTWDRFQMRIHKRLIDLHSPS
EIVKQITSISIEPGVEVEVTIADA
;
SU
74 'polypeptide(L)' RVQPIKLARVTKVLGRTGSQGQCTQVRVEFMDDTSRSIIRNVKGPVREGDVLTLLESEREARRL Sc
75 'polypeptide(L)' GHQQLYWSHPRKFGQGSRSCRVCSNRHGLIRKYGLNMCRQCFRQYAKDIGFIKLD Sd
76 'polypeptide(L)'
;TEQMTLRGTLKGHNGWVTQIATTPQFPDMILSASRDKTIIMWKLTRDETNYGIPQRALRGHSHFVSDVVISSDGQFALSG
SWDGTLRLWDLTTGTTTRRFVGHTKDVLSVAFSSDNRQIVSGSRDKTIKLWNTLGVCKYTVQDESHSEWVSCVRFSPNSS
NPIIVSCGWDKLVKVWNLANCKLKTNHIGHTGYLNTVTVSPDGSLCASGGKDGQAMLWDLNEGKHLYTLDGGDIINALCF
SPNRYWLCAATGPSIKIWDLEGKIIVDELKQEVISTSSKAEPPQCTSLAWSADGQTLFAGYTDNLVRVWQVTI
;
Sg
77 'polypeptide(L)'
;VMDVNTALQEVLKTALIHDGLARGIREAAKALDKRQAHLCVLASNCDEPMYVKLVEALCAEHQINLIKVDDNKKLGEWVG
LCKIDREGKPRKVVGCSCVVVKDYGKESQAKDVIEEYFKCKK
;
SM
78 'polypeptide(L)' RDKLNNLVLFDKATYDKLCKEVPNYKLITPAVVSERLKIRGSLARAALQELLSKGLIKLVSKHRAQVIYTRNTKG SZ
79 'polypeptide(L)' YTTPKKNKHKRKKVKLAVLKYYKVDENGKISRLRRECPSDECGAGVFMASHFDRHYCGKCCLTYCFN Sf
80 'polyribonucleotide'
;UACCUGGUUGAUCCUGCCAGUAGCAUAUGCUUGUCUCAAAGAUUAAGCCAUGCAUGUCUAAGUACGCACGGCCGGUACAG
UGAAACUGCGAAUGGCUCAUUAAAUCAGUUAUGGUUCCUUUGGUCGCUCGCUCCUCUCCCACUUGGAUAACUGUGGUAAU
UCUAGAGCUAAUACAUGCCGACGGGCGCUGACCCCCUUCGCGGGGGGGAUGCGUGCAUUUAUCAGUGGUGACUCUAGAUA
ACCUCGGGCCGAUCGCACGCCCCCCGUGGCGGCGACGACCCAUUCGAACGUCUGCCCUAUCAACUUUCGAUGGUAGUCGC
CGUGCCUACCAUGGUGACCACGGGUGACGGGGAAUCAGGGUUCGAUUCCGGAGAGGGAGCCUGAGAAACGGCUACCACAU
CCAAGGAAGGCAGCAGGCGCGCAAAUUACCCACUCCCGACCCGGGGAGGUAGUGACGAAAAAUAACAAUACAGGACUCUU
UCGAGGCCCUGUAAUUGGAAUGAGUCCACUUUAAAUCCUUUAACGAGGAUCCAUUGGAGGGCAAGUCUGGUGCCAGCAGC
CGCGGUAAUUCCAGCUCCAAUAGCGUAUAUUAAAGUUGCUGCAGUUAAAAAGCUCGUAGUUGGAUCUUGGGAGCGGGCGU
CCCCGCCCUCUCGGCCGGGGCCCGAAGCGUUUACUUUGAAAAAAUUAGAGUGUUCAAAGCAGGCCCGAGCCGCCUGGAUA
CCGCAGCUAGGAAUAAUGGAAUAGGACCGCGGUUCUAUUUUGUUGGUUUUCGGAACUGAGGCCAUGAUUAAGAGGGACGG
CCGGGGGCAUUCGUAUUGCGCCGCUAGAGGUGAAAUUCUUGGACCGGCGCAAGACGGACCAGAGCGAAAGCAUUUGCCAA
GAAUGUUUUCAUUAAUCAAGAACGAAAGUCGGAGGUUCGAAGACGAUCAGAUACCGUCGUAGUUCCGACCAUAAACGAUG
CCGACCGGCGAUGCGGCGGCGUUAUUCCCAUGACCCGCCGGGCAGCUUCCGGGAAACCAAAGUCUUUGGGUUCCGGGGGG
AGUAUGGUUGCAAAGCUGAAACUUAAAGGAAUUGACGGAAGGGCACCACCAGGAGUGGAGCCUGCGGCUUAAUUUGACUC
AACACGGGAAACCUCACCCGGCCCGGACACGGACAGGAUUGACAGAUUGAUAGCUCUUUCUCGAUUCCGUGGGUGGUGGU
GCAUGGCCGUUCUUAGUUGGUGGAGCGAUUUGUCUGGUUAAUUCCGAUAACGAACGAGACUCUGGCAUGCUAACUAGUUA
CGCGACCCCCGAGCGGUCGGCGUCCCCCAACUUCUUAGAGGGACAAGUGGCGUUCAGCCACCCGAGAUUGAGCAAUAACA
GGUCUGUGAUGCCCUUAGAUGUCCGGGGCUGCACGCGCGCUACACUGACUGGCUCAGCGUGUGCCUACCCUACGCCGGCA
GGCGCGGGUAACCCGUUGAACCCCAUUCGUGAUGGGGAUCGGGGAUUGCAAUUAUUCCCCAUGAACGAGGAAUUCCCAGU
AAGUGCGGGUCAUAAGCUUGCGUUGAUUAAGUCCCUGCCCUUUGUACACACCGCCCGUCGCUACUACCGAUUGGAUGGUU
UAGUGAGGCCCUCGGAUCGGCCCCGCCGGGGUCGGCCCACGGCCCUGGCGGAGCGCUGAGAAGACGGUCGAACUUGACUA
UCUAGAGGAAGUAAAAGUCGUAACAAGGUUUCCGUAGGUGAACCUGCGGAAGGAUCAUUA
;
S2
81 'polyribonucleotide' GUCUCCGUAGUGUAGCGGUUAUCACGUUCGCCUAACACGCGAAAGGUCCUCGGUUCGAAACCGGGCGGAAACACCA AT
82 'polypeptide(L)'
;EKTHINIVVIGHVDSGKSTTTGHLIYKCGGIDKRTIEKFEKEAAEMGKGSFKYAWVLDKLKAERERGITIDISLWKFETS
KYYVTIIDAPGHRDFIKNMITGTSQADCAVLIVAAGVGEFEAGISKNGQTREHALLAYTLGVKQLIVGVNKMDSTEPPY
(SEP)QKRYEEIVKEVSTYIKKIGYNPDTVAFVPISGWNGDNMLEPSANMPWFKGWKVTRKDGNASGTTLLEALDCILPP
TRPTDKPLRLPLQDVYKIGGIGTVPVGRVETGVLKPGMVVTFAPVNVTTEVKSVEMHHEALSEALPGDNVGFNVKNVSVK
DVRRGNVAGDSKNDPPMEAAGFTAQVIILNHPGQISAGYAPVLDCHTAHIACKFAELKEKIDRRSGKKLEDGPKFLKSGD
AAIVDMVPGKPMCVESFSDYPPLGRFAVRDMRQTVAVGVIKAVDKK
;
CF
83 'polyribonucleotide' GUCUCCGUAGUGUAGGGUAUCACGUUCGCCUAACACGCGAAAGGUCCUCGGUUCGAAACCGGGCGGAAACACCA Pt
84 'polypeptide(L)'
;PNEIKVVYLRCTGGEVGATSALAPKIGPLGLSPKKVGDDIAKATGDWKGLRITVKLTIQNRQAQIEVVPSASALIIKALK
EITFDEIVNIARQMRHRSLARELSGTIKEILGTAQSVGCNVDGRHPHDIIDDINSGAVECP
;
Lt
85 'polypeptide(L)'
;DRATWKSNYFLKIIQLLDDYPKCFIVGADNVGSKQMQQIRMSLRGKAVVLMGKNTMMRKAIRGHLENNPALEKLLPHIRG
NVGFVFTKEDLTEIRDMLLANKVPAAARAGAIAPCEVTVPAQNTGLGPEKTSFFQALGITTKISRGTIEILSDVQLIKTG
DKVGASEATLLNMLNISPFSFGLVIQQVFDNGSIYN
;
Ls
86 'polypeptide(L)'
;MKVELCSFSGYKIYPGHGRRYARTDGKVFQFLNAKCESAFLSKRNPRQINWTVLYRRKHKKGQKRTRRAVKFQRAITGAS
LADIMAKRNQKPEVRKAQREQAIRAAKEAKKAKQASKK
;
LW
#
# COMPACT_ATOMS: atom_id res chain seq x y z
N PRO A 1 8.34 91.80 1.42
CA PRO A 1 7.36 91.73 0.34
C PRO A 1 6.02 92.38 0.66
N GLY A 2 5.91 93.67 0.34
CA GLY A 2 4.69 94.42 0.55
C GLY A 2 5.00 95.83 0.98
N HIS A 3 3.96 96.52 1.45
CA HIS A 3 4.16 97.86 2.00
C HIS A 3 4.87 97.79 3.35
N LEU A 4 5.32 96.60 3.73
CA LEU A 4 5.76 96.31 5.09
C LEU A 4 7.09 95.57 5.19
N GLN A 5 8.19 96.09 4.61
CA GLN A 5 9.49 95.46 4.88
C GLN A 5 10.62 96.47 5.17
N GLU A 6 10.42 97.42 6.12
CA GLU A 6 11.53 98.28 6.57
C GLU A 6 11.63 98.42 8.12
N GLY A 7 10.52 98.33 8.88
CA GLY A 7 10.63 98.41 10.34
C GLY A 7 9.92 97.35 11.19
N PHE A 8 8.76 96.85 10.75
CA PHE A 8 7.83 96.03 11.54
C PHE A 8 7.91 94.52 11.23
N GLY A 9 7.06 94.03 10.32
CA GLY A 9 7.27 93.01 9.30
C GLY A 9 8.26 91.88 9.52
N CYS A 10 8.05 90.96 10.46
CA CYS A 10 8.63 89.63 10.21
C CYS A 10 7.84 89.07 9.05
N VAL A 11 8.54 88.52 8.05
CA VAL A 11 8.12 88.69 6.65
C VAL A 11 6.60 88.64 6.55
N VAL A 12 6.03 89.70 6.01
CA VAL A 12 4.59 89.96 6.05
C VAL A 12 4.10 90.23 4.65
N THR A 13 3.01 89.57 4.26
CA THR A 13 2.37 89.82 2.98
C THR A 13 0.90 90.14 3.23
N ASN A 14 0.37 91.09 2.46
CA ASN A 14 -1.05 91.40 2.49
C ASN A 14 -1.57 91.49 1.07
N ARG A 15 -2.51 90.62 0.74
CA ARG A 15 -3.07 90.59 -0.61
C ARG A 15 -3.82 91.87 -0.95
N PHE A 16 -4.24 92.63 0.05
CA PHE A 16 -5.00 93.86 -0.15
C PHE A 16 -4.15 95.11 0.03
N ASP A 17 -2.82 94.96 -0.02
CA ASP A 17 -1.94 96.09 0.26
C ASP A 17 -2.13 97.21 -0.75
N GLN A 18 -2.63 96.88 -1.94
CA GLN A 18 -2.81 97.91 -2.96
C GLN A 18 -4.02 98.78 -2.66
N LEU A 19 -4.96 98.28 -1.86
CA LEU A 19 -6.08 99.08 -1.41
C LEU A 19 -5.69 100.04 -0.27
N PHE A 20 -4.38 100.18 -0.01
CA PHE A 20 -3.89 101.09 1.01
C PHE A 20 -4.42 102.50 0.82
N ASP A 21 -5.08 103.02 1.84
CA ASP A 21 -5.48 104.43 1.92
C ASP A 21 -6.41 104.81 0.77
N ASP A 22 -7.42 103.98 0.52
CA ASP A 22 -8.34 104.19 -0.60
C ASP A 22 -9.78 104.24 -0.07
N GLU A 23 -10.24 105.45 0.25
CA GLU A 23 -11.63 105.65 0.59
C GLU A 23 -12.48 105.95 -0.64
N SER A 24 -11.86 106.20 -1.78
CA SER A 24 -12.60 106.63 -2.96
C SER A 24 -13.40 105.49 -3.55
N ASP A 25 -14.53 105.85 -4.16
CA ASP A 25 -15.41 104.86 -4.75
C ASP A 25 -14.72 104.19 -5.94
N PRO A 26 -14.82 102.86 -6.09
CA PRO A 26 -14.11 102.19 -7.19
C PRO A 26 -14.54 102.68 -8.57
N PHE A 27 -15.84 102.86 -8.77
CA PHE A 27 -16.33 103.28 -10.10
C PHE A 27 -15.84 104.67 -10.45
N GLU A 28 -15.78 105.57 -9.47
CA GLU A 28 -15.19 106.88 -9.71
C GLU A 28 -13.73 106.74 -10.11
N VAL A 29 -12.98 105.91 -9.38
CA VAL A 29 -11.57 105.67 -9.72
C VAL A 29 -11.44 105.04 -11.11
N ASN A 30 -12.29 104.05 -11.39
CA ASN A 30 -12.21 103.36 -12.68
C ASN A 30 -12.55 104.29 -13.82
N LEU A 31 -13.55 105.15 -13.63
CA LEU A 31 -13.93 106.09 -14.69
C LEU A 31 -12.79 107.04 -15.03
N LYS A 32 -11.97 107.39 -14.03
CA LYS A 32 -10.83 108.27 -14.28
C LYS A 32 -9.83 107.63 -15.24
N ALA A 33 -9.63 106.32 -15.12
CA ALA A 33 -8.74 105.62 -16.05
C ALA A 33 -9.31 105.64 -17.47
N ALA A 34 -10.61 105.38 -17.61
CA ALA A 34 -11.22 105.36 -18.94
C ALA A 34 -11.25 106.75 -19.56
N GLU A 35 -11.30 107.79 -18.73
CA GLU A 35 -11.25 109.16 -19.24
C GLU A 35 -9.92 109.43 -19.94
N ASN A 36 -8.82 108.95 -19.38
CA ASN A 36 -7.50 109.15 -19.97
C ASN A 36 -7.34 108.34 -21.24
N THR B 1 -88.77 41.49 57.37
CA THR B 1 -89.77 41.76 56.35
C THR B 1 -91.19 41.52 56.89
N ILE B 2 -91.27 40.78 57.99
CA ILE B 2 -92.53 40.33 58.61
C ILE B 2 -93.26 39.40 57.66
N MET B 3 -93.33 38.12 58.02
CA MET B 3 -92.94 37.62 59.34
C MET B 3 -91.98 36.50 58.90
N ASN B 4 -91.56 35.57 59.77
CA ASN B 4 -90.51 34.62 59.39
C ASN B 4 -90.92 33.72 58.23
N GLN B 5 -92.20 33.66 57.88
CA GLN B 5 -92.57 32.97 56.65
C GLN B 5 -91.96 33.68 55.45
N GLU B 6 -92.14 35.00 55.37
CA GLU B 6 -91.56 35.75 54.26
C GLU B 6 -90.04 35.76 54.34
N LEU B 7 -89.48 35.68 55.54
CA LEU B 7 -88.03 35.61 55.67
C LEU B 7 -87.49 34.29 55.13
N ALA B 8 -88.20 33.18 55.40
CA ALA B 8 -87.81 31.89 54.84
C ALA B 8 -87.86 31.93 53.32
N LYS B 9 -88.90 32.57 52.77
CA LYS B 9 -88.98 32.72 51.32
C LYS B 9 -87.86 33.61 50.80
N LEU B 10 -87.42 34.57 51.62
CA LEU B 10 -86.37 35.50 51.19
C LEU B 10 -85.02 34.80 51.09
N GLN B 11 -84.76 33.84 51.98
CA GLN B 11 -83.49 33.12 51.96
C GLN B 11 -83.29 32.40 50.64
N ALA B 12 -84.29 31.64 50.20
CA ALA B 12 -84.16 30.85 48.99
C ALA B 12 -83.94 31.73 47.76
N GLN B 13 -84.60 32.89 47.73
CA GLN B 13 -84.46 33.78 46.59
C GLN B 13 -83.12 34.52 46.61
N VAL B 14 -82.69 34.96 47.79
CA VAL B 14 -81.47 35.75 47.90
C VAL B 14 -80.25 34.92 47.50
N ARG B 15 -80.19 33.68 47.98
CA ARG B 15 -79.08 32.79 47.68
C ARG B 15 -79.29 32.16 46.31
N ILE B 16 -78.40 32.45 45.37
CA ILE B 16 -78.46 31.89 44.03
C ILE B 16 -77.21 31.08 43.70
N GLY B 17 -76.49 30.62 44.71
CA GLY B 17 -75.27 29.87 44.54
C GLY B 17 -74.73 29.37 45.86
N GLY B 18 -73.41 29.15 45.94
CA GLY B 18 -72.81 28.64 47.14
C GLY B 18 -71.94 29.64 47.87
N LYS B 19 -71.08 29.14 48.76
CA LYS B 19 -70.16 30.01 49.49
C LYS B 19 -69.27 30.76 48.50
N GLY B 20 -69.07 32.05 48.76
CA GLY B 20 -68.27 32.90 47.90
C GLY B 20 -69.02 33.57 46.77
N THR B 21 -70.29 33.23 46.57
CA THR B 21 -71.08 33.78 45.48
C THR B 21 -71.89 34.98 45.96
N ALA B 22 -72.09 35.94 45.05
CA ALA B 22 -72.81 37.15 45.41
C ALA B 22 -74.31 36.90 45.46
N ARG B 23 -74.93 37.28 46.57
CA ARG B 23 -76.34 37.02 46.78
C ARG B 23 -77.20 38.00 46.01
N ARG B 24 -78.43 37.60 45.74
CA ARG B 24 -79.31 38.35 44.85
C ARG B 24 -79.85 39.61 45.53
N LYS B 25 -79.73 40.74 44.85
CA LYS B 25 -80.14 42.01 45.43
C LYS B 25 -81.64 42.25 45.27
N LYS B 26 -82.18 42.03 44.07
CA LYS B 26 -83.51 42.49 43.74
C LYS B 26 -84.18 41.57 42.72
N LYS B 27 -85.51 41.59 42.74
CA LYS B 27 -86.32 40.78 41.82
C LYS B 27 -87.70 41.44 41.70
N VAL B 28 -87.93 42.10 40.57
CA VAL B 28 -89.22 42.72 40.26
C VAL B 28 -89.88 41.97 39.11
N VAL B 29 -91.18 41.77 39.21
CA VAL B 29 -91.93 40.96 38.26
C VAL B 29 -92.51 41.79 37.12
N HIS B 30 -93.33 42.79 37.45
CA HIS B 30 -94.22 43.41 36.49
C HIS B 30 -93.72 44.78 36.04
N ARG B 31 -94.57 45.48 35.28
CA ARG B 31 -94.26 46.81 34.75
C ARG B 31 -94.13 47.86 35.85
N SER C 1 -86.56 28.24 27.30
CA SER C 1 -86.42 27.40 26.11
C SER C 1 -84.96 27.32 25.65
N MET C 2 -84.60 28.19 24.71
CA MET C 2 -83.25 28.26 24.16
C MET C 2 -82.84 29.73 24.23
N LEU C 3 -81.94 30.05 25.16
CA LEU C 3 -81.61 31.43 25.50
C LEU C 3 -80.23 31.84 25.00
N ARG C 4 -79.81 31.32 23.85
CA ARG C 4 -78.50 31.67 23.32
C ARG C 4 -78.45 33.14 22.91
N LEU C 5 -79.53 33.65 22.32
CA LEU C 5 -79.55 35.05 21.89
C LEU C 5 -79.56 36.00 23.08
N GLN C 6 -80.29 35.65 24.14
CA GLN C 6 -80.38 36.53 25.30
C GLN C 6 -79.05 36.59 26.05
N LYS C 7 -78.35 35.47 26.15
CA LYS C 7 -77.03 35.47 26.77
C LYS C 7 -76.05 36.31 25.97
N ARG C 8 -76.11 36.23 24.64
CA ARG C 8 -75.25 37.08 23.80
C ARG C 8 -75.61 38.55 23.96
N LEU C 9 -76.89 38.88 23.96
CA LEU C 9 -77.30 40.28 24.06
C LEU C 9 -76.99 40.85 25.44
N ALA C 10 -77.15 40.05 26.49
CA ALA C 10 -76.83 40.51 27.83
C ALA C 10 -75.33 40.79 27.98
N SER C 11 -74.50 39.92 27.41
CA SER C 11 -73.06 40.14 27.48
C SER C 11 -72.66 41.44 26.81
N SER C 12 -73.27 41.73 25.66
CA SER C 12 -72.97 42.97 24.95
C SER C 12 -73.50 44.19 25.70
N VAL C 13 -74.71 44.09 26.25
CA VAL C 13 -75.27 45.23 26.99
C VAL C 13 -74.53 45.46 28.29
N LEU C 14 -74.21 44.38 29.00
CA LEU C 14 -73.49 44.48 30.27
C LEU C 14 -72.02 44.80 30.09
N ARG C 15 -71.50 44.77 28.87
CA ARG C 15 -70.09 44.99 28.58
C ARG C 15 -69.20 44.02 29.35
N CYS C 16 -69.69 42.79 29.54
CA CYS C 16 -68.98 41.73 30.23
C CYS C 16 -68.90 40.51 29.32
N GLY C 17 -68.17 39.51 29.76
CA GLY C 17 -68.16 38.25 29.06
C GLY C 17 -69.43 37.47 29.30
N LYS C 18 -69.68 36.51 28.41
CA LYS C 18 -70.83 35.63 28.60
C LYS C 18 -70.70 34.76 29.85
N LYS C 19 -69.48 34.55 30.35
CA LYS C 19 -69.32 33.77 31.59
C LYS C 19 -69.89 34.53 32.78
N LYS C 20 -69.93 35.86 32.70
CA LYS C 20 -70.41 36.68 33.80
C LYS C 20 -71.89 36.98 33.73
N VAL C 21 -72.58 36.54 32.68
CA VAL C 21 -74.00 36.79 32.55
C VAL C 21 -74.78 35.70 33.29
N TRP C 22 -75.66 36.13 34.19
CA TRP C 22 -76.53 35.22 34.92
C TRP C 22 -77.97 35.45 34.45
N LEU C 23 -78.57 34.43 33.88
CA LEU C 23 -79.97 34.47 33.52
C LEU C 23 -80.78 33.66 34.53
N ASP C 24 -81.79 34.29 35.12
CA ASP C 24 -82.61 33.66 36.14
C ASP C 24 -83.11 32.30 35.69
N PRO C 25 -82.65 31.21 36.30
CA PRO C 25 -83.02 29.87 35.80
C PRO C 25 -84.50 29.56 35.85
N ASN C 26 -85.26 30.20 36.74
CA ASN C 26 -86.69 29.90 36.77
C ASN C 26 -87.54 31.00 36.17
N GLU C 27 -86.99 32.17 35.88
CA GLU C 27 -87.73 33.17 35.13
C GLU C 27 -87.34 33.10 33.65
N THR C 28 -87.34 31.87 33.14
CA THR C 28 -86.84 31.58 31.81
C THR C 28 -87.78 31.98 30.69
N ASN C 29 -89.10 31.87 30.92
CA ASN C 29 -90.06 32.15 29.86
C ASN C 29 -90.05 33.62 29.45
N GLU C 30 -89.92 34.54 30.42
CA GLU C 30 -89.93 35.95 30.04
C GLU C 30 -88.57 36.43 29.56
N ILE C 31 -87.48 35.75 29.92
CA ILE C 31 -86.20 36.05 29.27
C ILE C 31 -86.29 35.67 27.79
N ALA C 32 -86.98 34.57 27.49
CA ALA C 32 -87.14 34.13 26.11
C ALA C 32 -87.96 35.10 25.27
N ASN C 33 -88.73 35.98 25.92
CA ASN C 33 -89.48 36.98 25.18
C ASN C 33 -88.65 38.20 24.80
N ALA C 34 -87.46 38.35 25.38
CA ALA C 34 -86.58 39.48 25.04
C ALA C 34 -85.87 39.17 23.74
N ASN C 35 -86.28 39.83 22.66
CA ASN C 35 -85.63 39.67 21.37
C ASN C 35 -84.67 40.80 21.07
N SER C 36 -84.65 41.83 21.91
CA SER C 36 -83.92 43.04 21.60
C SER C 36 -83.15 43.51 22.81
N ARG C 37 -82.09 44.26 22.57
CA ARG C 37 -81.63 45.20 23.58
C ARG C 37 -82.73 46.22 23.81
N GLN C 38 -82.72 46.83 24.99
CA GLN C 38 -83.80 47.63 25.56
C GLN C 38 -84.92 46.76 26.10
N GLN C 39 -84.88 45.47 25.77
CA GLN C 39 -85.63 44.46 26.48
C GLN C 39 -84.75 43.68 27.42
N ILE C 40 -83.50 43.46 27.02
CA ILE C 40 -82.46 42.99 27.93
C ILE C 40 -82.19 44.02 29.01
N ARG C 41 -82.13 45.31 28.63
CA ARG C 41 -81.90 46.36 29.62
C ARG C 41 -83.01 46.42 30.65
N LYS C 42 -84.23 46.10 30.24
CA LYS C 42 -85.34 46.03 31.19
C LYS C 42 -85.14 44.87 32.16
N LEU C 43 -84.78 43.70 31.64
CA LEU C 43 -84.55 42.54 32.50
C LEU C 43 -83.33 42.72 33.39
N ILE C 44 -82.34 43.48 32.93
CA ILE C 44 -81.18 43.80 33.77
C ILE C 44 -81.60 44.67 34.94
N LYS C 45 -82.43 45.68 34.66
CA LYS C 45 -82.88 46.60 35.69
C LYS C 45 -83.91 46.00 36.63
N ASP C 46 -84.62 44.96 36.19
CA ASP C 46 -85.56 44.26 37.06
C ASP C 46 -84.93 43.11 37.84
N GLY C 47 -83.64 42.86 37.66
CA GLY C 47 -82.96 41.82 38.39
C GLY C 47 -83.06 40.42 37.82
N LEU C 48 -83.68 40.25 36.65
CA LEU C 48 -83.73 38.96 36.00
C LEU C 48 -82.43 38.58 35.32
N ILE C 49 -81.67 39.57 34.87
CA ILE C 49 -80.36 39.38 34.28
C ILE C 49 -79.37 40.11 35.17
N ILE C 50 -78.34 39.41 35.63
CA ILE C 50 -77.37 39.93 36.58
C ILE C 50 -75.98 39.71 36.03
N ARG C 51 -75.10 40.68 36.26
CA ARG C 51 -73.68 40.52 35.97
C ARG C 51 -73.01 39.91 37.20
N LYS C 52 -72.47 38.71 37.04
CA LYS C 52 -71.78 38.07 38.14
C LYS C 52 -70.44 38.76 38.40
N PRO C 53 -69.96 38.75 39.65
CA PRO C 53 -68.67 39.39 39.95
C PRO C 53 -67.49 38.59 39.44
N VAL C 54 -66.35 39.28 39.34
CA VAL C 54 -65.09 38.64 38.95
C VAL C 54 -64.74 37.56 39.97
N THR C 55 -64.27 36.42 39.49
CA THR C 55 -63.80 35.39 40.41
C THR C 55 -62.51 35.87 41.08
N VAL C 56 -62.39 35.61 42.38
CA VAL C 56 -61.36 36.23 43.19
C VAL C 56 -59.99 35.67 42.82
N HIS C 57 -59.06 36.57 42.52
CA HIS C 57 -57.64 36.24 42.45
C HIS C 57 -56.96 37.19 43.43
N SER C 58 -56.72 36.69 44.64
CA SER C 58 -56.13 37.49 45.70
C SER C 58 -54.63 37.62 45.52
N ARG C 59 -54.11 38.79 45.87
CA ARG C 59 -52.67 39.02 45.95
C ARG C 59 -52.19 39.02 47.40
N ALA C 60 -53.03 38.57 48.33
CA ALA C 60 -52.66 38.54 49.74
C ALA C 60 -51.49 37.60 50.00
N ARG C 61 -51.49 36.45 49.33
CA ARG C 61 -50.39 35.50 49.46
C ARG C 61 -49.08 36.10 48.97
N CYS C 62 -49.11 36.74 47.80
CA CYS C 62 -47.91 37.40 47.28
C CYS C 62 -47.46 38.54 48.17
N ARG C 63 -48.41 39.32 48.69
CA ARG C 63 -48.04 40.45 49.53
C ARG C 63 -47.30 39.99 50.79
N LYS C 64 -47.76 38.90 51.40
CA LYS C 64 -47.05 38.40 52.57
C LYS C 64 -45.70 37.79 52.20
N ASN C 65 -45.62 37.08 51.07
CA ASN C 65 -44.35 36.55 50.61
C ASN C 65 -43.39 37.68 50.23
N THR C 66 -43.92 38.76 49.67
CA THR C 66 -43.08 39.90 49.32
C THR C 66 -42.48 40.55 50.56
N LEU C 67 -43.30 40.72 51.61
CA LEU C 67 -42.80 41.32 52.85
C LEU C 67 -41.72 40.46 53.48
N ALA C 68 -41.85 39.14 53.39
CA ALA C 68 -40.82 38.25 53.88
C ALA C 68 -39.53 38.42 53.09
N ARG C 69 -39.64 38.60 51.77
CA ARG C 69 -38.46 38.73 50.94
C ARG C 69 -37.70 40.03 51.22
N ARG C 70 -38.42 41.08 51.65
CA ARG C 70 -37.75 42.31 52.02
C ARG C 70 -36.89 42.14 53.25
N LYS C 71 -37.32 41.29 54.19
CA LYS C 71 -36.49 40.96 55.34
C LYS C 71 -35.36 40.01 54.98
N GLY C 72 -35.33 39.48 53.77
CA GLY C 72 -34.30 38.57 53.33
C GLY C 72 -34.70 37.12 53.26
N ARG C 73 -35.94 36.78 53.62
CA ARG C 73 -36.41 35.40 53.51
C ARG C 73 -36.51 34.99 52.05
N HIS C 74 -36.29 33.70 51.81
CA HIS C 74 -36.44 33.04 50.51
C HIS C 74 -35.47 33.55 49.46
N MET C 75 -34.35 34.18 49.86
CA MET C 75 -33.37 34.62 48.89
C MET C 75 -32.27 33.59 48.69
N GLY C 76 -31.49 33.31 49.72
CA GLY C 76 -30.68 32.13 49.91
C GLY C 76 -29.77 31.79 48.74
N ILE C 77 -29.15 30.63 48.83
CA ILE C 77 -28.41 30.08 47.71
C ILE C 77 -29.24 29.08 46.92
N GLY C 78 -30.13 28.34 47.59
CA GLY C 78 -31.02 27.43 46.92
C GLY C 78 -32.27 28.06 46.37
N LYS C 79 -32.35 29.38 46.36
CA LYS C 79 -33.50 30.06 45.78
C LYS C 79 -33.15 30.90 44.56
N ARG C 80 -31.89 30.91 44.11
CA ARG C 80 -31.49 31.70 42.96
C ARG C 80 -31.27 30.79 41.76
N LYS C 81 -31.85 31.17 40.63
CA LYS C 81 -31.71 30.44 39.38
C LYS C 81 -30.96 31.19 38.31
N GLY C 82 -30.94 32.51 38.37
CA GLY C 82 -30.12 33.29 37.46
C GLY C 82 -28.75 33.56 38.03
N THR C 83 -27.81 33.86 37.12
CA THR C 83 -26.50 34.29 37.56
C THR C 83 -26.61 35.61 38.31
N ALA C 84 -25.58 35.94 39.08
CA ALA C 84 -25.59 37.18 39.84
C ALA C 84 -25.75 38.38 38.92
N ASN C 85 -25.19 38.30 37.71
CA ASN C 85 -25.37 39.36 36.74
C ASN C 85 -26.79 39.41 36.20
N ALA C 86 -27.43 38.25 36.03
CA ALA C 86 -28.82 38.24 35.58
C ALA C 86 -29.75 38.81 36.65
N ARG C 87 -29.47 38.56 37.92
CA ARG C 87 -30.32 39.09 38.99
C ARG C 87 -30.05 40.58 39.23
N MET C 88 -28.80 40.99 39.18
CA MET C 88 -28.43 42.39 39.32
C MET C 88 -27.25 42.69 38.40
N PRO C 89 -27.49 43.30 37.25
CA PRO C 89 -26.42 43.48 36.28
C PRO C 89 -25.28 44.35 36.80
N GLU C 90 -24.06 43.94 36.48
CA GLU C 90 -22.88 44.67 36.90
C GLU C 90 -22.84 46.07 36.29
N LYS C 91 -23.26 46.20 35.03
CA LYS C 91 -23.29 47.51 34.39
C LYS C 91 -24.24 48.46 35.11
N VAL C 92 -25.41 47.96 35.52
CA VAL C 92 -26.36 48.78 36.25
C VAL C 92 -25.78 49.20 37.60
N THR C 93 -25.09 48.28 38.28
CA THR C 93 -24.46 48.60 39.55
C THR C 93 -23.40 49.68 39.37
N TRP C 94 -22.55 49.55 38.35
CA TRP C 94 -21.55 50.55 38.07
C TRP C 94 -22.17 51.90 37.71
N MET C 95 -23.20 51.87 36.88
CA MET C 95 -23.87 53.10 36.44
C MET C 95 -24.43 53.88 37.63
N ARG C 96 -25.10 53.17 38.55
CA ARG C 96 -25.64 53.85 39.73
C ARG C 96 -24.52 54.45 40.57
N ARG C 97 -23.43 53.70 40.76
CA ARG C 97 -22.33 54.18 41.60
C ARG C 97 -21.67 55.41 40.98
N MET C 98 -21.44 55.40 39.67
CA MET C 98 -20.87 56.57 39.01
C MET C 98 -21.78 57.78 39.18
N ARG C 99 -23.08 57.59 39.00
CA ARG C 99 -24.02 58.69 39.13
C ARG C 99 -24.02 59.23 40.56
N ILE C 100 -23.97 58.34 41.54
CA ILE C 100 -23.96 58.77 42.95
C ILE C 100 -22.68 59.54 43.26
N LEU C 101 -21.53 59.02 42.84
CA LEU C 101 -20.26 59.63 43.21
C LEU C 101 -19.99 60.90 42.42
N ARG C 102 -20.41 60.94 41.16
CA ARG C 102 -20.24 62.16 40.37
C ARG C 102 -21.17 63.26 40.84
N ARG C 103 -22.38 62.90 41.28
CA ARG C 103 -23.28 63.88 41.87
C ARG C 103 -22.67 64.49 43.12
N LEU C 104 -22.10 63.65 43.99
CA LEU C 104 -21.51 64.14 45.23
C LEU C 104 -20.34 65.07 44.97
N LEU C 105 -19.49 64.74 43.98
CA LEU C 105 -18.37 65.60 43.64
C LEU C 105 -18.85 66.94 43.10
N ARG C 106 -19.88 66.93 42.27
CA ARG C 106 -20.46 68.17 41.76
C ARG C 106 -21.02 69.01 42.89
N ARG C 107 -21.66 68.37 43.88
CA ARG C 107 -22.20 69.11 45.01
C ARG C 107 -21.09 69.68 45.88
N TYR C 108 -19.98 68.95 46.03
CA TYR C 108 -18.86 69.46 46.80
C TYR C 108 -18.13 70.58 46.08
N ARG C 109 -18.07 70.52 44.75
CA ARG C 109 -17.42 71.60 43.99
C ARG C 109 -18.28 72.87 44.01
N GLU C 110 -19.60 72.73 43.90
CA GLU C 110 -20.48 73.89 43.87
C GLU C 110 -20.55 74.57 45.22
N SER C 111 -20.39 73.84 46.31
CA SER C 111 -20.44 74.41 47.65
C SER C 111 -19.06 74.80 48.18
N LYS C 112 -18.02 74.71 47.35
CA LYS C 112 -16.69 75.25 47.64
C LYS C 112 -15.93 74.42 48.67
N LYS C 113 -16.39 73.20 48.97
CA LYS C 113 -15.59 72.29 49.78
C LYS C 113 -14.39 71.76 49.05
N ILE C 114 -14.48 71.56 47.74
CA ILE C 114 -13.34 71.20 46.89
C ILE C 114 -13.32 72.20 45.73
N ASP C 115 -12.15 72.37 45.14
CA ASP C 115 -12.00 73.27 44.01
C ASP C 115 -12.04 72.47 42.70
N ARG C 116 -11.79 73.17 41.59
CA ARG C 116 -11.81 72.50 40.28
C ARG C 116 -10.73 71.44 40.19
N HIS C 117 -9.55 71.73 40.71
CA HIS C 117 -8.42 70.83 40.52
C HIS C 117 -8.56 69.57 41.36
N MET C 118 -9.07 69.70 42.58
CA MET C 118 -9.33 68.50 43.38
C MET C 118 -10.54 67.75 42.86
N TYR C 119 -11.55 68.48 42.38
CA TYR C 119 -12.69 67.82 41.75
C TYR C 119 -12.26 67.02 40.54
N HIS C 120 -11.42 67.60 39.68
CA HIS C 120 -11.01 66.92 38.46
C HIS C 120 -10.16 65.69 38.76
N SER C 121 -9.26 65.79 39.73
CA SER C 121 -8.44 64.65 40.11
C SER C 121 -9.29 63.54 40.72
N LEU C 122 -10.25 63.89 41.56
CA LEU C 122 -11.11 62.89 42.17
C LEU C 122 -12.10 62.31 41.16
N TYR C 123 -12.52 63.11 40.19
CA TYR C 123 -13.44 62.65 39.16
C TYR C 123 -12.83 61.48 38.38
N LEU C 124 -11.55 61.59 38.02
CA LEU C 124 -10.90 60.53 37.26
C LEU C 124 -10.59 59.33 38.14
N LYS C 125 -10.35 59.55 39.44
CA LYS C 125 -10.18 58.44 40.36
C LYS C 125 -11.51 57.71 40.59
N VAL C 126 -12.62 58.45 40.53
CA VAL C 126 -13.92 57.80 40.57
C VAL C 126 -14.12 56.93 39.33
N LYS C 127 -13.74 57.45 38.16
CA LYS C 127 -13.84 56.66 36.93
C LYS C 127 -12.90 55.46 36.96
N GLY C 128 -11.79 55.56 37.68
CA GLY C 128 -10.81 54.50 37.81
C GLY C 128 -11.11 53.46 38.87
N ASN C 129 -12.25 53.57 39.55
CA ASN C 129 -12.76 52.57 40.48
C ASN C 129 -11.89 52.45 41.74
N VAL C 130 -11.55 53.61 42.32
CA VAL C 130 -10.83 53.62 43.58
C VAL C 130 -11.73 53.91 44.77
N PHE C 131 -12.97 54.35 44.56
CA PHE C 131 -13.92 54.62 45.63
C PHE C 131 -15.15 53.73 45.46
N LYS C 132 -15.51 53.03 46.52
CA LYS C 132 -16.55 52.00 46.48
C LYS C 132 -17.93 52.57 46.76
N ASN C 133 -18.02 53.68 47.49
CA ASN C 133 -19.28 54.27 47.86
C ASN C 133 -19.00 55.70 48.32
N LYS C 134 -20.06 56.46 48.59
CA LYS C 134 -19.84 57.85 48.94
C LYS C 134 -19.22 58.03 50.31
N ARG C 135 -19.44 57.10 51.23
CA ARG C 135 -18.75 57.19 52.53
C ARG C 135 -17.25 57.13 52.36
N ILE C 136 -16.76 56.21 51.53
CA ILE C 136 -15.33 56.10 51.29
C ILE C 136 -14.80 57.36 50.62
N LEU C 137 -15.54 57.87 49.63
CA LEU C 137 -15.12 59.09 48.95
C LEU C 137 -15.13 60.29 49.88
N MET C 138 -16.14 60.41 50.74
CA MET C 138 -16.21 61.53 51.66
C MET C 138 -15.04 61.51 52.66
N GLU C 139 -14.71 60.33 53.20
CA GLU C 139 -13.60 60.24 54.13
C GLU C 139 -12.28 60.57 53.45
N HIS C 140 -12.12 60.17 52.19
CA HIS C 140 -10.90 60.51 51.47
C HIS C 140 -10.79 62.00 51.24
N ILE C 141 -11.91 62.67 50.95
CA ILE C 141 -11.90 64.11 50.76
C ILE C 141 -11.52 64.81 52.05
N HIS C 142 -12.07 64.36 53.18
CA HIS C 142 -11.71 64.95 54.46
C HIS C 142 -10.22 64.80 54.74
N LYS C 143 -9.66 63.63 54.45
CA LYS C 143 -8.22 63.45 54.61
C LYS C 143 -7.44 64.30 53.62
N LEU C 144 -7.96 64.46 52.40
CA LEU C 144 -7.33 65.37 51.43
C LEU C 144 -7.40 66.81 51.89
N LYS C 145 -8.49 67.21 52.52
CA LYS C 145 -8.62 68.60 52.97
C LYS C 145 -7.76 68.85 54.20
N ALA C 146 -7.58 67.83 55.04
CA ALA C 146 -6.80 68.02 56.25
C ALA C 146 -5.32 68.13 55.95
N ASP C 147 -4.81 67.31 55.02
CA ASP C 147 -3.39 67.40 54.66
C ASP C 147 -3.10 68.68 53.89
N LYS C 148 -4.06 69.14 53.07
CA LYS C 148 -3.88 70.40 52.38
C LYS C 148 -3.94 71.59 53.33
N ALA C 149 -4.90 71.59 54.27
CA ALA C 149 -5.00 72.68 55.22
C ALA C 149 -3.78 72.76 56.11
N ARG C 150 -3.29 71.60 56.56
CA ARG C 150 -2.08 71.59 57.39
C ARG C 150 -0.85 71.95 56.57
N LYS C 151 -0.83 71.58 55.29
CA LYS C 151 0.21 72.06 54.39
C LYS C 151 0.05 73.55 54.13
N LYS C 152 -1.18 74.03 54.08
CA LYS C 152 -1.43 75.47 54.11
C LYS C 152 -1.00 76.03 55.46
N LEU C 153 -0.75 77.34 55.48
CA LEU C 153 -0.31 78.06 56.66
C LEU C 153 1.14 77.71 56.98
N LEU C 154 1.70 76.71 56.27
CA LEU C 154 3.14 76.56 56.21
C LEU C 154 3.70 77.25 54.98
N ALA C 155 2.92 77.27 53.89
CA ALA C 155 3.33 78.01 52.72
C ALA C 155 3.13 79.51 52.92
N ASP C 156 2.16 79.89 53.76
CA ASP C 156 1.85 81.31 53.93
C ASP C 156 2.40 81.85 55.25
N GLN C 157 2.97 81.00 56.09
CA GLN C 157 3.76 81.52 57.20
C GLN C 157 5.24 81.54 56.85
N ALA C 158 5.66 80.69 55.91
CA ALA C 158 6.97 80.86 55.30
C ALA C 158 7.05 82.17 54.55
N GLU C 159 6.04 82.47 53.74
CA GLU C 159 6.00 83.73 53.01
C GLU C 159 5.88 84.91 53.98
N ALA C 160 5.16 84.74 55.08
CA ALA C 160 5.12 85.76 56.11
C ALA C 160 6.50 85.95 56.73
N ARG C 161 7.18 84.86 57.08
CA ARG C 161 8.50 84.95 57.67
C ARG C 161 9.60 85.14 56.63
N ARG C 162 9.31 84.91 55.35
CA ARG C 162 10.21 85.36 54.29
C ARG C 162 10.24 86.87 54.21
N SER C 163 9.07 87.50 54.20
CA SER C 163 9.00 88.94 53.98
C SER C 163 9.35 89.73 55.24
N LYS C 164 9.20 89.11 56.42
CA LYS C 164 9.54 89.80 57.66
C LYS C 164 11.01 90.19 57.68
N THR C 165 11.89 89.23 57.40
CA THR C 165 13.32 89.51 57.43
C THR C 165 13.74 90.28 56.19
N LYS C 166 13.12 89.99 55.04
CA LYS C 166 13.51 90.64 53.79
C LYS C 166 13.26 92.14 53.84
N GLU C 167 12.06 92.55 54.25
CA GLU C 167 11.75 93.97 54.30
C GLU C 167 12.57 94.68 55.37
N ALA C 168 12.82 94.03 56.50
CA ALA C 168 13.61 94.65 57.57
C ALA C 168 15.03 94.92 57.11
N ARG C 169 15.65 93.97 56.42
CA ARG C 169 17.03 94.16 55.97
C ARG C 169 17.10 95.07 54.76
N LYS C 170 16.14 94.96 53.84
CA LYS C 170 16.18 95.76 52.61
C LYS C 170 15.96 97.23 52.90
N ARG C 171 14.92 97.55 53.67
CA ARG C 171 14.63 98.95 53.96
C ARG C 171 15.68 99.57 54.87
N ARG C 172 16.49 98.75 55.55
CA ARG C 172 17.55 99.32 56.37
C ARG C 172 18.82 99.60 55.58
N GLU C 173 19.00 98.96 54.42
CA GLU C 173 20.07 99.36 53.52
C GLU C 173 19.70 100.65 52.79
N GLU C 174 18.44 100.74 52.34
CA GLU C 174 18.03 101.90 51.55
C GLU C 174 18.11 103.19 52.35
N ARG C 175 17.72 103.15 53.62
CA ARG C 175 17.72 104.36 54.44
C ARG C 175 19.12 104.86 54.73
N LEU C 176 20.06 103.97 55.06
CA LEU C 176 21.41 104.38 55.39
C LEU C 176 22.22 104.78 54.16
N GLN C 177 21.88 104.25 52.97
CA GLN C 177 22.51 104.74 51.75
C GLN C 177 22.16 106.20 51.50
N ALA C 178 20.89 106.56 51.70
CA ALA C 178 20.49 107.96 51.60
C ALA C 178 21.13 108.78 52.71
N LYS C 179 21.22 108.21 53.91
CA LYS C 179 21.98 108.86 54.98
C LYS C 179 23.48 108.83 54.72
N LYS C 180 23.96 107.93 53.86
CA LYS C 180 25.32 108.05 53.34
C LYS C 180 25.38 109.04 52.19
N GLU C 181 24.26 109.28 51.51
CA GLU C 181 24.22 110.26 50.43
C GLU C 181 24.33 111.68 50.96
N GLU C 182 23.76 111.95 52.13
CA GLU C 182 23.73 113.31 52.66
C GLU C 182 25.10 113.79 53.11
N ILE C 183 26.09 112.91 53.15
CA ILE C 183 27.46 113.35 53.42
C ILE C 183 27.90 114.38 52.40
N ILE C 184 27.55 114.17 51.13
CA ILE C 184 27.89 115.12 50.06
C ILE C 184 26.85 116.23 49.93
N LYS C 185 25.61 116.01 50.36
CA LYS C 185 24.57 117.03 50.21
C LYS C 185 24.91 118.30 50.98
N THR C 186 25.75 118.22 52.01
CA THR C 186 26.22 119.39 52.74
C THR C 186 27.74 119.46 52.82
N LEU C 187 28.45 118.45 52.33
CA LEU C 187 29.91 118.43 52.29
C LEU C 187 30.51 118.60 53.69
N ALA D 1 15.14 20.32 77.40
CA ALA D 1 14.89 19.90 78.78
C ALA D 1 13.43 20.09 79.15
N ARG D 2 12.95 19.28 80.08
CA ARG D 2 11.59 19.37 80.58
C ARG D 2 11.50 19.96 81.98
N GLY D 3 12.63 20.29 82.59
CA GLY D 3 12.65 20.88 83.91
C GLY D 3 14.01 21.39 84.29
N PRO D 4 14.18 21.74 85.57
CA PRO D 4 15.48 22.22 86.04
C PRO D 4 16.53 21.11 86.07
N LYS D 5 17.79 21.51 85.92
CA LYS D 5 18.89 20.56 85.90
C LYS D 5 19.39 20.28 87.30
N LYS D 6 19.75 19.01 87.54
CA LYS D 6 20.19 18.58 88.86
C LYS D 6 21.63 18.08 88.87
N HIS D 7 22.29 18.06 87.71
CA HIS D 7 23.66 17.57 87.60
C HIS D 7 24.56 18.68 87.08
N LEU D 8 25.87 18.46 87.26
CA LEU D 8 26.89 19.37 86.77
C LEU D 8 28.10 18.55 86.38
N LYS D 9 28.58 18.75 85.15
CA LYS D 9 29.75 18.03 84.67
C LYS D 9 31.02 18.67 85.20
N ARG D 10 32.03 17.83 85.43
CA ARG D 10 33.28 18.31 86.02
C ARG D 10 33.96 19.34 85.13
N VAL D 11 33.99 19.10 83.81
CA VAL D 11 34.65 20.02 82.90
C VAL D 11 33.85 21.30 82.65
N ALA D 12 32.55 21.29 82.95
CA ALA D 12 31.72 22.47 82.82
C ALA D 12 31.55 23.23 84.12
N ALA D 13 32.22 22.79 85.18
CA ALA D 13 32.11 23.44 86.48
C ALA D 13 32.89 24.76 86.48
N PRO D 14 32.62 25.62 87.46
CA PRO D 14 33.38 26.87 87.55
C PRO D 14 34.87 26.64 87.66
N LYS D 15 35.64 27.52 87.02
CA LYS D 15 37.08 27.34 86.89
C LYS D 15 37.77 27.40 88.26
N HIS D 16 37.34 28.30 89.13
CA HIS D 16 38.02 28.51 90.40
C HIS D 16 37.88 27.33 91.36
N TRP D 17 37.00 26.36 91.05
CA TRP D 17 36.92 25.16 91.88
C TRP D 17 38.15 24.28 91.76
N MET D 18 38.97 24.48 90.73
CA MET D 18 40.20 23.72 90.49
C MET D 18 39.92 22.23 90.39
N LEU D 19 38.79 21.88 89.78
CA LEU D 19 38.45 20.49 89.57
C LEU D 19 39.31 19.89 88.46
N ASP D 20 39.83 18.70 88.71
CA ASP D 20 40.70 18.04 87.77
C ASP D 20 39.87 17.39 86.66
N LYS D 21 40.50 16.53 85.85
CA LYS D 21 39.80 15.87 84.76
C LYS D 21 39.71 14.36 84.91
N LEU D 22 40.35 13.76 85.92
CA LEU D 22 40.43 12.32 86.02
C LEU D 22 39.66 11.71 87.17
N THR D 23 39.22 12.51 88.15
CA THR D 23 38.46 11.94 89.26
C THR D 23 37.13 11.37 88.79
N GLY D 24 36.36 12.13 88.02
CA GLY D 24 35.06 11.65 87.59
C GLY D 24 34.46 12.57 86.56
N VAL D 25 33.35 12.09 86.00
CA VAL D 25 32.64 12.86 84.97
C VAL D 25 31.94 14.07 85.58
N PHE D 26 31.38 13.92 86.78
CA PHE D 26 30.47 14.90 87.33
C PHE D 26 31.17 15.91 88.23
N ALA D 27 30.42 16.94 88.62
CA ALA D 27 30.86 18.03 89.47
C ALA D 27 29.83 18.24 90.57
N PRO D 28 30.21 18.91 91.66
CA PRO D 28 29.33 18.94 92.84
C PRO D 28 27.92 19.49 92.62
N ARG D 29 27.71 20.37 91.62
CA ARG D 29 26.38 20.94 91.39
C ARG D 29 25.83 21.60 92.65
N PRO D 30 26.29 22.80 92.99
CA PRO D 30 25.91 23.41 94.26
C PRO D 30 24.40 23.62 94.37
N SER D 31 23.87 23.39 95.56
CA SER D 31 22.45 23.60 95.81
C SER D 31 22.13 25.09 95.79
N THR D 32 20.87 25.41 95.51
CA THR D 32 20.44 26.79 95.47
C THR D 32 20.58 27.43 96.85
N GLY D 33 20.95 28.71 96.85
CA GLY D 33 21.21 29.40 98.10
C GLY D 33 21.55 30.86 97.95
N PRO D 34 22.15 31.44 98.99
CA PRO D 34 22.40 32.89 99.00
C PRO D 34 23.36 33.36 97.92
N HIS D 35 24.13 32.48 97.31
CA HIS D 35 25.07 32.85 96.27
C HIS D 35 24.80 32.08 94.99
N LYS D 36 25.01 32.74 93.86
CA LYS D 36 24.84 32.11 92.56
C LYS D 36 25.90 31.03 92.36
N LEU D 37 25.54 30.00 91.58
CA LEU D 37 26.38 28.81 91.49
C LEU D 37 27.72 29.10 90.82
N ARG D 38 27.79 30.11 89.97
CA ARG D 38 29.06 30.41 89.30
C ARG D 38 30.03 31.12 90.22
N GLU D 39 29.51 31.99 91.10
CA GLU D 39 30.34 32.78 92.01
C GLU D 39 30.33 32.23 93.43
N CYS D 40 30.23 30.91 93.58
CA CYS D 40 30.14 30.26 94.88
C CYS D 40 31.24 29.21 95.03
N LEU D 41 31.36 28.69 96.24
CA LEU D 41 32.26 27.56 96.52
C LEU D 41 31.51 26.58 97.42
N PRO D 42 30.98 25.50 96.87
CA PRO D 42 30.27 24.53 97.70
C PRO D 42 31.20 23.91 98.74
N LEU D 43 30.62 23.55 99.88
CA LEU D 43 31.41 23.10 101.02
C LEU D 43 32.18 21.83 100.72
N ILE D 44 31.72 21.02 99.77
CA ILE D 44 32.36 19.74 99.50
C ILE D 44 33.80 19.94 99.02
N ILE D 45 34.01 20.86 98.08
CA ILE D 45 35.36 21.10 97.60
C ILE D 45 36.19 21.81 98.66
N PHE D 46 35.58 22.71 99.42
CA PHE D 46 36.32 23.48 100.41
C PHE D 46 36.92 22.59 101.48
N LEU D 47 36.18 21.55 101.88
CA LEU D 47 36.68 20.66 102.93
C LEU D 47 37.54 19.53 102.35
N ARG D 48 37.42 19.25 101.05
CA ARG D 48 38.10 18.11 100.46
C ARG D 48 39.35 18.50 99.66
N ASN D 49 39.23 19.47 98.77
CA ASN D 49 40.34 19.87 97.90
C ASN D 49 41.04 21.14 98.37
N ARG D 50 40.39 21.96 99.20
CA ARG D 50 41.02 23.19 99.67
C ARG D 50 41.71 23.00 101.02
N LEU D 51 41.14 22.17 101.90
CA LEU D 51 41.72 21.93 103.22
C LEU D 51 42.24 20.52 103.39
N LYS D 52 41.83 19.58 102.54
CA LYS D 52 42.23 18.18 102.63
C LYS D 52 41.85 17.57 103.98
N TYR D 53 40.79 18.12 104.58
CA TYR D 53 40.24 17.52 105.78
C TYR D 53 39.70 16.13 105.51
N ALA D 54 39.04 15.96 104.37
CA ALA D 54 38.46 14.69 103.95
C ALA D 54 39.03 14.29 102.59
N LEU D 55 38.93 13.00 102.30
CA LEU D 55 39.44 12.46 101.04
C LEU D 55 38.33 12.10 100.05
N THR D 56 37.12 11.91 100.53
CA THR D 56 36.02 11.44 99.71
C THR D 56 34.76 12.26 100.02
N GLY D 57 33.90 12.42 99.01
CA GLY D 57 32.64 13.10 99.22
C GLY D 57 31.77 12.41 100.26
N ASP D 58 31.89 11.09 100.38
CA ASP D 58 31.25 10.38 101.48
C ASP D 58 31.84 10.80 102.81
N GLU D 59 33.16 10.99 102.86
CA GLU D 59 33.79 11.48 104.09
C GLU D 59 33.36 12.91 104.39
N VAL D 60 33.19 13.73 103.34
CA VAL D 60 32.68 15.08 103.53
C VAL D 60 31.25 15.05 104.07
N LYS D 61 30.50 14.00 103.76
CA LYS D 61 29.16 13.90 104.29
C LYS D 61 29.18 13.66 105.79
N LYS D 62 29.96 12.67 106.25
CA LYS D 62 29.95 12.24 107.64
C LYS D 62 30.61 13.23 108.59
N ILE D 63 31.17 14.33 108.09
CA ILE D 63 31.71 15.38 108.94
C ILE D 63 30.69 16.51 109.02
N CYS D 64 29.84 16.62 108.00
CA CYS D 64 28.90 17.73 107.90
C CYS D 64 27.78 17.61 108.92
N MET D 65 27.01 16.51 108.85
CA MET D 65 25.91 16.35 109.80
C MET D 65 26.39 15.93 111.18
N GLN D 66 27.70 15.74 111.36
CA GLN D 66 28.24 15.68 112.72
C GLN D 66 28.18 17.04 113.40
N ARG D 67 27.85 18.09 112.65
CA ARG D 67 27.35 19.36 113.17
C ARG D 67 28.43 20.20 113.86
N PHE D 68 29.61 20.30 113.26
CA PHE D 68 30.51 21.42 113.57
C PHE D 68 31.00 22.02 112.25
N ILE D 69 30.13 22.82 111.62
CA ILE D 69 30.45 23.71 110.50
C ILE D 69 29.51 24.89 110.59
N LYS D 70 30.02 26.08 110.85
CA LYS D 70 29.18 27.26 111.04
C LYS D 70 29.46 28.26 109.92
N ILE D 71 28.57 28.31 108.93
CA ILE D 71 28.62 29.30 107.87
C ILE D 71 27.65 30.42 108.20
N ASP D 72 28.17 31.64 108.27
CA ASP D 72 27.40 32.80 108.73
C ASP D 72 26.80 32.57 110.10
N GLY D 73 27.50 31.82 110.95
CA GLY D 73 27.02 31.55 112.29
C GLY D 73 25.93 30.50 112.38
N LYS D 74 25.65 29.80 111.30
CA LYS D 74 24.60 28.79 111.26
C LYS D 74 25.18 27.45 110.85
N VAL D 75 24.78 26.39 111.57
CA VAL D 75 25.24 25.05 111.22
C VAL D 75 24.50 24.60 109.97
N ARG D 76 25.27 24.25 108.94
CA ARG D 76 24.73 23.79 107.67
C ARG D 76 25.14 22.33 107.46
N THR D 77 24.14 21.47 107.30
CA THR D 77 24.39 20.05 107.07
C THR D 77 24.41 19.68 105.59
N ASP D 78 24.15 20.63 104.71
CA ASP D 78 24.17 20.37 103.27
C ASP D 78 25.62 20.44 102.79
N ILE D 79 26.15 19.29 102.35
CA ILE D 79 27.54 19.28 101.91
C ILE D 79 27.73 20.13 100.67
N THR D 80 26.69 20.26 99.84
CA THR D 80 26.74 21.07 98.63
C THR D 80 26.09 22.44 98.84
N TYR D 81 26.07 22.92 100.08
CA TYR D 81 25.67 24.30 100.34
C TYR D 81 26.67 25.26 99.73
N PRO D 82 26.23 26.31 99.04
CA PRO D 82 27.18 27.24 98.41
C PRO D 82 27.70 28.25 99.43
N ALA D 83 28.97 28.11 99.80
CA ALA D 83 29.54 28.99 100.80
C ALA D 83 29.53 30.44 100.32
N GLY D 84 29.99 30.68 99.10
CA GLY D 84 29.92 32.00 98.52
C GLY D 84 31.05 32.92 98.95
N PHE D 85 30.80 34.22 98.77
CA PHE D 85 31.83 35.23 98.98
C PHE D 85 31.52 36.06 100.24
N MET D 86 32.59 36.48 100.91
CA MET D 86 32.52 37.38 102.06
C MET D 86 31.80 36.70 103.24
N ASP D 87 31.95 35.39 103.32
CA ASP D 87 31.28 34.58 104.32
C ASP D 87 32.29 33.98 105.28
N VAL D 88 31.85 33.75 106.51
CA VAL D 88 32.67 33.11 107.55
C VAL D 88 32.22 31.67 107.68
N ILE D 89 33.18 30.75 107.75
CA ILE D 89 32.93 29.35 108.03
C ILE D 89 33.77 28.95 109.24
N SER D 90 33.09 28.59 110.32
CA SER D 90 33.75 28.34 111.59
C SER D 90 33.61 26.87 111.98
N ILE D 91 34.60 26.38 112.72
CA ILE D 91 34.58 25.00 113.22
C ILE D 91 34.33 24.93 114.71
N ASP D 92 34.68 25.97 115.47
CA ASP D 92 34.34 26.20 116.87
C ASP D 92 35.01 25.20 117.82
N LYS D 93 35.94 24.36 117.36
CA LYS D 93 36.67 23.49 118.26
C LYS D 93 38.18 23.64 118.17
N THR D 94 38.71 24.11 117.03
CA THR D 94 40.13 24.40 116.93
C THR D 94 40.39 25.80 116.37
N GLY D 95 39.39 26.67 116.34
CA GLY D 95 39.58 28.06 115.94
C GLY D 95 39.99 28.26 114.49
N GLU D 96 39.27 27.64 113.56
CA GLU D 96 39.58 27.81 112.14
C GLU D 96 38.93 29.06 111.54
N ASN D 97 37.62 29.21 111.72
CA ASN D 97 36.82 30.35 111.26
C ASN D 97 37.29 30.90 109.91
N PHE D 98 37.27 30.02 108.91
CA PHE D 98 37.70 30.39 107.58
C PHE D 98 36.78 31.45 106.97
N ARG D 99 37.38 32.45 106.33
CA ARG D 99 36.66 33.51 105.65
C ARG D 99 36.93 33.41 104.15
N LEU D 100 35.86 33.36 103.36
CA LEU D 100 35.97 33.15 101.92
C LEU D 100 36.16 34.49 101.21
N ILE D 101 37.40 34.81 100.87
CA ILE D 101 37.76 36.03 100.16
C ILE D 101 38.51 35.66 98.90
N TYR D 102 38.12 36.28 97.78
CA TYR D 102 38.83 36.08 96.51
C TYR D 102 40.28 36.51 96.64
N ASP D 103 41.17 35.78 95.98
CA ASP D 103 42.60 36.06 96.03
C ASP D 103 43.00 36.90 94.81
N THR D 104 44.31 37.09 94.64
CA THR D 104 44.82 37.94 93.56
C THR D 104 44.42 37.42 92.19
N LYS D 105 44.49 36.10 91.99
CA LYS D 105 44.22 35.49 90.69
C LYS D 105 42.81 34.91 90.61
N GLY D 106 41.83 35.56 91.22
CA GLY D 106 40.45 35.17 91.07
C GLY D 106 40.10 33.80 91.62
N ARG D 107 40.54 33.49 92.82
CA ARG D 107 40.30 32.19 93.43
C ARG D 107 39.81 32.38 94.86
N PHE D 108 38.96 31.46 95.31
CA PHE D 108 38.45 31.48 96.68
C PHE D 108 39.46 30.83 97.61
N ALA D 109 40.56 31.55 97.82
CA ALA D 109 41.66 31.03 98.63
C ALA D 109 41.27 31.01 100.10
N VAL D 110 41.94 30.14 100.85
CA VAL D 110 41.69 30.06 102.29
C VAL D 110 42.29 31.28 102.98
N HIS D 111 41.55 31.84 103.93
CA HIS D 111 42.02 33.01 104.66
C HIS D 111 41.64 32.82 106.12
N ARG D 112 42.63 32.45 106.94
CA ARG D 112 42.42 32.39 108.38
C ARG D 112 42.24 33.79 108.94
N ILE D 113 41.34 33.91 109.92
CA ILE D 113 41.04 35.17 110.56
C ILE D 113 41.04 34.97 112.07
N THR D 114 41.01 36.08 112.80
CA THR D 114 40.87 36.04 114.24
C THR D 114 39.44 35.69 114.62
N PRO D 115 39.24 34.99 115.75
CA PRO D 115 37.86 34.69 116.18
C PRO D 115 37.03 35.93 116.46
N GLU D 116 37.67 37.07 116.73
CA GLU D 116 36.93 38.31 116.86
C GLU D 116 36.27 38.71 115.54
N GLU D 117 36.97 38.50 114.42
CA GLU D 117 36.45 38.87 113.11
C GLU D 117 35.43 37.87 112.56
N ALA D 118 35.28 36.71 113.20
CA ALA D 118 34.36 35.69 112.71
C ALA D 118 32.91 36.02 113.00
N LYS D 119 32.62 37.04 113.80
CA LYS D 119 31.26 37.37 114.20
C LYS D 119 30.69 38.56 113.43
N TYR D 120 31.39 39.05 112.41
CA TYR D 120 30.84 40.07 111.53
C TYR D 120 31.20 39.75 110.08
N LYS D 121 30.36 40.21 109.18
CA LYS D 121 30.56 40.06 107.75
C LYS D 121 30.03 41.30 107.05
N LEU D 122 30.74 41.75 106.01
CA LEU D 122 30.31 42.91 105.23
C LEU D 122 29.47 42.45 104.04
N CYS D 123 28.39 43.17 103.80
CA CYS D 123 27.45 42.82 102.75
C CYS D 123 27.19 44.04 101.86
N LYS D 124 27.11 43.83 100.56
CA LYS D 124 26.85 44.89 99.60
C LYS D 124 25.37 44.86 99.24
N VAL D 125 24.68 45.98 99.47
CA VAL D 125 23.23 46.01 99.27
C VAL D 125 22.93 46.06 97.79
N ARG D 126 22.01 45.19 97.35
CA ARG D 126 21.61 45.14 95.95
C ARG D 126 20.34 45.92 95.66
N LYS D 127 19.45 46.07 96.64
CA LYS D 127 18.19 46.75 96.39
C LYS D 127 17.61 47.25 97.71
N ILE D 128 17.18 48.50 97.71
CA ILE D 128 16.45 49.08 98.84
C ILE D 128 15.06 49.47 98.35
N PHE D 129 14.04 48.97 99.03
CA PHE D 129 12.67 49.23 98.63
C PHE D 129 11.81 49.36 99.89
N VAL D 130 10.73 50.13 99.75
CA VAL D 130 9.78 50.34 100.84
C VAL D 130 8.70 49.28 100.71
N GLY D 131 8.53 48.48 101.76
CA GLY D 131 7.56 47.41 101.78
C GLY D 131 6.19 47.86 102.25
N THR D 132 5.33 46.87 102.48
CA THR D 132 3.98 47.16 102.94
C THR D 132 4.00 47.78 104.33
N LYS D 133 2.93 48.52 104.64
CA LYS D 133 2.83 49.33 105.86
C LYS D 133 3.93 50.38 105.94
N GLY D 134 4.45 50.80 104.79
CA GLY D 134 5.42 51.88 104.73
C GLY D 134 6.73 51.62 105.43
N ILE D 135 7.30 50.43 105.27
CA ILE D 135 8.54 50.08 105.95
C ILE D 135 9.66 49.93 104.93
N PRO D 136 10.84 50.52 105.17
CA PRO D 136 11.97 50.31 104.28
C PRO D 136 12.55 48.90 104.42
N HIS D 137 13.01 48.37 103.30
CA HIS D 137 13.65 47.06 103.25
C HIS D 137 15.02 47.18 102.61
N LEU D 138 15.76 46.08 102.65
CA LEU D 138 17.14 46.07 102.17
C LEU D 138 17.57 44.63 101.89
N VAL D 139 17.95 44.33 100.65
CA VAL D 139 18.45 43.02 100.28
C VAL D 139 19.90 43.17 99.85
N THR D 140 20.79 42.41 100.49
CA THR D 140 22.22 42.56 100.29
C THR D 140 22.67 41.73 99.10
N HIS D 141 24.00 41.57 98.95
CA HIS D 141 24.52 40.80 97.83
C HIS D 141 24.12 39.33 97.91
N ASP D 142 24.03 38.79 99.12
CA ASP D 142 23.46 37.47 99.29
C ASP D 142 21.93 37.57 99.39
N ALA D 143 21.27 36.43 99.59
CA ALA D 143 19.82 36.40 99.64
C ALA D 143 19.27 37.05 100.91
N ARG D 144 20.14 37.42 101.86
CA ARG D 144 19.69 37.95 103.13
C ARG D 144 19.04 39.31 102.95
N THR D 145 17.90 39.51 103.62
CA THR D 145 17.19 40.78 103.63
C THR D 145 16.81 41.13 105.04
N ILE D 146 16.82 42.44 105.34
CA ILE D 146 16.47 42.94 106.66
C ILE D 146 15.45 44.05 106.51
N ARG D 147 14.69 44.29 107.58
CA ARG D 147 13.75 45.39 107.65
C ARG D 147 14.32 46.51 108.50
N TYR D 148 13.83 47.72 108.23
CA TYR D 148 14.21 48.92 108.97
C TYR D 148 15.72 49.16 108.95
N PRO D 149 16.29 49.44 107.78
CA PRO D 149 17.70 49.80 107.72
C PRO D 149 17.86 51.30 107.97
N ASP D 150 19.11 51.75 107.96
CA ASP D 150 19.35 53.17 108.05
C ASP D 150 18.85 53.85 106.78
N PRO D 151 18.11 54.96 106.89
CA PRO D 151 17.65 55.67 105.69
C PRO D 151 18.76 56.15 104.79
N LEU D 152 19.99 56.29 105.28
CA LEU D 152 21.11 56.76 104.48
C LEU D 152 21.66 55.71 103.54
N ILE D 153 21.28 54.45 103.71
CA ILE D 153 21.77 53.38 102.84
C ILE D 153 21.17 53.55 101.45
N LYS D 154 22.01 53.50 100.43
CA LYS D 154 21.58 53.65 99.05
C LYS D 154 21.97 52.38 98.28
N VAL D 155 21.59 52.33 97.01
CA VAL D 155 21.94 51.16 96.20
C VAL D 155 23.45 51.09 96.02
N ASN D 156 23.95 49.85 95.87
CA ASN D 156 25.36 49.50 95.71
C ASN D 156 26.30 50.26 96.63
N ASP D 157 26.01 50.26 97.92
CA ASP D 157 26.97 50.59 98.96
C ASP D 157 27.13 49.37 99.87
N THR D 158 28.08 49.43 100.78
CA THR D 158 28.39 48.31 101.65
C THR D 158 28.00 48.62 103.08
N ILE D 159 27.31 47.66 103.70
CA ILE D 159 26.85 47.75 105.07
C ILE D 159 27.44 46.60 105.89
N GLN D 160 27.93 46.94 107.07
CA GLN D 160 28.54 45.98 107.99
C GLN D 160 27.44 45.27 108.78
N ILE D 161 27.53 43.95 108.87
CA ILE D 161 26.56 43.12 109.58
C ILE D 161 27.31 42.29 110.60
N ASP D 162 26.87 42.36 111.85
CA ASP D 162 27.36 41.44 112.87
C ASP D 162 26.54 40.16 112.83
N LEU D 163 27.23 39.03 112.90
CA LEU D 163 26.58 37.73 112.79
C LEU D 163 25.66 37.48 113.99
N GLU D 164 24.90 36.39 113.90
CA GLU D 164 24.03 35.84 114.94
C GLU D 164 23.01 36.86 115.46
N THR D 165 22.90 38.00 114.79
CA THR D 165 21.84 38.96 115.03
C THR D 165 21.15 39.39 113.75
N GLY D 166 21.88 39.51 112.64
CA GLY D 166 21.32 40.01 111.41
C GLY D 166 21.16 41.50 111.34
N LYS D 167 21.77 42.25 112.26
CA LYS D 167 21.59 43.68 112.35
C LYS D 167 22.77 44.43 111.76
N ILE D 168 22.56 45.71 111.47
CA ILE D 168 23.56 46.59 110.88
C ILE D 168 24.21 47.40 111.99
N THR D 169 25.54 47.46 111.98
CA THR D 169 26.28 48.28 112.92
C THR D 169 26.97 49.47 112.29
N ASP D 170 27.41 49.36 111.04
CA ASP D 170 28.03 50.47 110.32
C ASP D 170 27.90 50.21 108.82
N PHE D 171 28.20 51.24 108.05
CA PHE D 171 28.08 51.16 106.60
C PHE D 171 29.11 52.07 105.96
N ILE D 172 29.43 51.77 104.70
CA ILE D 172 30.34 52.57 103.89
C ILE D 172 29.59 53.03 102.65
N LYS D 173 29.50 54.35 102.48
CA LYS D 173 28.81 54.92 101.32
C LYS D 173 29.67 54.78 100.08
N PHE D 174 29.02 54.47 98.95
CA PHE D 174 29.73 54.38 97.67
C PHE D 174 30.16 55.77 97.24
N ASP D 175 31.42 56.11 97.47
CA ASP D 175 31.92 57.44 97.16
C ASP D 175 33.29 57.33 96.51
N THR D 176 33.64 58.36 95.74
CA THR D 176 34.93 58.39 95.07
C THR D 176 36.05 58.53 96.10
N GLY D 177 37.05 57.66 96.00
CA GLY D 177 38.13 57.63 96.96
C GLY D 177 37.97 56.61 98.06
N ASN D 178 37.09 55.62 97.88
CA ASN D 178 36.87 54.57 98.86
C ASN D 178 37.62 53.31 98.44
N LEU D 179 38.31 52.69 99.39
CA LEU D 179 39.03 51.45 99.11
C LEU D 179 38.02 50.33 98.88
N CYS D 180 38.18 49.61 97.79
CA CYS D 180 37.19 48.65 97.31
C CYS D 180 37.86 47.36 96.86
N MET D 181 37.07 46.48 96.25
CA MET D 181 37.54 45.17 95.80
C MET D 181 36.60 44.65 94.73
N VAL D 182 37.10 44.53 93.50
CA VAL D 182 36.30 44.05 92.39
C VAL D 182 36.18 42.54 92.48
N THR D 183 34.93 42.05 92.49
CA THR D 183 34.63 40.64 92.65
C THR D 183 33.87 40.09 91.44
N GLY D 184 34.34 40.44 90.24
CA GLY D 184 33.76 39.89 89.03
C GLY D 184 34.55 40.25 87.79
N GLY D 185 34.69 39.30 86.86
CA GLY D 185 35.35 39.57 85.60
C GLY D 185 36.84 39.30 85.57
N ALA D 186 37.52 39.83 84.55
CA ALA D 186 38.94 39.57 84.36
C ALA D 186 39.79 40.08 85.52
N ASN D 187 39.31 41.10 86.25
CA ASN D 187 40.02 41.62 87.40
C ASN D 187 39.51 41.04 88.71
N LEU D 188 39.09 39.77 88.70
CA LEU D 188 38.60 39.07 89.88
C LEU D 188 39.63 39.12 91.01
N GLY D 189 39.23 39.67 92.15
CA GLY D 189 40.07 39.64 93.33
C GLY D 189 41.08 40.74 93.47
N ARG D 190 41.02 41.77 92.64
CA ARG D 190 41.93 42.91 92.74
C ARG D 190 41.39 43.92 93.74
N ILE D 191 42.30 44.46 94.55
CA ILE D 191 41.95 45.41 95.60
C ILE D 191 42.54 46.76 95.24
N GLY D 192 41.70 47.79 95.27
CA GLY D 192 42.17 49.13 95.01
C GLY D 192 41.11 50.15 95.39
N VAL D 193 41.49 51.40 95.32
CA VAL D 193 40.61 52.51 95.65
C VAL D 193 39.84 52.93 94.41
N ILE D 194 38.58 53.32 94.61
CA ILE D 194 37.77 53.84 93.52
C ILE D 194 38.28 55.23 93.17
N THR D 195 38.56 55.46 91.88
CA THR D 195 39.02 56.76 91.43
C THR D 195 38.04 57.48 90.52
N ASN D 196 37.19 56.77 89.79
CA ASN D 196 36.33 57.41 88.82
C ASN D 196 35.12 56.53 88.55
N ARG D 197 34.01 57.15 88.15
CA ARG D 197 32.77 56.44 87.82
C ARG D 197 32.06 57.24 86.75
N GLU D 198 32.09 56.73 85.52
CA GLU D 198 31.32 57.31 84.42
C GLU D 198 30.13 56.42 84.12
N ARG D 199 28.94 57.01 84.16
CA ARG D 199 27.69 56.27 84.09
C ARG D 199 27.13 56.29 82.67
N HIS D 200 26.61 55.14 82.25
CA HIS D 200 25.99 55.01 80.93
C HIS D 200 24.52 54.64 81.12
N PRO D 201 23.59 55.60 80.98
CA PRO D 201 22.18 55.29 81.21
C PRO D 201 21.67 54.21 80.28
N GLY D 202 20.83 53.34 80.82
CA GLY D 202 20.32 52.20 80.07
C GLY D 202 21.29 51.04 80.06
N SER D 203 22.57 51.34 79.83
CA SER D 203 23.62 50.33 79.80
C SER D 203 24.28 50.22 81.17
N PHE D 204 25.42 49.54 81.22
CA PHE D 204 26.15 49.31 82.45
C PHE D 204 27.06 50.49 82.78
N ASP D 205 27.22 50.75 84.08
CA ASP D 205 28.19 51.72 84.55
C ASP D 205 29.54 51.03 84.76
N VAL D 206 30.61 51.79 84.55
CA VAL D 206 31.96 51.28 84.76
C VAL D 206 32.62 52.11 85.84
N VAL D 207 33.52 51.48 86.60
CA VAL D 207 34.20 52.10 87.72
C VAL D 207 35.70 51.91 87.55
N HIS D 208 36.45 53.00 87.70
CA HIS D 208 37.90 52.96 87.60
C HIS D 208 38.50 52.77 88.97
N VAL D 209 39.41 51.79 89.09
CA VAL D 209 40.02 51.41 90.36
C VAL D 209 41.53 51.50 90.20
N LYS D 210 42.19 52.18 91.12
CA LYS D 210 43.65 52.29 91.15
C LYS D 210 44.16 51.58 92.39
N ASP D 211 45.04 50.60 92.19
CA ASP D 211 45.58 49.85 93.31
C ASP D 211 46.79 50.59 93.91
N ALA D 212 47.36 50.01 94.97
CA ALA D 212 48.45 50.68 95.68
C ALA D 212 49.70 50.84 94.82
N ASN D 213 49.91 49.98 93.83
CA ASN D 213 51.08 50.06 92.96
C ASN D 213 50.87 50.99 91.77
N GLY D 214 49.74 51.70 91.72
CA GLY D 214 49.48 52.62 90.63
C GLY D 214 48.89 51.99 89.39
N ASN D 215 48.71 50.67 89.37
CA ASN D 215 48.10 49.99 88.23
C ASN D 215 46.60 50.21 88.27
N SER D 216 46.13 51.19 87.50
CA SER D 216 44.70 51.44 87.40
C SER D 216 44.02 50.39 86.55
N PHE D 217 42.73 50.20 86.81
CA PHE D 217 41.92 49.29 86.00
C PHE D 217 40.46 49.67 86.15
N ALA D 218 39.65 49.20 85.20
CA ALA D 218 38.23 49.48 85.18
C ALA D 218 37.44 48.17 85.24
N THR D 219 36.19 48.28 85.69
CA THR D 219 35.29 47.14 85.71
C THR D 219 33.87 47.68 85.87
N ARG D 220 32.90 46.82 85.58
CA ARG D 220 31.51 47.23 85.62
C ARG D 220 31.07 47.49 87.06
N LEU D 221 30.02 48.31 87.21
CA LEU D 221 29.54 48.67 88.54
C LEU D 221 28.98 47.46 89.29
N SER D 222 28.44 46.49 88.56
CA SER D 222 27.90 45.30 89.20
C SER D 222 28.98 44.42 89.83
N ASN D 223 30.25 44.65 89.50
CA ASN D 223 31.35 43.83 89.98
C ASN D 223 32.20 44.53 91.02
N ILE D 224 31.68 45.60 91.63
CA ILE D 224 32.41 46.37 92.63
C ILE D 224 31.86 46.02 94.00
N PHE D 225 32.75 45.74 94.95
CA PHE D 225 32.41 45.46 96.33
C PHE D 225 33.35 46.25 97.21
N VAL D 226 32.91 47.43 97.67
CA VAL D 226 33.73 48.28 98.51
C VAL D 226 33.85 47.63 99.89
N ILE D 227 35.09 47.42 100.34
CA ILE D 227 35.33 46.83 101.66
C ILE D 227 36.30 47.67 102.47
N GLY D 228 36.33 48.98 102.21
CA GLY D 228 37.20 49.87 102.97
C GLY D 228 36.63 51.28 102.97
N LYS D 229 36.81 51.96 104.10
CA LYS D 229 36.37 53.35 104.26
C LYS D 229 37.54 54.24 103.86
N GLY D 230 37.52 54.72 102.61
CA GLY D 230 38.55 55.61 102.12
C GLY D 230 39.81 54.88 101.68
N ASN D 231 40.63 54.45 102.62
CA ASN D 231 41.84 53.71 102.31
C ASN D 231 42.06 52.46 103.17
N LYS D 232 41.53 52.41 104.39
CA LYS D 232 41.82 51.31 105.30
C LYS D 232 40.74 50.24 105.18
N PRO D 233 41.08 49.02 104.81
CA PRO D 233 40.07 47.96 104.70
C PRO D 233 39.49 47.60 106.06
N TRP D 234 38.23 47.14 106.03
CA TRP D 234 37.55 46.68 107.23
C TRP D 234 37.71 45.18 107.45
N ILE D 235 38.61 44.54 106.72
CA ILE D 235 38.85 43.11 106.84
C ILE D 235 40.35 42.86 106.88
N SER D 236 40.73 41.72 107.45
CA SER D 236 42.09 41.23 107.33
C SER D 236 42.25 40.71 105.90
N LEU D 237 42.87 41.53 105.05
CA LEU D 237 43.01 41.19 103.66
C LEU D 237 43.92 39.97 103.49
N PRO D 238 43.68 39.14 102.47
CA PRO D 238 44.48 37.92 102.30
C PRO D 238 45.91 38.19 101.88
N ARG D 239 46.67 37.12 101.62
CA ARG D 239 48.04 37.26 101.17
C ARG D 239 48.07 37.86 99.77
N GLY D 240 49.03 38.75 99.53
CA GLY D 240 49.11 39.47 98.27
C GLY D 240 48.31 40.75 98.24
N LYS D 241 47.38 40.94 99.18
CA LYS D 241 46.60 42.15 99.35
C LYS D 241 45.80 42.51 98.09
N GLY D 242 45.50 41.52 97.26
CA GLY D 242 44.76 41.76 96.04
C GLY D 242 45.52 42.52 94.98
N ILE D 243 46.85 42.60 95.09
CA ILE D 243 47.68 43.31 94.13
C ILE D 243 48.03 42.36 93.00
N ARG D 244 47.61 42.70 91.78
CA ARG D 244 47.81 41.81 90.64
C ARG D 244 49.23 41.96 90.11
N LEU D 245 49.96 40.85 90.07
CA LEU D 245 51.35 40.83 89.64
C LEU D 245 51.44 40.13 88.29
N THR D 246 52.16 40.75 87.36
CA THR D 246 52.30 40.17 86.03
C THR D 246 53.14 38.89 86.11
N ILE D 247 53.04 38.09 85.04
CA ILE D 247 53.75 36.81 85.01
C ILE D 247 55.26 37.02 85.11
N ALA D 248 55.74 38.21 84.72
CA ALA D 248 57.17 38.49 84.82
C ALA D 248 57.63 38.48 86.28
N GLU D 249 57.13 39.43 87.09
CA GLU D 249 57.62 39.56 88.46
C GLU D 249 57.14 38.42 89.35
N GLU D 250 56.06 37.73 88.95
CA GLU D 250 55.66 36.53 89.66
C GLU D 250 56.73 35.45 89.55
N ARG D 251 57.32 35.30 88.36
CA ARG D 251 58.40 34.32 88.18
C ARG D 251 59.61 34.69 89.01
N ASP D 252 59.97 35.98 89.05
CA ASP D 252 61.14 36.41 89.81
C ASP D 252 60.97 36.11 91.30
N LYS D 253 59.77 36.34 91.83
CA LYS D 253 59.52 36.05 93.24
C LYS D 253 59.63 34.55 93.52
N ARG D 254 59.15 33.71 92.60
CA ARG D 254 59.34 32.27 92.75
C ARG D 254 60.83 31.92 92.75
N LEU D 255 61.61 32.55 91.88
CA LEU D 255 63.05 32.32 91.86
C LEU D 255 63.71 32.84 93.13
N ALA D 256 63.18 33.94 93.69
CA ALA D 256 63.71 34.45 94.95
C ALA D 256 63.43 33.49 96.09
N ALA D 257 62.20 32.99 96.19
CA ALA D 257 61.85 32.07 97.26
C ALA D 257 62.59 30.74 97.12
N LYS D 258 62.77 30.28 95.88
CA LYS D 258 63.50 29.03 95.67
C LYS D 258 64.94 29.15 96.14
N GLN D 259 65.60 30.27 95.82
CA GLN D 259 66.98 30.46 96.24
C GLN D 259 67.10 30.51 97.76
N SER D 260 66.19 31.22 98.43
CA SER D 260 66.22 31.29 99.88
C SER D 260 65.87 29.95 100.52
N SER D 261 65.25 29.04 99.75
CA SER D 261 64.94 27.71 100.26
C SER D 261 65.99 26.68 99.87
N GLY D 262 67.20 27.11 99.50
CA GLY D 262 68.26 26.19 99.13
C GLY D 262 68.47 26.10 97.64
N GLY E 1 -3.94 20.62 72.09
CA GLY E 1 -5.11 21.49 72.07
C GLY E 1 -4.91 22.65 71.13
N ILE E 2 -5.60 23.76 71.38
CA ILE E 2 -5.43 24.91 70.50
C ILE E 2 -4.02 25.48 70.68
N SER E 3 -3.59 26.25 69.70
CA SER E 3 -2.21 26.70 69.61
C SER E 3 -2.12 28.17 69.99
N ARG E 4 -1.16 28.50 70.85
CA ARG E 4 -0.83 29.88 71.19
C ARG E 4 0.61 30.21 70.86
N ASP E 5 1.20 29.56 69.86
CA ASP E 5 2.60 29.78 69.52
C ASP E 5 2.73 30.76 68.36
N ASN E 6 3.97 31.06 68.00
CA ASN E 6 4.29 31.99 66.93
C ASN E 6 4.79 31.30 65.67
N TRP E 7 5.24 30.05 65.76
CA TRP E 7 5.92 29.39 64.65
C TRP E 7 4.98 28.75 63.64
N HIS E 8 3.69 28.73 63.91
CA HIS E 8 2.72 28.19 62.97
C HIS E 8 2.35 29.18 61.87
N LYS E 9 2.66 30.45 62.07
CA LYS E 9 2.32 31.52 61.13
C LYS E 9 3.33 31.56 59.99
N ARG E 10 2.96 32.30 58.94
CA ARG E 10 3.91 32.58 57.87
C ARG E 10 4.98 33.55 58.36
N ARG E 11 6.09 33.58 57.63
CA ARG E 11 7.14 34.54 57.91
C ARG E 11 6.73 35.94 57.46
N LYS E 12 7.48 36.94 57.93
CA LYS E 12 7.19 38.32 57.57
C LYS E 12 7.24 38.52 56.05
N THR E 13 8.28 37.98 55.41
CA THR E 13 8.38 38.04 53.95
C THR E 13 7.27 37.27 53.25
N GLY E 14 6.59 36.37 53.95
CA GLY E 14 5.56 35.55 53.37
C GLY E 14 5.95 34.10 53.16
N GLY E 15 7.15 33.70 53.57
CA GLY E 15 7.55 32.32 53.43
C GLY E 15 6.92 31.44 54.48
N LYS E 16 6.76 30.16 54.13
CA LYS E 16 6.22 29.18 55.05
C LYS E 16 7.31 28.71 56.01
N ARG E 17 6.94 28.54 57.27
CA ARG E 17 7.85 28.12 58.32
C ARG E 17 7.57 26.68 58.70
N LYS E 18 8.61 25.85 58.66
CA LYS E 18 8.48 24.46 59.06
C LYS E 18 8.89 24.31 60.52
N PRO E 19 8.03 23.77 61.38
CA PRO E 19 8.37 23.68 62.80
C PRO E 19 9.51 22.71 63.06
N TYR E 20 10.25 22.97 64.13
CA TYR E 20 11.34 22.10 64.56
C TYR E 20 11.00 21.31 65.82
N HIS E 21 9.75 21.36 66.27
CA HIS E 21 9.34 20.64 67.49
C HIS E 21 7.83 20.48 67.48
N LYS E 22 7.36 19.48 68.23
CA LYS E 22 5.92 19.29 68.42
C LYS E 22 5.35 20.42 69.27
N LYS E 23 4.02 20.41 69.42
CA LYS E 23 3.37 21.38 70.29
C LYS E 23 3.81 21.17 71.74
N ARG E 24 4.05 22.27 72.44
CA ARG E 24 4.47 22.22 73.84
C ARG E 24 3.34 22.65 74.76
N LYS E 25 3.48 22.30 76.03
CA LYS E 25 2.45 22.65 77.01
C LYS E 25 2.51 24.12 77.38
N TYR E 26 3.71 24.71 77.42
CA TYR E 26 3.84 26.08 77.87
C TYR E 26 3.26 27.09 76.88
N GLU E 27 2.88 26.66 75.68
CA GLU E 27 2.30 27.53 74.66
C GLU E 27 0.86 27.14 74.33
N LEU E 28 0.16 26.51 75.28
CA LEU E 28 -1.21 26.10 75.02
C LEU E 28 -2.16 27.27 75.23
N GLY E 29 -3.37 27.11 74.69
CA GLY E 29 -4.47 28.01 74.96
C GLY E 29 -5.67 27.21 75.40
N ARG E 30 -6.70 27.90 75.83
CA ARG E 30 -7.91 27.28 76.36
C ARG E 30 -9.14 27.95 75.78
N PRO E 31 -10.29 27.27 75.79
CA PRO E 31 -11.49 27.84 75.17
C PRO E 31 -11.93 29.12 75.85
N ALA E 32 -12.58 29.98 75.05
CA ALA E 32 -13.12 31.23 75.56
C ALA E 32 -14.17 30.96 76.63
N ALA E 33 -14.17 31.81 77.66
CA ALA E 33 -15.15 31.69 78.74
C ALA E 33 -16.56 31.90 78.22
N ASN E 34 -16.76 32.95 77.43
CA ASN E 34 -18.08 33.34 76.92
C ASN E 34 -19.06 33.50 78.08
N THR E 35 -18.73 34.44 78.97
CA THR E 35 -19.48 34.65 80.20
C THR E 35 -20.84 35.27 79.87
N LYS E 36 -21.91 34.52 80.10
CA LYS E 36 -23.26 35.03 79.91
C LYS E 36 -23.75 35.74 81.18
N ILE E 37 -24.90 36.39 81.07
CA ILE E 37 -25.56 37.00 82.22
C ILE E 37 -26.57 36.01 82.77
N GLY E 38 -26.52 35.79 84.08
CA GLY E 38 -27.42 34.86 84.73
C GLY E 38 -26.99 34.60 86.15
N PRO E 39 -27.63 33.62 86.80
CA PRO E 39 -27.19 33.24 88.15
C PRO E 39 -25.73 32.82 88.14
N ARG E 40 -25.01 33.25 89.17
CA ARG E 40 -23.55 33.14 89.16
C ARG E 40 -23.10 31.70 89.21
N ARG E 41 -22.28 31.31 88.24
CA ARG E 41 -21.54 30.06 88.30
C ARG E 41 -20.16 30.30 87.72
N ILE E 42 -19.13 29.87 88.46
CA ILE E 42 -17.74 30.18 88.12
C ILE E 42 -16.93 28.90 88.20
N HIS E 43 -16.27 28.55 87.09
CA HIS E 43 -15.41 27.38 87.03
C HIS E 43 -13.97 27.80 87.25
N THR E 44 -13.26 27.09 88.13
CA THR E 44 -11.86 27.36 88.35
C THR E 44 -11.01 26.48 87.45
N VAL E 45 -9.91 27.05 86.96
CA VAL E 45 -8.98 26.34 86.09
C VAL E 45 -7.58 26.50 86.66
N ARG E 46 -6.75 25.48 86.45
CA ARG E 46 -5.38 25.51 86.92
C ARG E 46 -4.45 25.84 85.76
N VAL E 47 -3.56 26.79 86.00
CA VAL E 47 -2.74 27.37 84.94
C VAL E 47 -1.26 27.12 85.24
N ARG E 48 -0.38 27.61 84.37
CA ARG E 48 1.05 27.48 84.59
C ARG E 48 1.43 28.15 85.91
N GLY E 49 2.35 27.50 86.65
CA GLY E 49 2.78 27.99 87.94
C GLY E 49 2.01 27.42 89.11
N GLY E 50 0.99 26.62 88.87
CA GLY E 50 0.16 26.09 89.94
C GLY E 50 -0.90 27.03 90.45
N ASN E 51 -1.03 28.21 89.87
CA ASN E 51 -2.04 29.16 90.31
C ASN E 51 -3.38 28.84 89.65
N LYS E 52 -4.36 29.73 89.84
CA LYS E 52 -5.69 29.52 89.30
C LYS E 52 -6.17 30.74 88.55
N LYS E 53 -7.01 30.50 87.56
CA LYS E 53 -7.80 31.53 86.89
C LYS E 53 -9.27 31.23 87.14
N TYR E 54 -10.04 32.26 87.44
CA TYR E 54 -11.47 32.12 87.71
C TYR E 54 -12.21 32.30 86.39
N ARG E 55 -12.56 31.18 85.77
CA ARG E 55 -13.26 31.21 84.48
C ARG E 55 -14.74 31.40 84.73
N ALA E 56 -15.17 32.66 84.80
CA ALA E 56 -16.58 32.95 84.99
C ALA E 56 -17.39 32.51 83.78
N LEU E 57 -18.48 31.80 84.03
CA LEU E 57 -19.37 31.33 82.98
C LEU E 57 -20.69 32.07 82.96
N ARG E 58 -21.24 32.39 84.14
CA ARG E 58 -22.43 33.21 84.27
C ARG E 58 -22.20 34.21 85.40
N LEU E 59 -22.52 35.47 85.17
CA LEU E 59 -22.36 36.51 86.18
C LEU E 59 -23.62 37.35 86.26
N ASP E 60 -23.93 37.81 87.46
CA ASP E 60 -25.12 38.60 87.72
C ASP E 60 -24.81 39.93 88.38
N VAL E 61 -23.84 39.98 89.29
CA VAL E 61 -23.52 41.18 90.03
C VAL E 61 -22.11 41.63 89.66
N GLY E 62 -21.77 42.84 90.09
CA GLY E 62 -20.43 43.37 89.87
C GLY E 62 -20.27 44.70 90.57
N ASN E 63 -19.00 45.08 90.75
CA ASN E 63 -18.66 46.36 91.37
C ASN E 63 -18.46 47.40 90.27
N PHE E 64 -19.27 48.45 90.31
CA PHE E 64 -19.17 49.55 89.37
C PHE E 64 -19.07 50.85 90.13
N SER E 65 -18.07 51.66 89.79
CA SER E 65 -17.81 52.89 90.51
C SER E 65 -18.46 54.06 89.78
N TRP E 66 -19.12 54.93 90.53
CA TRP E 66 -19.63 56.16 89.94
C TRP E 66 -18.49 56.99 89.38
N GLY E 67 -17.38 57.09 90.11
CA GLY E 67 -16.22 57.79 89.59
C GLY E 67 -16.13 59.24 90.02
N SER E 68 -17.03 60.09 89.53
CA SER E 68 -17.02 61.49 89.94
C SER E 68 -17.33 61.64 91.42
N GLU E 69 -18.24 60.82 91.95
CA GLU E 69 -18.62 60.86 93.36
C GLU E 69 -17.83 59.89 94.22
N CYS E 70 -16.90 59.14 93.64
CA CYS E 70 -16.09 58.15 94.36
C CYS E 70 -16.98 57.17 95.14
N CYS E 71 -18.03 56.70 94.46
CA CYS E 71 -18.97 55.75 95.02
C CYS E 71 -18.85 54.43 94.26
N THR E 72 -18.51 53.35 94.97
CA THR E 72 -18.40 52.03 94.39
C THR E 72 -19.35 51.10 95.11
N ARG E 73 -20.28 50.50 94.37
CA ARG E 73 -21.29 49.64 94.96
C ARG E 73 -21.44 48.37 94.12
N LYS E 74 -21.89 47.30 94.79
CA LYS E 74 -22.19 46.05 94.11
C LYS E 74 -23.61 46.14 93.54
N THR E 75 -23.72 46.18 92.21
CA THR E 75 -25.00 46.26 91.53
C THR E 75 -25.16 45.07 90.60
N ARG E 76 -26.38 44.85 90.15
CA ARG E 76 -26.69 43.72 89.28
C ARG E 76 -26.66 44.16 87.82
N ILE E 77 -26.19 43.26 86.97
CA ILE E 77 -26.03 43.56 85.54
C ILE E 77 -27.30 43.16 84.82
N ILE E 78 -27.98 44.12 84.23
CA ILE E 78 -29.29 43.86 83.64
C ILE E 78 -29.16 43.26 82.25
N ASP E 79 -28.35 43.90 81.40
CA ASP E 79 -28.04 43.37 80.08
C ASP E 79 -26.83 44.12 79.54
N VAL E 80 -26.49 43.84 78.30
CA VAL E 80 -25.40 44.52 77.60
C VAL E 80 -26.00 45.21 76.37
N VAL E 81 -25.53 46.42 76.08
CA VAL E 81 -26.09 47.21 74.99
C VAL E 81 -25.08 47.54 73.91
N TYR E 82 -23.78 47.62 74.21
CA TYR E 82 -22.80 47.90 73.18
C TYR E 82 -21.59 46.99 73.34
N ASN E 83 -20.99 46.64 72.20
CA ASN E 83 -19.71 45.95 72.17
C ASN E 83 -18.95 46.42 70.94
N ALA E 84 -17.80 47.04 71.15
CA ALA E 84 -16.98 47.53 70.05
C ALA E 84 -16.47 46.40 69.16
N SER E 85 -16.09 45.27 69.74
CA SER E 85 -15.52 44.17 68.97
C SER E 85 -16.54 43.54 68.03
N ASN E 86 -17.70 43.15 68.54
CA ASN E 86 -18.63 42.35 67.76
C ASN E 86 -20.05 42.58 68.25
N ASN E 87 -20.97 42.80 67.30
CA ASN E 87 -22.38 42.95 67.65
C ASN E 87 -22.95 41.66 68.21
N GLU E 88 -22.43 40.51 67.77
CA GLU E 88 -22.95 39.23 68.21
C GLU E 88 -22.76 39.04 69.71
N LEU E 89 -21.73 39.68 70.27
CA LEU E 89 -21.53 39.62 71.71
C LEU E 89 -22.66 40.34 72.44
N VAL E 90 -23.23 41.36 71.80
CA VAL E 90 -24.43 42.01 72.35
C VAL E 90 -25.64 41.11 72.19
N ARG E 91 -25.78 40.48 71.02
CA ARG E 91 -26.93 39.61 70.77
C ARG E 91 -26.93 38.41 71.70
N THR E 92 -25.78 37.77 71.86
CA THR E 92 -25.66 36.63 72.75
C THR E 92 -25.38 37.03 74.19
N LYS E 93 -25.24 38.33 74.47
CA LYS E 93 -25.30 38.88 75.81
C LYS E 93 -24.18 38.33 76.70
N THR E 94 -22.95 38.46 76.19
CA THR E 94 -21.76 38.01 76.90
C THR E 94 -21.01 39.18 77.50
N LEU E 95 -20.30 38.93 78.59
CA LEU E 95 -19.54 39.96 79.29
C LEU E 95 -18.07 39.82 78.96
N VAL E 96 -17.49 40.87 78.39
CA VAL E 96 -16.06 40.90 78.08
C VAL E 96 -15.48 42.15 78.74
N LYS E 97 -14.20 42.42 78.50
CA LYS E 97 -13.52 43.44 79.28
C LYS E 97 -14.06 44.84 79.03
N ASN E 98 -14.36 45.17 77.76
CA ASN E 98 -14.69 46.54 77.43
C ASN E 98 -16.15 46.75 77.02
N CYS E 99 -17.01 45.76 77.24
CA CYS E 99 -18.39 45.86 76.78
C CYS E 99 -19.19 46.82 77.64
N ILE E 100 -20.25 47.38 77.06
CA ILE E 100 -21.11 48.34 77.74
C ILE E 100 -22.33 47.59 78.28
N VAL E 101 -22.56 47.70 79.58
CA VAL E 101 -23.61 46.96 80.26
C VAL E 101 -24.57 47.93 80.91
N LEU E 102 -25.73 47.41 81.30
CA LEU E 102 -26.76 48.16 82.01
C LEU E 102 -26.84 47.65 83.44
N ILE E 103 -26.67 48.55 84.40
CA ILE E 103 -26.68 48.21 85.82
C ILE E 103 -27.73 49.06 86.51
N ASP E 104 -28.41 48.47 87.49
CA ASP E 104 -29.44 49.20 88.22
C ASP E 104 -28.80 50.28 89.09
N SER E 105 -29.44 51.45 89.11
CA SER E 105 -28.94 52.61 89.81
C SER E 105 -29.39 52.67 91.26
N THR E 106 -29.97 51.59 91.77
CA THR E 106 -30.48 51.60 93.15
C THR E 106 -29.40 51.90 94.18
N PRO E 107 -28.23 51.24 94.17
CA PRO E 107 -27.21 51.60 95.17
C PRO E 107 -26.70 53.02 95.03
N TYR E 108 -26.63 53.53 93.80
CA TYR E 108 -26.18 54.91 93.60
C TYR E 108 -27.26 55.91 93.97
N ARG E 109 -28.53 55.55 93.79
CA ARG E 109 -29.61 56.39 94.31
C ARG E 109 -29.55 56.47 95.82
N GLN E 110 -29.36 55.33 96.50
CA GLN E 110 -29.35 55.32 97.96
C GLN E 110 -28.17 56.11 98.51
N TRP E 111 -26.99 55.97 97.90
CA TRP E 111 -25.83 56.72 98.39
C TRP E 111 -26.02 58.21 98.18
N TYR E 112 -26.54 58.62 97.02
CA TYR E 112 -26.72 60.04 96.74
C TYR E 112 -27.68 60.67 97.74
N GLU E 113 -28.79 60.00 98.04
CA GLU E 113 -29.75 60.51 99.00
C GLU E 113 -29.14 60.62 100.39
N SER E 114 -28.46 59.57 100.85
CA SER E 114 -27.90 59.55 102.19
C SER E 114 -26.66 60.42 102.34
N HIS E 115 -26.09 60.90 101.24
CA HIS E 115 -24.92 61.76 101.28
C HIS E 115 -25.22 63.20 100.90
N TYR E 116 -26.24 63.46 100.08
CA TYR E 116 -26.59 64.79 99.66
C TYR E 116 -27.91 65.30 100.23
N ALA E 117 -28.83 64.40 100.61
CA ALA E 117 -30.14 64.77 101.13
C ALA E 117 -30.97 65.54 100.09
N LEU E 118 -30.90 65.09 98.84
CA LEU E 118 -31.73 65.59 97.75
C LEU E 118 -32.38 64.43 97.03
N PRO E 119 -33.55 64.65 96.43
CA PRO E 119 -34.21 63.56 95.67
C PRO E 119 -33.55 63.38 94.32
N LEU E 120 -33.12 62.15 94.03
CA LEU E 120 -32.51 61.78 92.76
C LEU E 120 -33.31 60.67 92.13
N GLY E 121 -33.69 60.85 90.87
CA GLY E 121 -34.49 59.86 90.17
C GLY E 121 -35.93 59.80 90.60
N ARG E 122 -36.33 60.59 91.60
CA ARG E 122 -37.73 60.69 92.00
C ARG E 122 -38.45 61.64 91.06
N LYS E 123 -39.76 61.40 90.89
CA LYS E 123 -40.55 62.23 89.99
C LYS E 123 -41.25 63.37 90.74
N LYS E 124 -42.14 63.03 91.67
CA LYS E 124 -42.93 64.02 92.39
C LYS E 124 -42.74 63.94 93.89
N GLY E 125 -42.77 62.75 94.45
CA GLY E 125 -42.66 62.56 95.88
C GLY E 125 -43.92 61.97 96.46
N ALA E 126 -43.92 61.82 97.78
CA ALA E 126 -45.03 61.20 98.51
C ALA E 126 -45.37 59.83 97.95
N LYS E 127 -44.36 59.05 97.58
CA LYS E 127 -44.54 57.70 97.09
C LYS E 127 -43.78 56.65 97.88
N LEU E 128 -42.89 57.06 98.79
CA LEU E 128 -42.18 56.15 99.67
C LEU E 128 -42.19 56.69 101.10
N THR E 129 -43.37 57.04 101.59
CA THR E 129 -43.53 57.87 102.78
C THR E 129 -42.75 57.43 104.01
N PRO E 130 -42.75 56.14 104.41
CA PRO E 130 -42.20 55.80 105.74
C PRO E 130 -40.76 56.23 105.98
N GLU E 131 -39.92 56.31 104.96
CA GLU E 131 -38.51 56.60 105.16
C GLU E 131 -37.99 57.81 104.39
N GLU E 132 -38.71 58.31 103.38
CA GLU E 132 -38.19 59.41 102.57
C GLU E 132 -37.99 60.67 103.40
N GLU E 133 -38.95 60.98 104.28
CA GLU E 133 -38.78 62.15 105.14
C GLU E 133 -37.61 61.99 106.10
N GLU E 134 -37.30 60.74 106.49
CA GLU E 134 -36.24 60.51 107.46
C GLU E 134 -34.87 60.84 106.89
N ILE E 135 -34.57 60.35 105.69
CA ILE E 135 -33.31 60.72 105.06
C ILE E 135 -33.27 62.19 104.61
N LEU E 136 -34.44 62.83 104.45
CA LEU E 136 -34.48 64.21 104.02
C LEU E 136 -34.52 65.18 105.20
N ASN E 137 -35.53 65.04 106.05
CA ASN E 137 -35.68 65.98 107.17
C ASN E 137 -34.67 65.70 108.27
N LYS E 138 -34.75 64.50 108.88
CA LYS E 138 -33.79 63.99 109.86
C LYS E 138 -33.71 64.86 111.11
N LYS E 139 -34.47 65.97 111.13
CA LYS E 139 -34.69 66.82 112.31
C LYS E 139 -33.42 67.13 113.09
N ARG E 140 -32.26 67.08 112.44
CA ARG E 140 -31.00 67.17 113.15
C ARG E 140 -30.70 68.61 113.58
N SER E 141 -29.63 68.76 114.34
CA SER E 141 -29.19 70.07 114.80
C SER E 141 -28.66 70.90 113.62
N LYS E 142 -28.29 72.14 113.93
CA LYS E 142 -27.86 73.07 112.88
C LYS E 142 -26.52 72.64 112.27
N LYS E 143 -25.55 72.29 113.12
CA LYS E 143 -24.20 72.01 112.62
C LYS E 143 -24.21 70.88 111.60
N ILE E 144 -24.99 69.83 111.87
CA ILE E 144 -25.11 68.73 110.92
C ILE E 144 -25.86 69.18 109.67
N GLN E 145 -26.87 70.04 109.85
CA GLN E 145 -27.53 70.62 108.69
C GLN E 145 -26.58 71.48 107.87
N LYS E 146 -25.74 72.28 108.52
CA LYS E 146 -24.81 73.14 107.80
C LYS E 146 -23.86 72.34 106.93
N LYS E 147 -23.32 71.24 107.47
CA LYS E 147 -22.47 70.37 106.66
C LYS E 147 -23.23 69.83 105.46
N TYR E 148 -24.53 69.57 105.63
CA TYR E 148 -25.34 69.08 104.52
C TYR E 148 -25.58 70.17 103.48
N ASP E 149 -25.85 71.40 103.93
CA ASP E 149 -26.07 72.50 102.97
C ASP E 149 -24.81 72.77 102.15
N GLU E 150 -23.64 72.71 102.78
CA GLU E 150 -22.40 72.90 102.02
C GLU E 150 -22.26 71.82 100.94
N ARG E 151 -22.59 70.57 101.29
CA ARG E 151 -22.56 69.50 100.29
C ARG E 151 -23.64 69.69 99.24
N LYS E 152 -24.75 70.33 99.61
CA LYS E 152 -25.82 70.58 98.64
C LYS E 152 -25.37 71.54 97.55
N LYS E 153 -24.40 72.41 97.84
CA LYS E 153 -23.85 73.30 96.83
C LYS E 153 -23.11 72.55 95.73
N ASN E 154 -22.68 71.31 96.00
CA ASN E 154 -22.00 70.48 95.01
C ASN E 154 -22.89 69.35 94.52
N ALA E 155 -24.20 69.59 94.43
CA ALA E 155 -25.19 68.57 94.08
C ALA E 155 -25.68 68.70 92.66
N LYS E 156 -24.81 69.09 91.73
CA LYS E 156 -25.18 69.19 90.33
C LYS E 156 -24.76 67.89 89.62
N ILE E 157 -25.74 67.20 89.05
CA ILE E 157 -25.52 65.95 88.34
C ILE E 157 -25.97 66.14 86.91
N SER E 158 -25.18 65.62 85.97
CA SER E 158 -25.40 65.90 84.55
C SER E 158 -26.78 65.45 84.11
N SER E 159 -27.29 66.13 83.07
CA SER E 159 -28.61 65.79 82.55
C SER E 159 -28.65 64.38 82.01
N LEU E 160 -27.53 63.90 81.46
CA LEU E 160 -27.49 62.55 80.92
C LEU E 160 -27.51 61.50 82.03
N LEU E 161 -26.93 61.84 83.19
CA LEU E 161 -26.97 60.92 84.32
C LEU E 161 -28.36 60.87 84.96
N GLU E 162 -28.97 62.03 85.19
CA GLU E 162 -30.27 62.06 85.85
C GLU E 162 -31.35 61.43 84.99
N GLU E 163 -31.28 61.62 83.66
CA GLU E 163 -32.24 60.98 82.78
C GLU E 163 -32.10 59.46 82.85
N GLN E 164 -30.89 58.97 83.06
CA GLN E 164 -30.68 57.55 83.27
C GLN E 164 -31.21 57.10 84.63
N PHE E 165 -31.00 57.92 85.66
CA PHE E 165 -31.51 57.60 86.99
C PHE E 165 -33.03 57.57 87.00
N GLN E 166 -33.66 58.35 86.12
CA GLN E 166 -35.12 58.28 85.98
C GLN E 166 -35.54 56.90 85.49
N GLN E 167 -34.80 56.34 84.53
CA GLN E 167 -35.13 55.02 84.00
C GLN E 167 -34.82 53.90 85.01
N GLY E 168 -33.98 54.17 86.01
CA GLY E 168 -33.65 53.21 87.02
C GLY E 168 -32.43 52.35 86.72
N LYS E 169 -31.85 52.49 85.54
CA LYS E 169 -30.69 51.69 85.14
C LYS E 169 -29.58 52.60 84.62
N LEU E 170 -28.37 52.36 85.07
CA LEU E 170 -27.19 53.07 84.57
C LEU E 170 -26.45 52.20 83.56
N LEU E 171 -25.80 52.85 82.60
CA LEU E 171 -25.03 52.16 81.59
C LEU E 171 -23.55 52.37 81.87
N ALA E 172 -22.82 51.27 82.02
CA ALA E 172 -21.48 51.28 82.58
C ALA E 172 -20.54 50.43 81.73
N CYS E 173 -19.26 50.76 81.81
CA CYS E 173 -18.22 50.07 81.07
C CYS E 173 -17.51 49.10 81.99
N ILE E 174 -17.45 47.84 81.59
CA ILE E 174 -16.73 46.84 82.35
C ILE E 174 -15.23 47.18 82.33
N ALA E 175 -14.55 46.90 83.44
CA ALA E 175 -13.12 47.13 83.53
C ALA E 175 -12.30 45.88 83.75
N SER E 176 -12.87 44.86 84.38
CA SER E 176 -12.13 43.62 84.64
C SER E 176 -12.15 42.73 83.41
N ARG E 177 -11.72 41.48 83.59
CA ARG E 177 -11.64 40.50 82.52
C ARG E 177 -12.39 39.25 82.96
N PRO E 178 -13.70 39.21 82.77
CA PRO E 178 -14.43 37.95 83.03
C PRO E 178 -13.86 36.84 82.17
N GLY E 179 -13.71 35.66 82.78
CA GLY E 179 -12.95 34.60 82.19
C GLY E 179 -11.51 34.51 82.65
N GLN E 180 -11.01 35.55 83.31
CA GLN E 180 -9.70 35.54 83.94
C GLN E 180 -9.79 35.65 85.46
N CYS E 181 -10.46 36.69 85.96
CA CYS E 181 -10.59 36.90 87.39
C CYS E 181 -11.94 36.50 87.95
N GLY E 182 -12.90 36.14 87.09
CA GLY E 182 -14.21 35.73 87.54
C GLY E 182 -15.14 36.86 87.91
N ARG E 183 -14.72 38.11 87.75
CA ARG E 183 -15.51 39.26 88.14
C ARG E 183 -15.80 40.15 86.93
N ALA E 184 -16.92 40.85 86.99
CA ALA E 184 -17.31 41.84 85.99
C ALA E 184 -17.42 43.18 86.71
N ASP E 185 -16.29 43.87 86.83
CA ASP E 185 -16.22 45.16 87.49
C ASP E 185 -16.11 46.27 86.46
N GLY E 186 -16.39 47.50 86.90
CA GLY E 186 -16.31 48.63 85.98
C GLY E 186 -16.63 49.99 86.57
N TYR E 187 -17.12 50.89 85.72
CA TYR E 187 -17.40 52.26 86.11
C TYR E 187 -18.56 52.79 85.29
N VAL E 188 -19.31 53.71 85.89
CA VAL E 188 -20.44 54.33 85.18
C VAL E 188 -19.92 55.28 84.11
N LEU E 189 -20.54 55.23 82.94
CA LEU E 189 -20.13 56.07 81.82
C LEU E 189 -20.59 57.50 82.03
N GLU E 190 -19.66 58.44 81.94
CA GLU E 190 -19.94 59.84 82.25
C GLU E 190 -19.33 60.73 81.19
N GLY E 191 -19.86 61.95 81.10
CA GLY E 191 -19.28 62.97 80.25
C GLY E 191 -19.24 62.57 78.79
N LYS E 192 -18.11 62.85 78.14
CA LYS E 192 -17.98 62.60 76.72
C LYS E 192 -18.00 61.12 76.41
N GLU E 193 -17.49 60.29 77.33
CA GLU E 193 -17.57 58.84 77.15
C GLU E 193 -19.03 58.38 77.10
N LEU E 194 -19.86 58.92 77.99
CA LEU E 194 -21.28 58.58 77.98
C LEU E 194 -21.95 59.07 76.71
N GLU E 195 -21.62 60.29 76.26
CA GLU E 195 -22.21 60.81 75.04
C GLU E 195 -21.79 59.98 73.84
N PHE E 196 -20.55 59.52 73.80
CA PHE E 196 -20.06 58.75 72.67
C PHE E 196 -20.82 57.42 72.54
N TYR E 197 -21.00 56.71 73.65
CA TYR E 197 -21.61 55.39 73.57
C TYR E 197 -23.11 55.48 73.35
N LEU E 198 -23.76 56.52 73.88
CA LEU E 198 -25.17 56.75 73.56
C LEU E 198 -25.37 57.09 72.09
N ARG E 199 -24.49 57.89 71.49
CA ARG E 199 -24.58 58.16 70.06
C ARG E 199 -24.39 56.87 69.27
N LYS E 200 -23.53 55.97 69.76
CA LYS E 200 -23.36 54.67 69.12
C LYS E 200 -24.60 53.80 69.30
N ILE E 201 -25.16 53.78 70.51
CA ILE E 201 -26.37 53.01 70.76
C ILE E 201 -27.51 53.52 69.88
N LYS E 202 -27.67 54.84 69.81
CA LYS E 202 -28.67 55.43 68.94
C LYS E 202 -28.37 55.16 67.47
N ALA E 203 -27.10 55.04 67.10
CA ALA E 203 -26.77 54.77 65.70
C ALA E 203 -27.33 53.43 65.24
N ARG E 204 -27.42 52.46 66.14
CA ARG E 204 -27.95 51.15 65.77
C ARG E 204 -29.45 51.21 65.50
N LYS E 205 -30.18 51.97 66.30
CA LYS E 205 -31.64 52.04 66.19
C LYS E 205 -32.11 53.49 66.31
N GLY E 206 -32.92 53.92 65.37
CA GLY E 206 -33.43 55.28 65.35
C GLY E 206 -32.46 56.27 64.72
N ALA F 1 -9.54 65.53 61.56
CA ALA F 1 -10.78 65.11 62.18
C ALA F 1 -10.63 64.97 63.69
N ASP F 2 -11.71 64.56 64.35
CA ASP F 2 -11.64 64.25 65.76
C ASP F 2 -11.03 62.88 65.97
N ILE F 3 -10.53 62.65 67.19
CA ILE F 3 -9.79 61.43 67.50
C ILE F 3 -10.75 60.27 67.75
N GLN F 4 -12.03 60.58 67.86
CA GLN F 4 -13.05 59.54 68.05
C GLN F 4 -13.53 59.03 66.69
N THR F 5 -12.70 58.19 66.08
CA THR F 5 -12.99 57.61 64.78
C THR F 5 -13.12 56.10 64.79
N GLU F 6 -13.31 55.49 65.95
CA GLU F 6 -13.41 54.03 66.03
C GLU F 6 -14.63 53.65 66.87
N ARG F 7 -15.04 52.39 66.77
CA ARG F 7 -16.19 51.88 67.50
C ARG F 7 -16.05 52.03 69.00
N ALA F 8 -14.83 52.08 69.53
CA ALA F 8 -14.58 52.21 70.95
C ALA F 8 -14.03 53.59 71.24
N TYR F 9 -14.37 54.10 72.43
CA TYR F 9 -13.88 55.40 72.85
C TYR F 9 -12.36 55.39 72.98
N GLN F 10 -11.73 56.46 72.53
CA GLN F 10 -10.28 56.61 72.59
C GLN F 10 -9.93 57.63 73.67
N LYS F 11 -9.15 57.20 74.66
CA LYS F 11 -8.73 58.10 75.73
C LYS F 11 -7.50 57.52 76.40
N GLN F 12 -6.77 58.38 77.09
CA GLN F 12 -5.63 57.92 77.88
C GLN F 12 -6.14 57.28 79.17
N PRO F 13 -5.67 56.07 79.51
CA PRO F 13 -6.26 55.38 80.67
C PRO F 13 -5.84 55.93 82.03
N THR F 14 -5.03 56.99 82.08
CA THR F 14 -4.58 57.54 83.35
C THR F 14 -5.14 58.93 83.64
N ILE F 15 -6.17 59.35 82.93
CA ILE F 15 -6.74 60.69 83.08
C ILE F 15 -8.24 60.57 83.27
N PHE F 16 -8.76 61.20 84.33
CA PHE F 16 -10.19 61.40 84.50
C PHE F 16 -10.66 62.56 83.63
N GLN F 17 -11.73 62.34 82.87
CA GLN F 17 -12.36 63.41 82.10
C GLN F 17 -13.54 64.05 82.80
N ASN F 18 -14.34 63.29 83.52
CA ASN F 18 -15.53 63.81 84.19
C ASN F 18 -15.27 64.07 85.67
N LYS F 19 -14.41 65.05 85.95
CA LYS F 19 -14.00 65.36 87.31
C LYS F 19 -14.92 66.44 87.90
N LYS F 20 -16.20 66.06 88.07
CA LYS F 20 -17.18 66.80 88.85
C LYS F 20 -17.20 68.30 88.53
N ARG F 21 -17.64 68.65 87.32
CA ARG F 21 -17.72 70.06 86.91
C ARG F 21 -18.98 70.69 87.50
N VAL F 22 -18.79 71.48 88.55
CA VAL F 22 -19.88 72.22 89.18
C VAL F 22 -19.56 73.71 89.08
N LEU F 23 -20.46 74.56 89.60
CA LEU F 23 -20.33 76.01 89.47
C LEU F 23 -19.03 76.56 90.04
N LEU F 24 -18.29 75.74 90.80
CA LEU F 24 -16.94 76.14 91.18
C LEU F 24 -16.09 76.44 89.96
N GLY F 25 -16.31 75.70 88.87
CA GLY F 25 -15.71 75.99 87.57
C GLY F 25 -16.78 76.49 86.61
N GLU F 26 -16.37 77.37 85.70
CA GLU F 26 -17.29 78.01 84.78
C GLU F 26 -17.58 77.09 83.59
N THR F 27 -18.18 77.65 82.54
CA THR F 27 -18.67 76.89 81.39
C THR F 27 -18.17 77.52 80.09
N GLY F 28 -16.85 77.71 79.95
CA GLY F 28 -15.77 77.15 80.75
C GLY F 28 -14.71 78.18 81.14
N LYS F 29 -13.47 77.92 80.77
CA LYS F 29 -13.06 76.79 79.93
C LYS F 29 -12.44 75.67 80.75
N GLU F 30 -13.01 74.47 80.63
CA GLU F 30 -12.51 73.28 81.31
C GLU F 30 -11.71 72.47 80.30
N LYS F 31 -10.38 72.55 80.40
CA LYS F 31 -9.50 71.84 79.49
C LYS F 31 -9.20 70.44 80.02
N LEU F 32 -9.32 69.45 79.16
CA LEU F 32 -8.94 68.09 79.55
C LEU F 32 -7.41 67.99 79.54
N PRO F 33 -6.80 67.49 80.61
CA PRO F 33 -5.33 67.48 80.67
C PRO F 33 -4.75 66.37 79.81
N ARG F 34 -3.46 66.54 79.51
CA ARG F 34 -2.73 65.62 78.65
C ARG F 34 -1.75 64.83 79.50
N TYR F 35 -1.67 63.53 79.24
CA TYR F 35 -0.68 62.66 79.88
C TYR F 35 0.50 62.50 78.94
N TYR F 36 1.65 63.03 79.33
CA TYR F 36 2.89 62.81 78.60
C TYR F 36 3.96 62.37 79.59
N LYS F 37 4.79 61.43 79.17
CA LYS F 37 5.90 60.97 79.97
C LYS F 37 7.20 61.29 79.27
N ASN F 38 8.20 61.62 80.07
CA ASN F 38 9.57 61.73 79.59
C ASN F 38 10.19 60.35 79.50
N ILE F 39 10.79 60.04 78.36
CA ILE F 39 11.59 58.86 78.22
C ILE F 39 13.04 59.27 78.37
N GLY F 40 13.82 58.42 79.03
CA GLY F 40 15.18 58.78 79.40
C GLY F 40 16.14 58.89 78.24
N LEU F 41 17.43 58.81 78.54
CA LEU F 41 18.49 58.80 77.54
C LEU F 41 18.51 60.09 76.71
N GLY F 42 18.08 61.19 77.32
CA GLY F 42 18.24 62.51 76.72
C GLY F 42 17.29 62.82 75.59
N PHE F 43 16.29 61.98 75.35
CA PHE F 43 15.39 62.19 74.22
C PHE F 43 14.28 63.16 74.61
N LYS F 44 14.09 64.19 73.79
CA LYS F 44 13.15 65.27 74.10
C LYS F 44 11.73 64.84 73.77
N THR F 45 10.81 65.10 74.69
CA THR F 45 9.40 64.90 74.40
C THR F 45 8.94 65.97 73.42
N PRO F 46 8.44 65.59 72.24
CA PRO F 46 8.07 66.60 71.24
C PRO F 46 6.90 67.45 71.70
N LYS F 47 6.85 68.66 71.15
CA LYS F 47 5.81 69.61 71.51
C LYS F 47 4.42 69.11 71.07
N GLU F 48 4.35 68.44 69.91
CA GLU F 48 3.09 67.87 69.46
C GLU F 48 2.60 66.80 70.44
N ALA F 49 3.52 66.08 71.07
CA ALA F 49 3.13 65.14 72.10
C ALA F 49 2.74 65.83 73.40
N ILE F 50 2.98 67.14 73.49
CA ILE F 50 2.75 67.85 74.75
C ILE F 50 1.33 68.36 74.82
N GLU F 51 0.93 69.23 73.88
CA GLU F 51 -0.41 69.80 73.87
C GLU F 51 -1.19 69.30 72.66
N GLY F 52 -0.85 68.10 72.20
CA GLY F 52 -1.59 67.46 71.15
C GLY F 52 -2.86 66.79 71.65
N THR F 53 -3.68 66.36 70.70
CA THR F 53 -4.97 65.76 71.02
C THR F 53 -5.08 64.29 70.62
N TYR F 54 -4.10 63.76 69.88
CA TYR F 54 -4.17 62.38 69.41
C TYR F 54 -4.10 61.39 70.56
N ILE F 55 -4.70 60.22 70.35
CA ILE F 55 -4.66 59.13 71.30
C ILE F 55 -3.94 57.95 70.65
N ASP F 56 -2.80 57.58 71.22
CA ASP F 56 -2.02 56.45 70.72
C ASP F 56 -1.48 55.71 71.93
N LYS F 57 -1.91 54.47 72.11
CA LYS F 57 -1.48 53.66 73.24
C LYS F 57 -0.11 53.03 73.02
N LYS F 58 0.47 53.20 71.83
CA LYS F 58 1.82 52.71 71.53
C LYS F 58 2.81 53.85 71.36
N CYS F 59 2.37 55.09 71.49
CA CYS F 59 3.28 56.23 71.38
C CYS F 59 4.28 56.21 72.53
N PRO F 60 5.58 56.35 72.24
CA PRO F 60 6.58 56.32 73.32
C PRO F 60 6.41 57.41 74.35
N PHE F 61 5.82 58.55 73.99
CA PHE F 61 5.64 59.67 74.91
C PHE F 61 4.27 59.71 75.58
N THR F 62 3.24 59.17 74.92
CA THR F 62 1.87 59.20 75.42
C THR F 62 1.21 57.82 75.39
N GLY F 63 1.98 56.76 75.63
CA GLY F 63 1.43 55.43 75.70
C GLY F 63 2.02 54.67 76.87
N ASN F 64 1.64 53.40 76.99
CA ASN F 64 2.28 52.54 77.98
C ASN F 64 3.39 51.69 77.36
N VAL F 65 4.31 52.33 76.65
CA VAL F 65 5.46 51.65 76.07
C VAL F 65 6.71 52.17 76.74
N SER F 66 7.57 51.25 77.14
CA SER F 66 8.86 51.57 77.74
C SER F 66 9.96 51.34 76.70
N ILE F 67 10.83 52.32 76.55
CA ILE F 67 11.96 52.20 75.63
C ILE F 67 13.16 51.72 76.43
N ARG F 68 13.65 50.53 76.12
CA ARG F 68 14.83 49.98 76.77
C ARG F 68 15.49 49.01 75.80
N GLY F 69 16.79 48.83 75.98
CA GLY F 69 17.57 48.00 75.09
C GLY F 69 18.29 48.81 74.02
N ARG F 70 18.33 48.29 72.80
CA ARG F 70 19.11 48.89 71.74
C ARG F 70 18.43 50.12 71.17
N ILE F 71 19.23 51.17 70.92
CA ILE F 71 18.80 52.35 70.19
C ILE F 71 19.62 52.41 68.91
N LEU F 72 18.93 52.46 67.78
CA LEU F 72 19.58 52.49 66.48
C LEU F 72 18.75 53.36 65.53
N SER F 73 19.33 53.64 64.37
CA SER F 73 18.79 54.61 63.43
C SER F 73 18.48 53.93 62.10
N GLY F 74 17.70 54.64 61.28
CA GLY F 74 17.32 54.11 59.98
C GLY F 74 16.70 55.20 59.14
N VAL F 75 16.52 54.88 57.86
CA VAL F 75 16.01 55.81 56.87
C VAL F 75 14.61 55.37 56.47
N VAL F 76 13.67 56.31 56.50
CA VAL F 76 12.28 55.98 56.17
C VAL F 76 12.17 55.62 54.70
N THR F 77 11.46 54.53 54.43
CA THR F 77 11.30 54.03 53.06
C THR F 77 9.85 53.96 52.60
N LYS F 78 8.90 53.69 53.50
CA LYS F 78 7.49 53.62 53.12
C LYS F 78 6.62 54.25 54.20
N MET F 79 5.65 55.06 53.76
CA MET F 79 4.72 55.74 54.63
C MET F 79 3.44 54.96 54.87
N LYS F 80 3.19 53.92 54.10
CA LYS F 80 1.92 53.21 54.12
C LYS F 80 1.81 52.40 55.42
N MET F 81 0.77 51.58 55.53
CA MET F 81 0.58 50.70 56.69
C MET F 81 0.43 51.54 57.96
N GLN F 82 -0.72 52.21 58.03
CA GLN F 82 -0.99 53.31 58.96
C GLN F 82 -0.43 53.09 60.36
N ARG F 83 0.14 54.17 60.90
CA ARG F 83 0.68 54.28 62.25
C ARG F 83 2.01 53.54 62.41
N THR F 84 2.44 52.82 61.38
CA THR F 84 3.72 52.14 61.40
C THR F 84 4.44 52.40 60.08
N ILE F 85 5.78 52.39 60.15
CA ILE F 85 6.63 52.77 59.03
C ILE F 85 7.68 51.69 58.81
N VAL F 86 8.03 51.47 57.54
CA VAL F 86 9.18 50.65 57.18
C VAL F 86 10.38 51.57 57.01
N ILE F 87 11.46 51.26 57.72
CA ILE F 87 12.73 51.95 57.55
C ILE F 87 13.77 50.92 57.12
N ARG F 88 14.70 51.35 56.27
CA ARG F 88 15.77 50.51 55.79
C ARG F 88 17.07 50.86 56.49
N ARG F 89 17.77 49.83 56.96
CA ARG F 89 19.06 49.97 57.61
C ARG F 89 20.12 49.36 56.73
N ASP F 90 21.16 50.13 56.44
CA ASP F 90 22.23 49.69 55.56
C ASP F 90 23.51 49.54 56.36
N TYR F 91 24.25 48.46 56.07
CA TYR F 91 25.44 48.15 56.83
C TYR F 91 26.42 47.38 55.95
N LEU F 92 27.68 47.37 56.38
CA LEU F 92 28.74 46.60 55.72
C LEU F 92 28.95 45.30 56.47
N HIS F 93 28.97 44.19 55.74
CA HIS F 93 29.36 42.91 56.31
C HIS F 93 30.71 42.51 55.75
N TYR F 94 31.63 42.17 56.65
CA TYR F 94 33.01 41.88 56.29
C TYR F 94 33.13 40.42 55.86
N ILE F 95 33.81 40.20 54.75
CA ILE F 95 34.14 38.86 54.26
C ILE F 95 35.64 38.68 54.38
N ARG F 96 36.05 37.79 55.27
CA ARG F 96 37.47 37.67 55.62
C ARG F 96 38.30 37.19 54.46
N LYS F 97 37.79 36.24 53.68
CA LYS F 97 38.59 35.62 52.63
C LYS F 97 39.07 36.65 51.60
N TYR F 98 38.19 37.56 51.20
CA TYR F 98 38.51 38.59 50.23
C TYR F 98 38.93 39.90 50.88
N ASN F 99 38.93 39.97 52.22
CA ASN F 99 39.35 41.16 52.96
C ASN F 99 38.55 42.39 52.57
N ARG F 100 37.32 42.18 52.11
CA ARG F 100 36.48 43.24 51.58
C ARG F 100 35.10 43.13 52.20
N PHE F 101 34.28 44.14 51.92
CA PHE F 101 32.98 44.28 52.54
C PHE F 101 31.86 44.00 51.54
N GLU F 102 30.65 43.89 52.06
CA GLU F 102 29.49 43.53 51.25
C GLU F 102 28.28 44.24 51.83
N LYS F 103 27.70 45.18 51.06
CA LYS F 103 26.59 45.98 51.54
C LYS F 103 25.33 45.14 51.65
N ARG F 104 24.80 45.05 52.86
CA ARG F 104 23.54 44.38 53.13
C ARG F 104 22.58 45.36 53.78
N HIS F 105 21.29 45.04 53.69
CA HIS F 105 20.26 45.85 54.32
C HIS F 105 19.27 44.94 55.04
N LYS F 106 18.69 45.47 56.10
CA LYS F 106 17.64 44.77 56.86
C LYS F 106 16.61 45.83 57.25
N ASN F 107 15.57 45.95 56.44
CA ASN F 107 14.50 46.91 56.73
C ASN F 107 13.48 46.28 57.66
N MET F 108 12.97 47.07 58.60
CA MET F 108 12.04 46.57 59.60
C MET F 108 10.87 47.54 59.76
N SER F 109 9.70 46.97 60.05
CA SER F 109 8.52 47.75 60.36
C SER F 109 8.64 48.35 61.75
N VAL F 110 8.44 49.65 61.85
CA VAL F 110 8.60 50.37 63.09
C VAL F 110 7.33 51.20 63.33
N HIS F 111 7.05 51.46 64.60
CA HIS F 111 5.89 52.27 64.94
C HIS F 111 6.25 53.75 64.89
N LEU F 112 5.38 54.54 64.27
CA LEU F 112 5.53 55.99 64.24
C LEU F 112 4.37 56.61 65.02
N SER F 113 4.68 57.26 66.12
CA SER F 113 3.67 58.01 66.84
C SER F 113 3.28 59.25 66.05
N PRO F 114 2.02 59.64 66.06
CA PRO F 114 1.59 60.86 65.36
C PRO F 114 2.06 62.16 65.99
N CYS F 115 2.90 62.10 67.04
CA CYS F 115 3.58 63.30 67.50
C CYS F 115 4.58 63.82 66.47
N PHE F 116 5.00 62.97 65.54
CA PHE F 116 5.83 63.38 64.42
C PHE F 116 4.93 63.55 63.21
N ARG F 117 4.67 64.80 62.83
CA ARG F 117 3.64 65.09 61.83
C ARG F 117 4.23 65.14 60.41
N ASP F 118 5.44 65.65 60.25
CA ASP F 118 6.05 65.81 58.94
C ASP F 118 7.21 64.84 58.82
N VAL F 119 6.92 63.60 58.43
CA VAL F 119 7.94 62.57 58.20
C VAL F 119 7.85 62.14 56.75
N GLN F 120 8.93 62.33 56.01
CA GLN F 120 8.97 62.10 54.58
C GLN F 120 9.63 60.76 54.28
N ILE F 121 9.79 60.47 52.99
CA ILE F 121 10.57 59.33 52.54
C ILE F 121 12.01 59.76 52.41
N GLY F 122 12.90 59.10 53.16
CA GLY F 122 14.32 59.37 53.06
C GLY F 122 14.94 60.16 54.18
N ASP F 123 14.25 60.39 55.28
CA ASP F 123 14.80 61.09 56.42
C ASP F 123 15.22 60.10 57.50
N ILE F 124 16.31 60.43 58.20
CA ILE F 124 16.91 59.51 59.15
C ILE F 124 16.18 59.60 60.48
N VAL F 125 15.66 58.46 60.93
CA VAL F 125 14.97 58.34 62.21
C VAL F 125 15.79 57.45 63.14
N THR F 126 16.15 58.00 64.30
CA THR F 126 16.69 57.18 65.38
C THR F 126 15.53 56.46 66.05
N VAL F 127 15.76 55.22 66.48
CA VAL F 127 14.67 54.36 66.92
C VAL F 127 15.04 53.66 68.21
N GLY F 128 14.02 53.41 69.04
CA GLY F 128 14.23 52.82 70.34
C GLY F 128 13.50 51.49 70.47
N GLU F 129 14.20 50.54 71.07
CA GLU F 129 13.64 49.20 71.29
C GLU F 129 12.52 49.26 72.31
N CYS F 130 11.47 48.47 72.05
CA CYS F 130 10.31 48.41 72.93
C CYS F 130 9.81 46.98 72.97
N ARG F 131 8.73 46.76 73.71
CA ARG F 131 8.09 45.46 73.74
C ARG F 131 7.41 45.19 72.40
N PRO F 132 7.17 43.92 72.05
CA PRO F 132 6.45 43.62 70.81
C PRO F 132 5.11 44.32 70.73
N LEU F 133 4.94 45.19 69.74
CA LEU F 133 3.67 45.87 69.53
C LEU F 133 2.82 45.19 68.47
N SER F 134 3.44 44.38 67.61
CA SER F 134 2.72 43.61 66.61
C SER F 134 3.59 42.41 66.27
N LYS F 135 3.23 41.70 65.19
CA LYS F 135 4.01 40.53 64.80
C LYS F 135 5.42 40.93 64.37
N THR F 136 5.56 42.06 63.68
CA THR F 136 6.84 42.47 63.12
C THR F 136 7.37 43.78 63.69
N VAL F 137 6.74 44.35 64.71
CA VAL F 137 7.18 45.63 65.25
C VAL F 137 7.79 45.39 66.63
N ARG F 138 9.02 45.91 66.82
CA ARG F 138 9.69 45.86 68.11
C ARG F 138 10.42 47.16 68.42
N PHE F 139 10.27 48.19 67.59
CA PHE F 139 10.95 49.45 67.78
C PHE F 139 9.96 50.59 67.66
N ASN F 140 10.29 51.72 68.30
CA ASN F 140 9.44 52.90 68.28
C ASN F 140 10.27 54.11 67.90
N VAL F 141 9.75 54.93 66.98
CA VAL F 141 10.43 56.13 66.54
C VAL F 141 10.45 57.15 67.68
N LEU F 142 11.64 57.66 68.00
CA LEU F 142 11.79 58.63 69.07
C LEU F 142 12.16 60.03 68.60
N LYS F 143 12.76 60.15 67.42
CA LYS F 143 13.18 61.45 66.92
C LYS F 143 13.34 61.38 65.41
N VAL F 144 12.81 62.37 64.71
CA VAL F 144 12.87 62.45 63.26
C VAL F 144 13.71 63.66 62.88
N THR F 145 14.69 63.44 62.00
CA THR F 145 15.55 64.51 61.50
C THR F 145 15.53 64.49 59.98
N LYS F 146 15.32 65.66 59.38
CA LYS F 146 15.21 65.77 57.94
C LYS F 146 16.57 65.60 57.27
N ALA F 147 16.54 65.30 55.98
CA ALA F 147 17.76 65.04 55.20
C ALA F 147 17.82 66.03 54.04
N ALA F 148 18.66 67.06 54.20
CA ALA F 148 18.94 68.03 53.15
C ALA F 148 17.67 68.71 52.65
N GLY F 149 16.70 68.90 53.53
CA GLY F 149 15.45 69.54 53.16
C GLY F 149 15.17 70.81 53.94
N THR F 150 14.11 70.79 54.75
CA THR F 150 13.65 71.90 55.57
C THR F 150 13.32 73.15 54.75
N LYS F 151 13.29 73.04 53.43
CA LYS F 151 12.94 74.16 52.56
C LYS F 151 12.47 73.61 51.23
N LYS F 152 11.18 73.72 50.95
CA LYS F 152 10.57 73.23 49.73
C LYS F 152 10.37 74.38 48.76
N GLN F 153 10.62 74.14 47.48
CA GLN F 153 10.48 75.18 46.47
C GLN F 153 9.04 75.33 45.99
N GLY G 1 40.18 43.52 33.59
CA GLY G 1 40.73 42.73 34.68
C GLY G 1 39.68 42.35 35.70
N LYS G 2 40.13 41.98 36.91
CA LYS G 2 39.24 41.62 38.00
C LYS G 2 38.93 42.84 38.86
N CYS G 3 37.70 42.91 39.37
CA CYS G 3 37.29 44.02 40.20
C CYS G 3 37.99 43.96 41.55
N ARG G 4 38.21 45.13 42.14
CA ARG G 4 39.10 45.23 43.30
C ARG G 4 38.60 46.18 44.38
N GLY G 5 37.40 46.72 44.26
CA GLY G 5 36.93 47.71 45.21
C GLY G 5 36.78 47.14 46.60
N LEU G 6 36.75 48.05 47.58
CA LEU G 6 36.60 47.65 48.97
C LEU G 6 35.28 46.94 49.19
N ARG G 7 34.22 47.41 48.54
CA ARG G 7 32.92 46.78 48.62
C ARG G 7 32.66 45.95 47.35
N THR G 8 33.40 44.87 47.22
CA THR G 8 33.23 43.95 46.09
C THR G 8 33.28 42.49 46.56
N ALA G 9 33.11 42.29 47.86
CA ALA G 9 33.15 40.93 48.39
C ALA G 9 32.03 40.05 47.83
N ARG G 10 30.83 40.61 47.64
CA ARG G 10 29.75 39.84 47.05
C ARG G 10 30.07 39.45 45.61
N LYS G 11 30.65 40.37 44.84
CA LYS G 11 30.98 40.08 43.46
C LYS G 11 32.04 39.00 43.36
N LEU G 12 33.04 39.04 44.24
CA LEU G 12 34.13 38.07 44.19
C LEU G 12 33.69 36.71 44.71
N ARG G 13 32.89 36.69 45.78
CA ARG G 13 32.38 35.42 46.30
C ARG G 13 31.43 34.75 45.30
N SER G 14 30.55 35.54 44.69
CA SER G 14 29.57 34.98 43.77
C SER G 14 30.24 34.45 42.51
N HIS G 15 31.17 35.22 41.95
CA HIS G 15 31.77 34.84 40.67
C HIS G 15 32.64 33.60 40.81
N ARG G 16 33.42 33.52 41.89
CA ARG G 16 34.21 32.31 42.13
C ARG G 16 33.30 31.10 42.29
N ARG G 17 32.13 31.30 42.90
CA ARG G 17 31.22 30.18 43.16
C ARG G 17 30.67 29.60 41.88
N ASP G 18 30.32 30.45 40.91
CA ASP G 18 29.88 29.96 39.61
C ASP G 18 31.01 29.27 38.85
N GLN G 19 32.23 29.78 38.94
CA GLN G 19 33.36 29.21 38.22
C GLN G 19 33.90 27.93 38.85
N LYS G 20 33.55 27.66 40.10
CA LYS G 20 33.98 26.41 40.73
C LYS G 20 33.36 25.19 40.07
N TRP G 21 32.27 25.35 39.33
CA TRP G 21 31.59 24.24 38.70
C TRP G 21 32.25 23.80 37.39
N HIS G 22 33.24 24.53 36.91
CA HIS G 22 33.81 24.27 35.59
C HIS G 22 35.01 23.34 35.61
N ASP G 23 35.56 23.03 36.78
CA ASP G 23 36.59 22.00 36.87
C ASP G 23 35.94 20.68 37.22
N LYS G 24 36.49 19.61 36.64
CA LYS G 24 35.83 18.31 36.69
C LYS G 24 35.68 17.82 38.13
N GLN G 25 36.69 18.02 38.97
CA GLN G 25 36.67 17.45 40.31
C GLN G 25 35.55 18.06 41.16
N TYR G 26 35.45 19.38 41.18
CA TYR G 26 34.43 20.03 42.01
C TYR G 26 33.03 19.65 41.55
N LYS G 27 32.81 19.62 40.24
CA LYS G 27 31.50 19.22 39.73
C LYS G 27 31.19 17.77 40.05
N LYS G 28 32.20 16.90 39.95
CA LYS G 28 31.98 15.49 40.28
C LYS G 28 31.59 15.32 41.74
N ALA G 29 32.26 16.05 42.64
CA ALA G 29 32.05 15.85 44.06
C ALA G 29 30.73 16.44 44.54
N HIS G 30 30.23 17.48 43.87
CA HIS G 30 29.10 18.23 44.40
C HIS G 30 27.82 18.09 43.58
N LEU G 31 27.90 17.65 42.33
CA LEU G 31 26.68 17.49 41.54
C LEU G 31 25.85 16.31 42.04
N GLY G 32 26.48 15.16 42.27
CA GLY G 32 25.82 14.01 42.83
C GLY G 32 25.39 12.96 41.82
N THR G 33 25.28 13.33 40.54
CA THR G 33 24.95 12.33 39.53
C THR G 33 26.10 11.33 39.37
N ALA G 34 27.34 11.79 39.51
CA ALA G 34 28.48 10.89 39.45
C ALA G 34 28.51 9.95 40.66
N LEU G 35 28.18 10.48 41.84
CA LEU G 35 28.02 9.62 43.01
C LEU G 35 26.88 8.64 42.82
N LYS G 36 25.77 9.10 42.24
CA LYS G 36 24.63 8.22 41.99
C LYS G 36 24.95 7.18 40.92
N ALA G 37 25.74 7.55 39.91
CA ALA G 37 26.16 6.62 38.88
C ALA G 37 27.28 5.70 39.32
N ASN G 38 27.93 5.99 40.44
CA ASN G 38 28.95 5.13 40.99
C ASN G 38 28.34 3.82 41.48
N PRO G 39 28.80 2.66 41.03
CA PRO G 39 28.25 1.40 41.56
C PRO G 39 28.43 1.22 43.05
N PHE G 40 29.53 1.70 43.62
CA PHE G 40 29.77 1.52 45.05
C PHE G 40 28.94 2.46 45.91
N GLY G 41 28.42 3.54 45.33
CA GLY G 41 27.70 4.53 46.11
C GLY G 41 28.55 5.25 47.13
N GLY G 42 29.80 5.54 46.79
CA GLY G 42 30.69 6.21 47.72
C GLY G 42 31.38 5.29 48.70
N ALA G 43 31.10 4.00 48.65
CA ALA G 43 31.77 3.02 49.49
C ALA G 43 33.15 2.70 48.92
N SER G 44 34.09 2.40 49.83
CA SER G 44 35.42 1.99 49.39
C SER G 44 35.41 0.57 48.83
N HIS G 45 34.62 -0.31 49.45
CA HIS G 45 34.48 -1.70 49.02
C HIS G 45 33.02 -2.09 48.98
N ALA G 46 32.75 -3.24 48.37
CA ALA G 46 31.41 -3.78 48.30
C ALA G 46 31.49 -5.28 48.09
N LYS G 47 30.42 -5.98 48.45
CA LYS G 47 30.33 -7.42 48.30
C LYS G 47 29.39 -7.76 47.14
N GLY G 48 29.69 -8.88 46.48
CA GLY G 48 28.89 -9.25 45.32
C GLY G 48 28.92 -10.75 45.07
N ILE G 49 27.93 -11.20 44.31
CA ILE G 49 27.76 -12.60 43.94
C ILE G 49 28.23 -12.76 42.50
N VAL G 50 29.18 -13.68 42.28
CA VAL G 50 29.78 -13.84 40.96
C VAL G 50 28.76 -14.46 40.00
N LEU G 51 28.61 -13.83 38.84
CA LEU G 51 27.68 -14.34 37.84
C LEU G 51 28.35 -15.31 36.87
N GLU G 52 29.57 -15.00 36.43
CA GLU G 52 30.34 -15.85 35.53
C GLU G 52 31.74 -15.27 35.38
N LYS G 53 32.64 -16.09 34.85
CA LYS G 53 34.02 -15.67 34.65
C LYS G 53 34.25 -15.35 33.17
N VAL G 54 34.74 -14.16 32.90
CA VAL G 54 34.91 -13.69 31.53
C VAL G 54 36.38 -13.30 31.32
N GLY G 55 36.73 -13.06 30.07
CA GLY G 55 38.07 -12.61 29.73
C GLY G 55 38.03 -11.38 28.85
N VAL G 56 38.70 -10.31 29.27
CA VAL G 56 38.68 -9.03 28.56
C VAL G 56 40.02 -8.85 27.87
N GLU G 57 39.97 -8.54 26.58
CA GLU G 57 41.18 -8.31 25.80
C GLU G 57 41.83 -6.99 26.20
N ALA G 58 43.16 -6.99 26.21
CA ALA G 58 43.91 -5.79 26.51
C ALA G 58 43.83 -4.81 25.34
N LYS G 59 44.18 -3.55 25.61
CA LYS G 59 44.19 -2.53 24.57
C LYS G 59 45.22 -2.91 23.51
N GLN G 60 45.14 -2.23 22.35
CA GLN G 60 45.83 -2.67 21.15
C GLN G 60 47.32 -2.95 21.35
N PRO G 61 48.13 -2.07 21.96
CA PRO G 61 49.57 -2.36 22.05
C PRO G 61 49.91 -3.64 22.78
N ASN G 62 49.12 -4.05 23.78
CA ASN G 62 49.33 -5.31 24.47
C ASN G 62 48.41 -6.38 23.90
N SER G 63 48.79 -7.64 24.12
CA SER G 63 47.99 -8.76 23.61
C SER G 63 47.88 -9.80 24.73
N ALA G 64 46.72 -9.84 25.37
CA ALA G 64 46.42 -10.81 26.41
C ALA G 64 44.93 -10.72 26.71
N ILE G 65 44.44 -11.67 27.49
CA ILE G 65 43.08 -11.63 27.99
C ILE G 65 43.15 -11.54 29.51
N ARG G 66 42.39 -10.60 30.07
CA ARG G 66 42.46 -10.28 31.48
C ARG G 66 41.36 -11.00 32.24
N LYS G 67 41.75 -11.74 33.26
CA LYS G 67 40.83 -12.63 33.99
C LYS G 67 40.01 -11.78 34.94
N CYS G 68 38.73 -11.59 34.60
CA CYS G 68 37.80 -10.86 35.43
C CYS G 68 36.46 -11.59 35.45
N VAL G 69 35.72 -11.37 36.53
CA VAL G 69 34.42 -12.03 36.71
C VAL G 69 33.33 -10.98 36.67
N ARG G 70 32.14 -11.41 36.24
CA ARG G 70 30.94 -10.58 36.31
C ARG G 70 30.35 -10.75 37.70
N VAL G 71 30.07 -9.63 38.37
CA VAL G 71 29.63 -9.63 39.75
C VAL G 71 28.33 -8.84 39.85
N GLN G 72 27.38 -9.35 40.62
CA GLN G 72 26.18 -8.63 41.00
C GLN G 72 26.23 -8.37 42.50
N LEU G 73 26.20 -7.10 42.89
CA LEU G 73 26.41 -6.72 44.28
C LEU G 73 25.16 -6.99 45.11
N ILE G 74 25.38 -7.28 46.41
CA ILE G 74 24.28 -7.64 47.28
C ILE G 74 23.31 -6.47 47.43
N LYS G 75 23.84 -5.29 47.77
CA LYS G 75 23.06 -4.07 47.70
C LYS G 75 23.00 -3.59 46.25
N ASN G 76 21.93 -2.86 45.93
CA ASN G 76 21.72 -2.19 44.64
C ASN G 76 22.27 -3.01 43.47
N GLY G 77 21.72 -4.21 43.27
CA GLY G 77 22.44 -5.26 42.59
C GLY G 77 22.71 -5.03 41.12
N LYS G 78 23.45 -3.96 40.82
CA LYS G 78 23.93 -3.72 39.47
C LYS G 78 25.14 -4.61 39.18
N LYS G 79 25.38 -4.85 37.90
CA LYS G 79 26.44 -5.75 37.46
C LYS G 79 27.68 -4.95 37.10
N ILE G 80 28.85 -5.42 37.56
CA ILE G 80 30.14 -4.85 37.19
C ILE G 80 31.07 -5.99 36.82
N THR G 81 32.11 -5.66 36.07
CA THR G 81 33.20 -6.58 35.77
C THR G 81 34.41 -6.19 36.61
N ALA G 82 34.87 -7.12 37.44
CA ALA G 82 35.92 -6.84 38.41
C ALA G 82 37.11 -7.74 38.13
N PHE G 83 38.29 -7.12 37.96
CA PHE G 83 39.51 -7.85 37.66
C PHE G 83 39.88 -8.78 38.83
N VAL G 84 40.47 -9.92 38.49
CA VAL G 84 40.97 -10.84 39.50
C VAL G 84 42.49 -10.86 39.37
N PRO G 85 43.21 -10.01 40.10
CA PRO G 85 44.64 -9.82 39.81
C PRO G 85 45.58 -10.85 40.42
N ASN G 86 46.05 -11.80 39.62
CA ASN G 86 47.28 -12.56 39.85
C ASN G 86 47.48 -13.58 38.75
N ASP G 87 48.59 -14.34 38.82
CA ASP G 87 48.90 -15.31 37.78
C ASP G 87 47.84 -16.40 37.68
N GLY G 88 47.38 -16.91 38.81
CA GLY G 88 46.42 -18.01 38.76
C GLY G 88 45.28 -17.92 39.75
N CYS G 89 44.89 -16.70 40.13
CA CYS G 89 43.83 -16.53 41.12
C CYS G 89 42.43 -16.67 40.54
N LEU G 90 42.29 -16.82 39.22
CA LEU G 90 40.96 -17.10 38.66
C LEU G 90 40.44 -18.45 39.13
N ASN G 91 41.32 -19.45 39.19
CA ASN G 91 40.90 -20.78 39.65
C ASN G 91 40.49 -20.76 41.11
N PHE G 92 40.85 -19.71 41.86
CA PHE G 92 40.41 -19.57 43.23
C PHE G 92 38.98 -19.06 43.34
N ILE G 93 38.36 -18.69 42.22
CA ILE G 93 37.01 -18.14 42.18
C ILE G 93 36.13 -19.12 41.42
N GLU G 94 35.02 -19.51 42.02
CA GLU G 94 34.02 -20.29 41.30
C GLU G 94 32.70 -19.51 41.24
N GLU G 95 31.73 -20.10 40.55
CA GLU G 95 30.43 -19.48 40.39
C GLU G 95 29.71 -19.36 41.72
N ASN G 96 28.85 -18.35 41.83
CA ASN G 96 28.05 -18.09 43.02
C ASN G 96 28.93 -17.89 44.25
N ASP G 97 30.01 -17.14 44.07
CA ASP G 97 30.94 -16.81 45.13
C ASP G 97 30.67 -15.41 45.64
N GLU G 98 30.88 -15.21 46.94
CA GLU G 98 30.71 -13.91 47.57
C GLU G 98 32.07 -13.24 47.69
N VAL G 99 32.30 -12.20 46.87
CA VAL G 99 33.59 -11.53 46.78
C VAL G 99 33.47 -10.14 47.37
N LEU G 100 34.62 -9.58 47.75
CA LEU G 100 34.69 -8.21 48.27
C LEU G 100 35.30 -7.33 47.18
N VAL G 101 34.45 -6.73 46.37
CA VAL G 101 34.92 -5.92 45.25
C VAL G 101 35.54 -4.63 45.76
N ALA G 102 36.69 -4.26 45.21
CA ALA G 102 37.40 -3.05 45.60
C ALA G 102 37.67 -2.20 44.37
N GLY G 103 38.02 -0.94 44.62
CA GLY G 103 38.32 -0.02 43.53
C GLY G 103 39.63 -0.36 42.85
N PHE G 104 39.83 0.24 41.68
CA PHE G 104 40.99 -0.11 40.86
C PHE G 104 42.17 0.83 41.05
N GLY G 105 41.97 1.98 41.69
CA GLY G 105 43.11 2.81 42.02
C GLY G 105 43.01 4.25 41.56
N ARG G 106 42.33 4.50 40.45
CA ARG G 106 42.17 5.86 39.95
C ARG G 106 40.71 6.29 39.94
N LYS G 107 39.98 5.93 40.99
CA LYS G 107 38.68 6.53 41.33
C LYS G 107 37.71 6.48 40.16
N GLY G 108 37.34 5.26 39.78
CA GLY G 108 36.32 5.05 38.77
C GLY G 108 36.81 5.10 37.34
N HIS G 109 38.12 5.17 37.13
CA HIS G 109 38.70 5.18 35.78
C HIS G 109 39.36 3.83 35.51
N ALA G 110 39.32 3.41 34.25
CA ALA G 110 40.00 2.18 33.86
C ALA G 110 41.50 2.30 34.11
N VAL G 111 42.10 1.22 34.60
CA VAL G 111 43.52 1.16 34.90
C VAL G 111 44.19 0.23 33.90
N GLY G 112 45.29 0.67 33.32
CA GLY G 112 46.06 -0.20 32.46
C GLY G 112 45.35 -0.51 31.16
N ASP G 113 45.71 -1.62 30.54
CA ASP G 113 45.19 -2.01 29.24
C ASP G 113 43.84 -2.70 29.33
N ILE G 114 43.30 -2.89 30.52
CA ILE G 114 41.98 -3.50 30.67
C ILE G 114 40.94 -2.43 30.34
N PRO G 115 40.08 -2.62 29.34
CA PRO G 115 39.12 -1.58 28.98
C PRO G 115 37.82 -1.66 29.77
N GLY G 116 37.44 -0.55 30.40
CA GLY G 116 36.16 -0.43 31.05
C GLY G 116 36.06 -1.04 32.43
N VAL G 117 37.13 -1.66 32.92
CA VAL G 117 37.13 -2.32 34.23
C VAL G 117 37.74 -1.36 35.23
N ARG G 118 36.97 -1.04 36.28
CA ARG G 118 37.41 -0.11 37.32
C ARG G 118 37.34 -0.73 38.70
N PHE G 119 37.24 -2.05 38.79
CA PHE G 119 37.19 -2.76 40.06
C PHE G 119 38.11 -3.97 39.98
N LYS G 120 38.72 -4.32 41.11
CA LYS G 120 39.55 -5.50 41.22
C LYS G 120 39.03 -6.39 42.34
N VAL G 121 39.00 -7.69 42.10
CA VAL G 121 38.47 -8.64 43.08
C VAL G 121 39.51 -8.89 44.15
N VAL G 122 39.13 -8.63 45.40
CA VAL G 122 39.86 -9.10 46.57
C VAL G 122 38.86 -9.82 47.46
N LYS G 123 39.38 -10.74 48.27
CA LYS G 123 38.57 -11.44 49.27
C LYS G 123 37.40 -12.19 48.62
N VAL G 124 37.75 -13.23 47.87
CA VAL G 124 36.81 -14.29 47.53
C VAL G 124 36.39 -14.92 48.85
N ALA G 125 35.41 -15.82 48.82
CA ALA G 125 34.70 -16.26 50.03
C ALA G 125 35.64 -16.29 51.25
N ASN G 126 35.13 -15.79 52.37
CA ASN G 126 35.81 -14.83 53.23
C ASN G 126 37.34 -14.88 53.22
N VAL G 127 37.93 -16.07 53.06
CA VAL G 127 39.38 -16.19 52.87
C VAL G 127 39.86 -15.17 51.84
N SER G 128 40.89 -14.41 52.21
CA SER G 128 41.41 -13.35 51.35
C SER G 128 42.13 -13.93 50.14
N LEU G 129 42.04 -13.20 49.01
CA LEU G 129 42.64 -13.69 47.77
C LEU G 129 44.16 -13.66 47.85
N LEU G 130 44.71 -12.69 48.58
CA LEU G 130 46.16 -12.66 48.78
C LEU G 130 46.62 -13.86 49.60
N ALA G 131 45.83 -14.25 50.62
CA ALA G 131 46.19 -15.38 51.44
C ALA G 131 46.24 -16.68 50.63
N LEU G 132 45.29 -16.85 49.72
CA LEU G 132 45.27 -18.06 48.88
C LEU G 132 46.46 -18.08 47.93
N TYR G 133 46.86 -16.91 47.42
CA TYR G 133 47.97 -16.87 46.48
C TYR G 133 49.27 -17.30 47.14
N LYS G 134 49.47 -16.93 48.39
CA LYS G 134 50.65 -17.36 49.14
C LYS G 134 50.44 -18.64 49.92
N GLY G 135 49.28 -19.29 49.76
CA GLY G 135 49.02 -20.52 50.47
C GLY G 135 48.93 -20.40 51.96
N LYS G 136 48.68 -19.20 52.48
CA LYS G 136 48.52 -19.03 53.92
C LYS G 136 47.31 -19.80 54.42
N LYS G 137 46.23 -19.83 53.63
CA LYS G 137 45.07 -20.65 53.94
C LYS G 137 44.37 -21.00 52.63
N GLU G 138 43.55 -22.04 52.68
CA GLU G 138 43.00 -22.68 51.50
C GLU G 138 41.49 -22.47 51.40
N ARG G 139 40.88 -23.15 50.44
CA ARG G 139 39.44 -23.14 50.30
C ARG G 139 38.78 -23.80 51.50
N PRO G 140 37.59 -23.36 51.89
CA PRO G 140 36.91 -23.97 53.04
C PRO G 140 36.34 -25.34 52.73
N ARG G 141 37.16 -26.37 52.83
CA ARG G 141 36.72 -27.74 52.58
C ARG G 141 36.80 -28.59 53.86
N MET H 1 -24.20 -20.73 88.81
CA MET H 1 -23.68 -19.41 89.17
C MET H 1 -23.40 -19.33 90.66
N LYS H 2 -22.22 -18.84 90.99
CA LYS H 2 -21.78 -18.79 92.37
C LYS H 2 -22.45 -17.64 93.11
N LEU H 3 -22.79 -17.87 94.38
CA LEU H 3 -23.47 -16.86 95.18
C LEU H 3 -22.60 -16.55 96.39
N ASN H 4 -22.37 -15.27 96.60
CA ASN H 4 -21.56 -14.76 97.69
C ASN H 4 -22.42 -14.00 98.70
N ILE H 5 -22.73 -14.65 99.83
CA ILE H 5 -23.60 -14.08 100.84
C ILE H 5 -22.76 -13.42 101.93
N SER H 6 -23.19 -12.24 102.37
CA SER H 6 -22.49 -11.51 103.43
C SER H 6 -23.53 -10.95 104.39
N PHE H 7 -23.21 -11.00 105.69
CA PHE H 7 -24.10 -10.49 106.73
C PHE H 7 -23.33 -9.48 107.58
N PRO H 8 -23.58 -8.18 107.42
CA PRO H 8 -22.72 -7.18 108.08
C PRO H 8 -22.69 -7.26 109.59
N ALA H 9 -23.81 -7.59 110.24
CA ALA H 9 -23.88 -7.48 111.69
C ALA H 9 -23.01 -8.52 112.38
N THR H 10 -22.63 -9.58 111.67
CA THR H 10 -21.77 -10.60 112.27
C THR H 10 -20.72 -11.14 111.30
N GLY H 11 -20.62 -10.61 110.09
CA GLY H 11 -19.69 -11.16 109.12
C GLY H 11 -20.09 -12.57 108.71
N CYS H 12 -19.17 -13.52 108.87
CA CYS H 12 -19.44 -14.94 108.59
C CYS H 12 -19.95 -15.13 107.18
N GLN H 13 -19.38 -14.38 106.27
CA GLN H 13 -19.65 -14.55 104.86
C GLN H 13 -19.27 -15.94 104.34
N LYS H 14 -20.04 -16.46 103.39
CA LYS H 14 -19.70 -17.72 102.73
C LYS H 14 -20.21 -17.72 101.30
N LEU H 15 -19.54 -18.50 100.46
CA LEU H 15 -19.90 -18.66 99.06
C LEU H 15 -20.77 -19.91 98.91
N ILE H 16 -21.95 -19.74 98.32
CA ILE H 16 -22.87 -20.83 98.07
C ILE H 16 -23.21 -20.85 96.58
N GLU H 17 -23.70 -21.98 96.12
CA GLU H 17 -23.98 -22.19 94.70
C GLU H 17 -25.46 -22.45 94.49
N VAL H 18 -26.06 -21.75 93.54
CA VAL H 18 -27.45 -21.94 93.15
C VAL H 18 -27.44 -22.43 91.71
N ASP H 19 -27.73 -23.71 91.51
CA ASP H 19 -27.71 -24.30 90.19
C ASP H 19 -29.05 -24.17 89.47
N ASP H 20 -30.16 -24.30 90.21
CA ASP H 20 -31.48 -24.17 89.59
C ASP H 20 -31.68 -22.76 89.08
N GLU H 21 -32.30 -22.65 87.91
CA GLU H 21 -32.53 -21.35 87.29
C GLU H 21 -33.68 -20.59 87.92
N ARG H 22 -34.60 -21.30 88.60
CA ARG H 22 -35.79 -20.64 89.13
C ARG H 22 -35.44 -19.68 90.27
N LYS H 23 -34.51 -20.07 91.15
CA LYS H 23 -34.11 -19.20 92.24
C LYS H 23 -33.31 -17.99 91.76
N LEU H 24 -32.74 -18.05 90.56
CA LEU H 24 -32.05 -16.90 90.00
C LEU H 24 -32.96 -15.96 89.25
N ARG H 25 -34.13 -16.44 88.83
CA ARG H 25 -35.05 -15.63 88.05
C ARG H 25 -35.45 -14.37 88.80
N THR H 26 -35.39 -14.38 90.13
CA THR H 26 -35.69 -13.25 90.98
C THR H 26 -34.68 -12.12 90.84
N PHE H 27 -33.40 -12.43 90.61
CA PHE H 27 -32.35 -11.44 90.58
C PHE H 27 -32.07 -10.87 89.20
N TYR H 28 -32.71 -11.39 88.14
CA TYR H 28 -32.45 -10.91 86.80
C TYR H 28 -33.08 -9.52 86.59
N GLU H 29 -32.49 -8.78 85.66
CA GLU H 29 -32.95 -7.42 85.30
C GLU H 29 -33.04 -6.51 86.51
N LYS H 30 -32.16 -6.71 87.49
CA LYS H 30 -32.11 -5.90 88.69
C LYS H 30 -30.90 -4.97 88.63
N ARG H 31 -30.71 -4.20 89.69
CA ARG H 31 -29.60 -3.26 89.78
C ARG H 31 -28.96 -3.36 91.16
N MET H 32 -27.73 -2.88 91.25
CA MET H 32 -27.01 -2.91 92.51
C MET H 32 -27.67 -1.97 93.52
N ALA H 33 -27.51 -2.31 94.80
CA ALA H 33 -28.01 -1.53 95.94
C ALA H 33 -29.54 -1.50 96.02
N THR H 34 -30.22 -2.39 95.30
CA THR H 34 -31.66 -2.54 95.41
C THR H 34 -31.99 -3.79 96.21
N GLU H 35 -32.84 -3.64 97.23
CA GLU H 35 -33.16 -4.75 98.11
C GLU H 35 -34.10 -5.72 97.42
N VAL H 36 -33.72 -6.99 97.41
CA VAL H 36 -34.48 -8.06 96.76
C VAL H 36 -34.75 -9.15 97.79
N ALA H 37 -36.00 -9.62 97.83
CA ALA H 37 -36.37 -10.69 98.74
C ALA H 37 -35.83 -12.03 98.26
N ALA H 38 -35.48 -12.89 99.22
CA ALA H 38 -34.95 -14.21 98.90
C ALA H 38 -35.71 -15.28 99.67
N ASP H 39 -37.04 -15.20 99.67
CA ASP H 39 -37.85 -16.09 100.48
C ASP H 39 -38.04 -17.47 99.84
N ALA H 40 -37.51 -17.68 98.63
CA ALA H 40 -37.78 -18.90 97.86
C ALA H 40 -36.79 -20.04 98.14
N LEU H 41 -35.81 -20.00 99.04
CA LEU H 41 -34.80 -21.06 99.14
C LEU H 41 -35.23 -22.08 100.19
N GLY H 42 -36.00 -23.08 99.78
CA GLY H 42 -36.32 -24.22 100.61
C GLY H 42 -37.10 -23.91 101.87
N GLU H 43 -36.46 -24.11 103.04
CA GLU H 43 -37.15 -23.94 104.31
C GLU H 43 -36.37 -23.18 105.38
N GLU H 44 -35.43 -22.29 104.99
CA GLU H 44 -34.67 -21.51 105.95
C GLU H 44 -34.38 -20.06 105.54
N TRP H 45 -34.96 -19.55 104.43
CA TRP H 45 -34.61 -18.23 103.91
C TRP H 45 -35.80 -17.28 103.81
N LYS H 46 -36.75 -17.37 104.75
CA LYS H 46 -37.97 -16.59 104.67
C LYS H 46 -37.84 -15.27 105.42
N GLY H 47 -38.55 -14.25 104.92
CA GLY H 47 -38.40 -12.92 105.49
C GLY H 47 -37.01 -12.36 105.32
N TYR H 48 -36.26 -12.83 104.33
CA TYR H 48 -34.86 -12.47 104.12
C TYR H 48 -34.75 -11.64 102.84
N VAL H 49 -34.84 -10.33 102.99
CA VAL H 49 -34.63 -9.41 101.87
C VAL H 49 -33.14 -9.09 101.78
N VAL H 50 -32.60 -9.11 100.57
CA VAL H 50 -31.17 -8.97 100.35
C VAL H 50 -30.91 -7.82 99.39
N ARG H 51 -29.74 -7.20 99.53
CA ARG H 51 -29.33 -6.07 98.73
C ARG H 51 -28.20 -6.49 97.80
N ILE H 52 -28.39 -6.28 96.50
CA ILE H 52 -27.36 -6.63 95.53
C ILE H 52 -26.27 -5.56 95.55
N SER H 53 -25.03 -6.00 95.74
CA SER H 53 -23.94 -5.07 95.98
C SER H 53 -22.80 -5.17 94.97
N GLY H 54 -22.95 -5.93 93.89
CA GLY H 54 -21.89 -6.03 92.90
C GLY H 54 -21.97 -7.25 92.03
N GLY H 55 -20.86 -7.94 91.88
CA GLY H 55 -20.82 -9.17 91.12
C GLY H 55 -19.56 -9.26 90.31
N ASN H 56 -19.52 -10.25 89.42
CA ASN H 56 -18.38 -10.50 88.56
C ASN H 56 -18.87 -11.18 87.30
N ASP H 57 -18.29 -10.80 86.16
CA ASP H 57 -18.68 -11.39 84.89
C ASP H 57 -18.07 -12.79 84.76
N LYS H 58 -18.58 -13.56 83.79
CA LYS H 58 -18.04 -14.89 83.54
C LYS H 58 -16.56 -14.84 83.22
N GLN H 59 -16.07 -13.75 82.66
CA GLN H 59 -14.65 -13.58 82.38
C GLN H 59 -13.89 -13.01 83.56
N GLY H 60 -14.57 -12.78 84.68
CA GLY H 60 -13.92 -12.22 85.86
C GLY H 60 -13.90 -10.71 85.91
N PHE H 61 -14.71 -10.04 85.12
CA PHE H 61 -14.70 -8.58 85.05
C PHE H 61 -15.75 -8.01 85.99
N PRO H 62 -15.35 -7.28 87.04
CA PRO H 62 -16.32 -6.76 87.99
C PRO H 62 -17.30 -5.80 87.34
N MET H 63 -18.54 -5.84 87.83
CA MET H 63 -19.56 -4.91 87.37
C MET H 63 -19.44 -3.60 88.13
N LYS H 64 -19.57 -2.50 87.43
CA LYS H 64 -19.45 -1.16 88.00
C LYS H 64 -20.83 -0.55 88.19
N GLN H 65 -21.01 0.05 89.36
CA GLN H 65 -22.27 0.74 89.65
C GLN H 65 -22.45 1.93 88.72
N GLY H 66 -23.65 2.07 88.17
CA GLY H 66 -23.98 3.20 87.32
C GLY H 66 -23.78 3.01 85.84
N VAL H 67 -23.21 1.88 85.40
CA VAL H 67 -23.01 1.67 83.97
C VAL H 67 -24.34 1.53 83.25
N LEU H 68 -25.32 0.88 83.89
CA LEU H 68 -26.71 0.85 83.43
C LEU H 68 -26.86 0.10 82.10
N THR H 69 -26.33 -1.12 82.08
CA THR H 69 -26.49 -2.00 80.92
C THR H 69 -26.25 -3.44 81.37
N HIS H 70 -26.63 -4.38 80.51
CA HIS H 70 -26.24 -5.78 80.67
C HIS H 70 -25.17 -6.08 79.64
N GLY H 71 -23.98 -6.40 80.10
CA GLY H 71 -22.85 -6.63 79.23
C GLY H 71 -21.64 -5.85 79.69
N ARG H 72 -20.65 -5.76 78.81
CA ARG H 72 -19.36 -5.19 79.14
C ARG H 72 -19.03 -4.03 78.21
N VAL H 73 -18.48 -2.96 78.78
CA VAL H 73 -18.05 -1.80 78.02
C VAL H 73 -16.65 -1.40 78.48
N ARG H 74 -16.12 -0.35 77.85
CA ARG H 74 -14.80 0.16 78.17
C ARG H 74 -14.95 1.56 78.76
N LEU H 75 -14.32 1.78 79.91
CA LEU H 75 -14.37 3.07 80.59
C LEU H 75 -12.95 3.53 80.90
N LEU H 76 -12.70 4.81 80.67
CA LEU H 76 -11.40 5.41 81.00
C LEU H 76 -11.45 5.80 82.48
N LEU H 77 -11.09 4.84 83.32
CA LEU H 77 -11.23 5.01 84.76
C LEU H 77 -10.17 5.94 85.31
N SER H 78 -10.57 6.79 86.25
CA SER H 78 -9.66 7.66 86.97
C SER H 78 -9.56 7.19 88.42
N LYS H 79 -8.75 7.88 89.21
CA LYS H 79 -8.50 7.46 90.58
C LYS H 79 -9.75 7.62 91.43
N GLY H 80 -10.12 6.56 92.13
CA GLY H 80 -11.18 6.61 93.11
C GLY H 80 -12.56 6.21 92.63
N HIS H 81 -12.72 5.78 91.38
CA HIS H 81 -14.07 5.44 90.92
C HIS H 81 -14.48 4.05 91.39
N SER H 82 -13.85 3.02 90.82
CA SER H 82 -13.95 1.62 91.23
C SER H 82 -13.14 0.81 90.23
N CYS H 83 -12.89 -0.46 90.57
CA CYS H 83 -12.26 -1.41 89.67
C CYS H 83 -10.98 -0.86 89.04
N TYR H 84 -10.29 -0.01 89.82
CA TYR H 84 -9.11 0.67 89.32
C TYR H 84 -8.18 0.99 90.48
N ARG H 85 -6.92 0.60 90.35
CA ARG H 85 -5.86 1.05 91.25
C ARG H 85 -4.87 1.84 90.41
N PRO H 86 -4.69 3.14 90.67
CA PRO H 86 -3.71 3.92 89.90
C PRO H 86 -2.28 3.59 90.32
N ARG H 87 -1.44 3.28 89.34
CA ARG H 87 -0.04 2.96 89.64
C ARG H 87 0.73 4.20 90.08
N ARG H 88 0.61 5.29 89.32
CA ARG H 88 1.27 6.55 89.65
C ARG H 88 0.24 7.66 89.71
N THR H 89 0.64 8.77 90.33
CA THR H 89 -0.27 9.88 90.56
C THR H 89 -0.79 10.43 89.25
N GLY H 90 -2.11 10.60 89.17
CA GLY H 90 -2.74 11.16 87.99
C GLY H 90 -2.91 10.21 86.83
N GLU H 91 -2.48 8.96 86.97
CA GLU H 91 -2.55 7.98 85.90
C GLU H 91 -3.99 7.53 85.71
N ARG H 92 -4.44 7.53 84.46
CA ARG H 92 -5.77 7.05 84.08
C ARG H 92 -5.62 5.95 83.05
N LYS H 93 -6.53 4.98 83.07
CA LYS H 93 -6.44 3.82 82.20
C LYS H 93 -7.84 3.38 81.79
N ARG H 94 -7.93 2.76 80.61
CA ARG H 94 -9.21 2.26 80.11
C ARG H 94 -9.30 0.77 80.38
N LYS H 95 -10.36 0.35 81.07
CA LYS H 95 -10.54 -1.02 81.49
C LYS H 95 -11.94 -1.51 81.11
N SER H 96 -12.15 -2.82 81.27
CA SER H 96 -13.42 -3.45 80.99
C SER H 96 -14.18 -3.64 82.30
N VAL H 97 -15.40 -3.09 82.36
CA VAL H 97 -16.27 -3.27 83.51
C VAL H 97 -17.63 -3.73 83.02
N ARG H 98 -18.34 -4.42 83.89
CA ARG H 98 -19.66 -4.93 83.57
C ARG H 98 -20.73 -3.97 84.08
N GLY H 99 -21.90 -4.04 83.45
CA GLY H 99 -23.00 -3.21 83.88
C GLY H 99 -23.56 -3.65 85.22
N CYS H 100 -24.16 -2.70 85.93
CA CYS H 100 -24.80 -2.98 87.21
C CYS H 100 -26.00 -3.90 87.07
N ILE H 101 -26.53 -4.08 85.87
CA ILE H 101 -27.64 -5.00 85.63
C ILE H 101 -27.11 -6.41 85.83
N VAL H 102 -27.82 -7.20 86.63
CA VAL H 102 -27.45 -8.60 86.87
C VAL H 102 -28.30 -9.49 85.97
N ASP H 103 -27.68 -10.49 85.36
CA ASP H 103 -28.32 -11.34 84.37
C ASP H 103 -27.82 -12.77 84.51
N ALA H 104 -28.24 -13.62 83.56
CA ALA H 104 -27.80 -15.01 83.56
C ALA H 104 -26.30 -15.12 83.28
N ASN H 105 -25.76 -14.26 82.41
CA ASN H 105 -24.34 -14.28 82.08
C ASN H 105 -23.57 -13.60 83.22
N LEU H 106 -23.69 -14.20 84.40
CA LEU H 106 -22.92 -13.75 85.54
C LEU H 106 -22.21 -14.94 86.17
N SER H 107 -21.03 -14.67 86.73
CA SER H 107 -20.28 -15.74 87.38
C SER H 107 -20.65 -15.84 88.85
N VAL H 108 -20.52 -14.73 89.58
CA VAL H 108 -20.81 -14.69 91.00
C VAL H 108 -21.55 -13.40 91.34
N LEU H 109 -22.55 -13.53 92.19
CA LEU H 109 -23.28 -12.39 92.75
C LEU H 109 -22.92 -12.27 94.22
N ASN H 110 -22.44 -11.09 94.62
CA ASN H 110 -22.15 -10.81 96.02
C ASN H 110 -23.28 -9.93 96.55
N LEU H 111 -23.88 -10.34 97.66
CA LEU H 111 -25.15 -9.82 98.12
C LEU H 111 -25.19 -9.85 99.64
N VAL H 112 -25.81 -8.81 100.22
CA VAL H 112 -25.71 -8.53 101.64
C VAL H 112 -27.10 -8.54 102.26
N ILE H 113 -27.26 -9.32 103.32
CA ILE H 113 -28.52 -9.35 104.06
C ILE H 113 -28.71 -8.03 104.79
N VAL H 114 -29.90 -7.46 104.68
CA VAL H 114 -30.24 -6.21 105.34
C VAL H 114 -31.22 -6.42 106.49
N LYS H 115 -32.10 -7.41 106.37
CA LYS H 115 -33.04 -7.76 107.43
C LYS H 115 -32.93 -9.25 107.71
N LYS H 116 -32.94 -9.61 108.99
CA LYS H 116 -32.91 -11.02 109.36
C LYS H 116 -34.26 -11.68 109.06
N GLY H 117 -34.23 -13.00 109.00
CA GLY H 117 -35.43 -13.77 108.72
C GLY H 117 -36.04 -14.36 109.98
N GLU H 118 -36.41 -15.64 109.92
CA GLU H 118 -37.00 -16.33 111.06
C GLU H 118 -35.99 -17.09 111.91
N LYS H 119 -34.95 -17.65 111.31
CA LYS H 119 -33.93 -18.39 112.04
C LYS H 119 -32.62 -18.30 111.27
N ASP H 120 -31.67 -19.13 111.63
CA ASP H 120 -30.31 -18.97 111.14
C ASP H 120 -30.06 -19.80 109.88
N ILE H 121 -29.16 -19.30 109.05
CA ILE H 121 -28.55 -20.08 107.97
C ILE H 121 -27.28 -20.70 108.53
N PRO H 122 -27.09 -22.02 108.41
CA PRO H 122 -25.93 -22.66 109.04
C PRO H 122 -24.60 -22.05 108.63
N GLY H 123 -23.93 -21.42 109.57
CA GLY H 123 -22.65 -20.78 109.33
C GLY H 123 -22.69 -19.28 109.12
N LEU H 124 -23.85 -18.65 109.22
CA LEU H 124 -23.99 -17.22 108.96
C LEU H 124 -24.17 -16.39 110.23
N THR H 125 -25.01 -16.84 111.16
CA THR H 125 -25.26 -16.07 112.37
C THR H 125 -24.40 -16.54 113.53
N ASP H 126 -24.39 -17.85 113.77
CA ASP H 126 -23.61 -18.40 114.87
C ASP H 126 -22.11 -18.19 114.63
N THR H 127 -21.34 -18.31 115.71
CA THR H 127 -19.91 -18.02 115.71
C THR H 127 -19.66 -16.59 115.24
N THR H 128 -20.20 -15.65 116.00
CA THR H 128 -20.09 -14.23 115.67
C THR H 128 -18.66 -13.76 115.85
N VAL H 129 -18.05 -13.30 114.76
CA VAL H 129 -16.66 -12.82 114.78
C VAL H 129 -16.69 -11.37 115.28
N PRO H 130 -15.65 -10.91 115.97
CA PRO H 130 -15.63 -9.51 116.41
C PRO H 130 -14.90 -8.61 115.43
N ARG H 131 -14.97 -7.30 115.70
CA ARG H 131 -14.18 -6.34 114.94
C ARG H 131 -12.70 -6.61 115.16
N ARG H 132 -11.91 -6.44 114.10
CA ARG H 132 -10.51 -6.84 114.14
C ARG H 132 -9.73 -6.04 115.17
N LEU H 133 -9.98 -4.74 115.28
CA LEU H 133 -9.27 -3.91 116.24
C LEU H 133 -10.15 -2.76 116.67
N GLY H 134 -9.84 -2.21 117.86
CA GLY H 134 -10.66 -1.18 118.44
C GLY H 134 -10.30 0.20 117.94
N PRO H 135 -10.97 1.19 118.50
CA PRO H 135 -10.70 2.58 118.08
C PRO H 135 -9.33 3.06 118.53
N LYS H 136 -8.84 4.10 117.85
CA LYS H 136 -7.53 4.67 118.13
C LYS H 136 -7.56 6.15 118.40
N ARG H 137 -8.38 6.91 117.67
CA ARG H 137 -8.51 8.34 117.92
C ARG H 137 -9.13 8.58 119.28
N ALA H 138 -8.61 9.59 120.00
CA ALA H 138 -9.15 9.86 121.34
C ALA H 138 -10.43 10.66 121.25
N SER H 139 -11.32 10.26 120.37
CA SER H 139 -12.73 10.59 120.37
C SER H 139 -13.59 9.34 120.17
N ARG H 140 -13.15 8.43 119.30
CA ARG H 140 -13.86 7.17 119.11
C ARG H 140 -13.75 6.29 120.35
N ILE H 141 -12.61 6.33 121.02
CA ILE H 141 -12.45 5.58 122.27
C ILE H 141 -13.27 6.20 123.39
N ARG H 142 -13.70 7.45 123.21
CA ARG H 142 -14.47 8.14 124.24
C ARG H 142 -15.95 8.22 123.90
N LYS H 143 -16.30 8.38 122.61
CA LYS H 143 -17.70 8.52 122.22
C LYS H 143 -18.47 7.22 122.28
N LEU H 144 -17.80 6.05 122.26
CA LEU H 144 -18.49 4.78 122.32
C LEU H 144 -18.63 4.24 123.74
N PHE H 145 -17.63 4.45 124.59
CA PHE H 145 -17.69 4.04 125.99
C PHE H 145 -18.57 4.97 126.82
N ASN H 146 -19.25 5.94 126.18
CA ASN H 146 -20.17 6.85 126.85
C ASN H 146 -19.47 7.62 127.98
N LEU H 147 -18.20 7.94 127.76
CA LEU H 147 -17.45 8.84 128.61
C LEU H 147 -17.77 10.27 128.25
N SER H 148 -17.60 11.19 129.21
CA SER H 148 -17.89 12.59 128.99
C SER H 148 -16.64 13.45 128.96
N LYS H 149 -15.86 13.46 130.05
CA LYS H 149 -14.73 14.38 130.17
C LYS H 149 -13.75 13.84 131.20
N GLU H 150 -12.56 13.46 130.75
CA GLU H 150 -11.46 13.06 131.62
C GLU H 150 -11.90 12.04 132.67
N ASP H 151 -12.67 11.05 132.23
CA ASP H 151 -13.13 9.98 133.11
C ASP H 151 -12.11 8.86 133.18
N ASP H 152 -10.86 9.21 133.48
CA ASP H 152 -9.71 8.34 133.27
C ASP H 152 -9.74 7.75 131.86
N VAL H 153 -9.75 8.64 130.88
CA VAL H 153 -9.86 8.22 129.50
C VAL H 153 -8.65 7.41 129.05
N ARG H 154 -7.54 7.49 129.77
CA ARG H 154 -6.37 6.70 129.42
C ARG H 154 -6.62 5.21 129.66
N GLN H 155 -7.25 4.87 130.80
CA GLN H 155 -7.36 3.47 131.20
C GLN H 155 -8.21 2.66 130.25
N TYR H 156 -9.31 3.23 129.75
CA TYR H 156 -10.25 2.49 128.92
C TYR H 156 -9.73 2.44 127.47
N VAL H 157 -8.74 1.58 127.28
CA VAL H 157 -8.19 1.28 125.97
C VAL H 157 -8.18 -0.24 125.81
N VAL H 158 -8.50 -0.72 124.61
CA VAL H 158 -8.67 -2.15 124.39
C VAL H 158 -7.31 -2.84 124.44
N ARG H 159 -7.18 -3.84 125.31
CA ARG H 159 -5.97 -4.63 125.39
C ARG H 159 -6.03 -5.78 124.39
N LYS H 160 -4.88 -6.14 123.85
CA LYS H 160 -4.83 -7.21 122.86
C LYS H 160 -4.10 -8.42 123.42
N PRO H 161 -4.78 -9.53 123.65
CA PRO H 161 -4.11 -10.73 124.13
C PRO H 161 -3.31 -11.41 123.03
N LEU H 162 -2.14 -11.93 123.39
CA LEU H 162 -1.27 -12.62 122.44
C LEU H 162 -0.70 -13.84 123.17
N ASN H 163 -1.22 -15.02 122.83
CA ASN H 163 -1.01 -16.24 123.60
C ASN H 163 -0.46 -17.38 122.73
N LYS H 164 0.60 -17.09 121.98
CA LYS H 164 1.24 -18.13 121.19
C LYS H 164 2.03 -19.07 122.11
N GLU H 165 2.26 -20.29 121.60
CA GLU H 165 2.88 -21.32 122.42
C GLU H 165 4.37 -21.07 122.65
N GLY H 166 5.01 -20.27 121.80
CA GLY H 166 6.43 -20.04 121.91
C GLY H 166 6.86 -18.92 122.81
N LYS H 167 5.95 -18.39 123.63
CA LYS H 167 6.26 -17.23 124.47
C LYS H 167 5.18 -17.10 125.54
N LYS H 168 5.53 -16.40 126.62
CA LYS H 168 4.55 -16.11 127.65
C LYS H 168 3.53 -15.10 127.13
N PRO H 169 2.24 -15.35 127.38
CA PRO H 169 1.21 -14.44 126.85
C PRO H 169 1.40 -13.02 127.37
N ARG H 170 1.14 -12.05 126.50
CA ARG H 170 1.30 -10.64 126.83
C ARG H 170 0.07 -9.88 126.37
N THR H 171 0.16 -8.55 126.47
CA THR H 171 -0.91 -7.65 126.08
C THR H 171 -0.36 -6.54 125.19
N LYS H 172 -1.19 -6.04 124.31
CA LYS H 172 -0.84 -4.95 123.42
C LYS H 172 -1.98 -3.94 123.40
N ALA H 173 -1.64 -2.66 123.26
CA ALA H 173 -2.63 -1.60 123.26
C ALA H 173 -2.32 -0.57 122.19
N PRO H 174 -3.34 0.10 121.65
CA PRO H 174 -3.09 1.14 120.65
C PRO H 174 -2.44 2.37 121.26
N LYS H 175 -1.74 3.11 120.43
CA LYS H 175 -1.28 4.45 120.78
C LYS H 175 -2.43 5.41 120.52
N ILE H 176 -3.05 5.90 121.59
CA ILE H 176 -4.27 6.69 121.47
C ILE H 176 -3.94 8.03 120.84
N GLN H 177 -4.66 8.36 119.76
CA GLN H 177 -4.32 9.50 118.92
C GLN H 177 -5.29 10.65 119.14
N ARG H 178 -4.80 11.87 118.90
CA ARG H 178 -5.54 13.11 119.15
C ARG H 178 -5.94 13.23 120.62
N LEU H 179 -5.13 12.68 121.51
CA LEU H 179 -5.36 12.77 122.94
C LEU H 179 -4.62 13.97 123.50
N VAL H 180 -5.33 14.80 124.26
CA VAL H 180 -4.71 15.96 124.86
C VAL H 180 -3.64 15.50 125.86
N THR H 181 -2.45 16.08 125.75
CA THR H 181 -1.26 15.66 126.47
C THR H 181 -0.52 16.89 126.96
N PRO H 182 0.23 16.80 128.06
CA PRO H 182 1.11 17.91 128.43
C PRO H 182 2.04 18.36 127.32
N ARG H 183 2.36 17.47 126.36
CA ARG H 183 3.22 17.86 125.26
C ARG H 183 2.52 18.83 124.29
N VAL H 184 1.29 18.52 123.89
CA VAL H 184 0.62 19.33 122.88
C VAL H 184 0.29 20.71 123.44
N LEU H 185 -0.04 20.79 124.72
CA LEU H 185 -0.20 22.10 125.35
C LEU H 185 1.11 22.88 125.34
N GLN H 186 2.23 22.18 125.57
CA GLN H 186 3.53 22.82 125.46
C GLN H 186 3.77 23.35 124.05
N HIS H 187 3.37 22.57 123.03
CA HIS H 187 3.46 23.06 121.66
C HIS H 187 2.57 24.27 121.44
N LYS H 188 1.36 24.23 121.99
CA LYS H 188 0.52 25.43 121.99
C LYS H 188 1.16 26.55 122.78
N ARG H 189 1.77 26.21 123.93
CA ARG H 189 2.48 27.21 124.71
C ARG H 189 3.69 27.74 123.95
N ARG H 190 4.40 26.87 123.24
CA ARG H 190 5.53 27.33 122.44
C ARG H 190 5.06 28.19 121.27
N ARG H 191 3.95 27.81 120.63
CA ARG H 191 3.44 28.60 119.52
C ARG H 191 3.07 30.02 119.97
N ILE H 192 2.38 30.13 121.10
CA ILE H 192 1.99 31.43 121.60
C ILE H 192 3.22 32.21 122.06
N ALA H 193 4.19 31.51 122.67
CA ALA H 193 5.42 32.16 123.07
C ALA H 193 6.17 32.73 121.87
N LEU H 194 6.12 32.02 120.74
CA LEU H 194 6.69 32.58 119.51
C LEU H 194 5.84 33.74 119.00
N LYS H 195 4.53 33.70 119.26
CA LYS H 195 3.66 34.80 118.85
C LYS H 195 4.05 36.10 119.54
N LYS H 196 4.32 36.04 120.85
CA LYS H 196 4.66 37.25 121.59
C LYS H 196 6.08 37.71 121.29
N GLN H 197 7.03 36.77 121.24
CA GLN H 197 8.42 37.16 121.04
C GLN H 197 8.66 37.72 119.64
N ARG H 198 7.77 37.41 118.69
CA ARG H 198 7.84 38.01 117.37
C ARG H 198 6.98 39.26 117.28
N THR H 199 6.14 39.51 118.29
CA THR H 199 5.30 40.70 118.30
C THR H 199 6.00 41.87 118.98
N LYS H 200 6.68 41.63 120.10
CA LYS H 200 7.41 42.71 120.75
C LYS H 200 8.66 43.08 119.96
N LYS H 201 9.20 42.13 119.19
CA LYS H 201 10.31 42.45 118.31
C LYS H 201 9.90 43.46 117.25
N ASN H 202 8.71 43.27 116.67
CA ASN H 202 8.23 44.21 115.66
C ASN H 202 7.95 45.58 116.26
N LYS H 203 7.43 45.62 117.49
CA LYS H 203 7.17 46.89 118.15
C LYS H 203 8.48 47.61 118.49
N GLU H 204 9.43 46.88 119.08
CA GLU H 204 10.68 47.50 119.51
C GLU H 204 11.53 47.91 118.31
N GLU H 205 11.46 47.14 117.20
CA GLU H 205 12.25 47.48 116.04
C GLU H 205 11.65 48.67 115.30
N ALA H 206 10.33 48.83 115.37
CA ALA H 206 9.70 50.02 114.81
C ALA H 206 10.05 51.26 115.63
N ALA H 207 10.05 51.14 116.95
CA ALA H 207 10.41 52.27 117.81
C ALA H 207 11.87 52.67 117.61
N GLU H 208 12.76 51.68 117.47
CA GLU H 208 14.17 51.99 117.27
C GLU H 208 14.40 52.74 115.96
N TYR H 209 13.75 52.30 114.88
CA TYR H 209 13.92 52.96 113.59
C TYR H 209 13.41 54.40 113.62
N ALA H 210 12.26 54.62 114.26
CA ALA H 210 11.77 55.99 114.41
C ALA H 210 12.75 56.84 115.20
N LYS H 211 13.34 56.25 116.24
CA LYS H 211 14.37 56.96 117.00
C LYS H 211 15.57 57.27 116.11
N LEU H 212 15.99 56.32 115.29
CA LEU H 212 17.01 56.61 114.28
C LEU H 212 16.50 57.63 113.27
N LEU H 213 15.26 57.45 112.79
CA LEU H 213 14.66 58.42 111.89
C LEU H 213 14.44 59.76 112.57
N ALA H 214 14.25 59.78 113.89
CA ALA H 214 14.21 61.05 114.61
C ALA H 214 15.62 61.63 114.76
N LYS H 215 16.60 60.79 115.08
CA LYS H 215 17.98 61.25 115.09
C LYS H 215 18.41 61.69 113.70
N ARG H 216 18.02 60.94 112.68
CA ARG H 216 18.16 61.40 111.31
C ARG H 216 17.09 62.45 111.01
N MET H 217 17.21 63.07 109.83
CA MET H 217 16.22 64.01 109.32
C MET H 217 16.19 65.27 110.18
N LYS H 218 16.92 65.26 111.30
CA LYS H 218 17.09 66.44 112.13
C LYS H 218 18.41 67.15 111.85
N GLU H 219 19.49 66.39 111.62
CA GLU H 219 20.70 66.97 111.09
C GLU H 219 20.49 67.45 109.66
N ALA H 220 19.61 66.78 108.91
CA ALA H 220 19.20 67.30 107.60
C ALA H 220 18.44 68.61 107.75
N LYS H 221 17.61 68.73 108.79
CA LYS H 221 17.03 70.03 109.11
C LYS H 221 18.09 71.03 109.54
N GLU H 222 19.14 70.56 110.22
CA GLU H 222 20.27 71.43 110.52
C GLU H 222 20.94 71.92 109.25
N LYS H 223 21.14 71.03 108.27
CA LYS H 223 21.68 71.45 106.98
C LYS H 223 20.75 72.46 106.32
N ARG H 224 19.44 72.23 106.41
CA ARG H 224 18.48 73.22 105.91
C ARG H 224 18.60 74.53 106.69
N GLN H 225 18.71 74.44 108.01
CA GLN H 225 18.94 75.64 108.82
C GLN H 225 20.32 76.22 108.57
N GLU H 226 21.33 75.37 108.30
CA GLU H 226 22.62 75.89 107.87
C GLU H 226 22.49 76.58 106.52
N GLN H 227 21.69 76.00 105.62
CA GLN H 227 21.34 76.71 104.40
C GLN H 227 20.55 77.97 104.73
N ILE H 228 19.66 77.89 105.73
CA ILE H 228 18.97 79.08 106.22
C ILE H 228 19.97 80.05 106.84
N ALA H 229 20.95 79.51 107.59
CA ALA H 229 21.99 80.37 108.14
C ALA H 229 22.84 80.98 107.04
N LYS H 230 22.94 80.32 105.89
CA LYS H 230 23.76 80.85 104.79
C LYS H 230 23.06 82.01 104.10
N ARG H 231 21.75 81.90 103.87
CA ARG H 231 21.06 82.90 103.07
C ARG H 231 20.92 84.22 103.83
N ARG H 232 20.54 84.16 105.11
CA ARG H 232 20.35 85.36 105.90
C ARG H 232 21.65 85.96 106.43
N ARG H 233 22.77 85.25 106.28
CA ARG H 233 24.05 85.70 106.83
C ARG H 233 24.53 86.98 106.16
N LEU H 234 24.46 87.05 104.82
CA LEU H 234 25.18 88.09 104.08
C LEU H 234 24.35 88.46 102.85
N SER H 235 23.88 89.70 102.81
CA SER H 235 23.10 90.20 101.69
C SER H 235 23.56 91.55 101.18
N SER H 236 24.56 92.16 101.82
CA SER H 236 25.01 93.50 101.46
C SER H 236 26.51 93.58 101.21
N LEU H 237 27.27 92.58 101.63
CA LEU H 237 28.72 92.58 101.45
C LEU H 237 29.13 91.55 100.40
N PRO I 1 30.14 11.27 79.89
CA PRO I 1 29.95 9.83 79.95
C PRO I 1 31.19 9.02 80.32
N VAL I 2 32.37 9.61 80.17
CA VAL I 2 33.62 8.88 80.39
C VAL I 2 34.66 9.85 80.92
N ALA I 3 35.39 9.42 81.95
CA ALA I 3 36.35 10.26 82.65
C ALA I 3 37.77 10.10 82.10
N ARG I 4 37.90 9.83 80.80
CA ARG I 4 39.19 9.70 80.16
C ARG I 4 39.57 11.03 79.49
N SER I 5 40.75 11.09 78.89
CA SER I 5 41.32 12.34 78.40
C SER I 5 41.28 12.47 76.88
N TRP I 6 41.85 11.50 76.15
CA TRP I 6 41.96 11.50 74.69
C TRP I 6 42.98 12.53 74.17
N VAL I 7 43.66 13.25 75.05
CA VAL I 7 44.63 14.25 74.64
C VAL I 7 45.94 13.53 74.32
N CYS I 8 46.31 13.54 73.05
CA CYS I 8 47.53 12.87 72.60
C CYS I 8 48.05 13.60 71.36
N ARG I 9 49.33 13.40 71.07
CA ARG I 9 49.93 13.97 69.87
C ARG I 9 51.07 13.09 69.41
N LYS I 10 51.46 13.27 68.16
CA LYS I 10 52.63 12.61 67.59
C LYS I 10 53.88 13.39 67.96
N THR I 11 54.98 12.66 68.12
CA THR I 11 56.28 13.26 68.41
C THR I 11 57.19 13.30 67.18
N TYR I 12 56.71 12.86 66.02
CA TYR I 12 57.53 12.74 64.83
C TYR I 12 56.72 13.13 63.61
N VAL I 13 57.43 13.48 62.53
CA VAL I 13 56.84 13.71 61.22
C VAL I 13 57.73 13.06 60.18
N THR I 14 57.14 12.27 59.29
CA THR I 14 57.91 11.65 58.23
C THR I 14 58.30 12.67 57.17
N PRO I 15 59.41 12.46 56.45
CA PRO I 15 59.78 13.40 55.39
C PRO I 15 58.79 13.34 54.24
N ARG I 16 58.67 14.49 53.55
CA ARG I 16 57.74 14.58 52.43
C ARG I 16 58.23 13.75 51.24
N ARG I 17 59.54 13.75 51.00
CA ARG I 17 60.09 13.13 49.80
C ARG I 17 60.82 11.85 50.16
N PRO I 18 60.29 10.68 49.79
CA PRO I 18 61.00 9.43 50.06
C PRO I 18 62.02 9.11 48.97
N PHE I 19 63.01 8.30 49.34
CA PHE I 19 63.98 7.72 48.41
C PHE I 19 64.86 8.79 47.78
N GLU I 20 65.22 9.81 48.56
CA GLU I 20 66.26 10.75 48.16
C GLU I 20 67.55 10.40 48.89
N LYS I 21 68.62 10.21 48.12
CA LYS I 21 69.84 9.61 48.67
C LYS I 21 70.47 10.48 49.75
N SER I 22 70.51 11.80 49.53
CA SER I 22 71.21 12.68 50.45
C SER I 22 70.60 12.62 51.85
N ARG I 23 69.27 12.66 51.92
CA ARG I 23 68.61 12.59 53.22
C ARG I 23 68.73 11.21 53.84
N LEU I 24 68.78 10.17 53.00
CA LEU I 24 68.89 8.80 53.52
C LEU I 24 70.18 8.61 54.30
N ASP I 25 71.32 8.98 53.70
CA ASP I 25 72.59 8.74 54.36
C ASP I 25 72.85 9.75 55.46
N GLN I 26 72.20 10.92 55.41
CA GLN I 26 72.33 11.90 56.49
C GLN I 26 71.71 11.38 57.78
N GLU I 27 70.52 10.77 57.69
CA GLU I 27 69.92 10.15 58.86
C GLU I 27 70.72 8.93 59.32
N LEU I 28 71.19 8.12 58.36
CA LEU I 28 71.86 6.87 58.70
C LEU I 28 73.17 7.13 59.43
N LYS I 29 73.88 8.19 59.06
CA LYS I 29 75.08 8.58 59.80
C LYS I 29 74.74 8.90 61.24
N LEU I 30 73.63 9.60 61.47
CA LEU I 30 73.21 9.95 62.82
C LEU I 30 72.87 8.71 63.63
N ILE I 31 72.20 7.74 63.01
CA ILE I 31 71.79 6.53 63.72
C ILE I 31 73.02 5.75 64.19
N GLY I 32 73.97 5.52 63.28
CA GLY I 32 75.16 4.78 63.64
C GLY I 32 76.04 5.52 64.63
N GLU I 33 76.09 6.84 64.51
CA GLU I 33 76.90 7.64 65.43
C GLU I 33 76.28 7.72 66.82
N TYR I 34 74.97 7.51 66.94
CA TYR I 34 74.30 7.65 68.22
C TYR I 34 73.59 6.39 68.68
N GLY I 35 73.74 5.28 67.97
CA GLY I 35 73.15 4.02 68.42
C GLY I 35 71.63 4.04 68.50
N LEU I 36 70.97 4.56 67.48
CA LEU I 36 69.52 4.68 67.49
C LEU I 36 68.87 3.41 66.93
N ARG I 37 67.59 3.24 67.26
CA ARG I 37 66.86 2.05 66.84
C ARG I 37 66.35 2.18 65.41
N ASN I 38 65.71 3.31 65.09
CA ASN I 38 65.16 3.54 63.77
C ASN I 38 65.18 5.05 63.49
N LYS I 39 64.65 5.43 62.33
CA LYS I 39 64.63 6.84 61.97
C LYS I 39 63.46 7.61 62.58
N ARG I 40 62.53 6.93 63.22
CA ARG I 40 61.50 7.64 63.98
C ARG I 40 62.14 8.44 65.10
N GLU I 41 63.15 7.87 65.76
CA GLU I 41 63.92 8.63 66.75
C GLU I 41 64.68 9.77 66.11
N VAL I 42 65.19 9.56 64.90
CA VAL I 42 65.78 10.67 64.14
C VAL I 42 64.71 11.72 63.84
N TRP I 43 63.54 11.27 63.39
CA TRP I 43 62.46 12.21 63.08
C TRP I 43 61.86 12.81 64.34
N ARG I 44 61.92 12.08 65.45
CA ARG I 44 61.40 12.61 66.71
C ARG I 44 62.18 13.83 67.17
N VAL I 45 63.52 13.74 67.15
CA VAL I 45 64.33 14.87 67.59
C VAL I 45 64.29 15.99 66.54
N LYS I 46 64.15 15.63 65.27
CA LYS I 46 63.98 16.63 64.23
C LYS I 46 62.67 17.40 64.43
N PHE I 47 61.59 16.70 64.79
CA PHE I 47 60.34 17.36 65.12
C PHE I 47 60.51 18.24 66.35
N THR I 48 61.27 17.77 67.34
CA THR I 48 61.49 18.55 68.55
C THR I 48 62.23 19.85 68.25
N LEU I 49 63.29 19.77 67.44
CA LEU I 49 64.03 20.98 67.09
C LEU I 49 63.18 21.91 66.24
N ALA I 50 62.39 21.36 65.32
CA ALA I 50 61.53 22.19 64.47
C ALA I 50 60.53 22.97 65.31
N LYS I 51 59.93 22.33 66.31
CA LYS I 51 59.00 23.03 67.19
C LYS I 51 59.71 24.14 67.97
N ILE I 52 60.90 23.85 68.49
CA ILE I 52 61.67 24.88 69.19
C ILE I 52 62.08 25.98 68.22
N ARG I 53 62.47 25.61 67.00
CA ARG I 53 62.79 26.60 65.99
C ARG I 53 61.57 27.42 65.61
N LYS I 54 60.41 26.77 65.49
CA LYS I 54 59.17 27.52 65.24
C LYS I 54 58.85 28.43 66.41
N ALA I 55 59.09 27.97 67.63
CA ALA I 55 58.85 28.82 68.81
C ALA I 55 59.75 30.05 68.78
N ALA I 56 61.03 29.87 68.44
CA ALA I 56 61.96 31.01 68.43
C ALA I 56 61.61 32.02 67.35
N ARG I 57 61.29 31.54 66.14
CA ARG I 57 61.03 32.45 65.04
C ARG I 57 59.78 33.28 65.27
N GLU I 58 58.72 32.66 65.80
CA GLU I 58 57.50 33.38 66.12
C GLU I 58 57.66 34.32 67.30
N LEU I 59 58.80 34.26 68.00
CA LEU I 59 59.12 35.27 69.00
C LEU I 59 60.08 36.32 68.46
N LEU I 60 60.94 35.94 67.51
CA LEU I 60 61.90 36.89 66.95
C LEU I 60 61.20 37.93 66.08
N THR I 61 60.11 37.55 65.41
CA THR I 61 59.39 38.49 64.58
C THR I 61 58.52 39.44 65.41
N LEU I 62 58.39 39.19 66.70
CA LEU I 62 57.63 40.08 67.57
C LEU I 62 58.50 41.24 68.05
N ASP I 63 57.84 42.34 68.39
CA ASP I 63 58.54 43.53 68.84
C ASP I 63 59.25 43.29 70.16
N GLU I 64 60.39 43.96 70.33
CA GLU I 64 61.11 43.92 71.60
C GLU I 64 60.31 44.67 72.67
N LYS I 65 60.70 44.46 73.92
CA LYS I 65 60.08 45.05 75.10
C LYS I 65 58.64 44.60 75.30
N ASP I 66 58.21 43.55 74.58
CA ASP I 66 56.88 43.00 74.76
C ASP I 66 56.88 42.04 75.95
N PRO I 67 55.99 42.24 76.93
CA PRO I 67 56.00 41.34 78.10
C PRO I 67 55.85 39.87 77.77
N ARG I 68 55.15 39.53 76.69
CA ARG I 68 55.06 38.13 76.28
C ARG I 68 56.37 37.65 75.67
N ARG I 69 56.98 38.47 74.79
CA ARG I 69 58.23 38.07 74.15
C ARG I 69 59.33 37.86 75.18
N LEU I 70 59.43 38.76 76.16
CA LEU I 70 60.44 38.61 77.20
C LEU I 70 60.17 37.38 78.05
N PHE I 71 58.93 37.20 78.50
CA PHE I 71 58.61 36.08 79.38
C PHE I 71 58.75 34.76 78.65
N GLU I 72 58.23 34.67 77.42
CA GLU I 72 58.39 33.45 76.64
C GLU I 72 59.82 33.30 76.13
N GLY I 73 60.52 34.41 75.92
CA GLY I 73 61.91 34.32 75.50
C GLY I 73 62.80 33.71 76.56
N ASN I 74 62.67 34.16 77.80
CA ASN I 74 63.50 33.60 78.87
C ASN I 74 63.12 32.16 79.15
N ALA I 75 61.83 31.84 79.12
CA ALA I 75 61.38 30.50 79.45
C ALA I 75 61.94 29.47 78.48
N LEU I 76 61.96 29.81 77.19
CA LEU I 76 62.58 28.92 76.21
C LEU I 76 64.10 28.86 76.40
N LEU I 77 64.74 30.01 76.55
CA LEU I 77 66.20 30.04 76.73
C LEU I 77 66.60 29.35 78.02
N ARG I 78 65.83 29.53 79.09
CA ARG I 78 66.14 28.87 80.35
C ARG I 78 66.01 27.35 80.21
N ARG I 79 65.02 26.88 79.46
CA ARG I 79 64.86 25.45 79.27
C ARG I 79 65.98 24.86 78.43
N LEU I 80 66.37 25.56 77.36
CA LEU I 80 67.45 25.07 76.50
C LEU I 80 68.77 25.01 77.24
N VAL I 81 69.04 26.01 78.09
CA VAL I 81 70.25 25.99 78.90
C VAL I 81 70.10 25.06 80.09
N ARG I 82 68.89 24.59 80.38
CA ARG I 82 68.69 23.61 81.45
C ARG I 82 68.91 22.18 80.99
N ILE I 83 68.48 21.86 79.77
CA ILE I 83 68.72 20.52 79.23
C ILE I 83 70.18 20.34 78.86
N GLY I 84 70.87 21.45 78.56
CA GLY I 84 72.29 21.41 78.30
C GLY I 84 72.70 21.50 76.84
N VAL I 85 71.75 21.73 75.93
CA VAL I 85 72.07 21.86 74.51
C VAL I 85 72.57 23.25 74.14
N LEU I 86 72.48 24.21 75.05
CA LEU I 86 72.72 25.61 74.73
C LEU I 86 73.55 26.25 75.82
N ASP I 87 74.54 27.05 75.41
CA ASP I 87 75.52 27.59 76.33
C ASP I 87 74.93 28.72 77.18
N GLU I 88 75.38 28.79 78.43
CA GLU I 88 74.88 29.80 79.36
C GLU I 88 75.23 31.21 78.91
N GLY I 89 76.29 31.37 78.12
CA GLY I 89 76.67 32.67 77.61
C GLY I 89 75.97 33.09 76.34
N LYS I 90 75.02 32.28 75.87
CA LYS I 90 74.29 32.57 74.64
C LYS I 90 72.81 32.67 75.00
N MET I 91 72.40 33.83 75.49
CA MET I 91 71.06 34.01 76.03
C MET I 91 70.21 34.90 75.14
N LYS I 92 70.36 34.76 73.83
CA LYS I 92 69.56 35.49 72.86
C LYS I 92 68.79 34.52 71.99
N LEU I 93 67.61 34.95 71.53
CA LEU I 93 66.75 34.09 70.74
C LEU I 93 67.34 33.76 69.36
N ASP I 94 68.26 34.59 68.86
CA ASP I 94 68.87 34.28 67.58
C ASP I 94 69.69 32.99 67.66
N TYR I 95 70.38 32.77 68.77
CA TYR I 95 71.23 31.60 68.93
C TYR I 95 70.44 30.30 68.90
N ILE I 96 69.15 30.33 69.19
CA ILE I 96 68.34 29.12 69.10
C ILE I 96 68.23 28.65 67.66
N LEU I 97 68.11 29.59 66.72
CA LEU I 97 67.98 29.23 65.31
C LEU I 97 69.19 28.48 64.78
N GLY I 98 70.38 28.73 65.33
CA GLY I 98 71.57 28.03 64.91
C GLY I 98 71.79 26.67 65.54
N LEU I 99 70.89 26.25 66.43
CA LEU I 99 71.00 24.94 67.07
C LEU I 99 70.72 23.83 66.07
N LYS I 100 71.36 22.68 66.28
CA LYS I 100 71.21 21.54 65.41
C LYS I 100 70.52 20.40 66.17
N ILE I 101 70.40 19.24 65.52
CA ILE I 101 69.83 18.07 66.18
C ILE I 101 70.90 17.20 66.82
N GLU I 102 72.15 17.31 66.37
CA GLU I 102 73.22 16.49 66.93
C GLU I 102 73.49 16.86 68.38
N ASP I 103 73.46 18.15 68.70
CA ASP I 103 73.62 18.54 70.10
C ASP I 103 72.44 18.07 70.95
N PHE I 104 71.23 18.01 70.38
CA PHE I 104 70.11 17.43 71.09
C PHE I 104 70.31 15.94 71.34
N LEU I 105 70.80 15.21 70.34
CA LEU I 105 71.08 13.80 70.51
C LEU I 105 72.27 13.55 71.44
N GLU I 106 73.15 14.54 71.60
CA GLU I 106 74.28 14.37 72.51
C GLU I 106 73.83 14.33 73.96
N ARG I 107 72.70 14.96 74.28
CA ARG I 107 72.20 15.02 75.64
C ARG I 107 71.41 13.77 76.03
N ARG I 108 71.24 12.82 75.13
CA ARG I 108 70.55 11.59 75.45
C ARG I 108 71.29 10.84 76.56
N LEU I 109 70.52 10.07 77.33
CA LEU I 109 71.13 9.24 78.38
C LEU I 109 72.02 8.16 77.79
N GLN I 110 71.65 7.62 76.62
CA GLN I 110 72.46 6.58 75.99
C GLN I 110 73.84 7.11 75.60
N THR I 111 73.89 8.31 75.03
CA THR I 111 75.17 8.86 74.62
C THR I 111 75.97 9.38 75.81
N GLN I 112 75.28 9.92 76.81
CA GLN I 112 75.97 10.44 78.00
C GLN I 112 76.61 9.34 78.84
N VAL I 113 75.99 8.17 78.95
CA VAL I 113 76.62 7.05 79.63
C VAL I 113 77.79 6.49 78.84
N PHE I 114 77.71 6.51 77.49
CA PHE I 114 78.79 5.96 76.69
C PHE I 114 80.03 6.84 76.74
N LYS I 115 79.85 8.16 76.65
CA LYS I 115 80.99 9.08 76.71
C LYS I 115 81.59 9.19 78.10
N LEU I 116 80.80 8.96 79.15
CA LEU I 116 81.30 9.00 80.51
C LEU I 116 81.98 7.69 80.93
N GLY I 117 82.16 6.77 80.00
CA GLY I 117 82.95 5.58 80.24
C GLY I 117 82.27 4.46 80.99
N LEU I 118 80.99 4.63 81.36
CA LEU I 118 80.30 3.55 82.05
C LEU I 118 79.99 2.40 81.11
N ALA I 119 80.06 2.63 79.79
CA ALA I 119 79.83 1.57 78.81
C ALA I 119 80.45 2.01 77.50
N LYS I 120 81.42 1.25 77.01
CA LYS I 120 81.99 1.48 75.70
C LYS I 120 80.98 1.12 74.61
N SER I 121 81.28 1.55 73.38
CA SER I 121 80.57 1.05 72.19
C SER I 121 79.06 1.35 72.29
N ILE I 122 78.74 2.62 72.07
CA ILE I 122 77.48 3.26 72.46
C ILE I 122 76.26 2.37 72.30
N HIS I 123 76.28 1.45 71.32
CA HIS I 123 75.23 0.43 71.26
C HIS I 123 75.20 -0.40 72.53
N HIS I 124 76.39 -0.76 73.06
CA HIS I 124 76.45 -1.44 74.34
C HIS I 124 75.87 -0.56 75.45
N ALA I 125 76.04 0.75 75.33
CA ALA I 125 75.45 1.66 76.31
C ALA I 125 73.92 1.60 76.28
N ARG I 126 73.33 1.57 75.07
CA ARG I 126 71.87 1.52 74.98
C ARG I 126 71.32 0.25 75.60
N VAL I 127 71.92 -0.90 75.27
CA VAL I 127 71.42 -2.15 75.81
C VAL I 127 71.61 -2.18 77.32
N LEU I 128 72.68 -1.58 77.83
CA LEU I 128 72.91 -1.56 79.27
C LEU I 128 71.83 -0.76 79.99
N ILE I 129 71.35 0.32 79.37
CA ILE I 129 70.32 1.14 80.01
C ILE I 129 69.01 0.38 80.12
N ARG I 130 68.60 -0.27 79.02
CA ARG I 130 67.39 -1.08 79.05
C ARG I 130 67.51 -2.26 80.01
N GLN I 131 68.73 -2.71 80.28
CA GLN I 131 68.98 -3.83 81.17
C GLN I 131 68.92 -3.44 82.64
N ARG I 132 68.52 -2.20 82.93
CA ARG I 132 68.35 -1.71 84.30
C ARG I 132 69.67 -1.77 85.08
N HIS I 133 70.68 -1.13 84.51
CA HIS I 133 72.02 -1.06 85.08
C HIS I 133 72.42 0.34 85.49
N ILE I 134 71.98 1.36 84.76
CA ILE I 134 72.44 2.74 84.97
C ILE I 134 71.34 3.51 85.68
N ARG I 135 71.70 4.26 86.71
CA ARG I 135 70.76 5.08 87.46
C ARG I 135 71.18 6.54 87.39
N VAL I 136 70.17 7.42 87.36
CA VAL I 136 70.34 8.83 87.67
C VAL I 136 70.30 8.93 89.19
N ARG I 137 70.59 10.11 89.73
CA ARG I 137 71.04 10.31 91.11
C ARG I 137 70.46 9.31 92.11
N LYS I 138 69.14 9.18 92.16
CA LYS I 138 68.52 8.20 93.05
C LYS I 138 67.38 7.44 92.40
N GLN I 139 67.17 7.57 91.09
CA GLN I 139 66.16 6.83 90.35
C GLN I 139 66.87 6.02 89.26
N VAL I 140 66.45 4.79 89.07
CA VAL I 140 66.97 3.96 88.00
C VAL I 140 66.09 4.15 86.76
N VAL I 141 66.71 4.21 85.60
CA VAL I 141 66.03 4.50 84.34
C VAL I 141 66.44 3.47 83.31
N ASN I 142 65.45 2.93 82.59
CA ASN I 142 65.70 2.17 81.37
C ASN I 142 65.03 2.91 80.21
N ILE I 143 65.67 3.98 79.76
CA ILE I 143 65.15 4.85 78.71
C ILE I 143 66.34 5.47 77.99
N PRO I 144 66.68 4.99 76.79
CA PRO I 144 67.79 5.62 76.04
C PRO I 144 67.51 7.05 75.64
N SER I 145 66.24 7.46 75.54
CA SER I 145 65.89 8.82 75.12
C SER I 145 65.80 9.80 76.27
N PHE I 146 66.12 9.36 77.49
CA PHE I 146 66.14 10.24 78.66
C PHE I 146 67.05 11.44 78.44
N ILE I 147 66.49 12.63 78.46
CA ILE I 147 67.29 13.85 78.26
C ILE I 147 67.87 14.28 79.59
N VAL I 148 69.19 14.40 79.65
CA VAL I 148 69.91 14.62 80.88
C VAL I 148 70.23 16.10 81.02
N ARG I 149 69.84 16.68 82.15
CA ARG I 149 70.18 18.07 82.46
C ARG I 149 71.58 18.16 83.04
N LEU I 150 72.09 19.39 83.12
CA LEU I 150 73.44 19.59 83.67
C LEU I 150 73.49 19.30 85.16
N ASP I 151 72.42 19.62 85.89
CA ASP I 151 72.38 19.36 87.32
C ASP I 151 72.44 17.88 87.64
N SER I 152 71.84 17.04 86.80
CA SER I 152 71.86 15.58 86.97
C SER I 152 72.98 14.93 86.19
N GLN I 153 73.83 15.71 85.51
CA GLN I 153 74.91 15.16 84.71
C GLN I 153 75.90 14.39 85.57
N LYS I 154 76.29 14.95 86.71
CA LYS I 154 77.28 14.33 87.59
C LYS I 154 76.65 13.31 88.52
N HIS I 155 75.49 12.76 88.16
CA HIS I 155 74.79 11.81 89.02
C HIS I 155 74.45 10.51 88.29
N ILE I 156 75.07 10.25 87.15
CA ILE I 156 74.82 9.02 86.41
C ILE I 156 75.82 7.97 86.89
N ASP I 157 75.33 7.02 87.67
CA ASP I 157 76.14 5.91 88.17
C ASP I 157 75.46 4.59 87.84
N PHE I 158 76.14 3.48 88.11
CA PHE I 158 75.49 2.17 88.04
C PHE I 158 74.51 2.02 89.20
N SER I 159 73.52 1.15 89.00
CA SER I 159 72.54 0.92 90.05
C SER I 159 73.07 -0.10 91.06
N LEU I 160 72.55 -0.01 92.29
CA LEU I 160 73.02 -0.88 93.36
C LEU I 160 72.69 -2.34 93.09
N ARG I 161 71.48 -2.63 92.63
CA ARG I 161 71.11 -4.00 92.31
C ARG I 161 71.86 -4.56 91.12
N SER I 162 72.37 -3.70 90.23
CA SER I 162 73.10 -4.15 89.06
C SER I 162 74.45 -4.75 89.46
N PRO I 163 74.92 -5.76 88.72
CA PRO I 163 76.23 -6.35 89.04
C PRO I 163 77.38 -5.55 88.43
N TYR I 164 77.33 -4.24 88.57
CA TYR I 164 78.43 -3.38 88.18
C TYR I 164 78.76 -2.46 89.34
N GLY I 165 77.77 -2.24 90.20
CA GLY I 165 77.95 -1.57 91.46
C GLY I 165 77.94 -2.58 92.60
N GLY I 166 76.79 -2.74 93.25
CA GLY I 166 76.63 -3.70 94.31
C GLY I 166 76.78 -5.13 93.84
N GLY I 167 76.50 -6.06 94.75
CA GLY I 167 76.69 -7.46 94.49
C GLY I 167 75.59 -8.10 93.66
N ARG I 168 75.23 -9.33 94.02
CA ARG I 168 74.22 -10.13 93.32
C ARG I 168 74.54 -10.26 91.84
N PRO I 169 75.53 -11.06 91.47
CA PRO I 169 75.81 -11.27 90.04
C PRO I 169 74.64 -11.93 89.33
N GLY I 170 74.54 -11.66 88.03
CA GLY I 170 73.41 -12.11 87.24
C GLY I 170 73.23 -13.62 87.15
N ARG I 171 72.19 -14.05 86.44
CA ARG I 171 71.82 -15.47 86.45
C ARG I 171 72.87 -16.34 85.77
N VAL I 172 73.62 -15.79 84.81
CA VAL I 172 74.64 -16.61 84.13
C VAL I 172 75.81 -16.89 85.07
N LYS I 173 76.24 -15.90 85.85
CA LYS I 173 77.31 -16.12 86.81
C LYS I 173 76.91 -17.17 87.84
N ARG I 174 75.69 -17.08 88.36
CA ARG I 174 75.24 -18.00 89.40
C ARG I 174 75.20 -19.43 88.87
N LYS I 175 74.64 -19.63 87.68
CA LYS I 175 74.55 -20.98 87.13
C LYS I 175 75.94 -21.57 86.85
N ASN I 176 76.84 -20.76 86.29
CA ASN I 176 78.19 -21.24 86.03
C ASN I 176 78.95 -21.52 87.31
N ALA I 177 78.77 -20.66 88.33
CA ALA I 177 79.39 -20.91 89.63
C ALA I 177 78.80 -22.16 90.28
N LYS I 178 77.49 -22.34 90.18
CA LYS I 178 76.86 -23.53 90.75
C LYS I 178 77.36 -24.79 90.06
N LYS I 179 77.53 -24.73 88.74
CA LYS I 179 78.09 -25.86 88.01
C LYS I 179 79.53 -26.15 88.44
N GLY I 180 80.32 -25.09 88.65
CA GLY I 180 81.70 -25.28 89.06
C GLY I 180 81.84 -25.90 90.44
N GLN I 181 80.96 -25.52 91.36
CA GLN I 181 80.98 -26.10 92.70
C GLN I 181 80.40 -27.51 92.73
N GLY I 182 79.62 -27.89 91.71
CA GLY I 182 79.09 -29.24 91.64
C GLY I 182 80.08 -30.21 91.02
N GLY I 183 81.21 -29.69 90.55
CA GLY I 183 82.25 -30.50 89.95
C GLY I 183 83.43 -30.80 90.85
N ALA I 184 83.33 -30.49 92.14
CA ALA I 184 84.41 -30.74 93.08
C ALA I 184 83.81 -31.01 94.46
N GLY I 185 84.65 -30.99 95.49
CA GLY I 185 84.21 -31.23 96.84
C GLY I 185 85.30 -31.00 97.87
N ASN J 1 63.37 -7.12 107.91
CA ASN J 1 63.55 -6.56 109.24
C ASN J 1 64.92 -5.92 109.39
N ASP J 2 65.86 -6.32 108.53
CA ASP J 2 67.21 -5.79 108.61
C ASP J 2 67.28 -4.32 108.21
N THR J 3 66.67 -3.98 107.07
CA THR J 3 66.67 -2.60 106.57
C THR J 3 65.29 -2.28 106.01
N VAL J 4 64.41 -1.74 106.85
CA VAL J 4 63.11 -1.24 106.44
C VAL J 4 62.76 -0.06 107.35
N THR J 5 62.50 1.10 106.75
CA THR J 5 62.26 2.32 107.52
C THR J 5 60.98 2.98 107.07
N ILE J 6 60.41 3.78 107.96
CA ILE J 6 59.18 4.53 107.71
C ILE J 6 59.48 6.00 107.87
N ARG J 7 59.11 6.80 106.86
CA ARG J 7 59.12 8.25 106.98
C ARG J 7 57.72 8.78 106.77
N THR J 8 57.42 9.90 107.42
CA THR J 8 56.10 10.52 107.38
C THR J 8 56.24 11.96 106.88
N ARG J 9 55.29 12.39 106.06
CA ARG J 9 55.26 13.76 105.58
C ARG J 9 53.81 14.17 105.36
N LYS J 10 53.59 15.48 105.29
CA LYS J 10 52.25 16.05 105.14
C LYS J 10 51.32 15.57 106.25
N PHE J 11 51.81 15.66 107.49
CA PHE J 11 51.07 15.19 108.66
C PHE J 11 50.12 16.29 109.12
N MET J 12 48.82 15.99 109.12
CA MET J 12 47.80 16.94 109.55
C MET J 12 46.81 16.23 110.46
N THR J 13 46.64 16.75 111.67
CA THR J 13 45.68 16.21 112.61
C THR J 13 44.38 17.01 112.54
N ASN J 14 43.25 16.32 112.69
CA ASN J 14 41.95 16.98 112.62
C ASN J 14 40.98 16.26 113.54
N ARG J 15 40.50 16.95 114.56
CA ARG J 15 39.41 16.42 115.35
C ARG J 15 38.08 16.49 114.63
N LEU J 16 38.11 17.01 113.41
CA LEU J 16 36.95 16.97 112.54
C LEU J 16 36.56 15.52 112.24
N LEU J 17 37.56 14.67 112.01
CA LEU J 17 37.35 13.25 111.75
C LEU J 17 37.94 12.37 112.85
N GLN J 18 38.39 12.97 113.95
CA GLN J 18 38.90 12.22 115.11
C GLN J 18 40.11 11.37 114.71
N ARG J 19 41.05 11.99 114.00
CA ARG J 19 42.21 11.26 113.51
C ARG J 19 43.30 12.24 113.15
N LYS J 20 44.51 11.71 112.99
CA LYS J 20 45.62 12.43 112.37
C LYS J 20 46.01 11.63 111.13
N GLN J 21 45.91 12.27 109.97
CA GLN J 21 46.16 11.61 108.70
C GLN J 21 47.47 12.08 108.11
N MET J 22 48.14 11.19 107.38
CA MET J 22 49.45 11.49 106.83
C MET J 22 49.73 10.54 105.67
N VAL J 23 50.70 10.94 104.84
CA VAL J 23 51.26 10.08 103.81
C VAL J 23 52.61 9.60 104.31
N ILE J 24 52.89 8.32 104.09
CA ILE J 24 54.10 7.70 104.64
C ILE J 24 54.89 7.04 103.52
N ASP J 25 56.17 6.84 103.78
CA ASP J 25 57.09 6.22 102.83
C ASP J 25 57.80 5.05 103.51
N VAL J 26 57.80 3.90 102.85
CA VAL J 26 58.39 2.69 103.38
C VAL J 26 59.48 2.20 102.43
N LEU J 27 60.67 1.97 103.00
CA LEU J 27 61.86 1.65 102.21
C LEU J 27 62.21 0.18 102.34
N HIS J 28 62.64 -0.40 101.23
CA HIS J 28 63.02 -1.79 101.12
C HIS J 28 63.94 -1.95 99.92
N PRO J 29 65.22 -1.58 100.03
CA PRO J 29 66.06 -1.50 98.82
C PRO J 29 66.23 -2.81 98.07
N GLY J 30 66.27 -3.93 98.78
CA GLY J 30 66.47 -5.22 98.13
C GLY J 30 65.29 -6.16 98.29
N LYS J 31 64.29 -5.72 99.05
CA LYS J 31 63.12 -6.53 99.36
C LYS J 31 61.91 -5.98 98.63
N ALA J 32 60.90 -6.83 98.47
CA ALA J 32 59.67 -6.42 97.83
C ALA J 32 58.96 -5.36 98.66
N THR J 33 57.91 -4.77 98.07
CA THR J 33 57.10 -3.82 98.82
C THR J 33 56.54 -4.50 100.05
N VAL J 34 56.95 -4.05 101.23
CA VAL J 34 56.66 -4.80 102.45
C VAL J 34 55.15 -4.86 102.67
N PRO J 35 54.63 -5.92 103.29
CA PRO J 35 53.17 -5.99 103.49
C PRO J 35 52.70 -4.93 104.46
N LYS J 36 51.40 -4.66 104.39
CA LYS J 36 50.81 -3.66 105.28
C LYS J 36 50.86 -4.07 106.75
N THR J 37 50.87 -5.38 107.03
CA THR J 37 50.78 -5.85 108.42
C THR J 37 51.96 -5.34 109.25
N GLU J 38 53.18 -5.45 108.74
CA GLU J 38 54.32 -4.88 109.44
C GLU J 38 54.37 -3.37 109.31
N ILE J 39 53.73 -2.80 108.29
CA ILE J 39 53.61 -1.34 108.22
C ILE J 39 52.76 -0.84 109.39
N ARG J 40 51.65 -1.54 109.68
CA ARG J 40 50.76 -1.11 110.75
C ARG J 40 51.48 -1.15 112.10
N GLU J 41 52.18 -2.24 112.41
CA GLU J 41 52.82 -2.37 113.71
C GLU J 41 53.98 -1.39 113.85
N LYS J 42 54.83 -1.31 112.83
CA LYS J 42 55.99 -0.42 112.91
C LYS J 42 55.58 1.04 113.05
N LEU J 43 54.53 1.45 112.34
CA LEU J 43 53.98 2.79 112.55
C LEU J 43 53.39 2.93 113.94
N ALA J 44 52.77 1.87 114.45
CA ALA J 44 52.23 1.89 115.81
C ALA J 44 53.33 1.98 116.85
N LYS J 45 54.43 1.26 116.64
CA LYS J 45 55.54 1.31 117.59
C LYS J 45 56.10 2.72 117.71
N MET J 46 56.32 3.38 116.57
CA MET J 46 56.88 4.73 116.59
C MET J 46 55.92 5.76 117.14
N TYR J 47 54.60 5.55 116.98
CA TYR J 47 53.60 6.44 117.53
C TYR J 47 53.10 6.02 118.89
N LYS J 48 53.61 4.89 119.43
CA LYS J 48 53.20 4.37 120.74
C LYS J 48 51.70 4.11 120.80
N THR J 49 51.14 3.66 119.69
CA THR J 49 49.75 3.20 119.67
C THR J 49 49.71 1.70 119.41
N THR J 50 48.53 1.11 119.40
CA THR J 50 48.41 -0.31 119.19
C THR J 50 47.88 -0.60 117.78
N PRO J 51 48.50 -1.55 117.05
CA PRO J 51 48.20 -1.75 115.62
C PRO J 51 46.86 -2.45 115.33
N ASP J 52 45.76 -1.85 115.81
CA ASP J 52 44.44 -2.19 115.30
C ASP J 52 43.75 -0.87 114.97
N VAL J 53 44.43 0.23 115.26
CA VAL J 53 43.93 1.57 114.97
C VAL J 53 44.50 2.11 113.66
N ILE J 54 45.68 1.64 113.24
CA ILE J 54 46.30 2.13 112.02
C ILE J 54 45.56 1.56 110.81
N PHE J 55 45.30 2.42 109.83
CA PHE J 55 44.68 2.02 108.58
C PHE J 55 45.48 2.58 107.42
N VAL J 56 46.19 1.70 106.71
CA VAL J 56 47.06 2.09 105.61
C VAL J 56 46.50 1.58 104.30
N PHE J 57 46.70 2.35 103.24
CA PHE J 57 46.12 2.06 101.94
C PHE J 57 46.93 2.79 100.87
N GLY J 58 46.68 2.42 99.62
CA GLY J 58 47.22 3.13 98.48
C GLY J 58 48.73 3.12 98.37
N PHE J 59 49.34 1.95 98.51
CA PHE J 59 50.79 1.82 98.44
C PHE J 59 51.19 1.56 96.99
N ARG J 60 51.92 2.51 96.39
CA ARG J 60 52.43 2.36 95.04
C ARG J 60 53.95 2.52 95.07
N THR J 61 54.65 1.53 94.55
CA THR J 61 56.10 1.49 94.58
C THR J 61 56.70 2.30 93.44
N HIS J 62 57.83 2.95 93.73
CA HIS J 62 58.55 3.71 92.72
C HIS J 62 59.24 2.75 91.75
N PHE J 63 59.74 3.30 90.65
CA PHE J 63 60.44 2.48 89.67
C PHE J 63 61.76 1.98 90.23
N GLY J 64 62.12 0.75 89.85
CA GLY J 64 63.34 0.16 90.35
C GLY J 64 63.28 -0.20 91.81
N GLY J 65 62.08 -0.36 92.36
CA GLY J 65 61.94 -0.71 93.76
C GLY J 65 62.40 0.40 94.68
N GLY J 66 62.65 0.02 95.93
CA GLY J 66 63.12 0.97 96.92
C GLY J 66 61.99 1.66 97.63
N LYS J 67 61.69 2.90 97.24
CA LYS J 67 60.67 3.69 97.91
C LYS J 67 59.28 3.18 97.57
N THR J 68 58.38 3.26 98.55
CA THR J 68 56.97 2.98 98.36
C THR J 68 56.18 4.01 99.14
N THR J 69 55.22 4.66 98.48
CA THR J 69 54.45 5.74 99.09
C THR J 69 52.99 5.32 99.26
N GLY J 70 52.41 5.76 100.38
CA GLY J 70 51.02 5.49 100.67
C GLY J 70 50.54 6.36 101.80
N PHE J 71 49.22 6.46 101.92
CA PHE J 71 48.57 7.30 102.92
C PHE J 71 48.33 6.48 104.18
N GLY J 72 48.66 7.07 105.33
CA GLY J 72 48.41 6.45 106.61
C GLY J 72 47.32 7.18 107.38
N MET J 73 46.63 6.44 108.24
CA MET J 73 45.51 6.99 109.00
C MET J 73 45.60 6.46 110.43
N ILE J 74 45.97 7.33 111.37
CA ILE J 74 45.91 7.03 112.79
C ILE J 74 44.48 7.25 113.27
N TYR J 75 44.16 6.79 114.47
CA TYR J 75 42.87 7.08 115.09
C TYR J 75 43.02 7.19 116.59
N ASP J 76 42.13 7.96 117.20
CA ASP J 76 42.12 8.13 118.65
C ASP J 76 41.63 6.89 119.39
N SER J 77 40.65 6.18 118.83
CA SER J 77 40.14 4.97 119.45
C SER J 77 39.61 4.03 118.38
N LEU J 78 39.46 2.76 118.76
CA LEU J 78 38.98 1.75 117.82
C LEU J 78 37.53 2.00 117.43
N ASP J 79 36.67 2.35 118.40
CA ASP J 79 35.26 2.59 118.08
C ASP J 79 35.09 3.82 117.22
N TYR J 80 35.94 4.84 117.40
CA TYR J 80 35.89 6.00 116.53
C TYR J 80 36.25 5.63 115.10
N ALA J 81 37.24 4.74 114.92
CA ALA J 81 37.60 4.29 113.58
C ALA J 81 36.45 3.53 112.93
N LYS J 82 35.78 2.65 113.69
CA LYS J 82 34.68 1.89 113.13
C LYS J 82 33.50 2.77 112.73
N LYS J 83 33.37 3.94 113.36
CA LYS J 83 32.30 4.87 112.99
C LYS J 83 32.55 5.48 111.62
N ASN J 84 33.64 6.24 111.47
CA ASN J 84 33.88 7.05 110.27
C ASN J 84 35.10 6.50 109.53
N GLU J 85 34.87 5.47 108.72
CA GLU J 85 35.89 4.84 107.90
C GLU J 85 35.15 4.03 106.85
N PRO J 86 35.62 3.98 105.60
CA PRO J 86 34.95 3.17 104.59
C PRO J 86 34.88 1.71 105.02
N LYS J 87 33.75 1.07 104.71
CA LYS J 87 33.50 -0.28 105.22
C LYS J 87 34.41 -1.32 104.60
N HIS J 88 35.02 -1.05 103.46
CA HIS J 88 35.96 -2.03 102.90
C HIS J 88 37.24 -2.11 103.73
N ARG J 89 37.74 -0.97 104.22
CA ARG J 89 38.91 -0.98 105.08
C ARG J 89 38.65 -1.76 106.37
N LEU J 90 37.40 -1.74 106.86
CA LEU J 90 37.08 -2.52 108.05
C LEU J 90 37.06 -4.01 107.75
N ALA J 91 36.78 -4.38 106.50
CA ALA J 91 36.73 -5.79 106.12
C ALA J 91 38.08 -6.32 105.68
N ARG J 92 39.08 -5.46 105.48
CA ARG J 92 40.42 -5.94 105.11
C ARG J 92 41.03 -6.77 106.22
N HIS J 93 41.28 -6.15 107.37
CA HIS J 93 41.54 -6.88 108.62
C HIS J 93 40.21 -7.00 109.33
N GLY J 94 39.75 -8.23 109.53
CA GLY J 94 38.36 -8.46 109.89
C GLY J 94 37.90 -7.74 111.13
N LEU J 95 37.13 -6.68 110.93
CA LEU J 95 36.47 -5.86 111.93
C LEU J 95 34.99 -5.67 111.64
N TYR J 96 34.61 -5.58 110.37
CA TYR J 96 33.23 -5.54 109.93
C TYR J 96 33.01 -6.71 108.98
N GLU J 97 31.97 -7.51 109.24
CA GLU J 97 31.73 -8.70 108.44
C GLU J 97 30.92 -8.33 107.20
N LYS J 98 31.47 -8.66 106.04
CA LYS J 98 30.79 -8.45 104.76
C LYS J 98 30.27 -9.80 104.28
N LYS J 99 28.96 -9.94 104.21
CA LYS J 99 28.33 -11.13 103.63
C LYS J 99 27.02 -10.68 102.99
N LYS J 100 27.08 -10.39 101.70
CA LYS J 100 25.93 -9.90 100.95
C LYS J 100 25.81 -10.69 99.65
N THR J 101 24.58 -10.80 99.17
CA THR J 101 24.34 -11.41 97.87
C THR J 101 24.72 -10.44 96.76
N SER J 102 24.87 -10.98 95.55
CA SER J 102 25.23 -10.15 94.41
C SER J 102 24.08 -9.22 94.05
N ARG J 103 24.41 -8.17 93.30
CA ARG J 103 23.40 -7.20 92.89
C ARG J 103 22.35 -7.82 91.96
N LYS J 104 22.68 -8.92 91.28
CA LYS J 104 21.77 -9.49 90.31
C LYS J 104 20.51 -10.03 90.96
N GLN J 105 20.67 -10.88 91.98
CA GLN J 105 19.50 -11.43 92.66
C GLN J 105 18.82 -10.39 93.54
N ARG J 106 19.57 -9.41 94.02
CA ARG J 106 18.94 -8.29 94.73
C ARG J 106 18.00 -7.54 93.79
N LYS J 107 18.41 -7.34 92.55
CA LYS J 107 17.54 -6.69 91.57
C LYS J 107 16.41 -7.62 91.15
N GLU J 108 16.67 -8.93 91.07
CA GLU J 108 15.60 -9.88 90.79
C GLU J 108 14.57 -9.89 91.91
N ARG J 109 15.04 -9.91 93.17
CA ARG J 109 14.13 -9.95 94.30
C ARG J 109 13.26 -8.70 94.35
N LYS J 110 13.87 -7.53 94.13
CA LYS J 110 13.11 -6.29 94.19
C LYS J 110 12.05 -6.23 93.10
N ASN J 111 12.39 -6.65 91.88
CA ASN J 111 11.40 -6.63 90.80
C ASN J 111 10.30 -7.66 91.03
N ARG J 112 10.65 -8.82 91.58
CA ARG J 112 9.64 -9.80 91.95
C ARG J 112 8.72 -9.25 93.05
N MET J 113 9.30 -8.51 94.00
CA MET J 113 8.48 -7.90 95.05
C MET J 113 7.48 -6.91 94.47
N LYS J 114 7.85 -6.23 93.38
CA LYS J 114 6.95 -5.27 92.76
C LYS J 114 5.77 -5.97 92.06
N LYS J 115 5.92 -7.27 91.78
CA LYS J 115 4.83 -8.02 91.15
C LYS J 115 3.71 -8.27 92.13
N VAL J 116 4.04 -8.44 93.42
CA VAL J 116 3.03 -8.74 94.43
C VAL J 116 2.73 -7.47 95.23
N ARG J 117 1.44 -7.21 95.42
CA ARG J 117 0.98 -6.00 96.07
C ARG J 117 0.56 -6.29 97.51
N GLY J 118 1.03 -5.46 98.44
CA GLY J 118 0.50 -5.43 99.78
C GLY J 118 0.92 -6.56 100.70
N THR J 119 0.44 -7.77 100.41
CA THR J 119 0.50 -8.87 101.38
C THR J 119 1.93 -9.19 101.76
N ALA J 120 2.30 -8.85 103.00
CA ALA J 120 3.66 -9.11 103.48
C ALA J 120 3.97 -10.59 103.55
N LYS J 121 2.96 -11.42 103.80
CA LYS J 121 3.18 -12.87 103.79
C LYS J 121 3.70 -13.33 102.44
N ALA J 122 3.17 -12.78 101.35
CA ALA J 122 3.70 -13.04 100.03
C ALA J 122 4.99 -12.27 99.76
N ASN J 123 5.13 -11.07 100.33
CA ASN J 123 6.36 -10.31 100.15
C ASN J 123 7.57 -11.02 100.73
N VAL J 124 7.36 -11.88 101.73
CA VAL J 124 8.41 -12.77 102.21
C VAL J 124 8.31 -14.16 101.60
N GLY J 125 7.17 -14.52 101.01
CA GLY J 125 7.00 -15.79 100.37
C GLY J 125 7.33 -15.76 98.89
N ALA J 126 7.55 -14.57 98.35
CA ALA J 126 7.90 -14.41 96.95
C ALA J 126 9.33 -14.85 96.64
N GLY J 127 10.23 -14.75 97.61
CA GLY J 127 11.62 -15.07 97.37
C GLY J 127 12.05 -16.44 97.86
N LYS J 128 11.10 -17.36 97.99
CA LYS J 128 11.39 -18.70 98.47
C LYS J 128 11.46 -19.73 97.36
N LYS J 129 10.41 -19.85 96.53
CA LYS J 129 10.46 -20.80 95.43
C LYS J 129 11.55 -20.50 94.41
N PRO J 130 11.67 -19.26 93.87
CA PRO J 130 12.80 -18.99 92.95
C PRO J 130 14.08 -18.56 93.67
N LYS J 131 14.75 -19.54 94.26
CA LYS J 131 15.99 -19.28 95.00
C LYS J 131 17.14 -18.99 94.06
N VAL K 1 32.28 -14.93 26.21
CA VAL K 1 33.53 -15.65 26.41
C VAL K 1 33.74 -16.66 25.29
N HIS K 2 34.94 -16.65 24.70
CA HIS K 2 35.29 -17.59 23.64
C HIS K 2 35.95 -18.86 24.20
N GLY K 3 35.99 -19.02 25.52
CA GLY K 3 36.73 -20.13 26.09
C GLY K 3 38.23 -19.96 26.00
N SER K 4 38.74 -18.78 26.33
CA SER K 4 40.18 -18.50 26.27
C SER K 4 40.79 -18.30 27.64
N LEU K 5 40.11 -18.72 28.71
CA LEU K 5 40.67 -18.66 30.06
C LEU K 5 41.17 -20.02 30.54
N ALA K 6 41.29 -21.00 29.64
CA ALA K 6 41.75 -22.33 30.04
C ALA K 6 43.19 -22.31 30.53
N ARG K 7 44.02 -21.41 30.02
CA ARG K 7 45.42 -21.34 30.40
C ARG K 7 45.66 -20.39 31.56
N ALA K 8 44.67 -20.16 32.41
CA ALA K 8 44.87 -19.33 33.59
C ALA K 8 45.83 -20.02 34.55
N GLY K 9 46.77 -19.25 35.11
CA GLY K 9 47.76 -19.78 36.01
C GLY K 9 48.69 -20.78 35.36
N LYS K 10 49.07 -20.51 34.12
CA LYS K 10 49.88 -21.47 33.37
C LYS K 10 51.35 -21.41 33.75
N VAL K 11 51.94 -20.21 33.76
CA VAL K 11 53.37 -20.09 34.00
C VAL K 11 53.71 -20.49 35.43
N ARG K 12 52.85 -20.17 36.40
CA ARG K 12 53.16 -20.49 37.79
C ARG K 12 53.26 -21.98 38.02
N GLY K 13 52.40 -22.77 37.36
CA GLY K 13 52.54 -24.22 37.46
C GLY K 13 53.74 -24.74 36.69
N GLN K 14 54.16 -24.02 35.66
CA GLN K 14 55.27 -24.48 34.83
C GLN K 14 56.63 -24.27 35.48
N THR K 15 56.78 -23.25 36.32
CA THR K 15 58.09 -23.00 36.93
C THR K 15 58.45 -24.14 37.88
N PRO K 16 59.67 -24.66 37.81
CA PRO K 16 60.09 -25.68 38.76
C PRO K 16 60.11 -25.13 40.18
N LYS K 17 59.69 -25.97 41.12
CA LYS K 17 59.52 -25.57 42.51
C LYS K 17 60.83 -25.80 43.25
N VAL K 18 61.81 -24.93 43.00
CA VAL K 18 63.03 -24.92 43.79
C VAL K 18 62.71 -24.38 45.17
N ALA K 19 63.51 -24.76 46.15
CA ALA K 19 63.20 -24.49 47.54
C ALA K 19 64.03 -23.33 48.09
N LYS K 20 63.55 -22.78 49.20
CA LYS K 20 64.24 -21.73 49.94
C LYS K 20 65.24 -22.41 50.88
N GLN K 21 66.52 -22.35 50.53
CA GLN K 21 67.53 -23.00 51.37
C GLN K 21 67.68 -22.24 52.69
N GLU K 22 68.07 -22.98 53.72
CA GLU K 22 68.24 -22.40 55.04
C GLU K 22 69.32 -21.32 55.04
N LYS K 23 69.06 -20.23 55.75
CA LYS K 23 69.97 -19.11 55.83
C LYS K 23 70.10 -18.66 57.27
N LYS K 24 71.18 -17.91 57.54
CA LYS K 24 71.42 -17.42 58.89
C LYS K 24 70.35 -16.43 59.30
N LYS K 25 70.04 -16.42 60.60
CA LYS K 25 69.01 -15.54 61.11
C LYS K 25 69.46 -14.09 61.00
N LYS K 26 68.67 -13.27 60.32
CA LYS K 26 69.05 -11.89 60.05
C LYS K 26 68.76 -11.01 61.27
N LYS K 27 69.76 -10.21 61.63
CA LYS K 27 69.67 -9.32 62.78
C LYS K 27 68.74 -8.14 62.47
N THR K 28 67.86 -7.82 63.42
CA THR K 28 66.80 -6.85 63.21
C THR K 28 66.82 -5.77 64.27
N GLY K 29 66.24 -4.62 63.93
CA GLY K 29 66.07 -3.54 64.88
C GLY K 29 67.21 -2.55 64.95
N ARG K 30 67.58 -2.15 66.17
CA ARG K 30 68.69 -1.22 66.35
C ARG K 30 69.98 -1.78 65.81
N ALA K 31 70.24 -3.06 66.09
CA ALA K 31 71.51 -3.65 65.70
C ALA K 31 71.58 -3.91 64.21
N LYS K 32 70.41 -4.04 63.55
CA LYS K 32 70.41 -4.09 62.08
C LYS K 32 70.92 -2.78 61.49
N ARG K 33 70.48 -1.65 62.03
CA ARG K 33 70.98 -0.37 61.56
C ARG K 33 72.48 -0.24 61.79
N ARG K 34 73.00 -0.95 62.80
CA ARG K 34 74.44 -0.97 63.05
C ARG K 34 75.19 -1.60 61.88
N MET K 35 74.67 -2.72 61.37
CA MET K 35 75.36 -3.43 60.29
C MET K 35 75.37 -2.60 59.01
N GLN K 36 74.23 -2.00 58.65
CA GLN K 36 74.16 -1.24 57.41
C GLN K 36 74.85 0.10 57.51
N TYR K 37 74.95 0.65 58.73
CA TYR K 37 75.77 1.85 58.90
C TYR K 37 77.25 1.53 58.76
N ASN K 38 77.68 0.40 59.31
CA ASN K 38 79.08 0.03 59.23
C ASN K 38 79.46 -0.46 57.83
N ARG K 39 78.48 -1.01 57.10
CA ARG K 39 78.79 -1.60 55.80
C ARG K 39 79.09 -0.53 54.76
N ARG K 40 78.30 0.55 54.75
CA ARG K 40 78.37 1.53 53.67
C ARG K 40 78.95 2.87 54.07
N PHE K 41 79.31 3.06 55.35
CA PHE K 41 79.92 4.33 55.77
C PHE K 41 81.38 4.15 56.19
N VAL K 42 81.66 3.30 57.18
CA VAL K 42 83.02 3.18 57.72
C VAL K 42 83.70 2.06 56.94
N ASN K 43 84.19 2.41 55.76
CA ASN K 43 85.07 1.57 54.96
C ASN K 43 85.56 2.39 53.78
N VAL K 44 86.74 2.04 53.27
CA VAL K 44 87.28 2.65 52.06
C VAL K 44 87.86 1.53 51.21
N VAL K 45 87.24 1.27 50.07
CA VAL K 45 87.72 0.21 49.18
C VAL K 45 88.99 0.69 48.47
N PRO K 46 90.09 -0.06 48.53
CA PRO K 46 91.33 0.39 47.87
C PRO K 46 91.23 0.30 46.35
N THR K 47 90.59 -0.75 45.85
CA THR K 47 90.39 -0.92 44.43
C THR K 47 89.37 0.09 43.91
N PHE K 48 89.54 0.49 42.64
CA PHE K 48 88.55 1.30 41.96
C PHE K 48 87.41 0.41 41.49
N GLY K 49 86.59 0.92 40.57
CA GLY K 49 85.35 0.25 40.21
C GLY K 49 84.22 1.22 39.93
N LYS K 50 84.52 2.51 40.04
CA LYS K 50 83.61 3.58 39.63
C LYS K 50 82.32 3.56 40.44
N LYS K 51 82.47 3.52 41.78
CA LYS K 51 81.36 3.54 42.72
C LYS K 51 80.34 2.44 42.39
N LYS K 52 80.82 1.21 42.51
CA LYS K 52 80.00 0.03 42.24
C LYS K 52 78.76 0.05 43.12
N GLY K 53 77.63 -0.36 42.55
CA GLY K 53 76.37 -0.37 43.25
C GLY K 53 76.34 -1.37 44.38
N PRO K 54 75.43 -1.17 45.35
CA PRO K 54 75.35 -2.09 46.49
C PRO K 54 75.03 -3.51 46.10
N ASN K 55 74.20 -3.71 45.08
CA ASN K 55 73.87 -5.04 44.59
C ASN K 55 74.40 -5.26 43.17
N ALA K 56 75.51 -4.60 42.84
CA ALA K 56 76.11 -4.77 41.53
C ALA K 56 76.50 -6.23 41.33
N ASN K 57 76.08 -6.80 40.21
CA ASN K 57 76.27 -8.21 39.92
C ASN K 57 77.35 -8.34 38.85
N SER K 58 78.49 -8.90 39.24
CA SER K 58 79.63 -9.04 38.34
C SER K 58 79.62 -10.41 37.65
N GLY L 1 85.22 78.90 27.99
CA GLY L 1 86.53 78.27 28.10
C GLY L 1 87.19 78.51 29.44
N ALA L 2 87.41 77.42 30.19
CA ALA L 2 88.03 77.55 31.51
C ALA L 2 89.45 78.08 31.41
N LEU L 3 90.23 77.59 30.45
CA LEU L 3 91.62 77.99 30.28
C LEU L 3 91.76 78.89 29.06
N ASP L 4 92.51 79.97 29.21
CA ASP L 4 92.78 80.86 28.08
C ASP L 4 93.79 80.25 27.11
N VAL L 5 94.70 79.41 27.62
CA VAL L 5 95.64 78.73 26.73
C VAL L 5 94.91 77.69 25.88
N LEU L 6 94.02 76.93 26.50
CA LEU L 6 93.28 75.87 25.81
C LEU L 6 92.04 76.46 25.12
N GLN L 7 92.30 77.43 24.24
CA GLN L 7 91.25 78.20 23.61
C GLN L 7 91.16 77.87 22.13
N MET L 8 90.24 78.55 21.45
CA MET L 8 89.99 78.24 20.03
C MET L 8 91.21 78.53 19.18
N LYS L 9 91.91 79.65 19.45
CA LYS L 9 93.03 80.09 18.61
C LYS L 9 92.53 80.33 17.18
N GLU L 10 91.82 81.46 17.04
CA GLU L 10 90.93 81.79 15.93
C GLU L 10 91.44 81.37 14.56
N GLU L 11 92.77 81.30 14.39
CA GLU L 11 93.32 80.71 13.18
C GLU L 11 92.80 79.30 12.95
N ASP L 12 92.46 78.58 14.04
CA ASP L 12 91.88 77.25 13.90
C ASP L 12 90.51 77.29 13.25
N VAL L 13 89.68 78.27 13.59
CA VAL L 13 88.35 78.35 12.99
C VAL L 13 88.46 78.64 11.50
N LEU L 14 89.51 79.38 11.09
CA LEU L 14 89.77 79.54 9.67
C LEU L 14 90.11 78.19 9.04
N LYS L 15 90.89 77.38 9.75
CA LYS L 15 91.17 76.01 9.31
C LYS L 15 89.96 75.11 9.47
N PHE L 16 88.89 75.61 10.09
CA PHE L 16 87.71 74.80 10.39
C PHE L 16 86.60 75.06 9.39
N LEU L 17 86.31 76.33 9.11
CA LEU L 17 85.25 76.66 8.18
C LEU L 17 85.62 76.27 6.75
N ALA L 18 86.88 76.48 6.37
CA ALA L 18 87.31 76.23 5.00
C ALA L 18 87.19 74.76 4.61
N ALA L 19 87.48 73.83 5.51
CA ALA L 19 87.36 72.41 5.25
C ALA L 19 85.94 71.89 5.44
N GLY L 20 84.96 72.79 5.46
CA GLY L 20 83.58 72.40 5.71
C GLY L 20 83.34 72.11 7.17
N THR L 21 83.08 70.84 7.49
CA THR L 21 82.94 70.30 8.85
C THR L 21 82.13 71.20 9.77
N HIS L 22 81.18 71.95 9.21
CA HIS L 22 80.14 72.59 10.01
C HIS L 22 78.78 72.51 9.33
N LEU L 23 78.67 71.81 8.20
CA LEU L 23 77.41 71.54 7.54
C LEU L 23 77.12 70.05 7.64
N GLY L 24 75.99 69.70 8.26
CA GLY L 24 75.65 68.31 8.49
C GLY L 24 74.24 67.92 8.08
N GLY L 25 73.76 68.45 6.97
CA GLY L 25 72.40 68.19 6.55
C GLY L 25 72.19 66.76 6.09
N THR L 26 70.92 66.39 5.97
CA THR L 26 69.76 67.23 6.26
C THR L 26 68.97 66.69 7.45
N ASN L 27 69.31 65.49 7.90
CA ASN L 27 68.66 64.87 9.03
C ASN L 27 69.39 65.18 10.32
N LEU L 28 68.68 65.01 11.44
CA LEU L 28 69.25 65.28 12.76
C LEU L 28 68.80 64.19 13.72
N ASP L 29 69.77 63.62 14.44
CA ASP L 29 69.47 62.63 15.47
C ASP L 29 69.10 63.33 16.77
N PHE L 30 68.13 62.75 17.49
CA PHE L 30 67.65 63.37 18.72
C PHE L 30 68.74 63.43 19.78
N GLN L 31 69.74 62.56 19.70
CA GLN L 31 70.88 62.64 20.61
C GLN L 31 71.90 63.66 20.14
N MET L 32 71.72 64.26 18.98
CA MET L 32 72.63 65.26 18.46
C MET L 32 72.00 66.64 18.39
N GLU L 33 70.83 66.83 19.00
CA GLU L 33 70.15 68.12 18.93
C GLU L 33 70.95 69.20 19.64
N GLN L 34 71.61 68.88 20.76
CA GLN L 34 72.31 69.91 21.51
C GLN L 34 73.51 70.47 20.76
N TYR L 35 74.17 69.66 19.93
CA TYR L 35 75.33 70.13 19.20
C TYR L 35 74.99 71.00 18.01
N ILE L 36 73.74 70.98 17.55
CA ILE L 36 73.31 71.74 16.39
C ILE L 36 73.10 73.19 16.81
N TYR L 37 73.59 74.12 16.00
CA TYR L 37 73.30 75.53 16.26
C TYR L 37 71.91 75.91 15.77
N LYS L 38 71.67 75.76 14.46
CA LYS L 38 70.36 76.00 13.89
C LYS L 38 70.34 75.40 12.50
N ARG L 39 69.15 75.32 11.89
CA ARG L 39 69.02 74.74 10.57
C ARG L 39 68.99 75.82 9.50
N LYS L 40 69.76 75.63 8.43
CA LYS L 40 69.77 76.57 7.33
C LYS L 40 68.46 76.49 6.55
N SER L 41 68.16 77.56 5.80
CA SER L 41 67.00 77.54 4.91
C SER L 41 67.22 76.62 3.72
N ASP L 42 68.46 76.21 3.46
CA ASP L 42 68.75 75.21 2.46
C ASP L 42 68.41 73.80 2.94
N GLY L 43 68.19 73.62 4.25
CA GLY L 43 67.88 72.33 4.83
C GLY L 43 69.02 71.72 5.64
N ILE L 44 70.21 72.28 5.56
CA ILE L 44 71.39 71.75 6.24
C ILE L 44 71.44 72.29 7.66
N TYR L 45 71.76 71.42 8.61
CA TYR L 45 71.91 71.80 10.00
C TYR L 45 73.30 72.39 10.22
N ILE L 46 73.36 73.49 10.97
CA ILE L 46 74.62 74.10 11.34
C ILE L 46 75.04 73.57 12.70
N ILE L 47 76.30 73.18 12.82
CA ILE L 47 76.84 72.61 14.05
C ILE L 47 77.71 73.64 14.75
N ASN L 48 77.49 73.81 16.04
CA ASN L 48 78.28 74.74 16.83
C ASN L 48 79.74 74.32 16.85
N LEU L 49 80.61 75.18 16.33
CA LEU L 49 82.02 74.83 16.26
C LEU L 49 82.64 74.80 17.65
N LYS L 50 82.14 75.65 18.56
CA LYS L 50 82.57 75.59 19.95
C LYS L 50 82.19 74.26 20.57
N ARG L 51 80.99 73.77 20.28
CA ARG L 51 80.56 72.47 20.78
C ARG L 51 81.48 71.36 20.29
N THR L 52 81.82 71.39 19.00
CA THR L 52 82.76 70.42 18.45
C THR L 52 84.13 70.58 19.08
N TRP L 53 84.58 71.81 19.29
CA TRP L 53 85.92 72.05 19.80
C TRP L 53 86.07 71.52 21.22
N GLU L 54 85.02 71.62 22.04
CA GLU L 54 85.10 71.08 23.39
C GLU L 54 85.02 69.56 23.37
N LYS L 55 84.14 68.99 22.54
CA LYS L 55 84.06 67.53 22.46
C LYS L 55 85.34 66.95 21.86
N LEU L 56 85.98 67.67 20.94
CA LEU L 56 87.31 67.27 20.49
C LEU L 56 88.32 67.41 21.62
N LEU L 57 88.23 68.48 22.40
CA LEU L 57 89.12 68.65 23.55
C LEU L 57 88.86 67.57 24.59
N LEU L 58 87.58 67.25 24.84
CA LEU L 58 87.26 66.18 25.76
C LEU L 58 87.78 64.84 25.26
N ALA L 59 87.70 64.60 23.94
CA ALA L 59 88.20 63.35 23.38
C ALA L 59 89.71 63.23 23.54
N ALA L 60 90.43 64.32 23.32
CA ALA L 60 91.88 64.28 23.42
C ALA L 60 92.33 63.95 24.85
N ARG L 61 91.62 64.48 25.85
CA ARG L 61 91.95 64.15 27.23
C ARG L 61 91.81 62.66 27.50
N ALA L 62 90.78 62.04 26.93
CA ALA L 62 90.62 60.59 27.07
C ALA L 62 91.77 59.85 26.39
N ILE L 63 92.18 60.31 25.21
CA ILE L 63 93.26 59.64 24.50
C ILE L 63 94.56 59.70 25.30
N VAL L 64 94.90 60.89 25.80
CA VAL L 64 96.12 61.08 26.58
C VAL L 64 96.06 60.42 27.93
N ALA L 65 94.85 60.16 28.45
CA ALA L 65 94.72 59.59 29.79
C ALA L 65 95.41 58.25 29.91
N ILE L 66 95.49 57.49 28.81
CA ILE L 66 96.20 56.23 28.85
C ILE L 66 97.65 56.45 28.44
N GLU L 67 98.57 55.87 29.21
CA GLU L 67 99.99 56.12 29.06
C GLU L 67 100.66 55.14 28.10
N ASN L 68 99.90 54.22 27.51
CA ASN L 68 100.41 53.32 26.49
C ASN L 68 99.92 53.81 25.13
N PRO L 69 100.78 54.42 24.31
CA PRO L 69 100.30 54.94 23.03
C PRO L 69 99.68 53.89 22.13
N ALA L 70 100.22 52.67 22.14
CA ALA L 70 99.68 51.59 21.33
C ALA L 70 98.63 50.78 22.09
N ASP L 71 97.66 51.49 22.65
CA ASP L 71 96.56 50.87 23.38
C ASP L 71 95.19 51.44 23.01
N VAL L 72 95.13 52.58 22.34
CA VAL L 72 93.92 53.04 21.68
C VAL L 72 93.90 52.43 20.29
N SER L 73 92.76 51.89 19.89
CA SER L 73 92.60 51.41 18.52
C SER L 73 91.75 52.39 17.73
N VAL L 74 92.18 52.67 16.50
CA VAL L 74 91.52 53.64 15.64
C VAL L 74 91.10 52.93 14.36
N ILE L 75 89.84 53.07 13.98
CA ILE L 75 89.28 52.34 12.85
C ILE L 75 88.58 53.31 11.90
N SER L 76 88.61 52.96 10.62
CA SER L 76 87.81 53.65 9.61
C SER L 76 87.57 52.69 8.46
N SER L 77 86.36 52.14 8.37
CA SER L 77 86.01 51.20 7.32
C SER L 77 86.02 51.84 5.94
N ARG L 78 85.43 53.02 5.80
CA ARG L 78 85.31 53.67 4.51
C ARG L 78 86.64 54.29 4.09
N ASN L 79 86.81 54.46 2.78
CA ASN L 79 88.05 55.02 2.25
C ASN L 79 88.29 56.44 2.73
N THR L 80 87.25 57.28 2.75
CA THR L 80 87.42 58.67 3.16
C THR L 80 87.65 58.74 4.66
N GLY L 81 88.89 58.48 5.08
CA GLY L 81 89.22 58.37 6.47
C GLY L 81 90.29 57.33 6.73
N GLN L 82 90.50 56.43 5.76
CA GLN L 82 91.54 55.42 5.89
C GLN L 82 92.92 56.05 5.92
N ARG L 83 93.16 57.05 5.07
CA ARG L 83 94.46 57.71 5.08
C ARG L 83 94.68 58.48 6.39
N ALA L 84 93.65 59.17 6.86
CA ALA L 84 93.78 59.99 8.06
C ALA L 84 94.09 59.13 9.29
N VAL L 85 93.39 57.99 9.42
CA VAL L 85 93.60 57.15 10.59
C VAL L 85 94.98 56.51 10.57
N LEU L 86 95.49 56.19 9.37
CA LEU L 86 96.81 55.57 9.27
C LEU L 86 97.89 56.52 9.77
N LYS L 87 97.83 57.78 9.35
CA LYS L 87 98.87 58.73 9.72
C LYS L 87 98.56 59.48 11.01
N PHE L 88 97.36 59.28 11.56
CA PHE L 88 97.12 59.66 12.96
C PHE L 88 97.86 58.73 13.89
N ALA L 89 97.73 57.41 13.66
CA ALA L 89 98.40 56.43 14.49
C ALA L 89 99.91 56.52 14.37
N ALA L 90 100.41 56.92 13.20
CA ALA L 90 101.84 57.12 13.04
C ALA L 90 102.35 58.23 13.95
N ALA L 91 101.60 59.35 14.01
CA ALA L 91 102.03 60.49 14.82
C ALA L 91 101.84 60.22 16.31
N THR L 92 100.74 59.58 16.69
CA THR L 92 100.38 59.41 18.08
C THR L 92 100.73 58.03 18.63
N GLY L 93 101.28 57.15 17.82
CA GLY L 93 101.65 55.83 18.29
C GLY L 93 100.50 54.86 18.48
N ALA L 94 99.31 55.20 18.00
CA ALA L 94 98.15 54.34 18.17
C ALA L 94 98.24 53.15 17.21
N THR L 95 97.33 52.19 17.39
CA THR L 95 97.25 51.03 16.52
C THR L 95 96.06 51.18 15.58
N PRO L 96 96.28 51.34 14.28
CA PRO L 96 95.17 51.58 13.36
C PRO L 96 94.57 50.32 12.77
N ILE L 97 93.32 50.44 12.34
CA ILE L 97 92.64 49.44 11.52
C ILE L 97 91.96 50.19 10.38
N ALA L 98 92.27 49.80 9.15
CA ALA L 98 91.70 50.46 7.98
C ALA L 98 91.08 49.45 7.05
N GLY L 99 90.06 49.89 6.33
CA GLY L 99 89.42 49.02 5.36
C GLY L 99 88.49 48.05 6.04
N ARG L 100 88.70 46.76 5.79
CA ARG L 100 87.82 45.75 6.35
C ARG L 100 88.12 45.53 7.83
N PHE L 101 87.09 45.58 8.64
CA PHE L 101 87.16 45.25 10.06
C PHE L 101 86.66 43.81 10.21
N THR L 102 87.50 42.94 10.71
CA THR L 102 87.11 41.55 10.90
C THR L 102 86.26 41.44 12.15
N PRO L 103 85.04 40.91 12.09
CA PRO L 103 84.28 40.67 13.32
C PRO L 103 85.00 39.67 14.21
N GLY L 104 84.92 39.92 15.52
CA GLY L 104 85.56 39.06 16.48
C GLY L 104 87.02 39.35 16.78
N THR L 105 87.60 40.38 16.17
CA THR L 105 88.96 40.76 16.55
C THR L 105 89.04 41.36 17.94
N PHE L 106 87.90 41.65 18.57
CA PHE L 106 87.87 42.06 19.95
C PHE L 106 87.39 40.96 20.89
N THR L 107 86.75 39.91 20.37
CA THR L 107 86.14 38.90 21.21
C THR L 107 86.55 37.46 20.86
N ASN L 108 87.40 37.25 19.87
CA ASN L 108 87.89 35.92 19.53
C ASN L 108 89.36 35.81 19.94
N GLN L 109 89.59 35.13 21.07
CA GLN L 109 90.92 35.01 21.68
C GLN L 109 91.86 34.13 20.87
N ILE L 110 91.35 33.23 20.04
CA ILE L 110 92.19 32.28 19.31
C ILE L 110 92.55 32.87 17.95
N GLN L 111 92.21 34.13 17.74
CA GLN L 111 92.47 34.82 16.49
C GLN L 111 93.91 35.30 16.40
N ALA L 112 94.48 35.26 15.19
CA ALA L 112 95.81 35.80 14.98
C ALA L 112 95.79 37.32 15.01
N ALA L 113 94.82 37.94 14.34
CA ALA L 113 94.67 39.39 14.36
C ALA L 113 93.73 39.82 15.48
N PHE L 114 93.99 39.29 16.67
CA PHE L 114 93.21 39.55 17.85
C PHE L 114 93.81 40.71 18.62
N ARG L 115 92.99 41.69 18.95
CA ARG L 115 93.46 42.89 19.64
C ARG L 115 92.66 43.08 20.93
N GLU L 116 93.31 43.72 21.91
CA GLU L 116 92.68 44.05 23.18
C GLU L 116 92.97 45.52 23.49
N PRO L 117 92.35 46.45 22.76
CA PRO L 117 92.59 47.86 23.01
C PRO L 117 91.93 48.32 24.30
N ARG L 118 92.48 49.39 24.86
CA ARG L 118 91.92 50.02 26.05
C ARG L 118 90.99 51.18 25.72
N LEU L 119 90.86 51.55 24.44
CA LEU L 119 90.03 52.67 24.05
C LEU L 119 89.81 52.59 22.55
N LEU L 120 88.63 53.03 22.10
CA LEU L 120 88.25 52.95 20.70
C LEU L 120 87.92 54.34 20.17
N VAL L 121 88.39 54.65 18.98
CA VAL L 121 88.07 55.89 18.29
C VAL L 121 87.53 55.52 16.91
N VAL L 122 86.36 56.02 16.56
CA VAL L 122 85.64 55.60 15.37
C VAL L 122 85.41 56.80 14.47
N THR L 123 85.58 56.58 13.16
CA THR L 123 85.34 57.63 12.18
C THR L 123 83.86 57.84 11.87
N ASP L 124 83.06 56.77 11.80
CA ASP L 124 81.64 56.93 11.54
C ASP L 124 80.84 55.88 12.32
N PRO L 125 80.03 56.30 13.29
CA PRO L 125 79.19 55.33 14.01
C PRO L 125 78.28 54.51 13.11
N ARG L 126 77.86 55.04 11.96
CA ARG L 126 77.10 54.23 11.01
C ARG L 126 78.00 53.20 10.33
N ALA L 127 79.05 53.67 9.66
CA ALA L 127 79.91 52.79 8.87
C ALA L 127 80.80 51.90 9.73
N ASP L 128 81.09 52.31 10.96
CA ASP L 128 81.90 51.49 11.85
C ASP L 128 81.07 50.92 12.97
N HIS L 129 79.84 50.49 12.65
CA HIS L 129 78.97 49.92 13.67
C HIS L 129 79.52 48.62 14.23
N GLN L 130 80.15 47.79 13.38
CA GLN L 130 80.65 46.51 13.85
C GLN L 130 81.64 46.63 15.00
N PRO L 131 82.71 47.44 14.92
CA PRO L 131 83.57 47.59 16.11
C PRO L 131 82.87 48.23 17.30
N LEU L 132 81.88 49.11 17.07
CA LEU L 132 81.14 49.67 18.19
C LEU L 132 80.37 48.58 18.93
N THR L 133 79.81 47.62 18.20
CA THR L 133 79.12 46.50 18.83
C THR L 133 80.08 45.64 19.64
N GLU L 134 81.24 45.32 19.07
CA GLU L 134 82.21 44.50 19.79
C GLU L 134 82.70 45.19 21.06
N ALA L 135 82.67 46.52 21.08
CA ALA L 135 83.07 47.26 22.26
C ALA L 135 82.19 46.91 23.45
N SER L 136 80.90 46.67 23.21
CA SER L 136 79.98 46.37 24.29
C SER L 136 80.21 44.97 24.86
N TYR L 137 81.06 44.17 24.22
CA TYR L 137 81.32 42.83 24.73
C TYR L 137 82.58 42.80 25.60
N VAL L 138 83.50 43.74 25.38
CA VAL L 138 84.79 43.70 26.04
C VAL L 138 84.99 44.98 26.85
N ASN L 139 83.89 45.69 27.08
CA ASN L 139 83.78 46.82 28.02
C ASN L 139 84.93 47.83 27.87
N LEU L 140 85.10 48.33 26.64
CA LEU L 140 86.03 49.46 26.54
C LEU L 140 85.30 50.71 26.01
N PRO L 141 85.72 51.88 26.45
CA PRO L 141 85.09 53.12 25.98
C PRO L 141 85.36 53.34 24.49
N THR L 142 84.46 54.10 23.85
CA THR L 142 84.58 54.43 22.44
C THR L 142 84.39 55.93 22.22
N ILE L 143 85.19 56.49 21.32
CA ILE L 143 84.99 57.83 20.81
C ILE L 143 84.63 57.70 19.34
N ALA L 144 83.85 58.67 18.84
CA ALA L 144 83.36 58.62 17.47
C ALA L 144 83.38 60.01 16.84
N LEU L 145 83.31 60.02 15.52
CA LEU L 145 83.20 61.24 14.71
C LEU L 145 81.81 61.17 14.07
N CYS L 146 80.91 62.03 14.52
CA CYS L 146 79.50 61.86 14.22
C CYS L 146 78.94 63.06 13.46
N ASN L 147 78.20 62.76 12.39
CA ASN L 147 77.41 63.75 11.68
C ASN L 147 76.03 63.84 12.35
N THR L 148 75.25 64.85 11.94
CA THR L 148 74.02 65.18 12.66
C THR L 148 73.02 64.03 12.64
N ASP L 149 73.12 63.13 11.67
CA ASP L 149 72.18 62.03 11.53
C ASP L 149 72.75 60.68 11.94
N SER L 150 73.93 60.65 12.56
CA SER L 150 74.57 59.39 12.87
C SER L 150 74.01 58.77 14.15
N PRO L 151 73.98 57.44 14.25
CA PRO L 151 73.58 56.80 15.51
C PRO L 151 74.55 57.14 16.63
N LEU L 152 74.01 57.15 17.84
CA LEU L 152 74.76 57.63 19.00
C LEU L 152 74.77 56.58 20.11
N ARG L 153 74.49 55.32 19.77
CA ARG L 153 74.27 54.28 20.76
C ARG L 153 75.49 54.01 21.63
N TYR L 154 76.56 53.48 21.05
CA TYR L 154 77.70 52.99 21.82
C TYR L 154 78.88 53.95 21.78
N VAL L 155 78.63 55.25 21.79
CA VAL L 155 79.70 56.25 21.78
C VAL L 155 79.74 56.93 23.13
N ASP L 156 80.86 57.58 23.40
CA ASP L 156 81.03 58.24 24.69
C ASP L 156 81.49 59.69 24.58
N ILE L 157 82.36 60.02 23.62
CA ILE L 157 82.83 61.40 23.44
C ILE L 157 82.48 61.81 22.01
N ALA L 158 81.28 61.45 21.56
CA ALA L 158 80.84 61.81 20.20
C ALA L 158 81.22 63.24 19.81
N ILE L 159 82.01 63.40 18.74
CA ILE L 159 82.46 64.71 18.30
C ILE L 159 81.64 65.09 17.06
N PRO L 160 80.85 66.15 17.12
CA PRO L 160 79.83 66.42 16.09
C PRO L 160 80.34 67.27 14.93
N CYS L 161 81.43 66.85 14.30
CA CYS L 161 81.98 67.65 13.18
C CYS L 161 81.31 67.34 11.85
N ASN L 162 81.56 66.14 11.34
CA ASN L 162 81.17 65.78 9.99
C ASN L 162 81.66 64.37 9.70
N ASN L 163 81.08 63.73 8.70
CA ASN L 163 81.61 62.46 8.22
C ASN L 163 81.66 62.38 6.70
N LYS L 164 80.92 63.21 5.99
CA LYS L 164 80.79 63.02 4.54
C LYS L 164 81.97 63.60 3.77
N GLY L 165 82.41 64.80 4.15
CA GLY L 165 83.46 65.47 3.38
C GLY L 165 84.83 64.85 3.61
N ALA L 166 85.58 64.72 2.53
CA ALA L 166 86.96 64.25 2.64
C ALA L 166 87.81 65.24 3.42
N HIS L 167 87.61 66.54 3.18
CA HIS L 167 88.34 67.56 3.92
C HIS L 167 87.98 67.54 5.40
N SER L 168 86.71 67.32 5.71
CA SER L 168 86.26 67.37 7.10
C SER L 168 86.86 66.23 7.92
N VAL L 169 86.79 65.01 7.41
CA VAL L 169 87.31 63.85 8.16
C VAL L 169 88.81 64.00 8.37
N GLY L 170 89.53 64.38 7.32
CA GLY L 170 90.96 64.59 7.46
C GLY L 170 91.30 65.74 8.38
N LEU L 171 90.46 66.78 8.39
CA LEU L 171 90.76 67.96 9.19
C LEU L 171 90.73 67.65 10.68
N MET L 172 89.75 66.86 11.13
CA MET L 172 89.66 66.65 12.56
C MET L 172 90.56 65.52 13.03
N TRP L 173 90.83 64.55 12.17
CA TRP L 173 91.85 63.56 12.50
C TRP L 173 93.21 64.24 12.63
N TRP L 174 93.38 65.37 11.95
CA TRP L 174 94.57 66.18 12.14
C TRP L 174 94.51 66.93 13.47
N MET L 175 93.36 67.54 13.77
CA MET L 175 93.23 68.27 15.04
C MET L 175 93.30 67.33 16.23
N LEU L 176 92.65 66.17 16.14
CA LEU L 176 92.73 65.19 17.21
C LEU L 176 94.16 64.68 17.37
N ALA L 177 94.85 64.41 16.25
CA ALA L 177 96.26 64.05 16.33
C ALA L 177 97.07 65.18 16.95
N ARG L 178 96.86 66.41 16.49
CA ARG L 178 97.66 67.53 16.97
C ARG L 178 97.41 67.78 18.45
N GLU L 179 96.14 67.78 18.87
CA GLU L 179 95.83 68.09 20.26
C GLU L 179 96.37 67.03 21.20
N VAL L 180 96.31 65.77 20.77
CA VAL L 180 96.85 64.68 21.59
C VAL L 180 98.34 64.86 21.80
N LEU L 181 99.07 65.18 20.74
CA LEU L 181 100.51 65.36 20.86
C LEU L 181 100.87 66.54 21.76
N ARG L 182 100.20 67.68 21.57
CA ARG L 182 100.57 68.89 22.30
C ARG L 182 100.02 68.91 23.72
N MET L 183 98.96 68.14 24.02
CA MET L 183 98.60 67.95 25.42
C MET L 183 99.66 67.17 26.18
N ARG L 184 100.15 66.07 25.60
CA ARG L 184 101.40 65.49 26.06
C ARG L 184 102.53 66.49 25.81
N GLY L 185 103.69 66.21 26.41
CA GLY L 185 104.79 67.10 26.08
C GLY L 185 105.53 66.62 24.86
N THR L 186 105.08 67.09 23.69
CA THR L 186 105.80 66.90 22.43
C THR L 186 105.80 68.12 21.53
N ILE L 187 104.85 69.04 21.69
CA ILE L 187 104.72 70.23 20.87
C ILE L 187 104.56 71.43 21.80
N SER L 188 105.25 72.53 21.49
CA SER L 188 105.40 73.66 22.40
C SER L 188 104.10 74.42 22.65
N ARG L 189 102.96 73.98 22.09
CA ARG L 189 101.65 74.58 22.36
C ARG L 189 101.54 75.99 21.79
N GLU L 190 102.63 76.51 21.23
CA GLU L 190 102.60 77.81 20.55
C GLU L 190 103.03 77.74 19.09
N HIS L 191 104.12 77.03 18.79
CA HIS L 191 104.57 76.91 17.41
C HIS L 191 103.56 76.10 16.60
N PRO L 192 103.19 76.58 15.41
CA PRO L 192 102.25 75.81 14.58
C PRO L 192 102.84 74.46 14.21
N TRP L 193 101.96 73.46 14.14
CA TRP L 193 102.43 72.10 13.89
C TRP L 193 103.09 72.02 12.52
N GLU L 194 104.26 71.37 12.49
CA GLU L 194 104.98 71.17 11.23
C GLU L 194 104.15 70.36 10.25
N VAL L 195 103.39 69.38 10.75
CA VAL L 195 102.50 68.61 9.89
C VAL L 195 101.30 69.45 9.51
N MET L 196 101.03 69.56 8.21
CA MET L 196 99.92 70.32 7.70
C MET L 196 98.71 69.42 7.48
N PRO L 197 97.48 69.96 7.54
CA PRO L 197 96.30 69.10 7.46
C PRO L 197 96.16 68.36 6.14
N ASP L 198 96.67 68.93 5.04
CA ASP L 198 96.51 68.32 3.73
C ASP L 198 97.16 66.94 3.64
N LEU L 199 98.14 66.65 4.49
CA LEU L 199 98.77 65.34 4.51
C LEU L 199 97.85 64.26 5.06
N TYR L 200 96.77 64.63 5.73
CA TYR L 200 95.78 63.68 6.22
C TYR L 200 94.57 63.56 5.31
N PHE L 201 94.67 64.03 4.07
CA PHE L 201 93.51 64.14 3.21
C PHE L 201 93.34 62.88 2.37
N TYR L 202 92.13 62.33 2.37
CA TYR L 202 91.81 61.23 1.46
C TYR L 202 91.78 61.77 0.04
N ARG L 203 92.49 61.11 -0.87
CA ARG L 203 92.62 61.58 -2.23
C ARG L 203 91.80 60.71 -3.18
N ASP L 204 91.11 61.38 -4.10
CA ASP L 204 90.37 60.69 -5.13
C ASP L 204 91.33 59.78 -5.90
N PRO L 205 90.93 58.53 -6.17
CA PRO L 205 91.88 57.59 -6.80
C PRO L 205 92.12 57.87 -8.27
N GLU L 206 91.76 59.07 -8.73
CA GLU L 206 92.14 59.54 -10.05
C GLU L 206 93.12 60.70 -10.03
N GLU L 207 93.23 61.43 -8.90
CA GLU L 207 94.21 62.50 -8.82
C GLU L 207 95.64 61.96 -8.90
N ILE L 208 95.94 60.92 -8.11
CA ILE L 208 97.28 60.36 -8.07
C ILE L 208 97.72 59.83 -9.43
N GLU L 209 96.77 59.45 -10.30
CA GLU L 209 97.10 59.02 -11.65
C GLU L 209 97.59 60.17 -12.53
N LYS L 210 97.26 61.41 -12.19
CA LYS L 210 97.59 62.54 -13.04
C LYS L 210 98.25 63.71 -12.32
N GLU L 211 98.09 63.85 -11.00
CA GLU L 211 98.67 64.98 -10.31
C GLU L 211 100.18 64.87 -10.20
N GLU L 212 100.69 63.68 -9.89
CA GLU L 212 102.14 63.46 -9.87
C GLU L 212 102.74 63.70 -11.25
N GLN L 213 102.07 63.20 -12.30
CA GLN L 213 102.55 63.41 -13.66
C GLN L 213 102.53 64.89 -14.03
N ALA L 214 101.53 65.62 -13.53
CA ALA L 214 101.53 67.07 -13.68
C ALA L 214 102.72 67.70 -12.94
N ALA L 215 103.04 67.18 -11.75
CA ALA L 215 104.15 67.72 -10.98
C ALA L 215 105.46 67.56 -11.72
N ALA L 216 105.66 66.43 -12.40
CA ALA L 216 106.86 66.25 -13.21
C ALA L 216 106.90 67.24 -14.37
N GLU L 217 105.75 67.44 -15.04
CA GLU L 217 105.73 68.30 -16.23
C GLU L 217 106.11 69.74 -15.89
N LYS L 218 105.59 70.27 -14.78
CA LYS L 218 105.89 71.65 -14.43
C LYS L 218 107.31 71.81 -13.90
N ALA L 219 107.85 70.79 -13.24
CA ALA L 219 109.20 70.87 -12.70
C ALA L 219 110.24 70.76 -13.80
N VAL L 220 110.02 69.86 -14.78
CA VAL L 220 111.00 69.68 -15.85
C VAL L 220 111.05 70.92 -16.74
N THR L 221 109.92 71.58 -16.97
CA THR L 221 109.89 72.80 -17.76
C THR L 221 109.57 74.01 -16.88
N VAL M 1 23.09 35.80 -56.82
CA VAL M 1 24.04 35.38 -57.84
C VAL M 1 25.00 36.51 -58.18
N VAL M 2 24.44 37.61 -58.66
CA VAL M 2 25.23 38.74 -59.15
C VAL M 2 25.88 39.46 -57.97
N ASP M 3 26.92 40.23 -58.25
CA ASP M 3 27.68 40.88 -57.19
C ASP M 3 26.86 42.01 -56.58
N PRO M 4 26.58 41.98 -55.28
CA PRO M 4 25.77 43.07 -54.68
C PRO M 4 26.46 44.43 -54.71
N PHE M 5 27.77 44.48 -54.95
CA PHE M 5 28.45 45.77 -55.05
C PHE M 5 28.48 46.29 -56.48
N SER M 6 27.91 45.55 -57.43
CA SER M 6 27.71 46.09 -58.77
C SER M 6 26.47 46.96 -58.88
N LYS M 7 25.58 46.89 -57.88
CA LYS M 7 24.35 47.66 -57.86
C LYS M 7 24.45 48.88 -56.96
N LYS M 8 25.64 49.19 -56.45
CA LYS M 8 25.82 50.26 -55.48
C LYS M 8 26.51 51.45 -56.13
N ASP M 9 26.02 52.65 -55.82
CA ASP M 9 26.66 53.89 -56.23
C ASP M 9 27.50 54.43 -55.08
N TRP M 10 28.53 55.20 -55.43
CA TRP M 10 29.39 55.85 -54.45
C TRP M 10 29.03 57.33 -54.37
N TYR M 11 28.86 57.83 -53.15
CA TYR M 11 28.58 59.23 -52.89
C TYR M 11 29.79 59.86 -52.21
N ASP M 12 29.77 61.19 -52.11
CA ASP M 12 30.82 61.93 -51.45
C ASP M 12 30.23 62.70 -50.26
N VAL M 13 30.81 62.46 -49.09
CA VAL M 13 30.30 63.01 -47.84
C VAL M 13 31.00 64.34 -47.57
N LYS M 14 30.21 65.39 -47.38
CA LYS M 14 30.71 66.75 -47.27
C LYS M 14 30.49 67.28 -45.86
N ALA M 15 31.56 67.80 -45.27
CA ALA M 15 31.49 68.40 -43.94
C ALA M 15 30.94 69.83 -44.02
N PRO M 16 30.47 70.38 -42.92
CA PRO M 16 30.03 71.78 -42.91
C PRO M 16 31.18 72.73 -43.18
N ALA M 17 30.81 74.00 -43.38
CA ALA M 17 31.78 75.01 -43.79
C ALA M 17 32.70 75.45 -42.66
N MET M 18 32.38 75.11 -41.42
CA MET M 18 33.25 75.42 -40.29
C MET M 18 34.57 74.66 -40.34
N PHE M 19 34.67 73.65 -41.20
CA PHE M 19 35.88 72.85 -41.36
C PHE M 19 36.54 73.23 -42.69
N ASN M 20 37.83 73.55 -42.64
CA ASN M 20 38.53 73.89 -43.87
C ASN M 20 38.72 72.68 -44.79
N ILE M 21 38.54 71.47 -44.29
CA ILE M 21 38.54 70.28 -45.13
C ILE M 21 37.11 69.80 -45.29
N ARG M 22 36.49 70.18 -46.42
CA ARG M 22 35.07 69.91 -46.63
C ARG M 22 34.82 68.46 -47.01
N ASN M 23 35.72 67.84 -47.76
CA ASN M 23 35.53 66.48 -48.27
C ASN M 23 36.19 65.50 -47.31
N ILE M 24 35.38 64.81 -46.51
CA ILE M 24 35.92 63.88 -45.52
C ILE M 24 36.17 62.51 -46.15
N GLY M 25 35.24 62.02 -46.95
CA GLY M 25 35.40 60.71 -47.53
C GLY M 25 34.24 60.35 -48.45
N LYS M 26 34.15 59.05 -48.73
CA LYS M 26 33.16 58.52 -49.67
C LYS M 26 32.32 57.45 -49.00
N THR M 27 31.03 57.47 -49.29
CA THR M 27 30.10 56.44 -48.84
C THR M 27 29.48 55.77 -50.05
N LEU M 28 28.86 54.62 -49.82
CA LEU M 28 28.21 53.86 -50.88
C LEU M 28 26.89 53.33 -50.38
N VAL M 29 25.98 53.09 -51.32
CA VAL M 29 24.65 52.57 -51.01
C VAL M 29 24.11 51.89 -52.27
N THR M 30 23.23 50.92 -52.08
CA THR M 30 22.57 50.29 -53.22
C THR M 30 21.75 51.32 -53.99
N ARG M 31 21.76 51.17 -55.32
CA ARG M 31 20.99 52.04 -56.19
C ARG M 31 19.52 52.02 -55.81
N THR M 32 18.83 53.12 -56.13
CA THR M 32 17.38 53.18 -55.94
C THR M 32 16.71 52.11 -56.80
N GLN M 33 16.01 51.19 -56.17
CA GLN M 33 15.36 50.10 -56.89
C GLN M 33 14.08 49.72 -56.14
N GLY M 34 12.94 50.06 -56.72
CA GLY M 34 11.67 49.75 -56.08
C GLY M 34 11.31 50.80 -55.04
N THR M 35 10.76 50.34 -53.92
CA THR M 35 10.40 51.25 -52.84
C THR M 35 11.62 51.77 -52.10
N LYS M 36 12.74 51.05 -52.16
CA LYS M 36 13.93 51.44 -51.41
C LYS M 36 14.66 52.55 -52.15
N ILE M 37 14.38 53.80 -51.77
CA ILE M 37 15.08 54.96 -52.29
C ILE M 37 16.49 54.97 -51.71
N ALA M 38 17.48 55.28 -52.55
CA ALA M 38 18.85 55.37 -52.07
C ALA M 38 19.06 56.59 -51.17
N SER M 39 18.25 57.63 -51.35
CA SER M 39 18.41 58.84 -50.54
C SER M 39 18.06 58.58 -49.09
N ASP M 40 16.93 57.93 -48.84
CA ASP M 40 16.53 57.60 -47.47
C ASP M 40 17.45 56.55 -46.85
N GLY M 41 18.10 55.72 -47.66
CA GLY M 41 19.09 54.80 -47.13
C GLY M 41 20.36 55.49 -46.70
N LEU M 42 20.63 56.69 -47.21
CA LEU M 42 21.81 57.45 -46.86
C LEU M 42 21.58 58.43 -45.71
N LYS M 43 20.32 58.74 -45.41
CA LYS M 43 20.03 59.65 -44.32
C LYS M 43 20.30 58.99 -42.97
N GLY M 44 20.69 59.81 -42.00
CA GLY M 44 20.99 59.32 -40.67
C GLY M 44 22.20 58.43 -40.58
N ARG M 45 23.22 58.69 -41.39
CA ARG M 45 24.50 57.98 -41.29
C ARG M 45 25.47 58.85 -40.50
N VAL M 46 26.16 58.23 -39.55
CA VAL M 46 27.08 58.94 -38.67
C VAL M 46 28.51 58.67 -39.12
N PHE M 47 29.28 59.73 -39.31
CA PHE M 47 30.66 59.65 -39.78
C PHE M 47 31.57 60.12 -38.67
N GLU M 48 32.04 59.17 -37.86
CA GLU M 48 32.96 59.46 -36.76
C GLU M 48 34.34 59.75 -37.33
N VAL M 49 34.68 61.03 -37.42
CA VAL M 49 35.94 61.45 -38.03
C VAL M 49 36.64 62.43 -37.10
N SER M 50 37.96 62.26 -36.99
CA SER M 50 38.78 63.03 -36.09
C SER M 50 38.91 64.48 -36.58
N LEU M 51 39.24 65.37 -35.64
CA LEU M 51 39.40 66.78 -35.95
C LEU M 51 40.64 67.06 -36.79
N ALA M 52 41.66 66.22 -36.71
CA ALA M 52 42.88 66.44 -37.50
C ALA M 52 42.62 66.32 -39.00
N ASP M 53 41.77 65.39 -39.42
CA ASP M 53 41.44 65.22 -40.83
C ASP M 53 40.34 66.16 -41.29
N LEU M 54 39.70 66.87 -40.36
CA LEU M 54 38.73 67.92 -40.66
C LEU M 54 39.35 69.30 -40.62
N GLN M 55 40.36 69.49 -39.78
CA GLN M 55 41.11 70.73 -39.67
C GLN M 55 42.46 70.60 -40.36
N ASN M 56 43.25 71.67 -40.32
CA ASN M 56 44.52 71.65 -41.01
C ASN M 56 45.64 71.11 -40.14
N ASP M 57 45.86 71.72 -38.98
CA ASP M 57 46.95 71.30 -38.09
C ASP M 57 46.47 71.26 -36.64
N GLU M 58 45.28 70.72 -36.41
CA GLU M 58 44.70 70.70 -35.08
C GLU M 58 44.95 69.36 -34.40
N VAL M 59 44.49 69.26 -33.14
CA VAL M 59 44.71 68.05 -32.36
C VAL M 59 43.91 66.89 -32.95
N ALA M 60 44.50 65.71 -32.90
CA ALA M 60 43.91 64.51 -33.49
C ALA M 60 43.01 63.75 -32.54
N PHE M 61 43.00 64.08 -31.25
CA PHE M 61 42.27 63.26 -30.29
C PHE M 61 40.81 63.67 -30.13
N ARG M 62 40.35 64.67 -30.87
CA ARG M 62 38.96 65.09 -30.84
C ARG M 62 38.26 64.63 -32.10
N LYS M 63 37.11 63.97 -31.95
CA LYS M 63 36.36 63.43 -33.07
C LYS M 63 34.97 64.06 -33.09
N PHE M 64 34.35 64.04 -34.27
CA PHE M 64 33.02 64.60 -34.46
C PHE M 64 32.14 63.57 -35.16
N LYS M 65 30.83 63.73 -35.02
CA LYS M 65 29.88 62.71 -35.45
C LYS M 65 29.39 62.91 -36.88
N LEU M 66 28.95 64.12 -37.22
CA LEU M 66 28.65 64.51 -38.61
C LEU M 66 27.61 63.58 -39.25
N ILE M 67 26.37 63.70 -38.75
CA ILE M 67 25.27 62.96 -39.34
C ILE M 67 24.82 63.61 -40.65
N THR M 68 24.32 62.79 -41.57
CA THR M 68 23.94 63.23 -42.91
C THR M 68 22.43 63.52 -42.96
N GLU M 69 22.09 64.69 -43.49
CA GLU M 69 20.71 65.18 -43.52
C GLU M 69 20.09 65.18 -44.90
N ASP M 70 20.86 65.51 -45.94
CA ASP M 70 20.32 65.56 -47.29
C ASP M 70 21.39 65.13 -48.30
N VAL M 71 20.92 64.65 -49.44
CA VAL M 71 21.78 64.22 -50.54
C VAL M 71 21.46 65.10 -51.74
N GLN M 72 22.47 65.81 -52.23
CA GLN M 72 22.31 66.67 -53.41
C GLN M 72 23.09 66.05 -54.57
N GLY M 73 22.39 65.21 -55.33
CA GLY M 73 23.02 64.51 -56.43
C GLY M 73 23.93 63.40 -55.94
N LYS M 74 25.23 63.56 -56.16
CA LYS M 74 26.23 62.60 -55.70
C LYS M 74 26.87 62.99 -54.37
N ASN M 75 26.37 64.03 -53.71
CA ASN M 75 26.93 64.52 -52.46
C ASN M 75 25.88 64.43 -51.36
N CYS M 76 26.30 63.98 -50.18
CA CYS M 76 25.43 63.95 -49.00
C CYS M 76 25.96 64.95 -47.97
N LEU M 77 25.18 65.98 -47.70
CA LEU M 77 25.56 67.03 -46.77
C LEU M 77 25.36 66.56 -45.32
N THR M 78 26.24 67.05 -44.45
CA THR M 78 26.18 66.72 -43.03
C THR M 78 26.24 67.99 -42.20
N ASN M 79 25.99 67.85 -40.91
CA ASN M 79 26.25 68.92 -39.95
C ASN M 79 26.67 68.29 -38.63
N PHE M 80 26.73 69.11 -37.58
CA PHE M 80 27.19 68.63 -36.29
C PHE M 80 26.20 67.63 -35.70
N HIS M 81 26.74 66.56 -35.14
CA HIS M 81 25.93 65.58 -34.42
C HIS M 81 26.53 65.14 -33.09
N GLY M 82 27.82 65.31 -32.85
CA GLY M 82 28.41 64.88 -31.61
C GLY M 82 29.90 65.15 -31.59
N MET M 83 30.50 64.90 -30.43
CA MET M 83 31.92 65.12 -30.22
C MET M 83 32.37 64.27 -29.04
N ASP M 84 33.58 63.72 -29.15
CA ASP M 84 34.18 62.99 -28.04
C ASP M 84 35.67 62.82 -28.30
N LEU M 85 36.43 62.78 -27.21
CA LEU M 85 37.85 62.49 -27.26
C LEU M 85 38.09 61.00 -27.49
N THR M 86 39.26 60.68 -28.01
CA THR M 86 39.60 59.29 -28.26
C THR M 86 39.75 58.51 -26.96
N ARG M 87 39.55 57.20 -27.05
CA ARG M 87 39.76 56.34 -25.89
C ARG M 87 41.22 56.37 -25.44
N ASP M 88 42.15 56.55 -26.38
CA ASP M 88 43.56 56.68 -26.02
C ASP M 88 43.81 57.94 -25.21
N LYS M 89 43.27 59.08 -25.66
CA LYS M 89 43.50 60.34 -24.95
C LYS M 89 42.81 60.34 -23.59
N MET M 90 41.58 59.85 -23.53
CA MET M 90 40.82 59.83 -22.28
C MET M 90 41.53 59.00 -21.22
N CYS M 91 42.08 57.85 -21.63
CA CYS M 91 42.66 56.92 -20.67
C CYS M 91 43.99 57.44 -20.11
N SER M 92 44.78 58.13 -20.92
CA SER M 92 46.06 58.66 -20.46
C SER M 92 45.87 59.78 -19.45
N MET M 93 44.77 60.53 -19.55
CA MET M 93 44.54 61.66 -18.65
C MET M 93 44.16 61.21 -17.24
N VAL M 94 43.59 60.02 -17.10
CA VAL M 94 43.14 59.55 -15.80
C VAL M 94 44.34 58.93 -15.08
N LYS M 95 44.86 59.64 -14.08
CA LYS M 95 46.06 59.23 -13.38
C LYS M 95 45.80 59.22 -11.88
N LYS M 96 46.55 58.39 -11.17
CA LYS M 96 46.42 58.28 -9.73
C LYS M 96 47.01 59.51 -9.04
N TRP M 97 46.73 59.61 -7.74
CA TRP M 97 47.25 60.68 -6.88
C TRP M 97 46.79 62.06 -7.34
N GLN M 98 45.59 62.10 -7.91
CA GLN M 98 44.93 63.34 -8.30
C GLN M 98 43.45 63.04 -8.43
N THR M 99 42.64 64.09 -8.40
CA THR M 99 41.19 63.96 -8.47
C THR M 99 40.70 64.35 -9.86
N MET M 100 39.70 63.63 -10.34
CA MET M 100 39.03 63.96 -11.58
C MET M 100 37.65 64.53 -11.28
N ILE M 101 37.35 65.68 -11.85
CA ILE M 101 36.06 66.34 -11.69
C ILE M 101 35.31 66.24 -13.00
N GLU M 102 34.07 65.77 -12.94
CA GLU M 102 33.19 65.63 -14.10
C GLU M 102 32.04 66.62 -13.97
N ALA M 103 31.38 66.89 -15.09
CA ALA M 103 30.21 67.77 -15.08
C ALA M 103 29.39 67.51 -16.33
N HIS M 104 28.10 67.86 -16.26
CA HIS M 104 27.23 67.78 -17.42
C HIS M 104 26.09 68.77 -17.27
N VAL M 105 25.65 69.29 -18.41
CA VAL M 105 24.53 70.23 -18.50
C VAL M 105 23.75 70.00 -19.78
N ASP M 106 22.43 70.12 -19.70
CA ASP M 106 21.57 70.09 -20.89
C ASP M 106 21.27 71.53 -21.29
N VAL M 107 22.06 72.06 -22.21
CA VAL M 107 21.95 73.45 -22.64
C VAL M 107 21.45 73.48 -24.08
N LYS M 108 20.56 74.41 -24.38
CA LYS M 108 19.96 74.54 -25.70
C LYS M 108 20.50 75.76 -26.40
N THR M 109 20.83 75.61 -27.68
CA THR M 109 21.31 76.72 -28.49
C THR M 109 20.13 77.63 -28.88
N THR M 110 20.47 78.78 -29.47
CA THR M 110 19.43 79.74 -29.86
C THR M 110 18.56 79.20 -30.99
N ASP M 111 19.13 78.41 -31.89
CA ASP M 111 18.35 77.83 -32.98
C ASP M 111 17.49 76.67 -32.55
N GLY M 112 17.65 76.16 -31.33
CA GLY M 112 16.79 75.12 -30.81
C GLY M 112 17.42 73.74 -30.67
N TYR M 113 18.71 73.56 -30.93
CA TYR M 113 19.36 72.29 -30.63
C TYR M 113 19.58 72.19 -29.12
N LEU M 114 19.04 71.14 -28.52
CA LEU M 114 19.35 70.84 -27.13
C LEU M 114 20.58 69.95 -27.07
N LEU M 115 21.61 70.42 -26.36
CA LEU M 115 22.88 69.72 -26.27
C LEU M 115 23.13 69.26 -24.85
N ARG M 116 23.93 68.20 -24.70
CA ARG M 116 24.46 67.77 -23.42
C ARG M 116 25.97 67.93 -23.47
N LEU M 117 26.50 68.77 -22.60
CA LEU M 117 27.91 69.16 -22.60
C LEU M 117 28.58 68.54 -21.39
N PHE M 118 29.62 67.75 -21.62
CA PHE M 118 30.36 67.07 -20.56
C PHE M 118 31.70 67.77 -20.34
N CYS M 119 32.25 67.61 -19.14
CA CYS M 119 33.57 68.14 -18.82
C CYS M 119 34.39 67.10 -18.09
N VAL M 120 35.70 67.21 -18.27
CA VAL M 120 36.67 66.47 -17.47
C VAL M 120 37.77 67.45 -17.06
N GLY M 121 38.26 67.28 -15.84
CA GLY M 121 39.33 68.10 -15.33
C GLY M 121 40.08 67.38 -14.24
N PHE M 122 41.38 67.67 -14.10
CA PHE M 122 42.22 67.00 -13.12
C PHE M 122 43.07 68.05 -12.40
N THR M 123 43.13 67.95 -11.08
CA THR M 123 43.98 68.83 -10.30
C THR M 123 45.45 68.57 -10.64
N LYS M 124 46.27 69.61 -10.54
CA LYS M 124 47.64 69.54 -11.00
C LYS M 124 48.61 69.71 -9.84
N LYS M 125 49.74 69.00 -9.94
CA LYS M 125 50.89 69.21 -9.06
C LYS M 125 51.62 70.47 -9.50
N ARG M 126 52.34 71.08 -8.56
CA ARG M 126 53.13 72.24 -8.93
C ARG M 126 54.60 71.85 -9.15
N ASN M 127 55.38 72.81 -9.63
CA ASN M 127 56.78 72.53 -9.97
C ASN M 127 57.60 72.15 -8.75
N ASN M 128 57.39 72.86 -7.64
CA ASN M 128 58.11 72.58 -6.40
C ASN M 128 57.32 71.73 -5.43
N GLN M 129 56.17 71.22 -5.85
CA GLN M 129 55.35 70.37 -4.99
C GLN M 129 56.12 69.12 -4.60
N ILE M 130 56.08 68.79 -3.31
CA ILE M 130 56.82 67.66 -2.76
C ILE M 130 55.90 66.54 -2.32
N ARG M 131 54.71 66.87 -1.81
CA ARG M 131 53.73 65.86 -1.45
C ARG M 131 53.33 65.06 -2.68
N LYS M 132 53.17 63.75 -2.51
CA LYS M 132 52.97 62.86 -3.64
C LYS M 132 51.63 63.10 -4.32
N THR M 133 50.59 63.40 -3.55
CA THR M 133 49.25 63.53 -4.08
C THR M 133 48.82 64.99 -4.15
N SER M 134 47.89 65.27 -5.07
CA SER M 134 47.23 66.57 -5.16
C SER M 134 45.73 66.31 -5.22
N TYR M 135 45.12 66.20 -4.04
CA TYR M 135 43.69 65.98 -3.92
C TYR M 135 43.00 67.28 -3.54
N ALA M 136 41.83 67.51 -4.14
CA ALA M 136 41.02 68.67 -3.83
C ALA M 136 39.90 68.26 -2.89
N GLN M 137 39.68 69.06 -1.85
CA GLN M 137 38.63 68.77 -0.89
C GLN M 137 37.27 68.86 -1.58
N HIS M 138 36.25 68.30 -0.90
CA HIS M 138 34.94 68.15 -1.53
C HIS M 138 34.33 69.50 -1.89
N GLN M 139 34.54 70.51 -1.05
CA GLN M 139 33.99 71.82 -1.34
C GLN M 139 34.70 72.47 -2.52
N GLN M 140 36.02 72.31 -2.59
CA GLN M 140 36.76 72.80 -3.75
C GLN M 140 36.29 72.13 -5.03
N VAL M 141 36.09 70.81 -4.98
CA VAL M 141 35.58 70.09 -6.15
C VAL M 141 34.17 70.56 -6.49
N ARG M 142 33.31 70.67 -5.47
CA ARG M 142 31.94 71.10 -5.70
C ARG M 142 31.89 72.51 -6.28
N GLN M 143 32.82 73.38 -5.86
CA GLN M 143 32.76 74.77 -6.29
C GLN M 143 33.23 74.93 -7.74
N ILE M 144 34.31 74.23 -8.14
CA ILE M 144 34.71 74.35 -9.53
C ILE M 144 33.80 73.53 -10.43
N ARG M 145 33.20 72.46 -9.91
CA ARG M 145 32.17 71.76 -10.68
C ARG M 145 30.99 72.67 -10.98
N LYS M 146 30.60 73.49 -10.01
CA LYS M 146 29.60 74.52 -10.26
C LYS M 146 30.13 75.54 -11.27
N LYS M 147 31.44 75.71 -11.32
CA LYS M 147 32.03 76.69 -12.24
C LYS M 147 32.04 76.18 -13.68
N MET M 148 32.19 74.86 -13.87
CA MET M 148 32.19 74.33 -15.23
C MET M 148 30.79 74.26 -15.83
N MET M 149 29.77 74.06 -15.01
CA MET M 149 28.42 74.07 -15.54
C MET M 149 28.02 75.48 -15.97
N GLU M 150 28.45 76.48 -15.20
CA GLU M 150 28.03 77.86 -15.48
C GLU M 150 28.77 78.44 -16.67
N ILE M 151 30.04 78.06 -16.86
CA ILE M 151 30.79 78.54 -18.02
C ILE M 151 30.18 77.99 -19.31
N MET M 152 29.91 76.69 -19.34
CA MET M 152 29.35 76.07 -20.54
C MET M 152 27.98 76.66 -20.89
N THR M 153 27.12 76.84 -19.88
CA THR M 153 25.77 77.30 -20.16
C THR M 153 25.78 78.69 -20.79
N ARG M 154 26.60 79.59 -20.25
CA ARG M 154 26.60 80.97 -20.75
C ARG M 154 27.30 81.07 -22.10
N GLU M 155 28.15 80.11 -22.45
CA GLU M 155 28.83 80.12 -23.72
C GLU M 155 28.09 79.34 -24.81
N VAL M 156 27.02 78.63 -24.45
CA VAL M 156 26.18 77.94 -25.41
C VAL M 156 24.78 78.55 -25.52
N GLN M 157 24.22 79.04 -24.42
CA GLN M 157 22.88 79.63 -24.47
C GLN M 157 22.84 80.86 -25.36
N THR M 158 23.96 81.60 -25.44
CA THR M 158 23.94 82.88 -26.15
C THR M 158 24.12 82.69 -27.66
N ASN M 159 24.84 81.65 -28.08
CA ASN M 159 25.19 81.48 -29.49
C ASN M 159 24.45 80.29 -30.10
N ASP M 160 24.42 80.28 -31.43
CA ASP M 160 23.80 79.21 -32.18
C ASP M 160 24.77 78.05 -32.33
N LEU M 161 24.31 76.95 -32.94
CA LEU M 161 25.14 75.76 -33.04
C LEU M 161 26.37 75.99 -33.89
N LYS M 162 26.26 76.83 -34.92
CA LYS M 162 27.39 77.07 -35.82
C LYS M 162 28.58 77.62 -35.05
N GLU M 163 28.35 78.65 -34.24
CA GLU M 163 29.44 79.22 -33.45
C GLU M 163 29.77 78.37 -32.24
N VAL M 164 28.84 77.53 -31.78
CA VAL M 164 29.15 76.58 -30.71
C VAL M 164 30.23 75.61 -31.17
N VAL M 165 30.12 75.14 -32.42
CA VAL M 165 31.13 74.22 -32.95
C VAL M 165 32.46 74.94 -33.16
N ASN M 166 32.41 76.21 -33.61
CA ASN M 166 33.64 76.93 -33.93
C ASN M 166 34.51 77.10 -32.69
N LYS M 167 33.90 77.40 -31.55
CA LYS M 167 34.66 77.48 -30.31
C LYS M 167 34.91 76.11 -29.70
N LEU M 168 34.18 75.09 -30.17
CA LEU M 168 34.41 73.71 -29.80
C LEU M 168 35.58 73.09 -30.56
N ILE M 169 35.96 73.67 -31.71
CA ILE M 169 37.11 73.16 -32.46
C ILE M 169 38.42 73.33 -31.68
N PRO M 170 38.76 74.49 -31.14
CA PRO M 170 39.93 74.58 -30.27
C PRO M 170 39.65 74.26 -28.81
N ASP M 171 38.42 73.87 -28.49
CA ASP M 171 37.98 73.63 -27.12
C ASP M 171 38.25 74.85 -26.24
N SER M 172 37.85 76.02 -26.76
CA SER M 172 38.01 77.25 -26.00
C SER M 172 37.21 77.22 -24.71
N ILE M 173 36.19 76.37 -24.64
CA ILE M 173 35.47 76.18 -23.38
C ILE M 173 36.41 75.66 -22.32
N GLY M 174 37.15 74.59 -22.62
CA GLY M 174 38.06 74.01 -21.64
C GLY M 174 39.18 74.94 -21.27
N LYS M 175 39.66 75.75 -22.23
CA LYS M 175 40.68 76.74 -21.92
C LYS M 175 40.16 77.77 -20.94
N ASP M 176 38.94 78.27 -21.18
CA ASP M 176 38.35 79.25 -20.27
C ASP M 176 38.03 78.63 -18.92
N ILE M 177 37.79 77.32 -18.87
CA ILE M 177 37.55 76.66 -17.61
C ILE M 177 38.83 76.60 -16.78
N GLU M 178 39.95 76.27 -17.42
CA GLU M 178 41.23 76.24 -16.73
C GLU M 178 41.57 77.60 -16.13
N LYS M 179 41.36 78.67 -16.91
CA LYS M 179 41.65 80.01 -16.42
C LYS M 179 40.79 80.38 -15.22
N ALA M 180 39.50 80.02 -15.25
CA ALA M 180 38.57 80.35 -14.19
C ALA M 180 38.69 79.47 -12.96
N CYS M 181 39.54 78.43 -13.01
CA CYS M 181 39.64 77.48 -11.92
C CYS M 181 41.00 77.48 -11.23
N GLN M 182 41.89 78.42 -11.57
CA GLN M 182 43.20 78.43 -10.94
C GLN M 182 43.19 79.11 -9.58
N SER M 183 42.13 79.85 -9.25
CA SER M 183 42.01 80.49 -7.96
C SER M 183 41.52 79.56 -6.87
N ILE M 184 41.15 78.33 -7.21
CA ILE M 184 40.61 77.37 -6.24
C ILE M 184 41.50 76.13 -6.21
N TYR M 185 41.66 75.47 -7.34
CA TYR M 185 42.64 74.41 -7.47
C TYR M 185 43.12 74.35 -8.92
N PRO M 186 44.42 74.53 -9.16
CA PRO M 186 44.91 74.53 -10.54
C PRO M 186 44.70 73.20 -11.25
N LEU M 187 43.86 73.20 -12.29
CA LEU M 187 43.64 72.02 -13.10
C LEU M 187 44.40 72.14 -14.42
N HIS M 188 44.94 71.00 -14.87
CA HIS M 188 45.85 71.00 -16.01
C HIS M 188 45.34 70.31 -17.26
N ASP M 189 44.41 69.35 -17.15
CA ASP M 189 43.89 68.65 -18.33
C ASP M 189 42.37 68.77 -18.30
N VAL M 190 41.88 69.89 -18.80
CA VAL M 190 40.45 70.19 -18.78
C VAL M 190 39.97 70.30 -20.21
N PHE M 191 38.97 69.50 -20.56
CA PHE M 191 38.38 69.49 -21.89
C PHE M 191 36.88 69.34 -21.77
N VAL M 192 36.17 69.69 -22.84
CA VAL M 192 34.80 69.29 -23.03
C VAL M 192 34.86 67.85 -23.52
N ARG M 193 34.66 66.91 -22.59
CA ARG M 193 34.89 65.50 -22.89
C ARG M 193 33.96 65.01 -23.99
N LYS M 194 32.67 65.32 -23.87
CA LYS M 194 31.68 64.77 -24.78
C LYS M 194 30.60 65.81 -25.03
N VAL M 195 30.13 65.86 -26.28
CA VAL M 195 28.94 66.61 -26.66
C VAL M 195 28.01 65.66 -27.38
N LYS M 196 26.84 65.42 -26.82
CA LYS M 196 25.82 64.58 -27.46
C LYS M 196 24.60 65.44 -27.76
N MET M 197 24.01 65.20 -28.92
CA MET M 197 22.79 65.90 -29.32
C MET M 197 21.56 65.15 -28.85
N LEU M 198 20.71 65.84 -28.11
CA LEU M 198 19.43 65.28 -27.68
C LEU M 198 18.31 65.54 -28.65
N LYS M 199 18.03 66.81 -28.96
CA LYS M 199 16.91 67.20 -29.82
C LYS M 199 17.41 68.03 -30.98
N LYS M 200 16.74 67.87 -32.12
CA LYS M 200 16.96 68.67 -33.31
C LYS M 200 15.66 69.31 -33.75
N PRO M 201 15.66 70.64 -33.98
CA PRO M 201 14.41 71.32 -34.35
C PRO M 201 14.04 71.22 -35.83
N LYS M 202 13.08 70.36 -36.15
CA LYS M 202 12.24 70.46 -37.35
C LYS M 202 12.99 70.26 -38.66
N PHE M 203 14.32 70.19 -38.61
CA PHE M 203 15.16 69.93 -39.80
C PHE M 203 14.79 70.86 -40.97
N GLU M 204 15.10 72.14 -40.78
CA GLU M 204 14.93 73.08 -41.87
C GLU M 204 16.06 72.91 -42.90
N LEU M 205 15.72 73.18 -44.16
CA LEU M 205 16.63 72.98 -45.29
C LEU M 205 17.43 74.22 -45.66
N GLY M 206 16.88 75.41 -45.40
CA GLY M 206 17.63 76.62 -45.70
C GLY M 206 18.87 76.77 -44.84
N LYS M 207 18.76 76.48 -43.54
CA LYS M 207 19.90 76.62 -42.66
C LYS M 207 20.97 75.59 -42.97
N LEU M 208 20.57 74.36 -43.31
CA LEU M 208 21.55 73.33 -43.65
C LEU M 208 22.36 73.75 -44.86
N MET M 209 21.75 74.52 -45.76
CA MET M 209 22.49 75.06 -46.90
C MET M 209 23.50 76.12 -46.45
N GLU M 210 23.10 77.00 -45.53
CA GLU M 210 24.03 78.01 -45.05
C GLU M 210 25.14 77.36 -44.24
N LEU M 211 24.82 76.31 -43.49
CA LEU M 211 25.85 75.54 -42.79
C LEU M 211 26.88 74.96 -43.74
N HIS M 212 26.51 74.78 -45.01
CA HIS M 212 27.40 74.22 -46.02
C HIS M 212 27.87 75.25 -47.03
N GLY M 213 27.02 76.20 -47.41
CA GLY M 213 27.37 77.16 -48.44
C GLY M 213 27.46 78.59 -47.98
N GLU M 214 26.72 79.48 -48.65
CA GLU M 214 26.82 80.92 -48.40
C GLU M 214 26.15 81.31 -47.09
N SER N 1 47.15 113.53 72.71
CA SER N 1 47.39 112.92 71.41
C SER N 1 46.07 112.49 70.78
N ALA N 2 45.80 113.01 69.57
CA ALA N 2 44.51 112.83 68.92
C ALA N 2 44.56 111.62 67.98
N LYS N 3 43.66 110.66 68.21
CA LYS N 3 43.59 109.44 67.42
C LYS N 3 42.18 109.26 66.88
N ILE N 4 41.63 110.31 66.27
CA ILE N 4 40.21 110.36 65.95
C ILE N 4 39.77 109.27 64.98
N VAL N 5 40.70 108.66 64.24
CA VAL N 5 40.38 107.56 63.33
C VAL N 5 41.35 106.42 63.60
N LYS N 6 40.98 105.53 64.53
CA LYS N 6 41.83 104.39 64.88
C LYS N 6 41.01 103.31 65.59
N PRO N 7 40.24 102.51 64.86
CA PRO N 7 39.56 101.38 65.50
C PRO N 7 40.53 100.29 65.92
N ASN N 8 40.09 99.49 66.87
CA ASN N 8 40.88 98.37 67.37
C ASN N 8 39.92 97.34 67.94
N GLY N 9 40.43 96.38 68.72
CA GLY N 9 39.54 95.37 69.26
C GLY N 9 38.60 95.91 70.31
N GLU N 10 39.09 96.19 71.52
CA GLU N 10 38.36 97.09 72.42
C GLU N 10 39.23 98.27 72.85
N LYS N 11 40.30 97.97 73.58
CA LYS N 11 41.28 98.93 74.09
C LYS N 11 42.42 99.28 73.13
N PRO N 12 43.10 98.29 72.54
CA PRO N 12 44.55 98.42 72.31
C PRO N 12 44.94 99.70 71.58
N ASP N 13 45.86 100.45 72.19
CA ASP N 13 46.47 101.62 71.55
C ASP N 13 47.76 101.91 72.32
N GLU N 14 48.91 101.68 71.69
CA GLU N 14 50.21 101.66 72.36
C GLU N 14 51.13 102.69 71.70
N PHE N 15 51.58 103.67 72.50
CA PHE N 15 52.42 104.80 72.10
C PHE N 15 52.14 105.26 70.68
N GLU N 16 50.88 105.47 70.38
CA GLU N 16 50.53 105.64 68.99
C GLU N 16 50.83 107.16 68.55
N SER N 17 51.58 107.91 69.33
CA SER N 17 51.96 109.24 68.85
C SER N 17 52.84 109.17 67.60
N GLY N 18 53.49 108.03 67.36
CA GLY N 18 54.38 107.87 66.23
C GLY N 18 53.75 107.51 64.90
N ILE N 19 52.48 107.07 64.87
CA ILE N 19 51.88 106.61 63.62
C ILE N 19 50.59 107.36 63.28
N SER N 20 49.58 107.26 64.16
CA SER N 20 48.28 107.87 63.88
C SER N 20 48.34 109.39 63.94
N GLN N 21 49.25 109.94 64.75
CA GLN N 21 49.47 111.37 64.68
C GLN N 21 50.03 111.76 63.32
N ALA N 22 50.83 110.89 62.71
CA ALA N 22 51.37 111.17 61.39
C ALA N 22 50.25 111.32 60.36
N LEU N 23 49.28 110.40 60.38
CA LEU N 23 48.13 110.55 59.50
C LEU N 23 47.16 111.61 60.02
N LEU N 24 47.31 111.99 61.30
CA LEU N 24 46.52 113.10 61.83
C LEU N 24 46.99 114.42 61.24
N GLU N 25 48.31 114.60 61.10
CA GLU N 25 48.82 115.80 60.46
C GLU N 25 48.93 115.64 58.95
N LEU N 26 48.48 114.52 58.40
CA LEU N 26 48.40 114.38 56.95
C LEU N 26 47.32 115.26 56.35
N GLU N 27 46.46 115.86 57.17
CA GLU N 27 45.51 116.85 56.68
C GLU N 27 46.28 118.08 56.16
N MET N 28 45.60 118.90 55.36
CA MET N 28 46.22 119.96 54.57
C MET N 28 47.28 119.41 53.61
N ASN N 29 47.04 118.25 53.01
CA ASN N 29 47.93 117.71 51.99
C ASN N 29 47.38 118.06 50.60
N SER N 30 47.93 117.43 49.57
CA SER N 30 47.59 117.72 48.18
C SER N 30 46.56 116.72 47.68
N ASP N 31 45.28 117.02 47.91
CA ASP N 31 44.15 116.29 47.36
C ASP N 31 44.09 114.83 47.80
N LEU N 32 44.95 114.42 48.72
CA LEU N 32 44.90 113.08 49.28
C LEU N 32 43.98 112.99 50.50
N LYS N 33 43.46 114.12 50.96
CA LYS N 33 42.52 114.12 52.08
C LYS N 33 41.10 113.80 51.65
N ALA N 34 40.81 113.78 50.35
CA ALA N 34 39.49 113.43 49.87
C ALA N 34 39.15 111.97 50.09
N GLN N 35 40.14 111.12 50.40
CA GLN N 35 39.93 109.70 50.61
C GLN N 35 40.22 109.28 52.05
N LEU N 36 41.32 109.77 52.63
CA LEU N 36 41.75 109.30 53.95
C LEU N 36 40.77 109.65 55.06
N ARG N 37 39.95 110.69 54.87
CA ARG N 37 39.03 111.10 55.92
C ARG N 37 38.01 110.03 56.25
N GLU N 38 37.64 109.20 55.28
CA GLU N 38 36.65 108.14 55.48
C GLU N 38 37.28 106.76 55.61
N LEU N 39 38.59 106.65 55.46
CA LEU N 39 39.30 105.39 55.62
C LEU N 39 39.87 105.30 57.02
N ASN N 40 39.89 104.09 57.58
CA ASN N 40 40.32 103.86 58.94
C ASN N 40 41.38 102.77 59.01
N ILE N 41 42.29 102.92 59.97
CA ILE N 41 43.40 102.00 60.19
C ILE N 41 43.11 101.22 61.46
N THR N 42 43.32 99.90 61.42
CA THR N 42 43.10 99.09 62.61
C THR N 42 44.33 99.05 63.51
N ALA N 43 45.46 98.59 62.99
CA ALA N 43 46.65 98.44 63.81
C ALA N 43 47.90 98.60 62.95
N ALA N 44 49.02 98.85 63.64
CA ALA N 44 50.33 98.96 63.00
C ALA N 44 51.39 98.57 64.02
N LYS N 45 52.59 98.27 63.53
CA LYS N 45 53.65 97.79 64.41
C LYS N 45 55.01 98.08 63.79
N GLU N 46 56.06 97.81 64.58
CA GLU N 46 57.43 98.18 64.24
C GLU N 46 58.37 96.97 64.17
N ILE N 47 57.95 95.92 63.45
CA ILE N 47 58.76 94.71 63.36
C ILE N 47 60.05 95.00 62.60
N GLU N 48 61.15 94.40 63.06
CA GLU N 48 62.43 94.53 62.40
C GLU N 48 62.56 93.50 61.27
N VAL N 49 63.33 93.87 60.25
CA VAL N 49 63.64 92.98 59.14
C VAL N 49 65.15 92.94 58.99
N GLY N 50 65.73 91.76 59.18
CA GLY N 50 67.17 91.61 59.10
C GLY N 50 67.89 92.18 60.31
N GLY N 51 68.75 93.17 60.08
CA GLY N 51 69.47 93.80 61.16
C GLY N 51 68.82 95.08 61.63
N GLY N 52 69.45 96.22 61.32
CA GLY N 52 68.94 97.50 61.77
C GLY N 52 67.76 98.04 60.98
N ARG N 53 67.44 97.43 59.83
CA ARG N 53 66.33 97.91 59.03
C ARG N 53 65.00 97.64 59.74
N LYS N 54 64.05 98.54 59.54
CA LYS N 54 62.74 98.47 60.19
C LYS N 54 61.65 98.57 59.15
N ALA N 55 60.60 97.77 59.32
CA ALA N 55 59.47 97.75 58.42
C ALA N 55 58.17 97.86 59.21
N ILE N 56 57.23 98.65 58.69
CA ILE N 56 55.94 98.85 59.34
C ILE N 56 54.86 98.13 58.55
N ILE N 57 54.08 97.31 59.23
CA ILE N 57 52.88 96.71 58.67
C ILE N 57 51.68 97.43 59.26
N ILE N 58 50.81 97.93 58.39
CA ILE N 58 49.62 98.65 58.80
C ILE N 58 48.40 97.84 58.37
N PHE N 59 47.54 97.52 59.34
CA PHE N 59 46.39 96.67 59.08
C PHE N 59 45.14 97.53 58.85
N VAL N 60 44.46 97.29 57.74
CA VAL N 60 43.24 98.01 57.39
C VAL N 60 42.13 96.99 57.11
N PRO N 61 40.86 97.35 57.31
CA PRO N 61 39.79 96.38 57.07
C PRO N 61 39.68 95.98 55.60
N VAL N 62 39.23 94.75 55.38
CA VAL N 62 39.08 94.17 54.04
C VAL N 62 38.15 95.00 53.16
N PRO N 63 36.95 95.40 53.62
CA PRO N 63 36.10 96.23 52.76
C PRO N 63 36.72 97.56 52.38
N GLN N 64 37.56 98.12 53.25
CA GLN N 64 38.20 99.40 52.99
C GLN N 64 39.55 99.24 52.29
N LEU N 65 40.06 98.02 52.17
CA LEU N 65 41.35 97.82 51.52
C LEU N 65 41.25 97.95 50.02
N LYS N 66 40.12 97.52 49.45
CA LYS N 66 39.91 97.67 48.01
C LYS N 66 39.98 99.13 47.59
N SER N 67 39.47 100.03 48.44
CA SER N 67 39.67 101.46 48.25
C SER N 67 41.07 101.92 48.63
N PHE N 68 41.69 101.25 49.61
CA PHE N 68 43.05 101.61 50.02
C PHE N 68 44.06 101.32 48.91
N GLN N 69 43.87 100.22 48.18
CA GLN N 69 44.79 99.89 47.10
C GLN N 69 44.71 100.88 45.94
N LYS N 70 43.58 101.58 45.78
CA LYS N 70 43.45 102.52 44.68
C LYS N 70 44.47 103.65 44.80
N ILE N 71 44.68 104.15 46.01
CA ILE N 71 45.60 105.26 46.26
C ILE N 71 46.84 104.81 47.03
N GLN N 72 47.06 103.50 47.12
CA GLN N 72 48.13 102.96 47.97
C GLN N 72 49.50 103.46 47.52
N VAL N 73 49.73 103.49 46.20
CA VAL N 73 51.04 103.92 45.69
C VAL N 73 51.31 105.38 46.06
N ARG N 74 50.26 106.18 46.25
CA ARG N 74 50.43 107.59 46.53
C ARG N 74 51.00 107.83 47.93
N LEU N 75 50.27 107.40 48.96
CA LEU N 75 50.67 107.71 50.32
C LEU N 75 51.78 106.80 50.84
N VAL N 76 52.12 105.73 50.11
CA VAL N 76 53.20 104.88 50.56
C VAL N 76 54.52 105.64 50.56
N ARG N 77 54.64 106.66 49.70
CA ARG N 77 55.83 107.51 49.73
C ARG N 77 55.76 108.50 50.88
N GLU N 78 54.56 109.02 51.20
CA GLU N 78 54.42 109.99 52.27
C GLU N 78 54.86 109.41 53.60
N LEU N 79 54.39 108.20 53.93
CA LEU N 79 54.80 107.56 55.17
C LEU N 79 56.28 107.24 55.17
N GLU N 80 56.86 106.97 54.00
CA GLU N 80 58.31 106.77 53.91
C GLU N 80 59.07 108.03 54.28
N LYS N 81 58.62 109.19 53.79
CA LYS N 81 59.33 110.44 54.02
C LYS N 81 58.94 111.12 55.32
N LYS N 82 57.88 110.66 55.99
CA LYS N 82 57.60 111.13 57.35
C LYS N 82 58.53 110.50 58.36
N PHE N 83 59.03 109.29 58.10
CA PHE N 83 60.01 108.64 58.96
C PHE N 83 60.88 107.77 58.04
N SER N 84 62.11 108.22 57.81
CA SER N 84 62.96 107.63 56.79
C SER N 84 63.44 106.24 57.20
N GLY N 85 63.78 105.44 56.19
CA GLY N 85 64.34 104.12 56.38
C GLY N 85 63.37 103.05 56.77
N LYS N 86 62.07 103.35 56.78
CA LYS N 86 61.05 102.44 57.28
C LYS N 86 60.15 101.99 56.13
N HIS N 87 60.21 100.69 55.81
CA HIS N 87 59.33 100.13 54.80
C HIS N 87 57.90 100.04 55.33
N VAL N 88 56.93 100.38 54.47
CA VAL N 88 55.53 100.45 54.86
C VAL N 88 54.66 99.73 53.85
N VAL N 89 53.74 98.90 54.35
CA VAL N 89 52.81 98.16 53.50
C VAL N 89 51.46 98.12 54.22
N PHE N 90 50.43 97.69 53.50
CA PHE N 90 49.09 97.58 54.05
C PHE N 90 48.58 96.14 53.91
N ILE N 91 48.13 95.57 55.02
CA ILE N 91 47.64 94.18 55.07
C ILE N 91 46.24 94.20 55.67
N ALA N 92 45.34 93.40 55.09
CA ALA N 92 43.96 93.39 55.54
C ALA N 92 43.78 92.47 56.75
N GLN N 93 42.89 92.87 57.65
CA GLN N 93 42.50 92.01 58.77
C GLN N 93 41.61 90.88 58.28
N ARG N 94 42.08 89.64 58.42
CA ARG N 94 41.45 88.51 57.74
C ARG N 94 40.67 87.57 58.65
N ARG N 95 40.91 87.54 59.96
CA ARG N 95 40.08 86.79 60.91
C ARG N 95 40.04 85.30 60.52
N ILE N 96 41.17 84.63 60.73
CA ILE N 96 41.24 83.21 60.45
C ILE N 96 40.30 82.45 61.37
N LEU N 97 39.53 81.52 60.79
CA LEU N 97 38.59 80.68 61.53
C LEU N 97 39.12 79.27 61.66
N PRO N 98 39.16 78.72 62.87
CA PRO N 98 39.81 77.43 63.10
C PRO N 98 39.06 76.29 62.43
N LYS N 99 39.80 75.23 62.14
CA LYS N 99 39.22 74.04 61.55
C LYS N 99 38.28 73.38 62.57
N PRO N 100 37.00 73.23 62.27
CA PRO N 100 36.09 72.63 63.25
C PRO N 100 36.31 71.13 63.41
N THR N 101 36.88 70.73 64.54
CA THR N 101 37.18 69.34 64.82
C THR N 101 35.94 68.67 65.45
N ARG N 102 36.12 67.47 65.98
CA ARG N 102 35.01 66.72 66.56
C ARG N 102 34.74 67.09 68.02
N LYS N 103 35.52 68.00 68.59
CA LYS N 103 35.34 68.39 69.99
C LYS N 103 34.96 69.86 70.10
N LYS N 104 26.64 77.46 71.63
CA LYS N 104 27.09 76.16 71.18
C LYS N 104 26.88 75.99 69.68
N ASN N 105 26.14 76.91 69.08
CA ASN N 105 25.74 76.81 67.68
C ASN N 105 26.56 77.75 66.81
N LYS N 106 27.22 77.19 65.81
CA LYS N 106 28.02 77.94 64.85
C LYS N 106 27.73 77.39 63.46
N GLN N 107 27.95 78.23 62.45
CA GLN N 107 27.58 77.90 61.08
C GLN N 107 28.83 77.60 60.25
N LYS N 108 28.60 77.29 58.97
CA LYS N 108 29.66 76.83 58.09
C LYS N 108 30.78 77.86 58.01
N ARG N 109 32.01 77.38 58.10
CA ARG N 109 33.18 78.25 58.01
C ARG N 109 33.42 78.63 56.56
N PRO N 110 33.30 79.90 56.18
CA PRO N 110 33.52 80.28 54.78
C PRO N 110 34.97 80.03 54.37
N ARG N 111 35.13 79.69 53.08
CA ARG N 111 36.46 79.44 52.54
C ARG N 111 37.32 80.69 52.49
N SER N 112 36.74 81.88 52.62
CA SER N 112 37.55 83.08 52.75
C SER N 112 38.22 83.18 54.11
N ARG N 113 37.62 82.58 55.14
CA ARG N 113 38.13 82.63 56.50
C ARG N 113 39.11 81.50 56.81
N THR N 114 39.24 80.53 55.92
CA THR N 114 40.14 79.42 56.18
C THR N 114 41.59 79.88 56.09
N LEU N 115 42.48 79.15 56.75
CA LEU N 115 43.85 79.62 56.94
C LEU N 115 44.59 79.75 55.61
N THR N 116 44.47 78.75 54.74
CA THR N 116 45.23 78.77 53.49
C THR N 116 44.80 79.93 52.61
N ALA N 117 43.49 80.18 52.51
CA ALA N 117 43.01 81.30 51.71
C ALA N 117 43.40 82.65 52.31
N VAL N 118 43.74 82.69 53.59
CA VAL N 118 44.11 83.94 54.23
C VAL N 118 45.60 84.21 54.06
N HIS N 119 46.42 83.16 54.16
CA HIS N 119 47.86 83.33 54.03
C HIS N 119 48.24 83.79 52.63
N ASP N 120 47.68 83.17 51.59
CA ASP N 120 48.01 83.60 50.24
C ASP N 120 47.29 84.90 49.88
N ALA N 121 46.28 85.28 50.66
CA ALA N 121 45.70 86.62 50.51
C ALA N 121 46.63 87.67 51.09
N ILE N 122 47.27 87.37 52.22
CA ILE N 122 48.24 88.29 52.80
C ILE N 122 49.40 88.51 51.86
N LEU N 123 49.92 87.41 51.30
CA LEU N 123 51.07 87.50 50.40
C LEU N 123 50.74 88.23 49.11
N GLU N 124 49.49 88.11 48.64
CA GLU N 124 49.10 88.77 47.39
C GLU N 124 48.96 90.27 47.60
N ASP N 125 48.43 90.69 48.75
CA ASP N 125 48.23 92.11 49.00
C ASP N 125 49.42 92.73 49.74
N LEU N 126 50.44 91.95 50.08
CA LEU N 126 51.65 92.51 50.67
C LEU N 126 52.51 93.19 49.62
N VAL N 127 52.34 92.82 48.35
CA VAL N 127 53.21 93.23 47.27
C VAL N 127 52.39 93.97 46.20
N PHE N 128 51.37 94.70 46.66
CA PHE N 128 50.29 95.14 45.79
C PHE N 128 50.72 95.82 44.48
N PRO N 129 51.70 96.72 44.44
CA PRO N 129 52.03 97.35 43.15
C PRO N 129 52.31 96.35 42.05
N SER N 130 52.99 95.25 42.37
CA SER N 130 53.15 94.14 41.45
C SER N 130 52.08 93.09 41.72
N GLU N 131 52.10 92.03 40.93
CA GLU N 131 51.09 90.98 41.02
C GLU N 131 51.78 89.62 41.04
N ILE N 132 51.06 88.63 41.56
CA ILE N 132 51.58 87.27 41.61
C ILE N 132 51.32 86.59 40.28
N VAL N 133 52.37 86.07 39.65
CA VAL N 133 52.24 85.34 38.40
C VAL N 133 52.70 83.89 38.52
N GLY N 134 53.15 83.45 39.70
CA GLY N 134 53.55 82.07 39.87
C GLY N 134 53.96 81.75 41.30
N LYS N 135 53.86 80.48 41.68
CA LYS N 135 54.30 80.00 42.97
C LYS N 135 55.02 78.67 42.79
N ARG N 136 56.13 78.50 43.48
CA ARG N 136 57.04 77.38 43.29
C ARG N 136 57.49 76.79 44.62
N ILE N 137 56.51 76.48 45.49
CA ILE N 137 56.83 75.97 46.83
C ILE N 137 57.81 74.81 46.73
N ARG N 138 58.94 74.95 47.42
CA ARG N 138 60.02 73.97 47.41
C ARG N 138 60.20 73.37 48.79
N VAL N 139 60.30 72.04 48.83
CA VAL N 139 60.56 71.31 50.07
C VAL N 139 62.05 71.06 50.15
N LYS N 140 62.67 71.56 51.23
CA LYS N 140 64.13 71.65 51.32
C LYS N 140 64.74 70.44 52.02
N LEU N 141 64.45 69.25 51.47
CA LEU N 141 65.18 68.01 51.75
C LEU N 141 64.88 67.47 53.14
N ASP N 142 64.23 68.26 54.00
CA ASP N 142 63.86 67.74 55.32
C ASP N 142 62.48 68.20 55.77
N GLY N 143 61.57 68.45 54.84
CA GLY N 143 60.19 68.75 55.17
C GLY N 143 59.85 70.22 55.29
N SER N 144 60.85 71.09 55.48
CA SER N 144 60.59 72.52 55.51
C SER N 144 60.30 73.02 54.10
N ARG N 145 59.41 74.00 53.99
CA ARG N 145 58.97 74.51 52.70
C ARG N 145 59.40 75.96 52.53
N LEU N 146 59.96 76.27 51.37
CA LEU N 146 60.35 77.63 51.00
C LEU N 146 59.60 78.01 49.74
N ILE N 147 58.55 78.82 49.90
CA ILE N 147 57.77 79.28 48.77
C ILE N 147 58.53 80.39 48.05
N LYS N 148 58.53 80.35 46.72
CA LYS N 148 59.12 81.41 45.93
C LYS N 148 58.06 81.98 45.00
N VAL N 149 57.86 83.29 45.08
CA VAL N 149 56.76 83.99 44.41
C VAL N 149 57.33 84.75 43.23
N HIS N 150 56.69 84.58 42.08
CA HIS N 150 57.07 85.30 40.86
C HIS N 150 56.26 86.59 40.77
N LEU N 151 56.92 87.66 40.32
CA LEU N 151 56.30 88.95 40.10
C LEU N 151 56.30 89.26 38.60
N ASP N 152 55.73 90.40 38.23
CA ASP N 152 55.36 90.65 36.84
C ASP N 152 56.50 91.17 35.97
N LYS N 153 57.71 91.35 36.51
CA LYS N 153 58.83 91.89 35.76
C LYS N 153 58.51 93.31 35.25
N ALA N 154 57.53 93.95 35.87
CA ALA N 154 57.11 95.30 35.50
C ALA N 154 57.47 96.33 36.57
N GLN N 155 57.15 96.05 37.83
CA GLN N 155 57.48 96.98 38.92
C GLN N 155 58.83 96.65 39.55
N GLN N 156 59.86 96.49 38.71
CA GLN N 156 61.20 96.39 39.26
C GLN N 156 61.70 97.76 39.72
N ASN N 157 61.36 98.81 38.98
CA ASN N 157 61.68 100.16 39.42
C ASN N 157 60.95 100.51 40.70
N ASN N 158 59.79 99.88 40.96
CA ASN N 158 58.99 100.18 42.13
C ASN N 158 59.33 99.28 43.32
N VAL N 159 59.12 97.98 43.17
CA VAL N 159 59.28 97.03 44.26
C VAL N 159 60.42 96.08 43.89
N GLU N 160 61.63 96.46 44.29
CA GLU N 160 62.79 95.57 44.20
C GLU N 160 63.63 95.55 45.48
N HIS N 161 63.55 96.58 46.31
CA HIS N 161 64.29 96.68 47.57
C HIS N 161 63.45 96.23 48.76
N LYS N 162 62.18 95.88 48.53
CA LYS N 162 61.28 95.43 49.58
C LYS N 162 61.20 93.92 49.65
N VAL N 163 61.96 93.20 48.83
CA VAL N 163 61.86 91.74 48.77
C VAL N 163 62.29 91.13 50.10
N GLU N 164 63.33 91.67 50.73
CA GLU N 164 63.75 91.15 52.02
C GLU N 164 62.80 91.58 53.12
N THR N 165 62.13 92.73 52.96
CA THR N 165 61.07 93.11 53.89
C THR N 165 59.84 92.24 53.68
N PHE N 166 59.49 91.98 52.42
CA PHE N 166 58.38 91.08 52.13
C PHE N 166 58.65 89.69 52.70
N SER N 167 59.90 89.24 52.64
CA SER N 167 60.25 87.96 53.25
C SER N 167 60.06 88.00 54.76
N GLY N 168 60.64 89.00 55.43
CA GLY N 168 60.55 89.06 56.88
C GLY N 168 59.14 89.30 57.37
N VAL N 169 58.43 90.24 56.74
CA VAL N 169 57.08 90.57 57.19
C VAL N 169 56.15 89.38 57.04
N TYR N 170 56.28 88.63 55.94
CA TYR N 170 55.49 87.41 55.80
C TYR N 170 55.84 86.40 56.87
N LYS N 171 57.13 86.22 57.16
CA LYS N 171 57.53 85.24 58.16
C LYS N 171 56.95 85.55 59.53
N LYS N 172 56.92 86.83 59.90
CA LYS N 172 56.47 87.20 61.24
C LYS N 172 55.01 86.82 61.47
N LEU N 173 54.12 87.23 60.57
CA LEU N 173 52.69 87.02 60.77
C LEU N 173 52.14 85.81 60.02
N THR N 174 52.99 85.04 59.34
CA THR N 174 52.57 83.80 58.72
C THR N 174 53.46 82.60 59.03
N GLY N 175 54.73 82.81 59.38
CA GLY N 175 55.60 81.72 59.76
C GLY N 175 56.30 81.01 58.63
N LYS N 176 56.16 81.47 57.40
CA LYS N 176 56.71 80.81 56.23
C LYS N 176 57.81 81.66 55.63
N ASP N 177 58.87 81.01 55.14
CA ASP N 177 59.99 81.70 54.51
C ASP N 177 59.76 81.76 53.01
N VAL N 178 59.71 82.99 52.47
CA VAL N 178 59.39 83.22 51.07
C VAL N 178 60.37 84.25 50.51
N ASN N 179 60.92 83.96 49.33
CA ASN N 179 61.75 84.91 48.60
C ASN N 179 61.15 85.16 47.22
N PHE N 180 61.37 86.37 46.71
CA PHE N 180 60.66 86.87 45.54
C PHE N 180 61.67 87.10 44.41
N GLU N 181 61.40 86.49 43.26
CA GLU N 181 62.23 86.65 42.08
C GLU N 181 61.40 87.26 40.96
N PHE N 182 62.07 87.99 40.08
CA PHE N 182 61.41 88.54 38.89
C PHE N 182 61.80 87.71 37.68
N PRO N 183 60.89 86.94 37.11
CA PRO N 183 61.25 86.09 35.98
C PRO N 183 61.27 86.87 34.67
N GLU N 184 61.85 86.23 33.66
CA GLU N 184 61.77 86.73 32.30
C GLU N 184 60.30 86.72 31.85
N PHE N 185 60.01 87.42 30.77
CA PHE N 185 58.64 87.63 30.33
C PHE N 185 57.91 86.30 30.11
N GLN N 186 56.63 86.30 30.42
CA GLN N 186 55.80 85.10 30.32
C GLN N 186 55.41 84.82 28.87
N MET O 1 76.02 44.68 54.16
CA MET O 1 77.06 44.24 55.09
C MET O 1 76.95 44.98 56.43
N GLN O 2 78.09 45.19 57.10
CA GLN O 2 78.17 45.91 58.36
C GLN O 2 77.30 45.24 59.44
N ASN O 3 77.66 44.01 59.76
CA ASN O 3 76.93 43.26 60.76
C ASN O 3 77.02 43.95 62.13
N ASP O 4 76.16 43.52 63.05
CA ASP O 4 76.10 44.14 64.37
C ASP O 4 77.44 44.07 65.10
N ALA O 5 78.30 43.12 64.75
CA ALA O 5 79.65 43.12 65.28
C ALA O 5 80.42 44.37 64.85
N GLY O 6 80.24 44.78 63.60
CA GLY O 6 80.83 46.01 63.11
C GLY O 6 81.70 45.84 61.89
N GLU O 7 82.08 44.60 61.60
CA GLU O 7 83.01 44.32 60.52
C GLU O 7 82.31 44.38 59.16
N PHE O 8 83.07 44.78 58.14
CA PHE O 8 82.59 44.81 56.76
C PHE O 8 82.58 43.38 56.23
N VAL O 9 81.40 42.77 56.25
CA VAL O 9 81.29 41.39 55.78
C VAL O 9 80.66 41.38 54.39
N ASP O 10 81.49 41.42 53.37
CA ASP O 10 81.07 41.43 51.97
C ASP O 10 82.29 41.17 51.10
N LEU O 11 82.21 40.21 50.18
CA LEU O 11 83.42 39.80 49.45
C LEU O 11 83.93 40.89 48.53
N TYR O 12 83.03 41.72 47.99
CA TYR O 12 83.46 42.89 47.23
C TYR O 12 82.30 43.84 47.06
N VAL O 13 82.63 45.12 46.86
CA VAL O 13 81.65 46.19 46.73
C VAL O 13 81.64 46.66 45.27
N PRO O 14 80.60 46.37 44.51
CA PRO O 14 80.56 46.80 43.11
C PRO O 14 80.40 48.30 43.00
N ARG O 15 80.95 48.85 41.91
CA ARG O 15 80.82 50.27 41.65
C ARG O 15 79.44 50.58 41.06
N LYS O 16 79.04 51.83 41.19
CA LYS O 16 77.77 52.30 40.64
C LYS O 16 78.01 53.22 39.46
N CYS O 17 77.11 53.14 38.48
CA CYS O 17 77.21 54.00 37.31
C CYS O 17 77.19 55.47 37.72
N SER O 18 78.06 56.26 37.10
CA SER O 18 78.21 57.66 37.47
C SER O 18 77.12 58.55 36.90
N ALA O 19 76.23 58.01 36.07
CA ALA O 19 75.15 58.78 35.48
C ALA O 19 73.81 58.50 36.14
N SER O 20 73.41 57.23 36.25
CA SER O 20 72.12 56.86 36.80
C SER O 20 72.23 56.24 38.18
N ASN O 21 73.44 56.19 38.75
CA ASN O 21 73.70 55.62 40.07
C ASN O 21 73.40 54.12 40.09
N ARG O 22 73.07 53.55 38.94
CA ARG O 22 72.79 52.12 38.82
C ARG O 22 74.05 51.30 39.08
N ILE O 23 73.85 50.14 39.69
CA ILE O 23 74.97 49.26 40.03
C ILE O 23 75.59 48.68 38.77
N ILE O 24 76.87 48.30 38.86
CA ILE O 24 77.60 47.70 37.75
C ILE O 24 77.74 46.22 38.06
N GLY O 25 77.13 45.38 37.21
CA GLY O 25 77.16 43.95 37.46
C GLY O 25 78.51 43.33 37.14
N ALA O 26 78.76 42.19 37.79
CA ALA O 26 80.03 41.49 37.58
C ALA O 26 80.17 40.97 36.16
N LYS O 27 79.05 40.70 35.49
CA LYS O 27 79.07 40.25 34.11
C LYS O 27 78.54 41.31 33.15
N ASP O 28 78.43 42.55 33.60
CA ASP O 28 78.02 43.66 32.74
C ASP O 28 79.23 44.07 31.91
N HIS O 29 79.53 43.30 30.87
CA HIS O 29 80.68 43.56 30.02
C HIS O 29 80.43 44.69 29.03
N ALA O 30 79.35 45.44 29.20
CA ALA O 30 79.12 46.66 28.43
C ALA O 30 79.44 47.93 29.20
N SER O 31 79.64 47.83 30.51
CA SER O 31 79.99 48.98 31.32
C SER O 31 81.44 49.38 31.09
N ILE O 32 81.69 50.67 30.95
CA ILE O 32 83.04 51.17 30.77
C ILE O 32 83.47 51.91 32.03
N GLN O 33 84.78 51.99 32.23
CA GLN O 33 85.37 52.79 33.29
C GLN O 33 86.45 53.65 32.64
N MET O 34 86.16 54.94 32.49
CA MET O 34 87.02 55.85 31.75
C MET O 34 87.86 56.69 32.70
N ASN O 35 88.94 57.25 32.16
CA ASN O 35 89.72 58.29 32.82
C ASN O 35 89.82 59.48 31.87
N VAL O 36 89.66 60.68 32.41
CA VAL O 36 89.76 61.92 31.63
C VAL O 36 90.90 62.73 32.23
N ALA O 37 91.92 63.00 31.42
CA ALA O 37 93.13 63.63 31.91
C ALA O 37 92.89 65.09 32.27
N GLU O 38 93.56 65.54 33.34
CA GLU O 38 93.63 66.95 33.68
C GLU O 38 94.78 67.62 32.95
N VAL O 39 94.69 68.94 32.83
CA VAL O 39 95.73 69.72 32.18
C VAL O 39 96.24 70.78 33.14
N ASP O 40 97.49 71.18 32.95
CA ASP O 40 98.09 72.22 33.77
C ASP O 40 97.47 73.57 33.45
N LYS O 41 97.33 74.40 34.48
CA LYS O 41 96.57 75.64 34.35
C LYS O 41 97.17 76.58 33.32
N VAL O 42 98.48 76.77 33.35
CA VAL O 42 99.11 77.79 32.51
C VAL O 42 99.70 77.24 31.22
N THR O 43 99.92 75.93 31.12
CA THR O 43 100.59 75.36 29.95
C THR O 43 99.67 74.50 29.10
N GLY O 44 98.55 74.03 29.63
CA GLY O 44 97.73 73.08 28.88
C GLY O 44 98.43 71.77 28.65
N ARG O 45 99.25 71.34 29.60
CA ARG O 45 99.94 70.06 29.55
C ARG O 45 99.36 69.12 30.58
N PHE O 46 99.40 67.82 30.28
CA PHE O 46 98.85 66.80 31.17
C PHE O 46 99.63 66.77 32.47
N ASN O 47 98.98 67.19 33.57
CA ASN O 47 99.68 67.28 34.85
C ASN O 47 100.03 65.89 35.38
N GLY O 48 99.14 64.92 35.22
CA GLY O 48 99.42 63.57 35.68
C GLY O 48 98.24 62.83 36.27
N GLN O 49 97.26 63.56 36.80
CA GLN O 49 96.08 62.94 37.39
C GLN O 49 94.87 63.12 36.48
N PHE O 50 93.80 62.41 36.82
CA PHE O 50 92.66 62.29 35.91
C PHE O 50 91.39 62.12 36.71
N LYS O 51 90.27 62.45 36.08
CA LYS O 51 88.94 62.22 36.64
C LYS O 51 88.29 61.06 35.91
N THR O 52 87.64 60.19 36.67
CA THR O 52 87.14 58.92 36.15
C THR O 52 85.61 58.86 36.21
N TYR O 53 85.04 58.14 35.25
CA TYR O 53 83.59 57.94 35.17
C TYR O 53 83.31 56.49 34.80
N ALA O 54 82.17 55.99 35.26
CA ALA O 54 81.70 54.65 34.93
C ALA O 54 80.25 54.75 34.47
N ILE O 55 80.01 54.38 33.21
CA ILE O 55 78.68 54.40 32.64
C ILE O 55 78.20 52.96 32.51
N CYS O 56 77.00 52.68 33.01
CA CYS O 56 76.50 51.33 33.01
C CYS O 56 76.19 50.86 31.59
N GLY O 57 76.15 49.55 31.42
CA GLY O 57 75.87 48.99 30.11
C GLY O 57 74.51 49.38 29.57
N ALA O 58 73.52 49.52 30.46
CA ALA O 58 72.20 49.94 30.01
C ALA O 58 72.19 51.40 29.57
N ILE O 59 72.89 52.28 30.30
CA ILE O 59 72.90 53.69 29.95
C ILE O 59 73.51 53.90 28.57
N ARG O 60 74.67 53.29 28.32
CA ARG O 60 75.31 53.45 27.03
C ARG O 60 74.73 52.53 25.96
N ARG O 61 73.84 51.61 26.34
CA ARG O 61 73.05 50.91 25.34
C ARG O 61 71.88 51.76 24.86
N MET O 62 71.35 52.64 25.72
CA MET O 62 70.29 53.54 25.33
C MET O 62 70.78 54.64 24.40
N GLY O 63 72.05 55.02 24.51
CA GLY O 63 72.63 56.10 23.72
C GLY O 63 72.89 57.37 24.48
N GLU O 64 72.80 57.36 25.81
CA GLU O 64 72.93 58.56 26.62
C GLU O 64 74.31 58.68 27.28
N SER O 65 75.26 57.84 26.91
CA SER O 65 76.58 57.88 27.54
C SER O 65 77.29 59.19 27.24
N ASP O 66 77.26 59.62 25.98
CA ASP O 66 77.96 60.85 25.60
C ASP O 66 77.34 62.07 26.27
N ASP O 67 76.01 62.11 26.33
CA ASP O 67 75.32 63.16 27.07
C ASP O 67 75.68 63.08 28.56
N SER O 68 75.72 61.87 29.10
CA SER O 68 76.00 61.69 30.52
C SER O 68 77.45 62.03 30.84
N ILE O 69 78.37 61.64 29.97
CA ILE O 69 79.78 62.00 30.17
C ILE O 69 79.95 63.52 30.12
N LEU O 70 79.29 64.16 29.15
CA LEU O 70 79.41 65.60 28.98
C LEU O 70 78.93 66.35 30.23
N ARG O 71 77.79 65.95 30.78
CA ARG O 71 77.30 66.56 32.01
C ARG O 71 78.26 66.32 33.16
N LEU O 72 78.84 65.10 33.24
CA LEU O 72 79.83 64.82 34.26
C LEU O 72 81.07 65.68 34.06
N ALA O 73 81.46 65.91 32.80
CA ALA O 73 82.59 66.81 32.52
C ALA O 73 82.26 68.24 32.94
N LYS O 74 81.00 68.65 32.81
CA LYS O 74 80.59 69.97 33.30
C LYS O 74 80.80 70.10 34.80
N ALA O 75 80.27 69.16 35.57
CA ALA O 75 80.27 69.30 37.02
C ALA O 75 81.70 69.30 37.57
N ASP O 76 82.58 68.49 36.97
CA ASP O 76 83.95 68.38 37.43
C ASP O 76 84.84 69.53 36.96
N GLY O 77 84.41 70.31 35.98
CA GLY O 77 85.17 71.45 35.54
C GLY O 77 85.94 71.29 34.26
N ILE O 78 85.38 70.60 33.25
CA ILE O 78 85.99 70.60 31.94
C ILE O 78 85.91 72.00 31.34
N VAL O 79 86.81 72.27 30.39
CA VAL O 79 87.12 73.60 29.87
C VAL O 79 85.87 74.45 29.62
N SER O 80 84.81 73.85 29.07
CA SER O 80 83.72 74.63 28.50
C SER O 80 83.07 75.58 29.49
N LYS O 81 82.34 75.02 30.46
CA LYS O 81 81.63 75.76 31.51
C LYS O 81 80.54 76.67 30.94
N ASN O 82 80.52 76.84 29.61
CA ASN O 82 79.48 77.65 28.98
C ASN O 82 79.13 77.19 27.57
N PHE O 83 79.54 76.02 27.12
CA PHE O 83 79.45 75.64 25.71
C PHE O 83 78.00 75.69 25.22
N THR P 1 49.59 30.72 12.87
CA THR P 1 49.97 32.04 13.37
C THR P 1 49.82 33.11 12.30
N LYS P 2 50.07 34.36 12.69
CA LYS P 2 49.86 35.50 11.81
C LYS P 2 51.02 35.66 10.82
N LYS P 3 50.73 35.49 9.53
CA LYS P 3 51.78 35.55 8.52
C LYS P 3 52.24 36.98 8.27
N ARG P 4 51.31 37.93 8.17
CA ARG P 4 51.63 39.30 7.86
C ARG P 4 50.89 40.22 8.82
N ARG P 5 51.52 41.36 9.13
CA ARG P 5 50.92 42.32 10.05
C ARG P 5 49.63 42.90 9.47
N ASN P 6 49.70 43.42 8.26
CA ASN P 6 48.49 43.55 7.47
C ASN P 6 48.06 42.15 7.05
N ASN P 7 46.76 41.95 6.89
CA ASN P 7 46.27 40.59 6.78
C ASN P 7 46.18 40.12 5.33
N GLY P 8 47.15 40.53 4.51
CA GLY P 8 47.12 40.31 3.09
C GLY P 8 46.45 41.41 2.31
N ARG P 9 46.03 42.48 2.97
CA ARG P 9 45.19 43.52 2.38
C ARG P 9 45.54 44.86 3.01
N ALA P 10 45.26 45.92 2.27
CA ALA P 10 45.52 47.29 2.75
C ALA P 10 44.26 47.92 3.34
N LYS P 11 43.67 47.22 4.31
CA LYS P 11 42.49 47.70 5.02
C LYS P 11 42.91 48.01 6.45
N LYS P 12 42.82 49.28 6.84
CA LYS P 12 43.29 49.70 8.15
C LYS P 12 42.27 50.51 8.94
N GLY P 13 41.47 51.33 8.28
CA GLY P 13 40.55 52.18 9.01
C GLY P 13 39.09 52.04 8.61
N ARG P 14 38.70 50.84 8.18
CA ARG P 14 37.33 50.62 7.74
C ARG P 14 36.92 49.19 8.07
N GLY P 15 35.62 48.93 7.93
CA GLY P 15 35.09 47.61 8.11
C GLY P 15 34.95 46.83 6.81
N HIS P 16 34.40 47.47 5.78
CA HIS P 16 34.11 46.77 4.54
C HIS P 16 34.74 47.49 3.36
N VAL P 17 35.21 46.71 2.40
CA VAL P 17 35.72 47.19 1.13
C VAL P 17 34.97 46.46 0.03
N GLN P 18 34.53 47.19 -0.99
CA GLN P 18 33.79 46.59 -2.08
C GLN P 18 34.67 45.60 -2.85
N PRO P 19 34.12 44.46 -3.25
CA PRO P 19 34.89 43.51 -4.05
C PRO P 19 34.87 43.85 -5.53
N ILE P 20 35.91 43.38 -6.21
CA ILE P 20 35.96 43.34 -7.67
C ILE P 20 36.16 41.89 -8.09
N ARG P 21 35.92 41.62 -9.36
CA ARG P 21 36.06 40.28 -9.91
C ARG P 21 37.45 40.15 -10.55
N CYS P 22 38.11 39.02 -10.27
CA CYS P 22 39.44 38.79 -10.82
C CYS P 22 39.37 38.75 -12.34
N THR P 23 40.29 39.47 -12.99
CA THR P 23 40.28 39.53 -14.46
C THR P 23 40.51 38.18 -15.10
N ASN P 24 41.07 37.22 -14.37
CA ASN P 24 41.44 35.92 -14.90
C ASN P 24 40.37 34.86 -14.68
N CYS P 25 39.80 34.79 -13.48
CA CYS P 25 38.84 33.74 -13.14
C CYS P 25 37.48 34.25 -12.71
N ALA P 26 37.28 35.56 -12.59
CA ALA P 26 36.04 36.22 -12.20
C ALA P 26 35.69 36.02 -10.73
N ARG P 27 36.59 35.47 -9.92
CA ARG P 27 36.32 35.39 -8.50
C ARG P 27 36.38 36.78 -7.88
N CYS P 28 35.50 37.04 -6.93
CA CYS P 28 35.44 38.33 -6.27
C CYS P 28 36.44 38.36 -5.13
N VAL P 29 37.18 39.46 -5.03
CA VAL P 29 38.20 39.65 -4.01
C VAL P 29 38.08 41.11 -3.55
N PRO P 30 38.31 41.42 -2.27
CA PRO P 30 38.28 42.82 -1.85
C PRO P 30 39.27 43.65 -2.66
N LYS P 31 38.85 44.87 -3.00
CA LYS P 31 39.63 45.72 -3.88
C LYS P 31 41.01 46.03 -3.28
N ASP P 32 41.08 46.14 -1.96
CA ASP P 32 42.34 46.42 -1.29
C ASP P 32 43.22 45.19 -1.13
N LYS P 33 42.70 44.00 -1.43
CA LYS P 33 43.53 42.80 -1.38
C LYS P 33 43.99 42.36 -2.77
N ALA P 34 43.23 42.71 -3.80
CA ALA P 34 43.55 42.27 -5.15
C ALA P 34 44.91 42.79 -5.58
N ILE P 35 45.61 41.99 -6.38
CA ILE P 35 46.87 42.41 -6.98
C ILE P 35 46.54 43.21 -8.24
N LYS P 36 46.99 44.46 -8.27
CA LYS P 36 46.69 45.35 -9.38
C LYS P 36 47.90 45.50 -10.29
N LYS P 37 47.63 45.70 -11.57
CA LYS P 37 48.69 45.87 -12.57
C LYS P 37 48.18 46.81 -13.65
N PHE P 38 48.90 47.90 -13.87
CA PHE P 38 48.52 48.89 -14.88
C PHE P 38 49.43 48.70 -16.09
N VAL P 39 48.84 48.31 -17.22
CA VAL P 39 49.63 48.05 -18.43
C VAL P 39 49.38 49.16 -19.44
N ILE P 40 50.47 49.71 -19.96
CA ILE P 40 50.42 50.74 -21.00
C ILE P 40 51.06 50.16 -22.25
N ARG P 41 50.90 48.86 -22.46
CA ARG P 41 51.52 48.21 -23.61
C ARG P 41 50.99 48.82 -24.91
N ASN P 42 51.90 49.00 -25.86
CA ASN P 42 51.51 49.44 -27.18
C ASN P 42 50.69 48.35 -27.86
N ILE P 43 49.84 48.77 -28.81
CA ILE P 43 48.93 47.85 -29.46
C ILE P 43 49.59 47.25 -30.70
N VAL P 44 50.91 47.42 -30.81
CA VAL P 44 51.57 47.20 -32.09
C VAL P 44 52.73 46.22 -32.02
N GLU P 45 53.14 45.80 -30.82
CA GLU P 45 54.29 44.92 -30.70
C GLU P 45 55.53 45.53 -31.36
N ALA P 46 56.14 46.52 -30.68
CA ALA P 46 57.09 47.46 -31.24
C ALA P 46 58.09 46.84 -32.23
N ALA P 47 58.38 45.55 -32.07
CA ALA P 47 59.17 44.85 -33.09
C ALA P 47 58.50 44.89 -34.46
N ALA P 48 57.19 45.13 -34.50
CA ALA P 48 56.43 45.24 -35.74
C ALA P 48 55.90 46.66 -35.95
N VAL P 49 56.61 47.65 -35.40
CA VAL P 49 56.23 49.05 -35.63
C VAL P 49 56.49 49.50 -37.06
N ARG P 50 57.63 49.10 -37.64
CA ARG P 50 58.03 49.65 -38.93
C ARG P 50 57.01 49.37 -40.02
N ASP P 51 56.41 48.18 -40.02
CA ASP P 51 55.45 47.83 -41.07
C ASP P 51 54.19 48.68 -40.98
N ILE P 52 53.66 48.87 -39.76
CA ILE P 52 52.50 49.75 -39.59
C ILE P 52 52.85 51.17 -39.98
N SER P 53 54.04 51.64 -39.58
CA SER P 53 54.45 53.00 -39.91
C SER P 53 54.71 53.16 -41.40
N GLU P 54 55.34 52.17 -42.04
CA GLU P 54 55.59 52.25 -43.48
C GLU P 54 54.29 52.20 -44.28
N ALA P 55 53.25 51.59 -43.71
CA ALA P 55 51.94 51.57 -44.35
C ALA P 55 51.02 52.68 -43.86
N SER P 56 51.52 53.60 -43.04
CA SER P 56 50.69 54.70 -42.57
C SER P 56 50.49 55.74 -43.67
N VAL P 57 49.31 56.36 -43.66
CA VAL P 57 49.06 57.48 -44.58
C VAL P 57 49.78 58.74 -44.10
N PHE P 58 49.76 58.99 -42.80
CA PHE P 58 50.43 60.16 -42.25
C PHE P 58 51.91 59.89 -42.08
N ASP P 59 52.67 60.96 -41.87
CA ASP P 59 54.12 60.87 -41.70
C ASP P 59 54.53 60.85 -40.24
N ALA P 60 54.14 61.86 -39.46
CA ALA P 60 54.49 61.93 -38.04
C ALA P 60 53.35 61.41 -37.17
N TYR P 61 53.02 60.14 -37.37
CA TYR P 61 51.88 59.51 -36.69
C TYR P 61 52.36 58.76 -35.46
N VAL P 62 51.87 59.17 -34.30
CA VAL P 62 52.20 58.53 -33.03
C VAL P 62 51.21 57.39 -32.80
N LEU P 63 51.72 56.29 -32.24
CA LEU P 63 50.91 55.07 -32.14
C LEU P 63 50.19 55.03 -30.79
N PRO P 64 48.86 54.89 -30.80
CA PRO P 64 48.12 54.90 -29.53
C PRO P 64 48.43 53.68 -28.69
N LYS P 65 48.31 53.86 -27.37
CA LYS P 65 48.63 52.80 -26.41
C LYS P 65 47.36 52.19 -25.84
N LEU P 66 47.52 51.01 -25.25
CA LEU P 66 46.43 50.30 -24.60
C LEU P 66 46.54 50.50 -23.10
N TYR P 67 45.43 50.93 -22.49
CA TYR P 67 45.37 51.19 -21.05
C TYR P 67 44.36 50.23 -20.43
N VAL P 68 44.86 49.15 -19.84
CA VAL P 68 44.03 48.16 -19.18
C VAL P 68 44.53 47.99 -17.75
N LYS P 69 43.70 48.35 -16.78
CA LYS P 69 43.97 48.08 -15.38
C LYS P 69 43.32 46.74 -15.04
N LEU P 70 44.14 45.75 -14.71
CA LEU P 70 43.64 44.41 -14.44
C LEU P 70 43.97 44.01 -13.02
N HIS P 71 43.01 43.38 -12.35
CA HIS P 71 43.12 42.95 -10.97
C HIS P 71 43.19 41.43 -10.90
N TYR P 72 43.92 40.92 -9.91
CA TYR P 72 44.15 39.50 -9.75
C TYR P 72 43.79 39.07 -8.35
N CYS P 73 43.05 37.96 -8.25
CA CYS P 73 43.05 37.20 -7.01
C CYS P 73 44.45 36.62 -6.81
N VAL P 74 44.85 36.46 -5.55
CA VAL P 74 46.22 36.03 -5.30
C VAL P 74 46.46 34.64 -5.86
N SER P 75 45.41 33.82 -5.96
CA SER P 75 45.56 32.48 -6.51
C SER P 75 45.90 32.53 -8.00
N CYS P 76 45.22 33.41 -8.75
CA CYS P 76 45.57 33.59 -10.14
C CYS P 76 46.89 34.33 -10.29
N ALA P 77 47.28 35.11 -9.28
CA ALA P 77 48.48 35.92 -9.39
C ALA P 77 49.74 35.06 -9.37
N ILE P 78 49.85 34.15 -8.40
CA ILE P 78 51.05 33.32 -8.35
C ILE P 78 51.04 32.25 -9.43
N HIS P 79 49.86 31.82 -9.88
CA HIS P 79 49.80 30.92 -11.03
C HIS P 79 50.29 31.62 -12.29
N SER P 80 49.89 32.88 -12.48
CA SER P 80 50.36 33.69 -13.60
C SER P 80 51.79 34.18 -13.40
N LYS P 81 52.36 33.98 -12.22
CA LYS P 81 53.73 34.38 -11.89
C LYS P 81 53.91 35.90 -11.85
N VAL P 82 52.83 36.66 -11.72
CA VAL P 82 52.97 38.10 -11.54
C VAL P 82 53.53 38.42 -10.15
N VAL P 83 53.10 37.68 -9.13
CA VAL P 83 53.74 37.75 -7.81
C VAL P 83 54.35 36.39 -7.50
N ARG P 84 55.35 36.40 -6.61
CA ARG P 84 56.11 35.22 -6.24
C ARG P 84 56.23 35.16 -4.73
N ASN P 85 56.27 33.94 -4.18
CA ASN P 85 56.48 33.80 -2.75
C ASN P 85 57.91 34.20 -2.38
N ARG P 86 58.06 34.76 -1.19
CA ARG P 86 59.33 35.28 -0.73
C ARG P 86 59.65 34.70 0.65
N SER P 87 60.88 34.95 1.10
CA SER P 87 61.27 34.54 2.44
C SER P 87 60.59 35.42 3.47
N ARG P 88 60.78 35.05 4.75
CA ARG P 88 60.15 35.81 5.82
C ARG P 88 60.66 37.24 5.87
N GLU P 89 61.97 37.43 5.68
CA GLU P 89 62.54 38.78 5.71
C GLU P 89 62.20 39.55 4.44
N ALA P 90 62.26 38.88 3.28
CA ALA P 90 61.96 39.55 2.02
C ALA P 90 60.47 39.78 1.85
N ARG P 91 59.64 39.18 2.69
CA ARG P 91 58.21 39.44 2.65
C ARG P 91 57.90 40.85 3.12
N LYS P 92 58.68 41.37 4.06
CA LYS P 92 58.38 42.64 4.71
C LYS P 92 58.98 43.83 3.97
N ASP P 93 58.79 43.91 2.66
CA ASP P 93 59.20 45.09 1.93
C ASP P 93 58.21 45.34 0.80
N ARG P 94 57.99 46.62 0.53
CA ARG P 94 56.92 47.03 -0.38
C ARG P 94 57.45 47.83 -1.58
N THR P 95 58.76 47.85 -1.78
CA THR P 95 59.31 48.54 -2.95
C THR P 95 59.02 47.70 -4.19
N PRO P 96 58.36 48.26 -5.20
CA PRO P 96 58.07 47.47 -6.40
C PRO P 96 59.35 47.16 -7.14
N PRO P 97 59.36 46.08 -7.94
CA PRO P 97 60.60 45.68 -8.62
C PRO P 97 61.04 46.75 -9.59
N PRO P 98 62.34 46.81 -9.89
CA PRO P 98 62.85 47.89 -10.74
C PRO P 98 62.26 47.86 -12.14
N ARG P 99 62.18 49.04 -12.74
CA ARG P 99 61.69 49.17 -14.11
C ARG P 99 62.68 48.62 -15.14
N PHE P 100 63.94 48.46 -14.76
CA PHE P 100 65.02 48.07 -15.67
C PHE P 100 65.14 49.08 -16.81
N ARG P 101 65.38 50.32 -16.42
CA ARG P 101 65.48 51.42 -17.38
C ARG P 101 66.60 51.21 -18.40
N PRO P 102 67.83 50.82 -18.01
CA PRO P 102 68.83 50.56 -19.06
C PRO P 102 68.51 49.31 -19.88
N GLU Q 1 102.81 25.67 32.04
CA GLU Q 1 102.42 24.92 30.85
C GLU Q 1 101.22 25.59 30.18
N TRP Q 2 100.37 26.23 30.98
CA TRP Q 2 99.28 27.04 30.45
C TRP Q 2 99.87 28.34 29.92
N MET Q 3 99.99 28.45 28.60
CA MET Q 3 100.42 29.68 27.96
C MET Q 3 99.18 30.50 27.63
N PRO Q 4 98.95 31.64 28.28
CA PRO Q 4 97.73 32.40 28.03
C PRO Q 4 97.90 33.48 26.96
N VAL Q 5 96.81 33.75 26.27
CA VAL Q 5 96.73 34.88 25.34
C VAL Q 5 95.53 35.73 25.79
N THR Q 6 95.78 36.64 26.72
CA THR Q 6 94.85 37.64 27.25
C THR Q 6 95.59 38.54 28.22
N LYS Q 7 95.28 39.84 28.21
CA LYS Q 7 95.85 40.71 29.23
C LYS Q 7 95.42 40.28 30.62
N LEU Q 8 94.15 39.90 30.77
CA LEU Q 8 93.68 39.37 32.04
C LEU Q 8 94.38 38.06 32.38
N GLY Q 9 94.47 37.16 31.41
CA GLY Q 9 95.11 35.87 31.65
C GLY Q 9 96.60 36.01 31.93
N ARG Q 10 97.23 37.02 31.32
CA ARG Q 10 98.64 37.25 31.56
C ARG Q 10 98.89 37.71 32.99
N LEU Q 11 98.10 38.69 33.45
CA LEU Q 11 98.36 39.30 34.75
C LEU Q 11 98.14 38.32 35.90
N VAL Q 12 97.16 37.44 35.78
CA VAL Q 12 96.96 36.41 36.81
C VAL Q 12 98.12 35.41 36.80
N LYS Q 13 98.68 35.15 35.63
CA LYS Q 13 99.69 34.10 35.49
C LYS Q 13 100.92 34.39 36.34
N ASP Q 14 101.32 35.66 36.41
CA ASP Q 14 102.48 36.06 37.21
C ASP Q 14 102.08 36.81 38.47
N MET Q 15 100.96 36.39 39.08
CA MET Q 15 100.47 36.85 40.38
C MET Q 15 100.52 38.37 40.52
N LYS Q 16 100.39 39.10 39.42
CA LYS Q 16 100.27 40.55 39.50
C LYS Q 16 98.90 40.99 40.01
N ILE Q 17 97.87 40.20 39.75
CA ILE Q 17 96.52 40.50 40.21
C ILE Q 17 96.07 39.37 41.12
N LYS Q 18 95.55 39.73 42.29
CA LYS Q 18 95.00 38.80 43.26
C LYS Q 18 93.58 39.25 43.60
N SER Q 19 92.94 38.54 44.52
CA SER Q 19 91.62 38.90 45.00
C SER Q 19 90.63 38.97 43.83
N LEU Q 20 90.33 37.79 43.28
CA LEU Q 20 89.51 37.66 42.09
C LEU Q 20 88.24 38.49 42.14
N GLU Q 21 87.81 38.90 43.33
CA GLU Q 21 86.64 39.77 43.46
C GLU Q 21 86.78 41.05 42.62
N GLU Q 22 87.98 41.65 42.61
CA GLU Q 22 88.13 42.90 41.88
C GLU Q 22 88.18 42.70 40.37
N ILE Q 23 88.33 41.45 39.91
CA ILE Q 23 88.02 41.15 38.52
C ILE Q 23 86.53 41.36 38.28
N TYR Q 24 85.70 40.86 39.21
CA TYR Q 24 84.26 41.06 39.12
C TYR Q 24 83.90 42.53 39.36
N LEU Q 25 84.77 43.27 40.06
CA LEU Q 25 84.51 44.69 40.27
C LEU Q 25 84.56 45.46 38.95
N PHE Q 26 85.54 45.16 38.11
CA PHE Q 26 85.70 45.86 36.85
C PHE Q 26 84.94 45.20 35.71
N SER Q 27 84.29 44.06 35.97
CA SER Q 27 83.43 43.38 34.99
C SER Q 27 84.21 42.99 33.74
N LEU Q 28 85.47 42.63 33.91
CA LEU Q 28 86.25 42.12 32.80
C LEU Q 28 85.75 40.73 32.42
N PRO Q 29 85.57 40.46 31.13
CA PRO Q 29 85.10 39.14 30.70
C PRO Q 29 86.20 38.10 30.84
N ILE Q 30 85.91 37.04 31.59
CA ILE Q 30 86.87 35.97 31.77
C ILE Q 30 86.78 35.02 30.58
N LYS Q 31 87.87 34.89 29.84
CA LYS Q 31 87.89 34.10 28.62
C LYS Q 31 88.83 32.90 28.66
N GLU Q 32 89.67 32.79 29.69
CA GLU Q 32 90.53 31.64 29.88
C GLU Q 32 90.11 30.92 31.15
N SER Q 33 89.81 29.62 31.03
CA SER Q 33 89.31 28.88 32.18
C SER Q 33 90.38 28.65 33.25
N GLU Q 34 91.65 28.84 32.91
CA GLU Q 34 92.72 28.61 33.87
C GLU Q 34 92.89 29.76 34.84
N ILE Q 35 92.24 30.90 34.60
CA ILE Q 35 92.33 32.03 35.53
C ILE Q 35 91.70 31.68 36.86
N ILE Q 36 90.51 31.08 36.83
CA ILE Q 36 89.81 30.76 38.07
C ILE Q 36 90.39 29.52 38.73
N ASP Q 37 91.07 28.66 37.97
CA ASP Q 37 91.79 27.55 38.58
C ASP Q 37 92.94 28.07 39.43
N PHE Q 38 93.51 29.21 39.06
CA PHE Q 38 94.52 29.86 39.88
C PHE Q 38 93.91 30.39 41.17
N PHE Q 39 92.63 30.79 41.13
CA PHE Q 39 91.97 31.39 42.28
C PHE Q 39 91.16 30.36 43.07
N LEU Q 40 90.24 29.67 42.40
CA LEU Q 40 89.31 28.76 43.04
C LEU Q 40 89.69 27.30 42.84
N GLY Q 41 90.90 27.03 42.37
CA GLY Q 41 91.33 25.65 42.23
C GLY Q 41 91.49 24.97 43.58
N ALA Q 42 91.34 23.64 43.54
CA ALA Q 42 91.43 22.75 44.71
C ALA Q 42 90.32 22.99 45.73
N SER Q 43 89.40 23.92 45.44
CA SER Q 43 88.26 24.14 46.34
C SER Q 43 86.95 24.28 45.57
N LEU Q 44 86.97 24.12 44.25
CA LEU Q 44 85.79 24.23 43.41
C LEU Q 44 85.28 22.82 43.11
N LYS Q 45 84.07 22.53 43.57
CA LYS Q 45 83.47 21.23 43.33
C LYS Q 45 82.67 21.23 42.04
N ASP Q 46 82.53 20.05 41.44
CA ASP Q 46 81.89 19.90 40.15
C ASP Q 46 80.87 18.77 40.20
N GLU Q 47 79.78 18.93 39.45
CA GLU Q 47 78.80 17.86 39.36
C GLU Q 47 78.00 18.02 38.07
N VAL Q 48 77.51 16.89 37.57
CA VAL Q 48 76.69 16.83 36.37
C VAL Q 48 75.23 16.93 36.78
N LEU Q 49 74.54 17.97 36.32
CA LEU Q 49 73.13 18.11 36.63
C LEU Q 49 72.29 17.10 35.85
N LYS Q 50 72.56 16.96 34.56
CA LYS Q 50 71.79 16.06 33.70
C LYS Q 50 72.48 15.94 32.35
N ILE Q 51 72.46 14.75 31.78
CA ILE Q 51 72.86 14.53 30.39
C ILE Q 51 71.60 14.21 29.61
N MET Q 52 71.23 15.08 28.69
CA MET Q 52 70.00 14.89 27.94
C MET Q 52 70.30 14.75 26.45
N PRO Q 53 69.84 13.67 25.82
CA PRO Q 53 70.16 13.34 24.40
C PRO Q 53 69.38 14.17 23.38
N VAL Q 54 69.94 15.32 23.04
CA VAL Q 54 69.42 16.13 21.94
C VAL Q 54 69.79 15.48 20.61
N GLN Q 55 68.83 15.45 19.69
CA GLN Q 55 69.08 14.91 18.37
C GLN Q 55 68.40 15.75 17.31
N LYS Q 56 68.92 15.67 16.09
CA LYS Q 56 68.42 16.43 14.96
C LYS Q 56 68.22 15.49 13.78
N GLN Q 57 67.07 15.61 13.12
CA GLN Q 57 66.71 14.69 12.05
C GLN Q 57 67.44 15.04 10.76
N THR Q 58 68.00 14.02 10.12
CA THR Q 58 68.76 14.16 8.88
C THR Q 58 68.14 13.29 7.80
N ARG Q 59 68.81 13.23 6.64
CA ARG Q 59 68.34 12.43 5.52
C ARG Q 59 68.38 10.94 5.83
N ALA Q 60 69.39 10.50 6.58
CA ALA Q 60 69.56 9.09 6.91
C ALA Q 60 69.51 8.95 8.43
N GLY Q 61 68.30 8.83 8.98
CA GLY Q 61 68.14 8.70 10.41
C GLY Q 61 68.33 10.02 11.13
N GLN Q 62 68.27 9.94 12.47
CA GLN Q 62 68.44 11.09 13.34
C GLN Q 62 69.83 11.01 13.98
N ARG Q 63 70.63 12.05 13.77
CA ARG Q 63 71.92 12.15 14.43
C ARG Q 63 71.72 12.64 15.86
N THR Q 64 72.47 12.05 16.79
CA THR Q 64 72.27 12.29 18.21
C THR Q 64 73.52 12.92 18.82
N ARG Q 65 73.34 14.06 19.47
CA ARG Q 65 74.35 14.69 20.30
C ARG Q 65 73.95 14.57 21.76
N PHE Q 66 74.78 15.10 22.65
CA PHE Q 66 74.48 15.07 24.07
C PHE Q 66 74.78 16.42 24.68
N LYS Q 67 73.82 16.94 25.45
CA LYS Q 67 73.98 18.19 26.17
C LYS Q 67 74.29 17.87 27.62
N ALA Q 68 75.39 18.41 28.13
CA ALA Q 68 75.82 18.17 29.50
C ALA Q 68 75.66 19.45 30.29
N PHE Q 69 74.80 19.41 31.31
CA PHE Q 69 74.60 20.52 32.22
C PHE Q 69 75.40 20.24 33.48
N VAL Q 70 76.47 20.98 33.71
CA VAL Q 70 77.26 20.84 34.92
C VAL Q 70 77.22 22.15 35.70
N ALA Q 71 77.12 22.02 37.01
CA ALA Q 71 77.11 23.15 37.94
C ALA Q 71 78.36 23.06 38.79
N ILE Q 72 79.04 24.19 39.00
CA ILE Q 72 80.27 24.22 39.74
C ILE Q 72 80.26 25.43 40.67
N GLY Q 73 81.21 25.45 41.59
CA GLY Q 73 81.38 26.59 42.48
C GLY Q 73 81.85 26.22 43.86
N ASP Q 74 82.74 27.03 44.43
CA ASP Q 74 83.10 26.86 45.81
C ASP Q 74 81.90 27.15 46.70
N TYR Q 75 81.91 26.56 47.90
CA TYR Q 75 80.81 26.74 48.84
C TYR Q 75 80.99 28.02 49.66
N ASN Q 76 81.75 28.97 49.09
CA ASN Q 76 82.10 30.20 49.77
C ASN Q 76 81.46 31.44 49.14
N GLY Q 77 80.80 31.31 47.99
CA GLY Q 77 80.16 32.47 47.40
C GLY Q 77 80.34 32.69 45.91
N HIS Q 78 80.84 31.68 45.18
CA HIS Q 78 80.93 31.73 43.73
C HIS Q 78 80.28 30.50 43.14
N VAL Q 79 79.39 30.70 42.16
CA VAL Q 79 78.69 29.60 41.50
C VAL Q 79 78.71 29.84 40.00
N GLY Q 80 78.58 28.75 39.25
CA GLY Q 80 78.54 28.84 37.80
C GLY Q 80 77.92 27.63 37.13
N LEU Q 81 77.30 27.85 35.97
CA LEU Q 81 76.64 26.78 35.23
C LEU Q 81 77.05 26.87 33.77
N GLY Q 82 77.21 25.71 33.14
CA GLY Q 82 77.63 25.65 31.75
C GLY Q 82 76.91 24.54 31.01
N VAL Q 83 76.64 24.82 29.73
CA VAL Q 83 75.93 23.88 28.85
C VAL Q 83 76.77 23.68 27.60
N LYS Q 84 77.13 22.42 27.33
CA LYS Q 84 77.91 22.09 26.15
C LYS Q 84 77.22 20.95 25.42
N CYS Q 85 77.19 21.05 24.09
CA CYS Q 85 76.58 20.02 23.26
C CYS Q 85 77.64 19.48 22.30
N SER Q 86 77.92 18.19 22.40
CA SER Q 86 78.88 17.54 21.53
C SER Q 86 78.38 16.13 21.23
N LYS Q 87 79.12 15.43 20.36
CA LYS Q 87 78.68 14.12 19.88
C LYS Q 87 78.67 13.09 21.00
N GLU Q 88 79.70 13.10 21.85
CA GLU Q 88 79.81 12.12 22.92
C GLU Q 88 79.70 12.78 24.29
N VAL Q 89 79.33 11.97 25.28
CA VAL Q 89 78.99 12.50 26.60
C VAL Q 89 80.24 13.04 27.30
N ALA Q 90 81.37 12.34 27.18
CA ALA Q 90 82.57 12.74 27.91
C ALA Q 90 83.05 14.13 27.48
N THR Q 91 83.08 14.39 26.17
CA THR Q 91 83.49 15.72 25.72
C THR Q 91 82.44 16.76 26.06
N ALA Q 92 81.17 16.37 26.10
CA ALA Q 92 80.13 17.29 26.53
C ALA Q 92 80.34 17.71 27.97
N ILE Q 93 80.72 16.77 28.83
CA ILE Q 93 80.95 17.11 30.24
C ILE Q 93 82.16 18.03 30.37
N ARG Q 94 83.28 17.66 29.74
CA ARG Q 94 84.50 18.46 29.86
C ARG Q 94 84.29 19.86 29.31
N GLY Q 95 83.66 19.98 28.14
CA GLY Q 95 83.33 21.29 27.63
C GLY Q 95 82.37 22.05 28.53
N ALA Q 96 81.45 21.31 29.17
CA ALA Q 96 80.54 21.94 30.12
C ALA Q 96 81.28 22.51 31.32
N ILE Q 97 82.29 21.79 31.83
CA ILE Q 97 83.05 22.31 32.96
C ILE Q 97 83.76 23.60 32.58
N ILE Q 98 84.36 23.64 31.39
CA ILE Q 98 85.03 24.86 30.93
C ILE Q 98 84.03 26.00 30.80
N LEU Q 99 82.89 25.73 30.16
CA LEU Q 99 81.87 26.76 30.01
C LEU Q 99 81.28 27.16 31.36
N ALA Q 100 81.03 26.18 32.23
CA ALA Q 100 80.59 26.51 33.58
C ALA Q 100 81.66 27.28 34.35
N LYS Q 101 82.93 26.88 34.17
CA LYS Q 101 84.02 27.64 34.76
C LYS Q 101 84.00 29.09 34.31
N LEU Q 102 83.90 29.32 33.00
CA LEU Q 102 83.95 30.67 32.46
C LEU Q 102 82.89 31.57 33.09
N SER Q 103 81.69 31.05 33.28
CA SER Q 103 80.57 31.83 33.79
C SER Q 103 80.42 31.60 35.30
N ILE Q 104 81.32 32.23 36.05
CA ILE Q 104 81.30 32.19 37.51
C ILE Q 104 80.93 33.57 38.02
N VAL Q 105 79.95 33.64 38.92
CA VAL Q 105 79.46 34.91 39.42
C VAL Q 105 79.61 34.96 40.94
N PRO Q 106 79.86 36.12 41.53
CA PRO Q 106 79.81 36.24 42.99
C PRO Q 106 78.39 36.14 43.50
N VAL Q 107 78.26 35.70 44.76
CA VAL Q 107 76.98 35.53 45.40
C VAL Q 107 76.94 36.38 46.66
N ARG Q 108 76.04 37.35 46.69
CA ARG Q 108 75.87 38.23 47.85
C ARG Q 108 75.02 37.53 48.89
N ARG Q 109 75.58 37.31 50.06
CA ARG Q 109 74.88 36.68 51.16
C ARG Q 109 74.35 37.75 52.10
N GLY Q 110 73.08 37.62 52.48
CA GLY Q 110 72.47 38.59 53.37
C GLY Q 110 72.03 37.99 54.68
N TYR Q 111 71.10 38.67 55.36
CA TYR Q 111 70.60 38.23 56.65
C TYR Q 111 69.08 38.26 56.64
N TRP Q 112 68.50 37.39 57.45
CA TRP Q 112 67.06 37.45 57.69
C TRP Q 112 66.70 38.51 58.72
N GLY Q 113 67.60 38.80 59.64
CA GLY Q 113 67.39 39.81 60.65
C GLY Q 113 68.43 39.65 61.75
N ASN Q 114 68.73 40.76 62.41
CA ASN Q 114 69.66 40.78 63.55
C ASN Q 114 71.04 40.28 63.12
N LYS Q 115 71.68 41.10 62.28
CA LYS Q 115 72.90 40.75 61.57
C LYS Q 115 74.08 40.63 62.52
N ILE Q 116 74.35 39.43 63.02
CA ILE Q 116 75.35 39.20 64.07
C ILE Q 116 76.56 38.42 63.56
N GLY Q 117 76.32 37.27 62.95
CA GLY Q 117 77.38 36.39 62.49
C GLY Q 117 77.73 36.61 61.04
N LYS Q 118 78.05 35.50 60.36
CA LYS Q 118 78.27 35.55 58.92
C LYS Q 118 76.92 35.48 58.20
N PRO Q 119 76.78 36.24 57.10
CA PRO Q 119 75.53 36.17 56.34
C PRO Q 119 75.27 34.78 55.79
N HIS Q 120 73.99 34.42 55.76
CA HIS Q 120 73.59 33.04 55.56
C HIS Q 120 72.51 32.86 54.52
N THR Q 121 71.94 33.94 53.98
CA THR Q 121 70.82 33.84 53.07
C THR Q 121 70.96 34.91 52.01
N VAL Q 122 69.99 34.97 51.11
CA VAL Q 122 69.98 36.04 50.11
C VAL Q 122 69.68 37.36 50.80
N PRO Q 123 70.22 38.49 50.33
CA PRO Q 123 69.95 39.78 51.00
C PRO Q 123 68.54 40.27 50.82
N CYS Q 124 67.81 39.77 49.83
CA CYS Q 124 66.42 40.14 49.58
C CYS Q 124 65.82 39.12 48.63
N LYS Q 125 64.53 39.25 48.38
CA LYS Q 125 63.87 38.35 47.45
C LYS Q 125 64.22 38.77 46.02
N VAL Q 126 64.97 37.92 45.34
CA VAL Q 126 65.37 38.15 43.96
C VAL Q 126 64.83 37.00 43.12
N THR Q 127 64.53 37.31 41.85
CA THR Q 127 63.86 36.37 40.97
C THR Q 127 64.66 36.18 39.69
N GLY Q 128 64.65 34.94 39.20
CA GLY Q 128 65.33 34.61 37.95
C GLY Q 128 64.38 34.02 36.93
N ARG Q 129 64.61 34.33 35.66
CA ARG Q 129 63.74 33.90 34.58
C ARG Q 129 64.55 33.20 33.50
N CYS Q 130 63.98 32.13 32.94
CA CYS Q 130 64.56 31.47 31.78
C CYS Q 130 63.48 30.63 31.12
N GLY Q 131 63.23 30.89 29.84
CA GLY Q 131 62.14 30.23 29.16
C GLY Q 131 60.85 30.57 29.84
N SER Q 132 60.11 29.55 30.29
CA SER Q 132 58.92 29.76 31.09
C SER Q 132 59.16 29.58 32.58
N VAL Q 133 60.37 29.20 32.99
CA VAL Q 133 60.65 28.94 34.39
C VAL Q 133 60.81 30.26 35.13
N LEU Q 134 60.19 30.36 36.30
CA LEU Q 134 60.18 31.55 37.13
C LEU Q 134 60.60 31.13 38.54
N VAL Q 135 61.83 31.49 38.93
CA VAL Q 135 62.40 31.06 40.20
C VAL Q 135 62.62 32.28 41.09
N ARG Q 136 61.98 32.28 42.26
CA ARG Q 136 62.11 33.35 43.23
C ARG Q 136 62.80 32.83 44.48
N LEU Q 137 63.79 33.57 44.96
CA LEU Q 137 64.53 33.22 46.17
C LEU Q 137 64.17 34.21 47.27
N ILE Q 138 63.73 33.68 48.41
CA ILE Q 138 63.28 34.51 49.53
C ILE Q 138 64.22 34.29 50.71
N PRO Q 139 64.62 35.35 51.42
CA PRO Q 139 65.47 35.14 52.60
C PRO Q 139 64.77 34.30 53.66
N ALA Q 140 65.56 33.51 54.38
CA ALA Q 140 65.06 32.58 55.37
C ALA Q 140 65.83 32.77 56.67
N PRO Q 141 65.23 32.44 57.80
CA PRO Q 141 65.96 32.51 59.08
C PRO Q 141 67.12 31.53 59.11
N ARG Q 142 67.97 31.69 60.12
CA ARG Q 142 69.17 30.87 60.20
C ARG Q 142 68.84 29.42 60.49
N GLY Q 143 69.57 28.52 59.83
CA GLY Q 143 69.55 27.11 60.14
C GLY Q 143 68.42 26.32 59.52
N THR Q 144 67.51 26.94 58.78
CA THR Q 144 66.42 26.18 58.16
C THR Q 144 66.85 25.48 56.88
N GLY Q 145 68.00 25.85 56.31
CA GLY Q 145 68.45 25.25 55.07
C GLY Q 145 67.75 25.83 53.85
N ILE Q 146 68.04 25.21 52.70
CA ILE Q 146 67.45 25.60 51.43
C ILE Q 146 66.22 24.74 51.23
N VAL Q 147 65.04 25.36 51.17
CA VAL Q 147 63.81 24.65 50.84
C VAL Q 147 63.46 25.01 49.40
N SER Q 148 63.70 24.06 48.49
CA SER Q 148 63.50 24.27 47.07
C SER Q 148 63.55 22.92 46.38
N ALA Q 149 63.31 22.94 45.07
CA ALA Q 149 63.41 21.72 44.28
C ALA Q 149 64.85 21.22 44.28
N PRO Q 150 65.05 19.91 44.07
CA PRO Q 150 66.41 19.35 44.20
C PRO Q 150 67.44 20.02 43.30
N VAL Q 151 67.04 20.48 42.12
CA VAL Q 151 68.00 21.01 41.15
C VAL Q 151 68.42 22.42 41.53
N PRO Q 152 67.50 23.35 41.84
CA PRO Q 152 67.95 24.62 42.43
C PRO Q 152 68.60 24.44 43.80
N LYS Q 153 68.27 23.36 44.51
CA LYS Q 153 68.85 23.12 45.83
C LYS Q 153 70.36 22.94 45.73
N LYS Q 154 70.82 22.20 44.71
CA LYS Q 154 72.25 22.03 44.50
C LYS Q 154 72.91 23.36 44.11
N LEU Q 155 72.26 24.12 43.22
CA LEU Q 155 72.82 25.39 42.77
C LEU Q 155 72.94 26.38 43.92
N LEU Q 156 71.93 26.43 44.80
CA LEU Q 156 71.99 27.32 45.95
C LEU Q 156 72.99 26.84 46.99
N MET Q 157 73.13 25.51 47.17
CA MET Q 157 74.13 24.99 48.09
C MET Q 157 75.53 25.36 47.64
N MET Q 158 75.80 25.22 46.34
CA MET Q 158 77.10 25.58 45.79
C MET Q 158 77.31 27.09 45.71
N ALA Q 159 76.24 27.88 45.78
CA ALA Q 159 76.39 29.34 45.76
C ALA Q 159 76.88 29.90 47.08
N GLY Q 160 76.86 29.10 48.15
CA GLY Q 160 77.20 29.57 49.46
C GLY Q 160 76.02 29.88 50.36
N ILE Q 161 74.80 29.69 49.88
CA ILE Q 161 73.60 30.06 50.61
C ILE Q 161 73.32 28.98 51.66
N ASP Q 162 73.11 29.41 52.91
CA ASP Q 162 72.84 28.47 53.99
C ASP Q 162 71.35 28.29 54.20
N ASP Q 163 70.56 29.34 53.99
CA ASP Q 163 69.11 29.30 54.16
C ASP Q 163 68.46 30.12 53.07
N CYS Q 164 67.33 29.63 52.55
CA CYS Q 164 66.63 30.35 51.50
C CYS Q 164 65.26 29.75 51.29
N TYR Q 165 64.26 30.60 51.06
CA TYR Q 165 62.93 30.20 50.66
C TYR Q 165 62.81 30.38 49.15
N THR Q 166 62.05 29.49 48.50
CA THR Q 166 61.99 29.49 47.06
C THR Q 166 60.60 29.11 46.57
N SER Q 167 60.13 29.78 45.54
CA SER Q 167 58.90 29.44 44.84
C SER Q 167 59.19 29.44 43.35
N ALA Q 168 58.86 28.33 42.68
CA ALA Q 168 59.16 28.16 41.26
C ALA Q 168 57.88 27.96 40.48
N ARG Q 169 57.69 28.78 39.45
CA ARG Q 169 56.54 28.68 38.56
C ARG Q 169 57.03 28.49 37.13
N GLY Q 170 56.28 27.72 36.35
CA GLY Q 170 56.62 27.42 34.98
C GLY Q 170 56.96 25.96 34.81
N CYS Q 171 57.38 25.62 33.60
CA CYS Q 171 57.73 24.23 33.26
C CYS Q 171 59.07 23.90 33.92
N THR Q 172 58.99 23.54 35.20
CA THR Q 172 60.17 23.16 35.97
C THR Q 172 60.74 21.82 35.55
N ALA Q 173 60.01 21.05 34.72
CA ALA Q 173 60.48 19.77 34.21
C ALA Q 173 61.45 19.93 33.05
N THR Q 174 62.09 21.09 32.96
CA THR Q 174 62.91 21.53 31.83
C THR Q 174 64.29 21.90 32.33
N LEU Q 175 64.95 20.93 32.97
CA LEU Q 175 66.20 21.08 33.73
C LEU Q 175 67.12 22.17 33.19
N GLY Q 176 67.31 22.21 31.87
CA GLY Q 176 68.13 23.26 31.29
C GLY Q 176 67.63 24.65 31.63
N ASN Q 177 66.32 24.86 31.47
CA ASN Q 177 65.74 26.16 31.79
C ASN Q 177 65.57 26.35 33.29
N PHE Q 178 65.33 25.26 34.02
CA PHE Q 178 65.23 25.35 35.47
C PHE Q 178 66.56 25.75 36.10
N ALA Q 179 67.65 25.07 35.70
CA ALA Q 179 68.96 25.40 36.24
C ALA Q 179 69.37 26.82 35.87
N LYS Q 180 69.13 27.23 34.63
CA LYS Q 180 69.51 28.57 34.21
C LYS Q 180 68.67 29.64 34.90
N ALA Q 181 67.42 29.33 35.25
CA ALA Q 181 66.55 30.30 35.89
C ALA Q 181 67.08 30.68 37.27
N THR Q 182 67.38 29.69 38.11
CA THR Q 182 67.88 29.99 39.45
C THR Q 182 69.27 30.62 39.37
N PHE Q 183 70.12 30.11 38.47
CA PHE Q 183 71.43 30.72 38.28
C PHE Q 183 71.32 32.19 37.91
N ASP Q 184 70.31 32.55 37.11
CA ASP Q 184 70.04 33.96 36.84
C ASP Q 184 69.67 34.70 38.13
N ALA Q 185 68.87 34.07 38.98
CA ALA Q 185 68.45 34.70 40.23
C ALA Q 185 69.65 34.93 41.16
N ILE Q 186 70.57 33.96 41.21
CA ILE Q 186 71.78 34.13 42.01
C ILE Q 186 72.61 35.30 41.46
N SER Q 187 72.70 35.40 40.13
CA SER Q 187 73.59 36.39 39.52
C SER Q 187 73.15 37.81 39.85
N LYS Q 188 71.85 38.05 39.95
CA LYS Q 188 71.35 39.38 40.25
C LYS Q 188 71.21 39.63 41.76
N THR Q 189 71.87 38.82 42.58
CA THR Q 189 71.99 39.16 44.00
C THR Q 189 72.94 40.34 44.19
N TYR Q 190 74.01 40.41 43.41
CA TYR Q 190 74.98 41.48 43.54
C TYR Q 190 74.65 42.71 42.70
N SER Q 191 73.64 42.65 41.84
CA SER Q 191 73.23 43.81 41.07
C SER Q 191 71.95 44.45 41.63
N TYR Q 192 71.60 44.12 42.86
CA TYR Q 192 70.46 44.72 43.55
C TYR Q 192 70.96 45.85 44.44
N LEU Q 193 70.46 47.05 44.19
CA LEU Q 193 70.85 48.22 44.97
C LEU Q 193 70.11 48.22 46.30
N THR Q 194 70.85 48.25 47.39
CA THR Q 194 70.33 48.23 48.75
C THR Q 194 70.97 49.36 49.55
N PRO Q 195 70.31 49.84 50.60
CA PRO Q 195 70.81 51.03 51.31
C PRO Q 195 72.22 50.90 51.87
N ASP Q 196 72.71 49.68 52.12
CA ASP Q 196 74.11 49.52 52.49
C ASP Q 196 75.06 49.83 51.34
N LEU Q 197 74.55 49.90 50.11
CA LEU Q 197 75.31 50.32 48.95
C LEU Q 197 74.96 51.74 48.50
N TRP Q 198 74.27 52.50 49.35
CA TRP Q 198 73.92 53.88 49.03
C TRP Q 198 75.15 54.74 48.81
N LYS Q 199 76.25 54.39 49.47
CA LYS Q 199 77.42 55.27 49.57
C LYS Q 199 78.05 55.53 48.22
N GLU Q 200 78.68 56.70 48.09
CA GLU Q 200 79.40 57.06 46.88
C GLU Q 200 80.54 56.08 46.63
N THR Q 201 80.73 55.71 45.38
CA THR Q 201 81.74 54.72 45.01
C THR Q 201 83.04 55.41 44.66
N VAL Q 202 84.12 55.00 45.33
CA VAL Q 202 85.44 55.53 45.05
C VAL Q 202 86.09 54.69 43.96
N PHE Q 203 86.55 55.35 42.91
CA PHE Q 203 87.09 54.67 41.74
C PHE Q 203 88.57 54.40 41.91
N THR Q 204 88.96 53.16 41.61
CA THR Q 204 90.34 52.73 41.71
C THR Q 204 90.94 52.53 40.33
N LYS Q 205 92.25 52.35 40.29
CA LYS Q 205 92.94 52.11 39.03
C LYS Q 205 92.50 50.79 38.44
N SER Q 206 92.24 50.79 37.13
CA SER Q 206 91.92 49.55 36.44
C SER Q 206 93.16 48.66 36.38
N PRO Q 207 92.97 47.34 36.40
CA PRO Q 207 94.13 46.44 36.31
C PRO Q 207 94.96 46.65 35.07
N TYR Q 208 94.33 47.02 33.95
CA TYR Q 208 95.07 47.25 32.71
C TYR Q 208 96.00 48.46 32.84
N GLN Q 209 95.53 49.54 33.48
CA GLN Q 209 96.34 50.74 33.56
C GLN Q 209 97.28 50.76 34.76
N GLU Q 210 97.06 49.90 35.75
CA GLU Q 210 97.98 49.79 36.87
C GLU Q 210 99.08 48.76 36.63
N PHE Q 211 98.99 48.00 35.54
CA PHE Q 211 100.04 47.06 35.17
C PHE Q 211 100.36 47.17 33.69
N THR Q 212 100.04 48.33 33.09
CA THR Q 212 100.33 48.55 31.68
C THR Q 212 101.83 48.46 31.41
N ASP Q 213 102.64 49.08 32.26
CA ASP Q 213 104.09 49.04 32.08
C ASP Q 213 104.62 47.61 32.18
N HIS Q 214 104.09 46.84 33.13
CA HIS Q 214 104.45 45.43 33.21
C HIS Q 214 103.91 44.66 32.02
N LEU Q 215 102.72 45.00 31.55
CA LEU Q 215 102.12 44.27 30.43
C LEU Q 215 102.97 44.38 29.17
N VAL Q 216 103.40 45.61 28.82
CA VAL Q 216 104.26 45.76 27.66
C VAL Q 216 105.60 45.08 27.87
N LYS Q 217 106.05 44.96 29.12
CA LYS Q 217 107.33 44.33 29.39
C LYS Q 217 107.31 42.84 29.04
N THR Q 218 106.18 42.16 29.28
CA THR Q 218 106.12 40.72 29.08
C THR Q 218 105.12 40.27 28.02
N HIS Q 219 104.12 41.08 27.67
CA HIS Q 219 103.08 40.63 26.76
C HIS Q 219 103.22 41.20 25.35
N THR Q 220 103.96 42.30 25.18
CA THR Q 220 104.14 42.93 23.87
C THR Q 220 105.61 43.34 23.71
N ARG Q 221 106.41 42.45 23.14
CA ARG Q 221 105.99 41.09 22.82
C ARG Q 221 106.78 40.09 23.63
N VAL Q 222 108.12 40.17 23.50
CA VAL Q 222 109.08 39.30 24.16
C VAL Q 222 108.59 37.85 24.31
N GLY R 1 37.25 61.10 27.68
CA GLY R 1 36.64 60.88 26.39
C GLY R 1 35.21 61.36 26.32
N ARG R 2 34.63 61.35 25.12
CA ARG R 2 33.23 61.74 24.98
C ARG R 2 32.32 60.71 25.62
N MET R 3 31.27 61.20 26.27
CA MET R 3 30.34 60.32 26.98
C MET R 3 29.64 59.36 26.02
N HIS R 4 29.25 59.86 24.84
CA HIS R 4 28.47 59.07 23.89
C HIS R 4 29.15 58.98 22.52
N ALA R 5 30.45 59.22 22.45
CA ALA R 5 31.17 59.13 21.19
C ALA R 5 32.57 58.63 21.45
N PRO R 6 33.20 57.98 20.47
CA PRO R 6 34.64 57.71 20.55
C PRO R 6 35.41 58.97 20.20
N GLY R 7 35.98 59.60 21.20
CA GLY R 7 36.72 60.82 20.98
C GLY R 7 37.49 61.24 22.21
N LYS R 8 38.76 61.53 22.04
CA LYS R 8 39.64 61.99 23.11
C LYS R 8 40.12 63.40 22.85
N GLY R 9 39.26 64.21 22.23
CA GLY R 9 39.60 65.57 21.87
C GLY R 9 39.91 66.45 23.07
N LEU R 10 41.12 66.99 23.09
CA LEU R 10 41.56 67.91 24.13
C LEU R 10 41.46 69.32 23.54
N SER R 11 40.26 69.87 23.54
CA SER R 11 40.02 71.21 23.03
C SER R 11 39.09 71.91 24.02
N GLN R 12 39.62 72.90 24.71
CA GLN R 12 38.87 73.63 25.72
C GLN R 12 39.56 74.95 25.98
N SER R 13 38.91 75.80 26.78
CA SER R 13 39.50 77.07 27.15
C SER R 13 40.54 76.86 28.27
N ALA R 14 41.47 77.81 28.37
CA ALA R 14 42.51 77.76 29.39
C ALA R 14 42.57 79.11 30.10
N LEU R 15 41.95 79.18 31.28
CA LEU R 15 41.98 80.39 32.06
C LEU R 15 43.41 80.71 32.49
N PRO R 16 43.85 81.96 32.36
CA PRO R 16 45.20 82.31 32.79
C PRO R 16 45.35 82.28 34.30
N TYR R 17 46.60 82.23 34.75
CA TYR R 17 46.91 82.23 36.18
C TYR R 17 46.41 83.50 36.87
N ARG R 18 46.53 84.65 36.22
CA ARG R 18 46.12 85.91 36.82
C ARG R 18 44.61 85.98 36.92
N ARG R 19 44.09 85.98 38.14
CA ARG R 19 42.66 86.15 38.38
C ARG R 19 42.24 87.61 38.41
N SER R 20 43.20 88.54 38.48
CA SER R 20 42.88 89.94 38.68
C SER R 20 42.28 90.56 37.42
N VAL R 21 41.50 91.61 37.62
CA VAL R 21 40.92 92.36 36.51
C VAL R 21 42.03 93.11 35.79
N PRO R 22 42.05 93.12 34.45
CA PRO R 22 43.06 93.91 33.74
C PRO R 22 42.96 95.38 34.10
N THR R 23 44.13 96.03 34.18
CA THR R 23 44.16 97.44 34.53
C THR R 23 43.48 98.31 33.48
N TRP R 24 43.50 97.89 32.21
CA TRP R 24 42.90 98.67 31.14
C TRP R 24 41.37 98.57 31.10
N LEU R 25 40.77 97.70 31.91
CA LEU R 25 39.33 97.50 31.89
C LEU R 25 38.70 98.61 32.72
N LYS R 26 38.36 99.71 32.06
CA LYS R 26 37.83 100.91 32.72
C LYS R 26 36.29 100.83 32.83
N LEU R 27 35.83 99.78 33.51
CA LEU R 27 34.40 99.45 33.52
C LEU R 27 34.15 98.58 34.74
N THR R 28 33.36 99.08 35.69
CA THR R 28 33.28 98.48 37.02
C THR R 28 32.34 97.27 37.04
N SER R 29 32.20 96.64 38.20
CA SER R 29 31.37 95.46 38.34
C SER R 29 29.89 95.80 38.11
N ASP R 30 29.45 96.96 38.59
CA ASP R 30 28.05 97.34 38.43
C ASP R 30 27.67 97.47 36.96
N ASP R 31 28.55 98.08 36.16
CA ASP R 31 28.26 98.26 34.74
C ASP R 31 28.20 96.93 34.01
N VAL R 32 29.12 96.01 34.33
CA VAL R 32 29.06 94.67 33.73
C VAL R 32 27.79 93.97 34.17
N LYS R 33 27.36 94.20 35.40
CA LYS R 33 26.12 93.60 35.90
C LYS R 33 24.92 94.01 35.05
N GLU R 34 24.76 95.31 34.82
CA GLU R 34 23.59 95.78 34.08
C GLU R 34 23.65 95.41 32.61
N GLN R 35 24.84 95.26 32.05
CA GLN R 35 24.95 94.77 30.67
C GLN R 35 24.50 93.32 30.58
N ILE R 36 24.79 92.51 31.60
CA ILE R 36 24.28 91.14 31.64
C ILE R 36 22.76 91.14 31.66
N TYR R 37 22.16 92.03 32.45
CA TYR R 37 20.71 92.12 32.52
C TYR R 37 20.13 92.48 31.15
N LYS R 38 20.71 93.48 30.50
CA LYS R 38 20.22 93.89 29.18
C LYS R 38 20.31 92.74 28.18
N LEU R 39 21.45 92.04 28.17
CA LEU R 39 21.60 90.88 27.28
C LEU R 39 20.64 89.76 27.65
N ALA R 40 20.42 89.53 28.95
CA ALA R 40 19.48 88.49 29.36
C ALA R 40 18.05 88.85 28.95
N LYS R 41 17.66 90.12 29.09
CA LYS R 41 16.33 90.53 28.68
C LYS R 41 16.14 90.41 27.17
N LYS R 42 17.21 90.61 26.41
CA LYS R 42 17.12 90.45 24.96
C LYS R 42 16.88 89.01 24.57
N GLY R 43 17.00 88.09 25.52
CA GLY R 43 16.65 86.70 25.31
C GLY R 43 17.83 85.76 25.23
N LEU R 44 18.97 86.19 25.75
CA LEU R 44 20.23 85.45 25.62
C LEU R 44 20.53 84.66 26.89
N THR R 45 20.95 83.42 26.71
CA THR R 45 21.35 82.56 27.82
C THR R 45 22.76 82.92 28.29
N PRO R 46 23.12 82.54 29.53
CA PRO R 46 24.45 82.89 30.06
C PRO R 46 25.62 82.58 29.14
N SER R 47 25.59 81.48 28.40
CA SER R 47 26.69 81.16 27.49
C SER R 47 26.88 82.25 26.45
N GLN R 48 25.78 82.73 25.86
CA GLN R 48 25.87 83.80 24.88
C GLN R 48 26.28 85.12 25.51
N ILE R 49 25.83 85.37 26.75
CA ILE R 49 26.21 86.59 27.44
C ILE R 49 27.72 86.61 27.71
N GLY R 50 28.29 85.45 28.02
CA GLY R 50 29.72 85.39 28.27
C GLY R 50 30.56 85.69 27.05
N VAL R 51 30.17 85.15 25.90
CA VAL R 51 30.97 85.35 24.69
C VAL R 51 30.83 86.79 24.19
N ILE R 52 29.63 87.36 24.27
CA ILE R 52 29.42 88.74 23.83
C ILE R 52 30.25 89.69 24.68
N LEU R 53 30.24 89.50 26.00
CA LEU R 53 31.05 90.34 26.88
C LEU R 53 32.54 90.12 26.63
N ARG R 54 32.92 88.86 26.38
CA ARG R 54 34.32 88.56 26.12
C ARG R 54 34.76 89.10 24.76
N ASP R 55 33.86 89.09 23.77
CA ASP R 55 34.25 89.50 22.42
C ASP R 55 34.32 91.00 22.29
N SER R 56 33.20 91.69 22.54
CA SER R 56 33.13 93.12 22.20
C SER R 56 33.47 94.01 23.40
N HIS R 57 33.09 93.60 24.60
CA HIS R 57 33.27 94.47 25.76
C HIS R 57 34.63 94.33 26.42
N GLY R 58 35.43 93.34 26.04
CA GLY R 58 36.73 93.15 26.65
C GLY R 58 36.68 92.73 28.11
N VAL R 59 35.80 91.81 28.46
CA VAL R 59 35.73 91.25 29.81
C VAL R 59 36.14 89.78 29.74
N ALA R 60 37.24 89.46 30.43
CA ALA R 60 37.77 88.09 30.37
C ALA R 60 36.82 87.12 31.06
N GLN R 61 36.55 87.36 32.34
CA GLN R 61 35.57 86.58 33.08
C GLN R 61 34.71 87.53 33.89
N VAL R 62 33.39 87.36 33.79
CA VAL R 62 32.47 88.12 34.64
C VAL R 62 32.70 87.76 36.10
N ARG R 63 33.15 86.54 36.36
CA ARG R 63 33.46 86.12 37.72
C ARG R 63 34.56 86.97 38.33
N PHE R 64 35.59 87.30 37.56
CA PHE R 64 36.71 88.07 38.10
C PHE R 64 36.36 89.54 38.31
N VAL R 65 35.45 90.08 37.50
CA VAL R 65 35.10 91.49 37.62
C VAL R 65 34.06 91.71 38.70
N THR R 66 33.03 90.87 38.74
CA THR R 66 31.91 91.05 39.65
C THR R 66 31.99 90.16 40.88
N GLY R 67 32.92 89.19 40.92
CA GLY R 67 32.93 88.25 42.02
C GLY R 67 31.81 87.25 41.98
N ASN R 68 31.06 87.20 40.89
CA ASN R 68 29.86 86.38 40.81
C ASN R 68 29.75 85.82 39.40
N LYS R 69 29.19 84.62 39.29
CA LYS R 69 29.03 83.98 37.99
C LYS R 69 27.82 84.52 37.27
N ILE R 70 27.78 84.30 35.95
CA ILE R 70 26.74 84.89 35.11
C ILE R 70 25.37 84.38 35.52
N LEU R 71 25.21 83.06 35.63
CA LEU R 71 23.94 82.50 36.07
C LEU R 71 23.59 82.94 37.48
N ARG R 72 24.59 83.04 38.36
CA ARG R 72 24.36 83.53 39.71
C ARG R 72 23.81 84.95 39.70
N ILE R 73 24.30 85.78 38.78
CA ILE R 73 23.85 87.17 38.70
C ILE R 73 22.40 87.23 38.21
N LEU R 74 22.04 86.38 37.25
CA LEU R 74 20.66 86.35 36.78
C LEU R 74 19.72 85.79 37.85
N LYS R 75 20.13 84.72 38.53
CA LYS R 75 19.27 84.09 39.53
C LYS R 75 18.96 85.05 40.67
N SER R 76 19.96 85.78 41.14
CA SER R 76 19.73 86.76 42.21
C SER R 76 18.77 87.84 41.75
N LYS R 77 18.91 88.30 40.50
CA LYS R 77 18.00 89.31 39.97
C LYS R 77 16.65 88.72 39.61
N GLY R 78 16.58 87.40 39.39
CA GLY R 78 15.33 86.74 39.14
C GLY R 78 14.93 86.57 37.69
N LEU R 79 15.85 86.84 36.75
CA LEU R 79 15.57 86.64 35.34
C LEU R 79 16.31 85.42 34.78
N ALA R 80 16.66 84.46 35.63
CA ALA R 80 17.19 83.20 35.16
C ALA R 80 16.07 82.31 34.64
N PRO R 81 16.30 81.55 33.57
CA PRO R 81 15.25 80.68 33.04
C PRO R 81 14.94 79.52 33.97
N ASP R 82 13.71 79.04 33.89
CA ASP R 82 13.30 77.89 34.70
C ASP R 82 14.07 76.64 34.31
N LEU R 83 14.23 76.41 33.01
CA LEU R 83 14.95 75.24 32.52
C LEU R 83 16.43 75.55 32.37
N PRO R 84 17.32 74.70 32.89
CA PRO R 84 18.75 74.94 32.71
C PRO R 84 19.15 74.94 31.24
N GLU R 85 20.19 75.71 30.94
CA GLU R 85 20.63 75.89 29.56
C GLU R 85 20.97 74.56 28.89
N ASP R 86 21.84 73.76 29.52
CA ASP R 86 22.28 72.53 28.88
C ASP R 86 21.12 71.56 28.69
N LEU R 87 20.17 71.55 29.63
CA LEU R 87 19.00 70.70 29.47
C LEU R 87 18.06 71.24 28.39
N TYR R 88 17.95 72.57 28.29
CA TYR R 88 17.10 73.16 27.27
C TYR R 88 17.60 72.82 25.87
N HIS R 89 18.91 72.93 25.65
CA HIS R 89 19.46 72.62 24.34
C HIS R 89 19.44 71.12 24.07
N LEU R 90 19.42 70.29 25.11
CA LEU R 90 19.32 68.86 24.91
C LEU R 90 17.91 68.46 24.51
N ILE R 91 16.90 69.04 25.15
CA ILE R 91 15.52 68.75 24.75
C ILE R 91 15.23 69.36 23.39
N LYS R 92 15.76 70.55 23.12
CA LYS R 92 15.57 71.18 21.81
C LYS R 92 16.16 70.31 20.71
N LYS R 93 17.35 69.77 20.94
CA LYS R 93 17.93 68.83 19.98
C LYS R 93 17.07 67.58 19.83
N ALA R 94 16.58 67.05 20.96
CA ALA R 94 15.80 65.82 20.91
C ALA R 94 14.51 66.01 20.12
N VAL R 95 13.83 67.14 20.30
CA VAL R 95 12.60 67.40 19.56
C VAL R 95 12.90 67.52 18.07
N ALA R 96 14.00 68.17 17.70
CA ALA R 96 14.33 68.37 16.29
C ALA R 96 14.61 67.05 15.58
N VAL R 97 15.35 66.14 16.22
CA VAL R 97 15.56 64.83 15.63
C VAL R 97 14.26 64.05 15.60
N ARG R 98 13.45 64.17 16.64
CA ARG R 98 12.17 63.47 16.67
C ARG R 98 11.23 64.00 15.60
N LYS R 99 11.28 65.31 15.32
CA LYS R 99 10.53 65.85 14.20
C LYS R 99 11.06 65.33 12.88
N HIS R 100 12.39 65.27 12.74
CA HIS R 100 12.98 64.73 11.52
C HIS R 100 12.63 63.25 11.35
N LEU R 101 12.61 62.50 12.45
CA LEU R 101 12.40 61.06 12.37
C LEU R 101 10.99 60.73 11.87
N GLU R 102 9.98 61.48 12.29
CA GLU R 102 8.64 61.19 11.85
C GLU R 102 8.42 61.50 10.37
N ARG R 103 9.26 62.37 9.79
CA ARG R 103 9.25 62.55 8.35
C ARG R 103 10.02 61.45 7.63
N ASN R 104 11.15 61.03 8.22
CA ASN R 104 12.04 60.04 7.63
C ASN R 104 12.11 58.83 8.55
N ARG R 105 11.29 57.82 8.26
CA ARG R 105 11.24 56.64 9.11
C ARG R 105 12.49 55.78 8.97
N LYS R 106 13.08 55.74 7.77
CA LYS R 106 14.21 54.85 7.51
C LYS R 106 15.54 55.37 8.05
N ASP R 107 15.57 56.58 8.60
CA ASP R 107 16.82 57.15 9.13
C ASP R 107 17.12 56.45 10.45
N LYS R 108 17.74 55.26 10.35
CA LYS R 108 18.11 54.51 11.53
C LYS R 108 19.25 55.19 12.29
N ASP R 109 20.12 55.91 11.57
CA ASP R 109 21.19 56.64 12.23
C ASP R 109 20.63 57.72 13.16
N ALA R 110 19.60 58.44 12.72
CA ALA R 110 18.95 59.41 13.58
C ALA R 110 18.27 58.73 14.76
N LYS R 111 17.66 57.58 14.53
CA LYS R 111 17.06 56.81 15.62
C LYS R 111 18.11 56.42 16.65
N PHE R 112 19.27 55.95 16.19
CA PHE R 112 20.36 55.65 17.11
C PHE R 112 20.83 56.91 17.82
N ARG R 113 20.92 58.02 17.10
CA ARG R 113 21.35 59.28 17.71
C ARG R 113 20.33 59.81 18.70
N LEU R 114 19.04 59.58 18.44
CA LEU R 114 18.01 60.04 19.36
C LEU R 114 18.14 59.35 20.72
N ILE R 115 18.46 58.05 20.73
CA ILE R 115 18.67 57.36 21.99
C ILE R 115 19.78 58.01 22.80
N LEU R 116 20.88 58.37 22.14
CA LEU R 116 21.97 59.04 22.84
C LEU R 116 21.51 60.36 23.44
N ILE R 117 20.76 61.15 22.67
CA ILE R 117 20.33 62.46 23.13
C ILE R 117 19.37 62.35 24.31
N GLU R 118 18.43 61.40 24.23
CA GLU R 118 17.49 61.22 25.34
C GLU R 118 18.16 60.59 26.55
N SER R 119 19.17 59.76 26.33
CA SER R 119 19.96 59.24 27.46
C SER R 119 20.68 60.37 28.18
N ARG R 120 21.22 61.33 27.42
CA ARG R 120 21.88 62.48 28.03
C ARG R 120 20.88 63.36 28.76
N ILE R 121 19.67 63.50 28.23
CA ILE R 121 18.65 64.30 28.90
C ILE R 121 18.33 63.70 30.27
N HIS R 122 18.17 62.37 30.33
CA HIS R 122 17.77 61.72 31.57
C HIS R 122 18.90 61.75 32.60
N ARG R 123 20.14 61.54 32.15
CA ARG R 123 21.28 61.64 33.06
C ARG R 123 21.43 63.06 33.60
N LEU R 124 21.26 64.05 32.73
CA LEU R 124 21.29 65.45 33.17
C LEU R 124 20.09 65.78 34.05
N ALA R 125 18.92 65.26 33.71
CA ALA R 125 17.73 65.48 34.53
C ALA R 125 17.92 64.88 35.92
N ARG R 126 18.54 63.71 35.99
CA ARG R 126 18.78 63.06 37.28
C ARG R 126 19.73 63.89 38.13
N TYR R 127 20.62 64.65 37.48
CA TYR R 127 21.54 65.51 38.22
C TYR R 127 20.82 66.71 38.82
N TYR R 128 19.96 67.35 38.04
CA TYR R 128 19.33 68.59 38.50
C TYR R 128 18.27 68.31 39.55
N LYS R 129 17.72 67.10 39.58
CA LYS R 129 16.75 66.75 40.60
C LYS R 129 17.41 66.59 41.97
N THR R 130 18.55 65.90 42.03
CA THR R 130 19.26 65.74 43.29
C THR R 130 19.93 67.03 43.74
N LYS R 131 20.15 67.97 42.84
CA LYS R 131 20.64 69.29 43.19
C LYS R 131 19.52 70.29 43.42
N ARG R 132 18.26 69.84 43.36
CA ARG R 132 17.09 70.65 43.65
C ARG R 132 16.98 71.87 42.73
N VAL R 133 17.42 71.72 41.48
CA VAL R 133 17.24 72.77 40.49
C VAL R 133 15.93 72.57 39.73
N LEU R 134 15.53 71.32 39.53
CA LEU R 134 14.29 70.90 38.91
C LEU R 134 13.37 70.29 39.95
N PRO R 135 12.06 70.25 39.69
CA PRO R 135 11.16 69.62 40.64
C PRO R 135 11.46 68.13 40.76
N PRO R 136 11.14 67.53 41.91
CA PRO R 136 11.45 66.10 42.10
C PRO R 136 10.64 65.16 41.21
N ASN R 137 9.53 65.63 40.63
CA ASN R 137 8.73 64.80 39.73
C ASN R 137 8.90 65.21 38.27
N TRP R 138 9.87 66.08 37.98
CA TRP R 138 10.11 66.54 36.63
C TRP R 138 10.50 65.36 35.74
N LYS R 139 9.87 65.26 34.58
CA LYS R 139 10.14 64.18 33.64
C LYS R 139 10.09 64.73 32.22
N TYR R 140 11.06 64.32 31.41
CA TYR R 140 11.03 64.62 29.98
C TYR R 140 10.16 63.60 29.26
N GLU R 141 9.11 64.11 28.62
CA GLU R 141 8.22 63.28 27.81
C GLU R 141 8.24 63.82 26.39
N SER R 142 8.39 62.91 25.43
CA SER R 142 8.52 63.30 24.04
C SER R 142 7.29 64.04 23.54
N SER R 143 6.09 63.59 23.93
CA SER R 143 4.88 64.22 23.44
C SER R 143 4.76 65.67 23.93
N THR R 144 5.13 65.93 25.18
CA THR R 144 4.95 67.26 25.77
C THR R 144 6.17 68.15 25.63
N ALA R 145 7.33 67.63 25.26
CA ALA R 145 8.54 68.43 25.24
C ALA R 145 8.59 69.41 24.08
N SER R 146 7.76 69.22 23.06
CA SER R 146 7.81 70.08 21.89
C SER R 146 7.42 71.51 22.23
N ALA R 147 6.45 71.68 23.13
CA ALA R 147 6.04 73.01 23.57
C ALA R 147 6.95 73.60 24.62
N LEU R 148 7.83 72.79 25.23
CA LEU R 148 8.74 73.31 26.24
C LEU R 148 9.85 74.14 25.61
N VAL R 149 10.39 73.69 24.48
CA VAL R 149 11.38 74.42 23.72
C VAL R 149 10.68 75.05 22.51
N ALA R 150 10.78 76.37 22.40
CA ALA R 150 10.00 77.13 21.43
C ALA R 150 8.52 76.77 21.52
N GLU S 1 40.58 49.87 -62.00
CA GLU S 1 40.85 50.86 -63.03
C GLU S 1 41.39 50.19 -64.30
N GLN S 2 40.49 49.72 -65.16
CA GLN S 2 39.05 49.87 -65.02
C GLN S 2 38.39 48.56 -64.56
N VAL S 3 37.36 48.69 -63.74
CA VAL S 3 36.71 47.54 -63.11
C VAL S 3 35.39 47.19 -63.79
N ILE S 4 34.48 48.15 -64.01
CA ILE S 4 34.53 49.60 -63.81
C ILE S 4 33.61 50.03 -62.68
N SER S 5 32.52 49.28 -62.49
CA SER S 5 31.49 49.65 -61.53
C SER S 5 32.01 49.70 -60.10
N LEU S 6 32.81 48.71 -59.68
CA LEU S 6 33.26 48.66 -58.30
C LEU S 6 34.28 49.77 -58.04
N GLY S 7 34.08 50.51 -56.96
CA GLY S 7 35.01 51.55 -56.57
C GLY S 7 34.61 52.92 -57.05
N PRO S 8 34.96 53.94 -56.28
CA PRO S 8 34.64 55.32 -56.66
C PRO S 8 35.63 55.85 -57.70
N GLN S 9 35.15 56.81 -58.48
CA GLN S 9 35.96 57.46 -59.51
C GLN S 9 36.86 58.48 -58.82
N VAL S 10 38.15 58.15 -58.71
CA VAL S 10 39.07 58.92 -57.89
C VAL S 10 40.37 59.16 -58.65
N ALA S 11 41.20 60.06 -58.12
CA ALA S 11 42.46 60.42 -58.73
C ALA S 11 43.55 59.45 -58.26
N GLU S 12 44.75 59.58 -58.84
CA GLU S 12 45.88 58.77 -58.42
C GLU S 12 46.38 59.15 -57.04
N GLY S 13 46.39 60.45 -56.73
CA GLY S 13 46.93 60.94 -55.49
C GLY S 13 46.06 60.71 -54.27
N GLU S 14 44.84 61.26 -54.29
CA GLU S 14 43.97 61.17 -53.13
C GLU S 14 43.51 59.73 -52.93
N ASN S 15 43.20 59.39 -51.68
CA ASN S 15 42.99 58.02 -51.25
C ASN S 15 41.53 57.78 -50.87
N VAL S 16 41.11 56.52 -50.96
CA VAL S 16 39.77 56.10 -50.56
C VAL S 16 39.88 55.33 -49.26
N PHE S 17 39.05 55.68 -48.29
CA PHE S 17 39.16 55.18 -46.94
C PHE S 17 37.99 54.27 -46.60
N GLY S 18 38.30 53.21 -45.84
CA GLY S 18 37.31 52.38 -45.22
C GLY S 18 37.59 52.29 -43.73
N VAL S 19 36.79 51.52 -43.00
CA VAL S 19 37.01 51.30 -41.57
C VAL S 19 37.04 49.81 -41.33
N CYS S 20 38.10 49.32 -40.68
CA CYS S 20 38.28 47.91 -40.40
C CYS S 20 38.03 47.70 -38.90
N HIS S 21 36.89 47.09 -38.57
CA HIS S 21 36.56 46.79 -37.18
C HIS S 21 37.16 45.43 -36.85
N ILE S 22 38.34 45.44 -36.25
CA ILE S 22 39.02 44.21 -35.86
C ILE S 22 38.50 43.83 -34.47
N PHE S 23 37.75 42.73 -34.41
CA PHE S 23 37.22 42.21 -33.16
C PHE S 23 38.01 40.95 -32.83
N ALA S 24 39.11 41.13 -32.11
CA ALA S 24 39.99 40.04 -31.74
C ALA S 24 39.70 39.70 -30.27
N SER S 25 38.68 38.89 -30.05
CA SER S 25 38.45 38.29 -28.76
C SER S 25 39.25 36.99 -28.70
N PHE S 26 39.08 36.25 -27.62
CA PHE S 26 39.49 34.85 -27.67
C PHE S 26 38.40 34.06 -28.37
N ASN S 27 38.74 32.82 -28.75
CA ASN S 27 37.85 31.90 -29.44
C ASN S 27 37.60 32.30 -30.90
N ASP S 28 38.04 33.49 -31.31
CA ASP S 28 37.83 33.93 -32.69
C ASP S 28 38.53 35.26 -32.94
N THR S 29 38.43 35.71 -34.19
CA THR S 29 38.95 37.00 -34.63
C THR S 29 38.04 37.50 -35.76
N PHE S 30 37.79 38.80 -35.80
CA PHE S 30 37.00 39.40 -36.87
C PHE S 30 37.82 40.44 -37.62
N VAL S 31 37.78 40.38 -38.94
CA VAL S 31 38.48 41.34 -39.80
C VAL S 31 37.44 42.08 -40.64
N HIS S 32 36.27 42.33 -40.04
CA HIS S 32 35.20 43.06 -40.71
C HIS S 32 35.68 44.44 -41.19
N VAL S 33 35.41 44.73 -42.46
CA VAL S 33 35.68 46.04 -43.06
C VAL S 33 34.37 46.63 -43.53
N THR S 34 34.10 47.87 -43.13
CA THR S 34 32.94 48.64 -43.56
C THR S 34 33.38 49.93 -44.21
N ASP S 35 32.40 50.79 -44.51
CA ASP S 35 32.66 52.11 -45.07
C ASP S 35 32.92 53.08 -43.91
N LEU S 36 33.01 54.38 -44.24
CA LEU S 36 33.33 55.37 -43.23
C LEU S 36 32.24 55.44 -42.16
N SER S 37 30.97 55.41 -42.58
CA SER S 37 29.87 55.46 -41.62
C SER S 37 29.76 54.18 -40.80
N GLY S 38 30.27 53.06 -41.32
CA GLY S 38 30.15 51.79 -40.63
C GLY S 38 28.86 51.05 -40.89
N LYS S 39 27.93 51.65 -41.62
CA LYS S 39 26.63 51.06 -41.87
C LYS S 39 26.64 50.11 -43.06
N GLU S 40 27.55 50.32 -44.00
CA GLU S 40 27.67 49.48 -45.19
C GLU S 40 28.88 48.58 -45.06
N THR S 41 28.67 47.27 -45.15
CA THR S 41 29.75 46.30 -45.03
C THR S 41 30.35 46.03 -46.40
N ILE S 42 31.69 46.13 -46.48
CA ILE S 42 32.39 45.83 -47.72
C ILE S 42 32.80 44.36 -47.78
N CYS S 43 33.43 43.86 -46.71
CA CYS S 43 33.83 42.46 -46.64
C CYS S 43 34.23 42.14 -45.20
N ARG S 44 33.85 40.94 -44.76
CA ARG S 44 34.05 40.52 -43.38
C ARG S 44 34.50 39.06 -43.40
N VAL S 45 35.75 38.82 -43.01
CA VAL S 45 36.31 37.48 -42.91
C VAL S 45 36.80 37.25 -41.49
N THR S 46 36.38 36.16 -40.88
CA THR S 46 36.81 35.77 -39.55
C THR S 46 37.87 34.67 -39.65
N GLY S 47 38.56 34.44 -38.54
CA GLY S 47 39.47 33.32 -38.47
C GLY S 47 38.78 31.98 -38.63
N GLY S 48 37.54 31.87 -38.19
CA GLY S 48 36.84 30.59 -38.25
C GLY S 48 36.47 30.15 -39.65
N MET S 49 36.37 31.09 -40.59
CA MET S 49 36.10 30.67 -41.97
C MET S 49 37.37 30.31 -42.72
N LYS S 50 38.54 30.39 -42.07
CA LYS S 50 39.79 29.96 -42.67
C LYS S 50 40.32 28.67 -42.08
N VAL S 51 40.35 28.55 -40.76
CA VAL S 51 40.74 27.31 -40.11
C VAL S 51 39.52 26.42 -39.95
N LYS S 52 39.75 25.11 -39.98
CA LYS S 52 38.69 24.14 -39.77
C LYS S 52 39.00 23.22 -38.59
N ALA S 53 39.71 23.75 -37.58
CA ALA S 53 40.14 22.95 -36.44
C ALA S 53 39.45 23.33 -35.14
N ASP S 54 38.77 24.48 -35.07
CA ASP S 54 37.90 24.91 -33.99
C ASP S 54 38.65 25.35 -32.73
N ARG S 55 39.96 25.16 -32.67
CA ARG S 55 40.74 25.60 -31.51
C ARG S 55 41.74 26.66 -31.94
N ASP S 56 41.95 26.78 -33.26
CA ASP S 56 42.84 27.76 -33.83
C ASP S 56 42.09 28.94 -34.43
N GLU S 57 40.80 29.10 -34.08
CA GLU S 57 40.00 30.18 -34.64
C GLU S 57 40.56 31.55 -34.27
N SER S 58 41.05 31.70 -33.04
CA SER S 58 41.65 32.96 -32.60
C SER S 58 43.16 32.98 -32.78
N SER S 59 43.73 32.04 -33.51
CA SER S 59 45.18 31.99 -33.67
C SER S 59 45.66 33.16 -34.52
N PRO S 60 46.92 33.55 -34.35
CA PRO S 60 47.50 34.57 -35.24
C PRO S 60 47.49 34.16 -36.71
N TYR S 61 47.71 32.88 -37.01
CA TYR S 61 47.73 32.44 -38.40
C TYR S 61 46.36 32.59 -39.05
N ALA S 62 45.29 32.28 -38.30
CA ALA S 62 43.94 32.44 -38.83
C ALA S 62 43.61 33.92 -39.08
N ALA S 63 44.08 34.80 -38.19
CA ALA S 63 43.83 36.22 -38.37
C ALA S 63 44.67 36.78 -39.51
N MET S 64 45.88 36.25 -39.70
CA MET S 64 46.71 36.68 -40.83
C MET S 64 46.04 36.36 -42.15
N LEU S 65 45.59 35.12 -42.32
CA LEU S 65 44.95 34.71 -43.57
C LEU S 65 43.63 35.43 -43.76
N ALA S 66 42.87 35.63 -42.68
CA ALA S 66 41.59 36.35 -42.80
C ALA S 66 41.81 37.79 -43.23
N ALA S 67 42.81 38.45 -42.68
CA ALA S 67 43.10 39.82 -43.08
C ALA S 67 43.65 39.90 -44.49
N GLN S 68 44.27 38.81 -44.98
CA GLN S 68 44.75 38.80 -46.36
C GLN S 68 43.58 38.70 -47.34
N ASP S 69 42.60 37.86 -47.04
CA ASP S 69 41.44 37.75 -47.91
C ASP S 69 40.61 39.02 -47.91
N VAL S 70 40.54 39.71 -46.76
CA VAL S 70 39.83 40.98 -46.70
C VAL S 70 40.53 42.03 -47.55
N ALA S 71 41.86 42.11 -47.45
CA ALA S 71 42.60 43.10 -48.21
C ALA S 71 42.51 42.84 -49.71
N GLN S 72 42.54 41.57 -50.11
CA GLN S 72 42.37 41.24 -51.52
C GLN S 72 41.01 41.72 -52.03
N ARG S 73 39.96 41.47 -51.25
CA ARG S 73 38.62 41.92 -51.63
C ARG S 73 38.51 43.44 -51.54
N CYS S 74 39.16 44.03 -50.53
CA CYS S 74 39.07 45.48 -50.36
C CYS S 74 39.71 46.22 -51.53
N LYS S 75 40.86 45.74 -52.01
CA LYS S 75 41.45 46.32 -53.21
C LYS S 75 40.55 46.13 -54.42
N GLU S 76 39.83 45.01 -54.48
CA GLU S 76 38.93 44.75 -55.60
C GLU S 76 37.82 45.80 -55.67
N LEU S 77 37.27 46.15 -54.52
CA LEU S 77 36.19 47.12 -54.44
C LEU S 77 36.66 48.56 -54.51
N GLY S 78 37.97 48.78 -54.69
CA GLY S 78 38.51 50.11 -54.88
C GLY S 78 39.09 50.76 -53.65
N ILE S 79 38.75 50.29 -52.45
CA ILE S 79 39.24 50.89 -51.22
C ILE S 79 40.71 50.50 -51.03
N THR S 80 41.57 51.49 -50.82
CA THR S 80 43.00 51.25 -50.67
C THR S 80 43.52 51.55 -49.27
N ALA S 81 42.82 52.38 -48.50
CA ALA S 81 43.22 52.69 -47.13
C ALA S 81 42.05 52.41 -46.20
N LEU S 82 42.36 52.12 -44.95
CA LEU S 82 41.32 51.79 -43.99
C LEU S 82 41.70 52.27 -42.59
N HIS S 83 40.71 52.74 -41.85
CA HIS S 83 40.87 53.03 -40.44
C HIS S 83 40.70 51.76 -39.61
N ILE S 84 41.23 51.80 -38.39
CA ILE S 84 41.27 50.62 -37.53
C ILE S 84 40.52 50.91 -36.24
N LYS S 85 39.63 49.98 -35.87
CA LYS S 85 38.89 50.05 -34.61
C LYS S 85 39.15 48.74 -33.87
N LEU S 86 40.23 48.70 -33.10
CA LEU S 86 40.55 47.53 -32.31
C LEU S 86 39.54 47.36 -31.17
N ARG S 87 39.13 46.12 -30.94
CA ARG S 87 38.09 45.84 -29.96
C ARG S 87 38.34 44.48 -29.32
N ALA S 88 38.22 44.44 -28.00
CA ALA S 88 38.17 43.18 -27.28
C ALA S 88 36.71 42.86 -26.94
N THR S 89 36.48 41.76 -26.23
CA THR S 89 35.11 41.38 -25.91
C THR S 89 34.41 42.41 -25.04
N GLY S 90 35.12 43.07 -24.13
CA GLY S 90 34.54 44.15 -23.36
C GLY S 90 33.43 43.69 -22.44
N GLY S 91 32.52 44.61 -22.14
CA GLY S 91 31.51 44.34 -21.14
C GLY S 91 32.16 44.10 -19.79
N ASN S 92 31.68 43.07 -19.08
CA ASN S 92 32.33 42.68 -17.84
C ASN S 92 33.48 41.70 -18.06
N ARG S 93 33.67 41.23 -19.29
CA ARG S 93 34.71 40.26 -19.60
C ARG S 93 36.01 41.00 -19.91
N THR S 94 36.99 40.30 -20.46
CA THR S 94 38.35 40.83 -20.57
C THR S 94 38.41 42.02 -21.51
N LYS S 95 39.30 42.96 -21.19
CA LYS S 95 39.52 44.15 -22.00
C LYS S 95 40.73 44.04 -22.91
N THR S 96 41.53 42.99 -22.77
CA THR S 96 42.68 42.87 -23.66
C THR S 96 42.28 42.13 -24.94
N PRO S 97 42.73 42.60 -26.10
CA PRO S 97 42.44 41.89 -27.35
C PRO S 97 43.13 40.54 -27.40
N GLY S 98 42.55 39.66 -28.23
CA GLY S 98 43.04 38.32 -28.34
C GLY S 98 44.34 38.24 -29.13
N PRO S 99 44.78 37.00 -29.41
CA PRO S 99 46.09 36.80 -30.05
C PRO S 99 46.13 37.20 -31.51
N GLY S 100 44.99 37.32 -32.18
CA GLY S 100 44.98 37.64 -33.60
C GLY S 100 44.78 39.10 -33.91
N ALA S 101 44.81 39.97 -32.89
CA ALA S 101 44.65 41.39 -33.13
C ALA S 101 45.80 41.95 -33.94
N GLN S 102 47.03 41.60 -33.57
CA GLN S 102 48.21 42.12 -34.25
C GLN S 102 48.42 41.46 -35.60
N SER S 103 48.11 40.17 -35.71
CA SER S 103 48.26 39.47 -36.98
C SER S 103 47.35 40.06 -38.03
N ALA S 104 46.11 40.39 -37.67
CA ALA S 104 45.22 41.05 -38.61
C ALA S 104 45.74 42.43 -39.00
N LEU S 105 46.28 43.17 -38.02
CA LEU S 105 46.90 44.46 -38.32
C LEU S 105 48.14 44.29 -39.20
N ARG S 106 49.00 43.32 -38.87
CA ARG S 106 50.21 43.11 -39.66
C ARG S 106 49.89 42.66 -41.08
N ALA S 107 48.95 41.72 -41.23
CA ALA S 107 48.61 41.23 -42.56
C ALA S 107 48.03 42.33 -43.42
N LEU S 108 47.19 43.18 -42.83
CA LEU S 108 46.63 44.32 -43.57
C LEU S 108 47.75 45.25 -44.05
N ALA S 109 48.70 45.56 -43.17
CA ALA S 109 49.78 46.47 -43.53
C ALA S 109 50.63 45.90 -44.66
N ARG S 110 50.96 44.61 -44.60
CA ARG S 110 51.83 43.99 -45.58
C ARG S 110 51.09 43.55 -46.84
N SER S 111 49.77 43.73 -46.91
CA SER S 111 49.02 43.45 -48.13
C SER S 111 48.79 44.71 -48.95
N GLY S 112 49.61 45.73 -48.76
CA GLY S 112 49.50 46.94 -49.54
C GLY S 112 48.44 47.92 -49.07
N MET S 113 47.88 47.71 -47.89
CA MET S 113 46.87 48.61 -47.36
C MET S 113 47.51 49.73 -46.54
N LYS S 114 47.01 50.94 -46.74
CA LYS S 114 47.38 52.08 -45.94
C LYS S 114 46.52 52.13 -44.69
N ILE S 115 47.13 52.51 -43.57
CA ILE S 115 46.49 52.49 -42.26
C ILE S 115 46.31 53.91 -41.78
N GLY S 116 45.06 54.27 -41.47
CA GLY S 116 44.78 55.58 -40.92
C GLY S 116 44.85 55.59 -39.42
N ARG S 117 43.87 56.21 -38.77
CA ARG S 117 43.85 56.27 -37.32
C ARG S 117 43.52 54.91 -36.72
N ILE S 118 44.13 54.61 -35.58
CA ILE S 118 43.88 53.40 -34.83
C ILE S 118 43.36 53.79 -33.46
N GLU S 119 42.38 53.03 -32.95
CA GLU S 119 41.76 53.36 -31.68
C GLU S 119 41.09 52.12 -31.11
N ASP S 120 41.19 51.96 -29.78
CA ASP S 120 40.50 50.88 -29.08
C ASP S 120 39.05 51.29 -28.85
N VAL S 121 38.13 50.43 -29.29
CA VAL S 121 36.70 50.66 -29.13
C VAL S 121 36.04 49.58 -28.28
N THR S 122 36.82 48.98 -27.39
CA THR S 122 36.31 47.91 -26.54
C THR S 122 35.16 48.43 -25.67
N PRO S 123 34.03 47.70 -25.58
CA PRO S 123 32.90 48.18 -24.77
C PRO S 123 33.22 48.17 -23.28
N ILE S 124 33.39 49.35 -22.69
CA ILE S 124 33.84 49.48 -21.31
C ILE S 124 32.69 50.05 -20.49
N PRO S 125 32.17 49.31 -19.51
CA PRO S 125 31.08 49.83 -18.67
C PRO S 125 31.62 50.71 -17.55
N SER S 126 30.68 51.39 -16.89
CA SER S 126 30.98 52.08 -15.64
C SER S 126 30.53 51.21 -14.46
N ASP S 127 31.18 50.04 -14.36
CA ASP S 127 30.87 49.02 -13.36
C ASP S 127 29.40 48.57 -13.46
N SER S 128 29.12 47.87 -14.55
CA SER S 128 27.79 47.31 -14.79
C SER S 128 27.91 45.81 -15.00
N THR S 129 26.76 45.12 -14.89
CA THR S 129 26.56 43.78 -15.44
C THR S 129 27.54 42.77 -14.83
N ARG S 130 27.25 42.42 -13.58
CA ARG S 130 27.96 41.36 -12.86
C ARG S 130 28.38 40.20 -13.75
N ARG S 131 29.64 39.81 -13.64
CA ARG S 131 30.26 38.83 -14.54
C ARG S 131 29.74 37.42 -14.25
N LYS S 132 29.83 36.55 -15.27
CA LYS S 132 29.43 35.15 -15.14
C LYS S 132 30.64 34.30 -14.70
N GLY S 133 30.92 34.31 -13.41
CA GLY S 133 31.83 33.30 -12.91
C GLY S 133 31.42 32.68 -11.59
N GLY S 134 30.47 33.30 -10.91
CA GLY S 134 30.22 33.00 -9.52
C GLY S 134 31.19 33.74 -8.62
N ARG S 135 30.90 33.67 -7.32
CA ARG S 135 31.71 34.36 -6.32
C ARG S 135 33.13 33.79 -6.27
N ARG S 136 33.27 32.48 -6.35
CA ARG S 136 34.58 31.83 -6.27
C ARG S 136 35.26 31.71 -7.62
N GLY S 137 34.70 32.32 -8.65
CA GLY S 137 35.30 32.28 -9.97
C GLY S 137 35.18 30.90 -10.61
N ARG S 138 35.72 30.80 -11.81
CA ARG S 138 35.78 29.50 -12.49
C ARG S 138 36.99 28.77 -11.95
N ARG S 139 36.76 27.61 -11.34
CA ARG S 139 37.82 26.82 -10.71
C ARG S 139 38.22 25.70 -11.67
N LEU S 140 39.21 26.00 -12.51
CA LEU S 140 39.67 25.06 -13.51
C LEU S 140 40.89 24.28 -13.02
N VAL T 1 36.89 58.39 36.11
CA VAL T 1 37.71 58.51 34.92
C VAL T 1 39.19 58.43 35.29
N ARG T 2 39.52 58.97 36.47
CA ARG T 2 40.87 58.85 37.04
C ARG T 2 40.66 58.78 38.55
N MET T 3 40.67 57.57 39.08
CA MET T 3 40.20 57.31 40.44
C MET T 3 41.27 57.59 41.48
N ASN T 4 42.50 57.15 41.24
CA ASN T 4 43.60 57.35 42.17
C ASN T 4 44.63 58.28 41.53
N VAL T 5 44.77 59.48 42.09
CA VAL T 5 45.87 60.35 41.67
C VAL T 5 47.18 59.86 42.26
N LEU T 6 47.12 59.14 43.39
CA LEU T 6 48.35 58.64 44.01
C LEU T 6 48.93 57.48 43.21
N ALA T 7 48.07 56.66 42.62
CA ALA T 7 48.56 55.53 41.82
C ALA T 7 49.29 56.02 40.57
N ASP T 8 48.74 57.01 39.88
CA ASP T 8 49.40 57.54 38.69
C ASP T 8 50.67 58.29 39.05
N ALA T 9 50.65 59.03 40.16
CA ALA T 9 51.86 59.75 40.59
C ALA T 9 52.98 58.76 40.90
N LEU T 10 52.66 57.67 41.57
CA LEU T 10 53.66 56.67 41.90
C LEU T 10 54.08 55.88 40.67
N LYS T 11 53.14 55.64 39.74
CA LYS T 11 53.48 54.98 38.49
C LYS T 11 54.42 55.85 37.66
N SER T 12 54.21 57.17 37.68
CA SER T 12 55.08 58.07 36.95
C SER T 12 56.50 58.07 37.52
N ILE T 13 56.62 58.06 38.84
CA ILE T 13 57.95 58.03 39.46
C ILE T 13 58.66 56.72 39.12
N ASN T 14 57.96 55.60 39.23
CA ASN T 14 58.57 54.30 38.97
C ASN T 14 59.04 54.17 37.53
N ASN T 15 58.21 54.60 36.57
CA ASN T 15 58.58 54.46 35.16
C ASN T 15 59.77 55.35 34.82
N ALA T 16 59.79 56.58 35.33
CA ALA T 16 60.94 57.45 35.10
C ALA T 16 62.18 56.93 35.83
N GLU T 17 61.98 56.30 36.98
CA GLU T 17 63.08 55.66 37.68
C GLU T 17 63.70 54.56 36.84
N LYS T 18 62.87 53.74 36.19
CA LYS T 18 63.39 52.66 35.35
C LYS T 18 64.11 53.21 34.12
N ARG T 19 63.59 54.28 33.53
CA ARG T 19 64.23 54.91 32.38
C ARG T 19 65.52 55.63 32.76
N GLY T 20 65.82 55.77 34.05
CA GLY T 20 67.01 56.48 34.46
C GLY T 20 66.94 57.98 34.30
N LYS T 21 65.74 58.54 34.23
CA LYS T 21 65.60 59.99 34.10
C LYS T 21 65.95 60.67 35.41
N ARG T 22 66.24 61.97 35.32
CA ARG T 22 66.68 62.75 36.47
C ARG T 22 65.53 63.41 37.21
N GLN T 23 64.49 63.84 36.48
CA GLN T 23 63.28 64.41 37.08
C GLN T 23 62.07 63.83 36.38
N VAL T 24 60.93 63.84 37.10
CA VAL T 24 59.66 63.43 36.53
C VAL T 24 58.57 64.38 37.01
N LEU T 25 57.69 64.76 36.09
CA LEU T 25 56.59 65.66 36.36
C LEU T 25 55.37 64.85 36.77
N ILE T 26 54.79 65.19 37.91
CA ILE T 26 53.56 64.56 38.40
C ILE T 26 52.41 65.53 38.10
N ARG T 27 51.53 65.11 37.17
CA ARG T 27 50.55 66.07 36.64
C ARG T 27 49.60 66.58 37.72
N PRO T 28 48.82 65.73 38.41
CA PRO T 28 48.01 66.24 39.53
C PRO T 28 48.73 66.05 40.87
N CYS T 29 48.63 67.07 41.70
CA CYS T 29 49.20 67.03 43.05
C CYS T 29 48.08 67.07 44.08
N SER T 30 48.39 66.56 45.27
CA SER T 30 47.46 66.54 46.39
C SER T 30 48.25 66.44 47.68
N LYS T 31 47.55 66.58 48.80
CA LYS T 31 48.22 66.44 50.10
C LYS T 31 48.78 65.04 50.28
N VAL T 32 47.99 64.01 49.92
CA VAL T 32 48.44 62.63 50.08
C VAL T 32 49.69 62.38 49.26
N ILE T 33 49.75 62.95 48.05
CA ILE T 33 50.93 62.80 47.22
C ILE T 33 52.15 63.44 47.88
N VAL T 34 51.98 64.66 48.41
CA VAL T 34 53.12 65.37 48.99
C VAL T 34 53.60 64.68 50.26
N ARG T 35 52.67 64.21 51.10
CA ARG T 35 53.07 63.51 52.32
C ARG T 35 53.75 62.17 52.00
N PHE T 36 53.28 61.48 50.96
CA PHE T 36 53.91 60.23 50.55
C PHE T 36 55.34 60.47 50.09
N LEU T 37 55.58 61.55 49.35
CA LEU T 37 56.94 61.85 48.89
C LEU T 37 57.86 62.24 50.04
N THR T 38 57.33 62.96 51.04
CA THR T 38 58.18 63.45 52.12
C THR T 38 58.74 62.29 52.94
N VAL T 39 57.93 61.26 53.21
CA VAL T 39 58.44 60.09 53.91
C VAL T 39 59.40 59.31 53.01
N MET T 40 59.23 59.43 51.69
CA MET T 40 60.22 58.85 50.78
C MET T 40 61.50 59.67 50.79
N MET T 41 61.39 60.99 50.95
CA MET T 41 62.57 61.84 50.95
C MET T 41 63.35 61.73 52.26
N LYS T 42 62.62 61.68 53.39
CA LYS T 42 63.28 61.51 54.68
C LYS T 42 64.10 60.23 54.71
N HIS T 43 63.62 59.19 54.04
CA HIS T 43 64.36 57.93 53.96
C HIS T 43 65.43 57.95 52.88
N GLY T 44 65.57 59.05 52.15
CA GLY T 44 66.67 59.24 51.23
C GLY T 44 66.53 58.59 49.88
N TYR T 45 65.31 58.21 49.47
CA TYR T 45 65.15 57.53 48.19
C TYR T 45 64.97 58.52 47.05
N ILE T 46 64.20 59.58 47.28
CA ILE T 46 64.08 60.67 46.32
C ILE T 46 64.77 61.89 46.91
N GLY T 47 65.12 62.82 46.04
CA GLY T 47 65.74 64.06 46.45
C GLY T 47 64.73 65.17 46.66
N GLU T 48 65.21 66.40 46.58
CA GLU T 48 64.33 67.56 46.71
C GLU T 48 63.29 67.57 45.59
N PHE T 49 62.06 67.94 45.92
CA PHE T 49 61.01 68.05 44.92
C PHE T 49 60.34 69.40 45.02
N GLU T 50 59.74 69.81 43.91
CA GLU T 50 59.11 71.11 43.76
C GLU T 50 57.63 70.92 43.46
N ILE T 51 56.83 71.89 43.90
CA ILE T 51 55.40 71.90 43.64
C ILE T 51 55.09 73.04 42.68
N ILE T 52 54.51 72.70 41.53
CA ILE T 52 54.20 73.69 40.50
C ILE T 52 52.78 74.20 40.76
N ASP T 53 52.68 75.37 41.35
CA ASP T 53 51.40 75.91 41.78
C ASP T 53 50.75 76.66 40.62
N ASP T 54 49.83 75.98 39.94
CA ASP T 54 48.80 76.68 39.19
C ASP T 54 47.63 76.92 40.14
N HIS T 55 46.53 77.44 39.63
CA HIS T 55 45.37 77.67 40.47
C HIS T 55 44.42 76.48 40.49
N ARG T 56 44.70 75.44 39.73
CA ARG T 56 44.02 74.16 39.83
C ARG T 56 44.84 73.26 40.77
N ALA T 57 44.57 71.96 40.77
CA ALA T 57 45.50 71.02 41.37
C ALA T 57 46.88 71.20 40.74
N GLY T 58 47.90 71.29 41.59
CA GLY T 58 49.23 71.63 41.12
C GLY T 58 49.92 70.47 40.45
N LYS T 59 51.15 70.73 40.03
CA LYS T 59 52.03 69.73 39.46
C LYS T 59 53.28 69.63 40.31
N ILE T 60 53.98 68.51 40.21
CA ILE T 60 55.16 68.24 41.02
C ILE T 60 56.30 67.80 40.11
N VAL T 61 57.45 68.44 40.26
CA VAL T 61 58.69 67.99 39.63
C VAL T 61 59.62 67.50 40.74
N VAL T 62 59.92 66.21 40.71
CA VAL T 62 60.71 65.57 41.76
C VAL T 62 62.04 65.10 41.18
N ASN T 63 63.12 65.46 41.88
CA ASN T 63 64.48 65.11 41.49
C ASN T 63 64.74 63.66 41.90
N LEU T 64 64.79 62.78 40.92
CA LEU T 64 65.07 61.38 41.19
C LEU T 64 66.57 61.18 41.43
N THR T 65 66.90 60.45 42.50
CA THR T 65 68.28 60.22 42.90
C THR T 65 68.83 58.89 42.38
N GLY T 66 67.99 58.06 41.77
CA GLY T 66 68.46 56.81 41.20
C GLY T 66 68.55 55.63 42.14
N ARG T 67 68.24 55.81 43.43
CA ARG T 67 68.27 54.71 44.39
C ARG T 67 66.88 54.21 44.75
N LEU T 68 65.93 54.30 43.81
CA LEU T 68 64.58 53.79 43.97
C LEU T 68 64.39 52.54 43.14
N ASN T 69 63.80 51.51 43.75
CA ASN T 69 63.54 50.25 43.07
C ASN T 69 62.10 50.08 42.64
N LYS T 70 61.16 50.29 43.56
CA LYS T 70 59.73 50.18 43.24
C LYS T 70 58.96 51.03 44.24
N CYS T 71 58.07 51.87 43.72
CA CYS T 71 57.29 52.79 44.54
C CYS T 71 55.80 52.65 44.21
N GLY T 72 55.31 51.42 44.22
CA GLY T 72 53.93 51.16 43.87
C GLY T 72 52.95 51.55 44.96
N VAL T 73 51.68 51.25 44.70
CA VAL T 73 50.57 51.63 45.57
C VAL T 73 49.71 50.41 45.83
N ILE T 74 48.95 50.44 46.93
CA ILE T 74 47.88 49.47 47.19
C ILE T 74 46.57 50.21 47.04
N SER T 75 45.80 49.86 46.01
CA SER T 75 44.71 50.71 45.58
C SER T 75 43.49 50.62 46.51
N PRO T 76 42.99 49.43 46.85
CA PRO T 76 42.00 49.38 47.94
C PRO T 76 42.71 49.68 49.24
N ARG T 77 42.40 50.83 49.83
CA ARG T 77 43.10 51.29 51.04
C ARG T 77 42.65 50.42 52.20
N PHE T 78 43.25 49.24 52.29
CA PHE T 78 42.90 48.28 53.33
C PHE T 78 43.17 48.87 54.70
N ASP T 79 42.21 48.69 55.61
CA ASP T 79 42.37 49.10 57.00
C ASP T 79 43.23 48.04 57.69
N VAL T 80 44.49 48.35 57.88
CA VAL T 80 45.41 47.41 58.53
C VAL T 80 45.40 47.67 60.03
N GLN T 81 45.53 46.60 60.80
CA GLN T 81 45.72 46.69 62.24
C GLN T 81 47.18 46.37 62.56
N LEU T 82 47.56 46.66 63.81
CA LEU T 82 48.93 46.37 64.22
C LEU T 82 49.20 44.87 64.31
N LYS T 83 48.19 44.05 64.57
CA LYS T 83 48.41 42.61 64.66
C LYS T 83 48.70 41.98 63.31
N ASP T 84 48.07 42.46 62.23
CA ASP T 84 48.30 41.94 60.90
C ASP T 84 49.20 42.85 60.08
N LEU T 85 49.98 43.72 60.73
CA LEU T 85 50.98 44.50 60.02
C LEU T 85 52.14 43.63 59.55
N GLU T 86 52.44 42.57 60.30
CA GLU T 86 53.55 41.69 59.94
C GLU T 86 53.34 41.05 58.58
N LYS T 87 52.12 40.58 58.31
CA LYS T 87 51.84 39.91 57.04
C LYS T 87 52.08 40.85 55.86
N TRP T 88 51.75 42.14 56.03
CA TRP T 88 51.95 43.10 54.95
C TRP T 88 53.43 43.28 54.65
N GLN T 89 54.28 43.30 55.69
CA GLN T 89 55.72 43.44 55.47
C GLN T 89 56.26 42.25 54.68
N ASN T 90 55.85 41.04 55.04
CA ASN T 90 56.38 39.85 54.38
C ASN T 90 55.84 39.70 52.97
N ASN T 91 54.78 40.42 52.62
CA ASN T 91 54.15 40.26 51.32
C ASN T 91 54.59 41.32 50.32
N LEU T 92 54.88 42.53 50.78
CA LEU T 92 55.18 43.64 49.89
C LEU T 92 56.62 44.15 49.98
N LEU T 93 57.40 43.71 50.96
CA LEU T 93 58.73 44.28 51.14
C LEU T 93 59.81 43.25 50.82
N PRO T 94 60.81 43.64 50.03
CA PRO T 94 61.81 42.67 49.56
C PRO T 94 62.62 42.03 50.66
N SER T 95 62.87 42.74 51.76
CA SER T 95 63.58 42.19 52.90
C SER T 95 63.20 42.99 54.13
N ARG T 96 63.56 42.46 55.28
CA ARG T 96 63.36 43.18 56.54
C ARG T 96 64.51 44.12 56.87
N GLN T 97 65.58 44.10 56.07
CA GLN T 97 66.70 45.01 56.28
C GLN T 97 66.41 46.41 55.72
N PHE T 98 65.64 46.50 54.65
CA PHE T 98 65.29 47.78 54.05
C PHE T 98 63.85 47.69 53.55
N GLY T 99 63.39 48.75 52.87
CA GLY T 99 62.03 48.79 52.41
C GLY T 99 61.11 49.47 53.41
N PHE T 100 59.94 49.93 52.97
CA PHE T 100 59.05 50.68 53.84
C PHE T 100 57.62 50.53 53.36
N ILE T 101 56.74 50.20 54.29
CA ILE T 101 55.29 50.18 54.05
C ILE T 101 54.73 51.51 54.51
N VAL T 102 53.96 52.17 53.66
CA VAL T 102 53.40 53.49 53.94
C VAL T 102 51.89 53.36 54.08
N LEU T 103 51.38 53.74 55.24
CA LEU T 103 49.96 53.68 55.53
C LEU T 103 49.53 54.99 56.20
N THR T 104 48.31 55.42 55.92
CA THR T 104 47.79 56.63 56.53
C THR T 104 47.06 56.30 57.82
N THR T 105 47.58 56.84 58.92
CA THR T 105 47.01 56.60 60.24
C THR T 105 46.42 57.91 60.74
N SER T 106 45.73 57.82 61.88
CA SER T 106 45.11 59.01 62.45
C SER T 106 46.12 60.06 62.84
N ALA T 107 47.37 59.68 63.12
CA ALA T 107 48.41 60.62 63.46
C ALA T 107 49.10 61.23 62.24
N GLY T 108 48.74 60.79 61.04
CA GLY T 108 49.27 61.37 59.82
C GLY T 108 49.86 60.30 58.93
N ILE T 109 50.44 60.74 57.82
CA ILE T 109 51.12 59.84 56.88
C ILE T 109 52.45 59.42 57.51
N MET T 110 52.72 58.12 57.50
CA MET T 110 53.87 57.59 58.20
C MET T 110 54.24 56.21 57.67
N ASP T 111 55.53 55.90 57.72
CA ASP T 111 56.02 54.58 57.34
C ASP T 111 55.68 53.56 58.42
N HIS T 112 55.78 52.28 58.05
CA HIS T 112 55.39 51.21 58.96
C HIS T 112 56.28 51.17 60.20
N GLU T 113 57.54 51.57 60.05
CA GLU T 113 58.44 51.56 61.19
C GLU T 113 57.98 52.54 62.26
N GLU T 114 57.76 53.79 61.89
CA GLU T 114 57.24 54.77 62.83
C GLU T 114 55.80 54.46 63.23
N ALA T 115 55.06 53.76 62.38
CA ALA T 115 53.69 53.39 62.73
C ALA T 115 53.65 52.51 63.97
N ARG T 116 54.56 51.54 64.05
CA ARG T 116 54.56 50.66 65.22
C ARG T 116 55.31 51.27 66.40
N ARG T 117 56.23 52.21 66.16
CA ARG T 117 56.77 53.00 67.27
C ARG T 117 55.68 53.85 67.89
N LYS T 118 54.73 54.32 67.10
CA LYS T 118 53.62 55.13 67.57
C LYS T 118 52.42 54.29 68.01
N HIS T 119 52.48 52.98 67.85
CA HIS T 119 51.43 52.07 68.30
C HIS T 119 50.07 52.46 67.70
N THR T 120 50.03 52.55 66.37
CA THR T 120 48.80 52.92 65.69
C THR T 120 48.79 52.30 64.30
N GLY T 121 47.68 51.67 63.95
CA GLY T 121 47.45 51.20 62.60
C GLY T 121 46.68 52.22 61.79
N GLY T 122 46.23 51.78 60.62
CA GLY T 122 45.49 52.65 59.75
C GLY T 122 45.14 52.04 58.42
N LYS T 123 45.08 52.87 57.38
CA LYS T 123 44.74 52.43 56.03
C LYS T 123 45.98 52.44 55.17
N ILE T 124 46.27 51.30 54.52
CA ILE T 124 47.49 51.18 53.73
C ILE T 124 47.43 52.10 52.53
N LEU T 125 48.49 52.89 52.34
CA LEU T 125 48.61 53.77 51.18
C LEU T 125 49.46 53.14 50.09
N GLY T 126 50.69 52.76 50.41
CA GLY T 126 51.56 52.17 49.41
C GLY T 126 52.84 51.68 50.06
N PHE T 127 53.86 51.53 49.24
CA PHE T 127 55.16 51.04 49.70
C PHE T 127 56.24 51.52 48.76
N PHE T 128 57.48 51.53 49.25
CA PHE T 128 58.63 51.83 48.42
C PHE T 128 59.86 51.14 49.00
N PHE T 129 60.75 50.70 48.12
CA PHE T 129 62.04 50.16 48.55
C PHE T 129 63.11 50.47 47.51
N PRO U 1 67.32 62.41 26.13
CA PRO U 1 68.08 62.92 27.27
C PRO U 1 67.41 62.60 28.61
N LEU U 2 68.21 62.38 29.64
CA LEU U 2 67.73 62.07 30.98
C LEU U 2 67.67 63.28 31.89
N ALA U 3 68.60 64.23 31.75
CA ALA U 3 68.69 65.38 32.63
C ALA U 3 68.01 66.62 32.07
N LYS U 4 66.92 66.45 31.34
CA LYS U 4 66.12 67.60 30.90
C LYS U 4 65.60 68.35 32.12
N ASP U 5 65.74 69.67 32.10
CA ASP U 5 65.32 70.52 33.21
C ASP U 5 63.84 70.83 33.05
N LEU U 6 63.00 70.11 33.80
CA LEU U 6 61.56 70.37 33.77
C LEU U 6 61.16 71.53 34.68
N LEU U 7 62.03 71.91 35.61
CA LEU U 7 61.71 73.02 36.50
C LEU U 7 61.62 74.33 35.74
N HIS U 8 62.53 74.56 34.80
CA HIS U 8 62.64 75.83 34.08
C HIS U 8 62.75 75.59 32.59
N PRO U 9 61.62 75.30 31.92
CA PRO U 9 61.64 75.18 30.47
C PRO U 9 61.98 76.50 29.80
N SER U 10 62.64 76.39 28.64
CA SER U 10 63.03 77.59 27.90
C SER U 10 61.79 78.27 27.32
N PRO U 11 61.79 79.60 27.23
CA PRO U 11 60.58 80.29 26.72
C PRO U 11 60.22 79.90 25.30
N GLU U 12 61.19 79.63 24.44
CA GLU U 12 60.88 79.15 23.10
C GLU U 12 60.20 77.78 23.16
N GLU U 13 60.73 76.89 24.00
CA GLU U 13 60.09 75.59 24.19
C GLU U 13 58.80 75.72 24.98
N GLU U 14 58.76 76.65 25.94
CA GLU U 14 57.56 76.86 26.75
C GLU U 14 56.39 77.31 25.89
N LYS U 15 56.64 78.22 24.93
CA LYS U 15 55.60 78.69 24.03
C LYS U 15 55.19 77.64 23.02
N ARG U 16 56.14 76.83 22.54
CA ARG U 16 55.85 75.87 21.47
C ARG U 16 54.85 74.81 21.91
N LYS U 17 54.80 74.49 23.19
CA LYS U 17 53.95 73.41 23.68
C LYS U 17 52.48 73.74 23.44
N HIS U 18 51.63 72.75 23.70
CA HIS U 18 50.20 72.97 23.68
C HIS U 18 49.82 74.07 24.66
N LYS U 19 48.60 74.59 24.51
CA LYS U 19 48.12 75.59 25.45
C LYS U 19 48.03 75.02 26.86
N LYS U 20 47.51 73.81 26.99
CA LYS U 20 47.67 73.01 28.20
C LYS U 20 49.06 72.37 28.14
N LYS U 21 49.31 71.38 29.00
CA LYS U 21 50.54 70.60 29.00
C LYS U 21 51.75 71.42 29.41
N ARG U 22 51.59 72.71 29.66
CA ARG U 22 52.66 73.55 30.15
C ARG U 22 52.80 73.38 31.67
N LEU U 23 53.85 73.98 32.22
CA LEU U 23 54.01 73.98 33.66
C LEU U 23 52.82 74.66 34.34
N VAL U 24 52.43 75.82 33.83
CA VAL U 24 51.20 76.50 34.22
C VAL U 24 50.47 76.91 32.95
N GLN U 25 49.16 76.66 32.92
CA GLN U 25 48.38 76.93 31.72
C GLN U 25 48.27 78.42 31.47
N SER U 26 48.39 78.81 30.20
CA SER U 26 48.25 80.19 29.79
C SER U 26 47.65 80.20 28.41
N PRO U 27 46.65 81.04 28.16
CA PRO U 27 46.01 81.05 26.84
C PRO U 27 46.93 81.62 25.77
N ASN U 28 46.71 81.16 24.55
CA ASN U 28 47.35 81.77 23.39
C ASN U 28 46.60 82.99 22.90
N SER U 29 45.42 83.25 23.45
CA SER U 29 44.58 84.37 23.04
C SER U 29 45.02 85.65 23.74
N TYR U 30 44.50 86.77 23.24
CA TYR U 30 44.82 88.09 23.76
C TYR U 30 43.68 89.02 23.40
N PHE U 31 43.75 90.25 23.90
CA PHE U 31 42.74 91.25 23.62
C PHE U 31 43.32 92.34 22.71
N MET U 32 42.44 92.98 21.96
CA MET U 32 42.81 93.76 20.79
C MET U 32 42.28 95.17 20.98
N ASP U 33 43.06 96.16 20.55
CA ASP U 33 42.55 97.52 20.31
C ASP U 33 42.53 97.73 18.80
N VAL U 34 41.33 97.75 18.23
CA VAL U 34 41.16 97.91 16.79
C VAL U 34 40.38 99.20 16.54
N LYS U 35 40.84 99.97 15.56
CA LYS U 35 40.28 101.29 15.26
C LYS U 35 39.85 101.29 13.79
N CYS U 36 38.54 101.38 13.57
CA CYS U 36 38.03 101.43 12.20
C CYS U 36 38.45 102.73 11.53
N PRO U 37 38.88 102.69 10.27
CA PRO U 37 39.31 103.92 9.60
C PRO U 37 38.16 104.92 9.51
N GLY U 38 38.50 106.20 9.66
CA GLY U 38 37.50 107.23 9.68
C GLY U 38 36.71 107.30 10.97
N CYS U 39 37.24 106.72 12.05
CA CYS U 39 36.59 106.76 13.35
C CYS U 39 37.62 107.13 14.40
N TYR U 40 37.14 107.48 15.59
CA TYR U 40 37.99 107.94 16.67
C TYR U 40 38.05 107.01 17.86
N LYS U 41 37.00 106.23 18.12
CA LYS U 41 36.91 105.44 19.34
C LYS U 41 37.67 104.13 19.22
N ILE U 42 37.98 103.55 20.38
CA ILE U 42 38.72 102.30 20.47
C ILE U 42 37.82 101.27 21.15
N THR U 43 37.63 100.14 20.49
CA THR U 43 36.93 99.01 21.08
C THR U 43 37.93 97.97 21.57
N THR U 44 37.41 96.86 22.08
CA THR U 44 38.20 95.86 22.79
C THR U 44 37.90 94.46 22.28
N VAL U 45 37.99 94.27 20.96
CA VAL U 45 37.66 92.97 20.39
C VAL U 45 38.63 91.90 20.90
N PHE U 46 38.15 90.65 20.88
CA PHE U 46 38.89 89.49 21.37
C PHE U 46 39.55 88.79 20.18
N SER U 47 40.76 88.27 20.40
CA SER U 47 41.54 87.72 19.29
C SER U 47 40.81 86.55 18.64
N HIS U 48 40.36 85.59 19.44
CA HIS U 48 39.61 84.44 18.93
C HIS U 48 38.11 84.67 19.05
N ALA U 49 37.63 85.79 18.53
CA ALA U 49 36.24 86.19 18.71
C ALA U 49 35.30 85.32 17.87
N GLN U 50 34.13 85.05 18.43
CA GLN U 50 33.12 84.22 17.78
C GLN U 50 32.07 85.04 17.04
N THR U 51 31.94 86.31 17.34
CA THR U 51 30.91 87.17 16.78
C THR U 51 31.54 88.29 15.98
N VAL U 52 30.81 88.77 14.97
CA VAL U 52 31.24 89.96 14.25
C VAL U 52 31.01 91.18 15.15
N VAL U 53 32.00 92.07 15.18
CA VAL U 53 31.99 93.22 16.08
C VAL U 53 31.73 94.48 15.26
N LEU U 54 30.83 95.31 15.74
CA LEU U 54 30.49 96.57 15.12
C LEU U 54 30.96 97.72 16.00
N CYS U 55 31.30 98.84 15.37
CA CYS U 55 31.55 100.06 16.12
C CYS U 55 30.21 100.63 16.59
N VAL U 56 30.16 101.07 17.85
CA VAL U 56 28.90 101.56 18.41
C VAL U 56 28.46 102.83 17.70
N GLY U 57 29.42 103.62 17.20
CA GLY U 57 29.08 104.79 16.44
C GLY U 57 28.74 104.48 14.99
N CYS U 58 29.71 103.98 14.24
CA CYS U 58 29.57 103.74 12.81
C CYS U 58 29.15 102.28 12.57
N SER U 59 28.19 102.09 11.68
CA SER U 59 27.68 100.77 11.33
C SER U 59 28.67 100.08 10.38
N THR U 60 29.82 99.69 10.95
CA THR U 60 30.85 98.97 10.23
C THR U 60 31.32 97.79 11.06
N VAL U 61 31.71 96.72 10.37
CA VAL U 61 32.16 95.50 11.02
C VAL U 61 33.67 95.57 11.21
N LEU U 62 34.14 95.08 12.35
CA LEU U 62 35.56 95.07 12.68
C LEU U 62 36.17 93.69 12.64
N CYS U 63 35.41 92.66 13.01
CA CYS U 63 35.90 91.30 13.09
C CYS U 63 34.98 90.35 12.33
N GLN U 64 35.57 89.34 11.71
CA GLN U 64 34.82 88.29 11.03
C GLN U 64 35.24 86.96 11.65
N PRO U 65 34.36 86.25 12.35
CA PRO U 65 34.77 85.00 13.00
C PRO U 65 35.27 83.97 12.00
N THR U 66 36.33 83.27 12.39
CA THR U 66 36.91 82.18 11.63
C THR U 66 37.02 80.96 12.54
N GLY U 67 37.79 79.97 12.10
CA GLY U 67 38.06 78.82 12.95
C GLY U 67 38.80 79.18 14.22
N GLY U 68 40.04 79.63 14.10
CA GLY U 68 40.81 79.97 15.28
C GLY U 68 40.82 81.43 15.67
N LYS U 69 41.20 82.31 14.75
CA LYS U 69 41.44 83.71 15.06
C LYS U 69 40.47 84.59 14.29
N ALA U 70 39.87 85.55 14.98
CA ALA U 70 39.00 86.51 14.33
C ALA U 70 39.81 87.32 13.32
N ARG U 71 39.26 87.46 12.11
CA ARG U 71 39.93 88.13 11.01
C ARG U 71 39.45 89.57 10.92
N LEU U 72 40.38 90.52 11.09
CA LEU U 72 40.05 91.92 10.97
C LEU U 72 39.73 92.28 9.53
N THR U 73 39.07 93.43 9.36
CA THR U 73 38.69 93.91 8.03
C THR U 73 39.88 94.54 7.33
N GLU U 74 39.62 95.24 6.23
CA GLU U 74 40.66 96.00 5.55
C GLU U 74 41.33 96.95 6.53
N GLY U 75 42.58 97.31 6.23
CA GLY U 75 43.53 97.78 7.22
C GLY U 75 43.00 98.66 8.33
N CYS U 76 43.11 98.17 9.56
CA CYS U 76 42.76 98.90 10.76
C CYS U 76 43.99 98.96 11.68
N SER U 77 43.89 99.80 12.71
CA SER U 77 45.01 100.01 13.63
C SER U 77 45.04 98.87 14.64
N PHE U 78 45.94 97.93 14.39
CA PHE U 78 46.21 96.85 15.32
C PHE U 78 46.97 97.33 16.55
N ARG U 79 46.57 96.81 17.71
CA ARG U 79 47.35 97.02 18.93
C ARG U 79 47.01 95.93 19.94
N ARG U 80 48.00 95.14 20.33
CA ARG U 80 47.87 94.15 21.40
C ARG U 80 48.39 94.78 22.68
N LYS U 81 47.58 94.73 23.74
CA LYS U 81 47.80 95.57 24.92
C LYS U 81 48.27 94.74 26.11
N GLN U 82 49.37 95.18 26.72
CA GLN U 82 49.87 94.78 28.04
C GLN U 82 50.06 93.28 28.21
N HIS U 83 50.03 92.52 27.12
CA HIS U 83 50.22 91.07 27.17
C HIS U 83 49.26 90.39 28.14
N GLY Y 1 -26.49 17.65 -22.21
CA GLY Y 1 -27.64 17.95 -23.02
C GLY Y 1 -28.45 19.13 -22.53
N ARG Y 2 -27.96 19.82 -21.51
CA ARG Y 2 -28.61 21.03 -21.02
C ARG Y 2 -27.65 22.20 -21.16
N VAL Y 3 -28.20 23.39 -21.40
CA VAL Y 3 -27.34 24.55 -21.60
C VAL Y 3 -26.67 24.92 -20.28
N ILE Y 4 -25.39 25.19 -20.34
CA ILE Y 4 -24.56 25.29 -19.16
C ILE Y 4 -24.66 26.68 -18.56
N ARG Y 5 -24.27 26.81 -17.30
CA ARG Y 5 -24.12 28.12 -16.69
C ARG Y 5 -22.96 28.84 -17.35
N GLY Y 6 -23.18 30.11 -17.66
CA GLY Y 6 -22.26 30.82 -18.52
C GLY Y 6 -22.88 31.03 -19.87
N GLN Y 7 -23.50 29.98 -20.40
CA GLN Y 7 -24.44 30.17 -21.51
C GLN Y 7 -25.68 30.91 -21.04
N ARG Y 8 -26.24 30.50 -19.89
CA ARG Y 8 -27.44 31.13 -19.36
C ARG Y 8 -27.22 32.60 -18.99
N LYS Y 9 -25.97 32.99 -18.72
CA LYS Y 9 -25.69 34.36 -18.28
C LYS Y 9 -26.04 35.39 -19.33
N GLY Y 10 -25.79 35.09 -20.61
CA GLY Y 10 -26.00 36.06 -21.67
C GLY Y 10 -27.44 36.31 -22.03
N ALA Y 11 -28.36 35.51 -21.51
CA ALA Y 11 -29.78 35.76 -21.73
C ALA Y 11 -30.31 36.88 -20.85
N GLY Y 12 -29.51 37.40 -19.93
CA GLY Y 12 -30.04 38.39 -19.03
C GLY Y 12 -30.53 37.85 -17.69
N SER Y 13 -31.80 37.46 -17.65
CA SER Y 13 -32.72 37.71 -16.55
C SER Y 13 -32.13 37.64 -15.15
N VAL Y 14 -31.73 36.47 -14.69
CA VAL Y 14 -31.28 36.34 -13.31
C VAL Y 14 -29.85 36.83 -13.12
N PHE Y 15 -29.14 37.10 -14.21
CA PHE Y 15 -27.75 37.50 -14.19
C PHE Y 15 -27.54 38.96 -14.55
N ARG Y 16 -28.60 39.76 -14.59
CA ARG Y 16 -28.46 41.18 -14.88
C ARG Y 16 -27.87 41.93 -13.68
N ALA Y 17 -27.32 43.10 -13.95
CA ALA Y 17 -26.64 43.88 -12.93
C ALA Y 17 -27.63 44.42 -11.89
N HIS Y 18 -27.17 44.52 -10.65
CA HIS Y 18 -27.96 45.07 -9.55
C HIS Y 18 -27.70 46.56 -9.48
N VAL Y 19 -28.51 47.34 -10.19
CA VAL Y 19 -28.21 48.75 -10.39
C VAL Y 19 -29.19 49.65 -9.64
N LYS Y 20 -30.02 49.07 -8.78
CA LYS Y 20 -31.12 49.81 -8.17
C LYS Y 20 -30.62 51.00 -7.36
N HIS Y 21 -29.58 50.81 -6.56
CA HIS Y 21 -29.06 51.87 -5.70
C HIS Y 21 -27.81 52.52 -6.25
N ARG Y 22 -27.41 52.18 -7.48
CA ARG Y 22 -26.29 52.86 -8.11
C ARG Y 22 -26.64 54.32 -8.36
N LYS Y 23 -25.63 55.17 -8.30
CA LYS Y 23 -25.81 56.61 -8.23
C LYS Y 23 -25.78 57.31 -9.58
N GLY Y 24 -25.66 56.56 -10.67
CA GLY Y 24 -25.49 57.11 -11.99
C GLY Y 24 -24.19 56.67 -12.63
N ALA Y 25 -24.16 56.79 -13.96
CA ALA Y 25 -22.94 56.52 -14.70
C ALA Y 25 -21.88 57.57 -14.35
N ALA Y 26 -20.65 57.13 -14.19
CA ALA Y 26 -19.54 58.01 -13.83
C ALA Y 26 -18.79 58.37 -15.10
N ARG Y 27 -18.67 59.67 -15.38
CA ARG Y 27 -18.08 60.09 -16.63
C ARG Y 27 -17.71 61.56 -16.58
N LEU Y 28 -16.75 61.93 -17.43
CA LEU Y 28 -16.37 63.33 -17.59
C LEU Y 28 -17.51 64.11 -18.24
N ARG Y 29 -17.46 65.43 -18.14
CA ARG Y 29 -18.45 66.21 -18.86
C ARG Y 29 -18.19 66.10 -20.36
N ALA Y 30 -19.25 66.24 -21.14
CA ALA Y 30 -19.14 66.20 -22.58
C ALA Y 30 -18.26 67.34 -23.08
N VAL Y 31 -17.51 67.08 -24.13
CA VAL Y 31 -16.63 68.09 -24.71
C VAL Y 31 -17.48 69.22 -25.27
N ASP Y 32 -17.09 70.46 -24.96
CA ASP Y 32 -17.77 71.62 -25.51
C ASP Y 32 -16.70 72.66 -25.84
N PHE Y 33 -17.15 73.88 -26.12
CA PHE Y 33 -16.23 74.95 -26.49
C PHE Y 33 -15.27 75.28 -25.35
N ALA Y 34 -15.78 75.33 -24.12
CA ALA Y 34 -14.95 75.74 -22.99
C ALA Y 34 -13.79 74.77 -22.78
N GLU Y 35 -14.08 73.47 -22.78
CA GLU Y 35 -13.02 72.47 -22.64
C GLU Y 35 -12.11 72.39 -23.84
N ARG Y 36 -12.63 72.64 -25.05
CA ARG Y 36 -11.86 72.57 -26.28
C ARG Y 36 -10.89 73.74 -26.44
N HIS Y 37 -11.21 74.91 -25.89
CA HIS Y 37 -10.42 76.11 -26.11
C HIS Y 37 -9.81 76.69 -24.84
N GLY Y 38 -10.48 76.57 -23.71
CA GLY Y 38 -9.95 77.10 -22.46
C GLY Y 38 -10.09 76.12 -21.31
N TYR Y 39 -10.73 76.58 -20.23
CA TYR Y 39 -11.08 75.70 -19.13
C TYR Y 39 -12.36 76.21 -18.51
N ILE Y 40 -13.05 75.31 -17.80
CA ILE Y 40 -14.23 75.67 -17.03
C ILE Y 40 -14.01 75.21 -15.59
N LYS Y 41 -14.31 76.09 -14.64
CA LYS Y 41 -14.10 75.79 -13.23
C LYS Y 41 -15.32 75.10 -12.64
N GLY Y 42 -15.08 74.02 -11.91
CA GLY Y 42 -16.12 73.35 -11.16
C GLY Y 42 -15.71 73.20 -9.71
N ILE Y 43 -16.70 72.95 -8.87
CA ILE Y 43 -16.50 72.72 -7.45
C ILE Y 43 -17.07 71.37 -7.09
N VAL Y 44 -16.30 70.57 -6.35
CA VAL Y 44 -16.80 69.27 -5.94
C VAL Y 44 -17.69 69.45 -4.72
N LYS Y 45 -18.87 68.85 -4.76
CA LYS Y 45 -19.87 69.01 -3.71
C LYS Y 45 -19.95 67.84 -2.76
N ASP Y 46 -19.64 66.62 -3.21
CA ASP Y 46 -19.68 65.47 -2.34
C ASP Y 46 -18.88 64.33 -2.93
N ILE Y 47 -18.28 63.55 -2.04
CA ILE Y 47 -17.63 62.28 -2.36
C ILE Y 47 -18.55 61.18 -1.84
N ILE Y 48 -19.04 60.33 -2.72
CA ILE Y 48 -20.10 59.39 -2.37
C ILE Y 48 -19.72 57.98 -2.78
N HIS Y 49 -20.24 57.03 -2.01
CA HIS Y 49 -20.07 55.61 -2.30
C HIS Y 49 -21.05 55.22 -3.39
N ASP Y 50 -20.61 54.37 -4.32
CA ASP Y 50 -21.51 53.82 -5.31
C ASP Y 50 -21.54 52.30 -5.16
N PRO Y 51 -22.70 51.70 -4.88
CA PRO Y 51 -22.75 50.25 -4.67
C PRO Y 51 -22.22 49.47 -5.86
N GLY Y 52 -21.46 48.42 -5.56
CA GLY Y 52 -20.85 47.56 -6.56
C GLY Y 52 -19.57 48.09 -7.17
N ARG Y 53 -19.13 49.27 -6.78
CA ARG Y 53 -18.04 49.98 -7.42
C ARG Y 53 -17.12 50.55 -6.36
N GLY Y 54 -16.49 49.69 -5.57
CA GLY Y 54 -15.64 50.32 -4.58
C GLY Y 54 -14.58 51.13 -5.28
N ALA Y 55 -14.89 52.41 -5.42
CA ALA Y 55 -14.13 53.59 -5.79
C ALA Y 55 -15.09 54.74 -5.57
N PRO Y 56 -14.75 55.76 -4.81
CA PRO Y 56 -15.70 56.85 -4.58
C PRO Y 56 -15.93 57.65 -5.85
N LEU Y 57 -17.11 58.27 -5.91
CA LEU Y 57 -17.47 59.16 -7.00
C LEU Y 57 -17.59 60.58 -6.48
N ALA Y 58 -17.19 61.55 -7.29
CA ALA Y 58 -17.24 62.95 -6.93
C ALA Y 58 -18.42 63.62 -7.61
N LYS Y 59 -19.16 64.41 -6.86
CA LYS Y 59 -20.27 65.20 -7.38
C LYS Y 59 -19.71 66.60 -7.64
N VAL Y 60 -19.56 66.94 -8.91
CA VAL Y 60 -18.93 68.18 -9.32
C VAL Y 60 -19.95 69.05 -10.03
N VAL Y 61 -20.05 70.30 -9.59
CA VAL Y 61 -21.07 71.22 -10.07
C VAL Y 61 -20.39 72.27 -10.94
N PHE Y 62 -20.88 72.42 -12.16
CA PHE Y 62 -20.35 73.37 -13.13
C PHE Y 62 -21.41 74.40 -13.47
N ARG Y 63 -20.94 75.57 -13.88
CA ARG Y 63 -21.79 76.60 -14.44
C ARG Y 63 -22.02 76.28 -15.91
N ASP Y 64 -23.27 76.29 -16.34
CA ASP Y 64 -23.56 76.13 -17.75
C ASP Y 64 -23.15 77.39 -18.49
N PRO Y 65 -22.37 77.29 -19.58
CA PRO Y 65 -21.96 78.49 -20.31
C PRO Y 65 -23.04 79.13 -21.17
N TYR Y 66 -24.11 78.41 -21.51
CA TYR Y 66 -25.08 78.88 -22.49
C TYR Y 66 -26.42 79.26 -21.90
N ARG Y 67 -26.75 78.83 -20.69
CA ARG Y 67 -27.97 79.28 -20.04
C ARG Y 67 -27.73 79.35 -18.56
N PHE Y 68 -28.57 80.14 -17.88
CA PHE Y 68 -28.49 80.30 -16.45
C PHE Y 68 -28.92 79.01 -15.77
N LYS Y 69 -27.95 78.22 -15.32
CA LYS Y 69 -28.23 76.89 -14.82
C LYS Y 69 -26.96 76.31 -14.22
N LYS Y 70 -27.13 75.39 -13.28
CA LYS Y 70 -26.02 74.64 -12.72
C LYS Y 70 -26.06 73.22 -13.25
N ARG Y 71 -24.89 72.69 -13.58
CA ARG Y 71 -24.77 71.34 -14.11
C ARG Y 71 -23.99 70.48 -13.12
N THR Y 72 -24.52 69.31 -12.81
CA THR Y 72 -23.90 68.40 -11.86
C THR Y 72 -23.33 67.20 -12.60
N GLU Y 73 -22.02 67.01 -12.51
CA GLU Y 73 -21.35 65.86 -13.08
C GLU Y 73 -21.06 64.84 -11.99
N LEU Y 74 -20.73 63.63 -12.42
CA LEU Y 74 -20.53 62.47 -11.57
C LEU Y 74 -19.16 61.84 -11.83
N PHE Y 75 -18.12 62.63 -11.67
CA PHE Y 75 -16.75 62.17 -11.92
C PHE Y 75 -16.39 60.99 -11.04
N ILE Y 76 -15.45 60.18 -11.55
CA ILE Y 76 -14.73 59.24 -10.71
C ILE Y 76 -13.71 60.01 -9.89
N ALA Y 77 -13.76 59.85 -8.57
CA ALA Y 77 -12.93 60.66 -7.68
C ALA Y 77 -11.47 60.22 -7.77
N ALA Y 78 -10.59 61.16 -8.11
CA ALA Y 78 -9.16 60.92 -7.99
C ALA Y 78 -8.76 61.06 -6.52
N GLU Y 79 -7.75 60.31 -6.12
CA GLU Y 79 -7.39 60.32 -4.70
C GLU Y 79 -6.77 61.65 -4.30
N GLY Y 80 -7.25 62.18 -3.18
CA GLY Y 80 -6.80 63.45 -2.66
C GLY Y 80 -7.78 64.58 -2.82
N ILE Y 81 -8.77 64.45 -3.69
CA ILE Y 81 -9.72 65.54 -3.88
C ILE Y 81 -10.71 65.57 -2.71
N HIS Y 82 -11.19 66.77 -2.42
CA HIS Y 82 -12.05 66.97 -1.27
C HIS Y 82 -13.20 67.87 -1.64
N THR Y 83 -14.24 67.85 -0.81
CA THR Y 83 -15.39 68.72 -1.01
C THR Y 83 -14.99 70.17 -0.81
N GLY Y 84 -15.56 71.05 -1.63
CA GLY Y 84 -15.20 72.44 -1.62
C GLY Y 84 -13.97 72.79 -2.42
N GLN Y 85 -13.34 71.81 -3.05
CA GLN Y 85 -12.19 72.07 -3.90
C GLN Y 85 -12.65 72.45 -5.30
N PHE Y 86 -11.90 73.34 -5.93
CA PHE Y 86 -12.15 73.69 -7.32
C PHE Y 86 -11.37 72.76 -8.22
N VAL Y 87 -12.06 72.16 -9.18
CA VAL Y 87 -11.41 71.40 -10.24
C VAL Y 87 -11.64 72.14 -11.55
N TYR Y 88 -10.72 71.94 -12.50
CA TYR Y 88 -10.71 72.67 -13.74
C TYR Y 88 -10.63 71.71 -14.91
N CYS Y 89 -11.58 71.81 -15.82
CA CYS Y 89 -11.65 70.95 -16.99
C CYS Y 89 -11.42 71.79 -18.23
N GLY Y 90 -10.48 71.38 -19.06
CA GLY Y 90 -10.27 72.04 -20.33
C GLY Y 90 -8.85 71.85 -20.80
N LYS Y 91 -8.61 72.32 -22.01
CA LYS Y 91 -7.27 72.26 -22.58
C LYS Y 91 -6.31 73.25 -21.94
N LYS Y 92 -6.82 74.28 -21.28
CA LYS Y 92 -5.99 75.26 -20.58
C LYS Y 92 -6.00 75.05 -19.07
N ALA Y 93 -6.65 74.01 -18.57
CA ALA Y 93 -6.51 73.65 -17.16
C ALA Y 93 -5.08 73.21 -16.88
N GLN Y 94 -4.60 73.50 -15.67
CA GLN Y 94 -3.23 73.18 -15.35
C GLN Y 94 -3.13 71.83 -14.64
N LEU Y 95 -1.90 71.35 -14.50
CA LEU Y 95 -1.61 70.00 -14.04
C LEU Y 95 -1.78 69.92 -12.52
N ASN Y 96 -3.00 69.63 -12.08
CA ASN Y 96 -3.26 69.37 -10.68
C ASN Y 96 -4.15 68.15 -10.54
N ILE Y 97 -4.04 67.48 -9.40
CA ILE Y 97 -4.86 66.31 -9.14
C ILE Y 97 -6.32 66.73 -9.21
N GLY Y 98 -7.10 66.01 -10.02
CA GLY Y 98 -8.51 66.29 -10.13
C GLY Y 98 -8.90 67.05 -11.38
N ASN Y 99 -7.97 67.81 -11.94
CA ASN Y 99 -8.24 68.49 -13.20
C ASN Y 99 -8.28 67.50 -14.35
N VAL Y 100 -9.10 67.80 -15.36
CA VAL Y 100 -9.17 66.98 -16.55
C VAL Y 100 -8.76 67.83 -17.75
N LEU Y 101 -7.81 67.32 -18.53
CA LEU Y 101 -7.21 68.01 -19.64
C LEU Y 101 -6.83 66.99 -20.70
N PRO Y 102 -6.59 67.42 -21.94
CA PRO Y 102 -6.14 66.49 -22.98
C PRO Y 102 -4.77 65.91 -22.65
N VAL Y 103 -4.60 64.63 -23.00
CA VAL Y 103 -3.34 63.95 -22.73
C VAL Y 103 -2.20 64.55 -23.55
N GLY Y 104 -2.51 65.10 -24.72
CA GLY Y 104 -1.48 65.70 -25.55
C GLY Y 104 -0.82 66.91 -24.93
N THR Y 105 -1.48 67.59 -24.01
CA THR Y 105 -0.91 68.73 -23.30
C THR Y 105 -0.23 68.33 -22.00
N MET Y 106 -0.11 67.04 -21.72
CA MET Y 106 0.55 66.61 -20.49
C MET Y 106 1.98 66.17 -20.76
N PRO Y 107 2.90 66.45 -19.85
CA PRO Y 107 4.27 65.94 -19.98
C PRO Y 107 4.30 64.43 -19.92
N GLU Y 108 5.37 63.87 -20.51
CA GLU Y 108 5.39 62.44 -20.78
C GLU Y 108 5.75 61.59 -19.57
N GLY Y 109 5.12 61.87 -18.43
CA GLY Y 109 5.21 60.99 -17.28
C GLY Y 109 3.94 61.06 -16.45
N THR Y 110 2.94 61.77 -16.97
CA THR Y 110 1.77 62.13 -16.17
C THR Y 110 0.94 60.90 -15.83
N ILE Y 111 0.43 60.89 -14.60
CA ILE Y 111 -0.42 59.82 -14.08
C ILE Y 111 -1.87 60.29 -14.19
N VAL Y 112 -2.69 59.52 -14.90
CA VAL Y 112 -4.06 59.90 -15.18
C VAL Y 112 -4.99 58.74 -14.86
N CYS Y 113 -6.28 59.06 -14.64
CA CYS Y 113 -7.17 58.05 -14.10
C CYS Y 113 -8.57 57.99 -14.71
N CYS Y 114 -8.97 58.89 -15.61
CA CYS Y 114 -10.25 58.59 -16.27
C CYS Y 114 -10.04 58.89 -17.74
N LEU Y 115 -9.48 57.92 -18.44
CA LEU Y 115 -8.91 58.15 -19.75
C LEU Y 115 -9.91 57.83 -20.82
N GLU Y 116 -10.14 58.80 -21.70
CA GLU Y 116 -11.00 58.61 -22.85
C GLU Y 116 -10.34 57.62 -23.80
N GLU Y 117 -11.08 56.60 -24.19
CA GLU Y 117 -10.55 55.66 -25.17
C GLU Y 117 -10.58 56.26 -26.57
N LYS Y 118 -11.62 57.02 -26.88
CA LYS Y 118 -11.78 57.75 -28.12
C LYS Y 118 -11.94 59.22 -27.79
N PRO Y 119 -11.56 60.11 -28.70
CA PRO Y 119 -11.62 61.55 -28.36
C PRO Y 119 -13.04 62.11 -28.33
N GLY Y 120 -13.67 62.00 -27.16
CA GLY Y 120 -14.97 62.61 -26.98
C GLY Y 120 -15.94 61.75 -26.21
N ASP Y 121 -15.73 60.44 -26.24
CA ASP Y 121 -16.44 59.58 -25.31
C ASP Y 121 -15.98 60.01 -23.93
N ARG Y 122 -16.75 59.77 -22.90
CA ARG Y 122 -16.28 60.23 -21.61
C ARG Y 122 -15.20 59.25 -21.15
N GLY Y 123 -14.76 59.35 -19.91
CA GLY Y 123 -13.70 58.48 -19.45
C GLY Y 123 -14.02 57.00 -19.56
N LYS Y 124 -13.13 56.22 -20.16
CA LYS Y 124 -13.32 54.77 -20.30
C LYS Y 124 -12.20 53.94 -19.70
N LEU Y 125 -10.99 54.47 -19.56
CA LEU Y 125 -9.83 53.66 -19.20
C LEU Y 125 -9.34 54.01 -17.81
N ALA Y 126 -8.80 53.02 -17.12
CA ALA Y 126 -8.19 53.16 -15.80
C ALA Y 126 -9.17 53.76 -14.79
N ARG Y 127 -10.34 53.13 -14.66
CA ARG Y 127 -11.40 53.68 -13.84
C ARG Y 127 -11.59 52.99 -12.50
N ALA Y 128 -11.09 51.77 -12.33
CA ALA Y 128 -11.26 51.05 -11.08
C ALA Y 128 -10.36 51.65 -9.99
N SER Y 129 -10.76 51.42 -8.74
CA SER Y 129 -10.09 52.06 -7.61
C SER Y 129 -8.62 51.69 -7.56
N GLY Y 130 -7.78 52.69 -7.29
CA GLY Y 130 -6.36 52.52 -7.23
C GLY Y 130 -5.67 52.50 -8.57
N ASN Y 131 -6.40 52.41 -9.67
CA ASN Y 131 -5.81 52.25 -10.98
C ASN Y 131 -5.50 53.61 -11.62
N TYR Y 132 -4.59 53.58 -12.59
CA TYR Y 132 -4.17 54.79 -13.28
C TYR Y 132 -3.51 54.38 -14.59
N ALA Y 133 -3.32 55.37 -15.45
CA ALA Y 133 -2.54 55.20 -16.68
C ALA Y 133 -1.45 56.26 -16.70
N THR Y 134 -0.40 55.99 -17.46
CA THR Y 134 0.73 56.90 -17.55
C THR Y 134 0.95 57.31 -19.00
N VAL Y 135 1.21 58.59 -19.22
CA VAL Y 135 1.52 59.11 -20.54
C VAL Y 135 2.97 58.79 -20.86
N ILE Y 136 3.19 58.18 -22.03
CA ILE Y 136 4.53 57.74 -22.40
C ILE Y 136 5.18 58.76 -23.33
N SER Y 137 4.49 59.11 -24.42
CA SER Y 137 5.09 59.98 -25.42
C SER Y 137 3.99 60.56 -26.30
N HIS Y 138 4.32 61.65 -26.95
CA HIS Y 138 3.50 62.25 -28.00
C HIS Y 138 4.30 62.31 -29.29
N ASN Y 139 3.60 62.25 -30.40
CA ASN Y 139 4.15 62.91 -31.58
C ASN Y 139 3.16 64.00 -31.96
N PRO Y 140 3.58 65.27 -31.90
CA PRO Y 140 2.67 66.36 -32.29
C PRO Y 140 2.19 66.26 -33.72
N GLU Y 141 3.00 65.73 -34.63
CA GLU Y 141 2.49 65.32 -35.93
C GLU Y 141 1.52 64.16 -35.74
N THR Y 142 0.46 64.14 -36.54
CA THR Y 142 -0.60 63.11 -36.52
C THR Y 142 -1.38 63.10 -35.19
N LYS Y 143 -1.00 63.95 -34.24
CA LYS Y 143 -1.76 64.22 -33.02
C LYS Y 143 -2.12 62.93 -32.28
N LYS Y 144 -1.08 62.24 -31.82
CA LYS Y 144 -1.22 60.93 -31.22
C LYS Y 144 -0.42 60.87 -29.93
N THR Y 145 -0.91 60.08 -28.98
CA THR Y 145 -0.27 59.93 -27.67
C THR Y 145 -0.19 58.45 -27.33
N ARG Y 146 0.94 58.05 -26.74
CA ARG Y 146 1.12 56.69 -26.26
C ARG Y 146 0.96 56.67 -24.75
N VAL Y 147 0.14 55.73 -24.25
CA VAL Y 147 -0.13 55.60 -22.83
C VAL Y 147 0.05 54.14 -22.45
N LYS Y 148 0.44 53.92 -21.20
CA LYS Y 148 0.49 52.58 -20.63
C LYS Y 148 -0.74 52.38 -19.74
N LEU Y 149 -1.46 51.30 -19.97
CA LEU Y 149 -2.69 51.02 -19.28
C LEU Y 149 -2.42 50.21 -18.01
N PRO Y 150 -3.38 50.18 -17.08
CA PRO Y 150 -3.18 49.40 -15.85
C PRO Y 150 -2.87 47.93 -16.09
N SER Y 151 -3.35 47.33 -17.19
CA SER Y 151 -2.98 45.95 -17.50
C SER Y 151 -1.53 45.82 -17.94
N GLY Y 152 -0.88 46.93 -18.26
CA GLY Y 152 0.48 46.89 -18.76
C GLY Y 152 0.63 47.05 -20.25
N SER Y 153 -0.47 46.99 -21.00
CA SER Y 153 -0.44 47.14 -22.45
C SER Y 153 -0.26 48.61 -22.80
N LYS Y 154 0.63 48.87 -23.75
CA LYS Y 154 0.79 50.21 -24.30
C LYS Y 154 -0.27 50.43 -25.37
N LYS Y 155 -0.78 51.66 -25.46
CA LYS Y 155 -1.86 51.98 -26.35
C LYS Y 155 -1.62 53.35 -26.95
N VAL Y 156 -1.85 53.47 -28.26
CA VAL Y 156 -1.74 54.74 -28.97
C VAL Y 156 -3.15 55.30 -29.07
N ILE Y 157 -3.34 56.53 -28.60
CA ILE Y 157 -4.64 57.17 -28.62
C ILE Y 157 -4.49 58.57 -29.20
N SER Y 158 -5.61 59.14 -29.62
CA SER Y 158 -5.63 60.53 -30.04
C SER Y 158 -5.22 61.45 -28.90
N SER Y 159 -4.45 62.47 -29.23
CA SER Y 159 -3.98 63.44 -28.25
C SER Y 159 -5.09 64.32 -27.69
N ALA Y 160 -6.26 64.34 -28.32
CA ALA Y 160 -7.41 65.09 -27.81
C ALA Y 160 -8.13 64.36 -26.70
N ASN Y 161 -7.81 63.09 -26.45
CA ASN Y 161 -8.44 62.34 -25.38
C ASN Y 161 -8.16 62.98 -24.03
N ARG Y 162 -9.21 63.16 -23.24
CA ARG Y 162 -9.12 63.79 -21.94
C ARG Y 162 -8.96 62.75 -20.84
N ALA Y 163 -8.40 63.18 -19.71
CA ALA Y 163 -8.20 62.29 -18.58
C ALA Y 163 -8.10 63.12 -17.31
N VAL Y 164 -8.48 62.50 -16.19
CA VAL Y 164 -8.29 63.14 -14.90
C VAL Y 164 -6.86 62.92 -14.42
N VAL Y 165 -6.23 63.98 -13.97
CA VAL Y 165 -4.88 63.91 -13.41
C VAL Y 165 -4.96 63.27 -12.03
N GLY Y 166 -4.19 62.19 -11.84
CA GLY Y 166 -4.14 61.51 -10.57
C GLY Y 166 -4.45 60.04 -10.67
N VAL Y 167 -4.56 59.35 -9.53
CA VAL Y 167 -4.95 57.94 -9.50
C VAL Y 167 -6.37 57.85 -8.97
N VAL Y 168 -7.04 56.75 -9.30
CA VAL Y 168 -8.39 56.56 -8.79
C VAL Y 168 -8.34 56.30 -7.28
N ALA Y 169 -9.23 56.98 -6.56
CA ALA Y 169 -9.31 56.83 -5.11
C ALA Y 169 -9.83 55.43 -4.77
N GLY Y 170 -9.90 55.14 -3.48
CA GLY Y 170 -10.27 53.82 -3.03
C GLY Y 170 -9.13 52.82 -2.97
N GLY Y 171 -7.90 53.27 -3.21
CA GLY Y 171 -6.68 52.61 -2.79
C GLY Y 171 -6.58 51.12 -2.99
N GLY Y 172 -5.83 50.46 -2.11
CA GLY Y 172 -5.60 49.03 -2.20
C GLY Y 172 -6.69 48.21 -1.54
N ARG Y 173 -7.88 48.23 -2.15
CA ARG Y 173 -9.03 47.53 -1.58
C ARG Y 173 -8.82 46.03 -1.54
N ILE Y 174 -8.19 45.46 -2.56
CA ILE Y 174 -8.01 44.01 -2.62
C ILE Y 174 -6.90 43.51 -1.71
N ASP Y 175 -6.25 44.40 -0.95
CA ASP Y 175 -5.27 43.97 0.04
C ASP Y 175 -5.93 43.21 1.19
N LYS Y 176 -7.12 43.61 1.60
CA LYS Y 176 -7.76 43.02 2.76
C LYS Y 176 -8.33 41.64 2.40
N PRO Y 177 -7.98 40.58 3.12
CA PRO Y 177 -8.64 39.29 2.88
C PRO Y 177 -10.11 39.38 3.25
N ILE Y 178 -10.94 38.75 2.42
CA ILE Y 178 -12.39 38.81 2.63
C ILE Y 178 -12.77 37.98 3.86
N LEU Y 179 -12.12 36.84 4.02
CA LEU Y 179 -12.09 36.06 5.26
C LEU Y 179 -13.37 35.30 5.55
N LYS Y 180 -14.46 35.65 4.88
CA LYS Y 180 -15.76 35.12 5.24
C LYS Y 180 -16.58 34.92 3.98
N ALA Y 181 -17.26 33.78 3.91
CA ALA Y 181 -18.23 33.57 2.85
C ALA Y 181 -19.29 34.67 2.85
N GLY Y 182 -19.72 35.10 4.03
CA GLY Y 182 -20.76 36.11 4.12
C GLY Y 182 -20.32 37.47 3.59
N ARG Y 183 -19.05 37.83 3.77
CA ARG Y 183 -18.55 39.08 3.22
C ARG Y 183 -18.56 39.05 1.71
N ALA Y 184 -18.19 37.91 1.12
CA ALA Y 184 -18.27 37.76 -0.33
C ALA Y 184 -19.71 37.77 -0.81
N TYR Y 185 -20.63 37.26 0.02
CA TYR Y 185 -22.05 37.33 -0.31
C TYR Y 185 -22.53 38.78 -0.42
N HIS Y 186 -22.12 39.62 0.52
CA HIS Y 186 -22.56 41.02 0.50
C HIS Y 186 -21.91 41.78 -0.64
N LYS Y 187 -20.67 41.44 -0.97
CA LYS Y 187 -19.97 42.11 -2.06
C LYS Y 187 -20.67 41.90 -3.39
N TYR Y 188 -21.09 40.67 -3.67
CA TYR Y 188 -21.70 40.36 -4.95
C TYR Y 188 -23.19 40.61 -4.98
N LYS Y 189 -23.84 40.70 -3.82
CA LYS Y 189 -25.24 41.15 -3.81
C LYS Y 189 -25.34 42.57 -4.32
N ALA Y 190 -24.31 43.38 -4.11
CA ALA Y 190 -24.28 44.72 -4.65
C ALA Y 190 -23.90 44.78 -6.13
N LYS Y 191 -23.50 43.66 -6.73
CA LYS Y 191 -23.03 43.70 -8.11
C LYS Y 191 -23.93 42.94 -9.09
N ARG Y 192 -24.09 41.64 -8.90
CA ARG Y 192 -24.77 40.77 -9.85
C ARG Y 192 -24.75 39.35 -9.27
N ASN Y 193 -25.48 38.46 -9.92
CA ASN Y 193 -25.62 37.07 -9.48
C ASN Y 193 -24.51 36.23 -10.09
N CYS Y 194 -23.38 36.17 -9.41
CA CYS Y 194 -22.27 35.37 -9.87
C CYS Y 194 -21.58 34.55 -8.80
N TRP Y 195 -21.84 34.83 -7.52
CA TRP Y 195 -20.79 34.56 -6.56
C TRP Y 195 -20.61 33.10 -6.20
N PRO Y 196 -21.61 32.41 -5.63
CA PRO Y 196 -21.33 31.03 -5.22
C PRO Y 196 -21.10 30.25 -6.49
N ARG Y 197 -19.85 29.85 -6.71
CA ARG Y 197 -19.44 29.23 -7.95
C ARG Y 197 -19.29 27.73 -7.73
N VAL Y 198 -20.15 26.95 -8.36
CA VAL Y 198 -20.02 25.50 -8.32
C VAL Y 198 -19.02 25.08 -9.38
N ARG Y 199 -18.09 24.20 -9.00
CA ARG Y 199 -17.11 23.69 -9.94
C ARG Y 199 -17.78 22.78 -10.96
N GLY Y 200 -17.33 22.89 -12.21
CA GLY Y 200 -17.84 22.02 -13.26
C GLY Y 200 -17.60 20.55 -12.98
N VAL Y 201 -16.48 20.20 -12.35
CA VAL Y 201 -16.23 18.81 -12.01
C VAL Y 201 -17.22 18.30 -10.96
N ALA Y 202 -17.86 19.21 -10.23
CA ALA Y 202 -18.87 18.82 -9.25
C ALA Y 202 -20.24 18.62 -9.87
N MET Y 203 -20.39 18.87 -11.17
CA MET Y 203 -21.69 18.74 -11.80
C MET Y 203 -21.84 17.37 -12.46
N ASN Y 204 -22.97 17.15 -13.05
CA ASN Y 204 -23.23 15.99 -13.88
C ASN Y 204 -22.94 16.35 -15.33
N PRO Y 205 -22.70 15.35 -16.20
CA PRO Y 205 -22.32 15.67 -17.58
C PRO Y 205 -23.40 16.36 -18.42
N VAL Y 206 -24.67 16.40 -17.99
CA VAL Y 206 -25.64 17.24 -18.70
C VAL Y 206 -25.22 18.69 -18.66
N GLU Y 207 -24.79 19.17 -17.50
CA GLU Y 207 -24.64 20.59 -17.25
C GLU Y 207 -23.25 21.13 -17.57
N HIS Y 208 -22.30 20.29 -17.88
CA HIS Y 208 -20.94 20.77 -18.01
C HIS Y 208 -20.05 19.75 -18.72
N PRO Y 209 -19.13 20.20 -19.57
CA PRO Y 209 -18.14 19.27 -20.15
C PRO Y 209 -17.28 18.57 -19.12
N PHE Y 210 -17.01 19.19 -17.97
CA PHE Y 210 -16.19 18.60 -16.93
C PHE Y 210 -16.98 17.75 -15.93
N GLY Y 211 -18.29 17.66 -16.09
CA GLY Y 211 -19.11 16.94 -15.14
C GLY Y 211 -19.10 15.44 -15.36
N GLY Y 212 -19.41 14.72 -14.29
CA GLY Y 212 -19.51 13.28 -14.34
C GLY Y 212 -18.23 12.56 -14.01
N GLY Y 213 -18.29 11.24 -14.06
CA GLY Y 213 -17.16 10.41 -13.70
C GLY Y 213 -17.27 9.87 -12.30
N ASN Y 214 -16.75 8.66 -12.07
CA ASN Y 214 -16.79 8.09 -10.74
C ASN Y 214 -15.75 8.70 -9.80
N HIS Y 215 -14.78 9.41 -10.33
CA HIS Y 215 -13.97 10.35 -9.56
C HIS Y 215 -14.18 11.73 -10.13
N GLN Y 216 -14.01 12.74 -9.28
CA GLN Y 216 -14.07 14.12 -9.70
C GLN Y 216 -12.80 14.48 -10.45
N HIS Y 217 -12.87 14.58 -11.78
CA HIS Y 217 -11.71 14.89 -12.59
C HIS Y 217 -12.19 15.49 -13.92
N ILE Y 218 -11.27 16.20 -14.59
CA ILE Y 218 -11.62 16.83 -15.85
C ILE Y 218 -11.82 15.79 -16.94
N GLY Y 219 -10.87 14.85 -17.06
CA GLY Y 219 -10.94 13.79 -18.04
C GLY Y 219 -10.54 14.19 -19.44
N LYS Y 220 -10.37 15.48 -19.69
CA LYS Y 220 -9.93 16.04 -20.95
C LYS Y 220 -9.06 17.24 -20.62
N PRO Y 221 -8.22 17.69 -21.54
CA PRO Y 221 -7.44 18.91 -21.27
C PRO Y 221 -8.34 20.09 -20.95
N SER Y 222 -7.96 20.86 -19.93
CA SER Y 222 -8.77 22.00 -19.53
C SER Y 222 -8.53 23.21 -20.41
N THR Y 223 -7.46 23.20 -21.21
CA THR Y 223 -7.26 24.26 -22.18
C THR Y 223 -8.14 24.01 -23.40
N ILE Y 224 -8.88 25.03 -23.80
CA ILE Y 224 -9.85 24.93 -24.87
C ILE Y 224 -9.53 25.98 -25.92
N ARG Y 225 -9.74 25.60 -27.18
CA ARG Y 225 -9.43 26.49 -28.29
C ARG Y 225 -10.38 27.67 -28.34
N ARG Y 226 -9.95 28.74 -29.00
CA ARG Y 226 -10.80 29.92 -29.15
C ARG Y 226 -12.03 29.63 -30.00
N ASP Y 227 -11.91 28.78 -31.01
CA ASP Y 227 -12.99 28.45 -31.94
C ASP Y 227 -14.12 27.66 -31.30
N ALA Y 228 -13.92 27.14 -30.09
CA ALA Y 228 -14.87 26.20 -29.51
C ALA Y 228 -16.25 26.83 -29.30
N PRO Y 229 -17.31 26.06 -29.49
CA PRO Y 229 -18.67 26.59 -29.33
C PRO Y 229 -19.02 26.89 -27.88
N ALA Y 230 -19.96 27.81 -27.70
CA ALA Y 230 -20.55 28.03 -26.39
C ALA Y 230 -21.25 26.76 -25.91
N GLY Y 231 -21.06 26.45 -24.63
CA GLY Y 231 -21.40 25.16 -24.11
C GLY Y 231 -20.23 24.20 -24.04
N ARG Y 232 -19.17 24.48 -24.78
CA ARG Y 232 -17.95 23.68 -24.72
C ARG Y 232 -16.76 24.44 -24.18
N LYS Y 233 -16.60 25.73 -24.48
CA LYS Y 233 -15.37 26.35 -24.04
C LYS Y 233 -15.46 26.75 -22.57
N VAL Y 234 -15.10 25.79 -21.72
CA VAL Y 234 -14.94 25.98 -20.28
C VAL Y 234 -13.49 25.65 -19.99
N GLY Y 235 -13.05 26.01 -18.80
CA GLY Y 235 -11.66 25.81 -18.47
C GLY Y 235 -10.79 26.96 -18.90
N LEU Y 236 -9.60 26.67 -19.41
CA LEU Y 236 -8.60 27.70 -19.72
C LEU Y 236 -8.72 28.03 -21.21
N ILE Y 237 -9.37 29.14 -21.50
CA ILE Y 237 -9.79 29.48 -22.85
C ILE Y 237 -8.60 30.03 -23.63
N ALA Y 238 -8.25 29.35 -24.73
CA ALA Y 238 -7.18 29.77 -25.64
C ALA Y 238 -5.91 30.12 -24.88
N ALA Y 239 -5.57 29.31 -23.89
CA ALA Y 239 -4.43 29.59 -23.03
C ALA Y 239 -3.12 29.49 -23.80
N ARG Y 240 -2.30 30.54 -23.72
CA ARG Y 240 -0.99 30.49 -24.35
C ARG Y 240 -0.04 29.60 -23.58
N ARG Y 241 -0.27 29.44 -22.28
CA ARG Y 241 0.54 28.62 -21.39
C ARG Y 241 -0.31 28.31 -20.17
N THR Y 242 0.17 27.37 -19.36
CA THR Y 242 -0.45 27.09 -18.06
C THR Y 242 0.63 26.84 -17.01
N GLY Y 243 0.22 26.63 -15.77
CA GLY Y 243 1.15 26.33 -14.70
C GLY Y 243 1.61 27.56 -13.95
N ARG Y 244 2.49 27.31 -12.98
CA ARG Y 244 2.79 28.25 -11.89
C ARG Y 244 3.27 29.62 -12.36
N LEU Y 245 3.84 29.76 -13.56
CA LEU Y 245 4.24 31.07 -14.09
C LEU Y 245 5.35 31.70 -13.23
N ARG Y 246 6.51 31.06 -13.27
CA ARG Y 246 7.70 31.57 -12.60
C ARG Y 246 8.57 32.31 -13.61
N GLY Y 247 8.80 33.60 -13.38
CA GLY Y 247 9.70 34.35 -14.23
C GLY Y 247 9.28 35.77 -14.59
N THR Y 248 7.99 36.06 -14.53
CA THR Y 248 7.50 37.39 -14.89
C THR Y 248 6.11 37.66 -14.37
N SER Z 1 -32.76 -25.69 11.42
CA SER Z 1 -31.98 -26.60 10.61
C SER Z 1 -30.76 -26.90 11.39
N HIS Z 2 -30.91 -27.64 12.49
CA HIS Z 2 -29.89 -27.65 13.52
C HIS Z 2 -29.73 -26.21 14.07
N ARG Z 3 -30.64 -25.90 15.00
CA ARG Z 3 -30.79 -24.59 15.61
C ARG Z 3 -29.52 -24.05 16.29
N LYS Z 4 -28.44 -24.82 16.26
CA LYS Z 4 -27.06 -24.36 16.52
C LYS Z 4 -26.74 -24.12 17.99
N PHE Z 5 -27.74 -24.15 18.86
CA PHE Z 5 -27.51 -24.13 20.30
C PHE Z 5 -28.66 -24.92 20.91
N SER Z 6 -28.34 -25.95 21.67
CA SER Z 6 -29.37 -26.74 22.34
C SER Z 6 -29.91 -25.99 23.55
N ALA Z 7 -31.21 -26.14 23.78
CA ALA Z 7 -31.86 -25.65 24.97
C ALA Z 7 -33.05 -26.57 25.21
N PRO Z 8 -33.34 -26.92 26.46
CA PRO Z 8 -34.56 -27.67 26.75
C PRO Z 8 -35.81 -26.88 26.38
N ARG Z 9 -36.85 -27.61 25.98
CA ARG Z 9 -38.13 -27.01 25.65
C ARG Z 9 -38.76 -26.40 26.90
N HIS Z 10 -39.58 -25.38 26.68
CA HIS Z 10 -40.26 -24.68 27.76
C HIS Z 10 -41.52 -25.44 28.15
N GLY Z 11 -41.60 -25.80 29.43
CA GLY Z 11 -42.79 -26.42 29.97
C GLY Z 11 -42.88 -27.89 29.64
N SER Z 12 -43.87 -28.54 30.23
CA SER Z 12 -44.05 -29.98 30.11
C SER Z 12 -45.21 -30.29 29.19
N LEU Z 13 -45.00 -31.22 28.28
CA LEU Z 13 -46.07 -31.70 27.41
C LEU Z 13 -47.01 -32.65 28.13
N GLY Z 14 -46.67 -33.09 29.34
CA GLY Z 14 -47.48 -34.02 30.09
C GLY Z 14 -48.57 -33.38 30.93
N PHE Z 15 -48.72 -32.07 30.79
CA PHE Z 15 -49.83 -31.37 31.42
C PHE Z 15 -50.68 -30.61 30.41
N LEU Z 16 -50.70 -31.01 29.15
CA LEU Z 16 -51.23 -29.99 28.26
C LEU Z 16 -52.40 -30.38 27.38
N PRO Z 17 -53.54 -30.65 27.95
CA PRO Z 17 -54.64 -29.73 27.69
C PRO Z 17 -54.53 -28.67 28.78
N ARG Z 18 -54.04 -27.48 28.43
CA ARG Z 18 -53.85 -26.43 29.43
C ARG Z 18 -55.10 -25.61 29.62
N LYS Z 19 -56.18 -26.33 29.88
CA LYS Z 19 -57.53 -25.79 29.98
C LYS Z 19 -57.91 -25.56 31.43
N ARG Z 20 -59.02 -24.87 31.62
CA ARG Z 20 -59.66 -24.87 32.93
C ARG Z 20 -60.10 -26.28 33.28
N SER Z 21 -59.84 -26.70 34.51
CA SER Z 21 -60.30 -28.00 34.93
C SER Z 21 -61.82 -28.05 34.89
N SER Z 22 -62.36 -29.17 34.41
CA SER Z 22 -63.81 -29.34 34.35
C SER Z 22 -64.44 -29.49 35.72
N ARG Z 23 -63.64 -29.66 36.75
CA ARG Z 23 -64.12 -29.84 38.11
C ARG Z 23 -63.48 -28.80 39.01
N HIS Z 24 -64.12 -28.56 40.16
CA HIS Z 24 -63.60 -27.66 41.17
C HIS Z 24 -62.99 -28.39 42.36
N ARG Z 25 -63.43 -29.63 42.61
CA ARG Z 25 -63.11 -30.32 43.85
C ARG Z 25 -61.72 -30.95 43.82
N GLY Z 26 -61.40 -31.64 42.74
CA GLY Z 26 -60.16 -32.40 42.68
C GLY Z 26 -60.38 -33.87 42.90
N LYS Z 27 -60.41 -34.66 41.82
CA LYS Z 27 -60.73 -36.06 41.98
C LYS Z 27 -59.47 -36.89 42.14
N VAL Z 28 -59.61 -37.99 42.89
CA VAL Z 28 -58.45 -38.78 43.29
C VAL Z 28 -57.74 -39.38 42.08
N LYS Z 29 -58.49 -40.03 41.20
CA LYS Z 29 -58.02 -40.64 39.96
C LYS Z 29 -57.18 -41.89 40.18
N SER Z 30 -56.75 -42.12 41.41
CA SER Z 30 -56.03 -43.35 41.77
C SER Z 30 -56.03 -43.53 43.27
N PHE Z 31 -56.76 -44.50 43.75
CA PHE Z 31 -56.67 -44.78 45.16
C PHE Z 31 -55.51 -45.73 45.42
N PRO Z 32 -55.01 -45.81 46.66
CA PRO Z 32 -53.95 -46.78 46.94
C PRO Z 32 -54.41 -48.19 46.62
N LYS Z 33 -53.47 -49.00 46.13
CA LYS Z 33 -53.79 -50.38 45.81
C LYS Z 33 -54.24 -51.09 47.08
N ASP Z 34 -55.37 -51.78 46.98
CA ASP Z 34 -56.00 -52.40 48.14
C ASP Z 34 -55.24 -53.67 48.51
N ASP Z 35 -54.88 -53.79 49.79
CA ASP Z 35 -54.25 -55.00 50.31
C ASP Z 35 -55.17 -55.60 51.36
N PRO Z 36 -55.76 -56.78 51.12
CA PRO Z 36 -56.72 -57.33 52.08
C PRO Z 36 -56.13 -57.68 53.44
N SER Z 37 -54.80 -57.80 53.55
CA SER Z 37 -54.21 -58.18 54.83
C SER Z 37 -54.30 -57.05 55.85
N LYS Z 38 -54.38 -55.81 55.38
CA LYS Z 38 -54.47 -54.66 56.28
C LYS Z 38 -55.86 -54.57 56.92
N PRO Z 39 -56.00 -53.82 58.01
CA PRO Z 39 -57.33 -53.53 58.54
C PRO Z 39 -58.07 -52.55 57.65
N VAL Z 40 -59.39 -52.55 57.80
CA VAL Z 40 -60.26 -51.68 57.02
C VAL Z 40 -59.99 -50.23 57.38
N HIS Z 41 -59.79 -49.39 56.37
CA HIS Z 41 -59.42 -48.00 56.60
C HIS Z 41 -59.87 -47.16 55.42
N LEU Z 42 -59.98 -45.85 55.67
CA LEU Z 42 -60.28 -44.88 54.63
C LEU Z 42 -58.99 -44.36 54.00
N THR Z 43 -59.09 -43.93 52.75
CA THR Z 43 -57.92 -43.55 51.97
C THR Z 43 -57.86 -42.08 51.59
N ALA Z 44 -58.90 -41.30 51.89
CA ALA Z 44 -58.91 -39.91 51.48
C ALA Z 44 -59.75 -39.09 52.44
N PHE Z 45 -59.69 -37.77 52.27
CA PHE Z 45 -60.40 -36.82 53.10
C PHE Z 45 -60.51 -35.51 52.33
N LEU Z 46 -61.45 -34.66 52.75
CA LEU Z 46 -61.61 -33.35 52.16
C LEU Z 46 -61.30 -32.28 53.20
N GLY Z 47 -60.43 -31.34 52.83
CA GLY Z 47 -60.13 -30.22 53.68
C GLY Z 47 -60.20 -28.92 52.90
N TYR Z 48 -59.96 -27.83 53.60
CA TYR Z 48 -60.06 -26.50 53.03
C TYR Z 48 -58.82 -25.70 53.36
N LYS Z 49 -58.23 -25.08 52.35
CA LYS Z 49 -57.00 -24.31 52.52
C LYS Z 49 -57.30 -23.04 53.32
N ALA Z 50 -56.83 -23.00 54.56
CA ALA Z 50 -57.04 -21.85 55.42
C ALA Z 50 -55.96 -20.80 55.24
N GLY Z 51 -54.70 -21.22 55.18
CA GLY Z 51 -53.62 -20.28 55.04
C GLY Z 51 -52.29 -20.93 55.33
N MET Z 52 -51.26 -20.09 55.33
CA MET Z 52 -49.89 -20.52 55.51
C MET Z 52 -49.29 -19.82 56.72
N THR Z 53 -48.42 -20.53 57.43
CA THR Z 53 -47.57 -19.93 58.44
C THR Z 53 -46.21 -20.61 58.35
N HIS Z 54 -45.38 -20.39 59.36
CA HIS Z 54 -44.12 -21.11 59.45
C HIS Z 54 -43.91 -21.58 60.88
N ILE Z 55 -43.09 -22.61 61.04
CA ILE Z 55 -42.85 -23.25 62.32
C ILE Z 55 -41.35 -23.29 62.58
N VAL Z 56 -40.99 -23.65 63.80
CA VAL Z 56 -39.62 -23.95 64.16
C VAL Z 56 -39.57 -25.39 64.64
N ARG Z 57 -38.58 -26.15 64.17
CA ARG Z 57 -38.36 -27.50 64.66
C ARG Z 57 -36.88 -27.81 64.59
N GLU Z 58 -36.45 -28.71 65.48
CA GLU Z 58 -35.11 -29.28 65.45
C GLU Z 58 -35.11 -30.46 64.50
N VAL Z 59 -34.13 -30.52 63.62
CA VAL Z 59 -34.01 -31.57 62.61
C VAL Z 59 -33.18 -32.70 63.18
N ASP Z 60 -33.65 -33.93 62.98
CA ASP Z 60 -32.85 -35.13 63.19
C ASP Z 60 -32.52 -35.74 61.85
N ARG Z 61 -31.30 -35.53 61.40
CA ARG Z 61 -30.86 -36.01 60.09
C ARG Z 61 -29.36 -36.25 60.12
N PRO Z 62 -28.91 -37.43 60.55
CA PRO Z 62 -27.47 -37.67 60.66
C PRO Z 62 -26.77 -37.48 59.32
N GLY Z 63 -25.61 -36.83 59.38
CA GLY Z 63 -24.85 -36.47 58.20
C GLY Z 63 -25.21 -35.15 57.57
N SER Z 64 -26.27 -34.50 58.04
CA SER Z 64 -26.68 -33.22 57.48
C SER Z 64 -25.99 -32.07 58.22
N LYS Z 65 -25.82 -30.96 57.51
CA LYS Z 65 -25.30 -29.75 58.14
C LYS Z 65 -26.32 -29.17 59.11
N VAL Z 66 -27.54 -29.67 59.10
CA VAL Z 66 -28.62 -29.13 59.89
C VAL Z 66 -29.09 -30.11 60.97
N ASN Z 67 -28.35 -31.22 61.15
CA ASN Z 67 -28.69 -32.19 62.18
C ASN Z 67 -28.61 -31.56 63.57
N LYS Z 68 -29.66 -31.77 64.36
CA LYS Z 68 -29.76 -31.23 65.71
C LYS Z 68 -29.70 -29.70 65.72
N LYS Z 69 -30.17 -29.10 64.63
CA LYS Z 69 -30.27 -27.65 64.52
C LYS Z 69 -31.71 -27.26 64.23
N GLU Z 70 -32.05 -26.03 64.59
CA GLU Z 70 -33.40 -25.54 64.38
C GLU Z 70 -33.55 -24.94 62.99
N VAL Z 71 -34.63 -25.30 62.31
CA VAL Z 71 -34.99 -24.74 61.02
C VAL Z 71 -36.36 -24.13 61.14
N VAL Z 72 -36.64 -23.14 60.30
CA VAL Z 72 -37.99 -22.64 60.14
C VAL Z 72 -38.50 -23.13 58.80
N GLU Z 73 -39.74 -23.61 58.79
CA GLU Z 73 -40.31 -24.22 57.61
C GLU Z 73 -41.73 -23.71 57.40
N ALA Z 74 -42.01 -23.29 56.17
CA ALA Z 74 -43.35 -22.90 55.80
C ALA Z 74 -44.28 -24.10 55.87
N VAL Z 75 -45.49 -23.88 56.39
CA VAL Z 75 -46.51 -24.91 56.47
C VAL Z 75 -47.81 -24.32 55.95
N THR Z 76 -48.69 -25.22 55.51
CA THR Z 76 -50.04 -24.88 55.10
C THR Z 76 -51.01 -25.47 56.12
N ILE Z 77 -51.98 -24.67 56.54
CA ILE Z 77 -53.04 -25.13 57.42
C ILE Z 77 -54.23 -25.52 56.56
N VAL Z 78 -54.68 -26.76 56.68
CA VAL Z 78 -55.83 -27.26 55.96
C VAL Z 78 -56.88 -27.60 57.00
N GLU Z 79 -58.00 -26.88 56.97
CA GLU Z 79 -59.06 -27.10 57.94
C GLU Z 79 -59.86 -28.34 57.57
N THR Z 80 -59.89 -29.32 58.46
CA THR Z 80 -60.51 -30.61 58.21
C THR Z 80 -61.48 -30.95 59.34
N PRO Z 81 -62.70 -30.42 59.29
CA PRO Z 81 -63.75 -30.91 60.19
C PRO Z 81 -64.15 -32.33 59.81
N PRO Z 82 -64.80 -33.06 60.71
CA PRO Z 82 -65.15 -34.46 60.41
C PRO Z 82 -66.07 -34.56 59.21
N MET Z 83 -65.96 -35.68 58.51
CA MET Z 83 -66.82 -35.96 57.38
C MET Z 83 -67.93 -36.93 57.78
N VAL Z 84 -69.08 -36.80 57.12
CA VAL Z 84 -70.26 -37.61 57.40
C VAL Z 84 -70.44 -38.59 56.26
N VAL Z 85 -70.59 -39.87 56.60
CA VAL Z 85 -70.81 -40.92 55.61
C VAL Z 85 -72.31 -41.01 55.33
N VAL Z 86 -72.67 -40.85 54.05
CA VAL Z 86 -74.08 -40.90 53.65
C VAL Z 86 -74.36 -42.00 52.63
N GLY Z 87 -73.37 -42.75 52.18
CA GLY Z 87 -73.63 -43.74 51.15
C GLY Z 87 -72.49 -44.73 50.97
N ILE Z 88 -72.82 -45.82 50.28
CA ILE Z 88 -71.87 -46.85 49.92
C ILE Z 88 -72.04 -47.18 48.44
N VAL Z 89 -70.94 -47.23 47.70
CA VAL Z 89 -70.93 -47.65 46.30
C VAL Z 89 -70.10 -48.90 46.17
N GLY Z 90 -70.62 -49.88 45.45
CA GLY Z 90 -69.86 -51.05 45.08
C GLY Z 90 -69.50 -50.99 43.60
N TYR Z 91 -68.30 -51.46 43.29
CA TYR Z 91 -67.83 -51.54 41.91
C TYR Z 91 -67.51 -52.98 41.55
N VAL Z 92 -67.78 -53.33 40.30
CA VAL Z 92 -67.49 -54.66 39.77
C VAL Z 92 -66.39 -54.52 38.74
N GLU Z 93 -65.45 -55.47 38.73
CA GLU Z 93 -64.39 -55.48 37.74
C GLU Z 93 -64.87 -56.16 36.47
N THR Z 94 -64.68 -55.51 35.34
CA THR Z 94 -65.17 -55.95 34.05
C THR Z 94 -64.05 -55.85 33.02
N PRO Z 95 -64.17 -56.56 31.90
CA PRO Z 95 -63.18 -56.38 30.83
C PRO Z 95 -63.26 -55.03 30.14
N ARG Z 96 -64.17 -54.16 30.58
CA ARG Z 96 -64.22 -52.79 30.09
C ARG Z 96 -63.77 -51.78 31.14
N GLY Z 97 -63.37 -52.24 32.32
CA GLY Z 97 -62.97 -51.41 33.43
C GLY Z 97 -63.93 -51.57 34.59
N LEU Z 98 -63.68 -50.80 35.65
CA LEU Z 98 -64.53 -50.80 36.83
C LEU Z 98 -65.91 -50.27 36.46
N ARG Z 99 -66.95 -50.92 36.96
CA ARG Z 99 -68.32 -50.53 36.69
C ARG Z 99 -69.05 -50.31 38.01
N THR Z 100 -69.74 -49.18 38.11
CA THR Z 100 -70.60 -48.93 39.27
C THR Z 100 -71.68 -50.01 39.31
N PHE Z 101 -71.75 -50.72 40.43
CA PHE Z 101 -72.64 -51.87 40.53
C PHE Z 101 -73.92 -51.51 41.27
N LYS Z 102 -73.79 -50.93 42.46
CA LYS Z 102 -74.95 -50.52 43.24
C LYS Z 102 -74.53 -49.42 44.21
N THR Z 103 -75.45 -48.51 44.47
CA THR Z 103 -75.27 -47.47 45.48
C THR Z 103 -76.41 -47.53 46.49
N VAL Z 104 -76.05 -47.49 47.76
CA VAL Z 104 -77.01 -47.43 48.85
C VAL Z 104 -76.75 -46.14 49.62
N PHE Z 105 -77.80 -45.38 49.87
CA PHE Z 105 -77.71 -44.19 50.69
C PHE Z 105 -78.42 -44.41 52.00
N ALA Z 106 -77.94 -43.76 53.05
CA ALA Z 106 -78.60 -43.82 54.33
C ALA Z 106 -79.89 -43.01 54.31
N GLU Z 107 -80.78 -43.33 55.24
CA GLU Z 107 -81.82 -42.36 55.55
C GLU Z 107 -81.18 -41.24 56.37
N HIS Z 108 -81.90 -40.13 56.52
CA HIS Z 108 -81.37 -38.96 57.22
C HIS Z 108 -80.09 -38.47 56.55
N ILE Z 109 -80.27 -37.90 55.36
CA ILE Z 109 -79.22 -37.09 54.76
C ILE Z 109 -79.41 -35.63 55.18
N SER Z 110 -78.34 -35.00 55.65
CA SER Z 110 -78.44 -33.64 56.15
C SER Z 110 -78.75 -32.67 55.02
N ASP Z 111 -79.13 -31.45 55.40
CA ASP Z 111 -79.53 -30.45 54.42
C ASP Z 111 -78.34 -29.92 53.63
N GLU Z 112 -77.18 -29.78 54.28
CA GLU Z 112 -76.01 -29.28 53.56
C GLU Z 112 -75.55 -30.26 52.50
N CYS Z 113 -75.74 -31.57 52.74
CA CYS Z 113 -75.47 -32.56 51.70
C CYS Z 113 -76.53 -32.52 50.61
N LYS Z 114 -77.81 -32.40 50.98
CA LYS Z 114 -78.86 -32.30 49.98
C LYS Z 114 -78.72 -31.05 49.12
N ARG Z 115 -78.07 -30.00 49.64
CA ARG Z 115 -77.86 -28.80 48.84
C ARG Z 115 -77.01 -29.09 47.61
N ARG Z 116 -76.12 -30.08 47.68
CA ARG Z 116 -75.28 -30.43 46.54
C ARG Z 116 -76.10 -31.00 45.39
N PHE Z 117 -77.32 -31.46 45.66
CA PHE Z 117 -78.15 -32.04 44.62
C PHE Z 117 -78.99 -31.00 43.88
N TYR Z 118 -78.81 -29.71 44.17
CA TYR Z 118 -79.62 -28.66 43.57
C TYR Z 118 -78.74 -27.54 43.03
N LYS Z 119 -79.20 -26.92 41.94
CA LYS Z 119 -78.63 -25.68 41.47
C LYS Z 119 -79.28 -24.46 42.08
N ASN Z 120 -80.57 -24.53 42.43
CA ASN Z 120 -81.22 -23.44 43.16
C ASN Z 120 -81.93 -24.07 44.36
N TRP Z 121 -81.19 -24.21 45.45
CA TRP Z 121 -81.75 -24.68 46.71
C TRP Z 121 -82.83 -23.75 47.23
N HIS Z 122 -82.70 -22.45 46.97
CA HIS Z 122 -83.68 -21.47 47.39
C HIS Z 122 -85.05 -21.74 46.77
N LYS Z 123 -85.07 -22.05 45.48
CA LYS Z 123 -86.33 -22.25 44.76
C LYS Z 123 -86.84 -23.68 44.82
N SER Z 124 -86.05 -24.63 45.31
CA SER Z 124 -86.46 -26.02 45.27
C SER Z 124 -87.39 -26.34 46.44
N LYS Z 125 -88.07 -27.47 46.33
CA LYS Z 125 -88.90 -27.99 47.41
C LYS Z 125 -88.17 -29.00 48.27
N LYS Z 126 -86.87 -29.19 48.05
CA LYS Z 126 -86.03 -30.04 48.90
C LYS Z 126 -86.54 -31.47 48.94
N LYS Z 127 -86.91 -31.99 47.77
CA LYS Z 127 -87.50 -33.31 47.67
C LYS Z 127 -86.49 -34.43 47.52
N ALA Z 128 -85.21 -34.10 47.37
CA ALA Z 128 -84.20 -35.12 47.09
C ALA Z 128 -84.17 -36.18 48.18
N PHE Z 129 -84.22 -37.45 47.75
CA PHE Z 129 -84.14 -38.63 48.60
C PHE Z 129 -85.32 -38.75 49.56
N THR Z 130 -86.40 -38.01 49.34
CA THR Z 130 -87.52 -38.06 50.28
C THR Z 130 -88.31 -39.35 50.12
N LYS Z 131 -88.49 -39.83 48.90
CA LYS Z 131 -89.07 -41.15 48.70
C LYS Z 131 -88.07 -42.26 49.00
N TYR Z 132 -86.79 -42.03 48.70
CA TYR Z 132 -85.78 -43.07 48.92
C TYR Z 132 -85.68 -43.46 50.39
N CYS Z 133 -85.65 -42.47 51.28
CA CYS Z 133 -85.44 -42.75 52.69
C CYS Z 133 -86.58 -43.54 53.30
N LYS Z 134 -87.76 -43.55 52.67
CA LYS Z 134 -88.90 -44.28 53.21
C LYS Z 134 -88.69 -45.79 53.09
N LYS Z 135 -87.75 -46.21 52.25
CA LYS Z 135 -87.46 -47.63 52.13
C LYS Z 135 -86.57 -48.14 53.26
N TRP Z 136 -86.04 -47.24 54.08
CA TRP Z 136 -85.26 -47.69 55.24
C TRP Z 136 -86.15 -48.14 56.38
N GLN Z 137 -87.44 -47.84 56.32
CA GLN Z 137 -88.36 -48.18 57.40
C GLN Z 137 -89.39 -49.24 57.03
N ASP Z 138 -89.90 -49.24 55.80
CA ASP Z 138 -90.95 -50.21 55.48
C ASP Z 138 -90.34 -51.57 55.17
N GLU Z 139 -91.17 -52.60 55.35
CA GLU Z 139 -90.67 -53.98 55.35
C GLU Z 139 -90.10 -54.37 54.00
N ASP Z 140 -90.82 -54.07 52.92
CA ASP Z 140 -90.34 -54.48 51.60
C ASP Z 140 -89.10 -53.70 51.19
N GLY Z 141 -89.04 -52.41 51.52
CA GLY Z 141 -87.85 -51.64 51.21
C GLY Z 141 -86.65 -52.09 52.00
N LYS Z 142 -86.84 -52.42 53.28
CA LYS Z 142 -85.73 -52.91 54.09
C LYS Z 142 -85.23 -54.25 53.57
N LYS Z 143 -86.13 -55.08 53.05
CA LYS Z 143 -85.70 -56.31 52.38
C LYS Z 143 -84.86 -56.00 51.15
N GLN Z 144 -85.29 -55.02 50.35
CA GLN Z 144 -84.55 -54.68 49.15
C GLN Z 144 -83.19 -54.08 49.47
N LEU Z 145 -83.07 -53.42 50.62
CA LEU Z 145 -81.78 -52.89 51.05
C LEU Z 145 -80.82 -54.01 51.39
N GLU Z 146 -81.32 -55.09 51.99
CA GLU Z 146 -80.47 -56.22 52.36
C GLU Z 146 -79.96 -56.95 51.13
N LYS Z 147 -80.81 -57.10 50.10
CA LYS Z 147 -80.35 -57.72 48.86
C LYS Z 147 -79.33 -56.84 48.15
N ASP Z 148 -79.49 -55.52 48.25
CA ASP Z 148 -78.48 -54.62 47.68
C ASP Z 148 -77.14 -54.80 48.37
N PHE Z 149 -77.15 -54.94 49.70
CA PHE Z 149 -75.90 -55.12 50.44
C PHE Z 149 -75.30 -56.50 50.19
N SER Z 150 -76.15 -57.53 50.10
CA SER Z 150 -75.64 -58.88 49.91
C SER Z 150 -75.18 -59.10 48.47
N SER Z 151 -75.78 -58.38 47.52
CA SER Z 151 -75.32 -58.48 46.14
C SER Z 151 -74.01 -57.73 45.94
N MET Z 152 -73.82 -56.62 46.66
CA MET Z 152 -72.51 -55.99 46.69
C MET Z 152 -71.47 -56.93 47.27
N LYS Z 153 -71.82 -57.63 48.35
CA LYS Z 153 -70.92 -58.57 48.99
C LYS Z 153 -70.50 -59.68 48.04
N LYS Z 154 -71.41 -60.11 47.17
CA LYS Z 154 -71.17 -61.27 46.34
C LYS Z 154 -70.44 -60.92 45.04
N TYR Z 155 -70.54 -59.68 44.59
CA TYR Z 155 -70.09 -59.33 43.24
C TYR Z 155 -69.07 -58.21 43.19
N CYS Z 156 -69.00 -57.34 44.18
CA CYS Z 156 -68.12 -56.19 44.07
C CYS Z 156 -66.72 -56.52 44.56
N GLN Z 157 -65.74 -55.88 43.93
CA GLN Z 157 -64.34 -56.00 44.32
C GLN Z 157 -63.84 -54.78 45.07
N VAL Z 158 -64.35 -53.60 44.73
CA VAL Z 158 -63.98 -52.36 45.38
C VAL Z 158 -65.25 -51.69 45.89
N ILE Z 159 -65.24 -51.26 47.14
CA ILE Z 159 -66.34 -50.50 47.71
C ILE Z 159 -65.79 -49.17 48.18
N ARG Z 160 -66.61 -48.13 48.00
CA ARG Z 160 -66.27 -46.79 48.46
C ARG Z 160 -67.44 -46.24 49.24
N VAL Z 161 -67.16 -45.39 50.21
CA VAL Z 161 -68.19 -44.68 50.96
C VAL Z 161 -68.39 -43.33 50.31
N ILE Z 162 -69.62 -42.83 50.34
CA ILE Z 162 -69.91 -41.45 49.96
C ILE Z 162 -69.95 -40.62 51.23
N ALA Z 163 -69.09 -39.62 51.31
CA ALA Z 163 -69.01 -38.76 52.47
C ALA Z 163 -69.08 -37.31 52.02
N HIS Z 164 -69.55 -36.45 52.91
CA HIS Z 164 -69.64 -35.03 52.63
C HIS Z 164 -69.00 -34.24 53.77
N THR Z 165 -68.58 -33.02 53.44
CA THR Z 165 -68.01 -32.11 54.42
C THR Z 165 -69.12 -31.41 55.18
N GLN Z 166 -68.79 -30.93 56.37
CA GLN Z 166 -69.74 -30.16 57.17
C GLN Z 166 -69.42 -28.68 56.99
N MET Z 167 -70.00 -28.08 55.97
CA MET Z 167 -69.74 -26.68 55.65
C MET Z 167 -70.28 -25.72 56.70
N ARG Z 168 -71.24 -26.14 57.53
CA ARG Z 168 -71.78 -25.27 58.56
C ARG Z 168 -70.79 -24.96 59.67
N LEU Z 169 -69.71 -25.73 59.79
CA LEU Z 169 -68.67 -25.47 60.78
C LEU Z 169 -67.52 -24.65 60.21
N LEU Z 170 -67.62 -24.22 58.97
CA LEU Z 170 -66.59 -23.46 58.29
C LEU Z 170 -66.99 -22.00 58.22
N PRO Z 171 -66.02 -21.08 58.12
CA PRO Z 171 -66.36 -19.66 58.07
C PRO Z 171 -66.72 -19.16 56.68
N LEU Z 172 -66.98 -20.07 55.75
CA LEU Z 172 -67.16 -19.70 54.36
C LEU Z 172 -68.62 -19.32 54.06
N ARG Z 173 -68.79 -18.60 52.95
CA ARG Z 173 -70.12 -18.24 52.49
C ARG Z 173 -70.89 -19.46 52.00
N GLN Z 174 -70.18 -20.44 51.45
CA GLN Z 174 -70.82 -21.65 50.92
C GLN Z 174 -71.44 -22.48 52.03
N LYS Z 175 -72.67 -22.93 51.79
CA LYS Z 175 -73.35 -23.89 52.64
C LYS Z 175 -73.49 -25.26 51.98
N LYS Z 176 -73.20 -25.34 50.68
CA LYS Z 176 -73.34 -26.58 49.94
C LYS Z 176 -72.16 -27.49 50.21
N ALA Z 177 -72.43 -28.65 50.79
CA ALA Z 177 -71.37 -29.58 51.18
C ALA Z 177 -70.66 -30.13 49.95
N HIS Z 178 -69.43 -30.58 50.15
CA HIS Z 178 -68.66 -31.25 49.13
C HIS Z 178 -68.79 -32.75 49.34
N LEU Z 179 -69.27 -33.44 48.32
CA LEU Z 179 -69.51 -34.88 48.34
C LEU Z 179 -68.44 -35.60 47.55
N MET Z 180 -67.89 -36.66 48.14
CA MET Z 180 -66.88 -37.44 47.42
C MET Z 180 -66.98 -38.90 47.84
N GLU Z 181 -66.56 -39.78 46.94
CA GLU Z 181 -66.36 -41.18 47.27
C GLU Z 181 -64.95 -41.36 47.81
N ILE Z 182 -64.85 -42.08 48.92
CA ILE Z 182 -63.57 -42.46 49.50
C ILE Z 182 -63.50 -43.98 49.48
N GLN Z 183 -62.51 -44.51 48.76
CA GLN Z 183 -62.35 -45.95 48.69
C GLN Z 183 -62.04 -46.53 50.06
N VAL Z 184 -62.55 -47.73 50.31
CA VAL Z 184 -62.35 -48.44 51.56
C VAL Z 184 -61.39 -49.59 51.29
N ASN Z 185 -60.20 -49.52 51.87
CA ASN Z 185 -59.14 -50.49 51.65
C ASN Z 185 -58.94 -51.35 52.90
N GLY Z 186 -58.22 -52.46 52.71
CA GLY Z 186 -57.79 -53.30 53.81
C GLY Z 186 -58.76 -54.32 54.37
N GLY Z 187 -59.10 -55.33 53.58
CA GLY Z 187 -59.87 -56.44 54.11
C GLY Z 187 -60.69 -57.07 53.02
N THR Z 188 -61.48 -58.06 53.42
CA THR Z 188 -62.41 -58.67 52.48
C THR Z 188 -63.55 -57.70 52.17
N VAL Z 189 -64.23 -57.97 51.05
CA VAL Z 189 -65.33 -57.11 50.62
C VAL Z 189 -66.43 -57.12 51.67
N ALA Z 190 -66.71 -58.29 52.26
CA ALA Z 190 -67.70 -58.36 53.33
C ALA Z 190 -67.28 -57.53 54.53
N GLU Z 191 -65.99 -57.55 54.86
CA GLU Z 191 -65.52 -56.84 56.05
C GLU Z 191 -65.58 -55.33 55.85
N LYS Z 192 -65.23 -54.84 54.67
CA LYS Z 192 -65.31 -53.40 54.42
C LYS Z 192 -66.75 -52.95 54.22
N LEU Z 193 -67.63 -53.87 53.83
CA LEU Z 193 -69.05 -53.53 53.70
C LEU Z 193 -69.70 -53.42 55.08
N ASP Z 194 -69.36 -54.32 56.00
CA ASP Z 194 -69.85 -54.20 57.37
C ASP Z 194 -69.25 -52.98 58.06
N TRP Z 195 -67.98 -52.69 57.79
CA TRP Z 195 -67.35 -51.51 58.37
C TRP Z 195 -68.04 -50.24 57.91
N ALA Z 196 -68.36 -50.13 56.61
CA ALA Z 196 -69.00 -48.95 56.07
C ALA Z 196 -70.47 -48.85 56.48
N ARG Z 197 -71.14 -50.00 56.68
CA ARG Z 197 -72.56 -49.97 57.02
C ARG Z 197 -72.79 -49.33 58.38
N GLU Z 198 -71.94 -49.65 59.35
CA GLU Z 198 -72.08 -49.06 60.68
C GLU Z 198 -71.55 -47.65 60.76
N ARG Z 199 -70.89 -47.16 59.71
CA ARG Z 199 -70.48 -45.77 59.65
C ARG Z 199 -71.44 -44.91 58.86
N LEU Z 200 -72.54 -45.48 58.36
CA LEU Z 200 -73.57 -44.69 57.73
C LEU Z 200 -74.15 -43.71 58.74
N GLU Z 201 -74.26 -42.44 58.34
CA GLU Z 201 -74.76 -41.33 59.15
C GLU Z 201 -73.76 -40.89 60.22
N GLN Z 202 -72.56 -41.46 60.26
CA GLN Z 202 -71.62 -41.21 61.34
C GLN Z 202 -70.53 -40.26 60.87
N GLN Z 203 -69.81 -39.68 61.83
CA GLN Z 203 -68.75 -38.73 61.57
C GLN Z 203 -67.39 -39.42 61.60
N VAL Z 204 -66.60 -39.18 60.56
CA VAL Z 204 -65.22 -39.65 60.51
C VAL Z 204 -64.29 -38.47 60.66
N PRO Z 205 -63.55 -38.37 61.77
CA PRO Z 205 -62.56 -37.30 61.90
C PRO Z 205 -61.31 -37.59 61.08
N VAL Z 206 -60.57 -36.53 60.77
CA VAL Z 206 -59.37 -36.64 59.95
C VAL Z 206 -58.30 -37.50 60.63
N ASN Z 207 -58.28 -37.52 61.97
CA ASN Z 207 -57.26 -38.30 62.66
C ASN Z 207 -57.54 -39.79 62.65
N GLN Z 208 -58.72 -40.20 62.18
CA GLN Z 208 -58.95 -41.62 61.91
C GLN Z 208 -58.53 -42.01 60.51
N VAL Z 209 -58.14 -41.05 59.68
CA VAL Z 209 -57.73 -41.32 58.31
C VAL Z 209 -56.24 -41.11 58.12
N PHE Z 210 -55.68 -40.07 58.74
CA PHE Z 210 -54.27 -39.74 58.61
C PHE Z 210 -53.60 -39.68 59.98
N GLY Z 211 -52.28 -39.74 59.98
CA GLY Z 211 -51.52 -39.74 61.21
C GLY Z 211 -50.41 -38.72 61.18
N GLN Z 212 -49.84 -38.49 62.37
CA GLN Z 212 -48.72 -37.58 62.53
C GLN Z 212 -47.53 -37.98 61.65
N ASP Z 213 -46.94 -36.97 61.01
CA ASP Z 213 -45.76 -37.08 60.16
C ASP Z 213 -45.86 -38.23 59.15
N GLU Z 214 -47.01 -38.27 58.48
CA GLU Z 214 -47.26 -39.22 57.40
C GLU Z 214 -47.17 -38.46 56.07
N MET Z 215 -46.60 -39.11 55.06
CA MET Z 215 -46.53 -38.51 53.73
C MET Z 215 -47.84 -38.73 53.00
N ILE Z 216 -48.49 -37.65 52.58
CA ILE Z 216 -49.76 -37.73 51.90
C ILE Z 216 -49.68 -36.94 50.60
N ASP Z 217 -50.65 -37.19 49.73
CA ASP Z 217 -50.80 -36.46 48.49
C ASP Z 217 -51.94 -35.46 48.62
N VAL Z 218 -51.81 -34.34 47.92
CA VAL Z 218 -52.80 -33.29 47.91
C VAL Z 218 -53.28 -33.10 46.48
N ILE Z 219 -54.59 -33.16 46.29
CA ILE Z 219 -55.21 -33.00 44.99
C ILE Z 219 -56.12 -31.79 45.04
N GLY Z 220 -55.97 -30.89 44.07
CA GLY Z 220 -56.82 -29.73 44.01
C GLY Z 220 -56.66 -29.02 42.69
N VAL Z 221 -57.32 -27.88 42.57
CA VAL Z 221 -57.27 -27.05 41.38
C VAL Z 221 -56.44 -25.81 41.71
N THR Z 222 -55.51 -25.46 40.83
CA THR Z 222 -54.62 -24.34 41.08
C THR Z 222 -55.36 -23.02 40.96
N LYS Z 223 -54.71 -21.96 41.43
CA LYS Z 223 -55.29 -20.63 41.36
C LYS Z 223 -55.43 -20.18 39.91
N GLY Z 224 -56.62 -19.67 39.57
CA GLY Z 224 -56.85 -19.20 38.23
C GLY Z 224 -56.13 -17.89 37.96
N LYS Z 225 -55.57 -17.78 36.76
CA LYS Z 225 -54.91 -16.57 36.31
C LYS Z 225 -55.59 -15.96 35.10
N GLY Z 226 -56.59 -16.62 34.54
CA GLY Z 226 -57.26 -16.14 33.35
C GLY Z 226 -56.42 -16.30 32.10
N TYR Z 227 -56.78 -15.52 31.10
CA TYR Z 227 -56.09 -15.53 29.82
C TYR Z 227 -54.67 -14.98 29.98
N LYS Z 228 -53.69 -15.74 29.53
CA LYS Z 228 -52.30 -15.36 29.72
C LYS Z 228 -51.52 -15.55 28.44
N GLY Z 229 -50.55 -14.67 28.24
CA GLY Z 229 -49.69 -14.72 27.08
C GLY Z 229 -48.63 -15.80 27.20
N VAL Z 230 -47.87 -15.94 26.12
CA VAL Z 230 -46.92 -17.03 26.01
C VAL Z 230 -45.78 -16.87 27.02
N THR Z 231 -45.45 -15.62 27.38
CA THR Z 231 -44.33 -15.36 28.29
C THR Z 231 -44.66 -15.77 29.72
N SER Z 232 -45.89 -15.53 30.15
CA SER Z 232 -46.31 -15.93 31.49
C SER Z 232 -46.75 -17.38 31.56
N ARG Z 233 -47.46 -17.88 30.56
CA ARG Z 233 -48.02 -19.22 30.53
C ARG Z 233 -46.98 -20.30 30.29
N TRP Z 234 -45.97 -20.02 29.48
CA TRP Z 234 -44.99 -21.01 29.08
C TRP Z 234 -43.55 -20.62 29.40
N HIS Z 235 -43.35 -19.40 29.93
CA HIS Z 235 -42.04 -18.93 30.34
C HIS Z 235 -41.01 -19.00 29.21
N THR Z 236 -41.44 -18.61 28.02
CA THR Z 236 -40.52 -18.46 26.91
C THR Z 236 -39.73 -17.16 27.06
N LYS Z 237 -38.62 -17.08 26.33
CA LYS Z 237 -37.74 -15.92 26.44
C LYS Z 237 -38.43 -14.68 25.86
N LYS Z 238 -38.33 -13.57 26.58
CA LYS Z 238 -38.83 -12.30 26.06
C LYS Z 238 -37.97 -11.84 24.88
N LEU Z 239 -38.64 -11.34 23.85
CA LEU Z 239 -37.96 -10.87 22.67
C LEU Z 239 -37.35 -9.49 22.92
N PRO Z 240 -36.37 -9.09 22.10
CA PRO Z 240 -35.66 -7.82 22.36
C PRO Z 240 -36.55 -6.59 22.32
N ARG Z 241 -36.03 -5.52 22.91
CA ARG Z 241 -36.77 -4.27 23.10
C ARG Z 241 -37.28 -3.71 21.77
N LYS Z 242 -36.50 -3.83 20.69
CA LYS Z 242 -36.89 -3.22 19.42
C LYS Z 242 -37.61 -4.22 18.51
N THR Z 243 -38.56 -4.95 19.08
CA THR Z 243 -39.34 -5.90 18.29
C THR Z 243 -40.62 -5.22 17.84
N HIS Z 244 -40.86 -5.24 16.52
CA HIS Z 244 -41.87 -4.34 15.95
C HIS Z 244 -43.27 -4.61 16.48
N ARG Z 245 -43.75 -5.85 16.42
CA ARG Z 245 -45.14 -6.14 16.74
C ARG Z 245 -45.30 -6.77 18.11
N GLY Z 246 -44.42 -6.46 19.04
CA GLY Z 246 -44.56 -6.98 20.38
C GLY Z 246 -43.57 -8.08 20.69
N LEU Z 247 -43.10 -8.08 21.94
CA LEU Z 247 -42.01 -8.96 22.34
C LEU Z 247 -42.43 -10.05 23.32
N ARG Z 248 -43.67 -10.04 23.82
CA ARG Z 248 -44.12 -11.09 24.73
C ARG Z 248 -44.72 -12.26 23.96
N LYS Z 249 -43.96 -12.78 22.99
CA LYS Z 249 -44.46 -13.79 22.06
C LYS Z 249 -43.35 -14.79 21.76
N VAL Z 250 -43.72 -15.81 21.00
CA VAL Z 250 -42.76 -16.74 20.44
C VAL Z 250 -42.53 -16.37 18.98
N ALA Z 251 -41.26 -16.15 18.61
CA ALA Z 251 -40.95 -15.61 17.30
C ALA Z 251 -41.36 -16.57 16.18
N CYS Z 252 -40.91 -17.82 16.25
CA CYS Z 252 -41.21 -18.81 15.23
C CYS Z 252 -42.08 -19.92 15.81
N ILE Z 253 -43.32 -20.01 15.33
CA ILE Z 253 -44.16 -21.14 15.70
C ILE Z 253 -44.06 -22.23 14.62
N GLY Z 254 -42.98 -22.99 14.62
CA GLY Z 254 -42.85 -24.06 13.66
C GLY Z 254 -42.17 -23.73 12.34
N ALA Z 255 -41.58 -24.75 11.74
CA ALA Z 255 -40.94 -24.62 10.44
C ALA Z 255 -42.00 -24.55 9.33
N TRP Z 256 -41.53 -24.28 8.11
CA TRP Z 256 -42.42 -24.27 6.96
C TRP Z 256 -43.08 -25.62 6.77
N HIS Z 257 -42.33 -26.72 6.90
CA HIS Z 257 -42.93 -27.91 6.32
C HIS Z 257 -43.02 -29.17 7.15
N PRO Z 258 -43.58 -29.11 8.37
CA PRO Z 258 -44.76 -29.93 8.67
C PRO Z 258 -46.06 -29.17 8.42
N ALA Z 259 -45.95 -27.93 7.91
CA ALA Z 259 -46.98 -27.09 7.32
C ALA Z 259 -48.21 -26.86 8.19
N ARG Z 260 -48.13 -27.17 9.47
CA ARG Z 260 -49.17 -26.85 10.44
C ARG Z 260 -48.46 -26.27 11.65
N VAL Z 261 -49.23 -25.74 12.59
CA VAL Z 261 -48.71 -25.45 13.91
C VAL Z 261 -48.83 -26.73 14.72
N ALA Z 262 -47.73 -27.11 15.38
CA ALA Z 262 -47.74 -28.31 16.19
C ALA Z 262 -48.33 -28.04 17.57
N PHE Z 263 -48.86 -29.10 18.18
CA PHE Z 263 -49.39 -29.05 19.52
C PHE Z 263 -48.32 -28.78 20.58
N SER Z 264 -47.04 -28.93 20.23
CA SER Z 264 -45.93 -28.75 21.16
C SER Z 264 -45.40 -27.33 21.19
N VAL Z 265 -46.05 -26.41 20.50
CA VAL Z 265 -45.60 -25.02 20.43
C VAL Z 265 -46.37 -24.19 21.45
N ALA Z 266 -45.67 -23.31 22.14
CA ALA Z 266 -46.28 -22.48 23.17
C ALA Z 266 -47.23 -21.46 22.55
N ARG Z 267 -48.42 -21.34 23.11
CA ARG Z 267 -49.44 -20.43 22.63
C ARG Z 267 -50.12 -19.76 23.82
N ALA Z 268 -50.71 -18.62 23.56
CA ALA Z 268 -51.44 -17.89 24.59
C ALA Z 268 -52.76 -18.60 24.90
N GLY Z 269 -53.20 -18.49 26.15
CA GLY Z 269 -54.46 -19.09 26.54
C GLY Z 269 -54.60 -19.12 28.05
N GLN Z 270 -55.53 -19.97 28.51
CA GLN Z 270 -55.80 -20.10 29.93
C GLN Z 270 -54.57 -20.52 30.71
N LYS Z 271 -54.37 -19.90 31.88
CA LYS Z 271 -53.31 -20.26 32.80
C LYS Z 271 -53.91 -20.36 34.20
N GLY Z 272 -53.52 -21.42 34.90
CA GLY Z 272 -54.09 -21.68 36.21
C GLY Z 272 -55.46 -22.32 36.12
N TYR Z 273 -56.05 -22.54 37.30
CA TYR Z 273 -57.26 -23.32 37.44
C TYR Z 273 -57.11 -24.69 36.78
N HIS Z 274 -55.97 -25.32 37.03
CA HIS Z 274 -55.68 -26.65 36.53
C HIS Z 274 -55.76 -27.65 37.68
N HIS Z 275 -56.23 -28.84 37.34
CA HIS Z 275 -56.23 -29.96 38.27
C HIS Z 275 -54.80 -30.50 38.39
N ARG Z 276 -54.29 -30.56 39.62
CA ARG Z 276 -52.95 -31.07 39.88
C ARG Z 276 -52.98 -32.02 41.06
N THR Z 277 -52.14 -33.06 40.98
CA THR Z 277 -51.88 -33.97 42.07
C THR Z 277 -50.42 -33.81 42.50
N GLU Z 278 -50.20 -33.48 43.77
CA GLU Z 278 -48.87 -33.30 44.33
C GLU Z 278 -48.66 -34.32 45.43
N ILE Z 279 -47.53 -35.02 45.38
CA ILE Z 279 -47.26 -36.12 46.27
C ILE Z 279 -46.23 -35.72 47.31
N ASN Z 280 -46.16 -36.49 48.39
CA ASN Z 280 -45.11 -36.41 49.41
C ASN Z 280 -45.18 -35.09 50.17
N LYS Z 281 -46.36 -34.80 50.68
CA LYS Z 281 -46.58 -33.68 51.59
C LYS Z 281 -46.62 -34.27 53.00
N LYS Z 282 -45.65 -33.91 53.82
CA LYS Z 282 -45.58 -34.45 55.16
C LYS Z 282 -46.53 -33.71 56.10
N ILE Z 283 -47.25 -34.46 56.91
CA ILE Z 283 -48.15 -33.90 57.90
C ILE Z 283 -47.31 -33.48 59.11
N TYR Z 284 -47.28 -32.19 59.39
CA TYR Z 284 -46.47 -31.74 60.52
C TYR Z 284 -47.21 -31.83 61.85
N LYS Z 285 -48.54 -31.68 61.83
CA LYS Z 285 -49.35 -31.91 63.01
C LYS Z 285 -50.81 -32.06 62.58
N ILE Z 286 -51.57 -32.75 63.42
CA ILE Z 286 -53.02 -32.85 63.29
C ILE Z 286 -53.61 -32.04 64.44
N GLY Z 287 -54.16 -30.88 64.12
CA GLY Z 287 -54.74 -30.04 65.15
C GLY Z 287 -56.05 -30.58 65.68
N GLN Z 288 -56.43 -30.11 66.86
CA GLN Z 288 -57.51 -30.74 67.60
C GLN Z 288 -58.83 -29.97 67.53
N GLY Z 289 -58.82 -28.71 67.13
CA GLY Z 289 -60.06 -27.97 67.03
C GLY Z 289 -60.64 -27.61 68.40
N TYR Z 290 -61.47 -26.57 68.40
CA TYR Z 290 -61.96 -25.98 69.64
C TYR Z 290 -62.88 -26.95 70.36
N LEU Z 291 -62.59 -27.23 71.62
CA LEU Z 291 -63.39 -28.11 72.45
C LEU Z 291 -64.03 -27.32 73.59
N ILE Z 292 -65.18 -27.79 74.07
CA ILE Z 292 -65.84 -27.18 75.22
C ILE Z 292 -66.05 -28.25 76.29
N LYS Z 293 -65.56 -27.97 77.49
CA LYS Z 293 -65.95 -28.68 78.70
C LYS Z 293 -66.16 -27.76 79.88
N ASP Z 294 -65.57 -26.56 79.83
CA ASP Z 294 -65.59 -25.49 80.81
C ASP Z 294 -65.45 -24.25 79.93
N GLY Z 295 -64.91 -23.15 80.46
CA GLY Z 295 -64.39 -22.13 79.57
C GLY Z 295 -63.65 -22.76 78.41
N LYS Z 296 -63.87 -22.24 77.20
CA LYS Z 296 -63.35 -22.88 75.99
C LYS Z 296 -61.82 -22.90 75.99
N LEU Z 297 -61.26 -24.03 75.59
CA LEU Z 297 -59.83 -24.28 75.70
C LEU Z 297 -59.22 -24.51 74.32
N ILE Z 298 -58.13 -23.79 74.04
CA ILE Z 298 -57.42 -23.90 72.77
C ILE Z 298 -55.95 -24.28 72.98
N LYS Z 299 -55.61 -24.84 74.14
CA LYS Z 299 -54.28 -25.44 74.29
C LYS Z 299 -54.09 -26.61 73.35
N ASN Z 300 -55.19 -27.21 72.88
CA ASN Z 300 -55.13 -28.28 71.88
C ASN Z 300 -54.51 -27.79 70.58
N ASN Z 301 -54.63 -26.49 70.29
CA ASN Z 301 -54.10 -25.84 69.11
C ASN Z 301 -52.65 -25.43 69.33
N ALA Z 302 -52.18 -24.43 68.59
CA ALA Z 302 -50.76 -24.29 68.28
C ALA Z 302 -49.88 -23.95 69.48
N SER Z 303 -49.77 -24.87 70.43
CA SER Z 303 -48.72 -24.89 71.44
C SER Z 303 -47.93 -26.17 71.22
N THR Z 304 -46.64 -26.16 71.55
CA THR Z 304 -45.70 -27.10 70.93
C THR Z 304 -44.84 -27.84 71.94
N ASP Z 305 -45.29 -27.94 73.20
CA ASP Z 305 -44.55 -28.62 74.27
C ASP Z 305 -43.28 -27.86 74.65
N TYR Z 306 -42.96 -26.80 73.90
CA TYR Z 306 -41.95 -25.84 74.31
C TYR Z 306 -42.49 -24.43 74.43
N ASP Z 307 -43.66 -24.15 73.86
CA ASP Z 307 -44.32 -22.86 74.03
C ASP Z 307 -45.10 -22.81 75.34
N LEU Z 308 -45.98 -23.79 75.54
CA LEU Z 308 -46.90 -23.81 76.69
C LEU Z 308 -47.73 -22.53 76.74
N SER Z 309 -48.04 -22.00 75.56
CA SER Z 309 -48.85 -20.79 75.42
C SER Z 309 -50.28 -21.18 75.06
N ASP Z 310 -51.20 -20.26 75.36
CA ASP Z 310 -52.63 -20.52 75.24
C ASP Z 310 -53.19 -20.00 73.92
N LYS Z 311 -52.43 -20.14 72.84
CA LYS Z 311 -52.81 -19.58 71.56
C LYS Z 311 -53.30 -20.66 70.60
N SER Z 312 -54.19 -20.25 69.70
CA SER Z 312 -54.72 -21.09 68.65
C SER Z 312 -53.81 -21.03 67.43
N ILE Z 313 -54.11 -21.87 66.44
CA ILE Z 313 -53.41 -21.80 65.16
C ILE Z 313 -53.74 -20.51 64.41
N ASN Z 314 -54.80 -19.81 64.79
CA ASN Z 314 -55.23 -18.65 64.05
C ASN Z 314 -54.26 -17.49 64.23
N PRO Z 315 -53.80 -16.85 63.15
CA PRO Z 315 -52.94 -15.68 63.30
C PRO Z 315 -53.70 -14.53 63.92
N LEU Z 316 -52.94 -13.61 64.50
CA LEU Z 316 -53.51 -12.39 65.07
C LEU Z 316 -54.24 -11.62 63.96
N GLY Z 317 -55.52 -11.34 64.16
CA GLY Z 317 -56.33 -10.73 63.13
C GLY Z 317 -57.02 -11.69 62.19
N GLY Z 318 -56.80 -12.99 62.36
CA GLY Z 318 -57.44 -14.00 61.55
C GLY Z 318 -56.63 -14.37 60.32
N PHE Z 319 -56.93 -15.55 59.78
CA PHE Z 319 -56.37 -15.94 58.49
C PHE Z 319 -56.93 -15.04 57.40
N VAL Z 320 -56.03 -14.38 56.68
CA VAL Z 320 -56.44 -13.39 55.69
C VAL Z 320 -57.21 -14.09 54.57
N HIS Z 321 -58.36 -13.53 54.23
CA HIS Z 321 -59.25 -14.00 53.17
C HIS Z 321 -59.83 -15.38 53.46
N TYR Z 322 -59.68 -15.90 54.67
CA TYR Z 322 -60.28 -17.19 54.98
C TYR Z 322 -61.27 -17.13 56.13
N GLY Z 323 -60.86 -16.62 57.29
CA GLY Z 323 -61.70 -16.69 58.47
C GLY Z 323 -60.93 -17.28 59.64
N GLU Z 324 -61.65 -17.77 60.64
CA GLU Z 324 -60.98 -18.39 61.77
C GLU Z 324 -61.28 -19.89 61.75
N VAL Z 325 -60.24 -20.70 61.83
CA VAL Z 325 -60.42 -22.15 61.87
C VAL Z 325 -60.66 -22.57 63.31
N THR Z 326 -61.75 -23.32 63.52
CA THR Z 326 -62.20 -23.66 64.85
C THR Z 326 -62.37 -25.16 65.05
N ASN Z 327 -62.11 -25.97 64.03
CA ASN Z 327 -62.18 -27.41 64.15
C ASN Z 327 -60.84 -27.99 63.73
N ASP Z 328 -60.78 -29.31 63.59
CA ASP Z 328 -59.52 -29.99 63.32
C ASP Z 328 -58.85 -29.45 62.07
N PHE Z 329 -57.53 -29.52 62.04
CA PHE Z 329 -56.77 -29.07 60.89
C PHE Z 329 -55.54 -29.95 60.73
N VAL Z 330 -55.04 -29.99 59.51
CA VAL Z 330 -53.82 -30.71 59.17
C VAL Z 330 -52.76 -29.68 58.86
N MET Z 331 -51.61 -29.80 59.51
CA MET Z 331 -50.44 -29.00 59.18
C MET Z 331 -49.62 -29.76 58.14
N LEU Z 332 -49.48 -29.17 56.96
CA LEU Z 332 -48.72 -29.76 55.87
C LEU Z 332 -47.48 -28.94 55.61
N LYS Z 333 -46.34 -29.62 55.48
CA LYS Z 333 -45.08 -28.95 55.20
C LYS Z 333 -45.12 -28.35 53.80
N GLY Z 334 -44.74 -27.08 53.69
CA GLY Z 334 -44.63 -26.43 52.41
C GLY Z 334 -45.93 -25.83 51.92
N CYS Z 335 -45.97 -25.62 50.62
CA CYS Z 335 -47.12 -24.98 50.01
C CYS Z 335 -47.99 -25.99 49.29
N VAL Z 336 -49.20 -25.58 48.97
CA VAL Z 336 -50.22 -26.48 48.48
C VAL Z 336 -51.00 -25.77 47.39
N VAL Z 337 -51.50 -26.53 46.42
CA VAL Z 337 -52.20 -25.99 45.27
C VAL Z 337 -53.47 -25.26 45.71
N GLY Z 338 -53.83 -24.19 45.00
CA GLY Z 338 -55.12 -23.56 45.16
C GLY Z 338 -55.17 -22.23 45.88
N THR Z 339 -56.31 -21.54 45.82
CA THR Z 339 -56.54 -20.30 46.54
C THR Z 339 -56.84 -20.61 48.01
N LYS Z 340 -56.98 -19.58 48.82
CA LYS Z 340 -57.55 -19.73 50.14
C LYS Z 340 -59.00 -20.19 50.04
N LYS Z 341 -59.42 -20.96 51.04
CA LYS Z 341 -60.70 -21.67 51.14
C LYS Z 341 -61.05 -22.50 49.91
N ARG Z 342 -60.04 -22.95 49.17
CA ARG Z 342 -60.21 -23.90 48.09
C ARG Z 342 -60.25 -25.30 48.69
N VAL Z 343 -61.24 -26.10 48.30
CA VAL Z 343 -61.37 -27.44 48.84
C VAL Z 343 -60.25 -28.31 48.30
N LEU Z 344 -59.60 -29.05 49.19
CA LEU Z 344 -58.48 -29.90 48.82
C LEU Z 344 -58.77 -31.35 49.18
N THR Z 345 -58.31 -32.25 48.32
CA THR Z 345 -58.46 -33.69 48.52
C THR Z 345 -57.12 -34.24 49.00
N LEU Z 346 -57.11 -34.71 50.24
CA LEU Z 346 -55.94 -35.39 50.78
C LEU Z 346 -56.15 -36.88 50.65
N ARG Z 347 -55.20 -37.57 50.02
CA ARG Z 347 -55.29 -39.01 49.88
C ARG Z 347 -54.00 -39.65 50.33
N LYS Z 348 -54.10 -40.91 50.74
CA LYS Z 348 -52.94 -41.65 51.21
C LYS Z 348 -51.96 -41.86 50.06
N SER Z 349 -50.69 -42.03 50.42
CA SER Z 349 -49.65 -42.23 49.43
C SER Z 349 -49.88 -43.52 48.66
N LEU Z 350 -49.64 -43.48 47.35
CA LEU Z 350 -49.60 -44.69 46.53
C LEU Z 350 -48.23 -45.36 46.58
N LEU Z 351 -47.25 -44.72 47.19
CA LEU Z 351 -45.89 -45.23 47.24
C LEU Z 351 -45.58 -45.76 48.64
N VAL Z 352 -44.68 -46.72 48.69
CA VAL Z 352 -44.11 -47.20 49.95
C VAL Z 352 -43.06 -46.20 50.39
N GLN Z 353 -43.29 -45.57 51.54
CA GLN Z 353 -42.41 -44.53 52.08
C GLN Z 353 -41.33 -45.21 52.92
N THR Z 354 -40.09 -45.23 52.41
CA THR Z 354 -38.98 -45.84 53.10
C THR Z 354 -37.77 -44.94 53.26
N LYS Z 355 -37.73 -43.79 52.58
CA LYS Z 355 -36.57 -42.92 52.67
C LYS Z 355 -36.47 -42.27 54.04
N ARG Z 356 -35.28 -41.73 54.34
CA ARG Z 356 -35.06 -41.11 55.64
C ARG Z 356 -35.88 -39.84 55.80
N ARG Z 357 -36.05 -39.07 54.72
CA ARG Z 357 -36.84 -37.84 54.80
C ARG Z 357 -38.29 -38.16 55.15
N ALA Z 358 -38.86 -39.19 54.55
CA ALA Z 358 -40.11 -39.74 55.03
C ALA Z 358 -39.87 -40.50 56.34
N LEU Z 359 -40.96 -40.84 57.02
CA LEU Z 359 -40.94 -41.53 58.31
C LEU Z 359 -39.95 -40.91 59.29
N GLU Z 360 -39.65 -39.63 59.13
CA GLU Z 360 -38.89 -38.86 60.09
C GLU Z 360 -39.87 -38.28 61.10
N LYS Z 361 -39.66 -38.57 62.38
CA LYS Z 361 -40.53 -38.03 63.40
C LYS Z 361 -40.31 -36.52 63.51
N ILE Z 362 -41.41 -35.77 63.54
CA ILE Z 362 -41.30 -34.32 63.53
C ILE Z 362 -41.96 -33.75 64.78
N ASP Z 363 -41.18 -32.95 65.49
CA ASP Z 363 -41.54 -32.45 66.81
C ASP Z 363 -41.42 -30.93 66.76
N LEU Z 364 -42.56 -30.24 66.72
CA LEU Z 364 -42.57 -28.79 66.58
C LEU Z 364 -42.11 -28.14 67.88
N LYS Z 365 -41.31 -27.09 67.74
CA LYS Z 365 -40.95 -26.26 68.88
C LYS Z 365 -41.73 -24.96 68.94
N PHE Z 366 -42.14 -24.42 67.79
CA PHE Z 366 -42.78 -23.12 67.77
C PHE Z 366 -43.64 -23.01 66.52
N ILE Z 367 -44.81 -22.42 66.67
CA ILE Z 367 -45.71 -22.14 65.55
C ILE Z 367 -45.95 -20.64 65.52
N ASP Z 368 -45.61 -20.01 64.40
CA ASP Z 368 -45.78 -18.57 64.28
C ASP Z 368 -47.26 -18.23 64.14
N THR Z 369 -47.73 -17.31 64.96
CA THR Z 369 -49.11 -16.82 64.88
C THR Z 369 -49.15 -15.29 64.84
N THR Z 370 -48.11 -14.66 64.32
CA THR Z 370 -48.20 -13.23 64.10
C THR Z 370 -49.19 -12.95 62.97
N SER Z 371 -49.63 -11.71 62.90
CA SER Z 371 -50.56 -11.31 61.86
C SER Z 371 -49.95 -11.47 60.48
N LYS Z 372 -50.75 -11.96 59.54
CA LYS Z 372 -50.36 -12.02 58.14
C LYS Z 372 -51.03 -10.92 57.31
N PHE Z 373 -51.82 -10.06 57.94
CA PHE Z 373 -52.43 -8.91 57.29
C PHE Z 373 -51.50 -7.70 57.29
N GLY Z 374 -50.22 -7.94 57.37
CA GLY Z 374 -49.21 -6.93 57.46
C GLY Z 374 -47.93 -7.56 57.96
N HIS Z 375 -47.03 -6.75 58.47
CA HIS Z 375 -45.86 -7.27 59.17
C HIS Z 375 -46.20 -7.44 60.64
N GLY Z 376 -46.81 -8.58 60.93
CA GLY Z 376 -47.16 -8.90 62.31
C GLY Z 376 -45.92 -8.99 63.19
N ARG Z 377 -46.01 -8.37 64.37
CA ARG Z 377 -44.90 -8.33 65.32
C ARG Z 377 -45.16 -9.09 66.59
N PHE Z 378 -46.40 -9.51 66.86
CA PHE Z 378 -46.77 -10.13 68.12
C PHE Z 378 -47.42 -11.48 67.87
N GLN Z 379 -47.06 -12.46 68.70
CA GLN Z 379 -47.62 -13.79 68.54
C GLN Z 379 -49.04 -13.85 69.05
N THR Z 380 -49.35 -13.10 70.10
CA THR Z 380 -50.66 -13.15 70.73
C THR Z 380 -51.15 -11.75 71.07
N MET Z 381 -52.46 -11.65 71.30
CA MET Z 381 -53.07 -10.41 71.75
C MET Z 381 -52.53 -9.99 73.11
N GLU Z 382 -52.40 -10.94 74.02
CA GLU Z 382 -51.92 -10.64 75.37
C GLU Z 382 -50.49 -10.16 75.36
N GLU Z 383 -49.65 -10.74 74.50
CA GLU Z 383 -48.27 -10.28 74.38
C GLU Z 383 -48.22 -8.85 73.84
N LYS Z 384 -49.03 -8.56 72.82
CA LYS Z 384 -49.12 -7.20 72.30
C LYS Z 384 -49.63 -6.24 73.36
N LYS Z 385 -50.64 -6.65 74.13
CA LYS Z 385 -51.17 -5.82 75.19
C LYS Z 385 -50.12 -5.54 76.25
N ALA Z 386 -49.31 -6.55 76.60
CA ALA Z 386 -48.28 -6.40 77.60
C ALA Z 386 -47.13 -5.53 77.13
N PHE Z 387 -46.86 -5.49 75.82
CA PHE Z 387 -45.75 -4.69 75.31
C PHE Z 387 -46.13 -3.22 75.19
N MET Z 388 -47.27 -2.94 74.55
CA MET Z 388 -47.69 -1.56 74.32
C MET Z 388 -48.14 -0.84 75.58
N GLY Z 389 -48.68 -1.57 76.55
CA GLY Z 389 -49.27 -0.96 77.71
C GLY Z 389 -50.64 -0.39 77.39
N PRO Z 390 -51.22 0.38 78.32
CA PRO Z 390 -52.52 0.97 78.05
C PRO Z 390 -52.46 2.03 76.95
N LEU Z 391 -53.50 2.05 76.11
CA LEU Z 391 -53.63 2.98 75.02
C LEU Z 391 -54.74 3.98 75.33
N LYS Z 392 -54.96 4.92 74.42
CA LYS Z 392 -55.97 5.95 74.64
C LYS Z 392 -57.38 5.35 74.56
N LYS Z 393 -57.57 4.33 73.72
CA LYS Z 393 -58.89 3.74 73.56
C LYS Z 393 -59.36 3.07 74.84
N ASP Z 394 -58.45 2.38 75.54
CA ASP Z 394 -58.85 1.72 76.79
C ASP Z 394 -58.63 2.61 78.00
N ARG Z 395 -57.81 3.66 77.87
CA ARG Z 395 -57.68 4.62 78.96
C ARG Z 395 -59.00 5.32 79.23
N ILE Z 396 -59.71 5.70 78.17
CA ILE Z 396 -61.02 6.32 78.33
C ILE Z 396 -62.08 5.27 78.62
N ALA Z 397 -61.82 4.01 78.23
CA ALA Z 397 -62.71 2.92 78.63
C ALA Z 397 -62.66 2.70 80.13
N LYS Z 398 -61.46 2.78 80.73
CA LYS Z 398 -61.34 2.70 82.18
C LYS Z 398 -62.06 3.85 82.85
N GLU Z 399 -61.98 5.05 82.26
CA GLU Z 399 -62.56 6.24 82.88
C GLU Z 399 -64.08 6.20 82.82
N GLU Z 400 -64.65 5.75 81.71
CA GLU Z 400 -66.10 5.75 81.58
C GLU Z 400 -66.75 4.65 82.41
N GLY Z 401 -66.03 3.56 82.66
CA GLY Z 401 -66.51 2.54 83.58
C GLY Z 401 -66.22 2.81 85.03
N ALA Z 402 -65.35 3.79 85.32
CA ALA Z 402 -64.93 4.12 86.68
C ALA Z 402 -64.33 2.91 87.39
N MET AA 1 -87.75 -19.65 -86.24
CA MET AA 1 -88.52 -20.88 -86.21
C MET AA 1 -89.62 -20.86 -85.13
N ALA AA 2 -90.48 -21.87 -85.17
CA ALA AA 2 -91.63 -21.99 -84.28
C ALA AA 2 -91.79 -23.45 -83.90
N CYS AA 3 -92.38 -23.73 -82.72
CA CYS AA 3 -93.04 -23.00 -81.62
C CYS AA 3 -94.25 -22.21 -82.07
N ALA AA 4 -95.29 -22.91 -82.50
CA ALA AA 4 -96.49 -22.28 -83.04
C ALA AA 4 -97.09 -21.29 -82.05
N ARG AA 5 -97.50 -20.14 -82.56
CA ARG AA 5 -97.97 -19.05 -81.73
C ARG AA 5 -99.47 -18.94 -81.84
N PRO AA 6 -100.23 -19.20 -80.77
CA PRO AA 6 -101.69 -19.15 -80.87
C PRO AA 6 -102.24 -17.75 -81.07
N LEU AA 7 -103.50 -17.69 -81.46
CA LEU AA 7 -104.19 -16.45 -81.78
C LEU AA 7 -104.99 -16.05 -80.55
N ILE AA 8 -104.51 -15.07 -79.80
CA ILE AA 8 -105.17 -14.71 -78.56
C ILE AA 8 -106.07 -13.51 -78.79
N SER AA 9 -107.22 -13.53 -78.13
CA SER AA 9 -108.29 -12.58 -78.41
C SER AA 9 -108.15 -11.33 -77.56
N VAL AA 10 -108.64 -10.22 -78.11
CA VAL AA 10 -108.63 -8.92 -77.44
C VAL AA 10 -110.00 -8.70 -76.83
N TYR AA 11 -110.04 -8.41 -75.54
CA TYR AA 11 -111.30 -8.27 -74.83
C TYR AA 11 -111.72 -6.81 -74.76
N SER AA 12 -113.01 -6.58 -74.88
CA SER AA 12 -113.56 -5.25 -74.73
C SER AA 12 -113.52 -4.83 -73.26
N GLU AA 13 -113.78 -3.55 -73.01
CA GLU AA 13 -113.83 -3.06 -71.64
C GLU AA 13 -115.00 -3.67 -70.88
N LYS AA 14 -115.99 -4.23 -71.57
CA LYS AA 14 -117.10 -4.91 -70.93
C LYS AA 14 -116.79 -6.37 -70.59
N GLY AA 15 -115.61 -6.86 -70.95
CA GLY AA 15 -115.16 -8.16 -70.48
C GLY AA 15 -115.30 -9.30 -71.46
N GLU AA 16 -115.97 -9.07 -72.58
CA GLU AA 16 -116.16 -10.14 -73.54
C GLU AA 16 -115.27 -9.92 -74.77
N SER AA 17 -115.09 -10.99 -75.54
CA SER AA 17 -114.24 -10.95 -76.71
C SER AA 17 -114.77 -9.94 -77.72
N SER AA 18 -113.86 -9.12 -78.24
CA SER AA 18 -114.19 -8.08 -79.21
C SER AA 18 -114.19 -8.60 -80.63
N GLY AA 19 -113.77 -9.84 -80.85
CA GLY AA 19 -113.61 -10.37 -82.19
C GLY AA 19 -112.27 -10.06 -82.82
N LYS AA 20 -111.44 -9.25 -82.17
CA LYS AA 20 -110.11 -8.92 -82.66
C LYS AA 20 -109.09 -9.87 -82.06
N ASN AA 21 -108.11 -10.26 -82.86
CA ASN AA 21 -107.11 -11.24 -82.46
C ASN AA 21 -105.71 -10.67 -82.68
N VAL AA 22 -104.82 -11.01 -81.77
CA VAL AA 22 -103.40 -10.75 -81.93
C VAL AA 22 -102.68 -12.09 -81.78
N THR AA 23 -101.85 -12.43 -82.76
CA THR AA 23 -101.03 -13.62 -82.63
C THR AA 23 -100.05 -13.42 -81.48
N LEU AA 24 -99.85 -14.50 -80.71
CA LEU AA 24 -99.03 -14.41 -79.51
C LEU AA 24 -97.64 -13.89 -79.85
N PRO AA 25 -97.17 -12.84 -79.21
CA PRO AA 25 -95.79 -12.40 -79.46
C PRO AA 25 -94.78 -13.47 -79.08
N ALA AA 26 -93.72 -13.56 -79.88
CA ALA AA 26 -92.74 -14.63 -79.72
C ALA AA 26 -92.04 -14.61 -78.38
N VAL AA 27 -92.00 -13.46 -77.69
CA VAL AA 27 -91.34 -13.38 -76.40
C VAL AA 27 -92.02 -14.26 -75.36
N PHE AA 28 -93.28 -14.62 -75.57
CA PHE AA 28 -93.95 -15.49 -74.63
C PHE AA 28 -93.56 -16.96 -74.80
N LYS AA 29 -92.76 -17.27 -75.82
CA LYS AA 29 -92.19 -18.60 -75.97
C LYS AA 29 -90.71 -18.64 -75.61
N ALA AA 30 -90.18 -17.56 -75.05
CA ALA AA 30 -88.78 -17.49 -74.68
C ALA AA 30 -88.47 -18.43 -73.51
N PRO AA 31 -87.21 -18.83 -73.36
CA PRO AA 31 -86.85 -19.68 -72.22
C PRO AA 31 -87.19 -19.02 -70.89
N ILE AA 32 -87.71 -19.80 -69.97
CA ILE AA 32 -88.02 -19.32 -68.63
C ILE AA 32 -86.89 -19.75 -67.71
N ARG AA 33 -86.16 -18.76 -67.19
CA ARG AA 33 -84.93 -19.00 -66.46
C ARG AA 33 -85.02 -18.29 -65.11
N PRO AA 34 -85.63 -18.94 -64.11
CA PRO AA 34 -85.69 -18.33 -62.78
C PRO AA 34 -84.33 -18.02 -62.17
N ASP AA 35 -83.31 -18.83 -62.46
CA ASP AA 35 -81.97 -18.50 -61.96
C ASP AA 35 -81.48 -17.17 -62.53
N ILE AA 36 -81.70 -16.94 -63.83
CA ILE AA 36 -81.33 -15.66 -64.43
C ILE AA 36 -82.19 -14.54 -63.85
N VAL AA 37 -83.50 -14.76 -63.75
CA VAL AA 37 -84.40 -13.73 -63.23
C VAL AA 37 -84.03 -13.38 -61.79
N ASN AA 38 -83.76 -14.40 -60.97
CA ASN AA 38 -83.39 -14.13 -59.58
C ASN AA 38 -82.05 -13.42 -59.50
N PHE AA 39 -81.11 -13.75 -60.38
CA PHE AA 39 -79.82 -13.07 -60.38
C PHE AA 39 -79.97 -11.61 -60.77
N VAL AA 40 -80.67 -11.34 -61.86
CA VAL AA 40 -80.84 -9.96 -62.32
C VAL AA 40 -81.60 -9.15 -61.28
N HIS AA 41 -82.66 -9.72 -60.72
CA HIS AA 41 -83.43 -9.03 -59.70
C HIS AA 41 -82.58 -8.75 -58.46
N THR AA 42 -81.78 -9.73 -58.04
CA THR AA 42 -80.92 -9.54 -56.88
C THR AA 42 -79.98 -8.37 -57.08
N ASN AA 43 -79.37 -8.27 -58.27
CA ASN AA 43 -78.34 -7.26 -58.48
C ASN AA 43 -78.93 -5.90 -58.84
N LEU AA 44 -80.02 -5.88 -59.61
CA LEU AA 44 -80.69 -4.63 -59.93
C LEU AA 44 -81.39 -4.00 -58.74
N ARG AA 45 -81.90 -4.81 -57.81
CA ARG AA 45 -82.56 -4.27 -56.62
C ARG AA 45 -81.58 -3.62 -55.66
N LYS AA 46 -80.29 -3.81 -55.83
CA LYS AA 46 -79.31 -3.10 -55.03
C LYS AA 46 -79.05 -1.68 -55.52
N ASN AA 47 -79.58 -1.29 -56.67
CA ASN AA 47 -79.18 -0.07 -57.35
C ASN AA 47 -79.98 1.15 -56.94
N ASN AA 48 -81.07 0.99 -56.20
CA ASN AA 48 -81.79 2.16 -55.69
C ASN AA 48 -81.47 2.44 -54.23
N ARG AA 49 -80.47 1.77 -53.67
CA ARG AA 49 -80.18 1.86 -52.26
C ARG AA 49 -79.53 3.20 -51.93
N GLN AA 50 -79.84 3.70 -50.76
CA GLN AA 50 -79.22 4.91 -50.25
C GLN AA 50 -78.09 4.54 -49.32
N PRO AA 51 -76.93 5.20 -49.40
CA PRO AA 51 -75.81 4.82 -48.53
C PRO AA 51 -76.10 5.13 -47.07
N TYR AA 52 -75.60 4.25 -46.21
CA TYR AA 52 -75.60 4.52 -44.78
C TYR AA 52 -74.20 4.28 -44.26
N ALA AA 53 -73.82 5.06 -43.24
CA ALA AA 53 -72.56 4.88 -42.56
C ALA AA 53 -72.67 5.54 -41.19
N VAL AA 54 -71.81 5.13 -40.28
CA VAL AA 54 -71.70 5.85 -39.03
C VAL AA 54 -70.82 7.06 -39.24
N SER AA 55 -70.89 7.98 -38.29
CA SER AA 55 -69.99 9.11 -38.27
C SER AA 55 -68.54 8.63 -38.23
N GLU AA 56 -67.70 9.27 -39.04
CA GLU AA 56 -66.28 8.98 -39.02
C GLU AA 56 -65.63 9.43 -37.71
N LEU AA 57 -66.27 10.31 -36.95
CA LEU AA 57 -65.76 10.78 -35.68
C LEU AA 57 -66.26 9.99 -34.48
N ALA AA 58 -67.31 9.18 -34.65
CA ALA AA 58 -67.96 8.54 -33.51
C ALA AA 58 -66.98 7.68 -32.71
N GLY AA 59 -66.96 7.89 -31.40
CA GLY AA 59 -66.12 7.12 -30.52
C GLY AA 59 -64.70 7.62 -30.36
N HIS AA 60 -64.30 8.67 -31.10
CA HIS AA 60 -62.92 9.09 -31.12
C HIS AA 60 -62.68 10.53 -30.72
N GLN AA 61 -63.66 11.21 -30.15
CA GLN AA 61 -63.49 12.58 -29.68
C GLN AA 61 -63.20 12.60 -28.17
N THR AA 62 -62.08 11.99 -27.79
CA THR AA 62 -61.87 11.71 -26.37
C THR AA 62 -60.51 12.13 -25.82
N SER AA 63 -59.44 11.97 -26.59
CA SER AA 63 -58.06 12.24 -26.10
C SER AA 63 -57.64 11.26 -25.00
N ALA AA 64 -58.30 10.10 -24.98
CA ALA AA 64 -58.06 9.05 -23.98
C ALA AA 64 -56.71 8.38 -24.19
N GLU AA 65 -56.10 7.95 -23.09
CA GLU AA 65 -54.83 7.23 -23.08
C GLU AA 65 -54.92 6.00 -22.18
N SER AA 66 -53.97 5.07 -22.37
CA SER AA 66 -54.11 3.69 -21.92
C SER AA 66 -54.04 3.49 -20.41
N TRP AA 67 -53.26 4.31 -19.69
CA TRP AA 67 -52.85 4.19 -18.29
C TRP AA 67 -51.68 3.24 -18.06
N GLY AA 68 -51.29 2.44 -19.04
CA GLY AA 68 -50.21 1.51 -18.82
C GLY AA 68 -50.56 0.33 -17.93
N THR AA 69 -49.53 -0.42 -17.55
CA THR AA 69 -49.72 -1.67 -16.82
C THR AA 69 -49.37 -1.62 -15.34
N GLY AA 70 -48.90 -0.49 -14.80
CA GLY AA 70 -48.61 -0.45 -13.38
C GLY AA 70 -49.84 -0.55 -12.51
N ARG AA 71 -50.91 0.11 -12.91
CA ARG AA 71 -52.18 0.01 -12.21
C ARG AA 71 -52.84 -1.33 -12.52
N ALA AA 72 -53.65 -1.81 -11.59
CA ALA AA 72 -54.21 -3.14 -11.73
C ALA AA 72 -55.49 -3.14 -12.57
N VAL AA 73 -55.43 -2.55 -13.77
CA VAL AA 73 -56.56 -2.47 -14.67
C VAL AA 73 -56.13 -2.88 -16.07
N ALA AA 74 -57.12 -3.21 -16.90
CA ALA AA 74 -56.89 -3.55 -18.29
C ALA AA 74 -56.29 -2.36 -19.04
N ARG AA 75 -55.51 -2.66 -20.08
CA ARG AA 75 -54.69 -1.67 -20.76
C ARG AA 75 -55.45 -0.86 -21.80
N ILE AA 76 -56.77 -0.86 -21.78
CA ILE AA 76 -57.60 -0.08 -22.69
C ILE AA 76 -57.34 1.42 -22.46
N PRO AA 77 -57.40 2.26 -23.49
CA PRO AA 77 -57.35 3.71 -23.25
C PRO AA 77 -58.50 4.15 -22.35
N ARG AA 78 -58.19 5.09 -21.47
CA ARG AA 78 -59.13 5.56 -20.47
C ARG AA 78 -59.25 7.08 -20.57
N VAL AA 79 -60.46 7.59 -20.37
CA VAL AA 79 -60.69 9.02 -20.44
C VAL AA 79 -59.93 9.73 -19.32
N ARG AA 80 -59.23 10.78 -19.68
CA ARG AA 80 -58.52 11.61 -18.72
C ARG AA 80 -59.48 12.52 -17.97
N GLY AA 81 -58.97 13.16 -16.92
CA GLY AA 81 -59.78 14.13 -16.18
C GLY AA 81 -59.88 13.84 -14.70
N GLY AA 82 -61.09 13.73 -14.18
CA GLY AA 82 -61.23 13.51 -12.75
C GLY AA 82 -62.45 14.04 -12.02
N GLY AA 83 -63.32 14.81 -12.66
CA GLY AA 83 -64.50 15.27 -11.94
C GLY AA 83 -65.83 14.77 -12.47
N THR AA 84 -65.82 13.66 -13.20
CA THR AA 84 -66.97 13.18 -13.92
C THR AA 84 -67.04 11.66 -13.82
N HIS AA 85 -68.22 11.10 -14.14
CA HIS AA 85 -68.33 9.66 -14.30
C HIS AA 85 -67.42 9.17 -15.42
N ARG AA 86 -67.34 9.93 -16.50
CA ARG AA 86 -66.57 9.55 -17.69
C ARG AA 86 -65.09 9.36 -17.39
N SER AA 87 -64.56 10.03 -16.37
CA SER AA 87 -63.13 9.99 -16.07
C SER AA 87 -62.69 8.57 -15.74
N GLY AA 88 -61.63 8.12 -16.41
CA GLY AA 88 -61.07 6.81 -16.19
C GLY AA 88 -61.79 5.67 -16.88
N GLN AA 89 -62.85 5.96 -17.62
CA GLN AA 89 -63.60 4.90 -18.29
C GLN AA 89 -62.93 4.49 -19.59
N GLY AA 90 -63.13 3.23 -19.97
CA GLY AA 90 -62.57 2.73 -21.21
C GLY AA 90 -63.09 3.49 -22.42
N ALA AA 91 -62.18 3.71 -23.38
CA ALA AA 91 -62.51 4.51 -24.55
C ALA AA 91 -61.91 3.89 -25.80
N PHE AA 92 -62.45 4.31 -26.94
CA PHE AA 92 -61.99 4.03 -28.31
C PHE AA 92 -62.25 2.61 -28.78
N GLY AA 93 -62.54 1.71 -27.86
CA GLY AA 93 -62.57 0.29 -28.17
C GLY AA 93 -63.95 -0.13 -28.63
N ASN AA 94 -63.99 -1.11 -29.52
CA ASN AA 94 -65.26 -1.66 -29.94
C ASN AA 94 -65.95 -2.38 -28.80
N MET AA 95 -65.19 -2.80 -27.79
CA MET AA 95 -65.72 -3.43 -26.59
C MET AA 95 -66.05 -2.43 -25.50
N CYS AA 96 -65.77 -1.14 -25.71
CA CYS AA 96 -66.04 -0.11 -24.71
C CYS AA 96 -67.38 0.55 -24.97
N ARG AA 97 -68.13 0.76 -23.90
CA ARG AA 97 -69.33 1.58 -23.98
C ARG AA 97 -68.94 2.99 -24.43
N GLY AA 98 -69.58 3.47 -25.48
CA GLY AA 98 -69.26 4.75 -26.05
C GLY AA 98 -68.01 4.80 -26.89
N GLY AA 99 -67.43 3.65 -27.23
CA GLY AA 99 -66.28 3.60 -28.11
C GLY AA 99 -66.67 3.65 -29.57
N ARG AA 100 -65.70 3.33 -30.42
CA ARG AA 100 -65.95 3.23 -31.85
C ARG AA 100 -66.22 1.78 -32.20
N MET AA 101 -67.15 1.54 -33.12
CA MET AA 101 -67.45 0.15 -33.43
C MET AA 101 -66.31 -0.46 -34.25
N PHE AA 102 -66.29 -1.78 -34.30
CA PHE AA 102 -65.34 -2.48 -35.16
C PHE AA 102 -65.67 -2.21 -36.62
N ALA AA 103 -64.62 -1.92 -37.40
CA ALA AA 103 -64.73 -1.70 -38.83
C ALA AA 103 -65.92 -0.80 -39.14
N PRO AA 104 -65.86 0.48 -38.79
CA PRO AA 104 -67.01 1.36 -39.01
C PRO AA 104 -67.44 1.33 -40.46
N THR AA 105 -68.76 1.33 -40.65
CA THR AA 105 -69.31 1.31 -41.99
C THR AA 105 -68.94 2.58 -42.74
N LYS AA 106 -68.67 2.45 -44.02
CA LYS AA 106 -68.28 3.56 -44.88
C LYS AA 106 -69.30 3.73 -46.00
N THR AA 107 -69.45 4.97 -46.46
CA THR AA 107 -70.37 5.24 -47.55
C THR AA 107 -69.89 4.64 -48.87
N TRP AA 108 -68.59 4.44 -49.05
CA TRP AA 108 -68.06 3.92 -50.31
C TRP AA 108 -68.06 2.39 -50.30
N ARG AA 109 -69.22 1.83 -49.95
CA ARG AA 109 -69.40 0.40 -49.76
C ARG AA 109 -69.61 -0.37 -51.06
N ARG AA 110 -69.68 0.28 -52.22
CA ARG AA 110 -70.09 -0.39 -53.46
C ARG AA 110 -71.51 -0.94 -53.33
N TRP AA 111 -72.45 0.01 -53.28
CA TRP AA 111 -73.87 -0.32 -53.14
C TRP AA 111 -74.46 -0.86 -54.44
N HIS AA 112 -73.91 -0.45 -55.57
CA HIS AA 112 -74.55 -0.68 -56.86
C HIS AA 112 -73.91 -1.84 -57.60
N ARG AA 113 -74.68 -2.45 -58.51
CA ARG AA 113 -74.23 -3.54 -59.34
C ARG AA 113 -74.60 -3.28 -60.78
N ARG AA 114 -73.66 -3.56 -61.69
CA ARG AA 114 -73.99 -3.57 -63.10
C ARG AA 114 -74.31 -4.99 -63.53
N VAL AA 115 -75.36 -5.13 -64.33
CA VAL AA 115 -75.79 -6.36 -64.95
C VAL AA 115 -75.69 -6.17 -66.46
N ASN AA 116 -75.11 -7.15 -67.14
CA ASN AA 116 -75.01 -7.08 -68.59
C ASN AA 116 -76.37 -6.84 -69.22
N THR AA 117 -76.41 -6.00 -70.25
CA THR AA 117 -77.65 -5.67 -70.93
C THR AA 117 -78.33 -6.91 -71.46
N THR AA 118 -77.57 -7.86 -71.99
CA THR AA 118 -78.13 -9.09 -72.53
C THR AA 118 -78.82 -9.91 -71.45
N GLN AA 119 -78.23 -9.97 -70.26
CA GLN AA 119 -78.86 -10.70 -69.16
C GLN AA 119 -80.08 -9.98 -68.64
N LYS AA 120 -80.06 -8.65 -68.64
CA LYS AA 120 -81.24 -7.90 -68.23
C LYS AA 120 -82.39 -8.11 -69.20
N ARG AA 121 -82.10 -8.12 -70.50
CA ARG AA 121 -83.14 -8.38 -71.49
C ARG AA 121 -83.60 -9.83 -71.43
N TYR AA 122 -82.68 -10.76 -71.13
CA TYR AA 122 -83.05 -12.15 -70.95
C TYR AA 122 -84.03 -12.30 -69.80
N ALA AA 123 -83.81 -11.57 -68.70
CA ALA AA 123 -84.69 -11.65 -67.55
C ALA AA 123 -86.09 -11.13 -67.87
N ILE AA 124 -86.17 -10.07 -68.68
CA ILE AA 124 -87.48 -9.57 -69.09
C ILE AA 124 -88.22 -10.60 -69.93
N CYS AA 125 -87.52 -11.19 -70.91
CA CYS AA 125 -88.14 -12.22 -71.74
C CYS AA 125 -88.60 -13.40 -70.90
N SER AA 126 -87.77 -13.83 -69.96
CA SER AA 126 -88.11 -14.95 -69.10
C SER AA 126 -89.33 -14.65 -68.24
N ALA AA 127 -89.39 -13.45 -67.67
CA ALA AA 127 -90.54 -13.08 -66.84
C ALA AA 127 -91.80 -12.91 -67.69
N LEU AA 128 -91.65 -12.37 -68.89
CA LEU AA 128 -92.81 -12.24 -69.78
C LEU AA 128 -93.36 -13.60 -70.17
N ALA AA 129 -92.49 -14.55 -70.53
CA ALA AA 129 -92.92 -15.89 -70.90
C ALA AA 129 -93.61 -16.58 -69.73
N ALA AA 130 -93.12 -16.36 -68.51
CA ALA AA 130 -93.74 -16.95 -67.34
C ALA AA 130 -95.11 -16.38 -67.02
N SER AA 131 -95.37 -15.11 -67.34
CA SER AA 131 -96.65 -14.47 -67.06
C SER AA 131 -97.77 -14.96 -67.96
N ALA AA 132 -97.47 -15.72 -69.00
CA ALA AA 132 -98.47 -16.28 -69.90
C ALA AA 132 -98.91 -17.68 -69.48
N LEU AA 133 -98.33 -18.22 -68.42
CA LEU AA 133 -98.62 -19.58 -67.97
C LEU AA 133 -99.48 -19.54 -66.72
N PRO AA 134 -100.72 -20.05 -66.76
CA PRO AA 134 -101.61 -19.94 -65.59
C PRO AA 134 -101.07 -20.61 -64.34
N ALA AA 135 -100.34 -21.71 -64.47
CA ALA AA 135 -99.81 -22.37 -63.29
C ALA AA 135 -98.78 -21.50 -62.59
N LEU AA 136 -97.98 -20.75 -63.35
CA LEU AA 136 -96.97 -19.89 -62.73
C LEU AA 136 -97.59 -18.63 -62.14
N VAL AA 137 -98.62 -18.08 -62.79
CA VAL AA 137 -99.29 -16.90 -62.23
C VAL AA 137 -100.08 -17.27 -60.99
N MET AA 138 -100.77 -18.41 -61.02
CA MET AA 138 -101.47 -18.91 -59.84
C MET AA 138 -100.51 -19.15 -58.68
N SER AA 139 -99.31 -19.68 -58.96
CA SER AA 139 -98.32 -19.93 -57.92
C SER AA 139 -97.64 -18.67 -57.42
N LYS AA 140 -97.91 -17.51 -58.01
CA LYS AA 140 -97.62 -16.23 -57.40
C LYS AA 140 -98.76 -15.73 -56.52
N GLY AA 141 -99.86 -16.50 -56.44
CA GLY AA 141 -101.00 -16.15 -55.61
C GLY AA 141 -101.88 -15.06 -56.18
N HIS AA 142 -102.04 -15.03 -57.51
CA HIS AA 142 -102.60 -13.88 -58.20
C HIS AA 142 -104.09 -13.99 -58.52
N ARG AA 143 -104.78 -15.00 -58.01
CA ARG AA 143 -106.24 -15.10 -58.11
C ARG AA 143 -106.74 -14.92 -59.54
N ILE AA 144 -106.22 -15.75 -60.44
CA ILE AA 144 -106.68 -15.80 -61.82
C ILE AA 144 -107.41 -17.13 -61.99
N GLU AA 145 -108.68 -17.15 -61.66
CA GLU AA 145 -109.48 -18.34 -61.87
C GLU AA 145 -110.63 -18.11 -62.82
N GLU AA 146 -111.16 -16.88 -62.88
CA GLU AA 146 -112.21 -16.52 -63.79
C GLU AA 146 -111.75 -15.61 -64.91
N VAL AA 147 -110.46 -15.28 -64.97
CA VAL AA 147 -110.00 -14.51 -66.13
C VAL AA 147 -110.02 -15.42 -67.36
N PRO AA 148 -110.40 -14.92 -68.51
CA PRO AA 148 -110.28 -15.71 -69.73
C PRO AA 148 -108.94 -15.44 -70.41
N GLU AA 149 -108.30 -16.46 -70.98
CA GLU AA 149 -107.11 -16.21 -71.81
C GLU AA 149 -106.02 -15.49 -70.99
N LEU AA 150 -105.39 -16.26 -70.10
CA LEU AA 150 -104.41 -15.70 -69.16
C LEU AA 150 -103.55 -14.58 -69.73
N PRO AA 151 -102.96 -14.67 -70.93
CA PRO AA 151 -102.38 -13.45 -71.50
C PRO AA 151 -103.54 -12.55 -71.83
N LEU AA 152 -103.78 -11.56 -70.98
CA LEU AA 152 -105.05 -10.83 -70.95
C LEU AA 152 -104.86 -9.49 -71.65
N VAL AA 153 -105.52 -9.33 -72.78
CA VAL AA 153 -105.36 -8.16 -73.64
C VAL AA 153 -106.70 -7.44 -73.73
N VAL AA 154 -106.71 -6.16 -73.36
CA VAL AA 154 -107.88 -5.33 -73.47
C VAL AA 154 -107.68 -4.36 -74.63
N GLU AA 155 -108.80 -3.80 -75.09
CA GLU AA 155 -108.76 -2.83 -76.17
C GLU AA 155 -108.06 -1.55 -75.71
N ASP AA 156 -107.70 -0.73 -76.69
CA ASP AA 156 -106.92 0.48 -76.44
C ASP AA 156 -107.73 1.58 -75.77
N LYS AA 157 -109.06 1.46 -75.73
CA LYS AA 157 -109.89 2.47 -75.08
C LYS AA 157 -109.51 2.66 -73.62
N VAL AA 158 -108.99 1.61 -72.99
CA VAL AA 158 -108.59 1.69 -71.58
C VAL AA 158 -107.52 2.74 -71.37
N GLU AA 159 -106.67 2.96 -72.36
CA GLU AA 159 -105.60 3.94 -72.24
C GLU AA 159 -106.11 5.37 -72.05
N GLY AA 160 -107.38 5.62 -72.39
CA GLY AA 160 -107.96 6.93 -72.23
C GLY AA 160 -108.94 7.06 -71.07
N TYR AA 161 -108.88 6.13 -70.12
CA TYR AA 161 -109.69 6.25 -68.92
C TYR AA 161 -109.25 7.44 -68.10
N LYS AA 162 -110.20 8.08 -67.43
CA LYS AA 162 -109.88 9.24 -66.61
C LYS AA 162 -110.26 9.08 -65.15
N LYS AA 163 -111.25 8.26 -64.85
CA LYS AA 163 -111.77 8.10 -63.50
C LYS AA 163 -111.35 6.76 -62.91
N THR AA 164 -111.11 6.76 -61.61
CA THR AA 164 -110.89 5.52 -60.88
C THR AA 164 -112.10 4.60 -60.94
N LYS AA 165 -113.30 5.16 -61.12
CA LYS AA 165 -114.51 4.35 -61.19
C LYS AA 165 -114.50 3.41 -62.38
N GLU AA 166 -114.08 3.90 -63.56
CA GLU AA 166 -114.09 3.04 -64.73
C GLU AA 166 -112.93 2.04 -64.72
N ALA AA 167 -111.79 2.42 -64.14
CA ALA AA 167 -110.72 1.46 -63.95
C ALA AA 167 -111.14 0.33 -63.02
N VAL AA 168 -111.86 0.66 -61.94
CA VAL AA 168 -112.37 -0.36 -61.03
C VAL AA 168 -113.39 -1.25 -61.75
N LEU AA 169 -114.28 -0.63 -62.55
CA LEU AA 169 -115.29 -1.39 -63.26
C LEU AA 169 -114.66 -2.33 -64.29
N LEU AA 170 -113.61 -1.88 -64.97
CA LEU AA 170 -112.95 -2.73 -65.95
C LEU AA 170 -112.33 -3.95 -65.28
N LEU AA 171 -111.72 -3.77 -64.11
CA LEU AA 171 -111.14 -4.89 -63.38
C LEU AA 171 -112.21 -5.90 -62.96
N LYS AA 172 -113.41 -5.42 -62.64
CA LYS AA 172 -114.51 -6.32 -62.33
C LYS AA 172 -114.97 -7.09 -63.57
N LYS AA 173 -115.05 -6.42 -64.71
CA LYS AA 173 -115.47 -7.08 -65.94
C LYS AA 173 -114.44 -8.10 -66.42
N LEU AA 174 -113.16 -7.84 -66.19
CA LEU AA 174 -112.07 -8.73 -66.54
C LEU AA 174 -111.90 -9.85 -65.53
N LYS AA 175 -112.65 -9.83 -64.44
CA LYS AA 175 -112.49 -10.76 -63.32
C LYS AA 175 -111.10 -10.68 -62.70
N ALA AA 176 -110.50 -9.49 -62.77
CA ALA AA 176 -109.25 -9.21 -62.09
C ALA AA 176 -109.47 -8.51 -60.76
N TRP AA 177 -110.73 -8.31 -60.35
CA TRP AA 177 -111.00 -7.57 -59.12
C TRP AA 177 -110.71 -8.39 -57.87
N ASN AA 178 -110.81 -9.72 -57.95
CA ASN AA 178 -110.49 -10.55 -56.78
C ASN AA 178 -109.01 -10.45 -56.41
N ASP AA 179 -108.14 -10.20 -57.39
CA ASP AA 179 -106.74 -9.93 -57.06
C ASP AA 179 -106.62 -8.63 -56.26
N ILE AA 180 -107.44 -7.63 -56.58
CA ILE AA 180 -107.43 -6.39 -55.81
C ILE AA 180 -107.96 -6.63 -54.40
N LYS AA 181 -108.99 -7.47 -54.27
CA LYS AA 181 -109.56 -7.76 -52.95
C LYS AA 181 -108.57 -8.53 -52.09
N LYS AA 182 -107.72 -9.34 -52.71
CA LYS AA 182 -106.66 -10.02 -51.98
C LYS AA 182 -105.60 -9.04 -51.50
N VAL AA 183 -105.33 -8.00 -52.29
CA VAL AA 183 -104.43 -6.94 -51.86
C VAL AA 183 -105.00 -6.21 -50.65
N TYR AA 184 -106.30 -5.89 -50.69
CA TYR AA 184 -106.97 -5.25 -49.56
C TYR AA 184 -106.88 -6.13 -48.32
N ALA AA 185 -107.08 -7.43 -48.48
CA ALA AA 185 -106.98 -8.35 -47.36
C ALA AA 185 -105.57 -8.43 -46.77
N SER AA 186 -104.55 -8.21 -47.59
CA SER AA 186 -103.16 -8.31 -47.17
C SER AA 186 -102.63 -7.03 -46.55
N GLN AA 187 -103.45 -6.00 -46.46
CA GLN AA 187 -103.00 -4.73 -45.89
C GLN AA 187 -102.85 -4.89 -44.38
N ARG AA 188 -101.64 -4.67 -43.89
CA ARG AA 188 -101.37 -4.79 -42.46
C ARG AA 188 -100.09 -4.05 -42.13
N MET AA 189 -99.76 -4.04 -40.85
CA MET AA 189 -98.53 -3.40 -40.40
C MET AA 189 -97.36 -4.35 -40.53
N ARG AA 190 -96.24 -3.79 -40.98
CA ARG AA 190 -94.96 -4.47 -40.97
C ARG AA 190 -94.56 -4.82 -39.54
N ALA AA 191 -93.87 -5.94 -39.39
CA ALA AA 191 -93.26 -6.31 -38.12
C ALA AA 191 -91.87 -5.73 -38.05
N GLY AA 192 -91.55 -5.06 -36.94
CA GLY AA 192 -90.19 -4.64 -36.69
C GLY AA 192 -89.97 -3.15 -36.89
N LYS AA 193 -88.69 -2.80 -37.00
CA LYS AA 193 -88.22 -1.42 -36.99
C LYS AA 193 -88.54 -0.64 -38.25
N GLY AA 194 -88.95 -1.31 -39.34
CA GLY AA 194 -89.36 -0.59 -40.54
C GLY AA 194 -90.49 0.38 -40.31
N LYS AA 195 -91.33 0.13 -39.30
CA LYS AA 195 -92.39 1.08 -38.96
C LYS AA 195 -91.85 2.40 -38.45
N MET AA 196 -90.65 2.40 -37.86
CA MET AA 196 -89.97 3.61 -37.45
C MET AA 196 -89.29 4.31 -38.61
N ARG AA 197 -89.23 3.68 -39.78
CA ARG AA 197 -88.43 4.15 -40.91
C ARG AA 197 -89.28 4.31 -42.15
N ASN AA 198 -90.53 4.72 -41.95
CA ASN AA 198 -91.49 5.10 -42.97
C ASN AA 198 -91.96 3.93 -43.82
N ARG AA 199 -91.60 2.70 -43.48
CA ARG AA 199 -92.16 1.50 -44.12
C ARG AA 199 -93.20 0.85 -43.20
N ARG AA 200 -94.26 1.60 -42.94
CA ARG AA 200 -95.21 1.23 -41.90
C ARG AA 200 -96.09 0.07 -42.33
N ARG AA 201 -96.84 0.24 -43.41
CA ARG AA 201 -97.82 -0.75 -43.83
C ARG AA 201 -97.36 -1.43 -45.12
N ILE AA 202 -97.66 -2.73 -45.20
CA ILE AA 202 -97.25 -3.59 -46.29
C ILE AA 202 -98.51 -4.19 -46.92
N GLN AA 203 -98.36 -4.64 -48.16
CA GLN AA 203 -99.48 -5.26 -48.86
C GLN AA 203 -98.96 -6.12 -50.00
N ARG AA 204 -99.88 -6.90 -50.56
CA ARG AA 204 -99.64 -7.75 -51.72
C ARG AA 204 -99.36 -6.91 -52.96
N ARG AA 205 -98.73 -7.52 -53.95
CA ARG AA 205 -98.69 -7.01 -55.31
C ARG AA 205 -99.94 -7.46 -56.04
N GLY AA 206 -100.54 -6.55 -56.80
CA GLY AA 206 -101.69 -6.89 -57.62
C GLY AA 206 -101.31 -7.04 -59.07
N PRO AA 207 -102.28 -6.92 -59.96
CA PRO AA 207 -101.98 -7.02 -61.40
C PRO AA 207 -101.14 -5.85 -61.89
N CYS AA 208 -100.33 -6.15 -62.90
CA CYS AA 208 -99.53 -5.15 -63.60
C CYS AA 208 -100.24 -4.79 -64.91
N ILE AA 209 -100.52 -3.50 -65.08
CA ILE AA 209 -101.15 -2.99 -66.29
C ILE AA 209 -100.05 -2.47 -67.22
N ILE AA 210 -100.02 -2.96 -68.44
CA ILE AA 210 -99.00 -2.59 -69.41
C ILE AA 210 -99.66 -1.88 -70.58
N TYR AA 211 -99.32 -0.61 -70.77
CA TYR AA 211 -99.93 0.26 -71.75
C TYR AA 211 -98.89 0.69 -72.76
N ASN AA 212 -99.36 1.19 -73.90
CA ASN AA 212 -98.52 1.80 -74.91
C ASN AA 212 -98.43 3.31 -74.74
N GLU AA 213 -99.56 4.00 -74.73
CA GLU AA 213 -99.62 5.43 -74.50
C GLU AA 213 -100.40 5.71 -73.23
N ASP AA 214 -99.94 6.69 -72.47
CA ASP AA 214 -100.66 7.13 -71.27
C ASP AA 214 -101.52 8.34 -71.65
N ASN AA 215 -102.79 8.08 -71.93
CA ASN AA 215 -103.77 9.12 -72.21
C ASN AA 215 -104.75 9.28 -71.05
N GLY AA 216 -104.26 9.12 -69.82
CA GLY AA 216 -105.10 9.14 -68.64
C GLY AA 216 -105.16 7.85 -67.88
N ILE AA 217 -104.68 6.74 -68.46
CA ILE AA 217 -104.81 5.44 -67.81
C ILE AA 217 -104.04 5.42 -66.49
N ILE AA 218 -102.96 6.19 -66.39
CA ILE AA 218 -102.15 6.16 -65.18
C ILE AA 218 -102.91 6.80 -64.01
N LYS AA 219 -103.54 7.95 -64.26
CA LYS AA 219 -104.31 8.61 -63.19
C LYS AA 219 -105.57 7.83 -62.86
N ALA AA 220 -106.19 7.19 -63.86
CA ALA AA 220 -107.40 6.41 -63.62
C ALA AA 220 -107.13 5.24 -62.69
N PHE AA 221 -106.02 4.53 -62.93
CA PHE AA 221 -105.50 3.56 -61.97
C PHE AA 221 -104.63 4.36 -61.01
N ARG AA 222 -103.76 3.70 -60.26
CA ARG AA 222 -102.79 4.26 -59.32
C ARG AA 222 -103.39 4.68 -57.99
N ASN AA 223 -104.72 4.75 -57.85
CA ASN AA 223 -105.32 4.83 -56.53
C ASN AA 223 -105.86 3.49 -56.09
N ILE AA 224 -105.93 2.52 -57.00
CA ILE AA 224 -106.29 1.15 -56.68
C ILE AA 224 -105.06 0.47 -56.10
N PRO AA 225 -105.12 -0.05 -54.87
CA PRO AA 225 -103.95 -0.70 -54.28
C PRO AA 225 -103.52 -1.95 -55.05
N GLY AA 226 -102.22 -2.14 -55.14
CA GLY AA 226 -101.64 -3.30 -55.78
C GLY AA 226 -101.35 -3.14 -57.26
N ILE AA 227 -101.93 -2.14 -57.91
CA ILE AA 227 -101.77 -1.95 -59.35
C ILE AA 227 -100.42 -1.30 -59.64
N THR AA 228 -99.71 -1.84 -60.64
CA THR AA 228 -98.52 -1.21 -61.20
C THR AA 228 -98.75 -0.97 -62.68
N LEU AA 229 -98.50 0.25 -63.14
CA LEU AA 229 -98.58 0.61 -64.54
C LEU AA 229 -97.16 0.59 -65.12
N LEU AA 230 -97.00 0.04 -66.32
CA LEU AA 230 -95.64 -0.28 -66.75
C LEU AA 230 -95.14 0.42 -68.00
N ASN AA 231 -95.96 0.68 -69.03
CA ASN AA 231 -95.42 1.22 -70.28
C ASN AA 231 -94.47 0.24 -70.99
N VAL AA 232 -95.04 -0.65 -71.80
CA VAL AA 232 -94.36 -1.72 -72.52
C VAL AA 232 -93.02 -1.32 -73.13
N SER AA 233 -92.85 -0.04 -73.46
CA SER AA 233 -91.59 0.38 -74.08
C SER AA 233 -90.46 0.47 -73.07
N LYS AA 234 -90.74 0.50 -71.78
CA LYS AA 234 -89.69 0.40 -70.77
C LYS AA 234 -90.16 -0.57 -69.68
N LEU AA 235 -89.94 -1.85 -69.93
CA LEU AA 235 -90.35 -2.90 -69.01
C LEU AA 235 -89.33 -3.01 -67.88
N ASN AA 236 -89.80 -3.35 -66.68
CA ASN AA 236 -88.93 -3.33 -65.50
C ASN AA 236 -89.03 -4.68 -64.82
N ILE AA 237 -87.90 -5.39 -64.72
CA ILE AA 237 -87.88 -6.69 -64.05
C ILE AA 237 -88.21 -6.56 -62.56
N LEU AA 238 -87.99 -5.40 -61.95
CA LEU AA 238 -88.35 -5.22 -60.55
C LEU AA 238 -89.86 -5.22 -60.33
N LYS AA 239 -90.64 -4.86 -61.35
CA LYS AA 239 -92.09 -4.94 -61.27
C LYS AA 239 -92.67 -6.15 -61.96
N LEU AA 240 -91.97 -6.72 -62.94
CA LEU AA 240 -92.45 -7.92 -63.60
C LEU AA 240 -92.20 -9.17 -62.79
N ALA AA 241 -91.12 -9.21 -62.02
CA ALA AA 241 -90.79 -10.33 -61.14
C ALA AA 241 -90.56 -9.76 -59.76
N PRO AA 242 -91.64 -9.34 -59.08
CA PRO AA 242 -91.50 -8.42 -57.94
C PRO AA 242 -90.61 -8.91 -56.80
N GLY AA 243 -90.62 -10.19 -56.46
CA GLY AA 243 -89.71 -10.64 -55.42
C GLY AA 243 -88.57 -11.47 -55.97
N GLY AA 244 -88.22 -11.22 -57.23
CA GLY AA 244 -87.37 -12.13 -57.96
C GLY AA 244 -88.06 -13.39 -58.40
N HIS AA 245 -89.38 -13.48 -58.25
CA HIS AA 245 -90.17 -14.64 -58.65
C HIS AA 245 -90.95 -14.28 -59.90
N VAL AA 246 -90.92 -15.19 -60.88
CA VAL AA 246 -91.69 -14.97 -62.09
C VAL AA 246 -93.16 -15.32 -61.87
N GLY AA 247 -94.00 -14.81 -62.75
CA GLY AA 247 -95.41 -15.15 -62.74
C GLY AA 247 -96.34 -14.08 -62.20
N ARG AA 248 -96.01 -12.81 -62.42
CA ARG AA 248 -96.92 -11.73 -62.04
C ARG AA 248 -98.06 -11.62 -63.05
N PHE AA 249 -99.27 -11.44 -62.54
CA PHE AA 249 -100.44 -11.24 -63.39
C PHE AA 249 -100.28 -9.92 -64.13
N CYS AA 250 -100.42 -9.97 -65.46
CA CYS AA 250 -100.23 -8.82 -66.32
C CYS AA 250 -101.48 -8.63 -67.18
N ILE AA 251 -101.88 -7.37 -67.35
CA ILE AA 251 -102.96 -6.99 -68.25
C ILE AA 251 -102.37 -6.10 -69.33
N TRP AA 252 -102.65 -6.42 -70.58
CA TRP AA 252 -102.09 -5.72 -71.72
C TRP AA 252 -103.17 -4.92 -72.45
N THR AA 253 -102.87 -3.66 -72.72
CA THR AA 253 -103.60 -2.98 -73.76
C THR AA 253 -103.15 -3.51 -75.11
N GLU AA 254 -104.05 -3.48 -76.09
CA GLU AA 254 -103.78 -4.10 -77.37
C GLU AA 254 -102.54 -3.52 -78.04
N SER AA 255 -102.36 -2.20 -77.97
CA SER AA 255 -101.22 -1.57 -78.60
C SER AA 255 -99.91 -1.95 -77.91
N ALA AA 256 -99.92 -2.08 -76.58
CA ALA AA 256 -98.73 -2.58 -75.90
C ALA AA 256 -98.42 -4.01 -76.31
N PHE AA 257 -99.47 -4.82 -76.48
CA PHE AA 257 -99.28 -6.22 -76.86
C PHE AA 257 -98.68 -6.34 -78.26
N ARG AA 258 -99.17 -5.53 -79.22
CA ARG AA 258 -98.67 -5.62 -80.58
C ARG AA 258 -97.25 -5.09 -80.71
N LYS AA 259 -96.81 -4.27 -79.76
CA LYS AA 259 -95.48 -3.68 -79.84
C LYS AA 259 -94.40 -4.63 -79.33
N LEU AA 260 -94.78 -5.72 -78.67
CA LEU AA 260 -93.79 -6.64 -78.09
C LEU AA 260 -92.92 -7.28 -79.17
N ASP AA 261 -93.49 -7.55 -80.34
CA ASP AA 261 -92.73 -8.22 -81.39
C ASP AA 261 -91.60 -7.34 -81.92
N GLU AA 262 -91.85 -6.03 -82.03
CA GLU AA 262 -90.75 -5.15 -82.44
C GLU AA 262 -89.85 -4.73 -81.29
N LEU AA 263 -90.29 -4.91 -80.04
CA LEU AA 263 -89.43 -4.58 -78.91
C LEU AA 263 -88.40 -5.68 -78.66
N TYR AA 264 -88.78 -6.94 -78.87
CA TYR AA 264 -87.91 -8.05 -78.55
C TYR AA 264 -87.63 -8.97 -79.73
N GLY AA 265 -88.32 -8.79 -80.85
CA GLY AA 265 -88.10 -9.63 -82.00
C GLY AA 265 -88.85 -10.94 -81.92
N THR AA 266 -88.95 -11.61 -83.05
CA THR AA 266 -89.32 -13.01 -83.11
C THR AA 266 -88.02 -13.81 -83.17
N TRP AA 267 -88.09 -15.09 -83.51
CA TRP AA 267 -86.84 -15.76 -83.81
C TRP AA 267 -86.46 -15.67 -85.28
N ARG AA 268 -87.38 -15.21 -86.12
CA ARG AA 268 -87.10 -15.01 -87.53
C ARG AA 268 -86.62 -13.61 -87.86
N LYS AA 269 -86.98 -12.61 -87.06
CA LYS AA 269 -86.47 -11.26 -87.24
C LYS AA 269 -86.01 -10.72 -85.90
N ALA AA 270 -85.00 -9.86 -85.95
CA ALA AA 270 -84.49 -9.23 -84.75
C ALA AA 270 -85.41 -8.09 -84.31
N ALA AA 271 -85.20 -7.62 -83.08
CA ALA AA 271 -85.94 -6.47 -82.58
C ALA AA 271 -85.69 -5.25 -83.47
N SER AA 272 -86.77 -4.55 -83.80
CA SER AA 272 -86.66 -3.33 -84.58
C SER AA 272 -86.51 -2.08 -83.72
N LEU AA 273 -86.55 -2.22 -82.39
CA LEU AA 273 -86.44 -1.09 -81.49
C LEU AA 273 -85.24 -1.20 -80.56
N LYS AA 274 -84.44 -2.26 -80.70
CA LYS AA 274 -83.28 -2.44 -79.83
C LYS AA 274 -81.95 -2.49 -80.57
N SER AA 275 -81.96 -2.56 -81.90
CA SER AA 275 -80.81 -2.29 -82.77
C SER AA 275 -79.74 -3.37 -82.76
N ASN AA 276 -79.77 -4.29 -81.81
CA ASN AA 276 -78.95 -5.49 -81.93
C ASN AA 276 -79.59 -6.73 -81.34
N TYR AA 277 -80.82 -6.67 -80.85
CA TYR AA 277 -81.32 -7.73 -79.99
C TYR AA 277 -82.13 -8.76 -80.76
N ASN AA 278 -81.96 -10.01 -80.37
CA ASN AA 278 -82.82 -11.09 -80.83
C ASN AA 278 -83.10 -12.01 -79.65
N LEU AA 279 -84.18 -12.78 -79.77
CA LEU AA 279 -84.67 -13.59 -78.66
C LEU AA 279 -83.65 -14.68 -78.28
N PRO AA 280 -83.47 -14.93 -77.00
CA PRO AA 280 -82.58 -16.02 -76.58
C PRO AA 280 -83.09 -17.38 -77.01
N MET AA 281 -82.15 -18.29 -77.23
CA MET AA 281 -82.41 -19.60 -77.81
C MET AA 281 -82.65 -20.64 -76.73
N HIS AA 282 -83.46 -21.63 -77.07
CA HIS AA 282 -83.67 -22.78 -76.20
C HIS AA 282 -82.55 -23.79 -76.39
N LYS AA 283 -82.00 -24.28 -75.28
CA LYS AA 283 -81.09 -25.41 -75.30
C LYS AA 283 -81.82 -26.75 -75.23
N MET AA 284 -83.13 -26.71 -75.04
CA MET AA 284 -83.97 -27.90 -75.04
C MET AA 284 -85.31 -27.48 -75.63
N ILE AA 285 -85.59 -27.94 -76.85
CA ILE AA 285 -86.78 -27.48 -77.55
C ILE AA 285 -88.06 -28.18 -77.06
N ASN AA 286 -88.03 -29.49 -76.87
CA ASN AA 286 -89.16 -30.23 -76.33
C ASN AA 286 -88.79 -30.54 -74.88
N THR AA 287 -89.38 -29.79 -73.95
CA THR AA 287 -89.09 -29.97 -72.53
C THR AA 287 -90.13 -30.86 -71.85
N ASP AA 288 -90.94 -31.52 -72.66
CA ASP AA 288 -91.99 -32.41 -72.16
C ASP AA 288 -91.36 -33.78 -71.99
N LEU AA 289 -90.82 -34.01 -70.79
CA LEU AA 289 -90.07 -35.23 -70.50
C LEU AA 289 -90.92 -36.49 -70.65
N SER AA 290 -92.20 -36.42 -70.27
CA SER AA 290 -93.05 -37.60 -70.30
C SER AA 290 -93.25 -38.10 -71.72
N ARG AA 291 -93.54 -37.20 -72.67
CA ARG AA 291 -93.74 -37.62 -74.05
C ARG AA 291 -92.44 -38.14 -74.65
N ILE AA 292 -91.31 -37.54 -74.30
CA ILE AA 292 -90.02 -37.99 -74.83
C ILE AA 292 -89.70 -39.40 -74.35
N LEU AA 293 -89.80 -39.63 -73.05
CA LEU AA 293 -89.44 -40.93 -72.49
C LEU AA 293 -90.38 -42.03 -72.97
N LYS AA 294 -91.65 -41.72 -73.17
CA LYS AA 294 -92.64 -42.69 -73.62
C LYS AA 294 -92.59 -42.92 -75.12
N SER AA 295 -91.78 -42.16 -75.85
CA SER AA 295 -91.76 -42.27 -77.30
C SER AA 295 -91.27 -43.64 -77.73
N PRO AA 296 -91.80 -44.19 -78.81
CA PRO AA 296 -91.38 -45.52 -79.26
C PRO AA 296 -89.91 -45.61 -79.60
N GLU AA 297 -89.29 -44.51 -80.06
CA GLU AA 297 -87.87 -44.52 -80.37
C GLU AA 297 -87.04 -44.76 -79.10
N ILE AA 298 -87.37 -44.05 -78.02
CA ILE AA 298 -86.68 -44.28 -76.76
C ILE AA 298 -86.99 -45.66 -76.21
N GLN AA 299 -88.27 -46.03 -76.19
CA GLN AA 299 -88.68 -47.27 -75.53
C GLN AA 299 -88.06 -48.49 -76.20
N ARG AA 300 -87.83 -48.41 -77.52
CA ARG AA 300 -87.26 -49.54 -78.24
C ARG AA 300 -85.80 -49.76 -77.85
N ALA AA 301 -85.09 -48.71 -77.46
CA ALA AA 301 -83.67 -48.83 -77.16
C ALA AA 301 -83.40 -49.23 -75.71
N LEU AA 302 -84.44 -49.40 -74.90
CA LEU AA 302 -84.24 -49.63 -73.48
C LEU AA 302 -84.11 -51.12 -73.19
N ARG AA 303 -83.29 -51.42 -72.20
CA ARG AA 303 -83.33 -52.72 -71.54
C ARG AA 303 -84.52 -52.76 -70.60
N ALA AA 304 -84.96 -53.97 -70.28
CA ALA AA 304 -86.14 -54.13 -69.43
C ALA AA 304 -85.85 -53.65 -68.01
N PRO AA 305 -86.86 -53.11 -67.32
CA PRO AA 305 -86.65 -52.67 -65.94
C PRO AA 305 -86.43 -53.84 -64.98
N ARG AA 306 -85.61 -53.61 -63.97
CA ARG AA 306 -85.37 -54.57 -62.90
C ARG AA 306 -86.09 -54.08 -61.66
N LYS AA 307 -87.33 -54.49 -61.49
CA LYS AA 307 -88.20 -53.96 -60.45
C LYS AA 307 -88.28 -54.85 -59.22
N LYS AA 308 -87.59 -55.99 -59.21
CA LYS AA 308 -87.59 -56.87 -58.07
C LYS AA 308 -86.62 -56.36 -57.00
N ILE AA 309 -87.12 -56.24 -55.78
CA ILE AA 309 -86.29 -55.82 -54.66
C ILE AA 309 -85.62 -57.06 -54.07
N HIS AA 310 -84.29 -56.99 -53.91
CA HIS AA 310 -83.51 -58.09 -53.34
C HIS AA 310 -83.01 -57.65 -51.97
N ARG AA 311 -83.74 -58.06 -50.94
CA ARG AA 311 -83.36 -57.70 -49.59
C ARG AA 311 -82.28 -58.64 -49.07
N ARG AA 312 -81.65 -58.21 -47.99
CA ARG AA 312 -80.55 -58.98 -47.42
C ARG AA 312 -81.04 -60.33 -46.91
N VAL AA 313 -80.32 -61.38 -47.30
CA VAL AA 313 -80.62 -62.75 -46.90
C VAL AA 313 -80.02 -62.99 -45.52
N LEU AA 314 -80.83 -63.54 -44.62
CA LEU AA 314 -80.32 -63.94 -43.32
C LEU AA 314 -79.50 -65.22 -43.46
N LYS AA 315 -78.23 -65.15 -43.07
CA LYS AA 315 -77.32 -66.27 -43.23
C LYS AA 315 -77.65 -67.33 -42.19
N LYS AA 316 -78.27 -68.42 -42.65
CA LYS AA 316 -78.46 -69.59 -41.80
C LYS AA 316 -77.22 -70.48 -41.87
N ASN AA 317 -76.81 -70.99 -40.73
CA ASN AA 317 -75.62 -71.82 -40.64
C ASN AA 317 -75.92 -73.22 -41.18
N PRO AA 318 -75.38 -73.61 -42.33
CA PRO AA 318 -75.34 -75.03 -42.67
C PRO AA 318 -74.37 -75.71 -41.73
N LEU AA 319 -74.49 -77.03 -41.58
CA LEU AA 319 -73.93 -77.81 -40.48
C LEU AA 319 -74.75 -77.65 -39.20
N LYS AA 320 -75.69 -76.73 -39.17
CA LYS AA 320 -76.72 -76.69 -38.15
C LYS AA 320 -78.12 -76.75 -38.72
N ASN AA 321 -78.37 -76.13 -39.88
CA ASN AA 321 -79.64 -76.18 -40.57
C ASN AA 321 -79.52 -77.20 -41.70
N LEU AA 322 -80.33 -78.26 -41.63
CA LEU AA 322 -80.20 -79.36 -42.57
C LEU AA 322 -80.54 -78.94 -44.00
N ARG AA 323 -81.69 -78.30 -44.18
CA ARG AA 323 -82.13 -77.94 -45.53
C ARG AA 323 -81.25 -76.86 -46.14
N ILE AA 324 -80.71 -75.96 -45.33
CA ILE AA 324 -79.77 -74.95 -45.84
C ILE AA 324 -78.53 -75.62 -46.41
N MET AA 325 -78.05 -76.66 -45.73
CA MET AA 325 -76.89 -77.39 -46.24
C MET AA 325 -77.23 -78.19 -47.48
N LEU AA 326 -78.44 -78.74 -47.55
CA LEU AA 326 -78.85 -79.50 -48.74
C LEU AA 326 -78.95 -78.59 -49.95
N LYS AA 327 -79.33 -77.33 -49.74
CA LYS AA 327 -79.36 -76.36 -50.83
C LYS AA 327 -77.97 -76.12 -51.40
N LEU AA 328 -76.97 -76.04 -50.53
CA LEU AA 328 -75.60 -75.82 -50.99
C LEU AA 328 -74.94 -77.10 -51.44
N ASN AA 329 -75.26 -78.22 -50.78
CA ASN AA 329 -74.62 -79.51 -51.03
C ASN AA 329 -75.69 -80.59 -50.95
N PRO AA 330 -76.38 -80.86 -52.06
CA PRO AA 330 -77.41 -81.91 -52.04
C PRO AA 330 -76.87 -83.28 -51.65
N TYR AA 331 -75.61 -83.55 -51.93
CA TYR AA 331 -75.00 -84.83 -51.57
C TYR AA 331 -74.79 -84.99 -50.06
N ALA AA 332 -74.89 -83.91 -49.29
CA ALA AA 332 -74.74 -84.04 -47.85
C ALA AA 332 -75.83 -84.91 -47.23
N LYS AA 333 -76.97 -85.04 -47.89
CA LYS AA 333 -78.07 -85.83 -47.32
C LYS AA 333 -77.75 -87.32 -47.34
N THR AA 334 -77.27 -87.82 -48.47
CA THR AA 334 -76.91 -89.23 -48.55
C THR AA 334 -75.69 -89.57 -47.70
N MET AA 335 -74.75 -88.63 -47.56
CA MET AA 335 -73.67 -88.83 -46.59
C MET AA 335 -74.24 -88.95 -45.18
N ARG AA 336 -75.19 -88.08 -44.84
CA ARG AA 336 -75.79 -88.10 -43.51
C ARG AA 336 -76.63 -89.35 -43.32
N ARG AA 337 -77.36 -89.77 -44.35
CA ARG AA 337 -78.16 -90.99 -44.23
C ARG AA 337 -77.25 -92.22 -44.09
N ASN AA 338 -76.12 -92.22 -44.79
CA ASN AA 338 -75.22 -93.36 -44.71
C ASN AA 338 -74.53 -93.45 -43.36
N THR AA 339 -74.11 -92.31 -42.79
CA THR AA 339 -73.49 -92.36 -41.48
C THR AA 339 -74.49 -92.78 -40.40
N ILE AA 340 -75.73 -92.30 -40.46
CA ILE AA 340 -76.71 -92.70 -39.46
C ILE AA 340 -76.98 -94.19 -39.55
N LEU AA 341 -77.12 -94.72 -40.76
CA LEU AA 341 -77.35 -96.15 -40.93
C LEU AA 341 -76.14 -96.96 -40.50
N ARG AA 342 -74.93 -96.46 -40.82
CA ARG AA 342 -73.71 -97.16 -40.45
C ARG AA 342 -73.53 -97.23 -38.94
N GLN AA 343 -73.74 -96.10 -38.25
CA GLN AA 343 -73.54 -96.08 -36.80
C GLN AA 343 -74.59 -96.92 -36.09
N ALA AA 344 -75.80 -97.00 -36.64
CA ALA AA 344 -76.82 -97.86 -36.06
C ALA AA 344 -76.45 -99.33 -36.21
N ARG AA 345 -75.95 -99.72 -37.39
CA ARG AA 345 -75.50 -101.09 -37.58
C ARG AA 345 -74.33 -101.41 -36.68
N ASN AA 346 -73.37 -100.50 -36.56
CA ASN AA 346 -72.20 -100.72 -35.72
C ASN AA 346 -72.59 -100.82 -34.26
N HIS AA 347 -73.55 -100.00 -33.82
CA HIS AA 347 -74.02 -100.05 -32.44
C HIS AA 347 -74.67 -101.39 -32.12
N LYS AA 348 -75.48 -101.89 -33.06
CA LYS AA 348 -76.19 -103.15 -32.83
C LYS AA 348 -75.23 -104.33 -32.87
N LEU AA 349 -74.17 -104.24 -33.68
CA LEU AA 349 -73.16 -105.29 -33.70
C LEU AA 349 -72.47 -105.39 -32.35
N ARG AA 350 -72.09 -104.25 -31.77
CA ARG AA 350 -71.39 -104.25 -30.50
C ARG AA 350 -72.29 -104.67 -29.35
N VAL AA 351 -73.55 -104.24 -29.37
CA VAL AA 351 -74.48 -104.61 -28.32
C VAL AA 351 -74.73 -106.11 -28.33
N ASP AA 352 -74.92 -106.71 -29.50
CA ASP AA 352 -75.09 -108.15 -29.59
C ASP AA 352 -73.82 -108.90 -29.25
N LYS AA 353 -72.68 -108.44 -29.78
CA LYS AA 353 -71.43 -109.15 -29.55
C LYS AA 353 -71.05 -109.18 -28.08
N ALA AA 354 -71.31 -108.07 -27.36
CA ALA AA 354 -71.13 -108.08 -25.91
C ALA AA 354 -72.16 -108.98 -25.24
N ALA AA 355 -73.40 -109.00 -25.76
CA ALA AA 355 -74.41 -109.89 -25.21
C ALA AA 355 -74.05 -111.35 -25.46
N ALA AA 356 -73.45 -111.65 -26.62
CA ALA AA 356 -72.94 -112.99 -26.85
C ALA AA 356 -71.73 -113.28 -25.97
N ALA AA 357 -70.95 -112.25 -25.65
CA ALA AA 357 -69.83 -112.43 -24.74
C ALA AA 357 -70.30 -112.84 -23.35
N ALA AA 358 -71.36 -112.19 -22.86
CA ALA AA 358 -71.85 -112.53 -21.52
C ALA AA 358 -72.58 -113.86 -21.52
N ALA AA 359 -73.20 -114.23 -22.65
CA ALA AA 359 -73.86 -115.53 -22.75
C ALA AA 359 -72.84 -116.67 -22.72
N ALA AA 360 -71.77 -116.54 -23.51
CA ALA AA 360 -70.73 -117.56 -23.53
C ALA AA 360 -70.03 -117.67 -22.18
N LEU AA 361 -69.78 -116.53 -21.54
CA LEU AA 361 -69.14 -116.53 -20.22
C LEU AA 361 -70.05 -117.23 -19.21
N GLN AA 362 -71.36 -117.01 -19.29
CA GLN AA 362 -72.29 -117.75 -18.45
C GLN AA 362 -72.25 -119.24 -18.76
N ALA AA 363 -72.18 -119.59 -20.05
CA ALA AA 363 -72.17 -121.00 -20.45
C ALA AA 363 -70.93 -121.71 -19.94
N LYS AA 364 -69.78 -121.02 -19.92
CA LYS AA 364 -68.54 -121.64 -19.44
C LYS AA 364 -68.38 -121.54 -17.93
N SER AA 365 -69.22 -120.78 -17.23
CA SER AA 365 -69.10 -120.63 -15.78
C SER AA 365 -70.13 -121.42 -15.00
N ASP AA 366 -71.35 -121.59 -15.54
CA ASP AA 366 -72.41 -122.30 -14.85
C ASP AA 366 -72.85 -123.54 -15.65
N GLU AA 367 -71.92 -124.15 -16.38
CA GLU AA 367 -72.23 -125.27 -17.25
C GLU AA 367 -72.71 -126.51 -16.50
N LYS AA 368 -72.45 -126.60 -15.20
CA LYS AA 368 -72.82 -127.76 -14.39
C LYS AA 368 -72.24 -129.05 -14.95
N GLY BA 1 23.04 -62.41 -41.40
CA GLY BA 1 22.56 -62.05 -40.08
C GLY BA 1 22.82 -60.60 -39.73
N PHE BA 2 22.87 -59.76 -40.74
CA PHE BA 2 23.12 -58.34 -40.56
C PHE BA 2 22.04 -57.45 -41.18
N VAL BA 3 21.56 -57.80 -42.36
CA VAL BA 3 20.66 -56.95 -43.14
C VAL BA 3 19.27 -57.59 -43.16
N LYS BA 4 18.26 -56.78 -42.86
CA LYS BA 4 16.88 -57.25 -42.89
C LYS BA 4 16.51 -57.69 -44.30
N VAL BA 5 15.94 -58.89 -44.41
CA VAL BA 5 15.61 -59.46 -45.71
C VAL BA 5 14.42 -58.70 -46.28
N VAL BA 6 14.62 -58.07 -47.43
CA VAL BA 6 13.55 -57.29 -48.05
C VAL BA 6 12.52 -58.23 -48.68
N LYS BA 7 12.97 -59.24 -49.41
CA LYS BA 7 12.08 -60.18 -50.08
C LYS BA 7 11.67 -61.32 -49.14
N ASN BA 8 11.05 -60.93 -48.04
CA ASN BA 8 10.56 -61.88 -47.06
C ASN BA 8 9.18 -62.39 -47.48
N LYS BA 9 8.51 -63.10 -46.57
CA LYS BA 9 7.21 -63.66 -46.89
C LYS BA 9 6.18 -62.57 -47.14
N ALA BA 10 6.19 -61.50 -46.34
CA ALA BA 10 5.22 -60.43 -46.51
C ALA BA 10 5.43 -59.67 -47.81
N TYR BA 11 6.67 -59.64 -48.31
CA TYR BA 11 6.93 -59.02 -49.60
C TYR BA 11 6.18 -59.73 -50.71
N PHE BA 12 6.21 -61.06 -50.70
CA PHE BA 12 5.52 -61.84 -51.72
C PHE BA 12 4.03 -61.89 -51.48
N LYS BA 13 3.60 -61.76 -50.23
CA LYS BA 13 2.17 -61.83 -49.93
C LYS BA 13 1.41 -60.71 -50.61
N ARG BA 14 1.98 -59.50 -50.65
CA ARG BA 14 1.30 -58.36 -51.22
C ARG BA 14 2.01 -57.81 -52.46
N TYR BA 15 2.75 -58.65 -53.15
CA TYR BA 15 3.34 -58.30 -54.44
C TYR BA 15 2.28 -58.44 -55.51
N GLN BA 16 2.08 -57.41 -56.32
CA GLN BA 16 1.20 -57.47 -57.47
C GLN BA 16 2.06 -57.60 -58.72
N VAL BA 17 1.82 -58.65 -59.48
CA VAL BA 17 2.54 -58.82 -60.74
C VAL BA 17 1.99 -57.84 -61.76
N LYS BA 18 2.85 -57.41 -62.68
CA LYS BA 18 2.40 -56.68 -63.84
C LYS BA 18 1.82 -57.66 -64.85
N PHE BA 19 1.20 -57.11 -65.90
CA PHE BA 19 0.65 -57.96 -66.94
C PHE BA 19 1.74 -58.85 -67.52
N ARG BA 20 1.35 -60.04 -67.97
CA ARG BA 20 2.33 -61.01 -68.42
C ARG BA 20 3.19 -60.48 -69.55
N ARG BA 21 2.57 -59.80 -70.51
CA ARG BA 21 3.32 -59.25 -71.64
C ARG BA 21 4.06 -57.97 -71.28
N ARG BA 22 3.70 -57.32 -70.18
CA ARG BA 22 4.55 -56.30 -69.57
C ARG BA 22 5.76 -56.93 -68.89
N ARG BA 23 5.55 -58.02 -68.15
CA ARG BA 23 6.65 -58.73 -67.51
C ARG BA 23 7.64 -59.27 -68.54
N GLU BA 24 7.12 -59.77 -69.66
CA GLU BA 24 7.99 -60.25 -70.74
C GLU BA 24 8.65 -59.12 -71.50
N GLY BA 25 8.27 -57.87 -71.26
CA GLY BA 25 8.86 -56.74 -71.95
C GLY BA 25 8.55 -56.71 -73.43
N LYS BA 26 7.32 -57.03 -73.82
CA LYS BA 26 6.93 -57.02 -75.22
C LYS BA 26 5.80 -56.08 -75.55
N THR BA 27 4.99 -55.65 -74.58
CA THR BA 27 3.86 -54.78 -74.84
C THR BA 27 3.92 -53.54 -73.96
N ASP BA 28 3.92 -52.37 -74.60
CA ASP BA 28 3.71 -51.11 -73.90
C ASP BA 28 2.21 -50.87 -73.83
N TYR BA 29 1.64 -51.08 -72.65
CA TYR BA 29 0.19 -51.00 -72.50
C TYR BA 29 -0.30 -49.56 -72.46
N TYR BA 30 0.57 -48.61 -72.11
CA TYR BA 30 0.21 -47.20 -72.22
C TYR BA 30 -0.08 -46.83 -73.67
N ALA BA 31 0.79 -47.24 -74.58
CA ALA BA 31 0.61 -46.93 -75.99
C ALA BA 31 -0.44 -47.83 -76.64
N ARG BA 32 -0.55 -49.08 -76.18
CA ARG BA 32 -1.50 -50.00 -76.80
C ARG BA 32 -2.93 -49.53 -76.58
N LYS BA 33 -3.22 -48.92 -75.43
CA LYS BA 33 -4.56 -48.41 -75.18
C LYS BA 33 -4.95 -47.34 -76.21
N ARG BA 34 -4.03 -46.42 -76.49
CA ARG BA 34 -4.32 -45.37 -77.45
C ARG BA 34 -4.29 -45.87 -78.89
N LEU BA 35 -3.68 -47.03 -79.14
CA LEU BA 35 -3.58 -47.54 -80.51
C LEU BA 35 -4.79 -48.38 -80.90
N VAL BA 36 -5.29 -49.23 -80.00
CA VAL BA 36 -6.22 -50.28 -80.38
C VAL BA 36 -7.66 -49.97 -79.98
N ILE BA 37 -7.90 -49.01 -79.11
CA ILE BA 37 -9.23 -48.78 -78.55
C ILE BA 37 -10.01 -47.87 -79.49
N GLN BA 38 -11.16 -48.36 -79.96
CA GLN BA 38 -12.04 -47.62 -80.86
C GLN BA 38 -12.96 -46.70 -80.07
N ASP BA 39 -13.35 -45.60 -80.71
CA ASP BA 39 -14.37 -44.72 -80.14
C ASP BA 39 -15.65 -45.51 -79.88
N LYS BA 40 -16.27 -45.22 -78.73
CA LYS BA 40 -17.47 -45.97 -78.34
C LYS BA 40 -18.62 -45.76 -79.31
N ASN BA 41 -18.74 -44.59 -79.92
CA ASN BA 41 -19.78 -44.39 -80.92
C ASN BA 41 -19.29 -44.72 -82.32
N LYS BA 42 -18.61 -45.86 -82.45
CA LYS BA 42 -18.27 -46.47 -83.73
C LYS BA 42 -18.69 -47.93 -83.64
N TYR BA 43 -18.71 -48.41 -82.41
CA TYR BA 43 -19.43 -49.56 -81.87
C TYR BA 43 -18.97 -50.94 -82.31
N ASN BA 44 -18.43 -51.10 -83.50
CA ASN BA 44 -17.85 -52.38 -83.87
C ASN BA 44 -16.88 -52.18 -85.01
N THR BA 45 -16.70 -50.94 -85.41
CA THR BA 45 -15.78 -50.61 -86.48
C THR BA 45 -14.39 -51.02 -86.06
N PRO BA 46 -13.72 -51.90 -86.80
CA PRO BA 46 -12.37 -52.29 -86.43
C PRO BA 46 -11.42 -51.11 -86.48
N LYS BA 47 -10.51 -51.05 -85.52
CA LYS BA 47 -9.38 -50.14 -85.56
C LYS BA 47 -8.20 -50.96 -86.05
N TYR BA 48 -7.85 -50.80 -87.30
CA TYR BA 48 -6.73 -51.52 -87.87
C TYR BA 48 -5.43 -50.81 -87.55
N ARG BA 49 -4.39 -51.59 -87.28
CA ARG BA 49 -3.05 -51.06 -87.14
C ARG BA 49 -2.08 -51.95 -87.89
N MET BA 50 -0.93 -51.38 -88.25
CA MET BA 50 0.15 -52.11 -88.90
C MET BA 50 1.23 -52.37 -87.87
N ILE BA 51 1.38 -53.63 -87.48
CA ILE BA 51 2.43 -54.05 -86.55
C ILE BA 51 3.69 -54.28 -87.36
N VAL BA 52 4.76 -53.56 -87.03
CA VAL BA 52 6.08 -53.82 -87.59
C VAL BA 52 7.00 -54.21 -86.45
N ARG BA 53 7.50 -55.44 -86.50
CA ARG BA 53 8.44 -55.95 -85.50
C ARG BA 53 9.68 -56.42 -86.22
N VAL BA 54 10.82 -55.81 -85.89
CA VAL BA 54 12.09 -56.19 -86.48
C VAL BA 54 12.84 -57.10 -85.51
N THR BA 55 13.17 -58.28 -85.98
CA THR BA 55 13.88 -59.31 -85.26
C THR BA 55 15.35 -59.24 -85.65
N ASN BA 56 16.22 -59.93 -84.89
CA ASN BA 56 17.61 -60.07 -85.27
C ASN BA 56 17.77 -60.53 -86.71
N ARG BA 57 16.90 -61.45 -87.18
CA ARG BA 57 17.00 -61.99 -88.52
C ARG BA 57 15.82 -61.68 -89.43
N ASP BA 58 14.65 -61.39 -88.88
CA ASP BA 58 13.43 -61.30 -89.68
C ASP BA 58 12.79 -59.93 -89.50
N ILE BA 59 11.86 -59.63 -90.39
CA ILE BA 59 10.95 -58.50 -90.25
C ILE BA 59 9.54 -59.05 -90.31
N ILE BA 60 8.72 -58.68 -89.33
CA ILE BA 60 7.33 -59.14 -89.24
C ILE BA 60 6.43 -57.93 -89.44
N CYS BA 61 5.55 -58.02 -90.42
CA CYS BA 61 4.52 -57.01 -90.66
C CYS BA 61 3.16 -57.69 -90.61
N GLN BA 62 2.29 -57.20 -89.71
CA GLN BA 62 0.94 -57.74 -89.60
C GLN BA 62 -0.05 -56.60 -89.52
N ILE BA 63 -1.24 -56.83 -90.06
CA ILE BA 63 -2.38 -55.95 -89.86
C ILE BA 63 -3.31 -56.62 -88.87
N ALA BA 64 -3.72 -55.89 -87.83
CA ALA BA 64 -4.54 -56.47 -86.77
C ALA BA 64 -5.56 -55.44 -86.29
N TYR BA 65 -6.66 -55.95 -85.73
CA TYR BA 65 -7.58 -55.15 -84.96
C TYR BA 65 -7.89 -55.88 -83.66
N ALA BA 66 -8.12 -55.12 -82.61
CA ALA BA 66 -8.30 -55.67 -81.27
C ALA BA 66 -9.71 -56.19 -81.08
N ARG BA 67 -9.80 -57.32 -80.36
CA ARG BA 67 -11.06 -57.90 -79.90
C ARG BA 67 -10.87 -58.36 -78.46
N ILE BA 68 -12.00 -58.62 -77.79
CA ILE BA 68 -11.96 -59.00 -76.37
C ILE BA 68 -11.16 -60.28 -76.18
N GLU BA 69 -11.38 -61.25 -77.06
CA GLU BA 69 -10.69 -62.54 -76.96
C GLU BA 69 -9.25 -62.48 -77.43
N GLY BA 70 -8.81 -61.35 -77.98
CA GLY BA 70 -7.46 -61.24 -78.50
C GLY BA 70 -7.41 -60.55 -79.84
N ASP BA 71 -6.21 -60.18 -80.26
CA ASP BA 71 -6.03 -59.49 -81.53
C ASP BA 71 -6.32 -60.42 -82.70
N MET BA 72 -6.85 -59.85 -83.77
CA MET BA 72 -7.16 -60.58 -85.00
C MET BA 72 -6.25 -60.08 -86.11
N ILE BA 73 -5.38 -60.96 -86.60
CA ILE BA 73 -4.51 -60.65 -87.73
C ILE BA 73 -5.33 -60.85 -89.00
N VAL BA 74 -5.45 -59.80 -89.81
CA VAL BA 74 -6.16 -59.94 -91.08
C VAL BA 74 -5.19 -60.28 -92.20
N CYS BA 75 -3.91 -59.94 -92.02
CA CYS BA 75 -2.92 -60.19 -93.05
C CYS BA 75 -1.53 -60.06 -92.42
N ALA BA 76 -0.61 -60.92 -92.85
CA ALA BA 76 0.75 -60.90 -92.34
C ALA BA 76 1.73 -61.07 -93.49
N ALA BA 77 2.89 -60.45 -93.36
CA ALA BA 77 3.98 -60.56 -94.31
C ALA BA 77 5.29 -60.67 -93.56
N TYR BA 78 6.24 -61.42 -94.12
CA TYR BA 78 7.49 -61.70 -93.46
C TYR BA 78 8.64 -61.45 -94.42
N ALA BA 79 9.73 -60.90 -93.88
CA ALA BA 79 10.92 -60.71 -94.69
C ALA BA 79 11.62 -62.01 -95.01
N HIS BA 80 11.30 -63.10 -94.30
CA HIS BA 80 11.92 -64.39 -94.58
C HIS BA 80 11.31 -65.08 -95.79
N GLU BA 81 10.17 -64.60 -96.29
CA GLU BA 81 9.61 -65.08 -97.54
C GLU BA 81 10.00 -64.19 -98.72
N LEU BA 82 10.86 -63.20 -98.50
CA LEU BA 82 11.41 -62.42 -99.61
C LEU BA 82 12.24 -63.24 -100.59
N PRO BA 83 12.94 -64.33 -100.20
CA PRO BA 83 13.68 -65.12 -101.20
C PRO BA 83 12.81 -65.69 -102.30
N LYS BA 84 11.48 -65.71 -102.10
CA LYS BA 84 10.59 -66.24 -103.13
C LYS BA 84 10.65 -65.41 -104.41
N TYR BA 85 10.99 -64.13 -104.32
CA TYR BA 85 11.15 -63.24 -105.47
C TYR BA 85 12.38 -62.35 -105.30
N GLY BA 86 13.46 -62.68 -105.99
CA GLY BA 86 14.55 -61.73 -106.02
C GLY BA 86 15.46 -61.75 -104.81
N VAL BA 87 15.27 -60.82 -103.87
CA VAL BA 87 16.17 -60.67 -102.73
C VAL BA 87 16.17 -61.96 -101.92
N LYS BA 88 17.35 -62.55 -101.74
CA LYS BA 88 17.50 -63.76 -100.94
C LYS BA 88 18.39 -63.57 -99.71
N VAL BA 89 19.39 -62.71 -99.79
CA VAL BA 89 20.28 -62.42 -98.66
C VAL BA 89 20.33 -60.91 -98.48
N GLY BA 90 20.17 -60.47 -97.24
CA GLY BA 90 20.17 -59.05 -96.95
C GLY BA 90 18.89 -58.64 -96.25
N LEU BA 91 18.19 -59.63 -95.70
CA LEU BA 91 16.94 -59.37 -95.01
C LEU BA 91 17.21 -58.53 -93.78
N THR BA 92 16.14 -58.12 -93.11
CA THR BA 92 16.16 -57.27 -91.92
C THR BA 92 16.89 -55.94 -92.13
N ASN BA 93 17.17 -55.55 -93.38
CA ASN BA 93 17.69 -54.21 -93.63
C ASN BA 93 16.57 -53.31 -94.12
N TYR BA 94 16.88 -52.02 -94.28
CA TYR BA 94 15.85 -51.03 -94.58
C TYR BA 94 15.16 -51.33 -95.90
N ALA BA 95 15.90 -51.75 -96.92
CA ALA BA 95 15.30 -52.12 -98.18
C ALA BA 95 14.40 -53.35 -98.03
N ALA BA 96 14.81 -54.30 -97.19
CA ALA BA 96 13.96 -55.45 -96.92
C ALA BA 96 12.68 -55.04 -96.20
N ALA BA 97 12.76 -54.06 -95.29
CA ALA BA 97 11.57 -53.58 -94.60
C ALA BA 97 10.58 -52.95 -95.57
N TYR BA 98 11.09 -52.21 -96.56
CA TYR BA 98 10.20 -51.66 -97.59
C TYR BA 98 9.49 -52.75 -98.36
N CYS BA 99 10.21 -53.82 -98.70
CA CYS BA 99 9.62 -54.89 -99.51
C CYS BA 99 8.53 -55.63 -98.74
N THR BA 100 8.75 -55.91 -97.46
CA THR BA 100 7.75 -56.64 -96.70
C THR BA 100 6.57 -55.75 -96.32
N GLY BA 101 6.80 -54.43 -96.19
CA GLY BA 101 5.68 -53.51 -96.10
C GLY BA 101 4.88 -53.43 -97.38
N LEU BA 102 5.58 -53.38 -98.52
CA LEU BA 102 4.90 -53.43 -99.81
C LEU BA 102 4.17 -54.74 -99.99
N LEU BA 103 4.80 -55.85 -99.60
CA LEU BA 103 4.16 -57.15 -99.73
C LEU BA 103 2.93 -57.24 -98.85
N LEU BA 104 2.98 -56.67 -97.64
CA LEU BA 104 1.81 -56.65 -96.77
C LEU BA 104 0.68 -55.85 -97.41
N ALA BA 105 0.99 -54.68 -97.97
CA ALA BA 105 -0.04 -53.85 -98.57
C ALA BA 105 -0.66 -54.51 -99.78
N ARG BA 106 0.17 -55.08 -100.66
CA ARG BA 106 -0.35 -55.71 -101.87
C ARG BA 106 -1.12 -56.98 -101.55
N ARG BA 107 -0.70 -57.71 -100.53
CA ARG BA 107 -1.39 -58.94 -100.17
C ARG BA 107 -2.73 -58.65 -99.51
N LEU BA 108 -2.79 -57.62 -98.67
CA LEU BA 108 -4.06 -57.23 -98.06
C LEU BA 108 -5.04 -56.69 -99.09
N LEU BA 109 -4.56 -55.82 -99.98
CA LEU BA 109 -5.44 -55.27 -101.01
C LEU BA 109 -5.96 -56.36 -101.93
N ASN BA 110 -5.13 -57.37 -102.20
CA ASN BA 110 -5.56 -58.46 -103.06
C ASN BA 110 -6.71 -59.24 -102.43
N ARG BA 111 -6.62 -59.55 -101.13
CA ARG BA 111 -7.66 -60.31 -100.47
C ARG BA 111 -8.96 -59.50 -100.39
N PHE BA 112 -8.86 -58.20 -100.14
CA PHE BA 112 -10.02 -57.34 -100.10
C PHE BA 112 -10.58 -57.06 -101.49
N GLY BA 113 -9.91 -57.51 -102.54
CA GLY BA 113 -10.42 -57.35 -103.89
C GLY BA 113 -10.25 -55.98 -104.47
N MET BA 114 -9.52 -55.08 -103.80
CA MET BA 114 -9.32 -53.73 -104.29
C MET BA 114 -7.84 -53.48 -104.58
N ASP BA 115 -7.19 -54.43 -105.23
CA ASP BA 115 -5.79 -54.26 -105.62
C ASP BA 115 -5.66 -53.65 -107.02
N LYS BA 116 -6.64 -53.87 -107.90
CA LYS BA 116 -6.65 -53.15 -109.18
C LYS BA 116 -6.80 -51.66 -108.97
N ILE BA 117 -7.81 -51.24 -108.20
CA ILE BA 117 -7.88 -49.90 -107.70
C ILE BA 117 -6.84 -49.77 -106.59
N TYR BA 118 -6.35 -48.55 -106.37
CA TYR BA 118 -5.31 -48.30 -105.37
C TYR BA 118 -4.05 -49.11 -105.70
N GLU BA 119 -3.43 -48.79 -106.83
CA GLU BA 119 -2.14 -49.39 -107.17
C GLU BA 119 -1.01 -48.81 -106.34
N GLY BA 120 -1.26 -47.72 -105.61
CA GLY BA 120 -0.20 -47.08 -104.88
C GLY BA 120 0.75 -46.33 -105.79
N GLN BA 121 1.99 -46.19 -105.34
CA GLN BA 121 3.04 -45.52 -106.08
C GLN BA 121 3.97 -46.60 -106.64
N VAL BA 122 3.76 -46.96 -107.91
CA VAL BA 122 4.49 -48.09 -108.49
C VAL BA 122 5.95 -47.72 -108.72
N GLU BA 123 6.19 -46.59 -109.39
CA GLU BA 123 7.54 -46.10 -109.57
C GLU BA 123 8.01 -45.50 -108.25
N VAL BA 124 9.06 -46.06 -107.68
CA VAL BA 124 9.46 -45.72 -106.32
C VAL BA 124 10.29 -44.44 -106.35
N THR BA 125 9.70 -43.37 -105.85
CA THR BA 125 10.42 -42.17 -105.42
C THR BA 125 10.13 -42.00 -103.94
N GLY BA 126 11.18 -41.77 -103.14
CA GLY BA 126 11.03 -41.81 -101.70
C GLY BA 126 10.39 -40.57 -101.10
N ASP BA 127 9.59 -39.84 -101.89
CA ASP BA 127 8.98 -38.60 -101.47
C ASP BA 127 7.64 -38.87 -100.82
N GLU BA 128 7.05 -37.82 -100.24
CA GLU BA 128 5.74 -37.93 -99.62
C GLU BA 128 4.72 -38.44 -100.63
N TYR BA 129 4.00 -39.49 -100.25
CA TYR BA 129 2.90 -40.00 -101.05
C TYR BA 129 1.81 -40.46 -100.10
N ASN BA 130 0.56 -40.15 -100.41
CA ASN BA 130 -0.59 -40.63 -99.68
C ASN BA 130 -1.68 -41.05 -100.65
N VAL BA 131 -2.18 -42.28 -100.49
CA VAL BA 131 -3.29 -42.73 -101.31
C VAL BA 131 -4.56 -41.98 -100.91
N GLU BA 132 -5.47 -41.82 -101.86
CA GLU BA 132 -6.74 -41.15 -101.63
C GLU BA 132 -7.88 -42.02 -102.13
N SER BA 133 -8.96 -42.07 -101.36
CA SER BA 133 -10.13 -42.82 -101.77
C SER BA 133 -10.75 -42.18 -103.01
N ILE BA 134 -11.22 -43.00 -103.94
CA ILE BA 134 -11.82 -42.51 -105.17
C ILE BA 134 -13.33 -42.72 -105.09
N ASP BA 135 -14.09 -41.65 -105.37
CA ASP BA 135 -15.54 -41.68 -105.22
C ASP BA 135 -16.16 -42.68 -106.20
N GLY BA 136 -17.18 -43.38 -105.74
CA GLY BA 136 -17.79 -44.45 -106.50
C GLY BA 136 -17.09 -45.78 -106.34
N GLN BA 137 -16.04 -45.84 -105.55
CA GLN BA 137 -15.22 -47.03 -105.35
C GLN BA 137 -15.08 -47.26 -103.85
N PRO BA 138 -14.78 -48.48 -103.42
CA PRO BA 138 -14.56 -48.72 -101.99
C PRO BA 138 -13.42 -47.85 -101.47
N GLY BA 139 -13.57 -47.38 -100.23
CA GLY BA 139 -12.58 -46.51 -99.65
C GLY BA 139 -11.26 -47.20 -99.40
N ALA BA 140 -10.21 -46.39 -99.33
CA ALA BA 140 -8.88 -46.91 -99.10
C ALA BA 140 -8.77 -47.51 -97.70
N PHE BA 141 -8.04 -48.61 -97.59
CA PHE BA 141 -7.82 -49.23 -96.30
C PHE BA 141 -6.94 -48.34 -95.43
N THR BA 142 -7.46 -47.95 -94.28
CA THR BA 142 -6.76 -47.06 -93.36
C THR BA 142 -6.33 -47.86 -92.14
N CYS BA 143 -5.05 -47.71 -91.77
CA CYS BA 143 -4.54 -48.31 -90.54
C CYS BA 143 -3.46 -47.40 -90.00
N TYR BA 144 -2.98 -47.72 -88.81
CA TYR BA 144 -2.00 -46.90 -88.11
C TYR BA 144 -0.80 -47.75 -87.75
N LEU BA 145 0.37 -47.14 -87.76
CA LEU BA 145 1.60 -47.86 -87.49
C LEU BA 145 1.72 -48.16 -86.00
N ASP BA 146 1.97 -49.42 -85.67
CA ASP BA 146 2.30 -49.85 -84.31
C ASP BA 146 3.80 -50.13 -84.29
N ALA BA 147 4.57 -49.21 -83.72
CA ALA BA 147 6.02 -49.34 -83.66
C ALA BA 147 6.50 -50.10 -82.43
N GLY BA 148 5.60 -50.41 -81.49
CA GLY BA 148 5.99 -51.21 -80.34
C GLY BA 148 6.92 -50.45 -79.41
N LEU BA 149 8.02 -51.11 -79.05
CA LEU BA 149 9.01 -50.53 -78.15
C LEU BA 149 10.18 -49.88 -78.88
N ALA BA 150 10.16 -49.91 -80.21
CA ALA BA 150 11.27 -49.37 -81.00
C ALA BA 150 11.36 -47.85 -80.82
N ARG BA 151 12.59 -47.35 -80.79
CA ARG BA 151 12.79 -45.91 -80.72
C ARG BA 151 12.59 -45.29 -82.09
N THR BA 152 11.66 -44.35 -82.19
CA THR BA 152 11.23 -43.79 -83.47
C THR BA 152 12.07 -42.57 -83.86
N THR BA 153 13.38 -42.78 -83.90
CA THR BA 153 14.25 -41.76 -84.47
C THR BA 153 14.24 -41.86 -85.99
N THR BA 154 14.85 -40.86 -86.63
CA THR BA 154 14.87 -40.82 -88.08
C THR BA 154 15.66 -41.99 -88.63
N GLY BA 155 15.05 -42.72 -89.55
CA GLY BA 155 15.74 -43.83 -90.20
C GLY BA 155 15.43 -45.20 -89.61
N ASN BA 156 14.62 -45.26 -88.55
CA ASN BA 156 14.19 -46.53 -88.00
C ASN BA 156 13.43 -47.32 -89.05
N LYS BA 157 13.66 -48.64 -89.05
CA LYS BA 157 13.18 -49.49 -90.13
C LYS BA 157 11.67 -49.66 -90.11
N VAL BA 158 11.00 -49.32 -89.01
CA VAL BA 158 9.54 -49.39 -88.99
C VAL BA 158 8.95 -48.41 -90.00
N PHE BA 159 9.69 -47.36 -90.34
CA PHE BA 159 9.21 -46.39 -91.30
C PHE BA 159 9.53 -46.79 -92.74
N GLY BA 160 10.53 -47.65 -92.94
CA GLY BA 160 10.68 -48.29 -94.23
C GLY BA 160 9.56 -49.25 -94.53
N ALA BA 161 9.15 -50.03 -93.52
CA ALA BA 161 7.96 -50.86 -93.66
C ALA BA 161 6.72 -50.01 -93.86
N LEU BA 162 6.64 -48.90 -93.13
CA LEU BA 162 5.57 -47.93 -93.34
C LEU BA 162 5.56 -47.44 -94.78
N LYS BA 163 6.72 -47.03 -95.29
CA LYS BA 163 6.79 -46.47 -96.64
C LYS BA 163 6.40 -47.50 -97.69
N GLY BA 164 6.80 -48.75 -97.51
CA GLY BA 164 6.38 -49.79 -98.44
C GLY BA 164 4.88 -49.98 -98.45
N ALA BA 165 4.25 -49.89 -97.29
CA ALA BA 165 2.81 -50.10 -97.21
C ALA BA 165 2.03 -48.93 -97.79
N VAL BA 166 2.48 -47.69 -97.54
CA VAL BA 166 1.80 -46.54 -98.12
C VAL BA 166 2.03 -46.48 -99.61
N ASP BA 167 3.23 -46.83 -100.08
CA ASP BA 167 3.47 -46.95 -101.51
C ASP BA 167 2.72 -48.12 -102.13
N GLY BA 168 2.35 -49.11 -101.33
CA GLY BA 168 1.55 -50.21 -101.82
C GLY BA 168 0.07 -49.93 -101.89
N GLY BA 169 -0.37 -48.75 -101.46
CA GLY BA 169 -1.76 -48.36 -101.53
C GLY BA 169 -2.51 -48.35 -100.21
N LEU BA 170 -1.82 -48.40 -99.08
CA LEU BA 170 -2.47 -48.33 -97.78
C LEU BA 170 -2.42 -46.91 -97.24
N SER BA 171 -3.54 -46.43 -96.74
CA SER BA 171 -3.61 -45.08 -96.17
C SER BA 171 -3.20 -45.15 -94.71
N ILE BA 172 -1.97 -44.74 -94.41
CA ILE BA 172 -1.44 -44.72 -93.05
C ILE BA 172 -0.97 -43.30 -92.76
N PRO BA 173 -1.54 -42.62 -91.76
CA PRO BA 173 -1.07 -41.27 -91.44
C PRO BA 173 0.37 -41.28 -90.97
N HIS BA 174 1.13 -40.32 -91.45
CA HIS BA 174 2.57 -40.24 -91.19
C HIS BA 174 3.06 -38.91 -91.74
N SER BA 175 4.26 -38.52 -91.31
CA SER BA 175 5.00 -37.43 -91.92
C SER BA 175 6.28 -38.01 -92.51
N THR BA 176 7.05 -37.16 -93.20
CA THR BA 176 8.32 -37.56 -93.76
C THR BA 176 9.47 -37.36 -92.77
N LYS BA 177 9.16 -36.90 -91.56
CA LYS BA 177 10.21 -36.53 -90.61
C LYS BA 177 11.06 -37.73 -90.22
N ARG BA 178 10.46 -38.89 -90.01
CA ARG BA 178 11.21 -40.08 -89.65
C ARG BA 178 11.56 -40.94 -90.86
N PHE BA 179 12.08 -40.32 -91.90
CA PHE BA 179 12.57 -41.04 -93.06
C PHE BA 179 14.06 -40.76 -93.22
N PRO BA 180 14.82 -41.71 -93.76
CA PRO BA 180 16.28 -41.52 -93.83
C PRO BA 180 16.73 -40.27 -94.57
N GLY BA 181 15.88 -39.67 -95.39
CA GLY BA 181 16.27 -38.45 -96.08
C GLY BA 181 16.11 -37.17 -95.30
N TYR BA 182 15.43 -37.21 -94.16
CA TYR BA 182 15.11 -35.99 -93.43
C TYR BA 182 16.37 -35.34 -92.85
N ASP BA 183 16.44 -34.01 -92.98
CA ASP BA 183 17.55 -33.22 -92.47
C ASP BA 183 17.11 -32.57 -91.16
N SER BA 184 17.70 -32.99 -90.05
CA SER BA 184 17.28 -32.48 -88.74
C SER BA 184 17.56 -30.98 -88.62
N GLU BA 185 18.74 -30.54 -89.06
CA GLU BA 185 19.12 -29.15 -88.86
C GLU BA 185 18.44 -28.22 -89.86
N SER BA 186 18.24 -28.68 -91.10
CA SER BA 186 17.62 -27.83 -92.10
C SER BA 186 16.10 -28.05 -92.19
N LYS BA 187 15.59 -29.07 -91.50
CA LYS BA 187 14.15 -29.38 -91.45
C LYS BA 187 13.58 -29.62 -92.86
N GLU BA 188 14.42 -30.14 -93.74
CA GLU BA 188 14.01 -30.40 -95.12
C GLU BA 188 14.19 -31.87 -95.44
N PHE BA 189 13.20 -32.42 -96.12
CA PHE BA 189 13.21 -33.82 -96.52
C PHE BA 189 13.77 -33.94 -97.92
N ASN BA 190 14.88 -34.69 -98.06
CA ASN BA 190 15.55 -34.76 -99.35
C ASN BA 190 14.76 -35.56 -100.37
N ALA BA 191 14.27 -36.73 -99.97
CA ALA BA 191 13.47 -37.67 -100.75
C ALA BA 191 14.28 -38.41 -101.81
N GLU BA 192 15.53 -38.05 -102.03
CA GLU BA 192 16.39 -38.76 -102.98
C GLU BA 192 17.41 -39.65 -102.28
N VAL BA 193 17.82 -39.29 -101.06
CA VAL BA 193 18.60 -40.25 -100.29
C VAL BA 193 17.69 -41.29 -99.65
N HIS BA 194 16.42 -40.94 -99.41
CA HIS BA 194 15.45 -41.93 -98.97
C HIS BA 194 15.26 -43.00 -100.03
N ARG BA 195 15.15 -42.60 -101.30
CA ARG BA 195 15.02 -43.57 -102.37
C ARG BA 195 16.28 -44.43 -102.50
N LYS BA 196 17.44 -43.87 -102.16
CA LYS BA 196 18.66 -44.68 -102.14
C LYS BA 196 18.60 -45.74 -101.05
N HIS BA 197 18.08 -45.38 -99.88
CA HIS BA 197 17.94 -46.35 -98.79
C HIS BA 197 16.95 -47.45 -99.15
N ILE BA 198 15.85 -47.08 -99.82
CA ILE BA 198 14.85 -48.07 -100.21
C ILE BA 198 15.45 -49.08 -101.19
N MET BA 199 16.42 -48.65 -101.98
CA MET BA 199 17.08 -49.54 -102.93
C MET BA 199 18.41 -50.09 -102.42
N GLY BA 200 18.66 -50.00 -101.11
CA GLY BA 200 19.86 -50.58 -100.53
C GLY BA 200 21.15 -50.00 -101.08
N GLN BA 201 21.13 -48.70 -101.40
CA GLN BA 201 22.32 -48.06 -101.93
C GLN BA 201 23.34 -47.76 -100.83
N ASN BA 202 22.86 -47.48 -99.62
CA ASN BA 202 23.78 -47.34 -98.49
C ASN BA 202 24.46 -48.66 -98.19
N VAL BA 203 23.74 -49.77 -98.34
CA VAL BA 203 24.37 -51.09 -98.21
C VAL BA 203 25.30 -51.36 -99.38
N ALA BA 204 24.90 -50.98 -100.60
CA ALA BA 204 25.72 -51.26 -101.77
C ALA BA 204 27.04 -50.50 -101.72
N ASP BA 205 27.01 -49.24 -101.30
CA ASP BA 205 28.23 -48.46 -101.24
C ASP BA 205 29.10 -48.83 -100.06
N TYR BA 206 28.53 -49.45 -99.02
CA TYR BA 206 29.33 -50.02 -97.95
C TYR BA 206 30.15 -51.19 -98.45
N MET BA 207 29.55 -52.04 -99.30
CA MET BA 207 30.32 -53.12 -99.90
C MET BA 207 31.46 -52.58 -100.74
N ARG BA 208 31.19 -51.55 -101.54
CA ARG BA 208 32.24 -50.92 -102.33
C ARG BA 208 33.28 -50.25 -101.45
N TYR BA 209 32.84 -49.57 -100.39
CA TYR BA 209 33.79 -48.94 -99.47
C TYR BA 209 34.64 -49.99 -98.77
N LEU BA 210 34.04 -51.13 -98.41
CA LEU BA 210 34.81 -52.20 -97.80
C LEU BA 210 35.70 -52.91 -98.81
N MET BA 211 35.30 -52.93 -100.09
CA MET BA 211 36.14 -53.54 -101.12
C MET BA 211 37.45 -52.79 -101.27
N GLU BA 212 37.38 -51.48 -101.47
CA GLU BA 212 38.58 -50.71 -101.84
C GLU BA 212 39.52 -50.53 -100.67
N GLU BA 213 39.00 -50.55 -99.44
CA GLU BA 213 39.84 -50.35 -98.27
C GLU BA 213 40.41 -51.65 -97.73
N ASP BA 214 39.64 -52.74 -97.77
CA ASP BA 214 40.04 -53.99 -97.18
C ASP BA 214 39.55 -55.13 -98.06
N GLU BA 215 40.04 -56.34 -97.78
CA GLU BA 215 39.58 -57.52 -98.50
C GLU BA 215 38.90 -58.52 -97.58
N ASP BA 216 39.57 -58.95 -96.50
CA ASP BA 216 38.97 -59.94 -95.63
C ASP BA 216 37.90 -59.33 -94.73
N ALA BA 217 37.94 -58.02 -94.51
CA ALA BA 217 36.85 -57.37 -93.78
C ALA BA 217 35.59 -57.31 -94.63
N TYR BA 218 35.74 -57.11 -95.94
CA TYR BA 218 34.57 -57.11 -96.82
C TYR BA 218 33.91 -58.49 -96.86
N LYS BA 219 34.72 -59.54 -96.95
CA LYS BA 219 34.14 -60.88 -97.01
C LYS BA 219 33.65 -61.35 -95.65
N LYS BA 220 34.17 -60.79 -94.55
CA LYS BA 220 33.63 -61.14 -93.24
C LYS BA 220 32.29 -60.46 -93.01
N GLN BA 221 32.13 -59.24 -93.54
CA GLN BA 221 30.90 -58.48 -93.29
C GLN BA 221 29.80 -58.87 -94.28
N PHE BA 222 30.17 -59.36 -95.45
CA PHE BA 222 29.20 -59.73 -96.48
C PHE BA 222 29.46 -61.13 -97.02
N SER BA 223 29.70 -62.09 -96.13
CA SER BA 223 30.02 -63.44 -96.59
C SER BA 223 28.84 -64.09 -97.30
N GLN BA 224 27.62 -63.89 -96.81
CA GLN BA 224 26.47 -64.47 -97.48
C GLN BA 224 26.07 -63.70 -98.73
N TYR BA 225 26.48 -62.44 -98.86
CA TYR BA 225 26.34 -61.74 -100.13
C TYR BA 225 27.22 -62.33 -101.20
N ILE BA 226 28.38 -62.89 -100.82
CA ILE BA 226 29.29 -63.45 -101.79
C ILE BA 226 28.65 -64.66 -102.49
N LYS BA 227 28.01 -65.53 -101.72
CA LYS BA 227 27.22 -66.59 -102.32
C LYS BA 227 26.03 -65.99 -103.08
N ASN BA 228 25.73 -66.59 -104.23
CA ASN BA 228 24.76 -66.05 -105.19
C ASN BA 228 25.17 -64.70 -105.73
N SER BA 229 26.43 -64.31 -105.50
CA SER BA 229 27.06 -63.16 -106.14
C SER BA 229 26.16 -61.92 -106.14
N VAL BA 230 25.83 -61.47 -104.93
CA VAL BA 230 25.07 -60.23 -104.79
C VAL BA 230 26.06 -59.08 -104.64
N THR BA 231 26.39 -58.45 -105.77
CA THR BA 231 27.42 -57.42 -105.81
C THR BA 231 26.80 -56.04 -105.58
N PRO BA 232 27.63 -55.04 -105.23
CA PRO BA 232 27.06 -53.69 -105.01
C PRO BA 232 26.30 -53.13 -106.20
N ASP BA 233 26.77 -53.39 -107.41
CA ASP BA 233 25.99 -53.06 -108.58
C ASP BA 233 24.83 -54.06 -108.71
N MET BA 234 23.79 -53.66 -109.45
CA MET BA 234 22.55 -54.39 -109.67
C MET BA 234 21.81 -54.71 -108.37
N MET BA 235 22.30 -54.21 -107.22
CA MET BA 235 21.52 -54.28 -106.00
C MET BA 235 20.25 -53.45 -106.11
N GLU BA 236 20.35 -52.26 -106.71
CA GLU BA 236 19.15 -51.47 -106.97
C GLU BA 236 18.23 -52.18 -107.95
N GLU BA 237 18.80 -52.85 -108.95
CA GLU BA 237 17.99 -53.53 -109.95
C GLU BA 237 17.25 -54.72 -109.34
N MET BA 238 17.88 -55.46 -108.43
CA MET BA 238 17.24 -56.64 -107.87
C MET BA 238 16.14 -56.27 -106.89
N TYR BA 239 16.20 -55.08 -106.31
CA TYR BA 239 15.07 -54.61 -105.51
C TYR BA 239 13.93 -54.17 -106.40
N LYS BA 240 14.24 -53.64 -107.58
CA LYS BA 240 13.19 -53.27 -108.53
C LYS BA 240 12.41 -54.49 -109.01
N LYS BA 241 13.11 -55.56 -109.37
CA LYS BA 241 12.42 -56.77 -109.80
C LYS BA 241 11.62 -57.37 -108.65
N ALA BA 242 12.16 -57.30 -107.43
CA ALA BA 242 11.42 -57.79 -106.27
C ALA BA 242 10.14 -56.99 -106.06
N HIS BA 243 10.21 -55.67 -106.18
CA HIS BA 243 9.00 -54.87 -106.07
C HIS BA 243 7.99 -55.24 -107.15
N ALA BA 244 8.46 -55.41 -108.39
CA ALA BA 244 7.57 -55.79 -109.48
C ALA BA 244 7.00 -57.19 -109.27
N ALA BA 245 7.81 -58.12 -108.79
CA ALA BA 245 7.32 -59.46 -108.54
C ALA BA 245 6.33 -59.50 -107.39
N ILE BA 246 6.49 -58.61 -106.41
CA ILE BA 246 5.52 -58.47 -105.33
C ILE BA 246 4.19 -58.00 -105.87
N ARG BA 247 4.23 -57.00 -106.76
CA ARG BA 247 2.99 -56.46 -107.32
C ARG BA 247 2.26 -57.53 -108.11
N GLU BA 248 3.00 -58.35 -108.87
CA GLU BA 248 2.36 -59.31 -109.76
C GLU BA 248 1.70 -60.44 -108.99
N ASN BA 249 2.36 -60.98 -107.96
CA ASN BA 249 1.82 -62.12 -107.22
C ASN BA 249 2.08 -61.94 -105.73
N PRO BA 250 1.21 -61.21 -105.03
CA PRO BA 250 1.34 -61.07 -103.58
C PRO BA 250 0.67 -62.16 -102.77
N VAL BA 251 -0.07 -63.06 -103.40
CA VAL BA 251 -0.83 -64.07 -102.68
C VAL BA 251 0.13 -65.03 -101.98
N TYR BA 252 -0.17 -65.33 -100.72
CA TYR BA 252 0.62 -66.27 -99.93
C TYR BA 252 -0.02 -67.65 -99.96
N GLU BA 253 0.81 -68.67 -100.15
CA GLU BA 253 0.38 -70.05 -100.02
C GLU BA 253 1.23 -70.74 -98.97
N LYS BA 254 0.59 -71.56 -98.15
CA LYS BA 254 1.26 -72.25 -97.05
C LYS BA 254 1.52 -73.70 -97.47
N LYS BA 255 2.78 -74.09 -97.40
CA LYS BA 255 3.18 -75.47 -97.69
C LYS BA 255 2.67 -76.40 -96.59
N PRO BA 256 2.19 -77.59 -96.95
CA PRO BA 256 1.71 -78.53 -95.94
C PRO BA 256 2.77 -79.52 -95.51
N LYS BA 257 2.67 -79.95 -94.26
CA LYS BA 257 3.55 -80.97 -93.69
C LYS BA 257 2.77 -81.67 -92.57
N LYS BA 258 2.21 -82.84 -92.89
CA LYS BA 258 1.35 -83.55 -91.97
C LYS BA 258 1.81 -84.96 -91.65
N GLU BA 259 2.87 -85.46 -92.29
CA GLU BA 259 3.39 -86.78 -91.97
C GLU BA 259 4.40 -86.72 -90.82
N VAL BA 260 4.01 -86.07 -89.74
CA VAL BA 260 4.88 -85.81 -88.60
C VAL BA 260 4.41 -86.66 -87.42
N LYS BA 261 5.35 -87.32 -86.76
CA LYS BA 261 5.03 -88.20 -85.65
C LYS BA 261 4.73 -87.39 -84.40
N LYS BA 262 4.60 -88.09 -83.27
CA LYS BA 262 4.17 -87.51 -82.00
C LYS BA 262 5.26 -87.70 -80.94
N LYS BA 263 6.49 -87.31 -81.25
CA LYS BA 263 7.56 -87.42 -80.27
C LYS BA 263 7.41 -86.35 -79.19
N ARG BA 264 7.67 -86.74 -77.95
CA ARG BA 264 7.69 -85.80 -76.84
C ARG BA 264 9.10 -85.25 -76.65
N TRP BA 265 9.22 -83.92 -76.67
CA TRP BA 265 10.51 -83.27 -76.55
C TRP BA 265 10.75 -82.64 -75.19
N ASN BA 266 9.70 -82.33 -74.44
CA ASN BA 266 9.84 -81.85 -73.08
C ASN BA 266 9.46 -82.95 -72.10
N ARG BA 267 10.03 -82.88 -70.90
CA ARG BA 267 9.48 -83.93 -70.06
C ARG BA 267 8.21 -83.45 -69.37
N PRO BA 268 7.25 -84.34 -69.09
CA PRO BA 268 5.99 -83.91 -68.48
C PRO BA 268 6.12 -83.74 -66.98
N LYS BA 269 5.07 -83.16 -66.41
CA LYS BA 269 4.97 -83.02 -64.96
C LYS BA 269 4.91 -84.39 -64.32
N MET BA 270 5.59 -84.55 -63.19
CA MET BA 270 5.47 -85.80 -62.45
C MET BA 270 4.29 -85.72 -61.48
N SER BA 271 3.66 -86.86 -61.27
CA SER BA 271 2.41 -86.91 -60.51
C SER BA 271 2.67 -86.75 -59.02
N LEU BA 272 1.58 -86.62 -58.26
CA LEU BA 272 1.67 -86.52 -56.82
C LEU BA 272 2.30 -87.77 -56.21
N ALA BA 273 1.93 -88.94 -56.71
CA ALA BA 273 2.48 -90.20 -56.20
C ALA BA 273 3.99 -90.24 -56.37
N GLN BA 274 4.49 -89.80 -57.53
CA GLN BA 274 5.92 -89.77 -57.76
C GLN BA 274 6.61 -88.80 -56.82
N LYS BA 275 6.00 -87.64 -56.57
CA LYS BA 275 6.59 -86.68 -55.65
C LYS BA 275 6.57 -87.21 -54.22
N LYS BA 276 5.46 -87.82 -53.80
CA LYS BA 276 5.41 -88.42 -52.48
C LYS BA 276 6.42 -89.54 -52.34
N ASP BA 277 6.54 -90.39 -53.37
CA ASP BA 277 7.51 -91.48 -53.31
C ASP BA 277 8.92 -90.94 -53.24
N ARG BA 278 9.24 -89.94 -54.05
CA ARG BA 278 10.60 -89.40 -54.09
C ARG BA 278 11.02 -88.85 -52.73
N VAL BA 279 10.08 -88.20 -52.03
CA VAL BA 279 10.36 -87.75 -50.67
C VAL BA 279 10.55 -88.93 -49.74
N ALA BA 280 9.78 -90.01 -49.94
CA ALA BA 280 9.91 -91.18 -49.09
C ALA BA 280 11.28 -91.83 -49.23
N GLN BA 281 11.76 -91.99 -50.47
CA GLN BA 281 13.08 -92.60 -50.66
C GLN BA 281 14.21 -91.68 -50.25
N LYS BA 282 14.05 -90.36 -50.42
CA LYS BA 282 15.07 -89.43 -49.94
C LYS BA 282 15.21 -89.51 -48.43
N LYS BA 283 14.08 -89.67 -47.73
CA LYS BA 283 14.11 -89.82 -46.28
C LYS BA 283 14.80 -91.12 -45.88
N ALA BA 284 14.43 -92.23 -46.53
CA ALA BA 284 15.00 -93.52 -46.16
C ALA BA 284 16.50 -93.56 -46.43
N SER BA 285 16.93 -92.99 -47.55
CA SER BA 285 18.36 -92.97 -47.86
C SER BA 285 19.14 -92.18 -46.82
N PHE BA 286 18.58 -91.08 -46.33
CA PHE BA 286 19.25 -90.31 -45.30
C PHE BA 286 19.39 -91.11 -44.01
N LEU BA 287 18.32 -91.78 -43.59
CA LEU BA 287 18.39 -92.60 -42.38
C LEU BA 287 19.34 -93.76 -42.56
N ARG BA 288 19.32 -94.40 -43.74
CA ARG BA 288 20.22 -95.52 -44.00
C ARG BA 288 21.67 -95.10 -43.91
N ALA BA 289 22.03 -94.00 -44.57
CA ALA BA 289 23.40 -93.51 -44.51
C ALA BA 289 23.77 -93.05 -43.10
N GLN BA 290 22.77 -92.56 -42.35
CA GLN BA 290 23.02 -92.14 -40.99
C GLN BA 290 23.41 -93.31 -40.10
N GLU BA 291 22.73 -94.44 -40.24
CA GLU BA 291 23.02 -95.59 -39.40
C GLU BA 291 24.31 -96.28 -39.83
N ARG BA 292 24.65 -96.18 -41.11
CA ARG BA 292 25.88 -96.81 -41.60
C ARG BA 292 27.10 -96.22 -40.93
N ALA BA 293 27.11 -94.90 -40.74
CA ALA BA 293 28.18 -94.19 -40.04
C ALA BA 293 29.56 -94.47 -40.64
N PRO CA 1 -104.62 -93.79 -51.00
CA PRO CA 1 -103.89 -93.10 -49.92
C PRO CA 1 -103.02 -94.07 -49.12
N HIS CA 2 -101.85 -94.39 -49.66
CA HIS CA 2 -100.91 -95.26 -48.98
C HIS CA 2 -100.19 -94.50 -47.87
N CYS CA 3 -99.56 -95.25 -46.99
CA CYS CA 3 -98.68 -94.69 -45.97
C CYS CA 3 -97.40 -94.20 -46.64
N SER CA 4 -96.53 -93.53 -45.87
CA SER CA 4 -95.42 -92.79 -46.46
C SER CA 4 -94.45 -93.68 -47.23
N ARG CA 5 -94.33 -94.95 -46.85
CA ARG CA 5 -93.49 -95.90 -47.59
C ARG CA 5 -92.00 -95.56 -47.47
N ASN CA 6 -91.68 -94.43 -46.83
CA ASN CA 6 -90.29 -94.07 -46.50
C ASN CA 6 -90.24 -93.86 -45.01
N PRO CA 7 -89.70 -94.80 -44.25
CA PRO CA 7 -89.59 -94.62 -42.80
C PRO CA 7 -88.65 -93.47 -42.47
N VAL CA 8 -88.95 -92.79 -41.38
CA VAL CA 8 -88.10 -91.72 -40.89
C VAL CA 8 -87.01 -92.33 -40.02
N LEU CA 9 -85.75 -92.05 -40.35
CA LEU CA 9 -84.66 -92.45 -39.48
C LEU CA 9 -84.13 -91.29 -38.64
N VAL CA 10 -84.16 -90.07 -39.18
CA VAL CA 10 -83.99 -88.87 -38.38
C VAL CA 10 -84.88 -87.80 -39.00
N ARG CA 11 -85.23 -86.79 -38.21
CA ARG CA 11 -86.12 -85.75 -38.72
C ARG CA 11 -85.52 -85.10 -39.96
N GLY CA 12 -86.31 -85.06 -41.04
CA GLY CA 12 -85.89 -84.49 -42.30
C GLY CA 12 -85.18 -85.46 -43.23
N ILE CA 13 -84.86 -86.66 -42.76
CA ILE CA 13 -84.16 -87.66 -43.57
C ILE CA 13 -84.92 -88.96 -43.50
N GLY CA 14 -85.28 -89.51 -44.66
CA GLY CA 14 -85.91 -90.81 -44.72
C GLY CA 14 -84.90 -91.93 -44.88
N ARG CA 15 -85.36 -93.15 -44.58
CA ARG CA 15 -84.47 -94.30 -44.59
C ARG CA 15 -83.93 -94.59 -45.98
N TYR CA 16 -84.74 -94.37 -47.02
CA TYR CA 16 -84.39 -94.79 -48.37
C TYR CA 16 -84.04 -93.60 -49.24
N SER CA 17 -83.21 -93.88 -50.25
CA SER CA 17 -82.72 -92.87 -51.18
C SER CA 17 -83.73 -92.68 -52.31
N ARG CA 18 -83.38 -91.80 -53.25
CA ARG CA 18 -84.28 -91.51 -54.36
C ARG CA 18 -84.53 -92.74 -55.22
N SER CA 19 -83.48 -93.49 -55.52
CA SER CA 19 -83.64 -94.68 -56.36
C SER CA 19 -84.39 -95.78 -55.61
N ALA CA 20 -84.12 -95.94 -54.32
CA ALA CA 20 -84.85 -96.94 -53.53
C ALA CA 20 -86.32 -96.59 -53.45
N MET CA 21 -86.63 -95.30 -53.24
CA MET CA 21 -88.01 -94.87 -53.14
C MET CA 21 -88.72 -94.92 -54.49
N TYR CA 22 -87.98 -94.65 -55.58
CA TYR CA 22 -88.55 -94.75 -56.91
C TYR CA 22 -89.03 -96.16 -57.20
N SER CA 23 -88.26 -97.17 -56.78
CA SER CA 23 -88.66 -98.56 -56.96
C SER CA 23 -89.75 -98.94 -55.95
N ARG CA 24 -89.71 -98.38 -54.75
CA ARG CA 24 -90.72 -98.72 -53.75
C ARG CA 24 -92.07 -98.15 -54.13
N LYS CA 25 -92.10 -97.01 -54.81
CA LYS CA 25 -93.34 -96.45 -55.31
C LYS CA 25 -93.74 -97.03 -56.66
N ALA CA 26 -92.90 -97.88 -57.25
CA ALA CA 26 -93.14 -98.45 -58.58
C ALA CA 26 -93.35 -97.37 -59.63
N MET CA 27 -92.57 -96.29 -59.52
CA MET CA 27 -92.72 -95.16 -60.43
C MET CA 27 -92.30 -95.48 -61.86
N TYR CA 28 -91.65 -96.62 -62.09
CA TYR CA 28 -91.27 -97.00 -63.44
C TYR CA 28 -92.48 -97.32 -64.30
N LYS CA 29 -93.53 -97.90 -63.71
CA LYS CA 29 -94.68 -98.33 -64.49
C LYS CA 29 -95.87 -97.38 -64.42
N ARG CA 30 -95.96 -96.53 -63.40
CA ARG CA 30 -97.02 -95.52 -63.39
C ARG CA 30 -96.46 -94.16 -63.79
N LYS CA 31 -96.25 -94.03 -65.10
CA LYS CA 31 -95.77 -92.79 -65.72
C LYS CA 31 -96.91 -92.20 -66.53
N TYR CA 32 -97.20 -90.92 -66.30
CA TYR CA 32 -98.31 -90.22 -66.94
C TYR CA 32 -97.77 -89.15 -67.88
N SER CA 33 -98.07 -89.29 -69.16
CA SER CA 33 -97.44 -88.44 -70.18
C SER CA 33 -98.16 -87.11 -70.31
N ALA CA 34 -99.45 -87.14 -70.63
CA ALA CA 34 -100.20 -85.91 -70.88
C ALA CA 34 -101.67 -86.18 -70.60
N ALA CA 35 -102.48 -85.13 -70.73
CA ALA CA 35 -103.91 -85.24 -70.43
C ALA CA 35 -104.69 -85.63 -71.67
N VAL CA 36 -116.23 -68.73 -59.35
CA VAL CA 36 -117.65 -68.95 -59.24
C VAL CA 36 -118.07 -69.01 -57.77
N LEU CA 37 -119.23 -68.45 -57.46
CA LEU CA 37 -120.07 -67.69 -58.37
C LEU CA 37 -120.30 -66.30 -57.77
N ALA CA 38 -120.08 -65.26 -58.57
CA ALA CA 38 -120.11 -63.90 -58.06
C ALA CA 38 -121.52 -63.31 -58.06
N THR CA 39 -122.14 -63.22 -59.23
CA THR CA 39 -123.47 -62.65 -59.35
C THR CA 39 -124.53 -63.76 -59.32
N VAL CA 40 -125.70 -63.40 -58.81
CA VAL CA 40 -126.86 -64.27 -58.82
C VAL CA 40 -128.01 -63.52 -59.49
N THR CA 41 -128.75 -64.22 -60.35
CA THR CA 41 -129.89 -63.63 -61.03
C THR CA 41 -131.13 -63.89 -60.18
N LYS CA 42 -131.69 -62.82 -59.64
CA LYS CA 42 -132.92 -62.95 -58.87
C LYS CA 42 -134.12 -62.59 -59.73
N PRO CA 43 -135.29 -63.14 -59.42
CA PRO CA 43 -136.48 -62.85 -60.24
C PRO CA 43 -136.84 -61.38 -60.18
N VAL CA 44 -137.56 -60.93 -61.21
CA VAL CA 44 -137.78 -59.52 -61.44
C VAL CA 44 -138.51 -58.87 -60.26
N GLY CA 45 -139.75 -59.30 -60.02
CA GLY CA 45 -140.61 -58.59 -59.10
C GLY CA 45 -141.17 -57.33 -59.75
N GLY CA 46 -141.91 -57.50 -60.83
CA GLY CA 46 -142.42 -56.39 -61.62
C GLY CA 46 -143.62 -55.71 -61.01
N ASP CA 47 -144.64 -55.42 -61.82
CA ASP CA 47 -144.77 -55.74 -63.24
C ASP CA 47 -144.34 -54.57 -64.10
N LYS CA 48 -143.97 -54.85 -65.36
CA LYS CA 48 -143.36 -53.92 -66.31
C LYS CA 48 -142.02 -53.39 -65.79
N ASN CA 49 -141.56 -53.86 -64.64
CA ASN CA 49 -140.24 -53.65 -64.07
C ASN CA 49 -139.24 -54.69 -64.59
N GLY CA 50 -139.51 -55.25 -65.76
CA GLY CA 50 -138.89 -56.49 -66.18
C GLY CA 50 -137.39 -56.39 -66.35
N GLY CA 51 -136.79 -57.56 -66.55
CA GLY CA 51 -135.36 -57.68 -66.58
C GLY CA 51 -134.86 -58.13 -65.23
N THR CA 52 -134.51 -59.40 -65.10
CA THR CA 52 -134.15 -59.96 -63.81
C THR CA 52 -132.89 -59.27 -63.29
N ARG CA 53 -132.94 -58.86 -62.03
CA ARG CA 53 -131.82 -58.13 -61.42
C ARG CA 53 -130.62 -59.06 -61.29
N VAL CA 54 -129.53 -58.70 -61.96
CA VAL CA 54 -128.28 -59.45 -61.86
C VAL CA 54 -127.53 -58.88 -60.67
N VAL CA 55 -127.85 -59.35 -59.48
CA VAL CA 55 -127.25 -58.84 -58.25
C VAL CA 55 -125.99 -59.61 -57.93
N LYS CA 56 -124.92 -58.88 -57.65
CA LYS CA 56 -123.63 -59.46 -57.32
C LYS CA 56 -123.47 -59.50 -55.81
N LEU CA 57 -122.98 -60.64 -55.32
CA LEU CA 57 -122.54 -60.72 -53.94
C LEU CA 57 -121.17 -60.05 -53.80
N ARG CA 58 -120.81 -59.71 -52.56
CA ARG CA 58 -119.54 -59.05 -52.27
C ARG CA 58 -119.44 -57.72 -53.02
N LYS CA 59 -120.29 -56.77 -52.60
CA LYS CA 59 -120.29 -55.45 -53.21
C LYS CA 59 -118.98 -54.71 -52.94
N MET CA 60 -118.74 -53.67 -53.73
CA MET CA 60 -117.58 -52.82 -53.52
C MET CA 60 -117.71 -52.05 -52.21
N PRO CA 61 -116.58 -51.73 -51.56
CA PRO CA 61 -116.65 -51.00 -50.28
C PRO CA 61 -117.33 -49.66 -50.43
N ARG CA 62 -118.11 -49.27 -49.42
CA ARG CA 62 -118.71 -47.96 -49.37
C ARG CA 62 -117.74 -46.88 -48.91
N TYR CA 63 -116.63 -47.27 -48.28
CA TYR CA 63 -115.72 -46.31 -47.69
C TYR CA 63 -114.31 -46.82 -47.84
N TYR CA 64 -113.37 -45.88 -48.00
CA TYR CA 64 -111.96 -46.18 -48.05
C TYR CA 64 -111.27 -45.27 -47.04
N PRO CA 65 -110.40 -45.81 -46.19
CA PRO CA 65 -109.62 -44.95 -45.30
C PRO CA 65 -108.68 -44.07 -46.10
N THR CA 66 -108.09 -43.09 -45.41
CA THR CA 66 -107.15 -42.20 -46.09
C THR CA 66 -105.84 -42.92 -46.39
N GLU CA 67 -105.47 -43.91 -45.59
CA GLU CA 67 -104.29 -44.73 -45.84
C GLU CA 67 -104.54 -46.15 -45.37
N ASP CA 68 -103.71 -47.06 -45.89
CA ASP CA 68 -103.73 -48.46 -45.52
C ASP CA 68 -102.31 -48.88 -45.18
N VAL CA 69 -102.17 -50.09 -44.65
CA VAL CA 69 -100.84 -50.63 -44.36
C VAL CA 69 -100.51 -51.66 -45.44
N PRO CA 70 -99.25 -51.77 -45.85
CA PRO CA 70 -98.87 -52.83 -46.80
C PRO CA 70 -98.96 -54.20 -46.16
N ARG CA 71 -99.22 -55.20 -47.00
CA ARG CA 71 -99.27 -56.58 -46.52
C ARG CA 71 -97.86 -57.08 -46.20
N LYS CA 72 -97.80 -58.15 -45.44
CA LYS CA 72 -96.54 -58.68 -44.95
C LYS CA 72 -95.92 -59.64 -45.94
N LEU CA 73 -94.61 -59.82 -45.81
CA LEU CA 73 -93.90 -60.91 -46.47
C LEU CA 73 -94.30 -62.24 -45.84
N LEU CA 74 -94.23 -63.31 -46.62
CA LEU CA 74 -94.59 -64.64 -46.17
C LEU CA 74 -93.44 -65.25 -45.37
N SER CA 75 -93.79 -66.09 -44.39
CA SER CA 75 -92.85 -66.48 -43.34
C SER CA 75 -92.42 -67.94 -43.35
N HIS CA 76 -93.25 -68.85 -43.86
CA HIS CA 76 -92.96 -70.26 -44.12
C HIS CA 76 -92.89 -71.13 -42.88
N GLY CA 77 -92.91 -70.57 -41.68
CA GLY CA 77 -93.00 -71.37 -40.48
C GLY CA 77 -94.24 -70.96 -39.70
N LYS CA 78 -94.03 -70.73 -38.40
CA LYS CA 78 -94.94 -69.90 -37.62
C LYS CA 78 -96.38 -70.44 -37.63
N LYS CA 79 -96.56 -71.60 -37.02
CA LYS CA 79 -97.87 -72.20 -36.94
C LYS CA 79 -98.69 -71.55 -35.83
N PRO CA 80 -100.02 -71.63 -35.90
CA PRO CA 80 -100.84 -71.22 -34.76
C PRO CA 80 -100.72 -72.20 -33.61
N PHE CA 81 -101.02 -71.69 -32.41
CA PHE CA 81 -100.83 -72.48 -31.19
C PHE CA 81 -101.60 -73.80 -31.21
N SER CA 82 -102.73 -73.85 -31.92
CA SER CA 82 -103.56 -75.06 -31.90
C SER CA 82 -102.87 -76.23 -32.58
N GLN CA 83 -101.92 -75.97 -33.47
CA GLN CA 83 -101.20 -77.04 -34.15
C GLN CA 83 -99.71 -77.06 -33.80
N HIS CA 84 -99.37 -76.53 -32.63
CA HIS CA 84 -98.03 -76.72 -32.10
C HIS CA 84 -97.88 -78.15 -31.58
N VAL CA 85 -96.67 -78.68 -31.70
CA VAL CA 85 -96.34 -79.96 -31.08
C VAL CA 85 -96.28 -79.76 -29.58
N ARG CA 86 -96.76 -80.74 -28.83
CA ARG CA 86 -96.86 -80.63 -27.39
C ARG CA 86 -95.83 -81.56 -26.73
N LYS CA 87 -94.91 -80.98 -25.98
CA LYS CA 87 -93.87 -81.72 -25.30
C LYS CA 87 -94.30 -82.01 -23.88
N LEU CA 88 -93.89 -83.16 -23.37
CA LEU CA 88 -94.10 -83.52 -21.97
C LEU CA 88 -92.79 -83.99 -21.39
N ARG CA 89 -92.44 -83.44 -20.22
CA ARG CA 89 -91.24 -83.85 -19.52
C ARG CA 89 -91.29 -85.34 -19.21
N ALA CA 90 -90.14 -86.00 -19.34
CA ALA CA 90 -90.09 -87.46 -19.20
C ALA CA 90 -90.46 -87.91 -17.79
N SER CA 91 -90.24 -87.07 -16.79
CA SER CA 91 -90.58 -87.44 -15.42
C SER CA 91 -92.09 -87.47 -15.18
N ILE CA 92 -92.88 -86.84 -16.04
CA ILE CA 92 -94.32 -86.71 -15.84
C ILE CA 92 -95.01 -87.79 -16.67
N THR CA 93 -95.43 -88.87 -16.01
CA THR CA 93 -96.19 -89.96 -16.60
C THR CA 93 -97.45 -90.19 -15.79
N PRO CA 94 -98.52 -90.72 -16.41
CA PRO CA 94 -99.79 -90.89 -15.69
C PRO CA 94 -99.67 -91.59 -14.35
N GLY CA 95 -100.19 -90.96 -13.30
CA GLY CA 95 -100.04 -91.45 -11.95
C GLY CA 95 -98.95 -90.78 -11.15
N THR CA 96 -98.13 -89.95 -11.79
CA THR CA 96 -97.06 -89.25 -11.10
C THR CA 96 -97.63 -88.23 -10.10
N ILE CA 97 -97.00 -88.18 -8.93
CA ILE CA 97 -97.31 -87.18 -7.93
C ILE CA 97 -96.55 -85.91 -8.28
N LEU CA 98 -97.28 -84.80 -8.40
CA LEU CA 98 -96.70 -83.50 -8.73
C LEU CA 98 -96.87 -82.55 -7.57
N ILE CA 99 -95.98 -81.56 -7.50
CA ILE CA 99 -96.09 -80.47 -6.53
C ILE CA 99 -96.42 -79.20 -7.32
N ILE CA 100 -97.59 -78.64 -7.05
CA ILE CA 100 -97.95 -77.35 -7.64
C ILE CA 100 -97.09 -76.26 -7.02
N LEU CA 101 -96.66 -75.31 -7.85
CA LEU CA 101 -95.71 -74.30 -7.42
C LEU CA 101 -96.27 -72.88 -7.34
N THR CA 102 -97.34 -72.55 -8.07
CA THR CA 102 -97.68 -71.14 -8.29
C THR CA 102 -99.00 -70.71 -7.68
N GLY CA 103 -100.11 -71.36 -8.02
CA GLY CA 103 -101.42 -70.78 -7.78
C GLY CA 103 -101.88 -70.81 -6.34
N ARG CA 104 -103.21 -70.83 -6.17
CA ARG CA 104 -103.79 -70.95 -4.84
C ARG CA 104 -103.51 -72.30 -4.22
N HIS CA 105 -103.17 -73.30 -5.04
CA HIS CA 105 -102.82 -74.64 -4.57
C HIS CA 105 -101.31 -74.84 -4.54
N ARG CA 106 -100.55 -73.76 -4.42
CA ARG CA 106 -99.10 -73.86 -4.37
C ARG CA 106 -98.67 -74.70 -3.17
N GLY CA 107 -97.73 -75.62 -3.40
CA GLY CA 107 -97.25 -76.50 -2.37
C GLY CA 107 -97.99 -77.82 -2.25
N LYS CA 108 -99.18 -77.92 -2.84
CA LYS CA 108 -99.97 -79.15 -2.72
C LYS CA 108 -99.39 -80.26 -3.60
N ARG CA 109 -99.67 -81.49 -3.22
CA ARG CA 109 -99.23 -82.67 -3.94
C ARG CA 109 -100.44 -83.38 -4.55
N VAL CA 110 -100.43 -83.53 -5.88
CA VAL CA 110 -101.56 -84.04 -6.62
C VAL CA 110 -101.08 -85.14 -7.57
N VAL CA 111 -102.02 -85.92 -8.07
CA VAL CA 111 -101.72 -87.01 -9.00
C VAL CA 111 -102.04 -86.56 -10.42
N PHE CA 112 -101.11 -86.85 -11.33
CA PHE CA 112 -101.20 -86.44 -12.73
C PHE CA 112 -102.02 -87.47 -13.51
N LEU CA 113 -103.11 -87.00 -14.11
CA LEU CA 113 -103.87 -87.73 -15.10
C LEU CA 113 -103.27 -87.44 -16.47
N LYS CA 114 -104.01 -87.68 -17.55
CA LYS CA 114 -103.48 -87.43 -18.88
C LYS CA 114 -103.06 -85.96 -19.08
N GLN CA 115 -102.35 -85.73 -20.18
CA GLN CA 115 -102.05 -84.38 -20.67
C GLN CA 115 -103.10 -83.98 -21.70
N LEU CA 116 -103.51 -82.71 -21.67
CA LEU CA 116 -104.56 -82.24 -22.55
C LEU CA 116 -104.00 -81.82 -23.91
N ALA CA 117 -104.90 -81.50 -24.84
CA ALA CA 117 -104.53 -81.19 -26.21
C ALA CA 117 -103.75 -79.89 -26.35
N SER CA 118 -103.86 -78.99 -25.38
CA SER CA 118 -103.10 -77.74 -25.39
C SER CA 118 -101.76 -77.86 -24.70
N GLY CA 119 -101.40 -79.05 -24.23
CA GLY CA 119 -100.17 -79.27 -23.50
C GLY CA 119 -100.30 -79.08 -22.00
N LEU CA 120 -101.43 -78.56 -21.53
CA LEU CA 120 -101.65 -78.39 -20.11
C LEU CA 120 -101.89 -79.74 -19.45
N LEU CA 121 -101.44 -79.87 -18.20
CA LEU CA 121 -101.63 -81.13 -17.48
C LEU CA 121 -102.99 -81.14 -16.82
N LEU CA 122 -103.65 -82.29 -16.89
CA LEU CA 122 -104.89 -82.50 -16.15
C LEU CA 122 -104.53 -83.27 -14.90
N VAL CA 123 -104.70 -82.64 -13.75
CA VAL CA 123 -104.40 -83.27 -12.48
C VAL CA 123 -105.67 -83.32 -11.66
N THR CA 124 -105.68 -84.24 -10.71
CA THR CA 124 -106.64 -84.18 -9.62
C THR CA 124 -105.87 -84.35 -8.33
N GLY CA 125 -105.93 -83.35 -7.48
CA GLY CA 125 -105.80 -83.64 -6.09
C GLY CA 125 -106.97 -84.56 -5.84
N PRO CA 126 -106.79 -85.62 -5.12
CA PRO CA 126 -107.96 -86.41 -4.75
C PRO CA 126 -108.74 -85.57 -3.76
N LEU CA 127 -109.65 -84.74 -4.29
CA LEU CA 127 -110.24 -83.59 -3.63
C LEU CA 127 -110.53 -83.82 -2.16
N VAL CA 128 -110.90 -85.04 -1.79
CA VAL CA 128 -111.04 -85.38 -0.37
C VAL CA 128 -109.74 -85.23 0.39
N LEU CA 129 -108.59 -85.37 -0.28
CA LEU CA 129 -107.31 -85.40 0.42
C LEU CA 129 -106.73 -84.00 0.64
N ASN CA 130 -106.78 -83.13 -0.38
CA ASN CA 130 -106.12 -81.84 -0.27
C ASN CA 130 -106.92 -80.70 -0.91
N ARG CA 131 -108.18 -80.95 -1.28
CA ARG CA 131 -109.08 -79.92 -1.83
C ARG CA 131 -108.62 -79.38 -3.18
N VAL CA 132 -108.00 -80.21 -4.01
CA VAL CA 132 -107.65 -79.83 -5.38
C VAL CA 132 -108.58 -80.61 -6.31
N PRO CA 133 -109.40 -79.95 -7.11
CA PRO CA 133 -110.32 -80.70 -7.97
C PRO CA 133 -109.68 -81.17 -9.26
N LEU CA 134 -110.48 -81.79 -10.13
CA LEU CA 134 -110.09 -81.97 -11.52
C LEU CA 134 -109.78 -80.59 -12.09
N ARG CA 135 -108.52 -80.35 -12.46
CA ARG CA 135 -108.12 -78.99 -12.75
C ARG CA 135 -106.81 -79.00 -13.51
N ARG CA 136 -106.67 -78.06 -14.45
CA ARG CA 136 -105.50 -78.00 -15.30
C ARG CA 136 -104.33 -77.33 -14.58
N THR CA 137 -103.14 -77.65 -15.05
CA THR CA 137 -101.92 -77.04 -14.54
C THR CA 137 -100.86 -77.08 -15.63
N HIS CA 138 -99.88 -76.20 -15.51
CA HIS CA 138 -98.79 -76.12 -16.47
C HIS CA 138 -97.60 -76.90 -15.95
N GLN CA 139 -97.01 -77.72 -16.83
CA GLN CA 139 -95.88 -78.56 -16.45
C GLN CA 139 -94.65 -77.75 -16.07
N LYS CA 140 -94.51 -76.54 -16.60
CA LYS CA 140 -93.39 -75.67 -16.29
C LYS CA 140 -93.49 -75.10 -14.87
N PHE CA 141 -94.63 -75.28 -14.22
CA PHE CA 141 -94.85 -74.78 -12.87
C PHE CA 141 -95.20 -75.90 -11.89
N VAL CA 142 -94.73 -77.12 -12.18
CA VAL CA 142 -94.87 -78.25 -11.26
C VAL CA 142 -93.51 -78.91 -11.08
N ILE CA 143 -93.38 -79.65 -9.99
CA ILE CA 143 -92.23 -80.50 -9.75
C ILE CA 143 -92.74 -81.94 -9.73
N ALA CA 144 -92.26 -82.75 -10.67
CA ALA CA 144 -92.62 -84.15 -10.74
C ALA CA 144 -91.78 -84.92 -9.74
N THR CA 145 -92.44 -85.53 -8.76
CA THR CA 145 -91.74 -86.42 -7.86
C THR CA 145 -91.60 -87.80 -8.49
N SER CA 146 -90.78 -88.64 -7.87
CA SER CA 146 -90.60 -90.01 -8.31
C SER CA 146 -91.68 -90.95 -7.78
N THR CA 147 -92.59 -90.44 -6.95
CA THR CA 147 -93.69 -91.22 -6.42
C THR CA 147 -94.78 -91.36 -7.49
N LYS CA 148 -95.22 -92.59 -7.70
CA LYS CA 148 -96.17 -92.90 -8.76
C LYS CA 148 -97.24 -93.86 -8.24
N ILE CA 149 -98.44 -93.74 -8.81
CA ILE CA 149 -99.47 -94.76 -8.67
C ILE CA 149 -99.80 -95.29 -10.06
N ASP CA 150 -100.11 -96.58 -10.13
CA ASP CA 150 -100.54 -97.20 -11.37
C ASP CA 150 -101.98 -96.82 -11.67
N ILE CA 151 -102.20 -95.79 -12.48
CA ILE CA 151 -103.56 -95.37 -12.80
C ILE CA 151 -103.91 -95.80 -14.21
N SER CA 152 -103.16 -96.77 -14.74
CA SER CA 152 -103.67 -97.47 -15.90
C SER CA 152 -104.93 -98.23 -15.52
N ASN CA 153 -105.76 -98.52 -16.52
CA ASN CA 153 -107.07 -99.18 -16.34
C ASN CA 153 -107.99 -98.40 -15.42
N VAL CA 154 -107.74 -97.12 -15.21
CA VAL CA 154 -108.74 -96.19 -14.72
C VAL CA 154 -109.24 -95.39 -15.91
N LYS CA 155 -110.51 -94.99 -15.85
CA LYS CA 155 -111.17 -94.38 -16.99
C LYS CA 155 -111.25 -92.87 -16.76
N ILE CA 156 -110.48 -92.11 -17.52
CA ILE CA 156 -110.67 -90.67 -17.55
C ILE CA 156 -111.75 -90.34 -18.56
N PRO CA 157 -112.85 -89.69 -18.16
CA PRO CA 157 -113.96 -89.46 -19.09
C PRO CA 157 -113.52 -88.65 -20.30
N LYS CA 158 -114.09 -88.99 -21.46
CA LYS CA 158 -113.64 -88.42 -22.73
C LYS CA 158 -113.92 -86.94 -22.83
N HIS CA 159 -114.89 -86.42 -22.09
CA HIS CA 159 -115.35 -85.04 -22.22
C HIS CA 159 -114.61 -84.09 -21.30
N LEU CA 160 -113.37 -84.40 -20.97
CA LEU CA 160 -112.57 -83.67 -19.99
C LEU CA 160 -111.45 -82.92 -20.70
N THR CA 161 -111.82 -82.24 -21.78
CA THR CA 161 -110.89 -81.56 -22.67
C THR CA 161 -110.58 -80.16 -22.15
N ASP CA 162 -109.77 -79.41 -22.91
CA ASP CA 162 -109.50 -78.02 -22.57
C ASP CA 162 -110.76 -77.17 -22.66
N ALA CA 163 -111.67 -77.50 -23.58
CA ALA CA 163 -112.94 -76.78 -23.66
C ALA CA 163 -113.76 -76.97 -22.39
N TYR CA 164 -113.70 -78.15 -21.79
CA TYR CA 164 -114.39 -78.38 -20.52
C TYR CA 164 -113.89 -77.43 -19.44
N PHE CA 165 -112.57 -77.27 -19.34
CA PHE CA 165 -111.96 -76.51 -18.25
C PHE CA 165 -111.75 -75.04 -18.56
N LYS CA 166 -112.01 -74.60 -19.79
CA LYS CA 166 -111.81 -73.20 -20.13
C LYS CA 166 -112.74 -72.31 -19.30
N LYS CA 167 -112.22 -71.18 -18.84
CA LYS CA 167 -112.97 -70.29 -17.98
C LYS CA 167 -114.14 -69.67 -18.72
N LYS CA 168 -115.20 -69.36 -17.97
CA LYS CA 168 -116.42 -68.78 -18.51
C LYS CA 168 -116.53 -67.31 -18.11
N LYS CA 169 -117.17 -66.53 -19.00
CA LYS CA 169 -117.38 -65.11 -18.78
C LYS CA 169 -118.86 -64.80 -18.92
N LEU CA 170 -119.30 -63.71 -18.28
CA LEU CA 170 -120.69 -63.29 -18.37
C LEU CA 170 -120.88 -61.90 -18.97
N ARG CA 171 -120.02 -60.95 -18.62
CA ARG CA 171 -120.19 -59.58 -19.10
C ARG CA 171 -120.08 -59.51 -20.61
N LYS CA 172 -120.93 -58.69 -21.23
CA LYS CA 172 -121.93 -57.85 -20.57
C LYS CA 172 -123.23 -57.78 -21.37
N PRO CA 173 -124.37 -57.97 -20.69
CA PRO CA 173 -125.65 -57.96 -21.41
C PRO CA 173 -126.14 -56.55 -21.72
N ARG CA 174 -125.96 -56.14 -22.98
CA ARG CA 174 -126.46 -54.86 -23.51
C ARG CA 174 -126.16 -53.68 -22.58
N HIS CA 175 -125.13 -53.80 -21.76
CA HIS CA 175 -124.74 -52.76 -20.82
C HIS CA 175 -123.37 -52.23 -21.23
N GLN CA 176 -123.28 -50.92 -21.42
CA GLN CA 176 -122.03 -50.26 -21.77
C GLN CA 176 -121.62 -49.21 -20.75
N GLU CA 177 -122.56 -48.41 -20.26
CA GLU CA 177 -122.25 -47.38 -19.27
C GLU CA 177 -122.27 -48.01 -17.88
N GLY CA 178 -121.20 -47.79 -17.12
CA GLY CA 178 -121.07 -48.40 -15.82
C GLY CA 178 -121.49 -47.53 -14.66
N GLU CA 179 -122.69 -47.76 -14.14
CA GLU CA 179 -123.13 -47.18 -12.88
C GLU CA 179 -123.86 -48.18 -11.98
N ILE CA 180 -124.17 -49.37 -12.48
CA ILE CA 180 -124.73 -50.45 -11.67
C ILE CA 180 -123.91 -51.69 -11.99
N PHE CA 181 -122.88 -51.95 -11.19
CA PHE CA 181 -122.01 -53.08 -11.44
C PHE CA 181 -122.67 -54.37 -10.98
N ASP CA 182 -122.53 -55.42 -11.78
CA ASP CA 182 -123.24 -56.67 -11.53
C ASP CA 182 -122.85 -57.26 -10.19
N THR CA 183 -123.79 -57.27 -9.25
CA THR CA 183 -123.58 -57.85 -7.94
C THR CA 183 -123.70 -59.37 -7.95
N GLU CA 184 -123.97 -59.95 -9.11
CA GLU CA 184 -124.01 -61.40 -9.29
C GLU CA 184 -122.83 -61.83 -10.14
N LYS CA 185 -122.71 -63.15 -10.29
CA LYS CA 185 -121.67 -63.86 -11.04
C LYS CA 185 -120.29 -63.76 -10.40
N GLU CA 186 -120.14 -63.00 -9.31
CA GLU CA 186 -118.88 -63.04 -8.57
C GLU CA 186 -118.59 -64.45 -8.09
N LYS CA 187 -119.62 -65.14 -7.58
CA LYS CA 187 -119.48 -66.51 -7.12
C LYS CA 187 -119.49 -67.42 -8.35
N TYR CA 188 -118.30 -67.86 -8.76
CA TYR CA 188 -118.21 -68.91 -9.75
C TYR CA 188 -118.93 -70.15 -9.26
N GLU CA 189 -119.65 -70.81 -10.16
CA GLU CA 189 -120.50 -71.93 -9.80
C GLU CA 189 -119.80 -73.25 -10.06
N ILE CA 190 -119.71 -74.08 -9.02
CA ILE CA 190 -119.37 -75.49 -9.23
C ILE CA 190 -120.63 -76.17 -9.76
N THR CA 191 -120.68 -76.39 -11.05
CA THR CA 191 -121.85 -77.02 -11.66
C THR CA 191 -121.99 -78.46 -11.17
N GLU CA 192 -123.18 -79.03 -11.42
CA GLU CA 192 -123.40 -80.43 -11.04
C GLU CA 192 -122.55 -81.38 -11.85
N GLN CA 193 -122.25 -81.03 -13.11
CA GLN CA 193 -121.41 -81.90 -13.93
C GLN CA 193 -120.01 -82.06 -13.34
N ARG CA 194 -119.42 -80.95 -12.87
CA ARG CA 194 -118.07 -81.02 -12.31
C ARG CA 194 -118.02 -81.85 -11.05
N LYS CA 195 -119.06 -81.77 -10.22
CA LYS CA 195 -119.12 -82.59 -9.02
C LYS CA 195 -119.21 -84.07 -9.37
N ILE CA 196 -119.98 -84.40 -10.41
CA ILE CA 196 -120.14 -85.80 -10.79
C ILE CA 196 -118.87 -86.34 -11.40
N ASP CA 197 -118.21 -85.56 -12.27
CA ASP CA 197 -116.96 -85.99 -12.86
C ASP CA 197 -115.86 -86.13 -11.82
N GLN CA 198 -115.84 -85.23 -10.84
CA GLN CA 198 -114.91 -85.38 -9.73
C GLN CA 198 -115.12 -86.71 -9.02
N LYS CA 199 -116.37 -87.03 -8.71
CA LYS CA 199 -116.66 -88.28 -8.02
C LYS CA 199 -116.35 -89.48 -8.91
N ALA CA 200 -116.52 -89.33 -10.22
CA ALA CA 200 -116.22 -90.44 -11.12
C ALA CA 200 -114.74 -90.78 -11.13
N VAL CA 201 -113.88 -89.77 -11.27
CA VAL CA 201 -112.44 -90.02 -11.29
C VAL CA 201 -111.94 -90.40 -9.90
N ASP CA 202 -112.38 -89.67 -8.87
CA ASP CA 202 -111.87 -89.90 -7.52
C ASP CA 202 -112.20 -91.30 -7.01
N SER CA 203 -113.36 -91.83 -7.37
CA SER CA 203 -113.80 -93.12 -6.83
C SER CA 203 -112.93 -94.27 -7.31
N GLN CA 204 -112.27 -94.12 -8.46
CA GLN CA 204 -111.40 -95.17 -8.97
C GLN CA 204 -109.92 -94.84 -8.84
N ILE CA 205 -109.58 -93.76 -8.15
CA ILE CA 205 -108.18 -93.43 -7.91
C ILE CA 205 -107.85 -93.47 -6.42
N LEU CA 206 -108.84 -93.20 -5.57
CA LEU CA 206 -108.63 -93.30 -4.13
C LEU CA 206 -108.26 -94.70 -3.68
N PRO CA 207 -108.90 -95.79 -4.13
CA PRO CA 207 -108.45 -97.12 -3.71
C PRO CA 207 -106.99 -97.40 -4.02
N LYS CA 208 -106.51 -96.93 -5.18
CA LYS CA 208 -105.11 -97.13 -5.54
C LYS CA 208 -104.15 -96.33 -4.67
N ILE CA 209 -104.60 -95.21 -4.11
CA ILE CA 209 -103.80 -94.43 -3.18
C ILE CA 209 -103.78 -95.08 -1.81
N LYS CA 210 -104.93 -95.57 -1.35
CA LYS CA 210 -104.98 -96.30 -0.09
C LYS CA 210 -104.16 -97.58 -0.13
N ALA CA 211 -103.87 -98.09 -1.33
CA ALA CA 211 -103.15 -99.35 -1.45
C ALA CA 211 -101.74 -99.25 -0.88
N ILE CA 212 -101.05 -98.15 -1.16
CA ILE CA 212 -99.68 -98.05 -0.66
C ILE CA 212 -99.66 -97.23 0.63
N PRO CA 213 -98.92 -97.63 1.64
CA PRO CA 213 -99.09 -97.04 2.97
C PRO CA 213 -98.69 -95.58 3.05
N GLN CA 214 -99.43 -94.85 3.90
CA GLN CA 214 -99.28 -93.42 4.20
C GLN CA 214 -99.08 -92.54 2.97
N LEU CA 215 -99.62 -92.96 1.82
CA LEU CA 215 -99.61 -92.08 0.66
C LEU CA 215 -100.66 -90.97 0.77
N GLN CA 216 -101.82 -91.28 1.37
CA GLN CA 216 -102.85 -90.26 1.53
C GLN CA 216 -102.37 -89.15 2.45
N GLY CA 217 -101.67 -89.50 3.54
CA GLY CA 217 -101.09 -88.48 4.39
C GLY CA 217 -100.05 -87.64 3.68
N TYR CA 218 -99.27 -88.25 2.79
CA TYR CA 218 -98.34 -87.51 1.96
C TYR CA 218 -99.07 -86.55 1.04
N LEU CA 219 -100.21 -86.96 0.49
CA LEU CA 219 -101.00 -86.10 -0.38
C LEU CA 219 -101.77 -85.03 0.39
N ARG CA 220 -102.03 -85.25 1.68
CA ARG CA 220 -102.65 -84.21 2.51
C ARG CA 220 -101.68 -83.10 2.86
N SER CA 221 -100.38 -83.38 2.85
CA SER CA 221 -99.39 -82.43 3.31
C SER CA 221 -98.92 -81.52 2.17
N VAL CA 222 -98.30 -80.42 2.53
CA VAL CA 222 -97.87 -79.39 1.59
C VAL CA 222 -96.36 -79.38 1.53
N PHE CA 223 -95.80 -79.27 0.33
CA PHE CA 223 -94.36 -79.15 0.19
C PHE CA 223 -93.89 -77.77 0.64
N ALA CA 224 -92.73 -77.75 1.31
CA ALA CA 224 -92.14 -76.49 1.75
C ALA CA 224 -90.63 -76.66 1.88
N LEU CA 225 -89.93 -75.54 1.80
CA LEU CA 225 -88.49 -75.48 2.00
C LEU CA 225 -88.21 -74.99 3.42
N THR CA 226 -87.44 -75.77 4.17
CA THR CA 226 -87.04 -75.42 5.52
C THR CA 226 -85.55 -75.06 5.57
N ASN CA 227 -85.12 -74.53 6.71
CA ASN CA 227 -83.83 -73.81 6.66
C ASN CA 227 -82.62 -74.73 6.58
N GLY CA 228 -82.82 -76.02 6.34
CA GLY CA 228 -81.75 -76.98 6.07
C GLY CA 228 -81.65 -77.21 4.58
N ILE CA 229 -82.33 -78.25 4.10
CA ILE CA 229 -82.19 -78.73 2.73
C ILE CA 229 -82.43 -77.64 1.67
N TYR CA 230 -81.86 -77.87 0.50
CA TYR CA 230 -81.86 -76.97 -0.64
C TYR CA 230 -82.39 -77.68 -1.87
N PRO CA 231 -83.14 -76.98 -2.74
CA PRO CA 231 -83.81 -77.67 -3.84
C PRO CA 231 -82.88 -78.41 -4.80
N HIS CA 232 -81.64 -77.95 -4.98
CA HIS CA 232 -80.73 -78.61 -5.89
C HIS CA 232 -80.13 -79.89 -5.34
N LYS CA 233 -80.16 -80.11 -4.03
CA LYS CA 233 -79.74 -81.37 -3.46
C LYS CA 233 -80.87 -82.36 -3.22
N LEU CA 234 -82.11 -81.95 -3.48
CA LEU CA 234 -83.23 -82.85 -3.25
C LEU CA 234 -83.38 -83.84 -4.40
N VAL CA 235 -83.78 -85.06 -4.05
CA VAL CA 235 -84.25 -86.04 -5.02
C VAL CA 235 -85.78 -85.97 -4.97
N PHE CA 236 -86.39 -85.73 -6.11
CA PHE CA 236 -87.84 -85.64 -6.16
C PHE CA 236 -88.40 -86.89 -6.82
N ASN DA 1 -104.39 -64.92 -79.36
CA ASN DA 1 -102.98 -65.27 -79.20
C ASN DA 1 -102.63 -65.46 -77.73
N PHE DA 2 -103.66 -65.62 -76.90
CA PHE DA 2 -103.43 -65.97 -75.50
C PHE DA 2 -102.85 -67.37 -75.37
N ALA DA 3 -103.32 -68.30 -76.20
CA ALA DA 3 -102.88 -69.69 -76.08
C ALA DA 3 -101.44 -69.86 -76.55
N GLU DA 4 -101.10 -69.29 -77.70
CA GLU DA 4 -99.76 -69.48 -78.26
C GLU DA 4 -98.70 -68.84 -77.38
N LEU DA 5 -99.00 -67.66 -76.82
CA LEU DA 5 -98.09 -67.04 -75.88
C LEU DA 5 -97.96 -67.86 -74.60
N LYS DA 6 -99.08 -68.44 -74.14
CA LYS DA 6 -99.06 -69.23 -72.91
C LYS DA 6 -98.17 -70.46 -73.06
N ILE DA 7 -98.26 -71.14 -74.21
CA ILE DA 7 -97.49 -72.37 -74.41
C ILE DA 7 -96.01 -72.05 -74.52
N LYS DA 8 -95.65 -70.94 -75.16
CA LYS DA 8 -94.24 -70.60 -75.29
C LYS DA 8 -93.60 -70.34 -73.93
N ARG DA 9 -94.31 -69.67 -73.02
CA ARG DA 9 -93.75 -69.40 -71.70
C ARG DA 9 -93.84 -70.62 -70.80
N LEU DA 10 -94.69 -71.60 -71.14
CA LEU DA 10 -94.64 -72.88 -70.45
C LEU DA 10 -93.49 -73.73 -70.97
N ARG DA 11 -93.19 -73.64 -72.27
CA ARG DA 11 -92.03 -74.32 -72.81
C ARG DA 11 -90.74 -73.76 -72.24
N LYS DA 12 -90.66 -72.44 -72.10
CA LYS DA 12 -89.48 -71.82 -71.52
C LYS DA 12 -89.34 -72.18 -70.05
N LYS DA 13 -90.44 -72.17 -69.31
CA LYS DA 13 -90.39 -72.53 -67.89
C LYS DA 13 -89.94 -73.98 -67.71
N PHE DA 14 -90.38 -74.87 -68.60
CA PHE DA 14 -89.98 -76.26 -68.49
C PHE DA 14 -88.51 -76.45 -68.80
N ALA DA 15 -88.00 -75.75 -69.82
CA ALA DA 15 -86.59 -75.88 -70.19
C ALA DA 15 -85.69 -75.40 -69.07
N GLN DA 16 -86.05 -74.31 -68.39
CA GLN DA 16 -85.26 -73.82 -67.27
C GLN DA 16 -85.27 -74.81 -66.12
N LYS DA 17 -86.41 -75.45 -65.87
CA LYS DA 17 -86.50 -76.42 -64.80
C LYS DA 17 -85.61 -77.63 -65.08
N MET DA 18 -85.56 -78.07 -66.33
CA MET DA 18 -84.71 -79.22 -66.66
C MET DA 18 -83.24 -78.85 -66.60
N LEU DA 19 -82.90 -77.60 -66.91
CA LEU DA 19 -81.53 -77.16 -66.75
C LEU DA 19 -81.17 -77.01 -65.28
N ARG DA 20 -82.12 -76.55 -64.46
CA ARG DA 20 -81.88 -76.50 -63.02
C ARG DA 20 -81.67 -77.90 -62.46
N LYS DA 21 -82.46 -78.87 -62.92
CA LYS DA 21 -82.30 -80.25 -62.44
C LYS DA 21 -80.96 -80.83 -62.88
N ALA DA 22 -80.55 -80.57 -64.12
CA ALA DA 22 -79.28 -81.09 -64.60
C ALA DA 22 -78.10 -80.49 -63.84
N ARG DA 23 -78.19 -79.20 -63.52
CA ARG DA 23 -77.14 -78.56 -62.73
C ARG DA 23 -77.09 -79.14 -61.32
N ARG DA 24 -78.25 -79.45 -60.74
CA ARG DA 24 -78.27 -80.01 -59.39
C ARG DA 24 -77.71 -81.42 -59.36
N LYS DA 25 -78.00 -82.22 -60.39
CA LYS DA 25 -77.47 -83.58 -60.45
C LYS DA 25 -75.95 -83.56 -60.67
N LEU DA 26 -75.46 -82.59 -61.43
CA LEU DA 26 -74.02 -82.40 -61.56
C LEU DA 26 -73.39 -82.07 -60.22
N ILE DA 27 -74.03 -81.18 -59.45
CA ILE DA 27 -73.52 -80.77 -58.15
C ILE DA 27 -73.50 -81.96 -57.19
N TYR DA 28 -74.55 -82.77 -57.23
CA TYR DA 28 -74.62 -83.95 -56.37
C TYR DA 28 -73.53 -84.94 -56.71
N GLU DA 29 -73.32 -85.23 -57.99
CA GLU DA 29 -72.38 -86.26 -58.39
C GLU DA 29 -70.94 -85.77 -58.25
N LYS DA 30 -70.74 -84.46 -58.30
CA LYS DA 30 -69.41 -83.91 -58.09
C LYS DA 30 -68.97 -84.02 -56.64
N ALA DA 31 -69.89 -83.74 -55.70
CA ALA DA 31 -69.55 -83.89 -54.29
C ALA DA 31 -69.29 -85.35 -53.95
N LYS DA 32 -70.06 -86.26 -54.55
CA LYS DA 32 -69.81 -87.69 -54.36
C LYS DA 32 -68.45 -88.10 -54.88
N HIS DA 33 -68.05 -87.54 -56.02
CA HIS DA 33 -66.71 -87.81 -56.54
C HIS DA 33 -65.63 -87.25 -55.63
N TYR DA 34 -65.83 -86.05 -55.11
CA TYR DA 34 -64.84 -85.44 -54.21
C TYR DA 34 -64.69 -86.24 -52.93
N HIS DA 35 -65.79 -86.82 -52.44
CA HIS DA 35 -65.72 -87.65 -51.25
C HIS DA 35 -64.83 -88.87 -51.48
N LYS DA 36 -64.91 -89.46 -52.67
CA LYS DA 36 -64.05 -90.57 -53.01
C LYS DA 36 -62.60 -90.13 -53.12
N GLU DA 37 -62.36 -88.94 -53.66
CA GLU DA 37 -61.01 -88.42 -53.77
C GLU DA 37 -60.39 -88.15 -52.40
N TYR DA 38 -61.16 -87.55 -51.48
CA TYR DA 38 -60.64 -87.28 -50.14
C TYR DA 38 -60.31 -88.56 -49.41
N ARG DA 39 -61.17 -89.56 -49.51
CA ARG DA 39 -60.96 -90.83 -48.84
C ARG DA 39 -59.72 -91.53 -49.39
N GLN DA 40 -59.52 -91.48 -50.71
CA GLN DA 40 -58.33 -92.07 -51.31
C GLN DA 40 -57.07 -91.36 -50.82
N MET DA 41 -57.10 -90.03 -50.74
CA MET DA 41 -55.95 -89.28 -50.26
C MET DA 41 -55.65 -89.61 -48.80
N TYR DA 42 -56.69 -89.67 -47.98
CA TYR DA 42 -56.50 -89.99 -46.56
C TYR DA 42 -55.91 -91.38 -46.38
N ARG DA 43 -56.47 -92.37 -47.09
CA ARG DA 43 -55.99 -93.75 -46.95
C ARG DA 43 -54.60 -93.92 -47.55
N THR DA 44 -54.30 -93.21 -48.63
CA THR DA 44 -53.01 -93.37 -49.29
C THR DA 44 -51.86 -93.01 -48.35
N GLU DA 45 -51.98 -91.90 -47.62
CA GLU DA 45 -50.91 -91.52 -46.70
C GLU DA 45 -50.72 -92.55 -45.61
N ILE DA 46 -51.80 -93.19 -45.15
CA ILE DA 46 -51.68 -94.24 -44.15
C ILE DA 46 -50.93 -95.44 -44.73
N ARG DA 47 -51.25 -95.82 -45.96
CA ARG DA 47 -50.69 -97.03 -46.54
C ARG DA 47 -49.24 -96.88 -46.97
N MET DA 48 -48.82 -95.70 -47.43
CA MET DA 48 -47.42 -95.50 -47.78
C MET DA 48 -46.53 -95.48 -46.55
N ALA DA 49 -47.01 -94.87 -45.46
CA ALA DA 49 -46.28 -94.94 -44.20
C ALA DA 49 -46.25 -96.35 -43.65
N ARG DA 50 -47.33 -97.10 -43.83
CA ARG DA 50 -47.43 -98.45 -43.31
C ARG DA 50 -46.40 -99.37 -43.95
N MET DA 51 -46.22 -99.28 -45.26
CA MET DA 51 -45.31 -100.19 -45.94
C MET DA 51 -43.87 -99.71 -45.94
N ALA DA 52 -43.62 -98.42 -45.71
CA ALA DA 52 -42.27 -98.01 -45.32
C ALA DA 52 -41.89 -98.62 -43.98
N ARG DA 53 -42.83 -98.60 -43.03
CA ARG DA 53 -42.57 -99.18 -41.72
C ARG DA 53 -42.32 -100.68 -41.82
N LYS DA 54 -43.07 -101.36 -42.68
CA LYS DA 54 -42.89 -102.79 -42.87
C LYS DA 54 -41.52 -103.13 -43.40
N ALA DA 55 -40.95 -102.25 -44.25
CA ALA DA 55 -39.63 -102.50 -44.81
C ALA DA 55 -38.51 -101.97 -43.94
N GLY DA 56 -38.83 -101.36 -42.79
CA GLY DA 56 -37.83 -100.78 -41.92
C GLY DA 56 -37.40 -99.39 -42.31
N ASN DA 57 -38.04 -98.78 -43.29
CA ASN DA 57 -37.66 -97.46 -43.77
C ASN DA 57 -38.61 -96.40 -43.22
N PHE DA 58 -38.45 -95.17 -43.69
CA PHE DA 58 -39.29 -94.05 -43.28
C PHE DA 58 -39.98 -93.47 -44.50
N TYR DA 59 -41.28 -93.26 -44.38
CA TYR DA 59 -42.05 -92.53 -45.38
C TYR DA 59 -42.19 -91.09 -44.91
N VAL DA 60 -41.67 -90.16 -45.69
CA VAL DA 60 -41.77 -88.73 -45.42
C VAL DA 60 -42.92 -88.17 -46.24
N PRO DA 61 -44.00 -87.71 -45.62
CA PRO DA 61 -45.09 -87.12 -46.40
C PRO DA 61 -44.65 -85.82 -47.05
N ALA DA 62 -45.36 -85.44 -48.11
CA ALA DA 62 -45.14 -84.14 -48.72
C ALA DA 62 -45.36 -83.06 -47.69
N GLU DA 63 -44.49 -82.06 -47.67
CA GLU DA 63 -44.76 -80.94 -46.78
C GLU DA 63 -46.01 -80.23 -47.27
N PRO DA 64 -46.83 -79.70 -46.37
CA PRO DA 64 -48.14 -79.18 -46.77
C PRO DA 64 -48.04 -78.00 -47.73
N LYS DA 65 -49.01 -77.94 -48.64
CA LYS DA 65 -49.09 -76.86 -49.60
C LYS DA 65 -50.15 -75.82 -49.22
N LEU DA 66 -50.89 -76.05 -48.15
CA LEU DA 66 -51.95 -75.15 -47.73
C LEU DA 66 -51.74 -74.76 -46.28
N ALA DA 67 -51.83 -73.47 -46.01
CA ALA DA 67 -51.82 -72.96 -44.65
C ALA DA 67 -53.07 -72.16 -44.40
N PHE DA 68 -53.46 -72.07 -43.14
CA PHE DA 68 -54.43 -71.09 -42.69
C PHE DA 68 -53.73 -70.18 -41.70
N VAL DA 69 -53.82 -68.88 -41.94
CA VAL DA 69 -53.06 -67.88 -41.21
C VAL DA 69 -54.05 -66.98 -40.48
N ILE DA 70 -53.87 -66.85 -39.16
CA ILE DA 70 -54.73 -66.04 -38.32
C ILE DA 70 -53.92 -64.92 -37.71
N ARG DA 71 -54.38 -63.68 -37.91
CA ARG DA 71 -53.78 -62.53 -37.26
C ARG DA 71 -54.14 -62.54 -35.78
N ILE DA 72 -53.13 -62.53 -34.91
CA ILE DA 72 -53.36 -62.65 -33.48
C ILE DA 72 -52.96 -61.37 -32.74
N ARG DA 73 -52.45 -60.37 -33.45
CA ARG DA 73 -52.06 -59.11 -32.86
C ARG DA 73 -52.86 -57.99 -33.49
N GLY DA 74 -53.08 -56.93 -32.72
CA GLY DA 74 -53.87 -55.80 -33.18
C GLY DA 74 -53.14 -54.86 -34.11
N ILE DA 75 -53.69 -53.68 -34.34
CA ILE DA 75 -53.17 -52.76 -35.35
C ILE DA 75 -52.42 -51.59 -34.74
N ASN DA 76 -52.12 -51.62 -33.45
CA ASN DA 76 -51.42 -50.52 -32.80
C ASN DA 76 -49.92 -50.78 -32.82
N GLY DA 77 -49.16 -49.80 -33.30
CA GLY DA 77 -47.71 -49.81 -33.25
C GLY DA 77 -47.03 -50.88 -34.07
N VAL DA 78 -47.47 -51.08 -35.31
CA VAL DA 78 -46.93 -52.09 -36.20
C VAL DA 78 -45.84 -51.47 -37.05
N SER DA 79 -44.72 -52.18 -37.18
CA SER DA 79 -43.64 -51.74 -38.04
C SER DA 79 -44.07 -51.82 -39.50
N PRO DA 80 -43.49 -50.98 -40.38
CA PRO DA 80 -44.02 -50.88 -41.74
C PRO DA 80 -43.92 -52.14 -42.57
N LYS DA 81 -42.80 -52.87 -42.50
CA LYS DA 81 -42.68 -54.09 -43.28
C LYS DA 81 -43.69 -55.14 -42.84
N VAL DA 82 -43.87 -55.30 -41.52
CA VAL DA 82 -44.90 -56.20 -41.02
C VAL DA 82 -46.27 -55.73 -41.45
N ARG DA 83 -46.52 -54.43 -41.37
CA ARG DA 83 -47.81 -53.87 -41.75
C ARG DA 83 -48.12 -54.13 -43.22
N LYS DA 84 -47.12 -53.97 -44.08
CA LYS DA 84 -47.32 -54.21 -45.51
C LYS DA 84 -47.66 -55.68 -45.79
N VAL DA 85 -46.91 -56.61 -45.20
CA VAL DA 85 -47.13 -58.03 -45.48
C VAL DA 85 -48.48 -58.48 -44.97
N LEU DA 86 -48.92 -57.94 -43.83
CA LEU DA 86 -50.25 -58.26 -43.33
C LEU DA 86 -51.33 -57.77 -44.28
N GLN DA 87 -51.14 -56.60 -44.88
CA GLN DA 87 -52.06 -56.13 -45.91
C GLN DA 87 -52.08 -57.06 -47.12
N LEU DA 88 -50.91 -57.55 -47.54
CA LEU DA 88 -50.83 -58.45 -48.69
C LEU DA 88 -51.43 -59.81 -48.39
N LEU DA 89 -51.42 -60.24 -47.13
CA LEU DA 89 -52.12 -61.46 -46.73
C LEU DA 89 -53.59 -61.21 -46.46
N ARG DA 90 -54.05 -59.96 -46.59
CA ARG DA 90 -55.42 -59.54 -46.32
C ARG DA 90 -55.78 -59.70 -44.85
N LEU DA 91 -54.78 -59.62 -43.96
CA LEU DA 91 -54.99 -59.72 -42.51
C LEU DA 91 -54.92 -58.32 -41.91
N ARG DA 92 -56.01 -57.58 -42.06
CA ARG DA 92 -56.05 -56.18 -41.66
C ARG DA 92 -56.65 -55.97 -40.27
N GLN DA 93 -57.03 -57.04 -39.59
CA GLN DA 93 -57.76 -56.96 -38.33
C GLN DA 93 -57.38 -58.19 -37.52
N ILE DA 94 -57.44 -58.05 -36.19
CA ILE DA 94 -57.09 -59.17 -35.33
C ILE DA 94 -58.13 -60.26 -35.47
N PHE DA 95 -57.64 -61.51 -35.58
CA PHE DA 95 -58.46 -62.72 -35.74
C PHE DA 95 -59.19 -62.75 -37.09
N ASN DA 96 -58.43 -62.52 -38.17
CA ASN DA 96 -59.00 -62.24 -39.48
C ASN DA 96 -58.48 -63.22 -40.54
N GLY DA 97 -58.54 -64.51 -40.25
CA GLY DA 97 -57.70 -65.48 -40.96
C GLY DA 97 -57.99 -65.58 -42.45
N THR DA 98 -57.02 -66.19 -43.15
CA THR DA 98 -57.11 -66.46 -44.59
C THR DA 98 -56.35 -67.74 -44.91
N PHE DA 99 -56.69 -68.34 -46.04
CA PHE DA 99 -55.93 -69.45 -46.60
C PHE DA 99 -54.77 -68.93 -47.44
N VAL DA 100 -53.62 -69.59 -47.30
CA VAL DA 100 -52.40 -69.18 -48.00
C VAL DA 100 -51.79 -70.42 -48.64
N LYS DA 101 -51.57 -70.35 -49.95
CA LYS DA 101 -50.85 -71.38 -50.67
C LYS DA 101 -49.37 -71.30 -50.32
N LEU DA 102 -48.79 -72.44 -49.97
CA LEU DA 102 -47.44 -72.49 -49.39
C LEU DA 102 -46.41 -72.70 -50.50
N ASN DA 103 -45.39 -71.85 -50.51
CA ASN DA 103 -44.23 -71.97 -51.36
C ASN DA 103 -43.15 -71.07 -50.79
N LYS DA 104 -41.98 -71.05 -51.43
CA LYS DA 104 -40.87 -70.26 -50.89
C LYS DA 104 -41.21 -68.79 -50.81
N ALA DA 105 -41.89 -68.26 -51.82
CA ALA DA 105 -42.26 -66.85 -51.82
C ALA DA 105 -43.21 -66.52 -50.67
N SER DA 106 -44.20 -67.38 -50.44
CA SER DA 106 -45.19 -67.09 -49.40
C SER DA 106 -44.66 -67.44 -48.01
N ILE DA 107 -43.86 -68.50 -47.89
CA ILE DA 107 -43.36 -68.90 -46.58
C ILE DA 107 -42.45 -67.82 -46.01
N ASN DA 108 -41.60 -67.24 -46.85
CA ASN DA 108 -40.74 -66.15 -46.38
C ASN DA 108 -41.55 -64.93 -46.00
N MET DA 109 -42.70 -64.73 -46.64
CA MET DA 109 -43.63 -63.68 -46.21
C MET DA 109 -44.17 -63.99 -44.82
N LEU DA 110 -44.49 -65.25 -44.55
CA LEU DA 110 -45.03 -65.62 -43.23
C LEU DA 110 -43.98 -65.50 -42.14
N ARG DA 111 -42.69 -65.65 -42.49
CA ARG DA 111 -41.64 -65.49 -41.49
C ARG DA 111 -41.52 -64.04 -41.06
N ILE DA 112 -41.75 -63.10 -41.98
CA ILE DA 112 -41.66 -61.68 -41.64
C ILE DA 112 -42.70 -61.33 -40.57
N VAL DA 113 -43.95 -61.72 -40.79
CA VAL DA 113 -45.01 -61.42 -39.82
C VAL DA 113 -45.14 -62.67 -38.94
N GLU DA 114 -44.10 -62.92 -38.18
CA GLU DA 114 -44.16 -64.11 -37.33
C GLU DA 114 -44.85 -63.81 -35.99
N PRO DA 115 -44.48 -62.74 -35.27
CA PRO DA 115 -45.16 -62.46 -34.00
C PRO DA 115 -46.58 -61.95 -34.14
N TYR DA 116 -47.04 -61.66 -35.35
CA TYR DA 116 -48.38 -61.13 -35.55
C TYR DA 116 -49.40 -62.18 -35.96
N ILE DA 117 -48.96 -63.38 -36.32
CA ILE DA 117 -49.88 -64.38 -36.82
C ILE DA 117 -49.70 -65.69 -36.07
N ALA DA 118 -50.74 -66.51 -36.11
CA ALA DA 118 -50.65 -67.93 -35.80
C ALA DA 118 -51.07 -68.64 -37.07
N TRP DA 119 -50.34 -69.69 -37.45
CA TRP DA 119 -50.71 -70.43 -38.64
C TRP DA 119 -50.29 -71.88 -38.53
N GLY DA 120 -50.87 -72.67 -39.41
CA GLY DA 120 -50.57 -74.08 -39.48
C GLY DA 120 -51.27 -74.69 -40.66
N TYR DA 121 -51.42 -76.00 -40.60
CA TYR DA 121 -51.92 -76.76 -41.74
C TYR DA 121 -53.34 -77.23 -41.46
N PRO DA 122 -54.33 -76.67 -42.15
CA PRO DA 122 -55.72 -77.04 -41.85
C PRO DA 122 -56.09 -78.38 -42.48
N ASN DA 123 -56.86 -79.17 -41.74
CA ASN DA 123 -57.35 -80.43 -42.24
C ASN DA 123 -58.62 -80.20 -43.07
N LEU DA 124 -59.18 -81.28 -43.60
CA LEU DA 124 -60.40 -81.17 -44.40
C LEU DA 124 -61.54 -80.58 -43.59
N LYS DA 125 -61.71 -81.04 -42.35
CA LYS DA 125 -62.80 -80.54 -41.52
C LYS DA 125 -62.69 -79.04 -41.29
N SER DA 126 -61.49 -78.53 -41.04
CA SER DA 126 -61.32 -77.10 -40.81
C SER DA 126 -61.72 -76.30 -42.04
N VAL DA 127 -61.33 -76.78 -43.23
CA VAL DA 127 -61.71 -76.09 -44.46
C VAL DA 127 -63.21 -76.10 -44.64
N ASN DA 128 -63.86 -77.22 -44.31
CA ASN DA 128 -65.31 -77.32 -44.42
C ASN DA 128 -66.02 -76.32 -43.52
N GLU DA 129 -65.66 -76.31 -42.23
CA GLU DA 129 -66.35 -75.45 -41.27
C GLU DA 129 -66.13 -73.97 -41.58
N LEU DA 130 -64.92 -73.61 -41.99
CA LEU DA 130 -64.64 -72.21 -42.30
C LEU DA 130 -65.48 -71.72 -43.48
N ILE DA 131 -65.54 -72.50 -44.54
CA ILE DA 131 -66.29 -72.09 -45.72
C ILE DA 131 -67.78 -72.08 -45.44
N TYR DA 132 -68.29 -73.11 -44.76
CA TYR DA 132 -69.74 -73.20 -44.58
C TYR DA 132 -70.25 -72.20 -43.55
N LYS DA 133 -69.59 -72.08 -42.41
CA LYS DA 133 -70.09 -71.22 -41.34
C LYS DA 133 -69.76 -69.76 -41.59
N ARG DA 134 -68.56 -69.48 -42.11
CA ARG DA 134 -68.06 -68.11 -42.19
C ARG DA 134 -67.61 -67.74 -43.59
N GLY DA 135 -68.06 -68.46 -44.61
CA GLY DA 135 -67.66 -68.17 -45.96
C GLY DA 135 -68.43 -67.05 -46.62
N TYR DA 136 -67.71 -66.02 -47.04
CA TYR DA 136 -68.27 -64.88 -47.75
C TYR DA 136 -67.49 -64.66 -49.03
N GLY DA 137 -68.21 -64.42 -50.11
CA GLY DA 137 -67.62 -64.13 -51.40
C GLY DA 137 -67.43 -62.63 -51.57
N LYS DA 138 -66.43 -62.26 -52.37
CA LYS DA 138 -66.24 -60.87 -52.78
C LYS DA 138 -66.83 -60.72 -54.16
N ILE DA 139 -68.03 -60.15 -54.21
CA ILE DA 139 -68.80 -60.03 -55.43
C ILE DA 139 -69.12 -58.56 -55.64
N ASN DA 140 -68.61 -58.00 -56.74
CA ASN DA 140 -68.74 -56.58 -57.05
C ASN DA 140 -68.22 -55.73 -55.89
N LYS DA 141 -67.08 -56.14 -55.32
CA LYS DA 141 -66.40 -55.49 -54.20
C LYS DA 141 -67.21 -55.56 -52.91
N LYS DA 142 -68.24 -56.39 -52.86
CA LYS DA 142 -69.12 -56.49 -51.71
C LYS DA 142 -68.92 -57.83 -51.00
N ARG DA 143 -69.04 -57.82 -49.68
CA ARG DA 143 -68.92 -59.03 -48.87
C ARG DA 143 -70.31 -59.67 -48.80
N ILE DA 144 -70.47 -60.78 -49.51
CA ILE DA 144 -71.77 -61.43 -49.68
C ILE DA 144 -71.70 -62.83 -49.08
N ALA DA 145 -72.63 -63.13 -48.18
CA ALA DA 145 -72.69 -64.46 -47.59
C ALA DA 145 -72.97 -65.49 -48.67
N LEU DA 146 -72.28 -66.62 -48.58
CA LEU DA 146 -72.40 -67.70 -49.57
C LEU DA 146 -73.60 -68.57 -49.20
N THR DA 147 -74.78 -68.01 -49.43
CA THR DA 147 -76.03 -68.67 -49.12
C THR DA 147 -76.60 -69.46 -50.29
N ASP DA 148 -76.11 -69.23 -51.51
CA ASP DA 148 -76.58 -69.96 -52.68
C ASP DA 148 -75.38 -70.34 -53.54
N ASN DA 149 -75.53 -71.43 -54.28
CA ASN DA 149 -74.47 -71.83 -55.20
C ASN DA 149 -74.35 -70.91 -56.40
N ALA DA 150 -75.44 -70.24 -56.80
CA ALA DA 150 -75.37 -69.33 -57.93
C ALA DA 150 -74.44 -68.16 -57.65
N LEU DA 151 -74.26 -67.80 -56.38
CA LEU DA 151 -73.27 -66.78 -56.04
C LEU DA 151 -71.86 -67.24 -56.41
N ILE DA 152 -71.54 -68.50 -56.15
CA ILE DA 152 -70.25 -69.04 -56.53
C ILE DA 152 -70.14 -69.21 -58.04
N ALA DA 153 -71.17 -69.80 -58.66
CA ALA DA 153 -71.12 -70.11 -60.08
C ALA DA 153 -70.96 -68.87 -60.96
N ARG DA 154 -71.53 -67.74 -60.57
CA ARG DA 154 -71.53 -66.57 -61.44
C ARG DA 154 -70.16 -65.91 -61.51
N SER DA 155 -69.35 -66.06 -60.46
CA SER DA 155 -68.04 -65.44 -60.43
C SER DA 155 -66.91 -66.43 -60.69
N LEU DA 156 -67.04 -67.67 -60.21
CA LEU DA 156 -65.99 -68.66 -60.38
C LEU DA 156 -66.34 -69.73 -61.41
N GLY DA 157 -67.47 -69.59 -62.08
CA GLY DA 157 -67.90 -70.61 -63.02
C GLY DA 157 -66.99 -70.75 -64.23
N LYS DA 158 -66.37 -69.65 -64.66
CA LYS DA 158 -65.42 -69.73 -65.77
C LYS DA 158 -64.25 -70.63 -65.46
N TYR DA 159 -64.00 -70.91 -64.19
CA TYR DA 159 -62.94 -71.81 -63.76
C TYR DA 159 -63.43 -73.23 -63.48
N GLY DA 160 -64.73 -73.48 -63.65
CA GLY DA 160 -65.29 -74.76 -63.28
C GLY DA 160 -65.74 -74.88 -61.85
N ILE DA 161 -65.70 -73.80 -61.08
CA ILE DA 161 -66.10 -73.81 -59.67
C ILE DA 161 -67.51 -73.24 -59.61
N ILE DA 162 -68.50 -74.11 -59.48
CA ILE DA 162 -69.89 -73.68 -59.58
C ILE DA 162 -70.73 -74.19 -58.41
N CYS DA 163 -70.10 -74.57 -57.30
CA CYS DA 163 -70.81 -74.96 -56.09
C CYS DA 163 -69.86 -74.86 -54.91
N MET DA 164 -70.44 -74.96 -53.70
CA MET DA 164 -69.68 -74.85 -52.47
C MET DA 164 -68.64 -75.96 -52.34
N GLU DA 165 -68.98 -77.15 -52.81
CA GLU DA 165 -68.04 -78.26 -52.75
C GLU DA 165 -66.85 -78.06 -53.70
N ASP DA 166 -67.08 -77.43 -54.85
CA ASP DA 166 -65.96 -77.09 -55.73
C ASP DA 166 -65.03 -76.07 -55.08
N LEU DA 167 -65.60 -75.09 -54.39
CA LEU DA 167 -64.79 -74.10 -53.69
C LEU DA 167 -63.94 -74.76 -52.60
N ILE DA 168 -64.54 -75.66 -51.82
CA ILE DA 168 -63.80 -76.36 -50.77
C ILE DA 168 -62.72 -77.23 -51.39
N HIS DA 169 -63.05 -77.94 -52.47
CA HIS DA 169 -62.09 -78.82 -53.10
C HIS DA 169 -60.89 -78.03 -53.64
N GLU DA 170 -61.17 -76.89 -54.27
CA GLU DA 170 -60.09 -76.09 -54.85
C GLU DA 170 -59.18 -75.51 -53.77
N ILE DA 171 -59.72 -75.18 -52.60
CA ILE DA 171 -58.90 -74.66 -51.52
C ILE DA 171 -58.08 -75.78 -50.88
N TYR DA 172 -58.74 -76.85 -50.46
CA TYR DA 172 -58.11 -77.92 -49.71
C TYR DA 172 -57.04 -78.64 -50.52
N THR DA 173 -57.40 -79.07 -51.71
CA THR DA 173 -56.43 -79.57 -52.68
C THR DA 173 -56.04 -78.40 -53.55
N VAL DA 174 -54.86 -77.83 -53.30
CA VAL DA 174 -54.58 -76.51 -53.84
C VAL DA 174 -54.53 -76.61 -55.36
N GLY DA 175 -55.62 -76.20 -56.00
CA GLY DA 175 -55.85 -76.47 -57.40
C GLY DA 175 -55.30 -75.40 -58.30
N LYS DA 176 -55.49 -75.62 -59.60
CA LYS DA 176 -54.99 -74.68 -60.60
C LYS DA 176 -55.52 -73.28 -60.36
N ARG DA 177 -56.76 -73.16 -59.92
CA ARG DA 177 -57.41 -71.87 -59.72
C ARG DA 177 -57.52 -71.51 -58.26
N PHE DA 178 -56.54 -71.95 -57.45
CA PHE DA 178 -56.55 -71.60 -56.03
C PHE DA 178 -56.53 -70.09 -55.84
N LYS DA 179 -55.70 -69.38 -56.60
CA LYS DA 179 -55.59 -67.94 -56.43
C LYS DA 179 -56.93 -67.25 -56.64
N GLU DA 180 -57.66 -67.62 -57.70
CA GLU DA 180 -58.96 -67.01 -57.95
C GLU DA 180 -59.98 -67.46 -56.93
N ALA DA 181 -59.99 -68.75 -56.58
CA ALA DA 181 -60.91 -69.24 -55.57
C ALA DA 181 -60.63 -68.62 -54.20
N ASN DA 182 -59.35 -68.47 -53.86
CA ASN DA 182 -58.99 -67.93 -52.56
C ASN DA 182 -59.31 -66.44 -52.46
N ASN DA 183 -58.95 -65.66 -53.49
CA ASN DA 183 -59.23 -64.23 -53.46
C ASN DA 183 -60.72 -63.95 -53.46
N PHE DA 184 -61.52 -64.85 -54.07
CA PHE DA 184 -62.96 -64.71 -54.04
C PHE DA 184 -63.51 -64.75 -52.63
N LEU DA 185 -62.87 -65.54 -51.76
CA LEU DA 185 -63.29 -65.63 -50.38
C LEU DA 185 -62.87 -64.38 -49.62
N TRP DA 186 -63.83 -63.70 -49.02
CA TRP DA 186 -63.50 -62.61 -48.12
C TRP DA 186 -62.68 -63.14 -46.95
N PRO DA 187 -61.72 -62.38 -46.44
CA PRO DA 187 -60.99 -62.83 -45.26
C PRO DA 187 -61.92 -63.20 -44.12
N PHE DA 188 -61.68 -64.37 -43.54
CA PHE DA 188 -62.56 -64.91 -42.52
C PHE DA 188 -62.51 -64.06 -41.26
N LYS DA 189 -63.67 -63.71 -40.75
CA LYS DA 189 -63.80 -62.85 -39.57
C LYS DA 189 -64.12 -63.77 -38.40
N LEU DA 190 -63.08 -64.26 -37.75
CA LEU DA 190 -63.24 -65.21 -36.65
C LEU DA 190 -63.51 -64.48 -35.34
N SER DA 191 -64.21 -65.18 -34.46
CA SER DA 191 -64.41 -64.68 -33.11
C SER DA 191 -63.14 -64.88 -32.31
N SER DA 192 -63.05 -64.22 -31.16
CA SER DA 192 -61.93 -64.45 -30.27
C SER DA 192 -61.96 -65.90 -29.75
N PRO DA 193 -60.80 -66.49 -29.45
CA PRO DA 193 -60.77 -67.93 -29.13
C PRO DA 193 -61.45 -68.23 -27.81
N ARG DA 194 -62.51 -69.03 -27.86
CA ARG DA 194 -63.17 -69.49 -26.65
C ARG DA 194 -62.24 -70.42 -25.87
N GLY DA 195 -61.97 -70.04 -24.62
CA GLY DA 195 -60.99 -70.74 -23.82
C GLY DA 195 -59.65 -70.04 -23.72
N GLY DA 196 -59.50 -68.85 -24.30
CA GLY DA 196 -58.28 -68.10 -24.21
C GLY DA 196 -57.21 -68.60 -25.16
N MET DA 197 -56.02 -68.01 -25.06
CA MET DA 197 -54.93 -68.41 -25.94
C MET DA 197 -53.61 -68.67 -25.23
N LYS DA 198 -53.50 -68.41 -23.93
CA LYS DA 198 -52.39 -68.78 -23.02
C LYS DA 198 -51.14 -67.93 -23.23
N LYS DA 199 -51.10 -67.12 -24.28
CA LYS DA 199 -50.11 -66.06 -24.52
C LYS DA 199 -50.55 -65.33 -25.79
N LYS DA 200 -49.81 -64.30 -26.15
CA LYS DA 200 -50.01 -63.72 -27.46
C LYS DA 200 -48.66 -63.28 -28.02
N THR DA 201 -47.74 -62.98 -27.11
CA THR DA 201 -46.53 -62.24 -27.42
C THR DA 201 -45.34 -63.14 -27.68
N THR DA 202 -45.47 -64.45 -27.53
CA THR DA 202 -44.36 -65.36 -27.74
C THR DA 202 -44.74 -66.40 -28.78
N HIS DA 203 -43.73 -67.15 -29.22
CA HIS DA 203 -43.92 -68.20 -30.20
C HIS DA 203 -44.60 -69.42 -29.59
N PHE DA 204 -45.26 -70.19 -30.46
CA PHE DA 204 -45.94 -71.41 -30.03
C PHE DA 204 -44.97 -72.40 -29.39
N VAL DA 205 -43.78 -72.58 -29.98
CA VAL DA 205 -42.87 -73.61 -29.51
C VAL DA 205 -42.23 -73.23 -28.18
N GLU DA 206 -42.39 -71.97 -27.76
CA GLU DA 206 -41.95 -71.56 -26.43
C GLU DA 206 -43.15 -71.34 -25.51
N GLY DA 207 -44.31 -71.87 -25.88
CA GLY DA 207 -45.48 -71.83 -25.02
C GLY DA 207 -46.47 -70.73 -25.31
N GLY DA 208 -46.26 -69.95 -26.36
CA GLY DA 208 -47.15 -68.89 -26.75
C GLY DA 208 -48.06 -69.29 -27.88
N ASP DA 209 -48.31 -68.35 -28.79
CA ASP DA 209 -49.23 -68.57 -29.90
C ASP DA 209 -48.71 -68.18 -31.26
N ALA DA 210 -47.73 -67.29 -31.34
CA ALA DA 210 -47.28 -66.83 -32.64
C ALA DA 210 -46.54 -67.94 -33.40
N GLY DA 211 -46.55 -67.83 -34.71
CA GLY DA 211 -45.76 -68.71 -35.54
C GLY DA 211 -46.52 -69.92 -36.05
N ASN DA 212 -45.75 -70.89 -36.52
CA ASN DA 212 -46.28 -72.09 -37.18
C ASN DA 212 -46.49 -73.19 -36.14
N ARG DA 213 -47.76 -73.45 -35.81
CA ARG DA 213 -48.14 -74.68 -35.13
C ARG DA 213 -48.73 -75.63 -36.17
N GLU DA 214 -48.08 -76.78 -36.37
CA GLU DA 214 -48.27 -77.48 -37.64
C GLU DA 214 -49.72 -77.90 -37.89
N ASP DA 215 -50.18 -78.92 -37.17
CA ASP DA 215 -51.56 -79.36 -37.27
C ASP DA 215 -52.38 -78.88 -36.09
N GLN DA 216 -51.76 -78.17 -35.15
CA GLN DA 216 -52.45 -77.66 -33.99
C GLN DA 216 -53.27 -76.42 -34.30
N ILE DA 217 -53.17 -75.90 -35.53
CA ILE DA 217 -54.04 -74.81 -35.95
C ILE DA 217 -55.49 -75.25 -35.97
N ASN DA 218 -55.74 -76.56 -36.11
CA ASN DA 218 -57.12 -77.04 -36.16
C ASN DA 218 -57.81 -76.93 -34.80
N ARG DA 219 -57.06 -77.16 -33.72
CA ARG DA 219 -57.63 -76.90 -32.39
C ARG DA 219 -58.00 -75.44 -32.23
N LEU DA 220 -57.15 -74.54 -32.73
CA LEU DA 220 -57.46 -73.12 -32.64
C LEU DA 220 -58.66 -72.77 -33.50
N ILE DA 221 -58.75 -73.35 -34.70
CA ILE DA 221 -59.84 -73.03 -35.62
C ILE DA 221 -61.18 -73.43 -34.99
N ARG DA 222 -61.23 -74.57 -34.30
CA ARG DA 222 -62.47 -74.99 -33.66
C ARG DA 222 -62.92 -73.99 -32.60
N ARG DA 223 -61.98 -73.48 -31.80
CA ARG DA 223 -62.33 -72.55 -30.74
C ARG DA 223 -62.63 -71.16 -31.26
N MET DA 224 -62.22 -70.87 -32.50
CA MET DA 224 -62.15 -69.52 -33.02
C MET DA 224 -63.30 -69.28 -34.00
N ASN DA 225 -63.76 -70.33 -34.64
CA ASN DA 225 -64.97 -70.23 -35.46
C ASN DA 225 -66.08 -71.03 -34.80
N LYS EA 1 -24.49 117.03 -21.20
CA LYS EA 1 -24.76 118.23 -20.40
C LYS EA 1 -25.78 117.92 -19.31
N VAL EA 2 -26.98 117.52 -19.72
CA VAL EA 2 -28.04 117.12 -18.82
C VAL EA 2 -28.17 115.61 -18.74
N VAL EA 3 -27.16 114.87 -19.22
CA VAL EA 3 -27.19 113.42 -19.16
C VAL EA 3 -27.20 112.96 -17.71
N ASN EA 4 -28.15 112.07 -17.40
CA ASN EA 4 -28.32 111.57 -16.04
C ASN EA 4 -27.05 110.86 -15.59
N PRO EA 5 -26.45 111.25 -14.46
CA PRO EA 5 -25.24 110.55 -13.99
C PRO EA 5 -25.47 109.10 -13.63
N LEU EA 6 -26.72 108.69 -13.39
CA LEU EA 6 -26.98 107.30 -13.04
C LEU EA 6 -26.86 106.37 -14.24
N PHE EA 7 -26.96 106.90 -15.45
CA PHE EA 7 -26.79 106.09 -16.64
C PHE EA 7 -25.33 105.67 -16.77
N GLU EA 8 -25.11 104.41 -17.13
CA GLU EA 8 -23.73 103.94 -17.25
C GLU EA 8 -23.67 102.74 -18.18
N LYS EA 9 -22.47 102.51 -18.71
CA LYS EA 9 -22.20 101.31 -19.49
C LYS EA 9 -21.98 100.11 -18.57
N ARG EA 10 -22.63 99.00 -18.91
CA ARG EA 10 -22.40 97.72 -18.24
C ARG EA 10 -22.06 96.68 -19.28
N PRO EA 11 -20.86 96.74 -19.85
CA PRO EA 11 -20.46 95.74 -20.83
C PRO EA 11 -20.32 94.38 -20.18
N LYS EA 12 -20.65 93.35 -20.95
CA LYS EA 12 -20.44 91.97 -20.52
C LYS EA 12 -19.41 91.35 -21.44
N ASN EA 13 -18.42 90.69 -20.86
CA ASN EA 13 -17.41 90.03 -21.66
C ASN EA 13 -17.75 88.55 -21.77
N PHE EA 14 -17.72 88.03 -22.99
CA PHE EA 14 -18.13 86.67 -23.30
C PHE EA 14 -16.94 85.73 -23.42
N GLY EA 15 -15.88 85.98 -22.68
CA GLY EA 15 -14.79 85.03 -22.57
C GLY EA 15 -15.26 83.76 -21.89
N ILE EA 16 -14.45 82.71 -22.05
CA ILE EA 16 -14.76 81.42 -21.46
C ILE EA 16 -14.82 81.57 -19.94
N GLY EA 17 -15.87 81.00 -19.34
CA GLY EA 17 -16.04 81.03 -17.90
C GLY EA 17 -16.57 82.32 -17.34
N GLN EA 18 -16.80 83.31 -18.18
CA GLN EA 18 -17.36 84.61 -17.83
C GLN EA 18 -18.87 84.58 -18.04
N ASP EA 19 -19.47 85.75 -18.26
CA ASP EA 19 -20.90 85.89 -18.49
C ASP EA 19 -21.45 84.84 -19.45
N ILE EA 20 -22.73 84.49 -19.23
CA ILE EA 20 -23.44 83.57 -20.11
C ILE EA 20 -23.36 84.06 -21.54
N GLN EA 21 -23.13 83.14 -22.47
CA GLN EA 21 -22.99 83.49 -23.86
C GLN EA 21 -24.28 84.07 -24.42
N PRO EA 22 -24.19 85.02 -25.34
CA PRO EA 22 -25.39 85.59 -25.95
C PRO EA 22 -26.09 84.57 -26.85
N LYS EA 23 -27.37 84.82 -27.08
CA LYS EA 23 -28.17 83.97 -27.96
C LYS EA 23 -27.82 84.31 -29.41
N ARG EA 24 -26.75 83.67 -29.89
CA ARG EA 24 -26.25 83.95 -31.22
C ARG EA 24 -26.80 82.92 -32.21
N ASP EA 25 -26.50 83.14 -33.50
CA ASP EA 25 -27.09 82.34 -34.56
C ASP EA 25 -26.47 80.95 -34.61
N LEU EA 26 -27.30 79.92 -34.42
CA LEU EA 26 -26.85 78.54 -34.39
C LEU EA 26 -27.28 77.77 -35.62
N THR EA 27 -27.56 78.49 -36.71
CA THR EA 27 -28.08 77.87 -37.92
C THR EA 27 -27.13 76.80 -38.46
N ARG EA 28 -25.82 77.06 -38.43
CA ARG EA 28 -24.87 76.08 -38.93
C ARG EA 28 -24.91 74.78 -38.15
N PHE EA 29 -25.24 74.83 -36.86
CA PHE EA 29 -25.13 73.66 -35.98
C PHE EA 29 -26.49 73.14 -35.55
N VAL EA 30 -27.53 73.41 -36.31
CA VAL EA 30 -28.86 72.94 -35.96
C VAL EA 30 -29.00 71.47 -36.37
N LYS EA 31 -29.61 70.68 -35.49
CA LYS EA 31 -30.04 69.34 -35.84
C LYS EA 31 -31.34 69.42 -36.65
N TRP EA 32 -31.24 69.22 -37.95
CA TRP EA 32 -32.38 69.42 -38.83
C TRP EA 32 -33.18 68.12 -38.94
N PRO EA 33 -34.45 68.22 -39.36
CA PRO EA 33 -35.22 67.01 -39.66
C PRO EA 33 -34.53 66.20 -40.76
N ARG EA 34 -34.80 64.89 -40.75
CA ARG EA 34 -34.12 63.97 -41.65
C ARG EA 34 -34.30 64.37 -43.11
N TYR EA 35 -35.46 64.94 -43.45
CA TYR EA 35 -35.73 65.27 -44.84
C TYR EA 35 -34.94 66.49 -45.30
N ILE EA 36 -34.70 67.44 -44.40
CA ILE EA 36 -33.85 68.58 -44.74
C ILE EA 36 -32.41 68.12 -44.89
N ARG EA 37 -31.97 67.21 -44.03
CA ARG EA 37 -30.62 66.67 -44.14
C ARG EA 37 -30.46 65.85 -45.40
N LEU EA 38 -31.52 65.17 -45.82
CA LEU EA 38 -31.47 64.35 -47.03
C LEU EA 38 -31.24 65.21 -48.26
N GLN EA 39 -32.01 66.28 -48.42
CA GLN EA 39 -31.90 67.06 -49.64
C GLN EA 39 -30.63 67.90 -49.66
N ARG EA 40 -30.11 68.27 -48.48
CA ARG EA 40 -28.83 68.97 -48.45
C ARG EA 40 -27.68 68.03 -48.77
N GLN EA 41 -27.70 66.83 -48.19
CA GLN EA 41 -26.67 65.85 -48.49
C GLN EA 41 -26.70 65.40 -49.95
N ARG EA 42 -27.89 65.32 -50.54
CA ARG EA 42 -27.99 64.98 -51.96
C ARG EA 42 -27.33 66.06 -52.83
N ALA EA 43 -27.54 67.33 -52.48
CA ALA EA 43 -26.89 68.41 -53.22
C ALA EA 43 -25.38 68.32 -53.11
N ILE EA 44 -24.87 67.96 -51.93
CA ILE EA 44 -23.44 67.81 -51.74
C ILE EA 44 -22.91 66.62 -52.51
N LEU EA 45 -23.71 65.55 -52.60
CA LEU EA 45 -23.28 64.35 -53.34
C LEU EA 45 -23.09 64.65 -54.82
N TYR EA 46 -23.97 65.45 -55.41
CA TYR EA 46 -23.82 65.80 -56.82
C TYR EA 46 -22.60 66.68 -57.06
N LYS EA 47 -22.14 67.38 -56.02
CA LYS EA 47 -20.92 68.16 -56.12
C LYS EA 47 -19.67 67.31 -55.93
N ARG EA 48 -19.77 66.19 -55.21
CA ARG EA 48 -18.65 65.35 -54.84
C ARG EA 48 -18.36 64.26 -55.86
N LEU EA 49 -19.39 63.54 -56.29
CA LEU EA 49 -19.21 62.46 -57.25
C LEU EA 49 -18.93 63.01 -58.64
N LYS EA 50 -18.32 62.17 -59.47
CA LYS EA 50 -18.10 62.50 -60.87
C LYS EA 50 -19.42 62.34 -61.62
N VAL EA 51 -19.96 63.44 -62.11
CA VAL EA 51 -21.27 63.42 -62.76
C VAL EA 51 -21.09 63.21 -64.26
N PRO EA 52 -21.65 62.16 -64.84
CA PRO EA 52 -21.41 61.90 -66.26
C PRO EA 52 -21.95 63.02 -67.12
N PRO EA 53 -21.34 63.26 -68.29
CA PRO EA 53 -21.73 64.43 -69.08
C PRO EA 53 -23.19 64.50 -69.48
N ALA EA 54 -23.85 63.36 -69.69
CA ALA EA 54 -25.26 63.42 -70.10
C ALA EA 54 -26.13 64.04 -69.00
N ILE EA 55 -25.72 63.92 -67.74
CA ILE EA 55 -26.43 64.54 -66.63
C ILE EA 55 -25.85 65.92 -66.36
N ASN EA 56 -24.52 66.04 -66.47
CA ASN EA 56 -23.88 67.31 -66.20
C ASN EA 56 -24.26 68.39 -67.20
N GLN EA 57 -24.66 68.01 -68.42
CA GLN EA 57 -25.00 69.00 -69.43
C GLN EA 57 -26.18 69.88 -69.02
N PHE EA 58 -27.02 69.42 -68.11
CA PHE EA 58 -28.16 70.20 -67.65
C PHE EA 58 -27.79 71.25 -66.62
N THR EA 59 -26.57 71.24 -66.10
CA THR EA 59 -26.14 72.30 -65.18
C THR EA 59 -25.86 73.59 -65.93
N GLN EA 60 -25.48 73.50 -67.21
CA GLN EA 60 -25.22 74.70 -67.99
C GLN EA 60 -26.50 75.11 -68.70
N ALA EA 61 -27.04 76.26 -68.30
CA ALA EA 61 -28.34 76.74 -68.74
C ALA EA 61 -28.19 78.14 -69.28
N LEU EA 62 -29.29 78.65 -69.85
CA LEU EA 62 -29.30 79.98 -70.44
C LEU EA 62 -28.91 81.02 -69.41
N ASP EA 63 -28.13 82.01 -69.82
CA ASP EA 63 -27.86 83.12 -68.94
C ASP EA 63 -29.16 83.88 -68.66
N ARG EA 64 -29.12 84.73 -67.63
CA ARG EA 64 -30.33 85.39 -67.15
C ARG EA 64 -31.01 86.18 -68.26
N GLN EA 65 -30.24 86.96 -69.01
CA GLN EA 65 -30.86 87.87 -69.98
C GLN EA 65 -31.40 87.14 -71.20
N THR EA 66 -30.78 86.02 -71.59
CA THR EA 66 -31.31 85.26 -72.72
C THR EA 66 -32.55 84.47 -72.31
N ALA EA 67 -32.59 84.02 -71.06
CA ALA EA 67 -33.76 83.29 -70.58
C ALA EA 67 -35.02 84.14 -70.62
N THR EA 68 -34.92 85.40 -70.17
CA THR EA 68 -36.11 86.24 -70.14
C THR EA 68 -36.48 86.71 -71.53
N GLN EA 69 -35.50 86.87 -72.42
CA GLN EA 69 -35.82 87.22 -73.80
C GLN EA 69 -36.51 86.07 -74.53
N LEU EA 70 -36.12 84.84 -74.20
CA LEU EA 70 -36.80 83.67 -74.75
C LEU EA 70 -38.18 83.49 -74.12
N LEU EA 71 -38.30 83.72 -72.82
CA LEU EA 71 -39.57 83.53 -72.14
C LEU EA 71 -40.60 84.56 -72.59
N LYS EA 72 -40.16 85.80 -72.82
CA LYS EA 72 -41.11 86.82 -73.24
C LYS EA 72 -41.56 86.62 -74.68
N LEU EA 73 -40.74 85.96 -75.50
CA LEU EA 73 -41.24 85.51 -76.80
C LEU EA 73 -42.18 84.33 -76.64
N ALA EA 74 -41.83 83.38 -75.76
CA ALA EA 74 -42.70 82.24 -75.50
C ALA EA 74 -44.02 82.65 -74.88
N HIS EA 75 -44.07 83.79 -74.19
CA HIS EA 75 -45.32 84.26 -73.61
C HIS EA 75 -46.35 84.63 -74.66
N LYS EA 76 -45.91 85.01 -75.85
CA LYS EA 76 -46.81 85.39 -76.94
C LYS EA 76 -47.39 84.18 -77.66
N TYR EA 77 -46.98 82.97 -77.29
CA TYR EA 77 -47.45 81.75 -77.94
C TYR EA 77 -47.96 80.74 -76.91
N ARG EA 78 -48.46 81.25 -75.80
CA ARG EA 78 -48.98 80.38 -74.75
C ARG EA 78 -50.25 79.68 -75.24
N PRO EA 79 -50.46 78.43 -74.86
CA PRO EA 79 -51.73 77.77 -75.16
C PRO EA 79 -52.87 78.47 -74.43
N GLU EA 80 -54.06 78.40 -75.02
CA GLU EA 80 -55.21 79.04 -74.40
C GLU EA 80 -55.59 78.32 -73.12
N THR EA 81 -56.08 79.08 -72.15
CA THR EA 81 -56.57 78.50 -70.92
C THR EA 81 -57.90 77.80 -71.16
N LYS EA 82 -58.49 77.28 -70.08
CA LYS EA 82 -59.76 76.56 -70.22
C LYS EA 82 -60.91 77.51 -70.47
N GLN EA 83 -60.83 78.73 -69.94
CA GLN EA 83 -61.88 79.71 -70.21
C GLN EA 83 -61.75 80.28 -71.63
N GLU EA 84 -60.53 80.55 -72.08
CA GLU EA 84 -60.33 81.10 -73.42
C GLU EA 84 -60.84 80.13 -74.48
N LYS EA 85 -60.56 78.84 -74.32
CA LYS EA 85 -61.06 77.85 -75.26
C LYS EA 85 -62.59 77.81 -75.26
N LYS EA 86 -63.20 77.97 -74.08
CA LYS EA 86 -64.65 78.03 -73.99
C LYS EA 86 -65.20 79.21 -74.76
N GLN EA 87 -64.59 80.39 -74.60
CA GLN EA 87 -65.05 81.56 -75.34
C GLN EA 87 -64.87 81.40 -76.83
N ARG EA 88 -63.72 80.83 -77.25
CA ARG EA 88 -63.49 80.59 -78.67
C ARG EA 88 -64.50 79.60 -79.23
N LEU EA 89 -64.81 78.55 -78.47
CA LEU EA 89 -65.81 77.58 -78.91
C LEU EA 89 -67.19 78.22 -79.01
N LEU EA 90 -67.55 79.02 -78.01
CA LEU EA 90 -68.85 79.69 -78.02
C LEU EA 90 -68.93 80.73 -79.15
N ALA EA 91 -67.86 81.50 -79.35
CA ALA EA 91 -67.89 82.55 -80.35
C ALA EA 91 -67.93 81.98 -81.76
N ARG EA 92 -67.15 80.92 -82.01
CA ARG EA 92 -67.21 80.26 -83.31
C ARG EA 92 -68.55 79.60 -83.55
N ALA EA 93 -69.26 79.21 -82.47
CA ALA EA 93 -70.59 78.66 -82.61
C ALA EA 93 -71.56 79.70 -83.16
N GLU EA 94 -71.52 80.92 -82.61
CA GLU EA 94 -72.35 81.99 -83.15
C GLU EA 94 -71.96 82.32 -84.59
N LYS EA 95 -70.66 82.33 -84.88
CA LYS EA 95 -70.19 82.71 -86.21
C LYS EA 95 -70.57 81.66 -87.25
N LYS EA 96 -70.57 80.38 -86.88
CA LYS EA 96 -70.94 79.33 -87.83
C LYS EA 96 -72.45 79.24 -88.00
N ALA EA 97 -73.23 79.58 -86.98
CA ALA EA 97 -74.68 79.50 -87.09
C ALA EA 97 -75.21 80.49 -88.12
N ALA EA 98 -74.63 81.69 -88.17
CA ALA EA 98 -75.01 82.68 -89.17
C ALA EA 98 -73.89 83.71 -89.27
N GLY EA 99 -73.27 83.82 -90.44
CA GLY EA 99 -73.52 82.98 -91.59
C GLY EA 99 -72.27 82.72 -92.42
N LYS EA 100 -71.10 82.99 -91.84
CA LYS EA 100 -69.85 82.92 -92.59
C LYS EA 100 -69.58 81.50 -93.09
N GLY EA 101 -69.78 80.51 -92.23
CA GLY EA 101 -69.52 79.12 -92.61
C GLY EA 101 -68.51 78.43 -91.71
N ASP EA 102 -67.79 77.46 -92.27
CA ASP EA 102 -66.77 76.76 -91.49
C ASP EA 102 -65.68 77.71 -91.04
N VAL EA 103 -64.94 78.28 -91.98
CA VAL EA 103 -63.91 79.29 -91.72
C VAL EA 103 -62.93 78.80 -90.65
N PRO EA 104 -62.03 77.88 -90.98
CA PRO EA 104 -61.04 77.45 -89.97
C PRO EA 104 -60.18 78.60 -89.45
N THR EA 105 -60.02 79.66 -90.24
CA THR EA 105 -59.36 80.90 -89.83
C THR EA 105 -57.96 80.63 -89.27
N LYS EA 106 -57.17 79.88 -90.04
CA LYS EA 106 -55.72 79.75 -89.86
C LYS EA 106 -55.30 79.53 -88.41
N ARG EA 107 -55.59 78.33 -87.86
CA ARG EA 107 -55.24 77.96 -86.49
C ARG EA 107 -53.89 78.54 -86.10
N PRO EA 108 -53.84 79.34 -85.03
CA PRO EA 108 -52.65 80.16 -84.81
C PRO EA 108 -51.47 79.31 -84.37
N PRO EA 109 -50.25 79.78 -84.60
CA PRO EA 109 -49.08 79.09 -84.05
C PRO EA 109 -49.15 79.09 -82.53
N VAL EA 110 -48.76 77.97 -81.93
CA VAL EA 110 -48.87 77.78 -80.50
C VAL EA 110 -47.62 77.09 -80.00
N LEU EA 111 -47.38 77.16 -78.70
CA LEU EA 111 -46.26 76.50 -78.08
C LEU EA 111 -46.63 75.05 -77.76
N ARG EA 112 -45.74 74.12 -78.11
CA ARG EA 112 -45.97 72.70 -77.86
C ARG EA 112 -45.23 72.28 -76.61
N ALA EA 113 -45.93 71.55 -75.73
CA ALA EA 113 -45.40 71.21 -74.42
C ALA EA 113 -45.52 69.72 -74.17
N GLY EA 114 -44.62 69.22 -73.33
CA GLY EA 114 -44.60 67.82 -72.97
C GLY EA 114 -43.48 67.09 -73.71
N VAL EA 115 -42.79 66.20 -73.00
CA VAL EA 115 -41.60 65.58 -73.57
C VAL EA 115 -41.98 64.62 -74.69
N ASN EA 116 -43.08 63.90 -74.55
CA ASN EA 116 -43.51 63.00 -75.62
C ASN EA 116 -43.91 63.79 -76.86
N THR EA 117 -44.64 64.89 -76.68
CA THR EA 117 -44.99 65.75 -77.82
C THR EA 117 -43.76 66.35 -78.47
N VAL EA 118 -42.83 66.87 -77.66
CA VAL EA 118 -41.65 67.54 -78.20
C VAL EA 118 -40.72 66.52 -78.87
N THR EA 119 -40.61 65.31 -78.29
CA THR EA 119 -39.74 64.29 -78.86
C THR EA 119 -40.16 63.91 -80.27
N THR EA 120 -41.47 63.79 -80.51
CA THR EA 120 -41.95 63.46 -81.85
C THR EA 120 -41.71 64.61 -82.83
N LEU EA 121 -41.82 65.85 -82.36
CA LEU EA 121 -41.61 67.01 -83.22
C LEU EA 121 -40.15 67.12 -83.64
N VAL EA 122 -39.22 66.74 -82.76
CA VAL EA 122 -37.81 66.76 -83.11
C VAL EA 122 -37.50 65.65 -84.11
N GLU EA 123 -38.08 64.47 -83.90
CA GLU EA 123 -37.84 63.36 -84.81
C GLU EA 123 -38.35 63.65 -86.22
N ASN EA 124 -39.40 64.44 -86.36
CA ASN EA 124 -39.95 64.81 -87.65
C ASN EA 124 -39.41 66.13 -88.17
N LYS EA 125 -38.49 66.76 -87.44
CA LYS EA 125 -37.89 68.04 -87.78
C LYS EA 125 -38.89 69.19 -87.78
N LYS EA 126 -40.01 69.04 -87.07
CA LYS EA 126 -41.02 70.09 -87.03
C LYS EA 126 -40.64 71.24 -86.11
N ALA EA 127 -39.92 70.96 -85.02
CA ALA EA 127 -39.59 71.97 -84.03
C ALA EA 127 -38.51 72.91 -84.57
N GLN EA 128 -38.68 74.20 -84.32
CA GLN EA 128 -37.64 75.17 -84.65
C GLN EA 128 -36.74 75.50 -83.47
N LEU EA 129 -37.25 75.41 -82.25
CA LEU EA 129 -36.44 75.64 -81.06
C LEU EA 129 -37.02 74.81 -79.92
N VAL EA 130 -36.15 74.16 -79.17
CA VAL EA 130 -36.55 73.29 -78.07
C VAL EA 130 -35.98 73.85 -76.78
N VAL EA 131 -36.83 74.04 -75.78
CA VAL EA 131 -36.43 74.54 -74.48
C VAL EA 131 -36.63 73.43 -73.45
N ILE EA 132 -35.56 73.07 -72.75
CA ILE EA 132 -35.56 71.95 -71.82
C ILE EA 132 -35.32 72.48 -70.42
N ALA EA 133 -36.15 72.06 -69.47
CA ALA EA 133 -35.95 72.39 -68.07
C ALA EA 133 -34.69 71.70 -67.56
N HIS EA 134 -33.97 72.39 -66.67
CA HIS EA 134 -32.71 71.88 -66.15
C HIS EA 134 -32.87 70.91 -64.99
N ASP EA 135 -34.07 70.76 -64.44
CA ASP EA 135 -34.26 70.12 -63.14
C ASP EA 135 -35.38 69.07 -63.14
N VAL EA 136 -35.43 68.23 -64.18
CA VAL EA 136 -36.38 67.13 -64.19
C VAL EA 136 -35.91 66.04 -63.24
N ASP EA 137 -36.64 65.85 -62.13
CA ASP EA 137 -36.16 65.07 -60.99
C ASP EA 137 -35.88 63.62 -61.36
N PRO EA 138 -36.77 62.93 -62.08
CA PRO EA 138 -36.34 61.72 -62.78
C PRO EA 138 -35.66 62.11 -64.08
N ILE EA 139 -34.35 62.35 -64.06
CA ILE EA 139 -33.72 62.84 -65.27
C ILE EA 139 -33.39 61.64 -66.16
N GLU EA 140 -34.44 61.08 -66.74
CA GLU EA 140 -34.39 60.18 -67.88
C GLU EA 140 -35.45 60.57 -68.88
N LEU EA 141 -36.46 61.32 -68.44
CA LEU EA 141 -37.45 61.90 -69.33
C LEU EA 141 -36.82 62.81 -70.37
N VAL EA 142 -35.70 63.45 -70.06
CA VAL EA 142 -35.10 64.42 -70.98
C VAL EA 142 -33.62 64.18 -71.25
N VAL EA 143 -32.97 63.22 -70.59
CA VAL EA 143 -31.51 63.13 -70.67
C VAL EA 143 -31.07 62.78 -72.09
N PHE EA 144 -31.91 62.07 -72.84
CA PHE EA 144 -31.64 61.78 -74.24
C PHE EA 144 -31.89 62.98 -75.14
N LEU EA 145 -32.73 63.92 -74.73
CA LEU EA 145 -33.24 64.94 -75.64
C LEU EA 145 -32.17 65.85 -76.24
N PRO EA 146 -31.19 66.38 -75.50
CA PRO EA 146 -30.19 67.24 -76.16
C PRO EA 146 -29.44 66.55 -77.28
N ALA EA 147 -29.11 65.27 -77.10
CA ALA EA 147 -28.41 64.53 -78.15
C ALA EA 147 -29.32 64.26 -79.33
N LEU EA 148 -30.61 64.02 -79.06
CA LEU EA 148 -31.58 63.84 -80.14
C LEU EA 148 -31.76 65.13 -80.93
N CYS EA 149 -31.83 66.27 -80.23
CA CYS EA 149 -32.01 67.55 -80.92
C CYS EA 149 -30.83 67.87 -81.82
N ARG EA 150 -29.61 67.64 -81.32
CA ARG EA 150 -28.42 67.93 -82.11
C ARG EA 150 -28.37 67.06 -83.36
N LYS EA 151 -28.68 65.77 -83.22
CA LYS EA 151 -28.64 64.87 -84.37
C LYS EA 151 -29.67 65.28 -85.42
N MET EA 152 -30.86 65.68 -84.99
CA MET EA 152 -31.89 66.06 -85.92
C MET EA 152 -31.73 67.49 -86.42
N GLY EA 153 -30.74 68.23 -85.92
CA GLY EA 153 -30.48 69.58 -86.37
C GLY EA 153 -31.35 70.65 -85.75
N VAL EA 154 -32.12 70.32 -84.73
CA VAL EA 154 -33.01 71.28 -84.06
C VAL EA 154 -32.23 72.00 -82.97
N PRO EA 155 -32.18 73.33 -83.00
CA PRO EA 155 -31.55 74.06 -81.90
C PRO EA 155 -32.32 73.87 -80.59
N TYR EA 156 -31.57 73.67 -79.52
CA TYR EA 156 -32.13 73.43 -78.20
C TYR EA 156 -31.33 74.23 -77.18
N CYS EA 157 -31.96 74.49 -76.04
CA CYS EA 157 -31.31 75.16 -74.93
C CYS EA 157 -31.79 74.55 -73.63
N ILE EA 158 -31.07 74.83 -72.56
CA ILE EA 158 -31.46 74.43 -71.21
C ILE EA 158 -31.83 75.70 -70.46
N ILE EA 159 -32.99 75.69 -69.82
CA ILE EA 159 -33.46 76.83 -69.06
C ILE EA 159 -33.65 76.41 -67.61
N LYS EA 160 -33.48 77.37 -66.71
CA LYS EA 160 -33.65 77.12 -65.29
C LYS EA 160 -35.14 77.17 -64.95
N GLY EA 161 -35.69 76.04 -64.54
CA GLY EA 161 -37.04 76.01 -64.04
C GLY EA 161 -38.05 75.26 -64.88
N LYS EA 162 -38.39 74.04 -64.46
CA LYS EA 162 -39.58 73.39 -64.99
C LYS EA 162 -40.85 74.08 -64.52
N ALA EA 163 -40.78 74.81 -63.41
CA ALA EA 163 -41.93 75.57 -62.94
C ALA EA 163 -42.15 76.82 -63.78
N ARG EA 164 -41.07 77.42 -64.29
CA ARG EA 164 -41.20 78.54 -65.21
C ARG EA 164 -41.85 78.09 -66.53
N LEU EA 165 -41.43 76.94 -67.05
CA LEU EA 165 -42.07 76.39 -68.23
C LEU EA 165 -43.50 75.97 -67.92
N GLY EA 166 -43.76 75.52 -66.69
CA GLY EA 166 -45.10 75.18 -66.31
C GLY EA 166 -46.03 76.38 -66.30
N ARG EA 167 -45.57 77.51 -65.75
CA ARG EA 167 -46.41 78.69 -65.70
C ARG EA 167 -46.72 79.22 -67.09
N LEU EA 168 -45.83 78.97 -68.04
CA LEU EA 168 -45.99 79.34 -69.42
C LEU EA 168 -47.02 78.48 -70.14
N VAL EA 169 -47.40 77.35 -69.55
CA VAL EA 169 -48.34 76.41 -70.16
C VAL EA 169 -49.50 76.18 -69.19
N HIS EA 170 -49.57 77.02 -68.16
CA HIS EA 170 -50.70 77.08 -67.23
C HIS EA 170 -50.74 75.85 -66.32
N ARG EA 171 -49.58 75.24 -66.09
CA ARG EA 171 -49.50 74.03 -65.29
C ARG EA 171 -48.43 74.25 -64.23
N LYS EA 172 -48.27 73.28 -63.34
CA LYS EA 172 -47.31 73.44 -62.25
C LYS EA 172 -45.87 73.36 -62.76
N THR EA 173 -45.58 72.37 -63.59
CA THR EA 173 -44.26 72.20 -64.19
C THR EA 173 -44.43 71.75 -65.64
N CYS EA 174 -43.33 71.87 -66.39
CA CYS EA 174 -43.23 71.27 -67.71
C CYS EA 174 -41.78 70.92 -67.96
N THR EA 175 -41.54 69.70 -68.47
CA THR EA 175 -40.17 69.27 -68.74
C THR EA 175 -39.57 70.06 -69.90
N THR EA 176 -40.33 70.22 -70.98
CA THR EA 176 -39.78 70.80 -72.20
C THR EA 176 -40.87 71.46 -73.02
N VAL EA 177 -40.44 72.40 -73.83
CA VAL EA 177 -41.31 73.24 -74.66
C VAL EA 177 -40.64 73.39 -76.01
N ALA EA 178 -41.44 73.31 -77.09
CA ALA EA 178 -40.89 73.41 -78.43
C ALA EA 178 -41.59 74.53 -79.20
N PHE EA 179 -40.78 75.22 -80.01
CA PHE EA 179 -41.25 76.26 -80.91
C PHE EA 179 -41.44 75.64 -82.28
N THR EA 180 -42.69 75.47 -82.69
CA THR EA 180 -43.02 75.21 -84.09
C THR EA 180 -43.11 76.57 -84.77
N GLN EA 181 -43.77 76.65 -85.92
CA GLN EA 181 -43.92 77.90 -86.65
C GLN EA 181 -44.27 79.08 -85.75
N VAL EA 182 -43.79 80.27 -86.13
CA VAL EA 182 -43.95 81.50 -85.37
C VAL EA 182 -44.47 82.57 -86.30
N ASN EA 183 -45.29 83.47 -85.77
CA ASN EA 183 -45.84 84.55 -86.58
C ASN EA 183 -44.73 85.41 -87.18
N SER EA 184 -45.03 86.04 -88.32
CA SER EA 184 -44.03 86.77 -89.07
C SER EA 184 -43.45 87.94 -88.28
N GLU EA 185 -44.25 88.56 -87.41
CA GLU EA 185 -43.75 89.69 -86.63
C GLU EA 185 -42.69 89.25 -85.63
N ASP EA 186 -42.63 87.94 -85.33
CA ASP EA 186 -41.65 87.42 -84.38
C ASP EA 186 -40.65 86.46 -85.02
N LYS EA 187 -40.56 86.42 -86.35
CA LYS EA 187 -39.55 85.59 -87.00
C LYS EA 187 -38.15 86.09 -86.67
N GLY EA 188 -37.96 87.42 -86.68
CA GLY EA 188 -36.66 87.96 -86.35
C GLY EA 188 -36.28 87.73 -84.90
N ALA EA 189 -37.25 87.81 -83.99
CA ALA EA 189 -36.98 87.52 -82.59
C ALA EA 189 -36.61 86.07 -82.38
N LEU EA 190 -37.32 85.16 -83.06
CA LEU EA 190 -36.95 83.75 -83.00
C LEU EA 190 -35.59 83.50 -83.62
N ALA EA 191 -35.29 84.18 -84.73
CA ALA EA 191 -34.03 83.94 -85.42
C ALA EA 191 -32.84 84.34 -84.57
N LYS EA 192 -32.91 85.51 -83.91
CA LYS EA 192 -31.78 85.94 -83.10
C LYS EA 192 -31.64 85.10 -81.85
N LEU EA 193 -32.76 84.60 -81.32
CA LEU EA 193 -32.69 83.63 -80.22
C LEU EA 193 -32.04 82.34 -80.68
N VAL EA 194 -32.41 81.86 -81.88
CA VAL EA 194 -31.88 80.59 -82.38
C VAL EA 194 -30.38 80.68 -82.62
N GLU EA 195 -29.92 81.82 -83.16
CA GLU EA 195 -28.50 81.95 -83.49
C GLU EA 195 -27.63 81.89 -82.24
N ALA EA 196 -27.99 82.66 -81.20
CA ALA EA 196 -27.21 82.63 -79.97
C ALA EA 196 -27.27 81.27 -79.30
N ILE EA 197 -28.43 80.63 -79.33
CA ILE EA 197 -28.59 79.32 -78.70
C ILE EA 197 -27.79 78.25 -79.43
N ARG EA 198 -27.74 78.33 -80.76
CA ARG EA 198 -27.07 77.30 -81.54
C ARG EA 198 -25.57 77.26 -81.25
N THR EA 199 -24.96 78.43 -81.06
CA THR EA 199 -23.52 78.46 -80.79
C THR EA 199 -23.19 77.86 -79.43
N ASN EA 200 -24.09 77.96 -78.47
CA ASN EA 200 -23.80 77.51 -77.12
C ASN EA 200 -24.14 76.05 -76.89
N TYR EA 201 -25.07 75.49 -77.66
CA TYR EA 201 -25.51 74.12 -77.42
C TYR EA 201 -25.23 73.18 -78.57
N ASN EA 202 -25.72 73.48 -79.77
CA ASN EA 202 -25.58 72.56 -80.88
C ASN EA 202 -24.16 72.56 -81.45
N ASP EA 203 -23.54 73.73 -81.55
CA ASP EA 203 -22.24 73.84 -82.19
C ASP EA 203 -21.12 73.25 -81.36
N ARG EA 204 -21.24 73.25 -80.02
CA ARG EA 204 -20.21 72.68 -79.18
C ARG EA 204 -20.70 71.44 -78.47
N TYR EA 205 -21.54 70.65 -79.15
CA TYR EA 205 -22.06 69.41 -78.61
C TYR EA 205 -20.95 68.39 -78.34
N ASP EA 206 -19.90 68.38 -79.16
CA ASP EA 206 -18.81 67.43 -78.97
C ASP EA 206 -18.13 67.62 -77.62
N GLU EA 207 -17.91 68.86 -77.20
CA GLU EA 207 -17.28 69.10 -75.92
C GLU EA 207 -18.27 69.07 -74.76
N ILE EA 208 -19.57 69.15 -75.05
CA ILE EA 208 -20.57 68.92 -74.02
C ILE EA 208 -20.59 67.44 -73.62
N ARG EA 209 -20.47 66.53 -74.59
CA ARG EA 209 -20.45 65.10 -74.27
C ARG EA 209 -19.25 64.67 -73.47
N ARG EA 210 -18.19 65.47 -73.43
CA ARG EA 210 -16.96 65.11 -72.73
C ARG EA 210 -16.85 65.75 -71.35
N HIS EA 211 -17.76 66.66 -71.01
CA HIS EA 211 -17.61 67.49 -69.83
C HIS EA 211 -18.27 66.81 -68.64
N TRP EA 212 -17.46 66.19 -67.80
CA TRP EA 212 -17.95 65.61 -66.55
C TRP EA 212 -18.10 66.71 -65.50
N GLY EA 213 -19.07 66.51 -64.60
CA GLY EA 213 -19.29 67.41 -63.50
C GLY EA 213 -18.88 66.80 -62.16
N GLY EA 214 -19.18 67.56 -61.11
CA GLY EA 214 -18.83 67.12 -59.77
C GLY EA 214 -17.33 67.03 -59.58
N ASN EA 215 -16.90 66.01 -58.83
CA ASN EA 215 -15.50 65.79 -58.50
C ASN EA 215 -14.87 66.97 -57.78
N VAL EA 216 -15.62 67.61 -56.90
CA VAL EA 216 -15.13 68.72 -56.09
C VAL EA 216 -15.27 68.36 -54.62
N LEU EA 217 -14.19 68.47 -53.87
CA LEU EA 217 -14.24 68.18 -52.44
C LEU EA 217 -14.83 69.35 -51.67
N GLY EA 218 -15.12 69.11 -50.39
CA GLY EA 218 -15.64 70.14 -49.52
C GLY EA 218 -14.60 71.20 -49.22
N PRO EA 219 -15.06 72.38 -48.81
CA PRO EA 219 -14.11 73.48 -48.53
C PRO EA 219 -13.08 73.14 -47.46
N LYS EA 220 -13.47 72.40 -46.42
CA LYS EA 220 -12.50 72.03 -45.40
C LYS EA 220 -11.42 71.10 -45.95
N SER EA 221 -11.82 70.16 -46.82
CA SER EA 221 -10.84 69.27 -47.45
C SER EA 221 -9.91 70.04 -48.38
N VAL EA 222 -10.46 70.98 -49.15
CA VAL EA 222 -9.64 71.77 -50.07
C VAL EA 222 -8.67 72.65 -49.31
N ALA EA 223 -9.13 73.23 -48.19
CA ALA EA 223 -8.25 74.08 -47.39
C ALA EA 223 -7.12 73.29 -46.76
N ARG EA 224 -7.41 72.07 -46.28
CA ARG EA 224 -6.37 71.22 -45.72
C ARG EA 224 -5.31 70.89 -46.76
N ILE EA 225 -5.74 70.61 -48.00
CA ILE EA 225 -4.80 70.39 -49.08
C ILE EA 225 -4.01 71.65 -49.36
N ALA EA 226 -4.68 72.80 -49.41
CA ALA EA 226 -4.00 74.06 -49.69
C ALA EA 226 -2.98 74.38 -48.60
N LYS EA 227 -3.29 74.03 -47.36
CA LYS EA 227 -2.37 74.31 -46.26
C LYS EA 227 -1.10 73.47 -46.40
N LEU EA 228 -1.24 72.21 -46.81
CA LEU EA 228 -0.07 71.35 -46.98
C LEU EA 228 0.75 71.75 -48.20
N GLU EA 229 0.08 72.03 -49.33
CA GLU EA 229 0.81 72.38 -50.54
C GLU EA 229 1.52 73.72 -50.40
N LYS EA 230 0.87 74.68 -49.73
CA LYS EA 230 1.53 75.97 -49.48
C LYS EA 230 2.66 75.82 -48.48
N ALA EA 231 2.51 74.93 -47.50
CA ALA EA 231 3.60 74.67 -46.56
C ALA EA 231 4.80 74.09 -47.30
N LYS EA 232 4.55 73.26 -48.30
CA LYS EA 232 5.64 72.71 -49.10
C LYS EA 232 6.27 73.78 -49.99
N ALA EA 233 5.46 74.56 -50.71
CA ALA EA 233 6.00 75.48 -51.69
C ALA EA 233 6.68 76.68 -51.05
N LYS EA 234 6.24 77.09 -49.85
CA LYS EA 234 6.83 78.25 -49.19
C LYS EA 234 8.31 78.06 -48.90
N GLU EA 235 8.78 76.83 -48.77
CA GLU EA 235 10.18 76.56 -48.48
C GLU EA 235 10.96 75.99 -49.66
N LEU EA 236 10.28 75.39 -50.63
CA LEU EA 236 10.94 74.99 -51.87
C LEU EA 236 11.26 76.20 -52.74
N ALA EA 237 10.48 77.28 -52.65
CA ALA EA 237 10.82 78.51 -53.34
C ALA EA 237 12.11 79.11 -52.78
N THR EA 238 12.28 79.04 -51.46
CA THR EA 238 13.56 79.42 -50.87
C THR EA 238 14.68 78.48 -51.29
N LYS EA 239 14.36 77.22 -51.61
CA LYS EA 239 15.38 76.27 -52.05
C LYS EA 239 15.97 76.69 -53.39
N LEU EA 240 15.13 77.20 -54.29
CA LEU EA 240 15.62 77.69 -55.58
C LEU EA 240 16.13 79.11 -55.44
N GLY EA 241 17.34 79.34 -55.92
CA GLY EA 241 17.95 80.66 -55.83
C GLY EA 241 19.04 80.73 -54.78
N MET FA 1 -34.18 -82.67 2.08
CA MET FA 1 -34.48 -84.09 2.14
C MET FA 1 -35.28 -84.45 3.39
N LYS FA 2 -36.28 -85.31 3.23
CA LYS FA 2 -37.03 -85.83 4.35
C LYS FA 2 -36.69 -87.29 4.57
N THR FA 3 -36.18 -87.60 5.76
CA THR FA 3 -35.88 -88.97 6.14
C THR FA 3 -37.17 -89.68 6.55
N ILE FA 4 -37.34 -90.92 6.11
CA ILE FA 4 -38.57 -91.64 6.42
C ILE FA 4 -38.73 -91.81 7.93
N LEU FA 5 -37.69 -92.31 8.60
CA LEU FA 5 -37.80 -92.59 10.02
C LEU FA 5 -36.46 -92.36 10.69
N SER FA 6 -36.47 -91.57 11.75
CA SER FA 6 -35.33 -91.40 12.63
C SER FA 6 -35.78 -91.76 14.03
N ASN FA 7 -35.03 -92.64 14.70
CA ASN FA 7 -35.44 -93.06 16.02
C ASN FA 7 -34.23 -93.44 16.86
N GLN FA 8 -34.40 -93.37 18.17
CA GLN FA 8 -33.42 -93.90 19.09
C GLN FA 8 -34.11 -94.22 20.40
N THR FA 9 -33.50 -95.10 21.18
CA THR FA 9 -34.11 -95.68 22.35
C THR FA 9 -33.24 -95.41 23.59
N VAL FA 10 -33.91 -95.12 24.71
CA VAL FA 10 -33.25 -95.06 26.00
C VAL FA 10 -33.71 -96.27 26.81
N ASP FA 11 -32.75 -96.90 27.48
CA ASP FA 11 -33.01 -98.04 28.35
C ASP FA 11 -33.33 -97.52 29.75
N ILE FA 12 -34.45 -97.96 30.29
CA ILE FA 12 -34.91 -97.54 31.62
C ILE FA 12 -34.42 -98.57 32.64
N PRO FA 13 -33.71 -98.15 33.68
CA PRO FA 13 -33.27 -99.08 34.72
C PRO FA 13 -34.45 -99.68 35.46
N GLU FA 14 -34.14 -100.65 36.32
CA GLU FA 14 -35.19 -101.40 37.02
C GLU FA 14 -35.81 -100.60 38.17
N ASN FA 15 -35.06 -99.73 38.84
CA ASN FA 15 -35.60 -99.04 40.00
C ASN FA 15 -36.43 -97.81 39.65
N VAL FA 16 -36.51 -97.47 38.37
CA VAL FA 16 -37.25 -96.30 37.91
C VAL FA 16 -38.34 -96.78 36.95
N ASP FA 17 -39.53 -96.19 37.06
CA ASP FA 17 -40.61 -96.44 36.14
C ASP FA 17 -41.00 -95.15 35.44
N ILE FA 18 -41.15 -95.25 34.12
CA ILE FA 18 -41.51 -94.12 33.26
C ILE FA 18 -42.95 -94.31 32.82
N THR FA 19 -43.75 -93.26 32.95
CA THR FA 19 -45.11 -93.24 32.44
C THR FA 19 -45.27 -92.11 31.43
N LEU FA 20 -45.99 -92.39 30.36
CA LEU FA 20 -46.18 -91.45 29.27
C LEU FA 20 -47.62 -90.96 29.28
N LYS FA 21 -47.80 -89.65 29.20
CA LYS FA 21 -49.12 -89.05 28.98
C LYS FA 21 -48.99 -88.21 27.72
N GLY FA 22 -49.14 -88.86 26.57
CA GLY FA 22 -48.82 -88.22 25.31
C GLY FA 22 -47.33 -87.94 25.22
N ARG FA 23 -46.97 -86.66 25.24
CA ARG FA 23 -45.58 -86.26 25.19
C ARG FA 23 -45.08 -85.69 26.52
N THR FA 24 -45.82 -85.92 27.60
CA THR FA 24 -45.36 -85.63 28.96
C THR FA 24 -44.73 -86.91 29.48
N VAL FA 25 -43.49 -86.81 29.95
CA VAL FA 25 -42.75 -87.96 30.45
C VAL FA 25 -42.60 -87.81 31.97
N ILE FA 26 -43.01 -88.83 32.70
CA ILE FA 26 -42.93 -88.85 34.15
C ILE FA 26 -41.97 -89.97 34.56
N VAL FA 27 -40.96 -89.61 35.35
CA VAL FA 27 -39.92 -90.53 35.78
C VAL FA 27 -39.90 -90.56 37.30
N LYS FA 28 -39.93 -91.77 37.85
CA LYS FA 28 -40.34 -92.00 39.25
C LYS FA 28 -39.36 -92.92 39.97
N GLY FA 29 -38.07 -92.59 39.94
CA GLY FA 29 -37.08 -93.37 40.63
C GLY FA 29 -37.10 -93.14 42.14
N PRO FA 30 -36.11 -93.70 42.82
CA PRO FA 30 -36.12 -93.66 44.29
C PRO FA 30 -35.93 -92.28 44.90
N ARG FA 31 -35.38 -91.31 44.17
CA ARG FA 31 -35.15 -90.00 44.77
C ARG FA 31 -36.32 -89.03 44.59
N GLY FA 32 -37.36 -89.42 43.89
CA GLY FA 32 -38.50 -88.55 43.71
C GLY FA 32 -39.10 -88.75 42.33
N THR FA 33 -39.80 -87.72 41.86
CA THR FA 33 -40.45 -87.76 40.56
C THR FA 33 -40.11 -86.50 39.78
N LEU FA 34 -39.73 -86.71 38.51
CA LEU FA 34 -39.47 -85.61 37.59
C LEU FA 34 -40.49 -85.67 36.46
N ARG FA 35 -40.87 -84.50 35.97
CA ARG FA 35 -41.93 -84.41 34.96
C ARG FA 35 -41.55 -83.34 33.95
N ARG FA 36 -41.57 -83.71 32.67
CA ARG FA 36 -41.23 -82.79 31.59
C ARG FA 36 -42.13 -83.09 30.41
N ASP FA 37 -42.73 -82.04 29.85
CA ASP FA 37 -43.60 -82.20 28.69
C ASP FA 37 -42.87 -81.76 27.42
N PHE FA 38 -43.00 -82.58 26.38
CA PHE FA 38 -42.27 -82.41 25.14
C PHE FA 38 -43.23 -82.09 24.01
N ASN FA 39 -44.26 -81.31 24.31
CA ASN FA 39 -45.29 -81.01 23.33
C ASN FA 39 -44.85 -79.97 22.31
N HIS FA 40 -43.68 -79.38 22.49
CA HIS FA 40 -43.12 -78.49 21.47
C HIS FA 40 -42.38 -79.27 20.37
N ILE FA 41 -42.25 -80.58 20.51
CA ILE FA 41 -41.60 -81.43 19.51
C ILE FA 41 -42.59 -82.49 19.05
N ASN FA 42 -42.81 -82.59 17.74
CA ASN FA 42 -43.77 -83.54 17.16
C ASN FA 42 -43.09 -84.88 16.98
N VAL FA 43 -43.08 -85.68 18.04
CA VAL FA 43 -42.49 -87.01 17.97
C VAL FA 43 -43.44 -88.05 18.54
N GLU FA 44 -43.14 -89.30 18.26
CA GLU FA 44 -43.84 -90.46 18.81
C GLU FA 44 -43.01 -91.01 19.95
N LEU FA 45 -43.58 -91.04 21.15
CA LEU FA 45 -42.95 -91.66 22.31
C LEU FA 45 -43.69 -92.94 22.63
N SER FA 46 -42.94 -94.02 22.85
CA SER FA 46 -43.55 -95.31 23.14
C SER FA 46 -42.68 -96.08 24.12
N LEU FA 47 -43.33 -96.77 25.06
CA LEU FA 47 -42.66 -97.67 26.00
C LEU FA 47 -42.76 -99.09 25.46
N LEU FA 48 -41.63 -99.79 25.41
CA LEU FA 48 -41.54 -100.98 24.58
C LEU FA 48 -41.69 -102.28 25.38
N GLY FA 49 -40.81 -102.51 26.35
CA GLY FA 49 -40.77 -103.78 27.05
C GLY FA 49 -41.57 -103.75 28.34
N LYS FA 50 -41.93 -104.94 28.82
CA LYS FA 50 -42.43 -105.11 30.17
C LYS FA 50 -41.40 -105.81 31.06
N LYS FA 51 -40.22 -106.08 30.53
CA LYS FA 51 -39.13 -106.77 31.21
C LYS FA 51 -37.87 -105.94 31.29
N LYS FA 52 -37.60 -105.08 30.29
CA LYS FA 52 -36.37 -104.32 30.23
C LYS FA 52 -36.60 -102.84 29.94
N LYS FA 53 -37.85 -102.43 29.68
CA LYS FA 53 -38.28 -101.04 29.83
C LYS FA 53 -37.47 -100.10 28.94
N ARG FA 54 -37.78 -100.17 27.65
CA ARG FA 54 -37.22 -99.25 26.68
C ARG FA 54 -38.22 -98.14 26.34
N LEU FA 55 -37.71 -96.91 26.21
CA LEU FA 55 -38.48 -95.80 25.69
C LEU FA 55 -37.93 -95.42 24.31
N ARG FA 56 -38.83 -95.34 23.34
CA ARG FA 56 -38.44 -95.09 21.95
C ARG FA 56 -39.00 -93.75 21.50
N VAL FA 57 -38.23 -93.06 20.66
CA VAL FA 57 -38.62 -91.77 20.10
C VAL FA 57 -38.57 -91.90 18.58
N ASP FA 58 -39.71 -91.69 17.93
CA ASP FA 58 -39.83 -91.79 16.47
C ASP FA 58 -40.04 -90.40 15.87
N LYS FA 59 -39.58 -90.22 14.63
CA LYS FA 59 -39.67 -88.91 13.99
C LYS FA 59 -40.47 -88.88 12.69
N TRP FA 60 -40.36 -89.88 11.81
CA TRP FA 60 -41.34 -89.96 10.71
C TRP FA 60 -41.43 -88.74 9.80
N TRP FA 61 -40.52 -88.64 8.81
CA TRP FA 61 -40.52 -87.58 7.79
C TRP FA 61 -40.09 -86.23 8.34
N GLY FA 62 -38.94 -86.21 9.01
CA GLY FA 62 -38.34 -84.98 9.49
C GLY FA 62 -37.23 -84.49 8.57
N ASN FA 63 -37.10 -83.18 8.48
CA ASN FA 63 -35.90 -82.62 7.87
C ASN FA 63 -34.78 -82.61 8.91
N ARG FA 64 -33.59 -82.13 8.53
CA ARG FA 64 -32.45 -82.27 9.42
C ARG FA 64 -32.60 -81.43 10.69
N LYS FA 65 -33.40 -80.37 10.65
CA LYS FA 65 -33.61 -79.57 11.85
C LYS FA 65 -34.38 -80.34 12.91
N GLU FA 66 -35.43 -81.06 12.52
CA GLU FA 66 -36.18 -81.84 13.48
C GLU FA 66 -35.61 -83.23 13.72
N LEU FA 67 -34.69 -83.69 12.87
CA LEU FA 67 -33.94 -84.89 13.21
C LEU FA 67 -33.01 -84.64 14.39
N ALA FA 68 -32.58 -83.40 14.59
CA ALA FA 68 -31.74 -83.06 15.73
C ALA FA 68 -32.48 -83.14 17.05
N THR FA 69 -33.80 -83.04 17.03
CA THR FA 69 -34.60 -83.11 18.26
C THR FA 69 -34.72 -84.52 18.82
N VAL FA 70 -34.45 -85.55 18.03
CA VAL FA 70 -34.66 -86.93 18.49
C VAL FA 70 -33.67 -87.28 19.60
N ARG FA 71 -32.40 -86.96 19.39
CA ARG FA 71 -31.41 -87.17 20.44
C ARG FA 71 -31.62 -86.21 21.60
N THR FA 72 -32.13 -85.02 21.32
CA THR FA 72 -32.39 -84.04 22.37
C THR FA 72 -33.41 -84.57 23.38
N ILE FA 73 -34.49 -85.19 22.89
CA ILE FA 73 -35.47 -85.79 23.79
C ILE FA 73 -34.81 -86.87 24.65
N CYS FA 74 -34.05 -87.75 24.03
CA CYS FA 74 -33.50 -88.90 24.73
C CYS FA 74 -32.47 -88.48 25.77
N SER FA 75 -31.64 -87.50 25.44
CA SER FA 75 -30.69 -86.98 26.42
C SER FA 75 -31.40 -86.33 27.60
N HIS FA 76 -32.47 -85.58 27.33
CA HIS FA 76 -33.26 -85.00 28.41
C HIS FA 76 -33.85 -86.09 29.29
N VAL FA 77 -34.41 -87.13 28.67
CA VAL FA 77 -35.01 -88.22 29.45
C VAL FA 77 -33.94 -89.00 30.20
N GLN FA 78 -32.77 -89.19 29.59
CA GLN FA 78 -31.66 -89.81 30.31
C GLN FA 78 -31.23 -88.96 31.50
N ASN FA 79 -31.35 -87.64 31.39
CA ASN FA 79 -31.02 -86.77 32.52
C ASN FA 79 -32.03 -86.90 33.64
N MET FA 80 -33.31 -87.07 33.29
CA MET FA 80 -34.33 -87.25 34.32
C MET FA 80 -34.15 -88.59 35.04
N ILE FA 81 -33.73 -89.63 34.32
CA ILE FA 81 -33.44 -90.91 34.97
C ILE FA 81 -32.24 -90.76 35.90
N LYS FA 82 -31.20 -90.09 35.44
CA LYS FA 82 -29.98 -89.93 36.24
C LYS FA 82 -30.25 -89.07 37.47
N GLY FA 83 -31.08 -88.05 37.32
CA GLY FA 83 -31.41 -87.18 38.44
C GLY FA 83 -32.45 -87.73 39.38
N VAL FA 84 -33.14 -88.79 38.98
CA VAL FA 84 -34.15 -89.42 39.82
C VAL FA 84 -33.62 -90.66 40.52
N THR FA 85 -32.48 -91.21 40.07
CA THR FA 85 -31.83 -92.32 40.73
C THR FA 85 -30.57 -91.91 41.46
N LEU FA 86 -29.77 -91.02 40.88
CA LEU FA 86 -28.53 -90.55 41.48
C LEU FA 86 -28.58 -89.11 41.93
N GLY FA 87 -29.36 -88.26 41.27
CA GLY FA 87 -29.39 -86.86 41.62
C GLY FA 87 -28.18 -86.13 41.09
N PHE FA 88 -28.31 -84.81 41.00
CA PHE FA 88 -27.28 -83.97 40.43
C PHE FA 88 -26.65 -83.14 41.53
N ARG FA 89 -25.32 -83.06 41.51
CA ARG FA 89 -24.59 -82.27 42.50
C ARG FA 89 -23.56 -81.42 41.78
N TYR FA 90 -23.69 -80.10 41.86
CA TYR FA 90 -22.72 -79.18 41.29
C TYR FA 90 -21.94 -78.57 42.45
N LYS FA 91 -20.64 -78.87 42.51
CA LYS FA 91 -19.76 -78.18 43.44
C LYS FA 91 -19.18 -76.95 42.75
N MET FA 92 -19.12 -75.84 43.48
CA MET FA 92 -18.53 -74.62 42.94
C MET FA 92 -17.60 -74.01 43.97
N ARG FA 93 -16.42 -73.61 43.54
CA ARG FA 93 -15.43 -73.01 44.41
C ARG FA 93 -15.55 -71.49 44.39
N SER FA 94 -15.16 -70.87 45.50
CA SER FA 94 -15.03 -69.43 45.57
C SER FA 94 -13.54 -69.13 45.49
N VAL FA 95 -13.14 -68.36 44.50
CA VAL FA 95 -11.75 -67.97 44.31
C VAL FA 95 -11.66 -66.46 44.48
N TYR FA 96 -10.62 -66.02 45.19
CA TYR FA 96 -10.43 -64.61 45.47
C TYR FA 96 -8.96 -64.35 45.70
N ALA FA 97 -8.51 -63.17 45.27
CA ALA FA 97 -7.13 -62.75 45.48
C ALA FA 97 -6.90 -62.17 46.86
N HIS FA 98 -7.73 -61.21 47.29
CA HIS FA 98 -7.53 -60.55 48.57
C HIS FA 98 -8.72 -60.71 49.50
N PHE FA 99 -9.93 -60.40 49.06
CA PHE FA 99 -11.08 -60.38 49.95
C PHE FA 99 -11.74 -61.74 49.99
N PRO FA 100 -11.80 -62.41 51.14
CA PRO FA 100 -12.49 -63.69 51.21
C PRO FA 100 -13.97 -63.52 50.89
N ILE FA 101 -14.47 -64.41 50.05
CA ILE FA 101 -15.89 -64.43 49.69
C ILE FA 101 -16.62 -65.18 50.79
N ASN FA 102 -17.51 -64.49 51.49
CA ASN FA 102 -18.22 -65.06 52.63
C ASN FA 102 -19.62 -65.45 52.19
N VAL FA 103 -19.93 -66.73 52.29
CA VAL FA 103 -21.22 -67.27 51.88
C VAL FA 103 -21.89 -67.88 53.11
N VAL FA 104 -23.10 -67.45 53.41
CA VAL FA 104 -23.93 -68.10 54.41
C VAL FA 104 -25.23 -68.49 53.73
N ILE FA 105 -25.82 -69.58 54.20
CA ILE FA 105 -26.94 -70.23 53.51
C ILE FA 105 -28.19 -69.99 54.33
N GLN FA 106 -29.19 -69.35 53.72
CA GLN FA 106 -30.43 -69.01 54.38
C GLN FA 106 -31.41 -70.18 54.21
N GLU FA 107 -32.70 -69.94 54.47
CA GLU FA 107 -33.66 -70.97 54.85
C GLU FA 107 -33.59 -72.23 54.00
N ASN FA 108 -33.18 -73.32 54.63
CA ASN FA 108 -33.18 -74.67 54.03
C ASN FA 108 -32.43 -74.72 52.70
N GLY FA 109 -31.46 -73.83 52.51
CA GLY FA 109 -30.67 -73.86 51.31
C GLY FA 109 -31.27 -73.18 50.10
N SER FA 110 -32.41 -72.51 50.24
CA SER FA 110 -33.05 -71.88 49.10
C SER FA 110 -32.55 -70.47 48.84
N LEU FA 111 -31.84 -69.87 49.80
CA LEU FA 111 -31.28 -68.53 49.65
C LEU FA 111 -29.81 -68.58 50.05
N VAL FA 112 -28.96 -67.98 49.22
CA VAL FA 112 -27.54 -67.88 49.49
C VAL FA 112 -27.13 -66.41 49.36
N GLU FA 113 -26.46 -65.87 50.38
CA GLU FA 113 -25.98 -64.50 50.32
C GLU FA 113 -24.47 -64.47 50.21
N ILE FA 114 -23.97 -63.63 49.30
CA ILE FA 114 -22.55 -63.41 49.08
C ILE FA 114 -22.21 -62.05 49.67
N ARG FA 115 -21.33 -62.02 50.66
CA ARG FA 115 -21.15 -60.81 51.45
C ARG FA 115 -19.96 -59.95 51.00
N ASN FA 116 -18.74 -60.47 51.10
CA ASN FA 116 -17.56 -59.65 50.90
C ASN FA 116 -16.94 -59.86 49.51
N PHE FA 117 -17.73 -59.68 48.46
CA PHE FA 117 -17.21 -59.97 47.12
C PHE FA 117 -16.40 -58.77 46.64
N LEU FA 118 -15.08 -58.96 46.55
CA LEU FA 118 -14.15 -57.92 46.11
C LEU FA 118 -14.16 -56.70 47.02
N GLY FA 119 -14.49 -56.90 48.30
CA GLY FA 119 -14.54 -55.82 49.25
C GLY FA 119 -15.77 -54.95 49.18
N GLU FA 120 -16.78 -55.35 48.43
CA GLU FA 120 -18.00 -54.56 48.31
C GLU FA 120 -18.84 -54.67 49.57
N LYS FA 121 -19.49 -53.56 49.92
CA LYS FA 121 -20.47 -53.54 51.00
C LYS FA 121 -21.82 -54.11 50.56
N TYR FA 122 -22.09 -54.15 49.27
CA TYR FA 122 -23.33 -54.71 48.76
C TYR FA 122 -23.41 -56.18 49.09
N ILE FA 123 -24.60 -56.64 49.49
CA ILE FA 123 -24.84 -58.03 49.81
C ILE FA 123 -25.68 -58.63 48.69
N ARG FA 124 -25.17 -59.67 48.05
CA ARG FA 124 -25.86 -60.34 46.96
C ARG FA 124 -26.68 -61.48 47.54
N ARG FA 125 -27.99 -61.43 47.33
CA ARG FA 125 -28.89 -62.50 47.75
C ARG FA 125 -29.46 -63.16 46.50
N VAL FA 126 -29.12 -64.42 46.29
CA VAL FA 126 -29.58 -65.15 45.12
C VAL FA 126 -30.40 -66.36 45.60
N ARG FA 127 -31.58 -66.52 45.01
CA ARG FA 127 -32.51 -67.57 45.40
C ARG FA 127 -32.33 -68.79 44.49
N MET FA 128 -32.21 -69.96 45.11
CA MET FA 128 -32.16 -71.19 44.34
C MET FA 128 -33.51 -71.46 43.70
N ARG FA 129 -33.47 -72.14 42.56
CA ARG FA 129 -34.69 -72.61 41.94
C ARG FA 129 -35.34 -73.65 42.84
N PRO FA 130 -36.67 -73.74 42.83
CA PRO FA 130 -37.33 -74.74 43.68
C PRO FA 130 -36.86 -76.15 43.35
N GLY FA 131 -36.62 -76.93 44.40
CA GLY FA 131 -36.03 -78.24 44.27
C GLY FA 131 -34.53 -78.30 44.37
N VAL FA 132 -33.85 -77.16 44.51
CA VAL FA 132 -32.40 -77.09 44.57
C VAL FA 132 -31.99 -76.55 45.92
N ALA FA 133 -31.16 -77.31 46.63
CA ALA FA 133 -30.66 -76.91 47.94
C ALA FA 133 -29.15 -76.69 47.84
N CYS FA 134 -28.69 -75.52 48.28
CA CYS FA 134 -27.28 -75.20 48.29
C CYS FA 134 -26.72 -75.32 49.71
N SER FA 135 -25.49 -75.80 49.80
CA SER FA 135 -24.85 -76.02 51.10
C SER FA 135 -23.38 -75.66 51.03
N VAL FA 136 -22.84 -75.19 52.16
CA VAL FA 136 -21.39 -75.05 52.29
C VAL FA 136 -20.81 -76.39 52.71
N SER FA 137 -19.80 -76.85 51.98
CA SER FA 137 -19.28 -78.18 52.23
C SER FA 137 -18.33 -78.19 53.43
N GLN FA 138 -18.14 -79.38 53.98
CA GLN FA 138 -17.17 -79.60 55.05
C GLN FA 138 -15.84 -80.13 54.54
N ALA FA 139 -15.81 -80.68 53.32
CA ALA FA 139 -14.62 -81.34 52.81
C ALA FA 139 -13.55 -80.34 52.38
N GLN FA 140 -13.96 -79.18 51.86
CA GLN FA 140 -13.00 -78.21 51.34
C GLN FA 140 -13.27 -76.83 51.92
N LYS FA 141 -12.24 -75.98 51.86
CA LYS FA 141 -12.23 -74.74 52.62
C LYS FA 141 -13.35 -73.80 52.20
N ASP FA 142 -13.48 -73.53 50.91
CA ASP FA 142 -14.52 -72.61 50.44
C ASP FA 142 -15.12 -73.11 49.13
N GLU FA 143 -16.19 -73.89 49.25
CA GLU FA 143 -16.91 -74.31 48.07
C GLU FA 143 -18.33 -74.68 48.43
N LEU FA 144 -19.23 -74.54 47.47
CA LEU FA 144 -20.65 -74.76 47.68
C LEU FA 144 -21.08 -76.08 47.06
N ILE FA 145 -22.03 -76.74 47.71
CA ILE FA 145 -22.68 -77.92 47.17
C ILE FA 145 -24.13 -77.56 46.93
N LEU FA 146 -24.57 -77.63 45.68
CA LEU FA 146 -25.99 -77.52 45.39
C LEU FA 146 -26.45 -78.79 44.69
N GLU FA 147 -27.54 -79.34 45.18
CA GLU FA 147 -28.03 -80.65 44.79
C GLU FA 147 -29.50 -80.58 44.42
N GLY FA 148 -29.92 -81.50 43.58
CA GLY FA 148 -31.31 -81.59 43.20
C GLY FA 148 -31.48 -82.66 42.14
N ASN FA 149 -32.74 -82.91 41.81
CA ASN FA 149 -33.06 -83.94 40.84
C ASN FA 149 -33.04 -83.44 39.40
N ASP FA 150 -33.38 -82.18 39.17
CA ASP FA 150 -33.46 -81.61 37.83
C ASP FA 150 -32.14 -80.94 37.47
N ILE FA 151 -31.50 -81.44 36.40
CA ILE FA 151 -30.22 -80.87 35.98
C ILE FA 151 -30.39 -79.42 35.55
N GLU FA 152 -31.49 -79.07 34.88
CA GLU FA 152 -31.69 -77.71 34.41
C GLU FA 152 -31.87 -76.76 35.60
N LEU FA 153 -32.55 -77.21 36.65
CA LEU FA 153 -32.74 -76.35 37.81
C LEU FA 153 -31.46 -76.20 38.62
N VAL FA 154 -30.69 -77.27 38.78
CA VAL FA 154 -29.47 -77.21 39.57
C VAL FA 154 -28.42 -76.36 38.87
N SER FA 155 -28.26 -76.55 37.56
CA SER FA 155 -27.23 -75.81 36.84
C SER FA 155 -27.64 -74.35 36.63
N ASN FA 156 -28.94 -74.09 36.52
CA ASN FA 156 -29.39 -72.70 36.44
C ASN FA 156 -29.16 -71.99 37.77
N SER FA 157 -29.35 -72.71 38.89
CA SER FA 157 -29.03 -72.14 40.19
C SER FA 157 -27.54 -71.84 40.32
N ALA FA 158 -26.69 -72.73 39.81
CA ALA FA 158 -25.25 -72.50 39.86
C ALA FA 158 -24.85 -71.34 38.97
N ALA FA 159 -25.51 -71.18 37.82
CA ALA FA 159 -25.23 -70.05 36.95
C ALA FA 159 -25.73 -68.75 37.56
N LEU FA 160 -26.81 -68.81 38.33
CA LEU FA 160 -27.27 -67.63 39.05
C LEU FA 160 -26.22 -67.17 40.07
N ILE FA 161 -25.61 -68.11 40.78
CA ILE FA 161 -24.55 -67.77 41.72
C ILE FA 161 -23.33 -67.25 40.99
N GLN FA 162 -22.92 -67.94 39.92
CA GLN FA 162 -21.70 -67.58 39.21
C GLN FA 162 -21.82 -66.20 38.57
N GLN FA 163 -22.98 -65.86 38.04
CA GLN FA 163 -23.18 -64.55 37.43
C GLN FA 163 -23.44 -63.46 38.45
N ALA FA 164 -23.78 -63.82 39.69
CA ALA FA 164 -23.96 -62.82 40.74
C ALA FA 164 -22.62 -62.19 41.14
N THR FA 165 -21.55 -62.97 41.10
CA THR FA 165 -20.21 -62.49 41.46
C THR FA 165 -19.46 -62.15 40.17
N THR FA 166 -19.96 -61.13 39.46
CA THR FA 166 -19.35 -60.66 38.24
C THR FA 166 -18.61 -59.36 38.52
N VAL FA 167 -17.35 -59.32 38.12
CA VAL FA 167 -16.51 -58.13 38.27
C VAL FA 167 -16.89 -57.13 37.18
N LYS FA 168 -16.95 -55.85 37.55
CA LYS FA 168 -17.30 -54.79 36.61
C LYS FA 168 -16.20 -53.74 36.55
N ASN FA 169 -16.01 -53.17 35.37
CA ASN FA 169 -15.11 -52.04 35.14
C ASN FA 169 -13.67 -52.39 35.45
N LYS FA 170 -13.32 -53.67 35.41
CA LYS FA 170 -11.96 -54.12 35.64
C LYS FA 170 -11.58 -55.14 34.58
N ASP FA 171 -10.27 -55.26 34.35
CA ASP FA 171 -9.74 -56.33 33.54
C ASP FA 171 -10.01 -57.66 34.24
N ILE FA 172 -10.86 -58.50 33.63
CA ILE FA 172 -11.29 -59.75 34.25
C ILE FA 172 -10.25 -60.84 34.06
N ARG FA 173 -9.21 -60.56 33.28
CA ARG FA 173 -8.09 -61.49 33.19
C ARG FA 173 -7.22 -61.41 34.45
N LYS FA 174 -6.98 -60.21 34.95
CA LYS FA 174 -6.68 -60.01 36.36
C LYS FA 174 -8.02 -60.01 37.09
N PHE FA 175 -8.05 -59.79 38.40
CA PHE FA 175 -9.32 -59.76 39.12
C PHE FA 175 -10.17 -60.98 38.77
N LEU FA 176 -9.64 -62.15 39.07
CA LEU FA 176 -10.25 -63.40 38.66
C LEU FA 176 -11.32 -63.88 39.62
N ASP FA 177 -11.58 -63.14 40.69
CA ASP FA 177 -12.37 -63.68 41.78
C ASP FA 177 -13.84 -63.83 41.40
N GLY FA 178 -14.50 -64.72 42.11
CA GLY FA 178 -15.87 -65.09 41.89
C GLY FA 178 -16.10 -66.49 42.40
N ILE FA 179 -17.31 -66.98 42.18
CA ILE FA 179 -17.70 -68.33 42.53
C ILE FA 179 -17.97 -69.09 41.23
N TYR FA 180 -17.19 -70.12 40.98
CA TYR FA 180 -17.23 -70.83 39.70
C TYR FA 180 -17.55 -72.29 39.91
N VAL FA 181 -18.40 -72.82 39.04
CA VAL FA 181 -18.74 -74.24 39.05
C VAL FA 181 -17.47 -75.07 38.87
N SER FA 182 -17.15 -75.88 39.88
CA SER FA 182 -15.89 -76.61 39.88
C SER FA 182 -16.01 -77.95 39.18
N GLU FA 183 -17.02 -78.75 39.50
CA GLU FA 183 -17.32 -79.90 38.69
C GLU FA 183 -18.80 -80.27 38.82
N LYS FA 184 -19.31 -80.93 37.79
CA LYS FA 184 -20.70 -81.36 37.73
C LYS FA 184 -20.69 -82.87 37.94
N GLY FA 185 -21.09 -83.28 39.12
CA GLY FA 185 -21.14 -84.68 39.48
C GLY FA 185 -22.54 -85.14 39.77
N THR FA 186 -22.65 -86.04 40.74
CA THR FA 186 -23.92 -86.66 41.06
C THR FA 186 -23.89 -87.03 42.54
N VAL FA 187 -25.07 -87.24 43.11
CA VAL FA 187 -25.18 -87.77 44.47
C VAL FA 187 -25.24 -89.29 44.36
N GLN FA 188 -24.88 -89.95 45.46
CA GLN FA 188 -25.02 -91.40 45.62
C GLN FA 188 -24.00 -92.20 44.80
N GLN FA 189 -23.27 -91.54 43.90
CA GLN FA 189 -22.11 -92.10 43.22
C GLN FA 189 -22.28 -93.52 42.73
N ALA FA 190 -23.44 -93.84 42.16
CA ALA FA 190 -23.66 -95.19 41.64
C ALA FA 190 -23.79 -95.18 40.13
N GLY GA 1 -5.46 -38.33 -6.80
CA GLY GA 1 -6.23 -37.51 -7.72
C GLY GA 1 -7.03 -38.35 -8.70
N ARG GA 2 -6.79 -39.65 -8.69
CA ARG GA 2 -7.49 -40.58 -9.55
C ARG GA 2 -8.94 -40.72 -9.08
N ARG GA 3 -9.85 -40.77 -10.04
CA ARG GA 3 -11.25 -41.02 -9.74
C ARG GA 3 -11.43 -42.45 -9.25
N PRO GA 4 -12.53 -42.72 -8.53
CA PRO GA 4 -12.87 -44.11 -8.22
C PRO GA 4 -13.00 -44.93 -9.50
N ALA GA 5 -12.57 -46.19 -9.44
CA ALA GA 5 -12.56 -47.03 -10.63
C ALA GA 5 -13.96 -47.27 -11.19
N ARG GA 6 -15.00 -47.14 -10.37
CA ARG GA 6 -16.37 -47.32 -10.86
C ARG GA 6 -16.74 -46.31 -11.94
N CYS GA 7 -16.03 -45.19 -12.03
CA CYS GA 7 -16.33 -44.21 -13.06
C CYS GA 7 -15.88 -44.65 -14.45
N TYR GA 8 -15.03 -45.67 -14.54
CA TYR GA 8 -14.50 -46.15 -15.82
C TYR GA 8 -14.55 -47.66 -15.87
N ARG GA 9 -15.56 -48.26 -15.24
CA ARG GA 9 -15.66 -49.71 -15.20
C ARG GA 9 -16.12 -50.32 -16.52
N TYR GA 10 -17.04 -49.68 -17.23
CA TYR GA 10 -17.71 -50.30 -18.36
C TYR GA 10 -17.08 -49.85 -19.68
N CYS GA 11 -17.01 -50.79 -20.63
CA CYS GA 11 -16.48 -50.53 -21.97
C CYS GA 11 -17.56 -49.83 -22.77
N LYS GA 12 -17.68 -48.52 -22.60
CA LYS GA 12 -18.73 -47.80 -23.31
C LYS GA 12 -18.18 -46.78 -24.30
N ASN GA 13 -16.86 -46.75 -24.50
CA ASN GA 13 -16.23 -45.66 -25.24
C ASN GA 13 -15.27 -46.17 -26.29
N LYS GA 14 -15.69 -47.12 -27.14
CA LYS GA 14 -15.15 -47.20 -28.50
C LYS GA 14 -13.63 -47.04 -28.59
N PRO GA 15 -12.84 -48.13 -28.48
CA PRO GA 15 -11.41 -48.03 -28.11
C PRO GA 15 -10.67 -46.80 -28.57
N TYR GA 16 -9.92 -46.21 -27.64
CA TYR GA 16 -9.30 -44.90 -27.80
C TYR GA 16 -7.81 -45.05 -27.50
N PRO GA 17 -7.05 -45.62 -28.42
CA PRO GA 17 -5.63 -45.92 -28.16
C PRO GA 17 -4.77 -44.66 -28.20
N LYS GA 18 -3.64 -44.73 -27.52
CA LYS GA 18 -2.58 -43.73 -27.65
C LYS GA 18 -2.05 -43.81 -29.07
N SER GA 19 -2.07 -42.69 -29.78
CA SER GA 19 -1.77 -42.67 -31.21
C SER GA 19 -1.33 -41.27 -31.60
N ARG GA 20 -1.27 -41.01 -32.90
CA ARG GA 20 -0.97 -39.66 -33.37
C ARG GA 20 -2.16 -38.71 -33.22
N PHE GA 21 -3.36 -39.24 -33.00
CA PHE GA 21 -4.53 -38.40 -32.73
C PHE GA 21 -4.73 -38.16 -31.24
N CYS GA 22 -4.28 -39.08 -30.40
CA CYS GA 22 -4.41 -38.97 -28.96
C CYS GA 22 -3.01 -38.86 -28.38
N ARG GA 23 -2.58 -37.64 -28.11
CA ARG GA 23 -1.25 -37.35 -27.59
C ARG GA 23 -1.36 -36.83 -26.16
N GLY GA 24 -0.21 -36.78 -25.50
CA GLY GA 24 -0.18 -36.41 -24.08
C GLY GA 24 -0.80 -37.42 -23.15
N VAL GA 25 -0.59 -38.71 -23.42
CA VAL GA 25 -1.13 -39.77 -22.58
C VAL GA 25 -0.11 -40.13 -21.52
N PRO GA 26 -0.47 -40.05 -20.23
CA PRO GA 26 0.46 -40.48 -19.18
C PRO GA 26 0.76 -41.97 -19.29
N ASP GA 27 1.94 -42.35 -18.83
CA ASP GA 27 2.37 -43.74 -18.88
C ASP GA 27 1.47 -44.61 -18.02
N ALA GA 28 1.24 -45.83 -18.48
CA ALA GA 28 0.47 -46.81 -17.73
C ALA GA 28 1.21 -47.18 -16.44
N LYS GA 29 0.44 -47.48 -15.40
CA LYS GA 29 1.04 -47.84 -14.12
C LYS GA 29 1.83 -49.14 -14.20
N ILE GA 30 1.33 -50.14 -14.94
CA ILE GA 30 2.04 -51.41 -15.09
C ILE GA 30 2.97 -51.32 -16.30
N ARG GA 31 4.24 -51.63 -16.07
CA ARG GA 31 5.24 -51.59 -17.13
C ARG GA 31 5.88 -52.95 -17.32
N ILE GA 32 5.69 -53.84 -16.34
CA ILE GA 32 6.29 -55.16 -16.36
C ILE GA 32 5.17 -56.20 -16.44
N PHE GA 33 5.29 -57.11 -17.39
CA PHE GA 33 4.24 -58.09 -17.63
C PHE GA 33 4.69 -59.52 -17.43
N ASP GA 34 5.98 -59.77 -17.29
CA ASP GA 34 6.51 -61.10 -17.01
C ASP GA 34 7.42 -61.03 -15.79
N LEU GA 35 7.20 -61.95 -14.85
CA LEU GA 35 7.96 -62.04 -13.63
C LEU GA 35 8.33 -63.49 -13.35
N GLY GA 36 9.12 -63.68 -12.30
CA GLY GA 36 9.60 -65.00 -11.96
C GLY GA 36 10.73 -65.43 -12.87
N ARG GA 37 10.87 -66.75 -13.01
CA ARG GA 37 11.86 -67.33 -13.91
C ARG GA 37 11.26 -67.37 -15.32
N LYS GA 38 11.46 -66.27 -16.04
CA LYS GA 38 11.01 -66.21 -17.43
C LYS GA 38 11.89 -67.05 -18.35
N LYS GA 39 13.04 -67.52 -17.86
CA LYS GA 39 13.97 -68.30 -18.64
C LYS GA 39 13.80 -69.81 -18.48
N ALA GA 40 12.90 -70.27 -17.61
CA ALA GA 40 12.60 -71.69 -17.53
C ALA GA 40 12.08 -72.17 -18.89
N LYS GA 41 12.49 -73.37 -19.30
CA LYS GA 41 12.38 -73.60 -20.74
C LYS GA 41 10.99 -74.02 -21.22
N VAL GA 42 10.63 -75.29 -21.17
CA VAL GA 42 9.24 -75.63 -21.43
C VAL GA 42 8.79 -76.74 -20.49
N ASP GA 43 9.74 -77.59 -20.09
CA ASP GA 43 9.42 -78.75 -19.28
C ASP GA 43 9.57 -78.51 -17.79
N GLU GA 44 10.16 -77.37 -17.42
CA GLU GA 44 10.26 -77.04 -16.00
C GLU GA 44 8.90 -76.71 -15.41
N PHE GA 45 8.05 -76.01 -16.16
CA PHE GA 45 6.78 -75.48 -15.65
C PHE GA 45 5.64 -75.99 -16.52
N PRO GA 46 5.28 -77.27 -16.39
CA PRO GA 46 4.21 -77.82 -17.25
C PRO GA 46 2.81 -77.36 -16.87
N LEU GA 47 2.60 -76.97 -15.62
CA LEU GA 47 1.28 -76.63 -15.12
C LEU GA 47 1.00 -75.16 -15.37
N GLY GA 48 -0.21 -74.85 -15.83
CA GLY GA 48 -0.60 -73.47 -16.07
C GLY GA 48 -1.93 -73.11 -15.43
N GLY GA 49 -1.93 -72.03 -14.66
CA GLY GA 49 -3.15 -71.52 -14.04
C GLY GA 49 -3.52 -70.17 -14.61
N HIS GA 50 -4.78 -70.03 -15.02
CA HIS GA 50 -5.29 -68.83 -15.63
C HIS GA 50 -6.30 -68.15 -14.70
N MET GA 51 -6.24 -66.82 -14.69
CA MET GA 51 -7.32 -66.00 -14.14
C MET GA 51 -8.16 -65.52 -15.33
N VAL GA 52 -9.42 -65.95 -15.36
CA VAL GA 52 -10.33 -65.64 -16.45
C VAL GA 52 -11.45 -64.77 -15.91
N SER GA 53 -11.74 -63.67 -16.59
CA SER GA 53 -12.83 -62.78 -16.23
C SER GA 53 -14.08 -63.26 -16.96
N ASP GA 54 -15.17 -63.49 -16.23
CA ASP GA 54 -16.45 -63.62 -16.92
C ASP GA 54 -17.23 -62.31 -16.90
N GLU GA 55 -16.58 -61.22 -17.26
CA GLU GA 55 -17.20 -59.92 -17.36
C GLU GA 55 -16.61 -59.17 -18.54
N TYR GA 56 -17.47 -58.43 -19.24
CA TYR GA 56 -17.04 -57.48 -20.26
C TYR GA 56 -16.90 -56.13 -19.58
N GLU GA 57 -15.67 -55.77 -19.22
CA GLU GA 57 -15.43 -54.53 -18.49
C GLU GA 57 -14.02 -54.05 -18.81
N GLN GA 58 -13.63 -52.95 -18.17
CA GLN GA 58 -12.28 -52.42 -18.26
C GLN GA 58 -11.58 -52.56 -16.92
N LEU GA 59 -10.30 -52.93 -16.98
CA LEU GA 59 -9.44 -53.00 -15.81
C LEU GA 59 -8.34 -51.97 -15.94
N SER GA 60 -8.18 -51.15 -14.90
CA SER GA 60 -7.19 -50.09 -14.94
C SER GA 60 -5.78 -50.65 -14.97
N SER GA 61 -4.84 -49.83 -15.42
CA SER GA 61 -3.44 -50.24 -15.45
C SER GA 61 -2.90 -50.41 -14.03
N GLU GA 62 -3.41 -49.63 -13.07
CA GLU GA 62 -2.91 -49.77 -11.70
C GLU GA 62 -3.57 -50.93 -10.96
N ALA GA 63 -4.76 -51.35 -11.38
CA ALA GA 63 -5.31 -52.59 -10.84
C ALA GA 63 -4.54 -53.79 -11.36
N LEU GA 64 -4.14 -53.77 -12.62
CA LEU GA 64 -3.27 -54.82 -13.15
C LEU GA 64 -1.92 -54.82 -12.46
N GLU GA 65 -1.40 -53.63 -12.17
CA GLU GA 65 -0.16 -53.52 -11.42
C GLU GA 65 -0.32 -54.09 -10.01
N ALA GA 66 -1.44 -53.78 -9.35
CA ALA GA 66 -1.66 -54.24 -7.99
C ALA GA 66 -1.84 -55.76 -7.93
N ALA GA 67 -2.53 -56.33 -8.91
CA ALA GA 67 -2.74 -57.78 -8.92
C ALA GA 67 -1.44 -58.52 -9.20
N ARG GA 68 -0.63 -58.01 -10.13
CA ARG GA 68 0.64 -58.65 -10.45
C ARG GA 68 1.58 -58.64 -9.24
N ILE GA 69 1.60 -57.53 -8.50
CA ILE GA 69 2.50 -57.42 -7.35
C ILE GA 69 2.09 -58.40 -6.26
N CYS GA 70 0.78 -58.49 -5.99
CA CYS GA 70 0.33 -59.33 -4.88
C CYS GA 70 0.40 -60.80 -5.23
N ALA GA 71 0.17 -61.16 -6.50
CA ALA GA 71 0.33 -62.54 -6.93
C ALA GA 71 1.79 -62.95 -6.90
N ASN GA 72 2.69 -62.03 -7.27
CA ASN GA 72 4.12 -62.34 -7.25
C ASN GA 72 4.63 -62.50 -5.83
N LYS GA 73 4.15 -61.68 -4.90
CA LYS GA 73 4.58 -61.79 -3.51
C LYS GA 73 4.19 -63.13 -2.91
N TYR GA 74 2.97 -63.59 -3.15
CA TYR GA 74 2.56 -64.88 -2.63
C TYR GA 74 3.32 -66.01 -3.31
N MET GA 75 3.60 -65.86 -4.60
CA MET GA 75 4.25 -66.92 -5.36
C MET GA 75 5.71 -67.09 -4.94
N VAL GA 76 6.41 -65.99 -4.69
CA VAL GA 76 7.77 -66.07 -4.16
C VAL GA 76 7.75 -66.67 -2.77
N LYS GA 77 6.80 -66.27 -1.94
CA LYS GA 77 6.74 -66.73 -0.56
C LYS GA 77 6.44 -68.22 -0.48
N SER GA 78 5.62 -68.74 -1.39
CA SER GA 78 5.14 -70.11 -1.29
C SER GA 78 5.86 -71.05 -2.25
N CYS GA 79 6.26 -70.56 -3.42
CA CYS GA 79 6.88 -71.43 -4.41
C CYS GA 79 8.37 -71.17 -4.59
N GLY GA 80 8.90 -70.13 -3.96
CA GLY GA 80 10.29 -69.75 -4.16
C GLY GA 80 10.46 -68.74 -5.28
N ARG GA 81 11.59 -68.05 -5.24
CA ARG GA 81 11.86 -66.99 -6.19
C ARG GA 81 11.97 -67.50 -7.61
N ASP GA 82 12.36 -68.76 -7.79
CA ASP GA 82 12.64 -69.31 -9.11
C ASP GA 82 11.68 -70.44 -9.48
N GLY GA 83 10.55 -70.55 -8.80
CA GLY GA 83 9.69 -71.70 -8.97
C GLY GA 83 8.43 -71.50 -9.78
N PHE GA 84 8.35 -70.39 -10.51
CA PHE GA 84 7.13 -70.01 -11.21
C PHE GA 84 7.48 -69.00 -12.29
N HIS GA 85 6.56 -68.80 -13.23
CA HIS GA 85 6.71 -67.73 -14.20
C HIS GA 85 5.38 -67.00 -14.30
N MET GA 86 5.42 -65.69 -14.07
CA MET GA 86 4.25 -64.82 -14.15
C MET GA 86 4.11 -64.21 -15.53
N ARG GA 87 2.87 -64.19 -16.04
CA ARG GA 87 2.59 -63.42 -17.24
C ARG GA 87 1.20 -62.81 -17.10
N VAL GA 88 1.14 -61.49 -17.01
CA VAL GA 88 -0.14 -60.80 -17.12
C VAL GA 88 -0.43 -60.59 -18.60
N ARG GA 89 -1.65 -60.96 -19.02
CA ARG GA 89 -2.00 -61.07 -20.42
C ARG GA 89 -2.86 -59.91 -20.91
N LEU GA 90 -2.92 -58.82 -20.16
CA LEU GA 90 -3.68 -57.65 -20.53
C LEU GA 90 -2.76 -56.45 -20.57
N HIS GA 91 -2.85 -55.69 -21.65
CA HIS GA 91 -2.07 -54.47 -21.78
C HIS GA 91 -3.03 -53.29 -21.85
N PRO GA 92 -2.83 -52.26 -21.04
CA PRO GA 92 -3.77 -51.14 -21.00
C PRO GA 92 -3.63 -50.21 -22.19
N PHE GA 93 -4.32 -50.53 -23.29
CA PHE GA 93 -4.22 -49.77 -24.52
C PHE GA 93 -5.34 -48.74 -24.66
N HIS GA 94 -6.41 -48.85 -23.88
CA HIS GA 94 -7.51 -47.92 -24.00
C HIS GA 94 -7.32 -46.72 -23.07
N VAL GA 95 -7.34 -45.52 -23.63
CA VAL GA 95 -7.13 -44.29 -22.90
C VAL GA 95 -8.48 -43.75 -22.44
N ILE GA 96 -8.59 -43.49 -21.15
CA ILE GA 96 -9.79 -42.88 -20.57
C ILE GA 96 -9.51 -41.40 -20.35
N ARG GA 97 -10.56 -40.60 -20.43
CA ARG GA 97 -10.44 -39.16 -20.37
C ARG GA 97 -11.15 -38.60 -19.14
N ILE GA 98 -10.82 -37.38 -18.80
CA ILE GA 98 -11.48 -36.65 -17.72
C ILE GA 98 -11.82 -35.26 -18.23
N ASN GA 99 -13.05 -34.83 -18.01
CA ASN GA 99 -13.45 -33.44 -18.25
C ASN GA 99 -13.27 -32.70 -16.93
N LYS GA 100 -12.10 -32.10 -16.75
CA LYS GA 100 -11.78 -31.43 -15.50
C LYS GA 100 -12.50 -30.10 -15.41
N MET GA 101 -13.12 -29.86 -14.26
CA MET GA 101 -13.89 -28.64 -14.00
C MET GA 101 -13.16 -27.36 -14.41
N GLY GA 102 -19.10 -25.00 -18.27
CA GLY GA 102 -19.48 -26.23 -17.61
C GLY GA 102 -19.44 -27.42 -18.54
N MET GA 103 -20.46 -27.54 -19.39
CA MET GA 103 -20.54 -28.64 -20.33
C MET GA 103 -20.11 -28.26 -21.74
N ARG GA 104 -19.82 -26.97 -21.98
CA ARG GA 104 -19.33 -26.54 -23.28
C ARG GA 104 -17.91 -27.05 -23.52
N GLY GA 105 -17.68 -27.60 -24.72
CA GLY GA 105 -16.37 -28.08 -25.08
C GLY GA 105 -15.88 -29.16 -24.14
N ALA GA 106 -16.72 -30.16 -23.88
CA ALA GA 106 -16.51 -31.06 -22.76
C ALA GA 106 -15.58 -32.23 -23.05
N PHE GA 107 -15.08 -32.38 -24.28
CA PHE GA 107 -14.20 -33.50 -24.59
C PHE GA 107 -12.99 -33.50 -23.66
N GLY GA 108 -12.73 -34.64 -23.03
CA GLY GA 108 -11.80 -34.69 -21.94
C GLY GA 108 -10.36 -34.88 -22.37
N LYS GA 109 -9.48 -34.68 -21.41
CA LYS GA 109 -8.06 -34.91 -21.61
C LYS GA 109 -7.70 -36.33 -21.16
N PRO GA 110 -6.68 -36.92 -21.77
CA PRO GA 110 -6.27 -38.27 -21.34
C PRO GA 110 -5.81 -38.27 -19.89
N GLN GA 111 -6.34 -39.21 -19.13
CA GLN GA 111 -6.03 -39.25 -17.70
C GLN GA 111 -5.57 -40.60 -17.20
N GLY GA 112 -5.64 -41.66 -18.00
CA GLY GA 112 -5.14 -42.96 -17.60
C GLY GA 112 -5.38 -43.94 -18.72
N THR GA 113 -4.96 -45.17 -18.48
CA THR GA 113 -5.18 -46.25 -19.43
C THR GA 113 -5.80 -47.45 -18.73
N VAL GA 114 -6.64 -48.17 -19.45
CA VAL GA 114 -7.27 -49.39 -18.97
C VAL GA 114 -7.12 -50.45 -20.05
N ALA GA 115 -7.31 -51.70 -19.64
CA ALA GA 115 -7.39 -52.82 -20.57
C ALA GA 115 -8.84 -53.26 -20.63
N ARG GA 116 -9.32 -53.58 -21.82
CA ARG GA 116 -10.68 -54.05 -21.99
C ARG GA 116 -10.70 -55.57 -22.04
N VAL GA 117 -11.46 -56.18 -21.14
CA VAL GA 117 -11.58 -57.64 -21.06
C VAL GA 117 -12.94 -58.09 -21.57
N HIS GA 118 -12.97 -59.31 -22.09
CA HIS GA 118 -14.17 -59.96 -22.56
C HIS GA 118 -14.49 -61.13 -21.65
N ILE GA 119 -15.68 -61.71 -21.85
CA ILE GA 119 -16.13 -62.82 -21.02
C ILE GA 119 -15.17 -64.00 -21.16
N GLY GA 120 -14.78 -64.33 -22.38
CA GLY GA 120 -13.72 -65.32 -22.50
C GLY GA 120 -12.38 -64.66 -22.73
N GLN GA 121 -11.59 -64.49 -21.66
CA GLN GA 121 -10.29 -63.85 -21.81
C GLN GA 121 -9.47 -64.03 -20.54
N VAL GA 122 -8.20 -64.36 -20.70
CA VAL GA 122 -7.27 -64.54 -19.60
C VAL GA 122 -6.76 -63.17 -19.17
N ILE GA 123 -6.65 -62.96 -17.85
CA ILE GA 123 -6.08 -61.75 -17.28
C ILE GA 123 -4.63 -62.02 -16.89
N MET GA 124 -4.40 -63.14 -16.22
CA MET GA 124 -3.12 -63.48 -15.63
C MET GA 124 -2.87 -64.97 -15.81
N SER GA 125 -1.59 -65.34 -15.89
CA SER GA 125 -1.19 -66.72 -16.05
C SER GA 125 0.06 -67.01 -15.23
N ILE GA 126 0.08 -68.16 -14.56
CA ILE GA 126 1.27 -68.67 -13.89
C ILE GA 126 1.57 -70.04 -14.44
N ARG GA 127 2.82 -70.29 -14.81
CA ARG GA 127 3.30 -71.64 -15.02
C ARG GA 127 4.30 -71.98 -13.92
N THR GA 128 4.26 -73.23 -13.46
CA THR GA 128 5.09 -73.66 -12.35
C THR GA 128 5.12 -75.19 -12.34
N LYS GA 129 5.76 -75.75 -11.33
CA LYS GA 129 5.82 -77.20 -11.17
C LYS GA 129 4.43 -77.78 -10.91
N LEU GA 130 4.29 -79.07 -11.20
CA LEU GA 130 2.99 -79.72 -11.04
C LEU GA 130 2.57 -79.76 -9.57
N GLN GA 131 3.53 -79.74 -8.66
CA GLN GA 131 3.25 -79.83 -7.23
C GLN GA 131 2.85 -78.49 -6.60
N ASN GA 132 2.85 -77.41 -7.37
CA ASN GA 132 2.51 -76.08 -6.85
C ASN GA 132 1.13 -75.65 -7.28
N GLU GA 133 0.25 -76.58 -7.63
CA GLU GA 133 -1.07 -76.23 -8.13
C GLU GA 133 -1.89 -75.47 -7.10
N GLU GA 134 -1.81 -75.89 -5.83
CA GLU GA 134 -2.57 -75.19 -4.79
C GLU GA 134 -2.02 -73.79 -4.54
N HIS GA 135 -0.74 -73.57 -4.81
CA HIS GA 135 -0.16 -72.24 -4.65
C HIS GA 135 -0.54 -71.32 -5.81
N VAL GA 136 -0.70 -71.89 -7.00
CA VAL GA 136 -1.18 -71.10 -8.14
C VAL GA 136 -2.60 -70.60 -7.87
N ILE GA 137 -3.45 -71.50 -7.37
CA ILE GA 137 -4.84 -71.15 -7.10
C ILE GA 137 -4.92 -70.08 -6.03
N GLU GA 138 -4.10 -70.19 -4.99
CA GLU GA 138 -4.14 -69.19 -3.93
C GLU GA 138 -3.52 -67.87 -4.36
N ALA GA 139 -2.46 -67.91 -5.16
CA ALA GA 139 -1.90 -66.66 -5.68
C ALA GA 139 -2.90 -65.95 -6.59
N LEU GA 140 -3.62 -66.72 -7.41
CA LEU GA 140 -4.62 -66.13 -8.30
C LEU GA 140 -5.87 -65.72 -7.54
N ARG GA 141 -6.17 -66.38 -6.42
CA ARG GA 141 -7.33 -66.01 -5.63
C ARG GA 141 -7.11 -64.69 -4.90
N ARG GA 142 -5.87 -64.41 -4.51
CA ARG GA 142 -5.57 -63.15 -3.83
C ARG GA 142 -5.56 -61.98 -4.80
N ALA GA 143 -5.04 -62.20 -6.01
CA ALA GA 143 -5.03 -61.15 -7.03
C ALA GA 143 -6.42 -60.80 -7.50
N LYS GA 144 -7.40 -61.67 -7.26
CA LYS GA 144 -8.76 -61.43 -7.71
C LYS GA 144 -9.44 -60.31 -6.92
N PHE GA 145 -8.97 -60.05 -5.70
CA PHE GA 145 -9.51 -58.96 -4.90
C PHE GA 145 -9.06 -57.60 -5.39
N LYS GA 146 -8.13 -57.54 -6.34
CA LYS GA 146 -7.67 -56.28 -6.89
C LYS GA 146 -8.48 -55.83 -8.10
N PHE GA 147 -9.46 -56.63 -8.54
CA PHE GA 147 -10.21 -56.37 -9.75
C PHE GA 147 -11.68 -56.15 -9.44
N PRO GA 148 -12.34 -55.26 -10.19
CA PRO GA 148 -13.74 -54.90 -9.88
C PRO GA 148 -14.77 -56.02 -10.05
N GLY GA 149 -14.67 -56.79 -11.13
CA GLY GA 149 -15.73 -57.72 -11.46
C GLY GA 149 -15.55 -59.10 -10.87
N ARG GA 150 -16.10 -60.08 -11.57
CA ARG GA 150 -15.95 -61.48 -11.18
C ARG GA 150 -14.92 -62.15 -12.08
N GLN GA 151 -14.07 -62.99 -11.48
CA GLN GA 151 -13.06 -63.73 -12.20
C GLN GA 151 -13.08 -65.18 -11.77
N LYS GA 152 -12.64 -66.06 -12.66
CA LYS GA 152 -12.53 -67.48 -12.40
C LYS GA 152 -11.07 -67.90 -12.46
N ILE GA 153 -10.69 -68.81 -11.57
CA ILE GA 153 -9.40 -69.48 -11.63
C ILE GA 153 -9.59 -70.78 -12.38
N HIS GA 154 -8.78 -71.00 -13.41
CA HIS GA 154 -8.84 -72.19 -14.24
C HIS GA 154 -7.45 -72.78 -14.36
N ILE GA 155 -7.35 -74.09 -14.16
CA ILE GA 155 -6.11 -74.82 -14.43
C ILE GA 155 -6.20 -75.30 -15.87
N SER GA 156 -5.27 -74.85 -16.69
CA SER GA 156 -5.37 -75.09 -18.12
C SER GA 156 -4.99 -76.54 -18.46
N LYS GA 157 -5.61 -77.06 -19.51
CA LYS GA 157 -5.22 -78.35 -20.07
C LYS GA 157 -3.98 -78.26 -20.94
N LYS GA 158 -3.47 -77.06 -21.18
CA LYS GA 158 -2.28 -76.90 -21.99
C LYS GA 158 -1.02 -77.07 -21.13
N TRP GA 159 0.08 -77.38 -21.80
CA TRP GA 159 1.38 -77.49 -21.16
C TRP GA 159 1.98 -76.09 -21.03
N GLY GA 160 2.09 -75.61 -19.79
CA GLY GA 160 2.71 -74.33 -19.55
C GLY GA 160 2.02 -73.21 -20.30
N PHE GA 161 2.82 -72.34 -20.92
CA PHE GA 161 2.31 -71.22 -21.68
C PHE GA 161 2.22 -71.53 -23.18
N THR GA 162 2.13 -72.80 -23.55
CA THR GA 162 2.04 -73.20 -24.94
C THR GA 162 0.59 -73.44 -25.34
N LYS GA 163 0.37 -73.61 -26.64
CA LYS GA 163 -0.94 -73.85 -27.21
C LYS GA 163 -1.23 -75.34 -27.41
N PHE GA 164 -0.40 -76.21 -26.86
CA PHE GA 164 -0.55 -77.65 -27.05
C PHE GA 164 -0.92 -78.31 -25.73
N ASN GA 165 -1.81 -79.29 -25.82
CA ASN GA 165 -2.32 -79.96 -24.63
C ASN GA 165 -1.23 -80.71 -23.89
N ALA GA 166 -1.39 -80.81 -22.57
CA ALA GA 166 -0.34 -81.37 -21.74
C ALA GA 166 -0.16 -82.87 -21.98
N ASP GA 167 -1.23 -83.58 -22.32
CA ASP GA 167 -1.16 -85.03 -22.38
C ASP GA 167 -0.35 -85.51 -23.59
N GLU GA 168 -0.57 -84.90 -24.76
CA GLU GA 168 0.15 -85.28 -25.96
C GLU GA 168 1.37 -84.41 -26.24
N PHE GA 169 1.68 -83.47 -25.33
CA PHE GA 169 2.85 -82.61 -25.51
C PHE GA 169 4.13 -83.42 -25.60
N GLU GA 170 4.27 -84.43 -24.74
CA GLU GA 170 5.53 -85.15 -24.64
C GLU GA 170 5.79 -85.98 -25.90
N ASP GA 171 4.75 -86.60 -26.45
CA ASP GA 171 4.91 -87.37 -27.67
C ASP GA 171 5.32 -86.48 -28.84
N MET GA 172 4.70 -85.32 -28.97
CA MET GA 172 5.05 -84.42 -30.06
C MET GA 172 6.48 -83.90 -29.92
N VAL GA 173 6.99 -83.81 -28.70
CA VAL GA 173 8.39 -83.48 -28.51
C VAL GA 173 9.27 -84.68 -28.87
N ALA GA 174 8.78 -85.90 -28.57
CA ALA GA 174 9.58 -87.09 -28.84
C ALA GA 174 9.75 -87.34 -30.33
N LYS GA 175 8.64 -87.26 -31.10
CA LYS GA 175 8.71 -87.37 -32.54
C LYS GA 175 9.08 -86.04 -33.20
N LYS GA 176 9.49 -85.06 -32.40
CA LYS GA 176 10.02 -83.78 -32.87
C LYS GA 176 9.04 -83.04 -33.77
N CYS GA 177 7.76 -83.15 -33.44
CA CYS GA 177 6.79 -82.18 -33.92
C CYS GA 177 6.91 -80.85 -33.19
N LEU GA 178 7.51 -80.85 -32.00
CA LEU GA 178 7.83 -79.64 -31.26
C LEU GA 178 9.30 -79.65 -30.88
N ILE GA 179 9.92 -78.49 -31.00
CA ILE GA 179 11.30 -78.27 -30.55
C ILE GA 179 11.27 -77.15 -29.53
N PRO GA 180 11.89 -77.31 -28.36
CA PRO GA 180 11.91 -76.24 -27.37
C PRO GA 180 12.86 -75.12 -27.76
N ASP GA 181 12.37 -73.89 -27.65
CA ASP GA 181 13.25 -72.73 -27.65
C ASP GA 181 12.67 -71.65 -26.75
N GLY GA 182 13.48 -71.22 -25.79
CA GLY GA 182 13.02 -70.22 -24.85
C GLY GA 182 11.99 -70.78 -23.89
N CYS GA 183 11.04 -69.92 -23.52
CA CYS GA 183 9.97 -70.34 -22.62
C CYS GA 183 8.91 -71.19 -23.31
N GLY GA 184 8.95 -71.30 -24.63
CA GLY GA 184 7.95 -72.07 -25.34
C GLY GA 184 8.54 -73.07 -26.31
N VAL GA 185 7.75 -73.48 -27.30
CA VAL GA 185 8.17 -74.47 -28.29
C VAL GA 185 7.93 -73.91 -29.68
N LYS GA 186 8.60 -74.51 -30.66
CA LYS GA 186 8.34 -74.25 -32.06
C LYS GA 186 7.63 -75.46 -32.64
N TYR GA 187 6.50 -75.22 -33.27
CA TYR GA 187 5.82 -76.28 -34.01
C TYR GA 187 6.55 -76.54 -35.31
N VAL GA 188 6.76 -77.80 -35.64
CA VAL GA 188 7.44 -78.17 -36.88
C VAL GA 188 6.48 -78.92 -37.78
N PRO GA 189 5.91 -78.27 -38.79
CA PRO GA 189 5.11 -78.99 -39.77
C PRO GA 189 6.00 -79.79 -40.70
N SER GA 190 5.42 -80.79 -41.35
CA SER GA 190 6.14 -81.57 -42.35
C SER GA 190 5.89 -81.06 -43.76
N HIS GA 191 6.04 -79.75 -44.00
CA HIS GA 191 5.73 -79.23 -45.32
C HIS GA 191 6.68 -78.13 -45.77
N GLY GA 192 7.96 -78.22 -45.41
CA GLY GA 192 8.94 -77.29 -45.90
C GLY GA 192 10.00 -77.96 -46.77
N PRO GA 193 11.16 -77.33 -46.89
CA PRO GA 193 12.28 -77.99 -47.55
C PRO GA 193 12.73 -79.23 -46.79
N LEU GA 194 13.15 -80.25 -47.55
CA LEU GA 194 13.59 -81.49 -46.93
C LEU GA 194 14.91 -81.32 -46.19
N ASP GA 195 15.66 -80.26 -46.51
CA ASP GA 195 16.93 -80.02 -45.83
C ASP GA 195 16.70 -79.65 -44.36
N LYS GA 196 15.60 -78.97 -44.06
CA LYS GA 196 15.27 -78.69 -42.67
C LYS GA 196 14.84 -79.95 -41.93
N TRP GA 197 14.38 -80.96 -42.66
CA TRP GA 197 14.00 -82.22 -42.02
C TRP GA 197 15.23 -83.03 -41.62
N ARG GA 198 16.34 -82.88 -42.33
CA ARG GA 198 17.52 -83.67 -42.03
C ARG GA 198 18.53 -82.94 -41.15
N VAL GA 199 18.44 -81.62 -40.99
CA VAL GA 199 19.18 -80.98 -39.92
C VAL GA 199 18.59 -81.37 -38.57
N LEU GA 200 17.26 -81.44 -38.49
CA LEU GA 200 16.59 -82.23 -37.50
C LEU GA 200 16.75 -83.71 -37.86
N HIS GA 201 16.24 -84.59 -37.01
CA HIS GA 201 16.36 -86.04 -37.24
C HIS GA 201 17.80 -86.48 -37.45
N SER GA 202 18.77 -85.66 -37.04
CA SER GA 202 20.17 -86.01 -37.20
C SER GA 202 21.07 -85.14 -36.32
N GLN HA 1 39.63 -82.08 -71.19
CA GLN HA 1 39.53 -81.69 -72.60
C GLN HA 1 38.11 -81.29 -73.00
N ASP HA 2 37.35 -82.27 -73.49
CA ASP HA 2 36.04 -82.00 -74.07
C ASP HA 2 34.99 -81.61 -73.04
N GLN HA 3 35.23 -81.88 -71.75
CA GLN HA 3 34.24 -81.56 -70.73
C GLN HA 3 34.21 -80.07 -70.41
N GLY HA 4 35.33 -79.37 -70.58
CA GLY HA 4 35.41 -77.97 -70.22
C GLY HA 4 35.16 -77.04 -71.39
N GLU HA 5 35.75 -77.35 -72.55
CA GLU HA 5 35.64 -76.51 -73.74
C GLU HA 5 34.41 -76.89 -74.55
N LYS HA 6 33.24 -76.75 -73.93
CA LYS HA 6 31.96 -76.89 -74.62
C LYS HA 6 31.14 -75.62 -74.56
N GLU HA 7 31.01 -75.01 -73.38
CA GLU HA 7 30.29 -73.76 -73.19
C GLU HA 7 31.20 -72.59 -72.91
N ASN HA 8 32.52 -72.80 -72.95
CA ASN HA 8 33.45 -71.77 -72.51
C ASN HA 8 33.37 -70.44 -73.27
N PRO HA 9 33.34 -70.40 -74.60
CA PRO HA 9 33.51 -69.10 -75.28
C PRO HA 9 32.49 -68.06 -74.86
N MET HA 10 31.25 -68.46 -74.62
CA MET HA 10 30.19 -67.56 -74.25
C MET HA 10 30.22 -67.24 -72.76
N ARG HA 11 31.10 -67.89 -72.01
CA ARG HA 11 31.24 -67.69 -70.57
C ARG HA 11 32.49 -66.92 -70.22
N GLU HA 12 33.25 -66.49 -71.22
CA GLU HA 12 34.58 -65.93 -70.97
C GLU HA 12 34.48 -64.56 -70.32
N LEU HA 13 35.23 -64.37 -69.24
CA LEU HA 13 35.29 -63.08 -68.56
C LEU HA 13 35.87 -62.04 -69.49
N ARG HA 14 35.23 -60.87 -69.51
CA ARG HA 14 35.66 -59.76 -70.35
C ARG HA 14 35.53 -58.46 -69.57
N ILE HA 15 36.11 -57.41 -70.10
CA ILE HA 15 36.08 -56.11 -69.43
C ILE HA 15 34.95 -55.29 -70.00
N ARG HA 16 34.06 -54.85 -69.13
CA ARG HA 16 33.03 -53.87 -69.45
C ARG HA 16 33.63 -52.48 -69.27
N LYS HA 17 32.80 -51.48 -69.08
CA LYS HA 17 33.27 -50.12 -68.81
C LYS HA 17 34.40 -50.08 -67.79
N LEU HA 18 35.23 -49.03 -67.88
CA LEU HA 18 36.32 -48.79 -66.94
C LEU HA 18 35.98 -47.78 -65.85
N CYS HA 19 35.23 -46.72 -66.15
CA CYS HA 19 34.69 -45.80 -65.14
C CYS HA 19 35.79 -45.13 -64.32
N LEU HA 20 36.52 -44.24 -65.00
CA LEU HA 20 37.41 -43.33 -64.31
C LEU HA 20 36.63 -42.19 -63.66
N ASN HA 21 37.08 -41.77 -62.48
CA ASN HA 21 36.38 -40.75 -61.72
C ASN HA 21 37.37 -39.89 -60.95
N ILE HA 22 37.18 -38.57 -61.00
CA ILE HA 22 37.98 -37.61 -60.28
C ILE HA 22 37.05 -36.68 -59.51
N CYS HA 23 36.97 -36.86 -58.20
CA CYS HA 23 36.12 -36.03 -57.36
C CYS HA 23 36.98 -34.95 -56.71
N VAL HA 24 36.83 -33.71 -57.17
CA VAL HA 24 37.45 -32.54 -56.56
C VAL HA 24 36.33 -31.64 -56.08
N GLY HA 25 36.14 -31.58 -54.76
CA GLY HA 25 34.88 -31.11 -54.23
C GLY HA 25 34.62 -29.63 -54.36
N GLU HA 26 34.89 -29.07 -55.54
CA GLU HA 26 34.57 -27.69 -55.84
C GLU HA 26 34.54 -27.53 -57.35
N SER HA 27 33.96 -26.41 -57.79
CA SER HA 27 33.88 -26.09 -59.20
C SER HA 27 34.86 -24.97 -59.53
N GLY HA 28 35.03 -24.73 -60.83
CA GLY HA 28 35.90 -23.65 -61.27
C GLY HA 28 37.08 -24.11 -62.09
N ASP HA 29 38.20 -23.38 -62.00
CA ASP HA 29 39.38 -23.72 -62.77
C ASP HA 29 39.93 -25.08 -62.34
N ARG HA 30 39.72 -25.45 -61.08
CA ARG HA 30 40.24 -26.72 -60.59
C ARG HA 30 39.52 -27.91 -61.23
N LEU HA 31 38.22 -27.77 -61.48
CA LEU HA 31 37.48 -28.82 -62.17
C LEU HA 31 37.79 -28.89 -63.65
N THR HA 32 37.94 -27.74 -64.31
CA THR HA 32 38.16 -27.76 -65.75
C THR HA 32 39.50 -28.39 -66.10
N ARG HA 33 40.52 -28.17 -65.26
CA ARG HA 33 41.79 -28.85 -65.46
C ARG HA 33 41.65 -30.35 -65.23
N ALA HA 34 40.89 -30.73 -64.21
CA ALA HA 34 40.62 -32.15 -63.97
C ALA HA 34 39.91 -32.78 -65.17
N ALA HA 35 38.96 -32.06 -65.76
CA ALA HA 35 38.35 -32.53 -67.00
C ALA HA 35 39.37 -32.64 -68.11
N LYS HA 36 40.27 -31.67 -68.21
CA LYS HA 36 41.34 -31.75 -69.20
C LYS HA 36 42.27 -32.92 -68.92
N VAL HA 37 42.42 -33.30 -67.64
CA VAL HA 37 43.23 -34.47 -67.30
C VAL HA 37 42.62 -35.73 -67.89
N LEU HA 38 41.32 -35.93 -67.69
CA LEU HA 38 40.67 -37.14 -68.17
C LEU HA 38 40.67 -37.22 -69.70
N GLU HA 39 40.42 -36.10 -70.37
CA GLU HA 39 40.45 -36.10 -71.82
C GLU HA 39 41.84 -36.48 -72.34
N GLN HA 40 42.88 -36.00 -71.67
CA GLN HA 40 44.24 -36.36 -72.06
C GLN HA 40 44.49 -37.85 -71.88
N LEU HA 41 44.01 -38.42 -70.77
CA LEU HA 41 44.24 -39.83 -70.49
C LEU HA 41 43.36 -40.75 -71.33
N THR HA 42 42.14 -40.33 -71.66
CA THR HA 42 41.20 -41.19 -72.38
C THR HA 42 41.05 -40.83 -73.85
N GLY HA 43 41.40 -39.61 -74.25
CA GLY HA 43 41.10 -39.18 -75.61
C GLY HA 43 39.61 -39.08 -75.84
N GLN HA 44 38.88 -38.62 -74.82
CA GLN HA 44 37.43 -38.76 -74.80
C GLN HA 44 36.89 -37.80 -73.77
N THR HA 45 35.94 -36.96 -74.17
CA THR HA 45 35.46 -35.88 -73.30
C THR HA 45 34.71 -36.47 -72.10
N PRO HA 46 34.98 -35.98 -70.88
CA PRO HA 46 34.28 -36.50 -69.71
C PRO HA 46 32.98 -35.76 -69.42
N VAL HA 47 32.30 -36.14 -68.35
CA VAL HA 47 31.03 -35.54 -67.96
C VAL HA 47 31.13 -35.06 -66.52
N PHE HA 48 30.61 -33.87 -66.26
CA PHE HA 48 30.68 -33.28 -64.94
C PHE HA 48 29.58 -33.81 -64.03
N SER HA 49 29.95 -34.08 -62.79
CA SER HA 49 29.04 -34.64 -61.80
C SER HA 49 28.65 -33.56 -60.80
N LYS HA 50 27.38 -33.52 -60.45
CA LYS HA 50 26.81 -32.44 -59.65
C LYS HA 50 26.56 -32.92 -58.23
N ALA HA 51 26.93 -32.09 -57.25
CA ALA HA 51 26.64 -32.39 -55.85
C ALA HA 51 25.13 -32.45 -55.65
N ARG HA 52 24.68 -33.48 -54.94
CA ARG HA 52 23.26 -33.72 -54.78
C ARG HA 52 22.69 -33.23 -53.46
N TYR HA 53 23.54 -32.83 -52.51
CA TYR HA 53 23.10 -32.21 -51.27
C TYR HA 53 24.13 -31.18 -50.84
N THR HA 54 23.73 -30.32 -49.93
CA THR HA 54 24.62 -29.36 -49.28
C THR HA 54 24.96 -29.89 -47.89
N VAL HA 55 26.25 -30.04 -47.61
CA VAL HA 55 26.68 -30.56 -46.32
C VAL HA 55 27.39 -29.51 -45.48
N ARG HA 56 28.18 -28.62 -46.08
CA ARG HA 56 28.80 -27.47 -45.43
C ARG HA 56 29.89 -27.88 -44.43
N SER HA 57 30.08 -29.18 -44.22
CA SER HA 57 31.18 -29.63 -43.37
C SER HA 57 32.52 -29.25 -43.99
N PHE HA 58 32.82 -29.81 -45.15
CA PHE HA 58 33.93 -29.37 -45.98
C PHE HA 58 33.53 -28.30 -46.98
N GLY HA 59 32.25 -28.26 -47.36
CA GLY HA 59 31.66 -27.12 -48.05
C GLY HA 59 31.36 -27.34 -49.51
N ILE HA 60 30.12 -27.72 -49.79
CA ILE HA 60 29.62 -27.93 -51.15
C ILE HA 60 28.13 -27.64 -51.13
N ARG HA 61 27.63 -27.04 -52.20
CA ARG HA 61 26.21 -26.76 -52.34
C ARG HA 61 25.62 -27.72 -53.38
N ARG HA 62 24.33 -27.93 -53.29
CA ARG HA 62 23.67 -28.84 -54.23
C ARG HA 62 23.67 -28.24 -55.63
N ASN HA 63 23.74 -29.12 -56.64
CA ASN HA 63 23.83 -28.75 -58.06
C ASN HA 63 25.16 -28.08 -58.39
N GLU HA 64 26.11 -28.11 -57.47
CA GLU HA 64 27.48 -27.70 -57.75
C GLU HA 64 28.20 -28.76 -58.58
N LYS HA 65 28.89 -28.32 -59.61
CA LYS HA 65 29.79 -29.18 -60.36
C LYS HA 65 30.95 -29.57 -59.45
N ILE HA 66 31.11 -30.87 -59.21
CA ILE HA 66 32.07 -31.34 -58.23
C ILE HA 66 33.11 -32.25 -58.88
N ALA HA 67 32.64 -33.29 -59.55
CA ALA HA 67 33.55 -34.30 -60.06
C ALA HA 67 33.54 -34.34 -61.57
N VAL HA 68 34.48 -35.10 -62.11
CA VAL HA 68 34.51 -35.47 -63.51
C VAL HA 68 34.66 -36.98 -63.58
N HIS HA 69 33.87 -37.63 -64.43
CA HIS HA 69 34.00 -39.06 -64.64
C HIS HA 69 33.85 -39.36 -66.12
N CYS HA 70 34.45 -40.45 -66.54
CA CYS HA 70 34.28 -40.95 -67.89
C CYS HA 70 34.08 -42.45 -67.85
N THR HA 71 33.45 -42.97 -68.90
CA THR HA 71 33.27 -44.40 -69.10
C THR HA 71 34.04 -44.81 -70.34
N VAL HA 72 34.99 -45.72 -70.17
CA VAL HA 72 35.86 -46.15 -71.25
C VAL HA 72 35.62 -47.64 -71.48
N ARG HA 73 35.38 -48.02 -72.73
CA ARG HA 73 35.10 -49.39 -73.09
C ARG HA 73 36.05 -49.84 -74.19
N GLY HA 74 36.15 -51.16 -74.35
CA GLY HA 74 36.90 -51.73 -75.45
C GLY HA 74 38.41 -51.74 -75.25
N ALA HA 75 39.14 -51.58 -76.36
CA ALA HA 75 40.59 -51.64 -76.31
C ALA HA 75 41.16 -50.51 -75.45
N LYS HA 76 40.54 -49.33 -75.52
CA LYS HA 76 41.02 -48.20 -74.72
C LYS HA 76 40.92 -48.51 -73.22
N ALA HA 77 39.89 -49.25 -72.82
CA ALA HA 77 39.80 -49.68 -71.43
C ALA HA 77 40.89 -50.69 -71.09
N GLU HA 78 41.22 -51.56 -72.04
CA GLU HA 78 42.31 -52.52 -71.85
C GLU HA 78 43.63 -51.79 -71.61
N GLU HA 79 43.88 -50.75 -72.40
CA GLU HA 79 45.15 -50.04 -72.31
C GLU HA 79 45.26 -49.22 -71.04
N ILE HA 80 44.20 -48.48 -70.68
CA ILE HA 80 44.26 -47.62 -69.50
C ILE HA 80 44.36 -48.45 -68.23
N LEU HA 81 43.63 -49.56 -68.17
CA LEU HA 81 43.72 -50.43 -66.99
C LEU HA 81 45.13 -50.96 -66.79
N GLU HA 82 45.78 -51.38 -67.89
CA GLU HA 82 47.16 -51.82 -67.78
C GLU HA 82 48.06 -50.70 -67.27
N LYS HA 83 47.89 -49.49 -67.79
CA LYS HA 83 48.67 -48.35 -67.32
C LYS HA 83 48.44 -48.11 -65.83
N GLY HA 84 47.18 -48.13 -65.40
CA GLY HA 84 46.88 -47.95 -63.99
C GLY HA 84 47.39 -49.08 -63.13
N LEU HA 85 47.32 -50.32 -63.63
CA LEU HA 85 47.79 -51.45 -62.85
C LEU HA 85 49.31 -51.50 -62.74
N LYS HA 86 50.02 -50.92 -63.70
CA LYS HA 86 51.46 -50.77 -63.58
C LYS HA 86 51.86 -49.90 -62.40
N VAL HA 87 51.10 -48.82 -62.13
CA VAL HA 87 51.38 -47.96 -60.99
C VAL HA 87 51.28 -48.76 -59.69
N ARG HA 88 50.26 -49.61 -59.58
CA ARG HA 88 50.06 -50.44 -58.40
C ARG HA 88 50.95 -51.67 -58.39
N GLU HA 89 51.80 -51.82 -59.41
CA GLU HA 89 52.66 -52.99 -59.57
C GLU HA 89 51.82 -54.27 -59.55
N TYR HA 90 50.64 -54.22 -60.15
CA TYR HA 90 49.74 -55.37 -60.26
C TYR HA 90 49.47 -55.99 -58.89
N GLU HA 91 49.08 -55.14 -57.94
CA GLU HA 91 48.91 -55.59 -56.56
C GLU HA 91 47.68 -54.90 -55.97
N LEU HA 92 46.54 -55.59 -56.03
CA LEU HA 92 45.34 -55.20 -55.29
C LEU HA 92 45.24 -56.17 -54.12
N ARG HA 93 45.19 -55.65 -52.90
CA ARG HA 93 45.62 -56.49 -51.78
C ARG HA 93 44.56 -57.48 -51.33
N LYS HA 94 43.46 -57.01 -50.75
CA LYS HA 94 42.55 -57.98 -50.14
C LYS HA 94 41.11 -57.87 -50.63
N ASN HA 95 40.57 -56.65 -50.60
CA ASN HA 95 39.13 -56.44 -50.60
C ASN HA 95 38.71 -55.35 -51.56
N ASN HA 96 39.59 -54.99 -52.50
CA ASN HA 96 39.19 -54.10 -53.58
C ASN HA 96 38.18 -54.73 -54.51
N PHE HA 97 37.98 -56.04 -54.43
CA PHE HA 97 37.02 -56.76 -55.24
C PHE HA 97 35.68 -56.78 -54.54
N SER HA 98 34.63 -56.42 -55.27
CA SER HA 98 33.28 -56.39 -54.70
C SER HA 98 32.62 -57.75 -54.81
N ASP HA 99 31.52 -57.91 -54.07
CA ASP HA 99 30.80 -59.18 -54.08
C ASP HA 99 30.01 -59.41 -55.37
N THR HA 100 29.88 -58.40 -56.22
CA THR HA 100 29.19 -58.58 -57.49
C THR HA 100 30.14 -58.84 -58.65
N GLY HA 101 31.43 -59.03 -58.38
CA GLY HA 101 32.37 -59.47 -59.39
C GLY HA 101 33.11 -58.38 -60.13
N ASN HA 102 33.25 -57.18 -59.58
CA ASN HA 102 34.09 -56.15 -60.16
C ASN HA 102 34.88 -55.46 -59.06
N PHE HA 103 35.96 -54.80 -59.46
CA PHE HA 103 36.93 -54.27 -58.51
C PHE HA 103 37.36 -52.88 -58.93
N GLY HA 104 38.14 -52.24 -58.07
CA GLY HA 104 38.66 -50.92 -58.39
C GLY HA 104 39.88 -50.61 -57.54
N PHE HA 105 40.55 -49.54 -57.92
CA PHE HA 105 41.74 -49.08 -57.21
C PHE HA 105 41.94 -47.61 -57.55
N GLY HA 106 42.70 -46.93 -56.68
CA GLY HA 106 43.00 -45.53 -56.94
C GLY HA 106 44.47 -45.31 -57.21
N ILE HA 107 44.80 -44.20 -57.86
CA ILE HA 107 46.19 -43.77 -58.04
C ILE HA 107 46.27 -42.30 -57.66
N GLN HA 108 47.35 -41.93 -56.98
CA GLN HA 108 47.46 -40.60 -56.39
C GLN HA 108 47.93 -39.56 -57.39
N GLU HA 109 48.78 -39.93 -58.34
CA GLU HA 109 49.41 -38.98 -59.24
C GLU HA 109 49.24 -39.46 -60.68
N HIS HA 110 48.60 -38.63 -61.50
CA HIS HA 110 48.18 -39.05 -62.84
C HIS HA 110 49.29 -38.96 -63.88
N ILE HA 111 50.43 -38.35 -63.57
CA ILE HA 111 51.40 -38.05 -64.62
C ILE HA 111 52.44 -39.14 -64.82
N ASP HA 112 52.56 -40.09 -63.88
CA ASP HA 112 53.54 -41.16 -64.04
C ASP HA 112 53.25 -41.96 -65.30
N LEU HA 113 51.97 -42.27 -65.53
CA LEU HA 113 51.50 -42.70 -66.85
C LEU HA 113 50.00 -42.52 -66.87
N GLY HA 114 49.50 -41.83 -67.89
CA GLY HA 114 50.19 -41.51 -69.12
C GLY HA 114 50.85 -40.15 -69.22
N ILE HA 115 50.13 -39.20 -69.83
CA ILE HA 115 50.65 -37.93 -70.33
C ILE HA 115 51.60 -37.25 -69.34
N LYS HA 116 52.61 -36.59 -69.87
CA LYS HA 116 53.63 -35.92 -69.05
C LYS HA 116 53.06 -34.67 -68.41
N TYR HA 117 53.71 -34.25 -67.32
CA TYR HA 117 53.24 -33.11 -66.55
C TYR HA 117 53.18 -31.84 -67.39
N ASP HA 118 52.07 -31.14 -67.28
CA ASP HA 118 51.87 -29.86 -67.93
C ASP HA 118 51.54 -28.85 -66.84
N PRO HA 119 52.36 -27.80 -66.67
CA PRO HA 119 52.16 -26.91 -65.52
C PRO HA 119 50.80 -26.25 -65.46
N SER HA 120 50.16 -26.04 -66.60
CA SER HA 120 48.82 -25.43 -66.60
C SER HA 120 47.83 -26.30 -65.83
N ILE HA 121 47.86 -27.61 -66.05
CA ILE HA 121 46.97 -28.54 -65.35
C ILE HA 121 47.63 -28.97 -64.05
N GLY HA 122 46.82 -29.52 -63.15
CA GLY HA 122 47.28 -29.85 -61.80
C GLY HA 122 48.07 -31.15 -61.72
N ILE HA 123 47.91 -31.83 -60.58
CA ILE HA 123 48.63 -33.06 -60.29
C ILE HA 123 47.64 -34.13 -59.87
N TYR HA 124 46.43 -34.06 -60.41
CA TYR HA 124 45.26 -34.74 -59.86
C TYR HA 124 45.48 -36.24 -59.69
N GLY HA 125 44.79 -36.80 -58.69
CA GLY HA 125 44.60 -38.22 -58.57
C GLY HA 125 43.24 -38.64 -59.11
N LEU HA 126 43.04 -39.94 -59.14
CA LEU HA 126 41.80 -40.50 -59.66
C LEU HA 126 41.66 -41.93 -59.17
N ASP HA 127 40.45 -42.45 -59.26
CA ASP HA 127 40.18 -43.84 -58.91
C ASP HA 127 39.69 -44.59 -60.14
N PHE HA 128 40.14 -45.83 -60.25
CA PHE HA 128 39.70 -46.77 -61.29
C PHE HA 128 38.64 -47.68 -60.69
N TYR HA 129 37.68 -48.11 -61.52
CA TYR HA 129 36.75 -49.13 -61.08
C TYR HA 129 36.28 -49.91 -62.30
N VAL HA 130 36.92 -51.06 -62.56
CA VAL HA 130 36.55 -51.81 -63.74
C VAL HA 130 35.33 -52.67 -63.44
N VAL HA 131 34.49 -52.83 -64.46
CA VAL HA 131 33.31 -53.68 -64.38
C VAL HA 131 33.55 -54.88 -65.29
N LEU HA 132 33.37 -56.07 -64.74
CA LEU HA 132 33.58 -57.31 -65.46
C LEU HA 132 32.24 -57.89 -65.89
N GLY HA 133 32.25 -58.60 -67.00
CA GLY HA 133 31.04 -59.24 -67.47
C GLY HA 133 31.32 -60.43 -68.36
N ARG HA 134 30.31 -61.21 -68.62
CA ARG HA 134 30.40 -62.17 -69.70
C ARG HA 134 29.50 -61.71 -70.85
N PRO HA 135 29.67 -62.27 -72.03
CA PRO HA 135 28.74 -61.96 -73.12
C PRO HA 135 27.31 -62.35 -72.72
N GLY HA 136 26.36 -61.53 -73.17
CA GLY HA 136 24.98 -61.67 -72.75
C GLY HA 136 24.58 -60.80 -71.59
N PHE HA 137 25.53 -60.12 -70.95
CA PHE HA 137 25.21 -59.26 -69.82
C PHE HA 137 24.33 -58.09 -70.20
N SER HA 138 24.30 -57.72 -71.47
CA SER HA 138 23.55 -56.56 -71.96
C SER HA 138 22.05 -56.78 -71.98
N ILE HA 139 21.56 -58.01 -71.79
CA ILE HA 139 20.12 -58.23 -71.77
C ILE HA 139 19.46 -57.50 -70.61
N ALA HA 140 20.22 -57.19 -69.55
CA ALA HA 140 19.68 -56.39 -68.45
C ALA HA 140 19.62 -54.91 -68.79
N ASP HA 141 20.37 -54.47 -69.80
CA ASP HA 141 20.35 -53.09 -70.25
C ASP HA 141 19.51 -52.87 -71.50
N LYS HA 142 18.95 -53.93 -72.05
CA LYS HA 142 18.16 -53.85 -73.27
C LYS HA 142 16.82 -53.18 -73.00
N LYS HA 143 16.24 -52.63 -74.07
CA LYS HA 143 14.93 -52.00 -73.98
C LYS HA 143 13.81 -53.00 -74.17
N ARG HA 144 13.83 -53.73 -75.28
CA ARG HA 144 12.82 -54.73 -75.57
C ARG HA 144 13.20 -56.06 -74.91
N ARG HA 145 12.27 -56.64 -74.16
CA ARG HA 145 12.44 -57.96 -73.55
C ARG HA 145 13.67 -57.98 -72.64
N THR HA 146 13.74 -57.01 -71.73
CA THR HA 146 14.81 -56.96 -70.76
C THR HA 146 14.72 -58.17 -69.83
N GLY HA 147 15.88 -58.74 -69.50
CA GLY HA 147 15.91 -59.91 -68.65
C GLY HA 147 16.95 -59.79 -67.55
N CYS HA 148 16.88 -60.74 -66.63
CA CYS HA 148 17.92 -60.91 -65.61
C CYS HA 148 18.93 -61.96 -66.07
N ILE HA 149 20.14 -61.85 -65.56
CA ILE HA 149 21.26 -62.51 -66.22
C ILE HA 149 21.24 -64.02 -66.01
N GLY HA 150 20.74 -64.49 -64.88
CA GLY HA 150 20.80 -65.90 -64.56
C GLY HA 150 21.97 -66.21 -63.64
N ALA HA 151 21.71 -67.13 -62.71
CA ALA HA 151 22.55 -67.32 -61.52
C ALA HA 151 23.98 -67.72 -61.84
N LYS HA 152 24.18 -68.76 -62.66
CA LYS HA 152 25.55 -69.20 -62.92
C LYS HA 152 26.24 -68.39 -64.01
N HIS HA 153 25.54 -67.50 -64.68
CA HIS HA 153 26.18 -66.57 -65.60
C HIS HA 153 26.74 -65.35 -64.88
N ARG HA 154 26.49 -65.22 -63.58
CA ARG HA 154 27.02 -64.10 -62.81
C ARG HA 154 28.52 -64.29 -62.57
N ILE HA 155 29.12 -63.25 -61.99
CA ILE HA 155 30.54 -63.26 -61.65
C ILE HA 155 30.65 -63.10 -60.14
N SER HA 156 31.30 -64.07 -59.49
CA SER HA 156 31.52 -63.99 -58.06
C SER HA 156 32.82 -63.27 -57.77
N LYS HA 157 33.01 -62.92 -56.49
CA LYS HA 157 34.26 -62.28 -56.08
C LYS HA 157 35.44 -63.19 -56.34
N GLU HA 158 35.25 -64.50 -56.18
CA GLU HA 158 36.35 -65.46 -56.33
C GLU HA 158 36.83 -65.52 -57.78
N GLU HA 159 35.92 -65.63 -58.74
CA GLU HA 159 36.33 -65.73 -60.13
C GLU HA 159 36.79 -64.38 -60.68
N ALA HA 160 36.49 -63.29 -59.98
CA ALA HA 160 37.05 -62.00 -60.38
C ALA HA 160 38.54 -61.91 -60.05
N MET HA 161 38.94 -62.38 -58.86
CA MET HA 161 40.36 -62.41 -58.53
C MET HA 161 41.11 -63.37 -59.43
N ARG HA 162 40.50 -64.51 -59.76
CA ARG HA 162 41.16 -65.48 -60.63
C ARG HA 162 41.42 -64.89 -62.01
N TRP HA 163 40.47 -64.10 -62.52
CA TRP HA 163 40.67 -63.43 -63.80
C TRP HA 163 41.82 -62.43 -63.72
N PHE HA 164 41.92 -61.71 -62.60
CA PHE HA 164 43.00 -60.74 -62.43
C PHE HA 164 44.35 -61.44 -62.32
N GLN HA 165 44.36 -62.63 -61.71
CA GLN HA 165 45.62 -63.38 -61.61
C GLN HA 165 46.05 -63.93 -62.97
N GLN HA 166 45.11 -64.46 -63.74
CA GLN HA 166 45.48 -65.12 -65.00
C GLN HA 166 45.78 -64.11 -66.10
N LYS HA 167 45.08 -62.97 -66.12
CA LYS HA 167 45.26 -61.99 -67.17
C LYS HA 167 46.40 -61.02 -66.91
N TYR HA 168 46.73 -60.75 -65.64
CA TYR HA 168 47.75 -59.77 -65.31
C TYR HA 168 48.87 -60.30 -64.44
N ASP HA 169 48.80 -61.56 -63.99
CA ASP HA 169 49.76 -62.11 -63.05
C ASP HA 169 49.85 -61.26 -61.79
N GLY HA 170 48.71 -60.69 -61.38
CA GLY HA 170 48.65 -59.92 -60.17
C GLY HA 170 48.57 -60.80 -58.95
N ILE HA 171 48.88 -60.20 -57.80
CA ILE HA 171 48.83 -60.90 -56.53
C ILE HA 171 47.72 -60.26 -55.69
N ILE HA 172 46.98 -61.10 -54.98
CA ILE HA 172 45.90 -60.67 -54.12
C ILE HA 172 46.04 -61.41 -52.79
N LEU HA 173 45.38 -60.86 -51.76
CA LEU HA 173 45.24 -61.50 -50.46
C LEU HA 173 46.60 -61.78 -49.83
N PRO HA 174 47.35 -60.74 -49.45
CA PRO HA 174 48.54 -60.98 -48.64
C PRO HA 174 48.18 -61.64 -47.31
N GLY HA 175 49.07 -62.47 -46.81
CA GLY HA 175 48.81 -63.22 -45.60
C GLY HA 175 48.99 -62.43 -44.33
N LYS HA 176 48.21 -61.35 -44.18
CA LYS HA 176 48.28 -60.53 -42.98
C LYS HA 176 46.94 -60.53 -42.26
N ALA IA 1 -46.52 -11.13 -46.64
CA ALA IA 1 -45.53 -11.96 -47.32
C ALA IA 1 -46.09 -12.53 -48.61
N PRO IA 2 -45.21 -12.82 -49.58
CA PRO IA 2 -45.68 -13.47 -50.81
C PRO IA 2 -45.98 -14.94 -50.55
N SER IA 3 -47.18 -15.37 -50.92
CA SER IA 3 -47.60 -16.70 -50.47
C SER IA 3 -47.10 -17.82 -51.39
N ARG IA 4 -47.66 -17.95 -52.60
CA ARG IA 4 -47.03 -18.90 -53.49
C ARG IA 4 -46.65 -18.31 -54.84
N ASN IA 5 -47.63 -18.09 -55.70
CA ASN IA 5 -47.36 -17.62 -57.06
C ASN IA 5 -48.43 -16.59 -57.37
N GLY IA 6 -48.00 -15.43 -57.84
CA GLY IA 6 -48.94 -14.39 -58.18
C GLY IA 6 -48.21 -13.20 -58.73
N MET IA 7 -48.98 -12.16 -59.03
CA MET IA 7 -48.38 -10.90 -59.42
C MET IA 7 -47.68 -10.25 -58.24
N VAL IA 8 -46.56 -9.58 -58.52
CA VAL IA 8 -46.01 -8.61 -57.58
C VAL IA 8 -46.87 -7.37 -57.72
N LEU IA 9 -47.64 -7.06 -56.68
CA LEU IA 9 -48.57 -5.95 -56.73
C LEU IA 9 -48.04 -4.76 -55.95
N LYS IA 10 -48.32 -3.58 -56.46
CA LYS IA 10 -47.92 -2.33 -55.82
C LYS IA 10 -49.13 -1.43 -55.71
N PRO IA 11 -49.96 -1.63 -54.68
CA PRO IA 11 -51.09 -0.72 -54.46
C PRO IA 11 -50.62 0.64 -54.00
N HIS IA 12 -51.17 1.68 -54.60
CA HIS IA 12 -50.83 3.06 -54.23
C HIS IA 12 -51.71 3.55 -53.08
N PHE IA 13 -51.58 2.91 -51.92
CA PHE IA 13 -52.42 3.18 -50.77
C PHE IA 13 -51.60 3.42 -49.52
N HIS IA 14 -50.55 4.24 -49.65
CA HIS IA 14 -49.69 4.58 -48.53
C HIS IA 14 -49.83 6.05 -48.11
N LYS IA 15 -50.80 6.76 -48.68
CA LYS IA 15 -50.82 8.23 -48.63
C LYS IA 15 -52.07 8.81 -47.99
N ASP IA 16 -52.71 8.10 -47.07
CA ASP IA 16 -53.91 8.60 -46.38
C ASP IA 16 -55.04 8.91 -47.38
N TRP IA 17 -55.30 7.93 -48.23
CA TRP IA 17 -56.26 8.07 -49.32
C TRP IA 17 -57.69 8.22 -48.82
N GLN IA 18 -57.99 7.74 -47.62
CA GLN IA 18 -59.37 7.73 -47.15
C GLN IA 18 -59.93 9.13 -46.89
N ARG IA 19 -59.07 10.13 -46.77
CA ARG IA 19 -59.57 11.50 -46.68
C ARG IA 19 -60.02 12.02 -48.04
N ARG IA 20 -59.30 11.67 -49.10
CA ARG IA 20 -59.62 12.14 -50.45
C ARG IA 20 -60.33 11.04 -51.24
N VAL IA 21 -61.50 10.63 -50.77
CA VAL IA 21 -62.34 9.67 -51.49
C VAL IA 21 -63.49 10.46 -52.09
N ALA IA 22 -63.60 10.43 -53.41
CA ALA IA 22 -64.69 11.07 -54.11
C ALA IA 22 -65.73 10.01 -54.44
N THR IA 23 -66.89 10.10 -53.80
CA THR IA 23 -68.00 9.23 -54.16
C THR IA 23 -68.85 9.88 -55.25
N TRP IA 24 -69.77 9.10 -55.79
CA TRP IA 24 -70.54 9.49 -56.97
C TRP IA 24 -72.04 9.38 -56.72
N PHE IA 25 -72.46 9.46 -55.46
CA PHE IA 25 -73.88 9.37 -55.14
C PHE IA 25 -74.68 10.54 -55.70
N ASN IA 26 -74.03 11.66 -55.98
CA ASN IA 26 -74.68 12.79 -56.61
C ASN IA 26 -74.66 12.71 -58.14
N GLN IA 27 -74.15 11.62 -58.70
CA GLN IA 27 -74.11 11.49 -60.16
C GLN IA 27 -75.48 11.54 -60.81
N PRO IA 28 -76.50 10.82 -60.36
CA PRO IA 28 -77.82 11.00 -60.98
C PRO IA 28 -78.36 12.41 -60.83
N ALA IA 29 -78.01 13.11 -59.75
CA ALA IA 29 -78.46 14.49 -59.57
C ALA IA 29 -77.68 15.44 -60.48
N ARG IA 30 -76.40 15.16 -60.71
CA ARG IA 30 -75.64 15.94 -61.68
C ARG IA 30 -76.21 15.81 -63.08
N LYS IA 31 -76.65 14.61 -63.45
CA LYS IA 31 -77.20 14.41 -64.78
C LYS IA 31 -78.52 15.14 -64.95
N ILE IA 32 -79.34 15.16 -63.91
CA ILE IA 32 -80.60 15.90 -63.96
C ILE IA 32 -80.33 17.41 -64.08
N ARG IA 33 -79.37 17.92 -63.31
CA ARG IA 33 -79.07 19.34 -63.34
C ARG IA 33 -78.52 19.77 -64.69
N ARG IA 34 -77.63 18.97 -65.27
CA ARG IA 34 -77.09 19.28 -66.60
C ARG IA 34 -78.17 19.22 -67.67
N ARG IA 35 -79.07 18.25 -67.56
CA ARG IA 35 -80.17 18.14 -68.52
C ARG IA 35 -81.12 19.33 -68.40
N LYS IA 36 -81.43 19.74 -67.17
CA LYS IA 36 -82.31 20.89 -66.98
C LYS IA 36 -81.68 22.17 -67.50
N ALA IA 37 -80.38 22.36 -67.24
CA ALA IA 37 -79.69 23.52 -67.76
C ALA IA 37 -79.67 23.53 -69.28
N ARG IA 38 -79.51 22.34 -69.89
CA ARG IA 38 -79.56 22.24 -71.35
C ARG IA 38 -80.95 22.62 -71.87
N GLN IA 39 -81.99 22.14 -71.20
CA GLN IA 39 -83.35 22.45 -71.62
C GLN IA 39 -83.66 23.93 -71.46
N ALA IA 40 -83.24 24.53 -70.34
CA ALA IA 40 -83.49 25.96 -70.13
C ALA IA 40 -82.69 26.80 -71.13
N LYS IA 41 -81.45 26.41 -71.42
CA LYS IA 41 -80.64 27.17 -72.36
C LYS IA 41 -81.23 27.10 -73.77
N ALA IA 42 -81.70 25.92 -74.19
CA ALA IA 42 -82.25 25.77 -75.53
C ALA IA 42 -83.50 26.64 -75.71
N ARG IA 43 -84.33 26.74 -74.69
CA ARG IA 43 -85.50 27.59 -74.79
C ARG IA 43 -85.17 29.07 -74.65
N ARG IA 44 -84.06 29.40 -73.99
CA ARG IA 44 -83.62 30.79 -73.92
C ARG IA 44 -83.19 31.32 -75.28
N ILE IA 45 -82.43 30.52 -76.03
CA ILE IA 45 -82.02 30.87 -77.38
C ILE IA 45 -83.10 30.33 -78.31
N ALA IA 46 -84.00 31.21 -78.75
CA ALA IA 46 -85.34 30.73 -79.11
C ALA IA 46 -85.31 29.74 -80.27
N PRO IA 47 -84.99 30.14 -81.54
CA PRO IA 47 -84.88 29.12 -82.58
C PRO IA 47 -83.45 28.70 -82.89
N ARG IA 48 -82.46 29.33 -82.25
CA ARG IA 48 -81.07 28.99 -82.50
C ARG IA 48 -80.81 27.54 -82.11
N PRO IA 49 -79.92 26.84 -82.81
CA PRO IA 49 -79.95 25.37 -82.79
C PRO IA 49 -79.37 24.66 -81.56
N ALA IA 50 -79.60 25.19 -80.36
CA ALA IA 50 -79.60 24.42 -79.12
C ALA IA 50 -78.30 23.71 -78.79
N SER IA 51 -77.31 23.74 -79.68
CA SER IA 51 -76.05 23.05 -79.42
C SER IA 51 -74.88 23.92 -79.79
N GLY IA 52 -75.11 25.21 -80.00
CA GLY IA 52 -74.06 26.14 -80.25
C GLY IA 52 -73.82 26.37 -81.73
N PRO IA 53 -72.73 27.04 -82.04
CA PRO IA 53 -72.44 27.37 -83.45
C PRO IA 53 -72.03 26.16 -84.26
N ILE IA 54 -72.02 26.30 -85.56
CA ILE IA 54 -71.45 25.29 -86.44
C ILE IA 54 -69.94 25.27 -86.24
N ARG IA 55 -69.39 24.07 -86.17
CA ARG IA 55 -67.96 23.87 -85.98
C ARG IA 55 -67.33 23.40 -87.29
N PRO IA 56 -66.04 23.65 -87.48
CA PRO IA 56 -65.39 23.24 -88.73
C PRO IA 56 -65.07 21.74 -88.76
N ILE IA 57 -64.72 21.28 -89.96
CA ILE IA 57 -64.13 19.95 -90.12
C ILE IA 57 -62.65 20.04 -89.80
N VAL IA 58 -62.18 19.14 -88.96
CA VAL IA 58 -60.81 19.16 -88.49
C VAL IA 58 -60.27 17.73 -88.48
N ARG IA 59 -59.01 17.57 -88.87
CA ARG IA 59 -58.38 16.26 -88.90
C ARG IA 59 -57.57 16.03 -87.64
N CYS IA 60 -57.70 14.83 -87.07
CA CYS IA 60 -57.05 14.53 -85.80
C CYS IA 60 -55.54 14.44 -85.96
N PRO IA 61 -54.76 15.02 -85.02
CA PRO IA 61 -53.33 15.31 -85.23
C PRO IA 61 -52.36 14.25 -84.71
N THR IA 62 -52.34 13.08 -85.34
CA THR IA 62 -51.39 12.03 -85.00
C THR IA 62 -51.57 10.86 -85.97
N VAL IA 63 -50.51 10.07 -86.13
CA VAL IA 63 -50.57 8.94 -87.05
C VAL IA 63 -51.58 7.89 -86.60
N ARG IA 64 -51.92 7.88 -85.31
CA ARG IA 64 -52.95 6.99 -84.80
C ARG IA 64 -54.35 7.43 -85.24
N TYR IA 65 -54.56 8.74 -85.40
CA TYR IA 65 -55.90 9.27 -85.60
C TYR IA 65 -56.07 10.09 -86.86
N HIS IA 66 -55.04 10.25 -87.70
CA HIS IA 66 -55.19 11.15 -88.84
C HIS IA 66 -56.06 10.57 -89.94
N THR IA 67 -56.49 9.33 -89.82
CA THR IA 67 -57.47 8.79 -90.77
C THR IA 67 -58.87 9.29 -90.44
N LYS IA 68 -59.08 9.80 -89.23
CA LYS IA 68 -60.40 10.24 -88.84
C LYS IA 68 -60.47 11.76 -88.78
N VAL IA 69 -61.69 12.26 -88.85
CA VAL IA 69 -61.97 13.69 -88.92
C VAL IA 69 -63.04 13.98 -87.87
N ARG IA 70 -62.98 15.16 -87.28
CA ARG IA 70 -63.89 15.51 -86.20
C ARG IA 70 -64.18 17.01 -86.27
N ALA IA 71 -65.01 17.49 -85.35
CA ALA IA 71 -65.31 18.90 -85.22
C ALA IA 71 -64.17 19.61 -84.51
N GLY IA 72 -63.75 20.75 -85.07
CA GLY IA 72 -62.73 21.57 -84.45
C GLY IA 72 -63.33 22.65 -83.57
N ARG IA 73 -62.45 23.54 -83.10
CA ARG IA 73 -62.89 24.61 -82.24
C ARG IA 73 -63.67 25.67 -83.00
N GLY IA 74 -63.08 26.24 -84.03
CA GLY IA 74 -63.78 27.25 -84.81
C GLY IA 74 -63.20 27.36 -86.20
N PHE IA 75 -63.95 28.02 -87.06
CA PHE IA 75 -63.48 28.24 -88.42
C PHE IA 75 -62.33 29.23 -88.46
N SER IA 76 -61.36 28.95 -89.31
CA SER IA 76 -60.17 29.78 -89.40
C SER IA 76 -60.45 31.05 -90.19
N LEU IA 77 -59.61 32.06 -89.97
CA LEU IA 77 -59.80 33.34 -90.64
C LEU IA 77 -59.64 33.23 -92.15
N GLU IA 78 -58.81 32.30 -92.62
CA GLU IA 78 -58.69 32.10 -94.06
C GLU IA 78 -59.97 31.47 -94.63
N GLU IA 79 -60.56 30.53 -93.91
CA GLU IA 79 -61.83 29.95 -94.36
C GLU IA 79 -62.93 30.99 -94.41
N LEU IA 80 -63.05 31.82 -93.36
CA LEU IA 80 -64.06 32.87 -93.36
C LEU IA 80 -63.80 33.88 -94.46
N ARG IA 81 -62.54 34.24 -94.68
CA ARG IA 81 -62.20 35.21 -95.71
C ARG IA 81 -62.56 34.71 -97.10
N VAL IA 82 -62.21 33.44 -97.40
CA VAL IA 82 -62.57 32.84 -98.69
C VAL IA 82 -64.07 32.65 -98.84
N ALA IA 83 -64.77 32.28 -97.76
CA ALA IA 83 -66.21 32.18 -97.77
C ALA IA 83 -66.90 33.54 -97.77
N GLY IA 84 -66.16 34.63 -97.61
CA GLY IA 84 -66.73 35.96 -97.66
C GLY IA 84 -67.53 36.36 -96.46
N ILE IA 85 -67.13 35.95 -95.26
CA ILE IA 85 -67.82 36.28 -94.03
C ILE IA 85 -66.86 37.03 -93.12
N HIS IA 86 -67.28 38.21 -92.68
CA HIS IA 86 -66.48 39.01 -91.78
C HIS IA 86 -66.31 38.31 -90.45
N LYS IA 87 -65.08 38.33 -89.92
CA LYS IA 87 -64.80 37.57 -88.70
C LYS IA 87 -65.55 38.08 -87.48
N LYS IA 88 -65.91 39.37 -87.45
CA LYS IA 88 -66.70 39.92 -86.36
C LYS IA 88 -68.19 39.64 -86.50
N VAL IA 89 -68.66 39.42 -87.73
CA VAL IA 89 -70.06 39.11 -87.97
C VAL IA 89 -70.37 37.63 -87.74
N ALA IA 90 -69.43 36.73 -88.04
CA ALA IA 90 -69.72 35.30 -88.08
C ALA IA 90 -70.23 34.78 -86.74
N ARG IA 91 -69.69 35.30 -85.64
CA ARG IA 91 -70.09 34.77 -84.34
C ARG IA 91 -71.51 35.18 -83.96
N THR IA 92 -71.95 36.36 -84.42
CA THR IA 92 -73.34 36.75 -84.23
C THR IA 92 -74.29 35.90 -85.08
N ILE IA 93 -73.74 35.23 -86.08
CA ILE IA 93 -74.52 34.38 -86.98
C ILE IA 93 -74.48 32.93 -86.52
N GLY IA 94 -73.66 32.62 -85.53
CA GLY IA 94 -73.54 31.28 -85.00
C GLY IA 94 -72.51 30.44 -85.74
N ILE IA 95 -71.30 30.97 -85.93
CA ILE IA 95 -70.34 30.33 -86.81
C ILE IA 95 -69.09 29.84 -86.09
N SER IA 96 -68.69 30.47 -84.98
CA SER IA 96 -67.56 29.99 -84.18
C SER IA 96 -66.23 30.07 -84.97
N VAL IA 97 -65.65 31.27 -84.94
CA VAL IA 97 -64.32 31.46 -85.52
C VAL IA 97 -63.22 31.07 -84.53
N ASP IA 98 -62.13 30.53 -85.05
CA ASP IA 98 -60.93 30.21 -84.28
C ASP IA 98 -59.74 30.93 -84.89
N PRO IA 99 -59.27 32.03 -84.30
CA PRO IA 99 -58.23 32.84 -84.95
C PRO IA 99 -56.84 32.21 -84.98
N ARG IA 100 -56.56 31.25 -84.12
CA ARG IA 100 -55.21 30.71 -84.07
C ARG IA 100 -55.01 29.48 -84.94
N ARG IA 101 -56.05 28.99 -85.61
CA ARG IA 101 -55.91 27.84 -86.49
C ARG IA 101 -55.54 28.29 -87.90
N ARG IA 102 -54.51 27.67 -88.45
CA ARG IA 102 -54.02 27.90 -89.79
C ARG IA 102 -54.32 26.70 -90.68
N ASN IA 103 -54.30 26.93 -91.98
CA ASN IA 103 -54.50 25.88 -92.97
C ASN IA 103 -53.19 25.62 -93.69
N LYS IA 104 -52.64 24.42 -93.51
CA LYS IA 104 -51.48 23.97 -94.26
C LYS IA 104 -51.84 23.47 -95.66
N SER IA 105 -53.06 22.98 -95.86
CA SER IA 105 -53.44 22.37 -97.13
C SER IA 105 -54.70 23.04 -97.66
N THR IA 106 -54.90 22.91 -98.98
CA THR IA 106 -56.07 23.49 -99.62
C THR IA 106 -57.29 22.59 -99.55
N GLU IA 107 -57.10 21.27 -99.44
CA GLU IA 107 -58.24 20.36 -99.31
C GLU IA 107 -59.04 20.66 -98.05
N SER IA 108 -58.35 20.79 -96.91
CA SER IA 108 -59.05 21.04 -95.65
C SER IA 108 -59.65 22.44 -95.63
N LEU IA 109 -58.99 23.39 -96.28
CA LEU IA 109 -59.53 24.74 -96.38
C LEU IA 109 -60.78 24.77 -97.24
N GLN IA 110 -60.76 24.08 -98.38
CA GLN IA 110 -61.90 24.10 -99.29
C GLN IA 110 -63.09 23.34 -98.70
N ALA IA 111 -62.82 22.29 -97.93
CA ALA IA 111 -63.91 21.55 -97.30
C ALA IA 111 -64.67 22.41 -96.31
N ASN IA 112 -63.95 23.20 -95.51
CA ASN IA 112 -64.62 24.05 -94.53
C ASN IA 112 -65.25 25.27 -95.19
N VAL IA 113 -64.69 25.73 -96.31
CA VAL IA 113 -65.32 26.82 -97.05
C VAL IA 113 -66.65 26.38 -97.62
N GLN IA 114 -66.72 25.16 -98.18
CA GLN IA 114 -67.99 24.62 -98.65
C GLN IA 114 -68.94 24.38 -97.49
N ARG IA 115 -68.40 23.99 -96.34
CA ARG IA 115 -69.22 23.81 -95.14
C ARG IA 115 -69.83 25.14 -94.70
N LEU IA 116 -69.06 26.23 -94.77
CA LEU IA 116 -69.59 27.55 -94.44
C LEU IA 116 -70.65 27.98 -95.45
N LYS IA 117 -70.43 27.69 -96.73
CA LYS IA 117 -71.39 28.10 -97.75
C LYS IA 117 -72.71 27.35 -97.62
N GLU IA 118 -72.66 26.07 -97.24
CA GLU IA 118 -73.89 25.33 -97.06
C GLU IA 118 -74.61 25.77 -95.78
N TYR IA 119 -73.85 26.12 -94.74
CA TYR IA 119 -74.48 26.65 -93.54
C TYR IA 119 -75.20 27.96 -93.83
N ARG IA 120 -74.58 28.83 -94.62
CA ARG IA 120 -75.18 30.12 -94.92
C ARG IA 120 -76.47 29.96 -95.72
N SER IA 121 -76.52 28.99 -96.63
CA SER IA 121 -77.73 28.76 -97.40
C SER IA 121 -78.82 28.09 -96.58
N LYS IA 122 -78.46 27.42 -95.48
CA LYS IA 122 -79.43 26.83 -94.58
C LYS IA 122 -79.82 27.77 -93.45
N LEU IA 123 -79.27 28.97 -93.44
CA LEU IA 123 -79.48 29.91 -92.35
C LEU IA 123 -80.63 30.85 -92.70
N ILE IA 124 -81.61 30.91 -91.82
CA ILE IA 124 -82.70 31.87 -91.93
C ILE IA 124 -82.53 32.91 -90.83
N LEU IA 125 -82.45 34.16 -91.23
CA LEU IA 125 -82.07 35.27 -90.36
C LEU IA 125 -83.26 36.15 -90.08
N PHE IA 126 -83.62 36.25 -88.83
CA PHE IA 126 -84.74 37.10 -88.45
C PHE IA 126 -84.30 38.56 -88.46
N PRO IA 127 -85.09 39.47 -89.04
CA PRO IA 127 -84.77 40.89 -88.94
C PRO IA 127 -84.78 41.33 -87.48
N ARG IA 128 -83.89 42.27 -87.15
CA ARG IA 128 -83.76 42.67 -85.76
C ARG IA 128 -85.03 43.34 -85.26
N LYS IA 129 -85.66 44.16 -86.10
CA LYS IA 129 -87.01 44.64 -85.81
C LYS IA 129 -87.98 43.88 -86.67
N PRO IA 130 -88.81 42.99 -86.12
CA PRO IA 130 -89.71 42.20 -86.96
C PRO IA 130 -90.65 43.03 -87.81
N SER IA 131 -91.13 44.17 -87.28
CA SER IA 131 -91.99 45.03 -88.06
C SER IA 131 -91.25 45.76 -89.18
N ALA IA 132 -89.93 45.76 -89.15
CA ALA IA 132 -89.11 46.44 -90.17
C ALA IA 132 -88.08 45.46 -90.73
N PRO IA 133 -88.51 44.53 -91.59
CA PRO IA 133 -87.54 43.64 -92.26
C PRO IA 133 -86.65 44.46 -93.20
N LYS IA 134 -85.34 44.40 -92.97
CA LYS IA 134 -84.41 45.19 -93.75
C LYS IA 134 -83.63 44.36 -94.76
N LYS IA 135 -82.87 43.37 -94.31
CA LYS IA 135 -82.18 42.50 -95.25
C LYS IA 135 -82.11 41.05 -94.78
N GLY IA 136 -82.86 40.70 -93.74
CA GLY IA 136 -82.69 39.40 -93.12
C GLY IA 136 -83.19 38.23 -93.95
N ASP IA 137 -84.49 38.10 -94.09
CA ASP IA 137 -85.10 36.91 -94.67
C ASP IA 137 -86.58 37.16 -94.85
N SER IA 138 -87.19 36.46 -95.81
CA SER IA 138 -88.59 36.62 -96.16
C SER IA 138 -89.46 35.98 -95.08
N SER IA 139 -90.57 36.65 -94.75
CA SER IA 139 -91.41 36.20 -93.63
C SER IA 139 -92.03 34.84 -93.92
N ALA IA 140 -92.42 34.59 -95.18
CA ALA IA 140 -93.10 33.34 -95.50
C ALA IA 140 -92.21 32.13 -95.20
N GLU IA 141 -90.95 32.19 -95.64
CA GLU IA 141 -90.04 31.10 -95.35
C GLU IA 141 -89.46 31.22 -93.94
N GLU IA 142 -89.81 32.31 -93.25
CA GLU IA 142 -89.29 32.54 -91.90
C GLU IA 142 -90.19 31.90 -90.85
N LEU IA 143 -91.50 32.12 -90.93
CA LEU IA 143 -92.38 31.75 -89.83
C LEU IA 143 -92.64 30.23 -89.82
N LYS IA 144 -92.73 29.60 -90.99
CA LYS IA 144 -93.10 28.19 -91.02
C LYS IA 144 -91.89 27.27 -90.97
N LEU IA 145 -90.71 27.76 -91.37
CA LEU IA 145 -89.55 26.90 -91.46
C LEU IA 145 -88.61 27.00 -90.26
N ALA IA 146 -88.71 28.07 -89.47
CA ALA IA 146 -87.75 28.30 -88.39
C ALA IA 146 -88.09 27.40 -87.22
N THR IA 147 -87.24 26.41 -86.98
CA THR IA 147 -87.35 25.54 -85.82
C THR IA 147 -85.97 25.37 -85.21
N GLN IA 148 -85.94 25.11 -83.90
CA GLN IA 148 -84.70 24.90 -83.19
C GLN IA 148 -84.11 23.56 -83.62
N LEU IA 149 -82.91 23.57 -84.17
CA LEU IA 149 -82.22 22.35 -84.59
C LEU IA 149 -81.69 21.64 -83.35
N THR IA 150 -81.87 20.33 -83.31
CA THR IA 150 -81.36 19.53 -82.21
C THR IA 150 -80.13 18.77 -82.65
N GLY IA 151 -79.12 18.73 -81.77
CA GLY IA 151 -77.87 18.09 -82.08
C GLY IA 151 -76.91 19.06 -82.73
N PRO IA 152 -75.70 18.59 -83.01
CA PRO IA 152 -74.70 19.48 -83.63
C PRO IA 152 -75.16 19.94 -85.01
N VAL IA 153 -74.89 21.20 -85.30
CA VAL IA 153 -75.09 21.73 -86.65
C VAL IA 153 -74.18 20.92 -87.55
N MET IA 154 -74.49 20.89 -88.84
CA MET IA 154 -74.41 19.72 -89.70
C MET IA 154 -73.25 18.81 -89.30
N PRO IA 155 -73.55 17.63 -88.76
CA PRO IA 155 -72.55 16.89 -87.99
C PRO IA 155 -71.39 16.37 -88.83
N VAL IA 156 -70.23 16.32 -88.19
CA VAL IA 156 -68.99 15.92 -88.84
C VAL IA 156 -68.99 14.40 -88.97
N ARG IA 157 -68.74 13.92 -90.19
CA ARG IA 157 -68.83 12.51 -90.52
C ARG IA 157 -67.58 12.08 -91.26
N ASN IA 158 -67.16 10.84 -91.02
CA ASN IA 158 -66.04 10.26 -91.76
C ASN IA 158 -66.59 9.59 -93.00
N VAL IA 159 -66.25 10.14 -94.16
CA VAL IA 159 -66.72 9.62 -95.43
C VAL IA 159 -65.65 8.72 -96.02
N TYR IA 160 -66.05 7.53 -96.46
CA TYR IA 160 -65.13 6.58 -97.07
C TYR IA 160 -65.42 6.48 -98.55
N LYS IA 161 -64.39 6.71 -99.36
CA LYS IA 161 -64.51 6.51 -100.80
C LYS IA 161 -64.53 5.02 -101.09
N LYS IA 162 -65.50 4.58 -101.88
CA LYS IA 162 -65.64 3.19 -102.26
C LYS IA 162 -64.89 2.95 -103.56
N GLU IA 163 -63.91 2.06 -103.52
CA GLU IA 163 -63.17 1.65 -104.72
C GLU IA 163 -63.83 0.39 -105.28
N LYS IA 164 -64.31 0.47 -106.51
CA LYS IA 164 -64.92 -0.69 -107.15
C LYS IA 164 -63.85 -1.67 -107.59
N ALA IA 165 -64.26 -2.92 -107.77
CA ALA IA 165 -63.33 -3.96 -108.21
C ALA IA 165 -62.82 -3.65 -109.61
N ARG IA 166 -61.53 -3.90 -109.83
CA ARG IA 166 -60.91 -3.63 -111.12
C ARG IA 166 -59.89 -4.72 -111.41
N VAL IA 167 -59.58 -4.88 -112.69
CA VAL IA 167 -58.60 -5.88 -113.10
C VAL IA 167 -57.21 -5.44 -112.66
N ILE IA 168 -56.48 -6.34 -112.02
CA ILE IA 168 -55.13 -6.04 -111.55
C ILE IA 168 -54.19 -6.00 -112.74
N THR IA 169 -53.53 -4.87 -112.94
CA THR IA 169 -52.59 -4.74 -114.03
C THR IA 169 -51.30 -5.49 -113.72
N GLU IA 170 -50.55 -5.81 -114.79
CA GLU IA 170 -49.29 -6.51 -114.61
C GLU IA 170 -48.30 -5.66 -113.82
N GLU IA 171 -48.36 -4.35 -113.98
CA GLU IA 171 -47.44 -3.47 -113.25
C GLU IA 171 -47.79 -3.42 -111.77
N GLU IA 172 -49.08 -3.53 -111.44
CA GLU IA 172 -49.46 -3.67 -110.03
C GLU IA 172 -49.03 -5.01 -109.47
N LYS IA 173 -49.13 -6.07 -110.26
CA LYS IA 173 -48.75 -7.40 -109.80
C LYS IA 173 -47.26 -7.46 -109.50
N ASN IA 174 -46.44 -6.83 -110.33
CA ASN IA 174 -45.00 -6.84 -110.12
C ASN IA 174 -44.51 -5.64 -109.33
N PHE IA 175 -45.16 -5.29 -108.23
CA PHE IA 175 -44.69 -4.24 -107.35
C PHE IA 175 -44.20 -4.89 -106.07
N LYS IA 176 -43.05 -4.43 -105.58
CA LYS IA 176 -42.42 -5.04 -104.41
C LYS IA 176 -42.73 -4.17 -103.19
N ALA IA 177 -43.84 -4.49 -102.52
CA ALA IA 177 -44.25 -3.70 -101.36
C ALA IA 177 -43.24 -3.82 -100.23
N PHE IA 178 -42.86 -5.05 -99.87
CA PHE IA 178 -41.95 -5.23 -98.74
C PHE IA 178 -40.58 -4.67 -99.06
N ALA IA 179 -40.06 -4.95 -100.26
CA ALA IA 179 -38.72 -4.47 -100.62
C ALA IA 179 -38.68 -2.95 -100.70
N SER IA 180 -39.70 -2.33 -101.30
CA SER IA 180 -39.75 -0.88 -101.36
C SER IA 180 -39.80 -0.26 -99.97
N LEU IA 181 -40.53 -0.89 -99.06
CA LEU IA 181 -40.57 -0.41 -97.68
C LEU IA 181 -39.21 -0.53 -97.01
N ARG IA 182 -38.52 -1.65 -97.21
CA ARG IA 182 -37.20 -1.85 -96.62
C ARG IA 182 -36.18 -0.88 -97.22
N MET IA 183 -36.27 -0.63 -98.52
CA MET IA 183 -35.31 0.26 -99.17
C MET IA 183 -35.61 1.72 -98.85
N ALA IA 184 -36.90 2.09 -98.77
CA ALA IA 184 -37.25 3.44 -98.35
C ALA IA 184 -36.83 3.69 -96.90
N ARG IA 185 -36.94 2.66 -96.07
CA ARG IA 185 -36.46 2.76 -94.69
C ARG IA 185 -34.95 2.99 -94.68
N ALA IA 186 -34.21 2.27 -95.53
CA ALA IA 186 -32.76 2.42 -95.57
C ALA IA 186 -32.35 3.73 -96.23
N ASN IA 187 -33.07 4.17 -97.26
CA ASN IA 187 -32.72 5.41 -97.92
C ASN IA 187 -32.88 6.61 -96.99
N ALA IA 188 -33.94 6.60 -96.18
CA ALA IA 188 -34.11 7.65 -95.19
C ALA IA 188 -33.03 7.58 -94.12
N ARG IA 189 -32.57 6.37 -93.81
CA ARG IA 189 -31.62 6.18 -92.73
C ARG IA 189 -30.22 6.64 -93.09
N LEU IA 190 -29.82 6.46 -94.36
CA LEU IA 190 -28.45 6.72 -94.77
C LEU IA 190 -28.30 7.97 -95.62
N PHE IA 191 -29.36 8.76 -95.76
CA PHE IA 191 -29.31 9.91 -96.66
C PHE IA 191 -28.26 10.93 -96.21
N GLY IA 192 -28.19 11.20 -94.91
CA GLY IA 192 -27.25 12.20 -94.42
C GLY IA 192 -25.80 11.76 -94.51
N ILE IA 193 -25.50 10.53 -94.10
CA ILE IA 193 -24.12 10.06 -94.17
C ILE IA 193 -23.68 9.85 -95.62
N ARG IA 194 -24.61 9.49 -96.50
CA ARG IA 194 -24.28 9.36 -97.91
C ARG IA 194 -23.88 10.70 -98.51
N ALA IA 195 -24.59 11.77 -98.15
CA ALA IA 195 -24.24 13.09 -98.63
C ALA IA 195 -22.88 13.53 -98.09
N LYS IA 196 -22.58 13.17 -96.84
CA LYS IA 196 -21.28 13.51 -96.28
C LYS IA 196 -20.15 12.80 -97.01
N ARG IA 197 -20.35 11.52 -97.33
CA ARG IA 197 -19.31 10.78 -98.05
C ARG IA 197 -19.16 11.29 -99.47
N ALA IA 198 -20.25 11.70 -100.10
CA ALA IA 198 -20.16 12.31 -101.42
C ALA IA 198 -19.44 13.63 -101.37
N LYS IA 199 -19.67 14.43 -100.32
CA LYS IA 199 -18.91 15.66 -100.15
C LYS IA 199 -17.43 15.38 -99.95
N GLU IA 200 -17.11 14.36 -99.14
CA GLU IA 200 -15.72 14.01 -98.90
C GLU IA 200 -15.05 13.47 -100.16
N ALA IA 201 -15.82 12.77 -101.00
CA ALA IA 201 -15.29 12.30 -102.28
C ALA IA 201 -15.15 13.46 -103.26
N ALA IA 202 -16.11 14.38 -103.26
CA ALA IA 202 -16.07 15.51 -104.19
C ALA IA 202 -14.89 16.43 -103.89
N GLU IA 203 -14.55 16.60 -102.61
CA GLU IA 203 -13.37 17.38 -102.26
C GLU IA 203 -12.09 16.58 -102.43
N GLN IA 204 -12.17 15.34 -102.92
CA GLN IA 204 -10.97 14.57 -103.21
C GLN IA 204 -10.58 14.68 -104.67
N ASP IA 205 -11.55 14.84 -105.58
CA ASP IA 205 -11.27 15.03 -106.99
C ASP IA 205 -10.79 16.44 -107.32
N VAL IA 206 -10.99 17.41 -106.43
CA VAL IA 206 -10.56 18.78 -106.70
C VAL IA 206 -9.03 18.85 -106.80
N GLU IA 207 -8.34 17.94 -106.11
CA GLU IA 207 -6.87 17.92 -106.08
C GLU IA 207 -6.31 16.65 -106.69
N LYS IA 208 -7.00 16.09 -107.69
CA LYS IA 208 -6.56 14.84 -108.31
C LYS IA 208 -5.19 14.98 -108.95
N LYS IA 209 -4.99 16.03 -109.75
CA LYS IA 209 -3.71 16.31 -110.40
C LYS IA 209 -3.06 17.49 -109.70
N LYS IA 210 -1.81 17.31 -109.32
CA LYS IA 210 -1.07 18.34 -108.60
C LYS IA 210 0.43 18.02 -108.60
N VAL JA 1 -50.99 -93.98 19.21
CA VAL JA 1 -50.52 -93.10 18.15
C VAL JA 1 -49.92 -93.94 17.02
N PHE JA 2 -50.36 -93.67 15.79
CA PHE JA 2 -49.88 -94.35 14.58
C PHE JA 2 -50.14 -95.87 14.66
N ARG JA 3 -51.42 -96.20 14.49
CA ARG JA 3 -51.82 -97.59 14.44
C ARG JA 3 -51.78 -98.15 13.02
N ARG JA 4 -52.03 -97.33 12.01
CA ARG JA 4 -52.05 -97.80 10.63
C ARG JA 4 -50.99 -97.07 9.80
N PHE JA 5 -50.37 -97.81 8.90
CA PHE JA 5 -49.17 -97.37 8.19
C PHE JA 5 -49.32 -97.65 6.70
N VAL JA 6 -48.59 -96.87 5.91
CA VAL JA 6 -48.40 -97.15 4.51
C VAL JA 6 -47.40 -98.30 4.45
N GLU JA 7 -47.83 -99.44 3.93
CA GLU JA 7 -46.94 -100.57 3.71
C GLU JA 7 -47.52 -101.42 2.60
N VAL JA 8 -46.68 -102.28 2.04
CA VAL JA 8 -47.12 -103.18 0.99
C VAL JA 8 -48.20 -104.09 1.53
N GLY JA 9 -49.35 -104.10 0.87
CA GLY JA 9 -50.49 -104.88 1.29
C GLY JA 9 -51.55 -104.10 2.03
N ARG JA 10 -51.29 -102.84 2.39
CA ARG JA 10 -52.27 -102.05 3.12
C ARG JA 10 -53.42 -101.68 2.20
N VAL JA 11 -54.64 -101.98 2.65
CA VAL JA 11 -55.86 -101.62 1.93
C VAL JA 11 -56.20 -100.18 2.27
N ALA JA 12 -56.45 -99.38 1.25
CA ALA JA 12 -56.79 -97.97 1.43
C ALA JA 12 -58.11 -97.66 0.75
N TYR JA 13 -58.84 -96.72 1.32
CA TYR JA 13 -60.10 -96.23 0.78
C TYR JA 13 -59.81 -94.94 0.02
N VAL JA 14 -60.19 -94.90 -1.25
CA VAL JA 14 -59.97 -93.71 -2.07
C VAL JA 14 -61.08 -92.71 -1.78
N SER JA 15 -60.71 -91.54 -1.25
CA SER JA 15 -61.70 -90.59 -0.77
C SER JA 15 -62.11 -89.58 -1.84
N PHE JA 16 -61.25 -89.24 -2.79
CA PHE JA 16 -61.62 -88.34 -3.86
C PHE JA 16 -60.78 -88.66 -5.09
N GLY JA 17 -61.13 -88.04 -6.21
CA GLY JA 17 -60.48 -88.29 -7.46
C GLY JA 17 -61.26 -89.25 -8.34
N PRO JA 18 -60.63 -89.75 -9.40
CA PRO JA 18 -61.33 -90.64 -10.34
C PRO JA 18 -61.87 -91.92 -9.71
N HIS JA 19 -61.23 -92.44 -8.67
CA HIS JA 19 -61.61 -93.70 -8.06
C HIS JA 19 -62.18 -93.51 -6.66
N ALA JA 20 -62.80 -92.36 -6.41
CA ALA JA 20 -63.38 -92.08 -5.11
C ALA JA 20 -64.42 -93.14 -4.73
N GLY JA 21 -64.32 -93.65 -3.51
CA GLY JA 21 -65.23 -94.65 -3.01
C GLY JA 21 -64.77 -96.08 -3.17
N LYS JA 22 -63.63 -96.31 -3.81
CA LYS JA 22 -63.16 -97.66 -4.04
C LYS JA 22 -62.15 -98.08 -2.97
N LEU JA 23 -62.08 -99.39 -2.75
CA LEU JA 23 -61.00 -99.96 -1.97
C LEU JA 23 -59.82 -100.28 -2.88
N VAL JA 24 -58.62 -100.22 -2.31
CA VAL JA 24 -57.40 -100.30 -3.10
C VAL JA 24 -56.29 -100.87 -2.21
N ALA JA 25 -55.38 -101.62 -2.81
CA ALA JA 25 -54.23 -102.18 -2.11
C ALA JA 25 -52.97 -101.43 -2.52
N ILE JA 26 -52.13 -101.13 -1.54
CA ILE JA 26 -50.83 -100.50 -1.81
C ILE JA 26 -49.84 -101.59 -2.21
N VAL JA 27 -49.28 -101.49 -3.40
CA VAL JA 27 -48.42 -102.50 -3.97
C VAL JA 27 -46.95 -102.10 -3.87
N ASP JA 28 -46.67 -100.81 -3.97
CA ASP JA 28 -45.32 -100.29 -3.82
C ASP JA 28 -45.42 -98.80 -3.49
N VAL JA 29 -44.31 -98.22 -3.06
CA VAL JA 29 -44.23 -96.81 -2.68
C VAL JA 29 -43.31 -96.10 -3.65
N ILE JA 30 -43.77 -94.98 -4.18
CA ILE JA 30 -43.00 -94.08 -5.04
C ILE JA 30 -42.79 -92.77 -4.30
N ASP JA 31 -41.55 -92.46 -3.95
CA ASP JA 31 -41.09 -91.14 -3.53
C ASP JA 31 -41.97 -90.33 -2.58
N GLN JA 32 -42.62 -90.99 -1.61
CA GLN JA 32 -43.19 -90.35 -0.43
C GLN JA 32 -44.48 -89.57 -0.69
N ASN JA 33 -44.81 -89.30 -1.93
CA ASN JA 33 -46.07 -88.67 -2.25
C ASN JA 33 -47.05 -89.60 -2.94
N ARG JA 34 -46.55 -90.65 -3.57
CA ARG JA 34 -47.34 -91.53 -4.42
C ARG JA 34 -47.04 -92.98 -4.07
N ALA JA 35 -48.04 -93.83 -4.28
CA ALA JA 35 -47.86 -95.25 -4.12
C ALA JA 35 -48.25 -95.93 -5.41
N LEU JA 36 -47.68 -97.10 -5.66
CA LEU JA 36 -48.24 -98.00 -6.66
C LEU JA 36 -49.43 -98.71 -6.04
N VAL JA 37 -50.57 -98.66 -6.71
CA VAL JA 37 -51.84 -99.01 -6.11
C VAL JA 37 -52.58 -99.93 -7.08
N ASP JA 38 -53.40 -100.82 -6.54
CA ASP JA 38 -54.06 -101.82 -7.36
C ASP JA 38 -55.31 -102.32 -6.63
N GLY JA 39 -56.46 -102.23 -7.28
CA GLY JA 39 -57.58 -103.03 -6.85
C GLY JA 39 -58.12 -103.89 -7.97
N PRO JA 40 -57.79 -105.18 -7.94
CA PRO JA 40 -58.28 -106.09 -8.98
C PRO JA 40 -59.73 -106.53 -8.73
N CYS JA 41 -60.13 -106.57 -7.46
CA CYS JA 41 -61.48 -106.95 -7.11
C CYS JA 41 -62.38 -105.75 -6.86
N THR JA 42 -61.86 -104.53 -7.04
CA THR JA 42 -62.65 -103.32 -6.86
C THR JA 42 -62.59 -102.41 -8.08
N GLN JA 43 -62.14 -102.95 -9.22
CA GLN JA 43 -62.24 -102.27 -10.51
C GLN JA 43 -61.33 -101.05 -10.58
N VAL JA 44 -60.16 -101.13 -9.96
CA VAL JA 44 -59.15 -100.09 -10.06
C VAL JA 44 -57.89 -100.75 -10.59
N ARG JA 45 -57.48 -100.38 -11.80
CA ARG JA 45 -56.31 -100.99 -12.38
C ARG JA 45 -55.03 -100.38 -11.80
N ARG JA 46 -53.94 -101.12 -11.93
CA ARG JA 46 -52.68 -100.73 -11.32
C ARG JA 46 -52.23 -99.37 -11.84
N GLN JA 47 -51.93 -98.46 -10.93
CA GLN JA 47 -51.58 -97.09 -11.28
C GLN JA 47 -50.98 -96.42 -10.07
N ALA JA 48 -50.32 -95.29 -10.29
CA ALA JA 48 -49.88 -94.42 -9.22
C ALA JA 48 -51.07 -93.65 -8.69
N MET JA 49 -51.11 -93.43 -7.38
CA MET JA 49 -52.05 -92.48 -6.84
C MET JA 49 -51.46 -91.80 -5.61
N PRO JA 50 -51.69 -90.50 -5.46
CA PRO JA 50 -51.13 -89.77 -4.33
C PRO JA 50 -51.71 -90.24 -3.00
N PHE JA 51 -50.89 -90.14 -1.96
CA PHE JA 51 -51.32 -90.50 -0.63
C PHE JA 51 -52.46 -89.61 -0.13
N LYS JA 52 -52.57 -88.39 -0.66
CA LYS JA 52 -53.61 -87.46 -0.21
C LYS JA 52 -55.02 -87.96 -0.48
N CYS JA 53 -55.25 -88.67 -1.58
CA CYS JA 53 -56.57 -89.24 -1.82
C CYS JA 53 -56.81 -90.46 -0.95
N MET JA 54 -55.76 -91.03 -0.37
CA MET JA 54 -55.88 -92.28 0.35
C MET JA 54 -56.40 -92.07 1.76
N GLN JA 55 -57.13 -93.06 2.26
CA GLN JA 55 -57.54 -93.13 3.66
C GLN JA 55 -57.28 -94.56 4.10
N LEU JA 56 -56.25 -94.76 4.92
CA LEU JA 56 -55.84 -96.11 5.30
C LEU JA 56 -56.91 -96.79 6.13
N THR JA 57 -57.14 -98.06 5.83
CA THR JA 57 -58.04 -98.92 6.58
C THR JA 57 -57.22 -99.80 7.51
N ASP JA 58 -57.88 -100.72 8.20
CA ASP JA 58 -57.21 -101.64 9.09
C ASP JA 58 -56.77 -102.92 8.39
N PHE JA 59 -57.09 -103.09 7.11
CA PHE JA 59 -56.82 -104.33 6.41
C PHE JA 59 -55.42 -104.31 5.80
N ILE JA 60 -54.69 -105.40 6.00
CA ILE JA 60 -53.38 -105.58 5.40
C ILE JA 60 -53.34 -106.94 4.71
N LEU JA 61 -53.07 -106.92 3.42
CA LEU JA 61 -52.87 -108.13 2.64
C LEU JA 61 -51.39 -108.50 2.65
N LYS JA 62 -51.12 -109.79 2.48
CA LYS JA 62 -49.75 -110.31 2.47
C LYS JA 62 -49.39 -110.66 1.03
N PHE JA 63 -48.54 -109.83 0.44
CA PHE JA 63 -47.87 -110.13 -0.81
C PHE JA 63 -46.59 -109.32 -0.89
N PRO JA 64 -45.60 -109.78 -1.64
CA PRO JA 64 -44.37 -109.00 -1.80
C PRO JA 64 -44.60 -107.75 -2.65
N HIS JA 65 -43.68 -106.79 -2.51
CA HIS JA 65 -43.82 -105.52 -3.20
C HIS JA 65 -43.72 -105.69 -4.71
N SER JA 66 -44.58 -104.97 -5.43
CA SER JA 66 -44.62 -104.97 -6.89
C SER JA 66 -44.85 -106.36 -7.46
N ALA JA 67 -45.61 -107.20 -6.76
CA ALA JA 67 -46.02 -108.47 -7.31
C ALA JA 67 -47.13 -108.26 -8.35
N HIS JA 68 -47.29 -109.25 -9.21
CA HIS JA 68 -48.25 -109.12 -10.31
C HIS JA 68 -49.68 -109.07 -9.76
N GLN JA 69 -50.59 -108.57 -10.59
CA GLN JA 69 -51.97 -108.36 -10.16
C GLN JA 69 -52.63 -109.65 -9.72
N LYS JA 70 -52.27 -110.78 -10.34
CA LYS JA 70 -52.91 -112.04 -10.01
C LYS JA 70 -52.66 -112.43 -8.56
N TYR JA 71 -51.52 -112.04 -8.01
CA TYR JA 71 -51.23 -112.38 -6.61
C TYR JA 71 -51.95 -111.43 -5.66
N VAL JA 72 -52.11 -110.17 -6.05
CA VAL JA 72 -52.88 -109.24 -5.25
C VAL JA 72 -54.34 -109.65 -5.23
N ARG JA 73 -54.86 -110.08 -6.37
CA ARG JA 73 -56.22 -110.58 -6.43
C ARG JA 73 -56.40 -111.82 -5.57
N GLN JA 74 -55.40 -112.72 -5.59
CA GLN JA 74 -55.46 -113.91 -4.75
C GLN JA 74 -55.46 -113.54 -3.27
N ALA JA 75 -54.58 -112.62 -2.87
CA ALA JA 75 -54.54 -112.18 -1.48
C ALA JA 75 -55.84 -111.49 -1.09
N TRP JA 76 -56.37 -110.64 -1.97
CA TRP JA 76 -57.62 -109.94 -1.71
C TRP JA 76 -58.78 -110.91 -1.58
N GLN JA 77 -58.87 -111.89 -2.49
CA GLN JA 77 -59.99 -112.81 -2.50
C GLN JA 77 -59.95 -113.76 -1.31
N LYS JA 78 -58.78 -114.33 -1.03
CA LYS JA 78 -58.61 -115.14 0.17
C LYS JA 78 -58.72 -114.25 1.39
N ALA JA 79 -59.59 -114.63 2.33
CA ALA JA 79 -59.99 -113.73 3.42
C ALA JA 79 -60.53 -112.42 2.85
N ASP JA 80 -61.68 -112.56 2.19
CA ASP JA 80 -62.17 -111.56 1.25
C ASP JA 80 -62.33 -110.19 1.90
N ILE JA 81 -61.54 -109.24 1.40
CA ILE JA 81 -61.64 -107.85 1.82
C ILE JA 81 -63.00 -107.24 1.52
N ASN JA 82 -63.62 -107.58 0.39
CA ASN JA 82 -64.88 -106.96 0.01
C ASN JA 82 -65.99 -107.19 1.03
N THR JA 83 -66.05 -108.38 1.62
CA THR JA 83 -67.05 -108.67 2.64
C THR JA 83 -66.61 -108.30 4.05
N LYS JA 84 -65.31 -108.31 4.34
CA LYS JA 84 -64.83 -107.81 5.62
C LYS JA 84 -65.06 -106.32 5.74
N TRP JA 85 -64.63 -105.56 4.74
CA TRP JA 85 -65.19 -104.24 4.51
C TRP JA 85 -66.66 -104.41 4.19
N ALA JA 86 -67.46 -103.34 4.36
CA ALA JA 86 -68.89 -103.52 4.11
C ALA JA 86 -69.46 -104.57 5.05
N ALA JA 87 -69.80 -104.17 6.29
CA ALA JA 87 -69.67 -104.87 7.57
C ALA JA 87 -68.46 -104.42 8.38
N THR JA 88 -67.82 -103.33 7.97
CA THR JA 88 -67.15 -102.46 8.91
C THR JA 88 -68.08 -101.32 9.26
N ARG JA 89 -67.87 -100.74 10.44
CA ARG JA 89 -68.64 -99.58 10.84
C ARG JA 89 -68.38 -98.41 9.90
N TRP JA 90 -67.17 -98.34 9.36
CA TRP JA 90 -66.82 -97.30 8.38
C TRP JA 90 -67.68 -97.41 7.13
N ALA JA 91 -67.82 -98.62 6.60
CA ALA JA 91 -68.46 -98.80 5.30
C ALA JA 91 -69.98 -98.61 5.38
N LYS JA 92 -70.62 -99.15 6.40
CA LYS JA 92 -72.07 -98.97 6.50
C LYS JA 92 -72.42 -97.55 6.87
N LYS JA 93 -71.45 -96.81 7.41
CA LYS JA 93 -71.60 -95.38 7.61
C LYS JA 93 -71.55 -94.63 6.29
N ILE JA 94 -70.72 -95.10 5.37
CA ILE JA 94 -70.76 -94.62 3.99
C ILE JA 94 -72.08 -94.99 3.34
N GLU JA 95 -72.56 -96.20 3.61
CA GLU JA 95 -73.80 -96.67 3.01
C GLU JA 95 -75.01 -95.92 3.55
N ALA JA 96 -75.03 -95.62 4.85
CA ALA JA 96 -76.10 -94.81 5.40
C ALA JA 96 -76.13 -93.43 4.76
N ARG JA 97 -74.96 -92.82 4.62
CA ARG JA 97 -74.88 -91.47 4.07
C ARG JA 97 -75.30 -91.46 2.60
N GLU JA 98 -75.11 -92.57 1.90
CA GLU JA 98 -75.50 -92.64 0.49
C GLU JA 98 -77.01 -92.75 0.33
N ARG JA 99 -77.63 -93.61 1.13
CA ARG JA 99 -79.07 -93.81 1.00
C ARG JA 99 -79.87 -92.66 1.59
N LYS JA 100 -79.27 -91.85 2.46
CA LYS JA 100 -79.95 -90.64 2.92
C LYS JA 100 -79.92 -89.54 1.87
N ALA JA 101 -78.89 -89.53 1.03
CA ALA JA 101 -78.83 -88.54 -0.05
C ALA JA 101 -79.81 -88.84 -1.17
N LYS JA 102 -80.20 -90.10 -1.34
CA LYS JA 102 -81.04 -90.51 -2.47
C LYS JA 102 -82.50 -90.71 -2.08
N MET JA 103 -82.89 -90.27 -0.89
CA MET JA 103 -84.28 -90.47 -0.48
C MET JA 103 -85.17 -89.44 -1.15
N THR JA 104 -86.38 -89.87 -1.49
CA THR JA 104 -87.31 -89.04 -2.25
C THR JA 104 -88.10 -88.13 -1.30
N ASP JA 105 -88.94 -87.28 -1.89
CA ASP JA 105 -89.82 -86.44 -1.11
C ASP JA 105 -90.78 -87.26 -0.27
N PHE JA 106 -91.31 -88.35 -0.86
CA PHE JA 106 -92.16 -89.27 -0.11
C PHE JA 106 -91.40 -89.93 1.03
N ASP JA 107 -90.16 -90.35 0.78
CA ASP JA 107 -89.33 -90.93 1.84
C ASP JA 107 -89.08 -89.93 2.96
N ARG JA 108 -88.80 -88.67 2.59
CA ARG JA 108 -88.62 -87.64 3.60
C ARG JA 108 -89.88 -87.48 4.45
N PHE JA 109 -91.05 -87.64 3.82
CA PHE JA 109 -92.31 -87.54 4.56
C PHE JA 109 -92.45 -88.68 5.56
N LYS JA 110 -92.19 -89.91 5.12
CA LYS JA 110 -92.35 -91.07 6.00
C LYS JA 110 -91.30 -91.08 7.10
N VAL JA 111 -90.07 -90.70 6.77
CA VAL JA 111 -89.02 -90.55 7.78
C VAL JA 111 -89.44 -89.55 8.84
N MET JA 112 -90.03 -88.43 8.41
CA MET JA 112 -90.50 -87.42 9.35
C MET JA 112 -91.53 -87.99 10.31
N LYS JA 113 -92.47 -88.79 9.81
CA LYS JA 113 -93.50 -89.36 10.67
C LYS JA 113 -92.92 -90.38 11.64
N ALA JA 114 -92.04 -91.26 11.13
CA ALA JA 114 -91.44 -92.27 12.01
C ALA JA 114 -90.59 -91.61 13.09
N LYS JA 115 -89.85 -90.56 12.73
CA LYS JA 115 -89.03 -89.86 13.71
C LYS JA 115 -89.88 -89.11 14.72
N LYS JA 116 -91.06 -88.65 14.31
CA LYS JA 116 -91.94 -87.94 15.24
C LYS JA 116 -92.48 -88.86 16.32
N MET JA 117 -92.92 -90.06 15.93
CA MET JA 117 -93.39 -91.03 16.92
C MET JA 117 -92.23 -91.57 17.74
N ARG JA 118 -91.08 -91.81 17.11
CA ARG JA 118 -89.93 -92.36 17.83
C ARG JA 118 -89.43 -91.38 18.88
N ASN JA 119 -89.34 -90.09 18.55
CA ASN JA 119 -88.90 -89.10 19.52
C ASN JA 119 -89.94 -88.90 20.61
N ARG JA 120 -91.22 -89.05 20.27
CA ARG JA 120 -92.27 -88.95 21.28
C ARG JA 120 -92.15 -90.04 22.32
N ILE JA 121 -91.90 -91.27 21.89
CA ILE JA 121 -91.86 -92.41 22.80
C ILE JA 121 -90.62 -92.34 23.68
N ILE JA 122 -89.47 -91.96 23.08
CA ILE JA 122 -88.24 -91.86 23.86
C ILE JA 122 -88.33 -90.73 24.88
N LYS JA 123 -88.83 -89.56 24.45
CA LYS JA 123 -88.87 -88.40 25.35
C LYS JA 123 -89.81 -88.63 26.52
N ASN JA 124 -90.95 -89.28 26.28
CA ASN JA 124 -91.86 -89.59 27.36
C ASN JA 124 -91.21 -90.56 28.35
N GLU JA 125 -90.46 -91.54 27.84
CA GLU JA 125 -89.80 -92.48 28.73
C GLU JA 125 -88.61 -91.84 29.44
N VAL JA 126 -87.95 -90.88 28.81
CA VAL JA 126 -86.93 -90.10 29.51
C VAL JA 126 -87.55 -89.39 30.70
N LYS JA 127 -88.70 -88.76 30.50
CA LYS JA 127 -89.38 -88.07 31.60
C LYS JA 127 -89.76 -89.04 32.72
N LYS JA 128 -90.14 -90.26 32.36
CA LYS JA 128 -90.44 -91.26 33.39
C LYS JA 128 -89.19 -91.69 34.13
N LEU JA 129 -88.06 -91.78 33.42
CA LEU JA 129 -86.80 -92.09 34.08
C LEU JA 129 -86.36 -90.94 34.99
N GLN JA 130 -86.56 -89.69 34.55
CA GLN JA 130 -86.21 -88.55 35.38
C GLN JA 130 -87.06 -88.50 36.65
N LYS JA 131 -88.38 -88.60 36.49
CA LYS JA 131 -89.29 -88.44 37.63
C LYS JA 131 -89.09 -89.54 38.65
N ALA JA 132 -88.85 -90.77 38.20
CA ALA JA 132 -88.58 -91.87 39.11
C ALA JA 132 -87.24 -91.73 39.82
N ALA JA 133 -86.23 -91.14 39.17
CA ALA JA 133 -84.92 -91.01 39.79
C ALA JA 133 -84.87 -89.91 40.84
N LEU JA 134 -85.84 -88.98 40.82
CA LEU JA 134 -85.90 -87.94 41.84
C LEU JA 134 -86.32 -88.49 43.19
N LEU JA 135 -86.78 -89.73 43.25
CA LEU JA 135 -87.16 -90.36 44.52
C LEU JA 135 -85.90 -90.87 45.20
N LYS JA 136 -85.17 -89.92 45.80
CA LYS JA 136 -83.98 -90.22 46.59
C LYS JA 136 -84.19 -89.61 47.97
N ALA JA 137 -84.07 -90.43 49.01
CA ALA JA 137 -84.27 -89.98 50.38
C ALA JA 137 -83.24 -90.62 51.31
N SER JA 138 -82.04 -90.89 50.78
CA SER JA 138 -80.99 -91.52 51.57
C SER JA 138 -79.94 -90.50 51.98
N PRO JA 139 -79.59 -90.44 53.27
CA PRO JA 139 -78.63 -89.49 53.86
C PRO JA 139 -77.30 -89.43 53.14
N GLY KA 1 -43.12 59.95 -78.19
CA GLY KA 1 -42.04 59.02 -78.48
C GLY KA 1 -40.96 59.01 -77.42
N ALA KA 2 -41.16 59.79 -76.36
CA ALA KA 2 -40.15 59.85 -75.31
C ALA KA 2 -40.10 58.58 -74.48
N TYR KA 3 -41.23 57.87 -74.34
CA TYR KA 3 -41.26 56.67 -73.52
C TYR KA 3 -40.36 55.58 -74.09
N LYS KA 4 -40.23 55.52 -75.41
CA LYS KA 4 -39.35 54.55 -76.04
C LYS KA 4 -37.89 54.78 -75.69
N TYR KA 5 -37.47 56.04 -75.64
CA TYR KA 5 -36.09 56.36 -75.27
C TYR KA 5 -35.83 56.01 -73.81
N ILE KA 6 -36.79 56.27 -72.93
CA ILE KA 6 -36.63 55.95 -71.52
C ILE KA 6 -36.54 54.45 -71.32
N GLN KA 7 -37.39 53.68 -72.02
CA GLN KA 7 -37.34 52.23 -71.92
C GLN KA 7 -35.99 51.69 -72.37
N GLU KA 8 -35.48 52.18 -73.50
CA GLU KA 8 -34.17 51.76 -73.98
C GLU KA 8 -33.08 52.16 -73.00
N LEU KA 9 -33.18 53.38 -72.45
CA LEU KA 9 -32.20 53.87 -71.51
C LEU KA 9 -32.10 52.98 -70.28
N TRP KA 10 -33.24 52.53 -69.76
CA TRP KA 10 -33.26 51.70 -68.57
C TRP KA 10 -32.84 50.26 -68.84
N ARG KA 11 -32.60 49.89 -70.10
CA ARG KA 11 -31.99 48.62 -70.43
C ARG KA 11 -30.47 48.70 -70.48
N LYS KA 12 -29.92 49.84 -70.08
CA LYS KA 12 -28.49 50.10 -70.11
C LYS KA 12 -27.99 50.39 -68.70
N LYS KA 13 -28.33 49.52 -67.74
CA LYS KA 13 -28.02 49.76 -66.33
C LYS KA 13 -26.53 49.88 -66.06
N GLN KA 14 -25.68 49.27 -66.88
CA GLN KA 14 -24.24 49.33 -66.66
C GLN KA 14 -23.57 50.50 -67.35
N SER KA 15 -24.33 51.37 -68.00
CA SER KA 15 -23.77 52.59 -68.56
C SER KA 15 -23.44 53.59 -67.45
N ASP KA 16 -22.58 54.54 -67.79
CA ASP KA 16 -22.14 55.53 -66.80
C ASP KA 16 -23.31 56.34 -66.28
N VAL KA 17 -24.21 56.76 -67.17
CA VAL KA 17 -25.34 57.58 -66.75
C VAL KA 17 -26.28 56.78 -65.85
N MET KA 18 -26.55 55.53 -66.21
CA MET KA 18 -27.46 54.71 -65.42
C MET KA 18 -26.81 54.27 -64.13
N ARG KA 19 -25.51 53.95 -64.17
CA ARG KA 19 -24.82 53.57 -62.95
C ARG KA 19 -24.80 54.71 -61.94
N PHE KA 20 -24.54 55.93 -62.41
CA PHE KA 20 -24.57 57.08 -61.53
C PHE KA 20 -25.96 57.28 -60.93
N LEU KA 21 -27.00 57.21 -61.78
CA LEU KA 21 -28.35 57.44 -61.30
C LEU KA 21 -28.79 56.38 -60.31
N LEU KA 22 -28.44 55.12 -60.57
CA LEU KA 22 -28.83 54.04 -59.68
C LEU KA 22 -28.15 54.14 -58.33
N ARG KA 23 -26.86 54.49 -58.30
CA ARG KA 23 -26.13 54.60 -57.04
C ARG KA 23 -26.67 55.75 -56.20
N VAL KA 24 -26.92 56.90 -56.82
CA VAL KA 24 -27.33 58.07 -56.05
C VAL KA 24 -28.78 57.94 -55.60
N ARG KA 25 -29.60 57.23 -56.39
CA ARG KA 25 -30.98 57.00 -55.98
C ARG KA 25 -31.05 55.94 -54.90
N CYS KA 26 -30.22 54.90 -54.99
CA CYS KA 26 -30.21 53.87 -53.97
C CYS KA 26 -29.69 54.42 -52.65
N TRP KA 27 -28.74 55.35 -52.70
CA TRP KA 27 -28.30 56.02 -51.48
C TRP KA 27 -29.46 56.76 -50.82
N GLN KA 28 -30.22 57.51 -51.61
CA GLN KA 28 -31.33 58.29 -51.06
C GLN KA 28 -32.42 57.39 -50.49
N TYR KA 29 -32.74 56.30 -51.20
CA TYR KA 29 -33.75 55.38 -50.69
C TYR KA 29 -33.31 54.75 -49.38
N ARG KA 30 -32.02 54.48 -49.25
CA ARG KA 30 -31.47 53.88 -48.05
C ARG KA 30 -31.65 54.79 -46.84
N GLN KA 31 -31.77 56.10 -47.07
CA GLN KA 31 -31.90 57.05 -45.98
C GLN KA 31 -33.33 57.17 -45.47
N LEU KA 32 -34.29 56.55 -46.15
CA LEU KA 32 -35.70 56.68 -45.79
C LEU KA 32 -36.13 55.44 -45.00
N SER KA 33 -37.42 55.36 -44.68
CA SER KA 33 -37.97 54.20 -43.99
C SER KA 33 -38.33 53.11 -44.98
N ALA KA 34 -38.42 51.87 -44.47
CA ALA KA 34 -38.58 50.71 -45.34
C ALA KA 34 -39.89 50.76 -46.12
N LEU KA 35 -40.88 51.48 -45.61
CA LEU KA 35 -42.14 51.71 -46.31
C LEU KA 35 -42.39 53.20 -46.37
N HIS KA 36 -42.59 53.73 -47.56
CA HIS KA 36 -42.63 55.17 -47.75
C HIS KA 36 -43.43 55.48 -49.02
N ARG KA 37 -44.33 56.43 -48.93
CA ARG KA 37 -45.13 56.80 -50.08
C ARG KA 37 -44.36 57.74 -50.99
N ALA KA 38 -44.26 57.36 -52.26
CA ALA KA 38 -43.64 58.17 -53.30
C ALA KA 38 -44.65 59.15 -53.89
N PRO KA 39 -44.24 60.39 -54.15
CA PRO KA 39 -45.17 61.35 -54.75
C PRO KA 39 -45.55 61.00 -56.19
N ARG KA 40 -44.72 60.25 -56.88
CA ARG KA 40 -44.92 59.93 -58.29
C ARG KA 40 -44.07 58.70 -58.62
N PRO KA 41 -44.34 58.04 -59.75
CA PRO KA 41 -43.46 56.92 -60.13
C PRO KA 41 -42.06 57.42 -60.50
N THR KA 42 -41.06 56.72 -59.97
CA THR KA 42 -39.68 56.98 -60.39
C THR KA 42 -39.47 56.60 -61.84
N ARG KA 43 -40.15 55.56 -62.31
CA ARG KA 43 -40.07 55.10 -63.70
C ARG KA 43 -41.46 55.18 -64.32
N PRO KA 44 -41.89 56.35 -64.78
CA PRO KA 44 -43.24 56.46 -65.34
C PRO KA 44 -43.50 55.59 -66.56
N ASP KA 45 -42.49 55.35 -67.40
CA ASP KA 45 -42.68 54.45 -68.53
C ASP KA 45 -42.95 53.02 -68.07
N LYS KA 46 -42.19 52.56 -67.08
CA LYS KA 46 -42.38 51.20 -66.57
C LYS KA 46 -43.70 51.08 -65.82
N ALA KA 47 -44.07 52.11 -65.07
CA ALA KA 47 -45.30 52.08 -64.28
C ALA KA 47 -46.52 51.95 -65.18
N ARG KA 48 -46.59 52.74 -66.24
CA ARG KA 48 -47.76 52.75 -67.10
C ARG KA 48 -47.85 51.48 -67.96
N ARG KA 49 -46.70 50.88 -68.26
CA ARG KA 49 -46.70 49.61 -68.96
C ARG KA 49 -47.15 48.48 -68.05
N LEU KA 50 -47.11 48.71 -66.74
CA LEU KA 50 -47.60 47.78 -65.74
C LEU KA 50 -49.02 48.10 -65.26
N GLY KA 51 -49.67 49.09 -65.87
CA GLY KA 51 -51.07 49.34 -65.59
C GLY KA 51 -51.36 50.68 -64.94
N TYR KA 52 -50.31 51.39 -64.53
CA TYR KA 52 -50.46 52.67 -63.87
C TYR KA 52 -50.97 53.72 -64.84
N LYS KA 53 -51.87 54.58 -64.36
CA LYS KA 53 -52.28 55.77 -65.08
C LYS KA 53 -52.14 56.96 -64.16
N ALA KA 54 -51.89 58.13 -64.75
CA ALA KA 54 -51.65 59.35 -63.98
C ALA KA 54 -52.98 60.04 -63.71
N LYS KA 55 -53.77 59.46 -62.80
CA LYS KA 55 -55.03 60.03 -62.39
C LYS KA 55 -55.24 59.76 -60.91
N GLN KA 56 -56.24 60.43 -60.34
CA GLN KA 56 -56.51 60.31 -58.91
C GLN KA 56 -57.07 58.94 -58.57
N GLY KA 57 -56.52 58.35 -57.52
CA GLY KA 57 -56.80 56.97 -57.18
C GLY KA 57 -55.65 56.01 -57.39
N TYR KA 58 -54.59 56.44 -58.06
CA TYR KA 58 -53.38 55.65 -58.23
C TYR KA 58 -52.30 56.22 -57.33
N VAL KA 59 -51.70 55.38 -56.49
CA VAL KA 59 -50.63 55.82 -55.62
C VAL KA 59 -49.44 54.88 -55.79
N ILE KA 60 -48.26 55.38 -55.45
CA ILE KA 60 -47.02 54.62 -55.52
C ILE KA 60 -46.43 54.54 -54.13
N TYR KA 61 -46.01 53.35 -53.72
CA TYR KA 61 -45.31 53.15 -52.46
C TYR KA 61 -43.97 52.50 -52.75
N ARG KA 62 -42.91 53.05 -52.16
CA ARG KA 62 -41.58 52.47 -52.26
C ARG KA 62 -41.31 51.61 -51.05
N ILE KA 63 -40.89 50.37 -51.29
CA ILE KA 63 -40.69 49.39 -50.23
C ILE KA 63 -39.25 48.90 -50.30
N ARG KA 64 -38.62 48.78 -49.15
CA ARG KA 64 -37.26 48.28 -49.02
C ARG KA 64 -37.32 46.93 -48.33
N VAL KA 65 -36.78 45.90 -48.98
CA VAL KA 65 -36.76 44.54 -48.45
C VAL KA 65 -35.30 44.11 -48.29
N ARG KA 66 -35.02 43.42 -47.19
CA ARG KA 66 -33.70 42.83 -47.00
C ARG KA 66 -33.53 41.66 -47.95
N ARG KA 67 -32.35 41.54 -48.53
CA ARG KA 67 -32.17 40.54 -49.56
C ARG KA 67 -31.33 39.36 -49.05
N GLY KA 68 -31.31 38.29 -49.82
CA GLY KA 68 -30.71 37.04 -49.44
C GLY KA 68 -31.74 35.96 -49.25
N GLY KA 69 -31.30 34.85 -48.68
CA GLY KA 69 -32.13 33.68 -48.52
C GLY KA 69 -32.91 33.69 -47.21
N ARG KA 70 -33.57 32.58 -46.96
CA ARG KA 70 -34.44 32.42 -45.80
C ARG KA 70 -33.77 31.49 -44.80
N LYS KA 71 -33.18 32.06 -43.75
CA LYS KA 71 -32.66 31.24 -42.67
C LYS KA 71 -33.79 30.56 -41.94
N ARG KA 72 -33.66 29.27 -41.70
CA ARG KA 72 -34.70 28.55 -41.00
C ARG KA 72 -34.77 29.03 -39.56
N PRO KA 73 -35.92 29.54 -39.11
CA PRO KA 73 -36.00 30.19 -37.80
C PRO KA 73 -36.17 29.20 -36.65
N VAL KA 74 -35.15 28.38 -36.43
CA VAL KA 74 -35.17 27.42 -35.34
C VAL KA 74 -34.11 27.80 -34.32
N PRO KA 75 -34.38 27.62 -33.03
CA PRO KA 75 -33.39 28.00 -32.01
C PRO KA 75 -32.11 27.18 -32.11
N LYS KA 76 -30.98 27.90 -32.17
CA LYS KA 76 -29.63 27.33 -32.18
C LYS KA 76 -29.41 26.39 -33.35
N GLY KA 77 -30.12 26.62 -34.46
CA GLY KA 77 -29.97 25.81 -35.65
C GLY KA 77 -30.44 24.38 -35.50
N ALA KA 78 -31.20 24.08 -34.45
CA ALA KA 78 -31.62 22.71 -34.16
C ALA KA 78 -32.97 22.44 -34.79
N THR KA 79 -32.95 21.84 -35.96
CA THR KA 79 -34.06 21.02 -36.41
C THR KA 79 -33.96 19.66 -35.71
N TYR KA 80 -35.06 18.95 -35.66
CA TYR KA 80 -35.09 17.69 -34.92
C TYR KA 80 -35.55 16.56 -35.83
N GLY KA 81 -34.60 15.78 -36.33
CA GLY KA 81 -34.92 14.53 -36.98
C GLY KA 81 -34.70 14.57 -38.48
N LYS KA 82 -34.27 13.43 -39.02
CA LYS KA 82 -34.03 13.26 -40.45
C LYS KA 82 -33.03 14.29 -40.96
N PRO KA 83 -31.73 13.97 -40.90
CA PRO KA 83 -30.69 14.86 -41.45
C PRO KA 83 -31.04 15.53 -42.78
N VAL KA 84 -31.90 14.92 -43.58
CA VAL KA 84 -32.38 15.56 -44.80
C VAL KA 84 -33.02 16.91 -44.49
N HIS KA 85 -33.52 17.09 -43.27
CA HIS KA 85 -34.17 18.32 -42.85
C HIS KA 85 -33.32 19.16 -41.90
N HIS KA 86 -32.03 18.85 -41.76
CA HIS KA 86 -31.13 19.60 -40.88
C HIS KA 86 -30.76 20.96 -41.43
N GLY KA 87 -31.02 21.23 -42.71
CA GLY KA 87 -30.65 22.49 -43.32
C GLY KA 87 -31.20 23.72 -42.64
N VAL KA 88 -30.35 24.71 -42.42
CA VAL KA 88 -30.72 25.96 -41.76
C VAL KA 88 -30.39 27.14 -42.65
N ASN KA 89 -29.21 27.12 -43.26
CA ASN KA 89 -28.62 28.33 -43.85
C ASN KA 89 -28.95 28.52 -45.33
N GLN KA 90 -28.59 27.59 -46.20
CA GLN KA 90 -28.66 27.84 -47.63
C GLN KA 90 -30.06 27.63 -48.21
N LEU KA 91 -31.09 27.81 -47.39
CA LEU KA 91 -32.47 27.63 -47.77
C LEU KA 91 -33.02 28.88 -48.47
N LYS KA 92 -34.04 28.68 -49.30
CA LYS KA 92 -34.58 29.73 -50.12
C LYS KA 92 -36.10 29.80 -49.98
N PHE KA 93 -36.62 31.03 -49.93
CA PHE KA 93 -38.04 31.28 -49.90
C PHE KA 93 -38.67 31.00 -51.27
N ALA KA 94 -39.85 30.38 -51.24
CA ALA KA 94 -40.59 30.06 -52.45
C ALA KA 94 -40.99 31.28 -53.27
N ARG KA 95 -41.22 32.42 -52.62
CA ARG KA 95 -41.64 33.63 -53.30
C ARG KA 95 -40.47 34.60 -53.40
N SER KA 96 -40.54 35.49 -54.39
CA SER KA 96 -39.45 36.41 -54.67
C SER KA 96 -39.50 37.60 -53.71
N LEU KA 97 -38.42 38.37 -53.72
CA LEU KA 97 -38.36 39.58 -52.89
C LEU KA 97 -39.30 40.66 -53.40
N GLN KA 98 -39.54 40.70 -54.71
CA GLN KA 98 -40.56 41.61 -55.24
C GLN KA 98 -41.95 41.23 -54.74
N SER KA 99 -42.23 39.94 -54.64
CA SER KA 99 -43.51 39.49 -54.12
C SER KA 99 -43.67 39.88 -52.66
N VAL KA 100 -42.60 39.77 -51.87
CA VAL KA 100 -42.65 40.15 -50.45
C VAL KA 100 -42.85 41.66 -50.31
N ALA KA 101 -42.21 42.44 -51.18
CA ALA KA 101 -42.39 43.89 -51.16
C ALA KA 101 -43.83 44.28 -51.45
N GLU KA 102 -44.47 43.60 -52.39
CA GLU KA 102 -45.86 43.89 -52.72
C GLU KA 102 -46.78 43.56 -51.55
N GLU KA 103 -46.46 42.48 -50.83
CA GLU KA 103 -47.28 42.06 -49.70
C GLU KA 103 -47.14 43.02 -48.53
N ARG KA 104 -45.95 43.58 -48.35
CA ARG KA 104 -45.75 44.56 -47.28
C ARG KA 104 -46.47 45.86 -47.57
N ALA KA 105 -46.51 46.30 -48.83
CA ALA KA 105 -47.31 47.45 -49.20
C ALA KA 105 -48.80 47.17 -49.01
N GLY KA 106 -49.25 46.00 -49.45
CA GLY KA 106 -50.67 45.67 -49.36
C GLY KA 106 -51.14 45.54 -47.92
N ARG KA 107 -50.34 44.91 -47.07
CA ARG KA 107 -50.75 44.75 -45.67
C ARG KA 107 -50.82 46.09 -44.96
N HIS KA 108 -49.90 47.01 -45.24
CA HIS KA 108 -49.94 48.32 -44.61
C HIS KA 108 -51.14 49.13 -45.09
N CYS KA 109 -51.35 49.18 -46.41
CA CYS KA 109 -52.47 49.93 -47.00
C CYS KA 109 -53.59 48.95 -47.32
N GLY KA 110 -54.31 48.54 -46.28
CA GLY KA 110 -55.36 47.55 -46.43
C GLY KA 110 -56.57 48.02 -47.19
N ALA KA 111 -56.78 49.33 -47.29
CA ALA KA 111 -57.90 49.87 -48.04
C ALA KA 111 -57.60 50.08 -49.52
N LEU KA 112 -56.38 49.76 -49.96
CA LEU KA 112 -56.01 49.90 -51.36
C LEU KA 112 -55.81 48.52 -51.98
N ARG KA 113 -55.75 48.50 -53.30
CA ARG KA 113 -55.56 47.27 -54.06
C ARG KA 113 -54.23 47.33 -54.79
N VAL KA 114 -53.36 46.35 -54.53
CA VAL KA 114 -52.08 46.28 -55.23
C VAL KA 114 -52.33 45.91 -56.68
N LEU KA 115 -51.83 46.74 -57.60
CA LEU KA 115 -51.91 46.46 -59.02
C LEU KA 115 -50.68 45.72 -59.53
N ASN KA 116 -49.50 46.30 -59.37
CA ASN KA 116 -48.25 45.73 -59.85
C ASN KA 116 -47.10 46.40 -59.09
N SER KA 117 -45.87 46.08 -59.48
CA SER KA 117 -44.69 46.68 -58.87
C SER KA 117 -43.52 46.55 -59.84
N TYR KA 118 -42.48 47.35 -59.59
CA TYR KA 118 -41.29 47.30 -60.43
C TYR KA 118 -40.06 47.62 -59.57
N TRP KA 119 -38.90 47.29 -60.11
CA TRP KA 119 -37.59 47.44 -59.49
C TRP KA 119 -37.09 48.85 -59.73
N VAL KA 120 -36.47 49.46 -58.71
CA VAL KA 120 -35.95 50.82 -58.86
C VAL KA 120 -34.50 50.91 -58.39
N GLY KA 121 -33.91 49.80 -58.00
CA GLY KA 121 -32.52 49.78 -57.59
C GLY KA 121 -32.34 48.86 -56.43
N GLU KA 122 -31.25 48.10 -56.30
CA GLU KA 122 -31.23 47.37 -55.05
C GLU KA 122 -30.28 47.86 -53.95
N ASP KA 123 -29.12 47.22 -53.83
CA ASP KA 123 -28.14 47.41 -52.76
C ASP KA 123 -27.36 46.10 -52.67
N SER KA 124 -26.39 45.99 -51.76
CA SER KA 124 -26.01 44.65 -51.33
C SER KA 124 -26.88 44.12 -50.20
N THR KA 125 -27.53 44.99 -49.44
CA THR KA 125 -28.37 44.57 -48.33
C THR KA 125 -29.86 44.68 -48.66
N TYR KA 126 -30.24 45.58 -49.56
CA TYR KA 126 -31.63 45.90 -49.80
C TYR KA 126 -31.96 45.78 -51.27
N LYS KA 127 -33.23 45.54 -51.55
CA LYS KA 127 -33.80 45.74 -52.87
C LYS KA 127 -34.91 46.76 -52.71
N PHE KA 128 -35.03 47.67 -53.67
CA PHE KA 128 -36.03 48.71 -53.63
C PHE KA 128 -37.02 48.51 -54.76
N PHE KA 129 -38.30 48.48 -54.42
CA PHE KA 129 -39.38 48.31 -55.38
C PHE KA 129 -40.41 49.40 -55.18
N GLU KA 130 -41.02 49.81 -56.27
CA GLU KA 130 -42.15 50.72 -56.22
C GLU KA 130 -43.41 49.95 -56.58
N VAL KA 131 -44.41 50.04 -55.72
CA VAL KA 131 -45.65 49.29 -55.85
C VAL KA 131 -46.74 50.25 -56.27
N ILE KA 132 -47.48 49.88 -57.30
CA ILE KA 132 -48.65 50.64 -57.74
C ILE KA 132 -49.86 50.15 -56.96
N LEU KA 133 -50.54 51.08 -56.28
CA LEU KA 133 -51.77 50.80 -55.57
C LEU KA 133 -52.91 51.58 -56.20
N ILE KA 134 -54.12 51.07 -56.02
CA ILE KA 134 -55.34 51.71 -56.52
C ILE KA 134 -56.32 51.81 -55.36
N ASP KA 135 -56.90 53.01 -55.18
CA ASP KA 135 -57.98 53.22 -54.24
C ASP KA 135 -59.29 52.80 -54.89
N PRO KA 136 -59.84 51.64 -54.52
CA PRO KA 136 -61.00 51.10 -55.24
C PRO KA 136 -62.29 51.86 -54.99
N PHE KA 137 -62.31 52.83 -54.08
CA PHE KA 137 -63.50 53.59 -53.78
C PHE KA 137 -63.42 55.03 -54.28
N HIS KA 138 -62.32 55.42 -54.89
CA HIS KA 138 -62.27 56.72 -55.55
C HIS KA 138 -63.14 56.67 -56.80
N LYS KA 139 -63.84 57.78 -57.08
CA LYS KA 139 -64.79 57.79 -58.18
C LYS KA 139 -64.11 57.76 -59.55
N ALA KA 140 -62.88 58.27 -59.66
CA ALA KA 140 -62.15 58.15 -60.91
C ALA KA 140 -61.86 56.68 -61.25
N ILE KA 141 -61.85 55.82 -60.24
CA ILE KA 141 -61.70 54.38 -60.45
C ILE KA 141 -63.06 53.72 -60.63
N ARG KA 142 -64.05 54.08 -59.82
CA ARG KA 142 -65.32 53.39 -59.82
C ARG KA 142 -66.13 53.67 -61.09
N ARG KA 143 -65.99 54.87 -61.64
CA ARG KA 143 -66.79 55.29 -62.79
C ARG KA 143 -66.12 55.03 -64.11
N ASN KA 144 -64.96 54.38 -64.11
CA ASN KA 144 -64.25 54.05 -65.33
C ASN KA 144 -64.33 52.54 -65.56
N PRO KA 145 -65.02 52.07 -66.61
CA PRO KA 145 -64.93 50.64 -66.94
C PRO KA 145 -63.53 50.31 -67.40
N ASP KA 146 -63.15 49.03 -67.33
CA ASP KA 146 -61.79 48.58 -67.61
C ASP KA 146 -60.84 49.02 -66.50
N THR KA 147 -61.39 49.62 -65.45
CA THR KA 147 -60.75 49.65 -64.16
C THR KA 147 -61.69 49.29 -63.01
N GLN KA 148 -62.98 49.06 -63.28
CA GLN KA 148 -63.92 48.64 -62.25
C GLN KA 148 -63.63 47.23 -61.75
N TRP KA 149 -62.91 46.42 -62.52
CA TRP KA 149 -62.62 45.06 -62.10
C TRP KA 149 -61.87 45.00 -60.78
N ILE KA 150 -60.94 45.92 -60.56
CA ILE KA 150 -60.15 45.93 -59.34
C ILE KA 150 -60.99 46.26 -58.12
N THR KA 151 -62.15 46.89 -58.30
CA THR KA 151 -63.01 47.24 -57.18
C THR KA 151 -63.85 46.07 -56.68
N LYS KA 152 -63.94 44.98 -57.44
CA LYS KA 152 -64.75 43.84 -57.02
C LYS KA 152 -64.12 43.16 -55.81
N PRO KA 153 -64.93 42.55 -54.94
CA PRO KA 153 -64.39 41.93 -53.71
C PRO KA 153 -63.49 40.75 -53.98
N VAL KA 154 -63.58 40.11 -55.14
CA VAL KA 154 -62.70 38.98 -55.44
C VAL KA 154 -61.26 39.41 -55.70
N HIS KA 155 -60.99 40.72 -55.76
CA HIS KA 155 -59.65 41.23 -56.01
C HIS KA 155 -59.04 41.94 -54.81
N LYS KA 156 -59.59 41.74 -53.62
CA LYS KA 156 -58.96 42.29 -52.42
C LYS KA 156 -57.79 41.40 -52.03
N HIS KA 157 -56.64 42.04 -51.81
CA HIS KA 157 -55.40 41.37 -51.43
C HIS KA 157 -54.95 40.35 -52.47
N ARG KA 158 -54.80 40.84 -53.70
CA ARG KA 158 -54.22 40.03 -54.76
C ARG KA 158 -52.80 39.60 -54.41
N GLU KA 159 -52.05 40.48 -53.75
CA GLU KA 159 -50.65 40.19 -53.44
C GLU KA 159 -50.52 39.15 -52.34
N MET KA 160 -51.57 38.88 -51.57
CA MET KA 160 -51.51 37.82 -50.57
C MET KA 160 -51.86 36.45 -51.13
N ARG KA 161 -52.43 36.40 -52.33
CA ARG KA 161 -52.87 35.14 -52.91
C ARG KA 161 -52.13 34.77 -54.18
N GLY KA 162 -51.00 35.41 -54.46
CA GLY KA 162 -50.25 35.16 -55.67
C GLY KA 162 -50.95 35.56 -56.95
N LEU KA 163 -51.67 36.67 -56.94
CA LEU KA 163 -52.47 37.06 -58.10
C LEU KA 163 -51.87 38.24 -58.87
N THR KA 164 -50.89 38.94 -58.32
CA THR KA 164 -50.15 39.91 -59.11
C THR KA 164 -49.10 39.21 -59.95
N SER KA 165 -48.46 39.96 -60.84
CA SER KA 165 -47.44 39.39 -61.71
C SER KA 165 -46.28 38.80 -60.90
N ALA KA 166 -45.76 39.55 -59.92
CA ALA KA 166 -44.65 39.05 -59.13
C ALA KA 166 -45.05 37.84 -58.29
N GLY KA 167 -46.20 37.92 -57.62
CA GLY KA 167 -46.67 36.79 -56.84
C GLY KA 167 -47.00 35.59 -57.69
N ARG KA 168 -47.47 35.82 -58.92
CA ARG KA 168 -47.85 34.71 -59.79
C ARG KA 168 -46.65 33.91 -60.26
N LYS KA 169 -45.48 34.53 -60.32
CA LYS KA 169 -44.33 33.87 -60.93
C LYS KA 169 -43.87 32.66 -60.13
N SER KA 170 -44.16 32.63 -58.83
CA SER KA 170 -43.74 31.53 -57.99
C SER KA 170 -44.71 30.36 -57.99
N ARG KA 171 -45.88 30.50 -58.63
CA ARG KA 171 -46.92 29.47 -58.56
C ARG KA 171 -46.60 28.25 -59.40
N GLY KA 172 -45.81 28.40 -60.45
CA GLY KA 172 -45.56 27.28 -61.36
C GLY KA 172 -46.59 27.17 -62.46
N LEU KA 173 -47.35 28.24 -62.71
CA LEU KA 173 -48.35 28.26 -63.77
C LEU KA 173 -47.66 28.41 -65.13
N GLY KA 174 -48.35 27.93 -66.16
CA GLY KA 174 -47.84 28.05 -67.51
C GLY KA 174 -48.44 27.02 -68.43
N LYS KA 175 -48.23 27.19 -69.73
CA LYS KA 175 -48.79 26.28 -70.72
C LYS KA 175 -47.72 25.29 -71.17
N GLY KA 176 -48.09 24.03 -71.24
CA GLY KA 176 -47.28 23.04 -71.92
C GLY KA 176 -46.51 22.19 -70.94
N HIS KA 177 -45.50 21.51 -71.49
CA HIS KA 177 -44.84 20.40 -70.82
C HIS KA 177 -44.00 20.82 -69.61
N LYS KA 178 -43.54 22.06 -69.54
CA LYS KA 178 -42.77 22.49 -68.39
C LYS KA 178 -43.62 22.71 -67.14
N PHE KA 179 -44.94 22.77 -67.26
CA PHE KA 179 -45.76 23.15 -66.13
C PHE KA 179 -46.88 22.14 -65.86
N HIS KA 180 -46.55 20.85 -65.86
CA HIS KA 180 -47.55 19.84 -65.55
C HIS KA 180 -47.98 19.84 -64.09
N HIS KA 181 -47.21 20.50 -63.22
CA HIS KA 181 -47.51 20.50 -61.79
C HIS KA 181 -48.77 21.29 -61.43
N THR KA 182 -49.26 22.16 -62.32
CA THR KA 182 -50.35 23.05 -61.93
C THR KA 182 -51.56 22.97 -62.86
N ILE KA 183 -51.84 21.79 -63.42
CA ILE KA 183 -52.87 21.65 -64.43
C ILE KA 183 -54.29 21.83 -63.89
N GLY KA 184 -54.48 21.89 -62.59
CA GLY KA 184 -55.79 22.26 -62.06
C GLY KA 184 -56.01 23.73 -61.84
N GLY KA 185 -55.05 24.58 -62.18
CA GLY KA 185 -55.06 25.97 -61.81
C GLY KA 185 -54.14 26.30 -60.65
N SER KA 186 -53.70 25.31 -59.89
CA SER KA 186 -52.72 25.53 -58.84
C SER KA 186 -52.01 24.22 -58.57
N ARG KA 187 -50.90 24.32 -57.84
CA ARG KA 187 -50.16 23.14 -57.43
C ARG KA 187 -51.02 22.25 -56.54
N ARG KA 188 -51.75 22.85 -55.59
CA ARG KA 188 -52.66 22.11 -54.72
C ARG KA 188 -53.78 21.46 -55.52
N ALA KA 189 -54.33 22.17 -56.50
CA ALA KA 189 -55.44 21.63 -57.28
C ALA KA 189 -55.04 20.39 -58.06
N ALA KA 190 -53.86 20.43 -58.71
CA ALA KA 190 -53.40 19.24 -59.42
C ALA KA 190 -53.16 18.08 -58.48
N TRP KA 191 -52.55 18.35 -57.32
CA TRP KA 191 -52.28 17.30 -56.35
C TRP KA 191 -53.57 16.65 -55.85
N ARG KA 192 -54.57 17.47 -55.53
CA ARG KA 192 -55.84 16.92 -55.05
C ARG KA 192 -56.46 16.00 -56.08
N ARG KA 193 -56.44 16.40 -57.35
CA ARG KA 193 -57.10 15.63 -58.39
C ARG KA 193 -56.41 14.30 -58.63
N ARG KA 194 -55.08 14.28 -58.64
CA ARG KA 194 -54.37 13.02 -58.89
C ARG KA 194 -54.05 12.25 -57.62
N ASN KA 195 -54.52 12.73 -56.46
CA ASN KA 195 -54.45 11.98 -55.22
C ASN KA 195 -55.82 11.69 -54.66
N THR KA 196 -56.87 11.87 -55.45
CA THR KA 196 -58.22 11.57 -55.04
C THR KA 196 -58.67 10.28 -55.71
N LEU KA 197 -59.18 9.36 -54.90
CA LEU KA 197 -59.65 8.07 -55.38
C LEU KA 197 -61.10 8.23 -55.80
N GLN KA 198 -61.35 8.08 -57.11
CA GLN KA 198 -62.70 8.19 -57.65
C GLN KA 198 -63.40 6.85 -57.51
N LEU KA 199 -64.36 6.76 -56.61
CA LEU KA 199 -65.12 5.54 -56.39
C LEU KA 199 -66.52 5.78 -56.96
N HIS KA 200 -66.71 5.35 -58.20
CA HIS KA 200 -67.99 5.44 -58.86
C HIS KA 200 -69.02 4.55 -58.18
N ARG KA 201 -70.29 4.81 -58.47
CA ARG KA 201 -71.34 3.94 -57.98
C ARG KA 201 -71.20 2.53 -58.56
N TYR KA 202 -70.99 2.44 -59.87
CA TYR KA 202 -70.81 1.18 -60.55
C TYR KA 202 -69.33 1.00 -60.83
N ARG KA 203 -68.72 0.02 -60.16
CA ARG KA 203 -67.29 -0.20 -60.25
C ARG KA 203 -66.99 -1.55 -60.88
N GLU LA 1 -78.78 -67.21 5.55
CA GLU LA 1 -78.97 -67.33 7.00
C GLU LA 1 -79.42 -66.01 7.60
N VAL LA 2 -80.40 -66.07 8.50
CA VAL LA 2 -81.03 -64.87 9.07
C VAL LA 2 -80.55 -64.66 10.50
N GLN LA 3 -79.94 -65.70 11.07
CA GLN LA 3 -79.46 -65.62 12.44
C GLN LA 3 -78.08 -64.97 12.49
N VAL LA 4 -77.56 -64.82 13.70
CA VAL LA 4 -76.22 -64.27 13.89
C VAL LA 4 -75.19 -65.39 13.89
N LEU LA 5 -74.10 -65.17 13.17
CA LEU LA 5 -72.99 -66.10 13.12
C LEU LA 5 -72.04 -65.75 14.27
N VAL LA 6 -71.92 -66.66 15.23
CA VAL LA 6 -71.07 -66.46 16.39
C VAL LA 6 -69.81 -67.31 16.23
N LEU LA 7 -68.66 -66.65 16.19
CA LEU LA 7 -67.38 -67.31 15.95
C LEU LA 7 -66.53 -67.22 17.21
N ASP LA 8 -65.90 -68.34 17.56
CA ASP LA 8 -64.92 -68.39 18.63
C ASP LA 8 -63.55 -68.10 18.02
N GLY LA 9 -62.94 -66.98 18.41
CA GLY LA 9 -61.67 -66.59 17.85
C GLY LA 9 -60.47 -67.39 18.28
N ARG LA 10 -60.62 -68.28 19.26
CA ARG LA 10 -59.49 -69.04 19.77
C ARG LA 10 -58.98 -70.01 18.72
N GLY LA 11 -57.66 -70.01 18.50
CA GLY LA 11 -57.03 -70.86 17.52
C GLY LA 11 -57.16 -70.39 16.08
N HIS LA 12 -57.54 -69.14 15.86
CA HIS LA 12 -57.76 -68.61 14.52
C HIS LA 12 -56.66 -67.62 14.18
N LEU LA 13 -56.20 -67.68 12.93
CA LEU LA 13 -55.24 -66.71 12.46
C LEU LA 13 -55.92 -65.38 12.16
N LEU LA 14 -55.31 -64.29 12.60
CA LEU LA 14 -55.98 -62.99 12.61
C LEU LA 14 -56.45 -62.58 11.23
N GLY LA 15 -55.55 -62.60 10.25
CA GLY LA 15 -55.89 -62.07 8.94
C GLY LA 15 -56.79 -62.99 8.14
N ARG LA 16 -56.65 -64.30 8.33
CA ARG LA 16 -57.50 -65.24 7.62
C ARG LA 16 -58.93 -65.18 8.14
N LEU LA 17 -59.09 -65.05 9.46
CA LEU LA 17 -60.43 -64.88 10.03
C LEU LA 17 -61.05 -63.55 9.60
N ALA LA 18 -60.25 -62.49 9.56
CA ALA LA 18 -60.76 -61.19 9.16
C ALA LA 18 -61.28 -61.23 7.72
N ALA LA 19 -60.59 -61.96 6.84
CA ALA LA 19 -61.01 -62.06 5.44
C ALA LA 19 -62.37 -62.74 5.33
N ILE LA 20 -62.56 -63.80 6.10
CA ILE LA 20 -63.86 -64.49 6.12
C ILE LA 20 -64.94 -63.57 6.69
N VAL LA 21 -64.62 -62.88 7.79
CA VAL LA 21 -65.60 -62.03 8.45
C VAL LA 21 -65.95 -60.84 7.57
N ALA LA 22 -64.98 -60.28 6.85
CA ALA LA 22 -65.23 -59.09 6.06
C ALA LA 22 -66.18 -59.36 4.90
N LYS LA 23 -65.97 -60.48 4.18
CA LYS LA 23 -66.87 -60.85 3.10
C LYS LA 23 -68.24 -61.24 3.66
N GLN LA 24 -68.26 -61.95 4.77
CA GLN LA 24 -69.51 -62.40 5.35
C GLN LA 24 -70.38 -61.22 5.76
N VAL LA 25 -69.75 -60.20 6.34
CA VAL LA 25 -70.47 -59.02 6.80
C VAL LA 25 -70.86 -58.10 5.64
N LEU LA 26 -70.15 -58.17 4.52
CA LEU LA 26 -70.51 -57.43 3.32
C LEU LA 26 -71.72 -58.02 2.59
N LEU LA 27 -72.04 -59.29 2.83
CA LEU LA 27 -73.23 -59.91 2.26
C LEU LA 27 -74.40 -59.94 3.23
N GLY LA 28 -74.50 -58.95 4.12
CA GLY LA 28 -75.48 -59.00 5.19
C GLY LA 28 -74.99 -59.86 6.32
N ARG LA 29 -75.90 -60.44 7.10
CA ARG LA 29 -75.58 -61.47 8.10
C ARG LA 29 -74.55 -60.99 9.13
N LYS LA 30 -75.10 -60.28 10.13
CA LYS LA 30 -74.38 -59.94 11.35
C LYS LA 30 -73.45 -61.05 11.82
N VAL LA 31 -72.24 -60.66 12.24
CA VAL LA 31 -71.21 -61.57 12.72
C VAL LA 31 -70.77 -61.13 14.12
N VAL LA 32 -70.69 -62.09 15.04
CA VAL LA 32 -70.14 -61.85 16.36
C VAL LA 32 -68.90 -62.72 16.51
N VAL LA 33 -67.77 -62.10 16.83
CA VAL LA 33 -66.53 -62.79 17.14
C VAL LA 33 -66.27 -62.61 18.62
N VAL LA 34 -66.25 -63.72 19.36
CA VAL LA 34 -65.95 -63.69 20.78
C VAL LA 34 -64.53 -64.18 20.99
N ARG LA 35 -64.00 -63.92 22.19
CA ARG LA 35 -62.69 -64.42 22.61
C ARG LA 35 -61.59 -63.99 21.64
N CYS LA 36 -61.52 -62.69 21.39
CA CYS LA 36 -60.53 -62.17 20.47
C CYS LA 36 -59.10 -62.25 21.01
N GLU LA 37 -58.94 -62.42 22.31
CA GLU LA 37 -57.63 -62.64 22.92
C GLU LA 37 -57.05 -64.01 22.58
N GLY LA 38 -57.88 -64.97 22.20
CA GLY LA 38 -57.44 -66.27 21.75
C GLY LA 38 -56.98 -66.33 20.30
N ILE LA 39 -57.08 -65.23 19.57
CA ILE LA 39 -56.66 -65.21 18.17
C ILE LA 39 -55.15 -65.33 18.10
N ASN LA 40 -54.65 -65.97 17.04
CA ASN LA 40 -53.23 -66.16 16.82
C ASN LA 40 -52.76 -65.39 15.59
N ILE LA 41 -51.49 -65.02 15.59
CA ILE LA 41 -50.84 -64.46 14.41
C ILE LA 41 -49.59 -65.28 14.15
N SER LA 42 -49.38 -65.68 12.89
CA SER LA 42 -48.21 -66.45 12.53
C SER LA 42 -46.95 -65.58 12.68
N GLY LA 43 -45.82 -66.26 12.89
CA GLY LA 43 -44.59 -65.59 13.23
C GLY LA 43 -44.38 -65.52 14.74
N ASN LA 44 -43.11 -65.44 15.13
CA ASN LA 44 -42.80 -65.44 16.54
C ASN LA 44 -43.37 -64.21 17.22
N PHE LA 45 -43.54 -64.31 18.54
CA PHE LA 45 -44.16 -63.23 19.30
C PHE LA 45 -43.38 -61.94 19.17
N TYR LA 46 -42.05 -62.02 19.18
CA TYR LA 46 -41.23 -60.81 19.20
C TYR LA 46 -41.43 -59.99 17.93
N ARG LA 47 -41.42 -60.63 16.76
CA ARG LA 47 -41.57 -59.88 15.52
C ARG LA 47 -42.99 -59.37 15.35
N ASN LA 48 -43.97 -60.03 15.96
CA ASN LA 48 -45.34 -59.51 15.92
C ASN LA 48 -45.50 -58.34 16.88
N LYS LA 49 -44.81 -58.38 18.02
CA LYS LA 49 -44.77 -57.23 18.92
C LYS LA 49 -44.10 -56.04 18.25
N LEU LA 50 -42.98 -56.28 17.55
CA LEU LA 50 -42.33 -55.21 16.80
C LEU LA 50 -43.26 -54.61 15.76
N LYS LA 51 -44.11 -55.44 15.17
CA LYS LA 51 -45.07 -54.97 14.17
C LYS LA 51 -46.05 -53.98 14.80
N TYR LA 52 -46.55 -54.28 16.00
CA TYR LA 52 -47.47 -53.36 16.65
C TYR LA 52 -46.76 -52.10 17.12
N LEU LA 53 -45.52 -52.22 17.59
CA LEU LA 53 -44.80 -51.04 18.04
C LEU LA 53 -44.51 -50.09 16.89
N ALA LA 54 -44.28 -50.64 15.69
CA ALA LA 54 -44.14 -49.80 14.51
C ALA LA 54 -45.45 -49.09 14.20
N PHE LA 55 -46.58 -49.77 14.38
CA PHE LA 55 -47.89 -49.15 14.24
C PHE LA 55 -48.08 -48.04 15.28
N LEU LA 56 -47.66 -48.29 16.52
CA LEU LA 56 -47.76 -47.29 17.58
C LEU LA 56 -46.94 -46.05 17.28
N ARG LA 57 -45.85 -46.20 16.52
CA ARG LA 57 -45.02 -45.06 16.20
C ARG LA 57 -45.70 -44.13 15.19
N LYS LA 58 -46.67 -44.63 14.42
CA LYS LA 58 -47.40 -43.80 13.47
C LYS LA 58 -48.34 -42.87 14.22
N ARG LA 59 -48.13 -41.58 14.09
CA ARG LA 59 -49.02 -40.60 14.70
C ARG LA 59 -48.82 -39.27 14.00
N MET LA 60 -49.90 -38.51 13.86
CA MET LA 60 -49.82 -37.20 13.25
C MET LA 60 -48.85 -36.35 14.06
N ASN LA 61 -47.74 -35.95 13.42
CA ASN LA 61 -46.65 -35.30 14.13
C ASN LA 61 -47.12 -34.01 14.80
N THR LA 62 -47.96 -33.23 14.13
CA THR LA 62 -48.38 -31.93 14.64
C THR LA 62 -49.53 -32.02 15.63
N ASN LA 63 -50.32 -33.09 15.60
CA ASN LA 63 -51.37 -33.29 16.60
C ASN LA 63 -51.72 -34.77 16.72
N PRO LA 64 -51.11 -35.48 17.67
CA PRO LA 64 -51.38 -36.91 17.81
C PRO LA 64 -52.81 -37.23 18.19
N SER LA 65 -53.55 -36.29 18.80
CA SER LA 65 -54.93 -36.57 19.17
C SER LA 65 -55.82 -36.73 17.95
N ARG LA 66 -55.37 -36.24 16.79
CA ARG LA 66 -56.05 -36.50 15.53
C ARG LA 66 -55.52 -37.74 14.83
N GLY LA 67 -54.25 -38.09 15.06
CA GLY LA 67 -53.56 -39.09 14.29
C GLY LA 67 -54.18 -40.46 14.46
N PRO LA 68 -53.49 -41.49 13.96
CA PRO LA 68 -54.05 -42.84 14.02
C PRO LA 68 -54.37 -43.23 15.45
N TYR LA 69 -55.51 -43.86 15.64
CA TYR LA 69 -55.91 -44.34 16.95
C TYR LA 69 -55.44 -45.77 17.08
N HIS LA 70 -54.67 -46.03 18.13
CA HIS LA 70 -54.07 -47.33 18.36
C HIS LA 70 -54.85 -48.01 19.46
N PHE LA 71 -55.78 -48.86 19.05
CA PHE LA 71 -56.58 -49.59 20.03
C PHE LA 71 -55.80 -50.76 20.57
N ARG LA 72 -55.92 -50.97 21.88
CA ARG LA 72 -55.06 -51.90 22.60
C ARG LA 72 -55.74 -53.21 22.94
N ALA LA 73 -57.06 -53.25 23.01
CA ALA LA 73 -57.76 -54.49 23.32
C ALA LA 73 -57.72 -55.44 22.12
N PRO LA 74 -57.62 -56.75 22.37
CA PRO LA 74 -57.65 -57.70 21.26
C PRO LA 74 -58.88 -57.61 20.39
N SER LA 75 -60.06 -57.38 20.98
CA SER LA 75 -61.27 -57.24 20.17
C SER LA 75 -61.16 -56.06 19.22
N ARG LA 76 -60.64 -54.94 19.70
CA ARG LA 76 -60.51 -53.75 18.87
C ARG LA 76 -59.42 -53.92 17.82
N ILE LA 77 -58.38 -54.70 18.12
CA ILE LA 77 -57.34 -54.97 17.13
C ILE LA 77 -57.91 -55.78 15.98
N PHE LA 78 -58.67 -56.84 16.30
CA PHE LA 78 -59.32 -57.62 15.26
C PHE LA 78 -60.33 -56.79 14.49
N TRP LA 79 -61.08 -55.95 15.19
CA TRP LA 79 -62.04 -55.07 14.53
C TRP LA 79 -61.34 -54.17 13.52
N ARG LA 80 -60.17 -53.64 13.88
CA ARG LA 80 -59.43 -52.79 12.96
C ARG LA 80 -58.88 -53.58 11.78
N THR LA 81 -58.46 -54.83 12.00
CA THR LA 81 -58.01 -55.66 10.89
C THR LA 81 -59.12 -55.89 9.89
N VAL LA 82 -60.35 -56.09 10.37
CA VAL LA 82 -61.50 -56.23 9.48
C VAL LA 82 -61.79 -54.90 8.77
N ARG LA 83 -61.66 -53.78 9.50
CA ARG LA 83 -61.90 -52.48 8.88
C ARG LA 83 -60.94 -52.23 7.72
N GLY LA 84 -59.70 -52.66 7.85
CA GLY LA 84 -58.76 -52.55 6.76
C GLY LA 84 -59.10 -53.36 5.54
N MET LA 85 -60.09 -54.23 5.64
CA MET LA 85 -60.49 -55.10 4.54
C MET LA 85 -61.93 -54.83 4.11
N LEU LA 86 -62.47 -53.70 4.49
CA LEU LA 86 -63.80 -53.22 4.15
C LEU LA 86 -63.69 -51.85 3.51
N PRO LA 87 -64.60 -51.49 2.62
CA PRO LA 87 -64.65 -50.11 2.11
C PRO LA 87 -65.32 -49.15 3.10
N HIS LA 88 -64.64 -48.93 4.23
CA HIS LA 88 -65.29 -48.33 5.40
C HIS LA 88 -65.53 -46.83 5.26
N LYS LA 89 -65.03 -46.19 4.22
CA LYS LA 89 -65.36 -44.79 3.95
C LYS LA 89 -66.57 -44.63 3.05
N THR LA 90 -67.21 -45.72 2.66
CA THR LA 90 -68.49 -45.68 1.96
C THR LA 90 -69.61 -46.05 2.93
N LYS LA 91 -70.84 -45.77 2.51
CA LYS LA 91 -72.00 -46.12 3.31
C LYS LA 91 -72.21 -47.63 3.37
N ARG LA 92 -71.87 -48.32 2.28
CA ARG LA 92 -71.98 -49.78 2.28
C ARG LA 92 -71.00 -50.41 3.26
N GLY LA 93 -69.74 -49.97 3.24
CA GLY LA 93 -68.74 -50.54 4.14
C GLY LA 93 -69.02 -50.24 5.59
N GLN LA 94 -69.52 -49.03 5.88
CA GLN LA 94 -69.88 -48.67 7.24
C GLN LA 94 -71.04 -49.52 7.75
N ALA LA 95 -72.05 -49.76 6.91
CA ALA LA 95 -73.15 -50.62 7.30
C ALA LA 95 -72.67 -52.05 7.54
N ALA LA 96 -71.74 -52.52 6.70
CA ALA LA 96 -71.13 -53.84 6.90
C ALA LA 96 -70.35 -53.88 8.22
N LEU LA 97 -69.56 -52.85 8.49
CA LEU LA 97 -68.79 -52.79 9.72
C LEU LA 97 -69.71 -52.79 10.95
N ASP LA 98 -70.91 -52.23 10.80
CA ASP LA 98 -71.85 -52.17 11.91
C ASP LA 98 -72.49 -53.52 12.19
N ARG LA 99 -72.44 -54.46 11.25
CA ARG LA 99 -72.94 -55.80 11.45
C ARG LA 99 -71.94 -56.70 12.17
N LEU LA 100 -70.78 -56.19 12.52
CA LEU LA 100 -69.76 -56.95 13.20
C LEU LA 100 -69.67 -56.52 14.67
N LYS LA 101 -69.70 -57.48 15.57
CA LYS LA 101 -69.47 -57.26 16.99
C LYS LA 101 -68.31 -58.13 17.44
N VAL LA 102 -67.40 -57.55 18.21
CA VAL LA 102 -66.18 -58.21 18.66
C VAL LA 102 -66.12 -58.12 20.17
N PHE LA 103 -65.66 -59.19 20.81
CA PHE LA 103 -65.61 -59.25 22.26
C PHE LA 103 -64.32 -59.91 22.72
N ASP LA 104 -63.79 -59.39 23.83
CA ASP LA 104 -62.78 -60.07 24.61
C ASP LA 104 -63.48 -60.96 25.63
N GLY LA 105 -63.07 -62.21 25.71
CA GLY LA 105 -63.83 -63.16 26.49
C GLY LA 105 -65.12 -63.51 25.77
N ILE LA 106 -65.99 -64.22 26.46
CA ILE LA 106 -67.33 -64.46 25.94
C ILE LA 106 -68.36 -63.85 26.88
N PRO LA 107 -68.88 -62.67 26.55
CA PRO LA 107 -69.83 -61.97 27.44
C PRO LA 107 -71.19 -62.64 27.41
N PRO LA 108 -72.04 -62.36 28.41
CA PRO LA 108 -73.15 -63.25 28.71
C PRO LA 108 -74.44 -62.91 27.98
N PRO LA 109 -74.42 -62.63 26.67
CA PRO LA 109 -75.48 -63.23 25.84
C PRO LA 109 -74.97 -64.41 25.02
N TYR LA 110 -73.64 -64.55 24.92
CA TYR LA 110 -73.04 -65.47 23.98
C TYR LA 110 -72.36 -66.66 24.62
N ASP LA 111 -72.22 -66.69 25.94
CA ASP LA 111 -71.61 -67.84 26.60
C ASP LA 111 -72.57 -69.01 26.67
N LYS LA 112 -73.86 -68.76 26.53
CA LYS LA 112 -74.89 -69.79 26.56
C LYS LA 112 -75.34 -70.21 25.17
N LYS LA 113 -74.61 -69.81 24.14
CA LYS LA 113 -74.91 -70.16 22.76
C LYS LA 113 -73.78 -70.99 22.19
N LYS LA 114 -74.09 -71.81 21.20
CA LYS LA 114 -73.05 -72.58 20.51
C LYS LA 114 -72.24 -71.67 19.59
N ARG LA 115 -70.93 -71.88 19.58
CA ARG LA 115 -70.01 -71.04 18.81
C ARG LA 115 -69.47 -71.83 17.63
N MET LA 116 -69.32 -71.16 16.49
CA MET LA 116 -68.82 -71.80 15.30
C MET LA 116 -67.33 -71.53 15.12
N VAL LA 117 -66.75 -72.28 14.19
CA VAL LA 117 -65.31 -72.24 13.91
C VAL LA 117 -65.14 -72.13 12.40
N VAL LA 118 -64.05 -71.51 11.97
CA VAL LA 118 -63.74 -71.36 10.55
C VAL LA 118 -62.49 -72.18 10.25
N PRO LA 119 -62.62 -73.38 9.69
CA PRO LA 119 -61.42 -74.20 9.43
C PRO LA 119 -60.41 -73.53 8.52
N ALA LA 120 -60.84 -72.76 7.52
CA ALA LA 120 -59.89 -72.11 6.64
C ALA LA 120 -59.04 -71.05 7.34
N ALA LA 121 -59.40 -70.66 8.56
CA ALA LA 121 -58.62 -69.70 9.32
C ALA LA 121 -58.01 -70.30 10.58
N LEU LA 122 -58.16 -71.61 10.79
CA LEU LA 122 -57.63 -72.22 12.01
C LEU LA 122 -56.14 -72.46 11.90
N LYS LA 123 -55.44 -72.17 12.99
CA LYS LA 123 -53.98 -72.32 13.03
C LYS LA 123 -53.56 -73.78 12.86
N VAL LA 124 -54.32 -74.71 13.43
CA VAL LA 124 -53.96 -76.11 13.35
C VAL LA 124 -53.98 -76.61 11.90
N VAL LA 125 -54.76 -75.98 11.03
CA VAL LA 125 -54.81 -76.41 9.63
C VAL LA 125 -53.98 -75.51 8.71
N ARG LA 126 -53.73 -74.27 9.09
CA ARG LA 126 -53.10 -73.31 8.20
C ARG LA 126 -51.60 -73.15 8.45
N LEU LA 127 -51.12 -73.39 9.66
CA LEU LA 127 -49.71 -73.24 9.98
C LEU LA 127 -49.07 -74.62 10.07
N LYS LA 128 -47.83 -74.71 9.61
CA LYS LA 128 -47.05 -75.89 9.89
C LYS LA 128 -46.79 -75.99 11.39
N PRO LA 129 -46.82 -77.19 11.96
CA PRO LA 129 -46.69 -77.32 13.41
C PRO LA 129 -45.36 -76.80 13.97
N THR LA 130 -44.27 -76.81 13.19
CA THR LA 130 -43.01 -76.27 13.67
C THR LA 130 -42.84 -74.80 13.28
N ARG LA 131 -43.87 -73.99 13.48
CA ARG LA 131 -43.80 -72.57 13.17
C ARG LA 131 -44.27 -71.81 14.38
N LYS LA 132 -43.57 -70.73 14.72
CA LYS LA 132 -43.93 -69.94 15.88
C LYS LA 132 -45.13 -69.05 15.57
N PHE LA 133 -45.90 -68.77 16.61
CA PHE LA 133 -47.06 -67.91 16.49
C PHE LA 133 -47.20 -67.09 17.77
N ALA LA 134 -47.90 -65.98 17.66
CA ALA LA 134 -48.16 -65.11 18.79
C ALA LA 134 -49.62 -65.23 19.22
N TYR LA 135 -49.86 -65.07 20.51
CA TYR LA 135 -51.22 -64.90 21.00
C TYR LA 135 -51.58 -63.43 21.00
N LEU LA 136 -52.76 -63.11 20.48
CA LEU LA 136 -53.21 -61.72 20.43
C LEU LA 136 -53.43 -61.16 21.84
N GLY LA 137 -53.83 -62.02 22.78
CA GLY LA 137 -54.00 -61.55 24.14
C GLY LA 137 -52.70 -61.11 24.78
N ARG LA 138 -51.64 -61.89 24.59
CA ARG LA 138 -50.34 -61.49 25.12
C ARG LA 138 -49.81 -60.26 24.43
N LEU LA 139 -49.96 -60.17 23.11
CA LEU LA 139 -49.50 -59.00 22.38
C LEU LA 139 -50.20 -57.73 22.85
N ALA LA 140 -51.52 -57.80 23.02
CA ALA LA 140 -52.27 -56.65 23.49
C ALA LA 140 -51.83 -56.23 24.89
N HIS LA 141 -51.59 -57.20 25.77
CA HIS LA 141 -51.16 -56.90 27.13
C HIS LA 141 -49.82 -56.18 27.16
N GLU LA 142 -48.85 -56.62 26.34
CA GLU LA 142 -47.54 -55.98 26.33
C GLU LA 142 -47.59 -54.62 25.65
N VAL LA 143 -48.74 -54.28 25.05
CA VAL LA 143 -48.85 -53.07 24.27
C VAL LA 143 -49.73 -52.04 24.99
N GLY LA 144 -50.41 -52.43 26.06
CA GLY LA 144 -51.12 -51.45 26.84
C GLY LA 144 -52.53 -51.83 27.23
N TRP LA 145 -52.98 -53.00 26.76
CA TRP LA 145 -54.27 -53.52 27.18
C TRP LA 145 -54.24 -53.82 28.67
N LYS LA 146 -55.28 -53.36 29.39
CA LYS LA 146 -55.27 -53.38 30.83
C LYS LA 146 -56.10 -54.51 31.42
N TYR LA 147 -56.82 -55.28 30.61
CA TYR LA 147 -57.84 -56.16 31.12
C TYR LA 147 -57.56 -57.61 30.79
N GLN LA 148 -56.30 -57.97 30.62
CA GLN LA 148 -55.98 -59.39 30.44
C GLN LA 148 -56.31 -60.20 31.68
N ALA LA 149 -55.89 -59.73 32.85
CA ALA LA 149 -56.06 -60.50 34.08
C ALA LA 149 -57.54 -60.66 34.45
N VAL LA 150 -58.32 -59.59 34.32
CA VAL LA 150 -59.73 -59.68 34.68
C VAL LA 150 -60.49 -60.54 33.67
N THR LA 151 -60.12 -60.45 32.39
CA THR LA 151 -60.75 -61.29 31.37
C THR LA 151 -60.41 -62.76 31.58
N ALA LA 152 -59.17 -63.06 31.97
CA ALA LA 152 -58.80 -64.43 32.29
C ALA LA 152 -59.56 -64.93 33.52
N THR LA 153 -59.73 -64.07 34.52
CA THR LA 153 -60.48 -64.46 35.71
C THR LA 153 -61.94 -64.77 35.36
N LEU LA 154 -62.56 -63.94 34.54
CA LEU LA 154 -63.96 -64.16 34.16
C LEU LA 154 -64.09 -65.36 33.24
N GLU LA 155 -63.12 -65.56 32.37
CA GLU LA 155 -63.14 -66.72 31.47
C GLU LA 155 -63.02 -68.02 32.25
N GLU LA 156 -62.18 -68.04 33.29
CA GLU LA 156 -62.06 -69.21 34.13
C GLU LA 156 -63.37 -69.51 34.86
N LYS LA 157 -64.05 -68.46 35.33
CA LYS LA 157 -65.35 -68.64 35.98
C LYS LA 157 -66.39 -69.13 34.99
N ARG LA 158 -66.36 -68.61 33.76
CA ARG LA 158 -67.29 -69.07 32.73
C ARG LA 158 -67.08 -70.54 32.39
N LYS LA 159 -65.83 -70.99 32.34
CA LYS LA 159 -65.57 -72.38 32.00
C LYS LA 159 -66.00 -73.32 33.12
N GLU LA 160 -66.02 -72.84 34.36
CA GLU LA 160 -66.54 -73.66 35.46
C GLU LA 160 -68.03 -73.90 35.30
N LYS LA 161 -68.78 -72.84 34.97
CA LYS LA 161 -70.20 -72.99 34.74
C LYS LA 161 -70.49 -73.85 33.52
N ALA LA 162 -69.71 -73.67 32.46
CA ALA LA 162 -69.89 -74.46 31.24
C ALA LA 162 -69.60 -75.93 31.50
N LYS LA 163 -68.65 -76.23 32.38
CA LYS LA 163 -68.36 -77.61 32.76
C LYS LA 163 -69.55 -78.26 33.45
N ILE LA 164 -70.24 -77.51 34.32
CA ILE LA 164 -71.42 -78.04 34.99
C ILE LA 164 -72.53 -78.33 33.99
N HIS LA 165 -72.71 -77.42 33.02
CA HIS LA 165 -73.72 -77.62 32.00
C HIS LA 165 -73.41 -78.85 31.16
N TYR LA 166 -72.13 -79.10 30.88
CA TYR LA 166 -71.74 -80.24 30.08
C TYR LA 166 -71.97 -81.55 30.83
N ARG LA 167 -71.80 -81.52 32.16
CA ARG LA 167 -72.05 -82.73 32.94
C ARG LA 167 -73.54 -83.05 32.99
N LYS LA 168 -74.39 -82.00 32.98
CA LYS LA 168 -75.82 -82.22 32.94
C LYS LA 168 -76.26 -82.70 31.56
N LYS LA 169 -75.62 -82.17 30.51
CA LYS LA 169 -75.92 -82.63 29.16
C LYS LA 169 -75.54 -84.09 28.98
N LYS LA 170 -74.40 -84.50 29.52
CA LYS LA 170 -73.97 -85.89 29.40
C LYS LA 170 -74.85 -86.82 30.23
N GLN LA 171 -75.33 -86.36 31.38
CA GLN LA 171 -76.29 -87.14 32.16
C GLN LA 171 -77.58 -87.32 31.37
N LEU LA 172 -78.02 -86.27 30.68
CA LEU LA 172 -79.22 -86.34 29.86
C LEU LA 172 -79.05 -87.34 28.72
N MET LA 173 -77.87 -87.36 28.10
CA MET LA 173 -77.61 -88.28 27.00
C MET LA 173 -77.59 -89.72 27.49
N ARG LA 174 -77.01 -89.97 28.66
CA ARG LA 174 -76.99 -91.31 29.22
C ARG LA 174 -78.41 -91.81 29.53
N LEU LA 175 -79.27 -90.92 30.03
CA LEU LA 175 -80.66 -91.28 30.25
C LEU LA 175 -81.38 -91.56 28.96
N ARG LA 176 -81.16 -90.73 27.93
CA ARG LA 176 -81.80 -90.95 26.64
C ARG LA 176 -81.35 -92.27 26.01
N LYS LA 177 -80.06 -92.60 26.15
CA LYS LA 177 -79.58 -93.89 25.65
C LYS LA 177 -80.20 -95.05 26.41
N GLN LA 178 -80.33 -94.92 27.73
CA GLN LA 178 -81.01 -95.95 28.50
C GLN LA 178 -82.48 -96.05 28.13
N ALA LA 179 -83.12 -94.90 27.88
CA ALA LA 179 -84.52 -94.89 27.48
C ALA LA 179 -84.72 -95.61 26.15
N GLU LA 180 -83.80 -95.38 25.20
CA GLU LA 180 -83.88 -96.07 23.91
C GLU LA 180 -83.75 -97.58 24.08
N LYS LA 181 -82.84 -98.03 24.94
CA LYS LA 181 -82.70 -99.44 25.24
C LYS LA 181 -83.90 -99.98 26.00
N ASN LA 182 -84.70 -99.11 26.59
CA ASN LA 182 -85.79 -99.54 27.47
C ASN LA 182 -87.06 -99.77 26.69
N VAL LA 183 -87.44 -98.81 25.85
CA VAL LA 183 -88.53 -99.00 24.92
C VAL LA 183 -87.94 -99.21 23.52
N GLU LA 184 -87.63 -100.47 23.20
CA GLU LA 184 -87.08 -100.80 21.90
C GLU LA 184 -87.94 -101.76 21.12
N LYS LA 185 -88.92 -102.39 21.75
CA LYS LA 185 -89.88 -103.21 21.00
C LYS LA 185 -91.02 -102.36 20.47
N LYS LA 186 -91.33 -101.25 21.14
CA LYS LA 186 -92.32 -100.31 20.64
C LYS LA 186 -91.70 -99.22 19.77
N ILE LA 187 -90.40 -99.31 19.55
CA ILE LA 187 -89.68 -98.33 18.75
C ILE LA 187 -89.05 -98.93 17.50
N ASP LA 188 -88.93 -100.26 17.43
CA ASP LA 188 -88.17 -100.89 16.35
C ASP LA 188 -88.77 -100.62 14.97
N LYS LA 189 -90.09 -100.53 14.86
CA LYS LA 189 -90.70 -100.23 13.58
C LYS LA 189 -90.35 -98.82 13.10
N TYR LA 190 -90.27 -97.85 14.00
CA TYR LA 190 -89.82 -96.51 13.67
C TYR LA 190 -88.31 -96.41 13.51
N THR LA 191 -87.57 -97.19 14.29
CA THR LA 191 -86.12 -97.26 14.08
C THR LA 191 -85.80 -97.87 12.73
N GLU LA 192 -86.58 -98.87 12.31
CA GLU LA 192 -86.29 -99.56 11.06
C GLU LA 192 -86.55 -98.66 9.85
N VAL LA 193 -87.57 -97.81 9.92
CA VAL LA 193 -87.77 -96.83 8.85
C VAL LA 193 -86.58 -95.90 8.75
N LEU LA 194 -86.13 -95.40 9.90
CA LEU LA 194 -85.00 -94.47 9.91
C LEU LA 194 -83.72 -95.15 9.44
N LYS LA 195 -83.59 -96.46 9.69
CA LYS LA 195 -82.40 -97.19 9.30
C LYS LA 195 -82.33 -97.39 7.78
N THR LA 196 -83.44 -97.72 7.14
CA THR LA 196 -83.38 -97.97 5.70
C THR LA 196 -83.17 -96.70 4.89
N HIS LA 197 -83.25 -95.51 5.50
CA HIS LA 197 -83.10 -94.27 4.76
C HIS LA 197 -81.89 -93.46 5.20
N GLY LA 198 -80.94 -94.07 5.91
CA GLY LA 198 -79.67 -93.43 6.12
C GLY LA 198 -79.47 -92.74 7.45
N LEU LA 199 -80.56 -92.41 8.12
CA LEU LA 199 -80.46 -92.04 9.53
C LEU LA 199 -80.20 -93.30 10.34
N LEU LA 200 -79.56 -93.15 11.49
CA LEU LA 200 -79.33 -94.28 12.40
C LEU LA 200 -78.64 -95.44 11.68
N VAL LA 201 -77.37 -95.20 11.35
CA VAL LA 201 -76.53 -96.29 10.86
C VAL LA 201 -76.46 -97.40 11.90
N VAL MA 1 -102.55 -3.66 -0.07
CA VAL MA 1 -101.39 -4.02 -0.86
C VAL MA 1 -101.10 -5.51 -0.70
N ARG MA 2 -100.21 -6.04 -1.52
CA ARG MA 2 -99.91 -7.47 -1.51
C ARG MA 2 -98.80 -7.77 -0.51
N TYR MA 3 -99.12 -8.53 0.51
CA TYR MA 3 -98.10 -9.14 1.35
C TYR MA 3 -97.74 -10.49 0.75
N SER MA 4 -96.53 -10.94 1.03
CA SER MA 4 -96.24 -12.34 0.87
C SER MA 4 -97.03 -13.09 1.93
N LEU MA 5 -97.51 -14.29 1.61
CA LEU MA 5 -98.21 -15.15 2.58
C LEU MA 5 -99.49 -14.48 3.10
N ASP MA 6 -100.50 -14.40 2.23
CA ASP MA 6 -101.80 -13.91 2.67
C ASP MA 6 -102.41 -14.82 3.73
N PRO MA 7 -103.20 -14.27 4.65
CA PRO MA 7 -103.79 -15.09 5.71
C PRO MA 7 -104.84 -16.05 5.19
N GLU MA 8 -104.95 -17.20 5.86
CA GLU MA 8 -105.89 -18.23 5.44
C GLU MA 8 -107.33 -17.76 5.59
N ASN MA 9 -107.65 -17.09 6.69
CA ASN MA 9 -108.92 -16.39 6.85
C ASN MA 9 -108.63 -14.92 7.11
N PRO MA 10 -108.77 -14.06 6.12
CA PRO MA 10 -108.47 -12.64 6.34
C PRO MA 10 -109.63 -11.86 6.94
N THR MA 11 -110.32 -12.46 7.91
CA THR MA 11 -111.29 -11.75 8.72
C THR MA 11 -110.98 -11.82 10.20
N LYS MA 12 -110.20 -12.80 10.63
CA LYS MA 12 -109.63 -12.85 11.97
C LYS MA 12 -108.17 -12.44 11.93
N SER MA 13 -107.79 -11.65 10.93
CA SER MA 13 -106.41 -11.26 10.73
C SER MA 13 -106.30 -9.75 10.58
N CYS MA 14 -105.11 -9.22 10.87
CA CYS MA 14 -104.79 -7.82 10.68
C CYS MA 14 -103.34 -7.69 10.22
N LYS MA 15 -103.07 -6.62 9.47
CA LYS MA 15 -101.78 -6.44 8.82
C LYS MA 15 -101.18 -5.10 9.18
N SER MA 16 -99.85 -5.06 9.16
CA SER MA 16 -99.09 -3.84 9.34
C SER MA 16 -97.80 -3.98 8.54
N ARG MA 17 -97.31 -2.87 8.01
CA ARG MA 17 -96.07 -2.90 7.26
C ARG MA 17 -95.40 -1.54 7.31
N GLY MA 18 -94.13 -1.53 6.97
CA GLY MA 18 -93.36 -0.30 6.90
C GLY MA 18 -92.29 -0.42 5.85
N SER MA 19 -91.99 0.69 5.19
CA SER MA 19 -91.07 0.70 4.07
C SER MA 19 -89.93 1.66 4.36
N ASN MA 20 -88.73 1.28 3.91
CA ASN MA 20 -87.54 2.12 4.00
C ASN MA 20 -87.30 2.56 5.45
N LEU MA 21 -87.45 1.62 6.36
CA LEU MA 21 -87.24 1.90 7.78
C LEU MA 21 -85.76 1.87 8.11
N ARG MA 22 -85.27 2.94 8.71
CA ARG MA 22 -83.84 3.09 9.00
C ARG MA 22 -83.45 2.32 10.26
N VAL MA 23 -83.54 1.00 10.13
CA VAL MA 23 -83.00 0.05 11.10
C VAL MA 23 -82.11 -0.91 10.33
N HIS MA 24 -81.15 -1.50 11.02
CA HIS MA 24 -80.28 -2.49 10.41
C HIS MA 24 -81.09 -3.72 10.03
N PHE MA 25 -80.96 -4.15 8.79
CA PHE MA 25 -81.70 -5.31 8.31
C PHE MA 25 -81.30 -6.57 9.06
N LYS MA 26 -80.00 -6.77 9.27
CA LYS MA 26 -79.52 -8.00 9.92
C LYS MA 26 -80.00 -8.07 11.37
N ASN MA 27 -79.94 -6.96 12.08
CA ASN MA 27 -80.48 -6.93 13.44
C ASN MA 27 -81.97 -7.16 13.46
N THR MA 28 -82.68 -6.58 12.49
CA THR MA 28 -84.15 -6.64 12.49
C THR MA 28 -84.65 -8.01 12.06
N ARG MA 29 -83.94 -8.66 11.14
CA ARG MA 29 -84.30 -10.03 10.77
C ARG MA 29 -84.22 -10.96 11.97
N GLU MA 30 -83.15 -10.85 12.76
CA GLU MA 30 -82.97 -11.73 13.90
C GLU MA 30 -84.07 -11.54 14.94
N THR MA 31 -84.43 -10.28 15.23
CA THR MA 31 -85.43 -10.03 16.27
C THR MA 31 -86.83 -10.35 15.78
N ALA MA 32 -87.10 -10.16 14.48
CA ALA MA 32 -88.38 -10.57 13.93
C ALA MA 32 -88.54 -12.08 13.96
N GLN MA 33 -87.44 -12.80 13.73
CA GLN MA 33 -87.47 -14.25 13.81
C GLN MA 33 -87.81 -14.73 15.22
N ALA MA 34 -87.29 -14.04 16.24
CA ALA MA 34 -87.58 -14.42 17.61
C ALA MA 34 -89.02 -14.13 17.98
N ILE MA 35 -89.62 -13.12 17.35
CA ILE MA 35 -90.96 -12.69 17.72
C ILE MA 35 -92.01 -13.53 17.00
N LYS MA 36 -91.60 -14.28 15.98
CA LYS MA 36 -92.55 -14.98 15.13
C LYS MA 36 -93.22 -16.11 15.88
N GLY MA 37 -94.55 -16.13 15.82
CA GLY MA 37 -95.35 -17.10 16.53
C GLY MA 37 -95.82 -16.68 17.89
N MET MA 38 -95.31 -15.57 18.42
CA MET MA 38 -95.66 -15.11 19.75
C MET MA 38 -97.07 -14.56 19.79
N HIS MA 39 -97.71 -14.71 20.94
CA HIS MA 39 -98.92 -13.94 21.23
C HIS MA 39 -98.55 -12.47 21.33
N ILE MA 40 -99.52 -11.60 21.01
CA ILE MA 40 -99.25 -10.17 20.90
C ILE MA 40 -98.72 -9.61 22.22
N ARG MA 41 -99.28 -10.07 23.35
CA ARG MA 41 -98.84 -9.58 24.64
C ARG MA 41 -97.46 -10.12 25.00
N LYS MA 42 -97.19 -11.38 24.67
CA LYS MA 42 -95.88 -11.94 24.92
C LYS MA 42 -94.82 -11.24 24.08
N ALA MA 43 -95.14 -10.94 22.83
CA ALA MA 43 -94.19 -10.25 21.97
C ALA MA 43 -93.89 -8.85 22.50
N THR MA 44 -94.90 -8.14 23.01
CA THR MA 44 -94.69 -6.80 23.52
C THR MA 44 -93.82 -6.82 24.78
N LYS MA 45 -94.09 -7.74 25.70
CA LYS MA 45 -93.27 -7.87 26.89
C LYS MA 45 -91.84 -8.27 26.52
N TYR MA 46 -91.70 -9.17 25.56
CA TYR MA 46 -90.37 -9.62 25.15
C TYR MA 46 -89.57 -8.48 24.52
N LEU MA 47 -90.21 -7.69 23.67
CA LEU MA 47 -89.49 -6.61 22.99
C LEU MA 47 -89.11 -5.50 23.97
N LYS MA 48 -89.94 -5.26 24.98
CA LYS MA 48 -89.57 -4.30 26.02
C LYS MA 48 -88.43 -4.83 26.86
N ASP MA 49 -88.39 -6.14 27.08
CA ASP MA 49 -87.30 -6.76 27.82
C ASP MA 49 -86.00 -6.73 27.04
N VAL MA 50 -86.08 -6.81 25.71
CA VAL MA 50 -84.88 -6.67 24.89
C VAL MA 50 -84.31 -5.27 25.03
N THR MA 51 -85.18 -4.26 25.06
CA THR MA 51 -84.74 -2.88 25.27
C THR MA 51 -84.08 -2.74 26.64
N LEU MA 52 -84.58 -3.45 27.64
CA LEU MA 52 -84.04 -3.39 28.98
C LEU MA 52 -82.87 -4.35 29.19
N GLN MA 53 -82.54 -5.14 28.18
CA GLN MA 53 -81.47 -6.14 28.24
C GLN MA 53 -81.77 -7.21 29.29
N LYS MA 54 -83.06 -7.56 29.41
CA LYS MA 54 -83.51 -8.60 30.32
C LYS MA 54 -83.73 -9.93 29.61
N GLN MA 55 -84.12 -9.89 28.35
CA GLN MA 55 -84.05 -11.04 27.46
C GLN MA 55 -83.38 -10.59 26.18
N CYS MA 56 -82.75 -11.55 25.50
CA CYS MA 56 -81.97 -11.27 24.31
C CYS MA 56 -82.67 -11.85 23.08
N VAL MA 57 -82.29 -11.36 21.91
CA VAL MA 57 -82.69 -12.03 20.69
C VAL MA 57 -81.51 -12.88 20.23
N PRO MA 58 -81.72 -14.16 19.92
CA PRO MA 58 -80.63 -15.00 19.43
C PRO MA 58 -80.25 -14.62 18.01
N PHE MA 59 -78.96 -14.47 17.77
CA PHE MA 59 -78.44 -14.16 16.43
C PHE MA 59 -78.00 -15.48 15.81
N ARG MA 60 -78.82 -16.01 14.92
CA ARG MA 60 -78.61 -17.35 14.40
C ARG MA 60 -77.95 -17.36 13.03
N ARG MA 61 -78.29 -16.43 12.15
CA ARG MA 61 -77.72 -16.38 10.80
C ARG MA 61 -76.68 -15.27 10.65
N TYR MA 62 -76.99 -14.07 11.12
CA TYR MA 62 -76.07 -12.94 11.02
C TYR MA 62 -75.32 -12.78 12.34
N ASN MA 63 -74.47 -13.76 12.60
CA ASN MA 63 -73.86 -13.96 13.91
C ASN MA 63 -72.34 -13.79 13.88
N GLY MA 64 -71.78 -13.38 12.75
CA GLY MA 64 -70.34 -13.25 12.63
C GLY MA 64 -69.76 -12.20 13.55
N GLY MA 65 -69.05 -12.63 14.58
CA GLY MA 65 -68.50 -11.73 15.56
C GLY MA 65 -69.45 -11.32 16.66
N VAL MA 66 -70.67 -11.87 16.69
CA VAL MA 66 -71.62 -11.52 17.76
C VAL MA 66 -71.23 -12.27 19.03
N GLY MA 67 -71.32 -11.57 20.16
CA GLY MA 67 -70.83 -12.11 21.41
C GLY MA 67 -71.75 -13.17 21.99
N ARG MA 68 -71.25 -13.82 23.03
CA ARG MA 68 -72.03 -14.80 23.76
C ARG MA 68 -72.64 -14.15 25.00
N CYS MA 69 -73.82 -14.64 25.39
CA CYS MA 69 -74.45 -14.15 26.60
C CYS MA 69 -75.19 -15.29 27.28
N ALA MA 70 -75.35 -15.14 28.59
CA ALA MA 70 -76.11 -16.11 29.37
C ALA MA 70 -77.56 -16.19 28.92
N GLN MA 71 -78.16 -15.06 28.53
CA GLN MA 71 -79.55 -15.05 28.12
C GLN MA 71 -79.82 -15.78 26.81
N ALA MA 72 -78.80 -16.04 26.01
CA ALA MA 72 -78.97 -16.75 24.74
C ALA MA 72 -79.37 -18.20 24.93
N LYS MA 73 -79.21 -18.75 26.14
CA LYS MA 73 -79.49 -20.14 26.44
C LYS MA 73 -80.97 -20.48 26.58
N GLN MA 74 -81.84 -19.48 26.78
CA GLN MA 74 -83.27 -19.75 26.72
C GLN MA 74 -83.65 -20.29 25.36
N TRP MA 75 -83.24 -19.60 24.30
CA TRP MA 75 -83.15 -20.21 22.99
C TRP MA 75 -81.99 -21.21 23.02
N GLY MA 76 -82.01 -22.22 22.17
CA GLY MA 76 -80.87 -23.11 22.32
C GLY MA 76 -79.73 -22.60 21.47
N TRP MA 77 -78.89 -21.76 22.07
CA TRP MA 77 -77.97 -20.94 21.29
C TRP MA 77 -76.96 -20.27 22.19
N THR MA 78 -75.90 -19.75 21.62
CA THR MA 78 -74.86 -19.11 22.42
C THR MA 78 -74.71 -17.63 22.15
N GLN MA 79 -75.04 -17.17 20.94
CA GLN MA 79 -74.84 -15.77 20.57
C GLN MA 79 -76.17 -15.03 20.60
N GLY MA 80 -76.20 -13.94 21.34
CA GLY MA 80 -77.39 -13.12 21.42
C GLY MA 80 -77.02 -11.68 21.69
N ARG MA 81 -77.88 -10.78 21.24
CA ARG MA 81 -77.67 -9.35 21.45
C ARG MA 81 -79.00 -8.74 21.87
N TRP MA 82 -78.99 -7.42 22.03
CA TRP MA 82 -80.15 -6.67 22.49
C TRP MA 82 -80.38 -5.49 21.54
N PRO MA 83 -80.77 -5.75 20.29
CA PRO MA 83 -80.87 -4.64 19.33
C PRO MA 83 -82.00 -3.69 19.68
N LYS MA 84 -81.63 -2.55 20.26
CA LYS MA 84 -82.63 -1.66 20.84
C LYS MA 84 -83.47 -1.01 19.74
N LYS MA 85 -82.83 -0.52 18.69
CA LYS MA 85 -83.55 0.13 17.60
C LYS MA 85 -84.46 -0.84 16.87
N SER MA 86 -84.01 -2.09 16.69
CA SER MA 86 -84.83 -3.11 16.05
C SER MA 86 -86.08 -3.41 16.88
N ALA MA 87 -85.93 -3.51 18.20
CA ALA MA 87 -87.07 -3.80 19.06
C ALA MA 87 -88.07 -2.65 19.08
N GLU MA 88 -87.56 -1.41 19.11
CA GLU MA 88 -88.44 -0.24 19.11
C GLU MA 88 -89.23 -0.11 17.81
N PHE MA 89 -88.58 -0.38 16.67
CA PHE MA 89 -89.28 -0.31 15.39
C PHE MA 89 -90.34 -1.39 15.30
N LEU MA 90 -90.06 -2.58 15.85
CA LEU MA 90 -91.03 -3.66 15.84
C LEU MA 90 -92.16 -3.40 16.83
N LEU MA 91 -91.85 -2.78 17.96
CA LEU MA 91 -92.90 -2.42 18.92
C LEU MA 91 -93.84 -1.39 18.34
N HIS MA 92 -93.30 -0.42 17.59
CA HIS MA 92 -94.14 0.57 16.94
C HIS MA 92 -95.06 -0.08 15.93
N MET MA 93 -94.55 -1.05 15.17
CA MET MA 93 -95.36 -1.71 14.16
C MET MA 93 -96.36 -2.67 14.80
N LEU MA 94 -96.02 -3.24 15.94
CA LEU MA 94 -96.99 -4.05 16.69
C LEU MA 94 -98.12 -3.19 17.22
N LYS MA 95 -97.81 -1.96 17.63
CA LYS MA 95 -98.86 -1.02 18.04
C LYS MA 95 -99.77 -0.67 16.87
N ASN MA 96 -99.19 -0.46 15.69
CA ASN MA 96 -100.00 -0.16 14.51
C ASN MA 96 -100.91 -1.33 14.15
N ALA MA 97 -100.37 -2.55 14.16
CA ALA MA 97 -101.18 -3.72 13.87
C ALA MA 97 -102.29 -3.90 14.89
N GLU MA 98 -101.99 -3.60 16.16
CA GLU MA 98 -103.00 -3.70 17.20
C GLU MA 98 -104.12 -2.69 16.99
N SER MA 99 -103.78 -1.49 16.54
CA SER MA 99 -104.80 -0.49 16.21
C SER MA 99 -105.62 -0.92 15.00
N ASN MA 100 -104.98 -1.61 14.05
CA ASN MA 100 -105.71 -2.10 12.89
C ASN MA 100 -106.68 -3.20 13.28
N ALA MA 101 -106.31 -4.01 14.27
CA ALA MA 101 -107.21 -5.05 14.75
C ALA MA 101 -108.42 -4.46 15.45
N GLU MA 102 -108.21 -3.39 16.24
CA GLU MA 102 -109.34 -2.71 16.87
C GLU MA 102 -110.24 -2.06 15.82
N LEU MA 103 -109.65 -1.59 14.72
CA LEU MA 103 -110.42 -0.92 13.68
C LEU MA 103 -111.39 -1.88 13.01
N LYS MA 104 -110.95 -3.10 12.68
CA LYS MA 104 -111.84 -4.10 12.11
C LYS MA 104 -112.40 -5.04 13.15
N GLY MA 105 -112.43 -4.61 14.41
CA GLY MA 105 -113.21 -5.24 15.47
C GLY MA 105 -112.92 -6.69 15.78
N LEU MA 106 -111.65 -7.07 15.81
CA LEU MA 106 -111.30 -8.43 16.22
C LEU MA 106 -110.50 -8.31 17.52
N ASP MA 107 -110.67 -9.29 18.42
CA ASP MA 107 -110.21 -9.10 19.78
C ASP MA 107 -108.69 -9.23 19.88
N VAL MA 108 -108.07 -8.19 20.43
CA VAL MA 108 -106.62 -8.04 20.45
C VAL MA 108 -105.95 -9.08 21.34
N ASP MA 109 -106.55 -9.42 22.47
CA ASP MA 109 -105.91 -10.30 23.44
C ASP MA 109 -105.78 -11.73 22.96
N SER MA 110 -106.16 -12.06 21.73
CA SER MA 110 -105.97 -13.40 21.20
C SER MA 110 -105.07 -13.39 19.97
N LEU MA 111 -104.53 -12.23 19.60
CA LEU MA 111 -103.75 -12.07 18.38
C LEU MA 111 -102.41 -12.75 18.52
N VAL MA 112 -101.99 -13.42 17.45
CA VAL MA 112 -100.71 -14.12 17.39
C VAL MA 112 -100.01 -13.70 16.10
N ILE MA 113 -98.69 -13.51 16.20
CA ILE MA 113 -97.88 -13.14 15.05
C ILE MA 113 -97.74 -14.40 14.20
N GLU MA 114 -98.58 -14.51 13.16
CA GLU MA 114 -98.52 -15.68 12.29
C GLU MA 114 -97.52 -15.50 11.16
N HIS MA 115 -97.22 -14.27 10.77
CA HIS MA 115 -96.29 -14.01 9.67
C HIS MA 115 -95.56 -12.72 9.95
N ILE MA 116 -94.25 -12.74 9.80
CA ILE MA 116 -93.45 -11.54 9.86
C ILE MA 116 -92.24 -11.76 8.96
N GLN MA 117 -91.86 -10.73 8.23
CA GLN MA 117 -90.70 -10.85 7.35
C GLN MA 117 -90.04 -9.50 7.19
N VAL MA 118 -88.72 -9.53 7.12
CA VAL MA 118 -87.89 -8.36 6.96
C VAL MA 118 -87.24 -8.46 5.60
N ASN MA 119 -87.42 -7.44 4.78
CA ASN MA 119 -86.82 -7.39 3.45
C ASN MA 119 -85.82 -6.25 3.40
N LYS MA 120 -84.78 -6.43 2.59
CA LYS MA 120 -83.80 -5.37 2.41
C LYS MA 120 -84.38 -4.25 1.55
N ALA MA 121 -84.32 -3.03 2.07
CA ALA MA 121 -84.74 -1.84 1.35
C ALA MA 121 -83.58 -1.30 0.53
N PRO MA 122 -83.84 -0.40 -0.42
CA PRO MA 122 -82.74 0.22 -1.16
C PRO MA 122 -81.77 0.92 -0.22
N LYS MA 123 -80.49 0.70 -0.45
CA LYS MA 123 -79.45 1.24 0.40
C LYS MA 123 -79.26 2.73 0.17
N MET MA 124 -78.95 3.45 1.24
CA MET MA 124 -78.66 4.87 1.17
C MET MA 124 -77.16 5.10 1.29
N ARG MA 125 -76.68 6.12 0.58
CA ARG MA 125 -75.26 6.29 0.34
C ARG MA 125 -74.68 7.45 1.15
N ARG MA 126 -73.61 7.17 1.88
CA ARG MA 126 -72.76 8.20 2.46
C ARG MA 126 -71.32 7.86 2.13
N ARG MA 127 -70.41 8.67 2.63
CA ARG MA 127 -69.00 8.55 2.29
C ARG MA 127 -68.16 8.43 3.55
N THR MA 128 -67.03 7.74 3.43
CA THR MA 128 -66.01 7.72 4.45
C THR MA 128 -64.66 7.93 3.77
N TYR MA 129 -63.73 8.56 4.48
CA TYR MA 129 -62.46 8.96 3.91
C TYR MA 129 -61.35 8.04 4.42
N ARG MA 130 -60.57 7.51 3.51
CA ARG MA 130 -59.56 6.51 3.80
C ARG MA 130 -58.16 7.10 3.68
N ALA MA 131 -57.16 6.25 3.86
CA ALA MA 131 -55.81 6.71 4.22
C ALA MA 131 -55.16 7.54 3.12
N HIS MA 132 -55.00 6.97 1.93
CA HIS MA 132 -54.19 7.64 0.90
C HIS MA 132 -55.06 8.35 -0.14
N GLY MA 133 -55.82 9.32 0.35
CA GLY MA 133 -56.71 10.09 -0.52
C GLY MA 133 -57.80 9.27 -1.16
N ARG MA 134 -58.32 8.27 -0.45
CA ARG MA 134 -59.32 7.36 -0.99
C ARG MA 134 -60.68 7.62 -0.34
N ILE MA 135 -61.72 7.29 -1.09
CA ILE MA 135 -63.10 7.45 -0.67
C ILE MA 135 -63.75 6.07 -0.67
N ASN MA 136 -64.45 5.73 0.40
CA ASN MA 136 -65.10 4.44 0.48
C ASN MA 136 -66.58 4.62 0.76
N PRO MA 137 -67.41 3.65 0.40
CA PRO MA 137 -68.83 3.71 0.74
C PRO MA 137 -69.06 3.62 2.25
N TYR MA 138 -70.15 4.24 2.68
CA TYR MA 138 -70.63 4.25 4.06
C TYR MA 138 -72.15 4.01 4.08
N MET MA 139 -72.58 2.92 3.46
CA MET MA 139 -74.00 2.71 3.18
C MET MA 139 -74.80 2.32 4.42
N SER MA 140 -76.09 2.67 4.40
CA SER MA 140 -77.07 2.14 5.32
C SER MA 140 -77.69 0.87 4.72
N SER MA 141 -78.32 0.08 5.59
CA SER MA 141 -79.04 -1.12 5.17
C SER MA 141 -80.45 -1.10 5.77
N PRO MA 142 -81.33 -0.24 5.25
CA PRO MA 142 -82.69 -0.17 5.79
C PRO MA 142 -83.50 -1.40 5.39
N CYS MA 143 -84.73 -1.45 5.86
CA CYS MA 143 -85.53 -2.64 5.63
C CYS MA 143 -87.00 -2.33 5.44
N HIS MA 144 -87.67 -3.18 4.67
CA HIS MA 144 -89.11 -3.28 4.68
C HIS MA 144 -89.52 -4.37 5.66
N ILE MA 145 -90.56 -4.10 6.45
CA ILE MA 145 -91.09 -5.06 7.40
C ILE MA 145 -92.58 -5.16 7.17
N GLU MA 146 -93.09 -6.39 7.13
CA GLU MA 146 -94.52 -6.63 7.08
C GLU MA 146 -94.86 -7.70 8.11
N MET MA 147 -96.08 -7.66 8.60
CA MET MA 147 -96.52 -8.69 9.52
C MET MA 147 -98.02 -8.90 9.39
N ILE MA 148 -98.46 -10.10 9.78
CA ILE MA 148 -99.86 -10.45 9.85
C ILE MA 148 -100.14 -11.08 11.21
N LEU MA 149 -101.13 -10.55 11.90
CA LEU MA 149 -101.58 -11.08 13.18
C LEU MA 149 -102.92 -11.79 12.99
N THR MA 150 -103.05 -12.95 13.63
CA THR MA 150 -104.28 -13.74 13.55
C THR MA 150 -104.72 -14.10 14.95
N GLU MA 151 -106.02 -14.36 15.11
CA GLU MA 151 -106.55 -14.90 16.36
C GLU MA 151 -106.22 -16.38 16.49
N LYS MA 152 -105.66 -16.75 17.63
CA LYS MA 152 -105.42 -18.15 17.98
C LYS MA 152 -105.57 -18.31 19.49
N GLU MA 153 -106.51 -19.15 19.91
CA GLU MA 153 -106.67 -19.49 21.31
C GLU MA 153 -107.42 -20.81 21.46
N GLY NA 1 -60.47 -52.75 -34.28
CA GLY NA 1 -59.75 -51.91 -35.20
C GLY NA 1 -59.41 -52.59 -36.52
N VAL NA 2 -59.41 -51.83 -37.59
CA VAL NA 2 -59.01 -52.30 -38.91
C VAL NA 2 -57.98 -51.32 -39.45
N ASP NA 3 -56.91 -51.86 -40.03
CA ASP NA 3 -55.84 -51.03 -40.57
C ASP NA 3 -56.18 -50.63 -42.00
N ILE NA 4 -56.86 -49.49 -42.16
CA ILE NA 4 -57.18 -48.93 -43.47
C ILE NA 4 -57.00 -47.43 -43.39
N ARG NA 5 -56.73 -46.80 -44.53
CA ARG NA 5 -56.68 -45.34 -44.65
C ARG NA 5 -58.00 -44.85 -45.23
N HIS NA 6 -58.47 -43.72 -44.72
CA HIS NA 6 -59.77 -43.17 -45.09
C HIS NA 6 -59.68 -41.93 -45.94
N ASN NA 7 -58.47 -41.44 -46.25
CA ASN NA 7 -58.35 -40.15 -46.93
C ASN NA 7 -58.84 -40.21 -48.37
N LYS NA 8 -58.95 -41.41 -48.96
CA LYS NA 8 -59.41 -41.56 -50.33
C LYS NA 8 -60.79 -42.20 -50.42
N ASP NA 9 -61.50 -42.31 -49.31
CA ASP NA 9 -62.81 -42.98 -49.33
C ASP NA 9 -63.79 -42.24 -50.23
N ARG NA 10 -63.85 -40.93 -50.11
CA ARG NA 10 -64.85 -40.11 -50.81
C ARG NA 10 -64.26 -39.70 -52.15
N LYS NA 11 -64.92 -40.10 -53.23
CA LYS NA 11 -64.45 -39.75 -54.56
C LYS NA 11 -64.97 -38.37 -54.96
N VAL NA 12 -64.07 -37.51 -55.40
CA VAL NA 12 -64.41 -36.15 -55.81
C VAL NA 12 -64.80 -36.20 -57.28
N ARG NA 13 -66.09 -36.14 -57.54
CA ARG NA 13 -66.61 -36.19 -58.91
C ARG NA 13 -68.01 -35.59 -58.89
N ARG NA 14 -68.36 -34.93 -59.99
CA ARG NA 14 -69.70 -34.37 -60.12
C ARG NA 14 -70.73 -35.49 -60.20
N LYS NA 15 -71.75 -35.41 -59.37
CA LYS NA 15 -72.90 -36.32 -59.44
C LYS NA 15 -74.12 -35.64 -60.03
N GLU NA 16 -73.99 -34.38 -60.40
CA GLU NA 16 -75.06 -33.56 -60.94
C GLU NA 16 -74.45 -32.25 -61.38
N PRO NA 17 -75.14 -31.47 -62.21
CA PRO NA 17 -74.63 -30.13 -62.53
C PRO NA 17 -74.68 -29.25 -61.29
N LYS NA 18 -73.62 -28.46 -61.10
CA LYS NA 18 -73.65 -27.45 -60.05
C LYS NA 18 -74.64 -26.34 -60.36
N SER NA 19 -74.99 -26.18 -61.63
CA SER NA 19 -75.87 -25.12 -62.08
C SER NA 19 -77.33 -25.42 -61.76
N GLN NA 20 -78.13 -24.36 -61.67
CA GLN NA 20 -79.56 -24.45 -61.44
C GLN NA 20 -80.40 -24.19 -62.68
N ASP NA 21 -79.78 -24.09 -63.85
CA ASP NA 21 -80.52 -23.97 -65.10
C ASP NA 21 -81.48 -25.14 -65.23
N ILE NA 22 -82.78 -24.83 -65.25
CA ILE NA 22 -83.79 -25.89 -65.23
C ILE NA 22 -83.88 -26.61 -66.55
N TYR NA 23 -83.38 -26.01 -67.64
CA TYR NA 23 -83.36 -26.71 -68.91
C TYR NA 23 -82.21 -27.72 -68.96
N LEU NA 24 -81.07 -27.37 -68.38
CA LEU NA 24 -80.01 -28.35 -68.19
C LEU NA 24 -80.45 -29.45 -67.24
N ARG NA 25 -81.20 -29.09 -66.19
CA ARG NA 25 -81.71 -30.08 -65.25
C ARG NA 25 -82.64 -31.08 -65.94
N LEU NA 26 -83.51 -30.58 -66.82
CA LEU NA 26 -84.43 -31.48 -67.53
C LEU NA 26 -83.67 -32.40 -68.48
N LEU NA 27 -82.66 -31.88 -69.18
CA LEU NA 27 -81.83 -32.71 -70.02
C LEU NA 27 -81.02 -33.73 -69.23
N VAL NA 28 -80.61 -33.38 -68.01
CA VAL NA 28 -79.92 -34.34 -67.17
C VAL NA 28 -80.87 -35.45 -66.74
N LYS NA 29 -82.14 -35.12 -66.47
CA LYS NA 29 -83.12 -36.14 -66.14
C LYS NA 29 -83.28 -37.13 -67.29
N LEU NA 30 -83.33 -36.62 -68.52
CA LEU NA 30 -83.49 -37.48 -69.68
C LEU NA 30 -82.29 -38.39 -69.85
N TYR NA 31 -81.07 -37.86 -69.70
CA TYR NA 31 -79.89 -38.66 -69.90
C TYR NA 31 -79.50 -39.48 -68.69
N ARG NA 32 -80.01 -39.12 -67.51
CA ARG NA 32 -79.91 -40.02 -66.37
C ARG NA 32 -80.67 -41.31 -66.65
N PHE NA 33 -81.82 -41.18 -67.31
CA PHE NA 33 -82.61 -42.35 -67.67
C PHE NA 33 -81.98 -43.13 -68.81
N LEU NA 34 -81.48 -42.43 -69.83
CA LEU NA 34 -80.88 -43.10 -70.98
C LEU NA 34 -79.62 -43.85 -70.60
N ALA NA 35 -78.79 -43.25 -69.73
CA ALA NA 35 -77.59 -43.94 -69.27
C ALA NA 35 -77.96 -45.17 -68.43
N ARG NA 36 -79.00 -45.07 -67.61
CA ARG NA 36 -79.34 -46.17 -66.71
C ARG NA 36 -79.99 -47.33 -67.46
N ARG NA 37 -80.93 -47.04 -68.36
CA ARG NA 37 -81.77 -48.06 -68.94
C ARG NA 37 -81.35 -48.46 -70.35
N THR NA 38 -80.19 -48.01 -70.81
CA THR NA 38 -79.55 -48.53 -72.00
C THR NA 38 -78.17 -49.04 -71.61
N ASN NA 39 -77.53 -49.73 -72.54
CA ASN NA 39 -76.15 -50.12 -72.38
C ASN NA 39 -75.20 -49.23 -73.19
N SER NA 40 -75.72 -48.14 -73.76
CA SER NA 40 -74.91 -47.22 -74.53
C SER NA 40 -73.91 -46.52 -73.63
N THR NA 41 -72.62 -46.68 -73.94
CA THR NA 41 -71.60 -45.92 -73.25
C THR NA 41 -71.51 -44.48 -73.74
N PHE NA 42 -72.06 -44.21 -74.93
CA PHE NA 42 -72.20 -42.82 -75.38
C PHE NA 42 -73.08 -42.03 -74.42
N ASN NA 43 -74.20 -42.61 -73.98
CA ASN NA 43 -75.10 -41.91 -73.08
C ASN NA 43 -74.43 -41.58 -71.75
N GLN NA 44 -73.62 -42.52 -71.24
CA GLN NA 44 -72.90 -42.28 -70.00
C GLN NA 44 -71.93 -41.11 -70.13
N VAL NA 45 -71.23 -41.01 -71.27
CA VAL NA 45 -70.31 -39.90 -71.47
C VAL NA 45 -71.06 -38.58 -71.58
N VAL NA 46 -72.18 -38.57 -72.29
CA VAL NA 46 -72.95 -37.33 -72.43
C VAL NA 46 -73.48 -36.86 -71.09
N LEU NA 47 -74.00 -37.79 -70.28
CA LEU NA 47 -74.50 -37.42 -68.95
C LEU NA 47 -73.38 -36.87 -68.09
N LYS NA 48 -72.19 -37.47 -68.16
CA LYS NA 48 -71.08 -37.02 -67.35
C LYS NA 48 -70.60 -35.63 -67.77
N ARG NA 49 -70.66 -35.33 -69.07
CA ARG NA 49 -70.31 -33.99 -69.54
C ARG NA 49 -71.36 -32.96 -69.15
N LEU NA 50 -72.62 -33.35 -69.07
CA LEU NA 50 -73.67 -32.43 -68.67
C LEU NA 50 -73.51 -31.95 -67.23
N PHE NA 51 -72.76 -32.67 -66.40
CA PHE NA 51 -72.47 -32.20 -65.05
C PHE NA 51 -71.33 -31.21 -65.01
N MET NA 52 -70.51 -31.14 -66.06
CA MET NA 52 -69.22 -30.49 -65.96
C MET NA 52 -69.34 -28.97 -65.88
N SER NA 53 -68.28 -28.37 -65.33
CA SER NA 53 -68.16 -26.94 -65.24
C SER NA 53 -67.95 -26.33 -66.62
N ARG NA 54 -68.08 -25.01 -66.70
CA ARG NA 54 -67.91 -24.31 -67.97
C ARG NA 54 -66.49 -24.46 -68.51
N THR NA 55 -65.47 -24.41 -67.63
CA THR NA 55 -64.10 -24.59 -68.11
C THR NA 55 -63.81 -26.03 -68.53
N ASN NA 56 -64.60 -27.00 -68.06
CA ASN NA 56 -64.46 -28.37 -68.51
C ASN NA 56 -65.36 -28.70 -69.70
N ARG NA 57 -66.08 -27.71 -70.23
CA ARG NA 57 -66.82 -27.83 -71.48
C ARG NA 57 -66.39 -26.68 -72.40
N PRO NA 58 -65.17 -26.74 -72.93
CA PRO NA 58 -64.69 -25.62 -73.73
C PRO NA 58 -65.48 -25.49 -75.02
N PRO NA 59 -65.55 -24.29 -75.59
CA PRO NA 59 -66.25 -24.14 -76.86
C PRO NA 59 -65.52 -24.86 -77.99
N LEU NA 60 -66.30 -25.28 -78.98
CA LEU NA 60 -65.78 -25.95 -80.15
C LEU NA 60 -65.98 -25.05 -81.36
N SER NA 61 -64.90 -24.70 -82.03
CA SER NA 61 -65.01 -23.83 -83.19
C SER NA 61 -65.56 -24.60 -84.37
N LEU NA 62 -66.15 -23.85 -85.31
CA LEU NA 62 -66.66 -24.46 -86.53
C LEU NA 62 -65.55 -25.12 -87.33
N SER NA 63 -64.37 -24.49 -87.35
CA SER NA 63 -63.25 -25.03 -88.11
C SER NA 63 -62.77 -26.36 -87.56
N ARG NA 64 -62.62 -26.45 -86.24
CA ARG NA 64 -62.17 -27.70 -85.64
C ARG NA 64 -63.23 -28.78 -85.79
N MET NA 65 -64.49 -28.40 -85.66
CA MET NA 65 -65.57 -29.35 -85.87
C MET NA 65 -65.62 -29.82 -87.32
N ILE NA 66 -65.40 -28.91 -88.27
CA ILE NA 66 -65.36 -29.31 -89.68
C ILE NA 66 -64.21 -30.27 -89.93
N ARG NA 67 -63.02 -29.97 -89.41
CA ARG NA 67 -61.86 -30.81 -89.65
C ARG NA 67 -62.07 -32.23 -89.12
N LYS NA 68 -62.65 -32.35 -87.93
CA LYS NA 68 -62.87 -33.66 -87.33
C LYS NA 68 -63.97 -34.45 -88.01
N MET NA 69 -64.88 -33.80 -88.74
CA MET NA 69 -65.91 -34.52 -89.47
C MET NA 69 -65.52 -34.76 -90.92
N LYS NA 70 -64.39 -34.23 -91.37
CA LYS NA 70 -63.84 -34.55 -92.68
C LYS NA 70 -63.05 -35.84 -92.66
N LEU NA 71 -62.73 -36.36 -91.49
CA LEU NA 71 -61.95 -37.58 -91.40
C LEU NA 71 -62.71 -38.73 -92.03
N PRO NA 72 -62.00 -39.67 -92.68
CA PRO NA 72 -62.68 -40.70 -93.47
C PRO NA 72 -63.63 -41.54 -92.64
N GLY NA 73 -64.74 -41.93 -93.26
CA GLY NA 73 -65.73 -42.74 -92.58
C GLY NA 73 -66.58 -42.01 -91.59
N ARG NA 74 -66.71 -40.69 -91.71
CA ARG NA 74 -67.50 -39.90 -90.77
C ARG NA 74 -68.62 -39.14 -91.47
N GLU NA 75 -68.77 -39.32 -92.79
CA GLU NA 75 -69.86 -38.68 -93.51
C GLU NA 75 -71.21 -39.21 -93.02
N ASN NA 76 -72.20 -38.31 -93.04
CA ASN NA 76 -73.57 -38.62 -92.64
C ASN NA 76 -73.65 -39.00 -91.16
N LYS NA 77 -72.66 -38.58 -90.39
CA LYS NA 77 -72.67 -38.77 -88.94
C LYS NA 77 -72.96 -37.44 -88.28
N THR NA 78 -73.63 -37.48 -87.13
CA THR NA 78 -73.96 -36.26 -86.42
C THR NA 78 -72.86 -35.92 -85.42
N ALA NA 79 -72.44 -34.66 -85.43
CA ALA NA 79 -71.41 -34.16 -84.52
C ALA NA 79 -72.07 -33.74 -83.21
N VAL NA 80 -71.58 -34.28 -82.10
CA VAL NA 80 -72.15 -34.03 -80.79
C VAL NA 80 -71.10 -33.38 -79.91
N VAL NA 81 -71.40 -32.19 -79.40
CA VAL NA 81 -70.56 -31.52 -78.42
C VAL NA 81 -71.45 -31.12 -77.26
N VAL NA 82 -71.03 -31.44 -76.04
CA VAL NA 82 -71.76 -31.02 -74.83
C VAL NA 82 -71.17 -29.66 -74.46
N GLY NA 83 -71.66 -28.63 -75.13
CA GLY NA 83 -71.09 -27.31 -75.00
C GLY NA 83 -71.53 -26.42 -76.12
N THR NA 84 -70.73 -25.39 -76.38
CA THR NA 84 -71.08 -24.35 -77.34
C THR NA 84 -70.29 -24.51 -78.63
N ILE NA 85 -70.96 -24.36 -79.75
CA ILE NA 85 -70.32 -24.25 -81.06
C ILE NA 85 -70.20 -22.78 -81.40
N THR NA 86 -68.97 -22.29 -81.53
CA THR NA 86 -68.69 -20.92 -81.91
C THR NA 86 -68.38 -20.85 -83.40
N ASP NA 87 -68.57 -19.65 -83.96
CA ASP NA 87 -68.18 -19.42 -85.33
C ASP NA 87 -66.68 -19.21 -85.45
N ASP NA 88 -66.12 -19.65 -86.56
CA ASP NA 88 -64.73 -19.36 -86.91
C ASP NA 88 -64.75 -18.57 -88.21
N VAL NA 89 -64.29 -17.32 -88.15
CA VAL NA 89 -64.24 -16.47 -89.34
C VAL NA 89 -63.00 -16.74 -90.19
N ARG NA 90 -62.14 -17.66 -89.76
CA ARG NA 90 -61.00 -18.07 -90.56
C ARG NA 90 -61.35 -19.10 -91.61
N VAL NA 91 -62.51 -19.74 -91.52
CA VAL NA 91 -62.94 -20.74 -92.51
C VAL NA 91 -63.96 -20.08 -93.43
N GLN NA 92 -63.78 -20.27 -94.74
CA GLN NA 92 -64.61 -19.66 -95.75
C GLN NA 92 -65.76 -20.55 -96.19
N GLU NA 93 -65.51 -21.84 -96.42
CA GLU NA 93 -66.52 -22.75 -96.91
C GLU NA 93 -66.97 -23.68 -95.78
N VAL NA 94 -68.28 -23.74 -95.57
CA VAL NA 94 -68.88 -24.56 -94.53
C VAL NA 94 -69.61 -25.71 -95.22
N PRO NA 95 -69.27 -26.96 -94.94
CA PRO NA 95 -70.01 -28.08 -95.54
C PRO NA 95 -71.34 -28.31 -94.88
N LYS NA 96 -72.16 -29.18 -95.45
CA LYS NA 96 -73.41 -29.59 -94.81
C LYS NA 96 -73.10 -30.44 -93.59
N LEU NA 97 -73.65 -30.07 -92.45
CA LEU NA 97 -73.31 -30.71 -91.18
C LEU NA 97 -74.58 -31.04 -90.41
N LYS NA 98 -74.62 -32.20 -89.78
CA LYS NA 98 -75.63 -32.54 -88.80
C LYS NA 98 -75.01 -32.41 -87.42
N VAL NA 99 -75.57 -31.56 -86.59
CA VAL NA 99 -74.91 -31.06 -85.39
C VAL NA 99 -75.87 -31.09 -84.22
N CYS NA 100 -75.38 -31.52 -83.06
CA CYS NA 100 -76.10 -31.41 -81.79
C CYS NA 100 -75.18 -30.73 -80.77
N ALA NA 101 -75.67 -29.65 -80.18
CA ALA NA 101 -74.91 -28.93 -79.18
C ALA NA 101 -75.84 -28.38 -78.12
N LEU NA 102 -75.27 -28.06 -76.96
CA LEU NA 102 -76.00 -27.28 -75.98
C LEU NA 102 -76.33 -25.89 -76.52
N ARG NA 103 -75.38 -25.28 -77.21
CA ARG NA 103 -75.45 -23.88 -77.58
C ARG NA 103 -74.73 -23.69 -78.91
N VAL NA 104 -75.33 -22.91 -79.80
CA VAL NA 104 -74.67 -22.49 -81.03
C VAL NA 104 -74.76 -20.97 -81.09
N THR NA 105 -73.61 -20.32 -81.27
CA THR NA 105 -73.64 -18.87 -81.42
C THR NA 105 -74.39 -18.51 -82.70
N SER NA 106 -74.94 -17.29 -82.70
CA SER NA 106 -75.88 -16.91 -83.74
C SER NA 106 -75.23 -16.95 -85.13
N ARG NA 107 -73.97 -16.52 -85.23
CA ARG NA 107 -73.31 -16.53 -86.53
C ARG NA 107 -72.95 -17.94 -86.96
N ALA NA 108 -72.50 -18.79 -86.03
CA ALA NA 108 -72.25 -20.19 -86.37
C ALA NA 108 -73.53 -20.88 -86.81
N ARG NA 109 -74.63 -20.59 -86.11
CA ARG NA 109 -75.91 -21.22 -86.45
C ARG NA 109 -76.37 -20.85 -87.85
N SER NA 110 -76.28 -19.56 -88.19
CA SER NA 110 -76.71 -19.13 -89.53
C SER NA 110 -75.80 -19.70 -90.61
N ARG NA 111 -74.50 -19.79 -90.34
CA ARG NA 111 -73.59 -20.39 -91.31
C ARG NA 111 -73.91 -21.86 -91.53
N ILE NA 112 -74.18 -22.60 -90.45
CA ILE NA 112 -74.50 -24.02 -90.58
C ILE NA 112 -75.80 -24.22 -91.34
N LEU NA 113 -76.84 -23.47 -90.97
CA LEU NA 113 -78.13 -23.64 -91.63
C LEU NA 113 -78.08 -23.21 -93.08
N ARG NA 114 -77.31 -22.16 -93.40
CA ARG NA 114 -77.19 -21.73 -94.79
C ARG NA 114 -76.42 -22.73 -95.62
N ALA NA 115 -75.55 -23.52 -94.99
CA ALA NA 115 -74.86 -24.59 -95.70
C ALA NA 115 -75.73 -25.82 -95.90
N GLY NA 116 -77.05 -25.72 -95.66
CA GLY NA 116 -77.92 -26.86 -95.73
C GLY NA 116 -77.86 -27.79 -94.55
N GLY NA 117 -77.21 -27.37 -93.46
CA GLY NA 117 -77.01 -28.22 -92.31
C GLY NA 117 -78.20 -28.23 -91.37
N LYS NA 118 -78.07 -29.05 -90.34
CA LYS NA 118 -79.13 -29.29 -89.37
C LYS NA 118 -78.55 -29.15 -87.97
N ILE NA 119 -79.31 -28.51 -87.09
CA ILE NA 119 -78.90 -28.27 -85.71
C ILE NA 119 -79.89 -28.96 -84.78
N LEU NA 120 -79.39 -29.79 -83.88
CA LEU NA 120 -80.23 -30.46 -82.89
C LEU NA 120 -79.85 -30.01 -81.49
N THR NA 121 -80.83 -30.05 -80.61
CA THR NA 121 -80.60 -30.02 -79.17
C THR NA 121 -80.56 -31.44 -78.65
N PHE NA 122 -80.13 -31.60 -77.40
CA PHE NA 122 -79.89 -32.93 -76.88
C PHE NA 122 -81.17 -33.70 -76.64
N ASP NA 123 -82.30 -33.01 -76.46
CA ASP NA 123 -83.58 -33.72 -76.40
C ASP NA 123 -83.95 -34.27 -77.77
N GLN NA 124 -83.58 -33.56 -78.83
CA GLN NA 124 -83.83 -34.05 -80.18
C GLN NA 124 -82.86 -35.15 -80.57
N LEU NA 125 -81.65 -35.12 -80.01
CA LEU NA 125 -80.70 -36.21 -80.23
C LEU NA 125 -81.17 -37.48 -79.54
N ALA NA 126 -81.80 -37.35 -78.37
CA ALA NA 126 -82.34 -38.51 -77.69
C ALA NA 126 -83.39 -39.21 -78.53
N LEU NA 127 -84.23 -38.46 -79.24
CA LEU NA 127 -85.20 -39.06 -80.13
C LEU NA 127 -84.57 -39.53 -81.44
N ASP NA 128 -83.56 -38.82 -81.93
CA ASP NA 128 -82.90 -39.18 -83.18
C ASP NA 128 -82.00 -40.41 -83.02
N SER NA 129 -81.24 -40.46 -81.94
CA SER NA 129 -80.36 -41.59 -81.63
C SER NA 129 -80.33 -41.79 -80.12
N PRO NA 130 -81.28 -42.58 -79.59
CA PRO NA 130 -81.31 -42.81 -78.13
C PRO NA 130 -80.06 -43.48 -77.59
N LYS NA 131 -79.36 -44.28 -78.39
CA LYS NA 131 -78.14 -44.92 -77.97
C LYS NA 131 -76.89 -44.21 -78.46
N GLY NA 132 -77.04 -43.08 -79.14
CA GLY NA 132 -75.92 -42.38 -79.73
C GLY NA 132 -75.26 -43.11 -80.88
N CYS NA 133 -76.03 -43.83 -81.69
CA CYS NA 133 -75.50 -44.50 -82.85
C CYS NA 133 -75.37 -43.53 -84.02
N GLY NA 134 -74.25 -43.62 -84.72
CA GLY NA 134 -74.00 -42.73 -85.84
C GLY NA 134 -73.55 -41.35 -85.46
N THR NA 135 -73.08 -41.16 -84.24
CA THR NA 135 -72.53 -39.89 -83.79
C THR NA 135 -71.02 -39.94 -83.80
N VAL NA 136 -70.40 -38.78 -83.87
CA VAL NA 136 -69.01 -38.61 -83.47
C VAL NA 136 -69.00 -37.56 -82.36
N LEU NA 137 -68.46 -37.94 -81.22
CA LEU NA 137 -68.51 -37.13 -80.02
C LEU NA 137 -67.26 -36.26 -79.98
N LEU NA 138 -67.46 -34.95 -79.88
CA LEU NA 138 -66.37 -34.01 -79.99
C LEU NA 138 -66.25 -33.17 -78.73
N SER NA 139 -65.03 -32.71 -78.49
CA SER NA 139 -64.72 -31.82 -77.38
C SER NA 139 -63.97 -30.62 -77.92
N GLY NA 140 -64.22 -29.47 -77.32
CA GLY NA 140 -63.36 -28.32 -77.56
C GLY NA 140 -62.04 -28.53 -76.87
N PRO NA 141 -61.04 -27.72 -77.22
CA PRO NA 141 -59.71 -27.91 -76.62
C PRO NA 141 -59.71 -27.58 -75.14
N ARG NA 142 -59.59 -28.62 -74.32
CA ARG NA 142 -59.75 -28.48 -72.87
C ARG NA 142 -58.62 -27.66 -72.26
N LYS NA 143 -57.48 -27.56 -72.95
CA LYS NA 143 -56.36 -26.76 -72.46
C LYS NA 143 -56.16 -25.48 -73.25
N GLY NA 144 -57.11 -25.09 -74.09
CA GLY NA 144 -57.03 -23.77 -74.68
C GLY NA 144 -57.69 -22.77 -73.77
N ARG NA 145 -56.88 -22.17 -72.90
CA ARG NA 145 -57.29 -21.31 -71.81
C ARG NA 145 -56.03 -20.65 -71.27
N GLU NA 146 -56.14 -19.36 -70.97
CA GLU NA 146 -54.99 -18.57 -70.56
C GLU NA 146 -54.31 -19.12 -69.31
N VAL NA 147 -55.06 -19.77 -68.41
CA VAL NA 147 -54.48 -20.19 -67.13
C VAL NA 147 -53.39 -21.23 -67.34
N TYR NA 148 -53.55 -22.11 -68.33
CA TYR NA 148 -52.61 -23.20 -68.54
C TYR NA 148 -51.22 -22.72 -68.94
N ARG NA 149 -51.10 -21.52 -69.50
CA ARG NA 149 -49.78 -20.95 -69.75
C ARG NA 149 -49.04 -20.70 -68.44
N HIS NA 150 -49.78 -20.42 -67.36
CA HIS NA 150 -49.16 -20.16 -66.07
C HIS NA 150 -48.96 -21.41 -65.24
N PHE NA 151 -49.51 -22.55 -65.65
CA PHE NA 151 -49.35 -23.77 -64.90
C PHE NA 151 -48.08 -24.50 -65.33
N GLY NA 152 -47.51 -25.24 -64.39
CA GLY NA 152 -46.32 -26.01 -64.68
C GLY NA 152 -45.19 -25.69 -63.73
N LYS NA 153 -43.97 -25.99 -64.14
CA LYS NA 153 -42.81 -25.64 -63.34
C LYS NA 153 -42.71 -24.12 -63.19
N ALA NA 154 -42.27 -23.68 -62.03
CA ALA NA 154 -42.21 -22.26 -61.75
C ALA NA 154 -41.31 -21.56 -62.75
N PRO NA 155 -41.66 -20.33 -63.15
CA PRO NA 155 -40.87 -19.64 -64.19
C PRO NA 155 -39.40 -19.53 -63.88
N GLY NA 156 -39.03 -19.35 -62.61
CA GLY NA 156 -37.64 -19.22 -62.24
C GLY NA 156 -36.92 -20.52 -62.00
N THR NA 157 -37.28 -21.56 -62.72
CA THR NA 157 -36.56 -22.81 -62.69
C THR NA 157 -36.17 -23.22 -64.11
N PRO NA 158 -35.10 -24.00 -64.26
CA PRO NA 158 -34.82 -24.61 -65.57
C PRO NA 158 -35.57 -25.92 -65.73
N HIS NA 159 -36.02 -26.18 -66.95
CA HIS NA 159 -36.09 -25.27 -68.07
C HIS NA 159 -37.57 -25.06 -68.30
N SER NA 160 -38.14 -24.17 -67.51
CA SER NA 160 -39.56 -23.94 -67.56
C SER NA 160 -39.85 -22.86 -68.59
N HIS NA 161 -40.96 -23.02 -69.28
CA HIS NA 161 -41.43 -22.03 -70.22
C HIS NA 161 -42.85 -21.62 -69.86
N THR NA 162 -43.11 -21.57 -68.56
CA THR NA 162 -44.40 -21.17 -68.05
C THR NA 162 -44.46 -19.65 -67.93
N LYS NA 163 -45.61 -19.11 -68.27
CA LYS NA 163 -45.81 -17.67 -68.23
C LYS NA 163 -45.84 -17.18 -66.79
N PRO NA 164 -45.09 -16.15 -66.44
CA PRO NA 164 -45.22 -15.55 -65.12
C PRO NA 164 -46.44 -14.62 -65.06
N TYR NA 165 -46.84 -14.31 -63.83
CA TYR NA 165 -47.88 -13.31 -63.59
C TYR NA 165 -47.20 -11.95 -63.45
N VAL NA 166 -47.40 -11.08 -64.43
CA VAL NA 166 -46.86 -9.73 -64.42
C VAL NA 166 -47.98 -8.76 -64.73
N ARG NA 167 -47.96 -7.60 -64.08
CA ARG NA 167 -49.01 -6.62 -64.30
C ARG NA 167 -48.86 -5.90 -65.64
N SER NA 168 -47.63 -5.71 -66.10
CA SER NA 168 -47.37 -5.04 -67.37
C SER NA 168 -46.30 -5.82 -68.10
N LYS NA 169 -46.30 -5.68 -69.43
CA LYS NA 169 -45.29 -6.30 -70.27
C LYS NA 169 -44.40 -5.21 -70.83
N GLY NA 170 -43.09 -5.42 -70.79
CA GLY NA 170 -42.15 -4.42 -71.26
C GLY NA 170 -40.76 -4.74 -70.71
N ARG NA 171 -39.80 -3.92 -71.12
CA ARG NA 171 -38.41 -4.17 -70.76
C ARG NA 171 -38.15 -4.05 -69.25
N LYS NA 172 -38.89 -3.22 -68.55
CA LYS NA 172 -38.68 -3.00 -67.12
C LYS NA 172 -39.37 -4.05 -66.26
N PHE NA 173 -40.13 -4.96 -66.85
CA PHE NA 173 -40.99 -5.86 -66.11
C PHE NA 173 -40.44 -7.28 -66.23
N GLU NA 174 -39.55 -7.62 -65.30
CA GLU NA 174 -39.08 -8.99 -65.04
C GLU NA 174 -38.30 -9.58 -66.22
N ARG NA 175 -37.36 -8.79 -66.73
CA ARG NA 175 -36.45 -9.24 -67.79
C ARG NA 175 -34.98 -9.08 -67.38
N ALA NA 176 -34.72 -8.63 -66.16
CA ALA NA 176 -33.40 -8.41 -65.61
C ALA NA 176 -32.93 -9.66 -64.88
N ARG NA 177 -32.11 -9.50 -63.85
CA ARG NA 177 -31.45 -10.57 -63.10
C ARG NA 177 -32.33 -11.80 -62.91
N GLY NA 178 -31.83 -12.94 -63.37
CA GLY NA 178 -32.58 -14.18 -63.43
C GLY NA 178 -33.02 -14.55 -64.83
N ARG NA 179 -33.03 -13.61 -65.77
CA ARG NA 179 -33.47 -13.84 -67.14
C ARG NA 179 -32.36 -13.72 -68.18
N ARG NA 180 -31.15 -13.35 -67.79
CA ARG NA 180 -30.08 -13.21 -68.75
C ARG NA 180 -28.75 -13.35 -68.04
N ALA NA 181 -27.77 -13.93 -68.74
CA ALA NA 181 -26.45 -14.14 -68.16
C ALA NA 181 -25.79 -12.84 -67.73
N SER NA 182 -26.11 -11.74 -68.41
CA SER NA 182 -25.50 -10.45 -68.11
C SER NA 182 -25.99 -9.89 -66.77
N ARG NA 183 -27.10 -10.37 -66.25
CA ARG NA 183 -27.62 -9.92 -64.96
C ARG NA 183 -27.72 -11.13 -64.03
N GLY NA 184 -26.62 -11.47 -63.38
CA GLY NA 184 -26.62 -12.56 -62.44
C GLY NA 184 -26.60 -13.95 -63.05
N TYR NA 185 -27.70 -14.36 -63.67
CA TYR NA 185 -27.82 -15.71 -64.22
C TYR NA 185 -29.05 -15.78 -65.11
N LYS NA 186 -29.13 -16.85 -65.88
CA LYS NA 186 -30.23 -17.11 -66.80
C LYS NA 186 -31.10 -18.28 -66.37
N ASN NA 187 -30.53 -19.48 -66.28
CA ASN NA 187 -31.27 -20.76 -66.20
C ASN NA 187 -32.54 -20.86 -67.07
N LYS OA 1 -38.82 -73.41 -24.76
CA LYS OA 1 -39.68 -74.51 -24.33
C LYS OA 1 -40.23 -74.29 -22.92
N ALA OA 2 -41.56 -74.31 -22.82
CA ALA OA 2 -42.30 -74.41 -21.57
C ALA OA 2 -42.61 -75.88 -21.29
N SER OA 3 -43.57 -76.15 -20.41
CA SER OA 3 -43.83 -77.52 -19.99
C SER OA 3 -45.33 -77.75 -19.79
N GLY OA 4 -45.65 -78.80 -19.05
CA GLY OA 4 -46.95 -79.41 -18.82
C GLY OA 4 -46.60 -80.73 -18.18
N THR OA 5 -47.13 -81.86 -18.66
CA THR OA 5 -46.45 -83.14 -18.48
C THR OA 5 -45.77 -83.48 -19.80
N LEU OA 6 -44.50 -83.86 -19.74
CA LEU OA 6 -43.73 -84.02 -20.96
C LEU OA 6 -43.91 -85.42 -21.52
N ARG OA 7 -43.64 -85.54 -22.82
CA ARG OA 7 -43.65 -86.81 -23.52
C ARG OA 7 -42.27 -87.04 -24.12
N GLU OA 8 -41.90 -88.30 -24.26
CA GLU OA 8 -40.69 -88.64 -24.99
C GLU OA 8 -41.00 -88.76 -26.47
N TYR OA 9 -40.15 -88.16 -27.30
CA TYR OA 9 -40.30 -88.22 -28.74
C TYR OA 9 -39.05 -88.82 -29.35
N LYS OA 10 -39.23 -89.68 -30.34
CA LYS OA 10 -38.13 -90.19 -31.15
C LYS OA 10 -38.13 -89.38 -32.44
N VAL OA 11 -37.17 -88.48 -32.58
CA VAL OA 11 -37.05 -87.63 -33.74
C VAL OA 11 -35.88 -88.11 -34.57
N VAL OA 12 -36.13 -88.40 -35.84
CA VAL OA 12 -35.09 -88.82 -36.78
C VAL OA 12 -35.05 -87.80 -37.90
N GLY OA 13 -33.84 -87.33 -38.21
CA GLY OA 13 -33.68 -86.34 -39.24
C GLY OA 13 -32.43 -86.59 -40.06
N ARG OA 14 -32.26 -85.78 -41.09
CA ARG OA 14 -31.09 -85.84 -41.95
C ARG OA 14 -31.01 -84.54 -42.74
N CYS OA 15 -29.83 -84.30 -43.30
CA CYS OA 15 -29.68 -83.26 -44.30
C CYS OA 15 -30.43 -83.63 -45.57
N LEU OA 16 -30.81 -82.62 -46.35
CA LEU OA 16 -31.30 -82.92 -47.68
C LEU OA 16 -30.17 -83.47 -48.54
N PRO OA 17 -30.46 -84.42 -49.41
CA PRO OA 17 -29.41 -84.95 -50.30
C PRO OA 17 -28.93 -83.91 -51.29
N THR OA 18 -27.65 -83.55 -51.16
CA THR OA 18 -27.03 -82.63 -52.08
C THR OA 18 -26.36 -83.41 -53.21
N PRO OA 19 -26.02 -82.75 -54.32
CA PRO OA 19 -25.19 -83.42 -55.33
C PRO OA 19 -23.73 -83.47 -54.92
N LYS OA 20 -23.49 -83.77 -53.66
CA LYS OA 20 -22.19 -84.07 -53.06
C LYS OA 20 -22.24 -85.36 -52.27
N CYS OA 21 -23.34 -85.63 -51.57
CA CYS OA 21 -23.65 -86.94 -51.00
C CYS OA 21 -25.13 -87.19 -51.19
N HIS OA 22 -25.47 -88.28 -51.87
CA HIS OA 22 -26.85 -88.57 -52.21
C HIS OA 22 -27.63 -89.21 -51.07
N THR OA 23 -26.95 -89.80 -50.09
CA THR OA 23 -27.59 -90.44 -48.94
C THR OA 23 -26.95 -89.89 -47.67
N PRO OA 24 -27.37 -88.71 -47.23
CA PRO OA 24 -26.85 -88.17 -45.98
C PRO OA 24 -27.21 -89.06 -44.81
N PRO OA 25 -26.38 -89.11 -43.78
CA PRO OA 25 -26.65 -89.99 -42.64
C PRO OA 25 -27.88 -89.58 -41.86
N LEU OA 26 -28.53 -90.57 -41.26
CA LEU OA 26 -29.72 -90.37 -40.46
C LEU OA 26 -29.32 -90.22 -39.00
N TYR OA 27 -29.93 -89.25 -38.31
CA TYR OA 27 -29.63 -88.99 -36.91
C TYR OA 27 -30.88 -89.09 -36.06
N ARG OA 28 -30.73 -89.70 -34.89
CA ARG OA 28 -31.81 -89.94 -33.96
C ARG OA 28 -31.55 -89.18 -32.66
N MET OA 29 -32.58 -88.55 -32.12
CA MET OA 29 -32.51 -87.96 -30.80
C MET OA 29 -33.75 -88.36 -30.02
N ARG OA 30 -33.59 -88.56 -28.72
CA ARG OA 30 -34.73 -88.70 -27.82
C ARG OA 30 -34.97 -87.35 -27.16
N ILE OA 31 -36.19 -86.86 -27.27
CA ILE OA 31 -36.50 -85.48 -26.92
C ILE OA 31 -37.75 -85.45 -26.07
N PHE OA 32 -37.69 -84.73 -24.96
CA PHE OA 32 -38.81 -84.60 -24.05
C PHE OA 32 -39.40 -83.20 -24.21
N ALA OA 33 -40.67 -83.14 -24.61
CA ALA OA 33 -41.30 -81.89 -24.97
C ALA OA 33 -42.79 -82.01 -24.72
N PRO OA 34 -43.49 -80.88 -24.54
CA PRO OA 34 -44.95 -80.96 -24.39
C PRO OA 34 -45.66 -81.55 -25.61
N ASN OA 35 -45.20 -81.23 -26.81
CA ASN OA 35 -45.88 -81.68 -28.02
C ASN OA 35 -44.84 -81.86 -29.12
N HIS OA 36 -45.28 -82.48 -30.22
CA HIS OA 36 -44.38 -82.83 -31.30
C HIS OA 36 -43.91 -81.61 -32.09
N VAL OA 37 -44.63 -80.50 -32.00
CA VAL OA 37 -44.15 -79.28 -32.64
C VAL OA 37 -42.96 -78.72 -31.88
N VAL OA 38 -43.02 -78.75 -30.55
CA VAL OA 38 -41.87 -78.36 -29.74
C VAL OA 38 -40.74 -79.38 -29.90
N ALA OA 39 -41.10 -80.66 -30.03
CA ALA OA 39 -40.09 -81.71 -30.14
C ALA OA 39 -39.22 -81.53 -31.38
N LYS OA 40 -39.83 -81.18 -32.51
CA LYS OA 40 -39.08 -81.00 -33.74
C LYS OA 40 -38.23 -79.73 -33.68
N SER OA 41 -38.72 -78.70 -32.99
CA SER OA 41 -37.93 -77.49 -32.83
C SER OA 41 -36.71 -77.75 -31.94
N ARG OA 42 -36.90 -78.55 -30.88
CA ARG OA 42 -35.77 -78.90 -30.02
C ARG OA 42 -34.77 -79.80 -30.74
N PHE OA 43 -35.24 -80.62 -31.68
CA PHE OA 43 -34.34 -81.45 -32.46
C PHE OA 43 -33.39 -80.59 -33.28
N TRP OA 44 -33.90 -79.54 -33.90
CA TRP OA 44 -33.04 -78.67 -34.68
C TRP OA 44 -32.07 -77.90 -33.80
N TYR OA 45 -32.51 -77.54 -32.60
CA TYR OA 45 -31.61 -76.88 -31.65
C TYR OA 45 -30.41 -77.77 -31.33
N PHE OA 46 -30.65 -79.04 -31.02
CA PHE OA 46 -29.56 -79.91 -30.61
C PHE OA 46 -28.74 -80.35 -31.82
N VAL OA 47 -29.40 -80.68 -32.93
CA VAL OA 47 -28.69 -81.15 -34.11
C VAL OA 47 -27.84 -80.04 -34.72
N SER OA 48 -28.32 -78.80 -34.67
CA SER OA 48 -27.52 -77.67 -35.12
C SER OA 48 -26.27 -77.50 -34.25
N GLN OA 49 -26.38 -77.75 -32.95
CA GLN OA 49 -25.23 -77.65 -32.07
C GLN OA 49 -24.18 -78.71 -32.39
N LEU OA 50 -24.61 -79.95 -32.65
CA LEU OA 50 -23.69 -81.07 -32.80
C LEU OA 50 -23.17 -81.16 -34.22
N LYS OA 51 -24.06 -81.32 -35.19
CA LYS OA 51 -23.71 -81.37 -36.59
C LYS OA 51 -23.90 -79.99 -37.20
N LYS OA 52 -23.43 -79.82 -38.43
CA LYS OA 52 -23.68 -78.59 -39.16
C LYS OA 52 -24.91 -78.75 -40.04
N MET OA 53 -26.04 -78.90 -39.38
CA MET OA 53 -27.32 -79.06 -40.04
C MET OA 53 -28.23 -77.92 -39.60
N LYS OA 54 -29.08 -77.49 -40.51
CA LYS OA 54 -30.11 -76.50 -40.19
C LYS OA 54 -31.45 -77.05 -40.64
N LYS OA 55 -32.51 -76.44 -40.11
CA LYS OA 55 -33.85 -76.84 -40.53
C LYS OA 55 -34.05 -76.59 -42.02
N SER OA 56 -33.47 -75.51 -42.54
CA SER OA 56 -33.64 -75.18 -43.95
C SER OA 56 -32.87 -76.15 -44.84
N SER OA 57 -31.80 -76.75 -44.32
CA SER OA 57 -30.96 -77.65 -45.11
C SER OA 57 -31.15 -79.12 -44.70
N GLY OA 58 -32.23 -79.40 -43.98
CA GLY OA 58 -32.49 -80.76 -43.54
C GLY OA 58 -33.98 -81.00 -43.47
N GLU OA 59 -34.33 -82.19 -42.99
CA GLU OA 59 -35.73 -82.57 -42.83
C GLU OA 59 -35.88 -83.59 -41.72
N ILE OA 60 -37.02 -83.56 -41.05
CA ILE OA 60 -37.40 -84.62 -40.14
C ILE OA 60 -38.05 -85.74 -40.94
N VAL OA 61 -37.53 -86.95 -40.80
CA VAL OA 61 -38.11 -88.11 -41.46
C VAL OA 61 -39.00 -88.92 -40.53
N TYR OA 62 -38.89 -88.72 -39.22
CA TYR OA 62 -39.76 -89.39 -38.27
C TYR OA 62 -39.81 -88.61 -36.99
N CYS OA 63 -41.01 -88.49 -36.41
CA CYS OA 63 -41.20 -87.89 -35.10
C CYS OA 63 -42.38 -88.60 -34.46
N GLY OA 64 -42.10 -89.57 -33.61
CA GLY OA 64 -43.14 -90.32 -32.93
C GLY OA 64 -42.93 -90.33 -31.44
N GLN OA 65 -44.03 -90.41 -30.70
CA GLN OA 65 -43.96 -90.50 -29.25
C GLN OA 65 -43.48 -91.88 -28.82
N VAL OA 66 -42.52 -91.89 -27.90
CA VAL OA 66 -42.01 -93.13 -27.32
C VAL OA 66 -42.86 -93.44 -26.09
N PHE OA 67 -43.57 -94.56 -26.12
CA PHE OA 67 -44.37 -94.95 -24.98
C PHE OA 67 -43.50 -95.61 -23.93
N GLU OA 68 -43.83 -95.35 -22.66
CA GLU OA 68 -43.14 -96.04 -21.57
C GLU OA 68 -43.35 -97.53 -21.68
N LYS OA 69 -42.25 -98.29 -21.61
CA LYS OA 69 -42.31 -99.71 -21.84
C LYS OA 69 -42.79 -100.48 -20.62
N SER OA 70 -42.57 -99.97 -19.42
CA SER OA 70 -43.09 -100.62 -18.22
C SER OA 70 -43.77 -99.58 -17.32
N PRO OA 71 -44.90 -99.02 -17.74
CA PRO OA 71 -45.56 -97.99 -16.93
C PRO OA 71 -46.15 -98.47 -15.62
N LEU OA 72 -46.16 -99.78 -15.36
CA LEU OA 72 -46.70 -100.34 -14.12
C LEU OA 72 -45.59 -100.76 -13.17
N ARG OA 73 -44.36 -100.35 -13.44
CA ARG OA 73 -43.24 -100.80 -12.64
C ARG OA 73 -42.45 -99.60 -12.15
N VAL OA 74 -42.19 -99.54 -10.85
CA VAL OA 74 -41.40 -98.47 -10.28
C VAL OA 74 -39.94 -98.69 -10.67
N LYS OA 75 -39.25 -97.61 -10.99
CA LYS OA 75 -37.84 -97.69 -11.32
C LYS OA 75 -37.14 -96.40 -10.93
N ASN OA 76 -35.83 -96.48 -10.80
CA ASN OA 76 -34.98 -95.34 -10.50
C ASN OA 76 -34.39 -94.82 -11.80
N PHE OA 77 -34.42 -93.51 -11.98
CA PHE OA 77 -33.92 -92.87 -13.18
C PHE OA 77 -32.74 -91.98 -12.85
N GLY OA 78 -31.65 -92.17 -13.59
CA GLY OA 78 -30.54 -91.24 -13.54
C GLY OA 78 -30.62 -90.31 -14.73
N ILE OA 79 -30.58 -89.01 -14.45
CA ILE OA 79 -30.64 -87.99 -15.49
C ILE OA 79 -29.34 -87.21 -15.47
N TRP OA 80 -28.68 -87.14 -16.61
CA TRP OA 80 -27.52 -86.28 -16.80
C TRP OA 80 -27.97 -85.02 -17.53
N LEU OA 81 -27.72 -83.87 -16.94
CA LEU OA 81 -28.12 -82.62 -17.58
C LEU OA 81 -27.02 -81.60 -17.43
N ARG OA 82 -27.07 -80.61 -18.32
CA ARG OA 82 -26.28 -79.41 -18.16
C ARG OA 82 -27.22 -78.23 -18.17
N TYR OA 83 -26.87 -77.21 -17.40
CA TYR OA 83 -27.67 -76.00 -17.37
C TYR OA 83 -26.75 -74.86 -16.99
N ASP OA 84 -27.14 -73.65 -17.35
CA ASP OA 84 -26.41 -72.46 -16.93
C ASP OA 84 -27.21 -71.73 -15.87
N SER OA 85 -26.54 -71.37 -14.79
CA SER OA 85 -27.10 -70.56 -13.73
C SER OA 85 -26.96 -69.08 -14.11
N ARG OA 86 -27.17 -68.19 -13.15
CA ARG OA 86 -26.85 -66.80 -13.38
C ARG OA 86 -25.35 -66.62 -13.63
N SER OA 87 -24.53 -67.44 -12.99
CA SER OA 87 -23.12 -67.58 -13.29
C SER OA 87 -22.98 -68.60 -14.43
N GLY OA 88 -21.81 -69.19 -14.59
CA GLY OA 88 -21.57 -70.07 -15.73
C GLY OA 88 -22.47 -71.30 -15.73
N THR OA 89 -22.08 -72.26 -16.55
CA THR OA 89 -22.89 -73.46 -16.75
C THR OA 89 -22.27 -74.67 -16.05
N HIS OA 90 -23.13 -75.62 -15.73
CA HIS OA 90 -22.77 -76.74 -14.87
C HIS OA 90 -23.36 -78.03 -15.43
N ASN OA 91 -22.71 -79.14 -15.12
CA ASN OA 91 -23.24 -80.46 -15.38
C ASN OA 91 -23.69 -81.09 -14.09
N MET OA 92 -24.92 -81.60 -14.07
CA MET OA 92 -25.44 -82.29 -12.90
C MET OA 92 -25.87 -83.70 -13.26
N TYR OA 93 -25.81 -84.55 -12.25
CA TYR OA 93 -26.45 -85.86 -12.29
C TYR OA 93 -27.49 -85.89 -11.19
N ARG OA 94 -28.72 -86.24 -11.54
CA ARG OA 94 -29.83 -86.24 -10.61
C ARG OA 94 -30.58 -87.55 -10.73
N GLU OA 95 -31.28 -87.92 -9.66
CA GLU OA 95 -32.02 -89.17 -9.59
C GLU OA 95 -33.46 -88.92 -9.17
N TYR OA 96 -34.36 -89.71 -9.73
CA TYR OA 96 -35.79 -89.66 -9.42
C TYR OA 96 -36.33 -91.07 -9.50
N ARG OA 97 -37.44 -91.30 -8.80
CA ARG OA 97 -38.22 -92.53 -8.95
C ARG OA 97 -39.50 -92.18 -9.70
N ASP OA 98 -39.86 -93.00 -10.69
CA ASP OA 98 -41.11 -92.79 -11.38
C ASP OA 98 -41.53 -94.06 -12.10
N LEU OA 99 -42.73 -94.02 -12.65
CA LEU OA 99 -43.22 -95.12 -13.47
C LEU OA 99 -42.86 -94.94 -14.94
N THR OA 100 -42.66 -93.70 -15.39
CA THR OA 100 -42.33 -93.43 -16.78
C THR OA 100 -41.08 -92.55 -16.87
N THR OA 101 -40.39 -92.68 -18.00
CA THR OA 101 -39.24 -91.81 -18.28
C THR OA 101 -39.67 -90.36 -18.42
N ALA OA 102 -40.77 -90.11 -19.14
CA ALA OA 102 -41.23 -88.74 -19.32
C ALA OA 102 -41.67 -88.12 -18.01
N GLY OA 103 -42.20 -88.94 -17.08
CA GLY OA 103 -42.52 -88.44 -15.77
C GLY OA 103 -41.28 -88.03 -14.99
N ALA OA 104 -40.22 -88.85 -15.05
CA ALA OA 104 -38.98 -88.53 -14.35
C ALA OA 104 -38.35 -87.24 -14.89
N VAL OA 105 -38.35 -87.07 -16.20
CA VAL OA 105 -37.81 -85.85 -16.79
C VAL OA 105 -38.66 -84.64 -16.40
N THR OA 106 -39.98 -84.83 -16.33
CA THR OA 106 -40.85 -83.75 -15.85
C THR OA 106 -40.53 -83.38 -14.42
N GLN OA 107 -40.31 -84.39 -13.55
CA GLN OA 107 -39.87 -84.11 -12.19
C GLN OA 107 -38.56 -83.33 -12.19
N CYS OA 108 -37.65 -83.68 -13.09
CA CYS OA 108 -36.37 -83.01 -13.16
C CYS OA 108 -36.52 -81.53 -13.48
N TYR OA 109 -37.43 -81.19 -14.42
CA TYR OA 109 -37.64 -79.79 -14.77
C TYR OA 109 -38.24 -79.01 -13.61
N ARG OA 110 -39.20 -79.60 -12.89
CA ARG OA 110 -39.76 -78.92 -11.72
C ARG OA 110 -38.72 -78.80 -10.61
N ASP OA 111 -37.90 -79.82 -10.44
CA ASP OA 111 -36.88 -79.81 -9.39
C ASP OA 111 -35.80 -78.77 -9.67
N MET OA 112 -35.40 -78.64 -10.94
CA MET OA 112 -34.45 -77.59 -11.30
C MET OA 112 -35.04 -76.21 -11.11
N GLY OA 113 -36.34 -76.04 -11.41
CA GLY OA 113 -36.99 -74.78 -11.09
C GLY OA 113 -37.03 -74.50 -9.60
N ALA OA 114 -37.27 -75.54 -8.80
CA ALA OA 114 -37.44 -75.36 -7.36
C ALA OA 114 -36.11 -75.05 -6.67
N ARG OA 115 -35.06 -75.78 -7.02
CA ARG OA 115 -33.81 -75.73 -6.24
C ARG OA 115 -32.77 -74.80 -6.85
N HIS OA 116 -32.84 -74.52 -8.14
CA HIS OA 116 -31.80 -73.78 -8.82
C HIS OA 116 -32.35 -72.62 -9.62
N ARG OA 117 -33.66 -72.41 -9.59
CA ARG OA 117 -34.31 -71.35 -10.33
C ARG OA 117 -33.99 -71.45 -11.82
N ALA OA 118 -33.83 -72.67 -12.31
CA ALA OA 118 -33.48 -72.91 -13.70
C ALA OA 118 -34.77 -72.98 -14.51
N ARG OA 119 -34.93 -72.05 -15.44
CA ARG OA 119 -36.02 -72.15 -16.41
C ARG OA 119 -35.68 -73.22 -17.44
N ALA OA 120 -36.72 -73.70 -18.13
CA ALA OA 120 -36.56 -74.84 -19.02
C ALA OA 120 -35.60 -74.58 -20.18
N HIS OA 121 -35.58 -73.38 -20.73
CA HIS OA 121 -34.66 -73.05 -21.82
C HIS OA 121 -33.21 -73.12 -21.40
N SER OA 122 -32.91 -73.02 -20.10
CA SER OA 122 -31.55 -73.09 -19.62
C SER OA 122 -31.01 -74.52 -19.56
N ILE OA 123 -31.87 -75.51 -19.73
CA ILE OA 123 -31.54 -76.90 -19.42
C ILE OA 123 -31.38 -77.70 -20.68
N GLN OA 124 -30.33 -78.51 -20.74
CA GLN OA 124 -30.13 -79.49 -21.80
C GLN OA 124 -30.06 -80.87 -21.15
N ILE OA 125 -31.08 -81.70 -21.40
CA ILE OA 125 -31.06 -83.06 -20.91
C ILE OA 125 -30.14 -83.88 -21.80
N MET OA 126 -29.08 -84.44 -21.21
CA MET OA 126 -28.10 -85.18 -21.99
C MET OA 126 -28.44 -86.66 -22.05
N LYS OA 127 -28.75 -87.27 -20.91
CA LYS OA 127 -28.97 -88.71 -20.86
C LYS OA 127 -29.95 -89.07 -19.75
N VAL OA 128 -30.85 -90.00 -20.05
CA VAL OA 128 -31.80 -90.53 -19.08
C VAL OA 128 -31.72 -92.05 -19.15
N GLU OA 129 -31.38 -92.68 -18.04
CA GLU OA 129 -31.35 -94.14 -17.97
C GLU OA 129 -32.06 -94.63 -16.72
N GLU OA 130 -32.79 -95.73 -16.87
CA GLU OA 130 -33.18 -96.55 -15.72
C GLU OA 130 -31.93 -97.13 -15.08
N ILE OA 131 -31.82 -97.00 -13.77
CA ILE OA 131 -30.66 -97.47 -13.03
C ILE OA 131 -31.12 -98.43 -11.96
N ALA OA 132 -30.31 -99.47 -11.72
CA ALA OA 132 -30.60 -100.41 -10.65
C ALA OA 132 -30.46 -99.74 -9.29
N ALA OA 133 -31.18 -100.28 -8.31
CA ALA OA 133 -31.21 -99.67 -6.99
C ALA OA 133 -29.84 -99.70 -6.32
N SER OA 134 -29.03 -100.71 -6.61
CA SER OA 134 -27.68 -100.79 -6.04
C SER OA 134 -26.80 -99.66 -6.55
N LYS OA 135 -27.06 -99.16 -7.76
CA LYS OA 135 -26.26 -98.12 -8.37
C LYS OA 135 -26.81 -96.72 -8.11
N CYS OA 136 -27.81 -96.58 -7.26
CA CYS OA 136 -28.34 -95.26 -6.95
C CYS OA 136 -27.43 -94.55 -5.96
N ARG OA 137 -27.31 -93.24 -6.14
CA ARG OA 137 -26.41 -92.42 -5.34
C ARG OA 137 -27.10 -91.43 -4.42
N ARG OA 138 -28.32 -90.99 -4.73
CA ARG OA 138 -28.98 -89.96 -3.96
C ARG OA 138 -29.72 -90.58 -2.78
N PRO OA 139 -29.46 -90.15 -1.55
CA PRO OA 139 -30.13 -90.77 -0.39
C PRO OA 139 -31.63 -90.60 -0.39
N ALA OA 140 -32.18 -89.61 -1.08
CA ALA OA 140 -33.62 -89.42 -1.10
C ALA OA 140 -34.36 -90.52 -1.86
N VAL OA 141 -33.76 -91.07 -2.91
CA VAL OA 141 -34.36 -92.21 -3.61
C VAL OA 141 -33.93 -93.54 -3.02
N LYS OA 142 -32.77 -93.60 -2.35
CA LYS OA 142 -32.29 -94.86 -1.79
C LYS OA 142 -33.11 -95.32 -0.60
N GLN OA 143 -33.71 -94.40 0.15
CA GLN OA 143 -34.50 -94.79 1.31
C GLN OA 143 -35.78 -95.51 0.94
N PHE OA 144 -36.18 -95.48 -0.33
CA PHE OA 144 -37.33 -96.23 -0.81
C PHE OA 144 -36.93 -97.61 -1.33
N HIS OA 145 -35.66 -97.97 -1.23
CA HIS OA 145 -35.20 -99.33 -1.51
C HIS OA 145 -35.28 -100.17 -0.23
N ASP OA 146 -36.51 -100.54 0.12
CA ASP OA 146 -36.80 -101.23 1.36
C ASP OA 146 -38.01 -102.13 1.13
N SER OA 147 -37.79 -103.44 1.14
CA SER OA 147 -38.87 -104.38 0.89
C SER OA 147 -39.91 -104.35 2.00
N LYS OA 148 -39.56 -103.81 3.16
CA LYS OA 148 -40.49 -103.66 4.28
C LYS OA 148 -40.73 -102.19 4.58
N ILE OA 149 -40.78 -101.35 3.54
CA ILE OA 149 -41.00 -99.93 3.74
C ILE OA 149 -42.33 -99.72 4.45
N LYS OA 150 -42.32 -98.88 5.48
CA LYS OA 150 -43.47 -98.69 6.33
C LYS OA 150 -43.39 -97.32 6.98
N PHE OA 151 -44.44 -96.53 6.84
CA PHE OA 151 -44.49 -95.23 7.50
C PHE OA 151 -45.95 -94.83 7.68
N PRO OA 152 -46.25 -93.99 8.67
CA PRO OA 152 -47.59 -93.43 8.78
C PRO OA 152 -47.70 -92.10 8.03
N LEU OA 153 -48.92 -91.57 8.00
CA LEU OA 153 -49.19 -90.22 7.51
C LEU OA 153 -49.52 -89.37 8.73
N PRO OA 154 -48.53 -88.69 9.32
CA PRO OA 154 -48.66 -88.20 10.70
C PRO OA 154 -49.69 -87.12 10.95
N HIS OA 155 -49.61 -86.02 10.23
CA HIS OA 155 -50.31 -84.78 10.56
C HIS OA 155 -51.14 -84.37 9.35
N ARG OA 156 -52.32 -84.95 9.24
CA ARG OA 156 -53.13 -84.84 8.03
C ARG OA 156 -53.86 -83.50 8.06
N VAL OA 157 -53.44 -82.59 7.19
CA VAL OA 157 -54.03 -81.26 7.13
C VAL OA 157 -55.37 -81.34 6.42
N LEU OA 158 -56.40 -80.75 7.02
CA LEU OA 158 -57.70 -80.68 6.37
C LEU OA 158 -57.60 -79.91 5.06
N ARG OA 159 -58.10 -80.51 3.98
CA ARG OA 159 -58.09 -79.86 2.68
C ARG OA 159 -59.44 -79.26 2.30
N ARG OA 160 -60.53 -79.81 2.82
CA ARG OA 160 -61.86 -79.26 2.56
C ARG OA 160 -62.21 -78.18 3.59
N GLN OA 161 -61.45 -77.10 3.54
CA GLN OA 161 -61.58 -76.05 4.54
C GLN OA 161 -62.75 -75.13 4.26
N HIS OA 162 -63.42 -75.28 3.12
CA HIS OA 162 -64.57 -74.46 2.78
C HIS OA 162 -65.82 -75.26 2.54
N LYS OA 163 -65.79 -76.57 2.79
CA LYS OA 163 -66.98 -77.43 2.74
C LYS OA 163 -67.02 -78.25 4.01
N PRO OA 164 -67.59 -77.73 5.10
CA PRO OA 164 -68.21 -76.40 5.25
C PRO OA 164 -67.23 -75.28 5.56
N ARG OA 165 -67.61 -74.04 5.30
CA ARG OA 165 -66.82 -72.89 5.72
C ARG OA 165 -66.97 -72.60 7.21
N PHE OA 166 -68.17 -72.80 7.76
CA PHE OA 166 -68.42 -72.59 9.18
C PHE OA 166 -68.96 -73.88 9.77
N THR OA 167 -68.46 -74.26 10.93
CA THR OA 167 -68.82 -75.50 11.59
C THR OA 167 -68.64 -75.37 13.10
N THR OA 168 -69.31 -76.25 13.84
CA THR OA 168 -69.18 -76.23 15.29
C THR OA 168 -68.00 -77.04 15.80
N LYS OA 169 -67.39 -77.86 14.94
CA LYS OA 169 -66.34 -78.75 15.42
C LYS OA 169 -65.01 -78.46 14.73
N ARG OA 170 -63.96 -78.45 15.52
CA ARG OA 170 -62.60 -78.27 15.05
C ARG OA 170 -62.09 -79.57 14.43
N PRO OA 171 -61.30 -79.47 13.35
CA PRO OA 171 -60.90 -80.68 12.64
C PRO OA 171 -59.87 -81.50 13.39
N ASN OA 172 -59.89 -82.80 13.12
CA ASN OA 172 -58.90 -83.74 13.61
C ASN OA 172 -57.81 -83.95 12.56
N THR OA 173 -56.56 -83.98 13.02
CA THR OA 173 -55.43 -84.27 12.15
C THR OA 173 -54.87 -85.67 12.30
N PHE OA 174 -55.36 -86.46 13.25
CA PHE OA 174 -54.83 -87.79 13.51
C PHE OA 174 -55.78 -88.82 12.93
N PHE OA 175 -55.23 -89.77 12.17
CA PHE OA 175 -56.05 -90.80 11.56
C PHE OA 175 -55.35 -92.15 11.63
N THR PA 1 -23.01 -30.13 -40.76
CA THR PA 1 -21.67 -30.14 -40.18
C THR PA 1 -20.59 -30.64 -41.12
N ASN PA 2 -20.71 -31.88 -41.58
CA ASN PA 2 -19.67 -32.42 -42.44
C ASN PA 2 -19.75 -31.80 -43.83
N THR PA 3 -18.65 -31.87 -44.56
CA THR PA 3 -18.48 -31.07 -45.75
C THR PA 3 -19.39 -31.56 -46.88
N LYS PA 4 -19.43 -30.79 -47.95
CA LYS PA 4 -20.12 -31.14 -49.18
C LYS PA 4 -19.15 -31.46 -50.29
N GLY PA 5 -17.92 -31.82 -49.93
CA GLY PA 5 -16.93 -32.18 -50.93
C GLY PA 5 -17.36 -33.38 -51.75
N LYS PA 6 -17.07 -33.31 -53.04
CA LYS PA 6 -17.60 -34.27 -54.00
C LYS PA 6 -17.19 -35.71 -53.69
N ARG PA 7 -16.04 -35.92 -53.07
CA ARG PA 7 -15.52 -37.27 -52.83
C ARG PA 7 -15.40 -37.56 -51.35
N ARG PA 8 -16.18 -36.86 -50.51
CA ARG PA 8 -16.18 -37.11 -49.09
C ARG PA 8 -16.76 -38.50 -48.83
N GLY PA 9 -16.05 -39.28 -48.02
CA GLY PA 9 -16.51 -40.60 -47.64
C GLY PA 9 -16.21 -41.72 -48.62
N THR PA 10 -15.49 -41.45 -49.70
CA THR PA 10 -15.25 -42.44 -50.74
C THR PA 10 -13.89 -43.11 -50.59
N ARG PA 11 -13.30 -43.01 -49.40
CA ARG PA 11 -11.96 -43.56 -49.16
C ARG PA 11 -11.86 -45.03 -49.57
N TYR PA 12 -12.87 -45.84 -49.25
CA TYR PA 12 -12.85 -47.24 -49.65
C TYR PA 12 -13.64 -47.49 -50.92
N MET PA 13 -14.69 -46.72 -51.18
CA MET PA 13 -15.53 -46.94 -52.35
C MET PA 13 -14.74 -46.83 -53.65
N PHE PA 14 -13.89 -45.81 -53.76
CA PHE PA 14 -13.14 -45.58 -54.99
C PHE PA 14 -11.72 -46.14 -54.95
N SER PA 15 -11.32 -46.78 -53.86
CA SER PA 15 -10.00 -47.40 -53.83
C SER PA 15 -10.00 -48.68 -54.66
N ARG PA 16 -8.82 -49.08 -55.13
CA ARG PA 16 -8.71 -50.30 -55.91
C ARG PA 16 -8.76 -51.53 -54.98
N PRO PA 17 -9.17 -52.67 -55.49
CA PRO PA 17 -9.09 -53.91 -54.71
C PRO PA 17 -7.63 -54.30 -54.48
N PHE PA 18 -7.44 -55.12 -53.44
CA PHE PA 18 -6.11 -55.58 -53.06
C PHE PA 18 -5.42 -56.28 -54.23
N ARG PA 19 -4.20 -55.84 -54.52
CA ARG PA 19 -3.37 -56.38 -55.60
C ARG PA 19 -4.06 -56.29 -56.95
N LYS PA 20 -4.80 -55.20 -57.18
CA LYS PA 20 -5.46 -54.93 -58.46
C LYS PA 20 -5.28 -53.47 -58.85
N HIS PA 21 -4.11 -52.91 -58.60
CA HIS PA 21 -3.77 -51.55 -58.96
C HIS PA 21 -3.13 -51.52 -60.33
N GLY PA 22 -2.87 -50.30 -60.82
CA GLY PA 22 -2.07 -50.12 -62.01
C GLY PA 22 -2.84 -50.01 -63.29
N VAL PA 23 -2.37 -50.72 -64.32
CA VAL PA 23 -2.93 -50.59 -65.65
C VAL PA 23 -4.34 -51.16 -65.70
N VAL PA 24 -5.26 -50.38 -66.25
CA VAL PA 24 -6.63 -50.85 -66.47
C VAL PA 24 -6.61 -51.87 -67.60
N PRO PA 25 -7.14 -53.07 -67.40
CA PRO PA 25 -7.16 -54.06 -68.48
C PRO PA 25 -7.98 -53.56 -69.66
N LEU PA 26 -7.52 -53.87 -70.87
CA LEU PA 26 -8.04 -53.21 -72.06
C LEU PA 26 -9.39 -53.73 -72.51
N ALA PA 27 -9.81 -54.92 -72.07
CA ALA PA 27 -11.12 -55.43 -72.47
C ALA PA 27 -12.27 -54.59 -71.91
N THR PA 28 -12.04 -53.85 -70.82
CA THR PA 28 -13.06 -52.92 -70.36
C THR PA 28 -13.27 -51.77 -71.34
N TYR PA 29 -12.25 -51.41 -72.10
CA TYR PA 29 -12.38 -50.39 -73.13
C TYR PA 29 -12.97 -50.94 -74.42
N MET PA 30 -12.98 -52.26 -74.58
CA MET PA 30 -13.46 -52.90 -75.80
C MET PA 30 -14.91 -53.33 -75.71
N ARG PA 31 -15.58 -53.13 -74.58
CA ARG PA 31 -16.99 -53.47 -74.48
C ARG PA 31 -17.82 -52.50 -75.30
N ILE PA 32 -18.89 -53.02 -75.88
CA ILE PA 32 -19.76 -52.26 -76.77
C ILE PA 32 -21.00 -51.86 -76.00
N TYR PA 33 -21.27 -50.57 -75.94
CA TYR PA 33 -22.42 -50.03 -75.23
C TYR PA 33 -23.34 -49.38 -76.24
N LYS PA 34 -24.52 -49.98 -76.43
CA LYS PA 34 -25.53 -49.38 -77.28
C LYS PA 34 -26.53 -48.61 -76.45
N LYS PA 35 -27.17 -47.63 -77.10
CA LYS PA 35 -28.27 -46.94 -76.46
C LYS PA 35 -29.36 -47.94 -76.09
N GLY PA 36 -29.79 -47.90 -74.84
CA GLY PA 36 -30.84 -48.77 -74.38
C GLY PA 36 -30.41 -49.96 -73.52
N ASP PA 37 -29.13 -50.27 -73.43
CA ASP PA 37 -28.73 -51.41 -72.63
C ASP PA 37 -28.45 -50.99 -71.20
N ILE PA 38 -28.46 -51.98 -70.32
CA ILE PA 38 -28.48 -51.79 -68.88
C ILE PA 38 -27.08 -51.98 -68.34
N VAL PA 39 -26.62 -51.04 -67.52
CA VAL PA 39 -25.24 -51.01 -67.07
C VAL PA 39 -25.19 -50.74 -65.57
N ASP PA 40 -24.26 -51.42 -64.90
CA ASP PA 40 -23.95 -51.16 -63.51
C ASP PA 40 -22.87 -50.09 -63.42
N ILE PA 41 -23.05 -49.13 -62.53
CA ILE PA 41 -22.08 -48.06 -62.33
C ILE PA 41 -21.24 -48.40 -61.11
N LYS PA 42 -19.91 -48.39 -61.28
CA LYS PA 42 -19.01 -48.61 -60.15
C LYS PA 42 -18.17 -47.39 -59.81
N GLY PA 43 -17.35 -46.88 -60.74
CA GLY PA 43 -16.50 -45.79 -60.31
C GLY PA 43 -15.12 -46.17 -59.81
N MET PA 44 -14.30 -46.73 -60.70
CA MET PA 44 -12.91 -47.04 -60.37
C MET PA 44 -12.08 -45.77 -60.18
N GLY PA 45 -11.26 -45.77 -59.14
CA GLY PA 45 -10.43 -44.64 -58.77
C GLY PA 45 -9.16 -44.44 -59.56
N THR PA 46 -8.75 -45.42 -60.38
CA THR PA 46 -7.54 -45.26 -61.18
C THR PA 46 -7.70 -44.16 -62.23
N VAL PA 47 -8.89 -44.00 -62.79
CA VAL PA 47 -9.11 -42.91 -63.73
C VAL PA 47 -10.04 -41.90 -63.07
N GLN PA 48 -9.58 -40.64 -63.02
CA GLN PA 48 -10.30 -39.60 -62.34
C GLN PA 48 -11.19 -38.77 -63.25
N LYS PA 49 -11.09 -38.96 -64.56
CA LYS PA 49 -11.99 -38.29 -65.48
C LYS PA 49 -13.28 -39.08 -65.64
N GLY PA 50 -14.38 -38.37 -65.86
CA GLY PA 50 -15.66 -38.98 -66.13
C GLY PA 50 -16.16 -39.92 -65.07
N MET PA 51 -15.88 -39.65 -63.81
CA MET PA 51 -16.31 -40.62 -62.82
C MET PA 51 -17.66 -40.23 -62.23
N PRO PA 52 -18.48 -41.21 -61.89
CA PRO PA 52 -19.78 -40.94 -61.29
C PRO PA 52 -19.62 -40.35 -59.89
N HIS PA 53 -20.63 -39.59 -59.49
CA HIS PA 53 -20.71 -39.19 -58.09
C HIS PA 53 -21.02 -40.41 -57.23
N LYS PA 54 -20.61 -40.32 -55.96
CA LYS PA 54 -20.68 -41.46 -55.05
C LYS PA 54 -22.10 -41.99 -54.86
N CYS PA 55 -23.12 -41.19 -55.13
CA CYS PA 55 -24.49 -41.67 -55.01
C CYS PA 55 -24.89 -42.64 -56.11
N TYR PA 56 -24.14 -42.71 -57.20
CA TYR PA 56 -24.45 -43.62 -58.30
C TYR PA 56 -23.57 -44.87 -58.30
N HIS PA 57 -22.59 -44.95 -57.42
CA HIS PA 57 -21.82 -46.18 -57.24
C HIS PA 57 -22.75 -47.27 -56.71
N GLY PA 58 -22.73 -48.42 -57.37
CA GLY PA 58 -23.63 -49.50 -57.02
C GLY PA 58 -25.05 -49.32 -57.50
N LYS PA 59 -25.29 -48.44 -58.47
CA LYS PA 59 -26.61 -48.27 -59.05
C LYS PA 59 -26.58 -48.69 -60.50
N THR PA 60 -27.75 -49.02 -61.03
CA THR PA 60 -27.88 -49.58 -62.36
C THR PA 60 -28.85 -48.73 -63.16
N GLY PA 61 -28.45 -48.36 -64.38
CA GLY PA 61 -29.29 -47.54 -65.23
C GLY PA 61 -29.21 -48.00 -66.68
N ARG PA 62 -29.83 -47.20 -67.53
CA ARG PA 62 -29.94 -47.51 -68.95
C ARG PA 62 -29.21 -46.46 -69.78
N VAL PA 63 -28.49 -46.93 -70.79
CA VAL PA 63 -27.71 -46.09 -71.68
C VAL PA 63 -28.66 -45.37 -72.62
N TYR PA 64 -28.54 -44.05 -72.70
CA TYR PA 64 -29.29 -43.26 -73.66
C TYR PA 64 -28.41 -42.51 -74.66
N ASN PA 65 -27.12 -42.35 -74.37
CA ASN PA 65 -26.22 -41.60 -75.22
C ASN PA 65 -24.85 -42.23 -75.21
N VAL PA 66 -24.20 -42.28 -76.38
CA VAL PA 66 -22.88 -42.85 -76.54
C VAL PA 66 -21.97 -41.81 -77.18
N THR PA 67 -20.86 -41.49 -76.53
CA THR PA 67 -19.84 -40.61 -77.09
C THR PA 67 -18.53 -41.37 -77.25
N GLN PA 68 -17.45 -40.64 -77.52
CA GLN PA 68 -16.17 -41.28 -77.83
C GLN PA 68 -15.66 -42.12 -76.66
N HIS PA 69 -15.72 -41.58 -75.45
CA HIS PA 69 -15.15 -42.23 -74.28
C HIS PA 69 -16.17 -42.52 -73.20
N ALA PA 70 -17.41 -42.04 -73.34
CA ALA PA 70 -18.35 -42.07 -72.25
C ALA PA 70 -19.71 -42.52 -72.76
N VAL PA 71 -20.62 -42.72 -71.81
CA VAL PA 71 -22.02 -42.97 -72.10
C VAL PA 71 -22.85 -42.05 -71.24
N GLY PA 72 -24.03 -41.71 -71.74
CA GLY PA 72 -25.07 -41.08 -70.94
C GLY PA 72 -25.98 -42.18 -70.39
N ILE PA 73 -26.26 -42.10 -69.10
CA ILE PA 73 -27.02 -43.12 -68.39
C ILE PA 73 -28.20 -42.46 -67.71
N VAL PA 74 -29.38 -43.04 -67.89
CA VAL PA 74 -30.56 -42.68 -67.10
C VAL PA 74 -30.59 -43.63 -65.91
N VAL PA 75 -30.35 -43.09 -64.72
CA VAL PA 75 -30.29 -43.88 -63.50
C VAL PA 75 -31.18 -43.22 -62.46
N ASN PA 76 -31.99 -44.02 -61.78
CA ASN PA 76 -32.89 -43.50 -60.75
C ASN PA 76 -32.11 -43.10 -59.50
N LYS PA 77 -32.53 -42.01 -58.87
CA LYS PA 77 -31.93 -41.54 -57.63
C LYS PA 77 -33.05 -41.12 -56.69
N GLN PA 78 -33.06 -41.70 -55.51
CA GLN PA 78 -34.08 -41.36 -54.51
C GLN PA 78 -33.66 -40.10 -53.80
N VAL PA 79 -34.43 -39.03 -53.99
CA VAL PA 79 -34.28 -37.79 -53.25
C VAL PA 79 -35.47 -37.70 -52.34
N LYS PA 80 -35.30 -37.09 -51.17
CA LYS PA 80 -35.89 -37.57 -49.93
C LYS PA 80 -37.21 -38.32 -50.12
N GLY PA 81 -38.21 -37.70 -50.72
CA GLY PA 81 -39.48 -38.36 -50.86
C GLY PA 81 -39.85 -38.83 -52.25
N LYS PA 82 -38.99 -38.57 -53.24
CA LYS PA 82 -39.34 -38.87 -54.62
C LYS PA 82 -38.12 -39.46 -55.33
N ILE PA 83 -38.40 -40.13 -56.44
CA ILE PA 83 -37.37 -40.72 -57.29
C ILE PA 83 -37.33 -39.95 -58.59
N LEU PA 84 -36.14 -39.52 -58.99
CA LEU PA 84 -35.97 -38.88 -60.28
C LEU PA 84 -35.02 -39.70 -61.13
N ALA PA 85 -35.32 -39.73 -62.42
CA ALA PA 85 -34.47 -40.38 -63.43
C ALA PA 85 -33.39 -39.38 -63.79
N LYS PA 86 -32.22 -39.54 -63.17
CA LYS PA 86 -31.10 -38.65 -63.41
C LYS PA 86 -30.36 -39.08 -64.67
N ARG PA 87 -29.81 -38.11 -65.38
CA ARG PA 87 -28.99 -38.35 -66.56
C ARG PA 87 -27.56 -37.94 -66.24
N ILE PA 88 -26.65 -38.91 -66.27
CA ILE PA 88 -25.26 -38.70 -65.90
C ILE PA 88 -24.36 -39.20 -67.03
N ASN PA 89 -23.27 -38.49 -67.25
CA ASN PA 89 -22.23 -38.90 -68.18
C ASN PA 89 -21.13 -39.60 -67.41
N VAL PA 90 -20.78 -40.81 -67.84
CA VAL PA 90 -19.78 -41.63 -67.17
C VAL PA 90 -18.85 -42.18 -68.24
N ARG PA 91 -17.55 -42.10 -67.98
CA ARG PA 91 -16.58 -42.79 -68.80
C ARG PA 91 -16.69 -44.31 -68.57
N ILE PA 92 -16.49 -45.06 -69.66
CA ILE PA 92 -16.78 -46.49 -69.65
C ILE PA 92 -15.90 -47.30 -68.71
N GLU PA 93 -14.86 -46.70 -68.13
CA GLU PA 93 -14.08 -47.38 -67.11
C GLU PA 93 -14.89 -47.64 -65.86
N HIS PA 94 -15.91 -46.82 -65.62
CA HIS PA 94 -16.71 -46.88 -64.41
C HIS PA 94 -18.03 -47.61 -64.60
N ILE PA 95 -18.21 -48.32 -65.70
CA ILE PA 95 -19.44 -49.06 -65.94
C ILE PA 95 -19.11 -50.45 -66.46
N LYS PA 96 -20.12 -51.32 -66.41
CA LYS PA 96 -20.07 -52.65 -67.01
C LYS PA 96 -21.49 -53.05 -67.34
N HIS PA 97 -21.62 -54.00 -68.26
CA HIS PA 97 -22.93 -54.53 -68.60
C HIS PA 97 -23.56 -55.22 -67.40
N SER PA 98 -24.85 -55.00 -67.21
CA SER PA 98 -25.60 -55.67 -66.15
C SER PA 98 -25.96 -57.08 -66.62
N LYS PA 99 -25.55 -58.08 -65.83
CA LYS PA 99 -25.86 -59.45 -66.18
C LYS PA 99 -27.28 -59.86 -65.82
N SER PA 100 -28.01 -59.04 -65.06
CA SER PA 100 -29.42 -59.31 -64.84
C SER PA 100 -30.20 -59.22 -66.15
N ARG PA 101 -29.93 -58.19 -66.94
CA ARG PA 101 -30.62 -58.05 -68.23
C ARG PA 101 -30.13 -59.10 -69.22
N ASP PA 102 -28.83 -59.41 -69.20
CA ASP PA 102 -28.31 -60.40 -70.14
C ASP PA 102 -28.94 -61.77 -69.91
N SER PA 103 -29.15 -62.14 -68.64
CA SER PA 103 -29.77 -63.44 -68.35
C SER PA 103 -31.24 -63.46 -68.73
N PHE PA 104 -31.94 -62.34 -68.53
CA PHE PA 104 -33.35 -62.30 -68.89
C PHE PA 104 -33.54 -62.39 -70.40
N LEU PA 105 -32.68 -61.71 -71.16
CA LEU PA 105 -32.78 -61.76 -72.62
C LEU PA 105 -32.59 -63.18 -73.13
N LYS PA 106 -31.85 -64.00 -72.39
CA LYS PA 106 -31.73 -65.41 -72.75
C LYS PA 106 -33.03 -66.16 -72.51
N ARG PA 107 -33.67 -65.92 -71.36
CA ARG PA 107 -34.87 -66.67 -71.01
C ARG PA 107 -36.00 -66.38 -71.97
N VAL PA 108 -36.06 -65.16 -72.52
CA VAL PA 108 -37.04 -64.85 -73.56
C VAL PA 108 -36.77 -65.68 -74.80
N LYS PA 109 -35.50 -65.84 -75.17
CA LYS PA 109 -35.15 -66.62 -76.35
C LYS PA 109 -35.52 -68.09 -76.17
N GLU PA 110 -35.20 -68.66 -75.00
CA GLU PA 110 -35.65 -70.02 -74.71
C GLU PA 110 -37.16 -70.10 -74.68
N ASN PA 111 -37.83 -69.09 -74.09
CA ASN PA 111 -39.28 -69.07 -74.08
C ASN PA 111 -39.84 -69.10 -75.49
N ASP PA 112 -39.30 -68.28 -76.38
CA ASP PA 112 -39.80 -68.24 -77.75
C ASP PA 112 -39.41 -69.50 -78.51
N GLN PA 113 -38.22 -70.05 -78.25
CA GLN PA 113 -37.85 -71.32 -78.86
C GLN PA 113 -38.75 -72.45 -78.38
N LYS PA 114 -39.09 -72.46 -77.09
CA LYS PA 114 -39.97 -73.51 -76.58
C LYS PA 114 -41.38 -73.37 -77.11
N LYS PA 115 -41.88 -72.14 -77.28
CA LYS PA 115 -43.21 -71.96 -77.86
C LYS PA 115 -43.27 -72.49 -79.27
N LYS PA 116 -42.30 -72.11 -80.11
CA LYS PA 116 -42.26 -72.62 -81.48
C LYS PA 116 -42.09 -74.12 -81.50
N GLU PA 117 -41.22 -74.65 -80.65
CA GLU PA 117 -41.02 -76.10 -80.57
C GLU PA 117 -42.29 -76.79 -80.09
N ALA PA 118 -43.03 -76.16 -79.17
CA ALA PA 118 -44.26 -76.77 -78.67
C ALA PA 118 -45.42 -76.65 -79.65
N LYS PA 119 -45.50 -75.53 -80.38
CA LYS PA 119 -46.54 -75.37 -81.38
C LYS PA 119 -46.34 -76.35 -82.53
N GLU PA 120 -45.18 -77.00 -82.58
CA GLU PA 120 -44.90 -77.96 -83.64
C GLU PA 120 -45.11 -79.39 -83.15
N LYS PA 121 -44.57 -79.72 -81.96
CA LYS PA 121 -44.78 -81.05 -81.42
C LYS PA 121 -46.23 -81.26 -81.00
N GLY PA 122 -46.92 -80.17 -80.66
CA GLY PA 122 -48.34 -80.24 -80.40
C GLY PA 122 -48.78 -79.93 -78.98
N THR PA 123 -47.98 -80.32 -77.99
CA THR PA 123 -48.39 -80.25 -76.60
C THR PA 123 -47.97 -78.93 -75.95
N TRP PA 124 -48.08 -78.86 -74.63
CA TRP PA 124 -47.90 -77.64 -73.86
C TRP PA 124 -46.68 -77.78 -72.97
N VAL PA 125 -45.93 -76.70 -72.81
CA VAL PA 125 -44.72 -76.68 -71.99
C VAL PA 125 -44.77 -75.47 -71.07
N GLN PA 126 -44.10 -75.59 -69.92
CA GLN PA 126 -44.16 -74.60 -68.86
C GLN PA 126 -43.09 -73.52 -69.07
N LEU PA 127 -43.54 -72.28 -69.17
CA LEU PA 127 -42.64 -71.15 -69.38
C LEU PA 127 -42.50 -70.26 -68.15
N LYS PA 128 -43.57 -70.05 -67.40
CA LYS PA 128 -43.49 -69.25 -66.19
C LYS PA 128 -42.67 -69.96 -65.13
N ARG PA 129 -41.83 -69.22 -64.43
CA ARG PA 129 -41.10 -69.76 -63.30
C ARG PA 129 -42.03 -69.87 -62.10
N GLN PA 130 -41.83 -70.88 -61.29
CA GLN PA 130 -42.65 -71.08 -60.11
C GLN PA 130 -41.80 -70.88 -58.86
N PRO PA 131 -42.42 -70.48 -57.76
CA PRO PA 131 -41.64 -70.24 -56.52
C PRO PA 131 -41.39 -71.44 -55.60
N ALA PA 132 -40.58 -72.39 -56.06
CA ALA PA 132 -40.02 -73.43 -55.19
C ALA PA 132 -41.08 -74.17 -54.38
N PRO PA 133 -41.76 -75.15 -54.98
CA PRO PA 133 -42.91 -75.77 -54.31
C PRO PA 133 -42.50 -76.50 -53.05
N PRO PA 134 -43.47 -77.00 -52.26
CA PRO PA 134 -43.13 -77.94 -51.18
C PRO PA 134 -42.57 -79.24 -51.73
N ARG PA 135 -42.22 -80.18 -50.84
CA ARG PA 135 -41.15 -81.13 -51.10
C ARG PA 135 -41.57 -82.58 -51.24
N GLU PA 136 -42.60 -82.87 -52.05
CA GLU PA 136 -42.67 -84.16 -52.75
C GLU PA 136 -42.51 -85.39 -51.84
N ALA PA 137 -43.57 -85.83 -51.18
CA ALA PA 137 -43.54 -87.05 -50.38
C ALA PA 137 -42.62 -88.13 -50.96
N HIS PA 138 -41.74 -88.69 -50.13
CA HIS PA 138 -40.70 -89.60 -50.59
C HIS PA 138 -40.38 -90.61 -49.50
N PHE PA 139 -39.70 -91.68 -49.88
CA PHE PA 139 -39.25 -92.72 -48.96
C PHE PA 139 -37.78 -92.51 -48.64
N VAL PA 140 -37.41 -92.70 -47.39
CA VAL PA 140 -36.02 -92.62 -46.95
C VAL PA 140 -35.63 -93.98 -46.39
N ARG PA 141 -34.61 -94.59 -46.99
CA ARG PA 141 -34.20 -95.92 -46.59
C ARG PA 141 -33.16 -95.86 -45.47
N THR PA 142 -33.19 -96.88 -44.62
CA THR PA 142 -32.19 -97.02 -43.57
C THR PA 142 -31.01 -97.88 -44.01
N ASN PA 143 -31.19 -98.70 -45.04
CA ASN PA 143 -30.13 -99.55 -45.59
C ASN PA 143 -29.59 -100.50 -44.53
N GLY PA 144 -30.49 -101.01 -43.69
CA GLY PA 144 -30.09 -101.93 -42.64
C GLY PA 144 -29.20 -101.32 -41.59
N LYS PA 145 -29.21 -100.01 -41.45
CA LYS PA 145 -28.37 -99.30 -40.50
C LYS PA 145 -29.26 -98.36 -39.67
N GLU PA 146 -29.20 -98.50 -38.36
CA GLU PA 146 -29.99 -97.63 -37.48
C GLU PA 146 -29.42 -96.21 -37.51
N PRO PA 147 -30.28 -95.19 -37.48
CA PRO PA 147 -29.77 -93.82 -37.37
C PRO PA 147 -28.97 -93.65 -36.09
N GLU PA 148 -27.87 -92.91 -36.20
CA GLU PA 148 -26.98 -92.75 -35.07
C GLU PA 148 -27.62 -91.84 -34.03
N LEU PA 149 -27.61 -92.28 -32.78
CA LEU PA 149 -28.20 -91.50 -31.69
C LEU PA 149 -27.31 -90.32 -31.36
N LEU PA 150 -27.91 -89.14 -31.30
CA LEU PA 150 -27.21 -87.91 -30.98
C LEU PA 150 -27.54 -87.48 -29.56
N GLU PA 151 -26.55 -86.90 -28.88
CA GLU PA 151 -26.74 -86.47 -27.51
C GLU PA 151 -25.98 -85.16 -27.28
N PRO PA 152 -26.57 -84.21 -26.59
CA PRO PA 152 -25.81 -83.01 -26.20
C PRO PA 152 -24.65 -83.40 -25.29
N ILE PA 153 -23.56 -82.65 -25.41
CA ILE PA 153 -22.32 -82.97 -24.71
C ILE PA 153 -22.22 -82.17 -23.42
N PRO PA 154 -21.54 -82.68 -22.40
CA PRO PA 154 -21.35 -81.91 -21.18
C PRO PA 154 -20.55 -80.64 -21.42
N TYR PA 155 -20.83 -79.64 -20.60
CA TYR PA 155 -20.08 -78.39 -20.66
C TYR PA 155 -18.65 -78.58 -20.17
N GLU PA 156 -17.73 -77.82 -20.76
CA GLU PA 156 -16.34 -77.80 -20.31
C GLU PA 156 -15.79 -76.40 -20.53
N PHE PA 157 -15.25 -75.79 -19.48
CA PHE PA 157 -14.53 -74.53 -19.60
C PHE PA 157 -13.23 -74.81 -20.35
N MET PA 158 -13.16 -74.36 -21.60
CA MET PA 158 -11.99 -74.64 -22.41
C MET PA 158 -10.92 -73.55 -22.27
N ALA PA 159 -11.33 -72.29 -22.39
CA ALA PA 159 -10.41 -71.17 -22.25
C ALA PA 159 -11.17 -69.88 -21.96
N GLN QA 1 -60.96 65.46 62.50
CA GLN QA 1 -62.36 65.86 62.56
C GLN QA 1 -63.22 65.02 61.62
N VAL QA 2 -63.27 63.72 61.85
CA VAL QA 2 -64.05 62.81 61.01
C VAL QA 2 -65.22 62.27 61.82
N LEU QA 3 -65.68 63.06 62.77
CA LEU QA 3 -66.76 62.67 63.67
C LEU QA 3 -68.05 62.51 62.87
N LYS QA 4 -69.13 62.17 63.57
CA LYS QA 4 -70.46 62.06 62.98
C LYS QA 4 -70.50 61.01 61.88
N PHE QA 5 -70.25 59.77 62.28
CA PHE QA 5 -70.50 58.59 61.46
C PHE QA 5 -71.72 57.91 62.05
N THR QA 6 -72.81 57.84 61.29
CA THR QA 6 -74.06 57.31 61.79
C THR QA 6 -74.35 55.95 61.15
N LEU QA 7 -74.97 55.07 61.93
CA LEU QA 7 -75.24 53.70 61.52
C LEU QA 7 -76.71 53.42 61.85
N ASP QA 8 -77.57 53.55 60.85
CA ASP QA 8 -79.01 53.48 61.08
C ASP QA 8 -79.53 52.06 60.91
N CYS QA 9 -80.12 51.54 61.98
CA CYS QA 9 -80.75 50.23 61.95
C CYS QA 9 -82.16 50.39 62.52
N THR QA 10 -83.12 50.69 61.63
CA THR QA 10 -84.48 50.99 62.04
C THR QA 10 -85.46 49.90 61.61
N HIS QA 11 -85.42 49.49 60.34
CA HIS QA 11 -86.32 48.43 59.87
C HIS QA 11 -86.11 47.11 60.60
N PRO QA 12 -84.89 46.61 60.80
CA PRO QA 12 -84.77 45.36 61.57
C PRO QA 12 -84.99 45.55 63.05
N VAL QA 13 -84.64 46.71 63.62
CA VAL QA 13 -84.87 46.94 65.04
C VAL QA 13 -86.35 47.09 65.34
N GLU QA 14 -87.08 47.87 64.55
CA GLU QA 14 -88.52 48.00 64.76
C GLU QA 14 -89.24 46.69 64.52
N ASP QA 15 -88.65 45.78 63.75
CA ASP QA 15 -89.19 44.44 63.59
C ASP QA 15 -88.68 43.48 64.66
N GLY QA 16 -87.84 43.93 65.58
CA GLY QA 16 -87.39 43.12 66.68
C GLY QA 16 -86.47 41.98 66.29
N ILE QA 17 -86.06 41.90 65.02
CA ILE QA 17 -85.20 40.81 64.59
C ILE QA 17 -83.79 40.99 65.14
N MET QA 18 -83.35 42.24 65.27
CA MET QA 18 -82.17 42.56 66.04
C MET QA 18 -82.52 43.58 67.11
N ASP QA 19 -81.62 43.71 68.09
CA ASP QA 19 -81.75 44.69 69.16
C ASP QA 19 -80.59 45.64 69.07
N ALA QA 20 -80.87 46.94 68.97
CA ALA QA 20 -79.80 47.92 68.81
C ALA QA 20 -78.97 48.09 70.06
N ALA QA 21 -79.41 47.54 71.19
CA ALA QA 21 -78.68 47.71 72.44
C ALA QA 21 -77.39 46.91 72.45
N ASN QA 22 -77.43 45.65 71.99
CA ASN QA 22 -76.20 44.87 71.93
C ASN QA 22 -75.42 45.10 70.65
N PHE QA 23 -75.99 45.84 69.70
CA PHE QA 23 -75.17 46.42 68.63
C PHE QA 23 -74.18 47.43 69.21
N GLU QA 24 -74.63 48.21 70.19
CA GLU QA 24 -73.72 49.11 70.90
C GLU QA 24 -72.54 48.34 71.49
N GLN QA 25 -72.85 47.30 72.28
CA GLN QA 25 -71.80 46.57 72.99
C GLN QA 25 -71.07 45.60 72.09
N PHE QA 26 -71.47 45.45 70.83
CA PHE QA 26 -70.62 44.77 69.87
C PHE QA 26 -69.50 45.68 69.40
N LEU QA 27 -69.83 46.91 69.01
CA LEU QA 27 -68.85 47.90 68.58
C LEU QA 27 -68.10 48.54 69.74
N GLN QA 28 -68.60 48.43 70.97
CA GLN QA 28 -67.97 49.08 72.11
C GLN QA 28 -66.59 48.53 72.42
N GLU QA 29 -66.26 47.33 71.95
CA GLU QA 29 -64.92 46.79 72.15
C GLU QA 29 -64.30 46.23 70.88
N ARG QA 30 -65.07 45.93 69.84
CA ARG QA 30 -64.50 45.48 68.58
C ARG QA 30 -64.28 46.64 67.62
N ILE QA 31 -63.66 47.72 68.12
CA ILE QA 31 -63.18 48.81 67.29
C ILE QA 31 -61.73 49.05 67.65
N LYS QA 32 -60.85 48.82 66.69
CA LYS QA 32 -59.42 48.89 66.91
C LYS QA 32 -58.94 50.28 66.52
N VAL QA 33 -58.47 51.04 67.50
CA VAL QA 33 -57.82 52.31 67.25
C VAL QA 33 -56.31 52.09 67.38
N ASN QA 34 -55.59 52.34 66.28
CA ASN QA 34 -54.18 51.97 66.15
C ASN QA 34 -54.00 50.46 66.38
N GLY QA 35 -54.94 49.66 65.89
CA GLY QA 35 -54.85 48.23 65.96
C GLY QA 35 -55.32 47.61 67.25
N LYS QA 36 -55.53 48.41 68.30
CA LYS QA 36 -55.87 47.89 69.61
C LYS QA 36 -57.37 48.00 69.85
N ALA QA 37 -58.02 46.85 69.98
CA ALA QA 37 -59.45 46.80 70.26
C ALA QA 37 -59.70 46.85 71.76
N GLY QA 38 -60.96 47.06 72.12
CA GLY QA 38 -61.32 47.27 73.51
C GLY QA 38 -61.06 48.70 73.93
N ASN QA 39 -61.87 49.20 74.87
CA ASN QA 39 -61.73 50.52 75.48
C ASN QA 39 -61.84 51.66 74.48
N LEU QA 40 -62.14 51.33 73.22
CA LEU QA 40 -62.41 52.32 72.16
C LEU QA 40 -61.30 53.36 72.04
N GLY QA 41 -60.05 52.95 72.27
CA GLY QA 41 -58.93 53.88 72.22
C GLY QA 41 -58.81 54.72 73.48
N GLY QA 42 -59.95 54.96 74.11
CA GLY QA 42 -60.05 55.73 75.33
C GLY QA 42 -60.53 57.13 75.02
N GLY QA 43 -61.84 57.35 75.11
CA GLY QA 43 -62.43 58.64 74.80
C GLY QA 43 -62.09 59.21 73.44
N VAL QA 44 -61.38 58.46 72.60
CA VAL QA 44 -60.90 58.97 71.32
C VAL QA 44 -62.01 58.86 70.29
N VAL QA 45 -62.57 57.68 70.13
CA VAL QA 45 -63.77 57.49 69.33
C VAL QA 45 -64.91 57.22 70.30
N THR QA 46 -66.04 57.89 70.07
CA THR QA 46 -67.17 57.85 70.99
C THR QA 46 -68.39 57.28 70.26
N ILE QA 47 -69.05 56.32 70.91
CA ILE QA 47 -70.22 55.65 70.36
C ILE QA 47 -71.41 56.02 71.23
N GLU QA 48 -72.48 56.51 70.58
CA GLU QA 48 -73.73 56.79 71.26
C GLU QA 48 -74.87 56.16 70.46
N ARG QA 49 -76.09 56.31 70.97
CA ARG QA 49 -77.23 55.64 70.35
C ARG QA 49 -78.52 56.32 70.75
N SER QA 50 -79.27 56.80 69.77
CA SER QA 50 -80.63 57.31 70.00
C SER QA 50 -81.68 56.23 69.73
N LYS QA 51 -81.45 55.06 70.35
CA LYS QA 51 -82.41 53.96 70.45
C LYS QA 51 -82.64 53.23 69.14
N SER QA 52 -82.22 53.81 68.02
CA SER QA 52 -82.17 53.09 66.75
C SER QA 52 -81.01 53.48 65.86
N LYS QA 53 -80.23 54.48 66.25
CA LYS QA 53 -79.16 55.01 65.41
C LYS QA 53 -77.89 55.10 66.24
N ILE QA 54 -76.82 54.49 65.77
CA ILE QA 54 -75.53 54.54 66.43
C ILE QA 54 -74.68 55.59 65.73
N THR QA 55 -74.11 56.51 66.50
CA THR QA 55 -73.16 57.50 65.99
C THR QA 55 -71.78 57.13 66.53
N VAL QA 56 -70.77 57.21 65.66
CA VAL QA 56 -69.43 56.73 65.98
C VAL QA 56 -68.40 57.85 65.81
N THR QA 57 -68.76 59.06 66.21
CA THR QA 57 -67.85 60.21 66.17
C THR QA 57 -66.44 59.82 66.60
N SER QA 58 -65.45 60.33 65.85
CA SER QA 58 -64.06 59.95 66.03
C SER QA 58 -63.15 61.16 65.88
N GLU QA 59 -62.05 61.16 66.63
CA GLU QA 59 -61.04 62.21 66.57
C GLU QA 59 -59.74 61.72 65.94
N VAL QA 60 -59.79 60.63 65.19
CA VAL QA 60 -58.62 60.09 64.51
C VAL QA 60 -59.00 59.85 63.05
N PRO QA 61 -58.06 59.44 62.18
CA PRO QA 61 -58.41 59.25 60.76
C PRO QA 61 -59.35 58.10 60.47
N PHE QA 62 -60.02 57.60 61.51
CA PHE QA 62 -61.01 56.52 61.45
C PHE QA 62 -61.85 56.57 60.18
N SER QA 63 -62.00 55.42 59.51
CA SER QA 63 -62.67 55.32 58.22
C SER QA 63 -64.08 54.76 58.36
N LYS QA 64 -64.92 55.10 57.38
CA LYS QA 64 -66.31 54.67 57.34
C LYS QA 64 -66.48 53.21 56.96
N ARG QA 65 -65.71 52.73 55.98
CA ARG QA 65 -65.87 51.34 55.55
C ARG QA 65 -65.48 50.35 56.64
N TYR QA 66 -64.79 50.81 57.69
CA TYR QA 66 -64.63 49.99 58.89
C TYR QA 66 -65.97 49.66 59.52
N LEU QA 67 -66.88 50.64 59.57
CA LEU QA 67 -68.20 50.41 60.14
C LEU QA 67 -68.98 49.40 59.32
N LYS QA 68 -68.88 49.48 57.99
CA LYS QA 68 -69.45 48.44 57.13
C LYS QA 68 -68.85 47.08 57.45
N TYR QA 69 -67.55 47.05 57.73
CA TYR QA 69 -66.87 45.79 58.06
C TYR QA 69 -67.41 45.19 59.35
N LEU QA 70 -67.56 46.02 60.40
CA LEU QA 70 -68.02 45.50 61.68
C LEU QA 70 -69.52 45.20 61.66
N THR QA 71 -70.29 45.97 60.90
CA THR QA 71 -71.72 45.70 60.80
C THR QA 71 -71.99 44.35 60.16
N LYS QA 72 -71.28 44.03 59.06
CA LYS QA 72 -71.48 42.74 58.42
C LYS QA 72 -71.01 41.60 59.32
N LYS QA 73 -69.98 41.86 60.13
CA LYS QA 73 -69.54 40.88 61.10
C LYS QA 73 -70.63 40.57 62.12
N TYR QA 74 -71.32 41.61 62.60
CA TYR QA 74 -72.40 41.40 63.55
C TYR QA 74 -73.55 40.62 62.93
N LEU QA 75 -73.93 40.97 61.69
CA LEU QA 75 -75.05 40.27 61.06
C LEU QA 75 -74.73 38.82 60.80
N LYS QA 76 -73.48 38.50 60.44
CA LYS QA 76 -73.12 37.09 60.25
C LYS QA 76 -73.12 36.34 61.58
N LYS QA 77 -72.76 37.03 62.67
CA LYS QA 77 -72.71 36.38 63.97
C LYS QA 77 -74.07 35.86 64.39
N ASN QA 78 -75.13 36.62 64.12
CA ASN QA 78 -76.50 36.22 64.45
C ASN QA 78 -77.34 35.92 63.21
N ASN QA 79 -76.71 35.40 62.15
CA ASN QA 79 -77.41 34.79 61.02
C ASN QA 79 -78.37 35.77 60.35
N LEU QA 80 -78.01 37.05 60.40
CA LEU QA 80 -78.81 38.09 59.79
C LEU QA 80 -78.37 38.42 58.37
N ARG QA 81 -77.16 38.04 57.98
CA ARG QA 81 -76.66 38.38 56.65
C ARG QA 81 -77.21 37.44 55.60
N ASP QA 82 -78.53 37.25 55.63
CA ASP QA 82 -79.25 36.64 54.53
C ASP QA 82 -80.58 37.32 54.22
N TRP QA 83 -81.09 38.18 55.10
CA TRP QA 83 -82.23 39.04 54.81
C TRP QA 83 -81.87 40.52 54.82
N LEU QA 84 -80.79 40.89 55.49
CA LEU QA 84 -80.41 42.27 55.66
C LEU QA 84 -79.26 42.62 54.72
N ARG QA 85 -79.17 43.91 54.40
CA ARG QA 85 -78.20 44.39 53.43
C ARG QA 85 -77.58 45.65 54.02
N VAL QA 86 -76.29 45.84 53.79
CA VAL QA 86 -75.55 46.89 54.49
C VAL QA 86 -75.18 47.96 53.47
N VAL QA 87 -76.02 48.98 53.36
CA VAL QA 87 -75.96 49.92 52.25
C VAL QA 87 -75.79 51.33 52.79
N ALA QA 88 -75.17 52.19 51.99
CA ALA QA 88 -75.02 53.60 52.35
C ALA QA 88 -76.19 54.42 51.84
N ASN QA 89 -76.74 55.26 52.71
CA ASN QA 89 -77.81 56.17 52.31
C ASN QA 89 -77.33 57.60 52.13
N SER QA 90 -76.18 57.97 52.66
CA SER QA 90 -75.57 59.27 52.42
C SER QA 90 -74.11 59.19 52.82
N LYS QA 91 -73.42 60.32 52.65
CA LYS QA 91 -72.08 60.42 53.21
C LYS QA 91 -72.16 60.42 54.72
N GLU QA 92 -71.09 59.97 55.36
CA GLU QA 92 -70.95 59.85 56.82
C GLU QA 92 -72.21 59.35 57.50
N SER QA 93 -72.93 58.44 56.87
CA SER QA 93 -74.15 57.89 57.42
C SER QA 93 -74.38 56.52 56.79
N TYR QA 94 -74.96 55.61 57.57
CA TYR QA 94 -75.11 54.28 57.00
C TYR QA 94 -76.47 53.73 57.41
N GLU QA 95 -77.06 52.88 56.57
CA GLU QA 95 -78.41 52.39 56.83
C GLU QA 95 -78.52 50.90 56.53
N LEU QA 96 -79.32 50.23 57.34
CA LEU QA 96 -79.45 48.77 57.34
C LEU QA 96 -80.84 48.42 56.83
N ARG QA 97 -80.91 47.87 55.62
CA ARG QA 97 -82.18 47.60 54.97
C ARG QA 97 -82.27 46.16 54.48
N TYR QA 98 -83.46 45.79 54.00
CA TYR QA 98 -83.78 44.42 53.65
C TYR QA 98 -83.45 44.17 52.17
N PHE QA 99 -83.51 42.90 51.78
CA PHE QA 99 -83.40 42.52 50.38
C PHE QA 99 -84.76 42.72 49.71
N GLN QA 100 -84.89 42.36 48.44
CA GLN QA 100 -86.16 42.50 47.74
C GLN QA 100 -87.25 41.70 48.43
N ILE QA 101 -88.47 42.23 48.42
CA ILE QA 101 -89.58 41.61 49.14
C ILE QA 101 -90.40 40.75 48.19
N SER RA 1 -20.01 -35.27 56.90
CA SER RA 1 -19.47 -34.08 56.24
C SER RA 1 -20.46 -32.91 56.30
N GLY RA 2 -21.56 -33.04 55.56
CA GLY RA 2 -22.53 -31.96 55.44
C GLY RA 2 -22.25 -31.09 54.22
N ALA RA 3 -23.17 -31.12 53.27
CA ALA RA 3 -23.00 -30.34 52.05
C ALA RA 3 -23.65 -28.97 52.19
N LYS RA 4 -23.10 -27.99 51.46
CA LYS RA 4 -23.68 -26.65 51.48
C LYS RA 4 -25.06 -26.66 50.85
N PHE RA 5 -25.98 -25.92 51.47
CA PHE RA 5 -27.28 -25.71 50.90
C PHE RA 5 -27.21 -24.62 49.83
N ARG RA 6 -28.19 -24.64 48.93
CA ARG RA 6 -28.28 -23.61 47.91
C ARG RA 6 -28.56 -22.26 48.55
N ILE RA 7 -27.92 -21.21 48.05
CA ILE RA 7 -28.15 -19.86 48.50
C ILE RA 7 -28.33 -18.96 47.28
N SER RA 8 -28.93 -17.79 47.51
CA SER RA 8 -29.09 -16.80 46.45
C SER RA 8 -27.72 -16.32 45.98
N LEU RA 9 -27.52 -16.31 44.66
CA LEU RA 9 -26.17 -16.09 44.15
C LEU RA 9 -25.80 -14.61 44.07
N GLY RA 10 -26.46 -13.87 43.19
CA GLY RA 10 -26.29 -12.42 43.20
C GLY RA 10 -25.02 -11.87 42.59
N LEU RA 11 -24.09 -12.72 42.18
CA LEU RA 11 -22.81 -12.28 41.62
C LEU RA 11 -22.59 -12.94 40.26
N PRO RA 12 -23.20 -12.41 39.20
CA PRO RA 12 -23.01 -12.98 37.87
C PRO RA 12 -21.58 -12.79 37.38
N VAL RA 13 -21.29 -13.25 36.16
CA VAL RA 13 -19.92 -13.28 35.70
C VAL RA 13 -19.31 -11.88 35.66
N GLY RA 14 -20.01 -10.89 35.12
CA GLY RA 14 -19.36 -9.60 35.01
C GLY RA 14 -19.04 -8.85 36.30
N ALA RA 15 -19.41 -9.36 37.46
CA ALA RA 15 -19.32 -8.61 38.71
C ALA RA 15 -17.86 -8.40 39.14
N VAL RA 16 -17.59 -7.20 39.65
CA VAL RA 16 -16.29 -6.86 40.21
C VAL RA 16 -16.46 -6.68 41.72
N ILE RA 17 -15.77 -7.51 42.48
CA ILE RA 17 -15.83 -7.49 43.93
C ILE RA 17 -14.45 -7.11 44.45
N ASN RA 18 -14.39 -6.65 45.70
CA ASN RA 18 -13.10 -6.24 46.24
C ASN RA 18 -12.39 -7.44 46.84
N CYS RA 19 -11.07 -7.44 46.71
CA CYS RA 19 -10.24 -8.48 47.30
C CYS RA 19 -9.98 -8.17 48.76
N ALA RA 20 -10.40 -9.08 49.64
CA ALA RA 20 -10.35 -8.88 51.08
C ALA RA 20 -9.07 -9.45 51.71
N ASP RA 21 -8.15 -9.95 50.90
CA ASP RA 21 -6.89 -10.48 51.40
C ASP RA 21 -5.81 -9.39 51.28
N ASN RA 22 -4.58 -9.76 51.68
CA ASN RA 22 -3.44 -8.84 51.64
C ASN RA 22 -2.47 -9.20 50.53
N THR RA 23 -2.98 -9.62 49.37
CA THR RA 23 -2.13 -9.98 48.24
C THR RA 23 -1.64 -8.79 47.44
N GLY RA 24 -2.21 -7.60 47.67
CA GLY RA 24 -1.98 -6.47 46.81
C GLY RA 24 -3.06 -6.21 45.78
N ALA RA 25 -3.97 -7.17 45.60
CA ALA RA 25 -5.12 -6.96 44.73
C ALA RA 25 -6.20 -6.17 45.46
N LYS RA 26 -6.82 -5.24 44.74
CA LYS RA 26 -7.98 -4.51 45.23
C LYS RA 26 -9.28 -5.01 44.62
N ASN RA 27 -9.24 -5.57 43.42
CA ASN RA 27 -10.39 -5.90 42.63
C ASN RA 27 -10.36 -7.37 42.29
N LEU RA 28 -11.54 -7.96 42.11
CA LEU RA 28 -11.68 -9.30 41.57
C LEU RA 28 -12.80 -9.27 40.54
N TYR RA 29 -12.45 -9.41 39.28
CA TYR RA 29 -13.40 -9.41 38.18
C TYR RA 29 -13.71 -10.86 37.83
N ILE RA 30 -14.91 -11.30 38.19
CA ILE RA 30 -15.27 -12.69 37.97
C ILE RA 30 -15.40 -12.95 36.47
N ILE RA 31 -14.85 -14.07 36.02
CA ILE RA 31 -15.02 -14.46 34.62
C ILE RA 31 -15.74 -15.79 34.49
N SER RA 32 -15.84 -16.59 35.54
CA SER RA 32 -16.68 -17.78 35.55
C SER RA 32 -16.73 -18.34 36.96
N VAL RA 33 -17.62 -19.31 37.15
CA VAL RA 33 -17.89 -19.93 38.43
C VAL RA 33 -17.65 -21.43 38.28
N LYS RA 34 -16.91 -22.01 39.21
CA LYS RA 34 -16.65 -23.44 39.18
C LYS RA 34 -17.93 -24.24 39.37
N GLY RA 35 -18.03 -25.33 38.62
CA GLY RA 35 -19.16 -26.24 38.75
C GLY RA 35 -20.41 -25.84 37.99
N ILE RA 36 -20.36 -24.81 37.17
CA ILE RA 36 -21.54 -24.34 36.47
C ILE RA 36 -21.66 -25.07 35.14
N LYS RA 37 -22.69 -25.90 35.02
CA LYS RA 37 -23.01 -26.49 33.73
C LYS RA 37 -23.71 -25.46 32.86
N GLY RA 38 -24.79 -24.88 33.37
CA GLY RA 38 -25.39 -23.70 32.78
C GLY RA 38 -26.58 -24.04 31.91
N ARG RA 39 -26.94 -23.04 31.11
CA ARG RA 39 -28.18 -23.00 30.37
C ARG RA 39 -28.03 -21.92 29.32
N LEU RA 40 -28.79 -22.04 28.24
CA LEU RA 40 -28.71 -21.05 27.17
C LEU RA 40 -29.10 -19.68 27.70
N ASN RA 41 -28.19 -18.71 27.52
CA ASN RA 41 -28.31 -17.29 27.88
C ASN RA 41 -28.18 -17.01 29.37
N ARG RA 42 -28.09 -18.01 30.23
CA ARG RA 42 -28.00 -17.76 31.65
C ARG RA 42 -26.55 -17.51 32.05
N LEU RA 43 -26.32 -16.42 32.75
CA LEU RA 43 -24.97 -16.09 33.19
C LEU RA 43 -24.56 -16.99 34.34
N PRO RA 44 -23.36 -17.58 34.31
CA PRO RA 44 -22.84 -18.26 35.50
C PRO RA 44 -22.74 -17.28 36.65
N ALA RA 45 -23.25 -17.68 37.81
CA ALA RA 45 -23.34 -16.79 38.95
C ALA RA 45 -22.88 -17.50 40.23
N ALA RA 46 -22.30 -16.72 41.14
CA ALA RA 46 -21.67 -17.23 42.34
C ALA RA 46 -22.30 -16.61 43.58
N GLY RA 47 -22.19 -17.34 44.68
CA GLY RA 47 -22.53 -16.84 45.99
C GLY RA 47 -21.40 -17.08 46.96
N VAL RA 48 -21.63 -16.89 48.26
CA VAL RA 48 -20.56 -17.04 49.24
C VAL RA 48 -20.17 -18.50 49.35
N GLY RA 49 -18.86 -18.76 49.36
CA GLY RA 49 -18.33 -20.11 49.37
C GLY RA 49 -18.08 -20.67 48.00
N ASP RA 50 -18.51 -19.99 46.94
CA ASP RA 50 -18.26 -20.47 45.59
C ASP RA 50 -16.85 -20.10 45.13
N MET RA 51 -16.19 -21.05 44.49
CA MET RA 51 -14.92 -20.77 43.83
C MET RA 51 -15.20 -20.13 42.47
N VAL RA 52 -14.47 -19.07 42.16
CA VAL RA 52 -14.63 -18.38 40.89
C VAL RA 52 -13.26 -18.28 40.23
N MET RA 53 -13.29 -18.07 38.93
CA MET RA 53 -12.11 -17.65 38.19
C MET RA 53 -12.23 -16.14 38.01
N ALA RA 54 -11.19 -15.43 38.42
CA ALA RA 54 -11.25 -13.97 38.44
C ALA RA 54 -9.95 -13.41 37.91
N THR RA 55 -10.01 -12.17 37.42
CA THR RA 55 -8.83 -11.41 37.10
C THR RA 55 -8.79 -10.18 38.00
N VAL RA 56 -7.59 -9.73 38.31
CA VAL RA 56 -7.41 -8.53 39.12
C VAL RA 56 -7.42 -7.32 38.19
N LYS RA 57 -8.41 -6.46 38.36
CA LYS RA 57 -8.53 -5.29 37.49
C LYS RA 57 -7.65 -4.15 37.96
N LYS RA 58 -7.62 -3.90 39.26
CA LYS RA 58 -6.71 -2.93 39.83
C LYS RA 58 -6.00 -3.55 41.03
N GLY RA 59 -4.71 -3.27 41.12
CA GLY RA 59 -3.87 -3.84 42.15
C GLY RA 59 -2.46 -3.99 41.64
N LYS RA 60 -1.70 -4.84 42.32
CA LYS RA 60 -0.29 -5.01 42.01
C LYS RA 60 -0.12 -5.51 40.57
N PRO RA 61 0.81 -4.92 39.81
CA PRO RA 61 0.90 -5.26 38.38
C PRO RA 61 1.23 -6.73 38.11
N GLU RA 62 1.85 -7.43 39.05
CA GLU RA 62 2.17 -8.84 38.87
C GLU RA 62 0.95 -9.75 39.02
N LEU RA 63 -0.16 -9.24 39.55
CA LEU RA 63 -1.40 -9.99 39.68
C LEU RA 63 -2.41 -9.65 38.59
N ARG RA 64 -2.08 -8.73 37.69
CA ARG RA 64 -3.12 -7.99 37.00
C ARG RA 64 -3.64 -8.71 35.75
N LYS RA 65 -2.76 -9.10 34.85
CA LYS RA 65 -3.21 -9.71 33.60
C LYS RA 65 -3.20 -11.23 33.64
N LYS RA 66 -3.80 -11.80 34.69
CA LYS RA 66 -3.80 -13.25 34.91
C LYS RA 66 -5.18 -13.70 35.31
N VAL RA 67 -5.38 -15.01 35.32
CA VAL RA 67 -6.60 -15.64 35.81
C VAL RA 67 -6.23 -16.31 37.12
N HIS RA 68 -6.92 -15.94 38.19
CA HIS RA 68 -6.73 -16.57 39.48
C HIS RA 68 -7.98 -17.32 39.91
N PRO RA 69 -7.84 -18.40 40.65
CA PRO RA 69 -8.97 -18.91 41.43
C PRO RA 69 -9.25 -17.99 42.60
N ALA RA 70 -10.52 -17.88 42.96
CA ALA RA 70 -10.91 -17.06 44.09
C ALA RA 70 -12.17 -17.64 44.71
N VAL RA 71 -12.40 -17.29 45.96
CA VAL RA 71 -13.57 -17.75 46.70
C VAL RA 71 -14.32 -16.53 47.23
N VAL RA 72 -15.61 -16.47 46.97
CA VAL RA 72 -16.46 -15.40 47.48
C VAL RA 72 -16.68 -15.62 48.97
N ILE RA 73 -16.47 -14.57 49.75
CA ILE RA 73 -16.66 -14.63 51.21
C ILE RA 73 -17.77 -13.70 51.67
N ARG RA 74 -18.20 -12.76 50.85
CA ARG RA 74 -19.18 -11.75 51.23
C ARG RA 74 -20.02 -11.41 50.02
N GLN RA 75 -21.33 -11.30 50.23
CA GLN RA 75 -22.21 -10.85 49.16
C GLN RA 75 -23.24 -9.89 49.72
N ARG RA 76 -23.59 -8.90 48.90
CA ARG RA 76 -24.63 -7.94 49.22
C ARG RA 76 -26.03 -8.48 48.99
N LYS RA 77 -26.18 -9.54 48.19
CA LYS RA 77 -27.47 -10.17 47.97
C LYS RA 77 -27.82 -11.00 49.21
N SER RA 78 -28.95 -10.69 49.82
CA SER RA 78 -29.36 -11.43 51.02
C SER RA 78 -29.75 -12.85 50.64
N TYR RA 79 -29.46 -13.79 51.54
CA TYR RA 79 -29.77 -15.19 51.29
C TYR RA 79 -30.27 -15.82 52.57
N ARG RA 80 -31.17 -16.78 52.40
CA ARG RA 80 -31.79 -17.49 53.52
C ARG RA 80 -30.83 -18.56 54.04
N ARG RA 81 -30.78 -18.70 55.36
CA ARG RA 81 -29.73 -19.47 56.02
C ARG RA 81 -30.26 -20.73 56.71
N LYS RA 82 -31.42 -21.25 56.29
CA LYS RA 82 -31.93 -22.54 56.73
C LYS RA 82 -32.40 -22.52 58.18
N ASP RA 83 -32.07 -21.47 58.91
CA ASP RA 83 -32.68 -21.19 60.20
C ASP RA 83 -33.67 -20.04 60.12
N GLY RA 84 -33.97 -19.61 58.91
CA GLY RA 84 -34.95 -18.57 58.66
C GLY RA 84 -34.37 -17.20 58.41
N VAL RA 85 -33.14 -16.98 58.81
CA VAL RA 85 -32.57 -15.65 58.75
C VAL RA 85 -32.15 -15.34 57.33
N PHE RA 86 -32.43 -14.11 56.91
CA PHE RA 86 -31.89 -13.56 55.67
C PHE RA 86 -30.73 -12.66 56.02
N LEU RA 87 -29.53 -13.03 55.58
CA LEU RA 87 -28.31 -12.32 55.91
C LEU RA 87 -27.74 -11.69 54.64
N TYR RA 88 -27.30 -10.45 54.74
CA TYR RA 88 -26.54 -9.83 53.67
C TYR RA 88 -25.44 -8.98 54.28
N PHE RA 89 -24.42 -8.73 53.47
CA PHE RA 89 -23.22 -8.02 53.88
C PHE RA 89 -23.19 -6.64 53.24
N GLU RA 90 -22.31 -5.79 53.78
CA GLU RA 90 -22.20 -4.44 53.26
C GLU RA 90 -21.59 -4.42 51.87
N ASP RA 91 -20.74 -5.40 51.55
CA ASP RA 91 -20.07 -5.41 50.26
C ASP RA 91 -19.97 -6.82 49.74
N ASN RA 92 -19.54 -6.94 48.49
CA ASN RA 92 -19.12 -8.21 47.93
C ASN RA 92 -17.60 -8.30 47.99
N ALA RA 93 -17.09 -9.41 48.52
CA ALA RA 93 -15.66 -9.57 48.71
C ALA RA 93 -15.25 -11.01 48.42
N GLY RA 94 -13.98 -11.17 48.05
CA GLY RA 94 -13.42 -12.49 47.82
C GLY RA 94 -11.93 -12.46 48.08
N VAL RA 95 -11.35 -13.66 48.12
CA VAL RA 95 -9.92 -13.81 48.34
C VAL RA 95 -9.35 -14.70 47.23
N ILE RA 96 -8.08 -14.46 46.91
CA ILE RA 96 -7.36 -15.29 45.95
C ILE RA 96 -6.96 -16.59 46.63
N VAL RA 97 -7.22 -17.71 45.95
CA VAL RA 97 -6.83 -19.03 46.42
C VAL RA 97 -6.12 -19.74 45.29
N ASN RA 98 -5.62 -20.94 45.57
CA ASN RA 98 -5.18 -21.86 44.55
C ASN RA 98 -6.26 -22.93 44.35
N ASN RA 99 -6.00 -23.87 43.44
CA ASN RA 99 -6.99 -24.91 43.17
C ASN RA 99 -7.26 -25.78 44.39
N LYS RA 100 -6.33 -25.87 45.33
CA LYS RA 100 -6.52 -26.65 46.55
C LYS RA 100 -7.28 -25.89 47.63
N GLY RA 101 -7.62 -24.62 47.40
CA GLY RA 101 -8.33 -23.82 48.37
C GLY RA 101 -7.45 -23.15 49.40
N GLU RA 102 -6.14 -23.15 49.21
CA GLU RA 102 -5.26 -22.40 50.11
C GLU RA 102 -5.17 -20.96 49.63
N MET RA 103 -5.18 -20.03 50.58
CA MET RA 103 -5.15 -18.62 50.24
C MET RA 103 -3.78 -18.19 49.74
N LYS RA 104 -3.77 -17.34 48.72
CA LYS RA 104 -2.53 -16.70 48.30
C LYS RA 104 -2.05 -15.68 49.33
N GLY RA 105 -2.97 -14.96 49.98
CA GLY RA 105 -2.62 -14.05 51.04
C GLY RA 105 -2.61 -14.73 52.40
N SER RA 106 -2.48 -13.92 53.44
CA SER RA 106 -2.39 -14.43 54.80
C SER RA 106 -3.32 -13.75 55.79
N ALA RA 107 -4.08 -12.74 55.37
CA ALA RA 107 -5.01 -12.07 56.27
C ALA RA 107 -6.28 -11.75 55.47
N ILE RA 108 -7.38 -11.63 56.20
CA ILE RA 108 -8.66 -11.22 55.61
C ILE RA 108 -9.20 -10.05 56.41
N THR RA 109 -9.56 -8.98 55.70
CA THR RA 109 -10.21 -7.84 56.34
C THR RA 109 -11.72 -8.01 56.24
N GLY RA 110 -12.39 -7.91 57.37
CA GLY RA 110 -13.83 -8.04 57.43
C GLY RA 110 -14.28 -9.44 57.77
N PRO RA 111 -15.58 -9.61 57.95
CA PRO RA 111 -16.13 -10.93 58.28
C PRO RA 111 -16.09 -11.87 57.07
N VAL RA 112 -16.23 -13.15 57.36
CA VAL RA 112 -16.42 -14.18 56.35
C VAL RA 112 -17.76 -14.83 56.62
N ALA RA 113 -18.51 -15.11 55.55
CA ALA RA 113 -19.77 -15.82 55.70
C ALA RA 113 -19.53 -17.22 56.26
N LYS RA 114 -20.43 -17.65 57.14
CA LYS RA 114 -20.34 -19.00 57.71
C LYS RA 114 -20.37 -20.06 56.62
N GLU RA 115 -21.12 -19.83 55.55
CA GLU RA 115 -21.16 -20.78 54.45
C GLU RA 115 -19.77 -20.96 53.83
N CYS RA 116 -19.05 -19.86 53.63
CA CYS RA 116 -17.69 -19.96 53.12
C CYS RA 116 -16.73 -20.57 54.14
N ALA RA 117 -16.90 -20.24 55.41
CA ALA RA 117 -15.93 -20.64 56.43
C ALA RA 117 -15.83 -22.15 56.57
N ASP RA 118 -16.97 -22.84 56.66
CA ASP RA 118 -16.92 -24.28 56.86
C ASP RA 118 -16.79 -25.05 55.54
N LEU RA 119 -16.78 -24.35 54.40
CA LEU RA 119 -16.39 -25.00 53.15
C LEU RA 119 -14.88 -24.93 52.93
N TRP RA 120 -14.26 -23.83 53.35
CA TRP RA 120 -12.84 -23.58 53.09
C TRP RA 120 -12.09 -23.39 54.40
N PRO RA 121 -11.54 -24.46 54.99
CA PRO RA 121 -10.86 -24.33 56.28
C PRO RA 121 -9.66 -23.40 56.27
N ARG RA 122 -8.93 -23.31 55.16
CA ARG RA 122 -7.81 -22.37 55.08
C ARG RA 122 -8.29 -20.93 55.09
N ILE RA 123 -9.45 -20.66 54.49
CA ILE RA 123 -10.03 -19.33 54.56
C ILE RA 123 -10.54 -19.03 55.97
N ALA RA 124 -11.19 -20.02 56.60
CA ALA RA 124 -11.70 -19.82 57.95
C ALA RA 124 -10.60 -19.56 58.96
N SER RA 125 -9.40 -20.11 58.73
CA SER RA 125 -8.30 -19.88 59.65
C SER RA 125 -7.88 -18.42 59.68
N ASN RA 126 -7.92 -17.74 58.53
CA ASN RA 126 -7.49 -16.36 58.42
C ASN RA 126 -8.61 -15.36 58.65
N ALA RA 127 -9.83 -15.83 58.90
CA ALA RA 127 -10.94 -14.91 59.07
C ALA RA 127 -10.92 -14.29 60.46
N GLY RA 128 -10.99 -12.96 60.51
CA GLY RA 128 -11.09 -12.28 61.79
C GLY RA 128 -12.40 -12.57 62.49
N SER RA 129 -13.51 -12.50 61.77
CA SER RA 129 -14.82 -12.80 62.32
C SER RA 129 -15.61 -13.60 61.30
N ILE RA 130 -16.52 -14.42 61.80
CA ILE RA 130 -17.42 -15.22 60.97
C ILE RA 130 -18.81 -14.66 61.14
N ALA RA 131 -19.44 -14.26 60.04
CA ALA RA 131 -20.81 -13.78 60.08
C ALA RA 131 -21.75 -14.76 59.38
N LYS SA 1 -31.29 87.81 -40.18
CA LYS SA 1 -31.73 89.15 -39.78
C LYS SA 1 -33.03 89.54 -40.47
N LYS SA 2 -34.12 89.59 -39.71
CA LYS SA 2 -34.16 89.32 -38.27
C LYS SA 2 -34.47 87.85 -37.98
N LYS SA 3 -34.59 87.05 -39.04
CA LYS SA 3 -34.92 85.64 -38.86
C LYS SA 3 -33.69 84.87 -38.37
N ILE SA 4 -33.81 84.25 -37.20
CA ILE SA 4 -32.66 83.77 -36.47
C ILE SA 4 -32.99 82.40 -35.86
N ARG SA 5 -31.96 81.59 -35.66
CA ARG SA 5 -32.07 80.31 -34.96
C ARG SA 5 -31.10 80.35 -33.79
N THR SA 6 -31.62 80.66 -32.60
CA THR SA 6 -30.82 80.71 -31.38
C THR SA 6 -30.86 79.41 -30.60
N SER SA 7 -31.57 78.40 -31.10
CA SER SA 7 -31.58 77.11 -30.48
C SER SA 7 -31.08 76.13 -31.53
N PRO SA 8 -30.30 75.13 -31.14
CA PRO SA 8 -29.82 74.14 -32.11
C PRO SA 8 -30.84 73.06 -32.43
N THR SA 9 -32.04 73.17 -31.89
CA THR SA 9 -33.08 72.17 -32.06
C THR SA 9 -34.16 72.69 -32.99
N PHE SA 10 -34.49 71.89 -33.99
CA PHE SA 10 -35.62 72.16 -34.87
C PHE SA 10 -36.85 71.52 -34.24
N ARG SA 11 -37.87 72.32 -33.98
CA ARG SA 11 -39.14 71.81 -33.50
C ARG SA 11 -40.17 71.90 -34.62
N ARG SA 12 -41.11 70.97 -34.62
CA ARG SA 12 -42.18 71.00 -35.60
C ARG SA 12 -42.95 72.31 -35.45
N PRO SA 13 -43.05 73.12 -36.49
CA PRO SA 13 -43.77 74.39 -36.38
C PRO SA 13 -45.25 74.16 -36.11
N LYS SA 14 -45.84 75.10 -35.39
CA LYS SA 14 -47.25 75.04 -35.03
C LYS SA 14 -48.09 75.45 -36.23
N THR SA 15 -49.00 74.57 -36.64
CA THR SA 15 -49.87 74.82 -37.78
C THR SA 15 -51.32 74.84 -37.33
N LEU SA 16 -52.17 75.45 -38.15
CA LEU SA 16 -53.56 75.64 -37.77
C LEU SA 16 -54.33 74.31 -37.76
N ARG SA 17 -55.09 74.12 -36.70
CA ARG SA 17 -56.00 72.98 -36.56
C ARG SA 17 -57.44 73.50 -36.63
N LEU SA 18 -58.12 73.18 -37.72
CA LEU SA 18 -59.51 73.58 -37.87
C LEU SA 18 -60.41 72.73 -36.98
N ARG SA 19 -61.45 73.36 -36.44
CA ARG SA 19 -62.50 72.61 -35.77
C ARG SA 19 -63.41 71.96 -36.80
N ARG SA 20 -63.96 70.80 -36.43
CA ARG SA 20 -64.80 70.05 -37.35
C ARG SA 20 -66.07 70.82 -37.72
N GLN SA 21 -66.41 70.79 -39.01
CA GLN SA 21 -67.63 71.36 -39.54
C GLN SA 21 -68.30 70.32 -40.43
N PRO SA 22 -68.92 69.30 -39.83
CA PRO SA 22 -69.39 68.16 -40.62
C PRO SA 22 -70.53 68.54 -41.55
N LYS SA 23 -70.58 67.85 -42.70
CA LYS SA 23 -71.64 68.06 -43.67
C LYS SA 23 -72.95 67.42 -43.24
N TYR SA 24 -72.90 66.44 -42.34
CA TYR SA 24 -74.09 65.77 -41.83
C TYR SA 24 -73.79 65.30 -40.42
N PRO SA 25 -74.78 65.28 -39.54
CA PRO SA 25 -74.59 64.62 -38.24
C PRO SA 25 -74.57 63.12 -38.42
N ARG SA 26 -73.67 62.46 -37.70
CA ARG SA 26 -73.51 61.01 -37.88
C ARG SA 26 -74.73 60.27 -37.35
N LYS SA 27 -75.35 60.79 -36.29
CA LYS SA 27 -76.65 60.31 -35.83
C LYS SA 27 -77.69 61.39 -36.09
N SER SA 28 -78.90 60.97 -36.48
CA SER SA 28 -79.91 61.92 -36.92
C SER SA 28 -80.50 62.70 -35.75
N ALA SA 29 -80.64 62.05 -34.59
CA ALA SA 29 -81.18 62.71 -33.41
C ALA SA 29 -80.39 62.27 -32.19
N PRO SA 30 -80.32 63.12 -31.17
CA PRO SA 30 -79.75 62.67 -29.88
C PRO SA 30 -80.67 61.64 -29.24
N ARG SA 31 -80.07 60.58 -28.70
CA ARG SA 31 -80.87 59.59 -28.01
C ARG SA 31 -81.34 60.14 -26.68
N ARG SA 32 -82.58 59.82 -26.31
CA ARG SA 32 -83.13 60.33 -25.08
C ARG SA 32 -82.39 59.74 -23.88
N ASN SA 33 -82.38 60.50 -22.79
CA ASN SA 33 -81.66 60.05 -21.60
C ASN SA 33 -82.49 59.00 -20.88
N LYS SA 34 -81.99 57.77 -20.88
CA LYS SA 34 -82.72 56.64 -20.33
C LYS SA 34 -82.59 56.52 -18.82
N LEU SA 35 -81.67 57.24 -18.21
CA LEU SA 35 -81.60 57.30 -16.74
C LEU SA 35 -82.31 58.55 -16.24
N ASP SA 36 -83.59 58.65 -16.58
CA ASP SA 36 -84.42 59.74 -16.13
C ASP SA 36 -84.89 59.47 -14.69
N HIS SA 37 -85.64 60.42 -14.13
CA HIS SA 37 -85.96 60.38 -12.71
C HIS SA 37 -86.81 59.17 -12.34
N TYR SA 38 -87.66 58.71 -13.26
CA TYR SA 38 -88.41 57.48 -13.02
C TYR SA 38 -87.54 56.24 -13.12
N ALA SA 39 -86.50 56.26 -13.94
CA ALA SA 39 -85.53 55.18 -13.96
C ALA SA 39 -84.60 55.20 -12.74
N ILE SA 40 -84.30 56.39 -12.19
CA ILE SA 40 -83.43 56.47 -11.02
C ILE SA 40 -84.06 55.77 -9.84
N ILE SA 41 -85.28 56.17 -9.49
CA ILE SA 41 -85.97 55.62 -8.31
C ILE SA 41 -86.78 54.42 -8.77
N LYS SA 42 -86.42 53.24 -8.26
CA LYS SA 42 -87.13 52.03 -8.66
C LYS SA 42 -88.34 51.78 -7.77
N PHE SA 43 -88.11 51.62 -6.47
CA PHE SA 43 -89.19 51.44 -5.51
C PHE SA 43 -88.64 51.67 -4.11
N PRO SA 44 -89.47 52.04 -3.16
CA PRO SA 44 -89.00 52.20 -1.78
C PRO SA 44 -88.86 50.86 -1.07
N LEU SA 45 -87.83 50.78 -0.24
CA LEU SA 45 -87.67 49.66 0.66
C LEU SA 45 -88.66 49.81 1.81
N THR SA 46 -89.34 48.72 2.16
CA THR SA 46 -90.37 48.75 3.18
C THR SA 46 -90.07 47.75 4.29
N THR SA 47 -88.80 47.39 4.45
CA THR SA 47 -88.40 46.42 5.46
C THR SA 47 -88.49 47.04 6.86
N GLU SA 48 -88.29 46.19 7.87
CA GLU SA 48 -88.33 46.65 9.26
C GLU SA 48 -87.30 47.74 9.52
N SER SA 49 -86.10 47.58 9.00
CA SER SA 49 -85.05 48.57 9.23
C SER SA 49 -85.28 49.84 8.42
N ALA SA 50 -85.89 49.72 7.24
CA ALA SA 50 -86.25 50.90 6.48
C ALA SA 50 -87.32 51.72 7.19
N MET SA 51 -88.29 51.04 7.82
CA MET SA 51 -89.30 51.74 8.61
C MET SA 51 -88.67 52.43 9.82
N LYS SA 52 -87.62 51.84 10.39
CA LYS SA 52 -86.93 52.46 11.51
C LYS SA 52 -86.25 53.76 11.09
N LYS SA 53 -85.74 53.81 9.87
CA LYS SA 53 -85.11 55.01 9.37
C LYS SA 53 -86.11 56.12 9.06
N ILE SA 54 -87.32 55.78 8.63
CA ILE SA 54 -88.33 56.78 8.38
C ILE SA 54 -88.70 57.51 9.66
N GLU SA 55 -88.82 56.77 10.77
CA GLU SA 55 -89.27 57.35 12.02
C GLU SA 55 -88.13 57.96 12.83
N ASP SA 56 -87.02 57.23 12.99
CA ASP SA 56 -85.99 57.67 13.94
C ASP SA 56 -85.16 58.81 13.37
N ASN SA 57 -84.61 58.64 12.18
CA ASN SA 57 -83.66 59.62 11.66
C ASN SA 57 -84.14 60.30 10.38
N ASN SA 58 -85.45 60.23 10.10
CA ASN SA 58 -86.10 61.09 9.10
C ASN SA 58 -85.55 60.85 7.69
N THR SA 59 -85.24 59.60 7.36
CA THR SA 59 -84.72 59.28 6.04
C THR SA 59 -85.65 58.30 5.33
N LEU SA 60 -85.78 58.46 4.02
CA LEU SA 60 -86.44 57.48 3.19
C LEU SA 60 -85.43 56.52 2.60
N VAL SA 61 -85.84 55.28 2.39
CA VAL SA 61 -84.96 54.24 1.86
C VAL SA 61 -85.50 53.83 0.51
N PHE SA 62 -84.67 53.90 -0.52
CA PHE SA 62 -85.06 53.57 -1.88
C PHE SA 62 -84.09 52.56 -2.47
N ILE SA 63 -84.63 51.69 -3.31
CA ILE SA 63 -83.84 50.94 -4.26
C ILE SA 63 -83.77 51.77 -5.53
N VAL SA 64 -82.55 52.03 -6.00
CA VAL SA 64 -82.33 52.91 -7.13
C VAL SA 64 -81.54 52.16 -8.20
N ASP SA 65 -81.49 52.77 -9.38
CA ASP SA 65 -80.67 52.22 -10.45
C ASP SA 65 -79.20 52.25 -10.05
N VAL SA 66 -78.50 51.14 -10.31
CA VAL SA 66 -77.13 51.01 -9.86
C VAL SA 66 -76.20 52.02 -10.52
N LYS SA 67 -76.60 52.63 -11.64
CA LYS SA 67 -75.76 53.61 -12.32
C LYS SA 67 -76.00 55.05 -11.84
N ALA SA 68 -76.96 55.27 -10.96
CA ALA SA 68 -77.22 56.61 -10.46
C ALA SA 68 -76.24 56.97 -9.35
N ASN SA 69 -75.70 58.19 -9.41
CA ASN SA 69 -74.88 58.67 -8.30
C ASN SA 69 -75.73 59.49 -7.34
N LYS SA 70 -75.10 59.93 -6.25
CA LYS SA 70 -75.84 60.61 -5.19
C LYS SA 70 -76.42 61.94 -5.66
N HIS SA 71 -75.82 62.55 -6.69
CA HIS SA 71 -76.36 63.79 -7.23
C HIS SA 71 -77.63 63.52 -8.03
N GLN SA 72 -77.62 62.48 -8.85
CA GLN SA 72 -78.82 62.12 -9.61
C GLN SA 72 -79.93 61.63 -8.69
N ILE SA 73 -79.58 60.87 -7.65
CA ILE SA 73 -80.58 60.34 -6.73
C ILE SA 73 -81.28 61.47 -6.00
N LYS SA 74 -80.51 62.46 -5.55
CA LYS SA 74 -81.09 63.59 -4.84
C LYS SA 74 -82.02 64.41 -5.74
N GLN SA 75 -81.59 64.67 -6.97
CA GLN SA 75 -82.44 65.42 -7.90
C GLN SA 75 -83.71 64.66 -8.22
N ALA SA 76 -83.60 63.34 -8.44
CA ALA SA 76 -84.78 62.55 -8.77
C ALA SA 76 -85.78 62.56 -7.62
N VAL SA 77 -85.31 62.33 -6.41
CA VAL SA 77 -86.21 62.28 -5.25
C VAL SA 77 -86.87 63.64 -5.06
N LYS SA 78 -86.09 64.72 -5.19
CA LYS SA 78 -86.65 66.05 -5.02
C LYS SA 78 -87.71 66.38 -6.06
N LYS SA 79 -87.58 65.84 -7.28
CA LYS SA 79 -88.47 66.26 -8.34
C LYS SA 79 -89.81 65.52 -8.31
N LEU SA 80 -89.77 64.19 -8.18
CA LEU SA 80 -91.03 63.46 -8.26
C LEU SA 80 -91.70 63.25 -6.91
N TYR SA 81 -91.13 63.74 -5.82
CA TYR SA 81 -91.83 63.76 -4.54
C TYR SA 81 -91.97 65.16 -3.97
N ASP SA 82 -91.36 66.17 -4.59
CA ASP SA 82 -91.54 67.57 -4.20
C ASP SA 82 -91.16 67.77 -2.73
N ILE SA 83 -90.00 67.24 -2.37
CA ILE SA 83 -89.42 67.38 -1.05
C ILE SA 83 -87.96 67.79 -1.21
N ASP SA 84 -87.37 68.30 -0.14
CA ASP SA 84 -85.96 68.66 -0.12
C ASP SA 84 -85.21 67.63 0.71
N VAL SA 85 -84.10 67.13 0.19
CA VAL SA 85 -83.31 66.14 0.90
C VAL SA 85 -82.07 66.82 1.46
N ALA SA 86 -81.65 66.37 2.63
CA ALA SA 86 -80.45 66.89 3.28
C ALA SA 86 -79.20 66.18 2.76
N LYS SA 87 -79.22 64.86 2.69
CA LYS SA 87 -78.08 64.12 2.18
C LYS SA 87 -78.51 62.74 1.73
N VAL SA 88 -77.65 62.11 0.93
CA VAL SA 88 -77.87 60.79 0.37
C VAL SA 88 -76.69 59.91 0.73
N ASN SA 89 -76.97 58.76 1.33
CA ASN SA 89 -75.98 57.71 1.54
C ASN SA 89 -76.38 56.53 0.68
N THR SA 90 -75.42 55.92 0.00
CA THR SA 90 -75.72 54.81 -0.89
C THR SA 90 -74.87 53.60 -0.55
N LEU SA 91 -75.41 52.42 -0.82
CA LEU SA 91 -74.65 51.19 -0.80
C LEU SA 91 -75.19 50.29 -1.90
N ILE SA 92 -74.35 49.36 -2.33
CA ILE SA 92 -74.76 48.31 -3.25
C ILE SA 92 -74.93 47.03 -2.45
N ARG SA 93 -76.11 46.43 -2.57
CA ARG SA 93 -76.47 45.30 -1.76
C ARG SA 93 -75.78 44.03 -2.27
N PRO SA 94 -75.71 42.98 -1.46
CA PRO SA 94 -75.15 41.72 -1.96
C PRO SA 94 -75.92 41.14 -3.14
N ASP SA 95 -77.21 41.46 -3.27
CA ASP SA 95 -77.95 41.00 -4.44
C ASP SA 95 -77.68 41.82 -5.69
N GLY SA 96 -76.97 42.94 -5.56
CA GLY SA 96 -76.53 43.70 -6.72
C GLY SA 96 -77.27 45.00 -6.98
N GLU SA 97 -78.33 45.33 -6.25
CA GLU SA 97 -79.03 46.58 -6.49
C GLU SA 97 -78.58 47.65 -5.51
N LYS SA 98 -78.64 48.90 -5.97
CA LYS SA 98 -78.23 50.03 -5.16
C LYS SA 98 -79.36 50.46 -4.22
N LYS SA 99 -78.99 50.71 -2.98
CA LYS SA 99 -79.91 51.21 -1.96
C LYS SA 99 -79.47 52.62 -1.58
N ALA SA 100 -80.43 53.54 -1.52
CA ALA SA 100 -80.15 54.92 -1.16
C ALA SA 100 -80.85 55.26 0.15
N TYR SA 101 -80.08 55.74 1.12
CA TYR SA 101 -80.60 56.33 2.35
C TYR SA 101 -80.69 57.83 2.10
N VAL SA 102 -81.89 58.35 2.01
CA VAL SA 102 -82.12 59.74 1.64
C VAL SA 102 -82.62 60.45 2.90
N ARG SA 103 -81.74 61.21 3.55
CA ARG SA 103 -82.13 62.03 4.68
C ARG SA 103 -82.87 63.25 4.19
N LEU SA 104 -84.09 63.44 4.68
CA LEU SA 104 -84.89 64.59 4.29
C LEU SA 104 -84.45 65.83 5.04
N ALA SA 105 -84.77 66.99 4.48
CA ALA SA 105 -84.47 68.25 5.14
C ALA SA 105 -85.26 68.37 6.43
N PRO SA 106 -84.78 69.17 7.39
CA PRO SA 106 -85.45 69.23 8.71
C PRO SA 106 -86.90 69.69 8.64
N ASP SA 107 -87.25 70.57 7.70
CA ASP SA 107 -88.62 71.06 7.61
C ASP SA 107 -89.55 70.07 6.92
N TYR SA 108 -89.02 68.99 6.38
CA TYR SA 108 -89.84 67.92 5.81
C TYR SA 108 -89.84 66.73 6.76
N ASP SA 109 -91.00 66.15 6.97
CA ASP SA 109 -91.15 65.00 7.85
C ASP SA 109 -91.26 63.74 7.00
N ALA SA 110 -90.33 62.81 7.21
CA ALA SA 110 -90.29 61.59 6.40
C ALA SA 110 -91.50 60.70 6.63
N LEU SA 111 -92.09 60.72 7.83
CA LEU SA 111 -93.25 59.89 8.11
C LEU SA 111 -94.44 60.29 7.25
N ASP SA 112 -94.67 61.59 7.07
CA ASP SA 112 -95.82 62.00 6.27
C ASP SA 112 -95.52 61.93 4.77
N VAL SA 113 -94.25 62.09 4.39
CA VAL SA 113 -93.88 61.86 2.99
C VAL SA 113 -94.09 60.40 2.62
N ALA SA 114 -93.70 59.49 3.52
CA ALA SA 114 -93.95 58.07 3.29
C ALA SA 114 -95.44 57.77 3.25
N ASN SA 115 -96.25 58.54 4.00
CA ASN SA 115 -97.69 58.42 3.88
C ASN SA 115 -98.17 58.77 2.48
N LYS SA 116 -97.69 59.88 1.94
CA LYS SA 116 -98.07 60.29 0.59
C LYS SA 116 -97.60 59.28 -0.45
N ILE SA 117 -96.36 58.80 -0.31
CA ILE SA 117 -95.80 57.86 -1.26
C ILE SA 117 -96.59 56.55 -1.24
N GLY SA 118 -97.00 56.13 -0.05
CA GLY SA 118 -97.88 54.99 0.08
C GLY SA 118 -97.21 53.76 0.64
N ILE SA 119 -96.06 53.93 1.28
CA ILE SA 119 -95.33 52.78 1.80
C ILE SA 119 -95.56 52.54 3.28
N ILE SA 120 -96.34 53.39 3.94
CA ILE SA 120 -96.51 53.27 5.38
C ILE SA 120 -97.36 52.08 5.75
N MET TA 1 -101.88 9.11 -54.01
CA MET TA 1 -100.90 9.28 -52.95
C MET TA 1 -100.16 10.60 -53.11
N LYS TA 2 -99.15 10.85 -52.27
CA LYS TA 2 -98.50 12.15 -52.25
C LYS TA 2 -97.42 12.25 -53.32
N PHE TA 3 -97.46 13.32 -54.11
CA PHE TA 3 -96.50 13.52 -55.18
C PHE TA 3 -95.66 14.76 -54.97
N ASN TA 4 -96.09 15.63 -54.09
CA ASN TA 4 -95.41 16.92 -53.90
C ASN TA 4 -94.07 16.68 -53.22
N PRO TA 5 -92.95 17.01 -53.86
CA PRO TA 5 -91.63 16.75 -53.27
C PRO TA 5 -91.25 17.68 -52.13
N PHE TA 6 -92.09 18.65 -51.78
CA PHE TA 6 -91.77 19.60 -50.72
C PHE TA 6 -92.62 19.41 -49.48
N VAL TA 7 -93.49 18.41 -49.46
CA VAL TA 7 -94.21 18.02 -48.26
C VAL TA 7 -93.68 16.65 -47.86
N THR TA 8 -93.37 16.50 -46.58
CA THR TA 8 -92.80 15.27 -46.07
C THR TA 8 -93.90 14.30 -45.65
N SER TA 9 -93.64 13.01 -45.86
CA SER TA 9 -94.43 11.96 -45.25
C SER TA 9 -93.68 11.27 -44.13
N ASP TA 10 -92.52 11.81 -43.74
CA ASP TA 10 -91.76 11.28 -42.63
C ASP TA 10 -92.59 11.31 -41.35
N ARG TA 11 -92.68 10.16 -40.69
CA ARG TA 11 -93.50 10.06 -39.49
C ARG TA 11 -92.98 10.97 -38.37
N SER TA 12 -91.68 10.99 -38.16
CA SER TA 12 -91.11 11.83 -37.11
C SER TA 12 -91.33 13.31 -37.40
N LYS TA 13 -91.17 13.72 -38.66
CA LYS TA 13 -91.37 15.12 -39.04
C LYS TA 13 -92.82 15.54 -38.87
N ASN TA 14 -93.75 14.69 -39.26
CA ASN TA 14 -95.17 15.04 -39.16
C ASN TA 14 -95.63 15.08 -37.70
N ARG TA 15 -95.08 14.20 -36.87
CA ARG TA 15 -95.43 14.22 -35.45
C ARG TA 15 -94.79 15.41 -34.75
N LYS TA 16 -93.56 15.76 -35.10
CA LYS TA 16 -92.93 16.93 -34.50
C LYS TA 16 -93.69 18.20 -34.87
N ARG TA 17 -94.17 18.29 -36.11
CA ARG TA 17 -94.94 19.46 -36.51
C ARG TA 17 -96.29 19.52 -35.83
N HIS TA 18 -96.87 18.35 -35.48
CA HIS TA 18 -98.18 18.35 -34.83
C HIS TA 18 -98.09 18.79 -33.38
N PHE TA 19 -97.06 18.32 -32.66
CA PHE TA 19 -97.01 18.55 -31.22
C PHE TA 19 -96.34 19.88 -30.88
N ASN TA 20 -95.62 20.47 -31.84
CA ASN TA 20 -95.06 21.79 -31.68
C ASN TA 20 -95.76 22.82 -32.56
N ALA TA 21 -96.99 22.52 -32.95
CA ALA TA 21 -97.76 23.42 -33.78
C ALA TA 21 -98.05 24.72 -33.03
N PRO TA 22 -97.81 25.87 -33.65
CA PRO TA 22 -98.21 27.14 -33.02
C PRO TA 22 -99.71 27.19 -32.80
N SER TA 23 -100.12 28.14 -31.96
CA SER TA 23 -101.50 28.18 -31.49
C SER TA 23 -102.48 28.40 -32.63
N HIS TA 24 -102.10 29.20 -33.64
CA HIS TA 24 -103.06 29.53 -34.69
C HIS TA 24 -103.27 28.38 -35.67
N ILE TA 25 -102.26 27.53 -35.89
CA ILE TA 25 -102.48 26.32 -36.67
C ILE TA 25 -103.00 25.18 -35.80
N ARG TA 26 -102.85 25.27 -34.48
CA ARG TA 26 -103.53 24.36 -33.57
C ARG TA 26 -105.04 24.52 -33.68
N ARG TA 27 -105.50 25.74 -33.97
CA ARG TA 27 -106.92 25.98 -34.14
C ARG TA 27 -107.48 25.20 -35.32
N LYS TA 28 -106.73 25.15 -36.42
CA LYS TA 28 -107.18 24.40 -37.59
C LYS TA 28 -107.10 22.90 -37.35
N ILE TA 29 -106.06 22.45 -36.63
CA ILE TA 29 -105.94 21.04 -36.27
C ILE TA 29 -107.12 20.60 -35.43
N MET TA 30 -107.73 21.53 -34.68
CA MET TA 30 -108.87 21.24 -33.82
C MET TA 30 -110.20 21.42 -34.50
N SER TA 31 -110.31 21.11 -35.78
CA SER TA 31 -111.59 21.24 -36.46
C SER TA 31 -112.52 20.09 -36.10
N SER TA 32 -113.81 20.34 -36.24
CA SER TA 32 -114.85 19.38 -35.95
C SER TA 32 -115.81 19.29 -37.12
N PRO TA 33 -116.43 18.15 -37.34
CA PRO TA 33 -117.51 18.07 -38.32
C PRO TA 33 -118.74 18.84 -37.86
N LEU TA 34 -119.47 19.36 -38.84
CA LEU TA 34 -120.80 19.89 -38.62
C LEU TA 34 -121.81 18.76 -38.67
N SER TA 35 -122.97 19.00 -38.05
CA SER TA 35 -124.04 18.03 -38.14
C SER TA 35 -124.55 17.94 -39.58
N LYS TA 36 -125.36 16.92 -39.84
CA LYS TA 36 -125.93 16.76 -41.18
C LYS TA 36 -126.76 17.98 -41.57
N GLU TA 37 -127.47 18.58 -40.60
CA GLU TA 37 -128.26 19.76 -40.88
C GLU TA 37 -127.38 20.95 -41.21
N LEU TA 38 -126.35 21.19 -40.39
CA LEU TA 38 -125.43 22.28 -40.67
C LEU TA 38 -124.65 22.04 -41.95
N ARG TA 39 -124.25 20.79 -42.21
CA ARG TA 39 -123.60 20.46 -43.48
C ARG TA 39 -124.49 20.71 -44.67
N GLN TA 40 -125.81 20.66 -44.50
CA GLN TA 40 -126.75 20.95 -45.57
C GLN TA 40 -127.03 22.45 -45.70
N LYS TA 41 -127.34 23.12 -44.58
CA LYS TA 41 -127.66 24.54 -44.64
C LYS TA 41 -126.49 25.35 -45.17
N TYR TA 42 -125.31 25.17 -44.59
CA TYR TA 42 -124.08 25.62 -45.19
C TYR TA 42 -123.61 24.56 -46.16
N ASN TA 43 -122.54 24.83 -46.90
CA ASN TA 43 -121.99 23.82 -47.80
C ASN TA 43 -120.59 23.40 -47.36
N VAL TA 44 -120.37 23.21 -46.07
CA VAL TA 44 -119.05 22.88 -45.55
C VAL TA 44 -119.16 21.65 -44.66
N ARG TA 45 -118.07 20.89 -44.62
CA ARG TA 45 -118.01 19.65 -43.84
C ARG TA 45 -117.49 19.90 -42.43
N SER TA 46 -116.35 20.57 -42.30
CA SER TA 46 -115.66 20.72 -41.03
C SER TA 46 -115.42 22.19 -40.73
N MET TA 47 -115.18 22.46 -39.45
CA MET TA 47 -115.00 23.81 -38.97
C MET TA 47 -114.11 23.78 -37.75
N PRO TA 48 -113.16 24.71 -37.60
CA PRO TA 48 -112.42 24.79 -36.34
C PRO TA 48 -113.36 25.08 -35.19
N ILE TA 49 -113.11 24.42 -34.07
CA ILE TA 49 -114.01 24.50 -32.92
C ILE TA 49 -113.81 25.83 -32.21
N ARG TA 50 -114.90 26.43 -31.80
CA ARG TA 50 -114.96 27.78 -31.24
C ARG TA 50 -115.49 27.71 -29.81
N LYS TA 51 -115.23 28.77 -29.05
CA LYS TA 51 -115.50 28.77 -27.62
C LYS TA 51 -116.96 28.50 -27.29
N ASP TA 52 -117.93 29.12 -27.96
CA ASP TA 52 -119.31 29.05 -27.50
C ASP TA 52 -120.23 28.42 -28.55
N ASP TA 53 -119.80 27.35 -29.21
CA ASP TA 53 -120.71 26.61 -30.08
C ASP TA 53 -121.15 25.32 -29.40
N GLU TA 54 -122.31 24.83 -29.81
CA GLU TA 54 -122.92 23.67 -29.17
C GLU TA 54 -122.52 22.40 -29.91
N VAL TA 55 -122.11 21.39 -29.17
CA VAL TA 55 -121.63 20.14 -29.75
C VAL TA 55 -122.26 18.97 -29.00
N GLN TA 56 -122.21 17.80 -29.63
CA GLN TA 56 -122.53 16.57 -28.95
C GLN TA 56 -121.40 15.56 -29.16
N VAL TA 57 -121.08 14.82 -28.11
CA VAL TA 57 -119.97 13.88 -28.14
C VAL TA 57 -120.43 12.58 -28.80
N VAL TA 58 -119.66 12.09 -29.76
CA VAL TA 58 -120.04 10.91 -30.52
C VAL TA 58 -119.12 9.72 -30.29
N ARG TA 59 -118.06 9.87 -29.49
CA ARG TA 59 -117.17 8.76 -29.19
C ARG TA 59 -116.80 8.81 -27.71
N GLY TA 60 -116.38 7.68 -27.19
CA GLY TA 60 -115.89 7.59 -25.83
C GLY TA 60 -117.01 7.39 -24.81
N HIS TA 61 -116.66 7.65 -23.56
CA HIS TA 61 -117.57 7.42 -22.45
C HIS TA 61 -118.78 8.35 -22.45
N TYR TA 62 -118.65 9.56 -23.01
CA TYR TA 62 -119.69 10.56 -22.94
C TYR TA 62 -120.51 10.64 -24.22
N LYS TA 63 -120.60 9.54 -24.97
CA LYS TA 63 -121.46 9.50 -26.13
C LYS TA 63 -122.91 9.78 -25.75
N GLY TA 64 -123.65 10.30 -26.70
CA GLY TA 64 -125.08 10.52 -26.51
C GLY TA 64 -125.55 11.64 -27.40
N GLN TA 65 -126.83 11.95 -27.25
CA GLN TA 65 -127.47 13.03 -27.99
C GLN TA 65 -127.56 14.32 -27.19
N GLN TA 66 -127.05 14.32 -25.96
CA GLN TA 66 -127.03 15.52 -25.13
C GLN TA 66 -126.19 16.61 -25.79
N ILE TA 67 -126.78 17.79 -25.97
CA ILE TA 67 -126.07 18.92 -26.56
C ILE TA 67 -125.44 19.72 -25.43
N GLY TA 68 -124.15 19.96 -25.54
CA GLY TA 68 -123.44 20.76 -24.55
C GLY TA 68 -122.69 21.88 -25.22
N LYS TA 69 -122.62 23.01 -24.53
CA LYS TA 69 -121.86 24.16 -25.01
C LYS TA 69 -120.38 23.95 -24.72
N VAL TA 70 -119.54 24.20 -25.73
CA VAL TA 70 -118.12 24.27 -25.48
C VAL TA 70 -117.86 25.40 -24.50
N VAL TA 71 -117.12 25.11 -23.44
CA VAL TA 71 -116.84 26.11 -22.43
C VAL TA 71 -115.39 26.54 -22.42
N GLN TA 72 -114.50 25.78 -23.06
CA GLN TA 72 -113.10 26.11 -23.10
C GLN TA 72 -112.41 25.24 -24.13
N VAL TA 73 -111.63 25.84 -25.02
CA VAL TA 73 -110.78 25.08 -25.92
C VAL TA 73 -109.34 25.29 -25.47
N TYR TA 74 -108.70 24.18 -25.09
CA TYR TA 74 -107.39 24.17 -24.46
C TYR TA 74 -106.41 23.72 -25.52
N ARG TA 75 -105.89 24.68 -26.30
CA ARG TA 75 -105.05 24.33 -27.43
C ARG TA 75 -103.73 23.70 -27.01
N LYS TA 76 -103.22 24.05 -25.84
CA LYS TA 76 -102.00 23.45 -25.34
C LYS TA 76 -102.17 21.95 -25.11
N LYS TA 77 -103.37 21.51 -24.76
CA LYS TA 77 -103.64 20.10 -24.49
C LYS TA 77 -104.42 19.42 -25.62
N TYR TA 78 -104.76 20.15 -26.68
CA TYR TA 78 -105.47 19.59 -27.84
C TYR TA 78 -106.83 19.02 -27.46
N VAL TA 79 -107.50 19.64 -26.48
CA VAL TA 79 -108.81 19.19 -26.03
C VAL TA 79 -109.74 20.38 -25.87
N ILE TA 80 -111.03 20.06 -25.77
CA ILE TA 80 -112.06 21.04 -25.45
C ILE TA 80 -112.82 20.54 -24.24
N TYR TA 81 -113.46 21.49 -23.55
CA TYR TA 81 -114.33 21.19 -22.42
C TYR TA 81 -115.77 21.51 -22.81
N ILE TA 82 -116.70 20.67 -22.36
CA ILE TA 82 -118.11 20.81 -22.67
C ILE TA 82 -118.88 20.86 -21.35
N GLU TA 83 -120.08 21.44 -21.41
CA GLU TA 83 -120.80 21.86 -20.20
C GLU TA 83 -121.02 20.70 -19.24
N ARG TA 84 -121.64 19.62 -19.69
CA ARG TA 84 -121.99 18.51 -18.80
C ARG TA 84 -121.03 17.34 -18.89
N VAL TA 85 -119.93 17.48 -19.62
CA VAL TA 85 -118.92 16.43 -19.71
C VAL TA 85 -117.95 16.60 -18.57
N GLN TA 86 -118.22 15.95 -17.45
CA GLN TA 86 -117.49 16.19 -16.22
C GLN TA 86 -117.54 14.95 -15.33
N ARG TA 87 -116.65 14.95 -14.35
CA ARG TA 87 -116.63 13.94 -13.31
C ARG TA 87 -116.19 14.62 -12.02
N GLU TA 88 -116.51 13.99 -10.90
CA GLU TA 88 -116.03 14.43 -9.60
C GLU TA 88 -114.68 13.79 -9.32
N LYS TA 89 -113.78 14.55 -8.72
CA LYS TA 89 -112.55 13.96 -8.22
C LYS TA 89 -112.79 13.46 -6.80
N ALA TA 90 -111.72 13.10 -6.09
CA ALA TA 90 -111.87 12.48 -4.78
C ALA TA 90 -112.58 13.39 -3.80
N ASN TA 91 -112.20 14.66 -3.77
CA ASN TA 91 -112.67 15.56 -2.72
C ASN TA 91 -114.02 16.19 -3.01
N GLY TA 92 -114.69 15.78 -4.09
CA GLY TA 92 -116.08 16.12 -4.34
C GLY TA 92 -116.29 17.10 -5.49
N THR TA 93 -115.30 17.97 -5.75
CA THR TA 93 -115.46 18.96 -6.81
C THR TA 93 -115.51 18.30 -8.18
N THR TA 94 -116.19 18.97 -9.11
CA THR TA 94 -116.27 18.49 -10.48
C THR TA 94 -115.15 19.10 -11.31
N VAL TA 95 -114.58 18.29 -12.20
CA VAL TA 95 -113.60 18.75 -13.17
C VAL TA 95 -114.11 18.43 -14.56
N HIS TA 96 -113.80 19.29 -15.51
CA HIS TA 96 -114.15 19.04 -16.90
C HIS TA 96 -113.26 17.95 -17.47
N VAL TA 97 -113.84 17.11 -18.34
CA VAL TA 97 -113.09 16.05 -19.00
C VAL TA 97 -112.79 16.52 -20.42
N GLY TA 98 -111.52 16.45 -20.80
CA GLY TA 98 -111.12 16.92 -22.11
C GLY TA 98 -111.48 15.92 -23.19
N ILE TA 99 -112.10 16.41 -24.27
CA ILE TA 99 -112.46 15.59 -25.41
C ILE TA 99 -111.84 16.21 -26.66
N HIS TA 100 -111.24 15.35 -27.47
CA HIS TA 100 -110.67 15.80 -28.72
C HIS TA 100 -111.78 16.26 -29.68
N PRO TA 101 -111.62 17.42 -30.31
CA PRO TA 101 -112.69 17.98 -31.14
C PRO TA 101 -113.04 17.14 -32.36
N SER TA 102 -112.16 16.25 -32.82
CA SER TA 102 -112.53 15.34 -33.91
C SER TA 102 -113.54 14.29 -33.45
N LYS TA 103 -113.81 14.21 -32.15
CA LYS TA 103 -114.76 13.26 -31.60
C LYS TA 103 -116.07 13.91 -31.19
N VAL TA 104 -116.35 15.12 -31.66
CA VAL TA 104 -117.64 15.76 -31.45
C VAL TA 104 -118.15 16.25 -32.80
N VAL TA 105 -119.45 16.50 -32.86
CA VAL TA 105 -120.07 17.15 -34.00
C VAL TA 105 -120.69 18.45 -33.54
N ILE TA 106 -120.51 19.50 -34.33
CA ILE TA 106 -121.07 20.81 -34.03
C ILE TA 106 -122.52 20.84 -34.49
N THR TA 107 -123.44 21.02 -33.54
CA THR TA 107 -124.86 21.11 -33.86
C THR TA 107 -125.36 22.54 -33.95
N ARG TA 108 -124.62 23.51 -33.41
CA ARG TA 108 -124.99 24.91 -33.52
C ARG TA 108 -123.71 25.72 -33.52
N LEU TA 109 -123.47 26.48 -34.58
CA LEU TA 109 -122.28 27.31 -34.65
C LEU TA 109 -122.50 28.61 -33.92
N LYS TA 110 -121.45 29.08 -33.26
CA LYS TA 110 -121.40 30.44 -32.72
C LYS TA 110 -120.98 31.33 -33.89
N LEU TA 111 -121.94 32.11 -34.39
CA LEU TA 111 -121.73 32.89 -35.60
C LEU TA 111 -121.33 34.31 -35.24
N ASP TA 112 -120.39 34.87 -36.00
CA ASP TA 112 -120.12 36.29 -35.97
C ASP TA 112 -119.68 36.70 -37.37
N LYS TA 113 -119.14 37.91 -37.49
CA LYS TA 113 -118.74 38.41 -38.80
C LYS TA 113 -117.64 37.56 -39.42
N ASP TA 114 -116.68 37.14 -38.61
CA ASP TA 114 -115.56 36.34 -39.14
C ASP TA 114 -116.00 34.91 -39.42
N ARG TA 115 -116.84 34.34 -38.55
CA ARG TA 115 -117.27 32.95 -38.75
C ARG TA 115 -118.07 32.80 -40.05
N LYS TA 116 -118.95 33.76 -40.33
CA LYS TA 116 -119.70 33.72 -41.59
C LYS TA 116 -118.78 33.88 -42.78
N LYS TA 117 -117.76 34.73 -42.65
CA LYS TA 117 -116.78 34.90 -43.71
C LYS TA 117 -116.06 33.59 -44.02
N ILE TA 118 -115.72 32.84 -42.97
CA ILE TA 118 -115.09 31.53 -43.17
C ILE TA 118 -116.07 30.55 -43.78
N LEU TA 119 -117.32 30.55 -43.33
CA LEU TA 119 -118.33 29.64 -43.85
C LEU TA 119 -118.57 29.90 -45.33
N GLU TA 120 -118.62 31.17 -45.72
CA GLU TA 120 -118.83 31.52 -47.12
C GLU TA 120 -117.63 31.11 -47.98
N ARG TA 121 -116.42 31.23 -47.43
CA ARG TA 121 -115.22 30.93 -48.20
C ARG TA 121 -115.08 29.43 -48.42
N LYS TA 122 -115.45 28.61 -47.44
CA LYS TA 122 -115.37 27.17 -47.62
C LYS TA 122 -116.43 26.67 -48.59
N ALA TA 123 -117.64 27.22 -48.51
CA ALA TA 123 -118.71 26.82 -49.41
C ALA TA 123 -118.39 27.19 -50.85
N LYS TA 124 -117.82 28.37 -51.07
CA LYS TA 124 -117.49 28.80 -52.43
C LYS TA 124 -116.37 27.96 -53.02
N SER TA 125 -115.38 27.58 -52.21
CA SER TA 125 -114.33 26.70 -52.69
C SER TA 125 -114.87 25.32 -53.05
N ARG TA 126 -115.81 24.81 -52.24
CA ARG TA 126 -116.40 23.51 -52.54
C ARG TA 126 -117.23 23.56 -53.81
N GLN TA 127 -117.90 24.69 -54.06
CA GLN TA 127 -118.70 24.81 -55.27
C GLN TA 127 -117.81 24.93 -56.50
N VAL TA 128 -116.67 25.61 -56.39
CA VAL TA 128 -115.74 25.73 -57.51
C VAL TA 128 -115.21 24.36 -57.90
N GLY TA 129 -114.82 23.55 -56.91
CA GLY TA 129 -114.40 22.19 -57.20
C GLY TA 129 -115.55 21.32 -57.69
N LYS TA 130 -116.76 21.54 -57.16
CA LYS TA 130 -117.91 20.78 -57.59
C LYS TA 130 -118.20 21.04 -59.07
N GLU TA 131 -118.13 22.29 -59.50
CA GLU TA 131 -118.31 22.60 -60.91
C GLU TA 131 -117.08 22.25 -61.73
N LYS TA 132 -115.90 22.24 -61.12
CA LYS TA 132 -114.69 21.90 -61.86
C LYS TA 132 -114.72 20.46 -62.34
N GLY TA 133 -115.13 19.53 -61.48
CA GLY TA 133 -115.20 18.13 -61.84
C GLY TA 133 -116.57 17.68 -62.32
N LYS TA 134 -117.14 18.41 -63.27
CA LYS TA 134 -118.46 18.07 -63.82
C LYS TA 134 -118.49 16.68 -64.44
N GLY UA 1 -4.16 101.70 13.37
CA GLY UA 1 -4.95 102.29 14.44
C GLY UA 1 -6.42 101.96 14.31
N LYS UA 2 -7.25 102.65 15.09
CA LYS UA 2 -8.69 102.48 15.00
C LYS UA 2 -9.18 102.94 13.63
N PHE UA 3 -10.15 102.22 13.09
CA PHE UA 3 -10.70 102.57 11.79
C PHE UA 3 -12.22 102.63 11.73
N MET UA 4 -12.94 102.03 12.69
CA MET UA 4 -14.40 102.09 12.70
C MET UA 4 -14.85 103.49 13.13
N LYS UA 5 -14.90 104.39 12.15
CA LYS UA 5 -15.12 105.80 12.38
C LYS UA 5 -16.41 106.26 11.72
N PRO UA 6 -16.96 107.41 12.14
CA PRO UA 6 -18.15 107.94 11.46
C PRO UA 6 -17.88 108.20 9.99
N GLY UA 7 -18.86 107.88 9.16
CA GLY UA 7 -18.75 108.01 7.73
C GLY UA 7 -18.20 106.79 7.02
N LYS UA 8 -17.71 105.80 7.75
CA LYS UA 8 -17.14 104.61 7.14
C LYS UA 8 -18.25 103.63 6.76
N VAL UA 9 -18.19 103.14 5.52
CA VAL UA 9 -19.19 102.20 5.04
C VAL UA 9 -18.92 100.84 5.66
N VAL UA 10 -20.00 100.14 6.06
CA VAL UA 10 -19.89 98.80 6.61
C VAL UA 10 -20.89 97.89 5.93
N LEU UA 11 -20.65 96.60 6.07
CA LEU UA 11 -21.57 95.56 5.64
C LEU UA 11 -22.18 94.89 6.86
N VAL UA 12 -23.50 94.78 6.88
CA VAL UA 12 -24.20 94.14 7.98
C VAL UA 12 -24.15 92.64 7.79
N LEU UA 13 -23.77 91.92 8.85
CA LEU UA 13 -23.61 90.48 8.76
C LEU UA 13 -24.76 89.70 9.38
N ALA UA 14 -25.51 90.30 10.30
CA ALA UA 14 -26.47 89.57 11.09
C ALA UA 14 -27.79 90.33 11.14
N GLY UA 15 -28.87 89.59 11.33
CA GLY UA 15 -30.17 90.20 11.54
C GLY UA 15 -30.99 90.36 10.28
N ARG UA 16 -32.01 91.21 10.39
CA ARG UA 16 -32.92 91.43 9.28
C ARG UA 16 -32.23 92.13 8.11
N TYR UA 17 -31.18 92.89 8.36
CA TYR UA 17 -30.49 93.65 7.32
C TYR UA 17 -29.15 93.04 6.93
N SER UA 18 -29.00 91.72 7.06
CA SER UA 18 -27.78 91.06 6.65
C SER UA 18 -27.51 91.31 5.18
N GLY UA 19 -26.28 91.69 4.86
CA GLY UA 19 -25.88 91.94 3.50
C GLY UA 19 -26.13 93.34 3.01
N ARG UA 20 -26.75 94.20 3.79
CA ARG UA 20 -26.99 95.58 3.41
C ARG UA 20 -25.74 96.42 3.68
N LYS UA 21 -25.52 97.43 2.85
CA LYS UA 21 -24.49 98.42 3.15
C LYS UA 21 -25.03 99.48 4.10
N ALA UA 22 -24.18 99.92 5.02
CA ALA UA 22 -24.57 100.94 5.98
C ALA UA 22 -23.40 101.89 6.16
N VAL UA 23 -23.66 103.03 6.76
CA VAL UA 23 -22.64 104.01 7.08
C VAL UA 23 -22.65 104.26 8.58
N ILE UA 24 -21.47 104.28 9.18
CA ILE UA 24 -21.35 104.49 10.62
C ILE UA 24 -21.67 105.93 10.94
N VAL UA 25 -22.67 106.15 11.79
CA VAL UA 25 -23.04 107.48 12.23
C VAL UA 25 -22.26 107.89 13.46
N LYS UA 26 -22.10 106.97 14.40
CA LYS UA 26 -21.40 107.24 15.65
C LYS UA 26 -20.89 105.92 16.19
N ASN UA 27 -19.63 105.89 16.59
CA ASN UA 27 -19.00 104.67 17.10
C ASN UA 27 -18.68 104.85 18.58
N ILE UA 28 -18.96 103.80 19.35
CA ILE UA 28 -18.79 103.82 20.79
C ILE UA 28 -17.51 103.11 21.21
N ASP UA 29 -17.29 101.90 20.71
CA ASP UA 29 -16.05 101.11 20.81
C ASP UA 29 -15.54 100.98 22.24
N ASP UA 30 -16.36 101.30 23.22
CA ASP UA 30 -16.09 101.05 24.63
C ASP UA 30 -17.25 100.41 25.35
N GLY UA 31 -18.47 100.61 24.88
CA GLY UA 31 -19.64 100.22 25.63
C GLY UA 31 -20.19 101.37 26.45
N THR UA 32 -21.43 101.19 26.93
CA THR UA 32 -22.13 102.24 27.67
C THR UA 32 -22.85 101.70 28.90
N SER UA 33 -22.48 100.50 29.36
CA SER UA 33 -23.01 99.85 30.54
C SER UA 33 -24.47 99.40 30.39
N ASP UA 34 -25.14 99.75 29.28
CA ASP UA 34 -26.31 99.02 28.83
C ASP UA 34 -26.02 98.23 27.57
N ARG UA 35 -24.98 98.60 26.83
CA ARG UA 35 -24.41 97.79 25.76
C ARG UA 35 -22.94 97.64 26.07
N PRO UA 36 -22.59 96.71 26.97
CA PRO UA 36 -21.18 96.60 27.39
C PRO UA 36 -20.23 96.30 26.26
N TYR UA 37 -20.69 95.67 25.18
CA TYR UA 37 -19.85 95.41 24.03
C TYR UA 37 -19.64 96.67 23.20
N SER UA 38 -18.67 96.60 22.30
CA SER UA 38 -18.33 97.70 21.41
C SER UA 38 -19.31 97.72 20.24
N HIS UA 39 -19.93 98.87 20.00
CA HIS UA 39 -21.05 98.95 19.07
C HIS UA 39 -21.02 100.28 18.33
N ALA UA 40 -21.81 100.37 17.26
CA ALA UA 40 -21.85 101.55 16.42
C ALA UA 40 -23.28 101.85 16.01
N LEU UA 41 -23.64 103.13 16.03
CA LEU UA 41 -24.90 103.58 15.43
C LEU UA 41 -24.73 103.64 13.92
N VAL UA 42 -25.71 103.10 13.20
CA VAL UA 42 -25.59 102.85 11.77
C VAL UA 42 -26.81 103.37 11.05
N ALA UA 43 -26.59 103.95 9.86
CA ALA UA 43 -27.66 104.34 8.94
C ALA UA 43 -27.43 103.62 7.63
N GLY UA 44 -28.33 102.68 7.30
CA GLY UA 44 -28.14 101.81 6.17
C GLY UA 44 -29.27 101.91 5.15
N ILE UA 45 -29.14 101.12 4.10
CA ILE UA 45 -30.10 101.08 3.01
C ILE UA 45 -30.87 99.77 3.09
N ASP UA 46 -32.19 99.87 3.29
CA ASP UA 46 -33.03 98.68 3.32
C ASP UA 46 -33.40 98.25 1.90
N ARG UA 47 -34.01 99.15 1.13
CA ARG UA 47 -34.38 98.88 -0.26
C ARG UA 47 -33.49 99.75 -1.15
N TYR UA 48 -32.73 99.10 -2.02
CA TYR UA 48 -31.83 99.83 -2.90
C TYR UA 48 -32.61 100.48 -4.04
N PRO UA 49 -32.07 101.54 -4.63
CA PRO UA 49 -32.71 102.11 -5.82
C PRO UA 49 -32.57 101.16 -6.99
N ARG UA 50 -33.68 100.96 -7.71
CA ARG UA 50 -33.67 100.06 -8.83
C ARG UA 50 -32.81 100.62 -9.96
N LYS UA 51 -32.25 99.70 -10.75
CA LYS UA 51 -31.44 100.08 -11.89
C LYS UA 51 -32.26 100.91 -12.89
N VAL UA 52 -31.65 101.97 -13.39
CA VAL UA 52 -32.33 102.95 -14.23
C VAL UA 52 -31.53 103.11 -15.52
N THR UA 53 -32.23 103.17 -16.65
CA THR UA 53 -31.59 103.21 -17.96
C THR UA 53 -32.08 104.41 -18.75
N ALA UA 54 -31.43 104.66 -19.89
CA ALA UA 54 -31.71 105.84 -20.69
C ALA UA 54 -33.08 105.77 -21.34
N ALA UA 55 -33.60 104.57 -21.58
CA ALA UA 55 -34.91 104.41 -22.20
C ALA UA 55 -35.99 104.09 -21.16
N MET UA 56 -36.21 105.03 -20.23
CA MET UA 56 -37.23 104.81 -19.22
C MET UA 56 -38.27 105.92 -19.10
N GLY UA 57 -37.83 107.17 -19.15
CA GLY UA 57 -38.72 108.28 -18.89
C GLY UA 57 -38.63 108.79 -17.46
N LYS UA 58 -38.76 110.11 -17.32
CA LYS UA 58 -38.41 110.78 -16.07
C LYS UA 58 -39.28 110.30 -14.90
N LYS UA 59 -40.57 110.07 -15.14
CA LYS UA 59 -41.44 109.62 -14.07
C LYS UA 59 -41.05 108.24 -13.56
N LYS UA 60 -40.69 107.33 -14.47
CA LYS UA 60 -40.26 105.99 -14.06
C LYS UA 60 -38.90 106.03 -13.39
N ILE UA 61 -38.01 106.93 -13.84
CA ILE UA 61 -36.70 107.06 -13.23
C ILE UA 61 -36.84 107.55 -11.78
N ALA UA 62 -37.71 108.52 -11.54
CA ALA UA 62 -37.90 109.02 -10.19
C ALA UA 62 -38.46 107.95 -9.27
N LYS UA 63 -39.41 107.16 -9.77
CA LYS UA 63 -40.03 106.12 -8.95
C LYS UA 63 -39.08 104.97 -8.66
N ARG UA 64 -38.16 104.68 -9.58
CA ARG UA 64 -37.20 103.60 -9.35
C ARG UA 64 -36.05 104.05 -8.46
N SER UA 65 -35.76 105.34 -8.40
CA SER UA 65 -34.60 105.85 -7.66
C SER UA 65 -35.00 106.28 -6.25
N LYS UA 66 -35.62 105.38 -5.52
CA LYS UA 66 -36.09 105.64 -4.17
C LYS UA 66 -35.43 104.70 -3.18
N ILE UA 67 -35.02 105.25 -2.04
CA ILE UA 67 -34.34 104.50 -0.99
C ILE UA 67 -35.29 104.25 0.16
N LYS UA 68 -35.24 103.05 0.71
CA LYS UA 68 -35.76 102.79 2.05
C LYS UA 68 -34.56 102.57 2.96
N SER UA 69 -34.55 103.27 4.08
CA SER UA 69 -33.39 103.30 4.95
C SER UA 69 -33.70 102.59 6.27
N PHE UA 70 -32.65 102.36 7.06
CA PHE UA 70 -32.80 101.85 8.41
C PHE UA 70 -31.74 102.48 9.30
N VAL UA 71 -32.01 102.44 10.61
CA VAL UA 71 -31.09 102.94 11.63
C VAL UA 71 -30.96 101.88 12.71
N LYS UA 72 -29.71 101.55 13.08
CA LYS UA 72 -29.47 100.45 14.01
C LYS UA 72 -28.18 100.68 14.78
N VAL UA 73 -28.00 99.92 15.87
CA VAL UA 73 -26.91 100.08 16.83
C VAL UA 73 -26.05 98.83 16.90
N TYR UA 74 -25.80 98.22 15.75
CA TYR UA 74 -25.08 96.95 15.64
C TYR UA 74 -23.86 96.84 16.55
N ASN UA 75 -23.68 95.64 17.10
CA ASN UA 75 -22.42 95.18 17.66
C ASN UA 75 -21.37 95.12 16.55
N TYR UA 76 -20.13 95.48 16.91
CA TYR UA 76 -19.04 95.47 15.93
C TYR UA 76 -18.87 94.10 15.28
N ASN UA 77 -19.16 93.04 16.03
CA ASN UA 77 -19.01 91.69 15.50
C ASN UA 77 -20.03 91.36 14.42
N HIS UA 78 -21.10 92.15 14.31
CA HIS UA 78 -22.09 91.95 13.27
C HIS UA 78 -21.91 92.89 12.10
N LEU UA 79 -20.75 93.56 12.04
CA LEU UA 79 -20.42 94.48 10.98
C LEU UA 79 -19.13 94.04 10.31
N MET UA 80 -19.09 94.12 8.99
CA MET UA 80 -17.85 93.93 8.26
C MET UA 80 -17.33 95.28 7.80
N PRO UA 81 -16.20 95.73 8.31
CA PRO UA 81 -15.68 97.04 7.90
C PRO UA 81 -15.26 97.02 6.44
N THR UA 82 -15.28 98.21 5.86
CA THR UA 82 -15.06 98.38 4.44
C THR UA 82 -14.10 99.55 4.26
N ARG UA 83 -13.30 99.51 3.20
CA ARG UA 83 -12.33 100.59 2.98
C ARG UA 83 -13.02 101.89 2.60
N TYR UA 84 -14.23 101.82 2.04
CA TYR UA 84 -14.84 103.02 1.50
C TYR UA 84 -15.52 103.85 2.60
N SER UA 85 -15.86 105.08 2.23
CA SER UA 85 -16.53 106.00 3.14
C SER UA 85 -17.41 106.92 2.32
N VAL UA 86 -18.54 107.31 2.91
CA VAL UA 86 -19.41 108.33 2.34
C VAL UA 86 -19.53 109.47 3.34
N ASP UA 87 -19.36 110.69 2.87
CA ASP UA 87 -19.46 111.88 3.72
C ASP UA 87 -20.82 112.55 3.53
N ILE UA 88 -21.86 111.84 3.97
CA ILE UA 88 -23.23 112.33 3.85
C ILE UA 88 -23.59 113.03 5.16
N PRO UA 89 -23.93 114.31 5.13
CA PRO UA 89 -24.09 115.09 6.38
C PRO UA 89 -25.40 114.79 7.11
N LEU UA 90 -25.46 113.60 7.71
CA LEU UA 90 -26.62 113.24 8.52
C LEU UA 90 -26.68 114.13 9.75
N ASP UA 91 -27.89 114.57 10.08
CA ASP UA 91 -28.08 115.45 11.22
C ASP UA 91 -28.03 114.61 12.49
N LYS UA 92 -27.13 114.97 13.42
CA LYS UA 92 -26.95 114.14 14.60
C LYS UA 92 -28.05 114.36 15.63
N THR UA 93 -28.72 115.52 15.61
CA THR UA 93 -29.75 115.76 16.61
C THR UA 93 -31.02 114.95 16.31
N VAL UA 94 -31.14 114.43 15.09
CA VAL UA 94 -32.26 113.56 14.75
C VAL UA 94 -31.84 112.09 14.65
N VAL UA 95 -30.68 111.80 14.08
CA VAL UA 95 -30.17 110.43 14.04
C VAL UA 95 -29.17 110.24 15.18
N ASN UA 96 -29.66 109.82 16.34
CA ASN UA 96 -28.84 109.65 17.53
C ASN UA 96 -29.28 108.37 18.25
N LYS UA 97 -28.63 108.12 19.39
CA LYS UA 97 -28.79 106.85 20.08
C LYS UA 97 -30.18 106.68 20.69
N ASP UA 98 -30.71 107.73 21.31
CA ASP UA 98 -32.00 107.65 22.00
C ASP UA 98 -33.18 107.79 21.05
N VAL UA 99 -32.97 107.53 19.76
CA VAL UA 99 -34.09 107.40 18.84
C VAL UA 99 -34.84 106.09 19.05
N PHE UA 100 -34.22 105.12 19.70
CA PHE UA 100 -34.85 103.83 19.94
C PHE UA 100 -35.58 103.81 21.28
N ARG UA 101 -36.32 104.85 21.55
CA ARG UA 101 -37.27 104.93 22.65
C ARG UA 101 -38.62 105.44 22.19
N ASP UA 102 -38.64 106.40 21.27
CA ASP UA 102 -39.85 106.91 20.65
C ASP UA 102 -39.94 106.36 19.24
N PRO UA 103 -40.95 105.59 18.90
CA PRO UA 103 -41.12 105.21 17.49
C PRO UA 103 -41.23 106.40 16.56
N ALA UA 104 -41.76 107.53 17.05
CA ALA UA 104 -41.92 108.71 16.20
C ALA UA 104 -40.59 109.33 15.84
N LEU UA 105 -39.67 109.41 16.81
CA LEU UA 105 -38.33 109.92 16.51
C LEU UA 105 -37.57 108.98 15.59
N LYS UA 106 -37.74 107.67 15.76
CA LYS UA 106 -37.06 106.72 14.89
C LYS UA 106 -37.55 106.86 13.46
N ARG UA 107 -38.83 107.16 13.27
CA ARG UA 107 -39.34 107.46 11.94
C ARG UA 107 -38.69 108.72 11.39
N LYS UA 108 -38.49 109.73 12.25
CA LYS UA 108 -37.80 110.94 11.83
C LYS UA 108 -36.36 110.66 11.43
N ALA UA 109 -35.68 109.79 12.19
CA ALA UA 109 -34.30 109.43 11.84
C ALA UA 109 -34.25 108.70 10.51
N ARG UA 110 -35.18 107.77 10.27
CA ARG UA 110 -35.21 107.05 9.01
C ARG UA 110 -35.51 107.98 7.84
N ARG UA 111 -36.39 108.96 8.06
CA ARG UA 111 -36.70 109.92 7.01
C ARG UA 111 -35.48 110.76 6.64
N GLU UA 112 -34.71 111.17 7.64
CA GLU UA 112 -33.51 111.97 7.39
C GLU UA 112 -32.48 111.17 6.59
N ALA UA 113 -32.27 109.91 6.97
CA ALA UA 113 -31.35 109.06 6.22
C ALA UA 113 -31.84 108.83 4.80
N LYS UA 114 -33.15 108.64 4.63
CA LYS UA 114 -33.72 108.43 3.30
C LYS UA 114 -33.50 109.64 2.41
N VAL UA 115 -33.71 110.84 2.96
CA VAL UA 115 -33.62 112.06 2.15
C VAL UA 115 -32.18 112.31 1.72
N LYS UA 116 -31.23 112.20 2.66
CA LYS UA 116 -29.83 112.47 2.33
C LYS UA 116 -29.25 111.40 1.42
N PHE UA 117 -29.63 110.13 1.63
CA PHE UA 117 -29.20 109.08 0.73
C PHE UA 117 -29.73 109.32 -0.68
N GLU UA 118 -31.00 109.72 -0.79
CA GLU UA 118 -31.60 110.01 -2.09
C GLU UA 118 -30.91 111.19 -2.77
N GLU UA 119 -30.53 112.21 -1.98
CA GLU UA 119 -29.80 113.33 -2.53
C GLU UA 119 -28.46 112.91 -3.08
N ARG UA 120 -27.72 112.07 -2.34
CA ARG UA 120 -26.39 111.65 -2.77
C ARG UA 120 -26.47 110.62 -3.90
N TYR UA 121 -27.49 109.76 -3.88
CA TYR UA 121 -27.61 108.76 -4.93
C TYR UA 121 -27.76 109.41 -6.30
N LYS UA 122 -28.63 110.40 -6.40
CA LYS UA 122 -28.58 111.28 -7.54
C LYS UA 122 -27.26 112.06 -7.51
N THR UA 123 -26.79 112.42 -8.70
CA THR UA 123 -25.45 112.94 -9.00
C THR UA 123 -24.40 111.83 -9.13
N GLY UA 124 -24.80 110.56 -8.97
CA GLY UA 124 -23.93 109.46 -9.36
C GLY UA 124 -22.67 109.32 -8.54
N LYS UA 125 -22.55 110.03 -7.43
CA LYS UA 125 -21.42 109.87 -6.53
C LYS UA 125 -21.66 108.71 -5.59
N ASN UA 126 -20.57 108.13 -5.09
CA ASN UA 126 -20.63 107.00 -4.16
C ASN UA 126 -21.46 105.86 -4.73
N LYS UA 127 -21.14 105.48 -5.98
CA LYS UA 127 -21.96 104.51 -6.69
C LYS UA 127 -21.94 103.15 -6.00
N TRP UA 128 -20.78 102.72 -5.52
CA TRP UA 128 -20.67 101.41 -4.86
C TRP UA 128 -21.60 101.30 -3.68
N PHE UA 129 -21.82 102.39 -2.96
CA PHE UA 129 -22.68 102.36 -1.78
C PHE UA 129 -24.12 102.00 -2.11
N PHE UA 130 -24.62 102.47 -3.26
CA PHE UA 130 -26.02 102.30 -3.61
C PHE UA 130 -26.26 101.09 -4.49
N GLN UA 131 -25.26 100.24 -4.68
CA GLN UA 131 -25.45 98.96 -5.36
C GLN UA 131 -25.63 97.86 -4.35
N LYS UA 132 -26.63 97.01 -4.57
CA LYS UA 132 -26.83 95.84 -3.74
C LYS UA 132 -25.64 94.89 -3.88
N LEU UA 133 -25.17 94.39 -2.75
CA LEU UA 133 -24.15 93.35 -2.76
C LEU UA 133 -24.76 92.03 -3.20
N ARG UA 134 -24.08 91.34 -4.10
CA ARG UA 134 -24.59 90.09 -4.65
C ARG UA 134 -23.88 88.93 -3.97
N PHE UA 135 -24.66 88.05 -3.33
CA PHE UA 135 -24.10 86.91 -2.62
C PHE UA 135 -25.11 85.78 -2.51
N PRO VA 1 -71.95 -11.87 -49.98
CA PRO VA 1 -72.78 -11.80 -48.77
C PRO VA 1 -72.13 -12.48 -47.58
N SER VA 2 -72.25 -11.84 -46.42
CA SER VA 2 -71.58 -12.28 -45.20
C SER VA 2 -72.04 -13.64 -44.70
N ARG VA 3 -73.27 -14.06 -44.98
CA ARG VA 3 -73.78 -15.31 -44.47
C ARG VA 3 -73.14 -16.54 -45.13
N LEU VA 4 -72.47 -16.36 -46.27
CA LEU VA 4 -71.80 -17.44 -46.95
C LEU VA 4 -70.32 -17.54 -46.61
N ARG VA 5 -69.81 -16.66 -45.76
CA ARG VA 5 -68.38 -16.58 -45.56
C ARG VA 5 -67.90 -17.52 -44.47
N LYS VA 6 -66.60 -17.80 -44.50
CA LYS VA 6 -65.96 -18.66 -43.51
C LYS VA 6 -66.13 -18.18 -42.08
N THR VA 7 -66.29 -16.86 -41.89
CA THR VA 7 -66.38 -16.31 -40.55
C THR VA 7 -67.59 -16.87 -39.78
N ARG VA 8 -68.71 -17.07 -40.46
CA ARG VA 8 -69.86 -17.65 -39.78
C ARG VA 8 -69.57 -19.05 -39.27
N LYS VA 9 -68.74 -19.80 -39.99
CA LYS VA 9 -68.41 -21.16 -39.57
C LYS VA 9 -67.39 -21.18 -38.44
N LEU VA 10 -66.55 -20.16 -38.33
CA LEU VA 10 -65.51 -20.11 -37.32
C LEU VA 10 -66.01 -19.60 -35.98
N ARG VA 11 -67.29 -19.26 -35.87
CA ARG VA 11 -67.83 -18.63 -34.67
C ARG VA 11 -68.11 -19.59 -33.53
N GLY VA 12 -67.18 -20.47 -33.18
CA GLY VA 12 -67.11 -21.02 -31.84
C GLY VA 12 -65.68 -21.42 -31.55
N HIS VA 13 -64.83 -21.22 -32.54
CA HIS VA 13 -63.51 -21.81 -32.58
C HIS VA 13 -62.49 -20.74 -32.25
N VAL VA 14 -61.59 -21.09 -31.32
CA VAL VA 14 -60.85 -20.09 -30.56
C VAL VA 14 -60.04 -19.20 -31.48
N SER VA 15 -59.23 -19.79 -32.35
CA SER VA 15 -58.19 -19.09 -33.08
C SER VA 15 -58.67 -18.50 -34.39
N HIS VA 16 -59.91 -18.78 -34.79
CA HIS VA 16 -60.49 -18.28 -36.04
C HIS VA 16 -59.69 -18.77 -37.24
N GLY VA 17 -59.18 -19.99 -37.14
CA GLY VA 17 -58.48 -20.62 -38.26
C GLY VA 17 -57.03 -20.26 -38.43
N HIS VA 18 -56.47 -19.44 -37.54
CA HIS VA 18 -55.10 -18.98 -37.69
C HIS VA 18 -54.09 -19.72 -36.81
N GLY VA 19 -54.52 -20.72 -36.07
CA GLY VA 19 -53.62 -21.53 -35.28
C GLY VA 19 -53.42 -21.00 -33.87
N ARG VA 20 -53.18 -21.92 -32.94
CA ARG VA 20 -52.87 -21.60 -31.56
C ARG VA 20 -51.39 -21.27 -31.37
N ILE VA 21 -50.51 -22.17 -31.84
CA ILE VA 21 -49.10 -21.84 -31.96
C ILE VA 21 -48.95 -20.60 -32.83
N GLY VA 22 -49.66 -20.60 -33.96
CA GLY VA 22 -50.05 -19.44 -34.71
C GLY VA 22 -48.99 -18.38 -34.84
N LYS VA 23 -49.41 -17.14 -34.74
CA LYS VA 23 -50.81 -16.77 -34.50
C LYS VA 23 -51.25 -15.95 -35.70
N HIS VA 24 -52.35 -15.24 -35.59
CA HIS VA 24 -52.55 -14.13 -36.53
C HIS VA 24 -51.95 -12.88 -35.90
N ARG VA 25 -50.70 -12.61 -36.24
CA ARG VA 25 -50.00 -11.41 -35.78
C ARG VA 25 -50.02 -10.36 -36.89
N LYS VA 26 -49.41 -9.20 -36.65
CA LYS VA 26 -49.67 -8.04 -37.49
C LYS VA 26 -49.02 -8.16 -38.86
N HIS VA 27 -47.68 -8.16 -38.92
CA HIS VA 27 -46.96 -8.22 -40.18
C HIS VA 27 -45.66 -8.99 -40.02
N PRO VA 28 -45.74 -10.29 -39.72
CA PRO VA 28 -44.53 -11.11 -39.72
C PRO VA 28 -44.03 -11.31 -41.15
N GLY VA 29 -42.75 -11.07 -41.36
CA GLY VA 29 -42.18 -11.00 -42.69
C GLY VA 29 -42.04 -9.61 -43.26
N GLY VA 30 -42.71 -8.61 -42.69
CA GLY VA 30 -42.64 -7.27 -43.20
C GLY VA 30 -43.83 -6.92 -44.09
N ARG VA 31 -43.88 -5.67 -44.49
CA ARG VA 31 -45.02 -5.13 -45.22
C ARG VA 31 -44.77 -5.18 -46.72
N GLY VA 32 -45.81 -5.53 -47.47
CA GLY VA 32 -45.75 -5.43 -48.93
C GLY VA 32 -44.71 -6.34 -49.53
N ASN VA 33 -43.85 -5.77 -50.38
CA ASN VA 33 -42.80 -6.52 -51.07
C ASN VA 33 -41.46 -6.40 -50.36
N ALA VA 34 -41.50 -6.28 -49.04
CA ALA VA 34 -40.28 -6.26 -48.24
C ALA VA 34 -39.54 -7.58 -48.32
N GLY VA 35 -38.21 -7.52 -48.20
CA GLY VA 35 -37.42 -8.73 -48.09
C GLY VA 35 -37.28 -9.52 -49.36
N GLY VA 36 -37.62 -8.92 -50.51
CA GLY VA 36 -37.58 -9.63 -51.77
C GLY VA 36 -36.22 -10.11 -52.17
N LEU VA 37 -35.16 -9.48 -51.65
CA LEU VA 37 -33.81 -9.95 -51.88
C LEU VA 37 -33.21 -10.65 -50.67
N HIS VA 38 -33.90 -10.69 -49.53
CA HIS VA 38 -33.30 -11.25 -48.34
C HIS VA 38 -34.03 -12.48 -47.80
N HIS VA 39 -35.23 -12.33 -47.26
CA HIS VA 39 -35.90 -13.47 -46.67
C HIS VA 39 -37.10 -13.91 -47.48
N HIS VA 40 -37.46 -13.18 -48.52
CA HIS VA 40 -38.43 -13.61 -49.51
C HIS VA 40 -37.78 -13.87 -50.86
N ARG VA 41 -36.46 -14.07 -50.85
CA ARG VA 41 -35.70 -14.20 -52.09
C ARG VA 41 -36.09 -15.44 -52.88
N ILE VA 42 -36.33 -16.57 -52.20
CA ILE VA 42 -36.67 -17.79 -52.92
C ILE VA 42 -37.96 -17.61 -53.70
N ASN VA 43 -38.97 -17.00 -53.09
CA ASN VA 43 -40.23 -16.74 -53.77
C ASN VA 43 -40.04 -15.83 -54.97
N PHE VA 44 -39.27 -14.75 -54.80
CA PHE VA 44 -39.06 -13.81 -55.90
C PHE VA 44 -38.29 -14.46 -57.04
N ASP VA 45 -37.23 -15.21 -56.72
CA ASP VA 45 -36.47 -15.88 -57.77
C ASP VA 45 -37.24 -16.99 -58.45
N LYS VA 46 -38.08 -17.70 -57.72
CA LYS VA 46 -38.83 -18.83 -58.26
C LYS VA 46 -39.99 -18.41 -59.15
N TYR VA 47 -40.70 -17.35 -58.79
CA TYR VA 47 -41.91 -16.96 -59.50
C TYR VA 47 -41.77 -15.67 -60.29
N HIS VA 48 -40.78 -14.84 -59.98
CA HIS VA 48 -40.54 -13.60 -60.72
C HIS VA 48 -39.06 -13.48 -61.08
N PRO VA 49 -38.54 -14.40 -61.90
CA PRO VA 49 -37.19 -14.19 -62.44
C PRO VA 49 -37.17 -12.93 -63.29
N GLY VA 50 -36.05 -12.21 -63.22
CA GLY VA 50 -35.91 -10.94 -63.90
C GLY VA 50 -36.36 -9.73 -63.11
N TYR VA 51 -36.87 -9.92 -61.89
CA TYR VA 51 -37.51 -8.83 -61.17
C TYR VA 51 -36.54 -7.71 -60.82
N PHE VA 52 -35.33 -8.02 -60.40
CA PHE VA 52 -34.38 -7.02 -59.93
C PHE VA 52 -33.38 -6.69 -61.03
N GLY VA 53 -33.04 -5.41 -61.17
CA GLY VA 53 -32.05 -4.95 -62.13
C GLY VA 53 -32.68 -4.17 -63.27
N LYS VA 54 -31.80 -3.58 -64.08
CA LYS VA 54 -32.19 -2.85 -65.28
C LYS VA 54 -31.65 -3.54 -66.52
N VAL VA 55 -32.43 -3.51 -67.60
CA VAL VA 55 -31.95 -3.85 -68.93
C VAL VA 55 -32.50 -2.85 -69.94
N GLY VA 56 -31.71 -2.55 -70.96
CA GLY VA 56 -32.16 -1.76 -72.08
C GLY VA 56 -32.00 -0.27 -71.89
N MET VA 57 -32.39 0.47 -72.93
CA MET VA 57 -32.32 1.92 -72.92
C MET VA 57 -33.64 2.52 -72.50
N LYS VA 58 -33.57 3.51 -71.60
CA LYS VA 58 -34.75 4.27 -71.24
C LYS VA 58 -35.00 5.35 -72.28
N HIS VA 59 -36.25 5.78 -72.37
CA HIS VA 59 -36.67 6.76 -73.37
C HIS VA 59 -37.67 7.72 -72.72
N TYR VA 60 -37.27 8.97 -72.57
CA TYR VA 60 -38.14 9.96 -71.95
C TYR VA 60 -39.24 10.39 -72.91
N HIS VA 61 -40.40 10.72 -72.33
CA HIS VA 61 -41.51 11.30 -73.08
C HIS VA 61 -41.96 10.38 -74.22
N LEU VA 62 -42.27 9.14 -73.86
CA LEU VA 62 -42.79 8.19 -74.84
C LEU VA 62 -44.21 8.60 -75.22
N LYS VA 63 -44.44 8.78 -76.51
CA LYS VA 63 -45.78 9.01 -77.04
C LYS VA 63 -46.20 7.76 -77.79
N ARG VA 64 -47.13 7.01 -77.19
CA ARG VA 64 -47.54 5.72 -77.73
C ARG VA 64 -48.26 5.85 -79.06
N ASN VA 65 -48.73 7.05 -79.40
CA ASN VA 65 -49.52 7.24 -80.60
C ASN VA 65 -48.67 7.14 -81.86
N GLN VA 66 -47.38 7.46 -81.79
CA GLN VA 66 -46.57 7.37 -83.00
C GLN VA 66 -45.99 5.98 -83.25
N SER VA 67 -46.14 5.06 -82.30
CA SER VA 67 -45.84 3.66 -82.55
C SER VA 67 -47.11 2.85 -82.83
N PHE VA 68 -48.24 3.53 -83.02
CA PHE VA 68 -49.51 2.86 -83.25
C PHE VA 68 -49.50 2.14 -84.60
N CYS VA 69 -49.67 0.84 -84.57
CA CYS VA 69 -49.65 0.05 -85.79
C CYS VA 69 -50.43 -1.25 -85.58
N PRO VA 70 -51.75 -1.19 -85.59
CA PRO VA 70 -52.53 -2.42 -85.46
C PRO VA 70 -52.33 -3.32 -86.67
N THR VA 71 -52.33 -4.62 -86.42
CA THR VA 71 -52.02 -5.61 -87.43
C THR VA 71 -53.21 -6.54 -87.63
N VAL VA 72 -53.38 -7.00 -88.87
CA VAL VA 72 -54.36 -8.02 -89.21
C VAL VA 72 -53.65 -9.09 -90.01
N ASN VA 73 -53.88 -10.35 -89.66
CA ASN VA 73 -53.31 -11.45 -90.40
C ASN VA 73 -54.10 -11.70 -91.67
N LEU VA 74 -53.52 -12.51 -92.54
CA LEU VA 74 -54.18 -12.83 -93.81
C LEU VA 74 -55.38 -13.76 -93.62
N ASP VA 75 -55.48 -14.48 -92.50
CA ASP VA 75 -56.58 -15.41 -92.32
C ASP VA 75 -57.87 -14.70 -91.92
N LYS VA 76 -57.76 -13.46 -91.44
CA LYS VA 76 -58.94 -12.64 -91.16
C LYS VA 76 -59.15 -11.55 -92.20
N LEU VA 77 -58.43 -11.62 -93.32
CA LEU VA 77 -58.36 -10.48 -94.25
C LEU VA 77 -59.68 -10.27 -94.99
N TRP VA 78 -60.39 -11.33 -95.33
CA TRP VA 78 -61.66 -11.19 -96.03
C TRP VA 78 -62.82 -10.87 -95.09
N THR VA 79 -62.61 -10.89 -93.78
CA THR VA 79 -63.63 -10.47 -92.83
C THR VA 79 -63.85 -8.97 -92.84
N LEU VA 80 -62.92 -8.19 -93.41
CA LEU VA 80 -63.03 -6.74 -93.40
C LEU VA 80 -64.04 -6.21 -94.41
N VAL VA 81 -64.41 -6.99 -95.40
CA VAL VA 81 -65.41 -6.59 -96.38
C VAL VA 81 -66.62 -7.49 -96.24
N SER VA 82 -67.69 -7.12 -96.94
CA SER VA 82 -68.92 -7.90 -96.89
C SER VA 82 -68.72 -9.25 -97.59
N GLU VA 83 -69.52 -10.23 -97.19
CA GLU VA 83 -69.51 -11.51 -97.88
C GLU VA 83 -69.98 -11.36 -99.32
N GLN VA 84 -70.85 -10.39 -99.59
CA GLN VA 84 -71.26 -10.11 -100.96
C GLN VA 84 -70.05 -9.72 -101.81
N THR VA 85 -69.08 -9.04 -101.22
CA THR VA 85 -67.86 -8.71 -101.94
C THR VA 85 -67.08 -9.95 -102.33
N ARG VA 86 -66.96 -10.91 -101.40
CA ARG VA 86 -66.22 -12.14 -101.70
C ARG VA 86 -66.93 -12.98 -102.74
N VAL VA 87 -68.24 -13.19 -102.59
CA VAL VA 87 -68.95 -14.09 -103.48
C VAL VA 87 -69.04 -13.52 -104.89
N ASN VA 88 -69.25 -12.20 -105.01
CA ASN VA 88 -69.27 -11.59 -106.33
C ASN VA 88 -67.92 -11.72 -107.03
N ALA VA 89 -66.83 -11.57 -106.27
CA ALA VA 89 -65.51 -11.69 -106.87
C ALA VA 89 -65.24 -13.11 -107.38
N ALA VA 90 -65.66 -14.12 -106.61
CA ALA VA 90 -65.43 -15.50 -107.02
C ALA VA 90 -66.21 -15.84 -108.29
N LYS VA 91 -67.46 -15.39 -108.37
CA LYS VA 91 -68.30 -15.64 -109.54
C LYS VA 91 -68.04 -14.65 -110.67
N ASN VA 92 -67.17 -13.68 -110.47
CA ASN VA 92 -66.91 -12.65 -111.48
C ASN VA 92 -66.30 -13.28 -112.73
N LYS VA 93 -66.97 -13.08 -113.87
CA LYS VA 93 -66.47 -13.65 -115.11
C LYS VA 93 -65.14 -13.03 -115.52
N THR VA 94 -64.98 -11.73 -115.30
CA THR VA 94 -63.73 -11.06 -115.62
C THR VA 94 -62.70 -11.35 -114.53
N GLY VA 95 -61.54 -10.71 -114.63
CA GLY VA 95 -60.51 -10.88 -113.62
C GLY VA 95 -60.49 -9.77 -112.60
N ALA VA 96 -61.59 -9.05 -112.47
CA ALA VA 96 -61.64 -7.90 -111.57
C ALA VA 96 -61.53 -8.35 -110.12
N ALA VA 97 -60.62 -7.70 -109.39
CA ALA VA 97 -60.38 -8.02 -107.99
C ALA VA 97 -60.91 -6.90 -107.11
N PRO VA 98 -61.61 -7.25 -106.03
CA PRO VA 98 -62.07 -6.23 -105.09
C PRO VA 98 -60.91 -5.60 -104.33
N ILE VA 99 -61.12 -4.37 -103.88
CA ILE VA 99 -60.13 -3.67 -103.07
C ILE VA 99 -60.44 -3.91 -101.60
N ILE VA 100 -59.42 -4.24 -100.83
CA ILE VA 100 -59.54 -4.29 -99.38
C ILE VA 100 -58.61 -3.23 -98.80
N ASP VA 101 -59.20 -2.22 -98.18
CA ASP VA 101 -58.47 -1.14 -97.53
C ASP VA 101 -58.44 -1.47 -96.05
N VAL VA 102 -57.31 -2.00 -95.58
CA VAL VA 102 -57.23 -2.38 -94.17
C VAL VA 102 -57.10 -1.16 -93.27
N VAL VA 103 -56.68 -0.03 -93.80
CA VAL VA 103 -56.66 1.20 -93.01
C VAL VA 103 -58.07 1.66 -92.73
N ARG VA 104 -58.97 1.55 -93.71
CA ARG VA 104 -60.39 1.84 -93.47
C ARG VA 104 -60.94 1.01 -92.33
N SER VA 105 -60.52 -0.26 -92.24
CA SER VA 105 -60.96 -1.15 -91.18
C SER VA 105 -60.22 -0.94 -89.87
N GLY VA 106 -59.19 -0.10 -89.85
CA GLY VA 106 -58.46 0.19 -88.63
C GLY VA 106 -57.17 -0.56 -88.42
N TYR VA 107 -56.56 -1.09 -89.48
CA TYR VA 107 -55.27 -1.75 -89.38
C TYR VA 107 -54.27 -1.05 -90.28
N TYR VA 108 -52.99 -1.12 -89.91
CA TYR VA 108 -51.93 -0.52 -90.71
C TYR VA 108 -51.06 -1.53 -91.41
N LYS VA 109 -50.82 -2.68 -90.79
CA LYS VA 109 -49.90 -3.67 -91.31
C LYS VA 109 -50.60 -5.00 -91.50
N VAL VA 110 -50.37 -5.61 -92.66
CA VAL VA 110 -50.89 -6.93 -92.99
C VAL VA 110 -49.79 -7.94 -92.70
N LEU VA 111 -50.09 -8.88 -91.82
CA LEU VA 111 -49.18 -9.94 -91.45
C LEU VA 111 -49.57 -11.21 -92.21
N GLY VA 112 -48.69 -12.21 -92.16
CA GLY VA 112 -48.79 -13.36 -93.03
C GLY VA 112 -49.37 -14.64 -92.48
N LYS VA 113 -50.01 -14.61 -91.32
CA LYS VA 113 -50.50 -15.86 -90.74
C LYS VA 113 -51.72 -16.38 -91.49
N GLY VA 114 -51.70 -17.66 -91.81
CA GLY VA 114 -52.80 -18.30 -92.48
C GLY VA 114 -52.59 -18.42 -93.98
N LYS VA 115 -53.68 -18.74 -94.66
CA LYS VA 115 -53.65 -18.92 -96.11
C LYS VA 115 -54.80 -18.15 -96.72
N LEU VA 116 -54.64 -17.77 -97.94
CA LEU VA 116 -55.75 -17.08 -98.56
C LEU VA 116 -56.57 -18.01 -99.44
N PRO VA 117 -57.83 -17.69 -99.66
CA PRO VA 117 -58.59 -18.37 -100.71
C PRO VA 117 -58.07 -17.99 -102.08
N LYS VA 118 -58.25 -18.90 -103.04
CA LYS VA 118 -57.70 -18.74 -104.38
C LYS VA 118 -58.58 -17.77 -105.17
N GLN VA 119 -58.43 -16.49 -104.87
CA GLN VA 119 -59.07 -15.43 -105.64
C GLN VA 119 -58.23 -14.17 -105.52
N PRO VA 120 -57.98 -13.47 -106.62
CA PRO VA 120 -57.19 -12.24 -106.56
C PRO VA 120 -57.90 -11.15 -105.76
N VAL VA 121 -57.08 -10.33 -105.10
CA VAL VA 121 -57.57 -9.25 -104.27
C VAL VA 121 -56.51 -8.17 -104.24
N ILE VA 122 -56.94 -6.91 -104.25
CA ILE VA 122 -56.05 -5.77 -104.07
C ILE VA 122 -56.12 -5.37 -102.61
N VAL VA 123 -54.97 -5.36 -101.94
CA VAL VA 123 -54.88 -5.06 -100.52
C VAL VA 123 -54.13 -3.76 -100.35
N LYS VA 124 -54.77 -2.77 -99.72
CA LYS VA 124 -54.14 -1.50 -99.41
C LYS VA 124 -53.78 -1.47 -97.94
N ALA VA 125 -52.52 -1.14 -97.64
CA ALA VA 125 -52.06 -1.08 -96.27
C ALA VA 125 -50.89 -0.11 -96.19
N LYS VA 126 -50.58 0.32 -94.97
CA LYS VA 126 -49.35 1.08 -94.74
C LYS VA 126 -48.13 0.17 -94.83
N PHE VA 127 -48.24 -1.04 -94.32
CA PHE VA 127 -47.12 -1.98 -94.27
C PHE VA 127 -47.60 -3.37 -94.62
N PHE VA 128 -46.68 -4.15 -95.16
CA PHE VA 128 -46.88 -5.58 -95.38
C PHE VA 128 -45.66 -6.32 -94.85
N SER VA 129 -45.88 -7.48 -94.24
CA SER VA 129 -44.76 -8.38 -94.03
C SER VA 129 -44.35 -9.01 -95.36
N ARG VA 130 -43.14 -9.57 -95.37
CA ARG VA 130 -42.63 -10.20 -96.59
C ARG VA 130 -43.50 -11.40 -96.99
N ARG VA 131 -43.92 -12.20 -96.01
CA ARG VA 131 -44.71 -13.38 -96.31
C ARG VA 131 -46.15 -13.00 -96.64
N ALA VA 132 -46.67 -11.93 -96.06
CA ALA VA 132 -47.99 -11.45 -96.43
C ALA VA 132 -48.04 -11.08 -97.91
N GLU VA 133 -47.05 -10.34 -98.39
CA GLU VA 133 -47.01 -9.98 -99.81
C GLU VA 133 -46.88 -11.22 -100.68
N GLU VA 134 -46.03 -12.16 -100.27
CA GLU VA 134 -45.81 -13.37 -101.06
C GLU VA 134 -47.10 -14.17 -101.24
N LYS VA 135 -47.90 -14.27 -100.17
CA LYS VA 135 -49.13 -15.03 -100.26
C LYS VA 135 -50.21 -14.30 -101.04
N ILE VA 136 -50.20 -12.97 -101.01
CA ILE VA 136 -51.15 -12.19 -101.81
C ILE VA 136 -50.82 -12.31 -103.29
N LYS VA 137 -49.53 -12.24 -103.64
CA LYS VA 137 -49.15 -12.40 -105.03
C LYS VA 137 -49.51 -13.79 -105.54
N SER VA 138 -49.38 -14.80 -104.68
CA SER VA 138 -49.58 -16.18 -105.11
C SER VA 138 -51.02 -16.49 -105.47
N VAL VA 139 -51.99 -15.73 -104.97
CA VAL VA 139 -53.38 -15.94 -105.34
C VAL VA 139 -53.77 -14.96 -106.44
N GLY VA 140 -52.77 -14.31 -107.03
CA GLY VA 140 -53.00 -13.35 -108.10
C GLY VA 140 -53.33 -11.95 -107.65
N GLY VA 141 -53.13 -11.62 -106.38
CA GLY VA 141 -53.44 -10.30 -105.87
C GLY VA 141 -52.32 -9.31 -106.07
N ALA VA 142 -52.53 -8.12 -105.52
CA ALA VA 142 -51.53 -7.07 -105.54
C ALA VA 142 -51.53 -6.32 -104.21
N CYS VA 143 -50.36 -5.85 -103.82
CA CYS VA 143 -50.19 -5.04 -102.61
C CYS VA 143 -49.91 -3.61 -103.04
N VAL VA 144 -50.78 -2.69 -102.64
CA VAL VA 144 -50.52 -1.28 -102.87
C VAL VA 144 -50.31 -0.61 -101.51
N LEU VA 145 -49.39 0.34 -101.48
CA LEU VA 145 -49.02 1.02 -100.26
C LEU VA 145 -49.77 2.35 -100.17
N VAL VA 146 -50.17 2.69 -98.95
CA VAL VA 146 -50.76 3.98 -98.65
C VAL VA 146 -49.97 4.60 -97.50
N ALA VA 147 -50.04 5.91 -97.38
CA ALA VA 147 -49.34 6.63 -96.32
C ALA VA 147 -50.29 6.95 -95.17
N ALA WA 1 -32.60 -20.84 -25.44
CA ALA WA 1 -31.55 -20.40 -26.34
C ALA WA 1 -31.19 -21.45 -27.38
N LYS WA 2 -30.89 -22.67 -26.93
CA LYS WA 2 -30.53 -23.73 -27.86
C LYS WA 2 -31.75 -24.56 -28.24
N SER WA 3 -31.67 -25.18 -29.42
CA SER WA 3 -32.74 -26.02 -29.93
C SER WA 3 -32.13 -27.20 -30.68
N LYS WA 4 -32.99 -28.06 -31.21
CA LYS WA 4 -32.54 -29.24 -31.94
C LYS WA 4 -31.87 -28.81 -33.25
N ASN WA 5 -30.87 -29.58 -33.67
CA ASN WA 5 -30.09 -29.20 -34.83
C ASN WA 5 -30.61 -29.83 -36.12
N HIS WA 6 -30.88 -31.13 -36.08
CA HIS WA 6 -31.29 -31.85 -37.28
C HIS WA 6 -31.92 -33.18 -36.88
N THR WA 7 -32.89 -33.62 -37.67
CA THR WA 7 -33.39 -34.98 -37.57
C THR WA 7 -34.11 -35.33 -38.87
N THR WA 8 -34.03 -36.60 -39.25
CA THR WA 8 -34.89 -37.17 -40.27
C THR WA 8 -36.03 -37.95 -39.66
N HIS WA 9 -36.24 -37.81 -38.36
CA HIS WA 9 -37.37 -38.42 -37.69
C HIS WA 9 -38.68 -37.94 -38.32
N ASN WA 10 -39.58 -38.90 -38.57
CA ASN WA 10 -40.90 -38.68 -39.15
C ASN WA 10 -40.84 -38.40 -40.65
N GLN WA 11 -39.64 -38.34 -41.22
CA GLN WA 11 -39.52 -37.93 -42.61
C GLN WA 11 -39.93 -39.05 -43.57
N SER WA 12 -39.52 -40.28 -43.30
CA SER WA 12 -39.90 -41.38 -44.19
C SER WA 12 -41.38 -41.70 -44.05
N ARG WA 13 -41.95 -41.46 -42.86
CA ARG WA 13 -43.39 -41.60 -42.71
C ARG WA 13 -44.12 -40.52 -43.50
N LYS WA 14 -43.59 -39.30 -43.51
CA LYS WA 14 -44.19 -38.23 -44.28
C LYS WA 14 -44.19 -38.55 -45.77
N TRP WA 15 -43.08 -39.07 -46.29
CA TRP WA 15 -43.00 -39.21 -47.73
C TRP WA 15 -43.42 -40.58 -48.23
N HIS WA 16 -43.92 -41.45 -47.36
CA HIS WA 16 -44.69 -42.59 -47.79
C HIS WA 16 -46.19 -42.34 -47.72
N ARG WA 17 -46.60 -41.17 -47.24
CA ARG WA 17 -48.02 -40.87 -47.12
C ARG WA 17 -48.67 -40.74 -48.49
N ASN WA 18 -47.96 -40.18 -49.46
CA ASN WA 18 -48.40 -40.13 -50.84
C ASN WA 18 -47.56 -41.03 -51.73
N GLY WA 19 -46.81 -41.96 -51.14
CA GLY WA 19 -46.00 -42.90 -51.88
C GLY WA 19 -44.71 -42.30 -52.39
N ILE WA 20 -43.68 -43.14 -52.57
CA ILE WA 20 -42.46 -42.72 -53.25
C ILE WA 20 -42.55 -43.33 -54.65
N LYS WA 21 -43.09 -42.56 -55.59
CA LYS WA 21 -43.40 -43.07 -56.91
C LYS WA 21 -42.18 -42.98 -57.81
N LYS WA 22 -41.93 -44.05 -58.56
CA LYS WA 22 -40.89 -44.04 -59.57
C LYS WA 22 -41.29 -43.13 -60.71
N PRO WA 23 -40.33 -42.51 -61.40
CA PRO WA 23 -40.67 -41.58 -62.48
C PRO WA 23 -41.45 -42.28 -63.58
N ARG WA 24 -42.41 -41.56 -64.17
CA ARG WA 24 -43.33 -42.13 -65.15
C ARG WA 24 -42.60 -42.36 -66.46
N SER WA 25 -42.32 -43.63 -66.77
CA SER WA 25 -41.68 -43.97 -68.03
C SER WA 25 -42.72 -44.00 -69.14
N GLN WA 26 -42.38 -43.39 -70.27
CA GLN WA 26 -43.23 -43.45 -71.45
C GLN WA 26 -42.44 -44.01 -72.61
N ARG WA 27 -43.16 -44.52 -73.58
CA ARG WA 27 -42.58 -44.76 -74.89
C ARG WA 27 -42.14 -43.43 -75.48
N TYR WA 28 -41.03 -43.44 -76.23
CA TYR WA 28 -40.44 -42.22 -76.78
C TYR WA 28 -39.95 -41.28 -75.67
N GLU WA 29 -38.83 -41.67 -75.07
CA GLU WA 29 -38.04 -40.75 -74.27
C GLU WA 29 -37.52 -39.61 -75.15
N SER WA 30 -37.33 -38.44 -74.52
CA SER WA 30 -36.84 -37.27 -75.24
C SER WA 30 -35.39 -37.44 -75.65
N LEU WA 31 -34.99 -36.68 -76.66
CA LEU WA 31 -33.67 -36.75 -77.26
C LEU WA 31 -32.70 -35.72 -76.71
N LYS WA 32 -33.06 -35.02 -75.62
CA LYS WA 32 -32.22 -33.96 -75.11
C LYS WA 32 -30.98 -34.52 -74.44
N GLY WA 33 -29.83 -33.96 -74.79
CA GLY WA 33 -28.57 -34.35 -74.22
C GLY WA 33 -27.85 -35.46 -74.96
N VAL WA 34 -28.38 -35.96 -76.07
CA VAL WA 34 -27.63 -36.91 -76.86
C VAL WA 34 -26.72 -36.12 -77.79
N ASP WA 35 -25.72 -36.79 -78.35
CA ASP WA 35 -24.65 -36.13 -79.11
C ASP WA 35 -25.21 -35.27 -80.24
N PRO WA 36 -24.85 -33.99 -80.32
CA PRO WA 36 -25.38 -33.14 -81.39
C PRO WA 36 -25.03 -33.59 -82.80
N LYS WA 37 -23.82 -34.11 -83.02
CA LYS WA 37 -23.49 -34.57 -84.37
C LYS WA 37 -24.34 -35.78 -84.74
N PHE WA 38 -24.61 -36.64 -83.76
CA PHE WA 38 -25.54 -37.75 -83.97
C PHE WA 38 -26.96 -37.27 -84.19
N LEU WA 39 -27.37 -36.23 -83.46
CA LEU WA 39 -28.72 -35.68 -83.63
C LEU WA 39 -28.92 -35.08 -85.01
N ARG WA 40 -27.94 -34.34 -85.51
CA ARG WA 40 -28.17 -33.64 -86.76
C ARG WA 40 -28.18 -34.59 -87.94
N ASN WA 41 -27.43 -35.69 -87.87
CA ASN WA 41 -27.55 -36.70 -88.92
C ASN WA 41 -28.85 -37.47 -88.81
N MET WA 42 -29.32 -37.74 -87.58
CA MET WA 42 -30.61 -38.40 -87.42
C MET WA 42 -31.74 -37.58 -88.02
N ARG WA 43 -31.67 -36.26 -87.88
CA ARG WA 43 -32.68 -35.40 -88.49
C ARG WA 43 -32.62 -35.45 -90.01
N PHE WA 44 -31.40 -35.49 -90.57
CA PHE WA 44 -31.25 -35.67 -92.01
C PHE WA 44 -31.79 -37.02 -92.46
N ALA WA 45 -31.55 -38.06 -91.67
CA ALA WA 45 -32.08 -39.38 -92.01
C ALA WA 45 -33.60 -39.38 -92.00
N LYS WA 46 -34.21 -38.69 -91.04
CA LYS WA 46 -35.66 -38.55 -91.02
C LYS WA 46 -36.15 -37.67 -92.16
N LYS WA 47 -35.40 -36.61 -92.47
CA LYS WA 47 -35.84 -35.64 -93.46
C LYS WA 47 -35.99 -36.27 -94.84
N HIS WA 48 -35.07 -37.17 -95.20
CA HIS WA 48 -35.06 -37.78 -96.52
C HIS WA 48 -35.74 -39.15 -96.55
N ASN WA 49 -36.50 -39.48 -95.50
CA ASN WA 49 -37.26 -40.71 -95.49
C ASN WA 49 -38.33 -40.74 -96.58
N LYS WA 50 -38.79 -39.56 -97.03
CA LYS WA 50 -39.82 -39.51 -98.07
C LYS WA 50 -39.35 -40.20 -99.34
N LYS WA 51 -38.13 -39.90 -99.78
CA LYS WA 51 -37.58 -40.61 -100.92
C LYS WA 51 -37.34 -42.07 -100.55
N GLY WA 52 -37.51 -42.95 -101.53
CA GLY WA 52 -37.53 -44.35 -101.23
C GLY WA 52 -38.85 -44.85 -100.70
N LEU WA 53 -39.88 -43.99 -100.64
CA LEU WA 53 -41.21 -44.46 -100.28
C LEU WA 53 -41.83 -45.31 -101.38
N LYS WA 54 -41.63 -44.92 -102.64
CA LYS WA 54 -42.17 -45.72 -103.74
C LYS WA 54 -41.50 -47.09 -103.80
N LYS WA 55 -40.19 -47.14 -103.58
CA LYS WA 55 -39.49 -48.41 -103.62
C LYS WA 55 -39.70 -49.19 -102.33
N MET WA 56 -40.07 -48.51 -101.24
CA MET WA 56 -40.47 -49.21 -100.03
C MET WA 56 -41.88 -49.77 -100.18
N GLN WA 57 -42.79 -49.02 -100.81
CA GLN WA 57 -44.14 -49.52 -101.05
C GLN WA 57 -44.12 -50.72 -101.97
N ALA WA 58 -43.31 -50.68 -103.03
CA ALA WA 58 -43.19 -51.82 -103.92
C ALA WA 58 -42.59 -53.02 -103.19
N ASN WA 59 -41.57 -52.78 -102.37
CA ASN WA 59 -40.97 -53.86 -101.61
C ASN WA 59 -41.97 -54.51 -100.66
N ASN WA 60 -42.87 -53.70 -100.09
CA ASN WA 60 -43.82 -54.21 -99.12
C ASN WA 60 -44.91 -55.06 -99.79
N ALA WA 61 -45.48 -54.55 -100.90
CA ALA WA 61 -46.56 -55.27 -101.55
C ALA WA 61 -46.03 -56.52 -102.26
N LYS WA 62 -44.81 -56.46 -102.79
CA LYS WA 62 -44.23 -57.65 -103.41
C LYS WA 62 -44.10 -58.78 -102.41
N ALA WA 63 -43.60 -58.48 -101.21
CA ALA WA 63 -43.57 -59.48 -100.15
C ALA WA 63 -44.99 -59.84 -99.71
N MET WA 64 -45.89 -58.86 -99.73
CA MET WA 64 -47.28 -59.13 -99.34
C MET WA 64 -47.93 -60.15 -100.27
N SER WA 65 -47.75 -59.97 -101.58
CA SER WA 65 -48.29 -60.93 -102.54
C SER WA 65 -47.57 -62.27 -102.45
N ALA WA 66 -46.24 -62.22 -102.26
CA ALA WA 66 -45.47 -63.46 -102.14
C ALA WA 66 -45.91 -64.25 -100.90
N ARG WA 67 -46.16 -63.55 -99.79
CA ARG WA 67 -46.61 -64.22 -98.58
C ARG WA 67 -48.03 -64.77 -98.73
N ALA WA 68 -48.88 -64.06 -99.47
CA ALA WA 68 -50.26 -64.50 -99.62
C ALA WA 68 -50.36 -65.77 -100.46
N GLU WA 69 -49.66 -65.82 -101.60
CA GLU WA 69 -49.69 -67.01 -102.44
C GLU WA 69 -49.02 -68.19 -101.76
N ALA WA 70 -48.01 -67.94 -100.92
CA ALA WA 70 -47.43 -69.01 -100.12
C ALA WA 70 -48.44 -69.54 -99.11
N ILE WA 71 -49.20 -68.65 -98.48
CA ILE WA 71 -50.22 -69.09 -97.53
C ILE WA 71 -51.39 -69.74 -98.27
N LYS WA 72 -51.83 -69.13 -99.37
CA LYS WA 72 -52.99 -69.61 -100.11
C LYS WA 72 -52.70 -70.86 -100.93
N ALA WA 73 -51.51 -71.45 -100.80
CA ALA WA 73 -51.20 -72.72 -101.45
C ALA WA 73 -51.87 -73.86 -100.68
N LEU WA 74 -53.20 -73.88 -100.78
CA LEU WA 74 -54.00 -74.82 -100.01
C LEU WA 74 -53.97 -76.21 -100.66
N VAL WA 75 -54.65 -77.16 -100.00
CA VAL WA 75 -54.70 -78.57 -100.39
C VAL WA 75 -53.42 -79.08 -101.04
N VAL WA 76 -66.45 -94.65 -74.40
CA VAL WA 76 -66.30 -94.55 -72.95
C VAL WA 76 -67.50 -93.82 -72.35
N SER WA 77 -67.92 -94.26 -71.16
CA SER WA 77 -69.11 -93.68 -70.54
C SER WA 77 -68.81 -92.32 -69.91
N ARG WA 78 -67.95 -92.30 -68.89
CA ARG WA 78 -67.54 -91.07 -68.21
C ARG WA 78 -68.76 -90.32 -67.66
N LYS WA 79 -69.36 -90.92 -66.63
CA LYS WA 79 -70.58 -90.37 -66.04
C LYS WA 79 -70.42 -88.90 -65.66
N LEU WA 80 -69.32 -88.56 -64.99
CA LEU WA 80 -69.11 -87.17 -64.56
C LEU WA 80 -68.96 -86.25 -65.75
N ASP WA 81 -68.30 -86.71 -66.81
CA ASP WA 81 -68.20 -85.91 -68.02
C ASP WA 81 -69.52 -85.86 -68.78
N ARG WA 82 -70.29 -86.94 -68.73
CA ARG WA 82 -71.62 -86.94 -69.35
C ARG WA 82 -72.53 -85.92 -68.68
N LEU WA 83 -72.50 -85.86 -67.34
CA LEU WA 83 -73.41 -84.98 -66.62
C LEU WA 83 -73.08 -83.52 -66.83
N ALA WA 84 -71.79 -83.17 -66.87
CA ALA WA 84 -71.41 -81.79 -67.15
C ALA WA 84 -71.81 -81.39 -68.56
N TYR WA 85 -71.91 -82.37 -69.46
CA TYR WA 85 -72.39 -82.11 -70.81
C TYR WA 85 -73.87 -81.80 -70.83
N ILE WA 86 -74.67 -82.61 -70.13
CA ILE WA 86 -76.12 -82.37 -70.06
C ILE WA 86 -76.39 -81.03 -69.40
N ALA WA 87 -75.64 -80.70 -68.35
CA ALA WA 87 -75.83 -79.45 -67.63
C ALA WA 87 -75.38 -78.23 -68.43
N HIS WA 88 -74.71 -78.41 -69.56
CA HIS WA 88 -74.34 -77.27 -70.38
C HIS WA 88 -75.57 -76.67 -71.04
N PRO WA 89 -75.77 -75.35 -70.96
CA PRO WA 89 -77.00 -74.75 -71.51
C PRO WA 89 -77.17 -74.96 -73.01
N LYS WA 90 -76.10 -74.92 -73.80
CA LYS WA 90 -76.24 -75.19 -75.22
C LYS WA 90 -76.30 -76.68 -75.47
N LEU WA 91 -75.20 -77.37 -75.15
CA LEU WA 91 -74.95 -78.73 -75.63
C LEU WA 91 -75.90 -79.76 -75.05
N GLY WA 92 -76.36 -79.56 -73.82
CA GLY WA 92 -77.24 -80.53 -73.19
C GLY WA 92 -78.70 -80.28 -73.48
N LYS WA 93 -78.99 -79.28 -74.32
CA LYS WA 93 -80.36 -78.85 -74.57
C LYS WA 93 -81.25 -80.00 -75.04
N ARG WA 94 -80.83 -80.72 -76.08
CA ARG WA 94 -81.61 -81.85 -76.53
C ARG WA 94 -81.22 -83.14 -75.83
N ALA WA 95 -80.03 -83.18 -75.23
CA ALA WA 95 -79.67 -84.31 -74.38
C ALA WA 95 -80.58 -84.37 -73.16
N ARG WA 96 -80.92 -83.22 -72.58
CA ARG WA 96 -81.80 -83.19 -71.44
C ARG WA 96 -83.27 -83.04 -71.83
N ALA WA 97 -83.56 -82.83 -73.11
CA ALA WA 97 -84.94 -82.95 -73.58
C ALA WA 97 -85.32 -84.41 -73.78
N ARG WA 98 -84.34 -85.25 -74.12
CA ARG WA 98 -84.59 -86.68 -74.30
C ARG WA 98 -84.95 -87.33 -72.97
N ILE WA 99 -84.30 -86.91 -71.88
CA ILE WA 99 -84.59 -87.51 -70.58
C ILE WA 99 -85.82 -86.87 -69.96
N ALA WA 100 -86.18 -85.66 -70.39
CA ALA WA 100 -87.42 -85.05 -69.92
C ALA WA 100 -88.63 -85.77 -70.47
N LYS WA 101 -88.63 -86.07 -71.77
CA LYS WA 101 -89.76 -86.79 -72.36
C LYS WA 101 -89.67 -88.28 -72.10
N GLY WA 102 -88.49 -88.78 -71.74
CA GLY WA 102 -88.36 -90.17 -71.40
C GLY WA 102 -89.12 -90.56 -70.14
N LEU WA 103 -89.07 -89.71 -69.12
CA LEU WA 103 -89.78 -90.00 -67.88
C LEU WA 103 -91.23 -89.53 -67.88
N ARG WA 104 -91.70 -88.96 -68.97
CA ARG WA 104 -93.13 -88.68 -69.15
C ARG WA 104 -93.56 -89.34 -70.46
N LEU WA 105 -93.75 -90.65 -70.40
CA LEU WA 105 -94.19 -91.50 -71.51
C LEU WA 105 -94.23 -92.94 -71.05
N CYS WA 106 -94.98 -93.80 -71.75
CA CYS WA 106 -95.00 -95.22 -71.41
C CYS WA 106 -95.31 -96.00 -72.69
N ARG WA 107 -94.26 -96.47 -73.36
CA ARG WA 107 -94.42 -97.22 -74.59
C ARG WA 107 -93.84 -98.62 -74.40
N PRO WA 108 -94.60 -99.67 -74.70
CA PRO WA 108 -94.13 -101.04 -74.45
C PRO WA 108 -93.30 -101.55 -75.64
N LYS WA 109 -92.81 -102.77 -75.49
CA LYS WA 109 -91.95 -103.44 -76.48
C LYS WA 109 -90.70 -102.61 -76.75
N LYS XA 1 17.01 79.33 8.55
CA LYS XA 1 17.25 80.16 9.72
C LYS XA 1 16.09 81.12 9.96
N SER XA 2 15.12 81.11 9.05
CA SER XA 2 13.95 81.99 9.20
C SER XA 2 12.85 81.30 9.99
N LEU XA 3 12.68 79.99 9.80
CA LEU XA 3 11.74 79.23 10.62
C LEU XA 3 12.19 79.18 12.08
N GLU XA 4 13.48 78.95 12.32
CA GLU XA 4 13.98 78.93 13.68
C GLU XA 4 13.84 80.30 14.33
N SER XA 5 14.05 81.37 13.55
CA SER XA 5 14.05 82.72 14.11
C SER XA 5 12.65 83.12 14.57
N ILE XA 6 11.63 82.84 13.74
CA ILE XA 6 10.28 83.19 14.14
C ILE XA 6 9.85 82.38 15.35
N ASN XA 7 10.16 81.08 15.36
CA ASN XA 7 9.82 80.25 16.51
C ASN XA 7 10.54 80.71 17.77
N SER XA 8 11.82 81.07 17.65
CA SER XA 8 12.54 81.57 18.81
C SER XA 8 12.07 82.97 19.19
N ARG XA 9 11.73 83.80 18.21
CA ARG XA 9 11.17 85.11 18.52
C ARG XA 9 9.74 85.01 19.06
N LEU XA 10 8.94 84.10 18.51
CA LEU XA 10 7.60 83.88 19.05
C LEU XA 10 7.66 83.35 20.48
N GLN XA 11 8.59 82.42 20.75
CA GLN XA 11 8.73 81.87 22.10
C GLN XA 11 9.01 82.97 23.11
N LEU XA 12 9.72 84.01 22.71
CA LEU XA 12 10.07 85.08 23.62
C LEU XA 12 9.12 86.27 23.52
N VAL XA 13 8.21 86.29 22.54
CA VAL XA 13 7.03 87.16 22.65
C VAL XA 13 6.19 86.72 23.84
N MET XA 14 5.97 85.42 23.96
CA MET XA 14 5.47 84.86 25.20
C MET XA 14 6.47 85.11 26.32
N LYS XA 15 5.97 85.16 27.55
CA LYS XA 15 6.73 85.35 28.79
C LYS XA 15 7.41 86.71 28.86
N SER XA 16 7.32 87.54 27.83
CA SER XA 16 7.82 88.91 27.90
C SER XA 16 6.93 89.95 27.25
N GLY XA 17 5.95 89.57 26.43
CA GLY XA 17 5.09 90.55 25.79
C GLY XA 17 3.65 90.15 25.93
N LYS XA 18 2.76 91.10 25.64
CA LYS XA 18 1.34 90.79 25.69
C LYS XA 18 0.83 90.42 24.30
N TYR XA 19 0.00 89.39 24.26
CA TYR XA 19 -0.45 88.82 23.01
C TYR XA 19 -1.88 88.33 23.20
N VAL XA 20 -2.47 87.90 22.11
CA VAL XA 20 -3.83 87.35 22.09
C VAL XA 20 -3.80 86.12 21.19
N LEU XA 21 -4.49 85.07 21.59
CA LEU XA 21 -4.59 83.85 20.80
C LEU XA 21 -6.05 83.56 20.49
N GLY XA 22 -6.32 83.21 19.24
CA GLY XA 22 -7.66 82.93 18.78
C GLY XA 22 -8.20 84.02 17.89
N TYR XA 23 -9.20 83.64 17.11
CA TYR XA 23 -9.73 84.46 16.03
C TYR XA 23 -10.57 85.64 16.54
N LYS XA 24 -11.45 85.40 17.52
CA LYS XA 24 -12.32 86.48 17.99
C LYS XA 24 -11.53 87.55 18.73
N GLN XA 25 -10.56 87.15 19.54
CA GLN XA 25 -9.75 88.13 20.27
C GLN XA 25 -8.81 88.88 19.33
N THR XA 26 -8.30 88.19 18.31
CA THR XA 26 -7.49 88.88 17.30
C THR XA 26 -8.29 89.93 16.55
N LEU XA 27 -9.52 89.58 16.13
CA LEU XA 27 -10.36 90.55 15.44
C LEU XA 27 -10.70 91.73 16.34
N LYS XA 28 -10.94 91.47 17.62
CA LYS XA 28 -11.24 92.55 18.57
C LYS XA 28 -10.03 93.45 18.77
N MET XA 29 -8.82 92.87 18.78
CA MET XA 29 -7.61 93.67 18.96
C MET XA 29 -7.33 94.53 17.74
N ILE XA 30 -7.56 93.98 16.54
CA ILE XA 30 -7.34 94.74 15.31
C ILE XA 30 -8.28 95.94 15.25
N ARG XA 31 -9.55 95.72 15.57
CA ARG XA 31 -10.53 96.80 15.60
C ARG XA 31 -10.16 97.89 16.60
N GLN XA 32 -9.54 97.53 17.71
CA GLN XA 32 -9.17 98.51 18.72
C GLN XA 32 -7.84 99.20 18.41
N GLY XA 33 -7.18 98.81 17.32
CA GLY XA 33 -5.94 99.47 16.92
C GLY XA 33 -4.75 99.17 17.78
N LYS XA 34 -4.74 98.03 18.47
CA LYS XA 34 -3.67 97.70 19.41
C LYS XA 34 -2.99 96.38 19.08
N ALA XA 35 -3.33 95.77 17.95
CA ALA XA 35 -2.66 94.57 17.46
C ALA XA 35 -1.55 94.99 16.51
N LYS XA 36 -0.30 94.75 16.91
CA LYS XA 36 0.81 95.08 16.03
C LYS XA 36 0.98 94.05 14.91
N LEU XA 37 1.26 92.82 15.26
CA LEU XA 37 1.51 91.78 14.27
C LEU XA 37 0.50 90.67 14.43
N VAL XA 38 -0.07 90.24 13.31
CA VAL XA 38 -0.99 89.11 13.28
C VAL XA 38 -0.30 87.96 12.57
N ILE XA 39 -0.33 86.78 13.18
CA ILE XA 39 0.27 85.57 12.62
C ILE XA 39 -0.85 84.60 12.31
N LEU XA 40 -0.82 84.05 11.10
CA LEU XA 40 -1.84 83.13 10.62
C LEU XA 40 -1.20 81.79 10.29
N ALA XA 41 -1.82 80.72 10.75
CA ALA XA 41 -1.39 79.38 10.36
C ALA XA 41 -1.75 79.11 8.91
N ASN XA 42 -0.93 78.29 8.24
CA ASN XA 42 -1.21 77.95 6.85
C ASN XA 42 -2.48 77.12 6.72
N ASN XA 43 -2.96 76.60 7.85
CA ASN XA 43 -4.18 75.83 7.97
C ASN XA 43 -5.42 76.70 7.99
N CYS XA 44 -5.26 78.00 8.18
CA CYS XA 44 -6.39 78.88 8.45
C CYS XA 44 -7.37 78.85 7.27
N PRO XA 45 -8.67 78.83 7.54
CA PRO XA 45 -9.65 78.84 6.44
C PRO XA 45 -9.43 80.05 5.54
N ALA XA 46 -9.56 79.81 4.24
CA ALA XA 46 -9.18 80.83 3.26
C ALA XA 46 -10.00 82.10 3.41
N LEU XA 47 -11.30 81.96 3.71
CA LEU XA 47 -12.14 83.14 3.92
C LEU XA 47 -11.68 83.91 5.15
N ARG XA 48 -11.38 83.21 6.24
CA ARG XA 48 -10.91 83.87 7.45
C ARG XA 48 -9.54 84.50 7.23
N LYS XA 49 -8.67 83.82 6.48
CA LYS XA 49 -7.37 84.37 6.15
C LYS XA 49 -7.51 85.66 5.35
N SER XA 50 -8.45 85.70 4.41
CA SER XA 50 -8.68 86.90 3.61
C SER XA 50 -9.36 87.99 4.42
N GLU XA 51 -10.15 87.61 5.43
CA GLU XA 51 -10.80 88.60 6.27
C GLU XA 51 -9.82 89.25 7.24
N ILE XA 52 -8.91 88.45 7.83
CA ILE XA 52 -7.90 89.01 8.70
C ILE XA 52 -7.00 89.98 7.94
N GLU XA 53 -6.69 89.65 6.69
CA GLU XA 53 -5.80 90.49 5.91
C GLU XA 53 -6.47 91.81 5.52
N TYR XA 54 -7.77 91.78 5.25
CA TYR XA 54 -8.49 93.02 4.97
C TYR XA 54 -8.57 93.88 6.22
N TYR XA 55 -8.87 93.26 7.37
CA TYR XA 55 -8.90 93.98 8.63
C TYR XA 55 -7.57 94.65 8.93
N ALA XA 56 -6.47 93.93 8.68
CA ALA XA 56 -5.15 94.44 8.99
C ALA XA 56 -4.71 95.51 8.01
N MET XA 57 -5.19 95.45 6.77
CA MET XA 57 -4.94 96.55 5.83
C MET XA 57 -5.64 97.81 6.27
N LEU XA 58 -6.88 97.69 6.77
CA LEU XA 58 -7.58 98.85 7.31
C LEU XA 58 -6.88 99.39 8.55
N ALA XA 59 -6.30 98.50 9.36
CA ALA XA 59 -5.71 98.87 10.64
C ALA XA 59 -4.22 99.13 10.57
N LYS XA 60 -3.60 98.99 9.40
CA LYS XA 60 -2.17 99.24 9.21
C LYS XA 60 -1.31 98.32 10.08
N THR XA 61 -1.67 97.04 10.13
CA THR XA 61 -0.91 96.08 10.91
C THR XA 61 -0.35 94.98 10.01
N GLY XA 62 0.84 94.51 10.37
CA GLY XA 62 1.45 93.44 9.61
C GLY XA 62 0.77 92.11 9.81
N VAL XA 63 0.87 91.26 8.79
CA VAL XA 63 0.31 89.91 8.82
C VAL XA 63 1.40 88.92 8.44
N HIS XA 64 1.84 88.13 9.40
CA HIS XA 64 2.75 87.04 9.10
C HIS XA 64 1.95 85.78 8.78
N HIS XA 65 2.55 84.95 7.96
CA HIS XA 65 1.90 83.80 7.31
C HIS XA 65 2.65 82.54 7.67
N TYR XA 66 2.72 82.28 8.98
CA TYR XA 66 3.43 81.17 9.61
C TYR XA 66 3.40 79.88 8.80
N SER XA 67 4.53 79.19 8.73
CA SER XA 67 4.72 78.03 7.88
C SER XA 67 4.46 76.70 8.59
N GLY XA 68 3.78 76.72 9.73
CA GLY XA 68 3.27 75.50 10.31
C GLY XA 68 1.76 75.46 10.16
N ASN XA 69 1.08 74.64 10.93
CA ASN XA 69 -0.39 74.62 10.92
C ASN XA 69 -0.86 75.07 12.30
N ASN XA 70 -2.17 74.99 12.54
CA ASN XA 70 -2.69 75.47 13.82
C ASN XA 70 -2.17 74.61 14.97
N ILE XA 71 -1.83 73.35 14.70
CA ILE XA 71 -1.17 72.53 15.71
C ILE XA 71 0.26 73.04 15.97
N GLU XA 72 1.02 73.26 14.89
CA GLU XA 72 2.39 73.73 15.05
C GLU XA 72 2.47 75.14 15.61
N LEU XA 73 1.57 76.03 15.19
CA LEU XA 73 1.55 77.37 15.76
C LEU XA 73 1.20 77.34 17.24
N GLY XA 74 0.30 76.44 17.63
CA GLY XA 74 0.01 76.28 19.05
C GLY XA 74 1.22 75.83 19.85
N THR XA 75 1.95 74.86 19.33
CA THR XA 75 3.17 74.41 19.98
C THR XA 75 4.21 75.53 20.04
N ALA XA 76 4.36 76.28 18.96
CA ALA XA 76 5.31 77.40 18.94
C ALA XA 76 4.94 78.48 19.94
N CYS XA 77 3.68 78.59 20.32
CA CYS XA 77 3.24 79.51 21.36
C CYS XA 77 3.41 78.92 22.75
N GLY XA 78 3.95 77.71 22.87
CA GLY XA 78 4.03 77.02 24.13
C GLY XA 78 2.71 76.54 24.68
N LYS XA 79 1.75 76.23 23.82
CA LYS XA 79 0.43 75.80 24.25
C LYS XA 79 0.20 74.35 23.88
N TYR XA 80 -0.79 73.75 24.54
CA TYR XA 80 -1.19 72.38 24.26
C TYR XA 80 -2.50 72.32 23.49
N TYR XA 81 -2.94 73.43 22.94
CA TYR XA 81 -4.10 73.50 22.06
C TYR XA 81 -3.67 74.16 20.75
N ARG XA 82 -4.50 74.01 19.74
CA ARG XA 82 -4.26 74.64 18.45
C ARG XA 82 -4.58 76.13 18.54
N VAL XA 83 -3.72 76.94 17.95
CA VAL XA 83 -4.06 78.34 17.68
C VAL XA 83 -3.91 78.55 16.19
N CYS XA 84 -4.93 79.15 15.58
CA CYS XA 84 -4.96 79.33 14.14
C CYS XA 84 -4.60 80.75 13.76
N THR XA 85 -5.05 81.72 14.56
CA THR XA 85 -4.67 83.11 14.40
C THR XA 85 -4.27 83.65 15.76
N LEU XA 86 -3.38 84.64 15.75
CA LEU XA 86 -2.97 85.30 16.97
C LEU XA 86 -2.53 86.72 16.63
N ALA XA 87 -2.63 87.60 17.63
CA ALA XA 87 -2.18 88.97 17.50
C ALA XA 87 -1.20 89.28 18.61
N ILE XA 88 -0.16 90.04 18.27
CA ILE XA 88 0.85 90.49 19.22
C ILE XA 88 0.56 91.94 19.56
N ILE XA 89 0.25 92.19 20.84
CA ILE XA 89 -0.10 93.54 21.28
C ILE XA 89 1.16 94.37 21.47
N ASP XA 90 2.17 93.81 22.12
CA ASP XA 90 3.51 94.37 22.07
C ASP XA 90 4.50 93.26 22.37
N PRO XA 91 5.72 93.36 21.85
CA PRO XA 91 6.72 92.34 22.15
C PRO XA 91 7.56 92.70 23.36
N GLY XA 92 8.55 91.86 23.66
CA GLY XA 92 9.64 92.26 24.53
C GLY XA 92 10.94 91.82 23.89
N ASP XA 93 10.89 91.67 22.56
CA ASP XA 93 11.95 91.01 21.82
C ASP XA 93 12.25 91.54 20.43
N SER XA 94 11.69 92.67 20.01
CA SER XA 94 11.94 93.21 18.68
C SER XA 94 11.58 92.22 17.57
N ASP XA 95 10.43 91.56 17.72
CA ASP XA 95 9.83 90.84 16.60
C ASP XA 95 9.39 91.82 15.52
N ILE XA 96 9.33 93.10 15.85
CA ILE XA 96 9.05 94.15 14.87
C ILE XA 96 10.34 94.47 14.13
N ILE XA 97 10.43 94.03 12.86
CA ILE XA 97 11.68 94.04 12.11
C ILE XA 97 11.54 94.73 10.75
N ARG XA 98 10.56 94.28 9.92
CA ARG XA 98 10.44 94.66 8.46
C ARG XA 98 11.53 95.57 7.98
N ASN YA 1 -94.49 4.13 56.59
CA ASN YA 1 -95.38 4.00 55.44
C ASN YA 1 -94.59 4.16 54.15
N GLU YA 2 -95.17 4.88 53.18
CA GLU YA 2 -94.56 5.07 51.88
C GLU YA 2 -93.87 6.42 51.73
N VAL YA 3 -93.99 7.31 52.71
CA VAL YA 3 -93.39 8.64 52.64
C VAL YA 3 -92.32 8.72 53.72
N VAL YA 4 -91.63 7.60 53.95
CA VAL YA 4 -90.60 7.56 54.98
C VAL YA 4 -89.37 8.35 54.54
N THR YA 5 -88.65 8.91 55.50
CA THR YA 5 -87.34 9.50 55.29
C THR YA 5 -86.38 8.92 56.31
N ARG YA 6 -85.22 8.47 55.84
CA ARG YA 6 -84.19 7.90 56.70
C ARG YA 6 -82.84 8.53 56.36
N GLU YA 7 -81.94 8.49 57.33
CA GLU YA 7 -80.63 9.10 57.20
C GLU YA 7 -79.58 8.00 57.25
N TYR YA 8 -78.68 7.99 56.27
CA TYR YA 8 -77.70 6.93 56.10
C TYR YA 8 -76.30 7.51 56.00
N THR YA 9 -75.32 6.69 56.35
CA THR YA 9 -73.93 6.91 56.00
C THR YA 9 -73.60 6.01 54.83
N ILE YA 10 -73.02 6.58 53.78
CA ILE YA 10 -72.56 5.80 52.64
C ILE YA 10 -71.05 5.78 52.65
N ASN YA 11 -70.47 4.58 52.67
CA ASN YA 11 -69.03 4.40 52.51
C ASN YA 11 -68.74 4.52 51.02
N ILE YA 12 -68.44 5.75 50.58
CA ILE YA 12 -68.00 5.99 49.21
C ILE YA 12 -66.69 5.26 48.95
N HIS YA 13 -65.82 5.20 49.96
CA HIS YA 13 -64.46 4.66 49.78
C HIS YA 13 -64.49 3.24 49.23
N LYS YA 14 -65.29 2.36 49.83
CA LYS YA 14 -65.34 0.99 49.36
C LYS YA 14 -66.07 0.85 48.03
N ARG YA 15 -67.10 1.67 47.79
CA ARG YA 15 -67.86 1.59 46.55
C ARG YA 15 -67.10 2.16 45.37
N ILE YA 16 -66.02 2.89 45.63
CA ILE YA 16 -65.25 3.56 44.60
C ILE YA 16 -63.85 2.99 44.46
N HIS YA 17 -63.48 2.04 45.30
CA HIS YA 17 -62.13 1.49 45.34
C HIS YA 17 -61.72 0.88 44.02
N GLY YA 18 -60.53 1.25 43.54
CA GLY YA 18 -60.02 0.76 42.29
C GLY YA 18 -60.42 1.52 41.05
N VAL YA 19 -61.29 2.51 41.16
CA VAL YA 19 -61.79 3.28 40.02
C VAL YA 19 -60.74 4.31 39.63
N GLY YA 20 -60.58 4.51 38.33
CA GLY YA 20 -59.57 5.43 37.83
C GLY YA 20 -59.87 6.88 38.18
N PHE YA 21 -58.82 7.69 38.09
CA PHE YA 21 -58.84 9.05 38.63
C PHE YA 21 -59.96 9.89 38.03
N LYS YA 22 -60.09 9.90 36.70
CA LYS YA 22 -61.06 10.75 36.04
C LYS YA 22 -62.48 10.22 36.14
N LYS YA 23 -62.68 9.05 36.75
CA LYS YA 23 -64.01 8.46 36.86
C LYS YA 23 -64.52 8.37 38.28
N ARG YA 24 -63.78 8.85 39.27
CA ARG YA 24 -64.09 8.53 40.67
C ARG YA 24 -65.32 9.30 41.17
N ALA YA 25 -65.31 10.62 41.03
CA ALA YA 25 -66.50 11.39 41.39
C ALA YA 25 -67.71 11.03 40.55
N PRO YA 26 -67.61 10.86 39.22
CA PRO YA 26 -68.78 10.39 38.47
C PRO YA 26 -69.29 9.04 38.93
N ARG YA 27 -68.39 8.12 39.28
CA ARG YA 27 -68.82 6.81 39.76
C ARG YA 27 -69.39 6.89 41.17
N ALA YA 28 -68.92 7.83 41.98
CA ALA YA 28 -69.49 8.02 43.31
C ALA YA 28 -70.96 8.40 43.23
N LEU YA 29 -71.36 9.14 42.20
CA LEU YA 29 -72.75 9.50 42.04
C LEU YA 29 -73.58 8.36 41.50
N LYS YA 30 -73.01 7.52 40.63
CA LYS YA 30 -73.70 6.32 40.21
C LYS YA 30 -73.89 5.35 41.37
N GLU YA 31 -72.89 5.23 42.24
CA GLU YA 31 -73.03 4.39 43.42
C GLU YA 31 -74.05 4.95 44.40
N ILE YA 32 -74.10 6.26 44.56
CA ILE YA 32 -75.09 6.88 45.44
C ILE YA 32 -76.49 6.64 44.91
N ARG YA 33 -76.67 6.81 43.59
CA ARG YA 33 -77.98 6.55 42.98
C ARG YA 33 -78.35 5.08 43.11
N LYS YA 34 -77.36 4.19 42.96
CA LYS YA 34 -77.59 2.76 43.14
C LYS YA 34 -77.90 2.44 44.60
N PHE YA 35 -77.25 3.13 45.53
CA PHE YA 35 -77.54 2.93 46.95
C PHE YA 35 -78.99 3.28 47.27
N ALA YA 36 -79.49 4.39 46.72
CA ALA YA 36 -80.87 4.79 46.97
C ALA YA 36 -81.85 3.86 46.27
N MET YA 37 -81.51 3.39 45.06
CA MET YA 37 -82.40 2.47 44.35
C MET YA 37 -82.56 1.16 45.10
N LYS YA 38 -81.59 0.81 45.93
CA LYS YA 38 -81.66 -0.45 46.66
C LYS YA 38 -82.33 -0.27 48.01
N GLU YA 39 -81.94 0.77 48.77
CA GLU YA 39 -82.50 0.95 50.11
C GLU YA 39 -83.96 1.35 50.04
N MET YA 40 -84.28 2.34 49.22
CA MET YA 40 -85.66 2.58 48.83
C MET YA 40 -86.01 1.65 47.68
N GLY YA 41 -87.29 1.45 47.42
CA GLY YA 41 -87.70 0.49 46.42
C GLY YA 41 -87.87 1.01 45.02
N THR YA 42 -87.47 2.24 44.73
CA THR YA 42 -87.93 2.90 43.52
C THR YA 42 -86.76 3.33 42.65
N PRO YA 43 -86.92 3.22 41.32
CA PRO YA 43 -86.06 3.98 40.42
C PRO YA 43 -86.48 5.44 40.47
N ASP YA 44 -85.94 6.28 39.60
CA ASP YA 44 -86.14 7.73 39.69
C ASP YA 44 -85.64 8.23 41.05
N VAL YA 45 -84.35 8.01 41.24
CA VAL YA 45 -83.62 8.64 42.32
C VAL YA 45 -83.23 10.04 41.86
N ARG YA 46 -83.53 11.03 42.68
CA ARG YA 46 -83.17 12.41 42.41
C ARG YA 46 -82.11 12.82 43.42
N ILE YA 47 -80.98 13.28 42.93
CA ILE YA 47 -79.87 13.69 43.78
C ILE YA 47 -79.88 15.20 43.88
N ASP YA 48 -79.97 15.71 45.11
CA ASP YA 48 -79.96 17.14 45.32
C ASP YA 48 -78.65 17.75 44.83
N THR YA 49 -78.75 18.96 44.32
CA THR YA 49 -77.57 19.67 43.82
C THR YA 49 -76.53 19.87 44.91
N ARG YA 50 -76.97 20.08 46.15
CA ARG YA 50 -76.03 20.26 47.25
C ARG YA 50 -75.26 18.98 47.53
N LEU YA 51 -75.92 17.82 47.36
CA LEU YA 51 -75.22 16.55 47.50
C LEU YA 51 -74.20 16.36 46.39
N ASN YA 52 -74.56 16.75 45.17
CA ASN YA 52 -73.61 16.71 44.06
C ASN YA 52 -72.40 17.58 44.34
N LYS YA 53 -72.62 18.74 44.95
CA LYS YA 53 -71.52 19.63 45.31
C LYS YA 53 -70.56 18.96 46.28
N ALA YA 54 -71.10 18.30 47.31
CA ALA YA 54 -70.26 17.67 48.32
C ALA YA 54 -69.45 16.51 47.77
N VAL YA 55 -70.01 15.75 46.83
CA VAL YA 55 -69.27 14.65 46.22
C VAL YA 55 -68.10 15.19 45.39
N TRP YA 56 -68.29 16.35 44.76
CA TRP YA 56 -67.29 16.96 43.90
C TRP YA 56 -66.44 17.98 44.62
N ALA YA 57 -66.61 18.12 45.95
CA ALA YA 57 -66.00 19.24 46.67
C ALA YA 57 -64.48 19.20 46.63
N LYS YA 58 -63.90 18.01 46.51
CA LYS YA 58 -62.45 17.86 46.48
C LYS YA 58 -61.97 17.42 45.10
N GLY YA 59 -62.76 17.70 44.09
CA GLY YA 59 -62.38 17.38 42.73
C GLY YA 59 -62.84 16.00 42.27
N ILE YA 60 -62.28 15.59 41.13
CA ILE YA 60 -62.78 14.43 40.43
C ILE YA 60 -62.19 13.14 40.99
N ARG YA 61 -61.04 13.19 41.65
CA ARG YA 61 -60.40 11.95 42.09
C ARG YA 61 -60.33 11.80 43.60
N ASN YA 62 -60.25 12.90 44.36
CA ASN YA 62 -60.14 12.82 45.81
C ASN YA 62 -61.51 12.96 46.45
N VAL YA 63 -62.38 12.00 46.13
CA VAL YA 63 -63.76 11.99 46.61
C VAL YA 63 -63.76 11.69 48.10
N PRO YA 64 -64.65 12.31 48.89
CA PRO YA 64 -64.73 11.98 50.31
C PRO YA 64 -65.03 10.50 50.56
N TYR YA 65 -64.44 9.97 51.63
CA TYR YA 65 -64.58 8.55 51.94
C TYR YA 65 -66.00 8.22 52.37
N ARG YA 66 -66.58 9.03 53.23
CA ARG YA 66 -67.93 8.82 53.71
C ARG YA 66 -68.76 10.07 53.47
N ILE YA 67 -70.05 9.86 53.25
CA ILE YA 67 -71.00 10.95 53.13
C ILE YA 67 -72.26 10.56 53.88
N ARG YA 68 -72.77 11.48 54.69
CA ARG YA 68 -74.04 11.30 55.36
C ARG YA 68 -75.12 11.87 54.46
N VAL YA 69 -76.04 11.01 54.03
CA VAL YA 69 -77.13 11.42 53.16
C VAL YA 69 -78.44 11.15 53.87
N ARG YA 70 -79.48 11.83 53.40
CA ARG YA 70 -80.84 11.61 53.85
C ARG YA 70 -81.62 11.08 52.65
N LEU YA 71 -82.17 9.88 52.79
CA LEU YA 71 -83.07 9.35 51.77
C LEU YA 71 -84.51 9.68 52.14
N SER YA 72 -85.21 10.31 51.22
CA SER YA 72 -86.60 10.68 51.47
C SER YA 72 -87.44 10.19 50.29
N ARG YA 73 -88.22 9.14 50.52
CA ARG YA 73 -89.12 8.59 49.51
C ARG YA 73 -90.44 9.33 49.59
N LYS YA 74 -90.73 10.10 48.54
CA LYS YA 74 -91.99 10.84 48.50
C LYS YA 74 -92.86 10.36 47.35
N ARG YA 75 -94.16 10.62 47.47
CA ARG YA 75 -95.11 10.23 46.46
C ARG YA 75 -95.02 11.14 45.24
N ASN YA 76 -94.97 10.54 44.06
CA ASN YA 76 -95.00 11.28 42.80
C ASN YA 76 -96.43 11.56 42.34
N GLU YA 77 -97.39 11.62 43.25
CA GLU YA 77 -98.80 11.80 42.90
C GLU YA 77 -99.05 13.27 42.49
N ASP YA 78 -98.33 13.68 41.46
CA ASP YA 78 -98.50 15.00 40.85
C ASP YA 78 -98.48 14.96 39.33
N GLU YA 79 -98.04 13.87 38.71
CA GLU YA 79 -98.10 13.70 37.27
C GLU YA 79 -98.09 12.21 36.97
N ASP YA 80 -98.47 11.87 35.74
CA ASP YA 80 -98.55 10.46 35.35
C ASP YA 80 -97.19 9.94 34.92
N SER YA 81 -96.69 8.95 35.64
CA SER YA 81 -95.37 8.38 35.40
C SER YA 81 -95.45 6.88 35.70
N PRO YA 82 -94.54 6.09 35.13
CA PRO YA 82 -94.53 4.66 35.47
C PRO YA 82 -94.36 4.40 36.97
N ASN YA 83 -93.56 5.22 37.66
CA ASN YA 83 -93.37 5.09 39.09
C ASN YA 83 -94.22 6.11 39.82
N LYS YA 84 -94.90 5.66 40.88
CA LYS YA 84 -95.63 6.55 41.77
C LYS YA 84 -94.74 7.15 42.84
N LEU YA 85 -93.53 6.62 43.01
CA LEU YA 85 -92.64 7.02 44.10
C LEU YA 85 -91.29 7.42 43.53
N TYR YA 86 -90.72 8.46 44.10
CA TYR YA 86 -89.32 8.78 43.87
C TYR YA 86 -88.66 9.04 45.21
N THR YA 87 -87.36 8.81 45.27
CA THR YA 87 -86.59 9.13 46.46
C THR YA 87 -85.69 10.32 46.12
N LEU YA 88 -85.74 11.35 46.95
CA LEU YA 88 -84.81 12.46 46.85
C LEU YA 88 -83.74 12.27 47.93
N VAL YA 89 -82.50 12.11 47.51
CA VAL YA 89 -81.39 11.93 48.44
C VAL YA 89 -80.67 13.26 48.57
N THR YA 90 -80.58 13.77 49.80
CA THR YA 90 -79.98 15.05 50.11
C THR YA 90 -78.74 14.86 50.97
N TYR YA 91 -77.97 15.92 51.08
CA TYR YA 91 -76.69 15.91 51.79
C TYR YA 91 -76.92 16.32 53.24
N VAL YA 92 -76.27 15.60 54.15
CA VAL YA 92 -76.30 15.93 55.57
C VAL YA 92 -74.87 16.20 56.04
N PRO YA 93 -74.51 17.45 56.31
CA PRO YA 93 -73.16 17.74 56.81
C PRO YA 93 -72.99 17.21 58.23
N VAL YA 94 -71.86 16.54 58.47
CA VAL YA 94 -71.51 16.05 59.79
C VAL YA 94 -70.07 16.43 60.08
N THR YA 95 -69.73 16.50 61.37
CA THR YA 95 -68.35 16.74 61.78
C THR YA 95 -67.60 15.43 61.99
N THR YA 96 -68.32 14.38 62.35
CA THR YA 96 -67.74 13.06 62.53
C THR YA 96 -68.71 11.99 62.07
N PHE YA 97 -68.15 10.87 61.60
CA PHE YA 97 -68.93 9.74 61.14
C PHE YA 97 -68.95 8.61 62.17
N LYS YA 98 -68.23 8.76 63.28
CA LYS YA 98 -68.13 7.69 64.25
C LYS YA 98 -69.45 7.49 64.97
N ASN YA 99 -69.85 6.23 65.11
CA ASN YA 99 -71.03 5.83 65.88
C ASN YA 99 -72.32 6.35 65.23
N LEU YA 100 -72.27 6.63 63.93
CA LEU YA 100 -73.43 7.14 63.21
C LEU YA 100 -74.22 5.95 62.67
N GLN YA 101 -75.42 5.76 63.19
CA GLN YA 101 -76.28 4.68 62.75
C GLN YA 101 -77.20 5.15 61.63
N THR YA 102 -77.89 4.19 61.03
CA THR YA 102 -79.04 4.49 60.17
C THR YA 102 -80.19 4.86 61.09
N VAL YA 103 -80.69 6.07 60.94
CA VAL YA 103 -81.70 6.60 61.86
C VAL YA 103 -82.93 6.99 61.08
N ASN YA 104 -84.10 6.72 61.67
CA ASN YA 104 -85.37 7.14 61.12
C ASN YA 104 -85.59 8.60 61.50
N VAL YA 105 -85.58 9.47 60.49
CA VAL YA 105 -85.81 10.88 60.73
C VAL YA 105 -87.29 11.21 60.53
N ASP YA 106 -87.84 12.00 61.45
CA ASP YA 106 -89.24 12.38 61.43
C ASP YA 106 -89.46 13.63 60.57
N GLU YA 107 -90.72 13.86 60.23
CA GLU YA 107 -91.12 15.00 59.42
C GLU YA 107 -90.71 16.32 60.08
N ALA ZA 1 -111.28 -44.15 -27.81
CA ALA ZA 1 -111.60 -42.79 -27.43
C ALA ZA 1 -110.93 -41.79 -28.36
N ALA ZA 2 -109.62 -41.62 -28.19
CA ALA ZA 2 -108.84 -40.74 -29.05
C ALA ZA 2 -108.76 -41.35 -30.44
N LEU ZA 3 -108.41 -40.52 -31.43
CA LEU ZA 3 -108.18 -40.96 -32.79
C LEU ZA 3 -106.88 -41.75 -32.83
N ARG ZA 4 -106.91 -42.92 -33.46
CA ARG ZA 4 -105.76 -43.81 -33.48
C ARG ZA 4 -104.89 -43.54 -34.70
N PRO ZA 5 -103.57 -43.68 -34.58
CA PRO ZA 5 -102.71 -43.63 -35.76
C PRO ZA 5 -102.82 -44.91 -36.56
N LEU ZA 6 -102.34 -44.85 -37.81
CA LEU ZA 6 -102.41 -45.99 -38.70
C LEU ZA 6 -101.64 -47.18 -38.15
N VAL ZA 7 -100.40 -46.95 -37.75
CA VAL ZA 7 -99.59 -47.94 -37.06
C VAL ZA 7 -99.06 -47.29 -35.80
N LYS ZA 8 -98.73 -48.12 -34.81
CA LYS ZA 8 -98.14 -47.65 -33.56
C LYS ZA 8 -96.93 -48.53 -33.25
N PRO ZA 9 -95.81 -48.30 -33.90
CA PRO ZA 9 -94.58 -49.03 -33.55
C PRO ZA 9 -94.09 -48.62 -32.18
N LYS ZA 10 -93.39 -49.52 -31.52
CA LYS ZA 10 -92.72 -49.19 -30.28
C LYS ZA 10 -91.62 -48.19 -30.60
N ILE ZA 11 -91.55 -47.11 -29.82
CA ILE ZA 11 -90.59 -46.05 -30.11
C ILE ZA 11 -89.38 -46.25 -29.21
N VAL ZA 12 -88.23 -46.48 -29.82
CA VAL ZA 12 -86.99 -46.71 -29.09
C VAL ZA 12 -86.22 -45.39 -29.08
N LYS ZA 13 -85.96 -44.88 -27.89
CA LYS ZA 13 -85.10 -43.72 -27.71
C LYS ZA 13 -83.76 -44.22 -27.21
N LYS ZA 14 -82.70 -43.92 -27.95
CA LYS ZA 14 -81.36 -44.28 -27.49
C LYS ZA 14 -80.97 -43.54 -26.23
N ARG ZA 15 -81.52 -42.35 -26.01
CA ARG ZA 15 -81.23 -41.56 -24.83
C ARG ZA 15 -82.44 -40.68 -24.54
N THR ZA 16 -82.83 -40.59 -23.28
CA THR ZA 16 -83.91 -39.70 -22.89
C THR ZA 16 -83.43 -38.45 -22.19
N LYS ZA 17 -82.21 -38.45 -21.67
CA LYS ZA 17 -81.70 -37.28 -20.98
C LYS ZA 17 -81.16 -36.26 -21.98
N LYS ZA 18 -81.15 -35.01 -21.55
CA LYS ZA 18 -80.59 -33.94 -22.36
C LYS ZA 18 -79.07 -33.94 -22.27
N PHE ZA 19 -78.43 -33.45 -23.32
CA PHE ZA 19 -76.98 -33.26 -23.34
C PHE ZA 19 -76.70 -31.87 -22.78
N ILE ZA 20 -76.32 -31.81 -21.51
CA ILE ZA 20 -76.10 -30.52 -20.86
C ILE ZA 20 -74.66 -30.06 -21.08
N ARG ZA 21 -74.49 -28.76 -21.26
CA ARG ZA 21 -73.18 -28.19 -21.53
C ARG ZA 21 -72.25 -28.39 -20.35
N HIS ZA 22 -70.97 -28.61 -20.66
CA HIS ZA 22 -69.95 -28.78 -19.64
C HIS ZA 22 -69.88 -27.54 -18.74
N GLN ZA 23 -69.91 -27.79 -17.43
CA GLN ZA 23 -69.82 -26.76 -16.39
C GLN ZA 23 -71.03 -25.84 -16.36
N SER ZA 24 -72.13 -26.25 -16.98
CA SER ZA 24 -73.40 -25.57 -16.78
C SER ZA 24 -73.91 -25.70 -15.36
N ASP ZA 25 -73.53 -26.78 -14.67
CA ASP ZA 25 -73.90 -26.94 -13.27
C ASP ZA 25 -73.21 -25.91 -12.39
N ARG ZA 26 -72.00 -25.49 -12.77
CA ARG ZA 26 -71.21 -24.65 -11.88
C ARG ZA 26 -71.51 -23.16 -12.05
N TYR ZA 27 -72.19 -22.78 -13.12
CA TYR ZA 27 -72.43 -21.37 -13.42
C TYR ZA 27 -73.85 -21.12 -13.89
N VAL ZA 28 -74.42 -20.03 -13.39
CA VAL ZA 28 -75.63 -19.46 -13.97
C VAL ZA 28 -75.36 -18.85 -15.35
N LYS ZA 29 -74.22 -18.18 -15.54
CA LYS ZA 29 -73.90 -17.57 -16.83
C LYS ZA 29 -73.70 -18.62 -17.93
N ILE ZA 30 -73.49 -19.88 -17.56
CA ILE ZA 30 -73.37 -20.95 -18.55
C ILE ZA 30 -74.72 -21.66 -18.65
N LYS ZA 31 -75.43 -21.42 -19.75
CA LYS ZA 31 -76.68 -22.11 -20.01
C LYS ZA 31 -76.41 -23.57 -20.39
N ARG ZA 32 -77.41 -24.41 -20.15
CA ARG ZA 32 -77.31 -25.83 -20.41
C ARG ZA 32 -77.29 -26.18 -21.89
N ASN ZA 33 -77.61 -25.23 -22.78
CA ASN ZA 33 -77.58 -25.48 -24.21
C ASN ZA 33 -76.23 -26.00 -24.64
N TRP ZA 34 -76.24 -27.10 -25.40
CA TRP ZA 34 -75.00 -27.79 -25.70
C TRP ZA 34 -74.04 -26.92 -26.49
N ARG ZA 35 -72.81 -26.82 -26.00
CA ARG ZA 35 -71.71 -26.29 -26.76
C ARG ZA 35 -70.62 -27.34 -26.82
N LYS ZA 36 -69.98 -27.45 -27.95
CA LYS ZA 36 -68.88 -28.40 -28.11
C LYS ZA 36 -67.62 -27.83 -27.49
N PRO ZA 37 -67.00 -28.51 -26.51
CA PRO ZA 37 -65.77 -27.98 -25.89
C PRO ZA 37 -64.60 -28.06 -26.85
N ARG ZA 38 -63.85 -26.97 -26.95
CA ARG ZA 38 -62.69 -26.87 -27.84
C ARG ZA 38 -61.47 -26.37 -27.07
N GLY ZA 39 -61.47 -26.60 -25.75
CA GLY ZA 39 -60.33 -26.28 -24.93
C GLY ZA 39 -59.28 -27.37 -25.02
N ILE ZA 40 -58.02 -26.94 -25.00
CA ILE ZA 40 -56.92 -27.86 -25.25
C ILE ZA 40 -56.87 -28.99 -24.20
N ASP ZA 41 -57.16 -28.69 -22.94
CA ASP ZA 41 -57.08 -29.67 -21.87
C ASP ZA 41 -58.42 -30.31 -21.53
N ASN ZA 42 -59.51 -29.89 -22.18
CA ASN ZA 42 -60.85 -30.26 -21.74
C ASN ZA 42 -61.04 -31.78 -21.72
N ARG ZA 43 -61.50 -32.30 -20.58
CA ARG ZA 43 -61.62 -33.73 -20.38
C ARG ZA 43 -62.92 -34.33 -20.89
N VAL ZA 44 -63.93 -33.52 -21.18
CA VAL ZA 44 -65.14 -34.08 -21.80
C VAL ZA 44 -64.94 -34.08 -23.31
N ARG ZA 45 -64.19 -33.11 -23.83
CA ARG ZA 45 -63.79 -33.17 -25.22
C ARG ZA 45 -62.91 -34.38 -25.48
N ARG ZA 46 -61.98 -34.66 -24.55
CA ARG ZA 46 -61.10 -35.80 -24.68
C ARG ZA 46 -61.80 -37.11 -24.37
N ARG ZA 47 -63.01 -37.07 -23.82
CA ARG ZA 47 -63.85 -38.25 -23.56
C ARG ZA 47 -63.26 -39.17 -22.50
N PHE ZA 48 -62.91 -38.56 -21.37
CA PHE ZA 48 -62.52 -39.33 -20.20
C PHE ZA 48 -63.77 -39.94 -19.55
N LYS ZA 49 -63.56 -41.07 -18.86
CA LYS ZA 49 -64.66 -41.76 -18.22
C LYS ZA 49 -65.26 -40.93 -17.10
N GLY ZA 50 -66.56 -41.09 -16.88
CA GLY ZA 50 -67.25 -40.40 -15.81
C GLY ZA 50 -67.60 -38.97 -16.11
N GLN ZA 51 -67.41 -38.51 -17.34
CA GLN ZA 51 -67.62 -37.12 -17.68
C GLN ZA 51 -68.94 -36.92 -18.42
N ILE ZA 52 -69.29 -35.65 -18.55
CA ILE ZA 52 -70.40 -35.21 -19.40
C ILE ZA 52 -70.21 -35.79 -20.80
N LEU ZA 53 -71.30 -36.32 -21.35
CA LEU ZA 53 -71.24 -36.94 -22.68
C LEU ZA 53 -71.43 -35.91 -23.78
N MET ZA 54 -70.80 -36.17 -24.89
CA MET ZA 54 -70.94 -35.33 -26.07
C MET ZA 54 -71.96 -35.95 -27.02
N PRO ZA 55 -72.93 -35.18 -27.51
CA PRO ZA 55 -73.83 -35.70 -28.54
C PRO ZA 55 -73.06 -36.07 -29.80
N ASN ZA 56 -73.47 -37.18 -30.42
CA ASN ZA 56 -72.92 -37.54 -31.72
C ASN ZA 56 -74.02 -38.22 -32.53
N ILE ZA 57 -73.74 -38.44 -33.81
CA ILE ZA 57 -74.76 -38.93 -34.73
C ILE ZA 57 -75.19 -40.36 -34.41
N GLY ZA 58 -74.40 -41.10 -33.64
CA GLY ZA 58 -74.79 -42.45 -33.26
C GLY ZA 58 -76.03 -42.51 -32.39
N TYR ZA 59 -76.35 -41.44 -31.70
CA TYR ZA 59 -77.57 -41.35 -30.89
C TYR ZA 59 -78.83 -41.11 -31.72
N GLY ZA 60 -78.70 -40.94 -33.03
CA GLY ZA 60 -79.85 -40.56 -33.83
C GLY ZA 60 -80.96 -41.60 -33.74
N SER ZA 61 -82.20 -41.13 -33.78
CA SER ZA 61 -83.36 -42.00 -33.69
C SER ZA 61 -83.59 -42.74 -34.99
N ASN ZA 62 -84.02 -44.00 -34.85
CA ASN ZA 62 -84.60 -44.77 -35.94
C ASN ZA 62 -85.49 -43.90 -36.80
N LYS ZA 63 -85.27 -43.94 -38.11
CA LYS ZA 63 -85.96 -43.01 -39.00
C LYS ZA 63 -87.46 -43.31 -39.08
N LYS ZA 64 -87.87 -44.53 -38.71
CA LYS ZA 64 -89.28 -44.87 -38.79
C LYS ZA 64 -90.08 -44.19 -37.69
N THR ZA 65 -89.45 -43.86 -36.56
CA THR ZA 65 -90.16 -43.25 -35.45
C THR ZA 65 -89.61 -41.87 -35.07
N LYS ZA 66 -88.79 -41.27 -35.91
CA LYS ZA 66 -88.27 -39.94 -35.64
C LYS ZA 66 -89.38 -38.89 -35.73
N HIS ZA 67 -89.41 -37.99 -34.76
CA HIS ZA 67 -90.39 -36.90 -34.65
C HIS ZA 67 -91.78 -37.40 -34.29
N MET ZA 68 -91.93 -38.68 -34.02
CA MET ZA 68 -93.22 -39.27 -33.70
C MET ZA 68 -93.57 -38.97 -32.25
N LEU ZA 69 -94.75 -38.43 -32.02
CA LEU ZA 69 -95.19 -38.13 -30.67
C LEU ZA 69 -95.49 -39.43 -29.93
N PRO ZA 70 -95.50 -39.40 -28.59
CA PRO ZA 70 -95.73 -40.64 -27.83
C PRO ZA 70 -97.01 -41.37 -28.19
N SER ZA 71 -98.02 -40.69 -28.74
CA SER ZA 71 -99.18 -41.36 -29.33
C SER ZA 71 -99.06 -41.40 -30.85
N GLY ZA 72 -98.13 -42.19 -31.36
CA GLY ZA 72 -98.11 -42.61 -32.76
C GLY ZA 72 -98.30 -41.59 -33.86
N PHE ZA 73 -98.39 -40.31 -33.51
CA PHE ZA 73 -98.69 -39.27 -34.48
C PHE ZA 73 -97.49 -38.35 -34.62
N ARG ZA 74 -97.43 -37.67 -35.75
CA ARG ZA 74 -96.47 -36.60 -35.95
C ARG ZA 74 -97.21 -35.27 -36.02
N LYS ZA 75 -96.55 -34.24 -35.52
CA LYS ZA 75 -97.15 -32.94 -35.31
C LYS ZA 75 -97.14 -32.12 -36.59
N PHE ZA 76 -98.17 -31.26 -36.73
CA PHE ZA 76 -98.16 -30.23 -37.76
C PHE ZA 76 -98.85 -29.01 -37.21
N LEU ZA 77 -98.12 -27.90 -37.17
CA LEU ZA 77 -98.60 -26.64 -36.60
C LEU ZA 77 -99.53 -25.96 -37.59
N VAL ZA 78 -100.69 -25.52 -37.13
CA VAL ZA 78 -101.67 -24.84 -37.96
C VAL ZA 78 -102.05 -23.51 -37.30
N HIS ZA 79 -102.39 -22.53 -38.14
CA HIS ZA 79 -102.79 -21.22 -37.66
C HIS ZA 79 -104.25 -20.89 -37.95
N ASN ZA 80 -104.90 -21.65 -38.81
CA ASN ZA 80 -106.28 -21.39 -39.18
C ASN ZA 80 -106.90 -22.68 -39.70
N VAL ZA 81 -108.18 -22.62 -40.06
CA VAL ZA 81 -108.88 -23.79 -40.57
C VAL ZA 81 -108.34 -24.23 -41.92
N LYS ZA 82 -107.92 -23.28 -42.76
CA LYS ZA 82 -107.43 -23.62 -44.09
C LYS ZA 82 -106.20 -24.52 -44.03
N GLU ZA 83 -105.23 -24.20 -43.15
CA GLU ZA 83 -104.07 -25.07 -43.01
C GLU ZA 83 -104.41 -26.42 -42.39
N LEU ZA 84 -105.51 -26.51 -41.63
CA LEU ZA 84 -105.97 -27.80 -41.15
C LEU ZA 84 -106.41 -28.70 -42.30
N GLU ZA 85 -106.81 -28.11 -43.43
CA GLU ZA 85 -107.30 -28.89 -44.57
C GLU ZA 85 -106.22 -29.73 -45.22
N VAL ZA 86 -104.95 -29.33 -45.12
CA VAL ZA 86 -103.89 -30.13 -45.73
C VAL ZA 86 -103.75 -31.49 -45.04
N LEU ZA 87 -104.24 -31.63 -43.82
CA LEU ZA 87 -104.13 -32.88 -43.07
C LEU ZA 87 -105.28 -33.83 -43.34
N LEU ZA 88 -106.20 -33.47 -44.24
CA LEU ZA 88 -107.37 -34.30 -44.48
C LEU ZA 88 -106.99 -35.67 -45.01
N MET ZA 89 -106.04 -35.74 -45.92
CA MET ZA 89 -105.63 -37.01 -46.49
C MET ZA 89 -104.50 -37.69 -45.73
N CYS ZA 90 -103.93 -37.03 -44.71
CA CYS ZA 90 -102.95 -37.71 -43.86
C CYS ZA 90 -103.62 -38.29 -42.63
N ASN ZA 91 -104.15 -37.44 -41.75
CA ASN ZA 91 -105.28 -37.81 -40.92
C ASN ZA 91 -105.02 -38.98 -39.97
N LYS ZA 92 -103.97 -39.75 -40.23
CA LYS ZA 92 -103.65 -40.96 -39.49
C LYS ZA 92 -102.18 -41.05 -39.14
N SER ZA 93 -101.32 -40.35 -39.86
CA SER ZA 93 -99.92 -40.19 -39.49
C SER ZA 93 -99.63 -38.84 -38.89
N TYR ZA 94 -100.46 -37.84 -39.15
CA TYR ZA 94 -100.17 -36.47 -38.74
C TYR ZA 94 -101.36 -35.89 -37.99
N CYS ZA 95 -101.05 -35.19 -36.90
CA CYS ZA 95 -102.03 -34.51 -36.09
C CYS ZA 95 -101.75 -33.01 -36.13
N ALA ZA 96 -102.76 -32.23 -35.85
CA ALA ZA 96 -102.64 -30.78 -35.82
C ALA ZA 96 -102.40 -30.31 -34.40
N GLU ZA 97 -101.62 -29.24 -34.27
CA GLU ZA 97 -101.70 -28.44 -33.07
C GLU ZA 97 -101.85 -26.98 -33.44
N ILE ZA 98 -102.71 -26.33 -32.67
CA ILE ZA 98 -103.02 -24.92 -32.87
C ILE ZA 98 -101.83 -24.10 -32.42
N ALA ZA 99 -101.42 -23.15 -33.24
CA ALA ZA 99 -100.36 -22.24 -32.84
C ALA ZA 99 -100.77 -21.46 -31.59
N HIS ZA 100 -99.76 -21.17 -30.76
CA HIS ZA 100 -99.99 -20.49 -29.49
C HIS ZA 100 -100.67 -19.13 -29.65
N ASN ZA 101 -100.48 -18.47 -30.78
CA ASN ZA 101 -100.99 -17.11 -30.97
C ASN ZA 101 -102.42 -17.06 -31.49
N VAL ZA 102 -103.03 -18.20 -31.80
CA VAL ZA 102 -104.39 -18.20 -32.31
C VAL ZA 102 -105.36 -17.87 -31.19
N SER ZA 103 -106.33 -17.01 -31.47
CA SER ZA 103 -107.21 -16.51 -30.43
C SER ZA 103 -108.17 -17.59 -29.96
N SER ZA 104 -108.80 -17.32 -28.81
CA SER ZA 104 -109.72 -18.28 -28.21
C SER ZA 104 -110.92 -18.55 -29.11
N LYS ZA 105 -111.41 -17.52 -29.79
CA LYS ZA 105 -112.59 -17.70 -30.64
C LYS ZA 105 -112.25 -18.43 -31.93
N ASN ZA 106 -111.07 -18.17 -32.51
CA ASN ZA 106 -110.72 -18.81 -33.77
C ASN ZA 106 -110.35 -20.28 -33.58
N ARG ZA 107 -109.76 -20.62 -32.45
CA ARG ZA 107 -109.36 -22.01 -32.26
C ARG ZA 107 -110.53 -22.90 -31.89
N LYS ZA 108 -111.68 -22.33 -31.51
CA LYS ZA 108 -112.90 -23.12 -31.40
C LYS ZA 108 -113.33 -23.62 -32.76
N ALA ZA 109 -113.18 -22.78 -33.79
CA ALA ZA 109 -113.53 -23.19 -35.15
C ALA ZA 109 -112.60 -24.28 -35.67
N ILE ZA 110 -111.30 -24.14 -35.41
CA ILE ZA 110 -110.34 -25.13 -35.87
C ILE ZA 110 -110.59 -26.47 -35.22
N VAL ZA 111 -110.85 -26.47 -33.91
CA VAL ZA 111 -111.09 -27.70 -33.17
C VAL ZA 111 -112.36 -28.37 -33.67
N GLU ZA 112 -113.40 -27.57 -33.93
CA GLU ZA 112 -114.66 -28.11 -34.44
C GLU ZA 112 -114.49 -28.69 -35.84
N ARG ZA 113 -113.71 -28.03 -36.69
CA ARG ZA 113 -113.46 -28.54 -38.03
C ARG ZA 113 -112.60 -29.79 -37.99
N ALA ZA 114 -111.66 -29.88 -37.05
CA ALA ZA 114 -110.80 -31.05 -36.94
C ALA ZA 114 -111.60 -32.28 -36.53
N ALA ZA 115 -112.59 -32.10 -35.66
CA ALA ZA 115 -113.40 -33.23 -35.21
C ALA ZA 115 -114.19 -33.84 -36.37
N GLN ZA 116 -114.76 -33.00 -37.24
CA GLN ZA 116 -115.52 -33.54 -38.36
C GLN ZA 116 -114.62 -34.02 -39.49
N LEU ZA 117 -113.34 -33.67 -39.48
CA LEU ZA 117 -112.38 -34.20 -40.42
C LEU ZA 117 -111.59 -35.38 -39.87
N ALA ZA 118 -111.86 -35.79 -38.63
CA ALA ZA 118 -111.15 -36.88 -37.97
C ALA ZA 118 -109.65 -36.60 -37.86
N ILE ZA 119 -109.31 -35.33 -37.70
CA ILE ZA 119 -107.93 -34.90 -37.50
C ILE ZA 119 -107.70 -34.74 -36.00
N ARG ZA 120 -106.64 -35.36 -35.50
CA ARG ZA 120 -106.30 -35.27 -34.09
C ARG ZA 120 -105.67 -33.93 -33.77
N VAL ZA 121 -106.09 -33.31 -32.67
CA VAL ZA 121 -105.54 -32.05 -32.20
C VAL ZA 121 -104.84 -32.30 -30.88
N THR ZA 122 -103.57 -31.89 -30.78
CA THR ZA 122 -102.80 -32.16 -29.57
C THR ZA 122 -103.21 -31.24 -28.42
N ASN ZA 123 -103.69 -30.04 -28.72
CA ASN ZA 123 -104.05 -29.05 -27.70
C ASN ZA 123 -105.45 -28.52 -27.94
N PRO ZA 124 -106.47 -29.37 -27.83
CA PRO ZA 124 -107.84 -28.92 -28.13
C PRO ZA 124 -108.47 -28.10 -27.00
N ASN ZA 125 -108.06 -28.34 -25.75
CA ASN ZA 125 -108.61 -27.63 -24.60
C ASN ZA 125 -107.64 -26.54 -24.16
N ALA ZA 126 -107.37 -25.59 -25.07
CA ALA ZA 126 -106.29 -24.63 -24.82
C ALA ZA 126 -106.74 -23.19 -24.63
N ARG ZA 127 -108.02 -22.87 -24.74
CA ARG ZA 127 -108.48 -21.55 -24.35
C ARG ZA 127 -109.80 -21.67 -23.59
N LEU ZA 128 -109.89 -22.62 -22.68
CA LEU ZA 128 -111.12 -22.90 -21.97
C LEU ZA 128 -110.86 -23.74 -20.72
N SER AB 1 -98.07 -71.90 3.50
CA SER AB 1 -97.66 -72.79 4.58
C SER AB 1 -96.26 -73.33 4.36
N GLY AB 2 -95.40 -72.51 3.76
CA GLY AB 2 -94.02 -72.89 3.54
C GLY AB 2 -93.30 -71.90 2.67
N ARG AB 3 -91.97 -71.92 2.73
CA ARG AB 3 -91.16 -70.86 2.16
C ARG AB 3 -91.18 -70.88 0.63
N LEU AB 4 -91.09 -72.05 0.01
CA LEU AB 4 -91.29 -72.22 -1.43
C LEU AB 4 -90.31 -71.47 -2.32
N TRP AB 5 -89.34 -70.74 -1.76
CA TRP AB 5 -88.31 -70.13 -2.59
C TRP AB 5 -86.96 -70.27 -1.89
N SER AB 6 -85.90 -70.19 -2.68
CA SER AB 6 -84.54 -70.30 -2.16
C SER AB 6 -84.03 -68.91 -1.79
N LYS AB 7 -83.32 -68.84 -0.66
CA LYS AB 7 -82.75 -67.60 -0.20
C LYS AB 7 -81.49 -67.26 -0.98
N ALA AB 8 -81.39 -66.03 -1.44
CA ALA AB 8 -80.24 -65.54 -2.16
C ALA AB 8 -79.95 -64.10 -1.74
N ILE AB 9 -78.74 -63.66 -1.99
CA ILE AB 9 -78.28 -62.34 -1.61
C ILE AB 9 -77.84 -61.61 -2.88
N PHE AB 10 -78.28 -60.37 -3.03
CA PHE AB 10 -77.75 -59.48 -4.05
C PHE AB 10 -76.34 -59.04 -3.63
N ALA AB 11 -75.32 -59.69 -4.20
CA ALA AB 11 -73.94 -59.43 -3.86
C ALA AB 11 -73.38 -58.16 -4.51
N GLY AB 12 -73.92 -57.74 -5.63
CA GLY AB 12 -73.36 -56.63 -6.38
C GLY AB 12 -73.60 -56.82 -7.85
N TYR AB 13 -73.25 -55.82 -8.65
CA TYR AB 13 -73.42 -55.89 -10.09
C TYR AB 13 -72.24 -56.58 -10.74
N LYS AB 14 -72.48 -57.09 -11.94
CA LYS AB 14 -71.38 -57.53 -12.79
C LYS AB 14 -70.45 -56.35 -13.05
N ARG AB 15 -69.15 -56.60 -12.92
CA ARG AB 15 -68.20 -55.50 -12.90
C ARG AB 15 -66.81 -56.00 -13.20
N GLY AB 16 -65.97 -55.10 -13.72
CA GLY AB 16 -64.54 -55.24 -13.61
C GLY AB 16 -64.12 -54.63 -12.30
N LEU AB 17 -62.87 -54.19 -12.15
CA LEU AB 17 -62.49 -53.48 -10.95
C LEU AB 17 -63.05 -52.06 -10.92
N ARG AB 18 -63.06 -51.37 -12.06
CA ARG AB 18 -63.37 -49.95 -12.11
C ARG AB 18 -64.49 -49.63 -13.10
N ASN AB 19 -65.20 -50.64 -13.59
CA ASN AB 19 -66.37 -50.42 -14.43
C ASN AB 19 -67.47 -51.33 -13.92
N GLN AB 20 -68.67 -50.78 -13.77
CA GLN AB 20 -69.78 -51.53 -13.22
C GLN AB 20 -70.89 -51.62 -14.25
N ARG AB 21 -71.41 -52.81 -14.48
CA ARG AB 21 -72.48 -53.05 -15.44
C ARG AB 21 -73.75 -53.35 -14.65
N GLU AB 22 -74.60 -52.33 -14.50
CA GLU AB 22 -75.73 -52.43 -13.60
C GLU AB 22 -76.88 -53.28 -14.15
N HIS AB 23 -76.86 -53.60 -15.45
CA HIS AB 23 -77.95 -54.38 -16.00
C HIS AB 23 -77.90 -55.86 -15.64
N THR AB 24 -76.83 -56.33 -15.02
CA THR AB 24 -76.78 -57.71 -14.53
C THR AB 24 -76.32 -57.74 -13.09
N ALA AB 25 -76.97 -58.58 -12.30
CA ALA AB 25 -76.72 -58.70 -10.87
C ALA AB 25 -76.05 -60.03 -10.57
N LEU AB 26 -75.15 -60.00 -9.58
CA LEU AB 26 -74.49 -61.21 -9.09
C LEU AB 26 -75.25 -61.65 -7.85
N LEU AB 27 -75.71 -62.90 -7.84
CA LEU AB 27 -76.47 -63.46 -6.75
C LEU AB 27 -75.72 -64.59 -6.08
N LYS AB 28 -75.78 -64.62 -4.76
CA LYS AB 28 -75.25 -65.72 -3.97
C LYS AB 28 -76.43 -66.50 -3.44
N ILE AB 29 -76.61 -67.72 -3.95
CA ILE AB 29 -77.67 -68.60 -3.48
C ILE AB 29 -77.13 -69.42 -2.31
N GLU AB 30 -77.89 -69.45 -1.22
CA GLU AB 30 -77.44 -70.14 -0.03
C GLU AB 30 -77.44 -71.65 -0.24
N GLY AB 31 -76.32 -72.27 0.14
CA GLY AB 31 -76.15 -73.70 -0.01
C GLY AB 31 -75.49 -74.16 -1.28
N VAL AB 32 -75.24 -73.28 -2.24
CA VAL AB 32 -74.58 -73.67 -3.48
C VAL AB 32 -73.27 -72.87 -3.57
N TYR AB 33 -72.15 -73.58 -3.53
CA TYR AB 33 -70.84 -72.96 -3.42
C TYR AB 33 -69.85 -73.56 -4.40
N ALA AB 34 -70.37 -74.16 -5.47
CA ALA AB 34 -69.54 -74.63 -6.57
C ALA AB 34 -70.28 -74.35 -7.86
N ARG AB 35 -69.52 -74.16 -8.93
CA ARG AB 35 -70.11 -73.89 -10.24
C ARG AB 35 -71.02 -75.03 -10.68
N ASP AB 36 -70.65 -76.27 -10.33
CA ASP AB 36 -71.41 -77.42 -10.80
C ASP AB 36 -72.75 -77.59 -10.08
N GLU AB 37 -72.95 -76.89 -8.98
CA GLU AB 37 -74.23 -76.95 -8.27
C GLU AB 37 -75.24 -75.92 -8.77
N THR AB 38 -74.84 -75.01 -9.65
CA THR AB 38 -75.69 -73.91 -10.07
C THR AB 38 -76.63 -74.25 -11.21
N GLU AB 39 -76.49 -75.44 -11.81
CA GLU AB 39 -77.25 -75.78 -13.00
C GLU AB 39 -78.74 -75.83 -12.70
N PHE AB 40 -79.11 -76.24 -11.48
CA PHE AB 40 -80.52 -76.32 -11.10
C PHE AB 40 -81.22 -74.98 -11.27
N TYR AB 41 -80.54 -73.89 -10.93
CA TYR AB 41 -81.14 -72.58 -10.84
C TYR AB 41 -81.05 -71.78 -12.13
N LEU AB 42 -80.59 -72.39 -13.21
CA LEU AB 42 -80.05 -71.64 -14.34
C LEU AB 42 -81.09 -70.88 -15.15
N GLY AB 43 -82.38 -71.11 -14.95
CA GLY AB 43 -83.36 -70.28 -15.62
C GLY AB 43 -84.50 -69.85 -14.70
N LYS AB 44 -84.28 -70.00 -13.40
CA LYS AB 44 -85.35 -69.79 -12.43
C LYS AB 44 -85.71 -68.32 -12.31
N ARG AB 45 -86.98 -68.05 -12.05
CA ARG AB 45 -87.43 -66.70 -11.77
C ARG AB 45 -86.87 -66.23 -10.43
N CYS AB 46 -86.47 -64.97 -10.37
CA CYS AB 46 -86.04 -64.38 -9.11
C CYS AB 46 -86.77 -63.06 -8.90
N ALA AB 47 -86.98 -62.73 -7.63
CA ALA AB 47 -87.72 -61.54 -7.24
C ALA AB 47 -86.97 -60.76 -6.19
N TYR AB 48 -86.89 -59.46 -6.36
CA TYR AB 48 -86.50 -58.54 -5.30
C TYR AB 48 -87.79 -57.99 -4.72
N VAL AB 49 -88.14 -58.43 -3.52
CA VAL AB 49 -89.40 -58.07 -2.87
C VAL AB 49 -89.08 -57.06 -1.77
N TYR AB 50 -89.74 -55.91 -1.82
CA TYR AB 50 -89.48 -54.82 -0.90
C TYR AB 50 -90.78 -54.09 -0.58
N LYS AB 51 -90.70 -53.19 0.40
CA LYS AB 51 -91.86 -52.38 0.78
C LYS AB 51 -91.57 -50.90 0.51
N ALA AB 52 -92.62 -50.17 0.19
CA ALA AB 52 -92.53 -48.74 -0.02
C ALA AB 52 -93.68 -48.08 0.73
N LYS AB 53 -93.77 -46.75 0.60
CA LYS AB 53 -94.73 -45.97 1.38
C LYS AB 53 -96.16 -46.08 0.82
N ASN AB 54 -96.31 -45.98 -0.49
CA ASN AB 54 -97.63 -45.93 -1.10
C ASN AB 54 -98.10 -47.34 -1.49
N ASN AB 55 -99.41 -47.55 -1.44
CA ASN AB 55 -99.97 -48.83 -1.83
C ASN AB 55 -99.93 -49.02 -3.34
N THR AB 56 -99.72 -50.26 -3.75
CA THR AB 56 -99.77 -50.67 -5.14
C THR AB 56 -100.68 -51.88 -5.25
N VAL AB 57 -101.14 -52.15 -6.47
CA VAL AB 57 -102.07 -53.25 -6.67
C VAL AB 57 -101.34 -54.59 -6.51
N THR AB 58 -101.97 -55.50 -5.77
CA THR AB 58 -101.48 -56.83 -5.55
C THR AB 58 -102.25 -57.78 -6.46
N PRO AB 59 -101.59 -58.48 -7.38
CA PRO AB 59 -102.28 -59.49 -8.18
C PRO AB 59 -102.90 -60.55 -7.27
N GLY AB 60 -104.18 -60.83 -7.48
CA GLY AB 60 -104.91 -61.76 -6.64
C GLY AB 60 -104.98 -61.34 -5.19
N GLY AB 61 -105.11 -60.05 -4.92
CA GLY AB 61 -105.13 -59.57 -3.56
C GLY AB 61 -105.49 -58.10 -3.51
N LYS AB 62 -105.46 -57.55 -2.31
CA LYS AB 62 -105.79 -56.15 -2.11
C LYS AB 62 -104.53 -55.30 -2.10
N PRO AB 63 -104.62 -54.02 -2.47
CA PRO AB 63 -103.42 -53.19 -2.52
C PRO AB 63 -102.72 -53.11 -1.17
N ASN AB 64 -101.40 -53.26 -1.20
CA ASN AB 64 -100.58 -53.17 0.00
C ASN AB 64 -99.29 -52.45 -0.36
N LYS AB 65 -98.34 -52.50 0.55
CA LYS AB 65 -97.09 -51.76 0.42
C LYS AB 65 -95.99 -52.55 -0.26
N THR AB 66 -96.23 -53.82 -0.58
CA THR AB 66 -95.22 -54.68 -1.18
C THR AB 66 -95.02 -54.34 -2.64
N ARG AB 67 -93.78 -54.32 -3.08
CA ARG AB 67 -93.41 -54.19 -4.49
C ARG AB 67 -92.37 -55.25 -4.83
N VAL AB 68 -92.23 -55.51 -6.12
CA VAL AB 68 -91.30 -56.55 -6.57
C VAL AB 68 -90.67 -56.10 -7.89
N ILE AB 69 -89.38 -56.35 -8.01
CA ILE AB 69 -88.68 -56.31 -9.29
C ILE AB 69 -88.39 -57.75 -9.67
N TRP AB 70 -88.91 -58.17 -10.81
CA TRP AB 70 -88.76 -59.55 -11.27
C TRP AB 70 -87.48 -59.72 -12.07
N GLY AB 71 -86.99 -60.95 -12.09
CA GLY AB 71 -85.83 -61.27 -12.89
C GLY AB 71 -85.73 -62.76 -13.11
N LYS AB 72 -84.61 -63.16 -13.69
CA LYS AB 72 -84.32 -64.57 -13.89
C LYS AB 72 -82.82 -64.77 -13.74
N VAL AB 73 -82.43 -65.99 -13.38
CA VAL AB 73 -81.03 -66.39 -13.39
C VAL AB 73 -80.62 -66.70 -14.81
N THR AB 74 -79.51 -66.11 -15.26
CA THR AB 74 -79.09 -66.26 -16.64
C THR AB 74 -77.94 -67.26 -16.80
N ARG AB 75 -76.98 -67.25 -15.90
CA ARG AB 75 -75.88 -68.20 -15.95
C ARG AB 75 -75.10 -68.18 -14.65
N ALA AB 76 -74.17 -69.13 -14.53
CA ALA AB 76 -73.23 -69.18 -13.42
C ALA AB 76 -72.19 -68.09 -13.56
N HIS AB 77 -71.58 -67.73 -12.44
CA HIS AB 77 -70.55 -66.70 -12.40
C HIS AB 77 -69.41 -67.19 -11.51
N GLY AB 78 -68.39 -67.76 -12.13
CA GLY AB 78 -67.10 -67.99 -11.52
C GLY AB 78 -66.91 -68.99 -10.39
N ASN AB 79 -67.11 -70.28 -10.65
CA ASN AB 79 -66.49 -71.36 -9.88
C ASN AB 79 -66.98 -71.67 -8.47
N SER AB 80 -67.79 -70.82 -7.84
CA SER AB 80 -68.26 -71.17 -6.50
C SER AB 80 -69.62 -70.54 -6.26
N GLY AB 81 -70.68 -71.25 -6.63
CA GLY AB 81 -72.00 -70.65 -6.62
C GLY AB 81 -71.98 -69.40 -7.46
N MET AB 82 -72.45 -68.28 -6.93
CA MET AB 82 -72.40 -66.99 -7.61
C MET AB 82 -73.02 -67.09 -9.00
N VAL AB 83 -74.34 -67.11 -9.01
CA VAL AB 83 -75.09 -66.99 -10.24
C VAL AB 83 -75.16 -65.52 -10.65
N ARG AB 84 -75.37 -65.26 -11.94
CA ARG AB 84 -75.73 -63.91 -12.38
C ARG AB 84 -77.15 -63.88 -12.92
N ALA AB 85 -77.82 -62.75 -12.74
CA ALA AB 85 -79.24 -62.61 -13.00
C ALA AB 85 -79.54 -61.27 -13.66
N LYS AB 86 -80.58 -61.28 -14.47
CA LYS AB 86 -81.08 -60.06 -15.11
C LYS AB 86 -82.48 -59.78 -14.63
N PHE AB 87 -82.72 -58.55 -14.22
CA PHE AB 87 -84.00 -58.12 -13.68
C PHE AB 87 -84.67 -57.19 -14.68
N ARG AB 88 -85.99 -57.05 -14.53
CA ARG AB 88 -86.75 -56.26 -15.49
C ARG AB 88 -86.33 -54.80 -15.47
N SER AB 89 -86.07 -54.26 -14.28
CA SER AB 89 -85.33 -53.03 -14.13
C SER AB 89 -84.05 -53.34 -13.36
N ASN AB 90 -83.03 -52.51 -13.56
CA ASN AB 90 -81.78 -52.71 -12.84
C ASN AB 90 -82.02 -52.61 -11.34
N LEU AB 91 -81.43 -53.53 -10.60
CA LEU AB 91 -81.62 -53.55 -9.16
C LEU AB 91 -81.06 -52.28 -8.54
N PRO AB 92 -81.78 -51.68 -7.60
CA PRO AB 92 -81.25 -50.52 -6.88
C PRO AB 92 -80.08 -50.92 -5.99
N ALA AB 93 -79.12 -50.01 -5.86
CA ALA AB 93 -77.91 -50.29 -5.11
C ALA AB 93 -78.16 -50.52 -3.62
N LYS AB 94 -79.25 -49.99 -3.08
CA LYS AB 94 -79.60 -50.21 -1.68
C LYS AB 94 -79.89 -51.67 -1.36
N ALA AB 95 -80.18 -52.48 -2.37
CA ALA AB 95 -80.51 -53.89 -2.18
C ALA AB 95 -79.28 -54.77 -2.05
N ILE AB 96 -78.07 -54.21 -2.20
CA ILE AB 96 -76.86 -55.01 -2.04
C ILE AB 96 -76.80 -55.52 -0.61
N GLY AB 97 -76.56 -56.82 -0.46
CA GLY AB 97 -76.56 -57.47 0.82
C GLY AB 97 -77.93 -57.88 1.32
N HIS AB 98 -78.96 -57.81 0.47
CA HIS AB 98 -80.31 -58.11 0.90
C HIS AB 98 -80.88 -59.31 0.14
N ARG AB 99 -82.05 -59.76 0.58
CA ARG AB 99 -82.62 -61.00 0.11
C ARG AB 99 -83.09 -60.91 -1.33
N ILE AB 100 -82.85 -61.97 -2.09
CA ILE AB 100 -83.46 -62.20 -3.39
C ILE AB 100 -84.08 -63.58 -3.34
N ARG AB 101 -85.34 -63.71 -3.75
CA ARG AB 101 -85.96 -65.02 -3.81
C ARG AB 101 -85.70 -65.66 -5.17
N VAL AB 102 -85.27 -66.91 -5.14
CA VAL AB 102 -85.18 -67.74 -6.33
C VAL AB 102 -86.29 -68.77 -6.21
N MET AB 103 -87.12 -68.89 -7.24
CA MET AB 103 -88.53 -69.22 -7.04
C MET AB 103 -88.94 -70.62 -7.49
N LEU AB 104 -88.01 -71.46 -7.94
CA LEU AB 104 -88.32 -72.79 -8.45
C LEU AB 104 -89.15 -72.76 -9.73
N TYR AB 105 -89.47 -71.56 -10.26
CA TYR AB 105 -90.23 -71.38 -11.49
C TYR AB 105 -89.29 -71.73 -12.63
N PRO AB 106 -89.66 -71.55 -13.89
CA PRO AB 106 -89.81 -72.73 -14.75
C PRO AB 106 -88.95 -73.88 -14.31
N SER AB 107 -89.63 -74.97 -13.93
CA SER AB 107 -88.98 -76.14 -13.37
C SER AB 107 -88.64 -77.09 -14.49
N ARG AB 108 -87.48 -77.74 -14.37
CA ARG AB 108 -87.05 -78.76 -15.31
C ARG AB 108 -86.91 -80.11 -14.64
N ILE AB 109 -87.49 -80.28 -13.45
CA ILE AB 109 -87.34 -81.51 -12.69
C ILE AB 109 -88.70 -82.03 -12.26
N VAL BB 1 -55.88 42.99 31.92
CA VAL BB 1 -55.84 44.32 31.32
C VAL BB 1 -56.52 44.29 29.96
N GLN BB 2 -57.04 45.43 29.54
CA GLN BB 2 -57.79 45.52 28.30
C GLN BB 2 -56.79 45.55 27.15
N ARG BB 3 -56.99 44.68 26.17
CA ARG BB 3 -56.11 44.57 25.03
C ARG BB 3 -56.72 45.29 23.83
N LEU BB 4 -55.88 45.62 22.86
CA LEU BB 4 -56.23 46.54 21.80
C LEU BB 4 -56.29 45.85 20.45
N THR BB 5 -57.06 46.46 19.55
CA THR BB 5 -57.10 46.07 18.16
C THR BB 5 -56.85 47.28 17.30
N TYR BB 6 -56.35 47.04 16.09
CA TYR BB 6 -56.31 48.08 15.08
C TYR BB 6 -57.73 48.53 14.75
N ARG BB 7 -57.88 49.82 14.47
CA ARG BB 7 -59.16 50.38 14.06
C ARG BB 7 -59.31 50.53 12.56
N ARG BB 8 -58.30 50.13 11.79
CA ARG BB 8 -58.34 50.17 10.34
C ARG BB 8 -57.96 48.80 9.80
N ARG BB 9 -58.15 48.60 8.51
CA ARG BB 9 -57.94 47.29 7.90
C ARG BB 9 -56.48 46.99 7.63
N LEU BB 10 -55.58 47.93 7.81
CA LEU BB 10 -54.14 47.65 7.75
C LEU BB 10 -53.74 46.91 9.01
N SER BB 11 -53.26 45.68 8.85
CA SER BB 11 -52.96 44.80 9.97
C SER BB 11 -51.46 44.71 10.27
N TYR BB 12 -50.61 45.31 9.46
CA TYR BB 12 -49.17 45.17 9.59
C TYR BB 12 -48.56 46.42 10.19
N ASN BB 13 -47.48 46.21 10.93
CA ASN BB 13 -46.76 47.27 11.62
C ASN BB 13 -45.84 48.03 10.67
N THR BB 14 -46.44 48.62 9.65
CA THR BB 14 -45.70 49.40 8.66
C THR BB 14 -45.49 50.82 9.16
N ALA BB 15 -44.73 51.60 8.39
CA ALA BB 15 -44.44 53.00 8.70
C ALA BB 15 -45.68 53.89 8.63
N SER BB 16 -46.73 53.47 7.94
CA SER BB 16 -47.97 54.23 7.86
C SER BB 16 -49.02 53.73 8.84
N ASN BB 17 -48.65 52.82 9.75
CA ASN BB 17 -49.60 52.20 10.67
C ASN BB 17 -49.23 52.43 12.13
N LYS BB 18 -48.62 53.57 12.45
CA LYS BB 18 -48.14 53.80 13.79
C LYS BB 18 -49.24 54.41 14.65
N THR BB 19 -49.34 53.94 15.88
CA THR BB 19 -50.44 54.27 16.75
C THR BB 19 -49.96 54.91 18.04
N ARG BB 20 -50.91 55.47 18.76
CA ARG BB 20 -50.72 56.09 20.07
C ARG BB 20 -51.82 55.56 20.97
N LEU BB 21 -51.55 55.53 22.27
CA LEU BB 21 -52.54 55.14 23.26
C LEU BB 21 -53.24 56.38 23.77
N SER BB 22 -54.57 56.35 23.81
CA SER BB 22 -55.33 57.44 24.40
C SER BB 22 -56.46 56.87 25.23
N ARG BB 23 -56.81 57.60 26.28
CA ARG BB 23 -57.95 57.27 27.13
C ARG BB 23 -59.08 58.24 26.80
N THR BB 24 -60.25 57.69 26.48
CA THR BB 24 -61.40 58.49 26.09
C THR BB 24 -62.19 58.92 27.30
N PRO BB 25 -63.15 59.84 27.13
CA PRO BB 25 -64.11 60.11 28.21
C PRO BB 25 -64.93 58.90 28.62
N GLY BB 26 -65.02 57.87 27.78
CA GLY BB 26 -65.65 56.63 28.13
C GLY BB 26 -64.80 55.66 28.92
N ASN BB 27 -63.65 56.13 29.42
CA ASN BB 27 -62.73 55.34 30.25
C ASN BB 27 -62.34 54.03 29.56
N ARG BB 28 -61.92 54.16 28.31
CA ARG BB 28 -61.38 53.03 27.58
C ARG BB 28 -60.15 53.48 26.81
N ILE BB 29 -59.23 52.54 26.62
CA ILE BB 29 -57.99 52.80 25.90
C ILE BB 29 -58.21 52.46 24.45
N VAL BB 30 -57.89 53.40 23.57
CA VAL BB 30 -58.04 53.23 22.14
C VAL BB 30 -56.72 53.61 21.46
N TYR BB 31 -56.57 53.14 20.23
CA TYR BB 31 -55.47 53.54 19.38
C TYR BB 31 -55.84 54.86 18.70
N LEU BB 32 -54.91 55.79 18.67
CA LEU BB 32 -54.98 56.94 17.77
C LEU BB 32 -53.83 56.84 16.79
N TYR BB 33 -54.13 57.02 15.51
CA TYR BB 33 -53.13 56.91 14.46
C TYR BB 33 -52.37 58.22 14.37
N THR BB 34 -51.06 58.16 14.54
CA THR BB 34 -50.23 59.34 14.61
C THR BB 34 -49.78 59.78 13.23
N LYS BB 35 -49.49 61.07 13.12
CA LYS BB 35 -48.84 61.58 11.93
C LYS BB 35 -47.34 61.36 12.03
N LYS BB 36 -46.68 61.25 10.89
CA LYS BB 36 -45.24 61.10 10.87
C LYS BB 36 -44.57 62.36 11.42
N VAL BB 37 -43.38 62.18 11.99
CA VAL BB 37 -42.64 63.30 12.55
C VAL BB 37 -42.08 64.15 11.42
N GLY BB 38 -42.30 65.47 11.52
CA GLY BB 38 -41.78 66.39 10.54
C GLY BB 38 -40.34 66.80 10.82
N LYS BB 39 -39.68 67.25 9.77
CA LYS BB 39 -38.29 67.68 9.86
C LYS BB 39 -38.17 69.12 9.40
N ALA BB 40 -37.33 69.89 10.10
CA ALA BB 40 -37.01 71.23 9.65
C ALA BB 40 -36.12 71.16 8.41
N PRO BB 41 -36.02 72.25 7.64
CA PRO BB 41 -35.12 72.23 6.48
C PRO BB 41 -33.67 72.01 6.89
N LYS BB 42 -32.96 71.27 6.05
CA LYS BB 42 -31.51 71.37 6.04
C LYS BB 42 -31.09 72.66 5.36
N SER BB 43 -29.97 73.21 5.80
CA SER BB 43 -29.46 74.44 5.21
C SER BB 43 -29.01 74.19 3.79
N ALA BB 44 -29.26 75.18 2.92
CA ALA BB 44 -28.81 75.13 1.53
C ALA BB 44 -27.29 75.12 1.41
N CYS BB 45 -26.57 75.52 2.46
CA CYS BB 45 -25.11 75.52 2.41
C CYS BB 45 -24.54 74.14 2.12
N GLY BB 46 -25.21 73.09 2.57
CA GLY BB 46 -24.75 71.74 2.34
C GLY BB 46 -23.57 71.31 3.18
N VAL BB 47 -23.20 72.08 4.21
CA VAL BB 47 -22.07 71.75 5.08
C VAL BB 47 -22.52 71.61 6.53
N CYS BB 48 -23.35 72.52 7.01
CA CYS BB 48 -23.81 72.44 8.39
C CYS BB 48 -24.72 71.24 8.57
N PRO BB 49 -24.52 70.44 9.62
CA PRO BB 49 -25.36 69.24 9.81
C PRO BB 49 -26.68 69.51 10.49
N GLY BB 50 -26.85 70.69 11.10
CA GLY BB 50 -28.04 70.95 11.87
C GLY BB 50 -29.18 71.50 11.02
N ARG BB 51 -30.40 71.25 11.47
CA ARG BB 51 -31.59 71.78 10.83
C ARG BB 51 -31.74 73.27 11.12
N LEU BB 52 -32.52 73.94 10.29
CA LEU BB 52 -32.72 75.38 10.43
C LEU BB 52 -33.62 75.68 11.62
N ARG BB 53 -33.43 76.87 12.19
CA ARG BB 53 -34.19 77.33 13.34
C ARG BB 53 -35.37 78.18 12.88
N GLY BB 54 -36.33 78.36 13.79
CA GLY BB 54 -37.45 79.24 13.56
C GLY BB 54 -38.45 78.78 12.52
N VAL BB 55 -38.41 77.52 12.10
CA VAL BB 55 -39.30 77.00 11.08
C VAL BB 55 -39.97 75.74 11.60
N ARG BB 56 -41.28 75.62 11.39
CA ARG BB 56 -42.03 74.47 11.88
C ARG BB 56 -41.51 73.18 11.24
N ALA BB 57 -41.45 72.12 12.05
CA ALA BB 57 -41.01 70.80 11.61
C ALA BB 57 -42.25 69.95 11.38
N VAL BB 58 -42.75 69.97 10.15
CA VAL BB 58 -44.02 69.35 9.80
C VAL BB 58 -43.84 68.54 8.53
N ARG BB 59 -44.84 67.72 8.21
CA ARG BB 59 -44.86 67.01 6.95
C ARG BB 59 -45.05 68.01 5.81
N PRO BB 60 -44.47 67.73 4.63
CA PRO BB 60 -44.36 68.76 3.59
C PRO BB 60 -45.68 69.34 3.12
N LYS BB 61 -46.75 68.55 3.08
CA LYS BB 61 -48.03 69.07 2.61
C LYS BB 61 -48.70 69.98 3.62
N VAL BB 62 -48.33 69.90 4.89
CA VAL BB 62 -48.85 70.82 5.91
C VAL BB 62 -48.32 72.23 5.70
N LEU BB 63 -47.13 72.38 5.13
CA LEU BB 63 -46.59 73.71 4.86
C LEU BB 63 -47.51 74.53 3.96
N MET BB 64 -48.32 73.88 3.14
CA MET BB 64 -49.27 74.59 2.28
C MET BB 64 -50.28 75.39 3.10
N ARG BB 65 -50.62 74.94 4.30
CA ARG BB 65 -51.62 75.61 5.12
C ARG BB 65 -51.03 76.37 6.29
N LEU BB 66 -49.71 76.52 6.34
CA LEU BB 66 -49.09 77.40 7.32
C LEU BB 66 -48.93 78.79 6.73
N SER BB 67 -48.93 79.79 7.61
CA SER BB 67 -48.66 81.14 7.18
C SER BB 67 -47.17 81.30 6.89
N LYS BB 68 -46.85 82.35 6.13
CA LYS BB 68 -45.49 82.52 5.62
C LYS BB 68 -44.48 82.67 6.75
N THR BB 69 -44.84 83.40 7.80
CA THR BB 69 -43.91 83.66 8.89
C THR BB 69 -43.43 82.39 9.58
N LYS BB 70 -44.25 81.34 9.61
CA LYS BB 70 -43.88 80.08 10.23
C LYS BB 70 -42.93 79.25 9.38
N LYS BB 71 -42.63 79.66 8.16
CA LYS BB 71 -41.81 78.87 7.26
C LYS BB 71 -40.50 79.56 6.88
N HIS BB 72 -40.14 80.66 7.53
CA HIS BB 72 -38.90 81.36 7.21
C HIS BB 72 -38.49 82.20 8.41
N VAL BB 73 -37.34 82.85 8.28
CA VAL BB 73 -36.91 83.85 9.25
C VAL BB 73 -36.62 85.14 8.50
N SER BB 74 -36.68 86.25 9.24
CA SER BB 74 -36.52 87.59 8.67
C SER BB 74 -35.04 87.88 8.45
N ARG BB 75 -34.55 87.40 7.31
CA ARG BB 75 -33.16 87.55 6.91
C ARG BB 75 -33.05 87.14 5.46
N ALA BB 76 -32.01 87.64 4.79
CA ALA BB 76 -31.68 87.14 3.47
C ALA BB 76 -31.45 85.63 3.54
N TYR BB 77 -32.06 84.90 2.62
CA TYR BB 77 -32.04 83.44 2.59
C TYR BB 77 -32.75 82.81 3.79
N GLY BB 78 -33.56 83.60 4.50
CA GLY BB 78 -34.15 83.12 5.75
C GLY BB 78 -35.10 81.96 5.51
N GLY BB 79 -34.89 80.88 6.25
CA GLY BB 79 -35.64 79.66 6.07
C GLY BB 79 -35.06 78.73 5.02
N SER BB 80 -34.05 79.18 4.29
CA SER BB 80 -33.35 78.34 3.32
C SER BB 80 -31.90 78.08 3.68
N MET BB 81 -31.19 79.07 4.22
CA MET BB 81 -29.79 78.94 4.56
C MET BB 81 -29.59 79.34 6.01
N CYS BB 82 -28.62 78.70 6.64
CA CYS BB 82 -28.30 79.02 8.03
C CYS BB 82 -27.72 80.41 8.14
N ALA BB 83 -27.82 80.98 9.34
CA ALA BB 83 -27.31 82.32 9.57
C ALA BB 83 -25.80 82.39 9.35
N LYS BB 84 -25.06 81.40 9.86
CA LYS BB 84 -23.60 81.48 9.81
C LYS BB 84 -23.08 81.37 8.39
N CYS BB 85 -23.77 80.63 7.52
CA CYS BB 85 -23.32 80.54 6.15
C CYS BB 85 -23.76 81.74 5.33
N VAL BB 86 -24.78 82.47 5.79
CA VAL BB 86 -25.10 83.76 5.20
C VAL BB 86 -24.04 84.79 5.56
N ARG BB 87 -23.54 84.76 6.81
CA ARG BB 87 -22.42 85.62 7.18
C ARG BB 87 -21.19 85.32 6.34
N ASP BB 88 -20.90 84.03 6.13
CA ASP BB 88 -19.73 83.65 5.35
C ASP BB 88 -19.86 84.07 3.89
N ARG BB 89 -21.06 83.93 3.31
CA ARG BB 89 -21.25 84.30 1.91
C ARG BB 89 -21.15 85.82 1.73
N ILE BB 90 -21.65 86.59 2.69
CA ILE BB 90 -21.56 88.04 2.60
C ILE BB 90 -20.10 88.46 2.58
N LYS BB 91 -19.29 87.91 3.48
CA LYS BB 91 -17.87 88.24 3.52
C LYS BB 91 -17.12 87.70 2.32
N ARG BB 92 -17.45 86.48 1.89
CA ARG BB 92 -16.79 85.91 0.72
C ARG BB 92 -17.10 86.72 -0.53
N ALA BB 93 -18.34 87.17 -0.68
CA ALA BB 93 -18.67 88.02 -1.82
C ALA BB 93 -17.89 89.32 -1.79
N PHE BB 94 -17.81 89.97 -0.63
CA PHE BB 94 -17.16 91.27 -0.54
C PHE BB 94 -15.66 91.16 -0.76
N LEU BB 95 -15.00 90.19 -0.12
CA LEU BB 95 -13.55 90.10 -0.21
C LEU BB 95 -13.10 89.65 -1.59
N ILE BB 96 -13.86 88.77 -2.24
CA ILE BB 96 -13.49 88.34 -3.59
C ILE BB 96 -13.64 89.49 -4.57
N GLU BB 97 -14.70 90.29 -4.45
CA GLU BB 97 -14.85 91.46 -5.30
C GLU BB 97 -13.82 92.54 -4.97
N GLU BB 98 -13.35 92.57 -3.72
CA GLU BB 98 -12.25 93.48 -3.38
C GLU BB 98 -10.94 93.00 -3.98
N GLN BB 99 -10.72 91.69 -4.01
CA GLN BB 99 -9.53 91.14 -4.65
C GLN BB 99 -9.54 91.40 -6.15
N LYS BB 100 -10.73 91.39 -6.77
CA LYS BB 100 -10.82 91.70 -8.19
C LYS BB 100 -10.36 93.12 -8.48
N ILE BB 101 -10.66 94.05 -7.59
CA ILE BB 101 -10.20 95.42 -7.74
C ILE BB 101 -8.67 95.48 -7.62
N VAL BB 102 -8.12 94.67 -6.72
CA VAL BB 102 -6.66 94.61 -6.57
C VAL BB 102 -6.01 94.15 -7.85
N VAL BB 103 -6.57 93.12 -8.48
CA VAL BB 103 -6.01 92.60 -9.73
C VAL BB 103 -6.07 93.66 -10.83
N LYS BB 104 -7.21 94.33 -10.96
CA LYS BB 104 -7.34 95.38 -11.97
C LYS BB 104 -6.37 96.53 -11.71
N VAL BB 105 -6.27 96.96 -10.46
CA VAL BB 105 -5.34 98.04 -10.12
C VAL BB 105 -3.91 97.58 -10.37
N LEU BB 106 -3.60 96.34 -10.02
CA LEU BB 106 -2.26 95.80 -10.22
C LEU BB 106 -1.86 95.82 -11.68
N LYS BB 107 -2.79 95.46 -12.57
CA LYS BB 107 -2.48 95.48 -14.00
C LYS BB 107 -2.36 96.90 -14.52
N ALA BB 108 -3.21 97.82 -14.04
CA ALA BB 108 -3.21 99.19 -14.53
C ALA BB 108 -1.89 99.88 -14.24
N GLN BB 109 -1.33 99.68 -13.04
CA GLN BB 109 -0.04 100.27 -12.71
C GLN BB 109 1.12 99.51 -13.35
N ALA BB 110 1.02 98.20 -13.51
CA ALA BB 110 2.05 97.43 -14.19
C ALA BB 110 2.10 97.67 -15.68
N GLN BB 111 1.07 98.32 -16.24
CA GLN BB 111 1.02 98.66 -17.65
C GLN BB 111 1.78 99.94 -17.97
N SER BB 112 2.66 100.37 -17.06
CA SER BB 112 3.47 101.56 -17.25
C SER BB 112 4.71 101.30 -18.10
N GLN BB 113 4.91 100.05 -18.54
CA GLN BB 113 6.02 99.69 -19.40
C GLN BB 113 5.48 99.04 -20.67
N LYS BB 114 6.06 99.41 -21.80
CA LYS BB 114 5.65 98.85 -23.09
C LYS BB 114 5.99 97.36 -23.15
N ALA CB 1 -110.41 51.26 -22.41
CA ALA CB 1 -109.70 52.52 -22.17
C ALA CB 1 -108.19 52.32 -22.28
N LYS CB 2 -107.80 51.25 -22.97
CA LYS CB 2 -106.39 50.93 -23.16
C LYS CB 2 -105.89 51.65 -24.40
N ILE CB 3 -104.75 52.33 -24.26
CA ILE CB 3 -104.29 53.18 -25.36
C ILE CB 3 -103.75 52.32 -26.49
N LYS CB 4 -104.06 52.74 -27.72
CA LYS CB 4 -103.61 52.08 -28.93
C LYS CB 4 -102.72 53.02 -29.72
N ALA CB 5 -101.78 52.44 -30.45
CA ALA CB 5 -100.85 53.23 -31.25
C ALA CB 5 -101.56 54.05 -32.31
N ARG CB 6 -102.65 53.53 -32.90
CA ARG CB 6 -103.30 54.22 -34.00
C ARG CB 6 -103.97 55.51 -33.54
N ASP CB 7 -104.48 55.54 -32.31
CA ASP CB 7 -105.07 56.77 -31.80
C ASP CB 7 -104.03 57.70 -31.19
N LEU CB 8 -102.80 57.22 -31.02
CA LEU CB 8 -101.69 58.05 -30.57
C LEU CB 8 -101.04 58.83 -31.70
N ARG CB 9 -101.32 58.47 -32.95
CA ARG CB 9 -100.54 58.99 -34.07
C ARG CB 9 -101.05 60.34 -34.56
N GLY CB 10 -102.19 60.80 -34.09
CA GLY CB 10 -102.65 62.13 -34.44
C GLY CB 10 -102.18 63.20 -33.48
N LYS CB 11 -101.76 62.78 -32.28
CA LYS CB 11 -101.47 63.71 -31.20
C LYS CB 11 -100.12 64.39 -31.39
N LYS CB 12 -99.99 65.57 -30.80
CA LYS CB 12 -98.77 66.35 -30.92
C LYS CB 12 -97.70 65.81 -29.97
N LYS CB 13 -96.49 66.37 -30.10
CA LYS CB 13 -95.37 65.91 -29.28
C LYS CB 13 -95.62 66.20 -27.81
N GLU CB 14 -96.29 67.31 -27.49
CA GLU CB 14 -96.42 67.72 -26.10
C GLU CB 14 -97.42 66.85 -25.34
N GLU CB 15 -98.53 66.48 -25.98
CA GLU CB 15 -99.50 65.66 -25.26
C GLU CB 15 -99.07 64.20 -25.23
N LEU CB 16 -98.23 63.77 -26.17
CA LEU CB 16 -97.65 62.43 -26.08
C LEU CB 16 -96.68 62.34 -24.91
N LEU CB 17 -95.87 63.39 -24.71
CA LEU CB 17 -94.99 63.43 -23.55
C LEU CB 17 -95.79 63.55 -22.26
N LYS CB 18 -96.90 64.30 -22.31
CA LYS CB 18 -97.80 64.37 -21.16
C LYS CB 18 -98.39 62.99 -20.87
N GLN CB 19 -98.79 62.27 -21.91
CA GLN CB 19 -99.31 60.92 -21.73
C GLN CB 19 -98.24 59.97 -21.20
N LEU CB 20 -97.02 60.09 -21.71
CA LEU CB 20 -95.93 59.25 -21.24
C LEU CB 20 -95.61 59.51 -19.78
N ASP CB 21 -95.65 60.78 -19.36
CA ASP CB 21 -95.39 61.11 -17.96
C ASP CB 21 -96.47 60.54 -17.04
N ASP CB 22 -97.73 60.60 -17.47
CA ASP CB 22 -98.81 60.07 -16.65
C ASP CB 22 -98.65 58.57 -16.43
N LEU CB 23 -98.22 57.86 -17.48
CA LEU CB 23 -98.03 56.42 -17.36
C LEU CB 23 -96.83 56.09 -16.47
N LYS CB 24 -95.82 56.96 -16.47
CA LYS CB 24 -94.63 56.70 -15.66
C LYS CB 24 -94.90 56.91 -14.18
N VAL CB 25 -95.69 57.93 -13.82
CA VAL CB 25 -96.06 58.06 -12.42
C VAL CB 25 -97.01 56.95 -12.02
N GLU CB 26 -97.82 56.46 -12.95
CA GLU CB 26 -98.69 55.32 -12.65
C GLU CB 26 -97.88 54.05 -12.47
N LEU CB 27 -96.86 53.85 -13.30
CA LEU CB 27 -96.00 52.68 -13.13
C LEU CB 27 -95.23 52.73 -11.81
N SER CB 28 -94.72 53.91 -11.46
CA SER CB 28 -93.98 54.05 -10.21
C SER CB 28 -94.87 53.78 -9.00
N GLN CB 29 -96.12 54.26 -9.04
CA GLN CB 29 -97.06 53.97 -7.97
C GLN CB 29 -97.36 52.47 -7.88
N LEU CB 30 -97.40 51.79 -9.02
CA LEU CB 30 -97.64 50.36 -9.04
C LEU CB 30 -96.48 49.60 -8.42
N ARG CB 31 -95.24 50.05 -8.64
CA ARG CB 31 -94.10 49.39 -8.01
C ARG CB 31 -94.15 49.57 -6.51
N VAL CB 32 -94.66 50.71 -6.03
CA VAL CB 32 -94.85 50.90 -4.60
C VAL CB 32 -95.87 49.89 -4.06
N ALA CB 33 -96.99 49.74 -4.77
CA ALA CB 33 -97.99 48.75 -4.36
C ALA CB 33 -97.45 47.34 -4.46
N LYS CB 34 -96.48 47.11 -5.34
CA LYS CB 34 -95.90 45.77 -5.48
C LYS CB 34 -95.16 45.34 -4.22
N VAL CB 35 -94.50 46.29 -3.55
CA VAL CB 35 -93.71 45.92 -2.38
C VAL CB 35 -94.49 46.12 -1.09
N THR CB 36 -95.50 46.97 -1.08
CA THR CB 36 -96.33 47.19 0.11
C THR CB 36 -97.58 46.32 0.07
N GLY CB 37 -97.40 45.03 -0.17
CA GLY CB 37 -98.52 44.11 -0.21
C GLY CB 37 -99.35 44.23 -1.46
N GLY CB 38 -100.07 45.35 -1.60
CA GLY CB 38 -100.82 45.60 -2.80
C GLY CB 38 -101.98 44.63 -2.98
N ALA CB 39 -102.37 44.45 -4.24
CA ALA CB 39 -103.41 43.50 -4.60
C ALA CB 39 -103.08 42.94 -5.98
N ALA CB 40 -103.63 41.77 -6.28
CA ALA CB 40 -103.38 41.14 -7.57
C ALA CB 40 -103.85 42.01 -8.72
N SER CB 41 -104.88 42.83 -8.51
CA SER CB 41 -105.36 43.72 -9.55
C SER CB 41 -104.31 44.77 -9.90
N LYS CB 42 -103.65 45.33 -8.88
CA LYS CB 42 -102.61 46.32 -9.15
C LYS CB 42 -101.35 45.66 -9.72
N LEU CB 43 -101.05 44.44 -9.27
CA LEU CB 43 -99.87 43.74 -9.75
C LEU CB 43 -100.01 43.39 -11.22
N SER CB 44 -101.21 43.04 -11.66
CA SER CB 44 -101.45 42.71 -13.05
C SER CB 44 -101.50 43.93 -13.95
N LYS CB 45 -101.74 45.11 -13.39
CA LYS CB 45 -101.71 46.32 -14.17
C LYS CB 45 -100.29 46.79 -14.47
N ILE CB 46 -99.29 46.19 -13.84
CA ILE CB 46 -97.90 46.57 -14.10
C ILE CB 46 -97.55 46.30 -15.56
N ARG CB 47 -97.89 45.12 -16.06
CA ARG CB 47 -97.59 44.78 -17.44
C ARG CB 47 -98.34 45.67 -18.42
N VAL CB 48 -99.60 45.99 -18.11
CA VAL CB 48 -100.40 46.85 -19.00
C VAL CB 48 -99.76 48.21 -19.14
N VAL CB 49 -99.35 48.82 -18.03
CA VAL CB 49 -98.76 50.15 -18.07
C VAL CB 49 -97.39 50.11 -18.73
N ARG CB 50 -96.62 49.05 -18.47
CA ARG CB 50 -95.30 48.94 -19.09
C ARG CB 50 -95.39 48.85 -20.60
N LYS CB 51 -96.37 48.10 -21.11
CA LYS CB 51 -96.53 48.00 -22.56
C LYS CB 51 -97.17 49.24 -23.14
N SER CB 52 -97.99 49.95 -22.36
CA SER CB 52 -98.50 51.25 -22.78
C SER CB 52 -97.38 52.25 -22.95
N ILE CB 53 -96.41 52.24 -22.02
CA ILE CB 53 -95.26 53.14 -22.13
C ILE CB 53 -94.46 52.82 -23.38
N ALA CB 54 -94.21 51.54 -23.64
CA ALA CB 54 -93.51 51.14 -24.85
C ALA CB 54 -94.27 51.56 -26.09
N ARG CB 55 -95.60 51.52 -26.03
CA ARG CB 55 -96.44 51.95 -27.13
C ARG CB 55 -96.25 53.43 -27.43
N VAL CB 56 -96.30 54.26 -26.38
CA VAL CB 56 -96.18 55.72 -26.57
C VAL CB 56 -94.78 56.08 -27.08
N LEU CB 57 -93.75 55.48 -26.49
CA LEU CB 57 -92.38 55.76 -26.91
C LEU CB 57 -92.14 55.35 -28.36
N THR CB 58 -92.70 54.21 -28.77
CA THR CB 58 -92.57 53.79 -30.16
C THR CB 58 -93.18 54.79 -31.12
N VAL CB 59 -94.39 55.30 -30.81
CA VAL CB 59 -95.02 56.29 -31.67
C VAL CB 59 -94.20 57.57 -31.69
N ILE CB 60 -93.67 57.98 -30.54
CA ILE CB 60 -92.80 59.15 -30.48
C ILE CB 60 -91.55 58.94 -31.32
N ASN CB 61 -90.88 57.80 -31.14
CA ASN CB 61 -89.65 57.53 -31.88
C ASN CB 61 -89.92 57.38 -33.36
N GLN CB 62 -91.07 56.82 -33.72
CA GLN CB 62 -91.41 56.64 -35.12
C GLN CB 62 -91.72 57.96 -35.80
N THR CB 63 -92.43 58.85 -35.10
CA THR CB 63 -92.76 60.15 -35.68
C THR CB 63 -91.51 60.99 -35.89
N GLN CB 64 -90.60 61.00 -34.92
CA GLN CB 64 -89.38 61.78 -35.05
C GLN CB 64 -88.52 61.26 -36.19
N LYS CB 65 -88.41 59.94 -36.33
CA LYS CB 65 -87.59 59.36 -37.37
C LYS CB 65 -88.16 59.64 -38.76
N GLU CB 66 -89.48 59.53 -38.91
CA GLU CB 66 -90.10 59.83 -40.21
C GLU CB 66 -89.97 61.29 -40.57
N ASN CB 67 -90.06 62.18 -39.58
CA ASN CB 67 -89.81 63.60 -39.83
C ASN CB 67 -88.36 63.84 -40.25
N LEU CB 68 -87.42 63.17 -39.60
CA LEU CB 68 -86.02 63.28 -39.99
C LEU CB 68 -85.79 62.72 -41.39
N ARG CB 69 -86.46 61.62 -41.72
CA ARG CB 69 -86.33 61.06 -43.06
C ARG CB 69 -86.84 62.03 -44.11
N LYS CB 70 -87.93 62.74 -43.81
CA LYS CB 70 -88.42 63.78 -44.71
C LYS CB 70 -87.45 64.96 -44.78
N PHE CB 71 -86.84 65.33 -43.65
CA PHE CB 71 -85.94 66.47 -43.63
C PHE CB 71 -84.73 66.23 -44.51
N TYR CB 72 -84.15 65.04 -44.44
CA TYR CB 72 -82.96 64.72 -45.22
C TYR CB 72 -83.30 64.13 -46.58
N LYS CB 73 -84.59 63.97 -46.86
CA LYS CB 73 -85.06 63.66 -48.21
C LYS CB 73 -84.47 64.66 -49.20
N GLY CB 74 -83.73 64.15 -50.18
CA GLY CB 74 -83.14 64.98 -51.20
C GLY CB 74 -81.78 65.56 -50.87
N LYS CB 75 -81.20 65.22 -49.72
CA LYS CB 75 -79.90 65.78 -49.35
C LYS CB 75 -78.77 64.90 -49.86
N LYS CB 76 -77.64 65.54 -50.14
CA LYS CB 76 -76.46 64.81 -50.57
C LYS CB 76 -75.94 63.89 -49.46
N TYR CB 77 -75.92 64.39 -48.24
CA TYR CB 77 -75.39 63.66 -47.10
C TYR CB 77 -76.47 63.46 -46.05
N LYS CB 78 -76.63 62.22 -45.61
CA LYS CB 78 -77.64 61.88 -44.61
C LYS CB 78 -76.96 61.22 -43.43
N PRO CB 79 -77.58 61.30 -42.24
CA PRO CB 79 -77.03 60.58 -41.09
C PRO CB 79 -77.01 59.07 -41.35
N LEU CB 80 -76.03 58.42 -40.73
CA LEU CB 80 -75.76 57.01 -41.02
C LEU CB 80 -76.97 56.13 -40.73
N ASP CB 81 -77.70 56.43 -39.66
CA ASP CB 81 -78.89 55.66 -39.33
C ASP CB 81 -80.04 55.92 -40.30
N LEU CB 82 -79.95 56.93 -41.16
CA LEU CB 82 -80.95 57.17 -42.18
C LEU CB 82 -80.57 56.63 -43.54
N ARG CB 83 -79.35 56.16 -43.73
CA ARG CB 83 -79.00 55.52 -44.99
C ARG CB 83 -79.33 54.03 -44.95
N PRO CB 84 -79.56 53.42 -46.11
CA PRO CB 84 -79.89 51.99 -46.13
C PRO CB 84 -78.80 51.15 -45.50
N LYS CB 85 -79.25 50.08 -44.84
CA LYS CB 85 -78.38 49.28 -44.01
C LYS CB 85 -77.87 48.02 -44.69
N LYS CB 86 -78.51 47.58 -45.76
CA LYS CB 86 -78.75 46.17 -46.06
C LYS CB 86 -77.69 45.21 -45.56
N THR CB 87 -76.45 45.38 -46.01
CA THR CB 87 -75.34 44.53 -45.64
C THR CB 87 -74.08 45.31 -45.94
N ARG CB 88 -73.04 45.11 -45.14
CA ARG CB 88 -71.80 45.86 -45.34
C ARG CB 88 -71.25 45.62 -46.74
N ALA CB 89 -71.25 44.37 -47.19
CA ALA CB 89 -70.79 44.06 -48.54
C ALA CB 89 -71.67 44.71 -49.59
N MET CB 90 -72.99 44.71 -49.39
CA MET CB 90 -73.90 45.29 -50.38
C MET CB 90 -73.77 46.80 -50.44
N ARG CB 91 -73.41 47.45 -49.34
CA ARG CB 91 -73.14 48.88 -49.39
C ARG CB 91 -71.83 49.20 -50.11
N ARG CB 92 -70.94 48.21 -50.26
CA ARG CB 92 -69.65 48.45 -50.89
C ARG CB 92 -69.70 48.35 -52.40
N ARG CB 93 -70.70 47.68 -52.96
CA ARG CB 93 -70.63 47.34 -54.36
C ARG CB 93 -70.99 48.52 -55.24
N LEU CB 94 -70.65 48.40 -56.52
CA LEU CB 94 -70.95 49.46 -57.48
C LEU CB 94 -72.45 49.68 -57.59
N ASN CB 95 -72.86 50.93 -57.71
CA ASN CB 95 -74.28 51.23 -57.80
C ASN CB 95 -74.78 50.90 -59.20
N LYS CB 96 -76.09 51.08 -59.39
CA LYS CB 96 -76.73 50.67 -60.64
C LYS CB 96 -76.15 51.41 -61.83
N HIS CB 97 -75.91 52.71 -61.67
CA HIS CB 97 -75.45 53.53 -62.79
C HIS CB 97 -74.03 53.16 -63.20
N GLU CB 98 -73.11 53.07 -62.23
CA GLU CB 98 -71.71 52.84 -62.57
C GLU CB 98 -71.42 51.39 -62.93
N GLU CB 99 -72.37 50.48 -62.73
CA GLU CB 99 -72.16 49.09 -63.09
C GLU CB 99 -72.75 48.70 -64.44
N ASN CB 100 -73.58 49.55 -65.06
CA ASN CB 100 -74.03 49.25 -66.41
C ASN CB 100 -73.40 50.17 -67.46
N LEU CB 101 -72.50 51.07 -67.06
CA LEU CB 101 -71.84 51.92 -68.04
C LEU CB 101 -70.72 51.17 -68.73
N LYS CB 102 -70.52 51.48 -70.01
CA LYS CB 102 -69.55 50.80 -70.85
C LYS CB 102 -68.63 51.81 -71.52
N THR CB 103 -67.46 51.34 -71.90
CA THR CB 103 -66.55 52.17 -72.67
C THR CB 103 -67.13 52.43 -74.05
N LYS CB 104 -66.67 53.54 -74.66
CA LYS CB 104 -67.04 53.85 -76.02
C LYS CB 104 -66.66 52.72 -76.97
N LYS CB 105 -65.54 52.04 -76.69
CA LYS CB 105 -65.13 50.90 -77.49
C LYS CB 105 -66.17 49.77 -77.44
N GLN CB 106 -66.72 49.51 -76.25
CA GLN CB 106 -67.66 48.41 -76.10
C GLN CB 106 -69.01 48.72 -76.75
N GLN CB 107 -69.49 49.97 -76.65
CA GLN CB 107 -70.78 50.27 -77.25
C GLN CB 107 -70.68 50.42 -78.76
N ARG CB 108 -69.52 50.82 -79.28
CA ARG CB 108 -69.33 50.80 -80.73
C ARG CB 108 -69.38 49.38 -81.26
N LYS CB 109 -68.81 48.43 -80.52
CA LYS CB 109 -68.82 47.04 -80.94
C LYS CB 109 -70.22 46.44 -80.85
N GLU CB 110 -70.99 46.84 -79.84
CA GLU CB 110 -72.36 46.33 -79.71
C GLU CB 110 -73.28 46.92 -80.76
N ARG CB 111 -73.04 48.17 -81.16
CA ARG CB 111 -73.83 48.75 -82.23
C ARG CB 111 -73.48 48.14 -83.58
N LEU CB 112 -72.21 47.76 -83.77
CA LEU CB 112 -71.76 47.29 -85.08
C LEU CB 112 -72.06 45.82 -85.30
N TYR CB 113 -71.95 45.00 -84.25
CA TYR CB 113 -72.11 43.55 -84.36
C TYR CB 113 -73.10 43.06 -83.31
N PRO CB 114 -74.38 43.43 -83.46
CA PRO CB 114 -75.38 42.89 -82.54
C PRO CB 114 -75.57 41.40 -82.74
N LEU CB 115 -75.90 40.72 -81.66
CA LEU CB 115 -76.25 39.31 -81.76
C LEU CB 115 -77.56 39.16 -82.52
N ARG CB 116 -77.60 38.22 -83.45
CA ARG CB 116 -78.74 38.07 -84.33
C ARG CB 116 -79.64 36.93 -83.88
N LYS CB 117 -80.88 36.96 -84.35
CA LYS CB 117 -81.81 35.86 -84.18
C LYS CB 117 -81.86 35.08 -85.49
N TYR CB 118 -81.57 33.80 -85.42
CA TYR CB 118 -81.43 32.99 -86.62
C TYR CB 118 -81.88 31.57 -86.33
N ALA CB 119 -82.21 30.85 -87.38
CA ALA CB 119 -82.50 29.43 -87.29
C ALA CB 119 -81.73 28.71 -88.37
N VAL CB 120 -81.43 27.43 -88.12
CA VAL CB 120 -80.78 26.57 -89.09
C VAL CB 120 -81.75 25.44 -89.43
N LYS CB 121 -82.03 25.27 -90.71
CA LYS CB 121 -82.87 24.16 -91.10
C LYS CB 121 -82.03 22.91 -91.32
N ALA CB 122 -82.63 21.76 -91.06
CA ALA CB 122 -81.96 20.48 -91.26
C ALA CB 122 -81.92 20.11 -92.74
N ALA DB 1 -49.32 1.87 -109.09
CA ALA DB 1 -48.46 0.99 -109.86
C ALA DB 1 -47.01 1.09 -109.35
N LEU DB 2 -46.31 2.13 -109.80
CA LEU DB 2 -45.01 2.49 -109.26
C LEU DB 2 -45.15 3.76 -108.41
N ARG DB 3 -44.30 3.87 -107.39
CA ARG DB 3 -44.26 5.03 -106.52
C ARG DB 3 -45.60 5.25 -105.80
N TYR DB 4 -45.93 4.32 -104.92
CA TYR DB 4 -47.03 4.56 -104.01
C TYR DB 4 -46.60 5.49 -102.89
N PRO DB 5 -47.52 6.30 -102.35
CA PRO DB 5 -47.22 7.05 -101.12
C PRO DB 5 -46.98 6.06 -99.98
N MET DB 6 -46.04 6.41 -99.11
CA MET DB 6 -45.57 5.50 -98.06
C MET DB 6 -45.52 6.25 -96.74
N ALA DB 7 -45.55 5.49 -95.65
CA ALA DB 7 -45.40 6.04 -94.31
C ALA DB 7 -43.96 6.11 -93.86
N VAL DB 8 -43.02 5.63 -94.68
CA VAL DB 8 -41.60 5.65 -94.38
C VAL DB 8 -40.86 6.25 -95.56
N GLY DB 9 -39.59 6.53 -95.37
CA GLY DB 9 -38.72 7.01 -96.43
C GLY DB 9 -38.58 8.51 -96.42
N LEU DB 10 -37.90 9.00 -97.45
CA LEU DB 10 -37.60 10.42 -97.56
C LEU DB 10 -38.81 11.25 -97.94
N ASN DB 11 -39.69 10.74 -98.79
CA ASN DB 11 -40.94 11.44 -99.14
C ASN DB 11 -42.10 10.62 -98.57
N LYS DB 12 -42.38 10.82 -97.29
CA LYS DB 12 -43.45 10.09 -96.64
C LYS DB 12 -44.58 11.04 -96.31
N GLY DB 13 -45.77 10.48 -96.09
CA GLY DB 13 -46.93 11.24 -95.73
C GLY DB 13 -47.99 11.21 -96.81
N HIS DB 14 -49.15 11.76 -96.47
CA HIS DB 14 -50.37 11.55 -97.22
C HIS DB 14 -50.45 12.31 -98.54
N LYS DB 15 -49.54 13.25 -98.81
CA LYS DB 15 -49.55 14.00 -100.07
C LYS DB 15 -50.82 14.83 -100.24
N VAL DB 16 -50.90 15.90 -99.44
CA VAL DB 16 -51.84 16.99 -99.68
C VAL DB 16 -51.12 18.10 -100.44
N THR DB 17 -51.90 18.97 -101.09
CA THR DB 17 -51.34 20.14 -101.76
C THR DB 17 -51.22 21.27 -100.74
N LYS DB 18 -50.03 21.86 -100.66
CA LYS DB 18 -49.75 22.82 -99.60
C LYS DB 18 -50.40 24.16 -99.91
N ASN DB 19 -51.08 24.71 -98.90
CA ASN DB 19 -51.70 26.02 -99.02
C ASN DB 19 -50.65 27.08 -98.66
N VAL DB 20 -50.30 27.92 -99.63
CA VAL DB 20 -49.31 28.96 -99.43
C VAL DB 20 -50.03 30.25 -99.08
N SER DB 21 -49.56 30.93 -98.04
CA SER DB 21 -50.22 32.14 -97.56
C SER DB 21 -49.18 32.99 -96.83
N LYS DB 22 -49.53 34.26 -96.62
CA LYS DB 22 -48.64 35.16 -95.92
C LYS DB 22 -48.44 34.68 -94.48
N PRO DB 23 -47.23 34.79 -93.96
CA PRO DB 23 -47.00 34.44 -92.56
C PRO DB 23 -47.88 35.29 -91.66
N ARG DB 24 -48.30 34.70 -90.55
CA ARG DB 24 -49.08 35.45 -89.58
C ARG DB 24 -48.26 36.63 -89.07
N HIS DB 25 -48.97 37.68 -88.66
CA HIS DB 25 -48.29 38.91 -88.28
C HIS DB 25 -47.46 38.75 -87.02
N SER DB 26 -47.80 37.79 -86.16
CA SER DB 26 -46.98 37.57 -84.97
C SER DB 26 -45.59 37.06 -85.29
N ARG DB 27 -45.37 36.55 -86.51
CA ARG DB 27 -44.06 36.03 -86.91
C ARG DB 27 -43.04 37.12 -87.16
N ARG DB 28 -43.45 38.38 -87.28
CA ARG DB 28 -42.52 39.49 -87.47
C ARG DB 28 -42.01 40.06 -86.15
N ARG DB 29 -42.42 39.49 -85.03
CA ARG DB 29 -41.91 39.92 -83.73
C ARG DB 29 -40.39 39.89 -83.71
N GLY DB 30 -39.79 40.94 -83.16
CA GLY DB 30 -38.35 41.04 -83.08
C GLY DB 30 -37.67 41.57 -84.32
N ARG DB 31 -38.43 41.92 -85.36
CA ARG DB 31 -37.83 42.50 -86.55
C ARG DB 31 -37.44 43.95 -86.29
N LEU DB 32 -36.20 44.30 -86.65
CA LEU DB 32 -35.72 45.65 -86.41
C LEU DB 32 -36.37 46.62 -87.38
N THR DB 33 -37.01 47.65 -86.83
CA THR DB 33 -37.60 48.71 -87.64
C THR DB 33 -36.66 49.91 -87.69
N LYS DB 34 -36.92 50.79 -88.66
CA LYS DB 34 -36.06 51.95 -88.85
C LYS DB 34 -36.08 52.87 -87.64
N HIS DB 35 -37.26 53.13 -87.08
CA HIS DB 35 -37.36 54.03 -85.95
C HIS DB 35 -36.76 53.42 -84.70
N THR DB 36 -37.04 52.13 -84.45
CA THR DB 36 -36.47 51.47 -83.29
C THR DB 36 -34.95 51.43 -83.37
N LYS DB 37 -34.41 51.20 -84.57
CA LYS DB 37 -32.96 51.24 -84.76
C LYS DB 37 -32.42 52.63 -84.50
N PHE DB 38 -33.15 53.67 -84.91
CA PHE DB 38 -32.75 55.04 -84.63
C PHE DB 38 -32.71 55.32 -83.14
N VAL DB 39 -33.72 54.85 -82.40
CA VAL DB 39 -33.76 55.06 -80.96
C VAL DB 39 -32.62 54.31 -80.27
N ARG DB 40 -32.34 53.09 -80.73
CA ARG DB 40 -31.29 52.30 -80.11
C ARG DB 40 -29.91 52.88 -80.42
N ASP DB 41 -29.72 53.40 -81.62
CA ASP DB 41 -28.48 54.08 -81.95
C ASP DB 41 -28.29 55.35 -81.11
N MET DB 42 -29.37 56.11 -80.91
CA MET DB 42 -29.29 57.31 -80.10
C MET DB 42 -28.95 56.98 -78.65
N ILE DB 43 -29.54 55.92 -78.10
CA ILE DB 43 -29.28 55.56 -76.72
C ILE DB 43 -27.84 55.10 -76.55
N ARG DB 44 -27.30 54.41 -77.55
CA ARG DB 44 -25.89 54.03 -77.51
C ARG DB 44 -24.99 55.26 -77.47
N GLU DB 45 -25.31 56.27 -78.26
CA GLU DB 45 -24.53 57.50 -78.26
C GLU DB 45 -24.59 58.19 -76.90
N VAL DB 46 -25.78 58.26 -76.30
CA VAL DB 46 -25.95 58.90 -75.00
C VAL DB 46 -25.30 58.06 -73.91
N CYS DB 47 -25.47 56.74 -73.97
CA CYS DB 47 -25.13 55.87 -72.84
C CYS DB 47 -23.68 55.42 -72.87
N GLY DB 48 -23.25 54.86 -74.00
CA GLY DB 48 -21.93 54.26 -74.10
C GLY DB 48 -22.01 52.74 -74.08
N PHE DB 49 -21.09 52.13 -73.36
CA PHE DB 49 -20.95 50.68 -73.32
C PHE DB 49 -20.82 50.21 -71.89
N ALA DB 50 -21.15 48.95 -71.66
CA ALA DB 50 -20.96 48.36 -70.34
C ALA DB 50 -19.48 48.05 -70.12
N PRO DB 51 -19.04 47.98 -68.86
CA PRO DB 51 -17.62 47.67 -68.61
C PRO DB 51 -17.14 46.35 -69.19
N TYR DB 52 -17.98 45.31 -69.21
CA TYR DB 52 -17.53 44.06 -69.84
C TYR DB 52 -17.42 44.21 -71.34
N GLU DB 53 -18.29 45.01 -71.94
CA GLU DB 53 -18.23 45.24 -73.39
C GLU DB 53 -16.95 45.98 -73.75
N ARG DB 54 -16.54 46.95 -72.93
CA ARG DB 54 -15.29 47.65 -73.17
C ARG DB 54 -14.08 46.74 -72.96
N ARG DB 55 -14.15 45.84 -71.98
CA ARG DB 55 -13.06 44.90 -71.78
C ARG DB 55 -12.93 43.94 -72.95
N ALA DB 56 -14.06 43.52 -73.52
CA ALA DB 56 -14.02 42.62 -74.67
C ALA DB 56 -13.50 43.34 -75.92
N MET DB 57 -13.79 44.63 -76.05
CA MET DB 57 -13.27 45.39 -77.18
C MET DB 57 -11.77 45.57 -77.09
N GLU DB 58 -11.23 45.67 -75.87
CA GLU DB 58 -9.78 45.66 -75.71
C GLU DB 58 -9.18 44.34 -76.19
N LEU DB 59 -9.86 43.23 -75.91
CA LEU DB 59 -9.38 41.94 -76.38
C LEU DB 59 -9.45 41.84 -77.90
N LEU DB 60 -10.44 42.48 -78.52
CA LEU DB 60 -10.57 42.40 -79.97
C LEU DB 60 -9.61 43.35 -80.67
N LYS DB 61 -9.26 44.48 -80.04
CA LYS DB 61 -8.26 45.36 -80.61
C LYS DB 61 -6.92 44.66 -80.76
N VAL DB 62 -6.54 43.88 -79.76
CA VAL DB 62 -5.29 43.11 -79.78
C VAL DB 62 -5.44 41.82 -80.59
N SER DB 63 -6.60 41.60 -81.20
CA SER DB 63 -6.86 40.46 -82.08
C SER DB 63 -6.82 39.14 -81.31
N LYS DB 64 -7.30 39.17 -80.06
CA LYS DB 64 -7.50 37.96 -79.28
C LYS DB 64 -8.97 37.56 -79.37
N ASP DB 65 -9.36 37.16 -80.58
CA ASP DB 65 -10.77 36.90 -80.87
C ASP DB 65 -11.29 35.70 -80.08
N LYS DB 66 -10.50 34.62 -79.99
CA LYS DB 66 -10.93 33.45 -79.24
C LYS DB 66 -11.08 33.76 -77.76
N ARG DB 67 -10.15 34.53 -77.21
CA ARG DB 67 -10.24 34.92 -75.80
C ARG DB 67 -11.38 35.90 -75.59
N ALA DB 68 -11.65 36.75 -76.59
CA ALA DB 68 -12.79 37.66 -76.50
C ALA DB 68 -14.10 36.88 -76.46
N LEU DB 69 -14.25 35.86 -77.30
CA LEU DB 69 -15.48 35.08 -77.31
C LEU DB 69 -15.67 34.33 -76.00
N LYS DB 70 -14.59 33.81 -75.44
CA LYS DB 70 -14.69 33.13 -74.15
C LYS DB 70 -15.14 34.08 -73.05
N PHE DB 71 -14.58 35.29 -73.03
CA PHE DB 71 -14.97 36.27 -72.03
C PHE DB 71 -16.42 36.69 -72.18
N ILE DB 72 -16.85 36.93 -73.42
CA ILE DB 72 -18.25 37.29 -73.66
C ILE DB 72 -19.16 36.12 -73.29
N LYS DB 73 -18.77 34.90 -73.63
CA LYS DB 73 -19.59 33.74 -73.30
C LYS DB 73 -19.74 33.58 -71.80
N LYS DB 74 -18.66 33.80 -71.05
CA LYS DB 74 -18.74 33.73 -69.60
C LYS DB 74 -19.63 34.83 -69.04
N ARG DB 75 -19.68 35.99 -69.71
CA ARG DB 75 -20.45 37.11 -69.19
C ARG DB 75 -21.93 36.96 -69.51
N VAL DB 76 -22.27 36.70 -70.78
CA VAL DB 76 -23.68 36.69 -71.17
C VAL DB 76 -24.27 35.28 -71.04
N GLY DB 77 -23.46 34.25 -71.24
CA GLY DB 77 -23.89 32.91 -70.88
C GLY DB 77 -23.90 31.84 -71.95
N THR DB 78 -24.33 32.16 -73.16
CA THR DB 78 -24.46 31.14 -74.19
C THR DB 78 -23.56 31.46 -75.38
N HIS DB 79 -23.33 30.43 -76.20
CA HIS DB 79 -22.43 30.57 -77.33
C HIS DB 79 -23.02 31.46 -78.43
N ILE DB 80 -24.28 31.26 -78.78
CA ILE DB 80 -24.85 32.02 -79.89
C ILE DB 80 -25.06 33.48 -79.51
N ARG DB 81 -25.41 33.75 -78.25
CA ARG DB 81 -25.48 35.13 -77.79
C ARG DB 81 -24.11 35.78 -77.77
N ALA DB 82 -23.08 35.02 -77.38
CA ALA DB 82 -21.73 35.56 -77.34
C ALA DB 82 -21.18 35.80 -78.74
N LYS DB 83 -21.54 34.94 -79.69
CA LYS DB 83 -21.12 35.14 -81.07
C LYS DB 83 -21.73 36.39 -81.66
N ARG DB 84 -23.03 36.61 -81.40
CA ARG DB 84 -23.69 37.83 -81.88
C ARG DB 84 -23.11 39.07 -81.20
N LYS DB 85 -22.81 38.97 -79.91
CA LYS DB 85 -22.22 40.10 -79.19
C LYS DB 85 -20.82 40.41 -79.68
N ARG DB 86 -20.01 39.38 -79.92
CA ARG DB 86 -18.66 39.61 -80.42
C ARG DB 86 -18.70 40.27 -81.79
N GLU DB 87 -19.60 39.83 -82.65
CA GLU DB 87 -19.72 40.45 -83.97
C GLU DB 87 -20.14 41.91 -83.86
N GLU DB 88 -21.08 42.20 -82.96
CA GLU DB 88 -21.48 43.60 -82.77
C GLU DB 88 -20.32 44.45 -82.28
N LEU DB 89 -19.56 43.95 -81.30
CA LEU DB 89 -18.44 44.70 -80.78
C LEU DB 89 -17.34 44.89 -81.83
N SER DB 90 -17.14 43.89 -82.69
CA SER DB 90 -16.18 44.03 -83.78
C SER DB 90 -16.63 45.11 -84.76
N ASN DB 91 -17.94 45.26 -84.96
CA ASN DB 91 -18.45 46.23 -85.92
C ASN DB 91 -18.24 47.66 -85.44
N VAL DB 92 -18.42 47.91 -84.13
CA VAL DB 92 -18.17 49.25 -83.62
C VAL DB 92 -16.67 49.54 -83.60
N LEU DB 93 -15.85 48.51 -83.42
CA LEU DB 93 -14.41 48.68 -83.48
C LEU DB 93 -13.97 49.05 -84.90
N ALA DB 94 -14.60 48.43 -85.91
CA ALA DB 94 -14.29 48.75 -87.29
C ALA DB 94 -14.81 50.12 -87.67
N ALA DB 95 -16.01 50.48 -87.21
CA ALA DB 95 -16.56 51.80 -87.49
C ALA DB 95 -15.70 52.90 -86.88
N MET DB 96 -15.24 52.70 -85.65
CA MET DB 96 -14.34 53.66 -85.03
C MET DB 96 -13.02 53.72 -85.78
N ARG DB 97 -12.53 52.58 -86.26
CA ARG DB 97 -11.33 52.56 -87.07
C ARG DB 97 -11.50 53.37 -88.34
N LYS DB 98 -12.63 53.21 -89.02
CA LYS DB 98 -12.88 53.97 -90.25
C LYS DB 98 -13.11 55.44 -89.95
N ALA DB 99 -13.77 55.75 -88.84
CA ALA DB 99 -14.00 57.15 -88.48
C ALA DB 99 -12.69 57.88 -88.20
N ALA DB 100 -11.76 57.24 -87.51
CA ALA DB 100 -10.49 57.87 -87.13
C ALA DB 100 -9.50 57.94 -88.28
N ALA DB 101 -9.72 57.20 -89.37
CA ALA DB 101 -8.79 57.21 -90.50
C ALA DB 101 -9.04 58.38 -91.44
N LYS DB 102 -10.14 59.12 -91.27
CA LYS DB 102 -10.42 60.25 -92.13
C LYS DB 102 -10.92 61.44 -91.31
N THR EB 1 -43.44 20.28 2.36
CA THR EB 1 -43.46 19.00 1.66
C THR EB 1 -44.47 19.00 0.52
N LYS EB 2 -44.11 18.31 -0.56
CA LYS EB 2 -44.64 18.60 -1.89
C LYS EB 2 -46.13 18.31 -2.05
N GLY EB 3 -46.70 17.45 -1.21
CA GLY EB 3 -48.10 17.09 -1.36
C GLY EB 3 -49.04 17.94 -0.55
N THR EB 4 -49.72 17.31 0.42
CA THR EB 4 -50.80 17.96 1.17
C THR EB 4 -50.35 19.28 1.79
N SER EB 5 -49.16 19.30 2.40
CA SER EB 5 -48.67 20.47 3.11
C SER EB 5 -48.50 21.66 2.19
N SER EB 6 -47.99 21.44 0.98
CA SER EB 6 -47.78 22.53 0.03
C SER EB 6 -49.09 23.09 -0.52
N PHE EB 7 -50.17 22.32 -0.51
CA PHE EB 7 -51.44 22.81 -1.02
C PHE EB 7 -52.04 23.90 -0.15
N GLY EB 8 -51.57 24.05 1.08
CA GLY EB 8 -52.15 25.01 1.99
C GLY EB 8 -51.70 26.44 1.79
N LYS EB 9 -50.69 26.66 0.96
CA LYS EB 9 -50.16 28.01 0.75
C LYS EB 9 -50.48 28.56 -0.63
N ARG EB 10 -51.59 28.13 -1.24
CA ARG EB 10 -52.01 28.69 -2.52
C ARG EB 10 -53.21 29.60 -2.27
N ARG EB 11 -52.95 30.90 -2.25
CA ARG EB 11 -53.99 31.90 -2.05
C ARG EB 11 -53.76 33.12 -2.95
N ASN EB 12 -53.00 32.98 -4.01
CA ASN EB 12 -52.74 34.04 -4.99
C ASN EB 12 -53.21 33.54 -6.34
N LYS EB 13 -54.13 34.27 -6.98
CA LYS EB 13 -54.69 33.82 -8.24
C LYS EB 13 -53.76 34.13 -9.40
N THR EB 14 -53.50 33.14 -10.24
CA THR EB 14 -52.79 33.35 -11.49
C THR EB 14 -53.68 34.00 -12.55
N HIS EB 15 -54.93 33.58 -12.62
CA HIS EB 15 -55.87 34.03 -13.65
C HIS EB 15 -57.08 34.70 -13.04
N THR EB 16 -57.66 35.64 -13.78
CA THR EB 16 -58.95 36.21 -13.47
C THR EB 16 -59.85 36.08 -14.70
N LEU EB 17 -61.05 36.63 -14.60
CA LEU EB 17 -62.00 36.61 -15.70
C LEU EB 17 -61.55 37.51 -16.84
N CYS EB 18 -61.66 37.01 -18.07
CA CYS EB 18 -61.29 37.80 -19.24
C CYS EB 18 -62.45 38.70 -19.65
N ARG EB 19 -62.15 39.98 -19.91
CA ARG EB 19 -63.19 40.92 -20.32
C ARG EB 19 -63.70 40.65 -21.74
N ARG EB 20 -62.95 39.90 -22.52
CA ARG EB 20 -63.42 39.33 -23.79
C ARG EB 20 -63.42 37.83 -23.60
N CYS EB 21 -64.50 37.15 -24.01
CA CYS EB 21 -64.71 35.72 -23.90
C CYS EB 21 -65.08 35.26 -22.48
N GLY EB 22 -64.94 36.09 -21.46
CA GLY EB 22 -65.46 35.78 -20.15
C GLY EB 22 -64.91 34.55 -19.45
N SER EB 23 -63.84 33.97 -19.95
CA SER EB 23 -63.25 32.82 -19.30
C SER EB 23 -62.30 33.29 -18.19
N LYS EB 24 -62.04 32.40 -17.24
CA LYS EB 24 -61.09 32.68 -16.18
C LYS EB 24 -59.73 32.13 -16.60
N ALA EB 25 -59.23 32.70 -17.70
CA ALA EB 25 -57.91 32.35 -18.22
C ALA EB 25 -57.07 33.59 -18.50
N TYR EB 26 -57.41 34.73 -17.92
CA TYR EB 26 -56.68 35.97 -18.11
C TYR EB 26 -55.52 36.02 -17.12
N HIS EB 27 -54.32 35.72 -17.60
CA HIS EB 27 -53.14 35.71 -16.76
C HIS EB 27 -52.82 37.11 -16.29
N LEU EB 28 -52.85 37.32 -14.96
CA LEU EB 28 -52.70 38.65 -14.40
C LEU EB 28 -51.32 39.26 -14.70
N GLN EB 29 -50.26 38.48 -14.53
CA GLN EB 29 -48.91 39.04 -14.69
C GLN EB 29 -48.55 39.18 -16.17
N LYS EB 30 -48.96 38.23 -16.99
CA LYS EB 30 -48.74 38.34 -18.42
C LYS EB 30 -49.71 39.31 -19.09
N SER EB 31 -50.82 39.63 -18.41
CA SER EB 31 -51.88 40.47 -18.96
C SER EB 31 -52.38 39.92 -20.29
N THR EB 32 -52.52 38.60 -20.38
CA THR EB 32 -52.95 37.94 -21.61
C THR EB 32 -53.95 36.86 -21.25
N CYS EB 33 -54.95 36.67 -22.10
CA CYS EB 33 -55.88 35.57 -21.88
C CYS EB 33 -55.35 34.30 -22.55
N GLY EB 34 -55.28 33.23 -21.77
CA GLY EB 34 -54.82 31.95 -22.27
C GLY EB 34 -55.82 31.21 -23.12
N LYS EB 35 -57.06 31.67 -23.15
CA LYS EB 35 -58.12 31.06 -23.93
C LYS EB 35 -58.37 31.80 -25.25
N CYS EB 36 -58.68 33.08 -25.21
CA CYS EB 36 -59.00 33.84 -26.41
C CYS EB 36 -57.83 34.69 -26.90
N GLY EB 37 -56.74 34.74 -26.16
CA GLY EB 37 -55.54 35.45 -26.59
C GLY EB 37 -55.61 36.95 -26.44
N TYR EB 38 -56.50 37.45 -25.59
CA TYR EB 38 -56.80 38.88 -25.51
C TYR EB 38 -55.81 39.65 -24.65
N PRO EB 39 -54.84 40.30 -25.25
CA PRO EB 39 -55.01 41.73 -25.58
C PRO EB 39 -55.17 41.83 -27.09
N ALA EB 40 -54.87 40.71 -27.76
CA ALA EB 40 -54.60 40.65 -29.19
C ALA EB 40 -55.88 40.79 -30.00
N LYS EB 41 -55.75 41.45 -31.15
CA LYS EB 41 -56.91 41.76 -31.98
C LYS EB 41 -57.60 40.49 -32.44
N ARG EB 42 -56.84 39.50 -32.89
CA ARG EB 42 -57.41 38.29 -33.46
C ARG EB 42 -57.65 37.25 -32.37
N LYS EB 43 -58.70 36.47 -32.54
CA LYS EB 43 -59.07 35.45 -31.57
C LYS EB 43 -58.12 34.27 -31.64
N ARG EB 44 -57.79 33.71 -30.49
CA ARG EB 44 -56.94 32.54 -30.42
C ARG EB 44 -57.76 31.29 -30.70
N LYS EB 45 -57.39 30.55 -31.74
CA LYS EB 45 -58.06 29.30 -32.10
C LYS EB 45 -57.07 28.44 -32.88
N TYR EB 46 -57.16 27.13 -32.65
CA TYR EB 46 -56.20 26.19 -33.21
C TYR EB 46 -56.93 25.01 -33.80
N ASN EB 47 -56.39 24.50 -34.90
CA ASN EB 47 -56.97 23.32 -35.55
C ASN EB 47 -56.66 22.03 -34.81
N TRP EB 48 -55.73 22.04 -33.86
CA TRP EB 48 -55.48 20.84 -33.09
C TRP EB 48 -56.53 20.60 -32.00
N SER EB 49 -57.44 21.55 -31.76
CA SER EB 49 -58.55 21.29 -30.84
C SER EB 49 -59.85 21.66 -31.52
N ALA EB 50 -60.49 20.68 -32.16
CA ALA EB 50 -61.81 20.91 -32.73
C ALA EB 50 -62.87 21.09 -31.65
N LYS EB 51 -62.71 20.44 -30.50
CA LYS EB 51 -63.65 20.64 -29.40
C LYS EB 51 -63.62 22.08 -28.89
N ALA EB 52 -62.42 22.64 -28.74
CA ALA EB 52 -62.32 24.03 -28.32
C ALA EB 52 -62.95 24.96 -29.35
N LYS EB 53 -62.74 24.70 -30.64
CA LYS EB 53 -63.35 25.53 -31.66
C LYS EB 53 -64.87 25.44 -31.62
N ARG EB 54 -65.42 24.24 -31.49
CA ARG EB 54 -66.87 24.08 -31.47
C ARG EB 54 -67.48 24.55 -30.17
N ARG EB 55 -66.68 24.70 -29.11
CA ARG EB 55 -67.21 25.20 -27.84
C ARG EB 55 -67.58 26.68 -27.92
N ASN EB 56 -66.95 27.46 -28.79
CA ASN EB 56 -67.17 28.90 -28.81
C ASN EB 56 -67.35 29.46 -30.22
N THR EB 57 -67.74 28.66 -31.19
CA THR EB 57 -67.86 29.15 -32.56
C THR EB 57 -69.17 29.92 -32.74
N THR EB 58 -69.33 30.50 -33.93
CA THR EB 58 -70.59 31.14 -34.29
C THR EB 58 -71.73 30.15 -34.17
N GLY EB 59 -72.80 30.56 -33.50
CA GLY EB 59 -73.94 29.71 -33.25
C GLY EB 59 -74.05 29.20 -31.83
N THR EB 60 -72.93 29.12 -31.10
CA THR EB 60 -72.98 28.71 -29.70
C THR EB 60 -73.51 29.82 -28.80
N GLY EB 61 -73.51 31.05 -29.27
CA GLY EB 61 -74.01 32.16 -28.49
C GLY EB 61 -75.34 32.70 -28.97
N ARG EB 62 -75.56 34.00 -28.77
CA ARG EB 62 -76.86 34.58 -29.00
C ARG EB 62 -77.15 34.81 -30.48
N MET EB 63 -76.14 35.25 -31.25
CA MET EB 63 -76.31 35.52 -32.68
C MET EB 63 -77.38 36.58 -32.93
N ARG EB 64 -77.34 37.66 -32.14
CA ARG EB 64 -78.42 38.64 -32.17
C ARG EB 64 -78.57 39.27 -33.54
N HIS EB 65 -77.46 39.60 -34.19
CA HIS EB 65 -77.53 40.23 -35.50
C HIS EB 65 -77.70 39.22 -36.61
N LEU EB 66 -76.95 38.11 -36.55
CA LEU EB 66 -76.92 37.16 -37.64
C LEU EB 66 -78.27 36.46 -37.82
N LYS EB 67 -78.97 36.14 -36.74
CA LYS EB 67 -80.28 35.51 -36.86
C LYS EB 67 -81.28 36.43 -37.54
N ILE EB 68 -81.12 37.74 -37.39
CA ILE EB 68 -81.98 38.67 -38.13
C ILE EB 68 -81.53 38.79 -39.58
N VAL EB 69 -80.22 38.71 -39.84
CA VAL EB 69 -79.74 38.67 -41.22
C VAL EB 69 -80.33 37.48 -41.96
N TYR EB 70 -80.41 36.34 -41.29
CA TYR EB 70 -80.97 35.14 -41.92
C TYR EB 70 -82.42 35.33 -42.30
N ARG EB 71 -83.21 35.99 -41.45
CA ARG EB 71 -84.58 36.31 -41.82
C ARG EB 71 -84.63 37.34 -42.94
N ARG EB 72 -83.84 38.41 -42.83
CA ARG EB 72 -83.88 39.46 -43.84
C ARG EB 72 -83.41 38.99 -45.20
N PHE EB 73 -82.53 37.99 -45.24
CA PHE EB 73 -82.05 37.46 -46.51
C PHE EB 73 -83.18 36.86 -47.33
N ARG EB 74 -84.15 36.23 -46.66
CA ARG EB 74 -85.24 35.56 -47.35
C ARG EB 74 -86.17 36.53 -48.08
N HIS EB 75 -86.05 37.82 -47.84
CA HIS EB 75 -86.81 38.83 -48.58
C HIS EB 75 -85.91 39.81 -49.31
N GLY EB 76 -84.67 39.44 -49.59
CA GLY EB 76 -83.78 40.29 -50.36
C GLY EB 76 -83.23 41.47 -49.61
N PHE EB 77 -83.23 41.44 -48.28
CA PHE EB 77 -82.77 42.55 -47.45
C PHE EB 77 -83.52 43.85 -47.77
N ARG EB 78 -84.83 43.74 -47.91
CA ARG EB 78 -85.64 44.91 -48.20
C ARG EB 78 -85.70 45.85 -47.00
N GLU EB 79 -85.75 47.14 -47.27
CA GLU EB 79 -85.78 48.16 -46.23
C GLU EB 79 -86.57 49.36 -46.72
N GLY EB 80 -87.06 50.16 -45.78
CA GLY EB 80 -87.82 51.33 -46.12
C GLY EB 80 -89.22 51.08 -46.62
N THR EB 81 -89.70 49.85 -46.51
CA THR EB 81 -91.01 49.47 -47.00
C THR EB 81 -91.90 49.06 -45.82
N THR EB 82 -93.21 49.04 -46.08
CA THR EB 82 -94.23 48.76 -45.10
C THR EB 82 -95.22 47.76 -45.71
N PRO EB 83 -95.89 46.96 -44.88
CA PRO EB 83 -96.75 45.89 -45.40
C PRO EB 83 -98.11 46.32 -45.96
N LYS EB 84 -98.29 47.57 -46.40
CA LYS EB 84 -99.54 48.01 -47.02
C LYS EB 84 -100.72 48.03 -46.04
N PRO EB 85 -100.91 49.14 -45.33
CA PRO EB 85 -101.91 49.18 -44.25
C PRO EB 85 -103.31 48.81 -44.73
N LYS EB 86 -104.06 48.17 -43.84
CA LYS EB 86 -105.41 47.72 -44.13
C LYS EB 86 -106.35 48.89 -44.42
N PRO FB 1 -63.21 74.23 19.69
CA PRO FB 1 -63.79 75.19 20.63
C PRO FB 1 -62.84 76.34 20.96
N ARG FB 2 -63.40 77.48 21.32
CA ARG FB 2 -62.61 78.66 21.67
C ARG FB 2 -63.10 79.23 22.99
N LYS FB 3 -62.18 79.70 23.80
CA LYS FB 3 -62.50 80.33 25.07
C LYS FB 3 -62.45 81.85 24.92
N ILE FB 4 -63.54 82.51 25.27
CA ILE FB 4 -63.58 83.96 25.33
C ILE FB 4 -63.17 84.40 26.73
N GLU FB 5 -62.30 85.40 26.80
CA GLU FB 5 -61.83 85.92 28.08
C GLU FB 5 -62.66 87.10 28.56
N GLU FB 6 -62.82 88.11 27.71
CA GLU FB 6 -63.46 89.35 28.12
C GLU FB 6 -64.94 89.36 27.72
N ILE FB 7 -65.73 90.07 28.53
CA ILE FB 7 -67.18 90.03 28.41
C ILE FB 7 -67.69 90.71 27.15
N LYS FB 8 -66.98 91.73 26.66
CA LYS FB 8 -67.47 92.44 25.48
C LYS FB 8 -67.21 91.64 24.21
N ASP FB 9 -66.09 90.92 24.17
CA ASP FB 9 -65.82 90.07 23.01
C ASP FB 9 -66.83 88.94 22.90
N PHE FB 10 -67.38 88.48 24.02
CA PHE FB 10 -68.47 87.51 23.96
C PHE FB 10 -69.72 88.13 23.36
N LEU FB 11 -70.02 89.37 23.74
CA LEU FB 11 -71.23 90.02 23.24
C LEU FB 11 -71.14 90.25 21.74
N LEU FB 12 -69.95 90.62 21.24
CA LEU FB 12 -69.76 90.75 19.81
C LEU FB 12 -69.94 89.43 19.10
N THR FB 13 -69.42 88.35 19.70
CA THR FB 13 -69.59 87.02 19.12
C THR FB 13 -71.05 86.57 19.20
N ALA FB 14 -71.76 86.99 20.25
CA ALA FB 14 -73.15 86.57 20.42
C ALA FB 14 -74.08 87.25 19.42
N ARG FB 15 -73.85 88.54 19.15
CA ARG FB 15 -74.74 89.27 18.25
C ARG FB 15 -74.39 89.07 16.79
N ARG FB 16 -73.38 88.25 16.50
CA ARG FB 16 -72.93 88.03 15.14
C ARG FB 16 -73.88 87.08 14.39
N LYS FB 17 -73.87 87.18 13.06
CA LYS FB 17 -74.95 86.62 12.25
C LYS FB 17 -75.03 85.11 12.34
N ASP FB 18 -73.88 84.44 12.33
CA ASP FB 18 -73.92 82.97 12.30
C ASP FB 18 -74.03 82.34 13.68
N ALA FB 19 -74.21 83.14 14.72
CA ALA FB 19 -74.48 82.60 16.05
C ALA FB 19 -75.84 81.90 16.06
N LYS FB 20 -75.84 80.60 16.32
CA LYS FB 20 -77.08 79.83 16.22
C LYS FB 20 -77.83 79.82 17.54
N SER FB 21 -77.11 79.74 18.66
CA SER FB 21 -77.76 79.61 19.96
C SER FB 21 -76.76 79.96 21.05
N VAL FB 22 -77.30 80.28 22.23
CA VAL FB 22 -76.51 80.45 23.44
C VAL FB 22 -76.98 79.43 24.46
N LYS FB 23 -76.06 78.58 24.92
CA LYS FB 23 -76.31 77.65 25.99
C LYS FB 23 -75.68 78.20 27.26
N ILE FB 24 -76.46 78.25 28.34
CA ILE FB 24 -75.98 78.73 29.62
C ILE FB 24 -75.92 77.54 30.57
N LYS FB 25 -74.73 77.26 31.08
CA LYS FB 25 -74.51 76.14 31.99
C LYS FB 25 -74.07 76.68 33.34
N LYS FB 26 -74.84 76.37 34.38
CA LYS FB 26 -74.49 76.72 35.75
C LYS FB 26 -73.72 75.57 36.35
N ASN FB 27 -72.50 75.84 36.78
CA ASN FB 27 -71.68 74.87 37.48
C ASN FB 27 -71.60 75.24 38.95
N LYS FB 28 -70.97 74.37 39.73
CA LYS FB 28 -70.79 74.65 41.14
C LYS FB 28 -69.81 75.80 41.38
N ASP FB 29 -68.96 76.09 40.40
CA ASP FB 29 -67.93 77.11 40.55
C ASP FB 29 -68.09 78.31 39.63
N ASN FB 30 -68.82 78.17 38.52
CA ASN FB 30 -68.84 79.21 37.51
C ASN FB 30 -70.11 79.08 36.69
N VAL FB 31 -70.35 80.07 35.85
CA VAL FB 31 -71.40 80.01 34.83
C VAL FB 31 -70.73 80.08 33.47
N LYS FB 32 -71.01 79.10 32.62
CA LYS FB 32 -70.44 79.06 31.29
C LYS FB 32 -71.49 79.48 30.28
N PHE FB 33 -71.15 80.52 29.51
CA PHE FB 33 -71.98 81.00 28.41
C PHE FB 33 -71.35 80.47 27.13
N LYS FB 34 -72.09 79.64 26.40
CA LYS FB 34 -71.57 79.01 25.20
C LYS FB 34 -72.42 79.44 24.01
N VAL FB 35 -71.78 80.04 23.01
CA VAL FB 35 -72.46 80.47 21.79
C VAL FB 35 -71.98 79.59 20.64
N ARG FB 36 -72.92 79.02 19.91
CA ARG FB 36 -72.62 78.11 18.81
C ARG FB 36 -72.58 78.91 17.51
N CYS FB 37 -71.38 79.12 16.98
CA CYS FB 37 -71.20 79.82 15.72
C CYS FB 37 -70.95 78.80 14.61
N SER FB 38 -70.64 79.31 13.41
CA SER FB 38 -70.47 78.41 12.27
C SER FB 38 -69.33 77.42 12.47
N ARG FB 39 -68.19 77.92 12.94
CA ARG FB 39 -67.00 77.09 13.05
C ARG FB 39 -66.65 76.70 14.48
N TYR FB 40 -66.90 77.56 15.45
CA TYR FB 40 -66.49 77.32 16.82
C TYR FB 40 -67.67 77.43 17.77
N LEU FB 41 -67.57 76.69 18.86
CA LEU FB 41 -68.39 76.90 20.05
C LEU FB 41 -67.55 77.76 20.98
N TYR FB 42 -67.92 79.04 21.09
CA TYR FB 42 -67.23 79.95 21.99
C TYR FB 42 -67.81 79.82 23.38
N THR FB 43 -66.93 79.76 24.39
CA THR FB 43 -67.36 79.67 25.78
C THR FB 43 -66.77 80.83 26.56
N LEU FB 44 -67.64 81.55 27.27
CA LEU FB 44 -67.24 82.53 28.27
C LEU FB 44 -67.43 81.92 29.65
N VAL FB 45 -66.37 81.90 30.44
CA VAL FB 45 -66.42 81.38 31.80
C VAL FB 45 -66.27 82.53 32.76
N ILE FB 46 -67.30 82.78 33.56
CA ILE FB 46 -67.26 83.80 34.60
C ILE FB 46 -67.68 83.16 35.92
N THR FB 47 -67.18 83.72 37.01
CA THR FB 47 -67.32 83.12 38.34
C THR FB 47 -68.38 83.81 39.19
N ASP FB 48 -68.35 85.14 39.27
CA ASP FB 48 -69.31 85.86 40.10
C ASP FB 48 -70.72 85.68 39.56
N LYS FB 49 -71.63 85.23 40.43
CA LYS FB 49 -73.00 84.95 40.03
C LYS FB 49 -73.73 86.21 39.58
N GLU FB 50 -73.41 87.35 40.19
CA GLU FB 50 -74.10 88.58 39.86
C GLU FB 50 -73.82 89.02 38.43
N LYS FB 51 -72.57 88.89 37.98
CA LYS FB 51 -72.25 89.27 36.59
C LYS FB 51 -72.84 88.27 35.61
N ALA FB 52 -73.11 87.05 36.05
CA ALA FB 52 -73.80 86.09 35.19
C ALA FB 52 -75.23 86.53 34.90
N GLU FB 53 -75.98 86.87 35.93
CA GLU FB 53 -77.35 87.34 35.72
C GLU FB 53 -77.37 88.65 34.96
N LYS FB 54 -76.45 89.57 35.28
CA LYS FB 54 -76.39 90.84 34.56
C LYS FB 54 -76.06 90.62 33.09
N LEU FB 55 -75.14 89.71 32.79
CA LEU FB 55 -74.88 89.33 31.41
C LEU FB 55 -76.10 88.66 30.79
N LYS FB 56 -76.79 87.81 31.56
CA LYS FB 56 -77.90 87.03 31.03
C LYS FB 56 -79.02 87.94 30.53
N GLN FB 57 -79.32 89.02 31.28
CA GLN FB 57 -80.39 89.91 30.85
C GLN FB 57 -79.98 90.73 29.62
N SER FB 58 -78.68 90.94 29.42
CA SER FB 58 -78.18 91.73 28.30
C SER FB 58 -77.77 90.85 27.13
N LEU FB 59 -78.69 90.01 26.65
CA LEU FB 59 -78.39 89.18 25.50
C LEU FB 59 -79.20 89.63 24.30
N PRO FB 60 -78.64 89.56 23.09
CA PRO FB 60 -79.37 90.05 21.91
C PRO FB 60 -80.62 89.24 21.69
N PRO FB 61 -81.72 89.87 21.25
CA PRO FB 61 -82.96 89.13 21.03
C PRO FB 61 -82.93 88.36 19.73
N GLY FB 62 -83.86 87.45 19.54
CA GLY FB 62 -83.89 86.63 18.33
C GLY FB 62 -82.70 85.71 18.25
N LEU FB 63 -82.30 85.16 19.40
CA LEU FB 63 -81.19 84.23 19.47
C LEU FB 63 -81.46 83.28 20.64
N ALA FB 64 -81.55 81.99 20.35
CA ALA FB 64 -81.96 81.02 21.35
C ALA FB 64 -81.01 81.00 22.54
N VAL FB 65 -81.58 81.05 23.75
CA VAL FB 65 -80.80 81.16 24.98
C VAL FB 65 -81.15 79.92 25.82
N LYS FB 66 -81.38 78.79 25.17
CA LYS FB 66 -81.66 77.55 25.87
C LYS FB 66 -80.62 77.30 26.96
N GLU FB 67 -81.09 77.14 28.20
CA GLU FB 67 -80.21 76.93 29.34
C GLU FB 67 -80.36 75.51 29.86
N LEU FB 68 -79.24 74.93 30.27
CA LEU FB 68 -79.17 73.49 30.54
C LEU FB 68 -79.83 73.10 31.86
N LYS FB 69 -80.27 74.06 32.68
CA LYS FB 69 -81.04 73.74 33.87
C LYS FB 69 -82.54 73.88 33.59
N SER GB 1 -62.89 38.09 -0.11
CA SER GB 1 -62.41 39.03 0.90
C SER GB 1 -63.37 40.21 1.04
N SER GB 2 -63.16 41.03 2.07
CA SER GB 2 -63.90 42.28 2.18
C SER GB 2 -63.58 43.25 1.04
N HIS GB 3 -62.32 43.40 0.68
CA HIS GB 3 -61.92 44.18 -0.48
C HIS GB 3 -62.37 43.41 -1.72
N LYS GB 4 -63.29 43.99 -2.48
CA LYS GB 4 -63.66 43.43 -3.77
C LYS GB 4 -63.80 44.54 -4.78
N THR GB 5 -63.61 44.19 -6.04
CA THR GB 5 -63.95 45.06 -7.15
C THR GB 5 -65.46 45.03 -7.40
N PHE GB 6 -65.92 46.05 -8.11
CA PHE GB 6 -67.33 46.10 -8.50
C PHE GB 6 -67.71 44.88 -9.35
N ARG GB 7 -66.84 44.50 -10.28
CA ARG GB 7 -67.12 43.38 -11.17
C ARG GB 7 -67.23 42.07 -10.40
N ILE GB 8 -66.34 41.82 -9.44
CA ILE GB 8 -66.42 40.60 -8.64
C ILE GB 8 -67.74 40.56 -7.88
N LYS GB 9 -68.08 41.65 -7.21
CA LYS GB 9 -69.30 41.68 -6.40
C LYS GB 9 -70.53 41.49 -7.26
N ARG GB 10 -70.51 42.03 -8.47
CA ARG GB 10 -71.62 41.84 -9.39
C ARG GB 10 -71.72 40.38 -9.85
N PHE GB 11 -70.59 39.73 -10.07
CA PHE GB 11 -70.57 38.31 -10.36
C PHE GB 11 -71.11 37.50 -9.19
N LEU GB 12 -70.74 37.87 -7.97
CA LEU GB 12 -71.24 37.15 -6.80
C LEU GB 12 -72.73 37.37 -6.61
N ALA GB 13 -73.22 38.57 -6.93
CA ALA GB 13 -74.64 38.88 -6.76
C ALA GB 13 -75.51 37.99 -7.64
N LYS GB 14 -75.08 37.77 -8.88
CA LYS GB 14 -75.86 36.92 -9.79
C LYS GB 14 -75.82 35.46 -9.35
N LYS GB 15 -74.66 34.99 -8.89
CA LYS GB 15 -74.55 33.60 -8.43
C LYS GB 15 -75.47 33.33 -7.25
N GLN GB 16 -75.60 34.31 -6.35
CA GLN GB 16 -76.48 34.18 -5.20
C GLN GB 16 -77.95 34.21 -5.61
N LYS GB 17 -78.31 35.04 -6.61
CA LYS GB 17 -79.71 35.18 -7.00
C LYS GB 17 -80.23 33.93 -7.69
N GLN GB 18 -79.38 33.23 -8.43
CA GLN GB 18 -79.79 32.01 -9.12
C GLN GB 18 -79.58 30.76 -8.28
N ASN GB 19 -79.17 30.92 -7.03
CA ASN GB 19 -79.03 29.80 -6.10
C ASN GB 19 -80.25 29.72 -5.19
N ARG GB 20 -81.37 29.33 -5.78
CA ARG GB 20 -82.65 29.34 -5.09
C ARG GB 20 -83.46 28.12 -5.50
N PRO GB 21 -84.43 27.72 -4.67
CA PRO GB 21 -85.31 26.62 -5.05
C PRO GB 21 -86.23 26.98 -6.20
N ILE GB 22 -86.71 25.95 -6.87
CA ILE GB 22 -87.67 26.13 -7.98
C ILE GB 22 -89.04 26.46 -7.41
N PRO GB 23 -89.79 27.38 -8.02
CA PRO GB 23 -91.14 27.68 -7.52
C PRO GB 23 -92.06 26.46 -7.61
N GLN GB 24 -92.98 26.37 -6.65
CA GLN GB 24 -93.87 25.21 -6.55
C GLN GB 24 -94.78 25.10 -7.76
N TRP GB 25 -95.26 26.23 -8.28
CA TRP GB 25 -96.21 26.21 -9.39
C TRP GB 25 -95.61 25.70 -10.69
N ILE GB 26 -94.28 25.69 -10.81
CA ILE GB 26 -93.62 25.18 -12.02
C ILE GB 26 -93.98 23.72 -12.24
N ARG GB 27 -94.11 22.96 -11.16
CA ARG GB 27 -94.38 21.53 -11.28
C ARG GB 27 -95.78 21.23 -11.78
N MET GB 28 -96.67 22.22 -11.80
CA MET GB 28 -98.03 22.02 -12.26
C MET GB 28 -98.23 22.35 -13.73
N LYS GB 29 -97.21 22.85 -14.41
CA LYS GB 29 -97.35 23.26 -15.81
C LYS GB 29 -97.47 22.04 -16.73
N THR GB 30 -98.14 22.24 -17.85
CA THR GB 30 -98.33 21.15 -18.80
C THR GB 30 -97.00 20.75 -19.42
N GLY GB 31 -96.67 19.47 -19.31
CA GLY GB 31 -95.41 18.94 -19.83
C GLY GB 31 -94.18 19.47 -19.12
N ASN GB 32 -94.22 19.57 -17.79
CA ASN GB 32 -93.13 20.19 -17.02
C ASN GB 32 -91.86 19.34 -16.99
N LYS GB 33 -91.95 18.14 -16.43
CA LYS GB 33 -90.84 17.19 -16.26
C LYS GB 33 -89.59 17.77 -15.61
N ILE GB 34 -89.74 18.77 -14.75
CA ILE GB 34 -88.63 19.33 -13.98
C ILE GB 34 -89.00 19.27 -12.51
N ARG GB 35 -88.19 18.58 -11.71
CA ARG GB 35 -88.53 18.30 -10.32
C ARG GB 35 -87.87 19.23 -9.32
N TYR GB 36 -86.60 19.57 -9.52
CA TYR GB 36 -85.89 20.45 -8.60
C TYR GB 36 -84.76 21.11 -9.35
N ASN GB 37 -84.26 22.22 -8.79
CA ASN GB 37 -83.13 22.92 -9.38
C ASN GB 37 -81.88 22.06 -9.25
N SER GB 38 -81.44 21.50 -10.36
CA SER GB 38 -80.25 20.66 -10.36
C SER GB 38 -78.96 21.48 -10.39
N LYS GB 39 -79.04 22.80 -10.52
CA LYS GB 39 -77.88 23.66 -10.50
C LYS GB 39 -77.72 24.41 -9.19
N ARG GB 40 -78.30 23.90 -8.09
CA ARG GB 40 -78.07 24.51 -6.79
C ARG GB 40 -76.60 24.34 -6.40
N ARG GB 41 -76.06 25.39 -5.80
CA ARG GB 41 -74.66 25.45 -5.40
C ARG GB 41 -74.59 25.69 -3.91
N HIS GB 42 -73.79 24.90 -3.22
CA HIS GB 42 -73.48 25.17 -1.82
C HIS GB 42 -72.06 25.67 -1.70
N TRP GB 43 -71.88 26.70 -0.88
CA TRP GB 43 -70.59 27.36 -0.75
C TRP GB 43 -69.52 26.44 -0.19
N ARG GB 44 -69.88 25.48 0.66
CA ARG GB 44 -68.90 24.55 1.20
C ARG GB 44 -68.52 23.47 0.19
N ARG GB 45 -69.50 23.00 -0.58
CA ARG GB 45 -69.32 21.80 -1.39
C ARG GB 45 -68.55 22.11 -2.67
N THR GB 46 -69.10 22.96 -3.52
CA THR GB 46 -68.50 23.30 -4.79
C THR GB 46 -68.20 24.80 -4.81
N LYS GB 47 -67.01 25.15 -5.27
CA LYS GB 47 -66.56 26.53 -5.22
C LYS GB 47 -66.80 27.23 -6.56
N LEU GB 48 -67.05 28.53 -6.47
CA LEU GB 48 -67.20 29.33 -7.68
C LEU GB 48 -65.93 29.28 -8.50
N GLY GB 49 -66.09 29.23 -9.82
CA GLY GB 49 -64.93 29.21 -10.69
C GLY GB 49 -64.03 30.39 -10.45
N LEU GB 50 -64.61 31.57 -10.29
CA LEU GB 50 -63.95 32.77 -9.82
C LEU GB 50 -62.93 32.48 -8.73
N ILE HB 1 -2.20 -64.36 44.79
CA ILE HB 1 -1.87 -65.42 45.75
C ILE HB 1 -2.84 -66.58 45.60
N ILE HB 2 -3.73 -66.49 44.61
CA ILE HB 2 -4.66 -67.57 44.33
C ILE HB 2 -3.88 -68.82 43.96
N GLU HB 3 -4.25 -69.95 44.54
CA GLU HB 3 -3.57 -71.20 44.23
C GLU HB 3 -3.75 -71.51 42.74
N PRO HB 4 -2.74 -72.06 42.08
CA PRO HB 4 -2.79 -72.17 40.60
C PRO HB 4 -3.95 -72.99 40.07
N SER HB 5 -4.45 -73.96 40.83
CA SER HB 5 -5.60 -74.73 40.37
C SER HB 5 -6.86 -73.87 40.34
N LEU HB 6 -7.07 -73.05 41.37
CA LEU HB 6 -8.22 -72.15 41.39
C LEU HB 6 -8.07 -71.04 40.36
N ARG HB 7 -6.83 -70.66 40.06
CA ARG HB 7 -6.61 -69.68 39.01
C ARG HB 7 -6.90 -70.27 37.64
N GLN HB 8 -6.64 -71.57 37.47
CA GLN HB 8 -7.02 -72.23 36.22
C GLN HB 8 -8.53 -72.37 36.12
N LEU HB 9 -9.21 -72.58 37.25
CA LEU HB 9 -10.66 -72.68 37.23
C LEU HB 9 -11.29 -71.36 36.79
N ALA HB 10 -10.84 -70.25 37.35
CA ALA HB 10 -11.40 -68.95 36.97
C ALA HB 10 -11.02 -68.57 35.55
N GLN HB 11 -9.80 -68.94 35.12
CA GLN HB 11 -9.36 -68.60 33.77
C GLN HB 11 -10.15 -69.36 32.71
N LYS HB 12 -10.70 -70.52 33.07
CA LYS HB 12 -11.54 -71.24 32.12
C LYS HB 12 -12.76 -70.43 31.73
N TYR HB 13 -13.25 -69.61 32.66
CA TYR HB 13 -14.44 -68.79 32.40
C TYR HB 13 -14.10 -67.38 31.95
N ASN HB 14 -12.97 -66.84 32.38
CA ASN HB 14 -12.66 -65.44 32.12
C ASN HB 14 -11.71 -65.25 30.95
N CYS HB 15 -10.84 -66.22 30.68
CA CYS HB 15 -9.69 -66.01 29.80
C CYS HB 15 -9.63 -66.98 28.64
N ASP HB 16 -10.00 -68.24 28.84
CA ASP HB 16 -9.81 -69.26 27.82
C ASP HB 16 -10.94 -69.25 26.81
N LYS HB 17 -10.95 -68.26 25.92
CA LYS HB 17 -12.07 -68.04 25.03
C LYS HB 17 -11.57 -67.48 23.71
N MET HB 18 -12.38 -67.66 22.66
CA MET HB 18 -12.13 -67.07 21.36
C MET HB 18 -12.91 -65.78 21.25
N ILE HB 19 -12.34 -64.78 20.59
CA ILE HB 19 -13.00 -63.50 20.37
C ILE HB 19 -13.29 -63.36 18.89
N CYS HB 20 -14.54 -63.01 18.56
CA CYS HB 20 -14.86 -62.71 17.17
C CYS HB 20 -14.17 -61.43 16.74
N ARG HB 21 -13.50 -61.49 15.59
CA ARG HB 21 -12.75 -60.36 15.09
C ARG HB 21 -13.63 -59.26 14.51
N LYS HB 22 -14.88 -59.55 14.19
CA LYS HB 22 -15.82 -58.56 13.66
C LYS HB 22 -16.71 -57.94 14.71
N CYS HB 23 -17.22 -58.71 15.68
CA CYS HB 23 -18.17 -58.17 16.66
C CYS HB 23 -17.71 -58.33 18.11
N TYR HB 24 -16.50 -58.85 18.33
CA TYR HB 24 -15.89 -58.96 19.66
C TYR HB 24 -16.63 -59.92 20.58
N ALA HB 25 -17.52 -60.76 20.05
CA ALA HB 25 -18.24 -61.70 20.89
C ALA HB 25 -17.27 -62.66 21.59
N ARG HB 26 -17.57 -62.93 22.85
CA ARG HB 26 -16.84 -63.90 23.65
C ARG HB 26 -17.37 -65.29 23.34
N LEU HB 27 -16.51 -66.15 22.82
CA LEU HB 27 -16.90 -67.47 22.34
C LEU HB 27 -16.12 -68.56 23.06
N HIS HB 28 -16.65 -69.77 23.02
CA HIS HB 28 -15.98 -70.90 23.64
C HIS HB 28 -14.67 -71.21 22.93
N PRO HB 29 -13.70 -71.80 23.63
CA PRO HB 29 -12.34 -71.92 23.07
C PRO HB 29 -12.27 -72.72 21.79
N ARG HB 30 -13.20 -73.65 21.55
CA ARG HB 30 -13.21 -74.44 20.33
C ARG HB 30 -14.04 -73.82 19.22
N ALA HB 31 -14.48 -72.58 19.37
CA ALA HB 31 -15.33 -71.95 18.38
C ALA HB 31 -14.59 -71.80 17.04
N VAL HB 32 -15.32 -72.08 15.96
CA VAL HB 32 -14.81 -71.92 14.61
C VAL HB 32 -15.58 -70.76 13.96
N ASN HB 33 -16.85 -70.64 14.28
CA ASN HB 33 -17.69 -69.56 13.78
C ASN HB 33 -18.29 -68.81 14.94
N CYS HB 34 -18.50 -67.51 14.76
CA CYS HB 34 -19.20 -66.73 15.76
C CYS HB 34 -20.69 -67.06 15.72
N ARG HB 35 -21.32 -67.03 16.90
CA ARG HB 35 -22.74 -67.31 17.04
C ARG HB 35 -23.63 -66.12 16.72
N LYS HB 36 -23.06 -64.93 16.54
CA LYS HB 36 -23.84 -63.72 16.40
C LYS HB 36 -24.26 -63.51 14.96
N LYS HB 37 -25.49 -63.03 14.78
CA LYS HB 37 -26.02 -62.74 13.45
C LYS HB 37 -25.46 -61.46 12.87
N LYS HB 38 -25.08 -60.51 13.71
CA LYS HB 38 -24.59 -59.21 13.25
C LYS HB 38 -23.31 -59.29 12.46
N CYS HB 39 -22.45 -60.29 12.72
CA CYS HB 39 -21.26 -60.49 11.92
C CYS HB 39 -21.44 -61.53 10.83
N GLY HB 40 -22.64 -62.12 10.71
CA GLY HB 40 -22.87 -63.14 9.71
C GLY HB 40 -22.28 -64.48 10.01
N HIS HB 41 -22.04 -64.78 11.30
CA HIS HB 41 -21.43 -66.05 11.72
C HIS HB 41 -20.06 -66.26 11.08
N THR HB 42 -19.24 -65.22 11.13
CA THR HB 42 -17.93 -65.25 10.49
C THR HB 42 -17.01 -66.25 11.18
N ASN HB 43 -16.07 -66.79 10.41
CA ASN HB 43 -15.04 -67.65 10.94
C ASN HB 43 -13.75 -66.88 11.23
N ASN HB 44 -13.77 -65.56 11.08
CA ASN HB 44 -12.61 -64.72 11.39
C ASN HB 44 -12.56 -64.51 12.89
N LEU HB 45 -11.93 -65.47 13.57
CA LEU HB 45 -11.86 -65.52 15.02
C LEU HB 45 -10.41 -65.38 15.46
N ARG HB 46 -10.22 -64.95 16.71
CA ARG HB 46 -8.91 -64.83 17.30
C ARG HB 46 -8.98 -65.26 18.76
N PRO HB 47 -7.90 -65.76 19.33
CA PRO HB 47 -7.89 -66.05 20.76
C PRO HB 47 -7.93 -64.77 21.58
N LYS HB 48 -8.57 -64.86 22.74
CA LYS HB 48 -8.57 -63.77 23.69
C LYS HB 48 -7.18 -63.56 24.25
N LYS HB 49 -6.73 -62.30 24.27
CA LYS HB 49 -5.36 -62.00 24.64
C LYS HB 49 -5.11 -62.29 26.11
N LYS HB 50 -4.00 -62.96 26.40
CA LYS HB 50 -3.64 -63.29 27.77
C LYS HB 50 -2.88 -62.13 28.42
N VAL HB 51 -3.05 -61.99 29.74
CA VAL HB 51 -2.37 -60.95 30.50
C VAL HB 51 -0.87 -61.16 30.59
N LYS HB 52 -0.35 -62.26 30.07
CA LYS HB 52 1.08 -62.51 30.04
C LYS HB 52 1.80 -61.47 29.17
N MET IB 1 35.86 15.27 9.14
CA MET IB 1 34.76 15.89 8.41
C MET IB 1 34.74 17.38 8.73
N ARG IB 2 34.47 18.20 7.71
CA ARG IB 2 34.45 19.64 7.88
C ARG IB 2 33.46 20.04 8.97
N ALA IB 3 33.86 20.98 9.82
CA ALA IB 3 33.05 21.36 10.96
C ALA IB 3 31.69 21.92 10.52
N LYS IB 4 31.70 22.77 9.49
CA LYS IB 4 30.46 23.39 9.04
C LYS IB 4 29.50 22.35 8.45
N TRP IB 5 30.02 21.31 7.81
CA TRP IB 5 29.15 20.23 7.35
C TRP IB 5 28.73 19.33 8.51
N ARG IB 6 29.57 19.21 9.53
CA ARG IB 6 29.13 18.53 10.75
C ARG IB 6 27.98 19.29 11.41
N LYS IB 7 28.06 20.62 11.40
CA LYS IB 7 26.95 21.43 11.87
C LYS IB 7 25.70 21.21 11.02
N LYS IB 8 25.86 21.16 9.70
CA LYS IB 8 24.71 20.95 8.83
C LYS IB 8 24.11 19.57 9.03
N ARG IB 9 24.95 18.54 9.17
CA ARG IB 9 24.46 17.20 9.44
C ARG IB 9 23.73 17.16 10.79
N MET IB 10 24.22 17.92 11.75
CA MET IB 10 23.61 17.92 13.06
C MET IB 10 22.30 18.71 13.06
N ARG IB 11 22.21 19.77 12.27
CA ARG IB 11 20.95 20.52 12.20
C ARG IB 11 19.83 19.68 11.60
N ARG IB 12 20.13 18.94 10.53
CA ARG IB 12 19.08 18.17 9.89
C ARG IB 12 18.68 16.96 10.71
N LEU IB 13 19.57 16.47 11.57
CA LEU IB 13 19.19 15.41 12.48
C LEU IB 13 18.39 15.96 13.66
N LYS IB 14 18.69 17.19 14.08
CA LYS IB 14 17.86 17.84 15.10
C LYS IB 14 16.44 18.06 14.60
N ARG IB 15 16.30 18.45 13.33
CA ARG IB 15 14.99 18.67 12.76
C ARG IB 15 14.22 17.36 12.62
N LYS IB 16 14.92 16.28 12.28
CA LYS IB 16 14.29 14.97 12.25
C LYS IB 16 13.82 14.57 13.64
N ARG IB 17 14.60 14.88 14.67
CA ARG IB 17 14.21 14.56 16.03
C ARG IB 17 12.98 15.35 16.46
N ARG IB 18 12.91 16.63 16.06
CA ARG IB 18 11.74 17.44 16.35
C ARG IB 18 10.50 16.87 15.68
N LYS IB 19 10.60 16.49 14.42
CA LYS IB 19 9.45 15.94 13.70
C LYS IB 19 9.00 14.62 14.30
N MET IB 20 9.97 13.79 14.74
CA MET IB 20 9.60 12.54 15.41
C MET IB 20 8.89 12.80 16.72
N ARG IB 21 9.37 13.77 17.50
CA ARG IB 21 8.80 14.02 18.82
C ARG IB 21 7.44 14.68 18.72
N GLN IB 22 7.26 15.58 17.76
CA GLN IB 22 5.95 16.18 17.54
C GLN IB 22 4.91 15.14 17.15
N ARG IB 23 5.34 14.04 16.53
CA ARG IB 23 4.43 13.00 16.11
C ARG IB 23 3.77 12.32 17.31
N SER IB 24 4.45 12.30 18.44
CA SER IB 24 3.90 11.69 19.65
C SER IB 24 3.54 12.74 20.69
N VAL JB 1 2.97 -15.05 -59.56
CA VAL JB 1 3.02 -15.75 -60.84
C VAL JB 1 3.80 -14.93 -61.86
N ASN JB 2 4.31 -15.61 -62.88
CA ASN JB 2 5.11 -14.98 -63.93
C ASN JB 2 4.47 -15.29 -65.28
N VAL JB 3 4.17 -14.24 -66.04
CA VAL JB 3 3.48 -14.38 -67.32
C VAL JB 3 4.33 -13.76 -68.42
N PRO JB 4 4.55 -14.46 -69.54
CA PRO JB 4 5.34 -13.87 -70.62
C PRO JB 4 4.64 -12.70 -71.29
N LYS JB 5 5.46 -11.75 -71.79
CA LYS JB 5 4.98 -10.53 -72.41
C LYS JB 5 4.32 -10.75 -73.77
N THR JB 6 4.49 -11.91 -74.38
CA THR JB 6 3.82 -12.24 -75.63
C THR JB 6 3.24 -13.63 -75.53
N ARG JB 7 2.20 -13.87 -76.33
CA ARG JB 7 1.65 -15.20 -76.43
C ARG JB 7 0.88 -15.33 -77.73
N ARG JB 8 0.94 -16.51 -78.31
CA ARG JB 8 0.19 -16.85 -79.51
C ARG JB 8 -1.14 -17.44 -79.07
N THR JB 9 -2.23 -16.75 -79.37
CA THR JB 9 -3.54 -17.20 -78.95
C THR JB 9 -4.57 -16.70 -79.95
N PHE JB 10 -5.81 -17.10 -79.75
CA PHE JB 10 -6.86 -16.81 -80.72
C PHE JB 10 -7.19 -15.32 -80.75
N CYS JB 11 -7.33 -14.79 -81.96
CA CYS JB 11 -7.82 -13.44 -82.17
C CYS JB 11 -9.20 -13.52 -82.81
N LYS JB 12 -10.20 -12.97 -82.13
CA LYS JB 12 -11.56 -13.05 -82.66
C LYS JB 12 -11.73 -12.22 -83.93
N LYS JB 13 -10.87 -11.22 -84.15
CA LYS JB 13 -10.99 -10.40 -85.35
C LYS JB 13 -10.42 -11.09 -86.57
N CYS JB 14 -9.20 -11.61 -86.47
CA CYS JB 14 -8.64 -12.44 -87.53
C CYS JB 14 -9.30 -13.80 -87.61
N GLY JB 15 -9.95 -14.26 -86.54
CA GLY JB 15 -10.55 -15.57 -86.52
C GLY JB 15 -9.55 -16.71 -86.49
N LYS JB 16 -8.36 -16.49 -85.95
CA LYS JB 16 -7.33 -17.51 -85.91
C LYS JB 16 -6.28 -17.10 -84.88
N HIS JB 17 -5.31 -17.98 -84.66
CA HIS JB 17 -4.27 -17.74 -83.67
C HIS JB 17 -3.25 -16.74 -84.20
N GLN JB 18 -2.95 -15.73 -83.39
CA GLN JB 18 -1.99 -14.69 -83.72
C GLN JB 18 -1.11 -14.39 -82.53
N PRO JB 19 0.09 -13.86 -82.77
CA PRO JB 19 0.87 -13.30 -81.65
C PRO JB 19 0.13 -12.14 -81.01
N HIS JB 20 0.22 -12.06 -79.69
CA HIS JB 20 -0.42 -11.01 -78.90
C HIS JB 20 0.61 -10.39 -77.99
N LYS JB 21 0.54 -9.08 -77.81
CA LYS JB 21 1.28 -8.45 -76.74
C LYS JB 21 0.47 -8.56 -75.46
N VAL JB 22 1.16 -8.78 -74.34
CA VAL JB 22 0.51 -8.99 -73.05
C VAL JB 22 0.91 -7.84 -72.13
N THR JB 23 -0.09 -7.09 -71.68
CA THR JB 23 0.10 -6.07 -70.66
C THR JB 23 -0.94 -6.28 -69.57
N GLN JB 24 -0.74 -5.63 -68.43
CA GLN JB 24 -1.69 -5.73 -67.34
C GLN JB 24 -2.76 -4.66 -67.47
N TYR JB 25 -4.01 -5.07 -67.29
CA TYR JB 25 -5.14 -4.15 -67.33
C TYR JB 25 -5.14 -3.31 -66.06
N LYS JB 26 -5.33 -2.01 -66.21
CA LYS JB 26 -5.52 -1.09 -65.11
C LYS JB 26 -6.86 -0.41 -65.24
N LYS JB 27 -7.63 -0.37 -64.16
CA LYS JB 27 -8.93 0.27 -64.20
C LYS JB 27 -8.79 1.74 -64.56
N GLY JB 28 -9.62 2.18 -65.50
CA GLY JB 28 -9.56 3.54 -65.99
C GLY JB 28 -10.13 4.55 -65.01
N LYS JB 29 -9.94 5.82 -65.35
CA LYS JB 29 -10.42 6.92 -64.53
C LYS JB 29 -11.93 7.09 -64.67
N ASP JB 30 -12.59 7.38 -63.56
CA ASP JB 30 -14.03 7.57 -63.56
C ASP JB 30 -14.42 8.85 -64.30
N SER JB 31 -15.49 8.76 -65.10
CA SER JB 31 -15.74 9.76 -66.14
C SER JB 31 -16.25 11.08 -65.59
N LEU JB 32 -17.06 11.05 -64.53
CA LEU JB 32 -17.81 12.19 -64.00
C LEU JB 32 -19.06 12.51 -64.81
N TYR JB 33 -19.23 11.89 -65.98
CA TYR JB 33 -20.45 12.03 -66.75
C TYR JB 33 -21.09 10.70 -67.08
N ALA JB 34 -20.61 9.61 -66.50
CA ALA JB 34 -21.36 8.37 -66.51
C ALA JB 34 -22.69 8.59 -65.80
N GLN JB 35 -23.72 7.90 -66.30
CA GLN JB 35 -25.07 8.12 -65.78
C GLN JB 35 -25.13 7.87 -64.28
N GLY JB 36 -24.43 6.84 -63.80
CA GLY JB 36 -24.45 6.54 -62.38
C GLY JB 36 -23.74 7.58 -61.53
N LYS JB 37 -22.62 8.12 -62.03
CA LYS JB 37 -21.96 9.21 -61.32
C LYS JB 37 -22.83 10.46 -61.31
N ARG JB 38 -23.54 10.72 -62.41
CA ARG JB 38 -24.44 11.86 -62.47
C ARG JB 38 -25.60 11.70 -61.48
N ARG JB 39 -26.19 10.51 -61.40
CA ARG JB 39 -27.25 10.28 -60.42
C ARG JB 39 -26.74 10.44 -59.01
N TYR JB 40 -25.55 9.90 -58.74
CA TYR JB 40 -24.94 10.01 -57.42
C TYR JB 40 -24.70 11.48 -57.04
N ASP JB 41 -24.21 12.28 -57.98
CA ASP JB 41 -23.89 13.67 -57.68
C ASP JB 41 -25.15 14.47 -57.34
N ARG JB 42 -26.23 14.25 -58.10
CA ARG JB 42 -27.49 14.93 -57.83
C ARG JB 42 -28.06 14.52 -56.48
N LYS JB 43 -27.97 13.22 -56.16
CA LYS JB 43 -28.48 12.72 -54.89
C LYS JB 43 -27.70 13.27 -53.70
N GLN JB 44 -26.41 13.52 -53.89
CA GLN JB 44 -25.55 13.98 -52.80
C GLN JB 44 -25.62 15.48 -52.57
N SER JB 45 -26.25 16.24 -53.46
CA SER JB 45 -26.34 17.67 -53.26
C SER JB 45 -27.44 18.01 -52.27
N GLY JB 46 -27.31 19.14 -51.59
CA GLY JB 46 -28.25 19.52 -50.57
C GLY JB 46 -28.03 18.81 -49.25
N TYR JB 47 -29.09 18.68 -48.47
CA TYR JB 47 -28.99 18.14 -47.11
C TYR JB 47 -29.43 16.69 -47.07
N GLY JB 48 -28.88 15.96 -46.11
CA GLY JB 48 -29.19 14.55 -45.95
C GLY JB 48 -27.96 13.68 -45.81
N GLY JB 49 -26.78 14.30 -45.93
CA GLY JB 49 -25.55 13.58 -45.74
C GLY JB 49 -25.28 12.53 -46.80
N GLN JB 50 -24.67 11.42 -46.36
CA GLN JB 50 -24.33 10.35 -47.27
C GLN JB 50 -25.59 9.57 -47.67
N THR JB 51 -25.82 9.45 -48.97
CA THR JB 51 -27.06 8.89 -49.48
C THR JB 51 -26.92 7.46 -49.99
N LYS JB 52 -25.70 6.97 -50.18
CA LYS JB 52 -25.41 5.62 -50.63
C LYS JB 52 -24.50 4.94 -49.62
N PRO JB 53 -24.47 3.61 -49.60
CA PRO JB 53 -23.55 2.91 -48.70
C PRO JB 53 -22.09 3.18 -49.03
N ILE JB 54 -21.25 3.12 -47.99
CA ILE JB 54 -19.80 3.14 -48.14
C ILE JB 54 -19.27 1.85 -47.51
N PHE JB 55 -18.66 1.00 -48.34
CA PHE JB 55 -18.47 -0.42 -48.02
C PHE JB 55 -17.68 -0.68 -46.74
N ARG JB 56 -16.40 -0.31 -46.71
CA ARG JB 56 -15.56 -0.34 -45.50
C ARG JB 56 -15.63 -1.67 -44.72
N LYS JB 57 -15.57 -2.80 -45.43
CA LYS JB 57 -15.35 -4.09 -44.77
C LYS JB 57 -14.09 -4.77 -45.26
N LYS JB 58 -13.92 -4.98 -46.56
CA LYS JB 58 -12.63 -5.33 -47.17
C LYS JB 58 -12.05 -6.64 -46.61
N ALA JB 59 -12.63 -7.75 -47.10
CA ALA JB 59 -12.09 -9.06 -46.76
C ALA JB 59 -10.94 -9.47 -47.69
N LYS JB 60 -11.04 -9.20 -48.99
CA LYS JB 60 -10.08 -9.71 -49.96
C LYS JB 60 -8.70 -9.05 -49.79
N THR JB 61 -7.66 -9.85 -49.94
CA THR JB 61 -6.28 -9.36 -49.94
C THR JB 61 -5.64 -9.38 -51.32
N THR JB 62 -6.30 -9.94 -52.33
CA THR JB 62 -5.78 -10.03 -53.68
C THR JB 62 -6.84 -9.51 -54.65
N LYS JB 63 -6.43 -9.36 -55.90
CA LYS JB 63 -7.36 -9.12 -57.00
C LYS JB 63 -7.10 -10.15 -58.09
N LYS JB 64 -8.11 -10.38 -58.90
CA LYS JB 64 -7.94 -11.17 -60.11
C LYS JB 64 -7.17 -10.35 -61.12
N ILE JB 65 -6.02 -10.85 -61.56
CA ILE JB 65 -5.22 -10.14 -62.56
C ILE JB 65 -5.89 -10.27 -63.91
N VAL JB 66 -6.04 -9.15 -64.62
CA VAL JB 66 -6.57 -9.14 -65.97
C VAL JB 66 -5.47 -8.76 -66.92
N LEU JB 67 -5.20 -9.62 -67.89
CA LEU JB 67 -4.24 -9.36 -68.93
C LEU JB 67 -4.94 -8.69 -70.09
N ARG JB 68 -4.28 -7.70 -70.67
CA ARG JB 68 -4.74 -7.05 -71.88
C ARG JB 68 -3.91 -7.61 -73.04
N LEU JB 69 -4.59 -8.33 -73.93
CA LEU JB 69 -3.94 -8.93 -75.10
C LEU JB 69 -4.24 -8.07 -76.31
N GLU JB 70 -3.20 -7.63 -77.01
CA GLU JB 70 -3.38 -6.89 -78.26
C GLU JB 70 -2.77 -7.70 -79.39
N CYS JB 71 -3.59 -8.02 -80.38
CA CYS JB 71 -3.09 -8.72 -81.57
C CYS JB 71 -2.05 -7.85 -82.27
N VAL JB 72 -0.90 -8.45 -82.59
CA VAL JB 72 0.21 -7.68 -83.14
C VAL JB 72 0.12 -7.46 -84.63
N GLU JB 73 -0.88 -8.03 -85.28
CA GLU JB 73 -1.09 -7.82 -86.71
C GLU JB 73 -1.32 -6.34 -87.00
N PRO JB 74 -0.55 -5.71 -87.89
CA PRO JB 74 -0.73 -4.28 -88.14
C PRO JB 74 -2.15 -3.88 -88.49
N ASN JB 75 -2.86 -4.66 -89.31
CA ASN JB 75 -4.18 -4.25 -89.77
C ASN JB 75 -5.23 -4.38 -88.69
N CYS JB 76 -5.17 -5.45 -87.91
CA CYS JB 76 -6.07 -5.64 -86.78
C CYS JB 76 -5.26 -5.60 -85.50
N ARG JB 77 -5.52 -4.59 -84.67
CA ARG JB 77 -4.89 -4.49 -83.36
C ARG JB 77 -5.92 -4.74 -82.28
N SER JB 78 -6.77 -5.73 -82.52
CA SER JB 78 -7.86 -6.03 -81.62
C SER JB 78 -7.34 -6.37 -80.22
N LYS JB 79 -8.07 -5.90 -79.22
CA LYS JB 79 -7.72 -6.11 -77.83
C LYS JB 79 -8.73 -7.01 -77.16
N ARG JB 80 -8.29 -7.69 -76.11
CA ARG JB 80 -9.16 -8.58 -75.34
C ARG JB 80 -8.69 -8.62 -73.90
N MET JB 81 -9.66 -8.68 -72.99
CA MET JB 81 -9.42 -8.92 -71.58
C MET JB 81 -9.30 -10.42 -71.35
N LEU JB 82 -8.33 -10.81 -70.52
CA LEU JB 82 -8.17 -12.20 -70.12
C LEU JB 82 -7.77 -12.24 -68.65
N ALA JB 83 -8.62 -12.82 -67.82
CA ALA JB 83 -8.40 -12.87 -66.38
C ALA JB 83 -7.71 -14.17 -66.00
N ILE JB 84 -6.84 -14.10 -65.01
CA ILE JB 84 -6.23 -15.27 -64.42
C ILE JB 84 -6.59 -15.30 -62.95
N LYS JB 85 -6.13 -16.34 -62.26
CA LYS JB 85 -6.53 -16.56 -60.87
C LYS JB 85 -5.93 -15.49 -59.96
N ARG JB 86 -6.46 -15.45 -58.74
CA ARG JB 86 -5.94 -14.56 -57.72
C ARG JB 86 -4.47 -14.86 -57.44
N CYS JB 87 -3.68 -13.81 -57.28
CA CYS JB 87 -2.29 -14.00 -56.87
C CYS JB 87 -1.84 -12.78 -56.09
N LYS JB 88 -0.89 -13.00 -55.17
CA LYS JB 88 -0.38 -11.90 -54.36
C LYS JB 88 0.73 -11.15 -55.07
N HIS JB 89 1.52 -11.85 -55.87
CA HIS JB 89 2.62 -11.25 -56.61
C HIS JB 89 2.47 -11.62 -58.08
N PHE JB 90 2.43 -10.61 -58.93
CA PHE JB 90 2.31 -10.80 -60.37
C PHE JB 90 3.43 -10.04 -61.05
N GLU JB 91 4.02 -10.67 -62.06
CA GLU JB 91 5.01 -10.01 -62.89
C GLU JB 91 4.81 -10.45 -64.33
N LEU JB 92 5.30 -9.64 -65.25
CA LEU JB 92 5.10 -9.83 -66.68
C LEU JB 92 6.46 -9.92 -67.33
N GLY JB 93 6.74 -11.04 -68.00
CA GLY JB 93 8.01 -11.24 -68.65
C GLY JB 93 9.19 -11.30 -67.71
N GLY JB 94 9.00 -11.83 -66.50
CA GLY JB 94 10.10 -12.04 -65.59
C GLY JB 94 11.02 -13.16 -66.05
N ASP JB 95 12.16 -13.26 -65.38
CA ASP JB 95 13.18 -14.24 -65.74
C ASP JB 95 12.64 -15.65 -65.52
N LYS JB 96 12.76 -16.48 -66.54
CA LYS JB 96 12.25 -17.85 -66.43
C LYS JB 96 13.16 -18.68 -65.53
N LYS JB 97 12.54 -19.60 -64.79
CA LYS JB 97 13.29 -20.41 -63.85
C LYS JB 97 14.03 -21.53 -64.56
N ARG JB 98 15.11 -22.00 -63.94
CA ARG JB 98 15.93 -23.08 -64.44
C ARG JB 98 16.20 -24.07 -63.31
N LYS JB 99 16.39 -25.34 -63.67
CA LYS JB 99 16.25 -26.45 -62.73
C LYS JB 99 17.56 -26.95 -62.15
N GLY JB 100 18.68 -26.88 -62.88
CA GLY JB 100 19.86 -27.56 -62.41
C GLY JB 100 21.02 -26.69 -61.99
N GLN JB 101 20.73 -25.60 -61.28
CA GLN JB 101 21.74 -24.59 -60.96
C GLN JB 101 21.78 -24.35 -59.46
N VAL JB 102 22.92 -23.83 -59.01
CA VAL JB 102 23.21 -23.64 -57.59
C VAL JB 102 22.43 -22.44 -57.09
N ILE JB 103 21.56 -22.67 -56.11
CA ILE JB 103 20.79 -21.61 -55.45
C ILE JB 103 20.71 -21.98 -53.98
N GLN JB 104 21.38 -21.21 -53.12
CA GLN JB 104 22.20 -20.03 -53.38
C GLN JB 104 23.23 -19.93 -52.24
N PHE JB 105 23.87 -18.78 -52.10
CA PHE JB 105 24.88 -18.57 -51.06
C PHE JB 105 24.33 -18.86 -49.67
N ALA KB 1 -6.07 45.92 32.80
CA ALA KB 1 -4.99 44.99 32.55
C ALA KB 1 -4.91 44.61 31.08
N LYS KB 2 -3.78 44.04 30.67
CA LYS KB 2 -3.59 43.55 29.30
C LYS KB 2 -4.61 42.43 29.08
N ARG KB 3 -5.38 42.53 28.00
CA ARG KB 3 -6.46 41.56 27.81
C ARG KB 3 -6.09 40.46 26.82
N THR KB 4 -5.34 40.79 25.76
CA THR KB 4 -4.82 39.80 24.84
C THR KB 4 -3.32 40.01 24.69
N LYS KB 5 -2.61 38.91 24.46
CA LYS KB 5 -1.16 38.95 24.36
C LYS KB 5 -0.70 39.51 23.02
N LYS KB 6 -1.26 39.01 21.92
CA LYS KB 6 -0.84 39.42 20.59
C LYS KB 6 -1.97 39.66 19.63
N VAL KB 7 -3.19 39.23 19.93
CA VAL KB 7 -4.23 39.18 18.92
C VAL KB 7 -4.87 40.56 18.72
N GLY KB 8 -5.08 41.30 19.80
CA GLY KB 8 -5.55 42.68 19.67
C GLY KB 8 -6.94 42.76 19.08
N ILE KB 9 -7.08 43.59 18.05
CA ILE KB 9 -8.39 43.89 17.50
C ILE KB 9 -9.03 42.69 16.78
N VAL KB 10 -8.25 41.71 16.35
CA VAL KB 10 -8.82 40.60 15.59
C VAL KB 10 -9.22 39.47 16.55
N GLY KB 11 -9.27 39.79 17.84
CA GLY KB 11 -9.89 38.88 18.80
C GLY KB 11 -11.37 38.69 18.60
N LYS KB 12 -12.02 39.57 17.85
CA LYS KB 12 -13.41 39.37 17.49
C LYS KB 12 -13.59 38.15 16.59
N TYR KB 13 -12.54 37.70 15.91
CA TYR KB 13 -12.62 36.56 15.02
C TYR KB 13 -12.34 35.23 15.73
N GLY KB 14 -12.02 35.25 17.02
CA GLY KB 14 -11.82 34.02 17.75
C GLY KB 14 -10.69 33.19 17.14
N THR KB 15 -11.00 31.92 16.89
CA THR KB 15 -10.05 30.97 16.34
C THR KB 15 -10.24 30.74 14.85
N ARG KB 16 -11.02 31.58 14.18
CA ARG KB 16 -11.41 31.35 12.79
C ARG KB 16 -10.39 31.93 11.83
N TYR KB 17 -10.42 31.39 10.61
CA TYR KB 17 -9.83 31.93 9.39
C TYR KB 17 -8.31 31.77 9.29
N GLY KB 18 -7.66 31.35 10.36
CA GLY KB 18 -6.22 31.16 10.27
C GLY KB 18 -5.44 32.34 10.79
N ALA KB 19 -4.32 32.04 11.44
CA ALA KB 19 -3.53 33.06 12.12
C ALA KB 19 -2.94 34.07 11.15
N SER KB 20 -2.44 33.60 10.00
CA SER KB 20 -1.87 34.50 9.01
C SER KB 20 -2.92 35.42 8.41
N LEU KB 21 -4.12 34.90 8.16
CA LEU KB 21 -5.20 35.74 7.64
C LEU KB 21 -5.67 36.74 8.68
N ARG KB 22 -5.77 36.31 9.95
CA ARG KB 22 -6.13 37.24 11.01
C ARG KB 22 -5.06 38.29 11.24
N LYS KB 23 -3.79 37.88 11.16
CA LYS KB 23 -2.69 38.83 11.32
C LYS KB 23 -2.66 39.85 10.20
N MET KB 24 -2.86 39.39 8.96
CA MET KB 24 -2.85 40.29 7.82
C MET KB 24 -4.02 41.28 7.89
N VAL KB 25 -5.19 40.82 8.31
CA VAL KB 25 -6.33 41.71 8.45
C VAL KB 25 -6.21 42.64 9.66
N LYS KB 26 -5.36 42.30 10.64
CA LYS KB 26 -5.26 43.11 11.84
C LYS KB 26 -4.74 44.51 11.54
N LYS KB 27 -3.72 44.61 10.68
CA LYS KB 27 -3.17 45.92 10.34
C LYS KB 27 -4.18 46.75 9.56
N ILE KB 28 -4.94 46.12 8.67
CA ILE KB 28 -6.00 46.81 7.94
C ILE KB 28 -7.09 47.29 8.90
N GLU KB 29 -7.49 46.43 9.84
CA GLU KB 29 -8.59 46.78 10.74
C GLU KB 29 -8.20 47.96 11.63
N ILE KB 30 -6.93 48.07 12.00
CA ILE KB 30 -6.48 49.21 12.80
C ILE KB 30 -6.51 50.48 11.98
N SER KB 31 -6.02 50.40 10.73
CA SER KB 31 -5.87 51.61 9.93
C SER KB 31 -7.21 52.14 9.46
N GLN KB 32 -8.15 51.26 9.11
CA GLN KB 32 -9.44 51.71 8.59
C GLN KB 32 -10.36 52.25 9.67
N HIS KB 33 -10.12 51.91 10.93
CA HIS KB 33 -10.92 52.40 12.03
C HIS KB 33 -10.23 53.50 12.83
N ALA KB 34 -9.06 53.94 12.37
CA ALA KB 34 -8.30 54.96 13.08
C ALA KB 34 -8.91 56.34 12.84
N LYS KB 35 -8.69 57.22 13.80
CA LYS KB 35 -9.00 58.63 13.66
C LYS KB 35 -7.73 59.35 13.22
N TYR KB 36 -7.80 60.04 12.10
CA TYR KB 36 -6.66 60.77 11.57
C TYR KB 36 -6.78 62.25 11.90
N THR KB 37 -5.62 62.91 11.92
CA THR KB 37 -5.60 64.36 12.05
C THR KB 37 -6.08 64.97 10.74
N CYS KB 38 -7.16 65.73 10.82
CA CYS KB 38 -7.61 66.46 9.65
C CYS KB 38 -6.58 67.52 9.29
N SER KB 39 -6.09 67.49 8.06
CA SER KB 39 -5.15 68.49 7.61
C SER KB 39 -5.81 69.84 7.38
N PHE KB 40 -7.14 69.88 7.25
CA PHE KB 40 -7.85 71.13 7.00
C PHE KB 40 -8.14 71.92 8.26
N CYS KB 41 -8.50 71.27 9.36
CA CYS KB 41 -8.82 71.96 10.59
C CYS KB 41 -7.93 71.60 11.78
N GLY KB 42 -7.17 70.51 11.70
CA GLY KB 42 -6.25 70.13 12.75
C GLY KB 42 -6.80 69.19 13.79
N LYS KB 43 -8.12 69.00 13.85
CA LYS KB 43 -8.70 68.08 14.80
C LYS KB 43 -8.45 66.63 14.39
N THR KB 44 -8.49 65.74 15.37
CA THR KB 44 -8.34 64.31 15.12
C THR KB 44 -9.72 63.67 14.91
N LYS KB 45 -10.37 64.09 13.83
CA LYS KB 45 -11.75 63.69 13.56
C LYS KB 45 -11.93 63.11 12.17
N MET KB 46 -10.85 62.90 11.42
CA MET KB 46 -10.95 62.38 10.06
C MET KB 46 -11.07 60.86 10.14
N LYS KB 47 -12.24 60.34 9.82
CA LYS KB 47 -12.49 58.91 9.88
C LYS KB 47 -13.22 58.43 8.64
N ARG KB 48 -13.08 57.14 8.36
CA ARG KB 48 -13.63 56.56 7.14
C ARG KB 48 -15.14 56.42 7.23
N ARG KB 49 -15.81 56.81 6.15
CA ARG KB 49 -17.26 56.68 6.03
C ARG KB 49 -17.62 55.46 5.19
N ALA KB 50 -16.93 55.27 4.09
CA ALA KB 50 -17.00 54.08 3.26
C ALA KB 50 -15.62 53.88 2.63
N VAL KB 51 -15.47 52.80 1.88
CA VAL KB 51 -14.18 52.49 1.27
C VAL KB 51 -13.77 53.64 0.36
N GLY KB 52 -12.60 54.21 0.62
CA GLY KB 52 -12.09 55.33 -0.14
C GLY KB 52 -12.63 56.69 0.25
N ILE KB 53 -13.50 56.77 1.24
CA ILE KB 53 -14.17 58.03 1.61
C ILE KB 53 -13.83 58.34 3.06
N TRP KB 54 -13.19 59.48 3.28
CA TRP KB 54 -12.79 59.92 4.59
C TRP KB 54 -13.44 61.26 4.88
N HIS KB 55 -14.06 61.38 6.06
CA HIS KB 55 -14.85 62.53 6.42
C HIS KB 55 -14.41 63.03 7.78
N CYS KB 56 -14.33 64.34 7.93
CA CYS KB 56 -14.03 64.96 9.21
C CYS KB 56 -15.33 65.38 9.87
N GLY KB 57 -15.58 64.87 11.08
CA GLY KB 57 -16.77 65.26 11.80
C GLY KB 57 -16.78 66.70 12.25
N SER KB 58 -15.61 67.32 12.35
CA SER KB 58 -15.52 68.69 12.85
C SER KB 58 -15.81 69.71 11.75
N CYS KB 59 -14.99 69.75 10.71
CA CYS KB 59 -15.15 70.73 9.65
C CYS KB 59 -16.02 70.24 8.50
N MET KB 60 -16.46 68.98 8.55
CA MET KB 60 -17.42 68.42 7.61
C MET KB 60 -16.86 68.36 6.18
N LYS KB 61 -15.56 68.13 6.10
CA LYS KB 61 -14.87 68.01 4.81
C LYS KB 61 -14.76 66.53 4.47
N THR KB 62 -15.17 66.18 3.26
CA THR KB 62 -15.04 64.81 2.78
C THR KB 62 -13.88 64.71 1.79
N VAL KB 63 -13.10 63.64 1.91
CA VAL KB 63 -11.90 63.48 1.13
C VAL KB 63 -11.93 62.11 0.46
N ALA KB 64 -11.48 62.04 -0.79
CA ALA KB 64 -11.30 60.76 -1.44
C ALA KB 64 -9.90 60.22 -1.15
N GLY KB 65 -9.85 59.12 -0.42
CA GLY KB 65 -8.57 58.54 -0.01
C GLY KB 65 -8.46 57.06 -0.30
N GLY KB 66 -7.63 56.36 0.45
CA GLY KB 66 -7.45 54.95 0.24
C GLY KB 66 -8.58 54.12 0.80
N ALA KB 67 -8.57 52.83 0.43
CA ALA KB 67 -9.58 51.91 0.94
C ALA KB 67 -9.50 51.76 2.46
N TRP KB 68 -8.29 51.64 3.00
CA TRP KB 68 -8.08 51.36 4.41
C TRP KB 68 -7.26 52.41 5.12
N THR KB 69 -6.58 53.30 4.40
CA THR KB 69 -5.83 54.37 4.99
C THR KB 69 -6.30 55.68 4.38
N TYR KB 70 -6.18 56.76 5.14
CA TYR KB 70 -6.50 58.08 4.60
C TYR KB 70 -5.68 58.38 3.35
N ASN KB 71 -4.43 57.91 3.33
CA ASN KB 71 -3.51 58.12 2.22
C ASN KB 71 -3.00 56.77 1.75
N THR KB 72 -2.86 56.61 0.44
CA THR KB 72 -2.06 55.51 -0.06
C THR KB 72 -0.68 56.01 -0.43
N THR KB 73 0.28 55.08 -0.39
CA THR KB 73 1.65 55.42 -0.76
C THR KB 73 1.73 55.83 -2.23
N SER KB 74 0.95 55.17 -3.08
CA SER KB 74 0.95 55.50 -4.50
C SER KB 74 0.43 56.91 -4.76
N ALA KB 75 -0.67 57.29 -4.12
CA ALA KB 75 -1.25 58.62 -4.35
C ALA KB 75 -0.31 59.72 -3.87
N VAL KB 76 0.35 59.52 -2.74
CA VAL KB 76 1.31 60.50 -2.25
C VAL KB 76 2.48 60.64 -3.20
N THR KB 77 2.99 59.53 -3.73
CA THR KB 77 4.06 59.59 -4.72
C THR KB 77 3.60 60.31 -5.97
N VAL KB 78 2.39 60.00 -6.44
CA VAL KB 78 1.87 60.61 -7.65
C VAL KB 78 1.71 62.12 -7.47
N LYS KB 79 1.22 62.56 -6.31
CA LYS KB 79 1.02 63.98 -6.08
C LYS KB 79 2.33 64.75 -6.16
N SER KB 80 3.42 64.18 -5.63
CA SER KB 80 4.71 64.85 -5.72
C SER KB 80 5.26 64.80 -7.15
N ALA KB 81 5.01 63.70 -7.86
CA ALA KB 81 5.48 63.58 -9.24
C ALA KB 81 4.77 64.57 -10.16
N ILE KB 82 3.46 64.76 -9.96
CA ILE KB 82 2.71 65.72 -10.77
C ILE KB 82 3.17 67.14 -10.47
N ARG KB 83 3.48 67.43 -9.21
CA ARG KB 83 3.98 68.74 -8.85
C ARG KB 83 5.32 69.04 -9.52
N ARG KB 84 6.19 68.02 -9.60
CA ARG KB 84 7.44 68.19 -10.32
C ARG KB 84 7.20 68.39 -11.81
N LEU KB 85 6.26 67.64 -12.39
CA LEU KB 85 5.96 67.79 -13.81
C LEU KB 85 5.39 69.16 -14.12
N LYS KB 86 4.50 69.67 -13.26
CA LYS KB 86 3.98 71.02 -13.45
C LYS KB 86 5.09 72.06 -13.33
N GLU KB 87 5.96 71.89 -12.34
CA GLU KB 87 7.07 72.82 -12.15
C GLU KB 87 8.04 72.78 -13.32
N LEU KB 88 8.17 71.63 -13.97
CA LEU KB 88 9.08 71.52 -15.11
C LEU KB 88 8.49 72.11 -16.38
N LYS KB 89 7.17 72.27 -16.43
CA LYS KB 89 6.54 72.85 -17.61
C LYS KB 89 6.79 74.35 -17.72
N ASP KB 90 6.83 75.06 -16.60
CA ASP KB 90 7.10 76.49 -16.59
C ASP KB 90 8.53 76.75 -16.16
N GLN KB 91 8.99 77.97 -16.42
CA GLN KB 91 10.34 78.40 -16.06
C GLN KB 91 10.34 79.79 -15.44
N SER LB 1 -95.20 -26.81 -70.55
CA SER LB 1 -94.87 -28.19 -70.23
C SER LB 1 -94.87 -28.41 -68.73
N ALA LB 2 -95.48 -29.52 -68.29
CA ALA LB 2 -95.60 -29.80 -66.87
C ALA LB 2 -94.23 -29.95 -66.21
N HIS LB 3 -93.31 -30.64 -66.89
CA HIS LB 3 -91.98 -30.83 -66.33
C HIS LB 3 -91.22 -29.52 -66.24
N LEU LB 4 -91.40 -28.63 -67.22
CA LEU LB 4 -90.77 -27.32 -67.14
C LEU LB 4 -91.39 -26.48 -66.03
N GLN LB 5 -92.71 -26.51 -65.90
CA GLN LB 5 -93.38 -25.72 -64.87
C GLN LB 5 -93.07 -26.26 -63.48
N TRP LB 6 -92.92 -27.58 -63.35
CA TRP LB 6 -92.57 -28.16 -62.05
C TRP LB 6 -91.21 -27.67 -61.57
N MET LB 7 -90.24 -27.56 -62.48
CA MET LB 7 -88.94 -27.02 -62.11
C MET LB 7 -89.05 -25.61 -61.56
N VAL LB 8 -90.06 -24.84 -61.99
CA VAL LB 8 -90.21 -23.48 -61.49
C VAL LB 8 -90.81 -23.49 -60.08
N VAL LB 9 -91.87 -24.27 -59.85
CA VAL LB 9 -92.68 -24.13 -58.65
C VAL LB 9 -92.32 -25.14 -57.56
N ARG LB 10 -91.48 -26.14 -57.87
CA ARG LB 10 -91.27 -27.24 -56.92
C ARG LB 10 -90.80 -26.76 -55.56
N ASN LB 11 -89.98 -25.70 -55.52
CA ASN LB 11 -89.55 -25.12 -54.27
C ASN LB 11 -89.92 -23.65 -54.12
N CYS LB 12 -90.79 -23.11 -54.96
CA CYS LB 12 -91.13 -21.69 -54.95
C CYS LB 12 -92.57 -21.54 -55.42
N SER LB 13 -93.50 -21.42 -54.48
CA SER LB 13 -94.91 -21.32 -54.80
C SER LB 13 -95.64 -20.71 -53.63
N SER LB 14 -96.74 -20.01 -53.92
CA SER LB 14 -97.58 -19.47 -52.86
C SER LB 14 -98.38 -20.55 -52.16
N PHE LB 15 -98.53 -21.72 -52.78
CA PHE LB 15 -99.24 -22.84 -52.17
C PHE LB 15 -98.32 -23.75 -51.36
N LEU LB 16 -97.01 -23.49 -51.35
CA LEU LB 16 -96.06 -24.37 -50.69
C LEU LB 16 -96.06 -24.13 -49.18
N ILE LB 17 -96.16 -25.20 -48.41
CA ILE LB 17 -96.06 -25.14 -46.96
C ILE LB 17 -94.90 -26.05 -46.56
N LYS LB 18 -93.84 -25.46 -46.03
CA LYS LB 18 -92.71 -26.22 -45.50
C LYS LB 18 -92.69 -25.98 -43.99
N ARG LB 19 -93.38 -26.84 -43.27
CA ARG LB 19 -93.41 -26.84 -41.82
C ARG LB 19 -92.82 -28.17 -41.35
N ASN LB 20 -92.98 -28.47 -40.07
CA ASN LB 20 -91.99 -29.28 -39.37
C ASN LB 20 -91.76 -30.64 -40.01
N LYS LB 21 -90.66 -30.73 -40.77
CA LYS LB 21 -90.26 -31.91 -41.54
C LYS LB 21 -91.35 -32.37 -42.51
N GLN LB 22 -92.26 -31.47 -42.89
CA GLN LB 22 -93.35 -31.83 -43.79
C GLN LB 22 -93.47 -30.81 -44.90
N THR LB 23 -94.04 -31.24 -46.02
CA THR LB 23 -94.32 -30.37 -47.14
C THR LB 23 -95.73 -30.66 -47.63
N TYR LB 24 -96.52 -29.60 -47.78
CA TYR LB 24 -97.87 -29.70 -48.29
C TYR LB 24 -98.05 -28.67 -49.38
N SER LB 25 -99.03 -28.91 -50.25
CA SER LB 25 -99.37 -28.00 -51.33
C SER LB 25 -100.86 -27.69 -51.24
N THR LB 26 -101.20 -26.41 -51.29
CA THR LB 26 -102.58 -25.98 -51.04
C THR LB 26 -103.30 -25.56 -52.32
N GLU LB 27 -102.75 -25.85 -53.50
CA GLU LB 27 -103.44 -25.47 -54.72
C GLU LB 27 -104.72 -26.28 -54.90
N PRO LB 28 -105.72 -25.72 -55.59
CA PRO LB 28 -107.08 -26.27 -55.51
C PRO LB 28 -107.26 -27.72 -55.92
N ASN LB 29 -106.60 -28.20 -56.97
CA ASN LB 29 -106.92 -29.52 -57.52
C ASN LB 29 -105.85 -30.55 -57.17
N ASN LB 30 -105.31 -30.46 -55.97
CA ASN LB 30 -104.28 -31.37 -55.48
C ASN LB 30 -104.94 -32.36 -54.54
N LEU LB 31 -105.22 -33.55 -55.03
CA LEU LB 31 -105.58 -34.63 -54.13
C LEU LB 31 -104.35 -34.95 -53.29
N LYS LB 32 -104.58 -35.20 -52.01
CA LYS LB 32 -103.57 -35.47 -51.00
C LYS LB 32 -102.80 -34.22 -50.56
N ALA LB 33 -102.99 -33.09 -51.23
CA ALA LB 33 -102.33 -31.82 -50.90
C ALA LB 33 -100.83 -31.95 -50.76
N ARG LB 34 -100.18 -32.75 -51.61
CA ARG LB 34 -98.76 -33.01 -51.43
C ARG LB 34 -97.95 -32.36 -52.54
N ASN LB 35 -96.79 -31.82 -52.15
CA ASN LB 35 -95.91 -31.13 -53.08
C ASN LB 35 -95.22 -32.16 -53.95
N SER LB 36 -95.90 -32.59 -55.00
CA SER LB 36 -95.36 -33.62 -55.86
C SER LB 36 -95.71 -33.27 -57.30
N PHE LB 37 -94.84 -33.72 -58.21
CA PHE LB 37 -95.12 -33.52 -59.62
C PHE LB 37 -96.41 -34.21 -60.03
N ARG LB 38 -96.63 -35.43 -59.52
CA ARG LB 38 -97.84 -36.19 -59.90
C ARG LB 38 -99.10 -35.51 -59.38
N TYR LB 39 -99.08 -35.00 -58.16
CA TYR LB 39 -100.28 -34.51 -57.51
C TYR LB 39 -100.49 -33.01 -57.66
N ASN LB 40 -99.53 -32.29 -58.23
CA ASN LB 40 -99.69 -30.86 -58.44
C ASN LB 40 -100.92 -30.59 -59.30
N GLY LB 41 -101.76 -29.68 -58.84
CA GLY LB 41 -103.04 -29.41 -59.47
C GLY LB 41 -103.04 -28.37 -60.57
N LEU LB 42 -101.89 -27.79 -60.89
CA LEU LB 42 -101.83 -26.68 -61.84
C LEU LB 42 -101.01 -26.94 -63.08
N ILE LB 43 -100.01 -27.83 -63.03
CA ILE LB 43 -99.02 -27.93 -64.11
C ILE LB 43 -99.41 -28.91 -65.19
N HIS LB 44 -100.45 -29.72 -65.00
CA HIS LB 44 -100.76 -30.80 -65.90
C HIS LB 44 -101.88 -30.42 -66.85
N ARG LB 45 -101.89 -31.04 -68.03
CA ARG LB 45 -102.96 -30.80 -68.99
C ARG LB 45 -104.27 -31.37 -68.48
N LYS LB 46 -104.24 -32.51 -67.82
CA LYS LB 46 -105.41 -33.09 -67.19
C LYS LB 46 -105.15 -33.24 -65.71
N THR LB 47 -106.10 -32.78 -64.91
CA THR LB 47 -106.08 -32.94 -63.46
C THR LB 47 -107.51 -33.24 -63.02
N VAL LB 48 -107.63 -33.89 -61.86
CA VAL LB 48 -108.93 -34.13 -61.25
C VAL LB 48 -108.87 -33.58 -59.83
N GLY LB 49 -109.92 -32.89 -59.43
CA GLY LB 49 -110.07 -32.47 -58.05
C GLY LB 49 -111.36 -33.01 -57.49
N VAL LB 50 -111.32 -33.31 -56.19
CA VAL LB 50 -112.49 -33.72 -55.43
C VAL LB 50 -112.64 -32.74 -54.27
N GLU LB 51 -113.74 -32.00 -54.25
CA GLU LB 51 -113.98 -31.00 -53.24
C GLU LB 51 -115.37 -31.23 -52.66
N PRO LB 52 -115.61 -30.80 -51.43
CA PRO LB 52 -116.98 -30.86 -50.89
C PRO LB 52 -117.90 -29.92 -51.64
N ALA LB 53 -119.18 -30.29 -51.65
CA ALA LB 53 -120.19 -29.50 -52.33
C ALA LB 53 -120.36 -28.15 -51.63
N ALA LB 54 -120.93 -27.19 -52.37
CA ALA LB 54 -121.13 -25.85 -51.80
C ALA LB 54 -122.03 -25.90 -50.57
N ASP LB 55 -123.13 -26.65 -50.66
CA ASP LB 55 -123.90 -26.96 -49.48
C ASP LB 55 -123.21 -28.07 -48.69
N GLY LB 56 -123.84 -28.48 -47.59
CA GLY LB 56 -123.19 -29.47 -46.74
C GLY LB 56 -123.05 -30.83 -47.40
N LYS LB 57 -123.92 -31.16 -48.35
CA LYS LB 57 -124.09 -32.53 -48.77
C LYS LB 57 -123.54 -32.77 -50.18
N GLY LB 58 -122.73 -33.81 -50.33
CA GLY LB 58 -122.28 -34.25 -51.62
C GLY LB 58 -120.80 -34.01 -51.87
N VAL LB 59 -120.43 -34.19 -53.13
CA VAL LB 59 -119.05 -34.04 -53.57
C VAL LB 59 -119.07 -33.38 -54.95
N VAL LB 60 -118.06 -32.56 -55.20
CA VAL LB 60 -117.87 -31.91 -56.49
C VAL LB 60 -116.62 -32.47 -57.12
N VAL LB 61 -116.74 -33.00 -58.32
CA VAL LB 61 -115.62 -33.55 -59.07
C VAL LB 61 -115.30 -32.57 -60.20
N VAL LB 62 -114.10 -32.02 -60.17
CA VAL LB 62 -113.68 -31.01 -61.15
C VAL LB 62 -112.66 -31.65 -62.06
N ILE LB 63 -112.94 -31.61 -63.36
CA ILE LB 63 -112.11 -32.21 -64.40
C ILE LB 63 -111.63 -31.10 -65.32
N LYS LB 64 -110.37 -31.15 -65.68
CA LYS LB 64 -109.77 -30.14 -66.54
C LYS LB 64 -109.94 -30.57 -67.99
N ARG LB 65 -110.51 -29.69 -68.81
CA ARG LB 65 -110.67 -29.99 -70.22
C ARG LB 65 -109.35 -29.74 -70.96
N ARG LB 66 -109.27 -30.27 -72.17
CA ARG LB 66 -107.99 -30.29 -72.88
C ARG LB 66 -107.76 -29.10 -73.81
N SER LB 67 -108.79 -28.34 -74.17
CA SER LB 67 -108.60 -27.33 -75.22
C SER LB 67 -108.01 -26.02 -74.69
N GLY LB 68 -108.72 -25.35 -73.79
CA GLY LB 68 -108.28 -24.02 -73.38
C GLY LB 68 -107.36 -24.00 -72.18
N GLN LB 69 -106.15 -24.56 -72.34
CA GLN LB 69 -105.22 -24.64 -71.22
C GLN LB 69 -104.86 -23.25 -70.69
N ARG LB 70 -104.74 -22.27 -71.58
CA ARG LB 70 -104.38 -20.91 -71.19
C ARG LB 70 -105.58 -20.06 -70.78
N LYS LB 71 -106.79 -20.60 -70.81
CA LYS LB 71 -107.99 -19.87 -70.43
C LYS LB 71 -108.58 -20.45 -69.16
N PRO LB 72 -108.25 -19.91 -67.98
CA PRO LB 72 -108.67 -20.55 -66.73
C PRO LB 72 -110.16 -20.46 -66.43
N ALA LB 73 -110.88 -19.50 -67.00
CA ALA LB 73 -112.29 -19.35 -66.66
C ALA LB 73 -113.14 -20.50 -67.22
N THR LB 74 -112.69 -21.13 -68.30
CA THR LB 74 -113.44 -22.22 -68.93
C THR LB 74 -112.69 -23.54 -68.84
N SER LB 75 -111.53 -23.54 -68.20
CA SER LB 75 -110.65 -24.69 -68.15
C SER LB 75 -111.23 -25.88 -67.40
N TYR LB 76 -111.94 -25.66 -66.30
CA TYR LB 76 -112.39 -26.73 -65.43
C TYR LB 76 -113.89 -26.90 -65.54
N VAL LB 77 -114.33 -28.15 -65.62
CA VAL LB 77 -115.75 -28.50 -65.56
C VAL LB 77 -115.99 -29.22 -64.24
N ARG LB 78 -116.94 -28.73 -63.47
CA ARG LB 78 -117.27 -29.28 -62.16
C ARG LB 78 -118.59 -30.01 -62.27
N THR LB 79 -118.66 -31.19 -61.68
CA THR LB 79 -119.90 -31.95 -61.57
C THR LB 79 -120.15 -32.30 -60.11
N THR LB 80 -121.38 -32.09 -59.65
CA THR LB 80 -121.77 -32.40 -58.29
C THR LB 80 -122.37 -33.80 -58.25
N ILE LB 81 -121.85 -34.62 -57.36
CA ILE LB 81 -122.36 -35.97 -57.12
C ILE LB 81 -122.90 -36.02 -55.69
N ASN LB 82 -124.18 -36.33 -55.54
CA ASN LB 82 -124.87 -36.32 -54.25
C ASN LB 82 -125.71 -37.58 -54.09
N LYS LB 83 -125.10 -38.73 -54.29
CA LYS LB 83 -125.76 -40.01 -54.07
C LYS LB 83 -125.12 -40.72 -52.87
N ASN LB 84 -125.52 -41.96 -52.64
CA ASN LB 84 -124.94 -42.74 -51.55
C ASN LB 84 -123.45 -42.98 -51.82
N ALA LB 85 -122.74 -43.40 -50.77
CA ALA LB 85 -121.28 -43.45 -50.82
C ALA LB 85 -120.77 -44.41 -51.88
N ARG LB 86 -121.37 -45.61 -51.97
CA ARG LB 86 -120.89 -46.59 -52.94
C ARG LB 86 -121.11 -46.12 -54.38
N ALA LB 87 -122.29 -45.56 -54.66
CA ALA LB 87 -122.55 -45.05 -56.00
C ALA LB 87 -121.65 -43.86 -56.32
N THR LB 88 -121.42 -42.99 -55.34
CA THR LB 88 -120.53 -41.85 -55.54
C THR LB 88 -119.13 -42.31 -55.91
N LEU LB 89 -118.59 -43.30 -55.19
CA LEU LB 89 -117.25 -43.78 -55.47
C LEU LB 89 -117.17 -44.47 -56.82
N SER LB 90 -118.27 -45.08 -57.25
CA SER LB 90 -118.27 -45.74 -58.56
C SER LB 90 -118.31 -44.73 -59.68
N SER LB 91 -119.01 -43.61 -59.49
CA SER LB 91 -119.01 -42.56 -60.51
C SER LB 91 -117.62 -41.98 -60.71
N ILE LB 92 -116.91 -41.72 -59.61
CA ILE LB 92 -115.55 -41.21 -59.70
C ILE LB 92 -114.62 -42.26 -60.31
N ARG LB 93 -114.80 -43.53 -59.92
CA ARG LB 93 -114.02 -44.60 -60.53
C ARG LB 93 -114.21 -44.63 -62.04
N HIS LB 94 -115.45 -44.50 -62.50
CA HIS LB 94 -115.72 -44.52 -63.92
C HIS LB 94 -115.21 -43.26 -64.61
N MET LB 95 -115.35 -42.11 -63.97
CA MET LB 95 -114.87 -40.87 -64.57
C MET LB 95 -113.38 -40.93 -64.85
N ILE LB 96 -112.62 -41.63 -64.02
CA ILE LB 96 -111.17 -41.70 -64.16
C ILE LB 96 -110.78 -42.89 -65.02
N ARG LB 97 -111.23 -44.10 -64.65
CA ARG LB 97 -110.74 -45.30 -65.32
C ARG LB 97 -111.35 -45.47 -66.71
N LYS LB 98 -112.66 -45.22 -66.85
CA LYS LB 98 -113.29 -45.47 -68.15
C LYS LB 98 -112.87 -44.43 -69.17
N ASN LB 99 -112.63 -43.19 -68.74
CA ASN LB 99 -112.12 -42.19 -69.66
C ASN LB 99 -110.62 -42.28 -69.86
N LYS LB 100 -109.94 -43.16 -69.12
CA LYS LB 100 -108.48 -43.18 -69.05
C LYS LB 100 -107.95 -41.79 -68.72
N TYR LB 101 -108.68 -41.08 -67.86
CA TYR LB 101 -108.37 -39.71 -67.51
C TYR LB 101 -107.55 -39.73 -66.22
N ARG LB 102 -106.24 -39.69 -66.40
CA ARG LB 102 -105.27 -39.73 -65.31
C ARG LB 102 -105.55 -40.89 -64.37
N PRO LB 103 -105.36 -42.13 -64.83
CA PRO LB 103 -105.68 -43.29 -64.00
C PRO LB 103 -104.75 -43.45 -62.81
N ASP LB 104 -103.63 -42.72 -62.80
CA ASP LB 104 -102.74 -42.72 -61.64
C ASP LB 104 -103.33 -42.01 -60.44
N LEU LB 105 -104.45 -41.30 -60.57
CA LEU LB 105 -105.10 -40.61 -59.46
C LEU LB 105 -106.40 -41.28 -59.05
N ARG LB 106 -106.68 -42.49 -59.54
CA ARG LB 106 -107.98 -43.13 -59.29
C ARG LB 106 -108.21 -43.35 -57.79
N MET LB 107 -107.27 -43.99 -57.11
CA MET LB 107 -107.46 -44.27 -55.69
C MET LB 107 -107.34 -43.02 -54.84
N ALA LB 108 -106.51 -42.07 -55.26
CA ALA LB 108 -106.40 -40.80 -54.52
C ALA LB 108 -107.72 -40.05 -54.54
N ALA LB 109 -108.39 -40.01 -55.69
CA ALA LB 109 -109.67 -39.31 -55.77
C ALA LB 109 -110.77 -40.07 -55.04
N ILE LB 110 -110.71 -41.40 -55.08
CA ILE LB 110 -111.68 -42.22 -54.37
C ILE LB 110 -111.49 -42.08 -52.86
N ARG LB 111 -110.23 -42.13 -52.40
CA ARG LB 111 -109.96 -41.97 -50.98
C ARG LB 111 -110.32 -40.58 -50.50
N ARG LB 112 -110.12 -39.56 -51.35
CA ARG LB 112 -110.51 -38.21 -50.96
C ARG LB 112 -112.01 -38.06 -50.86
N ALA LB 113 -112.75 -38.64 -51.80
CA ALA LB 113 -114.20 -38.58 -51.76
C ALA LB 113 -114.75 -39.28 -50.52
N SER LB 114 -114.17 -40.42 -50.14
CA SER LB 114 -114.58 -41.10 -48.92
C SER LB 114 -114.35 -40.22 -47.70
N ALA LB 115 -113.20 -39.54 -47.65
CA ALA LB 115 -112.92 -38.66 -46.52
C ALA LB 115 -113.93 -37.52 -46.46
N ILE LB 116 -114.29 -36.94 -47.61
CA ILE LB 116 -115.23 -35.83 -47.65
C ILE LB 116 -116.62 -36.29 -47.23
N LEU LB 117 -117.06 -37.44 -47.77
CA LEU LB 117 -118.39 -37.94 -47.43
C LEU LB 117 -118.48 -38.33 -45.97
N ARG LB 118 -117.42 -38.96 -45.43
CA ARG LB 118 -117.40 -39.32 -44.03
C ARG LB 118 -117.39 -38.07 -43.15
N SER LB 119 -116.81 -36.97 -43.64
CA SER LB 119 -116.84 -35.71 -42.91
C SER LB 119 -118.21 -35.05 -42.94
N GLN LB 120 -119.14 -35.57 -43.74
CA GLN LB 120 -120.43 -34.91 -43.89
C GLN LB 120 -121.52 -35.58 -43.08
N LYS LB 121 -121.33 -36.84 -42.70
CA LYS LB 121 -122.26 -37.45 -41.76
C LYS LB 121 -122.05 -36.87 -40.36
N PRO LB 122 -123.13 -36.69 -39.61
CA PRO LB 122 -123.01 -35.95 -38.34
C PRO LB 122 -122.19 -36.71 -37.31
N VAL LB 123 -121.51 -35.94 -36.45
CA VAL LB 123 -120.77 -36.53 -35.34
C VAL LB 123 -121.75 -37.23 -34.39
N MET LB 124 -121.35 -38.42 -33.93
CA MET LB 124 -122.14 -39.20 -32.99
C MET LB 124 -121.62 -38.98 -31.58
N VAL LB 125 -122.52 -38.62 -30.67
CA VAL LB 125 -122.17 -38.45 -29.27
C VAL LB 125 -121.74 -39.79 -28.68
N MET MB 1 89.29 26.93 -20.09
CA MET MB 1 88.14 26.59 -20.93
C MET MB 1 87.63 25.21 -20.53
N GLY MB 2 87.29 25.08 -19.25
CA GLY MB 2 87.01 23.79 -18.62
C GLY MB 2 88.06 23.38 -17.59
N ARG MB 3 88.99 24.26 -17.24
CA ARG MB 3 90.17 23.95 -16.42
C ARG MB 3 90.33 24.98 -15.30
N VAL MB 4 89.26 25.19 -14.53
CA VAL MB 4 89.32 26.09 -13.39
C VAL MB 4 90.36 25.59 -12.39
N ARG MB 5 91.26 26.49 -11.99
CA ARG MB 5 92.29 26.13 -11.03
C ARG MB 5 91.73 26.08 -9.62
N THR MB 6 92.32 25.20 -8.79
CA THR MB 6 91.84 24.93 -7.45
C THR MB 6 92.62 25.75 -6.43
N LYS MB 7 92.36 25.49 -5.14
CA LYS MB 7 92.99 26.27 -4.09
C LYS MB 7 94.49 26.00 -4.00
N THR MB 8 94.89 24.73 -4.11
CA THR MB 8 96.29 24.36 -3.91
C THR MB 8 97.19 25.14 -4.85
N VAL MB 9 96.85 25.16 -6.15
CA VAL MB 9 97.62 25.94 -7.11
C VAL MB 9 97.47 27.43 -6.83
N LYS MB 10 96.23 27.89 -6.60
CA LYS MB 10 96.00 29.32 -6.38
C LYS MB 10 96.70 29.79 -5.11
N LYS MB 11 96.62 29.01 -4.04
CA LYS MB 11 97.29 29.40 -2.81
C LYS MB 11 98.80 29.31 -2.95
N ALA MB 12 99.31 28.32 -3.68
CA ALA MB 12 100.74 28.21 -3.89
C ALA MB 12 101.25 29.28 -4.83
N ALA MB 13 100.46 29.62 -5.86
CA ALA MB 13 100.88 30.68 -6.78
C ALA MB 13 100.98 32.02 -6.07
N ARG MB 14 100.02 32.34 -5.21
CA ARG MB 14 100.00 33.65 -4.58
C ARG MB 14 101.16 33.84 -3.62
N VAL MB 15 101.53 32.79 -2.89
CA VAL MB 15 102.62 32.93 -1.93
C VAL MB 15 103.97 32.97 -2.65
N ILE MB 16 104.13 32.18 -3.71
CA ILE MB 16 105.40 32.16 -4.43
C ILE MB 16 105.61 33.47 -5.17
N ILE MB 17 104.54 34.09 -5.66
CA ILE MB 17 104.63 35.40 -6.29
C ILE MB 17 105.06 36.44 -5.26
N GLU MB 18 104.41 36.40 -4.09
CA GLU MB 18 104.81 37.25 -2.98
C GLU MB 18 106.23 36.95 -2.53
N LYS MB 19 106.73 35.74 -2.79
CA LYS MB 19 107.96 35.31 -2.17
C LYS MB 19 109.18 35.70 -3.01
N TYR MB 20 109.18 35.34 -4.29
CA TYR MB 20 110.34 35.59 -5.16
C TYR MB 20 110.01 36.49 -6.33
N TYR MB 21 109.29 37.58 -6.08
CA TYR MB 21 108.82 38.45 -7.17
C TYR MB 21 109.99 38.95 -8.02
N THR MB 22 111.15 39.18 -7.41
CA THR MB 22 112.31 39.58 -8.18
C THR MB 22 112.83 38.43 -9.04
N ARG MB 23 112.87 37.21 -8.49
CA ARG MB 23 113.40 36.07 -9.21
C ARG MB 23 112.49 35.59 -10.33
N LEU MB 24 111.18 35.83 -10.23
CA LEU MB 24 110.22 35.31 -11.20
C LEU MB 24 110.38 36.02 -12.54
N GLY MB 25 109.54 35.62 -13.50
CA GLY MB 25 109.69 36.12 -14.85
C GLY MB 25 108.42 36.24 -15.68
N ASN MB 26 108.59 36.34 -17.00
CA ASN MB 26 107.49 36.56 -17.94
C ASN MB 26 107.14 35.30 -18.72
N ASP MB 27 108.13 34.64 -19.31
CA ASP MB 27 107.87 33.43 -20.08
C ASP MB 27 107.40 32.32 -19.15
N PHE MB 28 106.45 31.51 -19.63
CA PHE MB 28 105.97 30.39 -18.84
C PHE MB 28 107.07 29.39 -18.55
N HIS MB 29 107.93 29.13 -19.54
CA HIS MB 29 109.02 28.18 -19.33
C HIS MB 29 110.07 28.74 -18.38
N THR MB 30 110.26 30.06 -18.35
CA THR MB 30 111.14 30.64 -17.35
C THR MB 30 110.55 30.49 -15.95
N ASN MB 31 109.23 30.59 -15.84
CA ASN MB 31 108.59 30.43 -14.53
C ASN MB 31 108.59 28.99 -14.06
N LYS MB 32 108.39 28.03 -14.98
CA LYS MB 32 108.32 26.64 -14.57
C LYS MB 32 109.68 26.14 -14.09
N ARG MB 33 110.77 26.69 -14.64
CA ARG MB 33 112.10 26.27 -14.21
C ARG MB 33 112.38 26.71 -12.79
N VAL MB 34 112.05 27.96 -12.46
CA VAL MB 34 112.29 28.46 -11.11
C VAL MB 34 111.35 27.79 -10.11
N CYS MB 35 110.17 27.35 -10.57
CA CYS MB 35 109.23 26.67 -9.69
C CYS MB 35 109.68 25.27 -9.31
N GLU MB 36 110.73 24.74 -9.96
CA GLU MB 36 111.17 23.38 -9.64
C GLU MB 36 112.00 23.34 -8.36
N GLU MB 37 112.85 24.34 -8.13
CA GLU MB 37 113.78 24.30 -7.01
C GLU MB 37 113.42 25.20 -5.83
N ILE MB 38 112.78 26.34 -6.08
CA ILE MB 38 112.40 27.20 -4.96
C ILE MB 38 111.20 26.66 -4.21
N ALA MB 39 110.43 25.78 -4.85
CA ALA MB 39 109.32 25.11 -4.20
C ALA MB 39 109.36 23.64 -4.59
N ILE MB 40 109.08 22.76 -3.63
CA ILE MB 40 109.07 21.33 -3.92
C ILE MB 40 107.70 20.96 -4.46
N ILE MB 41 107.67 20.41 -5.68
CA ILE MB 41 106.41 20.09 -6.34
C ILE MB 41 106.41 18.59 -6.64
N PRO MB 42 105.64 17.78 -5.92
CA PRO MB 42 105.61 16.34 -6.16
C PRO MB 42 104.65 15.92 -7.27
N SER MB 43 104.71 16.64 -8.40
CA SER MB 43 103.88 16.32 -9.55
C SER MB 43 104.37 17.13 -10.74
N LYS MB 44 104.47 16.48 -11.90
CA LYS MB 44 104.81 17.20 -13.12
C LYS MB 44 103.72 18.19 -13.51
N LYS MB 45 102.46 17.74 -13.47
CA LYS MB 45 101.37 18.62 -13.88
C LYS MB 45 101.18 19.77 -12.90
N LEU MB 46 101.23 19.47 -11.60
CA LEU MB 46 101.02 20.52 -10.60
C LEU MB 46 102.08 21.61 -10.71
N ARG MB 47 103.31 21.23 -11.08
CA ARG MB 47 104.34 22.23 -11.36
C ARG MB 47 103.95 23.08 -12.57
N ASN MB 48 103.30 22.46 -13.56
CA ASN MB 48 102.98 23.17 -14.79
C ASN MB 48 101.83 24.15 -14.60
N LYS MB 49 100.77 23.74 -13.88
CA LYS MB 49 99.64 24.65 -13.71
C LYS MB 49 99.93 25.73 -12.66
N ILE MB 50 100.74 25.42 -11.66
CA ILE MB 50 101.13 26.47 -10.71
C ILE MB 50 101.92 27.56 -11.44
N ALA MB 51 102.94 27.17 -12.18
CA ALA MB 51 103.68 28.14 -12.99
C ALA MB 51 102.80 28.71 -14.10
N GLY MB 52 101.82 27.94 -14.56
CA GLY MB 52 100.85 28.47 -15.50
C GLY MB 52 100.06 29.61 -14.91
N TYR MB 53 99.67 29.48 -13.65
CA TYR MB 53 98.92 30.54 -12.99
C TYR MB 53 99.83 31.68 -12.52
N VAL MB 54 101.11 31.40 -12.28
CA VAL MB 54 102.04 32.47 -11.92
C VAL MB 54 102.20 33.45 -13.08
N THR MB 55 102.35 32.92 -14.30
CA THR MB 55 102.49 33.78 -15.47
C THR MB 55 101.28 34.68 -15.64
N HIS MB 56 100.09 34.16 -15.33
CA HIS MB 56 98.87 34.96 -15.43
C HIS MB 56 98.92 36.16 -14.50
N LEU MB 57 99.29 35.95 -13.23
CA LEU MB 57 99.38 37.06 -12.29
C LEU MB 57 100.62 37.90 -12.54
N MET MB 58 101.67 37.31 -13.13
CA MET MB 58 102.79 38.11 -13.63
C MET MB 58 102.33 39.17 -14.62
N LYS MB 59 101.27 38.90 -15.37
CA LYS MB 59 100.75 39.88 -16.32
C LYS MB 59 99.62 40.71 -15.75
N ARG MB 60 99.26 40.49 -14.48
CA ARG MB 60 98.19 41.26 -13.86
C ARG MB 60 98.78 42.18 -12.78
N ILE MB 61 99.78 41.70 -12.05
CA ILE MB 61 100.45 42.51 -11.03
C ILE MB 61 101.27 43.62 -11.68
N GLN MB 62 101.88 43.34 -12.81
CA GLN MB 62 102.80 44.30 -13.43
C GLN MB 62 102.09 45.57 -13.90
N ARG MB 63 100.76 45.57 -13.93
CA ARG MB 63 100.00 46.76 -14.28
C ARG MB 63 99.13 47.29 -13.16
N GLY MB 64 98.83 46.47 -12.15
CA GLY MB 64 97.94 46.87 -11.09
C GLY MB 64 98.22 46.21 -9.76
N PRO MB 65 97.56 46.70 -8.70
CA PRO MB 65 97.77 46.13 -7.36
C PRO MB 65 96.94 44.87 -7.14
N VAL MB 66 97.64 43.75 -7.06
CA VAL MB 66 97.05 42.44 -6.87
C VAL MB 66 97.73 41.69 -5.74
N ARG MB 67 97.00 40.72 -5.18
CA ARG MB 67 97.54 39.88 -4.15
C ARG MB 67 98.63 38.98 -4.73
N GLY MB 68 99.83 39.05 -4.16
CA GLY MB 68 100.15 39.95 -3.06
C GLY MB 68 99.71 39.43 -1.70
N ILE MB 69 100.10 40.16 -0.65
CA ILE MB 69 100.91 41.35 -0.80
C ILE MB 69 102.35 41.11 -0.36
N SER MB 70 103.27 41.17 -1.32
CA SER MB 70 104.68 41.13 -0.99
C SER MB 70 105.12 42.45 -0.38
N ILE MB 71 106.12 42.38 0.50
CA ILE MB 71 106.52 43.55 1.28
C ILE MB 71 107.20 44.59 0.41
N LYS MB 72 108.04 44.17 -0.53
CA LYS MB 72 108.96 45.08 -1.21
C LYS MB 72 108.28 46.14 -2.06
N LEU MB 73 107.11 45.87 -2.63
CA LEU MB 73 106.52 46.78 -3.61
C LEU MB 73 105.36 47.60 -3.06
N GLN MB 74 104.58 47.10 -2.12
CA GLN MB 74 103.50 47.93 -1.56
C GLN MB 74 104.06 49.05 -0.69
N GLU MB 75 105.25 48.86 -0.13
CA GLU MB 75 105.81 49.89 0.74
C GLU MB 75 106.13 51.16 -0.04
N GLU MB 76 106.60 51.04 -1.28
CA GLU MB 76 106.87 52.23 -2.06
C GLU MB 76 105.58 52.82 -2.65
N GLU MB 77 104.57 51.99 -2.89
CA GLU MB 77 103.31 52.49 -3.43
C GLU MB 77 102.66 53.47 -2.47
N ARG MB 78 102.73 53.19 -1.17
CA ARG MB 78 102.32 54.18 -0.19
C ARG MB 78 103.30 55.35 -0.15
N GLU MB 79 104.60 55.08 -0.31
CA GLU MB 79 105.58 56.15 -0.27
C GLU MB 79 105.39 57.12 -1.41
N ARG MB 80 105.05 56.61 -2.59
CA ARG MB 80 104.66 57.48 -3.69
C ARG MB 80 103.37 58.22 -3.36
N ARG MB 81 102.43 57.54 -2.69
CA ARG MB 81 101.21 58.21 -2.25
C ARG MB 81 101.52 59.31 -1.24
N ASP MB 82 102.58 59.14 -0.44
CA ASP MB 82 102.98 60.17 0.51
C ASP MB 82 103.45 61.44 -0.18
N ASN MB 83 103.81 61.35 -1.47
CA ASN MB 83 104.25 62.51 -2.23
C ASN MB 83 103.06 63.40 -2.55
N TYR MB 84 103.31 64.42 -3.37
CA TYR MB 84 102.30 65.41 -3.75
C TYR MB 84 101.61 66.00 -2.52
N VAL MB 85 102.41 66.31 -1.49
CA VAL MB 85 101.92 67.17 -0.42
C VAL MB 85 101.82 68.55 -1.04
N PRO MB 86 100.64 69.17 -1.03
CA PRO MB 86 100.45 70.39 -1.81
C PRO MB 86 101.42 71.50 -1.39
N GLU MB 87 101.96 72.18 -2.40
CA GLU MB 87 102.79 73.35 -2.12
C GLU MB 87 101.95 74.48 -1.54
N VAL MB 88 100.67 74.55 -1.92
CA VAL MB 88 99.71 75.48 -1.35
C VAL MB 88 98.63 74.65 -0.68
N SER MB 89 98.40 74.90 0.62
CA SER MB 89 97.45 74.10 1.37
C SER MB 89 96.05 74.23 0.75
N ALA MB 90 95.30 73.13 0.80
CA ALA MB 90 94.01 73.08 0.13
C ALA MB 90 93.03 74.10 0.69
N LEU MB 91 93.28 74.64 1.88
CA LEU MB 91 92.42 75.66 2.48
C LEU MB 91 93.29 76.85 2.93
N ASP MB 92 93.59 77.73 1.96
CA ASP MB 92 94.19 79.02 2.27
C ASP MB 92 93.69 80.10 1.32
N GLN MB 93 92.48 79.91 0.78
CA GLN MB 93 91.96 80.77 -0.27
C GLN MB 93 91.61 82.17 0.21
N GLU MB 94 91.50 82.37 1.53
CA GLU MB 94 91.27 83.69 2.13
C GLU MB 94 89.85 84.18 1.87
N ILE MB 95 89.08 83.44 1.07
CA ILE MB 95 87.68 83.75 0.80
C ILE MB 95 86.86 82.53 1.14
N ILE MB 96 86.06 82.61 2.20
CA ILE MB 96 85.25 81.50 2.68
C ILE MB 96 83.78 81.90 2.57
N GLU MB 97 83.01 81.13 1.81
CA GLU MB 97 81.61 81.42 1.54
C GLU MB 97 80.77 80.97 2.72
N VAL MB 98 80.64 81.85 3.73
CA VAL MB 98 79.83 81.54 4.90
C VAL MB 98 78.42 82.07 4.70
N ASP MB 99 77.48 81.58 5.50
CA ASP MB 99 76.07 81.90 5.41
C ASP MB 99 75.67 82.85 6.53
N PRO MB 100 74.53 83.55 6.37
CA PRO MB 100 74.08 84.44 7.46
C PRO MB 100 73.91 83.74 8.80
N ASP MB 101 73.41 82.51 8.79
CA ASP MB 101 73.31 81.74 10.03
C ASP MB 101 74.69 81.40 10.58
N THR MB 102 75.62 81.01 9.70
CA THR MB 102 76.99 80.78 10.13
C THR MB 102 77.65 82.06 10.61
N LYS MB 103 77.28 83.19 10.00
CA LYS MB 103 77.81 84.48 10.44
C LYS MB 103 77.43 84.77 11.88
N GLU MB 104 76.17 84.47 12.26
CA GLU MB 104 75.75 84.64 13.64
C GLU MB 104 76.42 83.63 14.56
N MET MB 105 76.74 82.44 14.04
CA MET MB 105 77.37 81.42 14.87
C MET MB 105 78.77 81.86 15.29
N LEU MB 106 79.59 82.30 14.33
CA LEU MB 106 80.90 82.84 14.65
C LEU MB 106 80.80 84.12 15.47
N LYS MB 107 79.70 84.85 15.36
CA LYS MB 107 79.48 86.00 16.24
C LYS MB 107 79.33 85.55 17.69
N LEU MB 108 78.61 84.45 17.92
CA LEU MB 108 78.57 83.86 19.24
C LEU MB 108 79.96 83.38 19.67
N LEU MB 109 80.79 83.00 18.71
CA LEU MB 109 82.17 82.62 18.99
C LEU MB 109 83.07 83.80 19.31
N ASP MB 110 82.57 85.02 19.17
CA ASP MB 110 83.21 86.26 19.60
C ASP MB 110 84.41 86.66 18.73
N PHE MB 111 84.58 86.04 17.57
CA PHE MB 111 85.48 86.56 16.54
C PHE MB 111 84.80 86.53 15.17
N GLY MB 112 83.57 87.02 15.10
CA GLY MB 112 82.78 86.94 13.89
C GLY MB 112 83.01 88.02 12.86
N SER MB 113 83.91 88.97 13.12
CA SER MB 113 84.21 90.01 12.15
C SER MB 113 85.69 90.32 12.01
N LEU MB 114 86.58 89.59 12.70
CA LEU MB 114 88.02 89.81 12.56
C LEU MB 114 88.69 88.78 11.67
N SER MB 115 87.92 87.99 10.92
CA SER MB 115 88.44 87.19 9.83
C SER MB 115 88.10 87.89 8.51
N ASN MB 116 88.46 87.27 7.39
CA ASN MB 116 88.04 87.82 6.09
C ASN MB 116 86.56 87.54 5.85
N LEU MB 117 86.22 86.26 5.70
CA LEU MB 117 84.89 85.73 5.99
C LEU MB 117 83.79 86.51 5.26
N GLN MB 118 83.83 86.43 3.94
CA GLN MB 118 82.77 87.02 3.13
C GLN MB 118 81.49 86.20 3.27
N VAL MB 119 80.35 86.88 3.16
CA VAL MB 119 79.05 86.26 3.40
C VAL MB 119 78.27 86.20 2.09
N THR MB 120 77.63 85.06 1.85
CA THR MB 120 76.84 84.85 0.65
C THR MB 120 75.35 84.91 0.98
N GLN MB 121 74.55 85.01 -0.08
CA GLN MB 121 73.11 85.14 0.07
C GLN MB 121 72.47 83.78 0.34
N PRO MB 122 71.38 83.75 1.09
CA PRO MB 122 70.64 82.50 1.29
C PRO MB 122 70.01 82.02 -0.02
N THR MB 123 69.74 80.71 -0.07
CA THR MB 123 69.23 80.11 -1.29
C THR MB 123 67.85 80.62 -1.67
N VAL MB 124 66.96 80.81 -0.67
CA VAL MB 124 65.56 81.20 -0.85
C VAL MB 124 64.80 80.14 -1.64
N GLY MB 125 63.57 79.85 -1.21
CA GLY MB 125 62.71 78.87 -1.85
C GLY MB 125 62.48 77.63 -1.00
N MET MB 126 63.49 77.20 -0.24
CA MET MB 126 63.42 75.98 0.57
C MET MB 126 63.05 74.78 -0.29
N ASN MB 127 63.92 74.43 -1.23
CA ASN MB 127 63.65 73.38 -2.19
C ASN MB 127 64.48 72.12 -1.98
N PHE MB 128 64.82 71.80 -0.73
CA PHE MB 128 65.41 70.51 -0.40
C PHE MB 128 64.29 69.49 -0.35
N LYS MB 129 64.56 68.30 0.20
CA LYS MB 129 63.53 67.29 0.42
C LYS MB 129 62.88 66.87 -0.91
N THR MB 130 63.68 66.14 -1.69
CA THR MB 130 63.28 65.57 -2.99
C THR MB 130 61.84 65.06 -2.96
N PRO MB 131 61.10 65.19 -4.07
CA PRO MB 131 59.66 64.90 -4.04
C PRO MB 131 59.37 63.50 -3.52
N ARG MB 132 58.29 63.40 -2.74
CA ARG MB 132 57.97 62.18 -2.01
C ARG MB 132 57.33 61.15 -2.94
N GLY MB 133 57.84 59.92 -2.90
CA GLY MB 133 57.25 58.80 -3.59
C GLY MB 133 57.34 58.90 -5.10
N PRO MB 134 57.07 57.79 -5.78
CA PRO MB 134 56.91 57.85 -7.23
C PRO MB 134 55.73 58.73 -7.60
N VAL MB 135 55.92 59.58 -8.61
CA VAL MB 135 54.89 60.50 -9.06
C VAL MB 135 54.40 61.39 -7.91
N MET NB 1 116.94 -29.15 -10.51
CA MET NB 1 117.70 -28.96 -11.73
C MET NB 1 116.92 -29.45 -12.95
N ALA NB 2 116.55 -30.73 -12.94
CA ALA NB 2 115.84 -31.29 -14.09
C ALA NB 2 114.50 -30.60 -14.32
N VAL NB 3 113.75 -30.35 -13.26
CA VAL NB 3 112.42 -29.75 -13.37
C VAL NB 3 112.38 -28.46 -12.57
N GLN NB 4 112.09 -27.36 -13.25
CA GLN NB 4 111.96 -26.05 -12.63
C GLN NB 4 110.58 -25.49 -12.89
N ILE NB 5 110.15 -24.57 -12.03
CA ILE NB 5 108.84 -23.92 -12.15
C ILE NB 5 109.00 -22.62 -12.91
N SER NB 6 107.99 -22.28 -13.72
CA SER NB 6 108.03 -21.09 -14.55
C SER NB 6 108.02 -19.83 -13.68
N LYS NB 7 108.42 -18.71 -14.30
CA LYS NB 7 108.60 -17.47 -13.57
C LYS NB 7 107.29 -16.97 -12.98
N LYS NB 8 106.18 -17.09 -13.73
CA LYS NB 8 104.88 -16.65 -13.23
C LYS NB 8 104.47 -17.44 -11.99
N ARG NB 9 104.52 -18.78 -12.08
CA ARG NB 9 104.15 -19.61 -10.94
C ARG NB 9 105.13 -19.44 -9.79
N LYS NB 10 106.40 -19.14 -10.10
CA LYS NB 10 107.39 -18.99 -9.05
C LYS NB 10 107.07 -17.80 -8.15
N PHE NB 11 106.79 -16.64 -8.75
CA PHE NB 11 106.50 -15.45 -7.96
C PHE NB 11 105.22 -15.62 -7.15
N VAL NB 12 104.21 -16.26 -7.75
CA VAL NB 12 102.96 -16.52 -7.03
C VAL NB 12 103.21 -17.41 -5.83
N ALA NB 13 104.02 -18.45 -6.01
CA ALA NB 13 104.32 -19.37 -4.91
C ALA NB 13 105.03 -18.66 -3.77
N ASP NB 14 105.98 -17.77 -4.08
CA ASP NB 14 106.69 -17.05 -3.02
C ASP NB 14 105.75 -16.14 -2.26
N GLY NB 15 104.86 -15.43 -2.96
CA GLY NB 15 103.86 -14.62 -2.28
C GLY NB 15 102.90 -15.46 -1.46
N ILE NB 16 102.54 -16.64 -1.97
CA ILE NB 16 101.67 -17.54 -1.22
C ILE NB 16 102.35 -18.03 0.03
N PHE NB 17 103.65 -18.32 -0.04
CA PHE NB 17 104.40 -18.67 1.16
C PHE NB 17 104.37 -17.54 2.18
N LYS NB 18 104.52 -16.30 1.71
CA LYS NB 18 104.47 -15.15 2.61
C LYS NB 18 103.10 -14.97 3.22
N ALA NB 19 102.04 -15.20 2.43
CA ALA NB 19 100.68 -15.04 2.96
C ALA NB 19 100.36 -16.10 4.01
N GLU NB 20 100.69 -17.36 3.73
CA GLU NB 20 100.45 -18.42 4.70
C GLU NB 20 101.29 -18.22 5.96
N LEU NB 21 102.55 -17.86 5.78
CA LEU NB 21 103.43 -17.66 6.93
C LEU NB 21 102.94 -16.52 7.81
N ASN NB 22 102.50 -15.42 7.18
CA ASN NB 22 102.02 -14.27 7.94
C ASN NB 22 100.76 -14.62 8.72
N GLU NB 23 99.87 -15.42 8.12
CA GLU NB 23 98.67 -15.84 8.83
C GLU NB 23 99.00 -16.80 9.98
N PHE NB 24 99.89 -17.76 9.74
CA PHE NB 24 100.23 -18.72 10.78
C PHE NB 24 100.85 -18.04 11.98
N LEU NB 25 101.79 -17.12 11.72
CA LEU NB 25 102.44 -16.42 12.83
C LEU NB 25 101.50 -15.43 13.49
N THR NB 26 100.59 -14.80 12.73
CA THR NB 26 99.65 -13.86 13.32
C THR NB 26 98.76 -14.55 14.34
N ARG NB 27 98.31 -15.77 14.03
CA ARG NB 27 97.60 -16.57 15.03
C ARG NB 27 98.51 -16.94 16.18
N GLU NB 28 99.75 -17.32 15.88
CA GLU NB 28 100.67 -17.77 16.91
C GLU NB 28 101.21 -16.59 17.73
N LEU NB 29 101.53 -15.49 17.06
CA LEU NB 29 102.06 -14.30 17.72
C LEU NB 29 101.02 -13.20 17.85
N ALA NB 30 99.76 -13.57 18.11
CA ALA NB 30 98.71 -12.57 18.27
C ALA NB 30 98.88 -11.80 19.57
N GLU NB 31 99.12 -12.50 20.68
CA GLU NB 31 99.16 -11.86 21.98
C GLU NB 31 100.54 -11.29 22.32
N ASP NB 32 101.52 -11.48 21.44
CA ASP NB 32 102.87 -10.96 21.67
C ASP NB 32 103.22 -9.77 20.80
N GLY NB 33 102.22 -9.08 20.23
CA GLY NB 33 102.49 -7.87 19.50
C GLY NB 33 103.24 -8.09 18.19
N TYR NB 34 102.55 -8.65 17.19
CA TYR NB 34 103.19 -9.02 15.94
C TYR NB 34 103.88 -7.83 15.28
N SER NB 35 103.09 -6.84 14.86
CA SER NB 35 103.61 -5.64 14.18
C SER NB 35 104.34 -5.96 12.89
N GLY NB 36 103.79 -6.89 12.12
CA GLY NB 36 104.25 -7.13 10.76
C GLY NB 36 105.41 -8.11 10.67
N VAL NB 37 105.56 -8.70 9.49
CA VAL NB 37 106.62 -9.66 9.20
C VAL NB 37 107.30 -9.28 7.90
N GLU NB 38 108.50 -9.82 7.69
CA GLU NB 38 109.26 -9.54 6.48
C GLU NB 38 110.14 -10.75 6.17
N VAL NB 39 110.04 -11.26 4.94
CA VAL NB 39 110.84 -12.40 4.48
C VAL NB 39 112.04 -11.88 3.72
N ARG NB 40 113.22 -12.42 4.03
CA ARG NB 40 114.47 -12.00 3.42
C ARG NB 40 115.05 -13.19 2.65
N VAL NB 41 114.92 -13.16 1.34
CA VAL NB 41 115.24 -14.30 0.49
C VAL NB 41 116.54 -14.02 -0.27
N THR NB 42 117.29 -15.09 -0.50
CA THR NB 42 118.51 -15.13 -1.30
C THR NB 42 118.84 -16.61 -1.52
N PRO NB 43 119.24 -17.02 -2.73
CA PRO NB 43 119.10 -18.44 -3.11
C PRO NB 43 120.06 -19.38 -2.40
N THR NB 44 120.83 -18.88 -1.43
CA THR NB 44 121.73 -19.71 -0.65
C THR NB 44 121.16 -20.02 0.73
N ARG NB 45 120.62 -19.01 1.42
CA ARG NB 45 120.08 -19.18 2.76
C ARG NB 45 119.00 -18.13 2.98
N THR NB 46 117.77 -18.57 3.16
CA THR NB 46 116.66 -17.65 3.40
C THR NB 46 116.51 -17.37 4.90
N GLU NB 47 116.09 -16.14 5.20
CA GLU NB 47 115.89 -15.73 6.58
C GLU NB 47 114.61 -14.92 6.68
N ILE NB 48 113.96 -14.98 7.83
CA ILE NB 48 112.70 -14.29 8.08
C ILE NB 48 112.91 -13.36 9.26
N ILE NB 49 112.47 -12.11 9.12
CA ILE NB 49 112.62 -11.11 10.16
C ILE NB 49 111.26 -10.88 10.80
N ILE NB 50 111.17 -11.13 12.11
CA ILE NB 50 109.95 -10.89 12.88
C ILE NB 50 110.06 -9.52 13.51
N LEU NB 51 108.96 -8.77 13.52
CA LEU NB 51 108.92 -7.40 13.98
C LEU NB 51 108.12 -7.26 15.29
N ALA NB 52 108.31 -8.21 16.21
CA ALA NB 52 107.48 -8.28 17.40
C ALA NB 52 107.64 -7.03 18.27
N THR NB 53 106.54 -6.64 18.91
CA THR NB 53 106.58 -5.49 19.83
C THR NB 53 107.36 -5.84 21.09
N ARG NB 54 107.23 -7.08 21.57
CA ARG NB 54 107.98 -7.55 22.72
C ARG NB 54 108.76 -8.80 22.30
N THR NB 55 110.06 -8.63 22.12
CA THR NB 55 110.93 -9.75 21.74
C THR NB 55 111.44 -10.52 22.95
N GLN NB 56 111.09 -10.10 24.16
CA GLN NB 56 111.54 -10.79 25.36
C GLN NB 56 110.81 -12.11 25.59
N ASN NB 57 109.60 -12.27 25.07
CA ASN NB 57 108.89 -13.55 25.12
C ASN NB 57 108.85 -14.26 23.78
N VAL NB 58 108.94 -13.54 22.66
CA VAL NB 58 109.15 -14.19 21.39
C VAL NB 58 110.46 -14.97 21.41
N LEU NB 59 111.52 -14.35 21.95
CA LEU NB 59 112.72 -15.07 22.32
C LEU NB 59 112.45 -15.76 23.65
N GLY NB 60 111.98 -17.00 23.60
CA GLY NB 60 111.63 -17.74 24.79
C GLY NB 60 112.83 -17.99 25.69
N GLU NB 61 112.59 -18.75 26.76
CA GLU NB 61 113.62 -19.07 27.74
C GLU NB 61 114.81 -19.73 27.07
N LYS NB 62 115.98 -19.09 27.14
CA LYS NB 62 117.20 -19.56 26.50
C LYS NB 62 117.00 -19.68 24.98
N GLY NB 63 116.14 -18.82 24.44
CA GLY NB 63 115.83 -18.85 23.03
C GLY NB 63 115.09 -20.10 22.59
N ARG NB 64 114.18 -20.60 23.42
CA ARG NB 64 113.48 -21.84 23.11
C ARG NB 64 112.42 -21.63 22.04
N ARG NB 65 111.67 -20.53 22.12
CA ARG NB 65 110.53 -20.36 21.24
C ARG NB 65 110.97 -20.10 19.80
N ILE NB 66 111.93 -19.19 19.60
CA ILE NB 66 112.36 -18.88 18.24
C ILE NB 66 113.09 -20.06 17.62
N ARG NB 67 113.89 -20.78 18.42
CA ARG NB 67 114.53 -21.99 17.90
C ARG NB 67 113.48 -23.03 17.53
N GLU NB 68 112.47 -23.22 18.38
CA GLU NB 68 111.39 -24.14 18.08
C GLU NB 68 110.59 -23.66 16.87
N LEU NB 69 110.37 -22.36 16.76
CA LEU NB 69 109.68 -21.81 15.59
C LEU NB 69 110.50 -22.01 14.33
N THR NB 70 111.83 -21.96 14.44
CA THR NB 70 112.68 -22.23 13.30
C THR NB 70 112.47 -23.66 12.78
N ALA NB 71 112.35 -24.62 13.71
CA ALA NB 71 112.12 -26.00 13.30
C ALA NB 71 110.76 -26.16 12.63
N VAL NB 72 109.74 -25.44 13.12
CA VAL NB 72 108.39 -25.61 12.60
C VAL NB 72 108.29 -25.07 11.18
N VAL NB 73 109.14 -24.10 10.83
CA VAL NB 73 109.12 -23.53 9.49
C VAL NB 73 109.95 -24.36 8.53
N GLN NB 74 111.09 -24.88 9.01
CA GLN NB 74 111.86 -25.81 8.19
C GLN NB 74 111.11 -27.10 7.94
N LYS NB 75 110.02 -27.34 8.69
CA LYS NB 75 109.27 -28.57 8.53
C LYS NB 75 108.10 -28.40 7.56
N ARG NB 76 107.29 -27.36 7.76
CA ARG NB 76 106.11 -27.19 6.92
C ARG NB 76 106.49 -26.83 5.49
N PHE NB 77 107.38 -25.86 5.31
CA PHE NB 77 107.69 -25.35 3.97
C PHE NB 77 108.92 -26.04 3.37
N GLY NB 78 108.96 -27.37 3.43
CA GLY NB 78 109.96 -28.18 2.76
C GLY NB 78 111.36 -27.62 2.67
N PHE NB 79 111.86 -27.04 3.77
CA PHE NB 79 113.07 -26.26 3.63
C PHE NB 79 114.31 -27.12 3.92
N PRO NB 80 115.41 -26.86 3.22
CA PRO NB 80 116.65 -27.62 3.49
C PRO NB 80 117.16 -27.36 4.88
N GLU NB 81 117.82 -28.38 5.45
CA GLU NB 81 118.35 -28.29 6.80
C GLU NB 81 119.41 -27.20 6.88
N GLY NB 82 119.34 -26.38 7.93
CA GLY NB 82 120.29 -25.30 8.10
C GLY NB 82 120.23 -24.24 7.03
N SER NB 83 119.03 -23.93 6.54
CA SER NB 83 118.85 -22.94 5.49
C SER NB 83 117.86 -21.83 5.83
N VAL NB 84 116.94 -22.06 6.77
CA VAL NB 84 115.95 -21.07 7.16
C VAL NB 84 116.11 -20.77 8.64
N GLU NB 85 116.01 -19.49 9.01
CA GLU NB 85 116.19 -19.06 10.38
C GLU NB 85 115.34 -17.82 10.62
N LEU NB 86 115.07 -17.55 11.89
CA LEU NB 86 114.19 -16.47 12.29
C LEU NB 86 114.94 -15.43 13.13
N TYR NB 87 114.54 -14.18 12.98
CA TYR NB 87 115.08 -13.07 13.77
C TYR NB 87 113.92 -12.28 14.34
N ALA NB 88 114.01 -11.92 15.62
CA ALA NB 88 112.99 -11.11 16.28
C ALA NB 88 113.55 -9.71 16.52
N GLU NB 89 112.88 -8.71 15.95
CA GLU NB 89 113.33 -7.33 16.05
C GLU NB 89 112.20 -6.45 16.58
N LYS NB 90 112.58 -5.47 17.39
CA LYS NB 90 111.63 -4.52 17.97
C LYS NB 90 111.20 -3.51 16.90
N VAL NB 91 109.91 -3.17 16.90
CA VAL NB 91 109.41 -2.12 16.03
C VAL NB 91 109.59 -0.78 16.76
N ALA NB 92 110.41 0.09 16.19
CA ALA NB 92 110.55 1.43 16.73
C ALA NB 92 109.28 2.22 16.49
N THR NB 93 108.87 2.99 17.49
CA THR NB 93 107.65 3.81 17.43
C THR NB 93 106.43 2.94 17.13
N ARG NB 94 106.12 2.08 18.10
CA ARG NB 94 105.01 1.15 18.01
C ARG NB 94 103.67 1.88 17.94
N GLY NB 95 103.68 3.18 18.26
CA GLY NB 95 102.46 3.96 18.19
C GLY NB 95 101.87 4.09 16.81
N LEU NB 96 102.61 3.70 15.77
CA LEU NB 96 102.19 3.86 14.38
C LEU NB 96 102.09 2.54 13.64
N CYS NB 97 101.79 1.46 14.36
CA CYS NB 97 101.54 0.17 13.73
C CYS NB 97 100.08 -0.20 14.00
N ALA NB 98 99.24 -0.09 12.98
CA ALA NB 98 97.82 -0.38 13.16
C ALA NB 98 97.60 -1.81 13.62
N ILE NB 99 98.47 -2.74 13.22
CA ILE NB 99 98.40 -4.10 13.75
C ILE NB 99 98.65 -4.09 15.25
N ALA NB 100 99.70 -3.40 15.69
CA ALA NB 100 100.06 -3.41 17.10
C ALA NB 100 98.94 -2.82 17.96
N GLN NB 101 98.36 -1.70 17.53
CA GLN NB 101 97.27 -1.11 18.30
C GLN NB 101 96.02 -1.95 18.25
N ALA NB 102 95.73 -2.60 17.11
CA ALA NB 102 94.53 -3.42 17.02
C ALA NB 102 94.60 -4.61 17.96
N GLU NB 103 95.77 -5.23 18.09
CA GLU NB 103 95.89 -6.36 19.02
C GLU NB 103 95.86 -5.89 20.47
N SER NB 104 96.50 -4.75 20.75
CA SER NB 104 96.40 -4.17 22.09
C SER NB 104 94.97 -3.74 22.39
N LEU NB 105 94.30 -3.14 21.41
CA LEU NB 105 92.88 -2.84 21.56
C LEU NB 105 92.07 -4.13 21.76
N ARG NB 106 92.46 -5.20 21.06
CA ARG NB 106 91.89 -6.51 21.33
C ARG NB 106 92.18 -6.96 22.76
N TYR NB 107 93.44 -6.79 23.20
CA TYR NB 107 93.83 -7.17 24.55
C TYR NB 107 92.97 -6.47 25.59
N LYS NB 108 92.81 -5.15 25.46
CA LYS NB 108 92.00 -4.43 26.42
C LYS NB 108 90.54 -4.86 26.38
N LEU NB 109 90.03 -5.19 25.18
CA LEU NB 109 88.64 -5.61 25.06
C LEU NB 109 88.39 -6.98 25.67
N LEU NB 110 89.38 -7.88 25.64
CA LEU NB 110 89.20 -9.18 26.28
C LEU NB 110 89.29 -9.06 27.79
N GLY NB 111 89.91 -8.00 28.29
CA GLY NB 111 90.07 -7.81 29.72
C GLY NB 111 88.87 -7.18 30.39
N GLY NB 112 87.76 -7.07 29.65
CA GLY NB 112 86.54 -6.50 30.20
C GLY NB 112 86.51 -5.00 30.29
N LEU NB 113 87.53 -4.31 29.77
CA LEU NB 113 87.52 -2.85 29.78
C LEU NB 113 86.41 -2.32 28.90
N ALA NB 114 85.91 -1.14 29.25
CA ALA NB 114 84.86 -0.51 28.47
C ALA NB 114 85.36 -0.19 27.06
N VAL NB 115 84.46 -0.30 26.08
CA VAL NB 115 84.85 -0.06 24.69
C VAL NB 115 85.38 1.36 24.51
N ARG NB 116 84.69 2.34 25.07
CA ARG NB 116 85.05 3.74 24.84
C ARG NB 116 86.39 4.10 25.46
N ARG NB 117 86.61 3.72 26.72
CA ARG NB 117 87.86 4.06 27.39
C ARG NB 117 89.04 3.39 26.70
N ALA NB 118 88.88 2.13 26.28
CA ALA NB 118 89.95 1.44 25.57
C ALA NB 118 90.27 2.14 24.25
N CYS NB 119 89.23 2.54 23.50
CA CYS NB 119 89.45 3.17 22.21
C CYS NB 119 90.16 4.52 22.35
N TYR NB 120 89.74 5.33 23.33
CA TYR NB 120 90.39 6.62 23.53
C TYR NB 120 91.79 6.46 24.10
N GLY NB 121 92.02 5.42 24.90
CA GLY NB 121 93.38 5.13 25.33
C GLY NB 121 94.29 4.78 24.17
N VAL NB 122 93.78 4.00 23.21
CA VAL NB 122 94.51 3.76 21.98
C VAL NB 122 94.65 5.04 21.18
N LEU NB 123 93.58 5.84 21.11
CA LEU NB 123 93.64 7.11 20.40
C LEU NB 123 94.67 8.04 21.01
N ARG NB 124 94.72 8.09 22.35
CA ARG NB 124 95.66 8.98 23.03
C ARG NB 124 97.09 8.50 22.83
N PHE NB 125 97.33 7.18 22.90
CA PHE NB 125 98.67 6.65 22.73
C PHE NB 125 99.18 6.88 21.31
N ILE NB 126 98.32 6.65 20.31
CA ILE NB 126 98.73 6.85 18.92
C ILE NB 126 99.10 8.31 18.67
N MET NB 127 98.37 9.24 19.29
CA MET NB 127 98.67 10.66 19.12
C MET NB 127 99.97 11.03 19.82
N GLU NB 128 100.26 10.40 20.96
CA GLU NB 128 101.52 10.70 21.66
C GLU NB 128 102.73 10.34 20.82
N SER NB 129 102.70 9.18 20.16
CA SER NB 129 103.84 8.69 19.41
C SER NB 129 104.19 9.59 18.23
N GLY NB 130 103.25 10.38 17.73
CA GLY NB 130 103.49 11.26 16.61
C GLY NB 130 102.90 10.72 15.33
N ALA NB 131 101.71 11.21 14.98
CA ALA NB 131 101.01 10.77 13.79
C ALA NB 131 100.10 11.88 13.31
N LYS NB 132 99.95 12.00 11.99
CA LYS NB 132 99.11 13.05 11.44
C LYS NB 132 97.65 12.83 11.81
N GLY NB 133 97.28 11.60 12.15
CA GLY NB 133 95.93 11.30 12.58
C GLY NB 133 95.68 9.84 12.85
N CYS NB 134 94.62 9.53 13.60
CA CYS NB 134 94.20 8.16 13.84
C CYS NB 134 92.69 8.06 13.71
N GLU NB 135 92.22 6.88 13.32
CA GLU NB 135 90.80 6.57 13.33
C GLU NB 135 90.62 5.11 13.73
N VAL NB 136 89.81 4.89 14.76
CA VAL NB 136 89.50 3.55 15.25
C VAL NB 136 88.00 3.35 15.16
N VAL NB 137 87.60 2.23 14.56
CA VAL NB 137 86.19 1.88 14.42
C VAL NB 137 85.97 0.55 15.13
N VAL NB 138 85.06 0.53 16.09
CA VAL NB 138 84.61 -0.69 16.74
C VAL NB 138 83.20 -0.97 16.24
N SER NB 139 83.03 -2.13 15.60
CA SER NB 139 81.75 -2.52 15.04
C SER NB 139 81.30 -3.84 15.66
N GLY NB 140 79.98 -3.96 15.82
CA GLY NB 140 79.39 -5.15 16.40
C GLY NB 140 78.41 -4.79 17.50
N LYS NB 141 77.98 -5.83 18.20
CA LYS NB 141 77.01 -5.68 19.28
C LYS NB 141 77.73 -5.78 20.63
N LEU NB 142 77.54 -4.76 21.45
CA LEU NB 142 77.93 -4.83 22.86
C LEU NB 142 76.85 -5.59 23.61
N ARG NB 143 76.87 -5.54 24.94
CA ARG NB 143 75.76 -6.07 25.71
C ARG NB 143 74.46 -5.47 25.21
N GLY NB 144 73.58 -6.34 24.70
CA GLY NB 144 72.41 -5.91 23.94
C GLY NB 144 72.32 -6.71 22.65
N GLN NB 145 71.18 -6.63 21.96
CA GLN NB 145 70.96 -7.46 20.79
C GLN NB 145 71.11 -6.72 19.46
N ARG NB 146 70.83 -5.42 19.43
CA ARG NB 146 71.02 -4.63 18.23
C ARG NB 146 72.47 -4.18 18.18
N ALA NB 147 73.10 -4.33 17.02
CA ALA NB 147 74.50 -3.97 16.87
C ALA NB 147 74.65 -2.58 16.26
N LYS NB 148 75.70 -1.87 16.67
CA LYS NB 148 75.98 -0.54 16.15
C LYS NB 148 77.49 -0.35 16.07
N SER NB 149 77.90 0.61 15.24
CA SER NB 149 79.30 0.99 15.10
C SER NB 149 79.57 2.30 15.80
N MET NB 150 80.73 2.36 16.49
CA MET NB 150 81.19 3.56 17.15
C MET NB 150 82.57 3.91 16.62
N LYS NB 151 82.75 5.17 16.21
CA LYS NB 151 83.94 5.62 15.52
C LYS NB 151 84.62 6.71 16.34
N PHE NB 152 85.95 6.70 16.35
CA PHE NB 152 86.75 7.63 17.14
C PHE NB 152 87.88 8.17 16.25
N VAL NB 153 87.65 9.32 15.62
CA VAL NB 153 88.61 9.90 14.68
C VAL NB 153 89.31 11.06 15.37
N ASP NB 154 90.60 11.21 15.07
CA ASP NB 154 91.40 12.33 15.55
C ASP NB 154 92.46 12.65 14.52
N GLY NB 155 92.67 13.93 14.26
CA GLY NB 155 93.70 14.35 13.34
C GLY NB 155 93.31 14.17 11.89
N LEU NB 156 94.31 14.32 11.03
CA LEU NB 156 94.12 14.27 9.60
C LEU NB 156 93.96 12.83 9.11
N MET NB 157 93.13 12.66 8.08
CA MET NB 157 93.01 11.37 7.40
C MET NB 157 92.50 11.58 5.99
N ILE NB 158 93.34 11.31 5.00
CA ILE NB 158 92.85 11.19 3.63
C ILE NB 158 92.23 9.81 3.43
N HIS NB 159 91.41 9.69 2.39
CA HIS NB 159 90.67 8.46 2.15
C HIS NB 159 90.74 7.96 0.71
N SER NB 160 91.03 8.82 -0.26
CA SER NB 160 90.97 8.45 -1.66
C SER NB 160 92.33 8.69 -2.31
N GLY NB 161 92.56 7.99 -3.43
CA GLY NB 161 93.75 8.18 -4.22
C GLY NB 161 94.90 7.28 -3.81
N ASP NB 162 95.96 7.35 -4.60
CA ASP NB 162 97.15 6.54 -4.35
C ASP NB 162 97.80 6.77 -2.98
N PRO NB 163 97.90 8.02 -2.44
CA PRO NB 163 98.62 8.21 -1.18
C PRO NB 163 98.13 7.35 -0.01
N VAL NB 164 96.87 6.90 -0.06
CA VAL NB 164 96.34 6.09 1.04
C VAL NB 164 97.10 4.78 1.17
N ASN NB 165 97.83 4.38 0.12
CA ASN NB 165 98.54 3.11 0.15
C ASN NB 165 99.80 3.20 1.01
N TYR NB 166 100.43 4.36 1.05
CA TYR NB 166 101.69 4.51 1.78
C TYR NB 166 101.65 5.57 2.87
N TYR NB 167 100.48 6.16 3.13
CA TYR NB 167 100.31 7.11 4.21
C TYR NB 167 99.42 6.60 5.33
N VAL NB 168 98.57 5.63 5.03
CA VAL NB 168 97.65 5.04 6.00
C VAL NB 168 97.93 3.55 6.06
N ASP NB 169 98.10 3.02 7.27
CA ASP NB 169 98.13 1.59 7.49
C ASP NB 169 96.87 1.15 8.24
N THR NB 170 96.35 0.00 7.85
CA THR NB 170 95.05 -0.43 8.33
C THR NB 170 95.16 -1.84 8.91
N ALA NB 171 94.20 -2.17 9.76
CA ALA NB 171 94.21 -3.46 10.44
C ALA NB 171 92.79 -3.79 10.89
N VAL NB 172 92.32 -4.97 10.53
CA VAL NB 172 91.00 -5.45 10.90
C VAL NB 172 91.13 -6.75 11.66
N ARG NB 173 90.89 -6.70 12.97
CA ARG NB 173 90.99 -7.86 13.83
C ARG NB 173 89.62 -8.22 14.40
N HIS NB 174 89.34 -9.51 14.46
CA HIS NB 174 88.09 -10.02 15.01
C HIS NB 174 88.27 -10.27 16.50
N VAL NB 175 87.35 -9.75 17.31
CA VAL NB 175 87.37 -9.93 18.75
C VAL NB 175 86.24 -10.88 19.14
N LEU NB 176 86.59 -11.95 19.83
CA LEU NB 176 85.65 -13.00 20.18
C LEU NB 176 85.16 -12.77 21.61
N LEU NB 177 83.96 -12.23 21.73
CA LEU NB 177 83.32 -12.06 23.02
C LEU NB 177 82.34 -13.21 23.27
N ARG NB 178 81.67 -13.17 24.42
CA ARG NB 178 80.66 -14.16 24.74
C ARG NB 178 79.35 -13.93 24.00
N GLN NB 179 79.12 -12.73 23.47
CA GLN NB 179 77.88 -12.39 22.80
C GLN NB 179 78.03 -12.24 21.30
N GLY NB 180 79.20 -12.57 20.75
CA GLY NB 180 79.40 -12.48 19.31
C GLY NB 180 80.81 -12.11 18.91
N VAL NB 181 80.96 -11.44 17.77
CA VAL NB 181 82.25 -11.00 17.28
C VAL NB 181 82.25 -9.49 17.20
N LEU NB 182 83.27 -8.86 17.77
CA LEU NB 182 83.43 -7.41 17.76
C LEU NB 182 84.50 -7.03 16.74
N GLY NB 183 84.09 -6.34 15.69
CA GLY NB 183 85.00 -5.95 14.62
C GLY NB 183 85.73 -4.67 14.98
N ILE NB 184 87.05 -4.70 14.80
CA ILE NB 184 87.92 -3.55 15.06
C ILE NB 184 88.65 -3.18 13.78
N LYS NB 185 88.55 -1.91 13.39
CA LYS NB 185 89.31 -1.36 12.29
C LYS NB 185 90.08 -0.15 12.78
N VAL NB 186 91.36 -0.05 12.42
CA VAL NB 186 92.22 1.04 12.85
C VAL NB 186 93.04 1.51 11.65
N LYS NB 187 93.01 2.81 11.40
CA LYS NB 187 93.77 3.44 10.32
C LYS NB 187 94.61 4.56 10.92
N ILE NB 188 95.88 4.62 10.54
CA ILE NB 188 96.81 5.58 11.10
C ILE NB 188 97.50 6.33 9.97
N MET NB 189 97.41 7.66 9.97
CA MET NB 189 98.13 8.47 9.02
C MET NB 189 99.56 8.69 9.47
N LEU NB 190 100.51 8.19 8.71
CA LEU NB 190 101.91 8.32 9.07
C LEU NB 190 102.42 9.72 8.74
N PRO NB 191 103.40 10.21 9.50
CA PRO NB 191 104.01 11.51 9.19
C PRO NB 191 105.19 11.38 8.26
N TRP NB 192 105.25 12.28 7.28
CA TRP NB 192 106.31 12.26 6.27
C TRP NB 192 107.65 12.74 6.81
N ASP NB 193 107.68 13.31 8.02
CA ASP NB 193 108.83 14.06 8.51
C ASP NB 193 110.18 13.34 8.36
N PRO NB 194 110.36 12.08 8.76
CA PRO NB 194 111.70 11.49 8.65
C PRO NB 194 112.21 11.32 7.23
N THR NB 195 111.33 11.08 6.25
CA THR NB 195 111.71 10.87 4.85
C THR NB 195 112.76 9.76 4.74
N GLY NB 196 112.34 8.54 5.09
CA GLY NB 196 113.20 7.39 4.99
C GLY NB 196 113.10 6.43 6.16
N LYS NB 197 112.77 6.98 7.33
CA LYS NB 197 112.51 6.18 8.52
C LYS NB 197 111.05 5.74 8.52
N ILE NB 198 110.55 5.33 9.69
CA ILE NB 198 109.17 4.88 9.87
C ILE NB 198 108.18 5.78 9.15
N GLY NB 199 108.49 7.07 9.05
CA GLY NB 199 107.70 7.97 8.25
C GLY NB 199 108.13 7.94 6.79
N PRO NB 200 107.18 7.68 5.90
CA PRO NB 200 107.52 7.48 4.48
C PRO NB 200 107.93 8.79 3.80
N LYS NB 201 108.63 8.63 2.68
CA LYS NB 201 109.02 9.76 1.84
C LYS NB 201 107.90 10.11 0.86
N LYS NB 202 108.21 10.92 -0.15
CA LYS NB 202 107.29 11.35 -1.20
C LYS NB 202 106.00 11.89 -0.59
N PRO NB 203 106.03 13.12 -0.06
CA PRO NB 203 104.91 13.62 0.74
C PRO NB 203 103.61 13.80 -0.04
N LEU NB 204 102.59 14.30 0.62
CA LEU NB 204 101.28 14.47 -0.01
C LEU NB 204 101.43 15.29 -1.29
N PRO NB 205 100.76 14.90 -2.38
CA PRO NB 205 100.94 15.63 -3.65
C PRO NB 205 100.56 17.09 -3.55
N ASP NB 206 99.56 17.43 -2.75
CA ASP NB 206 99.16 18.82 -2.53
C ASP NB 206 99.81 19.39 -1.27
N HIS NB 207 101.13 19.37 -1.25
CA HIS NB 207 101.92 19.83 -0.11
C HIS NB 207 103.04 20.75 -0.58
N VAL NB 208 102.69 21.75 -1.38
CA VAL NB 208 103.67 22.70 -1.87
C VAL NB 208 104.31 23.44 -0.69
N SER NB 209 105.63 23.40 -0.62
CA SER NB 209 106.39 24.17 0.36
C SER NB 209 107.45 24.97 -0.37
N ILE NB 210 107.82 26.12 0.18
CA ILE NB 210 108.77 27.02 -0.46
C ILE NB 210 109.93 27.29 0.52
N VAL NB 211 111.10 27.55 -0.06
CA VAL NB 211 112.31 27.77 0.72
C VAL NB 211 112.46 29.26 1.01
N GLU NB 212 113.26 29.58 2.04
CA GLU NB 212 113.44 30.96 2.49
C GLU NB 212 114.80 31.51 2.06
N PRO NB 213 114.76 32.67 1.39
CA PRO NB 213 115.98 33.29 0.86
C PRO NB 213 116.76 34.10 1.88
N LYS NB 214 117.76 34.83 1.37
CA LYS NB 214 118.53 35.80 2.12
C LYS NB 214 118.15 37.22 1.68
N ASP NB 215 118.85 38.24 2.16
CA ASP NB 215 118.54 39.61 1.80
C ASP NB 215 118.71 39.86 0.30
N GLU NB 216 119.95 39.78 -0.20
CA GLU NB 216 120.24 39.88 -1.62
C GLU NB 216 119.67 41.16 -2.24
N ILE NB 217 119.87 42.29 -1.55
CA ILE NB 217 119.37 43.56 -2.08
C ILE NB 217 120.47 44.28 -2.87
N LEU NB 218 121.63 44.50 -2.23
CA LEU NB 218 122.84 45.05 -2.83
C LEU NB 218 122.57 46.09 -3.95
N PRO NB 219 121.98 47.23 -3.61
CA PRO NB 219 121.66 48.24 -4.63
C PRO NB 219 122.68 49.37 -4.80
N THR NB 220 123.82 49.32 -4.11
CA THR NB 220 124.72 50.47 -4.04
C THR NB 220 125.53 50.61 -5.32
N THR NB 221 126.51 51.50 -5.28
CA THR NB 221 127.33 51.80 -6.45
C THR NB 221 128.10 50.54 -6.88
N PRO NB 222 128.29 50.33 -8.18
CA PRO NB 222 128.93 49.09 -8.66
C PRO NB 222 130.43 49.13 -8.44
N ILE NB 223 130.91 48.26 -7.55
CA ILE NB 223 132.32 48.15 -7.23
C ILE NB 223 132.90 46.96 -7.95
N SER NB 224 134.24 46.90 -7.99
CA SER NB 224 134.98 45.83 -8.66
C SER NB 224 135.82 45.10 -7.62
N GLU NB 225 135.45 43.85 -7.33
CA GLU NB 225 136.12 43.07 -6.29
C GLU NB 225 137.22 42.22 -6.92
N GLN NB 226 138.46 42.66 -6.77
CA GLN NB 226 139.62 42.00 -7.37
C GLN NB 226 140.23 41.06 -6.33
N LYS NB 227 140.13 39.76 -6.57
CA LYS NB 227 140.66 38.77 -5.66
C LYS NB 227 140.88 37.43 -6.36
N ASP OB 1 91.41 17.23 -63.22
CA ASP OB 1 92.60 17.56 -62.45
C ASP OB 1 92.72 16.66 -61.22
N ILE OB 2 91.58 16.46 -60.52
CA ILE OB 2 91.53 15.65 -59.32
C ILE OB 2 90.93 14.28 -59.57
N LYS OB 3 89.92 14.20 -60.44
CA LYS OB 3 89.59 12.99 -61.17
C LYS OB 3 89.11 11.87 -60.23
N LEU OB 4 87.96 12.14 -59.59
CA LEU OB 4 87.44 11.25 -58.55
C LEU OB 4 86.96 9.90 -59.10
N PHE OB 5 87.47 8.83 -58.49
CA PHE OB 5 87.22 7.45 -58.93
C PHE OB 5 87.74 7.17 -60.32
N GLY OB 6 88.72 7.92 -60.80
CA GLY OB 6 89.21 7.71 -62.14
C GLY OB 6 88.32 8.24 -63.23
N LYS OB 7 87.36 9.10 -62.90
CA LYS OB 7 86.53 9.78 -63.89
C LYS OB 7 85.84 10.96 -63.19
N TRP OB 8 84.94 11.63 -63.90
CA TRP OB 8 84.02 12.61 -63.31
C TRP OB 8 84.74 13.71 -62.53
N SER OB 9 85.46 14.58 -63.23
CA SER OB 9 86.13 15.69 -62.53
C SER OB 9 85.11 16.53 -61.74
N THR OB 10 85.62 17.30 -60.78
CA THR OB 10 84.75 18.04 -59.85
C THR OB 10 84.46 19.48 -60.27
N ASP OB 11 85.30 20.10 -61.10
CA ASP OB 11 85.07 21.50 -61.44
C ASP OB 11 84.12 21.64 -62.60
N ASP OB 12 83.00 20.91 -62.55
CA ASP OB 12 81.84 21.18 -63.37
C ASP OB 12 80.52 21.09 -62.62
N VAL OB 13 80.45 20.38 -61.50
CA VAL OB 13 79.25 20.30 -60.68
C VAL OB 13 79.04 21.63 -59.98
N GLN OB 14 77.83 22.14 -60.03
CA GLN OB 14 77.48 23.40 -59.40
C GLN OB 14 76.18 23.26 -58.63
N ILE OB 15 75.99 24.13 -57.65
CA ILE OB 15 74.81 24.16 -56.81
C ILE OB 15 73.99 25.38 -57.19
N ASN OB 16 72.66 25.20 -57.30
CA ASN OB 16 71.80 26.30 -57.71
C ASN OB 16 71.39 27.16 -56.52
N ASP OB 17 70.83 26.54 -55.48
CA ASP OB 17 70.40 27.31 -54.31
C ASP OB 17 71.62 27.74 -53.50
N ILE OB 18 71.62 29.01 -53.09
CA ILE OB 18 72.76 29.62 -52.41
C ILE OB 18 72.89 29.06 -51.00
N SER OB 19 71.87 28.34 -50.53
CA SER OB 19 71.79 27.96 -49.12
C SER OB 19 72.46 26.64 -48.80
N LEU OB 20 73.21 26.04 -49.73
CA LEU OB 20 73.92 24.80 -49.47
C LEU OB 20 75.33 24.78 -50.01
N GLN OB 21 75.91 25.95 -50.32
CA GLN OB 21 77.29 25.99 -50.78
C GLN OB 21 78.27 25.61 -49.68
N ASP OB 22 77.96 25.99 -48.44
CA ASP OB 22 78.87 25.78 -47.32
C ASP OB 22 78.62 24.45 -46.60
N TYR OB 23 77.66 23.65 -47.04
CA TYR OB 23 77.37 22.38 -46.39
C TYR OB 23 77.54 21.19 -47.31
N ILE OB 24 77.47 21.39 -48.63
CA ILE OB 24 77.88 20.34 -49.56
C ILE OB 24 79.36 20.51 -49.86
N ALA OB 25 80.08 19.40 -49.96
CA ALA OB 25 81.53 19.39 -50.06
C ALA OB 25 81.99 18.65 -51.30
N VAL OB 26 81.39 19.00 -52.45
CA VAL OB 26 81.75 18.39 -53.73
C VAL OB 26 82.88 19.14 -54.43
N LYS OB 27 83.10 20.41 -54.07
CA LYS OB 27 83.90 21.32 -54.87
C LYS OB 27 85.40 21.06 -54.67
N GLU OB 28 86.21 22.03 -55.11
CA GLU OB 28 87.63 21.78 -55.37
C GLU OB 28 88.40 21.34 -54.14
N LYS OB 29 88.23 22.03 -53.00
CA LYS OB 29 89.07 21.71 -51.86
C LYS OB 29 88.64 20.40 -51.20
N TYR OB 30 87.37 20.06 -51.28
CA TYR OB 30 86.90 18.73 -50.90
C TYR OB 30 86.72 17.84 -52.13
N ALA OB 31 87.84 17.56 -52.78
CA ALA OB 31 87.88 16.71 -53.97
C ALA OB 31 88.86 15.58 -53.68
N LYS OB 32 88.34 14.44 -53.24
CA LYS OB 32 89.16 13.31 -52.83
C LYS OB 32 89.05 12.17 -53.83
N TYR OB 33 90.13 11.40 -53.90
CA TYR OB 33 90.20 10.28 -54.84
C TYR OB 33 89.13 9.23 -54.52
N LEU OB 34 88.90 8.95 -53.25
CA LEU OB 34 87.94 7.95 -52.83
C LEU OB 34 87.04 8.51 -51.74
N PRO OB 35 85.81 7.99 -51.62
CA PRO OB 35 84.94 8.36 -50.50
C PRO OB 35 85.28 7.60 -49.21
N HIS OB 36 86.55 7.57 -48.88
CA HIS OB 36 87.03 6.83 -47.71
C HIS OB 36 88.09 7.67 -47.03
N SER OB 37 87.88 7.98 -45.75
CA SER OB 37 88.81 8.82 -45.01
C SER OB 37 88.51 8.72 -43.52
N ALA OB 38 89.55 8.46 -42.73
CA ALA OB 38 89.46 8.56 -41.26
C ALA OB 38 89.82 9.99 -40.88
N GLY OB 39 88.82 10.88 -40.97
CA GLY OB 39 89.03 12.30 -40.82
C GLY OB 39 88.48 12.94 -39.57
N ARG OB 40 88.00 12.16 -38.61
CA ARG OB 40 87.53 12.69 -37.32
C ARG OB 40 86.43 13.74 -37.51
N TYR OB 41 85.46 13.44 -38.37
CA TYR OB 41 84.45 14.42 -38.75
C TYR OB 41 83.34 14.58 -37.73
N ALA OB 42 83.21 13.66 -36.77
CA ALA OB 42 82.17 13.72 -35.77
C ALA OB 42 82.66 14.26 -34.43
N ALA OB 43 83.91 14.72 -34.36
CA ALA OB 43 84.44 15.21 -33.10
C ALA OB 43 83.74 16.48 -32.65
N LYS OB 44 83.43 17.38 -33.58
CA LYS OB 44 82.79 18.64 -33.26
C LYS OB 44 81.70 18.96 -34.29
N ARG OB 45 80.85 19.92 -33.92
CA ARG OB 45 79.78 20.33 -34.82
C ARG OB 45 80.35 20.91 -36.11
N PHE OB 46 79.65 20.67 -37.21
CA PHE OB 46 79.88 21.28 -38.51
C PHE OB 46 81.21 20.85 -39.12
N ARG OB 47 81.97 19.99 -38.45
CA ARG OB 47 83.07 19.29 -39.11
C ARG OB 47 82.54 18.30 -40.13
N LYS OB 48 81.43 17.64 -39.81
CA LYS OB 48 80.78 16.76 -40.79
C LYS OB 48 80.30 17.54 -42.01
N ALA OB 49 80.11 18.86 -41.87
CA ALA OB 49 79.76 19.67 -43.03
C ALA OB 49 80.89 19.69 -44.06
N GLN OB 50 82.13 19.79 -43.59
CA GLN OB 50 83.29 19.77 -44.48
C GLN OB 50 83.54 18.38 -45.07
N CYS OB 51 82.87 17.35 -44.56
CA CYS OB 51 83.08 16.01 -45.08
C CYS OB 51 82.50 15.88 -46.48
N PRO OB 52 83.24 15.28 -47.43
CA PRO OB 52 82.75 15.18 -48.80
C PRO OB 52 81.41 14.44 -48.87
N ILE OB 53 80.55 14.91 -49.77
CA ILE OB 53 79.19 14.39 -49.85
C ILE OB 53 79.19 12.93 -50.27
N VAL OB 54 80.14 12.54 -51.14
CA VAL OB 54 80.20 11.15 -51.55
C VAL OB 54 80.67 10.27 -50.40
N GLU OB 55 81.56 10.78 -49.55
CA GLU OB 55 81.98 10.04 -48.37
C GLU OB 55 80.87 10.01 -47.33
N ARG OB 56 80.04 11.06 -47.28
CA ARG OB 56 78.90 11.06 -46.37
C ARG OB 56 77.86 10.02 -46.77
N LEU OB 57 77.59 9.88 -48.06
CA LEU OB 57 76.53 8.97 -48.49
C LEU OB 57 76.93 7.52 -48.29
N THR OB 58 78.21 7.19 -48.50
CA THR OB 58 78.67 5.84 -48.20
C THR OB 58 78.77 5.60 -46.71
N ASN OB 59 78.94 6.67 -45.92
CA ASN OB 59 78.91 6.52 -44.48
C ASN OB 59 77.53 6.12 -43.97
N SER OB 60 76.48 6.67 -44.57
CA SER OB 60 75.11 6.36 -44.19
C SER OB 60 74.56 5.16 -44.92
N MET OB 61 75.29 4.59 -45.88
CA MET OB 61 74.83 3.42 -46.60
C MET OB 61 75.07 2.12 -45.84
N MET OB 62 76.03 2.09 -44.92
CA MET OB 62 76.29 0.88 -44.16
C MET OB 62 75.43 0.85 -42.91
N MET OB 63 74.12 1.04 -43.04
CA MET OB 63 73.25 1.16 -41.87
C MET OB 63 72.01 0.31 -42.10
N HIS OB 64 72.12 -0.99 -41.75
CA HIS OB 64 70.94 -1.69 -41.22
C HIS OB 64 71.32 -2.71 -40.15
N GLY OB 65 72.53 -2.63 -39.59
CA GLY OB 65 72.93 -3.57 -38.56
C GLY OB 65 73.64 -4.79 -39.10
N ARG OB 66 73.12 -5.36 -40.18
CA ARG OB 66 73.78 -6.49 -40.81
C ARG OB 66 75.13 -6.10 -41.39
N ASN OB 67 75.25 -4.87 -41.88
CA ASN OB 67 76.50 -4.37 -42.44
C ASN OB 67 76.81 -3.01 -41.82
N ASN OB 68 77.40 -3.01 -40.63
CA ASN OB 68 77.67 -1.78 -39.90
C ASN OB 68 79.09 -1.27 -40.14
N GLY OB 69 80.08 -2.14 -40.06
CA GLY OB 69 81.45 -1.71 -40.28
C GLY OB 69 81.92 -1.77 -41.71
N LYS OB 70 81.10 -2.27 -42.64
CA LYS OB 70 81.56 -2.53 -44.00
C LYS OB 70 81.60 -1.27 -44.84
N LYS OB 71 82.67 -0.48 -44.71
CA LYS OB 71 82.88 0.64 -45.62
C LYS OB 71 83.30 0.18 -47.01
N LEU OB 72 84.14 -0.86 -47.08
CA LEU OB 72 84.68 -1.30 -48.37
C LEU OB 72 83.56 -1.70 -49.33
N MET OB 73 82.49 -2.31 -48.81
CA MET OB 73 81.37 -2.68 -49.67
C MET OB 73 80.56 -1.47 -50.08
N THR OB 74 80.32 -0.55 -49.14
CA THR OB 74 79.46 0.59 -49.44
C THR OB 74 80.05 1.48 -50.52
N VAL OB 75 81.37 1.72 -50.47
CA VAL OB 75 82.00 2.48 -51.54
C VAL OB 75 81.90 1.70 -52.85
N ARG OB 76 82.07 0.38 -52.81
CA ARG OB 76 81.89 -0.43 -54.01
C ARG OB 76 80.47 -0.30 -54.54
N ILE OB 77 79.49 -0.24 -53.64
CA ILE OB 77 78.12 0.02 -54.06
C ILE OB 77 78.02 1.41 -54.68
N VAL OB 78 78.68 2.40 -54.06
CA VAL OB 78 78.64 3.76 -54.58
C VAL OB 78 79.30 3.83 -55.95
N LYS OB 79 80.46 3.20 -56.11
CA LYS OB 79 81.13 3.21 -57.41
C LYS OB 79 80.29 2.51 -58.47
N HIS OB 80 79.70 1.37 -58.13
CA HIS OB 80 78.82 0.68 -59.06
C HIS OB 80 77.58 1.50 -59.38
N ALA OB 81 76.98 2.11 -58.35
CA ALA OB 81 75.79 2.92 -58.57
C ALA OB 81 76.12 4.16 -59.41
N PHE OB 82 77.30 4.73 -59.21
CA PHE OB 82 77.64 5.99 -59.87
C PHE OB 82 77.78 5.82 -61.38
N GLU OB 83 78.56 4.83 -61.81
CA GLU OB 83 78.72 4.60 -63.24
C GLU OB 83 77.42 4.13 -63.87
N ILE OB 84 76.47 3.66 -63.06
CA ILE OB 84 75.13 3.38 -63.56
C ILE OB 84 74.42 4.68 -63.88
N ILE OB 85 74.60 5.71 -63.03
CA ILE OB 85 74.02 7.01 -63.30
C ILE OB 85 74.55 7.58 -64.61
N HIS OB 86 75.87 7.54 -64.78
CA HIS OB 86 76.47 8.12 -65.98
C HIS OB 86 75.99 7.40 -67.23
N LEU OB 87 75.89 6.07 -67.16
CA LEU OB 87 75.44 5.30 -68.31
C LEU OB 87 73.94 5.43 -68.56
N LEU OB 88 73.18 5.89 -67.56
CA LEU OB 88 71.76 6.13 -67.77
C LEU OB 88 71.50 7.56 -68.24
N THR OB 89 71.89 8.54 -67.43
CA THR OB 89 71.59 9.94 -67.68
C THR OB 89 72.57 10.62 -68.61
N GLY OB 90 73.85 10.25 -68.57
CA GLY OB 90 74.86 10.87 -69.39
C GLY OB 90 75.54 12.07 -68.77
N GLU OB 91 75.12 12.48 -67.58
CA GLU OB 91 75.76 13.58 -66.88
C GLU OB 91 76.53 13.06 -65.66
N ASN OB 92 77.20 13.98 -64.97
CA ASN OB 92 78.07 13.62 -63.87
C ASN OB 92 77.25 13.02 -62.73
N PRO OB 93 77.62 11.84 -62.21
CA PRO OB 93 76.90 11.32 -61.03
C PRO OB 93 76.95 12.25 -59.84
N LEU OB 94 78.02 13.03 -59.68
CA LEU OB 94 78.02 14.06 -58.65
C LEU OB 94 76.97 15.12 -58.91
N GLN OB 95 76.76 15.48 -60.17
CA GLN OB 95 75.79 16.51 -60.50
C GLN OB 95 74.38 16.11 -60.06
N VAL OB 96 73.99 14.87 -60.34
CA VAL OB 96 72.67 14.42 -59.90
C VAL OB 96 72.69 14.01 -58.44
N LEU OB 97 73.86 13.74 -57.89
CA LEU OB 97 73.97 13.58 -56.43
C LEU OB 97 73.62 14.88 -55.72
N VAL OB 98 74.18 15.99 -56.19
CA VAL OB 98 73.84 17.29 -55.62
C VAL OB 98 72.38 17.62 -55.87
N ASN OB 99 71.87 17.33 -57.06
CA ASN OB 99 70.47 17.59 -57.36
C ASN OB 99 69.54 16.77 -56.47
N ALA OB 100 69.88 15.49 -56.25
CA ALA OB 100 69.07 14.66 -55.37
C ALA OB 100 69.17 15.15 -53.93
N ILE OB 101 70.33 15.66 -53.52
CA ILE OB 101 70.50 16.17 -52.17
C ILE OB 101 69.62 17.40 -51.94
N ILE OB 102 69.67 18.35 -52.87
CA ILE OB 102 68.94 19.61 -52.69
C ILE OB 102 67.45 19.47 -52.93
N ASN OB 103 67.02 18.36 -53.55
CA ASN OB 103 65.60 18.16 -53.84
C ASN OB 103 64.91 17.21 -52.87
N SER OB 104 65.66 16.53 -52.00
CA SER OB 104 65.07 15.60 -51.05
C SER OB 104 65.00 16.12 -49.63
N GLY OB 105 65.87 17.05 -49.25
CA GLY OB 105 65.83 17.65 -47.94
C GLY OB 105 64.62 18.56 -47.79
N PRO OB 106 63.78 18.26 -46.80
CA PRO OB 106 62.61 19.11 -46.57
C PRO OB 106 63.00 20.51 -46.12
N ARG OB 107 62.14 21.47 -46.41
CA ARG OB 107 62.35 22.85 -45.98
C ARG OB 107 61.59 23.21 -44.71
N GLU OB 108 60.62 22.41 -44.29
CA GLU OB 108 59.82 22.70 -43.12
C GLU OB 108 59.59 21.43 -42.32
N ASP OB 109 59.39 21.59 -41.01
CA ASP OB 109 59.12 20.48 -40.12
C ASP OB 109 58.27 20.99 -38.97
N SER OB 110 57.93 20.11 -38.04
CA SER OB 110 57.11 20.48 -36.88
C SER OB 110 57.68 19.81 -35.64
N THR OB 111 57.74 20.56 -34.54
CA THR OB 111 58.27 20.03 -33.29
C THR OB 111 57.89 20.96 -32.14
N ARG OB 112 57.48 20.37 -31.03
CA ARG OB 112 57.04 21.06 -29.82
C ARG OB 112 56.91 20.02 -28.71
N ILE OB 113 56.38 20.43 -27.56
CA ILE OB 113 56.18 19.50 -26.45
C ILE OB 113 54.77 19.54 -25.87
N GLY OB 114 53.94 20.53 -26.20
CA GLY OB 114 52.57 20.55 -25.72
C GLY OB 114 51.66 19.58 -26.45
N ARG OB 115 50.38 19.93 -26.56
CA ARG OB 115 49.39 19.05 -27.17
C ARG OB 115 49.65 18.92 -28.66
N ALA OB 116 50.18 17.78 -29.08
CA ALA OB 116 50.46 17.55 -30.49
C ALA OB 116 49.17 17.42 -31.28
N GLY OB 117 49.06 18.19 -32.37
CA GLY OB 117 47.88 18.14 -33.22
C GLY OB 117 47.78 16.88 -34.04
N THR OB 118 48.69 16.73 -35.01
CA THR OB 118 48.77 15.51 -35.80
C THR OB 118 50.19 14.94 -35.72
N VAL OB 119 51.18 15.84 -35.69
CA VAL OB 119 52.57 15.46 -35.44
C VAL OB 119 53.13 16.26 -34.26
N ARG OB 120 53.05 17.59 -34.34
CA ARG OB 120 53.43 18.45 -33.22
C ARG OB 120 52.63 19.74 -33.32
N ARG OB 121 52.93 20.69 -32.42
CA ARG OB 121 52.12 21.90 -32.32
C ARG OB 121 52.41 22.86 -33.47
N GLN OB 122 53.65 23.33 -33.59
CA GLN OB 122 53.98 24.38 -34.53
C GLN OB 122 54.91 23.86 -35.63
N ALA OB 123 54.86 24.53 -36.77
CA ALA OB 123 55.72 24.21 -37.90
C ALA OB 123 56.95 25.11 -37.88
N VAL OB 124 58.13 24.51 -37.97
CA VAL OB 124 59.40 25.21 -37.88
C VAL OB 124 60.20 24.97 -39.15
N ASP OB 125 61.21 25.80 -39.36
CA ASP OB 125 62.06 25.69 -40.53
C ASP OB 125 63.36 24.98 -40.18
N VAL OB 126 63.74 24.02 -41.02
CA VAL OB 126 64.93 23.23 -40.74
C VAL OB 126 66.17 23.96 -41.28
N SER OB 127 67.27 23.82 -40.55
CA SER OB 127 68.51 24.50 -40.87
C SER OB 127 69.20 23.84 -42.06
N PRO OB 128 70.06 24.57 -42.78
CA PRO OB 128 70.71 23.98 -43.95
C PRO OB 128 71.88 23.07 -43.60
N LEU OB 129 71.71 22.26 -42.57
CA LEU OB 129 72.49 21.06 -42.30
C LEU OB 129 71.60 19.87 -42.00
N ARG OB 130 70.48 20.09 -41.30
CA ARG OB 130 69.47 19.05 -41.16
C ARG OB 130 68.88 18.69 -42.52
N ARG OB 131 68.86 19.65 -43.45
CA ARG OB 131 68.41 19.37 -44.80
C ARG OB 131 69.30 18.32 -45.45
N VAL OB 132 70.62 18.54 -45.43
CA VAL OB 132 71.55 17.58 -46.01
C VAL OB 132 71.54 16.29 -45.21
N ASN OB 133 71.45 16.39 -43.88
CA ASN OB 133 71.38 15.19 -43.05
C ASN OB 133 70.14 14.37 -43.35
N GLN OB 134 68.98 15.03 -43.45
CA GLN OB 134 67.75 14.34 -43.79
C GLN OB 134 67.78 13.83 -45.23
N ALA OB 135 68.40 14.59 -46.13
CA ALA OB 135 68.44 14.20 -47.53
C ALA OB 135 69.22 12.90 -47.72
N ILE OB 136 70.41 12.82 -47.13
CA ILE OB 136 71.24 11.62 -47.28
C ILE OB 136 70.52 10.41 -46.68
N TRP OB 137 69.89 10.61 -45.52
CA TRP OB 137 69.22 9.50 -44.85
C TRP OB 137 68.05 8.99 -45.68
N LEU OB 138 67.40 9.87 -46.43
CA LEU OB 138 66.22 9.47 -47.21
C LEU OB 138 66.62 8.69 -48.46
N LEU OB 139 67.79 8.95 -49.02
CA LEU OB 139 68.24 8.18 -50.18
C LEU OB 139 68.61 6.76 -49.77
N CYS OB 140 69.37 6.61 -48.69
CA CYS OB 140 69.83 5.28 -48.28
C CYS OB 140 68.66 4.39 -47.89
N THR OB 141 67.68 4.94 -47.16
CA THR OB 141 66.52 4.13 -46.80
C THR OB 141 65.68 3.77 -48.02
N GLY OB 142 65.51 4.70 -48.97
CA GLY OB 142 64.80 4.37 -50.19
C GLY OB 142 65.53 3.33 -51.01
N ALA OB 143 66.86 3.43 -51.09
CA ALA OB 143 67.66 2.40 -51.72
C ALA OB 143 67.62 1.10 -50.92
N ARG OB 144 67.47 1.21 -49.60
CA ARG OB 144 67.48 0.03 -48.75
C ARG OB 144 66.17 -0.75 -48.86
N GLU OB 145 65.04 -0.03 -48.89
CA GLU OB 145 63.75 -0.70 -48.96
C GLU OB 145 63.47 -1.26 -50.36
N ALA OB 146 63.98 -0.60 -51.40
CA ALA OB 146 63.76 -1.09 -52.76
C ALA OB 146 64.46 -2.42 -52.98
N ALA OB 147 65.67 -2.59 -52.46
CA ALA OB 147 66.51 -3.74 -52.75
C ALA OB 147 66.36 -4.87 -51.74
N PHE OB 148 65.45 -4.75 -50.76
CA PHE OB 148 65.38 -5.76 -49.71
C PHE OB 148 64.96 -7.12 -50.22
N ARG OB 149 63.85 -7.20 -50.96
CA ARG OB 149 63.27 -8.49 -51.30
C ARG OB 149 62.99 -8.59 -52.80
N ASN OB 150 63.98 -8.25 -53.62
CA ASN OB 150 63.82 -8.33 -55.07
C ASN OB 150 65.13 -8.74 -55.72
N ILE OB 151 65.07 -8.99 -57.03
CA ILE OB 151 66.25 -9.37 -57.81
C ILE OB 151 67.25 -8.22 -57.87
N LYS OB 152 66.77 -6.99 -57.96
CA LYS OB 152 67.64 -5.86 -58.25
C LYS OB 152 68.61 -5.59 -57.12
N THR OB 153 69.83 -5.21 -57.49
CA THR OB 153 70.88 -4.95 -56.51
C THR OB 153 70.75 -3.53 -55.97
N ILE OB 154 71.60 -3.21 -54.97
CA ILE OB 154 71.56 -1.89 -54.36
C ILE OB 154 72.04 -0.83 -55.33
N ALA OB 155 73.00 -1.17 -56.20
CA ALA OB 155 73.61 -0.19 -57.08
C ALA OB 155 72.57 0.45 -58.00
N GLU OB 156 71.75 -0.38 -58.66
CA GLU OB 156 70.65 0.17 -59.43
C GLU OB 156 69.54 0.70 -58.52
N CYS OB 157 69.33 0.07 -57.36
CA CYS OB 157 68.34 0.56 -56.43
C CYS OB 157 68.74 1.90 -55.82
N LEU OB 158 70.04 2.15 -55.61
CA LEU OB 158 70.51 3.47 -55.24
C LEU OB 158 70.52 4.41 -56.43
N ALA OB 159 70.75 3.87 -57.63
CA ALA OB 159 70.81 4.71 -58.83
C ALA OB 159 69.45 5.30 -59.17
N ASP OB 160 68.41 4.47 -59.24
CA ASP OB 160 67.10 4.95 -59.64
C ASP OB 160 66.55 5.93 -58.61
N GLU OB 161 66.75 5.65 -57.32
CA GLU OB 161 66.34 6.57 -56.27
C GLU OB 161 67.06 7.90 -56.41
N LEU OB 162 68.35 7.86 -56.75
CA LEU OB 162 69.12 9.08 -56.92
C LEU OB 162 68.57 9.92 -58.07
N ILE OB 163 68.41 9.33 -59.24
CA ILE OB 163 68.01 10.10 -60.41
C ILE OB 163 66.53 10.51 -60.32
N ASN OB 164 65.69 9.68 -59.71
CA ASN OB 164 64.29 10.06 -59.53
C ASN OB 164 64.15 11.25 -58.59
N ALA OB 165 65.03 11.36 -57.59
CA ALA OB 165 65.08 12.55 -56.76
C ALA OB 165 65.77 13.71 -57.46
N ALA OB 166 66.78 13.42 -58.28
CA ALA OB 166 67.53 14.48 -58.95
C ALA OB 166 66.65 15.22 -59.95
N LYS OB 167 65.77 14.49 -60.65
CA LYS OB 167 64.91 15.13 -61.63
C LYS OB 167 63.59 15.59 -61.02
N GLY OB 168 63.14 14.92 -59.96
CA GLY OB 168 61.86 15.23 -59.37
C GLY OB 168 60.76 14.40 -60.02
N SER OB 169 60.18 13.46 -59.28
CA SER OB 169 59.18 12.58 -59.88
C SER OB 169 57.96 12.30 -59.01
N SER OB 170 58.00 12.56 -57.70
CA SER OB 170 56.97 12.09 -56.76
C SER OB 170 56.87 10.56 -56.80
N ASN OB 171 57.92 9.92 -57.31
CA ASN OB 171 57.99 8.47 -57.45
C ASN OB 171 59.17 7.96 -56.64
N SER OB 172 60.17 8.81 -56.46
CA SER OB 172 61.28 8.50 -55.58
C SER OB 172 60.81 8.42 -54.15
N TYR OB 173 61.43 7.53 -53.37
CA TYR OB 173 61.05 7.37 -51.98
C TYR OB 173 61.31 8.66 -51.20
N ALA OB 174 62.48 9.28 -51.41
CA ALA OB 174 62.87 10.43 -50.62
C ALA OB 174 61.91 11.61 -50.84
N ILE OB 175 61.62 11.93 -52.09
CA ILE OB 175 60.84 13.13 -52.37
C ILE OB 175 59.37 12.93 -52.03
N LYS OB 176 58.90 11.68 -51.97
CA LYS OB 176 57.57 11.42 -51.45
C LYS OB 176 57.50 11.67 -49.95
N LYS OB 177 58.59 11.37 -49.24
CA LYS OB 177 58.66 11.69 -47.82
C LYS OB 177 58.91 13.17 -47.58
N LYS OB 178 59.60 13.83 -48.51
CA LYS OB 178 59.94 15.24 -48.32
C LYS OB 178 58.70 16.12 -48.37
N ASP OB 179 57.87 15.97 -49.41
CA ASP OB 179 56.67 16.78 -49.51
C ASP OB 179 55.60 16.33 -48.54
N GLU OB 180 55.64 15.07 -48.11
CA GLU OB 180 54.73 14.61 -47.07
C GLU OB 180 55.02 15.30 -45.74
N LEU OB 181 56.31 15.43 -45.41
CA LEU OB 181 56.68 16.17 -44.20
C LEU OB 181 56.40 17.65 -44.37
N GLU OB 182 56.69 18.20 -45.55
CA GLU OB 182 56.44 19.62 -45.80
C GLU OB 182 54.95 19.93 -45.77
N ARG OB 183 54.12 19.06 -46.36
CA ARG OB 183 52.68 19.26 -46.33
C ARG OB 183 52.12 19.12 -44.91
N VAL OB 184 52.62 18.16 -44.14
CA VAL OB 184 52.15 18.01 -42.76
C VAL OB 184 52.46 19.26 -41.96
N ALA OB 185 53.66 19.83 -42.13
CA ALA OB 185 54.01 21.06 -41.43
C ALA OB 185 53.10 22.20 -41.86
N LYS OB 186 52.76 22.27 -43.15
CA LYS OB 186 51.85 23.29 -43.63
C LYS OB 186 50.47 23.18 -42.99
N SER OB 187 50.12 21.99 -42.49
CA SER OB 187 48.86 21.85 -41.76
C SER OB 187 49.00 22.29 -40.31
N ASN OB 188 50.20 22.68 -39.90
CA ASN OB 188 50.44 23.17 -38.55
C ASN OB 188 51.24 24.46 -38.57
N ARG OB 189 50.92 25.37 -39.50
CA ARG OB 189 51.62 26.64 -39.60
C ARG OB 189 51.32 27.54 -38.40
N MET PB 1 92.88 -44.38 20.49
CA MET PB 1 92.42 -44.64 19.13
C MET PB 1 92.91 -46.02 18.65
N LEU PB 2 92.43 -46.45 17.49
CA LEU PB 2 92.58 -47.82 17.02
C LEU PB 2 94.02 -48.19 16.70
N MET PB 3 94.90 -47.19 16.65
CA MET PB 3 96.24 -47.39 16.14
C MET PB 3 96.99 -48.44 16.97
N PRO PB 4 97.80 -49.30 16.32
CA PRO PB 4 98.60 -50.26 17.09
C PRO PB 4 99.74 -49.61 17.85
N LYS PB 5 100.59 -50.43 18.48
CA LYS PB 5 101.73 -49.92 19.22
C LYS PB 5 102.86 -49.43 18.32
N LYS PB 6 103.00 -50.00 17.12
CA LYS PB 6 104.17 -49.70 16.29
C LYS PB 6 104.18 -48.24 15.86
N ASN PB 7 103.03 -47.71 15.43
CA ASN PB 7 103.00 -46.31 14.99
C ASN PB 7 103.03 -45.36 16.18
N ARG PB 8 102.72 -45.84 17.38
CA ARG PB 8 102.78 -44.98 18.56
C ARG PB 8 104.23 -44.63 18.91
N ILE PB 9 105.14 -45.60 18.74
CA ILE PB 9 106.55 -45.35 19.02
C ILE PB 9 107.25 -44.90 17.75
N ALA PB 10 106.47 -44.48 16.76
CA ALA PB 10 107.00 -43.86 15.56
C ALA PB 10 106.74 -42.37 15.49
N ILE PB 11 105.85 -41.85 16.33
CA ILE PB 11 105.47 -40.44 16.30
C ILE PB 11 105.80 -39.78 17.63
N TYR PB 12 105.81 -40.58 18.71
CA TYR PB 12 106.06 -40.03 20.04
C TYR PB 12 107.50 -39.54 20.16
N GLU PB 13 108.46 -40.37 19.74
CA GLU PB 13 109.87 -39.98 19.77
C GLU PB 13 110.22 -39.00 18.66
N LEU PB 14 109.48 -39.01 17.54
CA LEU PB 14 109.65 -37.97 16.55
C LEU PB 14 109.27 -36.61 17.11
N LEU PB 15 108.22 -36.59 17.95
CA LEU PB 15 107.91 -35.37 18.69
C LEU PB 15 108.99 -35.06 19.71
N PHE PB 16 109.80 -36.05 20.08
CA PHE PB 16 110.85 -35.84 21.06
C PHE PB 16 112.13 -35.32 20.42
N LYS PB 17 112.72 -36.10 19.48
CA LYS PB 17 114.01 -35.71 18.93
C LYS PB 17 113.93 -34.37 18.21
N GLU PB 18 112.87 -34.15 17.44
CA GLU PB 18 112.54 -32.83 16.93
C GLU PB 18 111.45 -32.25 17.82
N GLY PB 19 111.69 -31.06 18.35
CA GLY PB 19 110.82 -30.49 19.38
C GLY PB 19 109.38 -30.35 18.96
N VAL PB 20 109.12 -29.94 17.71
CA VAL PB 20 107.77 -29.85 17.18
C VAL PB 20 107.72 -30.49 15.81
N MET PB 21 106.49 -30.69 15.33
CA MET PB 21 106.20 -31.40 14.10
C MET PB 21 104.86 -30.93 13.55
N VAL PB 22 104.72 -31.00 12.22
CA VAL PB 22 103.60 -30.39 11.51
C VAL PB 22 102.94 -31.43 10.62
N ALA PB 23 101.63 -31.54 10.70
CA ALA PB 23 100.87 -32.42 9.82
C ALA PB 23 99.81 -31.61 9.09
N LYS PB 24 99.69 -31.84 7.78
CA LYS PB 24 98.67 -31.20 6.98
C LYS PB 24 97.29 -31.71 7.38
N LYS PB 25 96.31 -30.81 7.44
CA LYS PB 25 94.97 -31.21 7.81
C LYS PB 25 94.33 -32.01 6.68
N ASP PB 26 94.47 -33.33 6.76
CA ASP PB 26 93.88 -34.23 5.77
C ASP PB 26 93.71 -35.59 6.43
N VAL PB 27 92.46 -35.99 6.67
CA VAL PB 27 92.15 -37.24 7.35
C VAL PB 27 92.22 -38.37 6.33
N HIS PB 28 92.67 -38.07 5.11
CA HIS PB 28 92.56 -39.00 4.00
C HIS PB 28 93.86 -39.38 3.32
N MET PB 29 94.97 -38.71 3.60
CA MET PB 29 96.22 -39.08 2.94
C MET PB 29 96.77 -40.36 3.57
N PRO PB 30 97.11 -41.37 2.77
CA PRO PB 30 97.56 -42.64 3.34
C PRO PB 30 98.85 -42.55 4.13
N LYS PB 31 99.76 -41.64 3.76
CA LYS PB 31 101.10 -41.59 4.35
C LYS PB 31 101.39 -40.19 4.88
N HIS PB 32 102.34 -40.13 5.82
CA HIS PB 32 102.93 -38.87 6.24
C HIS PB 32 104.35 -38.79 5.72
N PRO PB 33 104.72 -37.76 4.95
CA PRO PB 33 106.05 -37.73 4.33
C PRO PB 33 107.20 -37.73 5.33
N GLU PB 34 107.01 -37.17 6.53
CA GLU PB 34 108.11 -37.11 7.49
C GLU PB 34 108.57 -38.51 7.88
N LEU PB 35 107.63 -39.43 8.12
CA LEU PB 35 107.94 -40.80 8.48
C LEU PB 35 107.81 -41.75 7.29
N ALA PB 36 106.62 -41.84 6.71
CA ALA PB 36 106.37 -42.66 5.52
C ALA PB 36 106.86 -44.08 5.69
N ASP PB 37 108.18 -44.29 5.60
CA ASP PB 37 108.76 -45.62 5.67
C ASP PB 37 108.64 -46.26 7.05
N LYS PB 38 108.04 -45.58 8.01
CA LYS PB 38 107.72 -46.14 9.31
C LYS PB 38 106.28 -46.61 9.40
N ASN PB 39 105.56 -46.63 8.28
CA ASN PB 39 104.19 -47.14 8.17
C ASN PB 39 103.26 -46.44 9.16
N VAL PB 40 103.10 -45.13 8.93
CA VAL PB 40 102.24 -44.32 9.77
C VAL PB 40 101.31 -43.49 8.89
N PRO PB 41 100.02 -43.76 8.88
CA PRO PB 41 99.09 -42.86 8.20
C PRO PB 41 98.95 -41.55 8.95
N ASN PB 42 98.72 -40.48 8.19
CA ASN PB 42 98.60 -39.17 8.81
C ASN PB 42 97.34 -39.09 9.67
N LEU PB 43 96.35 -39.94 9.41
CA LEU PB 43 95.21 -40.03 10.31
C LEU PB 43 95.63 -40.47 11.70
N HIS PB 44 96.48 -41.50 11.77
CA HIS PB 44 96.90 -42.01 13.08
C HIS PB 44 97.66 -40.94 13.86
N VAL PB 45 98.56 -40.22 13.19
CA VAL PB 45 99.35 -39.27 13.94
C VAL PB 45 98.49 -38.07 14.35
N MET PB 46 97.58 -37.64 13.46
CA MET PB 46 96.79 -36.43 13.68
C MET PB 46 95.93 -36.51 14.94
N LYS PB 47 95.28 -37.65 15.17
CA LYS PB 47 94.47 -37.81 16.36
C LYS PB 47 95.25 -38.35 17.55
N ALA PB 48 96.48 -38.82 17.34
CA ALA PB 48 97.31 -39.21 18.46
C ALA PB 48 97.75 -38.00 19.26
N MET PB 49 98.07 -36.90 18.56
CA MET PB 49 98.55 -35.72 19.26
C MET PB 49 97.43 -34.75 19.56
N GLN PB 50 96.30 -34.87 18.85
CA GLN PB 50 95.08 -34.24 19.32
C GLN PB 50 94.67 -34.82 20.66
N SER PB 51 94.99 -36.09 20.88
CA SER PB 51 94.88 -36.67 22.21
C SER PB 51 95.88 -36.03 23.17
N LEU PB 52 97.07 -35.69 22.68
CA LEU PB 52 98.08 -35.10 23.54
C LEU PB 52 97.75 -33.64 23.86
N LYS PB 53 96.98 -32.98 22.99
CA LYS PB 53 96.46 -31.67 23.31
C LYS PB 53 95.47 -31.72 24.46
N SER PB 54 94.49 -32.63 24.37
CA SER PB 54 93.43 -32.69 25.35
C SER PB 54 93.97 -33.09 26.73
N ARG PB 55 95.05 -33.87 26.75
CA ARG PB 55 95.69 -34.20 28.01
C ARG PB 55 96.53 -33.06 28.56
N GLY PB 56 96.62 -31.95 27.83
CA GLY PB 56 97.37 -30.79 28.27
C GLY PB 56 98.85 -30.84 27.98
N TYR PB 57 99.35 -31.94 27.41
CA TYR PB 57 100.78 -32.11 27.17
C TYR PB 57 101.28 -31.30 25.98
N VAL PB 58 100.41 -30.91 25.06
CA VAL PB 58 100.78 -30.14 23.86
C VAL PB 58 99.70 -29.09 23.60
N LYS PB 59 100.13 -28.00 22.97
CA LYS PB 59 99.23 -26.99 22.44
C LYS PB 59 99.55 -26.79 20.97
N GLU PB 60 98.56 -26.33 20.21
CA GLU PB 60 98.76 -26.09 18.79
C GLU PB 60 98.00 -24.86 18.34
N GLN PB 61 98.38 -24.36 17.17
CA GLN PB 61 97.71 -23.24 16.52
C GLN PB 61 97.60 -23.56 15.04
N PHE PB 62 96.38 -23.43 14.51
CA PHE PB 62 96.07 -23.89 13.15
C PHE PB 62 96.24 -22.74 12.16
N ALA PB 63 97.01 -22.99 11.12
CA ALA PB 63 97.10 -22.10 9.96
C ALA PB 63 96.00 -22.49 8.97
N TRP PB 64 96.12 -22.06 7.72
CA TRP PB 64 95.20 -22.45 6.66
C TRP PB 64 94.87 -23.93 6.70
N ARG PB 65 95.89 -24.79 6.49
CA ARG PB 65 95.67 -26.23 6.38
C ARG PB 65 96.80 -27.03 7.03
N HIS PB 66 97.42 -26.51 8.08
CA HIS PB 66 98.51 -27.21 8.74
C HIS PB 66 98.46 -26.97 10.24
N PHE PB 67 98.50 -28.05 11.01
CA PHE PB 67 98.60 -27.93 12.46
C PHE PB 67 100.04 -27.66 12.87
N TYR PB 68 100.20 -27.05 14.05
CA TYR PB 68 101.50 -26.59 14.53
C TYR PB 68 101.70 -26.93 16.00
N TRP PB 69 101.54 -28.20 16.35
CA TRP PB 69 101.61 -28.64 17.74
C TRP PB 69 102.89 -28.16 18.42
N TYR PB 70 102.74 -27.69 19.67
CA TYR PB 70 103.80 -27.09 20.46
C TYR PB 70 103.99 -27.91 21.73
N LEU PB 71 105.13 -28.61 21.82
CA LEU PB 71 105.40 -29.42 23.00
C LEU PB 71 105.53 -28.54 24.24
N THR PB 72 105.13 -29.10 25.38
CA THR PB 72 105.15 -28.37 26.65
C THR PB 72 105.72 -29.27 27.73
N ASN PB 73 106.25 -28.63 28.79
CA ASN PB 73 106.99 -29.35 29.82
C ASN PB 73 106.08 -30.27 30.64
N GLU PB 74 104.76 -30.05 30.59
CA GLU PB 74 103.85 -30.99 31.24
C GLU PB 74 103.86 -32.35 30.57
N GLY PB 75 104.20 -32.41 29.29
CA GLY PB 75 104.27 -33.67 28.58
C GLY PB 75 105.69 -34.15 28.36
N ILE PB 76 106.67 -33.32 28.71
CA ILE PB 76 108.07 -33.70 28.51
C ILE PB 76 108.41 -34.89 29.41
N GLN PB 77 108.10 -34.79 30.70
CA GLN PB 77 108.37 -35.90 31.61
C GLN PB 77 107.49 -37.10 31.28
N TYR PB 78 106.31 -36.87 30.71
CA TYR PB 78 105.48 -37.98 30.25
C TYR PB 78 106.14 -38.70 29.09
N LEU PB 79 106.78 -37.94 28.20
CA LEU PB 79 107.50 -38.56 27.10
C LEU PB 79 108.87 -39.07 27.54
N ARG PB 80 109.31 -38.71 28.74
CA ARG PB 80 110.53 -39.28 29.31
C ARG PB 80 110.31 -40.72 29.75
N ASP PB 81 109.32 -40.93 30.63
CA ASP PB 81 109.07 -42.26 31.18
C ASP PB 81 108.24 -43.15 30.28
N TYR PB 82 107.57 -42.60 29.26
CA TYR PB 82 106.85 -43.44 28.32
C TYR PB 82 107.82 -44.25 27.46
N LEU PB 83 108.89 -43.62 26.99
CA LEU PB 83 109.95 -44.32 26.29
C LEU PB 83 111.04 -44.82 27.23
N HIS PB 84 110.87 -44.63 28.54
CA HIS PB 84 111.77 -45.17 29.55
C HIS PB 84 113.21 -44.70 29.33
N LEU PB 85 113.40 -43.38 29.41
CA LEU PB 85 114.72 -42.80 29.26
C LEU PB 85 114.98 -41.86 30.43
N PRO PB 86 116.14 -41.94 31.06
CA PRO PB 86 116.44 -41.05 32.18
C PRO PB 86 116.49 -39.61 31.70
N PRO PB 87 116.27 -38.65 32.60
CA PRO PB 87 116.24 -37.25 32.18
C PRO PB 87 117.61 -36.71 31.79
N GLU PB 88 118.20 -37.28 30.74
CA GLU PB 88 119.44 -36.76 30.16
C GLU PB 88 119.22 -36.19 28.78
N ILE PB 89 118.69 -37.00 27.85
CA ILE PB 89 118.40 -36.53 26.51
C ILE PB 89 117.25 -35.53 26.56
N VAL PB 90 117.29 -34.54 25.69
CA VAL PB 90 116.26 -33.51 25.64
C VAL PB 90 115.84 -33.33 24.18
N PRO PB 91 114.66 -32.77 23.94
CA PRO PB 91 114.31 -32.34 22.58
C PRO PB 91 115.29 -31.28 22.09
N ALA PB 92 115.45 -31.22 20.76
CA ALA PB 92 116.45 -30.34 20.17
C ALA PB 92 116.17 -28.88 20.49
N THR PB 93 114.90 -28.46 20.40
CA THR PB 93 114.58 -27.04 20.53
C THR PB 93 114.93 -26.48 21.91
N LEU PB 94 115.05 -27.35 22.92
CA LEU PB 94 115.31 -26.85 24.27
C LEU PB 94 116.76 -26.37 24.41
N ARG PB 95 117.70 -27.14 23.90
CA ARG PB 95 119.08 -26.67 23.99
C ARG PB 95 119.82 -26.68 22.66
N ARG PB 96 119.62 -27.71 21.82
CA ARG PB 96 120.33 -27.90 20.57
C ARG PB 96 121.82 -27.63 20.70
N SER PB 97 122.27 -26.44 20.27
CA SER PB 97 123.69 -26.14 20.20
C SER PB 97 124.25 -25.58 21.51
N ARG PB 98 123.54 -24.67 22.16
CA ARG PB 98 124.05 -24.04 23.37
C ARG PB 98 123.33 -24.55 24.61
N THR QB 1 68.45 -62.41 -34.76
CA THR QB 1 69.55 -61.74 -35.42
C THR QB 1 69.81 -60.39 -34.76
N TYR QB 2 71.03 -59.87 -34.90
CA TYR QB 2 71.35 -58.58 -34.31
C TYR QB 2 72.01 -57.63 -35.31
N ARG QB 3 72.89 -58.15 -36.17
CA ARG QB 3 73.49 -57.37 -37.25
C ARG QB 3 73.61 -58.21 -38.51
N GLY QB 4 72.57 -58.99 -38.80
CA GLY QB 4 72.66 -59.99 -39.85
C GLY QB 4 73.25 -61.31 -39.40
N VAL QB 5 73.49 -61.49 -38.11
CA VAL QB 5 73.97 -62.76 -37.55
C VAL QB 5 73.10 -63.08 -36.34
N ASP QB 6 72.81 -64.37 -36.15
CA ASP QB 6 71.71 -64.80 -35.29
C ASP QB 6 72.15 -64.84 -33.82
N LEU QB 7 71.17 -65.11 -32.95
CA LEU QB 7 71.41 -65.08 -31.51
C LEU QB 7 72.26 -66.26 -31.06
N ASP QB 8 72.13 -67.40 -31.74
CA ASP QB 8 72.98 -68.55 -31.44
C ASP QB 8 74.44 -68.23 -31.75
N GLN QB 9 74.68 -67.56 -32.88
CA GLN QB 9 76.03 -67.09 -33.19
C GLN QB 9 76.47 -66.02 -32.21
N LEU QB 10 75.53 -65.33 -31.56
CA LEU QB 10 75.88 -64.32 -30.57
C LEU QB 10 76.36 -64.94 -29.28
N LEU QB 11 75.71 -66.02 -28.83
CA LEU QB 11 75.98 -66.55 -27.49
C LEU QB 11 77.32 -67.28 -27.42
N ASP QB 12 77.75 -67.90 -28.51
CA ASP QB 12 79.04 -68.57 -28.57
C ASP QB 12 80.12 -67.68 -29.18
N MET QB 13 79.94 -66.38 -29.07
CA MET QB 13 80.81 -65.40 -29.72
C MET QB 13 81.71 -64.75 -28.67
N SER QB 14 83.01 -64.85 -28.87
CA SER QB 14 83.98 -64.24 -27.97
C SER QB 14 83.87 -62.72 -28.10
N TYR QB 15 84.50 -62.00 -27.16
CA TYR QB 15 84.30 -60.57 -27.01
C TYR QB 15 84.99 -59.76 -28.10
N GLU QB 16 86.04 -60.30 -28.72
CA GLU QB 16 86.88 -59.52 -29.60
C GLU QB 16 86.32 -59.39 -31.02
N GLN QB 17 85.14 -59.92 -31.31
CA GLN QB 17 84.55 -59.73 -32.63
C GLN QB 17 83.18 -59.07 -32.64
N LEU QB 18 82.35 -59.22 -31.59
CA LEU QB 18 81.14 -58.41 -31.57
C LEU QB 18 81.44 -56.95 -31.26
N MET QB 19 82.69 -56.64 -30.90
CA MET QB 19 83.18 -55.28 -30.91
C MET QB 19 82.88 -54.60 -32.24
N GLN QB 20 83.09 -55.34 -33.33
CA GLN QB 20 82.94 -54.78 -34.66
C GLN QB 20 81.48 -54.52 -35.01
N LEU QB 21 80.57 -55.43 -34.62
CA LEU QB 21 79.16 -55.25 -34.91
C LEU QB 21 78.38 -54.65 -33.75
N TYR QB 22 79.06 -54.19 -32.69
CA TYR QB 22 78.43 -53.31 -31.71
C TYR QB 22 78.37 -51.89 -32.26
N SER QB 23 77.76 -50.99 -31.49
CA SER QB 23 77.83 -49.57 -31.78
C SER QB 23 79.17 -49.02 -31.30
N ALA QB 24 79.49 -47.79 -31.68
CA ALA QB 24 80.76 -47.19 -31.30
C ALA QB 24 80.89 -47.05 -29.79
N ARG QB 25 79.78 -46.71 -29.12
CA ARG QB 25 79.83 -46.57 -27.66
C ARG QB 25 80.11 -47.90 -26.98
N GLN QB 26 79.41 -48.96 -27.41
CA GLN QB 26 79.58 -50.26 -26.78
C GLN QB 26 80.93 -50.87 -27.10
N ARG QB 27 81.44 -50.65 -28.31
CA ARG QB 27 82.76 -51.14 -28.65
C ARG QB 27 83.83 -50.48 -27.79
N ARG QB 28 83.78 -49.16 -27.66
CA ARG QB 28 84.77 -48.45 -26.85
C ARG QB 28 84.70 -48.86 -25.39
N ARG QB 29 83.49 -48.98 -24.85
CA ARG QB 29 83.33 -49.35 -23.45
C ARG QB 29 83.88 -50.74 -23.19
N LEU QB 30 83.65 -51.69 -24.10
CA LEU QB 30 84.23 -53.01 -23.94
C LEU QB 30 85.72 -53.02 -24.25
N ASN QB 31 86.21 -52.08 -25.06
CA ASN QB 31 87.65 -51.98 -25.30
C ASN QB 31 88.39 -51.67 -24.00
N ARG QB 32 87.87 -50.72 -23.23
CA ARG QB 32 88.37 -50.54 -21.86
C ARG QB 32 87.92 -51.72 -21.01
N GLY QB 33 88.82 -52.19 -20.16
CA GLY QB 33 88.59 -53.41 -19.41
C GLY QB 33 87.34 -53.40 -18.56
N LEU QB 34 86.45 -54.37 -18.79
CA LEU QB 34 85.26 -54.50 -17.96
C LEU QB 34 85.67 -54.82 -16.53
N ARG QB 35 85.08 -54.12 -15.57
CA ARG QB 35 85.58 -54.14 -14.20
C ARG QB 35 85.00 -55.32 -13.43
N ARG QB 36 85.49 -55.49 -12.21
CA ARG QB 36 85.12 -56.64 -11.39
C ARG QB 36 83.71 -56.52 -10.83
N LYS QB 37 83.19 -55.29 -10.71
CA LYS QB 37 81.79 -55.14 -10.29
C LYS QB 37 80.84 -55.68 -11.34
N GLN QB 38 81.16 -55.44 -12.62
CA GLN QB 38 80.37 -56.02 -13.71
C GLN QB 38 80.54 -57.53 -13.77
N HIS QB 39 81.77 -58.02 -13.58
CA HIS QB 39 82.03 -59.45 -13.67
C HIS QB 39 81.28 -60.21 -12.58
N SER QB 40 81.20 -59.64 -11.37
CA SER QB 40 80.44 -60.27 -10.31
C SER QB 40 78.97 -60.37 -10.68
N LEU QB 41 78.42 -59.33 -11.31
CA LEU QB 41 77.03 -59.38 -11.74
C LEU QB 41 76.82 -60.45 -12.80
N LEU QB 42 77.73 -60.55 -13.77
CA LEU QB 42 77.59 -61.55 -14.82
C LEU QB 42 77.70 -62.96 -14.23
N LYS QB 43 78.53 -63.14 -13.21
CA LYS QB 43 78.59 -64.41 -12.50
C LYS QB 43 77.26 -64.71 -11.81
N ARG QB 44 76.63 -63.69 -11.22
CA ARG QB 44 75.35 -63.88 -10.56
C ARG QB 44 74.27 -64.28 -11.56
N LEU QB 45 74.26 -63.66 -12.74
CA LEU QB 45 73.22 -63.95 -13.72
C LEU QB 45 73.33 -65.40 -14.21
N ARG QB 46 74.55 -65.86 -14.49
CA ARG QB 46 74.72 -67.24 -14.93
C ARG QB 46 74.30 -68.21 -13.85
N LYS QB 47 74.64 -67.91 -12.59
CA LYS QB 47 74.22 -68.78 -11.49
C LYS QB 47 72.70 -68.83 -11.38
N ALA QB 48 72.04 -67.69 -11.57
CA ALA QB 48 70.58 -67.67 -11.59
C ALA QB 48 70.03 -68.43 -12.80
N LYS QB 49 70.70 -68.30 -13.95
CA LYS QB 49 70.23 -68.98 -15.15
C LYS QB 49 70.30 -70.50 -15.02
N LYS QB 50 71.38 -71.00 -14.42
CA LYS QB 50 71.54 -72.44 -14.28
C LYS QB 50 70.69 -73.02 -13.17
N GLU QB 51 70.44 -72.25 -12.10
CA GLU QB 51 69.73 -72.77 -10.93
C GLU QB 51 68.25 -72.95 -11.17
N ALA QB 52 67.67 -72.24 -12.12
CA ALA QB 52 66.23 -72.33 -12.37
C ALA QB 52 65.88 -73.70 -12.97
N PRO QB 53 64.70 -74.22 -12.64
CA PRO QB 53 64.25 -75.49 -13.26
C PRO QB 53 63.90 -75.30 -14.72
N PRO QB 54 63.90 -76.37 -15.50
CA PRO QB 54 63.64 -76.24 -16.94
C PRO QB 54 62.25 -75.67 -17.24
N MET QB 55 62.11 -75.11 -18.43
CA MET QB 55 60.94 -74.37 -18.91
C MET QB 55 60.31 -73.53 -17.80
N GLU QB 56 61.13 -72.74 -17.12
CA GLU QB 56 60.69 -71.83 -16.07
C GLU QB 56 61.59 -70.61 -16.09
N LYS QB 57 61.01 -69.44 -15.85
CA LYS QB 57 61.78 -68.21 -15.90
C LYS QB 57 62.82 -68.15 -14.79
N PRO QB 58 63.98 -67.55 -15.07
CA PRO QB 58 65.02 -67.43 -14.03
C PRO QB 58 64.58 -66.51 -12.92
N GLU QB 59 65.15 -66.74 -11.73
CA GLU QB 59 64.87 -65.90 -10.58
C GLU QB 59 65.49 -64.52 -10.76
N VAL QB 60 64.99 -63.56 -9.98
CA VAL QB 60 65.40 -62.17 -10.13
C VAL QB 60 66.67 -61.90 -9.32
N VAL QB 61 67.56 -61.08 -9.88
CA VAL QB 61 68.75 -60.60 -9.21
C VAL QB 61 68.75 -59.08 -9.26
N LYS QB 62 68.86 -58.45 -8.11
CA LYS QB 62 68.86 -57.00 -7.99
C LYS QB 62 70.25 -56.44 -8.23
N THR QB 63 70.31 -55.22 -8.76
CA THR QB 63 71.60 -54.58 -8.98
C THR QB 63 71.42 -53.07 -8.98
N HIS QB 64 72.53 -52.39 -8.69
CA HIS QB 64 72.60 -50.94 -8.78
C HIS QB 64 73.22 -50.46 -10.08
N LEU QB 65 73.86 -51.36 -10.84
CA LEU QB 65 74.64 -50.99 -12.01
C LEU QB 65 73.70 -50.77 -13.20
N ARG QB 66 73.17 -49.55 -13.29
CA ARG QB 66 72.44 -49.14 -14.49
C ARG QB 66 73.37 -48.48 -15.49
N ASP QB 67 74.51 -49.15 -15.73
CA ASP QB 67 75.47 -48.72 -16.74
C ASP QB 67 76.07 -49.90 -17.49
N MET QB 68 75.61 -51.11 -17.24
CA MET QB 68 76.06 -52.28 -17.98
C MET QB 68 75.46 -52.29 -19.37
N ILE QB 69 76.31 -52.36 -20.39
CA ILE QB 69 75.81 -52.65 -21.73
C ILE QB 69 75.42 -54.11 -21.80
N ILE QB 70 74.25 -54.39 -22.38
CA ILE QB 70 73.71 -55.74 -22.32
C ILE QB 70 74.50 -56.64 -23.26
N LEU QB 71 74.97 -57.72 -22.74
CA LEU QB 71 75.67 -58.70 -23.53
C LEU QB 71 74.73 -59.85 -23.91
N PRO QB 72 74.99 -60.50 -25.05
CA PRO QB 72 74.10 -61.58 -25.48
C PRO QB 72 74.13 -62.81 -24.58
N GLU QB 73 75.04 -62.87 -23.61
CA GLU QB 73 75.20 -64.05 -22.77
C GLU QB 73 74.18 -64.12 -21.64
N MET QB 74 73.41 -63.07 -21.39
CA MET QB 74 72.38 -63.08 -20.35
C MET QB 74 71.00 -62.76 -20.90
N VAL QB 75 70.80 -62.88 -22.22
CA VAL QB 75 69.49 -62.68 -22.81
C VAL QB 75 68.48 -63.59 -22.13
N GLY QB 76 67.31 -63.04 -21.82
CA GLY QB 76 66.28 -63.79 -21.13
C GLY QB 76 66.60 -64.01 -19.67
N SER QB 77 66.72 -62.92 -18.91
CA SER QB 77 67.08 -62.99 -17.51
C SER QB 77 66.20 -62.03 -16.72
N MET QB 78 65.94 -62.39 -15.46
CA MET QB 78 65.22 -61.51 -14.55
C MET QB 78 66.22 -60.75 -13.70
N VAL QB 79 66.36 -59.46 -13.97
CA VAL QB 79 67.33 -58.61 -13.28
C VAL QB 79 66.60 -57.41 -12.70
N GLY QB 80 66.86 -57.14 -11.42
CA GLY QB 80 66.30 -56.00 -10.74
C GLY QB 80 67.23 -54.80 -10.83
N VAL QB 81 66.75 -53.73 -11.45
CA VAL QB 81 67.54 -52.53 -11.68
C VAL QB 81 67.06 -51.44 -10.72
N TYR QB 82 68.00 -50.77 -10.08
CA TYR QB 82 67.67 -49.65 -9.22
C TYR QB 82 67.42 -48.40 -10.05
N ASN QB 83 66.38 -47.65 -9.68
CA ASN QB 83 66.09 -46.36 -10.29
C ASN QB 83 66.23 -45.22 -9.30
N GLY QB 84 66.85 -45.46 -8.16
CA GLY QB 84 66.99 -44.47 -7.11
C GLY QB 84 66.15 -44.80 -5.90
N LYS QB 85 64.98 -45.40 -6.12
CA LYS QB 85 64.06 -45.74 -5.05
C LYS QB 85 63.77 -47.23 -4.96
N THR QB 86 63.34 -47.85 -6.05
CA THR QB 86 62.90 -49.24 -6.03
C THR QB 86 63.64 -50.05 -7.09
N PHE QB 87 63.55 -51.37 -6.97
CA PHE QB 87 64.12 -52.29 -7.95
C PHE QB 87 63.03 -52.68 -8.94
N ASN QB 88 63.13 -52.17 -10.17
CA ASN QB 88 62.16 -52.49 -11.20
C ASN QB 88 62.48 -53.83 -11.83
N GLN QB 89 61.46 -54.43 -12.45
CA GLN QB 89 61.59 -55.73 -13.08
C GLN QB 89 61.68 -55.55 -14.59
N VAL QB 90 62.68 -56.20 -15.20
CA VAL QB 90 62.83 -56.17 -16.65
C VAL QB 90 63.45 -57.49 -17.10
N GLU QB 91 62.95 -58.02 -18.22
CA GLU QB 91 63.49 -59.21 -18.84
C GLU QB 91 64.23 -58.78 -20.11
N ILE QB 92 65.46 -59.26 -20.26
CA ILE QB 92 66.30 -58.84 -21.38
C ILE QB 92 65.74 -59.49 -22.64
N LYS QB 93 65.16 -58.68 -23.52
CA LYS QB 93 64.76 -59.17 -24.83
C LYS QB 93 65.99 -59.34 -25.71
N PRO QB 94 65.90 -60.16 -26.75
CA PRO QB 94 67.04 -60.26 -27.68
C PRO QB 94 67.41 -58.94 -28.33
N GLU QB 95 66.43 -58.05 -28.53
CA GLU QB 95 66.69 -56.73 -29.11
C GLU QB 95 66.99 -55.71 -28.01
N MET QB 96 67.98 -56.05 -27.18
CA MET QB 96 68.39 -55.21 -26.07
C MET QB 96 69.90 -55.16 -25.93
N ILE QB 97 70.64 -55.76 -26.86
CA ILE QB 97 72.09 -55.89 -26.71
C ILE QB 97 72.76 -54.52 -26.71
N GLY QB 98 72.38 -53.65 -27.65
CA GLY QB 98 72.97 -52.33 -27.71
C GLY QB 98 72.26 -51.34 -26.82
N HIS QB 99 72.15 -51.65 -25.53
CA HIS QB 99 71.36 -50.84 -24.62
C HIS QB 99 71.91 -51.00 -23.20
N TYR QB 100 71.51 -50.09 -22.33
CA TYR QB 100 71.87 -50.13 -20.92
C TYR QB 100 70.67 -50.54 -20.09
N LEU QB 101 70.95 -51.16 -18.94
CA LEU QB 101 69.87 -51.51 -18.02
C LEU QB 101 69.16 -50.27 -17.49
N GLY QB 102 69.81 -49.11 -17.52
CA GLY QB 102 69.21 -47.90 -17.01
C GLY QB 102 68.15 -47.30 -17.91
N GLU QB 103 68.12 -47.71 -19.19
CA GLU QB 103 67.12 -47.18 -20.12
C GLU QB 103 65.76 -47.84 -19.93
N PHE QB 104 65.67 -48.89 -19.12
CA PHE QB 104 64.42 -49.63 -18.97
C PHE QB 104 63.86 -49.54 -17.55
N SER QB 105 64.63 -49.03 -16.60
CA SER QB 105 64.14 -48.66 -15.28
C SER QB 105 64.07 -47.13 -15.23
N ILE QB 106 62.86 -46.60 -15.29
CA ILE QB 106 62.70 -45.15 -15.37
C ILE QB 106 62.94 -44.53 -14.00
N THR QB 107 63.74 -43.47 -13.98
CA THR QB 107 64.16 -42.83 -12.74
C THR QB 107 63.22 -41.71 -12.29
N TYR QB 108 62.31 -41.28 -13.17
CA TYR QB 108 61.36 -40.23 -12.82
C TYR QB 108 59.97 -40.69 -13.25
N LYS QB 109 58.98 -40.40 -12.43
CA LYS QB 109 57.68 -40.70 -12.98
C LYS QB 109 57.19 -39.53 -13.83
N PRO QB 110 56.60 -39.80 -14.98
CA PRO QB 110 56.15 -38.71 -15.85
C PRO QB 110 55.03 -37.90 -15.21
N VAL QB 111 54.96 -36.64 -15.59
CA VAL QB 111 53.94 -35.74 -15.05
C VAL QB 111 52.85 -35.58 -16.09
N LYS QB 112 51.59 -35.67 -15.67
CA LYS QB 112 50.49 -35.39 -16.59
C LYS QB 112 50.28 -33.88 -16.66
N HIS QB 113 49.78 -33.30 -15.56
CA HIS QB 113 50.16 -31.98 -15.04
C HIS QB 113 49.24 -31.61 -13.89
N GLY QB 114 49.52 -30.49 -13.22
CA GLY QB 114 48.62 -29.93 -12.24
C GLY QB 114 48.19 -28.54 -12.64
N ARG QB 115 47.18 -28.04 -11.93
CA ARG QB 115 46.70 -26.68 -12.16
C ARG QB 115 47.74 -25.68 -11.65
N PRO QB 116 48.09 -24.65 -12.42
CA PRO QB 116 49.07 -23.67 -11.92
C PRO QB 116 48.55 -22.95 -10.69
N GLY QB 117 49.48 -22.58 -9.81
CA GLY QB 117 49.12 -21.97 -8.54
C GLY QB 117 49.37 -20.47 -8.48
N ILE QB 118 50.00 -20.02 -7.39
CA ILE QB 118 50.21 -18.59 -7.17
C ILE QB 118 51.14 -18.00 -8.22
N GLY QB 119 52.13 -18.76 -8.66
CA GLY QB 119 52.99 -18.32 -9.74
C GLY QB 119 52.30 -18.50 -11.09
N ALA QB 120 53.08 -18.25 -12.15
CA ALA QB 120 52.56 -18.22 -13.52
C ALA QB 120 51.46 -17.17 -13.65
N THR QB 121 51.90 -15.91 -13.51
CA THR QB 121 51.03 -14.72 -13.47
C THR QB 121 49.81 -14.79 -14.40
N SER RB 1 127.85 9.80 -58.95
CA SER RB 1 128.03 8.60 -59.78
C SER RB 1 127.87 7.32 -58.94
N LYS RB 2 128.53 7.29 -57.79
CA LYS RB 2 128.54 6.12 -56.92
C LYS RB 2 128.33 6.53 -55.47
N GLY RB 3 127.33 7.37 -55.22
CA GLY RB 3 127.07 7.89 -53.90
C GLY RB 3 126.45 6.87 -52.96
N PRO RB 4 127.18 6.51 -51.90
CA PRO RB 4 126.69 5.48 -50.98
C PRO RB 4 125.95 6.06 -49.77
N LEU RB 5 125.24 5.19 -49.04
CA LEU RB 5 124.59 5.53 -47.78
C LEU RB 5 123.71 6.78 -47.88
N GLN RB 6 123.13 7.00 -49.05
CA GLN RB 6 122.21 8.12 -49.26
C GLN RB 6 120.77 7.65 -49.04
N SER RB 7 120.46 7.39 -47.78
CA SER RB 7 119.20 6.75 -47.42
C SER RB 7 118.66 7.29 -46.10
N VAL RB 8 117.33 7.24 -45.96
CA VAL RB 8 116.65 7.55 -44.71
C VAL RB 8 115.63 6.45 -44.46
N GLN RB 9 115.23 6.31 -43.20
CA GLN RB 9 114.26 5.29 -42.80
C GLN RB 9 113.32 5.87 -41.77
N VAL RB 10 112.05 6.03 -42.14
CA VAL RB 10 111.06 6.68 -41.30
C VAL RB 10 109.73 5.92 -41.42
N PHE RB 11 109.03 5.79 -40.30
CA PHE RB 11 107.88 4.91 -40.17
C PHE RB 11 106.56 5.68 -40.28
N GLY RB 12 105.47 4.96 -40.00
CA GLY RB 12 104.13 5.51 -39.95
C GLY RB 12 103.15 4.48 -39.45
N ARG RB 13 102.20 4.88 -38.61
CA ARG RB 13 101.28 3.94 -37.99
C ARG RB 13 99.83 4.35 -38.25
N LYS RB 14 98.95 3.34 -38.32
CA LYS RB 14 97.51 3.53 -38.24
C LYS RB 14 97.01 2.56 -37.18
N LYS RB 15 97.15 2.98 -35.93
CA LYS RB 15 96.52 2.48 -34.71
C LYS RB 15 96.99 1.08 -34.30
N THR RB 16 97.55 0.30 -35.21
CA THR RB 16 98.37 -0.84 -34.82
C THR RB 16 99.47 -1.11 -35.84
N ALA RB 17 99.32 -0.57 -37.03
CA ALA RB 17 100.09 -1.00 -38.19
C ALA RB 17 101.35 -0.16 -38.30
N THR RB 18 102.46 -0.69 -37.80
CA THR RB 18 103.75 -0.04 -37.90
C THR RB 18 104.34 -0.37 -39.27
N ALA RB 19 104.34 0.61 -40.16
CA ALA RB 19 104.91 0.47 -41.50
C ALA RB 19 106.08 1.41 -41.63
N VAL RB 20 107.24 0.89 -42.02
CA VAL RB 20 108.48 1.65 -42.11
C VAL RB 20 108.90 1.69 -43.56
N ALA RB 21 109.20 2.90 -44.05
CA ALA RB 21 109.60 3.13 -45.43
C ALA RB 21 111.08 3.43 -45.50
N HIS RB 22 111.80 2.67 -46.33
CA HIS RB 22 113.23 2.87 -46.54
C HIS RB 22 113.42 3.53 -47.90
N CYS RB 23 113.97 4.74 -47.91
CA CYS RB 23 114.18 5.51 -49.14
C CYS RB 23 115.65 5.47 -49.52
N LYS RB 24 115.94 5.11 -50.77
CA LYS RB 24 117.31 5.11 -51.26
C LYS RB 24 117.42 5.92 -52.53
N ARG RB 25 118.59 6.56 -52.70
CA ARG RB 25 118.85 7.42 -53.84
C ARG RB 25 119.07 6.59 -55.09
N GLY RB 26 118.11 6.64 -56.02
CA GLY RB 26 118.26 5.90 -57.26
C GLY RB 26 117.32 6.29 -58.37
N ASN RB 27 116.82 5.31 -59.13
CA ASN RB 27 116.06 5.57 -60.35
C ASN RB 27 114.67 4.94 -60.25
N GLY RB 28 113.72 5.67 -59.69
CA GLY RB 28 112.32 5.31 -59.73
C GLY RB 28 111.97 3.90 -59.29
N LEU RB 29 112.08 3.63 -57.99
CA LEU RB 29 111.70 2.34 -57.42
C LEU RB 29 110.77 2.57 -56.25
N ILE RB 30 109.54 2.02 -56.33
CA ILE RB 30 108.54 2.19 -55.29
C ILE RB 30 107.82 0.85 -55.10
N LYS RB 31 108.18 0.12 -54.06
CA LYS RB 31 107.60 -1.19 -53.79
C LYS RB 31 107.34 -1.35 -52.30
N VAL RB 32 106.41 -2.24 -51.98
CA VAL RB 32 106.02 -2.52 -50.60
C VAL RB 32 106.27 -4.00 -50.33
N ASN RB 33 107.17 -4.29 -49.38
CA ASN RB 33 107.61 -5.64 -48.99
C ASN RB 33 107.68 -6.58 -50.20
N GLY RB 34 108.43 -6.16 -51.20
CA GLY RB 34 108.59 -6.94 -52.42
C GLY RB 34 107.50 -6.68 -53.44
N ARG RB 35 106.26 -6.60 -52.96
CA ARG RB 35 105.13 -6.36 -53.84
C ARG RB 35 105.19 -4.94 -54.41
N PRO RB 36 104.68 -4.74 -55.64
CA PRO RB 36 104.58 -3.37 -56.18
C PRO RB 36 103.37 -2.65 -55.62
N LEU RB 37 103.34 -1.32 -55.77
CA LEU RB 37 102.34 -0.47 -55.12
C LEU RB 37 100.94 -0.59 -55.72
N GLU RB 38 100.74 -1.46 -56.71
CA GLU RB 38 99.41 -1.62 -57.30
C GLU RB 38 98.87 -3.03 -57.16
N MET RB 39 99.48 -3.86 -56.31
CA MET RB 39 99.15 -5.29 -56.20
C MET RB 39 98.95 -5.68 -54.74
N ILE RB 40 98.17 -4.88 -54.01
CA ILE RB 40 97.98 -5.04 -52.58
C ILE RB 40 96.47 -5.10 -52.36
N GLU RB 41 96.02 -4.90 -51.11
CA GLU RB 41 94.67 -5.06 -50.58
C GLU RB 41 93.69 -4.30 -51.49
N PRO RB 42 92.37 -4.44 -51.30
CA PRO RB 42 91.50 -5.00 -52.36
C PRO RB 42 91.51 -4.31 -53.71
N ARG RB 43 92.33 -3.27 -53.90
CA ARG RB 43 92.37 -2.46 -55.13
C ARG RB 43 91.17 -1.50 -55.11
N THR RB 44 90.28 -1.70 -54.14
CA THR RB 44 89.26 -0.70 -53.85
C THR RB 44 89.89 0.57 -53.29
N LEU RB 45 90.93 0.42 -52.47
CA LEU RB 45 91.65 1.54 -51.88
C LEU RB 45 92.97 1.81 -52.59
N GLN RB 46 93.07 1.46 -53.87
CA GLN RB 46 94.32 1.67 -54.59
C GLN RB 46 94.66 3.14 -54.69
N TYR RB 47 93.69 3.97 -55.08
CA TYR RB 47 93.97 5.40 -55.16
C TYR RB 47 94.30 5.99 -53.80
N LYS RB 48 94.01 5.28 -52.71
CA LYS RB 48 94.53 5.64 -51.40
C LYS RB 48 96.02 5.33 -51.28
N LEU RB 49 96.52 4.33 -52.01
CA LEU RB 49 97.91 3.93 -51.90
C LEU RB 49 98.83 4.88 -52.67
N LEU RB 50 98.58 5.04 -53.96
CA LEU RB 50 99.35 6.00 -54.75
C LEU RB 50 98.78 7.41 -54.67
N GLU RB 51 98.04 7.70 -53.60
CA GLU RB 51 97.53 9.06 -53.40
C GLU RB 51 98.67 10.08 -53.27
N PRO RB 52 99.68 9.88 -52.41
CA PRO RB 52 100.83 10.80 -52.46
C PRO RB 52 101.55 10.76 -53.79
N VAL RB 53 101.64 9.59 -54.42
CA VAL RB 53 102.33 9.49 -55.70
C VAL RB 53 101.63 10.34 -56.75
N LEU RB 54 100.30 10.31 -56.77
CA LEU RB 54 99.56 11.05 -57.79
C LEU RB 54 99.55 12.54 -57.51
N LEU RB 55 99.35 12.94 -56.25
CA LEU RB 55 99.30 14.36 -55.93
C LEU RB 55 100.66 15.03 -55.92
N LEU RB 56 101.74 14.26 -55.96
CA LEU RB 56 103.09 14.80 -56.06
C LEU RB 56 103.65 14.71 -57.48
N GLY RB 57 103.73 13.51 -58.04
CA GLY RB 57 104.23 13.32 -59.38
C GLY RB 57 105.32 12.26 -59.44
N LYS RB 58 105.62 11.83 -60.67
CA LYS RB 58 106.67 10.84 -60.88
C LYS RB 58 108.06 11.42 -60.61
N GLU RB 59 108.27 12.69 -60.98
CA GLU RB 59 109.61 13.26 -60.98
C GLU RB 59 110.23 13.31 -59.59
N ARG RB 60 109.48 13.69 -58.56
CA ARG RB 60 110.00 13.77 -57.21
C ARG RB 60 110.18 12.40 -56.57
N PHE RB 61 109.65 11.35 -57.19
CA PHE RB 61 109.91 9.98 -56.79
C PHE RB 61 111.04 9.34 -57.59
N ALA RB 62 111.37 9.89 -58.76
CA ALA RB 62 112.32 9.23 -59.65
C ALA RB 62 113.70 9.11 -59.03
N GLY RB 63 114.04 10.01 -58.11
CA GLY RB 63 115.32 9.92 -57.44
C GLY RB 63 115.32 9.08 -56.18
N VAL RB 64 114.30 8.24 -55.98
CA VAL RB 64 114.11 7.49 -54.74
C VAL RB 64 113.75 6.05 -55.09
N ASP RB 65 114.27 5.14 -54.28
CA ASP RB 65 113.99 3.71 -54.42
C ASP RB 65 113.29 3.22 -53.15
N ILE RB 66 112.24 3.95 -52.75
CA ILE RB 66 111.53 3.67 -51.52
C ILE RB 66 111.02 2.23 -51.49
N ARG RB 67 111.16 1.57 -50.33
CA ARG RB 67 110.62 0.24 -50.10
C ARG RB 67 110.02 0.22 -48.71
N VAL RB 68 108.90 -0.49 -48.54
CA VAL RB 68 108.09 -0.42 -47.33
C VAL RB 68 107.76 -1.83 -46.85
N ARG RB 69 107.88 -2.04 -45.54
CA ARG RB 69 107.45 -3.27 -44.90
C ARG RB 69 106.44 -2.94 -43.81
N VAL RB 70 105.39 -3.76 -43.71
CA VAL RB 70 104.25 -3.49 -42.85
C VAL RB 70 103.99 -4.70 -41.96
N LYS RB 71 103.59 -4.43 -40.72
CA LYS RB 71 103.26 -5.48 -39.76
C LYS RB 71 102.28 -4.93 -38.74
N GLY RB 72 101.29 -5.75 -38.38
CA GLY RB 72 100.32 -5.38 -37.38
C GLY RB 72 99.08 -4.71 -37.96
N GLY RB 73 98.01 -4.74 -37.18
CA GLY RB 73 96.77 -4.11 -37.58
C GLY RB 73 96.00 -4.93 -38.61
N GLY RB 74 94.98 -4.28 -39.19
CA GLY RB 74 94.14 -4.90 -40.19
C GLY RB 74 94.42 -4.33 -41.57
N HIS RB 75 93.58 -4.74 -42.52
CA HIS RB 75 93.78 -4.40 -43.92
C HIS RB 75 93.79 -2.90 -44.15
N VAL RB 76 92.77 -2.20 -43.64
CA VAL RB 76 92.70 -0.75 -43.81
C VAL RB 76 93.80 -0.07 -43.00
N ALA RB 77 94.06 -0.56 -41.79
CA ALA RB 77 95.09 0.04 -40.94
C ALA RB 77 96.46 -0.03 -41.60
N GLN RB 78 96.80 -1.18 -42.19
CA GLN RB 78 98.07 -1.28 -42.90
C GLN RB 78 98.11 -0.32 -44.09
N ILE RB 79 97.00 -0.20 -44.81
CA ILE RB 79 96.98 0.63 -46.01
C ILE RB 79 97.22 2.09 -45.67
N TYR RB 80 96.56 2.59 -44.62
CA TYR RB 80 96.82 3.97 -44.19
C TYR RB 80 98.23 4.10 -43.61
N ALA RB 81 98.77 3.01 -43.08
CA ALA RB 81 100.15 3.04 -42.62
C ALA RB 81 101.13 3.20 -43.77
N ILE RB 82 100.87 2.50 -44.89
CA ILE RB 82 101.79 2.56 -46.02
C ILE RB 82 101.83 3.96 -46.62
N ARG RB 83 100.66 4.52 -46.92
CA ARG RB 83 100.63 5.80 -47.62
C ARG RB 83 101.16 6.93 -46.73
N GLN RB 84 100.88 6.87 -45.43
CA GLN RB 84 101.45 7.85 -44.51
C GLN RB 84 102.96 7.69 -44.43
N SER RB 85 103.44 6.44 -44.39
CA SER RB 85 104.87 6.19 -44.23
C SER RB 85 105.67 6.74 -45.40
N ILE RB 86 105.23 6.47 -46.63
CA ILE RB 86 105.96 6.92 -47.80
C ILE RB 86 105.96 8.44 -47.89
N SER RB 87 104.86 9.08 -47.46
CA SER RB 87 104.83 10.54 -47.40
C SER RB 87 105.87 11.05 -46.42
N LYS RB 88 105.91 10.47 -45.21
CA LYS RB 88 106.90 10.87 -44.23
C LYS RB 88 108.30 10.47 -44.68
N ALA RB 89 108.41 9.47 -45.54
CA ALA RB 89 109.72 9.02 -46.01
C ALA RB 89 110.32 10.01 -47.00
N LEU RB 90 109.50 10.60 -47.86
CA LEU RB 90 110.02 11.55 -48.83
C LEU RB 90 110.40 12.88 -48.18
N VAL RB 91 109.54 13.40 -47.30
CA VAL RB 91 109.85 14.68 -46.66
C VAL RB 91 111.09 14.55 -45.79
N ALA RB 92 111.31 13.39 -45.18
CA ALA RB 92 112.56 13.16 -44.45
C ALA RB 92 113.75 13.15 -45.41
N TYR RB 93 113.59 12.51 -46.57
CA TYR RB 93 114.65 12.54 -47.57
C TYR RB 93 114.88 13.96 -48.08
N TYR RB 94 113.81 14.70 -48.36
CA TYR RB 94 113.96 16.05 -48.88
C TYR RB 94 114.37 17.03 -47.79
N GLN RB 95 114.24 16.67 -46.52
CA GLN RB 95 114.75 17.49 -45.43
C GLN RB 95 116.25 17.27 -45.24
N LYS RB 96 116.76 16.12 -45.64
CA LYS RB 96 118.14 15.75 -45.33
C LYS RB 96 119.07 15.96 -46.53
N TYR RB 97 118.77 15.32 -47.67
CA TYR RB 97 119.74 15.20 -48.74
C TYR RB 97 119.62 16.31 -49.79
N VAL RB 98 118.59 17.16 -49.72
CA VAL RB 98 118.45 18.28 -50.64
C VAL RB 98 118.04 19.49 -49.81
N ASP RB 99 118.20 20.67 -50.42
CA ASP RB 99 117.76 21.90 -49.76
C ASP RB 99 116.27 21.82 -49.44
N GLU RB 100 115.90 22.29 -48.25
CA GLU RB 100 114.58 22.03 -47.70
C GLU RB 100 113.46 22.79 -48.41
N ALA RB 101 113.79 23.71 -49.32
CA ALA RB 101 112.74 24.46 -50.01
C ALA RB 101 111.81 23.52 -50.77
N SER RB 102 112.39 22.50 -51.41
CA SER RB 102 111.56 21.47 -52.05
C SER RB 102 110.77 20.68 -51.01
N LYS RB 103 111.35 20.44 -49.83
CA LYS RB 103 110.61 19.75 -48.77
C LYS RB 103 109.40 20.55 -48.34
N LYS RB 104 109.57 21.86 -48.17
CA LYS RB 104 108.44 22.71 -47.79
C LYS RB 104 107.41 22.79 -48.91
N GLU RB 105 107.88 22.82 -50.17
CA GLU RB 105 106.96 22.88 -51.29
C GLU RB 105 106.08 21.63 -51.38
N ILE RB 106 106.64 20.46 -51.07
CA ILE RB 106 105.85 19.23 -51.10
C ILE RB 106 105.10 19.02 -49.78
N LYS RB 107 105.57 19.62 -48.69
CA LYS RB 107 104.87 19.49 -47.41
C LYS RB 107 103.52 20.18 -47.46
N ASP RB 108 103.45 21.34 -48.12
CA ASP RB 108 102.22 22.10 -48.22
C ASP RB 108 101.12 21.31 -48.92
N ILE RB 109 101.35 20.94 -50.18
CA ILE RB 109 100.33 20.28 -50.98
C ILE RB 109 100.03 18.88 -50.45
N LEU RB 110 100.84 18.42 -49.50
CA LEU RB 110 100.58 17.17 -48.80
C LEU RB 110 99.82 17.35 -47.50
N ILE RB 111 99.79 18.58 -46.96
CA ILE RB 111 99.03 18.87 -45.75
C ILE RB 111 97.79 19.73 -46.01
N GLN RB 112 97.74 20.48 -47.12
CA GLN RB 112 96.49 21.12 -47.52
C GLN RB 112 95.44 20.09 -47.91
N TYR RB 113 95.84 18.85 -48.12
CA TYR RB 113 94.97 17.78 -48.58
C TYR RB 113 95.20 16.55 -47.72
N ASP RB 114 94.24 16.24 -46.84
CA ASP RB 114 94.29 15.07 -45.95
C ASP RB 114 95.52 15.12 -45.04
N ARG RB 115 95.49 16.04 -44.08
CA ARG RB 115 96.61 16.25 -43.16
C ARG RB 115 97.26 14.97 -42.65
N THR RB 116 96.52 13.86 -42.56
CA THR RB 116 97.00 12.64 -41.91
C THR RB 116 98.13 11.94 -42.67
N LEU RB 117 98.57 12.43 -43.83
CA LEU RB 117 99.70 11.79 -44.50
C LEU RB 117 100.99 11.96 -43.71
N LEU RB 118 101.17 13.09 -43.03
CA LEU RB 118 102.37 13.32 -42.23
C LEU RB 118 102.12 13.15 -40.75
N VAL RB 119 101.04 13.69 -40.21
CA VAL RB 119 100.69 13.48 -38.81
C VAL RB 119 100.15 12.07 -38.63
N ALA RB 120 100.19 11.58 -37.40
CA ALA RB 120 99.75 10.23 -37.08
C ALA RB 120 98.44 10.26 -36.30
N ASP RB 121 97.53 9.37 -36.67
CA ASP RB 121 96.21 9.32 -36.04
C ASP RB 121 96.34 8.87 -34.59
N PRO RB 122 95.87 9.67 -33.62
CA PRO RB 122 96.13 9.36 -32.21
C PRO RB 122 95.17 8.37 -31.56
N ARG RB 123 93.96 8.20 -32.09
CA ARG RB 123 92.96 7.35 -31.44
C ARG RB 123 93.25 5.89 -31.74
N ARG RB 124 93.50 5.11 -30.68
CA ARG RB 124 93.81 3.69 -30.85
C ARG RB 124 92.57 2.81 -30.67
N CYS RB 125 92.02 2.82 -29.45
CA CYS RB 125 90.98 1.87 -29.06
C CYS RB 125 90.47 2.23 -27.68
N GLU RB 126 89.52 1.45 -27.16
CA GLU RB 126 88.99 1.72 -25.83
C GLU RB 126 88.78 0.41 -25.09
N SER RB 127 89.20 0.38 -23.84
CA SER RB 127 89.10 -0.82 -23.02
C SER RB 127 87.64 -1.14 -22.70
N LYS RB 128 87.38 -2.43 -22.46
CA LYS RB 128 86.04 -2.89 -22.15
C LYS RB 128 85.83 -2.96 -20.64
N LYS RB 129 84.68 -2.46 -20.19
CA LYS RB 129 84.35 -2.48 -18.78
C LYS RB 129 83.51 -3.71 -18.44
N PHE RB 130 83.46 -4.04 -17.15
CA PHE RB 130 82.87 -5.29 -16.68
C PHE RB 130 81.37 -5.23 -16.49
N GLY RB 131 80.68 -4.31 -17.16
CA GLY RB 131 79.24 -4.26 -17.03
C GLY RB 131 78.51 -4.26 -18.35
N GLY RB 132 79.25 -4.42 -19.44
CA GLY RB 132 78.67 -4.38 -20.77
C GLY RB 132 79.44 -5.17 -21.79
N PRO RB 133 78.83 -5.39 -22.96
CA PRO RB 133 79.51 -6.13 -24.02
C PRO RB 133 80.68 -5.38 -24.64
N GLY RB 134 80.69 -4.05 -24.57
CA GLY RB 134 81.74 -3.27 -25.18
C GLY RB 134 82.33 -2.22 -24.26
N ALA RB 135 83.04 -1.26 -24.85
CA ALA RB 135 83.68 -0.21 -24.06
C ALA RB 135 82.68 0.78 -23.49
N ARG RB 136 81.59 1.04 -24.20
CA ARG RB 136 80.59 2.00 -23.77
C ARG RB 136 79.20 1.40 -23.56
N ALA RB 137 78.81 0.44 -24.39
CA ALA RB 137 77.52 -0.19 -24.24
C ALA RB 137 77.48 -1.07 -22.99
N ARG RB 138 76.34 -1.09 -22.33
CA ARG RB 138 76.12 -1.94 -21.17
C ARG RB 138 75.07 -2.99 -21.52
N TYR RB 139 75.08 -4.08 -20.76
CA TYR RB 139 74.11 -5.14 -20.96
C TYR RB 139 72.69 -4.63 -20.70
N GLN RB 140 71.71 -5.31 -21.28
CA GLN RB 140 70.33 -4.88 -21.15
C GLN RB 140 69.87 -4.96 -19.70
N LYS RB 141 69.12 -3.96 -19.27
CA LYS RB 141 68.62 -3.87 -17.92
C LYS RB 141 67.15 -4.24 -17.90
N SER RB 142 66.77 -5.12 -16.98
CA SER RB 142 65.40 -5.57 -16.82
C SER RB 142 64.93 -5.24 -15.41
N TYR RB 143 63.69 -4.77 -15.30
CA TYR RB 143 63.09 -4.50 -13.99
C TYR RB 143 61.67 -5.05 -13.92
N ARG RB 144 61.37 -6.11 -14.66
CA ARG RB 144 60.03 -6.65 -14.72
C ARG RB 144 60.05 -8.16 -14.56
N MET SB 1 70.51 -20.36 -72.86
CA MET SB 1 71.39 -20.22 -74.02
C MET SB 1 70.78 -20.92 -75.24
N SER SB 2 69.71 -21.67 -75.01
CA SER SB 2 69.01 -22.37 -76.07
C SER SB 2 68.00 -21.42 -76.73
N LEU SB 3 67.86 -21.57 -78.06
CA LEU SB 3 66.91 -20.74 -78.79
C LEU SB 3 65.49 -20.95 -78.25
N VAL SB 4 65.11 -22.20 -78.02
CA VAL SB 4 63.81 -22.55 -77.47
C VAL SB 4 64.06 -23.52 -76.34
N ILE SB 5 63.05 -23.68 -75.48
CA ILE SB 5 63.10 -24.76 -74.48
C ILE SB 5 63.30 -26.10 -75.18
N PRO SB 6 64.06 -27.03 -74.62
CA PRO SB 6 64.11 -28.38 -75.20
C PRO SB 6 62.70 -28.96 -75.31
N GLU SB 7 62.42 -29.56 -76.45
CA GLU SB 7 61.09 -30.09 -76.75
C GLU SB 7 60.72 -31.27 -75.87
N LYS SB 8 61.69 -31.89 -75.19
CA LYS SB 8 61.46 -33.01 -74.30
C LYS SB 8 61.52 -32.59 -72.84
N PHE SB 9 61.63 -31.30 -72.55
CA PHE SB 9 61.82 -30.80 -71.21
C PHE SB 9 60.72 -31.28 -70.26
N GLN SB 10 61.13 -31.80 -69.11
CA GLN SB 10 60.21 -32.31 -68.10
C GLN SB 10 60.13 -31.29 -66.97
N HIS SB 11 59.03 -30.55 -66.92
CA HIS SB 11 58.85 -29.58 -65.84
C HIS SB 11 58.73 -30.29 -64.49
N ILE SB 12 58.14 -31.48 -64.48
CA ILE SB 12 58.10 -32.35 -63.33
C ILE SB 12 58.41 -33.77 -63.80
N LEU SB 13 59.24 -34.49 -63.04
CA LEU SB 13 59.54 -35.88 -63.32
C LEU SB 13 59.46 -36.69 -62.04
N ARG SB 14 59.25 -37.99 -62.20
CA ARG SB 14 58.77 -38.85 -61.12
C ARG SB 14 59.80 -39.90 -60.71
N VAL SB 15 61.06 -39.52 -60.52
CA VAL SB 15 62.06 -40.46 -60.01
C VAL SB 15 61.62 -40.94 -58.63
N LEU SB 16 61.84 -42.23 -58.37
CA LEU SB 16 61.35 -42.93 -57.18
C LEU SB 16 59.83 -42.77 -57.16
N ASN SB 17 59.22 -42.36 -56.04
CA ASN SB 17 57.78 -42.11 -56.00
C ASN SB 17 57.46 -40.69 -55.56
N THR SB 18 58.43 -39.78 -55.64
CA THR SB 18 58.24 -38.39 -55.29
C THR SB 18 58.63 -37.53 -56.48
N ASN SB 19 57.72 -36.67 -56.93
CA ASN SB 19 57.98 -35.81 -58.07
C ASN SB 19 58.95 -34.71 -57.66
N ILE SB 20 60.06 -34.60 -58.38
CA ILE SB 20 61.02 -33.54 -58.10
C ILE SB 20 60.95 -32.53 -59.22
N ASP SB 21 61.13 -31.26 -58.89
CA ASP SB 21 60.89 -30.17 -59.81
C ASP SB 21 61.96 -30.13 -60.89
N GLY SB 22 61.54 -30.07 -62.15
CA GLY SB 22 62.47 -30.01 -63.26
C GLY SB 22 63.04 -28.65 -63.55
N ARG SB 23 62.48 -27.59 -62.98
CA ARG SB 23 63.00 -26.25 -63.23
C ARG SB 23 64.34 -26.01 -62.55
N ARG SB 24 64.50 -26.52 -61.33
CA ARG SB 24 65.70 -26.22 -60.56
C ARG SB 24 66.89 -27.06 -61.07
N LYS SB 25 68.08 -26.65 -60.66
CA LYS SB 25 69.31 -27.28 -61.13
C LYS SB 25 69.37 -28.73 -60.68
N ILE SB 26 69.94 -29.59 -61.53
CA ILE SB 26 69.93 -31.03 -61.26
C ILE SB 26 70.71 -31.36 -60.00
N ALA SB 27 71.73 -30.56 -59.67
CA ALA SB 27 72.54 -30.86 -58.49
C ALA SB 27 71.76 -30.64 -57.21
N PHE SB 28 70.67 -29.86 -57.27
CA PHE SB 28 69.86 -29.56 -56.11
C PHE SB 28 68.42 -30.05 -56.27
N ALA SB 29 68.00 -30.33 -57.50
CA ALA SB 29 66.63 -30.78 -57.79
C ALA SB 29 66.30 -32.12 -57.18
N ILE SB 30 67.16 -33.13 -57.39
CA ILE SB 30 66.84 -34.48 -56.92
C ILE SB 30 66.85 -34.59 -55.40
N THR SB 31 67.22 -33.51 -54.69
CA THR SB 31 67.19 -33.53 -53.24
C THR SB 31 65.78 -33.53 -52.68
N ALA SB 32 64.76 -33.40 -53.53
CA ALA SB 32 63.39 -33.42 -53.03
C ALA SB 32 62.99 -34.79 -52.51
N ILE SB 33 63.59 -35.86 -53.03
CA ILE SB 33 63.28 -37.20 -52.54
C ILE SB 33 63.96 -37.41 -51.19
N LYS SB 34 63.21 -38.04 -50.27
CA LYS SB 34 63.75 -38.32 -48.95
C LYS SB 34 64.99 -39.20 -49.04
N GLY SB 35 65.90 -39.01 -48.08
CA GLY SB 35 67.11 -39.78 -48.01
C GLY SB 35 68.30 -39.20 -48.74
N VAL SB 36 68.09 -38.15 -49.53
CA VAL SB 36 69.19 -37.48 -50.23
C VAL SB 36 69.20 -36.01 -49.82
N GLY SB 37 70.39 -35.51 -49.50
CA GLY SB 37 70.57 -34.10 -49.22
C GLY SB 37 71.36 -33.44 -50.33
N ARG SB 38 72.22 -32.49 -49.97
CA ARG SB 38 73.06 -31.81 -50.95
C ARG SB 38 74.34 -32.56 -51.24
N ARG SB 39 74.90 -33.27 -50.26
CA ARG SB 39 76.16 -33.97 -50.49
C ARG SB 39 75.93 -35.34 -51.13
N TYR SB 40 74.86 -36.03 -50.73
CA TYR SB 40 74.55 -37.30 -51.38
C TYR SB 40 74.10 -37.08 -52.82
N ALA SB 41 73.36 -36.00 -53.06
CA ALA SB 41 72.98 -35.64 -54.42
C ALA SB 41 74.22 -35.42 -55.27
N HIS SB 42 75.16 -34.60 -54.77
CA HIS SB 42 76.32 -34.23 -55.58
C HIS SB 42 77.18 -35.45 -55.91
N VAL SB 43 77.48 -36.27 -54.91
CA VAL SB 43 78.38 -37.40 -55.13
C VAL SB 43 77.75 -38.41 -56.08
N VAL SB 44 76.43 -38.60 -56.00
CA VAL SB 44 75.75 -39.52 -56.91
C VAL SB 44 75.88 -39.06 -58.35
N LEU SB 45 75.68 -37.75 -58.58
CA LEU SB 45 75.82 -37.21 -59.92
C LEU SB 45 77.28 -37.23 -60.37
N ARG SB 46 78.23 -37.11 -59.44
CA ARG SB 46 79.63 -37.27 -59.81
C ARG SB 46 79.91 -38.70 -60.27
N LYS SB 47 79.39 -39.69 -59.54
CA LYS SB 47 79.52 -41.07 -59.95
C LYS SB 47 78.73 -41.36 -61.22
N ALA SB 48 77.60 -40.67 -61.42
CA ALA SB 48 76.81 -40.79 -62.63
C ALA SB 48 77.47 -40.12 -63.84
N ASP SB 49 78.52 -39.33 -63.62
CA ASP SB 49 79.26 -38.67 -64.69
C ASP SB 49 78.34 -37.78 -65.52
N ILE SB 50 77.65 -36.86 -64.83
CA ILE SB 50 76.77 -35.89 -65.47
C ILE SB 50 77.23 -34.49 -65.07
N ASP SB 51 76.81 -33.50 -65.86
CA ASP SB 51 77.22 -32.13 -65.63
C ASP SB 51 76.18 -31.36 -64.80
N LEU SB 52 76.66 -30.72 -63.74
CA LEU SB 52 75.77 -30.04 -62.81
C LEU SB 52 75.17 -28.76 -63.38
N THR SB 53 75.67 -28.26 -64.52
CA THR SB 53 75.17 -27.00 -65.05
C THR SB 53 73.75 -27.13 -65.58
N LYS SB 54 73.42 -28.27 -66.17
CA LYS SB 54 72.12 -28.43 -66.79
C LYS SB 54 71.04 -28.62 -65.73
N ARG SB 55 69.82 -28.18 -66.07
CA ARG SB 55 68.69 -28.28 -65.16
C ARG SB 55 68.10 -29.69 -65.22
N ALA SB 56 67.11 -29.95 -64.37
CA ALA SB 56 66.55 -31.29 -64.26
C ALA SB 56 65.63 -31.66 -65.41
N GLY SB 57 65.26 -30.70 -66.27
CA GLY SB 57 64.40 -31.00 -67.40
C GLY SB 57 65.15 -31.62 -68.57
N GLU SB 58 66.22 -30.96 -69.01
CA GLU SB 58 66.98 -31.44 -70.17
C GLU SB 58 67.76 -32.71 -69.86
N LEU SB 59 67.87 -33.10 -68.59
CA LEU SB 59 68.53 -34.35 -68.22
C LEU SB 59 67.70 -35.51 -68.75
N THR SB 60 68.23 -36.23 -69.74
CA THR SB 60 67.43 -37.19 -70.49
C THR SB 60 67.14 -38.44 -69.68
N GLU SB 61 66.27 -39.30 -70.24
CA GLU SB 61 65.80 -40.47 -69.52
C GLU SB 61 66.90 -41.51 -69.33
N ASP SB 62 67.85 -41.60 -70.27
CA ASP SB 62 68.96 -42.52 -70.10
C ASP SB 62 69.84 -42.11 -68.94
N GLU SB 63 70.11 -40.81 -68.80
CA GLU SB 63 70.82 -40.34 -67.62
C GLU SB 63 69.96 -40.42 -66.37
N VAL SB 64 68.64 -40.23 -66.50
CA VAL SB 64 67.75 -40.35 -65.35
C VAL SB 64 67.77 -41.76 -64.80
N GLU SB 65 67.73 -42.76 -65.70
CA GLU SB 65 67.80 -44.15 -65.27
C GLU SB 65 69.16 -44.46 -64.63
N ARG SB 66 70.22 -43.84 -65.14
CA ARG SB 66 71.55 -44.07 -64.58
C ARG SB 66 71.63 -43.59 -63.14
N VAL SB 67 71.25 -42.33 -62.90
CA VAL SB 67 71.36 -41.76 -61.56
C VAL SB 67 70.47 -42.53 -60.58
N ILE SB 68 69.41 -43.17 -61.07
CA ILE SB 68 68.63 -44.05 -60.21
C ILE SB 68 69.48 -45.23 -59.75
N THR SB 69 70.21 -45.85 -60.68
CA THR SB 69 70.99 -47.03 -60.35
C THR SB 69 72.13 -46.69 -59.38
N ILE SB 70 72.60 -45.45 -59.41
CA ILE SB 70 73.61 -45.03 -58.44
C ILE SB 70 73.00 -44.89 -57.04
N MET SB 71 71.86 -44.19 -56.95
CA MET SB 71 71.21 -43.92 -55.68
C MET SB 71 70.71 -45.17 -54.99
N GLN SB 72 70.09 -46.09 -55.74
CA GLN SB 72 69.49 -47.27 -55.12
C GLN SB 72 70.53 -48.19 -54.48
N ASN SB 73 71.58 -48.52 -55.23
CA ASN SB 73 72.62 -49.45 -54.78
C ASN SB 73 73.98 -48.81 -54.96
N PRO SB 74 74.41 -47.97 -54.01
CA PRO SB 74 75.71 -47.29 -54.15
C PRO SB 74 76.90 -48.01 -53.55
N ARG SB 75 76.68 -49.01 -52.69
CA ARG SB 75 77.80 -49.62 -51.96
C ARG SB 75 78.75 -50.33 -52.92
N GLN SB 76 78.23 -50.99 -53.94
CA GLN SB 76 79.06 -51.65 -54.94
C GLN SB 76 79.43 -50.73 -56.09
N TYR SB 77 79.06 -49.44 -56.02
CA TYR SB 77 79.41 -48.46 -57.03
C TYR SB 77 80.47 -47.49 -56.54
N LYS SB 78 81.37 -47.96 -55.67
CA LYS SB 78 82.53 -47.21 -55.18
C LYS SB 78 82.13 -45.96 -54.40
N ILE SB 79 80.94 -45.93 -53.82
CA ILE SB 79 80.56 -44.82 -52.95
C ILE SB 79 81.30 -44.97 -51.62
N PRO SB 80 81.62 -43.88 -50.92
CA PRO SB 80 82.19 -44.01 -49.58
C PRO SB 80 81.20 -44.66 -48.63
N ASP SB 81 81.69 -45.63 -47.85
CA ASP SB 81 80.84 -46.34 -46.91
C ASP SB 81 80.28 -45.43 -45.82
N TRP SB 82 80.99 -44.37 -45.47
CA TRP SB 82 80.59 -43.45 -44.42
C TRP SB 82 79.54 -42.45 -44.88
N PHE SB 83 79.01 -42.61 -46.09
CA PHE SB 83 78.02 -41.70 -46.65
C PHE SB 83 76.60 -42.14 -46.39
N LEU SB 84 76.37 -43.44 -46.23
CA LEU SB 84 75.03 -44.01 -46.17
C LEU SB 84 74.29 -43.57 -44.91
N ASN SB 85 72.97 -43.41 -45.05
CA ASN SB 85 72.13 -43.10 -43.90
C ASN SB 85 72.01 -44.29 -42.96
N ARG SB 86 71.73 -45.48 -43.51
CA ARG SB 86 71.61 -46.70 -42.72
C ARG SB 86 72.92 -47.48 -42.82
N GLN SB 87 73.84 -47.15 -41.93
CA GLN SB 87 75.08 -47.89 -41.78
C GLN SB 87 74.94 -48.83 -40.59
N LYS SB 88 75.30 -50.10 -40.80
CA LYS SB 88 75.28 -51.11 -39.75
C LYS SB 88 73.88 -51.22 -39.14
N ASP SB 89 72.96 -51.69 -39.98
CA ASP SB 89 71.54 -51.66 -39.63
C ASP SB 89 71.27 -52.50 -38.39
N VAL SB 90 70.27 -52.06 -37.60
CA VAL SB 90 69.98 -52.66 -36.30
C VAL SB 90 69.46 -54.08 -36.42
N LYS SB 91 68.89 -54.45 -37.57
CA LYS SB 91 68.37 -55.80 -37.76
C LYS SB 91 69.15 -56.61 -38.78
N ASP SB 92 69.53 -55.99 -39.90
CA ASP SB 92 70.18 -56.70 -40.99
C ASP SB 92 71.69 -56.46 -41.03
N GLY SB 93 72.17 -55.31 -40.55
CA GLY SB 93 73.58 -55.03 -40.56
C GLY SB 93 74.13 -54.52 -41.87
N LYS SB 94 73.30 -54.41 -42.91
CA LYS SB 94 73.77 -53.99 -44.21
C LYS SB 94 74.00 -52.48 -44.23
N TYR SB 95 75.05 -52.06 -44.93
CA TYR SB 95 75.35 -50.65 -45.14
C TYR SB 95 74.58 -50.19 -46.37
N SER SB 96 73.48 -49.46 -46.16
CA SER SB 96 72.57 -49.15 -47.25
C SER SB 96 72.10 -47.71 -47.18
N GLN SB 97 71.84 -47.15 -48.35
CA GLN SB 97 71.11 -45.90 -48.49
C GLN SB 97 69.65 -46.22 -48.78
N VAL SB 98 68.76 -45.54 -48.07
CA VAL SB 98 67.32 -45.69 -48.30
C VAL SB 98 66.78 -44.32 -48.69
N LEU SB 99 66.09 -44.26 -49.84
CA LEU SB 99 65.90 -42.99 -50.52
C LEU SB 99 64.44 -42.73 -50.86
N ALA SB 100 63.51 -43.29 -50.09
CA ALA SB 100 62.12 -43.28 -50.51
C ALA SB 100 61.24 -43.41 -49.27
N ASN SB 101 59.96 -43.79 -49.48
CA ASN SB 101 59.06 -44.08 -48.37
C ASN SB 101 59.59 -45.21 -47.50
N GLY SB 102 60.49 -46.04 -48.04
CA GLY SB 102 61.17 -47.01 -47.21
C GLY SB 102 61.87 -46.36 -46.04
N LEU SB 103 62.44 -45.17 -46.25
CA LEU SB 103 63.06 -44.43 -45.16
C LEU SB 103 62.02 -44.03 -44.11
N ASP SB 104 60.80 -43.71 -44.55
CA ASP SB 104 59.77 -43.30 -43.61
C ASP SB 104 59.22 -44.47 -42.83
N ASN SB 105 59.09 -45.64 -43.46
CA ASN SB 105 58.68 -46.81 -42.71
C ASN SB 105 59.85 -47.46 -41.98
N LYS SB 106 61.09 -47.09 -42.31
CA LYS SB 106 62.21 -47.53 -41.48
C LYS SB 106 62.23 -46.79 -40.15
N LEU SB 107 62.10 -45.46 -40.19
CA LEU SB 107 62.02 -44.70 -38.95
C LEU SB 107 60.77 -45.09 -38.16
N ARG SB 108 59.73 -45.54 -38.86
CA ARG SB 108 58.56 -46.08 -38.18
C ARG SB 108 58.93 -47.32 -37.37
N GLU SB 109 59.75 -48.20 -37.95
CA GLU SB 109 60.04 -49.45 -37.28
C GLU SB 109 61.14 -49.33 -36.24
N ASP SB 110 62.05 -48.34 -36.37
CA ASP SB 110 62.96 -48.05 -35.27
C ASP SB 110 62.19 -47.53 -34.06
N LEU SB 111 61.24 -46.62 -34.28
CA LEU SB 111 60.42 -46.12 -33.19
C LEU SB 111 59.59 -47.24 -32.57
N GLU SB 112 59.07 -48.14 -33.41
CA GLU SB 112 58.29 -49.26 -32.89
C GLU SB 112 59.13 -50.20 -32.04
N ARG SB 113 60.34 -50.52 -32.47
CA ARG SB 113 61.15 -51.48 -31.73
C ARG SB 113 61.66 -50.89 -30.42
N LEU SB 114 61.83 -49.56 -30.37
CA LEU SB 114 62.21 -48.93 -29.11
C LEU SB 114 61.02 -48.86 -28.15
N LYS SB 115 59.82 -48.63 -28.68
CA LYS SB 115 58.61 -48.67 -27.86
C LYS SB 115 58.29 -50.09 -27.41
N LYS SB 116 58.58 -51.07 -28.27
CA LYS SB 116 58.30 -52.46 -27.92
C LYS SB 116 59.15 -52.92 -26.75
N ILE SB 117 60.43 -52.52 -26.71
CA ILE SB 117 61.31 -52.90 -25.62
C ILE SB 117 61.19 -51.98 -24.41
N ARG SB 118 60.33 -50.97 -24.48
CA ARG SB 118 60.10 -50.04 -23.36
C ARG SB 118 61.36 -49.28 -22.98
N ALA SB 119 62.17 -48.93 -23.97
CA ALA SB 119 63.35 -48.11 -23.73
C ALA SB 119 62.94 -46.66 -23.47
N HIS SB 120 63.84 -45.92 -22.79
CA HIS SB 120 63.54 -44.54 -22.44
C HIS SB 120 63.33 -43.67 -23.68
N ARG SB 121 64.17 -43.85 -24.69
CA ARG SB 121 64.02 -43.09 -25.94
C ARG SB 121 62.68 -43.38 -26.59
N GLY SB 122 62.29 -44.65 -26.65
CA GLY SB 122 60.99 -44.99 -27.21
C GLY SB 122 59.85 -44.52 -26.33
N LEU SB 123 60.00 -44.63 -25.01
CA LEU SB 123 58.96 -44.16 -24.10
C LEU SB 123 58.74 -42.67 -24.24
N ARG SB 124 59.82 -41.90 -24.34
CA ARG SB 124 59.69 -40.46 -24.56
C ARG SB 124 59.19 -40.16 -25.98
N HIS SB 125 59.58 -40.97 -26.96
CA HIS SB 125 59.05 -40.82 -28.31
C HIS SB 125 57.54 -41.01 -28.32
N PHE SB 126 57.04 -41.96 -27.52
CA PHE SB 126 55.60 -42.21 -27.45
C PHE SB 126 54.86 -40.99 -26.91
N TRP SB 127 55.44 -40.32 -25.92
CA TRP SB 127 54.76 -39.24 -25.21
C TRP SB 127 54.85 -37.90 -25.94
N GLY SB 128 55.58 -37.83 -27.05
CA GLY SB 128 55.75 -36.56 -27.74
C GLY SB 128 56.79 -35.65 -27.12
N LEU SB 129 57.66 -36.19 -26.27
CA LEU SB 129 58.65 -35.41 -25.54
C LEU SB 129 59.99 -35.41 -26.29
N ARG SB 130 60.89 -34.55 -25.83
CA ARG SB 130 62.24 -34.54 -26.38
C ARG SB 130 63.01 -35.77 -25.94
N VAL SB 131 63.92 -36.24 -26.80
CA VAL SB 131 64.62 -37.50 -26.56
C VAL SB 131 66.13 -37.35 -26.59
N ARG SB 132 66.66 -36.13 -26.81
CA ARG SB 132 68.09 -35.91 -26.81
C ARG SB 132 68.56 -35.09 -25.61
N GLY SB 133 67.79 -35.10 -24.53
CA GLY SB 133 68.22 -34.48 -23.29
C GLY SB 133 67.99 -32.99 -23.18
N GLN SB 134 67.21 -32.40 -24.08
CA GLN SB 134 66.94 -30.98 -23.99
C GLN SB 134 66.11 -30.67 -22.75
N HIS SB 135 66.27 -29.45 -22.25
CA HIS SB 135 65.43 -28.96 -21.15
C HIS SB 135 64.08 -28.56 -21.74
N THR SB 136 63.02 -29.21 -21.29
CA THR SB 136 61.68 -28.96 -21.82
C THR SB 136 60.92 -27.92 -21.01
N LYS SB 137 61.54 -27.34 -19.98
CA LYS SB 137 60.84 -26.43 -19.09
C LYS SB 137 60.38 -25.17 -19.82
N THR SB 138 61.22 -24.62 -20.70
CA THR SB 138 60.97 -23.30 -21.27
C THR SB 138 60.75 -23.30 -22.77
N THR SB 139 61.35 -24.23 -23.50
CA THR SB 139 61.19 -24.31 -24.95
C THR SB 139 60.29 -25.48 -25.31
N GLY SB 140 59.92 -25.56 -26.59
CA GLY SB 140 59.06 -26.62 -27.07
C GLY SB 140 57.59 -26.43 -26.77
N ARG SB 141 57.18 -25.25 -26.33
CA ARG SB 141 55.79 -25.01 -25.97
C ARG SB 141 54.86 -25.00 -27.18
N ARG SB 142 55.33 -24.50 -28.34
CA ARG SB 142 54.50 -24.49 -29.53
C ARG SB 142 54.01 -25.89 -29.89
N GLY SB 143 54.80 -26.92 -29.56
CA GLY SB 143 54.39 -28.28 -29.82
C GLY SB 143 53.16 -28.72 -29.07
N ARG SB 144 52.82 -28.05 -27.97
CA ARG SB 144 51.63 -28.36 -27.20
C ARG SB 144 50.56 -27.30 -27.35
N THR SB 145 50.89 -26.03 -27.13
CA THR SB 145 49.96 -24.94 -27.33
C THR SB 145 50.67 -23.71 -27.93
N PRO TB 1 113.32 -7.84 -67.98
CA PRO TB 1 113.57 -7.79 -66.53
C PRO TB 1 112.53 -8.60 -65.77
N GLY TB 2 112.84 -8.94 -64.51
CA GLY TB 2 111.94 -9.80 -63.76
C GLY TB 2 111.92 -11.20 -64.35
N VAL TB 3 110.80 -11.89 -64.14
CA VAL TB 3 109.64 -11.43 -63.39
C VAL TB 3 109.36 -12.43 -62.27
N THR TB 4 109.27 -11.93 -61.04
CA THR TB 4 109.04 -12.79 -59.88
C THR TB 4 107.55 -13.03 -59.71
N VAL TB 5 107.17 -13.57 -58.55
CA VAL TB 5 105.77 -13.86 -58.25
C VAL TB 5 105.07 -12.72 -57.52
N LYS TB 6 105.75 -12.06 -56.57
CA LYS TB 6 105.13 -10.97 -55.82
C LYS TB 6 104.68 -9.81 -56.69
N ASP TB 7 105.25 -9.67 -57.89
CA ASP TB 7 104.89 -8.59 -58.81
C ASP TB 7 104.02 -9.06 -59.97
N VAL TB 8 103.24 -10.13 -59.76
CA VAL TB 8 102.23 -10.56 -60.72
C VAL TB 8 101.06 -11.11 -59.93
N ASN TB 9 99.85 -10.93 -60.49
CA ASN TB 9 98.61 -11.12 -59.73
C ASN TB 9 98.54 -12.53 -59.17
N GLN TB 10 98.31 -12.62 -57.85
CA GLN TB 10 98.30 -13.92 -57.20
C GLN TB 10 97.11 -14.77 -57.63
N GLN TB 11 95.96 -14.13 -57.85
CA GLN TB 11 94.78 -14.88 -58.33
C GLN TB 11 95.01 -15.39 -59.75
N GLU TB 12 95.54 -14.53 -60.62
CA GLU TB 12 95.87 -14.96 -61.98
C GLU TB 12 97.00 -15.97 -61.97
N PHE TB 13 97.97 -15.78 -61.08
CA PHE TB 13 99.11 -16.70 -61.03
C PHE TB 13 98.69 -18.08 -60.53
N VAL TB 14 97.85 -18.12 -59.50
CA VAL TB 14 97.46 -19.41 -58.93
C VAL TB 14 96.60 -20.19 -59.92
N ARG TB 15 95.77 -19.49 -60.69
CA ARG TB 15 95.00 -20.17 -61.73
C ARG TB 15 95.88 -20.49 -62.93
N ALA TB 16 96.99 -19.77 -63.10
CA ALA TB 16 97.93 -20.10 -64.16
C ALA TB 16 98.71 -21.37 -63.83
N LEU TB 17 99.19 -21.50 -62.60
CA LEU TB 17 99.90 -22.70 -62.19
C LEU TB 17 98.98 -23.92 -62.26
N ALA TB 18 97.73 -23.76 -61.83
CA ALA TB 18 96.79 -24.90 -61.83
C ALA TB 18 96.54 -25.39 -63.24
N ALA TB 19 96.39 -24.47 -64.20
CA ALA TB 19 96.21 -24.88 -65.59
C ALA TB 19 97.45 -25.60 -66.11
N PHE TB 20 98.63 -25.02 -65.87
CA PHE TB 20 99.87 -25.66 -66.30
C PHE TB 20 100.08 -26.99 -65.60
N LEU TB 21 99.74 -27.06 -64.31
CA LEU TB 21 99.86 -28.31 -63.57
C LEU TB 21 98.96 -29.39 -64.15
N LYS TB 22 97.75 -29.01 -64.58
CA LYS TB 22 96.84 -29.97 -65.19
C LYS TB 22 97.27 -30.32 -66.61
N LYS TB 23 97.79 -29.35 -67.36
CA LYS TB 23 98.21 -29.61 -68.73
C LYS TB 23 99.30 -30.66 -68.79
N SER TB 24 100.39 -30.45 -68.04
CA SER TB 24 101.46 -31.43 -67.94
C SER TB 24 101.10 -32.44 -66.85
N GLY TB 25 100.21 -33.35 -67.22
CA GLY TB 25 99.62 -34.24 -66.22
C GLY TB 25 100.61 -35.15 -65.56
N LYS TB 26 100.96 -34.81 -64.31
CA LYS TB 26 101.81 -35.65 -63.49
C LYS TB 26 101.35 -35.73 -62.04
N LEU TB 27 100.40 -34.89 -61.61
CA LEU TB 27 99.86 -34.98 -60.26
C LEU TB 27 99.14 -36.30 -60.07
N LYS TB 28 99.32 -36.90 -58.90
CA LYS TB 28 98.62 -38.14 -58.57
C LYS TB 28 97.37 -37.78 -57.77
N VAL TB 29 96.33 -37.39 -58.49
CA VAL TB 29 95.04 -37.09 -57.84
C VAL TB 29 94.51 -38.36 -57.17
N PRO TB 30 94.10 -38.29 -55.91
CA PRO TB 30 93.69 -39.50 -55.19
C PRO TB 30 92.36 -40.03 -55.71
N GLU TB 31 91.95 -41.18 -55.15
CA GLU TB 31 90.69 -41.79 -55.54
C GLU TB 31 89.49 -40.96 -55.09
N TRP TB 32 89.57 -40.35 -53.91
CA TRP TB 32 88.44 -39.67 -53.30
C TRP TB 32 88.41 -38.18 -53.63
N VAL TB 33 88.94 -37.78 -54.79
CA VAL TB 33 89.02 -36.37 -55.16
C VAL TB 33 87.63 -35.74 -55.20
N ASP TB 34 86.61 -36.53 -55.52
CA ASP TB 34 85.24 -35.99 -55.54
C ASP TB 34 84.67 -35.85 -54.13
N THR TB 35 85.00 -36.77 -53.23
CA THR TB 35 84.37 -36.85 -51.90
C THR TB 35 85.42 -36.54 -50.83
N VAL TB 36 85.61 -35.26 -50.51
CA VAL TB 36 86.52 -34.88 -49.42
C VAL TB 36 85.81 -33.97 -48.44
N LYS TB 37 84.83 -33.20 -48.95
CA LYS TB 37 84.13 -32.13 -48.22
C LYS TB 37 85.09 -30.98 -47.90
N LEU TB 38 86.39 -31.19 -48.10
CA LEU TB 38 87.36 -30.10 -48.08
C LEU TB 38 87.29 -29.22 -46.84
N ALA TB 39 87.82 -29.69 -45.70
CA ALA TB 39 87.84 -28.90 -44.47
C ALA TB 39 86.46 -28.74 -43.84
N LYS TB 40 86.02 -29.78 -43.13
CA LYS TB 40 84.65 -30.05 -42.67
C LYS TB 40 83.84 -28.82 -42.27
N HIS TB 41 84.48 -27.73 -41.86
CA HIS TB 41 83.73 -26.49 -41.70
C HIS TB 41 83.03 -26.11 -42.99
N LYS TB 42 83.66 -26.42 -44.14
CA LYS TB 42 83.01 -26.26 -45.42
C LYS TB 42 81.99 -27.37 -45.62
N GLU TB 43 81.28 -27.32 -46.73
CA GLU TB 43 80.30 -28.35 -47.08
C GLU TB 43 79.93 -28.17 -48.54
N LEU TB 44 79.26 -29.18 -49.09
CA LEU TB 44 78.89 -29.14 -50.50
C LEU TB 44 80.14 -28.99 -51.34
N ALA TB 45 80.97 -30.05 -51.38
CA ALA TB 45 82.35 -30.11 -51.85
C ALA TB 45 82.57 -29.32 -53.14
N PRO TB 46 83.77 -28.79 -53.36
CA PRO TB 46 83.94 -27.64 -54.28
C PRO TB 46 83.36 -27.88 -55.66
N TYR TB 47 82.90 -26.78 -56.27
CA TYR TB 47 82.23 -26.84 -57.56
C TYR TB 47 83.18 -27.33 -58.66
N ASP TB 48 84.41 -26.85 -58.67
CA ASP TB 48 85.33 -27.15 -59.76
C ASP TB 48 85.73 -28.62 -59.73
N GLU TB 49 85.68 -29.28 -60.88
CA GLU TB 49 86.09 -30.68 -60.97
C GLU TB 49 87.56 -30.85 -60.63
N ASN TB 50 88.37 -29.84 -60.91
CA ASN TB 50 89.83 -29.90 -60.79
C ASN TB 50 90.33 -29.12 -59.57
N TRP TB 51 89.61 -29.21 -58.45
CA TRP TB 51 90.00 -28.48 -57.25
C TRP TB 51 91.36 -28.91 -56.73
N PHE TB 52 91.77 -30.15 -56.99
CA PHE TB 52 93.07 -30.62 -56.49
C PHE TB 52 94.22 -29.85 -57.13
N TYR TB 53 94.12 -29.53 -58.41
CA TYR TB 53 95.21 -28.84 -59.08
C TYR TB 53 95.30 -27.38 -58.66
N THR TB 54 94.17 -26.77 -58.33
CA THR TB 54 94.20 -25.40 -57.81
C THR TB 54 94.81 -25.35 -56.41
N ARG TB 55 94.52 -26.35 -55.59
CA ARG TB 55 95.06 -26.38 -54.24
C ARG TB 55 96.58 -26.53 -54.26
N ALA TB 56 97.10 -27.45 -55.07
CA ALA TB 56 98.55 -27.59 -55.20
C ALA TB 56 99.16 -26.32 -55.77
N ALA TB 57 98.41 -25.59 -56.59
CA ALA TB 57 98.84 -24.26 -57.00
C ALA TB 57 98.85 -23.30 -55.82
N SER TB 58 97.83 -23.38 -54.97
CA SER TB 58 97.77 -22.52 -53.79
C SER TB 58 98.84 -22.90 -52.77
N THR TB 59 99.06 -24.21 -52.59
CA THR TB 59 100.07 -24.66 -51.63
C THR TB 59 101.47 -24.30 -52.09
N ALA TB 60 101.78 -24.52 -53.37
CA ALA TB 60 103.12 -24.22 -53.88
C ALA TB 60 103.43 -22.74 -53.78
N ARG TB 61 102.48 -21.89 -54.14
CA ARG TB 61 102.69 -20.45 -54.03
C ARG TB 61 102.89 -20.03 -52.59
N HIS TB 62 102.17 -20.66 -51.67
CA HIS TB 62 102.34 -20.34 -50.25
C HIS TB 62 103.69 -20.79 -49.74
N LEU TB 63 104.12 -22.00 -50.13
CA LEU TB 63 105.45 -22.48 -49.76
C LEU TB 63 106.54 -21.61 -50.35
N TYR TB 64 106.27 -20.91 -51.45
CA TYR TB 64 107.23 -19.95 -51.98
C TYR TB 64 107.34 -18.74 -51.06
N LEU TB 65 106.19 -18.18 -50.66
CA LEU TB 65 106.21 -16.99 -49.81
C LEU TB 65 106.75 -17.31 -48.43
N ARG TB 66 106.25 -18.36 -47.80
CA ARG TB 66 106.66 -18.76 -46.46
C ARG TB 66 106.95 -20.25 -46.47
N GLY TB 67 108.22 -20.61 -46.63
CA GLY TB 67 108.60 -22.02 -46.63
C GLY TB 67 108.68 -22.60 -45.23
N GLY TB 68 109.01 -23.89 -45.19
CA GLY TB 68 109.07 -24.60 -43.92
C GLY TB 68 107.72 -24.81 -43.28
N ALA TB 69 106.70 -25.16 -44.07
CA ALA TB 69 105.35 -25.36 -43.56
C ALA TB 69 104.97 -26.82 -43.72
N GLY TB 70 104.57 -27.45 -42.60
CA GLY TB 70 104.12 -28.82 -42.61
C GLY TB 70 102.64 -28.93 -42.86
N VAL TB 71 102.09 -30.11 -42.54
CA VAL TB 71 100.65 -30.31 -42.69
C VAL TB 71 99.87 -29.44 -41.72
N GLY TB 72 100.42 -29.25 -40.50
CA GLY TB 72 99.71 -28.45 -39.50
C GLY TB 72 99.63 -26.98 -39.85
N SER TB 73 100.67 -26.43 -40.48
CA SER TB 73 100.61 -25.03 -40.89
C SER TB 73 99.67 -24.84 -42.08
N MET TB 74 99.52 -25.87 -42.91
CA MET TB 74 98.67 -25.75 -44.09
C MET TB 74 97.19 -25.85 -43.75
N THR TB 75 96.83 -26.63 -42.72
CA THR TB 75 95.42 -26.78 -42.41
C THR TB 75 94.84 -25.51 -41.78
N LYS TB 76 95.68 -24.61 -41.27
CA LYS TB 76 95.24 -23.27 -40.90
C LYS TB 76 95.27 -22.30 -42.07
N ILE TB 77 96.06 -22.61 -43.10
CA ILE TB 77 96.08 -21.77 -44.29
C ILE TB 77 94.69 -21.74 -44.91
N TYR TB 78 94.09 -22.92 -45.08
CA TYR TB 78 92.78 -23.06 -45.70
C TYR TB 78 91.67 -23.27 -44.68
N GLY TB 79 91.88 -22.85 -43.43
CA GLY TB 79 90.81 -22.85 -42.47
C GLY TB 79 89.79 -21.75 -42.76
N GLY TB 80 88.65 -21.86 -42.13
CA GLY TB 80 87.60 -20.90 -42.37
C GLY TB 80 86.64 -20.81 -41.20
N ARG TB 81 85.61 -19.99 -41.37
CA ARG TB 81 84.61 -19.75 -40.33
C ARG TB 81 83.64 -20.92 -40.32
N GLN TB 82 83.75 -21.78 -39.30
CA GLN TB 82 82.81 -22.88 -39.13
C GLN TB 82 81.52 -22.31 -38.52
N ARG TB 83 80.41 -22.51 -39.20
CA ARG TB 83 79.10 -22.05 -38.73
C ARG TB 83 78.43 -23.19 -37.98
N ASN TB 84 78.38 -23.08 -36.65
CA ASN TB 84 77.81 -24.09 -35.79
C ASN TB 84 76.29 -24.03 -35.71
N GLY TB 85 75.64 -23.38 -36.67
CA GLY TB 85 74.20 -23.34 -36.71
C GLY TB 85 73.59 -22.34 -35.75
N VAL TB 86 72.99 -22.85 -34.68
CA VAL TB 86 72.35 -21.99 -33.68
C VAL TB 86 73.36 -21.45 -32.67
N MET TB 87 74.51 -22.09 -32.52
CA MET TB 87 75.59 -21.53 -31.72
C MET TB 87 76.33 -20.45 -32.50
N PRO TB 88 77.05 -19.56 -31.82
CA PRO TB 88 77.91 -18.60 -32.53
C PRO TB 88 79.04 -19.30 -33.27
N SER TB 89 79.45 -18.70 -34.39
CA SER TB 89 80.43 -19.32 -35.26
C SER TB 89 81.83 -19.30 -34.66
N HIS TB 90 82.64 -20.26 -35.08
CA HIS TB 90 84.04 -20.36 -34.68
C HIS TB 90 84.89 -20.70 -35.90
N PHE TB 91 86.19 -20.77 -35.69
CA PHE TB 91 87.15 -21.03 -36.76
C PHE TB 91 87.71 -22.44 -36.61
N SER TB 92 87.76 -23.18 -37.72
CA SER TB 92 88.24 -24.55 -37.71
C SER TB 92 89.33 -24.73 -38.76
N ARG TB 93 90.23 -25.66 -38.48
CA ARG TB 93 91.36 -25.98 -39.34
C ARG TB 93 90.92 -26.76 -40.57
N GLY TB 94 91.72 -26.66 -41.64
CA GLY TB 94 91.42 -27.37 -42.85
C GLY TB 94 91.68 -28.86 -42.74
N SER TB 95 91.25 -29.59 -43.76
CA SER TB 95 91.39 -31.04 -43.75
C SER TB 95 92.87 -31.43 -43.86
N LYS TB 96 93.29 -32.35 -42.99
CA LYS TB 96 94.69 -32.73 -42.93
C LYS TB 96 95.09 -33.68 -44.07
N SER TB 97 94.16 -34.54 -44.49
CA SER TB 97 94.50 -35.51 -45.54
C SER TB 97 94.71 -34.84 -46.88
N VAL TB 98 93.81 -33.92 -47.24
CA VAL TB 98 93.96 -33.21 -48.51
C VAL TB 98 95.23 -32.37 -48.50
N ALA TB 99 95.55 -31.77 -47.36
CA ALA TB 99 96.80 -31.01 -47.26
C ALA TB 99 98.00 -31.95 -47.34
N ARG TB 100 97.96 -33.06 -46.62
CA ARG TB 100 99.08 -34.00 -46.64
C ARG TB 100 99.30 -34.57 -48.04
N ARG TB 101 98.21 -34.89 -48.74
CA ARG TB 101 98.35 -35.55 -50.04
C ARG TB 101 98.80 -34.58 -51.13
N VAL TB 102 98.32 -33.33 -51.09
CA VAL TB 102 98.77 -32.38 -52.12
C VAL TB 102 100.27 -32.15 -52.00
N LEU TB 103 100.81 -32.22 -50.78
CA LEU TB 103 102.26 -32.11 -50.63
C LEU TB 103 102.97 -33.33 -51.20
N GLN TB 104 102.52 -34.54 -50.86
CA GLN TB 104 103.12 -35.74 -51.42
C GLN TB 104 102.99 -35.77 -52.94
N ALA TB 105 101.91 -35.19 -53.46
CA ALA TB 105 101.83 -34.99 -54.91
C ALA TB 105 102.93 -34.07 -55.40
N LEU TB 106 103.26 -33.03 -54.61
CA LEU TB 106 104.36 -32.14 -54.97
C LEU TB 106 105.71 -32.83 -54.82
N GLU TB 107 105.83 -33.75 -53.85
CA GLU TB 107 107.06 -34.53 -53.75
C GLU TB 107 107.23 -35.45 -54.94
N GLY TB 108 106.13 -36.01 -55.45
CA GLY TB 108 106.20 -36.79 -56.67
C GLY TB 108 106.69 -35.98 -57.85
N LEU TB 109 106.24 -34.73 -57.94
CA LEU TB 109 106.74 -33.82 -58.97
C LEU TB 109 108.19 -33.41 -58.73
N LYS TB 110 108.70 -33.58 -57.52
CA LYS TB 110 110.05 -33.16 -57.12
C LYS TB 110 110.20 -31.64 -57.11
N MET TB 111 109.09 -30.91 -57.06
CA MET TB 111 109.12 -29.46 -56.88
C MET TB 111 109.45 -29.03 -55.45
N VAL TB 112 109.04 -29.82 -54.47
CA VAL TB 112 109.28 -29.53 -53.07
C VAL TB 112 109.97 -30.73 -52.43
N GLU TB 113 110.60 -30.50 -51.28
CA GLU TB 113 111.28 -31.57 -50.58
C GLU TB 113 111.32 -31.23 -49.09
N LYS TB 114 111.56 -32.25 -48.28
CA LYS TB 114 111.69 -32.05 -46.84
C LYS TB 114 112.91 -31.20 -46.52
N ASP TB 115 112.74 -30.34 -45.52
CA ASP TB 115 113.82 -29.51 -45.00
C ASP TB 115 114.63 -30.30 -43.98
N GLN TB 116 115.79 -29.76 -43.62
CA GLN TB 116 116.53 -30.34 -42.51
C GLN TB 116 115.87 -29.99 -41.17
N ASP TB 117 115.15 -28.88 -41.10
CA ASP TB 117 114.25 -28.61 -39.99
C ASP TB 117 112.84 -29.05 -40.40
N GLY TB 118 111.85 -28.70 -39.58
CA GLY TB 118 110.49 -29.12 -39.86
C GLY TB 118 109.92 -28.44 -41.10
N GLY TB 119 108.85 -29.05 -41.62
CA GLY TB 119 108.14 -28.50 -42.76
C GLY TB 119 108.74 -28.91 -44.09
N ARG TB 120 108.23 -28.26 -45.14
CA ARG TB 120 108.68 -28.50 -46.51
C ARG TB 120 108.84 -27.17 -47.23
N LYS TB 121 109.69 -27.17 -48.26
CA LYS TB 121 109.95 -25.99 -49.07
C LYS TB 121 110.23 -26.42 -50.50
N LEU TB 122 110.20 -25.45 -51.40
CA LEU TB 122 110.42 -25.72 -52.81
C LEU TB 122 111.89 -26.03 -53.08
N THR TB 123 112.13 -26.99 -53.97
CA THR TB 123 113.47 -27.20 -54.49
C THR TB 123 113.79 -26.10 -55.51
N PRO TB 124 115.07 -25.87 -55.80
CA PRO TB 124 115.41 -24.87 -56.82
C PRO TB 124 114.70 -25.07 -58.15
N GLN TB 125 114.43 -26.31 -58.53
CA GLN TB 125 113.67 -26.57 -59.75
C GLN TB 125 112.20 -26.17 -59.60
N GLY TB 126 111.61 -26.46 -58.43
CA GLY TB 126 110.21 -26.15 -58.24
C GLY TB 126 109.93 -24.65 -58.29
N GLN TB 127 110.75 -23.86 -57.60
CA GLN TB 127 110.60 -22.41 -57.66
C GLN TB 127 111.02 -21.87 -59.02
N ARG TB 128 111.82 -22.64 -59.77
CA ARG TB 128 112.17 -22.23 -61.13
C ARG TB 128 110.94 -22.20 -62.03
N ASP TB 129 110.18 -23.30 -62.07
CA ASP TB 129 108.98 -23.33 -62.89
C ASP TB 129 107.93 -22.37 -62.37
N LEU TB 130 107.79 -22.28 -61.04
CA LEU TB 130 106.90 -21.30 -60.43
C LEU TB 130 107.28 -19.88 -60.84
N ASP TB 131 108.58 -19.63 -61.03
CA ASP TB 131 109.03 -18.34 -61.52
C ASP TB 131 108.76 -18.17 -63.01
N ARG TB 132 108.93 -19.23 -63.81
CA ARG TB 132 108.68 -19.14 -65.23
C ARG TB 132 107.21 -18.86 -65.51
N ILE TB 133 106.31 -19.47 -64.73
CA ILE TB 133 104.88 -19.25 -64.92
C ILE TB 133 104.51 -17.81 -64.61
N ALA TB 134 105.07 -17.26 -63.54
CA ALA TB 134 104.79 -15.87 -63.18
C ALA TB 134 105.19 -14.92 -64.30
N GLY TB 135 106.27 -15.24 -65.02
CA GLY TB 135 106.68 -14.41 -66.13
C GLY TB 135 105.71 -14.45 -67.29
N GLN TB 136 105.20 -15.64 -67.61
CA GLN TB 136 104.30 -15.77 -68.76
C GLN TB 136 102.91 -15.22 -68.46
N VAL TB 137 102.48 -15.31 -67.20
CA VAL TB 137 101.16 -14.78 -66.86
C VAL TB 137 101.22 -13.26 -66.68
N ALA TB 138 102.39 -12.71 -66.34
CA ALA TB 138 102.54 -11.26 -66.35
C ALA TB 138 102.46 -10.70 -67.76
N ALA TB 139 103.10 -11.39 -68.71
CA ALA TB 139 103.06 -10.93 -70.11
C ALA TB 139 101.65 -11.03 -70.69
N ALA TB 140 100.93 -12.11 -70.36
CA ALA TB 140 99.54 -12.22 -70.80
C ALA TB 140 98.68 -11.12 -70.20
N ASN TB 141 98.93 -10.77 -68.93
CA ASN TB 141 98.27 -9.61 -68.34
C ASN TB 141 98.63 -8.33 -69.09
N LYS TB 142 99.92 -8.14 -69.39
CA LYS TB 142 100.38 -6.90 -69.99
C LYS TB 142 99.77 -6.71 -71.38
N LYS TB 143 99.70 -7.78 -72.17
CA LYS TB 143 99.13 -7.71 -73.50
C LYS TB 143 98.15 -8.86 -73.72
CA ALA UB 1 140.26 -18.13 -18.36
C ALA UB 1 138.97 -17.33 -18.48
N ILE UB 2 138.91 -16.46 -19.48
CA ILE UB 2 137.79 -15.55 -19.66
C ILE UB 2 136.52 -16.33 -19.94
N HIS UB 3 135.43 -15.97 -19.24
CA HIS UB 3 134.14 -16.60 -19.39
C HIS UB 3 133.08 -15.58 -19.78
N ARG UB 4 132.27 -15.94 -20.79
CA ARG UB 4 131.18 -15.07 -21.26
C ARG UB 4 129.95 -15.27 -20.35
N ILE UB 5 130.12 -14.83 -19.11
CA ILE UB 5 129.16 -15.13 -18.05
C ILE UB 5 127.93 -14.24 -18.19
N ARG UB 6 126.75 -14.84 -18.02
CA ARG UB 6 125.49 -14.13 -18.06
C ARG UB 6 124.78 -14.22 -16.72
N ILE UB 7 124.29 -13.07 -16.23
CA ILE UB 7 123.58 -12.98 -14.96
C ILE UB 7 122.17 -12.44 -15.23
N THR UB 8 121.17 -13.14 -14.70
CA THR UB 8 119.76 -12.84 -14.91
C THR UB 8 119.10 -12.45 -13.59
N LEU UB 9 118.18 -11.49 -13.67
CA LEU UB 9 117.44 -11.07 -12.49
C LEU UB 9 116.07 -10.55 -12.90
N THR UB 10 115.09 -10.76 -12.02
CA THR UB 10 113.75 -10.23 -12.23
C THR UB 10 113.10 -10.02 -10.86
N SER UB 11 112.12 -9.12 -10.84
CA SER UB 11 111.40 -8.77 -9.62
C SER UB 11 110.17 -7.97 -10.01
N ARG UB 12 109.36 -7.60 -9.02
CA ARG UB 12 108.16 -6.80 -9.27
C ARG UB 12 108.45 -5.32 -9.22
N ASN UB 13 109.22 -4.88 -8.23
CA ASN UB 13 109.52 -3.45 -8.06
C ASN UB 13 110.62 -3.04 -9.03
N VAL UB 14 110.29 -2.08 -9.90
CA VAL UB 14 111.26 -1.61 -10.90
C VAL UB 14 112.40 -0.86 -10.24
N LYS UB 15 112.10 -0.08 -9.19
CA LYS UB 15 113.11 0.80 -8.60
C LYS UB 15 114.28 0.01 -8.03
N SER UB 16 114.00 -1.05 -7.26
CA SER UB 16 115.08 -1.90 -6.77
C SER UB 16 115.69 -2.68 -7.92
N LEU UB 17 114.88 -3.07 -8.90
CA LEU UB 17 115.40 -3.77 -10.07
C LEU UB 17 116.29 -2.86 -10.90
N GLU UB 18 115.99 -1.55 -10.94
CA GLU UB 18 116.84 -0.60 -11.65
C GLU UB 18 118.17 -0.39 -10.94
N LYS UB 19 118.16 -0.35 -9.61
CA LYS UB 19 119.40 -0.04 -8.90
C LYS UB 19 120.34 -1.24 -8.88
N VAL UB 20 119.80 -2.46 -8.84
CA VAL UB 20 120.65 -3.64 -8.87
C VAL UB 20 121.41 -3.71 -10.19
N CYS UB 21 120.71 -3.48 -11.31
CA CYS UB 21 121.42 -3.50 -12.58
C CYS UB 21 122.42 -2.35 -12.66
N ALA UB 22 122.02 -1.17 -12.18
CA ALA UB 22 122.92 -0.02 -12.24
C ALA UB 22 124.17 -0.25 -11.41
N ASP UB 23 123.99 -0.70 -10.17
CA ASP UB 23 125.15 -0.97 -9.30
C ASP UB 23 125.99 -2.12 -9.84
N LEU UB 24 125.35 -3.05 -10.55
CA LEU UB 24 126.10 -4.17 -11.10
C LEU UB 24 126.97 -3.75 -12.27
N ILE UB 25 126.48 -2.84 -13.11
CA ILE UB 25 127.25 -2.39 -14.27
C ILE UB 25 128.54 -1.71 -13.83
N ARG UB 26 128.44 -0.76 -12.89
CA ARG UB 26 129.64 -0.13 -12.37
C ARG UB 26 130.53 -1.15 -11.67
N GLY UB 27 129.95 -2.22 -11.13
CA GLY UB 27 130.75 -3.26 -10.50
C GLY UB 27 131.68 -3.95 -11.48
N ALA UB 28 131.23 -4.10 -12.74
CA ALA UB 28 132.11 -4.66 -13.77
C ALA UB 28 132.77 -3.55 -14.58
N LYS UB 29 132.21 -2.34 -14.53
CA LYS UB 29 132.86 -1.20 -15.18
C LYS UB 29 134.08 -0.75 -14.37
N GLU UB 30 134.02 -0.89 -13.05
CA GLU UB 30 135.16 -0.54 -12.20
C GLU UB 30 136.24 -1.59 -12.23
N LYS UB 31 135.95 -2.79 -12.76
CA LYS UB 31 136.91 -3.88 -12.76
C LYS UB 31 137.56 -4.11 -14.12
N ASN UB 32 137.30 -3.24 -15.09
CA ASN UB 32 137.81 -3.36 -16.45
C ASN UB 32 137.34 -4.68 -17.08
N LEU UB 33 136.03 -4.81 -17.20
CA LEU UB 33 135.37 -5.97 -17.79
C LEU UB 33 134.51 -5.52 -18.96
N LYS UB 34 134.38 -6.39 -19.96
CA LYS UB 34 133.54 -6.10 -21.11
C LYS UB 34 132.08 -6.15 -20.68
N VAL UB 35 131.49 -4.97 -20.47
CA VAL UB 35 130.15 -4.84 -19.93
C VAL UB 35 129.16 -4.81 -21.08
N LYS UB 36 128.13 -5.66 -20.99
CA LYS UB 36 127.03 -5.64 -21.93
C LYS UB 36 125.86 -4.90 -21.31
N GLY UB 37 125.29 -3.96 -22.06
CA GLY UB 37 124.22 -3.12 -21.56
C GLY UB 37 123.03 -3.91 -21.04
N PRO UB 38 122.16 -3.24 -20.30
CA PRO UB 38 121.02 -3.95 -19.71
C PRO UB 38 120.01 -4.39 -20.75
N VAL UB 39 119.95 -5.69 -21.02
CA VAL UB 39 118.96 -6.23 -21.95
C VAL UB 39 117.62 -6.27 -21.23
N ARG UB 40 116.69 -5.42 -21.66
CA ARG UB 40 115.44 -5.18 -20.96
C ARG UB 40 114.35 -6.02 -21.62
N MET UB 41 113.73 -6.89 -20.83
CA MET UB 41 112.74 -7.82 -21.37
C MET UB 41 111.34 -7.21 -21.27
N PRO UB 42 110.43 -7.63 -22.14
CA PRO UB 42 109.03 -7.19 -21.99
C PRO UB 42 108.44 -7.67 -20.68
N THR UB 43 107.72 -6.78 -20.00
CA THR UB 43 107.20 -7.09 -18.68
C THR UB 43 106.00 -8.03 -18.78
N LYS UB 44 105.80 -8.83 -17.73
CA LYS UB 44 104.76 -9.85 -17.69
C LYS UB 44 103.72 -9.48 -16.64
N THR UB 45 102.48 -9.36 -17.07
CA THR UB 45 101.38 -8.91 -16.22
C THR UB 45 100.47 -10.08 -15.89
N LEU UB 46 100.24 -10.31 -14.61
CA LEU UB 46 99.28 -11.31 -14.14
C LEU UB 46 98.00 -10.56 -13.78
N ARG UB 47 96.91 -10.91 -14.46
CA ARG UB 47 95.71 -10.06 -14.52
C ARG UB 47 94.46 -10.84 -14.11
N ILE UB 48 94.51 -11.48 -12.94
CA ILE UB 48 93.34 -12.18 -12.42
C ILE UB 48 92.24 -11.17 -12.13
N THR UB 49 91.04 -11.44 -12.64
CA THR UB 49 89.86 -10.63 -12.39
C THR UB 49 88.84 -11.47 -11.62
N THR UB 50 88.26 -10.88 -10.57
CA THR UB 50 87.48 -11.64 -9.60
C THR UB 50 86.14 -10.96 -9.36
N ARG UB 51 85.17 -11.75 -8.89
CA ARG UB 51 83.80 -11.26 -8.69
C ARG UB 51 83.72 -10.11 -7.70
N LYS UB 52 84.68 -9.98 -6.80
CA LYS UB 52 84.81 -8.86 -5.87
C LYS UB 52 83.76 -8.92 -4.75
N THR UB 53 82.81 -9.83 -4.83
CA THR UB 53 81.85 -9.98 -3.75
C THR UB 53 81.77 -11.44 -3.31
N PRO UB 54 81.75 -11.69 -1.99
CA PRO UB 54 81.67 -13.08 -1.51
C PRO UB 54 80.40 -13.81 -1.95
N CYS UB 55 79.27 -13.12 -2.05
CA CYS UB 55 78.00 -13.72 -2.42
C CYS UB 55 77.64 -13.30 -3.84
N GLY UB 56 76.43 -13.65 -4.26
CA GLY UB 56 75.98 -13.32 -5.58
C GLY UB 56 75.25 -12.00 -5.68
N GLU UB 57 74.84 -11.46 -4.52
CA GLU UB 57 74.08 -10.22 -4.50
C GLU UB 57 74.99 -9.04 -4.82
N GLY UB 58 74.49 -8.14 -5.65
CA GLY UB 58 75.23 -6.94 -5.99
C GLY UB 58 74.88 -6.47 -7.39
N SER UB 59 75.71 -5.57 -7.89
CA SER UB 59 75.53 -5.00 -9.22
C SER UB 59 76.56 -5.53 -10.22
N LYS UB 60 77.14 -6.70 -9.94
CA LYS UB 60 78.08 -7.36 -10.84
C LYS UB 60 79.31 -6.47 -11.10
N THR UB 61 79.92 -6.01 -10.02
CA THR UB 61 81.19 -5.30 -10.11
C THR UB 61 82.36 -6.28 -10.03
N TRP UB 62 83.50 -5.85 -10.57
CA TRP UB 62 84.65 -6.72 -10.68
C TRP UB 62 85.91 -5.98 -10.26
N ASP UB 63 86.91 -6.74 -9.81
CA ASP UB 63 88.18 -6.20 -9.34
C ASP UB 63 89.28 -6.66 -10.28
N ARG UB 64 90.23 -5.77 -10.54
CA ARG UB 64 91.34 -6.04 -11.46
C ARG UB 64 92.64 -6.04 -10.68
N PHE UB 65 93.17 -7.22 -10.40
CA PHE UB 65 94.47 -7.35 -9.75
C PHE UB 65 95.56 -7.59 -10.78
N GLN UB 66 96.60 -6.77 -10.75
CA GLN UB 66 97.72 -6.85 -11.66
C GLN UB 66 99.01 -7.05 -10.90
N MET UB 67 99.88 -7.90 -11.43
CA MET UB 67 101.24 -8.03 -10.93
C MET UB 67 102.19 -7.96 -12.11
N ARG UB 68 103.14 -7.03 -12.06
CA ARG UB 68 104.09 -6.82 -13.15
C ARG UB 68 105.44 -7.39 -12.74
N ILE UB 69 105.99 -8.23 -13.61
CA ILE UB 69 107.34 -8.78 -13.43
C ILE UB 69 108.21 -8.20 -14.53
N HIS UB 70 109.32 -7.58 -14.13
CA HIS UB 70 110.26 -6.95 -15.05
C HIS UB 70 111.59 -7.68 -14.97
N LYS UB 71 112.12 -8.07 -16.13
CA LYS UB 71 113.32 -8.88 -16.22
C LYS UB 71 114.38 -8.16 -17.06
N ARG UB 72 115.63 -8.23 -16.60
CA ARG UB 72 116.75 -7.70 -17.36
C ARG UB 72 117.87 -8.73 -17.43
N LEU UB 73 118.73 -8.56 -18.44
CA LEU UB 73 119.81 -9.49 -18.73
C LEU UB 73 121.13 -8.74 -18.76
N ILE UB 74 122.08 -9.18 -17.94
CA ILE UB 74 123.42 -8.61 -17.88
C ILE UB 74 124.41 -9.68 -18.27
N ASP UB 75 125.26 -9.39 -19.25
CA ASP UB 75 126.24 -10.34 -19.75
C ASP UB 75 127.65 -9.76 -19.60
N LEU UB 76 128.57 -10.60 -19.14
CA LEU UB 76 129.93 -10.19 -18.87
C LEU UB 76 130.89 -11.11 -19.61
N HIS UB 77 132.17 -10.77 -19.58
CA HIS UB 77 133.19 -11.43 -20.38
C HIS UB 77 134.43 -11.65 -19.52
N SER UB 78 134.19 -12.18 -18.31
CA SER UB 78 135.18 -12.33 -17.26
C SER UB 78 134.88 -13.62 -16.51
N PRO UB 79 135.87 -14.22 -15.86
CA PRO UB 79 135.67 -15.53 -15.22
C PRO UB 79 134.96 -15.39 -13.87
N SER UB 80 134.74 -16.54 -13.24
CA SER UB 80 134.03 -16.57 -11.96
C SER UB 80 134.90 -16.09 -10.80
N GLU UB 81 136.22 -16.26 -10.90
CA GLU UB 81 137.09 -15.88 -9.80
C GLU UB 81 137.13 -14.37 -9.57
N ILE UB 82 136.58 -13.58 -10.48
CA ILE UB 82 136.50 -12.14 -10.31
C ILE UB 82 135.08 -11.62 -10.19
N VAL UB 83 134.07 -12.34 -10.72
CA VAL UB 83 132.70 -11.84 -10.71
C VAL UB 83 131.83 -12.43 -9.61
N LYS UB 84 132.30 -13.46 -8.91
CA LYS UB 84 131.50 -14.04 -7.84
C LYS UB 84 131.46 -13.16 -6.60
N GLN UB 85 132.59 -12.51 -6.28
CA GLN UB 85 132.62 -11.67 -5.08
C GLN UB 85 131.75 -10.43 -5.25
N ILE UB 86 131.71 -9.84 -6.45
CA ILE UB 86 130.91 -8.64 -6.65
C ILE UB 86 129.42 -8.98 -6.71
N THR UB 87 129.09 -10.20 -7.15
CA THR UB 87 127.69 -10.60 -7.23
C THR UB 87 127.15 -11.17 -5.93
N SER UB 88 128.01 -11.47 -4.96
CA SER UB 88 127.59 -11.94 -3.65
C SER UB 88 127.64 -10.85 -2.59
N ILE UB 89 128.07 -9.64 -2.94
CA ILE UB 89 127.98 -8.49 -2.06
C ILE UB 89 126.76 -7.62 -2.36
N SER UB 90 126.06 -7.89 -3.46
CA SER UB 90 124.80 -7.25 -3.79
C SER UB 90 123.68 -8.18 -3.35
N ILE UB 91 122.76 -7.67 -2.53
CA ILE UB 91 121.79 -8.54 -1.89
C ILE UB 91 120.36 -8.21 -2.32
N GLU UB 92 119.89 -6.99 -2.00
CA GLU UB 92 118.59 -6.50 -2.45
C GLU UB 92 117.44 -7.47 -2.16
N PRO UB 93 116.94 -7.53 -0.92
CA PRO UB 93 115.95 -8.55 -0.55
C PRO UB 93 114.76 -8.70 -1.49
N GLY UB 94 114.52 -7.75 -2.39
CA GLY UB 94 113.38 -7.85 -3.27
C GLY UB 94 113.67 -8.49 -4.61
N VAL UB 95 114.94 -8.65 -4.96
CA VAL UB 95 115.37 -9.11 -6.28
C VAL UB 95 116.08 -10.44 -6.14
N GLU UB 96 115.77 -11.37 -7.04
CA GLU UB 96 116.47 -12.65 -7.12
C GLU UB 96 117.51 -12.61 -8.24
N VAL UB 97 118.50 -13.50 -8.15
CA VAL UB 97 119.56 -13.59 -9.14
C VAL UB 97 119.79 -15.05 -9.51
N GLU UB 98 119.89 -15.31 -10.81
CA GLU UB 98 120.19 -16.63 -11.35
C GLU UB 98 121.43 -16.56 -12.23
N VAL UB 99 122.38 -17.46 -11.98
CA VAL UB 99 123.66 -17.45 -12.67
C VAL UB 99 123.74 -18.68 -13.58
N THR UB 100 124.10 -18.45 -14.84
CA THR UB 100 124.31 -19.53 -15.80
C THR UB 100 125.67 -19.34 -16.46
N ILE UB 101 126.36 -20.45 -16.69
CA ILE UB 101 127.70 -20.45 -17.27
C ILE UB 101 127.64 -20.01 -18.73
N ALA UB 102 128.80 -19.70 -19.30
CA ALA UB 102 128.84 -19.19 -20.67
C ALA UB 102 128.33 -20.21 -21.67
N ASP UB 103 128.72 -21.47 -21.52
CA ASP UB 103 128.32 -22.52 -22.45
C ASP UB 103 126.83 -22.81 -22.43
N ALA UB 104 126.11 -22.33 -21.42
CA ALA UB 104 124.67 -22.54 -21.27
C ALA UB 104 124.32 -24.03 -21.21
N ARG VB 1 49.07 34.48 -56.35
CA ARG VB 1 48.42 34.38 -55.05
C ARG VB 1 49.43 34.03 -53.96
N VAL VB 2 50.05 32.86 -54.06
CA VAL VB 2 50.96 32.41 -53.02
C VAL VB 2 52.31 33.10 -53.15
N GLN VB 3 53.00 33.22 -52.02
CA GLN VB 3 54.26 33.97 -52.07
C GLN VB 3 55.42 33.05 -52.45
N PRO VB 4 56.28 33.50 -53.37
CA PRO VB 4 57.46 32.69 -53.74
C PRO VB 4 58.36 32.38 -52.55
N ILE VB 5 59.33 31.51 -52.78
CA ILE VB 5 60.20 31.03 -51.72
C ILE VB 5 61.31 32.04 -51.49
N LYS VB 6 61.40 32.55 -50.27
CA LYS VB 6 62.42 33.50 -49.89
C LYS VB 6 63.67 32.79 -49.35
N LEU VB 7 64.75 33.56 -49.22
CA LEU VB 7 65.94 33.14 -48.50
C LEU VB 7 66.11 34.02 -47.27
N ALA VB 8 66.99 33.58 -46.37
CA ALA VB 8 67.15 34.29 -45.10
C ALA VB 8 68.50 33.94 -44.49
N ARG VB 9 69.39 34.93 -44.40
CA ARG VB 9 70.62 34.75 -43.64
C ARG VB 9 70.37 35.01 -42.17
N VAL VB 10 70.81 34.09 -41.31
CA VAL VB 10 70.54 34.20 -39.88
C VAL VB 10 71.56 35.14 -39.25
N THR VB 11 71.06 35.98 -38.35
CA THR VB 11 71.89 36.83 -37.49
C THR VB 11 72.15 36.08 -36.19
N LYS VB 12 72.59 36.81 -35.16
CA LYS VB 12 72.99 36.16 -33.91
C LYS VB 12 71.89 35.27 -33.35
N VAL VB 13 72.30 34.17 -32.72
CA VAL VB 13 71.41 33.12 -32.25
C VAL VB 13 70.84 33.49 -30.88
N LEU VB 14 69.58 33.15 -30.66
CA LEU VB 14 68.83 33.59 -29.49
C LEU VB 14 68.46 32.42 -28.56
N GLY VB 15 69.36 31.47 -28.41
CA GLY VB 15 69.14 30.39 -27.47
C GLY VB 15 68.23 29.28 -28.00
N ARG VB 16 67.87 28.39 -27.09
CA ARG VB 16 67.06 27.22 -27.42
C ARG VB 16 65.63 27.37 -26.92
N THR VB 17 64.72 26.69 -27.61
CA THR VB 17 63.29 26.78 -27.33
C THR VB 17 62.66 25.42 -27.56
N GLY VB 18 61.48 25.22 -27.00
CA GLY VB 18 60.77 23.95 -27.11
C GLY VB 18 60.86 23.06 -25.90
N SER VB 19 61.54 23.49 -24.84
CA SER VB 19 61.74 22.72 -23.61
C SER VB 19 62.41 21.38 -23.86
N GLN VB 20 63.00 21.18 -25.04
CA GLN VB 20 63.84 20.01 -25.29
C GLN VB 20 65.11 20.41 -26.01
N GLY VB 21 65.27 21.68 -26.36
CA GLY VB 21 66.40 22.12 -27.15
C GLY VB 21 66.30 21.76 -28.61
N GLN VB 22 65.13 21.32 -29.08
CA GLN VB 22 64.98 20.91 -30.46
C GLN VB 22 65.10 22.10 -31.41
N CYS VB 23 64.41 23.20 -31.09
CA CYS VB 23 64.35 24.38 -31.94
C CYS VB 23 65.31 25.45 -31.46
N THR VB 24 65.69 26.32 -32.37
CA THR VB 24 66.59 27.44 -32.08
C THR VB 24 66.03 28.70 -32.71
N GLN VB 25 66.04 29.80 -31.95
CA GLN VB 25 65.66 31.10 -32.50
C GLN VB 25 66.88 31.80 -33.07
N VAL VB 26 66.76 32.29 -34.31
CA VAL VB 26 67.94 32.66 -35.08
C VAL VB 26 67.99 34.13 -35.47
N ARG VB 27 66.82 34.77 -35.63
CA ARG VB 27 66.75 36.14 -36.13
C ARG VB 27 67.43 36.25 -37.51
N VAL VB 28 66.78 35.64 -38.49
CA VAL VB 28 67.26 35.70 -39.86
C VAL VB 28 67.04 37.09 -40.46
N GLU VB 29 67.79 37.40 -41.52
CA GLU VB 29 67.56 38.59 -42.32
C GLU VB 29 67.55 38.17 -43.78
N PHE VB 30 66.76 38.87 -44.58
CA PHE VB 30 66.37 38.39 -45.90
C PHE VB 30 67.42 38.64 -46.99
N MET VB 31 68.57 39.20 -46.63
CA MET VB 31 69.77 39.36 -47.47
C MET VB 31 69.51 40.09 -48.79
N ASP VB 32 68.32 40.65 -48.98
CA ASP VB 32 68.06 41.53 -50.12
C ASP VB 32 67.83 42.96 -49.66
N ASP VB 33 66.90 43.17 -48.73
CA ASP VB 33 66.83 44.43 -47.97
C ASP VB 33 67.20 44.08 -46.53
N THR VB 34 68.51 44.17 -46.24
CA THR VB 34 69.02 43.77 -44.94
C THR VB 34 68.51 44.65 -43.81
N SER VB 35 67.90 45.79 -44.12
CA SER VB 35 67.31 46.64 -43.10
C SER VB 35 66.03 46.06 -42.52
N ARG VB 36 65.50 44.99 -43.11
CA ARG VB 36 64.31 44.31 -42.61
C ARG VB 36 64.70 42.91 -42.17
N SER VB 37 64.45 42.60 -40.89
CA SER VB 37 64.84 41.32 -40.32
C SER VB 37 63.72 40.76 -39.46
N ILE VB 38 63.66 39.43 -39.36
CA ILE VB 38 62.58 38.74 -38.67
C ILE VB 38 63.18 37.65 -37.78
N ILE VB 39 62.37 37.17 -36.83
CA ILE VB 39 62.82 36.18 -35.86
C ILE VB 39 62.05 34.88 -36.09
N ARG VB 40 62.79 33.79 -36.27
CA ARG VB 40 62.20 32.49 -36.58
C ARG VB 40 62.81 31.42 -35.70
N ASN VB 41 62.02 30.38 -35.42
CA ASN VB 41 62.47 29.21 -34.69
C ASN VB 41 62.88 28.12 -35.67
N VAL VB 42 64.09 27.60 -35.49
CA VAL VB 42 64.71 26.69 -36.45
C VAL VB 42 65.20 25.46 -35.73
N LYS VB 43 64.79 24.28 -36.22
CA LYS VB 43 65.30 23.02 -35.73
C LYS VB 43 66.53 22.61 -36.54
N GLY VB 44 67.44 21.89 -35.89
CA GLY VB 44 68.66 21.46 -36.52
C GLY VB 44 69.82 22.41 -36.24
N PRO VB 45 71.04 21.96 -36.48
CA PRO VB 45 72.21 22.79 -36.20
C PRO VB 45 72.26 24.02 -37.10
N VAL VB 46 72.55 25.18 -36.50
CA VAL VB 46 72.29 26.46 -37.15
C VAL VB 46 73.54 27.08 -37.76
N ARG VB 47 74.61 27.22 -36.98
CA ARG VB 47 75.87 27.81 -37.47
C ARG VB 47 75.64 29.24 -37.99
N GLU VB 48 75.37 30.13 -37.02
CA GLU VB 48 75.12 31.56 -37.28
C GLU VB 48 75.95 32.09 -38.43
N GLY VB 49 75.30 32.77 -39.37
CA GLY VB 49 75.96 33.36 -40.53
C GLY VB 49 75.59 32.72 -41.84
N ASP VB 50 74.92 31.57 -41.83
CA ASP VB 50 74.53 30.90 -43.05
C ASP VB 50 73.19 31.45 -43.55
N VAL VB 51 72.68 30.87 -44.63
CA VAL VB 51 71.46 31.33 -45.29
C VAL VB 51 70.45 30.19 -45.27
N LEU VB 52 69.23 30.50 -44.85
CA LEU VB 52 68.18 29.50 -44.61
C LEU VB 52 66.96 29.82 -45.46
N THR VB 53 66.37 28.78 -46.06
CA THR VB 53 65.21 28.94 -46.92
C THR VB 53 63.94 29.10 -46.09
N LEU VB 54 63.10 30.04 -46.51
CA LEU VB 54 61.85 30.35 -45.81
C LEU VB 54 60.69 30.28 -46.78
N LEU VB 55 59.51 29.96 -46.25
CA LEU VB 55 58.32 29.80 -47.08
C LEU VB 55 57.34 30.97 -46.93
N GLU VB 56 57.44 31.71 -45.83
CA GLU VB 56 56.57 32.87 -45.62
C GLU VB 56 57.30 33.84 -44.71
N SER VB 57 57.03 35.14 -44.89
CA SER VB 57 57.80 36.16 -44.19
C SER VB 57 57.47 36.20 -42.70
N GLU VB 58 56.22 36.49 -42.37
CA GLU VB 58 55.82 36.74 -40.98
C GLU VB 58 54.86 35.64 -40.53
N ARG VB 59 55.40 34.62 -39.87
CA ARG VB 59 54.58 33.56 -39.28
C ARG VB 59 54.42 33.74 -37.78
N GLU VB 60 55.54 33.77 -37.03
CA GLU VB 60 55.48 33.77 -35.58
C GLU VB 60 56.85 34.02 -34.96
N ALA VB 61 56.86 34.66 -33.78
CA ALA VB 61 58.06 34.94 -33.02
C ALA VB 61 57.65 35.31 -31.61
N ARG VB 62 58.36 34.76 -30.63
CA ARG VB 62 58.09 35.02 -29.22
C ARG VB 62 59.36 35.52 -28.53
N ARG VB 63 59.28 36.70 -27.92
CA ARG VB 63 60.38 37.18 -27.09
C ARG VB 63 60.61 36.21 -25.94
N LEU VB 64 61.89 35.96 -25.64
CA LEU VB 64 62.24 34.92 -24.67
C LEU VB 64 62.68 35.49 -23.34
N GLY WB 1 85.32 -47.13 6.62
CA GLY WB 1 85.60 -48.49 7.05
C GLY WB 1 84.74 -49.53 6.33
N HIS WB 2 85.38 -50.59 5.85
CA HIS WB 2 86.82 -50.80 5.93
C HIS WB 2 87.54 -50.05 4.82
N GLN WB 3 88.85 -50.29 4.70
CA GLN WB 3 89.65 -49.56 3.72
C GLN WB 3 89.22 -49.87 2.30
N GLN WB 4 88.72 -51.07 2.04
CA GLN WB 4 88.41 -51.47 0.67
C GLN WB 4 87.32 -50.62 0.04
N LEU WB 5 86.47 -49.98 0.84
CA LEU WB 5 85.41 -49.13 0.31
C LEU WB 5 85.35 -47.74 0.93
N TYR WB 6 86.29 -47.39 1.81
CA TYR WB 6 86.28 -46.07 2.43
C TYR WB 6 86.58 -44.97 1.41
N TRP WB 7 87.77 -45.01 0.82
CA TRP WB 7 88.18 -44.08 -0.22
C TRP WB 7 88.17 -44.74 -1.58
N SER WB 8 87.20 -45.64 -1.80
CA SER WB 8 87.14 -46.37 -3.06
C SER WB 8 86.91 -45.43 -4.24
N HIS WB 9 86.10 -44.41 -4.05
CA HIS WB 9 85.89 -43.43 -5.10
C HIS WB 9 87.18 -42.64 -5.31
N PRO WB 10 87.72 -42.59 -6.52
CA PRO WB 10 88.99 -41.88 -6.73
C PRO WB 10 88.82 -40.39 -6.55
N ARG WB 11 89.73 -39.79 -5.79
CA ARG WB 11 89.82 -38.33 -5.69
C ARG WB 11 90.71 -37.78 -6.79
N LYS WB 12 90.40 -38.21 -8.00
CA LYS WB 12 91.06 -37.81 -9.23
C LYS WB 12 90.33 -36.61 -9.83
N PHE WB 13 90.52 -36.43 -11.13
CA PHE WB 13 89.89 -35.41 -11.96
C PHE WB 13 88.50 -35.01 -11.49
N GLY WB 14 88.24 -33.71 -11.41
CA GLY WB 14 86.95 -33.19 -11.04
C GLY WB 14 87.05 -32.28 -9.85
N GLN WB 15 85.90 -31.71 -9.46
CA GLN WB 15 85.86 -30.77 -8.35
C GLN WB 15 86.13 -31.44 -7.00
N GLY WB 16 85.99 -32.77 -6.91
CA GLY WB 16 86.22 -33.44 -5.64
C GLY WB 16 87.66 -33.37 -5.20
N SER WB 17 88.61 -33.53 -6.13
CA SER WB 17 90.02 -33.52 -5.76
C SER WB 17 90.47 -32.13 -5.37
N ARG WB 18 90.04 -31.11 -6.11
CA ARG WB 18 90.46 -29.74 -5.87
C ARG WB 18 89.78 -29.18 -4.62
N SER WB 19 90.54 -28.41 -3.85
CA SER WB 19 90.01 -27.68 -2.70
C SER WB 19 90.85 -26.44 -2.49
N CYS WB 20 90.28 -25.48 -1.76
CA CYS WB 20 91.02 -24.26 -1.46
C CYS WB 20 92.15 -24.55 -0.49
N ARG WB 21 93.33 -23.98 -0.77
CA ARG WB 21 94.48 -24.22 0.09
C ARG WB 21 94.41 -23.42 1.39
N VAL WB 22 93.43 -22.52 1.51
CA VAL WB 22 93.27 -21.72 2.73
C VAL WB 22 92.12 -22.27 3.56
N CYS WB 23 90.90 -22.28 3.00
CA CYS WB 23 89.70 -22.62 3.73
C CYS WB 23 89.11 -23.97 3.36
N SER WB 24 89.77 -24.73 2.48
CA SER WB 24 89.35 -26.06 2.06
C SER WB 24 87.99 -26.07 1.37
N ASN WB 25 87.56 -24.94 0.83
CA ASN WB 25 86.30 -24.82 0.12
C ASN WB 25 86.50 -25.23 -1.34
N ARG WB 26 85.44 -25.79 -1.92
CA ARG WB 26 85.50 -26.39 -3.25
C ARG WB 26 84.68 -25.60 -4.26
N HIS WB 27 84.52 -24.29 -4.02
CA HIS WB 27 83.72 -23.46 -4.91
C HIS WB 27 84.41 -22.13 -5.14
N GLY WB 28 84.37 -21.67 -6.39
CA GLY WB 28 85.00 -20.41 -6.77
C GLY WB 28 86.51 -20.43 -6.66
N LEU WB 29 87.15 -21.49 -7.14
CA LEU WB 29 88.59 -21.60 -7.06
C LEU WB 29 89.26 -20.67 -8.07
N ILE WB 30 90.59 -20.55 -7.95
CA ILE WB 30 91.40 -19.77 -8.86
C ILE WB 30 92.65 -20.59 -9.16
N ARG WB 31 92.72 -21.16 -10.36
CA ARG WB 31 93.83 -22.01 -10.75
C ARG WB 31 94.97 -21.25 -11.44
N LYS WB 32 94.73 -19.99 -11.82
CA LYS WB 32 95.71 -19.28 -12.64
C LYS WB 32 97.02 -19.10 -11.90
N TYR WB 33 98.11 -19.57 -12.51
CA TYR WB 33 99.46 -19.49 -11.93
C TYR WB 33 99.55 -20.22 -10.60
N GLY WB 34 98.74 -21.25 -10.44
CA GLY WB 34 98.80 -22.08 -9.25
C GLY WB 34 98.45 -21.39 -7.95
N LEU WB 35 97.55 -20.40 -7.99
CA LEU WB 35 97.07 -19.78 -6.76
C LEU WB 35 96.33 -20.81 -5.90
N ASN WB 36 95.42 -21.57 -6.53
CA ASN WB 36 94.71 -22.67 -5.87
C ASN WB 36 94.02 -22.21 -4.59
N MET WB 37 93.30 -21.09 -4.68
CA MET WB 37 92.57 -20.54 -3.56
C MET WB 37 91.22 -20.02 -4.04
N CYS WB 38 90.26 -19.98 -3.13
CA CYS WB 38 88.94 -19.48 -3.48
C CYS WB 38 88.97 -17.96 -3.65
N ARG WB 39 87.98 -17.46 -4.39
CA ARG WB 39 87.96 -16.04 -4.74
C ARG WB 39 87.90 -15.16 -3.50
N GLN WB 40 87.14 -15.58 -2.50
CA GLN WB 40 87.07 -14.81 -1.25
C GLN WB 40 88.39 -14.83 -0.51
N CYS WB 41 89.03 -16.01 -0.42
CA CYS WB 41 90.31 -16.07 0.27
C CYS WB 41 91.42 -15.41 -0.54
N PHE WB 42 91.26 -15.38 -1.87
CA PHE WB 42 92.20 -14.63 -2.69
C PHE WB 42 92.11 -13.13 -2.42
N ARG WB 43 90.88 -12.63 -2.21
CA ARG WB 43 90.67 -11.20 -2.06
C ARG WB 43 91.33 -10.67 -0.78
N GLN WB 44 91.29 -11.46 0.29
CA GLN WB 44 91.86 -10.99 1.56
C GLN WB 44 93.38 -11.08 1.56
N TYR WB 45 93.95 -11.96 0.74
CA TYR WB 45 95.39 -12.17 0.71
C TYR WB 45 96.08 -11.52 -0.48
N ALA WB 46 95.33 -10.99 -1.44
CA ALA WB 46 95.94 -10.52 -2.69
C ALA WB 46 96.99 -9.46 -2.44
N LYS WB 47 96.89 -8.71 -1.33
CA LYS WB 47 97.95 -7.77 -0.98
C LYS WB 47 99.24 -8.49 -0.62
N ASP WB 48 99.15 -9.60 0.11
CA ASP WB 48 100.37 -10.30 0.54
C ASP WB 48 101.09 -10.94 -0.64
N ILE WB 49 100.36 -11.60 -1.53
CA ILE WB 49 100.99 -12.21 -2.70
C ILE WB 49 101.66 -11.14 -3.56
N GLY WB 50 100.95 -10.04 -3.83
CA GLY WB 50 101.52 -8.98 -4.63
C GLY WB 50 100.56 -8.47 -5.69
N PHE WB 51 99.36 -9.04 -5.73
CA PHE WB 51 98.35 -8.59 -6.68
C PHE WB 51 97.76 -7.27 -6.21
N ILE WB 52 98.04 -6.20 -6.93
CA ILE WB 52 97.60 -4.86 -6.54
C ILE WB 52 96.58 -4.35 -7.55
N LYS WB 53 95.75 -3.43 -7.09
CA LYS WB 53 94.70 -2.82 -7.90
C LYS WB 53 95.22 -1.50 -8.44
N LEU WB 54 95.37 -1.41 -9.76
CA LEU WB 54 95.89 -0.22 -10.40
C LEU WB 54 94.90 0.41 -11.37
N ASP WB 55 94.22 -0.39 -12.18
CA ASP WB 55 93.19 0.11 -13.08
C ASP WB 55 92.25 -1.00 -13.52
N THR XB 1 122.43 61.24 -41.42
CA THR XB 1 122.17 60.77 -42.77
C THR XB 1 121.88 59.28 -42.81
N GLU XB 2 122.52 58.53 -41.91
CA GLU XB 2 122.32 57.09 -41.84
C GLU XB 2 120.90 56.77 -41.33
N GLN XB 3 120.27 55.80 -41.98
CA GLN XB 3 118.93 55.35 -41.60
C GLN XB 3 118.96 53.86 -41.35
N MET XB 4 118.43 53.44 -40.19
CA MET XB 4 118.29 52.03 -39.85
C MET XB 4 116.90 51.57 -40.27
N THR XB 5 116.79 51.07 -41.49
CA THR XB 5 115.51 50.68 -42.06
C THR XB 5 115.39 49.16 -42.13
N LEU XB 6 114.15 48.69 -42.22
CA LEU XB 6 113.87 47.26 -42.23
C LEU XB 6 114.10 46.68 -43.61
N ARG XB 7 115.01 45.72 -43.71
CA ARG XB 7 115.31 45.04 -44.97
C ARG XB 7 114.44 43.79 -45.13
N GLY XB 8 113.14 43.95 -44.99
CA GLY XB 8 112.22 42.85 -45.21
C GLY XB 8 112.15 41.89 -44.03
N THR XB 9 111.38 40.83 -44.24
CA THR XB 9 111.09 39.83 -43.21
C THR XB 9 111.66 38.49 -43.64
N LEU XB 10 111.78 37.57 -42.67
CA LEU XB 10 112.38 36.26 -42.90
C LEU XB 10 111.45 35.19 -42.32
N LYS XB 11 110.47 34.77 -43.11
CA LYS XB 11 109.55 33.74 -42.67
C LYS XB 11 110.27 32.40 -42.56
N GLY XB 12 109.97 31.65 -41.49
CA GLY XB 12 110.72 30.45 -41.18
C GLY XB 12 110.10 29.61 -40.09
N HIS XB 13 110.93 29.16 -39.14
CA HIS XB 13 110.53 28.22 -38.09
C HIS XB 13 109.29 28.68 -37.32
N ASN XB 14 108.61 27.73 -36.68
CA ASN XB 14 107.32 27.94 -36.05
C ASN XB 14 107.41 28.13 -34.55
N GLY XB 15 108.46 28.80 -34.07
CA GLY XB 15 108.59 29.06 -32.66
C GLY XB 15 109.26 30.38 -32.35
N TRP XB 16 109.65 30.58 -31.09
CA TRP XB 16 110.42 31.74 -30.70
C TRP XB 16 111.82 31.66 -31.32
N VAL XB 17 112.58 32.74 -31.18
CA VAL XB 17 113.95 32.80 -31.68
C VAL XB 17 114.85 33.08 -30.49
N THR XB 18 115.80 32.18 -30.23
CA THR XB 18 116.56 32.27 -28.99
C THR XB 18 117.98 32.80 -29.20
N GLN XB 19 118.58 32.56 -30.36
CA GLN XB 19 119.93 33.05 -30.62
C GLN XB 19 120.17 33.12 -32.12
N ILE XB 20 120.93 34.12 -32.55
CA ILE XB 20 121.34 34.27 -33.94
C ILE XB 20 122.86 34.25 -34.00
N ALA XB 21 123.41 33.48 -34.94
CA ALA XB 21 124.84 33.37 -35.12
C ALA XB 21 125.25 33.89 -36.48
N THR XB 22 126.48 34.39 -36.55
CA THR XB 22 127.08 34.87 -37.79
C THR XB 22 128.52 34.39 -37.87
N THR XB 23 129.06 34.39 -39.08
CA THR XB 23 130.44 33.97 -39.30
C THR XB 23 131.18 35.01 -40.13
N PRO XB 24 132.48 35.19 -39.91
CA PRO XB 24 133.24 36.16 -40.71
C PRO XB 24 133.60 35.62 -42.08
N GLN XB 25 133.86 34.31 -42.19
CA GLN XB 25 134.36 33.76 -43.43
C GLN XB 25 133.27 33.62 -44.48
N PHE XB 26 132.03 33.35 -44.08
CA PHE XB 26 130.94 33.11 -45.03
C PHE XB 26 129.87 34.18 -44.84
N PRO XB 27 129.97 35.29 -45.57
CA PRO XB 27 128.93 36.34 -45.47
C PRO XB 27 127.56 35.85 -45.89
N ASP XB 28 127.49 34.89 -46.81
CA ASP XB 28 126.21 34.36 -47.29
C ASP XB 28 125.76 33.18 -46.45
N MET XB 29 125.81 33.30 -45.12
CA MET XB 29 125.55 32.18 -44.23
C MET XB 29 125.27 32.67 -42.83
N ILE XB 30 124.06 32.46 -42.33
CA ILE XB 30 123.71 32.76 -40.94
C ILE XB 30 122.86 31.61 -40.39
N LEU XB 31 122.59 31.66 -39.09
CA LEU XB 31 121.76 30.68 -38.41
C LEU XB 31 120.78 31.38 -37.49
N SER XB 32 119.93 30.59 -36.85
CA SER XB 32 118.97 31.13 -35.88
C SER XB 32 118.53 30.00 -34.96
N ALA XB 33 118.90 30.10 -33.68
CA ALA XB 33 118.39 29.16 -32.70
C ALA XB 33 116.90 29.40 -32.49
N SER XB 34 116.12 28.32 -32.57
CA SER XB 34 114.67 28.41 -32.49
C SER XB 34 114.16 27.70 -31.24
N ARG XB 35 112.93 28.02 -30.86
CA ARG XB 35 112.27 27.39 -29.74
C ARG XB 35 111.46 26.17 -30.14
N ASP XB 36 111.57 25.74 -31.40
CA ASP XB 36 110.96 24.50 -31.85
C ASP XB 36 111.97 23.37 -31.96
N LYS XB 37 112.94 23.33 -31.04
CA LYS XB 37 113.90 22.23 -30.94
C LYS XB 37 114.70 22.05 -32.22
N THR XB 38 114.80 23.11 -33.02
CA THR XB 38 115.48 23.04 -34.31
C THR XB 38 116.37 24.24 -34.49
N ILE XB 39 117.55 23.99 -35.04
CA ILE XB 39 118.46 25.04 -35.53
C ILE XB 39 118.27 25.12 -37.03
N ILE XB 40 118.22 26.33 -37.57
CA ILE XB 40 117.91 26.54 -38.98
C ILE XB 40 118.97 27.44 -39.61
N MET XB 41 119.44 27.06 -40.78
CA MET XB 41 120.65 27.63 -41.39
C MET XB 41 120.28 28.15 -42.78
N TRP XB 42 120.37 29.47 -42.95
CA TRP XB 42 119.86 30.15 -44.15
C TRP XB 42 121.03 30.70 -44.94
N LYS XB 43 120.94 30.61 -46.27
CA LYS XB 43 121.83 31.34 -47.15
C LYS XB 43 121.13 32.59 -47.66
N LEU XB 44 121.83 33.71 -47.59
CA LEU XB 44 121.22 35.01 -47.87
C LEU XB 44 121.30 35.26 -49.37
N THR XB 45 120.20 35.00 -50.06
CA THR XB 45 120.14 35.20 -51.50
C THR XB 45 120.17 36.66 -51.90
N ARG XB 46 120.06 37.59 -50.93
CA ARG XB 46 120.17 39.02 -51.18
C ARG XB 46 119.16 39.46 -52.24
N ASP XB 47 117.91 39.03 -52.07
CA ASP XB 47 116.88 39.18 -53.07
C ASP XB 47 115.65 39.85 -52.49
N GLU XB 48 114.82 40.40 -53.37
CA GLU XB 48 113.56 41.00 -52.97
C GLU XB 48 112.62 39.96 -52.39
N THR XB 49 111.85 40.37 -51.38
CA THR XB 49 110.82 39.58 -50.72
C THR XB 49 111.42 38.41 -49.92
N ASN XB 50 112.71 38.17 -50.03
CA ASN XB 50 113.34 37.11 -49.26
C ASN XB 50 114.82 37.39 -49.03
N TYR XB 51 115.16 37.76 -47.80
CA TYR XB 51 116.56 37.99 -47.45
C TYR XB 51 117.37 36.71 -47.51
N GLY XB 52 116.77 35.59 -47.11
CA GLY XB 52 117.46 34.32 -47.07
C GLY XB 52 116.54 33.12 -47.10
N ILE XB 53 116.97 32.06 -47.77
CA ILE XB 53 116.21 30.82 -47.85
C ILE XB 53 116.85 29.77 -46.97
N PRO XB 54 116.10 29.11 -46.10
CA PRO XB 54 116.66 27.99 -45.33
C PRO XB 54 116.96 26.82 -46.26
N GLN XB 55 118.18 26.30 -46.19
CA GLN XB 55 118.58 25.18 -47.03
C GLN XB 55 118.87 23.92 -46.23
N ARG XB 56 119.23 24.04 -44.96
CA ARG XB 56 119.42 22.90 -44.09
C ARG XB 56 118.76 23.18 -42.76
N ALA XB 57 117.71 22.42 -42.46
CA ALA XB 57 117.08 22.45 -41.14
C ALA XB 57 117.83 21.47 -40.25
N LEU XB 58 118.34 21.96 -39.13
CA LEU XB 58 119.17 21.18 -38.23
C LEU XB 58 118.34 20.80 -37.00
N ARG XB 59 118.29 19.50 -36.69
CA ARG XB 59 117.42 19.01 -35.64
C ARG XB 59 118.04 17.76 -35.03
N GLY XB 60 117.47 17.35 -33.89
CA GLY XB 60 118.01 16.23 -33.14
C GLY XB 60 118.19 16.54 -31.67
N HIS XB 61 117.47 17.55 -31.18
CA HIS XB 61 117.45 17.91 -29.78
C HIS XB 61 116.06 17.69 -29.21
N SER XB 62 116.00 17.16 -27.97
CA SER XB 62 114.71 16.87 -27.35
C SER XB 62 113.97 18.16 -27.01
N HIS XB 63 114.57 18.99 -26.15
CA HIS XB 63 114.04 20.30 -25.84
C HIS XB 63 114.65 21.33 -26.77
N PHE XB 64 114.07 22.53 -26.77
CA PHE XB 64 114.53 23.54 -27.72
C PHE XB 64 115.91 24.05 -27.34
N VAL XB 65 116.67 24.44 -28.36
CA VAL XB 65 118.02 24.96 -28.16
C VAL XB 65 117.92 26.32 -27.50
N SER XB 66 119.02 26.75 -26.88
CA SER XB 66 119.08 28.06 -26.23
C SER XB 66 120.12 28.99 -26.85
N ASP XB 67 121.19 28.44 -27.44
CA ASP XB 67 122.25 29.27 -27.99
C ASP XB 67 123.03 28.46 -29.01
N VAL XB 68 123.48 29.12 -30.07
CA VAL XB 68 124.29 28.50 -31.12
C VAL XB 68 125.48 29.40 -31.40
N VAL XB 69 126.54 28.79 -31.93
CA VAL XB 69 127.79 29.50 -32.20
C VAL XB 69 128.52 28.74 -33.29
N ILE XB 70 129.28 29.48 -34.11
CA ILE XB 70 130.09 28.90 -35.17
C ILE XB 70 131.57 29.08 -34.82
N SER XB 71 132.37 28.09 -35.19
CA SER XB 71 133.82 28.24 -35.13
C SER XB 71 134.28 29.16 -36.26
N SER XB 72 135.46 29.74 -36.08
CA SER XB 72 136.00 30.64 -37.10
C SER XB 72 136.69 29.85 -38.21
N ASP XB 73 136.00 28.84 -38.74
CA ASP XB 73 136.42 28.18 -39.98
C ASP XB 73 135.28 27.80 -40.91
N GLY XB 74 134.02 27.84 -40.48
CA GLY XB 74 132.93 27.38 -41.29
C GLY XB 74 132.81 25.87 -41.42
N GLN XB 75 133.36 25.13 -40.47
CA GLN XB 75 133.39 23.67 -40.53
C GLN XB 75 132.64 23.00 -39.39
N PHE XB 76 132.70 23.56 -38.18
CA PHE XB 76 132.02 22.99 -37.03
C PHE XB 76 131.30 24.10 -36.27
N ALA XB 77 130.16 23.74 -35.68
CA ALA XB 77 129.37 24.71 -34.94
C ALA XB 77 128.46 23.96 -33.98
N LEU XB 78 128.67 24.12 -32.68
CA LEU XB 78 127.88 23.44 -31.68
C LEU XB 78 126.85 24.39 -31.06
N SER XB 79 126.04 23.83 -30.16
CA SER XB 79 124.91 24.54 -29.60
C SER XB 79 124.55 23.96 -28.24
N GLY XB 80 123.79 24.73 -27.46
CA GLY XB 80 123.34 24.29 -26.16
C GLY XB 80 121.83 24.30 -26.00
N SER XB 81 121.23 23.12 -25.90
CA SER XB 81 119.79 22.97 -25.82
C SER XB 81 119.34 23.02 -24.36
N TRP XB 82 118.07 22.68 -24.13
CA TRP XB 82 117.54 22.61 -22.77
C TRP XB 82 117.53 21.19 -22.24
N ASP XB 83 118.37 20.30 -22.76
CA ASP XB 83 118.50 18.95 -22.25
C ASP XB 83 119.78 18.75 -21.44
N GLY XB 84 120.57 19.79 -21.24
CA GLY XB 84 121.88 19.61 -20.64
C GLY XB 84 122.86 18.87 -21.52
N THR XB 85 122.68 18.91 -22.83
CA THR XB 85 123.52 18.20 -23.78
C THR XB 85 123.97 19.14 -24.88
N LEU XB 86 125.27 19.15 -25.15
CA LEU XB 86 125.80 19.89 -26.28
C LEU XB 86 126.03 18.94 -27.45
N ARG XB 87 126.03 19.51 -28.66
CA ARG XB 87 126.09 18.71 -29.88
C ARG XB 87 126.96 19.41 -30.93
N LEU XB 88 128.14 18.86 -31.22
CA LEU XB 88 128.93 19.39 -32.35
C LEU XB 88 128.15 19.13 -33.61
N TRP XB 89 127.75 20.19 -34.26
CA TRP XB 89 126.79 20.09 -35.35
C TRP XB 89 127.47 20.47 -36.65
N ASP XB 90 128.00 19.46 -37.35
CA ASP XB 90 128.64 19.65 -38.65
C ASP XB 90 127.62 20.25 -39.62
N LEU XB 91 127.96 21.42 -40.17
CA LEU XB 91 127.05 22.10 -41.08
C LEU XB 91 126.96 21.41 -42.44
N THR XB 92 128.07 20.83 -42.91
CA THR XB 92 128.07 20.13 -44.19
C THR XB 92 127.24 18.86 -44.07
N THR XB 93 126.16 18.79 -44.85
CA THR XB 93 125.19 17.69 -44.88
C THR XB 93 124.41 17.58 -43.57
N GLY XB 94 124.71 18.41 -42.58
CA GLY XB 94 123.90 18.49 -41.37
C GLY XB 94 123.80 17.23 -40.55
N THR XB 95 124.93 16.56 -40.32
CA THR XB 95 125.00 15.41 -39.44
C THR XB 95 125.78 15.80 -38.18
N THR XB 96 125.38 15.23 -37.04
CA THR XB 96 126.11 15.49 -35.82
C THR XB 96 127.35 14.60 -35.75
N THR XB 97 128.30 15.01 -34.92
CA THR XB 97 129.54 14.25 -34.73
C THR XB 97 129.72 13.80 -33.28
N ARG XB 98 129.57 14.70 -32.32
CA ARG XB 98 129.83 14.37 -30.92
C ARG XB 98 128.76 15.02 -30.05
N ARG XB 99 128.44 14.36 -28.94
CA ARG XB 99 127.48 14.87 -27.97
C ARG XB 99 128.16 15.03 -26.62
N PHE XB 100 127.83 16.13 -25.92
CA PHE XB 100 128.39 16.43 -24.60
C PHE XB 100 127.33 16.12 -23.56
N VAL XB 101 127.61 15.14 -22.72
CA VAL XB 101 126.69 14.69 -21.69
C VAL XB 101 127.36 14.84 -20.33
N GLY XB 102 126.57 15.23 -19.33
CA GLY XB 102 127.11 15.43 -18.00
C GLY XB 102 126.47 16.58 -17.23
N HIS XB 103 125.63 17.36 -17.90
CA HIS XB 103 124.91 18.44 -17.25
C HIS XB 103 123.58 17.96 -16.71
N THR XB 104 123.31 18.27 -15.43
CA THR XB 104 122.10 17.76 -14.79
C THR XB 104 120.86 18.50 -15.27
N LYS XB 105 120.97 19.80 -15.47
CA LYS XB 105 119.84 20.63 -15.87
C LYS XB 105 120.12 21.25 -17.25
N ASP XB 106 119.14 22.01 -17.73
CA ASP XB 106 119.26 22.63 -19.06
C ASP XB 106 120.43 23.60 -19.09
N VAL XB 107 121.13 23.64 -20.22
CA VAL XB 107 122.24 24.55 -20.42
C VAL XB 107 121.73 25.79 -21.15
N LEU XB 108 122.33 26.94 -20.86
CA LEU XB 108 121.79 28.20 -21.33
C LEU XB 108 122.55 28.79 -22.50
N SER XB 109 123.87 28.66 -22.54
CA SER XB 109 124.64 29.27 -23.61
C SER XB 109 125.99 28.59 -23.76
N VAL XB 110 126.63 28.84 -24.89
CA VAL XB 110 127.99 28.41 -25.16
C VAL XB 110 128.73 29.52 -25.89
N ALA XB 111 130.03 29.32 -26.08
CA ALA XB 111 130.84 30.23 -26.86
C ALA XB 111 132.10 29.50 -27.31
N PHE XB 112 132.76 30.06 -28.31
CA PHE XB 112 133.89 29.41 -28.95
C PHE XB 112 135.17 30.17 -28.63
N SER XB 113 136.27 29.43 -28.46
CA SER XB 113 137.54 30.03 -28.11
C SER XB 113 138.24 30.58 -29.35
N SER XB 114 139.35 31.27 -29.12
CA SER XB 114 140.09 31.88 -30.22
C SER XB 114 140.61 30.83 -31.20
N ASP XB 115 141.10 29.71 -30.67
CA ASP XB 115 141.56 28.60 -31.49
C ASP XB 115 140.48 27.55 -31.71
N ASN XB 116 139.28 27.75 -31.17
CA ASN XB 116 138.17 26.80 -31.26
C ASN XB 116 138.58 25.43 -30.73
N ARG XB 117 139.42 25.41 -29.69
CA ARG XB 117 139.88 24.19 -29.05
C ARG XB 117 139.25 23.96 -27.69
N GLN XB 118 138.98 25.04 -26.94
CA GLN XB 118 138.27 24.95 -25.67
C GLN XB 118 136.85 25.47 -25.83
N ILE XB 119 135.94 24.93 -25.04
CA ILE XB 119 134.53 25.28 -25.07
C ILE XB 119 134.07 25.55 -23.64
N VAL XB 120 133.12 26.47 -23.49
CA VAL XB 120 132.51 26.74 -22.19
C VAL XB 120 131.01 26.61 -22.33
N SER XB 121 130.38 26.17 -21.23
CA SER XB 121 128.94 25.98 -21.20
C SER XB 121 128.45 26.17 -19.78
N GLY XB 122 127.67 27.22 -19.57
CA GLY XB 122 127.03 27.49 -18.28
C GLY XB 122 125.57 27.10 -18.35
N SER XB 123 125.13 26.31 -17.37
CA SER XB 123 123.81 25.68 -17.40
C SER XB 123 122.96 26.16 -16.23
N ARG XB 124 121.80 25.54 -16.08
CA ARG XB 124 120.88 25.82 -14.98
C ARG XB 124 121.28 25.14 -13.69
N ASP XB 125 122.31 24.30 -13.71
CA ASP XB 125 122.74 23.56 -12.53
C ASP XB 125 123.77 24.32 -11.71
N LYS XB 126 123.83 25.65 -11.85
CA LYS XB 126 124.67 26.51 -11.00
C LYS XB 126 126.15 26.17 -11.12
N THR XB 127 126.52 25.50 -12.21
CA THR XB 127 127.92 25.18 -12.46
C THR XB 127 128.18 25.27 -13.95
N ILE XB 128 129.43 25.57 -14.29
CA ILE XB 128 129.85 25.77 -15.67
C ILE XB 128 130.93 24.74 -15.99
N LYS XB 129 130.81 24.08 -17.14
CA LYS XB 129 131.68 22.98 -17.52
C LYS XB 129 132.56 23.38 -18.70
N LEU XB 130 133.74 22.77 -18.76
CA LEU XB 130 134.72 23.02 -19.80
C LEU XB 130 135.05 21.71 -20.50
N TRP XB 131 134.72 21.61 -21.78
CA TRP XB 131 134.90 20.39 -22.54
C TRP XB 131 135.96 20.61 -23.61
N ASN XB 132 136.41 19.50 -24.20
CA ASN XB 132 137.39 19.56 -25.27
C ASN XB 132 136.68 19.38 -26.61
N THR XB 133 137.47 19.37 -27.69
CA THR XB 133 136.90 19.14 -29.02
C THR XB 133 136.28 17.76 -29.13
N LEU XB 134 136.74 16.81 -28.32
CA LEU XB 134 136.22 15.43 -28.36
C LEU XB 134 135.00 15.24 -27.48
N GLY XB 135 134.59 16.24 -26.71
CA GLY XB 135 133.44 16.11 -25.86
C GLY XB 135 133.70 15.59 -24.47
N VAL XB 136 134.95 15.64 -24.01
CA VAL XB 136 135.34 15.13 -22.70
C VAL XB 136 135.66 16.32 -21.79
N CYS XB 137 134.89 16.46 -20.71
CA CYS XB 137 135.13 17.54 -19.78
C CYS XB 137 136.37 17.25 -18.93
N LYS XB 138 137.10 18.31 -18.61
CA LYS XB 138 138.31 18.20 -17.81
C LYS XB 138 138.13 18.76 -16.41
N TYR XB 139 137.69 20.01 -16.29
CA TYR XB 139 137.39 20.63 -15.01
C TYR XB 139 135.91 20.96 -14.96
N THR XB 140 135.21 20.47 -13.93
CA THR XB 140 133.87 20.93 -13.61
C THR XB 140 133.95 21.98 -12.50
N VAL XB 141 134.42 23.16 -12.88
CA VAL XB 141 134.70 24.21 -11.90
C VAL XB 141 133.44 24.52 -11.11
N GLN XB 142 133.58 24.60 -9.79
CA GLN XB 142 132.45 24.72 -8.89
C GLN XB 142 132.89 25.51 -7.65
N ASP XB 143 131.99 25.57 -6.67
CA ASP XB 143 132.15 26.03 -5.29
C ASP XB 143 132.69 27.45 -5.20
N GLU XB 144 132.85 28.10 -6.35
CA GLU XB 144 133.08 29.54 -6.42
C GLU XB 144 132.21 30.22 -7.45
N SER XB 145 131.55 29.49 -8.33
CA SER XB 145 130.70 30.08 -9.35
C SER XB 145 129.42 30.60 -8.72
N HIS XB 146 128.49 31.03 -9.57
CA HIS XB 146 127.29 31.71 -9.09
C HIS XB 146 126.41 30.76 -8.28
N SER XB 147 125.82 31.29 -7.21
CA SER XB 147 124.87 30.51 -6.42
C SER XB 147 123.59 30.23 -7.19
N GLU XB 148 123.19 31.14 -8.07
CA GLU XB 148 122.05 30.93 -8.96
C GLU XB 148 122.56 30.38 -10.29
N TRP XB 149 121.71 30.35 -11.31
CA TRP XB 149 122.07 29.78 -12.60
C TRP XB 149 123.23 30.53 -13.22
N VAL XB 150 124.07 29.82 -13.96
CA VAL XB 150 125.11 30.44 -14.77
C VAL XB 150 124.53 30.69 -16.16
N SER XB 151 124.30 31.94 -16.49
CA SER XB 151 123.72 32.34 -17.77
C SER XB 151 124.85 32.59 -18.77
N CYS XB 152 124.53 33.27 -19.86
CA CYS XB 152 125.40 33.51 -21.00
C CYS XB 152 126.88 33.68 -20.66
N VAL XB 153 127.74 32.94 -21.39
CA VAL XB 153 129.18 32.97 -21.20
C VAL XB 153 129.88 33.10 -22.55
N ARG XB 154 130.95 33.90 -22.58
CA ARG XB 154 131.77 34.08 -23.77
C ARG XB 154 133.25 34.15 -23.40
N PHE XB 155 134.10 33.77 -24.35
CA PHE XB 155 135.55 33.94 -24.24
C PHE XB 155 135.92 35.39 -24.56
N SER XB 156 137.23 35.64 -24.66
CA SER XB 156 137.79 36.93 -25.06
C SER XB 156 138.31 36.84 -26.49
N PRO XB 157 137.96 37.80 -27.35
CA PRO XB 157 138.43 37.75 -28.74
C PRO XB 157 139.95 37.73 -28.87
N ASN XB 158 140.66 38.46 -28.01
CA ASN XB 158 142.12 38.50 -28.13
C ASN XB 158 142.74 37.18 -27.68
N SER XB 159 143.77 36.76 -28.41
CA SER XB 159 144.51 35.56 -28.01
C SER XB 159 145.20 35.78 -26.67
N SER XB 160 145.75 36.98 -26.45
CA SER XB 160 146.38 37.30 -25.18
C SER XB 160 145.33 37.38 -24.09
N ASN XB 161 145.80 37.58 -22.84
CA ASN XB 161 145.01 37.66 -21.61
C ASN XB 161 143.82 36.69 -21.66
N PRO XB 162 144.07 35.38 -21.70
CA PRO XB 162 142.98 34.43 -21.96
C PRO XB 162 142.02 34.31 -20.79
N ILE XB 163 140.84 34.90 -20.93
CA ILE XB 163 139.82 34.89 -19.89
C ILE XB 163 138.49 34.52 -20.52
N ILE XB 164 137.54 34.16 -19.67
CA ILE XB 164 136.15 34.01 -20.05
C ILE XB 164 135.29 34.86 -19.12
N VAL XB 165 134.12 35.24 -19.60
CA VAL XB 165 133.14 35.98 -18.82
C VAL XB 165 131.96 35.07 -18.56
N SER XB 166 131.52 34.98 -17.31
CA SER XB 166 130.44 34.10 -16.90
C SER XB 166 129.36 34.94 -16.25
N CYS XB 167 128.33 35.25 -17.02
CA CYS XB 167 127.14 35.89 -16.47
C CYS XB 167 126.29 34.85 -15.74
N GLY XB 168 125.63 35.29 -14.67
CA GLY XB 168 124.81 34.39 -13.88
C GLY XB 168 123.65 35.12 -13.27
N TRP XB 169 122.69 34.34 -12.75
CA TRP XB 169 121.51 34.92 -12.13
C TRP XB 169 121.80 35.49 -10.74
N ASP XB 170 123.06 35.54 -10.35
CA ASP XB 170 123.47 36.02 -9.03
C ASP XB 170 123.64 37.53 -8.95
N LYS XB 171 123.04 38.27 -9.88
CA LYS XB 171 123.04 39.73 -9.85
C LYS XB 171 124.45 40.29 -10.13
N LEU XB 172 125.35 39.43 -10.59
CA LEU XB 172 126.74 39.84 -10.78
C LEU XB 172 127.35 39.06 -11.94
N VAL XB 173 128.64 39.31 -12.17
CA VAL XB 173 129.42 38.65 -13.21
C VAL XB 173 130.66 38.06 -12.58
N LYS XB 174 131.09 36.90 -13.06
CA LYS XB 174 132.29 36.23 -12.57
C LYS XB 174 133.24 36.02 -13.74
N VAL XB 175 134.47 36.49 -13.59
CA VAL XB 175 135.51 36.35 -14.60
C VAL XB 175 136.55 35.39 -14.06
N TRP XB 176 136.97 34.45 -14.91
CA TRP XB 176 137.98 33.47 -14.58
C TRP XB 176 139.02 33.46 -15.70
N ASN XB 177 140.10 32.72 -15.48
CA ASN XB 177 141.10 32.51 -16.51
C ASN XB 177 140.92 31.11 -17.10
N LEU XB 178 141.76 30.80 -18.09
CA LEU XB 178 141.75 29.48 -18.69
C LEU XB 178 142.93 28.62 -18.26
N ALA XB 179 144.04 29.24 -17.83
CA ALA XB 179 145.18 28.48 -17.37
C ALA XB 179 144.90 27.78 -16.04
N ASN XB 180 144.20 28.47 -15.13
CA ASN XB 180 143.90 27.90 -13.81
C ASN XB 180 142.43 28.01 -13.41
N CYS XB 181 141.59 28.70 -14.19
CA CYS XB 181 140.15 28.81 -13.97
C CYS XB 181 139.80 29.13 -12.52
N LYS XB 182 140.22 30.32 -12.09
CA LYS XB 182 139.93 30.82 -10.76
C LYS XB 182 139.34 32.22 -10.85
N LEU XB 183 138.51 32.56 -9.87
CA LEU XB 183 137.85 33.86 -9.85
C LEU XB 183 138.85 35.00 -9.84
N LYS XB 184 138.53 36.07 -10.56
CA LYS XB 184 139.41 37.22 -10.69
C LYS XB 184 138.75 38.55 -10.36
N THR XB 185 137.49 38.74 -10.75
CA THR XB 185 136.82 40.03 -10.53
C THR XB 185 135.34 39.77 -10.36
N ASN XB 186 134.87 39.79 -9.12
CA ASN XB 186 133.46 39.58 -8.81
C ASN XB 186 132.72 40.92 -8.92
N HIS XB 187 132.67 41.43 -10.15
CA HIS XB 187 132.08 42.74 -10.41
C HIS XB 187 130.59 42.70 -10.12
N ILE XB 188 130.10 43.71 -9.39
CA ILE XB 188 128.73 43.77 -8.89
C ILE XB 188 128.10 45.05 -9.44
N GLY XB 189 126.85 45.32 -9.08
CA GLY XB 189 126.23 46.57 -9.43
C GLY XB 189 124.95 46.46 -10.22
N HIS XB 190 124.23 45.35 -10.05
CA HIS XB 190 122.98 45.12 -10.76
C HIS XB 190 121.82 45.13 -9.78
N THR XB 191 120.71 45.74 -10.16
CA THR XB 191 119.49 45.67 -9.37
C THR XB 191 118.55 44.64 -10.00
N GLY XB 192 118.90 43.38 -9.80
CA GLY XB 192 118.20 42.26 -10.42
C GLY XB 192 119.18 41.26 -11.00
N TYR XB 193 118.71 40.07 -11.34
CA TYR XB 193 119.62 39.05 -11.84
C TYR XB 193 120.10 39.42 -13.25
N LEU XB 194 121.00 38.59 -13.78
CA LEU XB 194 121.72 38.91 -15.00
C LEU XB 194 121.48 37.83 -16.05
N ASN XB 195 121.24 38.27 -17.29
CA ASN XB 195 120.84 37.37 -18.37
C ASN XB 195 121.90 37.21 -19.45
N THR XB 196 122.36 38.29 -20.07
CA THR XB 196 123.26 38.21 -21.21
C THR XB 196 124.46 39.12 -21.03
N VAL XB 197 125.64 38.62 -21.39
CA VAL XB 197 126.88 39.37 -21.35
C VAL XB 197 127.55 39.28 -22.72
N THR XB 198 128.19 40.36 -23.12
CA THR XB 198 128.82 40.46 -24.43
C THR XB 198 130.19 41.10 -24.30
N VAL XB 199 131.08 40.78 -25.24
CA VAL XB 199 132.44 41.27 -25.25
C VAL XB 199 132.66 42.08 -26.52
N SER XB 200 133.53 43.09 -26.44
CA SER XB 200 133.82 43.97 -27.55
C SER XB 200 134.58 43.21 -28.64
N PRO XB 201 134.69 43.78 -29.84
CA PRO XB 201 135.50 43.12 -30.89
C PRO XB 201 136.92 42.79 -30.42
N ASP XB 202 137.52 43.64 -29.59
CA ASP XB 202 138.70 43.28 -28.83
C ASP XB 202 138.29 43.03 -27.38
N GLY XB 203 138.98 42.10 -26.73
CA GLY XB 203 138.62 41.73 -25.37
C GLY XB 203 139.01 42.80 -24.37
N SER XB 204 138.34 43.95 -24.44
CA SER XB 204 138.59 45.06 -23.53
C SER XB 204 137.33 45.54 -22.82
N LEU XB 205 136.18 45.49 -23.46
CA LEU XB 205 134.94 45.98 -22.90
C LEU XB 205 133.89 44.86 -22.86
N CYS XB 206 133.26 44.70 -21.70
CA CYS XB 206 132.14 43.77 -21.56
C CYS XB 206 130.91 44.56 -21.15
N ALA XB 207 129.78 44.23 -21.78
CA ALA XB 207 128.52 44.91 -21.54
C ALA XB 207 127.48 43.89 -21.10
N SER XB 208 126.67 44.25 -20.12
CA SER XB 208 125.70 43.31 -19.57
C SER XB 208 124.50 44.05 -19.01
N GLY XB 209 123.37 43.35 -18.91
CA GLY XB 209 122.15 43.94 -18.41
C GLY XB 209 121.04 42.93 -18.14
N GLY XB 210 120.03 43.34 -17.37
CA GLY XB 210 118.94 42.46 -17.02
C GLY XB 210 117.61 43.13 -16.72
N LYS XB 211 116.97 42.70 -15.65
CA LYS XB 211 115.67 43.25 -15.25
C LYS XB 211 115.75 44.72 -14.89
N ASP XB 212 116.90 45.19 -14.38
CA ASP XB 212 117.03 46.62 -14.11
C ASP XB 212 116.95 47.43 -15.40
N GLY XB 213 117.28 46.82 -16.53
CA GLY XB 213 117.36 47.53 -17.79
C GLY XB 213 118.62 48.34 -17.93
N GLN XB 214 119.41 48.47 -16.87
CA GLN XB 214 120.66 49.21 -16.91
C GLN XB 214 121.70 48.35 -17.61
N ALA XB 215 122.18 48.84 -18.77
CA ALA XB 215 123.21 48.13 -19.53
C ALA XB 215 124.56 48.75 -19.19
N MET XB 216 125.15 48.30 -18.07
CA MET XB 216 126.45 48.77 -17.65
C MET XB 216 127.52 48.39 -18.66
N LEU XB 217 128.56 49.20 -18.76
CA LEU XB 217 129.75 48.91 -19.56
C LEU XB 217 130.93 48.76 -18.63
N TRP XB 218 131.68 47.66 -18.77
CA TRP XB 218 132.82 47.36 -17.91
C TRP XB 218 134.04 47.07 -18.76
N ASP XB 219 135.21 47.26 -18.14
CA ASP XB 219 136.49 46.97 -18.77
C ASP XB 219 137.07 45.69 -18.18
N LEU XB 220 137.76 44.92 -19.02
CA LEU XB 220 138.29 43.62 -18.62
C LEU XB 220 139.75 43.69 -18.20
N ASN XB 221 140.56 44.43 -18.97
CA ASN XB 221 141.99 44.47 -18.77
C ASN XB 221 142.37 45.07 -17.42
N GLU XB 222 141.47 45.83 -16.80
CA GLU XB 222 141.73 46.42 -15.50
C GLU XB 222 140.71 46.01 -14.44
N GLY XB 223 139.52 45.57 -14.85
CA GLY XB 223 138.52 45.14 -13.90
C GLY XB 223 137.98 46.27 -13.06
N LYS XB 224 137.25 47.20 -13.69
CA LYS XB 224 136.67 48.32 -12.96
C LYS XB 224 135.45 48.83 -13.73
N HIS XB 225 134.67 49.66 -13.05
CA HIS XB 225 133.42 50.15 -13.60
C HIS XB 225 133.63 51.43 -14.40
N LEU XB 226 132.87 51.58 -15.48
CA LEU XB 226 132.94 52.78 -16.30
C LEU XB 226 131.62 53.55 -16.37
N TYR XB 227 130.53 52.94 -16.82
CA TYR XB 227 129.30 53.69 -17.08
C TYR XB 227 128.07 52.88 -16.72
N THR XB 228 126.99 53.58 -16.38
CA THR XB 228 125.69 52.99 -16.01
C THR XB 228 124.60 53.67 -16.84
N LEU XB 229 124.30 53.10 -18.00
CA LEU XB 229 123.20 53.59 -18.83
C LEU XB 229 122.14 52.51 -18.98
N ASP XB 230 120.89 52.94 -19.18
CA ASP XB 230 119.75 52.06 -19.06
C ASP XB 230 118.82 52.18 -20.26
N GLY XB 231 117.99 51.15 -20.42
CA GLY XB 231 116.91 51.16 -21.38
C GLY XB 231 115.56 51.31 -20.70
N GLY XB 232 114.52 51.34 -21.51
CA GLY XB 232 113.17 51.56 -20.99
C GLY XB 232 112.68 50.42 -20.11
N ASP XB 233 113.03 49.19 -20.46
CA ASP XB 233 112.51 48.02 -19.76
C ASP XB 233 113.58 46.92 -19.79
N ILE XB 234 113.15 45.69 -19.54
CA ILE XB 234 114.06 44.54 -19.56
C ILE XB 234 114.81 44.47 -20.89
N ILE XB 235 116.12 44.24 -20.81
CA ILE XB 235 116.96 43.97 -21.96
C ILE XB 235 117.47 42.54 -21.85
N ASN XB 236 117.44 41.81 -22.97
CA ASN XB 236 117.80 40.39 -22.93
C ASN XB 236 118.69 39.98 -24.11
N ALA XB 237 119.40 40.92 -24.73
CA ALA XB 237 120.37 40.60 -25.76
C ALA XB 237 121.25 41.81 -25.99
N LEU XB 238 122.57 41.59 -26.04
CA LEU XB 238 123.54 42.67 -26.17
C LEU XB 238 124.63 42.24 -27.13
N CYS XB 239 125.08 43.16 -27.97
CA CYS XB 239 126.05 42.82 -29.02
C CYS XB 239 126.91 44.02 -29.34
N PHE XB 240 128.16 43.74 -29.72
CA PHE XB 240 129.14 44.77 -30.07
C PHE XB 240 129.42 44.71 -31.57
N SER XB 241 129.45 45.87 -32.21
CA SER XB 241 129.66 45.96 -33.65
C SER XB 241 131.11 45.65 -34.04
N PRO XB 242 131.35 45.14 -35.25
CA PRO XB 242 132.73 44.87 -35.68
C PRO XB 242 133.62 46.09 -35.83
N ASN XB 243 133.24 47.03 -36.71
CA ASN XB 243 134.11 48.16 -37.01
C ASN XB 243 133.92 49.29 -36.00
N ARG XB 244 132.72 49.85 -35.94
CA ARG XB 244 132.37 50.75 -34.86
C ARG XB 244 132.09 49.94 -33.60
N TYR XB 245 132.02 50.64 -32.46
CA TYR XB 245 131.65 49.95 -31.22
C TYR XB 245 130.15 49.74 -31.15
N TRP XB 246 129.39 50.83 -31.06
CA TRP XB 246 127.93 50.83 -31.20
C TRP XB 246 127.28 49.70 -30.41
N LEU XB 247 127.42 49.78 -29.09
CA LEU XB 247 126.77 48.80 -28.23
C LEU XB 247 125.26 48.88 -28.41
N CYS XB 248 124.67 47.75 -28.79
CA CYS XB 248 123.27 47.69 -29.21
C CYS XB 248 122.47 46.87 -28.20
N ALA XB 249 121.34 47.41 -27.77
CA ALA XB 249 120.54 46.83 -26.70
C ALA XB 249 119.25 46.26 -27.25
N ALA XB 250 118.84 45.11 -26.72
CA ALA XB 250 117.54 44.53 -27.02
C ALA XB 250 116.57 44.93 -25.91
N THR XB 251 116.20 46.20 -25.92
CA THR XB 251 115.39 46.79 -24.85
C THR XB 251 113.93 46.41 -25.08
N GLY XB 252 113.49 45.33 -24.43
CA GLY XB 252 112.12 44.88 -24.52
C GLY XB 252 111.70 44.60 -25.95
N PRO XB 253 110.51 45.06 -26.33
CA PRO XB 253 110.04 44.93 -27.72
C PRO XB 253 110.57 46.04 -28.62
N SER XB 254 111.86 46.34 -28.50
CA SER XB 254 112.49 47.39 -29.27
C SER XB 254 114.01 47.20 -29.16
N ILE XB 255 114.73 47.95 -29.98
CA ILE XB 255 116.19 47.91 -30.02
C ILE XB 255 116.70 49.32 -29.76
N LYS XB 256 117.62 49.44 -28.81
CA LYS XB 256 118.23 50.73 -28.48
C LYS XB 256 119.71 50.71 -28.82
N ILE XB 257 120.11 51.57 -29.74
CA ILE XB 257 121.49 51.65 -30.21
C ILE XB 257 122.06 53.00 -29.79
N TRP XB 258 123.28 52.98 -29.28
CA TRP XB 258 123.97 54.20 -28.86
C TRP XB 258 125.43 54.12 -29.25
N ASP XB 259 126.14 55.20 -29.00
CA ASP XB 259 127.58 55.26 -29.19
C ASP XB 259 128.28 55.31 -27.83
N LEU XB 260 129.29 54.46 -27.66
CA LEU XB 260 130.03 54.44 -26.39
C LEU XB 260 130.74 55.75 -26.12
N GLU XB 261 130.93 56.58 -27.14
CA GLU XB 261 131.45 57.93 -26.98
C GLU XB 261 130.36 58.99 -27.14
N GLY XB 262 129.52 58.86 -28.17
CA GLY XB 262 128.33 59.67 -28.31
C GLY XB 262 127.17 59.08 -27.52
N LYS XB 263 127.19 59.29 -26.20
CA LYS XB 263 126.30 58.57 -25.30
C LYS XB 263 124.82 58.84 -25.58
N ILE XB 264 124.50 59.93 -26.29
CA ILE XB 264 123.11 60.16 -26.70
C ILE XB 264 122.70 59.09 -27.69
N ILE XB 265 121.50 58.54 -27.49
CA ILE XB 265 121.03 57.44 -28.33
C ILE XB 265 120.90 57.92 -29.77
N VAL XB 266 121.55 57.20 -30.69
CA VAL XB 266 121.56 57.61 -32.09
C VAL XB 266 120.16 57.47 -32.71
N ASP XB 267 119.42 56.44 -32.32
CA ASP XB 267 118.12 56.16 -32.92
C ASP XB 267 117.42 55.08 -32.12
N GLU XB 268 116.11 55.24 -31.94
CA GLU XB 268 115.28 54.23 -31.30
C GLU XB 268 114.78 53.26 -32.36
N LEU XB 269 115.31 52.05 -32.35
CA LEU XB 269 114.94 51.03 -33.34
C LEU XB 269 113.78 50.22 -32.79
N LYS XB 270 112.59 50.46 -33.33
CA LYS XB 270 111.38 49.77 -32.92
C LYS XB 270 110.83 48.94 -34.06
N GLN XB 271 110.27 47.78 -33.70
CA GLN XB 271 109.55 46.94 -34.67
C GLN XB 271 108.20 47.56 -34.97
N GLU XB 272 107.74 47.38 -36.20
CA GLU XB 272 106.47 47.95 -36.62
C GLU XB 272 105.32 47.36 -35.82
N VAL XB 273 104.36 48.22 -35.46
CA VAL XB 273 103.18 47.80 -34.71
C VAL XB 273 101.93 48.20 -35.50
N ILE XB 274 102.05 48.20 -36.83
CA ILE XB 274 100.92 48.54 -37.69
C ILE XB 274 99.72 47.65 -37.37
N SER XB 275 98.52 48.22 -37.54
CA SER XB 275 97.26 47.57 -37.16
C SER XB 275 97.26 47.21 -35.67
N THR XB 276 97.33 48.26 -34.87
CA THR XB 276 97.56 48.13 -33.44
C THR XB 276 96.47 47.32 -32.76
N SER XB 277 96.87 46.28 -32.03
CA SER XB 277 95.94 45.54 -31.20
C SER XB 277 95.59 46.28 -29.91
N SER XB 278 96.54 47.07 -29.39
CA SER XB 278 96.38 47.84 -28.15
C SER XB 278 96.16 46.95 -26.93
N LYS XB 279 96.24 45.63 -27.12
CA LYS XB 279 96.05 44.68 -26.04
C LYS XB 279 97.13 43.60 -25.98
N ALA XB 280 97.82 43.32 -27.08
CA ALA XB 280 98.91 42.35 -27.11
C ALA XB 280 100.23 43.10 -27.16
N GLU XB 281 101.16 42.70 -26.30
CA GLU XB 281 102.48 43.33 -26.30
C GLU XB 281 103.19 43.03 -27.61
N PRO XB 282 104.02 43.96 -28.10
CA PRO XB 282 104.83 43.64 -29.27
C PRO XB 282 105.85 42.56 -28.95
N PRO XB 283 106.29 41.80 -29.95
CA PRO XB 283 107.21 40.70 -29.69
C PRO XB 283 108.49 41.18 -29.01
N GLN XB 284 108.97 40.39 -28.06
CA GLN XB 284 110.15 40.72 -27.27
C GLN XB 284 111.40 40.27 -28.03
N CYS XB 285 112.44 41.10 -28.00
CA CYS XB 285 113.68 40.81 -28.72
C CYS XB 285 114.53 39.89 -27.85
N THR XB 286 114.48 38.58 -28.13
CA THR XB 286 115.20 37.62 -27.31
C THR XB 286 116.68 37.57 -27.63
N SER XB 287 117.06 37.75 -28.89
CA SER XB 287 118.47 37.70 -29.26
C SER XB 287 118.71 38.55 -30.51
N LEU XB 288 119.97 38.90 -30.72
CA LEU XB 288 120.37 39.65 -31.90
C LEU XB 288 121.85 39.42 -32.15
N ALA XB 289 122.28 39.70 -33.38
CA ALA XB 289 123.68 39.61 -33.77
C ALA XB 289 123.88 40.45 -35.01
N TRP XB 290 125.15 40.60 -35.40
CA TRP XB 290 125.52 41.44 -36.52
C TRP XB 290 125.91 40.57 -37.71
N SER XB 291 126.34 41.22 -38.80
CA SER XB 291 126.77 40.52 -40.01
C SER XB 291 128.27 40.27 -40.02
N ALA XB 292 128.95 40.51 -38.89
CA ALA XB 292 130.39 40.32 -38.72
C ALA XB 292 131.23 41.24 -39.60
N ASP XB 293 130.58 42.16 -40.33
CA ASP XB 293 131.32 43.18 -41.08
C ASP XB 293 130.81 44.59 -40.83
N GLY XB 294 129.87 44.78 -39.91
CA GLY XB 294 129.41 46.11 -39.55
C GLY XB 294 128.36 46.70 -40.45
N GLN XB 295 127.66 45.87 -41.23
CA GLN XB 295 126.68 46.36 -42.19
C GLN XB 295 125.24 46.00 -41.81
N THR XB 296 124.96 44.73 -41.56
CA THR XB 296 123.60 44.25 -41.41
C THR XB 296 123.34 43.74 -39.99
N LEU XB 297 122.17 44.05 -39.47
CA LEU XB 297 121.79 43.72 -38.10
C LEU XB 297 120.72 42.63 -38.13
N PHE XB 298 121.02 41.51 -37.49
CA PHE XB 298 120.06 40.41 -37.37
C PHE XB 298 119.50 40.38 -35.96
N ALA XB 299 118.18 40.17 -35.84
CA ALA XB 299 117.54 40.13 -34.53
C ALA XB 299 116.36 39.17 -34.57
N GLY XB 300 116.35 38.22 -33.66
CA GLY XB 300 115.26 37.25 -33.53
C GLY XB 300 114.41 37.58 -32.31
N TYR XB 301 113.09 37.54 -32.49
CA TYR XB 301 112.16 38.04 -31.50
C TYR XB 301 111.31 36.90 -30.92
N THR XB 302 110.41 37.28 -30.01
CA THR XB 302 109.47 36.33 -29.42
C THR XB 302 108.56 35.70 -30.46
N ASP XB 303 108.05 36.47 -31.41
CA ASP XB 303 107.19 35.91 -32.44
C ASP XB 303 108.00 35.00 -33.36
N ASN XB 304 107.31 34.38 -34.31
CA ASN XB 304 107.90 33.35 -35.15
C ASN XB 304 108.83 33.93 -36.21
N LEU XB 305 108.99 35.25 -36.27
CA LEU XB 305 109.63 35.92 -37.39
C LEU XB 305 110.99 36.49 -36.98
N VAL XB 306 111.78 36.82 -38.00
CA VAL XB 306 113.01 37.58 -37.86
C VAL XB 306 112.98 38.67 -38.93
N ARG XB 307 113.09 39.92 -38.50
CA ARG XB 307 113.18 41.06 -39.41
C ARG XB 307 114.55 41.69 -39.29
N VAL XB 308 115.23 41.85 -40.42
CA VAL XB 308 116.64 42.21 -40.46
C VAL XB 308 116.78 43.69 -40.83
N TRP XB 309 117.54 44.42 -40.02
CA TRP XB 309 117.77 45.85 -40.23
C TRP XB 309 119.12 46.07 -40.92
N GLN XB 310 119.36 47.32 -41.29
CA GLN XB 310 120.57 47.67 -42.03
C GLN XB 310 120.80 49.17 -41.95
N VAL XB 311 122.07 49.58 -42.03
CA VAL XB 311 122.43 50.99 -41.99
C VAL XB 311 122.71 51.46 -43.42
N THR XB 312 122.02 52.52 -43.83
CA THR XB 312 122.15 53.07 -45.19
C THR XB 312 122.96 54.35 -45.12
N ILE XB 313 124.07 54.38 -45.85
CA ILE XB 313 124.93 55.56 -45.94
C ILE XB 313 125.38 56.03 -44.56
N VAL YB 1 116.59 -66.82 47.42
CA VAL YB 1 115.60 -66.35 46.47
C VAL YB 1 115.99 -64.94 46.01
N MET YB 2 116.89 -64.29 46.76
CA MET YB 2 117.34 -62.95 46.39
C MET YB 2 118.07 -62.99 45.05
N ASP YB 3 118.90 -64.01 44.83
CA ASP YB 3 119.60 -64.16 43.56
C ASP YB 3 118.69 -64.68 42.46
N VAL YB 4 117.43 -64.99 42.79
CA VAL YB 4 116.48 -65.50 41.81
C VAL YB 4 115.44 -64.45 41.47
N ASN YB 5 114.67 -64.02 42.48
CA ASN YB 5 113.53 -63.14 42.21
C ASN YB 5 113.99 -61.77 41.71
N THR YB 6 115.01 -61.18 42.32
CA THR YB 6 115.50 -59.89 41.85
C THR YB 6 116.19 -60.02 40.51
N ALA YB 7 116.95 -61.10 40.31
CA ALA YB 7 117.49 -61.39 38.99
C ALA YB 7 116.37 -61.59 37.98
N LEU YB 8 115.31 -62.30 38.38
CA LEU YB 8 114.12 -62.38 37.55
C LEU YB 8 113.50 -61.01 37.37
N GLN YB 9 113.46 -60.21 38.45
CA GLN YB 9 112.80 -58.91 38.38
C GLN YB 9 113.48 -58.00 37.36
N GLU YB 10 114.82 -58.00 37.34
CA GLU YB 10 115.52 -57.02 36.53
C GLU YB 10 115.56 -57.42 35.05
N VAL YB 11 115.57 -58.72 34.76
CA VAL YB 11 115.59 -59.15 33.37
C VAL YB 11 114.25 -58.89 32.68
N LEU YB 12 113.14 -59.13 33.39
CA LEU YB 12 111.84 -58.88 32.77
C LEU YB 12 111.52 -57.40 32.69
N LYS YB 13 112.02 -56.61 33.64
CA LYS YB 13 111.78 -55.17 33.60
C LYS YB 13 112.58 -54.50 32.49
N THR YB 14 113.86 -54.87 32.34
CA THR YB 14 114.63 -54.36 31.21
C THR YB 14 114.12 -54.90 29.89
N ALA YB 15 113.51 -56.09 29.88
CA ALA YB 15 112.86 -56.58 28.68
C ALA YB 15 111.62 -55.76 28.34
N LEU YB 16 110.84 -55.38 29.37
CA LEU YB 16 109.68 -54.54 29.16
C LEU YB 16 110.05 -53.20 28.55
N ILE YB 17 111.28 -52.74 28.76
CA ILE YB 17 111.69 -51.42 28.27
C ILE YB 17 111.61 -51.36 26.76
N HIS YB 18 112.13 -52.39 26.08
CA HIS YB 18 112.17 -52.38 24.63
C HIS YB 18 111.83 -53.75 24.02
N ASP YB 19 110.85 -54.45 24.59
CA ASP YB 19 110.47 -55.76 24.07
C ASP YB 19 109.17 -56.22 24.72
N GLY YB 20 108.29 -56.82 23.91
CA GLY YB 20 107.07 -57.39 24.45
C GLY YB 20 107.37 -58.69 25.17
N LEU YB 21 106.72 -58.88 26.32
CA LEU YB 21 107.07 -59.98 27.22
C LEU YB 21 106.23 -61.24 26.99
N ALA YB 22 105.30 -61.22 26.03
CA ALA YB 22 104.47 -62.39 25.72
C ALA YB 22 103.74 -62.91 26.96
N ARG YB 23 103.24 -62.00 27.79
CA ARG YB 23 102.39 -62.39 28.90
C ARG YB 23 101.07 -62.94 28.38
N GLY YB 24 100.52 -63.93 29.07
CA GLY YB 24 99.33 -64.60 28.59
C GLY YB 24 99.65 -65.87 27.83
N ILE YB 25 98.64 -66.72 27.70
CA ILE YB 25 98.84 -68.05 27.11
C ILE YB 25 99.26 -67.93 25.65
N ARG YB 26 98.54 -67.12 24.86
CA ARG YB 26 98.71 -67.15 23.42
C ARG YB 26 100.07 -66.61 23.00
N GLU YB 27 100.46 -65.44 23.51
CA GLU YB 27 101.74 -64.87 23.16
C GLU YB 27 102.89 -65.73 23.66
N ALA YB 28 102.77 -66.28 24.88
CA ALA YB 28 103.83 -67.16 25.39
C ALA YB 28 103.90 -68.45 24.59
N ALA YB 29 102.76 -69.01 24.21
CA ALA YB 29 102.76 -70.24 23.41
C ALA YB 29 103.39 -69.99 22.05
N LYS YB 30 103.17 -68.81 21.46
CA LYS YB 30 103.84 -68.47 20.21
C LYS YB 30 105.33 -68.29 20.42
N ALA YB 31 105.75 -67.70 21.55
CA ALA YB 31 107.16 -67.57 21.83
C ALA YB 31 107.79 -68.94 22.09
N LEU YB 32 107.07 -69.81 22.79
CA LEU YB 32 107.58 -71.15 23.05
C LEU YB 32 107.65 -71.98 21.76
N ASP YB 33 106.62 -71.88 20.91
CA ASP YB 33 106.58 -72.70 19.70
C ASP YB 33 107.75 -72.40 18.78
N LYS YB 34 108.07 -71.12 18.58
CA LYS YB 34 109.25 -70.76 17.81
C LYS YB 34 110.50 -71.13 18.61
N ARG YB 35 111.41 -71.87 17.99
CA ARG YB 35 112.58 -72.40 18.69
C ARG YB 35 113.74 -71.42 18.63
N GLN YB 36 113.49 -70.16 18.98
CA GLN YB 36 114.54 -69.16 19.10
C GLN YB 36 114.38 -68.28 20.32
N ALA YB 37 113.39 -68.54 21.17
CA ALA YB 37 113.12 -67.69 22.33
C ALA YB 37 114.04 -68.02 23.49
N HIS YB 38 114.05 -67.12 24.47
CA HIS YB 38 114.82 -67.28 25.70
C HIS YB 38 113.94 -67.91 26.78
N LEU YB 39 114.37 -67.82 28.04
CA LEU YB 39 113.71 -68.51 29.14
C LEU YB 39 112.25 -68.10 29.29
N CYS YB 40 111.48 -68.94 29.98
CA CYS YB 40 110.07 -68.73 30.26
C CYS YB 40 109.81 -68.92 31.74
N VAL YB 41 108.80 -68.22 32.25
CA VAL YB 41 108.45 -68.25 33.66
C VAL YB 41 106.94 -68.46 33.79
N LEU YB 42 106.57 -69.39 34.67
CA LEU YB 42 105.18 -69.79 34.82
C LEU YB 42 104.81 -69.76 36.30
N ALA YB 43 103.57 -69.38 36.58
CA ALA YB 43 103.10 -69.12 37.93
C ALA YB 43 102.51 -70.36 38.57
N SER YB 44 102.65 -70.45 39.90
CA SER YB 44 102.22 -71.63 40.64
C SER YB 44 100.72 -71.65 40.89
N ASN YB 45 100.18 -70.54 41.41
CA ASN YB 45 98.83 -70.52 41.96
C ASN YB 45 97.73 -70.63 40.92
N CYS YB 46 98.05 -70.95 39.68
CA CYS YB 46 97.01 -71.18 38.69
C CYS YB 46 96.23 -72.44 39.04
N ASP YB 47 94.91 -72.29 39.22
CA ASP YB 47 94.09 -73.41 39.66
C ASP YB 47 93.88 -74.45 38.57
N GLU YB 48 94.19 -74.13 37.32
CA GLU YB 48 94.01 -75.07 36.23
C GLU YB 48 95.19 -76.02 36.17
N PRO YB 49 94.97 -77.33 36.31
CA PRO YB 49 96.09 -78.28 36.21
C PRO YB 49 96.60 -78.44 34.78
N MET YB 50 95.69 -78.31 33.80
CA MET YB 50 96.12 -78.39 32.41
C MET YB 50 96.99 -77.20 32.02
N TYR YB 51 96.90 -76.10 32.77
CA TYR YB 51 97.78 -74.97 32.55
C TYR YB 51 99.24 -75.36 32.76
N VAL YB 52 99.53 -76.00 33.90
CA VAL YB 52 100.91 -76.41 34.18
C VAL YB 52 101.34 -77.52 33.23
N LYS YB 53 100.41 -78.41 32.88
CA LYS YB 53 100.79 -79.63 32.17
C LYS YB 53 101.17 -79.36 30.72
N LEU YB 54 100.72 -78.23 30.15
CA LEU YB 54 101.04 -78.00 28.74
C LEU YB 54 102.18 -77.00 28.57
N VAL YB 55 102.37 -76.11 29.54
CA VAL YB 55 103.53 -75.22 29.50
C VAL YB 55 104.81 -76.01 29.75
N GLU YB 56 104.72 -77.07 30.55
CA GLU YB 56 105.86 -77.94 30.76
C GLU YB 56 106.15 -78.77 29.51
N ALA YB 57 105.14 -78.99 28.67
CA ALA YB 57 105.34 -79.77 27.46
C ALA YB 57 106.26 -79.03 26.47
N LEU YB 58 105.90 -77.79 26.14
CA LEU YB 58 106.71 -77.03 25.19
C LEU YB 58 108.07 -76.67 25.76
N CYS YB 59 108.11 -76.31 27.05
CA CYS YB 59 109.37 -75.90 27.66
C CYS YB 59 110.39 -77.04 27.63
N ALA YB 60 110.00 -78.23 28.06
CA ALA YB 60 110.92 -79.36 28.04
C ALA YB 60 111.25 -79.79 26.61
N GLU YB 61 110.33 -79.56 25.67
CA GLU YB 61 110.55 -80.02 24.30
C GLU YB 61 111.68 -79.25 23.63
N HIS YB 62 111.58 -77.91 23.58
CA HIS YB 62 112.53 -77.20 22.74
C HIS YB 62 113.85 -76.89 23.44
N GLN YB 63 113.88 -75.87 24.31
CA GLN YB 63 115.09 -75.57 25.06
C GLN YB 63 114.85 -74.86 26.40
N ILE YB 64 113.59 -74.61 26.74
CA ILE YB 64 113.24 -73.51 27.64
C ILE YB 64 113.18 -73.98 29.08
N ASN YB 65 113.78 -73.19 29.98
CA ASN YB 65 113.79 -73.48 31.40
C ASN YB 65 112.62 -72.80 32.11
N LEU YB 66 112.45 -73.13 33.39
CA LEU YB 66 111.41 -72.54 34.23
C LEU YB 66 111.99 -72.01 35.54
N ILE YB 67 111.34 -70.98 36.06
CA ILE YB 67 111.54 -70.53 37.43
C ILE YB 67 110.16 -70.29 38.03
N LYS YB 68 109.88 -70.97 39.14
CA LYS YB 68 108.57 -70.88 39.79
C LYS YB 68 108.43 -69.54 40.49
N VAL YB 69 107.21 -69.00 40.49
CA VAL YB 69 106.91 -67.74 41.14
C VAL YB 69 105.91 -68.00 42.26
N ASP YB 70 105.90 -67.11 43.25
CA ASP YB 70 105.06 -67.31 44.43
C ASP YB 70 103.59 -67.17 44.08
N ASP YB 71 103.23 -66.14 43.30
CA ASP YB 71 101.84 -65.93 42.91
C ASP YB 71 101.80 -65.18 41.59
N ASN YB 72 100.64 -65.26 40.93
CA ASN YB 72 100.47 -64.65 39.62
C ASN YB 72 100.15 -63.16 39.70
N LYS YB 73 99.64 -62.69 40.84
CA LYS YB 73 99.58 -61.25 41.06
C LYS YB 73 100.97 -60.64 41.05
N LYS YB 74 101.91 -61.25 41.78
CA LYS YB 74 103.27 -60.74 41.86
C LYS YB 74 104.00 -60.91 40.54
N LEU YB 75 103.77 -62.03 39.85
CA LEU YB 75 104.24 -62.15 38.48
C LEU YB 75 103.56 -61.13 37.59
N GLY YB 76 102.25 -60.92 37.79
CA GLY YB 76 101.53 -59.93 36.99
C GLY YB 76 101.95 -58.51 37.30
N GLU YB 77 102.23 -58.21 38.57
CA GLU YB 77 102.75 -56.90 38.91
C GLU YB 77 104.11 -56.67 38.27
N TRP YB 78 104.98 -57.69 38.30
CA TRP YB 78 106.31 -57.56 37.74
C TRP YB 78 106.27 -57.36 36.23
N VAL YB 79 105.42 -58.12 35.53
CA VAL YB 79 105.35 -58.04 34.08
C VAL YB 79 104.93 -56.67 33.57
N GLY YB 80 104.53 -55.77 34.48
CA GLY YB 80 104.10 -54.44 34.11
C GLY YB 80 102.62 -54.30 33.83
N LEU YB 81 101.86 -55.39 33.90
CA LEU YB 81 100.42 -55.35 33.63
C LEU YB 81 99.74 -54.90 34.92
N CYS YB 82 99.66 -53.59 35.09
CA CYS YB 82 99.12 -53.00 36.31
C CYS YB 82 98.77 -51.55 36.05
N LYS YB 83 97.74 -51.07 36.74
CA LYS YB 83 97.33 -49.68 36.66
C LYS YB 83 98.37 -48.84 37.39
N ILE YB 84 99.23 -48.16 36.63
CA ILE YB 84 100.33 -47.42 37.21
C ILE YB 84 99.80 -46.16 37.88
N ASP YB 85 99.63 -46.21 39.20
CA ASP YB 85 99.26 -45.05 39.98
C ASP YB 85 100.11 -44.87 41.23
N ARG YB 86 100.83 -45.91 41.68
CA ARG YB 86 101.71 -45.88 42.84
C ARG YB 86 100.94 -45.63 44.13
N GLU YB 87 100.50 -44.40 44.36
CA GLU YB 87 99.81 -44.09 45.61
C GLU YB 87 98.36 -44.55 45.58
N GLY YB 88 97.85 -44.91 44.40
CA GLY YB 88 96.51 -45.44 44.29
C GLY YB 88 96.47 -46.94 44.46
N LYS YB 89 95.84 -47.63 43.51
CA LYS YB 89 95.79 -49.10 43.52
C LYS YB 89 96.72 -49.65 42.45
N PRO YB 90 97.98 -49.94 42.78
CA PRO YB 90 98.89 -50.48 41.76
C PRO YB 90 98.67 -51.94 41.48
N ARG YB 91 98.36 -52.72 42.52
CA ARG YB 91 98.30 -54.17 42.44
C ARG YB 91 96.89 -54.73 42.57
N LYS YB 92 95.87 -53.87 42.57
CA LYS YB 92 94.49 -54.37 42.64
C LYS YB 92 94.03 -55.00 41.34
N VAL YB 93 94.74 -54.77 40.24
CA VAL YB 93 94.37 -55.36 38.96
C VAL YB 93 94.75 -56.84 38.94
N VAL YB 94 94.25 -57.53 37.91
CA VAL YB 94 94.62 -58.94 37.73
C VAL YB 94 96.01 -59.04 37.11
N GLY YB 95 96.70 -60.13 37.43
CA GLY YB 95 98.04 -60.34 36.96
C GLY YB 95 98.18 -61.53 36.04
N CYS YB 96 99.25 -61.51 35.24
CA CYS YB 96 99.54 -62.59 34.33
C CYS YB 96 100.03 -63.82 35.08
N SER YB 97 100.17 -64.92 34.35
CA SER YB 97 100.67 -66.15 34.97
C SER YB 97 101.75 -66.88 34.17
N CYS YB 98 101.99 -66.55 32.90
CA CYS YB 98 103.09 -67.12 32.15
C CYS YB 98 103.71 -66.06 31.27
N VAL YB 99 105.04 -65.95 31.30
CA VAL YB 99 105.77 -64.89 30.60
C VAL YB 99 107.00 -65.50 29.93
N VAL YB 100 107.29 -65.06 28.71
CA VAL YB 100 108.52 -65.43 28.00
C VAL YB 100 109.34 -64.16 27.78
N VAL YB 101 110.55 -64.15 28.32
CA VAL YB 101 111.50 -63.08 28.02
C VAL YB 101 112.37 -63.53 26.85
N LYS YB 102 112.62 -62.60 25.92
CA LYS YB 102 113.46 -62.90 24.77
C LYS YB 102 114.35 -61.73 24.39
N ASP YB 103 114.65 -60.84 25.34
CA ASP YB 103 115.33 -59.60 25.05
C ASP YB 103 116.77 -59.59 25.53
N TYR YB 104 117.01 -59.90 26.80
CA TYR YB 104 118.35 -59.86 27.39
C TYR YB 104 119.04 -58.52 27.11
N GLY YB 105 118.30 -57.44 27.33
CA GLY YB 105 118.80 -56.12 26.95
C GLY YB 105 120.08 -55.73 27.66
N LYS YB 106 120.16 -55.98 28.96
CA LYS YB 106 121.28 -55.54 29.77
C LYS YB 106 122.04 -56.75 30.31
N GLU YB 107 123.35 -56.75 30.12
CA GLU YB 107 124.21 -57.82 30.60
C GLU YB 107 124.88 -57.48 31.93
N SER YB 108 124.40 -56.45 32.62
CA SER YB 108 124.96 -56.10 33.92
C SER YB 108 124.73 -57.21 34.95
N GLN YB 109 123.52 -57.77 34.96
CA GLN YB 109 123.21 -58.84 35.91
C GLN YB 109 122.43 -59.98 35.28
N ALA YB 110 122.33 -60.02 33.94
CA ALA YB 110 121.73 -61.17 33.28
C ALA YB 110 122.48 -62.47 33.58
N LYS YB 111 123.76 -62.36 33.98
CA LYS YB 111 124.51 -63.54 34.36
C LYS YB 111 123.89 -64.27 35.54
N ASP YB 112 123.16 -63.55 36.40
CA ASP YB 112 122.52 -64.17 37.55
C ASP YB 112 121.49 -65.21 37.10
N VAL YB 113 120.73 -64.90 36.05
CA VAL YB 113 119.81 -65.90 35.51
C VAL YB 113 120.53 -66.85 34.56
N ILE YB 114 121.72 -66.49 34.09
CA ILE YB 114 122.55 -67.45 33.36
C ILE YB 114 123.06 -68.53 34.31
N GLU YB 115 123.56 -68.12 35.49
CA GLU YB 115 123.93 -69.09 36.51
C GLU YB 115 122.72 -69.82 37.04
N GLU YB 116 121.55 -69.17 37.03
CA GLU YB 116 120.30 -69.85 37.37
C GLU YB 116 120.00 -70.96 36.36
N TYR YB 117 120.24 -70.68 35.08
CA TYR YB 117 120.13 -71.72 34.06
C TYR YB 117 121.11 -72.85 34.32
N PHE YB 118 122.34 -72.50 34.71
CA PHE YB 118 123.38 -73.51 34.92
C PHE YB 118 123.10 -74.34 36.18
N LYS YB 119 122.77 -73.68 37.29
CA LYS YB 119 122.60 -74.39 38.54
C LYS YB 119 121.31 -75.20 38.59
N CYS YB 120 120.29 -74.83 37.81
CA CYS YB 120 119.05 -75.60 37.78
C CYS YB 120 119.24 -76.91 37.02
N LYS YB 121 119.96 -76.87 35.90
CA LYS YB 121 120.18 -78.07 35.10
C LYS YB 121 121.10 -79.08 35.77
N LYS YB 122 121.76 -78.71 36.87
CA LYS YB 122 122.68 -79.61 37.55
C LYS YB 122 122.01 -80.40 38.67
N ARG ZB 1 51.69 -8.22 -56.52
CA ARG ZB 1 52.95 -8.78 -56.02
C ARG ZB 1 52.67 -9.98 -55.13
N ASP ZB 2 52.47 -11.15 -55.75
CA ASP ZB 2 52.22 -12.38 -55.00
C ASP ZB 2 53.32 -13.42 -55.23
N LYS ZB 3 53.56 -13.81 -56.48
CA LYS ZB 3 54.48 -14.90 -56.82
C LYS ZB 3 54.67 -14.91 -58.33
N LEU ZB 4 55.93 -15.05 -58.78
CA LEU ZB 4 56.26 -14.83 -60.18
C LEU ZB 4 56.75 -16.10 -60.89
N ASN ZB 5 57.87 -16.66 -60.42
CA ASN ZB 5 58.36 -18.00 -60.76
C ASN ZB 5 58.32 -18.36 -62.25
N ASN ZB 6 58.44 -17.41 -63.17
CA ASN ZB 6 58.31 -17.75 -64.58
C ASN ZB 6 59.51 -17.28 -65.39
N LEU ZB 7 60.40 -18.23 -65.70
CA LEU ZB 7 61.08 -18.28 -66.99
C LEU ZB 7 61.77 -19.63 -67.07
N VAL ZB 8 61.53 -20.33 -68.16
CA VAL ZB 8 62.02 -21.70 -68.32
C VAL ZB 8 62.79 -21.72 -69.63
N LEU ZB 9 64.10 -21.43 -69.58
CA LEU ZB 9 64.96 -21.54 -70.75
C LEU ZB 9 64.36 -20.81 -71.95
N PHE ZB 10 64.36 -19.47 -71.90
CA PHE ZB 10 63.50 -18.61 -72.72
C PHE ZB 10 63.28 -19.16 -74.13
N ASP ZB 11 62.02 -19.14 -74.55
CA ASP ZB 11 61.62 -19.67 -75.84
C ASP ZB 11 61.99 -18.67 -76.94
N LYS ZB 12 61.61 -18.99 -78.18
CA LYS ZB 12 62.05 -18.18 -79.32
C LYS ZB 12 61.39 -16.82 -79.33
N ALA ZB 13 60.13 -16.73 -78.89
CA ALA ZB 13 59.40 -15.46 -78.93
C ALA ZB 13 60.10 -14.40 -78.10
N THR ZB 14 60.56 -14.78 -76.91
CA THR ZB 14 61.34 -13.85 -76.09
C THR ZB 14 62.75 -13.69 -76.62
N TYR ZB 15 63.28 -14.70 -77.31
CA TYR ZB 15 64.66 -14.64 -77.80
C TYR ZB 15 64.84 -13.52 -78.81
N ASP ZB 16 63.94 -13.43 -79.78
CA ASP ZB 16 63.99 -12.31 -80.71
C ASP ZB 16 63.75 -10.99 -79.99
N LYS ZB 17 62.89 -11.01 -78.97
CA LYS ZB 17 62.73 -9.83 -78.11
C LYS ZB 17 64.02 -9.52 -77.38
N LEU ZB 18 64.72 -10.55 -76.89
CA LEU ZB 18 65.99 -10.33 -76.21
C LEU ZB 18 67.05 -9.82 -77.17
N CYS ZB 19 67.06 -10.33 -78.40
CA CYS ZB 19 68.10 -9.94 -79.35
C CYS ZB 19 67.82 -8.58 -79.96
N LYS ZB 20 66.55 -8.23 -80.15
CA LYS ZB 20 66.21 -7.00 -80.87
C LYS ZB 20 65.91 -5.81 -79.96
N GLU ZB 21 65.82 -6.02 -78.65
CA GLU ZB 21 65.51 -4.89 -77.77
C GLU ZB 21 66.49 -4.73 -76.63
N VAL ZB 22 66.96 -5.83 -76.03
CA VAL ZB 22 67.86 -5.73 -74.87
C VAL ZB 22 69.13 -4.96 -75.18
N PRO ZB 23 69.80 -5.15 -76.32
CA PRO ZB 23 70.96 -4.29 -76.64
C PRO ZB 23 70.60 -2.84 -76.92
N ASN ZB 24 69.32 -2.51 -77.09
CA ASN ZB 24 68.91 -1.18 -77.53
C ASN ZB 24 68.71 -0.18 -76.39
N TYR ZB 25 68.95 -0.57 -75.14
CA TYR ZB 25 68.90 0.39 -74.06
C TYR ZB 25 70.21 0.34 -73.27
N LYS ZB 26 70.51 1.46 -72.60
CA LYS ZB 26 71.79 1.60 -71.94
C LYS ZB 26 71.92 0.68 -70.74
N LEU ZB 27 70.88 0.58 -69.93
CA LEU ZB 27 70.95 -0.24 -68.72
C LEU ZB 27 70.77 -1.71 -69.07
N ILE ZB 28 71.86 -2.46 -69.04
CA ILE ZB 28 71.84 -3.90 -69.32
C ILE ZB 28 72.56 -4.58 -68.15
N THR ZB 29 71.79 -4.98 -67.13
CA THR ZB 29 72.26 -5.74 -66.00
C THR ZB 29 71.47 -7.04 -65.93
N PRO ZB 30 72.00 -8.07 -65.27
CA PRO ZB 30 71.21 -9.28 -65.09
C PRO ZB 30 69.92 -9.04 -64.34
N ALA ZB 31 69.92 -8.09 -63.40
CA ALA ZB 31 68.74 -7.86 -62.57
C ALA ZB 31 67.65 -7.12 -63.35
N VAL ZB 32 68.04 -6.13 -64.16
CA VAL ZB 32 67.03 -5.35 -64.89
C VAL ZB 32 66.40 -6.18 -66.00
N VAL ZB 33 67.21 -6.98 -66.72
CA VAL ZB 33 66.64 -7.83 -67.77
C VAL ZB 33 65.89 -9.01 -67.16
N SER ZB 34 66.21 -9.39 -65.92
CA SER ZB 34 65.39 -10.37 -65.22
C SER ZB 34 64.00 -9.82 -64.94
N GLU ZB 35 63.93 -8.56 -64.50
CA GLU ZB 35 62.63 -7.93 -64.27
C GLU ZB 35 61.98 -7.52 -65.58
N ARG ZB 36 62.77 -7.07 -66.55
CA ARG ZB 36 62.18 -6.43 -67.73
C ARG ZB 36 61.30 -7.37 -68.54
N LEU ZB 37 61.86 -8.39 -69.19
CA LEU ZB 37 60.96 -9.21 -69.98
C LEU ZB 37 60.32 -10.31 -69.13
N LYS ZB 38 61.05 -11.35 -68.75
CA LYS ZB 38 60.52 -12.27 -67.75
C LYS ZB 38 61.59 -13.05 -66.97
N ILE ZB 39 62.87 -12.70 -67.16
CA ILE ZB 39 63.93 -13.64 -66.80
C ILE ZB 39 63.99 -13.92 -65.30
N ARG ZB 40 64.40 -15.14 -64.96
CA ARG ZB 40 64.66 -15.49 -63.57
C ARG ZB 40 65.76 -14.63 -62.97
N GLY ZB 41 66.94 -14.64 -63.59
CA GLY ZB 41 68.08 -13.93 -63.04
C GLY ZB 41 69.41 -14.66 -63.20
N SER ZB 42 69.36 -15.99 -63.20
CA SER ZB 42 70.58 -16.77 -63.42
C SER ZB 42 70.87 -16.93 -64.91
N LEU ZB 43 69.93 -17.53 -65.64
CA LEU ZB 43 70.12 -17.74 -67.08
C LEU ZB 43 70.26 -16.42 -67.82
N ALA ZB 44 69.83 -15.31 -67.23
CA ALA ZB 44 70.17 -14.00 -67.76
C ALA ZB 44 71.68 -13.88 -67.82
N ARG ZB 45 72.36 -14.11 -66.69
CA ARG ZB 45 73.81 -13.98 -66.67
C ARG ZB 45 74.46 -14.84 -67.73
N ALA ZB 46 73.89 -16.03 -67.98
CA ALA ZB 46 74.30 -16.82 -69.13
C ALA ZB 46 73.98 -16.09 -70.42
N ALA ZB 47 72.83 -15.42 -70.47
CA ALA ZB 47 72.39 -14.79 -71.71
C ALA ZB 47 73.22 -13.58 -72.08
N LEU ZB 48 73.46 -12.65 -71.13
CA LEU ZB 48 74.16 -11.44 -71.53
C LEU ZB 48 75.64 -11.71 -71.81
N GLN ZB 49 76.25 -12.72 -71.17
CA GLN ZB 49 77.60 -13.08 -71.57
C GLN ZB 49 77.61 -13.85 -72.88
N GLU ZB 50 76.47 -14.46 -73.24
CA GLU ZB 50 76.33 -15.00 -74.59
C GLU ZB 50 76.32 -13.89 -75.62
N LEU ZB 51 75.59 -12.81 -75.34
CA LEU ZB 51 75.65 -11.64 -76.20
C LEU ZB 51 77.03 -11.00 -76.16
N LEU ZB 52 77.77 -11.19 -75.06
CA LEU ZB 52 79.17 -10.78 -75.03
C LEU ZB 52 79.99 -11.55 -76.05
N SER ZB 53 79.74 -12.85 -76.17
CA SER ZB 53 80.47 -13.65 -77.16
C SER ZB 53 80.15 -13.20 -78.58
N LYS ZB 54 78.92 -12.79 -78.83
CA LYS ZB 54 78.55 -12.25 -80.14
C LYS ZB 54 79.07 -10.84 -80.36
N GLY ZB 55 79.56 -10.17 -79.31
CA GLY ZB 55 80.21 -8.88 -79.46
C GLY ZB 55 79.33 -7.75 -79.96
N LEU ZB 56 78.14 -7.60 -79.38
CA LEU ZB 56 77.28 -6.46 -79.71
C LEU ZB 56 76.90 -5.62 -78.51
N ILE ZB 57 76.99 -6.14 -77.29
CA ILE ZB 57 76.84 -5.34 -76.09
C ILE ZB 57 78.21 -5.25 -75.40
N LYS ZB 58 78.43 -4.14 -74.71
CA LYS ZB 58 79.77 -3.74 -74.29
C LYS ZB 58 79.86 -3.72 -72.77
N LEU ZB 59 80.74 -4.58 -72.24
CA LEU ZB 59 81.00 -4.60 -70.81
C LEU ZB 59 81.59 -3.27 -70.36
N VAL ZB 60 81.27 -2.87 -69.13
CA VAL ZB 60 81.83 -1.67 -68.52
C VAL ZB 60 82.52 -1.98 -67.19
N SER ZB 61 81.85 -2.71 -66.30
CA SER ZB 61 82.37 -2.90 -64.94
C SER ZB 61 83.00 -4.27 -64.73
N LYS ZB 62 82.22 -5.35 -64.90
CA LYS ZB 62 82.67 -6.73 -64.67
C LYS ZB 62 83.19 -6.90 -63.23
N HIS ZB 63 82.27 -6.76 -62.28
CA HIS ZB 63 82.51 -7.01 -60.87
C HIS ZB 63 81.72 -8.24 -60.43
N ARG ZB 64 82.11 -8.80 -59.28
CA ARG ZB 64 81.46 -10.03 -58.80
C ARG ZB 64 79.97 -9.83 -58.56
N ALA ZB 65 79.60 -8.75 -57.87
CA ALA ZB 65 78.22 -8.52 -57.49
C ALA ZB 65 77.48 -7.56 -58.42
N GLN ZB 66 78.14 -7.04 -59.45
CA GLN ZB 66 77.51 -6.13 -60.39
C GLN ZB 66 78.24 -6.22 -61.72
N VAL ZB 67 77.49 -6.54 -62.78
CA VAL ZB 67 78.03 -6.55 -64.13
C VAL ZB 67 77.02 -5.83 -65.02
N ILE ZB 68 77.50 -4.83 -65.77
CA ILE ZB 68 76.62 -3.98 -66.55
C ILE ZB 68 77.19 -3.84 -67.96
N TYR ZB 69 76.30 -3.59 -68.92
CA TYR ZB 69 76.65 -3.33 -70.31
C TYR ZB 69 75.81 -2.18 -70.82
N THR ZB 70 75.87 -1.94 -72.13
CA THR ZB 70 75.21 -0.78 -72.71
C THR ZB 70 75.00 -0.99 -74.20
N ARG ZB 71 74.52 0.07 -74.85
CA ARG ZB 71 74.31 0.08 -76.30
C ARG ZB 71 75.60 0.51 -77.01
N ASN ZB 72 75.52 0.72 -78.31
CA ASN ZB 72 76.65 1.08 -79.15
C ASN ZB 72 76.95 2.57 -79.06
N THR ZB 73 77.92 2.99 -79.86
CA THR ZB 73 78.25 4.41 -80.03
C THR ZB 73 77.50 4.92 -81.26
N LYS ZB 74 76.52 5.79 -81.04
CA LYS ZB 74 75.73 6.31 -82.14
C LYS ZB 74 76.47 7.44 -82.86
N GLY ZB 75 76.03 7.72 -84.08
CA GLY ZB 75 76.60 8.79 -84.87
C GLY ZB 75 78.04 8.55 -85.30
N TYR AC 1 65.25 -43.39 11.01
CA TYR AC 1 63.93 -43.36 11.61
C TYR AC 1 62.89 -43.87 10.62
N THR AC 2 63.36 -44.38 9.48
CA THR AC 2 62.49 -45.03 8.52
C THR AC 2 62.09 -46.43 8.97
N THR AC 3 62.85 -47.03 9.87
CA THR AC 3 62.58 -48.31 10.52
C THR AC 3 62.16 -49.40 9.54
N PRO AC 4 63.07 -49.86 8.64
CA PRO AC 4 62.74 -51.01 7.81
C PRO AC 4 63.06 -52.34 8.48
N LYS AC 5 64.06 -52.33 9.36
CA LYS AC 5 64.58 -53.54 9.97
C LYS AC 5 64.62 -53.50 11.49
N LYS AC 6 64.43 -52.32 12.10
CA LYS AC 6 64.23 -52.14 13.54
C LYS AC 6 65.50 -52.39 14.35
N ASN AC 7 66.53 -52.93 13.72
CA ASN AC 7 67.76 -53.25 14.44
C ASN AC 7 68.81 -53.73 13.45
N LYS AC 8 70.06 -53.34 13.69
CA LYS AC 8 71.21 -53.85 12.95
C LYS AC 8 72.31 -54.13 13.96
N HIS AC 9 72.32 -55.37 14.47
CA HIS AC 9 73.35 -55.77 15.42
C HIS AC 9 74.66 -56.03 14.70
N LYS AC 10 75.77 -55.73 15.37
CA LYS AC 10 77.10 -56.05 14.87
C LYS AC 10 77.55 -57.40 15.42
N ARG AC 11 78.77 -57.80 15.06
CA ARG AC 11 79.30 -59.09 15.48
C ARG AC 11 79.99 -58.99 16.83
N LYS AC 12 79.76 -60.00 17.67
CA LYS AC 12 80.34 -60.06 18.99
C LYS AC 12 81.37 -61.20 19.06
N LYS AC 13 82.01 -61.34 20.21
CA LYS AC 13 83.06 -62.33 20.41
C LYS AC 13 82.49 -63.53 21.16
N VAL AC 14 82.80 -64.72 20.67
CA VAL AC 14 82.28 -65.95 21.28
C VAL AC 14 82.77 -66.09 22.71
N LYS AC 15 83.91 -65.51 23.04
CA LYS AC 15 84.48 -65.51 24.39
C LYS AC 15 84.71 -66.94 24.90
N LEU AC 16 85.60 -67.63 24.20
CA LEU AC 16 86.05 -68.96 24.58
C LEU AC 16 87.45 -68.84 25.17
N ALA AC 17 87.65 -69.43 26.35
CA ALA AC 17 88.78 -69.10 27.22
C ALA AC 17 89.92 -70.11 27.14
N VAL AC 18 90.20 -70.67 25.97
CA VAL AC 18 91.26 -71.64 25.80
C VAL AC 18 91.59 -71.73 24.32
N LEU AC 19 92.78 -72.25 24.00
CA LEU AC 19 93.11 -72.61 22.63
C LEU AC 19 93.06 -74.11 22.39
N LYS AC 20 93.66 -74.90 23.27
CA LYS AC 20 93.67 -76.36 23.18
C LYS AC 20 94.04 -76.81 21.76
N TYR AC 21 95.29 -76.58 21.41
CA TYR AC 21 95.76 -76.82 20.05
C TYR AC 21 96.63 -78.07 19.91
N TYR AC 22 96.84 -78.84 20.97
CA TYR AC 22 97.72 -80.01 20.85
C TYR AC 22 97.34 -81.05 21.90
N LYS AC 23 97.84 -82.27 21.69
CA LYS AC 23 97.68 -83.38 22.61
C LYS AC 23 99.05 -83.75 23.19
N VAL AC 24 99.08 -84.10 24.47
CA VAL AC 24 100.30 -84.46 25.17
C VAL AC 24 100.13 -85.85 25.76
N ASP AC 25 101.07 -86.74 25.46
CA ASP AC 25 101.01 -88.12 25.92
C ASP AC 25 102.37 -88.55 26.48
N GLU AC 26 102.32 -89.58 27.33
CA GLU AC 26 103.48 -90.11 28.07
C GLU AC 26 104.41 -89.00 28.53
N ASN AC 27 103.83 -88.03 29.24
CA ASN AC 27 104.56 -86.91 29.82
C ASN AC 27 105.31 -86.12 28.74
N GLY AC 28 104.61 -85.84 27.64
CA GLY AC 28 105.14 -84.99 26.59
C GLY AC 28 105.41 -85.64 25.26
N LYS AC 29 104.47 -85.47 24.32
CA LYS AC 29 104.67 -85.80 22.91
C LYS AC 29 103.99 -84.72 22.09
N ILE AC 30 104.76 -84.09 21.20
CA ILE AC 30 104.25 -82.99 20.39
C ILE AC 30 103.29 -83.54 19.35
N SER AC 31 102.05 -83.05 19.35
CA SER AC 31 101.04 -83.50 18.40
C SER AC 31 99.95 -82.42 18.32
N ARG AC 32 99.98 -81.63 17.25
CA ARG AC 32 99.01 -80.55 17.06
C ARG AC 32 97.97 -80.98 16.02
N LEU AC 33 96.70 -80.74 16.34
CA LEU AC 33 95.61 -81.05 15.42
C LEU AC 33 95.39 -79.98 14.37
N ARG AC 34 96.07 -78.84 14.47
CA ARG AC 34 95.99 -77.78 13.47
C ARG AC 34 97.25 -77.79 12.62
N ARG AC 35 97.07 -77.71 11.31
CA ARG AC 35 98.20 -77.74 10.38
C ARG AC 35 99.07 -76.50 10.56
N GLU AC 36 100.35 -76.65 10.27
CA GLU AC 36 101.26 -75.51 10.24
C GLU AC 36 101.05 -74.72 8.95
N CYS AC 37 101.10 -73.40 9.04
CA CYS AC 37 100.94 -72.56 7.86
C CYS AC 37 102.21 -72.61 7.02
N PRO AC 38 102.13 -72.90 5.72
CA PRO AC 38 103.34 -73.00 4.89
C PRO AC 38 103.84 -71.68 4.31
N SER AC 39 103.44 -70.54 4.85
CA SER AC 39 103.89 -69.26 4.32
C SER AC 39 105.21 -68.84 4.97
N ASP AC 40 105.95 -67.99 4.26
CA ASP AC 40 107.30 -67.62 4.66
C ASP AC 40 107.33 -66.81 5.95
N GLU AC 41 106.22 -66.16 6.31
CA GLU AC 41 106.17 -65.40 7.55
C GLU AC 41 105.39 -66.12 8.64
N CYS AC 42 104.62 -67.16 8.30
CA CYS AC 42 103.94 -67.98 9.28
C CYS AC 42 104.50 -69.40 9.35
N GLY AC 43 105.79 -69.56 9.05
CA GLY AC 43 106.42 -70.86 9.05
C GLY AC 43 106.52 -71.50 10.42
N ALA AC 44 105.76 -72.57 10.65
CA ALA AC 44 105.78 -73.33 11.90
C ALA AC 44 105.55 -72.41 13.10
N GLY AC 45 104.74 -71.38 12.90
CA GLY AC 45 104.41 -70.43 13.94
C GLY AC 45 102.96 -70.47 14.34
N VAL AC 46 102.17 -69.51 13.83
CA VAL AC 46 100.74 -69.49 14.07
C VAL AC 46 100.10 -70.74 13.48
N PHE AC 47 98.92 -71.10 13.96
CA PHE AC 47 98.23 -72.29 13.49
C PHE AC 47 97.25 -71.94 12.38
N MET AC 48 96.70 -72.98 11.75
CA MET AC 48 95.90 -72.83 10.55
C MET AC 48 94.56 -73.52 10.80
N ALA AC 49 93.48 -72.77 10.63
CA ALA AC 49 92.16 -73.25 11.03
C ALA AC 49 91.72 -74.46 10.20
N SER AC 50 90.88 -75.29 10.80
CA SER AC 50 90.25 -76.43 10.13
C SER AC 50 88.74 -76.25 10.27
N HIS AC 51 88.09 -75.84 9.20
CA HIS AC 51 86.64 -75.70 9.17
C HIS AC 51 86.02 -77.07 8.84
N PHE AC 52 84.73 -77.10 8.53
CA PHE AC 52 84.07 -78.37 8.29
C PHE AC 52 84.51 -78.99 6.96
N ASP AC 53 84.80 -78.18 5.95
CA ASP AC 53 85.34 -78.76 4.72
C ASP AC 53 86.64 -78.09 4.27
N ARG AC 54 86.77 -76.78 4.46
CA ARG AC 54 87.98 -76.08 4.02
C ARG AC 54 88.88 -75.78 5.21
N HIS AC 55 90.11 -75.37 4.89
CA HIS AC 55 91.10 -74.96 5.87
C HIS AC 55 91.50 -73.52 5.60
N TYR AC 56 91.87 -72.79 6.65
CA TYR AC 56 92.14 -71.37 6.49
C TYR AC 56 93.19 -70.91 7.51
N CYS AC 57 94.06 -69.99 7.06
CA CYS AC 57 95.04 -69.37 7.93
C CYS AC 57 94.67 -67.91 8.14
N GLY AC 58 94.70 -67.47 9.40
CA GLY AC 58 94.22 -66.16 9.77
C GLY AC 58 95.19 -65.02 9.68
N LYS AC 59 96.40 -65.25 9.18
CA LYS AC 59 97.40 -64.19 9.06
C LYS AC 59 97.56 -63.68 7.64
N CYS AC 60 97.84 -64.56 6.69
CA CYS AC 60 97.97 -64.19 5.29
C CYS AC 60 96.73 -64.55 4.47
N CYS AC 61 95.72 -65.14 5.10
CA CYS AC 61 94.41 -65.38 4.48
C CYS AC 61 94.52 -66.24 3.22
N LEU AC 62 95.14 -67.41 3.40
CA LEU AC 62 95.24 -68.40 2.33
C LEU AC 62 94.50 -69.66 2.76
N THR AC 63 93.88 -70.33 1.79
CA THR AC 63 92.97 -71.44 2.07
C THR AC 63 93.25 -72.61 1.14
N TYR AC 64 92.94 -73.80 1.65
CA TYR AC 64 93.04 -75.04 0.89
C TYR AC 64 91.72 -75.80 1.01
N CYS AC 65 91.17 -76.19 -0.14
CA CYS AC 65 89.93 -76.95 -0.20
C CYS AC 65 90.22 -78.44 0.00
N PHE AC 66 89.15 -79.21 0.12
CA PHE AC 66 89.23 -80.66 0.26
C PHE AC 66 88.44 -81.29 -0.88
N ASN AC 67 89.14 -81.63 -1.95
CA ASN AC 67 88.53 -82.26 -3.11
C ASN AC 67 88.93 -83.73 -3.22
CA GLU DC 1 19.91 -38.44 93.23
C GLU DC 1 19.22 -38.91 91.95
N LYS DC 2 19.16 -38.03 90.96
CA LYS DC 2 18.38 -38.26 89.75
C LYS DC 2 19.28 -38.63 88.58
N THR DC 3 18.78 -39.53 87.74
CA THR DC 3 19.49 -40.01 86.57
C THR DC 3 18.64 -39.79 85.32
N HIS DC 4 19.32 -39.62 84.18
CA HIS DC 4 18.68 -39.26 82.93
C HIS DC 4 19.10 -40.24 81.84
N ILE DC 5 18.12 -40.69 81.06
CA ILE DC 5 18.38 -41.56 79.91
C ILE DC 5 17.38 -41.19 78.81
N ASN DC 6 17.87 -41.17 77.57
CA ASN DC 6 17.03 -40.86 76.42
C ASN DC 6 16.54 -42.13 75.74
N ILE DC 7 15.25 -42.17 75.46
CA ILE DC 7 14.59 -43.35 74.88
C ILE DC 7 14.24 -43.05 73.43
N VAL DC 8 14.46 -44.02 72.55
CA VAL DC 8 14.10 -43.89 71.15
C VAL DC 8 13.04 -44.95 70.84
N VAL DC 9 11.97 -44.53 70.16
CA VAL DC 9 10.83 -45.39 69.88
C VAL DC 9 10.87 -45.73 68.40
N ILE DC 10 11.15 -47.00 68.09
CA ILE DC 10 11.32 -47.46 66.72
C ILE DC 10 10.29 -48.55 66.43
N GLY DC 11 9.92 -48.68 65.16
CA GLY DC 11 8.89 -49.62 64.77
C GLY DC 11 8.45 -49.37 63.34
N HIS DC 12 7.32 -49.98 62.98
CA HIS DC 12 6.82 -49.90 61.61
C HIS DC 12 5.85 -48.73 61.44
N VAL DC 13 5.43 -48.52 60.20
CA VAL DC 13 4.44 -47.49 59.89
C VAL DC 13 3.07 -47.94 60.37
N ASP DC 14 2.33 -47.00 60.98
CA ASP DC 14 1.01 -47.28 61.56
C ASP DC 14 1.08 -48.38 62.62
N SER DC 15 2.19 -48.45 63.34
CA SER DC 15 2.35 -49.41 64.42
C SER DC 15 1.90 -48.87 65.77
N GLY DC 16 1.38 -47.64 65.81
CA GLY DC 16 1.00 -47.04 67.07
C GLY DC 16 2.16 -46.76 68.01
N LYS DC 17 3.31 -46.38 67.47
CA LYS DC 17 4.42 -45.95 68.32
C LYS DC 17 4.18 -44.55 68.84
N SER DC 18 3.59 -43.69 68.00
CA SER DC 18 3.34 -42.31 68.40
C SER DC 18 2.13 -42.22 69.33
N THR DC 19 1.19 -43.14 69.20
CA THR DC 19 0.03 -43.16 70.08
C THR DC 19 0.41 -43.63 71.48
N THR DC 20 1.27 -44.64 71.57
CA THR DC 20 1.66 -45.15 72.87
C THR DC 20 2.64 -44.22 73.57
N THR DC 21 3.45 -43.48 72.82
CA THR DC 21 4.30 -42.47 73.45
C THR DC 21 3.52 -41.22 73.82
N GLY DC 22 2.45 -40.92 73.07
CA GLY DC 22 1.57 -39.83 73.47
C GLY DC 22 0.80 -40.16 74.74
N HIS DC 23 0.35 -41.41 74.87
CA HIS DC 23 -0.29 -41.84 76.10
C HIS DC 23 0.69 -41.86 77.26
N LEU DC 24 1.96 -42.18 76.97
CA LEU DC 24 2.97 -42.25 78.02
C LEU DC 24 3.20 -40.89 78.67
N ILE DC 25 3.37 -39.85 77.85
CA ILE DC 25 3.63 -38.53 78.40
C ILE DC 25 2.41 -38.00 79.15
N TYR DC 26 1.21 -38.20 78.59
CA TYR DC 26 0.02 -37.59 79.17
C TYR DC 26 -0.25 -38.12 80.57
N LYS DC 27 -0.15 -39.44 80.77
CA LYS DC 27 -0.48 -40.05 82.04
C LYS DC 27 0.67 -40.01 83.04
N CYS DC 28 1.82 -39.47 82.65
CA CYS DC 28 2.97 -39.31 83.54
C CYS DC 28 3.04 -37.91 84.15
N GLY DC 29 1.92 -37.21 84.22
CA GLY DC 29 1.90 -35.85 84.75
C GLY DC 29 2.76 -34.88 83.96
N GLY DC 30 2.88 -35.09 82.65
CA GLY DC 30 3.73 -34.26 81.83
C GLY DC 30 2.99 -33.16 81.08
N ILE DC 31 1.88 -33.52 80.43
CA ILE DC 31 1.05 -32.55 79.73
C ILE DC 31 -0.37 -32.68 80.27
N ASP DC 32 -1.11 -31.58 80.16
CA ASP DC 32 -2.44 -31.47 80.73
C ASP DC 32 -3.48 -32.00 79.76
N LYS DC 33 -4.70 -32.20 80.28
CA LYS DC 33 -5.79 -32.72 79.47
C LYS DC 33 -6.33 -31.67 78.51
N ARG DC 34 -6.27 -30.39 78.88
CA ARG DC 34 -6.83 -29.34 78.03
C ARG DC 34 -6.13 -29.27 76.69
N THR DC 35 -4.82 -29.55 76.66
CA THR DC 35 -4.12 -29.60 75.39
C THR DC 35 -4.53 -30.84 74.60
N ILE DC 36 -4.80 -31.95 75.30
CA ILE DC 36 -5.00 -33.22 74.60
C ILE DC 36 -6.38 -33.28 73.95
N GLU DC 37 -7.42 -32.71 74.59
CA GLU DC 37 -8.71 -32.67 73.89
C GLU DC 37 -8.67 -31.71 72.72
N LYS DC 38 -7.86 -30.65 72.81
CA LYS DC 38 -7.69 -29.75 71.68
C LYS DC 38 -7.09 -30.49 70.49
N PHE DC 39 -6.09 -31.34 70.74
CA PHE DC 39 -5.54 -32.18 69.69
C PHE DC 39 -6.60 -33.15 69.17
N GLU DC 40 -7.45 -33.67 70.07
CA GLU DC 40 -8.58 -34.49 69.64
C GLU DC 40 -9.56 -33.69 68.79
N LYS DC 41 -9.83 -32.44 69.21
CA LYS DC 41 -10.72 -31.60 68.42
C LYS DC 41 -10.12 -31.29 67.05
N GLU DC 42 -8.87 -30.85 67.02
CA GLU DC 42 -8.21 -30.55 65.75
C GLU DC 42 -8.08 -31.80 64.89
N ALA DC 43 -7.97 -32.97 65.53
CA ALA DC 43 -7.96 -34.22 64.77
C ALA DC 43 -9.34 -34.52 64.20
N ALA DC 44 -10.39 -34.08 64.88
CA ALA DC 44 -11.74 -34.37 64.40
C ALA DC 44 -12.08 -33.57 63.15
N GLU DC 45 -11.70 -32.28 63.13
CA GLU DC 45 -12.03 -31.43 61.99
C GLU DC 45 -11.36 -31.92 60.71
N MET DC 46 -10.05 -32.13 60.75
CA MET DC 46 -9.30 -32.57 59.58
C MET DC 46 -9.50 -34.04 59.26
N GLY DC 47 -10.23 -34.78 60.09
CA GLY DC 47 -10.63 -36.14 59.82
C GLY DC 47 -9.82 -37.18 60.60
N LYS DC 48 -8.51 -37.00 60.67
CA LYS DC 48 -7.64 -37.98 61.31
C LYS DC 48 -7.80 -37.94 62.83
N GLY DC 49 -8.98 -38.37 63.30
CA GLY DC 49 -9.27 -38.37 64.73
C GLY DC 49 -8.65 -39.52 65.48
N SER DC 50 -7.95 -40.43 64.79
CA SER DC 50 -7.38 -41.60 65.44
C SER DC 50 -5.92 -41.43 65.81
N PHE DC 51 -5.39 -40.20 65.78
CA PHE DC 51 -4.01 -39.93 66.12
C PHE DC 51 -3.90 -38.79 67.12
N LYS DC 52 -4.92 -38.62 67.96
CA LYS DC 52 -4.92 -37.50 68.90
C LYS DC 52 -3.91 -37.70 70.02
N TYR DC 53 -3.49 -38.94 70.28
CA TYR DC 53 -2.32 -39.16 71.12
C TYR DC 53 -1.03 -39.05 70.32
N ALA DC 54 -1.08 -39.34 69.03
CA ALA DC 54 0.11 -39.31 68.18
C ALA DC 54 0.53 -37.91 67.80
N TRP DC 55 -0.27 -36.89 68.14
CA TRP DC 55 0.05 -35.53 67.72
C TRP DC 55 1.00 -34.82 68.68
N VAL DC 56 1.16 -35.33 69.91
CA VAL DC 56 2.09 -34.70 70.85
C VAL DC 56 3.51 -34.81 70.34
N LEU DC 57 3.90 -36.01 69.91
CA LEU DC 57 5.24 -36.21 69.35
C LEU DC 57 5.32 -35.82 67.89
N ASP DC 58 4.19 -35.53 67.25
CA ASP DC 58 4.14 -35.11 65.84
C ASP DC 58 3.70 -33.66 65.81
N LYS DC 59 4.67 -32.75 65.88
CA LYS DC 59 4.40 -31.32 65.91
C LYS DC 59 4.43 -30.66 64.54
N LEU DC 60 4.99 -31.33 63.53
CA LEU DC 60 5.10 -30.72 62.22
C LEU DC 60 3.76 -30.74 61.48
N LYS DC 61 3.57 -29.73 60.64
CA LYS DC 61 2.30 -29.60 59.92
C LYS DC 61 2.10 -30.74 58.94
N ALA DC 62 3.10 -31.01 58.09
CA ALA DC 62 2.98 -32.12 57.16
C ALA DC 62 3.03 -33.46 57.89
N GLU DC 63 3.56 -33.49 59.10
CA GLU DC 63 3.45 -34.67 59.95
C GLU DC 63 2.00 -34.96 60.33
N ARG DC 64 1.24 -33.91 60.67
CA ARG DC 64 -0.13 -34.05 61.16
C ARG DC 64 -1.12 -34.39 60.07
N GLU DC 65 -0.99 -33.76 58.90
CA GLU DC 65 -1.93 -34.02 57.80
C GLU DC 65 -1.68 -35.40 57.19
N ARG DC 66 -0.40 -35.72 56.93
CA ARG DC 66 -0.09 -36.98 56.25
C ARG DC 66 -0.08 -38.17 57.20
N GLY DC 67 -0.16 -37.94 58.51
CA GLY DC 67 -0.27 -39.01 59.47
C GLY DC 67 0.98 -39.83 59.67
N ILE DC 68 2.13 -39.37 59.20
CA ILE DC 68 3.39 -40.09 59.32
C ILE DC 68 4.44 -39.13 59.89
N THR DC 69 5.23 -39.63 60.83
CA THR DC 69 6.36 -38.87 61.33
C THR DC 69 7.43 -38.71 60.25
N ILE DC 70 7.88 -37.48 60.05
CA ILE DC 70 8.93 -37.19 59.08
C ILE DC 70 10.30 -37.11 59.75
N ASP DC 71 10.36 -36.48 60.92
CA ASP DC 71 11.60 -36.29 61.66
C ASP DC 71 11.35 -36.52 63.14
N ILE DC 72 12.42 -36.86 63.86
CA ILE DC 72 12.30 -37.19 65.27
C ILE DC 72 11.90 -35.95 66.07
N SER DC 73 11.47 -36.18 67.30
CA SER DC 73 11.05 -35.11 68.20
C SER DC 73 11.28 -35.55 69.63
N LEU DC 74 11.41 -34.58 70.53
CA LEU DC 74 11.78 -34.82 71.91
C LEU DC 74 10.65 -34.39 72.85
N TRP DC 75 10.52 -35.12 73.96
CA TRP DC 75 9.62 -34.74 75.03
C TRP DC 75 10.13 -35.31 76.33
N LYS DC 76 9.76 -34.66 77.44
CA LYS DC 76 10.31 -34.94 78.75
C LYS DC 76 9.19 -35.27 79.74
N PHE DC 77 9.51 -36.13 80.70
CA PHE DC 77 8.61 -36.42 81.80
C PHE DC 77 9.39 -37.14 82.90
N GLU DC 78 9.02 -36.85 84.15
CA GLU DC 78 9.61 -37.52 85.30
C GLU DC 78 8.79 -38.75 85.64
N THR DC 79 9.47 -39.83 85.97
CA THR DC 79 8.82 -41.08 86.34
C THR DC 79 8.90 -41.29 87.85
N SER DC 80 8.50 -42.46 88.31
CA SER DC 80 8.59 -42.79 89.74
C SER DC 80 10.05 -42.86 90.20
N LYS DC 81 10.93 -43.43 89.38
CA LYS DC 81 12.30 -43.66 89.82
C LYS DC 81 13.28 -42.59 89.36
N TYR DC 82 13.21 -42.16 88.10
CA TYR DC 82 14.22 -41.25 87.58
C TYR DC 82 13.68 -40.49 86.37
N TYR DC 83 14.58 -39.80 85.67
CA TYR DC 83 14.28 -38.96 84.52
C TYR DC 83 14.46 -39.77 83.25
N VAL DC 84 13.45 -39.78 82.39
CA VAL DC 84 13.53 -40.43 81.08
C VAL DC 84 13.06 -39.45 80.01
N THR DC 85 13.86 -39.28 78.98
CA THR DC 85 13.50 -38.52 77.78
C THR DC 85 13.29 -39.50 76.64
N ILE DC 86 12.41 -39.13 75.70
CA ILE DC 86 11.96 -40.05 74.67
C ILE DC 86 12.07 -39.42 73.29
N ILE DC 87 12.27 -40.27 72.29
CA ILE DC 87 12.36 -39.86 70.89
C ILE DC 87 11.36 -40.68 70.08
N ASP DC 88 10.57 -40.00 69.24
CA ASP DC 88 9.60 -40.65 68.36
C ASP DC 88 10.20 -40.73 66.96
N ALA DC 89 10.68 -41.92 66.60
CA ALA DC 89 11.30 -42.11 65.30
C ALA DC 89 10.22 -42.19 64.22
N PRO DC 90 10.52 -41.76 62.99
CA PRO DC 90 9.53 -41.91 61.90
C PRO DC 90 9.09 -43.35 61.66
N GLY DC 91 10.00 -44.31 61.71
CA GLY DC 91 9.67 -45.68 61.39
C GLY DC 91 9.16 -45.86 59.96
N HIS DC 92 9.88 -45.29 58.99
CA HIS DC 92 9.47 -45.34 57.60
C HIS DC 92 10.69 -45.57 56.71
N ARG DC 93 10.44 -46.15 55.53
CA ARG DC 93 11.50 -46.43 54.57
C ARG DC 93 12.20 -45.16 54.09
N ASP DC 94 11.43 -44.15 53.67
CA ASP DC 94 12.05 -42.96 53.11
C ASP DC 94 12.65 -42.05 54.19
N PHE DC 95 12.30 -42.29 55.45
CA PHE DC 95 12.77 -41.48 56.57
C PHE DC 95 13.65 -42.29 57.52
N ILE DC 96 14.40 -43.24 56.95
CA ILE DC 96 15.34 -44.03 57.73
C ILE DC 96 16.46 -43.16 58.30
N LYS DC 97 17.04 -42.28 57.47
CA LYS DC 97 18.22 -41.54 57.90
C LYS DC 97 17.89 -40.54 58.99
N ASN DC 98 16.59 -40.27 59.21
CA ASN DC 98 16.20 -39.38 60.29
C ASN DC 98 16.01 -40.14 61.59
N MET DC 99 15.75 -41.44 61.51
CA MET DC 99 15.45 -42.20 62.72
C MET DC 99 16.67 -42.97 63.24
N ILE DC 100 17.66 -43.24 62.39
CA ILE DC 100 18.95 -43.66 62.91
C ILE DC 100 19.66 -42.49 63.58
N THR DC 101 19.32 -41.26 63.18
CA THR DC 101 19.77 -40.10 63.93
C THR DC 101 19.20 -40.11 65.34
N GLY DC 102 17.92 -40.46 65.48
CA GLY DC 102 17.31 -40.53 66.80
C GLY DC 102 17.88 -41.64 67.65
N THR DC 103 18.08 -42.82 67.06
CA THR DC 103 18.63 -43.95 67.82
C THR DC 103 20.04 -43.68 68.30
N SER DC 104 20.86 -43.03 67.46
CA SER DC 104 22.26 -42.81 67.80
C SER DC 104 22.39 -41.95 69.07
N GLN DC 105 21.55 -40.95 69.23
CA GLN DC 105 21.51 -40.14 70.45
C GLN DC 105 20.54 -40.73 71.47
N ALA DC 106 20.81 -41.96 71.89
CA ALA DC 106 19.95 -42.68 72.80
C ALA DC 106 20.76 -43.76 73.51
N ASP DC 107 20.20 -44.27 74.59
CA ASP DC 107 20.86 -45.32 75.36
C ASP DC 107 20.05 -46.61 75.38
N CYS DC 108 18.72 -46.51 75.42
CA CYS DC 108 17.84 -47.65 75.30
C CYS DC 108 16.81 -47.40 74.21
N ALA DC 109 15.98 -48.39 73.95
CA ALA DC 109 15.02 -48.33 72.85
C ALA DC 109 13.75 -49.07 73.24
N VAL DC 110 12.75 -49.00 72.36
CA VAL DC 110 11.53 -49.79 72.49
C VAL DC 110 11.19 -50.37 71.13
N LEU DC 111 10.75 -51.63 71.12
CA LEU DC 111 10.37 -52.31 69.89
C LEU DC 111 8.86 -52.48 69.87
N ILE DC 112 8.22 -52.03 68.78
CA ILE DC 112 6.77 -51.97 68.70
C ILE DC 112 6.31 -52.66 67.42
N VAL DC 113 5.51 -53.70 67.57
CA VAL DC 113 4.84 -54.38 66.47
C VAL DC 113 3.36 -54.50 66.81
N ALA DC 114 2.52 -54.10 65.87
CA ALA DC 114 1.07 -54.20 66.07
C ALA DC 114 0.64 -55.66 65.96
N ALA DC 115 0.09 -56.19 67.05
CA ALA DC 115 -0.26 -57.61 67.13
C ALA DC 115 -1.47 -57.99 66.31
N GLY DC 116 -1.97 -57.08 65.45
CA GLY DC 116 -3.10 -57.41 64.62
C GLY DC 116 -2.74 -58.34 63.48
N VAL DC 117 -3.77 -58.71 62.71
CA VAL DC 117 -3.60 -59.67 61.64
C VAL DC 117 -3.34 -58.92 60.33
N GLY DC 118 -2.18 -59.18 59.74
CA GLY DC 118 -1.80 -58.55 58.49
C GLY DC 118 -0.63 -57.61 58.63
N GLU DC 119 -0.57 -56.89 59.75
CA GLU DC 119 0.49 -55.90 59.97
C GLU DC 119 1.67 -56.44 60.76
N PHE DC 120 1.49 -57.56 61.47
CA PHE DC 120 2.56 -58.10 62.30
C PHE DC 120 3.57 -58.86 61.45
N GLU DC 121 3.10 -59.72 60.55
CA GLU DC 121 4.01 -60.50 59.72
C GLU DC 121 4.59 -59.66 58.60
N ALA DC 122 3.80 -58.73 58.05
CA ALA DC 122 4.36 -57.76 57.11
C ALA DC 122 5.37 -56.86 57.79
N GLY DC 123 5.29 -56.75 59.13
CA GLY DC 123 6.26 -55.94 59.85
C GLY DC 123 7.67 -56.49 59.77
N ILE DC 124 7.85 -57.78 60.09
CA ILE DC 124 9.15 -58.43 59.99
C ILE DC 124 9.16 -59.19 58.67
N SER DC 125 9.78 -58.60 57.66
CA SER DC 125 9.84 -59.17 56.32
C SER DC 125 10.99 -58.52 55.58
N LYS DC 126 11.30 -59.04 54.38
CA LYS DC 126 12.42 -58.52 53.61
C LYS DC 126 12.25 -57.03 53.33
N ASN DC 127 11.06 -56.62 52.92
CA ASN DC 127 10.78 -55.20 52.76
C ASN DC 127 10.45 -54.51 54.08
N GLY DC 128 10.35 -55.26 55.18
CA GLY DC 128 10.05 -54.69 56.47
C GLY DC 128 11.25 -54.03 57.14
N GLN DC 129 10.99 -53.50 58.34
CA GLN DC 129 11.98 -52.70 59.04
C GLN DC 129 12.10 -53.00 60.53
N THR DC 130 11.19 -53.78 61.11
CA THR DC 130 11.32 -54.15 62.52
C THR DC 130 12.63 -54.89 62.77
N ARG DC 131 12.99 -55.80 61.85
CA ARG DC 131 14.32 -56.40 61.90
C ARG DC 131 15.39 -55.32 61.76
N GLU DC 132 15.21 -54.40 60.80
CA GLU DC 132 16.17 -53.34 60.61
C GLU DC 132 16.35 -52.52 61.87
N HIS DC 133 15.23 -52.08 62.47
CA HIS DC 133 15.29 -51.19 63.63
C HIS DC 133 15.99 -51.87 64.82
N ALA DC 134 15.84 -53.18 64.95
CA ALA DC 134 16.61 -53.90 65.96
C ALA DC 134 18.08 -53.97 65.58
N LEU DC 135 18.39 -54.15 64.29
CA LEU DC 135 19.77 -54.27 63.86
C LEU DC 135 20.55 -52.98 64.09
N LEU DC 136 19.99 -51.85 63.67
CA LEU DC 136 20.71 -50.59 63.80
C LEU DC 136 20.66 -50.06 65.23
N ALA DC 137 19.77 -50.62 66.06
CA ALA DC 137 19.80 -50.32 67.48
C ALA DC 137 21.07 -50.88 68.13
N TYR DC 138 21.40 -52.13 67.79
CA TYR DC 138 22.59 -52.76 68.37
C TYR DC 138 23.88 -52.14 67.83
N THR DC 139 23.90 -51.74 66.56
CA THR DC 139 25.14 -51.21 65.99
C THR DC 139 25.43 -49.79 66.45
N LEU DC 140 24.39 -49.01 66.75
CA LEU DC 140 24.58 -47.58 66.94
C LEU DC 140 24.90 -47.20 68.38
N GLY DC 141 25.18 -48.17 69.25
CA GLY DC 141 25.61 -47.85 70.60
C GLY DC 141 24.70 -48.40 71.68
N VAL DC 142 23.42 -48.57 71.35
CA VAL DC 142 22.47 -49.11 72.31
C VAL DC 142 22.77 -50.59 72.53
N LYS DC 143 22.94 -50.98 73.79
CA LYS DC 143 23.22 -52.36 74.15
C LYS DC 143 22.06 -53.07 74.83
N GLN DC 144 21.11 -52.33 75.40
CA GLN DC 144 19.96 -52.89 76.08
C GLN DC 144 18.69 -52.22 75.59
N LEU DC 145 17.60 -52.99 75.55
CA LEU DC 145 16.35 -52.51 74.96
C LEU DC 145 15.18 -53.20 75.64
N ILE DC 146 13.98 -52.72 75.32
CA ILE DC 146 12.73 -53.30 75.77
C ILE DC 146 11.79 -53.35 74.57
N VAL DC 147 10.71 -54.12 74.71
CA VAL DC 147 9.75 -54.32 73.63
C VAL DC 147 8.35 -54.30 74.20
N GLY DC 148 7.43 -53.65 73.48
CA GLY DC 148 6.03 -53.69 73.81
C GLY DC 148 5.17 -53.94 72.60
N VAL DC 149 4.43 -55.05 72.59
CA VAL DC 149 3.55 -55.35 71.47
C VAL DC 149 2.32 -54.45 71.54
N ASN DC 150 1.70 -54.22 70.38
CA ASN DC 150 0.66 -53.21 70.26
C ASN DC 150 -0.57 -53.81 69.59
N LYS DC 151 -1.71 -53.19 69.85
CA LYS DC 151 -2.98 -53.52 69.20
C LYS DC 151 -3.33 -55.00 69.37
N MET DC 152 -3.47 -55.42 70.63
CA MET DC 152 -4.13 -56.69 70.90
C MET DC 152 -5.63 -56.52 71.01
N ASP DC 153 -6.13 -55.29 70.93
CA ASP DC 153 -7.56 -55.01 70.85
C ASP DC 153 -8.10 -55.08 69.43
N SER DC 154 -7.22 -55.11 68.43
CA SER DC 154 -7.62 -55.23 67.03
C SER DC 154 -7.64 -56.67 66.54
N THR DC 155 -6.89 -57.56 67.18
CA THR DC 155 -6.85 -58.96 66.82
C THR DC 155 -7.78 -59.78 67.71
N GLU DC 156 -8.05 -61.03 67.30
CA GLU DC 156 -9.10 -61.83 67.93
C GLU DC 156 -8.52 -63.08 68.57
N PRO DC 157 -9.00 -63.46 69.76
CA PRO DC 157 -9.90 -62.70 70.64
C PRO DC 157 -9.09 -61.62 71.35
N PRO DC 158 -9.68 -60.46 71.64
CA PRO DC 158 -8.86 -59.35 72.15
C PRO DC 158 -8.13 -59.71 73.43
N TYR DC 159 -6.92 -59.19 73.55
CA TYR DC 159 -6.07 -59.42 74.72
C TYR DC 159 -5.92 -60.89 75.09
N GLN DC 161 -3.59 -64.67 75.09
CA GLN DC 161 -2.23 -65.11 75.36
C GLN DC 161 -1.60 -65.79 74.15
N LYS DC 162 -2.43 -66.49 73.36
CA LYS DC 162 -1.90 -67.26 72.24
C LYS DC 162 -1.19 -66.36 71.24
N ARG DC 163 -1.79 -65.21 70.93
CA ARG DC 163 -1.13 -64.26 70.04
C ARG DC 163 0.05 -63.60 70.74
N TYR DC 164 -0.03 -63.44 72.06
CA TYR DC 164 1.12 -62.93 72.80
C TYR DC 164 2.24 -63.97 72.85
N GLU DC 165 1.88 -65.25 72.90
CA GLU DC 165 2.89 -66.29 73.03
C GLU DC 165 3.67 -66.47 71.73
N GLU DC 166 3.03 -66.21 70.58
CA GLU DC 166 3.72 -66.45 69.31
C GLU DC 166 4.55 -65.24 68.91
N ILE DC 167 4.14 -64.03 69.29
CA ILE DC 167 4.90 -62.84 68.91
C ILE DC 167 6.23 -62.79 69.65
N VAL DC 168 6.23 -63.15 70.94
CA VAL DC 168 7.47 -63.12 71.71
C VAL DC 168 8.45 -64.16 71.17
N LYS DC 169 7.94 -65.33 70.76
CA LYS DC 169 8.82 -66.34 70.19
C LYS DC 169 9.45 -65.87 68.88
N GLU DC 170 8.66 -65.20 68.03
CA GLU DC 170 9.18 -64.78 66.73
C GLU DC 170 10.23 -63.69 66.88
N VAL DC 171 10.00 -62.72 67.77
CA VAL DC 171 11.02 -61.70 68.00
C VAL DC 171 12.21 -62.28 68.77
N SER DC 172 11.96 -63.11 69.80
CA SER DC 172 13.07 -63.66 70.58
C SER DC 172 13.96 -64.56 69.73
N THR DC 173 13.36 -65.38 68.86
CA THR DC 173 14.16 -66.18 67.94
C THR DC 173 14.86 -65.31 66.91
N TYR DC 174 14.44 -64.06 66.75
CA TYR DC 174 15.16 -63.14 65.88
C TYR DC 174 16.35 -62.53 66.60
N ILE DC 175 16.09 -61.89 67.75
CA ILE DC 175 17.16 -61.14 68.40
C ILE DC 175 18.23 -62.06 68.98
N LYS DC 176 17.95 -63.35 69.11
CA LYS DC 176 19.02 -64.29 69.43
C LYS DC 176 20.05 -64.34 68.31
N LYS DC 177 19.58 -64.33 67.06
CA LYS DC 177 20.51 -64.28 65.93
C LYS DC 177 21.15 -62.91 65.79
N ILE DC 178 20.50 -61.86 66.27
CA ILE DC 178 21.11 -60.54 66.14
C ILE DC 178 22.17 -60.35 67.23
N GLY DC 179 21.99 -60.98 68.39
CA GLY DC 179 22.86 -60.78 69.53
C GLY DC 179 22.17 -60.48 70.84
N TYR DC 180 20.97 -59.89 70.79
CA TYR DC 180 20.24 -59.53 72.01
C TYR DC 180 19.80 -60.79 72.73
N ASN DC 181 19.92 -60.77 74.06
CA ASN DC 181 19.45 -61.89 74.86
C ASN DC 181 17.97 -61.69 75.20
N PRO DC 182 17.09 -62.59 74.77
CA PRO DC 182 15.67 -62.42 75.10
C PRO DC 182 15.40 -62.40 76.59
N ASP DC 183 16.24 -63.06 77.39
CA ASP DC 183 16.06 -63.10 78.83
C ASP DC 183 16.30 -61.73 79.44
N THR DC 184 17.19 -60.93 78.86
CA THR DC 184 17.54 -59.63 79.41
C THR DC 184 16.60 -58.50 78.97
N VAL DC 185 15.70 -58.75 78.02
CA VAL DC 185 14.77 -57.73 77.57
C VAL DC 185 13.37 -58.11 78.05
N ALA DC 186 12.69 -57.16 78.70
CA ALA DC 186 11.34 -57.38 79.16
C ALA DC 186 10.35 -57.26 78.01
N PHE DC 187 9.20 -57.92 78.14
CA PHE DC 187 8.15 -57.89 77.14
C PHE DC 187 6.85 -57.46 77.80
N VAL DC 188 6.14 -56.52 77.18
CA VAL DC 188 4.88 -56.03 77.72
C VAL DC 188 3.87 -55.88 76.58
N PRO DC 189 2.59 -56.19 76.78
CA PRO DC 189 1.58 -55.80 75.79
C PRO DC 189 1.06 -54.40 76.06
N ILE DC 190 1.10 -53.53 75.06
CA ILE DC 190 0.71 -52.14 75.23
C ILE DC 190 -0.33 -51.79 74.18
N SER DC 191 -1.34 -51.03 74.58
CA SER DC 191 -2.36 -50.53 73.66
C SER DC 191 -2.52 -49.04 73.94
N GLY DC 192 -1.77 -48.22 73.21
CA GLY DC 192 -1.82 -46.79 73.43
C GLY DC 192 -3.19 -46.20 73.15
N TRP DC 193 -3.88 -46.72 72.12
CA TRP DC 193 -5.19 -46.18 71.78
C TRP DC 193 -6.18 -46.36 72.93
N ASN DC 194 -6.25 -47.56 73.49
CA ASN DC 194 -7.11 -47.79 74.64
C ASN DC 194 -6.51 -47.22 75.92
N GLY DC 195 -5.20 -47.36 76.08
CA GLY DC 195 -4.54 -46.91 77.29
C GLY DC 195 -4.55 -47.98 78.37
N ASP DC 196 -4.09 -49.18 78.01
CA ASP DC 196 -4.16 -50.35 78.89
C ASP DC 196 -2.77 -50.85 79.18
N ASN DC 197 -2.50 -51.14 80.45
CA ASN DC 197 -1.27 -51.79 80.90
C ASN DC 197 -0.03 -50.94 80.58
N MET DC 198 -0.05 -49.69 81.07
CA MET DC 198 1.17 -48.91 81.06
C MET DC 198 1.41 -48.30 82.44
N LEU DC 199 0.33 -47.89 83.10
CA LEU DC 199 0.39 -47.27 84.42
C LEU DC 199 -0.21 -48.14 85.50
N GLU DC 200 -1.32 -48.82 85.22
CA GLU DC 200 -1.98 -49.67 86.17
C GLU DC 200 -2.25 -51.05 85.55
N PRO DC 201 -2.33 -52.10 86.37
CA PRO DC 201 -2.73 -53.41 85.84
C PRO DC 201 -4.15 -53.37 85.32
N SER DC 202 -4.32 -53.49 84.00
CA SER DC 202 -5.64 -53.43 83.40
C SER DC 202 -6.37 -54.75 83.59
N ALA DC 203 -7.66 -54.67 83.90
CA ALA DC 203 -8.49 -55.85 84.12
C ALA DC 203 -9.08 -56.41 82.82
N ASN DC 204 -8.78 -55.80 81.68
CA ASN DC 204 -9.27 -56.37 80.42
C ASN DC 204 -8.56 -57.69 80.12
N MET DC 205 -7.25 -57.78 80.33
CA MET DC 205 -6.57 -59.07 80.22
C MET DC 205 -6.03 -59.49 81.58
N PRO DC 206 -6.48 -60.62 82.12
CA PRO DC 206 -5.96 -61.09 83.41
C PRO DC 206 -4.86 -62.14 83.28
N TRP DC 207 -4.62 -62.62 82.06
CA TRP DC 207 -3.79 -63.80 81.88
C TRP DC 207 -2.30 -63.54 82.06
N PHE DC 208 -1.86 -62.28 82.02
CA PHE DC 208 -0.44 -61.99 82.17
C PHE DC 208 -0.06 -62.03 83.65
N LYS DC 209 0.81 -62.97 84.01
CA LYS DC 209 1.33 -63.02 85.38
C LYS DC 209 2.29 -61.87 85.63
N GLY DC 210 3.00 -61.42 84.60
CA GLY DC 210 4.03 -60.40 84.72
C GLY DC 210 5.32 -60.96 84.15
N TRP DC 211 5.94 -60.18 83.27
CA TRP DC 211 7.18 -60.60 82.64
C TRP DC 211 8.29 -60.73 83.69
N LYS DC 212 9.41 -61.30 83.25
CA LYS DC 212 10.55 -61.47 84.13
C LYS DC 212 11.83 -61.23 83.34
N VAL DC 213 12.83 -60.65 84.00
CA VAL DC 213 14.13 -60.41 83.41
C VAL DC 213 15.19 -61.02 84.32
N THR DC 214 16.32 -61.38 83.73
CA THR DC 214 17.48 -61.87 84.46
C THR DC 214 18.72 -61.31 83.76
N ARG DC 215 19.21 -60.19 84.27
CA ARG DC 215 20.43 -59.57 83.78
C ARG DC 215 21.59 -59.89 84.71
N LYS DC 216 22.81 -59.66 84.22
CA LYS DC 216 24.00 -59.94 85.03
C LYS DC 216 24.07 -59.05 86.26
N ASP DC 217 23.46 -57.86 86.21
CA ASP DC 217 23.50 -56.93 87.32
C ASP DC 217 22.35 -57.12 88.32
N GLY DC 218 21.51 -58.11 88.10
CA GLY DC 218 20.40 -58.37 89.00
C GLY DC 218 19.17 -58.77 88.22
N ASN DC 219 18.11 -59.05 88.98
CA ASN DC 219 16.83 -59.43 88.40
C ASN DC 219 15.95 -58.21 88.18
N ALA DC 220 14.88 -58.40 87.42
CA ALA DC 220 13.95 -57.32 87.13
C ALA DC 220 12.58 -57.92 86.82
N SER DC 221 11.56 -57.48 87.56
CA SER DC 221 10.20 -57.94 87.35
C SER DC 221 9.24 -56.77 87.52
N GLY DC 222 8.13 -56.84 86.80
CA GLY DC 222 7.13 -55.79 86.86
C GLY DC 222 5.89 -56.17 86.07
N THR DC 223 4.84 -55.34 86.23
CA THR DC 223 3.58 -55.56 85.55
C THR DC 223 3.22 -54.49 84.54
N THR DC 224 3.80 -53.30 84.64
CA THR DC 224 3.51 -52.18 83.73
C THR DC 224 4.81 -51.51 83.30
N LEU DC 225 4.66 -50.51 82.43
CA LEU DC 225 5.84 -49.85 81.86
C LEU DC 225 6.68 -49.15 82.90
N LEU DC 226 6.04 -48.51 83.89
CA LEU DC 226 6.81 -47.84 84.93
C LEU DC 226 7.75 -48.80 85.63
N GLU DC 227 7.27 -49.99 86.01
CA GLU DC 227 8.15 -50.99 86.59
C GLU DC 227 9.21 -51.42 85.60
N ALA DC 228 8.83 -51.57 84.33
CA ALA DC 228 9.78 -52.00 83.30
C ALA DC 228 10.84 -50.93 83.05
N LEU DC 229 10.43 -49.66 82.95
CA LEU DC 229 11.38 -48.60 82.66
C LEU DC 229 12.11 -48.08 83.89
N ASP DC 230 11.63 -48.39 85.09
CA ASP DC 230 12.32 -47.95 86.30
C ASP DC 230 13.40 -48.92 86.75
N CYS DC 231 13.44 -50.14 86.21
CA CYS DC 231 14.51 -51.08 86.47
C CYS DC 231 15.56 -51.05 85.37
N ILE DC 232 15.47 -50.10 84.44
CA ILE DC 232 16.43 -49.99 83.35
C ILE DC 232 17.81 -49.69 83.92
N LEU DC 233 18.80 -50.43 83.44
CA LEU DC 233 20.17 -50.24 83.92
C LEU DC 233 20.67 -48.85 83.57
N PRO DC 234 21.25 -48.12 84.51
CA PRO DC 234 21.86 -46.82 84.18
C PRO DC 234 23.26 -47.02 83.63
N PRO DC 235 23.46 -46.73 82.36
CA PRO DC 235 24.77 -46.97 81.75
C PRO DC 235 25.81 -45.98 82.26
N THR DC 236 27.07 -46.40 82.16
CA THR DC 236 28.17 -45.58 82.63
C THR DC 236 28.40 -44.43 81.66
N ARG DC 237 28.75 -43.26 82.19
CA ARG DC 237 28.97 -42.08 81.37
C ARG DC 237 30.45 -41.81 81.26
N PRO DC 238 31.06 -42.01 80.08
CA PRO DC 238 32.51 -41.81 79.96
C PRO DC 238 32.87 -40.33 80.04
N THR DC 239 32.70 -39.75 81.24
CA THR DC 239 32.92 -38.33 81.45
C THR DC 239 34.39 -37.96 81.56
N ASP DC 240 35.28 -38.93 81.78
CA ASP DC 240 36.71 -38.65 81.84
C ASP DC 240 37.30 -38.38 80.47
N LYS DC 241 36.72 -38.93 79.42
CA LYS DC 241 37.22 -38.70 78.07
C LYS DC 241 36.83 -37.30 77.61
N PRO DC 242 37.70 -36.64 76.83
CA PRO DC 242 37.42 -35.26 76.39
C PRO DC 242 36.15 -35.16 75.55
N LEU DC 243 35.69 -33.92 75.41
CA LEU DC 243 34.35 -33.64 74.91
C LEU DC 243 34.22 -33.94 73.42
N ARG DC 244 33.15 -34.65 73.07
CA ARG DC 244 32.65 -34.75 71.70
C ARG DC 244 31.14 -34.58 71.76
N LEU DC 245 30.61 -33.64 70.99
CA LEU DC 245 29.17 -33.39 70.96
C LEU DC 245 28.63 -33.56 69.55
N PRO DC 246 28.13 -34.73 69.18
CA PRO DC 246 27.45 -34.85 67.89
C PRO DC 246 26.24 -33.95 67.84
N LEU DC 247 26.07 -33.28 66.70
CA LEU DC 247 25.08 -32.22 66.55
C LEU DC 247 23.87 -32.76 65.80
N GLN DC 248 22.70 -32.62 66.42
CA GLN DC 248 21.46 -33.12 65.82
C GLN DC 248 20.79 -32.06 64.96
N ASP DC 249 20.54 -30.88 65.54
CA ASP DC 249 19.97 -29.74 64.84
C ASP DC 249 20.66 -28.47 65.29
N VAL DC 250 20.51 -27.42 64.49
CA VAL DC 250 21.00 -26.09 64.82
C VAL DC 250 19.83 -25.12 64.63
N TYR DC 251 19.29 -24.62 65.74
CA TYR DC 251 18.17 -23.69 65.69
C TYR DC 251 18.64 -22.26 65.92
N LYS DC 252 18.07 -21.34 65.14
CA LYS DC 252 18.30 -19.91 65.29
C LYS DC 252 17.08 -19.34 66.00
N ILE DC 253 17.11 -19.33 67.32
CA ILE DC 253 15.97 -18.86 68.10
C ILE DC 253 16.02 -17.34 68.17
N GLY DC 254 14.85 -16.71 68.06
CA GLY DC 254 14.78 -15.27 68.07
C GLY DC 254 14.96 -14.68 69.46
N GLY DC 255 16.10 -14.01 69.67
CA GLY DC 255 16.36 -13.37 70.94
C GLY DC 255 17.76 -13.58 71.46
N ILE DC 256 18.33 -14.76 71.19
CA ILE DC 256 19.69 -15.07 71.62
C ILE DC 256 20.60 -15.47 70.49
N GLY DC 257 20.08 -16.02 69.39
CA GLY DC 257 20.90 -16.35 68.25
C GLY DC 257 20.91 -17.83 67.91
N THR DC 258 22.09 -18.36 67.60
CA THR DC 258 22.21 -19.76 67.19
C THR DC 258 22.28 -20.65 68.42
N VAL DC 259 21.44 -21.67 68.44
CA VAL DC 259 21.45 -22.68 69.49
C VAL DC 259 21.55 -24.05 68.86
N PRO DC 260 22.76 -24.56 68.61
CA PRO DC 260 22.88 -25.96 68.18
C PRO DC 260 22.46 -26.91 69.30
N VAL DC 261 21.81 -28.00 68.91
CA VAL DC 261 21.27 -28.98 69.86
C VAL DC 261 21.84 -30.34 69.53
N GLY DC 262 22.38 -31.01 70.55
CA GLY DC 262 22.92 -32.34 70.37
C GLY DC 262 23.19 -32.99 71.71
N ARG DC 263 23.43 -34.30 71.67
CA ARG DC 263 23.61 -35.08 72.88
C ARG DC 263 25.10 -35.20 73.20
N VAL DC 264 25.46 -34.92 74.45
CA VAL DC 264 26.85 -35.04 74.88
C VAL DC 264 27.20 -36.52 74.99
N GLU DC 265 28.31 -36.92 74.39
CA GLU DC 265 28.69 -38.33 74.38
C GLU DC 265 29.77 -38.59 75.44
N THR DC 266 30.87 -37.83 75.40
CA THR DC 266 31.84 -37.79 76.49
C THR DC 266 32.14 -36.36 76.88
N GLY DC 267 32.74 -36.23 78.06
CA GLY DC 267 33.11 -34.94 78.59
C GLY DC 267 31.96 -34.25 79.31
N VAL DC 268 32.28 -33.14 79.94
CA VAL DC 268 31.30 -32.31 80.63
C VAL DC 268 31.37 -30.90 80.08
N LEU DC 269 30.23 -30.38 79.67
CA LEU DC 269 30.14 -29.04 79.09
C LEU DC 269 29.59 -28.08 80.14
N LYS DC 270 30.21 -26.91 80.25
CA LYS DC 270 29.74 -25.82 81.08
C LYS DC 270 29.69 -24.56 80.24
N PRO DC 271 28.84 -23.60 80.60
CA PRO DC 271 28.89 -22.30 79.93
C PRO DC 271 30.18 -21.57 80.28
N GLY DC 272 30.97 -21.23 79.26
CA GLY DC 272 32.16 -20.45 79.51
C GLY DC 272 33.52 -21.00 79.09
N MET DC 273 33.58 -21.80 78.02
CA MET DC 273 34.87 -22.10 77.39
C MET DC 273 34.66 -22.30 75.91
N VAL DC 274 35.76 -22.23 75.16
CA VAL DC 274 35.70 -22.32 73.70
C VAL DC 274 35.58 -23.78 73.27
N VAL DC 275 34.74 -24.02 72.27
CA VAL DC 275 34.61 -25.35 71.66
C VAL DC 275 34.90 -25.22 70.18
N THR DC 276 35.40 -26.32 69.60
CA THR DC 276 35.76 -26.37 68.20
C THR DC 276 34.89 -27.39 67.48
N PHE DC 277 34.44 -27.03 66.28
CA PHE DC 277 33.64 -27.89 65.43
C PHE DC 277 34.51 -28.48 64.33
N ALA DC 278 34.36 -29.79 64.11
CA ALA DC 278 35.37 -30.51 63.32
C ALA DC 278 35.27 -30.23 61.82
N PRO DC 279 34.15 -30.51 61.13
CA PRO DC 279 34.14 -30.34 59.67
C PRO DC 279 34.36 -28.90 59.21
N VAL DC 280 33.89 -27.90 59.95
CA VAL DC 280 34.01 -26.51 59.54
C VAL DC 280 35.22 -25.81 60.14
N ASN DC 281 35.83 -26.39 61.18
CA ASN DC 281 37.04 -25.86 61.81
C ASN DC 281 36.81 -24.44 62.33
N VAL DC 282 35.83 -24.31 63.22
CA VAL DC 282 35.44 -23.04 63.82
C VAL DC 282 35.50 -23.18 65.33
N THR DC 283 36.08 -22.17 65.99
CA THR DC 283 36.23 -22.15 67.43
C THR DC 283 35.38 -21.02 68.01
N THR DC 284 34.59 -21.33 69.02
CA THR DC 284 33.65 -20.34 69.56
C THR DC 284 33.33 -20.67 71.00
N GLU DC 285 33.45 -19.67 71.87
CA GLU DC 285 33.07 -19.81 73.27
C GLU DC 285 31.55 -19.99 73.40
N VAL DC 286 31.15 -20.81 74.37
CA VAL DC 286 29.75 -21.07 74.62
C VAL DC 286 29.22 -20.04 75.61
N LYS DC 287 28.05 -19.48 75.29
CA LYS DC 287 27.45 -18.48 76.17
C LYS DC 287 26.69 -19.13 77.32
N SER DC 288 25.66 -19.91 77.00
CA SER DC 288 24.81 -20.52 78.02
C SER DC 288 24.37 -21.90 77.56
N VAL DC 289 23.81 -22.67 78.49
CA VAL DC 289 23.38 -24.03 78.25
C VAL DC 289 21.97 -24.21 78.77
N GLU DC 290 21.19 -25.05 78.07
CA GLU DC 290 19.78 -25.21 78.41
C GLU DC 290 19.19 -26.47 77.78
N MET DC 291 18.57 -27.33 78.59
CA MET DC 291 17.91 -28.54 78.12
C MET DC 291 16.44 -28.48 78.52
N HIS DC 292 15.56 -28.66 77.54
CA HIS DC 292 14.12 -28.63 77.75
C HIS DC 292 13.68 -27.35 78.45
N HIS DC 293 14.25 -26.23 78.00
CA HIS DC 293 13.93 -24.89 78.52
C HIS DC 293 14.24 -24.77 80.01
N GLU DC 294 15.22 -25.55 80.48
CA GLU DC 294 15.68 -25.48 81.86
C GLU DC 294 17.17 -25.26 81.86
N ALA DC 295 17.59 -24.09 82.33
CA ALA DC 295 19.01 -23.76 82.39
C ALA DC 295 19.73 -24.72 83.33
N LEU DC 296 20.92 -25.15 82.92
CA LEU DC 296 21.75 -26.04 83.70
C LEU DC 296 23.10 -25.37 83.98
N SER DC 297 23.84 -25.94 84.92
CA SER DC 297 25.22 -25.53 85.17
C SER DC 297 26.23 -26.56 84.69
N GLU DC 298 25.83 -27.82 84.62
CA GLU DC 298 26.69 -28.91 84.18
C GLU DC 298 25.97 -29.70 83.09
N ALA DC 299 26.74 -30.20 82.12
CA ALA DC 299 26.21 -30.99 81.01
C ALA DC 299 26.85 -32.37 81.07
N LEU DC 300 26.20 -33.29 81.77
CA LEU DC 300 26.69 -34.65 81.86
C LEU DC 300 26.45 -35.39 80.54
N PRO DC 301 27.28 -36.39 80.24
CA PRO DC 301 27.08 -37.16 79.01
C PRO DC 301 25.73 -37.85 78.99
N GLY DC 302 25.16 -37.97 77.79
CA GLY DC 302 23.86 -38.55 77.60
C GLY DC 302 22.70 -37.58 77.67
N ASP DC 303 22.91 -36.41 78.26
CA ASP DC 303 21.89 -35.36 78.28
C ASP DC 303 21.82 -34.72 76.89
N ASN DC 304 20.62 -34.69 76.32
CA ASN DC 304 20.39 -34.00 75.04
C ASN DC 304 20.22 -32.52 75.34
N VAL DC 305 21.20 -31.70 74.94
CA VAL DC 305 21.27 -30.32 75.37
C VAL DC 305 21.54 -29.41 74.18
N GLY DC 306 21.20 -28.13 74.36
CA GLY DC 306 21.51 -27.11 73.38
C GLY DC 306 22.39 -26.02 73.96
N PHE DC 307 23.56 -25.81 73.38
CA PHE DC 307 24.55 -24.86 73.87
C PHE DC 307 24.60 -23.66 72.92
N ASN DC 308 24.50 -22.46 73.49
CA ASN DC 308 24.51 -21.22 72.71
C ASN DC 308 25.94 -20.83 72.41
N VAL DC 309 26.22 -20.56 71.14
CA VAL DC 309 27.55 -20.18 70.70
C VAL DC 309 27.52 -18.78 70.10
N LYS DC 310 28.56 -18.00 70.38
CA LYS DC 310 28.56 -16.56 70.12
C LYS DC 310 29.23 -16.23 68.78
N ASN DC 311 28.81 -15.10 68.22
CA ASN DC 311 29.40 -14.54 66.99
C ASN DC 311 29.48 -15.57 65.87
N VAL DC 312 28.38 -16.28 65.64
CA VAL DC 312 28.31 -17.26 64.57
C VAL DC 312 26.98 -17.09 63.84
N SER DC 313 26.96 -17.56 62.60
CA SER DC 313 25.72 -17.65 61.83
C SER DC 313 25.17 -19.06 61.93
N VAL DC 314 23.85 -19.17 61.74
CA VAL DC 314 23.19 -20.46 61.76
C VAL DC 314 23.70 -21.38 60.65
N LYS DC 315 24.11 -20.80 59.52
CA LYS DC 315 24.59 -21.58 58.39
C LYS DC 315 26.02 -22.08 58.53
N ASP DC 316 26.78 -21.55 59.51
CA ASP DC 316 28.16 -21.97 59.67
C ASP DC 316 28.25 -23.41 60.16
N VAL DC 317 27.41 -23.79 61.10
CA VAL DC 317 27.43 -25.11 61.71
C VAL DC 317 26.07 -25.77 61.48
N ARG DC 318 26.11 -27.02 61.01
CA ARG DC 318 24.91 -27.74 60.60
C ARG DC 318 24.94 -29.14 61.21
N ARG DC 319 23.79 -29.81 61.16
CA ARG DC 319 23.67 -31.17 61.66
C ARG DC 319 24.72 -32.08 61.02
N GLY DC 320 25.35 -32.90 61.85
CA GLY DC 320 26.39 -33.82 61.41
C GLY DC 320 27.76 -33.49 61.95
N ASN DC 321 27.99 -32.26 62.41
CA ASN DC 321 29.26 -31.89 62.98
C ASN DC 321 29.42 -32.49 64.39
N VAL DC 322 30.63 -32.42 64.90
CA VAL DC 322 30.92 -32.76 66.30
C VAL DC 322 31.75 -31.64 66.89
N ALA DC 323 31.36 -31.19 68.08
CA ALA DC 323 32.08 -30.14 68.79
C ALA DC 323 32.81 -30.73 69.99
N GLY DC 324 33.94 -30.11 70.34
CA GLY DC 324 34.71 -30.59 71.47
C GLY DC 324 35.51 -29.47 72.10
N ASP DC 325 35.80 -29.66 73.39
CA ASP DC 325 36.55 -28.68 74.16
C ASP DC 325 37.88 -28.38 73.49
N SER DC 326 38.18 -27.09 73.34
CA SER DC 326 39.39 -26.68 72.65
C SER DC 326 40.64 -26.92 73.49
N LYS DC 327 40.56 -26.74 74.81
CA LYS DC 327 41.73 -26.98 75.66
C LYS DC 327 42.14 -28.45 75.66
N ASN DC 328 41.18 -29.35 75.55
CA ASN DC 328 41.47 -30.76 75.33
C ASN DC 328 41.86 -30.85 73.84
N ASP DC 329 41.89 -32.06 73.29
CA ASP DC 329 42.07 -32.29 71.91
C ASP DC 329 40.87 -31.78 71.15
N PRO DC 330 40.99 -30.69 70.37
CA PRO DC 330 39.78 -30.25 69.49
C PRO DC 330 39.57 -31.22 68.35
N PRO DC 331 38.36 -31.76 68.20
CA PRO DC 331 38.01 -32.56 67.04
C PRO DC 331 38.20 -31.86 65.73
N MET DC 332 38.61 -32.63 64.71
CA MET DC 332 38.97 -32.06 63.43
C MET DC 332 38.75 -33.13 62.37
N GLU DC 333 38.64 -32.67 61.13
CA GLU DC 333 38.37 -33.56 60.00
C GLU DC 333 39.52 -34.53 59.77
N ALA DC 334 39.19 -35.70 59.22
CA ALA DC 334 40.18 -36.74 58.90
C ALA DC 334 40.00 -37.15 57.44
N ALA DC 335 41.07 -37.04 56.66
CA ALA DC 335 40.99 -37.35 55.24
C ALA DC 335 40.70 -38.84 55.00
N GLY DC 336 41.34 -39.72 55.77
CA GLY DC 336 41.15 -41.14 55.58
C GLY DC 336 41.14 -41.85 56.92
N PHE DC 337 40.53 -43.04 56.91
CA PHE DC 337 40.38 -43.83 58.14
C PHE DC 337 40.10 -45.28 57.77
N THR DC 338 40.41 -46.17 58.71
CA THR DC 338 40.33 -47.61 58.50
C THR DC 338 39.23 -48.20 59.38
N ALA DC 339 38.33 -48.97 58.78
CA ALA DC 339 37.21 -49.57 59.49
C ALA DC 339 37.07 -51.04 59.11
N GLN DC 340 36.48 -51.81 60.02
CA GLN DC 340 36.18 -53.22 59.80
C GLN DC 340 34.67 -53.40 59.74
N VAL DC 341 34.18 -53.99 58.66
CA VAL DC 341 32.75 -54.08 58.40
C VAL DC 341 32.33 -55.55 58.32
N ILE DC 342 31.04 -55.79 58.55
CA ILE DC 342 30.43 -57.10 58.39
C ILE DC 342 29.20 -56.92 57.51
N ILE DC 343 29.24 -57.48 56.30
CA ILE DC 343 28.18 -57.28 55.31
C ILE DC 343 27.00 -58.19 55.62
N LEU DC 344 25.79 -57.62 55.58
CA LEU DC 344 24.57 -58.37 55.90
C LEU DC 344 23.95 -58.98 54.66
N ASN DC 345 23.54 -58.15 53.70
CA ASN DC 345 22.96 -58.66 52.46
C ASN DC 345 23.42 -57.75 51.31
N HIS DC 346 23.82 -58.38 50.21
CA HIS DC 346 23.96 -57.62 48.98
C HIS DC 346 23.83 -58.56 47.76
N PRO DC 347 22.84 -58.30 46.90
CA PRO DC 347 22.59 -59.13 45.73
C PRO DC 347 23.81 -59.39 44.88
N GLY DC 348 24.62 -58.39 44.56
CA GLY DC 348 25.82 -58.57 43.76
C GLY DC 348 27.05 -58.67 44.62
N GLN DC 349 28.17 -58.27 44.03
CA GLN DC 349 29.47 -58.37 44.69
C GLN DC 349 29.94 -57.00 45.17
N ILE DC 350 30.89 -57.02 46.10
CA ILE DC 350 31.49 -55.81 46.64
C ILE DC 350 32.92 -55.73 46.14
N SER DC 351 33.25 -54.63 45.48
CA SER DC 351 34.59 -54.41 44.95
C SER DC 351 35.08 -53.04 45.40
N ALA DC 352 36.24 -52.64 44.89
CA ALA DC 352 36.80 -51.34 45.22
C ALA DC 352 36.03 -50.25 44.47
N GLY DC 353 36.21 -49.01 44.94
CA GLY DC 353 35.50 -47.89 44.35
C GLY DC 353 34.02 -47.87 44.64
N TYR DC 354 33.52 -48.83 45.42
CA TYR DC 354 32.13 -48.85 45.83
C TYR DC 354 31.91 -47.72 46.82
N ALA DC 355 30.89 -46.91 46.58
CA ALA DC 355 30.68 -45.66 47.34
C ALA DC 355 29.26 -45.60 47.89
N PRO DC 356 28.95 -46.40 48.91
CA PRO DC 356 27.68 -46.25 49.61
C PRO DC 356 27.78 -45.15 50.67
N VAL DC 357 26.61 -44.63 51.04
CA VAL DC 357 26.57 -43.63 52.10
C VAL DC 357 26.88 -44.29 53.43
N LEU DC 358 27.80 -43.69 54.18
CA LEU DC 358 28.26 -44.23 55.46
C LEU DC 358 27.69 -43.36 56.57
N ASP DC 359 27.01 -44.00 57.52
CA ASP DC 359 26.30 -43.30 58.59
C ASP DC 359 27.05 -43.47 59.90
N CYS DC 360 27.57 -42.38 60.44
CA CYS DC 360 28.21 -42.37 61.74
C CYS DC 360 27.70 -41.19 62.55
N HIS DC 361 27.56 -41.41 63.86
CA HIS DC 361 26.89 -40.49 64.78
C HIS DC 361 25.68 -39.84 64.14
N THR DC 362 25.72 -38.53 63.91
CA THR DC 362 24.61 -37.80 63.33
C THR DC 362 24.86 -37.40 61.88
N ALA DC 363 26.00 -37.80 61.30
CA ALA DC 363 26.34 -37.45 59.93
C ALA DC 363 26.17 -38.66 59.02
N HIS DC 364 25.79 -38.41 57.77
CA HIS DC 364 25.64 -39.44 56.75
C HIS DC 364 26.34 -38.93 55.49
N ILE DC 365 27.51 -39.48 55.19
CA ILE DC 365 28.33 -39.05 54.07
C ILE DC 365 28.64 -40.25 53.19
N ALA DC 366 28.48 -40.06 51.87
CA ALA DC 366 28.81 -41.12 50.91
C ALA DC 366 30.33 -41.25 50.81
N CYS DC 367 30.84 -42.42 51.20
CA CYS DC 367 32.27 -42.66 51.29
C CYS DC 367 32.67 -43.74 50.29
N LYS DC 368 33.84 -43.57 49.68
CA LYS DC 368 34.34 -44.49 48.67
C LYS DC 368 35.37 -45.43 49.30
N PHE DC 369 35.16 -46.73 49.13
CA PHE DC 369 36.16 -47.71 49.57
C PHE DC 369 37.39 -47.59 48.69
N ALA DC 370 38.43 -46.93 49.20
CA ALA DC 370 39.62 -46.68 48.40
C ALA DC 370 40.30 -47.97 47.99
N GLU DC 371 40.47 -48.89 48.94
CA GLU DC 371 41.07 -50.19 48.65
C GLU DC 371 40.66 -51.17 49.73
N LEU DC 372 40.85 -52.45 49.43
CA LEU DC 372 40.58 -53.54 50.36
C LEU DC 372 41.90 -54.07 50.90
N LYS DC 373 42.04 -54.07 52.22
CA LYS DC 373 43.30 -54.49 52.84
C LYS DC 373 43.34 -56.00 53.05
N GLU DC 374 42.34 -56.54 53.76
CA GLU DC 374 42.21 -57.98 53.90
C GLU DC 374 40.80 -58.31 54.38
N LYS DC 375 40.50 -59.61 54.41
CA LYS DC 375 39.23 -60.11 54.90
C LYS DC 375 39.41 -60.67 56.31
N ILE DC 376 38.37 -60.55 57.13
CA ILE DC 376 38.44 -60.86 58.55
C ILE DC 376 37.50 -62.01 58.86
N ASP DC 377 37.94 -62.88 59.77
CA ASP DC 377 37.07 -63.93 60.28
C ASP DC 377 35.98 -63.34 61.18
N ARG DC 378 34.84 -64.03 61.25
CA ARG DC 378 33.67 -63.47 61.89
C ARG DC 378 33.91 -63.18 63.37
N ARG DC 379 34.71 -63.99 64.04
CA ARG DC 379 34.99 -63.80 65.46
C ARG DC 379 36.48 -63.86 65.72
N SER DC 380 36.90 -63.14 66.77
CA SER DC 380 38.28 -63.02 67.24
C SER DC 380 39.19 -62.30 66.25
N GLY DC 381 38.68 -61.88 65.09
CA GLY DC 381 39.48 -61.18 64.11
C GLY DC 381 40.64 -61.99 63.55
N LYS DC 382 40.39 -63.24 63.18
CA LYS DC 382 41.41 -64.11 62.61
C LYS DC 382 41.73 -63.65 61.19
N LYS DC 383 43.01 -63.46 60.90
CA LYS DC 383 43.42 -63.12 59.55
C LYS DC 383 43.41 -64.36 58.68
N LEU DC 384 42.71 -64.29 57.54
CA LEU DC 384 42.54 -65.44 56.66
C LEU DC 384 43.10 -65.22 55.27
N GLU DC 385 42.79 -64.09 54.64
CA GLU DC 385 43.22 -63.80 53.27
C GLU DC 385 43.96 -62.48 53.20
N ASP DC 386 44.47 -62.19 52.00
CA ASP DC 386 45.15 -60.93 51.70
C ASP DC 386 44.74 -60.45 50.31
N GLY DC 387 44.69 -59.13 50.16
CA GLY DC 387 44.29 -58.50 48.92
C GLY DC 387 43.00 -59.04 48.35
N PRO DC 388 41.88 -58.82 49.04
CA PRO DC 388 40.59 -59.32 48.56
C PRO DC 388 40.26 -58.76 47.18
N LYS DC 389 39.75 -59.63 46.31
CA LYS DC 389 39.31 -59.27 44.97
C LYS DC 389 37.86 -58.83 44.92
N PHE DC 390 36.98 -59.55 45.62
CA PHE DC 390 35.56 -59.23 45.69
C PHE DC 390 35.01 -59.83 46.97
N LEU DC 391 33.91 -59.26 47.45
CA LEU DC 391 33.32 -59.67 48.71
C LEU DC 391 31.83 -59.92 48.53
N LYS DC 392 31.28 -60.77 49.40
CA LYS DC 392 29.88 -61.13 49.36
C LYS DC 392 29.23 -60.91 50.72
N SER DC 393 28.00 -61.40 50.89
CA SER DC 393 27.27 -61.24 52.14
C SER DC 393 27.86 -62.13 53.23
N GLY DC 394 27.67 -61.69 54.47
CA GLY DC 394 28.16 -62.44 55.62
C GLY DC 394 29.67 -62.55 55.70
N ASP DC 395 30.39 -61.51 55.28
CA ASP DC 395 31.84 -61.50 55.28
C ASP DC 395 32.33 -60.33 56.12
N ALA DC 396 33.46 -60.53 56.79
CA ALA DC 396 34.10 -59.49 57.57
C ALA DC 396 35.43 -59.12 56.93
N ALA DC 397 35.72 -57.82 56.90
CA ALA DC 397 36.94 -57.35 56.25
C ALA DC 397 37.32 -55.99 56.84
N ILE DC 398 38.62 -55.72 56.84
CA ILE DC 398 39.13 -54.43 57.30
C ILE DC 398 39.42 -53.58 56.06
N VAL DC 399 38.69 -52.47 55.93
CA VAL DC 399 38.66 -51.70 54.69
C VAL DC 399 39.13 -50.28 54.97
N ASP DC 400 39.72 -49.65 53.94
CA ASP DC 400 40.15 -48.27 53.99
C ASP DC 400 39.30 -47.46 53.02
N MET DC 401 38.74 -46.34 53.49
CA MET DC 401 37.83 -45.55 52.68
C MET DC 401 38.15 -44.07 52.83
N VAL DC 402 37.57 -43.29 51.93
CA VAL DC 402 37.69 -41.83 51.93
C VAL DC 402 36.30 -41.22 51.80
N PRO DC 403 35.90 -40.34 52.73
CA PRO DC 403 34.62 -39.65 52.56
C PRO DC 403 34.67 -38.70 51.37
N GLY DC 404 33.51 -38.51 50.73
CA GLY DC 404 33.42 -37.54 49.66
C GLY DC 404 33.18 -36.12 50.12
N LYS DC 405 32.78 -35.96 51.37
CA LYS DC 405 32.48 -34.66 51.94
C LYS DC 405 33.21 -34.49 53.26
N PRO DC 406 33.48 -33.27 53.65
CA PRO DC 406 34.17 -33.01 54.97
C PRO DC 406 33.47 -33.76 56.08
N MET DC 407 34.16 -34.77 56.65
CA MET DC 407 33.59 -35.71 57.63
C MET DC 407 34.65 -36.06 58.65
N CYS DC 408 34.27 -36.03 59.92
CA CYS DC 408 35.17 -36.39 61.01
C CYS DC 408 34.65 -37.65 61.69
N VAL DC 409 35.50 -38.67 61.75
CA VAL DC 409 35.21 -39.91 62.45
C VAL DC 409 36.25 -40.06 63.56
N GLU DC 410 36.14 -41.15 64.31
CA GLU DC 410 37.12 -41.41 65.35
C GLU DC 410 37.07 -42.89 65.72
N SER DC 411 38.17 -43.37 66.32
CA SER DC 411 38.40 -44.80 66.48
C SER DC 411 37.59 -45.39 67.63
N PHE DC 412 37.39 -46.71 67.55
CA PHE DC 412 36.70 -47.45 68.61
C PHE DC 412 37.48 -47.43 69.92
N SER DC 413 38.80 -47.57 69.83
CA SER DC 413 39.61 -47.75 71.03
C SER DC 413 39.57 -46.53 71.94
N ASP DC 414 39.19 -45.38 71.41
CA ASP DC 414 39.18 -44.14 72.18
C ASP DC 414 37.79 -43.78 72.67
N TYR DC 415 36.83 -43.68 71.77
CA TYR DC 415 35.45 -43.29 72.08
C TYR DC 415 34.50 -44.33 71.52
N PRO DC 416 34.07 -45.31 72.31
CA PRO DC 416 33.29 -46.43 71.77
C PRO DC 416 32.01 -45.99 71.05
N PRO DC 417 31.17 -45.14 71.66
CA PRO DC 417 29.91 -44.80 70.97
C PRO DC 417 30.10 -44.08 69.64
N LEU DC 418 31.19 -43.32 69.48
CA LEU DC 418 31.41 -42.62 68.22
C LEU DC 418 31.94 -43.55 67.14
N GLY DC 419 32.76 -44.53 67.50
CA GLY DC 419 33.27 -45.47 66.50
C GLY DC 419 32.17 -46.28 65.85
N ARG DC 420 31.07 -46.51 66.57
CA ARG DC 420 29.95 -47.24 66.01
C ARG DC 420 29.41 -46.52 64.78
N PHE DC 421 29.13 -47.29 63.73
CA PHE DC 421 28.61 -46.70 62.50
C PHE DC 421 27.87 -47.76 61.70
N ALA DC 422 27.06 -47.30 60.76
CA ALA DC 422 26.29 -48.15 59.87
C ALA DC 422 26.40 -47.61 58.45
N VAL DC 423 26.20 -48.47 57.47
CA VAL DC 423 26.20 -48.07 56.07
C VAL DC 423 24.91 -48.57 55.44
N ARG DC 424 24.21 -47.68 54.74
CA ARG DC 424 22.93 -47.98 54.14
C ARG DC 424 23.03 -47.91 52.62
N ASP DC 425 22.20 -48.69 51.95
CA ASP DC 425 22.16 -48.75 50.49
C ASP DC 425 20.95 -49.61 50.12
N MET DC 426 20.23 -49.20 49.07
CA MET DC 426 18.99 -49.88 48.63
C MET DC 426 17.96 -49.99 49.75
N ARG DC 427 17.95 -49.01 50.66
CA ARG DC 427 16.99 -48.94 51.75
C ARG DC 427 17.09 -50.13 52.69
N GLN DC 428 18.28 -50.73 52.77
CA GLN DC 428 18.56 -51.77 53.74
C GLN DC 428 20.01 -51.65 54.19
N THR DC 429 20.29 -52.18 55.38
CA THR DC 429 21.64 -52.11 55.94
C THR DC 429 22.52 -53.19 55.30
N VAL DC 430 23.33 -52.79 54.31
CA VAL DC 430 24.18 -53.75 53.61
C VAL DC 430 25.26 -54.29 54.55
N ALA DC 431 25.91 -53.41 55.32
CA ALA DC 431 27.02 -53.82 56.17
C ALA DC 431 26.95 -53.12 57.52
N VAL DC 432 27.56 -53.73 58.53
CA VAL DC 432 27.69 -53.17 59.87
C VAL DC 432 29.16 -53.21 60.26
N GLY DC 433 29.69 -52.09 60.74
CA GLY DC 433 31.11 -52.02 60.99
C GLY DC 433 31.50 -51.07 62.09
N VAL DC 434 32.78 -51.14 62.48
CA VAL DC 434 33.37 -50.25 63.48
C VAL DC 434 34.76 -49.85 63.00
N ILE DC 435 35.26 -48.74 63.56
CA ILE DC 435 36.48 -48.09 63.09
C ILE DC 435 37.63 -48.41 64.03
N LYS DC 436 38.76 -48.84 63.46
CA LYS DC 436 39.94 -49.23 64.22
C LYS DC 436 41.06 -48.21 64.15
N ALA DC 437 41.41 -47.74 62.95
CA ALA DC 437 42.51 -46.80 62.76
C ALA DC 437 42.03 -45.58 61.99
N VAL DC 438 42.48 -44.41 62.41
CA VAL DC 438 42.11 -43.14 61.80
C VAL DC 438 43.37 -42.42 61.36
N ASP DC 439 43.38 -41.92 60.12
CA ASP DC 439 44.45 -41.06 59.64
C ASP DC 439 43.98 -39.62 59.74
N LYS DC 440 44.72 -38.81 60.49
CA LYS DC 440 44.27 -37.46 60.82
C LYS DC 440 44.57 -36.49 59.67
N LYS DC 441 44.19 -35.23 59.87
CA LYS DC 441 44.39 -34.17 58.88
C LYS DC 441 44.79 -32.86 59.54
N PRO FC 1 30.43 -86.54 43.84
CA PRO FC 1 30.51 -87.06 42.46
C PRO FC 1 31.79 -86.62 41.75
N ASN FC 2 32.76 -87.52 41.67
CA ASN FC 2 34.06 -87.28 41.03
C ASN FC 2 34.78 -86.06 41.59
N GLU FC 3 34.41 -85.65 42.81
CA GLU FC 3 35.05 -84.57 43.56
C GLU FC 3 34.74 -83.20 42.96
N ILE FC 4 34.17 -83.19 41.76
CA ILE FC 4 33.68 -81.97 41.11
C ILE FC 4 32.88 -82.39 39.88
N LYS FC 5 31.80 -81.64 39.56
CA LYS FC 5 31.03 -81.86 38.34
C LYS FC 5 30.63 -80.50 37.78
N VAL FC 6 31.28 -80.10 36.69
CA VAL FC 6 30.96 -78.87 35.96
C VAL FC 6 30.64 -79.24 34.51
N VAL FC 7 29.96 -80.38 34.34
CA VAL FC 7 29.73 -81.06 33.07
C VAL FC 7 29.36 -80.16 31.90
N TYR FC 8 28.66 -79.06 32.16
CA TYR FC 8 27.88 -78.38 31.11
C TYR FC 8 28.73 -78.05 29.89
N LEU FC 9 28.05 -77.97 28.76
CA LEU FC 9 28.67 -77.80 27.45
C LEU FC 9 28.92 -76.31 27.19
N ARG FC 10 29.64 -76.00 26.11
CA ARG FC 10 29.90 -74.62 25.73
C ARG FC 10 30.15 -74.54 24.23
N CYS FC 11 29.59 -73.50 23.60
CA CYS FC 11 29.56 -73.37 22.15
C CYS FC 11 30.60 -72.37 21.64
N THR FC 12 31.79 -72.33 22.24
CA THR FC 12 32.86 -71.44 21.81
C THR FC 12 34.12 -72.26 21.54
N GLY FC 13 34.85 -71.85 20.50
CA GLY FC 13 36.09 -72.52 20.14
C GLY FC 13 36.75 -71.81 18.97
N GLY FC 14 37.88 -72.39 18.55
CA GLY FC 14 38.61 -71.85 17.41
C GLY FC 14 39.63 -70.80 17.78
N GLU FC 15 39.39 -69.56 17.36
CA GLU FC 15 40.24 -68.45 17.76
C GLU FC 15 40.11 -68.21 19.26
N VAL FC 16 41.17 -67.65 19.84
CA VAL FC 16 41.22 -67.47 21.29
C VAL FC 16 40.07 -66.57 21.76
N GLY FC 17 40.06 -65.32 21.32
CA GLY FC 17 38.99 -64.41 21.67
C GLY FC 17 39.06 -63.85 23.07
N ALA FC 18 39.07 -64.72 24.08
CA ALA FC 18 39.16 -64.35 25.49
C ALA FC 18 37.97 -63.50 25.93
N THR FC 19 37.90 -62.26 25.45
CA THR FC 19 36.78 -61.40 25.80
C THR FC 19 35.51 -61.81 25.06
N SER FC 20 35.62 -62.12 23.77
CA SER FC 20 34.45 -62.48 22.98
C SER FC 20 33.77 -63.74 23.49
N ALA FC 21 34.50 -64.59 24.21
CA ALA FC 21 33.92 -65.82 24.74
C ALA FC 21 32.84 -65.51 25.76
N LEU FC 22 31.87 -66.43 25.85
CA LEU FC 22 30.73 -66.28 26.74
C LEU FC 22 31.01 -66.80 28.14
N ALA FC 23 32.28 -66.88 28.53
CA ALA FC 23 32.64 -67.38 29.85
C ALA FC 23 32.06 -66.55 31.00
N PRO FC 24 32.12 -65.21 30.99
CA PRO FC 24 31.55 -64.45 32.12
C PRO FC 24 30.07 -64.68 32.32
N LYS FC 25 29.34 -65.10 31.28
CA LYS FC 25 27.95 -65.47 31.44
C LYS FC 25 27.78 -66.85 32.07
N ILE FC 26 28.77 -67.74 31.92
CA ILE FC 26 28.65 -69.12 32.36
C ILE FC 26 29.65 -69.46 33.46
N GLY FC 27 30.73 -68.68 33.62
CA GLY FC 27 31.67 -68.89 34.70
C GLY FC 27 31.10 -68.85 36.09
N PRO FC 28 30.18 -67.93 36.42
CA PRO FC 28 29.61 -67.90 37.78
C PRO FC 28 28.88 -69.16 38.21
N LEU FC 29 28.34 -69.97 37.28
CA LEU FC 29 27.51 -71.09 37.70
C LEU FC 29 28.34 -72.15 38.43
N GLY FC 30 29.59 -72.33 38.04
CA GLY FC 30 30.43 -73.34 38.68
C GLY FC 30 31.49 -72.74 39.59
N LEU FC 31 31.77 -71.45 39.39
CA LEU FC 31 32.67 -70.66 40.23
C LEU FC 31 34.13 -71.10 40.10
N SER FC 32 34.38 -72.19 39.38
CA SER FC 32 35.74 -72.69 39.22
C SER FC 32 36.54 -71.91 38.18
N PRO FC 33 36.10 -71.88 36.89
CA PRO FC 33 37.01 -71.40 35.83
C PRO FC 33 37.40 -69.93 35.92
N LYS FC 34 36.42 -69.03 35.87
CA LYS FC 34 36.65 -67.58 35.77
C LYS FC 34 37.46 -67.29 34.49
N LYS FC 35 38.11 -66.13 34.46
CA LYS FC 35 38.84 -65.72 33.26
C LYS FC 35 40.01 -66.66 32.97
N VAL FC 36 40.76 -67.04 34.01
CA VAL FC 36 41.87 -67.96 33.81
C VAL FC 36 41.37 -69.35 33.44
N GLY FC 37 40.16 -69.72 33.90
CA GLY FC 37 39.58 -70.99 33.48
C GLY FC 37 39.16 -70.98 32.02
N ASP FC 38 38.73 -69.81 31.52
CA ASP FC 38 38.46 -69.67 30.10
C ASP FC 38 39.74 -69.84 29.29
N ASP FC 39 40.86 -69.30 29.80
CA ASP FC 39 42.13 -69.43 29.09
C ASP FC 39 42.59 -70.88 29.05
N ILE FC 40 42.50 -71.59 30.18
CA ILE FC 40 43.05 -72.95 30.24
C ILE FC 40 42.18 -73.92 29.45
N ALA FC 41 40.90 -73.59 29.22
CA ALA FC 41 40.06 -74.41 28.37
C ALA FC 41 40.24 -74.08 26.90
N LYS FC 42 41.03 -73.05 26.58
CA LYS FC 42 41.21 -72.63 25.19
C LYS FC 42 42.57 -73.01 24.63
N ALA FC 43 43.62 -72.99 25.46
CA ALA FC 43 44.97 -73.27 24.97
C ALA FC 43 45.06 -74.65 24.37
N THR FC 44 44.47 -75.65 25.03
CA THR FC 44 44.39 -76.98 24.45
C THR FC 44 43.37 -77.02 23.31
N GLY FC 45 42.20 -76.41 23.51
CA GLY FC 45 41.14 -76.45 22.53
C GLY FC 45 41.28 -75.39 21.45
N ASP FC 46 42.52 -74.99 21.16
CA ASP FC 46 42.75 -73.98 20.12
C ASP FC 46 42.44 -74.54 18.74
N TRP FC 47 42.93 -75.73 18.44
CA TRP FC 47 42.83 -76.31 17.10
C TRP FC 47 42.16 -77.68 17.17
N LYS FC 48 41.57 -78.09 16.06
CA LYS FC 48 40.79 -79.32 15.97
C LYS FC 48 39.65 -79.30 17.00
N GLY FC 49 38.67 -78.42 16.74
CA GLY FC 49 38.49 -77.73 15.47
C GLY FC 49 38.73 -76.24 15.45
N LEU FC 50 38.52 -75.64 14.28
CA LEU FC 50 38.74 -74.21 14.06
C LEU FC 50 37.44 -73.50 13.69
N ARG FC 51 36.36 -73.87 14.37
CA ARG FC 51 35.04 -73.32 14.15
C ARG FC 51 34.39 -73.15 15.52
N ILE FC 52 33.06 -73.02 15.54
CA ILE FC 52 32.31 -72.97 16.80
C ILE FC 52 32.84 -74.03 17.76
N THR FC 53 32.94 -75.27 17.28
CA THR FC 53 33.64 -76.36 17.98
C THR FC 53 33.16 -76.47 19.43
N VAL FC 54 31.89 -76.88 19.55
CA VAL FC 54 31.30 -77.10 20.86
C VAL FC 54 32.15 -78.11 21.63
N LYS FC 55 32.17 -77.99 22.95
CA LYS FC 55 33.04 -78.80 23.79
C LYS FC 55 32.34 -79.11 25.11
N LEU FC 56 32.43 -80.38 25.55
CA LEU FC 56 31.93 -80.76 26.86
C LEU FC 56 33.08 -80.73 27.86
N THR FC 57 32.92 -79.92 28.90
CA THR FC 57 34.00 -79.67 29.85
C THR FC 57 33.71 -80.44 31.14
N ILE FC 58 34.59 -81.37 31.48
CA ILE FC 58 34.57 -82.02 32.78
C ILE FC 58 35.75 -81.47 33.59
N GLN FC 59 35.45 -80.83 34.70
CA GLN FC 59 36.43 -80.06 35.45
C GLN FC 59 37.41 -80.97 36.19
N ASN FC 60 38.52 -80.37 36.62
CA ASN FC 60 39.58 -81.04 37.38
C ASN FC 60 40.00 -80.15 38.54
N ARG FC 61 39.00 -79.58 39.22
CA ARG FC 61 39.11 -78.75 40.41
C ARG FC 61 39.69 -77.37 40.13
N GLN FC 62 40.40 -77.19 39.02
CA GLN FC 62 40.59 -75.89 38.39
C GLN FC 62 40.71 -75.97 36.88
N ALA FC 63 41.50 -76.91 36.38
CA ALA FC 63 41.77 -77.09 34.96
C ALA FC 63 40.72 -78.05 34.42
N GLN FC 64 40.68 -78.21 33.10
CA GLN FC 64 39.60 -78.97 32.50
C GLN FC 64 40.16 -79.82 31.37
N ILE FC 65 39.40 -80.83 30.98
CA ILE FC 65 39.69 -81.65 29.81
C ILE FC 65 38.62 -81.32 28.78
N GLU FC 66 39.02 -80.66 27.70
CA GLU FC 66 38.08 -80.14 26.71
C GLU FC 66 37.93 -81.12 25.55
N VAL FC 67 37.40 -82.29 25.86
CA VAL FC 67 37.13 -83.29 24.83
C VAL FC 67 35.99 -82.79 23.95
N VAL FC 68 36.06 -83.07 22.67
CA VAL FC 68 35.12 -82.50 21.71
C VAL FC 68 34.01 -83.50 21.43
N PRO FC 69 32.74 -83.09 21.45
CA PRO FC 69 31.67 -83.97 20.97
C PRO FC 69 31.80 -84.19 19.47
N SER FC 70 31.83 -85.45 19.05
CA SER FC 70 32.03 -85.73 17.63
C SER FC 70 30.73 -85.58 16.84
N ALA FC 71 30.33 -84.35 16.57
CA ALA FC 71 29.20 -84.12 15.69
C ALA FC 71 29.65 -84.14 14.24
N SER FC 72 28.69 -84.29 13.33
CA SER FC 72 29.02 -84.36 11.91
C SER FC 72 29.62 -83.05 11.42
N ALA FC 73 29.07 -81.91 11.86
CA ALA FC 73 29.27 -80.67 11.13
C ALA FC 73 30.59 -79.99 11.48
N LEU FC 74 31.01 -80.02 12.74
CA LEU FC 74 32.20 -79.27 13.13
C LEU FC 74 33.45 -79.91 12.55
N ILE FC 75 33.47 -81.23 12.45
CA ILE FC 75 34.65 -81.93 11.95
C ILE FC 75 34.78 -81.78 10.44
N ILE FC 76 33.66 -81.83 9.71
CA ILE FC 76 33.72 -81.73 8.25
C ILE FC 76 34.13 -80.32 7.83
N LYS FC 77 33.58 -79.30 8.49
CA LYS FC 77 33.98 -77.93 8.18
C LYS FC 77 35.44 -77.69 8.48
N ALA FC 78 35.97 -78.32 9.54
CA ALA FC 78 37.39 -78.20 9.84
C ALA FC 78 38.25 -79.03 8.89
N LEU FC 79 37.78 -80.22 8.50
CA LEU FC 79 38.54 -81.06 7.61
C LEU FC 79 38.37 -80.67 6.14
N LYS FC 80 37.48 -79.73 5.84
CA LYS FC 80 37.34 -79.23 4.48
C LYS FC 80 38.31 -78.08 4.25
N GLU FC 81 39.01 -78.12 3.12
CA GLU FC 81 39.92 -77.05 2.73
C GLU FC 81 39.65 -76.60 1.31
N ILE FC 82 36.34 -82.03 -3.45
CA ILE FC 82 37.45 -82.66 -2.75
C ILE FC 82 36.98 -83.99 -2.15
N THR FC 83 37.82 -85.02 -2.26
CA THR FC 83 37.43 -86.37 -1.90
C THR FC 83 37.10 -86.54 -0.42
N PHE FC 84 38.13 -86.42 0.43
CA PHE FC 84 38.08 -86.73 1.87
C PHE FC 84 37.20 -87.95 2.17
N ASP FC 85 37.24 -88.97 1.32
CA ASP FC 85 36.36 -90.13 1.52
C ASP FC 85 36.85 -91.00 2.67
N GLU FC 86 38.12 -91.41 2.61
CA GLU FC 86 38.69 -92.13 3.74
C GLU FC 86 38.77 -91.25 4.98
N ILE FC 87 38.90 -89.93 4.81
CA ILE FC 87 38.96 -89.02 5.95
C ILE FC 87 37.62 -89.01 6.68
N VAL FC 88 36.51 -88.98 5.94
CA VAL FC 88 35.22 -89.19 6.58
C VAL FC 88 35.12 -90.56 7.20
N ASN FC 89 35.70 -91.59 6.57
CA ASN FC 89 35.65 -92.94 7.13
C ASN FC 89 36.29 -92.97 8.51
N ILE FC 90 37.49 -92.42 8.64
CA ILE FC 90 38.08 -92.29 9.96
C ILE FC 90 37.36 -91.24 10.79
N ALA FC 91 36.68 -90.29 10.14
CA ALA FC 91 35.88 -89.34 10.91
C ALA FC 91 34.65 -90.03 11.51
N ARG FC 92 34.06 -90.96 10.77
CA ARG FC 92 32.89 -91.66 11.28
C ARG FC 92 33.24 -92.89 12.12
N GLN FC 93 34.54 -93.24 12.20
CA GLN FC 93 34.92 -94.37 13.03
C GLN FC 93 35.34 -93.96 14.44
N MET FC 94 36.16 -92.90 14.57
CA MET FC 94 36.65 -92.52 15.89
C MET FC 94 35.58 -91.85 16.76
N ARG FC 95 34.40 -91.57 16.21
CA ARG FC 95 33.30 -91.02 16.99
C ARG FC 95 32.80 -92.06 17.99
N HIS FC 96 31.77 -91.71 18.75
CA HIS FC 96 31.17 -92.64 19.68
C HIS FC 96 30.53 -93.83 18.96
N ARG FC 97 30.19 -93.67 17.68
CA ARG FC 97 29.66 -94.74 16.84
C ARG FC 97 28.37 -95.33 17.40
N SER FC 98 27.56 -94.53 18.09
CA SER FC 98 26.24 -95.02 18.51
C SER FC 98 25.26 -94.89 17.35
N LEU FC 99 24.94 -93.65 16.97
CA LEU FC 99 24.16 -93.36 15.76
C LEU FC 99 22.84 -94.15 15.69
N ALA FC 100 22.45 -94.77 16.79
CA ALA FC 100 21.32 -95.70 16.83
C ALA FC 100 21.49 -96.81 15.78
N ARG FC 101 22.74 -97.21 15.55
CA ARG FC 101 23.08 -98.00 14.38
C ARG FC 101 22.67 -99.45 14.52
N GLU FC 102 22.59 -100.13 13.37
CA GLU FC 102 22.45 -101.58 13.30
C GLU FC 102 23.57 -102.22 12.49
N LEU FC 103 23.94 -101.63 11.36
CA LEU FC 103 24.98 -102.18 10.50
C LEU FC 103 26.04 -101.14 10.19
N SER FC 104 26.95 -101.47 9.25
CA SER FC 104 28.06 -100.57 8.92
C SER FC 104 27.60 -99.39 8.05
N GLY FC 105 26.70 -99.64 7.10
CA GLY FC 105 26.29 -98.57 6.20
C GLY FC 105 25.43 -97.53 6.88
N THR FC 106 24.80 -97.90 8.00
CA THR FC 106 24.02 -96.94 8.78
C THR FC 106 24.86 -95.73 9.16
N ILE FC 107 26.10 -95.97 9.59
CA ILE FC 107 27.03 -94.88 9.81
C ILE FC 107 27.42 -94.22 8.49
N LYS FC 108 27.60 -95.02 7.44
CA LYS FC 108 28.10 -94.49 6.17
C LYS FC 108 27.16 -93.43 5.60
N GLU FC 109 25.87 -93.74 5.54
CA GLU FC 109 24.90 -92.81 4.97
C GLU FC 109 24.60 -91.65 5.92
N ILE FC 110 24.58 -91.90 7.23
CA ILE FC 110 24.29 -90.83 8.18
C ILE FC 110 25.33 -89.73 8.08
N LEU FC 111 26.61 -90.10 8.07
CA LEU FC 111 27.66 -89.13 7.80
C LEU FC 111 27.81 -88.84 6.31
N GLY FC 112 27.13 -89.60 5.47
CA GLY FC 112 27.16 -89.35 4.04
C GLY FC 112 26.44 -88.07 3.66
N THR FC 113 25.14 -88.02 3.95
CA THR FC 113 24.32 -86.87 3.58
C THR FC 113 24.25 -85.80 4.66
N ALA FC 114 24.99 -85.95 5.76
CA ALA FC 114 24.99 -84.94 6.81
C ALA FC 114 25.69 -83.65 6.37
N GLN FC 115 26.54 -83.70 5.36
CA GLN FC 115 27.15 -82.51 4.78
C GLN FC 115 26.61 -82.21 3.39
N SER FC 116 25.29 -82.38 3.23
CA SER FC 116 24.65 -81.95 1.99
C SER FC 116 24.89 -80.48 1.69
N VAL FC 117 25.05 -79.66 2.74
CA VAL FC 117 25.48 -78.28 2.56
C VAL FC 117 26.97 -78.16 2.28
N GLY FC 118 27.75 -79.23 2.54
CA GLY FC 118 29.19 -79.16 2.42
C GLY FC 118 29.80 -80.11 1.40
N CYS FC 119 29.12 -80.30 0.28
CA CYS FC 119 29.64 -81.07 -0.86
C CYS FC 119 29.98 -82.51 -0.50
N ASN FC 120 30.73 -83.18 -1.38
CA ASN FC 120 31.17 -84.56 -1.19
C ASN FC 120 32.38 -84.78 -2.10
N VAL FC 121 32.72 -86.06 -2.32
CA VAL FC 121 33.87 -86.42 -3.15
C VAL FC 121 33.77 -85.78 -4.52
N ASP FC 122 34.94 -85.34 -5.03
CA ASP FC 122 35.15 -84.71 -6.33
C ASP FC 122 33.92 -83.99 -6.90
N GLY FC 123 33.49 -84.37 -8.09
CA GLY FC 123 32.39 -83.69 -8.76
C GLY FC 123 31.02 -84.29 -8.53
N ARG FC 124 30.68 -84.59 -7.28
CA ARG FC 124 29.33 -85.05 -6.96
C ARG FC 124 28.97 -84.57 -5.57
N HIS FC 125 27.65 -84.41 -5.34
CA HIS FC 125 27.05 -83.98 -4.10
C HIS FC 125 26.57 -85.19 -3.29
N PRO FC 126 26.54 -85.08 -1.94
CA PRO FC 126 26.41 -86.25 -1.07
C PRO FC 126 25.01 -86.85 -0.95
N HIS FC 127 24.35 -87.05 -2.09
CA HIS FC 127 23.08 -87.77 -2.04
C HIS FC 127 23.08 -88.91 -3.06
N ASP FC 128 23.67 -88.68 -4.23
CA ASP FC 128 23.73 -89.73 -5.24
C ASP FC 128 24.53 -90.94 -4.77
N ILE FC 129 25.52 -90.71 -3.91
CA ILE FC 129 26.28 -91.83 -3.33
C ILE FC 129 25.41 -92.64 -2.40
N ILE FC 130 24.50 -91.98 -1.67
CA ILE FC 130 23.72 -92.65 -0.63
C ILE FC 130 22.81 -93.73 -1.23
N ASP FC 131 22.35 -93.52 -2.47
CA ASP FC 131 21.48 -94.51 -3.10
C ASP FC 131 22.18 -95.84 -3.28
N ASP FC 132 23.20 -95.87 -4.14
CA ASP FC 132 23.92 -97.11 -4.43
C ASP FC 132 25.20 -97.19 -3.60
N ILE FC 133 25.02 -97.25 -2.28
CA ILE FC 133 26.13 -97.46 -1.36
C ILE FC 133 26.48 -98.94 -1.40
N ASN FC 134 27.52 -99.28 -2.13
CA ASN FC 134 27.99 -100.65 -2.29
C ASN FC 134 29.45 -100.81 -1.92
N SER FC 135 30.29 -99.84 -2.26
CA SER FC 135 31.71 -99.90 -1.94
C SER FC 135 31.91 -99.60 -0.46
N GLY FC 136 32.67 -100.45 0.22
CA GLY FC 136 33.01 -100.21 1.61
C GLY FC 136 31.87 -100.31 2.59
N ALA FC 137 30.76 -100.95 2.21
CA ALA FC 137 29.65 -101.14 3.13
C ALA FC 137 29.98 -102.12 4.24
N VAL FC 138 31.07 -102.88 4.11
CA VAL FC 138 31.55 -103.75 5.17
C VAL FC 138 33.00 -103.48 5.52
N GLU FC 139 33.52 -102.30 5.21
CA GLU FC 139 34.95 -102.05 5.33
C GLU FC 139 35.37 -101.77 6.77
N CYS FC 140 34.50 -101.14 7.57
CA CYS FC 140 34.91 -100.77 8.91
C CYS FC 140 34.95 -101.98 9.86
N PRO FC 141 33.96 -102.89 9.84
CA PRO FC 141 34.14 -104.00 10.78
C PRO FC 141 35.18 -105.01 10.29
N ASP GC 1 2.79 -94.52 -1.51
CA ASP GC 1 3.73 -94.60 -0.39
C ASP GC 1 3.10 -95.34 0.78
N ARG GC 2 1.80 -95.10 0.98
CA ARG GC 2 1.08 -95.77 2.07
C ARG GC 2 0.95 -97.27 1.80
N ALA GC 3 0.50 -97.63 0.60
CA ALA GC 3 0.39 -99.05 0.26
C ALA GC 3 1.75 -99.74 0.28
N THR GC 4 2.76 -99.08 -0.27
CA THR GC 4 4.11 -99.64 -0.26
C THR GC 4 4.61 -99.82 1.16
N TRP GC 5 4.36 -98.83 2.02
CA TRP GC 5 4.74 -98.97 3.43
C TRP GC 5 4.00 -100.13 4.08
N LYS GC 6 2.71 -100.27 3.77
CA LYS GC 6 1.91 -101.34 4.35
C LYS GC 6 2.31 -102.70 3.79
N SER GC 7 2.39 -102.81 2.46
CA SER GC 7 2.68 -104.09 1.83
C SER GC 7 4.08 -104.57 2.18
N ASN GC 8 5.05 -103.66 2.20
CA ASN GC 8 6.40 -104.02 2.62
C ASN GC 8 6.43 -104.36 4.11
N TYR GC 9 5.45 -103.91 4.88
CA TYR GC 9 5.37 -104.27 6.28
C TYR GC 9 4.86 -105.70 6.47
N PHE GC 10 3.87 -106.11 5.67
CA PHE GC 10 3.42 -107.50 5.73
C PHE GC 10 4.52 -108.47 5.31
N LEU GC 11 5.25 -108.13 4.25
CA LEU GC 11 6.39 -108.95 3.87
C LEU GC 11 7.40 -109.03 5.01
N LYS GC 12 7.64 -107.89 5.68
CA LYS GC 12 8.61 -107.86 6.77
C LYS GC 12 8.19 -108.77 7.92
N ILE GC 13 6.96 -108.63 8.40
CA ILE GC 13 6.52 -109.43 9.54
C ILE GC 13 6.39 -110.90 9.16
N ILE GC 14 5.96 -111.19 7.93
CA ILE GC 14 5.88 -112.58 7.48
C ILE GC 14 7.27 -113.17 7.33
N GLN GC 15 8.17 -112.46 6.64
CA GLN GC 15 9.49 -113.02 6.39
C GLN GC 15 10.31 -113.12 7.66
N LEU GC 16 10.07 -112.24 8.64
CA LEU GC 16 10.71 -112.36 9.94
C LEU GC 16 10.20 -113.57 10.71
N LEU GC 17 8.89 -113.79 10.72
CA LEU GC 17 8.34 -114.87 11.53
C LEU GC 17 8.69 -116.23 10.93
N ASP GC 18 8.79 -116.32 9.60
CA ASP GC 18 9.37 -117.51 9.00
C ASP GC 18 10.84 -117.68 9.33
N ASP GC 19 11.50 -116.62 9.82
CA ASP GC 19 12.89 -116.67 10.20
C ASP GC 19 13.07 -116.89 11.71
N TYR GC 20 12.13 -116.42 12.51
CA TYR GC 20 12.26 -116.46 13.97
C TYR GC 20 11.01 -117.13 14.54
N PRO GC 21 11.13 -118.30 15.16
CA PRO GC 21 9.93 -119.03 15.59
C PRO GC 21 9.48 -118.69 17.01
N LYS GC 22 10.33 -118.00 17.77
CA LYS GC 22 10.05 -117.69 19.16
C LYS GC 22 9.95 -116.17 19.33
N CYS GC 23 9.06 -115.75 20.23
CA CYS GC 23 8.77 -114.33 20.41
C CYS GC 23 8.19 -114.09 21.79
N PHE GC 24 8.24 -112.84 22.22
CA PHE GC 24 7.57 -112.39 23.44
C PHE GC 24 6.54 -111.34 23.08
N ILE GC 25 5.37 -111.43 23.71
CA ILE GC 25 4.36 -110.37 23.62
C ILE GC 25 4.59 -109.44 24.79
N VAL GC 26 4.79 -108.15 24.50
CA VAL GC 26 5.21 -107.17 25.48
C VAL GC 26 4.28 -105.98 25.39
N GLY GC 27 3.65 -105.62 26.51
CA GLY GC 27 2.80 -104.45 26.54
C GLY GC 27 3.58 -103.18 26.30
N ALA GC 28 3.35 -102.54 25.16
CA ALA GC 28 3.98 -101.26 24.86
C ALA GC 28 3.28 -100.20 25.70
N ASP GC 29 3.69 -100.12 26.96
CA ASP GC 29 3.14 -99.13 27.89
C ASP GC 29 3.78 -97.79 27.63
N ASN GC 30 3.66 -96.87 28.59
CA ASN GC 30 4.19 -95.51 28.43
C ASN GC 30 5.72 -95.60 28.43
N VAL GC 31 6.26 -95.98 27.28
CA VAL GC 31 7.70 -96.10 27.06
C VAL GC 31 8.12 -95.03 26.09
N GLY GC 32 9.03 -94.16 26.52
CA GLY GC 32 9.44 -93.06 25.66
C GLY GC 32 10.29 -93.52 24.50
N SER GC 33 10.29 -92.70 23.44
CA SER GC 33 11.09 -93.01 22.27
C SER GC 33 12.58 -92.97 22.59
N LYS GC 34 13.00 -92.11 23.52
CA LYS GC 34 14.38 -92.15 24.01
C LYS GC 34 14.69 -93.50 24.65
N GLN GC 35 13.76 -93.98 25.50
CA GLN GC 35 13.93 -95.31 26.07
C GLN GC 35 13.73 -96.40 25.03
N MET GC 36 12.83 -96.19 24.07
CA MET GC 36 12.51 -97.22 23.10
C MET GC 36 13.73 -97.62 22.29
N GLN GC 37 14.60 -96.65 21.98
CA GLN GC 37 15.84 -97.02 21.28
C GLN GC 37 16.93 -97.41 22.26
N GLN GC 38 16.91 -96.87 23.49
CA GLN GC 38 17.94 -97.25 24.45
C GLN GC 38 17.80 -98.71 24.87
N ILE GC 39 16.62 -99.30 24.62
CA ILE GC 39 16.44 -100.71 24.95
C ILE GC 39 16.92 -101.60 23.80
N ARG GC 40 16.72 -101.17 22.55
CA ARG GC 40 17.14 -101.99 21.41
C ARG GC 40 18.64 -101.97 21.20
N MET GC 41 19.31 -100.89 21.61
CA MET GC 41 20.77 -100.90 21.58
C MET GC 41 21.34 -101.99 22.47
N SER GC 42 20.81 -102.12 23.68
CA SER GC 42 21.23 -103.19 24.56
C SER GC 42 20.67 -104.54 24.10
N LEU GC 43 19.72 -104.52 23.17
CA LEU GC 43 19.23 -105.73 22.52
C LEU GC 43 19.75 -105.90 21.11
N ARG GC 44 20.52 -104.95 20.58
CA ARG GC 44 21.01 -105.06 19.21
C ARG GC 44 21.86 -106.30 19.01
N GLY GC 45 22.65 -106.66 20.02
CA GLY GC 45 23.42 -107.88 19.97
C GLY GC 45 22.64 -109.13 20.28
N LYS GC 46 21.36 -109.01 20.62
CA LYS GC 46 20.56 -110.17 20.98
C LYS GC 46 19.26 -110.29 20.19
N ALA GC 47 18.58 -109.19 19.92
CA ALA GC 47 17.24 -109.28 19.33
C ALA GC 47 16.89 -107.97 18.63
N VAL GC 48 15.62 -107.81 18.30
CA VAL GC 48 15.07 -106.59 17.72
C VAL GC 48 13.63 -106.46 18.19
N VAL GC 49 13.22 -105.24 18.57
CA VAL GC 49 11.84 -105.00 18.97
C VAL GC 49 11.03 -104.68 17.72
N LEU GC 50 9.76 -105.08 17.74
CA LEU GC 50 8.90 -104.93 16.57
C LEU GC 50 7.45 -105.01 17.00
N MET GC 51 6.64 -104.06 16.54
CA MET GC 51 5.19 -104.20 16.63
C MET GC 51 4.55 -103.20 15.68
N GLY GC 52 3.25 -103.00 15.83
CA GLY GC 52 2.52 -102.06 15.00
C GLY GC 52 1.09 -101.96 15.48
N LYS GC 53 0.20 -101.62 14.55
CA LYS GC 53 -1.22 -101.65 14.89
C LYS GC 53 -1.63 -103.08 15.21
N ASN GC 54 -2.56 -103.20 16.15
CA ASN GC 54 -3.03 -104.53 16.55
C ASN GC 54 -3.66 -105.26 15.38
N THR GC 55 -4.41 -104.55 14.55
CA THR GC 55 -4.97 -105.15 13.34
C THR GC 55 -3.92 -105.34 12.26
N MET GC 56 -2.88 -104.50 12.26
CA MET GC 56 -1.79 -104.65 11.30
C MET GC 56 -1.16 -106.03 11.41
N MET GC 57 -0.78 -106.43 12.63
CA MET GC 57 -0.16 -107.73 12.84
C MET GC 57 -1.20 -108.85 12.76
N ARG GC 58 -2.41 -108.60 13.26
CA ARG GC 58 -3.42 -109.65 13.31
C ARG GC 58 -3.73 -110.18 11.91
N LYS GC 59 -4.04 -109.29 10.96
CA LYS GC 59 -4.27 -109.71 9.59
C LYS GC 59 -3.03 -110.36 8.99
N ALA GC 60 -1.84 -109.94 9.42
CA ALA GC 60 -0.61 -110.55 8.94
C ALA GC 60 -0.50 -112.01 9.37
N ILE GC 61 -0.97 -112.34 10.58
CA ILE GC 61 -0.94 -113.71 11.04
C ILE GC 61 -2.19 -114.50 10.64
N ARG GC 62 -3.07 -113.92 9.84
CA ARG GC 62 -4.15 -114.72 9.25
C ARG GC 62 -4.04 -114.84 7.74
N GLY GC 63 -3.94 -113.72 7.02
CA GLY GC 63 -4.04 -113.73 5.57
C GLY GC 63 -2.85 -114.34 4.87
N HIS GC 64 -1.69 -114.39 5.53
CA HIS GC 64 -0.49 -115.01 4.97
C HIS GC 64 0.03 -116.13 5.86
N LEU GC 65 -0.82 -116.73 6.69
CA LEU GC 65 -0.39 -117.72 7.67
C LEU GC 65 -1.30 -118.95 7.69
N GLU GC 66 -1.95 -119.25 6.57
CA GLU GC 66 -2.71 -120.49 6.48
C GLU GC 66 -1.81 -121.67 6.18
N ASN GC 67 -0.57 -121.44 5.76
CA ASN GC 67 0.36 -122.53 5.48
C ASN GC 67 0.78 -123.25 6.76
N ASN GC 68 1.19 -122.50 7.79
CA ASN GC 68 1.65 -123.12 9.03
C ASN GC 68 0.82 -122.64 10.22
N PRO GC 69 -0.18 -123.43 10.62
CA PRO GC 69 -1.00 -123.07 11.79
C PRO GC 69 -0.25 -123.25 13.11
N ALA GC 70 -0.99 -123.20 14.22
CA ALA GC 70 -0.59 -123.33 15.62
C ALA GC 70 -0.02 -122.06 16.23
N LEU GC 71 0.09 -120.97 15.47
CA LEU GC 71 0.34 -119.63 16.01
C LEU GC 71 -0.91 -118.75 15.95
N GLU GC 72 -2.07 -119.35 15.67
CA GLU GC 72 -3.34 -118.68 15.86
C GLU GC 72 -3.74 -118.59 17.32
N LYS GC 73 -2.87 -119.01 18.24
CA LYS GC 73 -3.13 -118.87 19.66
C LYS GC 73 -3.16 -117.39 20.07
N LEU GC 74 -2.51 -116.52 19.30
CA LEU GC 74 -2.42 -115.11 19.64
C LEU GC 74 -3.68 -114.33 19.32
N LEU GC 75 -4.60 -114.89 18.53
CA LEU GC 75 -5.73 -114.12 18.02
C LEU GC 75 -6.57 -113.48 19.13
N PRO GC 76 -6.96 -114.19 20.19
CA PRO GC 76 -7.61 -113.51 21.32
C PRO GC 76 -6.64 -112.97 22.36
N HIS GC 77 -5.35 -112.87 22.03
CA HIS GC 77 -4.35 -112.36 22.96
C HIS GC 77 -3.96 -110.92 22.67
N ILE GC 78 -4.02 -110.50 21.40
CA ILE GC 78 -3.59 -109.17 21.02
C ILE GC 78 -4.69 -108.16 21.30
N ARG GC 79 -4.70 -107.61 22.51
CA ARG GC 79 -5.64 -106.57 22.89
C ARG GC 79 -4.87 -105.50 23.66
N GLY GC 80 -5.14 -104.23 23.34
CA GLY GC 80 -4.35 -103.16 23.90
C GLY GC 80 -3.02 -103.04 23.17
N ASN GC 81 -2.14 -102.22 23.76
CA ASN GC 81 -0.82 -102.00 23.18
C ASN GC 81 0.06 -103.21 23.44
N VAL GC 82 0.61 -103.79 22.37
CA VAL GC 82 1.42 -105.00 22.46
C VAL GC 82 2.76 -104.78 21.77
N GLY GC 83 3.65 -105.76 21.87
CA GLY GC 83 4.97 -105.66 21.27
C GLY GC 83 5.61 -107.02 21.10
N PHE GC 84 6.20 -107.23 19.93
CA PHE GC 84 6.83 -108.50 19.56
C PHE GC 84 8.34 -108.32 19.48
N VAL GC 85 9.08 -109.07 20.29
CA VAL GC 85 10.54 -109.05 20.26
C VAL GC 85 11.01 -110.41 19.79
N PHE GC 86 12.04 -110.42 18.95
CA PHE GC 86 12.45 -111.63 18.24
C PHE GC 86 13.95 -111.87 18.44
N THR GC 87 14.26 -112.90 19.22
CA THR GC 87 15.62 -113.41 19.38
C THR GC 87 15.63 -114.91 19.05
N LYS GC 88 16.84 -115.47 19.01
CA LYS GC 88 17.01 -116.91 18.83
C LYS GC 88 17.63 -117.57 20.05
N GLU GC 89 17.61 -116.91 21.20
CA GLU GC 89 18.28 -117.38 22.40
C GLU GC 89 17.26 -118.01 23.36
N ASP GC 90 17.70 -118.29 24.59
CA ASP GC 90 16.84 -118.87 25.60
C ASP GC 90 15.80 -117.84 26.05
N LEU GC 91 14.94 -118.24 26.98
CA LEU GC 91 13.76 -117.46 27.34
C LEU GC 91 13.95 -116.63 28.61
N THR GC 92 14.27 -117.29 29.72
CA THR GC 92 14.30 -116.58 31.00
C THR GC 92 15.42 -115.55 31.07
N GLU GC 93 16.57 -115.84 30.46
CA GLU GC 93 17.69 -114.91 30.52
C GLU GC 93 17.35 -113.58 29.87
N ILE GC 94 16.85 -113.60 28.63
CA ILE GC 94 16.50 -112.36 27.96
C ILE GC 94 15.26 -111.73 28.59
N ARG GC 95 14.36 -112.56 29.13
CA ARG GC 95 13.19 -112.03 29.83
C ARG GC 95 13.61 -111.12 30.97
N ASP GC 96 14.63 -111.52 31.74
CA ASP GC 96 15.17 -110.65 32.78
C ASP GC 96 15.98 -109.51 32.20
N MET GC 97 16.62 -109.71 31.04
CA MET GC 97 17.35 -108.62 30.41
C MET GC 97 16.43 -107.47 30.04
N LEU GC 98 15.25 -107.79 29.51
CA LEU GC 98 14.27 -106.75 29.19
C LEU GC 98 13.67 -106.15 30.46
N LEU GC 99 13.39 -106.99 31.47
CA LEU GC 99 12.82 -106.49 32.71
C LEU GC 99 13.79 -105.60 33.46
N ALA GC 100 15.06 -106.01 33.58
CA ALA GC 100 16.02 -105.25 34.37
C ALA GC 100 16.27 -103.86 33.78
N ASN GC 101 16.37 -103.76 32.46
CA ASN GC 101 16.64 -102.48 31.81
C ASN GC 101 15.37 -101.63 31.81
N LYS GC 102 15.06 -101.12 33.00
CA LYS GC 102 13.99 -100.15 33.20
C LYS GC 102 14.61 -98.78 33.45
N VAL GC 103 14.16 -97.79 32.70
CA VAL GC 103 14.69 -96.43 32.77
C VAL GC 103 13.85 -95.63 33.76
N PRO GC 104 14.45 -94.93 34.72
CA PRO GC 104 13.67 -94.17 35.71
C PRO GC 104 13.01 -92.94 35.11
N ALA GC 105 11.89 -93.13 34.42
CA ALA GC 105 11.18 -92.01 33.82
C ALA GC 105 10.54 -91.14 34.90
N ALA GC 106 10.52 -89.83 34.64
CA ALA GC 106 10.03 -88.86 35.61
C ALA GC 106 8.51 -88.92 35.71
N ALA GC 107 7.96 -88.02 36.52
CA ALA GC 107 6.52 -87.91 36.72
C ALA GC 107 5.97 -86.89 35.72
N ARG GC 108 5.34 -87.37 34.66
CA ARG GC 108 4.68 -86.50 33.71
C ARG GC 108 3.43 -85.89 34.34
N ALA GC 109 3.01 -84.75 33.83
CA ALA GC 109 1.80 -84.08 34.29
C ALA GC 109 0.63 -84.58 33.45
N GLY GC 110 -0.31 -85.28 34.09
CA GLY GC 110 -1.50 -85.74 33.41
C GLY GC 110 -1.62 -87.25 33.33
N ALA GC 111 -0.80 -87.95 34.11
CA ALA GC 111 -0.83 -89.42 34.13
C ALA GC 111 -1.07 -89.91 35.54
N ILE GC 112 -1.76 -91.06 35.64
CA ILE GC 112 -1.99 -91.67 36.93
C ILE GC 112 -0.73 -92.39 37.41
N ALA GC 113 -0.68 -92.66 38.71
CA ALA GC 113 0.46 -93.30 39.33
C ALA GC 113 0.04 -94.57 40.04
N PRO GC 114 0.63 -95.72 39.72
CA PRO GC 114 0.37 -96.96 40.48
C PRO GC 114 1.32 -97.19 41.66
N CYS GC 115 2.28 -96.30 41.90
CA CYS GC 115 3.26 -96.46 42.96
C CYS GC 115 3.12 -95.34 43.97
N GLU GC 116 3.70 -95.55 45.14
CA GLU GC 116 3.70 -94.57 46.23
C GLU GC 116 5.14 -94.31 46.65
N VAL GC 117 5.45 -93.05 46.97
CA VAL GC 117 6.78 -92.66 47.42
C VAL GC 117 6.66 -91.40 48.26
N THR GC 118 7.48 -91.33 49.31
CA THR GC 118 7.47 -90.22 50.25
C THR GC 118 8.89 -89.74 50.48
N VAL GC 119 9.10 -88.42 50.39
CA VAL GC 119 10.44 -87.83 50.47
C VAL GC 119 10.94 -87.90 51.91
N PRO GC 120 12.18 -88.38 52.15
CA PRO GC 120 12.71 -88.39 53.51
C PRO GC 120 13.32 -87.05 53.91
N ALA GC 121 13.93 -87.01 55.08
CA ALA GC 121 14.51 -85.79 55.62
C ALA GC 121 15.98 -85.69 55.25
N GLN GC 122 16.31 -84.77 54.35
CA GLN GC 122 17.69 -84.54 53.94
C GLN GC 122 17.81 -83.13 53.37
N ASN GC 123 19.04 -82.63 53.38
CA ASN GC 123 19.35 -81.31 52.80
C ASN GC 123 19.69 -81.52 51.32
N THR GC 124 18.78 -81.09 50.44
CA THR GC 124 18.95 -81.32 49.01
C THR GC 124 20.18 -80.64 48.45
N GLY GC 125 20.68 -79.59 49.10
CA GLY GC 125 21.83 -78.87 48.61
C GLY GC 125 21.53 -77.88 47.51
N LEU GC 126 20.26 -77.70 47.12
CA LEU GC 126 19.91 -76.79 46.05
C LEU GC 126 19.99 -75.34 46.53
N GLY GC 127 20.26 -74.45 45.58
CA GLY GC 127 20.21 -73.03 45.83
C GLY GC 127 18.83 -72.59 46.29
N PRO GC 128 18.79 -71.68 47.26
CA PRO GC 128 17.52 -71.30 47.90
C PRO GC 128 16.78 -70.17 47.17
N GLU GC 129 16.55 -70.35 45.87
CA GLU GC 129 15.76 -69.41 45.09
C GLU GC 129 14.56 -70.06 44.42
N LYS GC 130 14.32 -71.35 44.64
CA LYS GC 130 13.13 -72.03 44.16
C LYS GC 130 12.20 -72.40 45.33
N THR GC 131 12.31 -71.67 46.44
CA THR GC 131 11.61 -72.07 47.67
C THR GC 131 10.11 -71.87 47.57
N SER GC 132 9.66 -70.96 46.69
CA SER GC 132 8.22 -70.69 46.59
C SER GC 132 7.46 -71.90 46.08
N PHE GC 133 8.14 -72.87 45.47
CA PHE GC 133 7.47 -74.12 45.10
C PHE GC 133 7.23 -75.00 46.32
N PHE GC 134 8.18 -75.00 47.27
CA PHE GC 134 7.98 -75.74 48.51
C PHE GC 134 6.80 -75.19 49.29
N GLN GC 135 6.68 -73.86 49.37
CA GLN GC 135 5.54 -73.27 50.05
C GLN GC 135 4.25 -73.53 49.27
N ALA GC 136 4.37 -73.65 47.94
CA ALA GC 136 3.20 -73.94 47.12
C ALA GC 136 2.59 -75.29 47.49
N LEU GC 137 3.43 -76.31 47.69
CA LEU GC 137 2.93 -77.61 48.13
C LEU GC 137 2.49 -77.60 49.59
N GLY GC 138 3.15 -76.82 50.45
CA GLY GC 138 2.82 -76.75 51.85
C GLY GC 138 3.94 -77.15 52.78
N ILE GC 139 5.09 -77.57 52.26
CA ILE GC 139 6.20 -78.03 53.08
C ILE GC 139 6.90 -76.83 53.69
N THR GC 140 6.95 -76.80 55.02
CA THR GC 140 7.62 -75.73 55.75
C THR GC 140 9.12 -75.98 55.74
N THR GC 141 9.86 -75.08 55.12
CA THR GC 141 11.29 -75.26 54.92
C THR GC 141 12.04 -74.03 55.41
N LYS GC 142 13.23 -74.28 55.96
CA LYS GC 142 14.16 -73.24 56.34
C LYS GC 142 15.51 -73.52 55.69
N ILE GC 143 16.36 -72.50 55.68
CA ILE GC 143 17.65 -72.57 55.01
C ILE GC 143 18.71 -73.00 56.01
N SER GC 144 19.54 -73.97 55.61
CA SER GC 144 20.72 -74.36 56.36
C SER GC 144 21.90 -74.39 55.43
N ARG GC 145 22.97 -73.66 55.79
CA ARG GC 145 24.19 -73.59 54.99
C ARG GC 145 23.90 -73.15 53.57
N GLY GC 146 23.03 -72.15 53.42
CA GLY GC 146 22.72 -71.61 52.11
C GLY GC 146 22.04 -72.58 51.18
N THR GC 147 21.47 -73.65 51.71
CA THR GC 147 20.82 -74.68 50.89
C THR GC 147 19.45 -74.99 51.50
N ILE GC 148 18.51 -75.37 50.62
CA ILE GC 148 17.16 -75.66 51.07
C ILE GC 148 17.17 -76.94 51.91
N GLU GC 149 16.55 -76.88 53.08
CA GLU GC 149 16.47 -78.01 53.99
C GLU GC 149 15.03 -78.16 54.45
N ILE GC 150 14.41 -79.29 54.12
CA ILE GC 150 13.06 -79.56 54.60
C ILE GC 150 13.11 -79.89 56.09
N LEU GC 151 12.07 -79.52 56.82
CA LEU GC 151 12.11 -79.64 58.27
C LEU GC 151 11.72 -81.04 58.73
N SER GC 152 10.58 -81.53 58.24
CA SER GC 152 10.09 -82.84 58.61
C SER GC 152 9.69 -83.60 57.36
N ASP GC 153 9.18 -84.81 57.55
CA ASP GC 153 8.67 -85.64 56.47
C ASP GC 153 7.16 -85.50 56.37
N VAL GC 154 6.67 -85.34 55.14
CA VAL GC 154 5.25 -85.24 54.87
C VAL GC 154 4.93 -86.18 53.71
N GLN GC 155 3.69 -86.67 53.68
CA GLN GC 155 3.25 -87.52 52.59
C GLN GC 155 3.32 -86.76 51.27
N LEU GC 156 3.87 -87.41 50.24
CA LEU GC 156 4.14 -86.76 48.97
C LEU GC 156 3.07 -87.05 47.92
N ILE GC 157 2.90 -88.32 47.56
CA ILE GC 157 1.97 -88.69 46.51
C ILE GC 157 1.49 -90.11 46.77
N LYS GC 158 0.17 -90.30 46.72
CA LYS GC 158 -0.44 -91.60 46.93
C LYS GC 158 -0.67 -92.29 45.59
N THR GC 159 -1.17 -93.52 45.66
CA THR GC 159 -1.37 -94.31 44.45
C THR GC 159 -2.76 -94.04 43.87
N GLY GC 160 -2.83 -94.04 42.54
CA GLY GC 160 -4.07 -93.81 41.84
C GLY GC 160 -4.66 -92.43 42.04
N ASP GC 161 -3.83 -91.38 41.90
CA ASP GC 161 -4.31 -90.01 41.99
C ASP GC 161 -3.61 -89.17 40.93
N LYS GC 162 -4.28 -88.09 40.53
CA LYS GC 162 -3.77 -87.22 39.47
C LYS GC 162 -2.70 -86.30 40.03
N VAL GC 163 -1.60 -86.15 39.28
CA VAL GC 163 -0.43 -85.43 39.75
C VAL GC 163 -0.57 -83.94 39.43
N GLY GC 164 0.16 -83.12 40.19
CA GLY GC 164 0.15 -81.68 40.01
C GLY GC 164 1.41 -81.23 39.28
N ALA GC 165 1.25 -80.22 38.43
CA ALA GC 165 2.38 -79.73 37.63
C ALA GC 165 3.50 -79.19 38.51
N SER GC 166 3.14 -78.44 39.56
CA SER GC 166 4.16 -77.90 40.46
C SER GC 166 4.87 -79.02 41.21
N GLU GC 167 4.15 -80.07 41.60
CA GLU GC 167 4.78 -81.20 42.26
C GLU GC 167 5.58 -82.06 41.27
N ALA GC 168 5.11 -82.16 40.02
CA ALA GC 168 5.84 -82.93 39.03
C ALA GC 168 7.20 -82.33 38.73
N THR GC 169 7.27 -81.00 38.61
CA THR GC 169 8.54 -80.35 38.34
C THR GC 169 9.43 -80.24 39.58
N LEU GC 170 8.83 -80.07 40.77
CA LEU GC 170 9.63 -80.06 41.98
C LEU GC 170 10.27 -81.43 42.23
N LEU GC 171 9.48 -82.49 42.04
CA LEU GC 171 10.03 -83.84 42.09
C LEU GC 171 11.09 -84.05 41.01
N ASN GC 172 10.94 -83.37 39.88
CA ASN GC 172 11.99 -83.36 38.87
C ASN GC 172 13.20 -82.56 39.33
N MET GC 173 12.98 -81.49 40.11
CA MET GC 173 14.07 -80.63 40.54
C MET GC 173 15.02 -81.35 41.49
N LEU GC 174 14.48 -82.08 42.47
CA LEU GC 174 15.30 -82.77 43.45
C LEU GC 174 16.06 -83.96 42.85
N ASN GC 175 15.74 -84.33 41.60
CA ASN GC 175 16.34 -85.49 40.94
C ASN GC 175 16.09 -86.76 41.72
N ILE GC 176 14.85 -86.93 42.16
CA ILE GC 176 14.38 -88.16 42.79
C ILE GC 176 13.56 -88.93 41.76
N SER GC 177 13.79 -90.22 41.66
CA SER GC 177 13.05 -91.05 40.72
C SER GC 177 11.60 -91.17 41.20
N PRO GC 178 10.62 -90.75 40.41
CA PRO GC 178 9.22 -91.06 40.72
C PRO GC 178 8.81 -92.40 40.16
N PHE GC 179 7.53 -92.75 40.28
CA PHE GC 179 7.01 -93.99 39.72
C PHE GC 179 7.42 -94.13 38.26
N SER GC 180 8.22 -95.17 37.98
CA SER GC 180 8.78 -95.36 36.64
C SER GC 180 8.59 -96.81 36.22
N PHE GC 181 8.27 -97.00 34.94
CA PHE GC 181 8.08 -98.32 34.38
C PHE GC 181 8.51 -98.29 32.92
N GLY GC 182 8.76 -99.47 32.37
CA GLY GC 182 9.19 -99.62 31.00
C GLY GC 182 8.37 -100.69 30.29
N LEU GC 183 9.04 -101.43 29.42
CA LEU GC 183 8.40 -102.54 28.75
C LEU GC 183 8.22 -103.71 29.71
N VAL GC 184 7.02 -104.28 29.74
CA VAL GC 184 6.72 -105.43 30.58
C VAL GC 184 6.25 -106.57 29.68
N ILE GC 185 6.71 -107.78 29.99
CA ILE GC 185 6.36 -108.97 29.22
C ILE GC 185 5.16 -109.63 29.90
N GLN GC 186 3.99 -109.56 29.25
CA GLN GC 186 2.81 -110.21 29.82
C GLN GC 186 2.86 -111.71 29.58
N GLN GC 187 3.17 -112.13 28.35
CA GLN GC 187 3.27 -113.53 28.01
C GLN GC 187 4.37 -113.70 26.97
N VAL GC 188 4.65 -114.95 26.60
CA VAL GC 188 5.73 -115.27 25.67
C VAL GC 188 5.25 -116.38 24.75
N PHE GC 189 5.77 -116.38 23.52
CA PHE GC 189 5.41 -117.37 22.51
C PHE GC 189 6.68 -118.01 21.94
N ASP GC 190 6.90 -119.29 22.23
CA ASP GC 190 8.07 -120.02 21.76
C ASP GC 190 7.62 -121.30 21.07
N ASN GC 191 7.27 -121.18 19.78
CA ASN GC 191 6.81 -122.31 18.98
C ASN GC 191 5.65 -123.04 19.66
N GLY GC 192 4.51 -122.34 19.78
CA GLY GC 192 3.29 -122.93 20.29
C GLY GC 192 3.21 -123.08 21.79
N SER GC 193 4.07 -122.38 22.54
CA SER GC 193 4.11 -122.47 23.99
C SER GC 193 3.62 -121.16 24.62
N ILE GC 194 2.73 -121.28 25.60
CA ILE GC 194 2.14 -120.12 26.27
C ILE GC 194 2.63 -120.12 27.72
N TYR GC 195 3.17 -118.99 28.15
CA TYR GC 195 3.81 -118.86 29.45
C TYR GC 195 3.75 -117.40 29.88
N ASN GC 196 3.47 -117.19 31.17
CA ASN GC 196 3.31 -115.83 31.68
C ASN GC 196 4.64 -115.08 31.72
N MET HC 1 -32.67 -21.58 70.97
CA MET HC 1 -33.40 -20.52 70.27
C MET HC 1 -33.00 -19.14 70.78
N LYS HC 2 -33.12 -18.15 69.90
CA LYS HC 2 -32.79 -16.76 70.21
C LYS HC 2 -33.82 -15.87 69.54
N VAL HC 3 -34.54 -15.09 70.34
CA VAL HC 3 -35.34 -13.98 69.84
C VAL HC 3 -34.48 -12.73 69.97
N GLU HC 4 -34.23 -12.08 68.84
CA GLU HC 4 -33.35 -10.92 68.79
C GLU HC 4 -34.17 -9.63 68.85
N LEU HC 5 -33.53 -8.57 69.32
CA LEU HC 5 -34.14 -7.26 69.31
C LEU HC 5 -33.71 -6.49 68.07
N CYS HC 6 -34.65 -5.76 67.47
CA CYS HC 6 -34.34 -4.98 66.29
C CYS HC 6 -33.29 -3.91 66.63
N SER HC 7 -32.31 -3.77 65.75
CA SER HC 7 -31.22 -2.83 65.98
C SER HC 7 -31.63 -1.38 65.84
N PHE HC 8 -32.80 -1.10 65.28
CA PHE HC 8 -33.31 0.26 65.19
C PHE HC 8 -34.51 0.48 66.09
N SER HC 9 -35.55 -0.32 65.96
CA SER HC 9 -36.79 -0.12 66.71
C SER HC 9 -36.75 -0.75 68.10
N GLY HC 10 -35.83 -1.67 68.36
CA GLY HC 10 -35.79 -2.34 69.64
C GLY HC 10 -36.86 -3.39 69.84
N TYR HC 11 -37.59 -3.75 68.79
CA TYR HC 11 -38.67 -4.71 68.85
C TYR HC 11 -38.13 -6.14 68.82
N LYS HC 12 -38.86 -7.04 69.45
CA LYS HC 12 -38.56 -8.47 69.41
C LYS HC 12 -38.71 -8.98 67.98
N ILE HC 13 -37.69 -9.71 67.52
CA ILE HC 13 -37.73 -10.35 66.21
C ILE HC 13 -37.85 -11.85 66.42
N TYR HC 14 -38.91 -12.42 65.85
CA TYR HC 14 -39.20 -13.83 65.98
C TYR HC 14 -38.50 -14.58 64.85
N PRO HC 15 -38.24 -15.88 65.02
CA PRO HC 15 -37.16 -16.54 64.26
C PRO HC 15 -37.30 -16.52 62.75
N GLY HC 16 -38.50 -16.34 62.20
CA GLY HC 16 -38.60 -16.32 60.75
C GLY HC 16 -38.97 -14.97 60.19
N HIS HC 17 -38.44 -13.89 60.75
CA HIS HC 17 -38.84 -12.54 60.37
C HIS HC 17 -37.59 -11.71 60.14
N GLY HC 18 -37.71 -10.71 59.26
CA GLY HC 18 -36.70 -9.69 59.12
C GLY HC 18 -35.42 -10.07 58.41
N ARG HC 19 -34.39 -9.28 58.64
CA ARG HC 19 -33.14 -9.39 57.91
C ARG HC 19 -32.00 -9.17 58.88
N ARG HC 20 -30.86 -9.78 58.58
CA ARG HC 20 -29.67 -9.65 59.38
C ARG HC 20 -28.59 -9.02 58.51
N TYR HC 21 -27.87 -8.06 59.09
CA TYR HC 21 -27.00 -7.24 58.28
C TYR HC 21 -25.61 -7.19 58.92
N ALA HC 22 -24.63 -7.70 58.18
CA ALA HC 22 -23.25 -7.76 58.63
C ALA HC 22 -22.47 -6.64 57.94
N ARG HC 23 -21.86 -5.78 58.74
CA ARG HC 23 -21.11 -4.65 58.25
C ARG HC 23 -19.63 -5.00 58.18
N THR HC 24 -18.90 -4.27 57.34
CA THR HC 24 -17.52 -4.63 57.03
C THR HC 24 -16.60 -4.50 58.25
N ASP HC 25 -16.96 -3.63 59.19
CA ASP HC 25 -16.17 -3.52 60.41
C ASP HC 25 -16.43 -4.67 61.38
N GLY HC 26 -17.29 -5.61 61.01
CA GLY HC 26 -17.52 -6.79 61.84
C GLY HC 26 -18.75 -6.74 62.71
N LYS HC 27 -19.44 -5.60 62.74
CA LYS HC 27 -20.65 -5.46 63.52
C LYS HC 27 -21.85 -6.00 62.77
N VAL HC 28 -22.77 -6.63 63.50
CA VAL HC 28 -23.93 -7.30 62.94
C VAL HC 28 -25.19 -6.67 63.51
N PHE HC 29 -26.14 -6.37 62.64
CA PHE HC 29 -27.40 -5.76 63.02
C PHE HC 29 -28.56 -6.62 62.50
N GLN HC 30 -29.67 -6.61 63.22
CA GLN HC 30 -30.88 -7.30 62.79
C GLN HC 30 -32.05 -6.32 62.83
N PHE HC 31 -32.89 -6.41 61.82
CA PHE HC 31 -34.00 -5.49 61.67
C PHE HC 31 -35.31 -6.24 61.59
N LEU HC 32 -36.33 -5.66 62.22
CA LEU HC 32 -37.67 -6.23 62.20
C LEU HC 32 -38.22 -6.32 60.78
N ASN HC 33 -38.10 -5.25 60.01
CA ASN HC 33 -38.69 -5.15 58.68
C ASN HC 33 -37.91 -4.11 57.89
N ALA HC 34 -38.32 -3.89 56.64
CA ALA HC 34 -37.63 -2.93 55.79
C ALA HC 34 -37.85 -1.49 56.24
N LYS HC 35 -38.94 -1.22 56.98
CA LYS HC 35 -39.14 0.09 57.55
C LYS HC 35 -38.05 0.45 58.54
N CYS HC 36 -37.68 -0.50 59.41
CA CYS HC 36 -36.60 -0.28 60.35
C CYS HC 36 -35.24 -0.28 59.67
N GLU HC 37 -35.03 -1.19 58.72
CA GLU HC 37 -33.75 -1.27 58.03
C GLU HC 37 -33.50 -0.02 57.19
N SER HC 38 -34.51 0.47 56.49
CA SER HC 38 -34.34 1.67 55.69
C SER HC 38 -34.10 2.90 56.55
N ALA HC 39 -34.72 2.97 57.73
CA ALA HC 39 -34.39 4.04 58.66
C ALA HC 39 -32.96 3.94 59.16
N PHE HC 40 -32.49 2.73 59.46
CA PHE HC 40 -31.12 2.52 59.91
C PHE HC 40 -30.12 2.89 58.81
N LEU HC 41 -30.37 2.45 57.58
CA LEU HC 41 -29.43 2.70 56.49
C LEU HC 41 -29.35 4.16 56.09
N SER HC 42 -30.41 4.93 56.30
CA SER HC 42 -30.38 6.37 56.08
C SER HC 42 -29.88 7.13 57.30
N LYS HC 43 -29.26 6.43 58.24
CA LYS HC 43 -28.51 7.01 59.36
C LYS HC 43 -29.42 7.81 60.30
N ARG HC 44 -30.66 7.39 60.38
CA ARG HC 44 -31.62 8.00 61.27
C ARG HC 44 -31.37 7.55 62.71
N ASN HC 45 -31.56 8.49 63.64
CA ASN HC 45 -31.39 8.21 65.06
C ASN HC 45 -32.69 7.64 65.61
N PRO HC 46 -32.68 6.45 66.22
CA PRO HC 46 -33.91 5.88 66.80
C PRO HC 46 -34.55 6.75 67.86
N ARG HC 47 -33.80 7.57 68.59
CA ARG HC 47 -34.34 8.40 69.66
C ARG HC 47 -35.10 9.61 69.12
N GLN HC 48 -35.21 9.76 67.80
CA GLN HC 48 -35.93 10.87 67.20
C GLN HC 48 -37.28 10.48 66.61
N ILE HC 49 -37.58 9.20 66.48
CA ILE HC 49 -38.88 8.79 65.98
C ILE HC 49 -39.65 8.04 67.07
N ASN HC 50 -40.91 8.40 67.26
CA ASN HC 50 -41.63 8.07 68.49
C ASN HC 50 -42.25 6.69 68.57
N TRP HC 51 -42.17 5.89 67.52
CA TRP HC 51 -42.63 4.51 67.65
C TRP HC 51 -41.52 3.56 68.10
N THR HC 52 -40.28 4.05 68.15
CA THR HC 52 -39.13 3.27 68.58
C THR HC 52 -39.09 3.13 70.10
N VAL HC 53 -38.59 2.00 70.56
CA VAL HC 53 -38.38 1.76 71.98
C VAL HC 53 -37.40 2.76 72.60
N LEU HC 54 -36.32 3.09 71.89
CA LEU HC 54 -35.33 4.04 72.40
C LEU HC 54 -35.92 5.44 72.59
N TYR HC 55 -36.80 5.86 71.69
CA TYR HC 55 -37.49 7.13 71.89
C TYR HC 55 -38.37 7.09 73.13
N ARG HC 56 -39.17 6.04 73.25
CA ARG HC 56 -40.14 5.95 74.34
C ARG HC 56 -39.44 5.85 75.68
N ARG HC 57 -38.29 5.18 75.72
CA ARG HC 57 -37.54 5.05 76.96
C ARG HC 57 -36.91 6.37 77.39
N LYS HC 58 -36.37 7.13 76.45
CA LYS HC 58 -35.72 8.39 76.80
C LYS HC 58 -36.72 9.51 77.03
N HIS HC 59 -37.97 9.33 76.61
CA HIS HC 59 -39.03 10.28 76.87
C HIS HC 59 -40.00 9.81 77.95
N LYS HC 60 -39.70 8.71 78.63
CA LYS HC 60 -40.50 8.17 79.72
C LYS HC 60 -41.97 8.00 79.32
N LYS HC 61 -42.15 7.54 78.08
CA LYS HC 61 -43.51 7.37 77.55
C LYS HC 61 -44.28 6.31 78.32
N GLY HC 62 -43.61 5.22 78.69
CA GLY HC 62 -44.28 4.11 79.34
C GLY HC 62 -44.28 4.28 80.85
N GLN HC 63 -43.54 3.42 81.56
CA GLN HC 63 -43.41 3.57 83.00
C GLN HC 63 -42.04 3.12 83.49
N LYS HC 64 -36.12 9.74 96.48
CA LYS HC 64 -37.48 9.55 96.98
C LYS HC 64 -37.49 8.67 98.22
N ARG HC 65 -36.92 7.47 98.10
CA ARG HC 65 -36.89 6.50 99.19
C ARG HC 65 -35.42 6.21 99.52
N THR HC 66 -34.87 6.98 100.47
CA THR HC 66 -33.51 6.80 100.94
C THR HC 66 -33.54 6.51 102.44
N ARG HC 67 -33.26 5.26 102.80
CA ARG HC 67 -33.42 4.80 104.18
C ARG HC 67 -32.08 4.83 104.91
N ARG HC 68 -32.16 4.74 106.23
CA ARG HC 68 -31.01 4.79 107.11
C ARG HC 68 -31.00 3.57 108.02
N ALA HC 69 -29.80 3.03 108.28
CA ALA HC 69 -29.64 1.86 109.14
C ALA HC 69 -28.32 1.99 109.89
N VAL HC 70 -28.39 2.37 111.16
CA VAL HC 70 -27.23 2.50 112.03
C VAL HC 70 -27.22 1.32 113.00
N LYS HC 71 -26.03 0.87 113.38
CA LYS HC 71 -25.89 -0.26 114.29
C LYS HC 71 -24.50 -0.29 114.89
N PHE HC 72 -24.42 -0.69 116.17
CA PHE HC 72 -23.15 -0.90 116.86
C PHE HC 72 -23.38 -2.03 117.87
N GLN HC 73 -23.12 -3.26 117.46
CA GLN HC 73 -23.33 -4.43 118.32
C GLN HC 73 -22.23 -5.48 118.24
N ARG HC 74 -21.33 -5.42 117.26
CA ARG HC 74 -20.27 -6.40 117.18
C ARG HC 74 -19.27 -6.19 118.32
N ALA HC 75 -18.58 -7.26 118.67
CA ALA HC 75 -17.58 -7.20 119.73
C ALA HC 75 -16.23 -6.76 119.16
N ILE HC 76 -15.28 -6.50 120.05
CA ILE HC 76 -13.94 -6.09 119.68
C ILE HC 76 -12.97 -7.18 120.12
N THR HC 77 -11.87 -7.31 119.38
CA THR HC 77 -10.86 -8.31 119.74
C THR HC 77 -10.26 -7.97 121.10
N GLY HC 78 -10.03 -9.00 121.91
CA GLY HC 78 -9.56 -8.81 123.26
C GLY HC 78 -10.64 -8.44 124.25
N ALA HC 79 -11.89 -8.33 123.80
CA ALA HC 79 -13.03 -8.08 124.67
C ALA HC 79 -14.21 -8.87 124.13
N SER HC 80 -15.33 -8.78 124.84
CA SER HC 80 -16.57 -9.39 124.40
C SER HC 80 -17.71 -8.42 124.68
N LEU HC 81 -18.87 -8.69 124.09
CA LEU HC 81 -19.98 -7.74 124.18
C LEU HC 81 -20.41 -7.50 125.62
N ALA HC 82 -20.19 -8.49 126.50
CA ALA HC 82 -20.54 -8.31 127.92
C ALA HC 82 -19.60 -7.34 128.60
N ASP HC 83 -18.54 -6.91 127.91
CA ASP HC 83 -17.56 -6.01 128.50
C ASP HC 83 -17.87 -4.54 128.19
N ILE HC 84 -18.29 -4.25 126.96
CA ILE HC 84 -18.39 -2.85 126.53
C ILE HC 84 -19.52 -2.11 127.24
N MET HC 85 -20.72 -2.69 127.32
CA MET HC 85 -21.81 -1.97 127.98
C MET HC 85 -21.56 -1.82 129.47
N ALA HC 86 -20.90 -2.79 130.10
CA ALA HC 86 -20.48 -2.59 131.48
C ALA HC 86 -19.55 -1.38 131.59
N LYS HC 87 -18.64 -1.23 130.64
CA LYS HC 87 -17.81 -0.02 130.58
C LYS HC 87 -18.63 1.18 130.14
N ARG HC 88 -19.80 0.93 129.52
CA ARG HC 88 -20.62 2.03 129.02
C ARG HC 88 -21.62 2.51 130.06
N ASN HC 89 -22.31 1.58 130.73
CA ASN HC 89 -23.52 1.88 131.50
C ASN HC 89 -23.25 2.03 132.97
N GLN HC 90 -22.08 2.58 133.34
CA GLN HC 90 -21.75 2.83 134.74
C GLN HC 90 -21.74 4.32 135.06
N LYS HC 91 -22.63 5.09 134.44
CA LYS HC 91 -22.62 6.54 134.59
C LYS HC 91 -22.87 7.05 136.01
N PRO HC 92 -23.66 6.36 136.88
CA PRO HC 92 -23.93 6.96 138.19
C PRO HC 92 -22.77 6.90 139.17
N GLU HC 93 -21.83 7.84 139.03
CA GLU HC 93 -20.88 8.24 140.06
C GLU HC 93 -19.79 7.21 140.33
N VAL HC 94 -19.93 5.98 139.80
CA VAL HC 94 -18.90 4.98 140.06
C VAL HC 94 -17.64 5.28 139.25
N ARG HC 95 -17.79 5.83 138.04
CA ARG HC 95 -16.63 6.35 137.33
C ARG HC 95 -16.00 7.52 138.07
N LYS HC 96 -16.84 8.42 138.64
CA LYS HC 96 -16.29 9.57 139.36
C LYS HC 96 -15.44 9.14 140.54
N ALA HC 97 -15.66 7.93 141.06
CA ALA HC 97 -14.75 7.38 142.06
C ALA HC 97 -13.36 7.20 141.47
N GLN HC 98 -13.29 6.73 140.22
CA GLN HC 98 -11.99 6.58 139.59
C GLN HC 98 -11.46 7.94 139.15
N ARG HC 99 -12.36 8.89 138.86
CA ARG HC 99 -11.94 10.26 138.56
C ARG HC 99 -11.11 10.83 139.70
N GLU HC 100 -11.61 10.70 140.94
CA GLU HC 100 -10.90 11.26 142.09
C GLU HC 100 -9.59 10.55 142.33
N GLN HC 101 -9.56 9.22 142.20
CA GLN HC 101 -8.35 8.46 142.49
C GLN HC 101 -7.21 8.85 141.57
N ALA HC 102 -7.51 9.04 140.28
CA ALA HC 102 -6.48 9.52 139.36
C ALA HC 102 -6.11 10.97 139.65
N ILE HC 103 -7.09 11.79 140.02
CA ILE HC 103 -6.82 13.19 140.34
C ILE HC 103 -5.98 13.29 141.60
N ARG HC 104 -6.31 12.50 142.63
CA ARG HC 104 -5.54 12.55 143.87
C ARG HC 104 -4.17 11.89 143.71
N ALA HC 105 -4.05 10.89 142.84
CA ALA HC 105 -2.74 10.31 142.58
C ALA HC 105 -1.83 11.30 141.89
N ALA HC 106 -2.39 12.15 141.02
CA ALA HC 106 -1.59 13.18 140.37
C ALA HC 106 -1.17 14.26 141.36
N LYS HC 107 -1.97 14.47 142.42
CA LYS HC 107 -1.65 15.51 143.38
C LYS HC 107 -0.50 15.07 144.31
N GLU HC 108 -0.45 13.78 144.65
CA GLU HC 108 0.66 13.30 145.46
C GLU HC 108 1.92 13.09 144.64
N ALA HC 109 1.76 12.76 143.35
CA ALA HC 109 2.92 12.61 142.48
C ALA HC 109 3.69 13.92 142.36
N LYS HC 110 2.96 15.03 142.22
CA LYS HC 110 3.61 16.35 142.21
C LYS HC 110 4.27 16.64 143.56
N LYS HC 111 3.58 16.34 144.65
CA LYS HC 111 4.13 16.60 145.98
C LYS HC 111 5.39 15.76 146.22
N ALA HC 112 5.36 14.49 145.83
CA ALA HC 112 6.55 13.66 145.93
C ALA HC 112 7.66 14.17 145.01
N LYS HC 113 7.30 14.65 143.82
CA LYS HC 113 8.27 15.31 142.96
C LYS HC 113 8.85 16.55 143.64
N GLN HC 114 8.00 17.35 144.30
CA GLN HC 114 8.48 18.54 144.98
C GLN HC 114 9.32 18.17 146.20
N ALA HC 115 9.05 17.02 146.81
CA ALA HC 115 9.90 16.53 147.89
C ALA HC 115 11.30 16.18 147.39
N SER HC 116 11.38 15.45 146.27
CA SER HC 116 12.67 15.18 145.66
C SER HC 116 13.26 16.41 144.99
N LYS HC 117 12.40 17.38 144.64
CA LYS HC 117 12.88 18.67 144.18
C LYS HC 117 13.74 19.35 145.25
N LYS HC 118 13.27 19.32 146.50
CA LYS HC 118 13.97 19.95 147.61
C LYS HC 118 13.57 19.31 148.94
#